data_7AE0
#
_entry.id   7AE0
#
loop_
_entity.id
_entity.type
_entity.pdbx_description
1 polymer 'Putative phage tail sheath protein FI'
2 polymer 'Phage tail protein'
#
loop_
_entity_poly.entity_id
_entity_poly.type
_entity_poly.pdbx_seq_one_letter_code
_entity_poly.pdbx_strand_id
1 'polypeptide(L)'
;MATYKTPGVYIEEITKFPPSVAQVETAIPAFIGYTQFARTKPSVDSDDLILKPKRISSLLDFTTYYGGAQNEQGITVKLT
DTLIEGAENRTINVPEPTFKSPYLMFYSLQMYFANGGGPCYIVSTGVYDDWSDSETPPTINFSDLESGLAVIRKEDEPTL
LLFPDATNLPTDDEFYSLYNSALMQCNDLQDRFTILDTYSDQTYNDGVEDLDPIPALRNGINLTKDYLKYGAAYYPFVQT
ILNYQYSADEIVIQHLSYNPNAIATALDNLNAVNGPTFIDAILDDLRDLSLPDISGEISDAVGFMYDDVDGFDIDGTFTT
NSVKVANFASLVESVLSTLNELIDAKEEINKDVNSAIASSEEDNAIKTAISDALDVFNEDFEGADKIESVAKNLSDLLIK
IKQADTNTKVENVLSINALNFSAEFEKLLTYDVNTGLTASVTLDLFANIGTRLDDIIAAVSAAEPIDVNNGKLNGRLLSD
IEPLDNATYNTILLEINSHKVTLPPSSSMAGAYARVDNDRGVWKSPANIGLNYVSKPSVTVSHEEQESMNVHGTGKSVNA
IRSFVGKGTLVWGARTLAGNDNEWRYISVRRFFNMAEESIKKATEQFVFEPNDGNTWVRVRAMIENFLILQWRAGALAGA
KPEHAFYVKVGLGQTMTAQDILEGNMNVEIGLAVVRPAEFIILKFSHKMQES
;
3A,3B,3C,3D,3E,3F,4A,4B,4C,4D,4E,4F,5A,5B,5C,5D,5E,5F
2 'polypeptide(L)'
;MSYPLSKFHFSVEWGGTKIGFTEVSGLDLETEIIEYRHGASPEYSKIKMPGMQKFSNITLKRGTFKSDNEYFQWYNTINL
NKVERRDLTISLLNEEHEPVVTWKVKNAWPLKVQSTDLKGDGNEVAIESMELAHEGLVIQNE
;
3a,3b,3c,3d,3e,3f,4a,4b,4c,4d,4e,4f,5a,5b,5c,5d,5e,5f
#
# COMPACT_ATOMS: atom_id res chain seq x y z
N THR A 3 -47.31 -30.57 -55.55
CA THR A 3 -47.49 -31.71 -54.65
C THR A 3 -46.72 -32.93 -55.11
N TYR A 4 -45.88 -33.43 -54.22
CA TYR A 4 -45.10 -34.61 -54.49
C TYR A 4 -45.40 -35.59 -53.39
N LYS A 5 -45.39 -36.88 -53.71
CA LYS A 5 -45.68 -37.88 -52.70
C LYS A 5 -44.52 -38.79 -52.33
N THR A 6 -43.56 -38.97 -53.21
CA THR A 6 -42.45 -39.87 -52.96
C THR A 6 -41.20 -39.04 -52.66
N PRO A 7 -40.47 -39.28 -51.57
CA PRO A 7 -39.23 -38.61 -51.24
C PRO A 7 -38.25 -38.82 -52.37
N GLY A 8 -37.45 -37.81 -52.70
CA GLY A 8 -36.51 -38.01 -53.79
C GLY A 8 -36.27 -36.77 -54.63
N VAL A 9 -35.58 -36.98 -55.74
CA VAL A 9 -35.21 -35.91 -56.65
C VAL A 9 -36.06 -35.97 -57.92
N TYR A 10 -36.68 -34.85 -58.25
CA TYR A 10 -37.53 -34.73 -59.43
C TYR A 10 -36.84 -33.90 -60.49
N ILE A 11 -37.08 -34.24 -61.76
CA ILE A 11 -36.47 -33.51 -62.89
C ILE A 11 -37.49 -32.88 -63.83
N GLU A 12 -37.29 -31.59 -64.11
CA GLU A 12 -38.15 -30.83 -65.02
C GLU A 12 -37.30 -30.07 -66.03
N GLU A 13 -37.88 -29.77 -67.21
CA GLU A 13 -37.19 -28.99 -68.23
C GLU A 13 -37.98 -27.75 -68.62
N ILE A 14 -37.40 -26.58 -68.35
CA ILE A 14 -38.05 -25.29 -68.60
C ILE A 14 -37.17 -24.30 -69.34
N THR A 15 -37.78 -23.23 -69.86
CA THR A 15 -37.04 -22.11 -70.47
C THR A 15 -37.40 -20.79 -69.80
N LYS A 16 -36.41 -20.03 -69.32
CA LYS A 16 -36.66 -18.74 -68.69
C LYS A 16 -35.37 -17.94 -68.46
N PHE A 17 -35.53 -16.66 -68.15
CA PHE A 17 -34.40 -15.86 -67.69
C PHE A 17 -34.17 -16.19 -66.23
N PRO A 18 -32.94 -16.18 -65.72
CA PRO A 18 -32.61 -16.39 -64.32
C PRO A 18 -33.20 -15.23 -63.48
N PRO A 19 -33.56 -15.49 -62.21
CA PRO A 19 -34.10 -14.54 -61.23
C PRO A 19 -33.06 -13.57 -60.66
N SER A 20 -33.55 -12.49 -60.05
CA SER A 20 -32.70 -11.50 -59.37
C SER A 20 -33.46 -10.78 -58.25
N VAL A 21 -32.78 -10.61 -57.11
CA VAL A 21 -33.31 -9.93 -55.92
C VAL A 21 -32.28 -8.94 -55.34
N ALA A 22 -32.74 -8.05 -54.47
CA ALA A 22 -31.85 -7.09 -53.79
C ALA A 22 -32.43 -6.62 -52.47
N GLN A 23 -31.57 -6.14 -51.59
CA GLN A 23 -31.95 -5.58 -50.30
C GLN A 23 -31.83 -4.06 -50.36
N VAL A 24 -32.97 -3.38 -50.28
CA VAL A 24 -33.04 -1.93 -50.42
C VAL A 24 -33.80 -1.30 -49.27
N GLU A 25 -33.20 -0.28 -48.64
CA GLU A 25 -33.86 0.41 -47.53
C GLU A 25 -34.42 1.81 -47.85
N THR A 26 -33.79 2.55 -48.76
CA THR A 26 -34.16 3.95 -49.00
C THR A 26 -34.86 4.28 -50.32
N ALA A 27 -35.18 3.28 -51.10
CA ALA A 27 -35.78 3.53 -52.41
C ALA A 27 -36.93 2.60 -52.71
N ILE A 28 -38.00 2.68 -51.93
CA ILE A 28 -39.16 1.80 -52.11
C ILE A 28 -40.27 2.47 -52.96
N PRO A 29 -40.52 2.03 -54.20
CA PRO A 29 -41.55 2.54 -55.08
C PRO A 29 -42.90 1.94 -54.85
N ALA A 30 -43.93 2.66 -55.28
CA ALA A 30 -45.24 2.07 -55.46
C ALA A 30 -45.59 2.07 -56.95
N PHE A 31 -46.21 0.99 -57.40
CA PHE A 31 -46.63 0.85 -58.79
C PHE A 31 -48.15 0.72 -58.91
N ILE A 32 -48.79 1.66 -59.60
CA ILE A 32 -50.26 1.66 -59.74
C ILE A 32 -50.73 1.26 -61.15
N GLY A 33 -51.50 0.16 -61.28
CA GLY A 33 -51.95 -0.30 -62.63
C GLY A 33 -52.80 -1.59 -62.69
N TYR A 34 -52.93 -2.18 -63.90
CA TYR A 34 -53.80 -3.37 -64.09
C TYR A 34 -53.06 -4.72 -64.01
N THR A 35 -53.75 -5.76 -63.51
CA THR A 35 -53.19 -7.12 -63.40
C THR A 35 -54.09 -8.21 -64.03
N GLN A 36 -53.66 -9.49 -64.03
CA GLN A 36 -54.57 -10.52 -64.56
C GLN A 36 -55.67 -10.80 -63.57
N PHE A 37 -55.28 -10.80 -62.31
CA PHE A 37 -56.15 -11.08 -61.19
C PHE A 37 -55.59 -10.46 -59.94
N ALA A 38 -56.35 -10.46 -58.85
CA ALA A 38 -55.80 -9.94 -57.62
C ALA A 38 -56.39 -10.69 -56.43
N ARG A 39 -55.62 -11.61 -55.87
CA ARG A 39 -56.14 -12.47 -54.79
C ARG A 39 -55.22 -12.64 -53.63
N THR A 40 -55.77 -13.01 -52.46
CA THR A 40 -54.92 -13.29 -51.29
C THR A 40 -54.61 -14.76 -51.11
N LYS A 41 -55.42 -15.63 -51.70
CA LYS A 41 -55.23 -17.06 -51.60
C LYS A 41 -55.37 -17.62 -53.00
N PRO A 42 -54.68 -18.71 -53.35
CA PRO A 42 -54.73 -19.40 -54.63
C PRO A 42 -56.10 -19.98 -54.99
N SER A 43 -56.97 -20.15 -54.01
CA SER A 43 -58.27 -20.74 -54.24
C SER A 43 -59.39 -19.91 -53.62
N VAL A 44 -59.80 -18.91 -54.39
CA VAL A 44 -60.83 -17.97 -54.01
C VAL A 44 -61.82 -17.86 -55.15
N ASP A 45 -62.98 -17.30 -54.89
CA ASP A 45 -63.98 -17.08 -55.93
C ASP A 45 -64.02 -15.66 -56.50
N SER A 46 -63.05 -14.83 -56.13
CA SER A 46 -63.02 -13.46 -56.62
C SER A 46 -61.68 -12.77 -56.48
N ASP A 47 -61.67 -11.51 -56.83
CA ASP A 47 -60.51 -10.66 -56.70
C ASP A 47 -60.59 -9.93 -55.37
N ASP A 48 -59.65 -10.21 -54.49
CA ASP A 48 -59.67 -9.70 -53.12
C ASP A 48 -58.90 -8.40 -52.97
N LEU A 49 -57.89 -8.24 -53.79
CA LEU A 49 -56.93 -7.15 -53.68
C LEU A 49 -57.06 -6.02 -54.69
N ILE A 50 -58.22 -5.80 -55.29
CA ILE A 50 -58.28 -4.79 -56.35
C ILE A 50 -57.82 -3.42 -55.91
N LEU A 51 -58.22 -2.93 -54.75
CA LEU A 51 -57.72 -1.63 -54.30
C LEU A 51 -56.99 -1.73 -52.98
N LYS A 52 -56.27 -2.82 -52.77
CA LYS A 52 -55.56 -2.97 -51.51
C LYS A 52 -54.06 -3.02 -51.75
N PRO A 53 -53.25 -2.09 -51.20
CA PRO A 53 -51.82 -2.10 -51.35
C PRO A 53 -51.25 -3.36 -50.77
N LYS A 54 -50.25 -3.92 -51.43
CA LYS A 54 -49.58 -5.09 -50.91
C LYS A 54 -48.08 -4.97 -51.11
N ARG A 55 -47.31 -5.46 -50.15
CA ARG A 55 -45.87 -5.44 -50.30
C ARG A 55 -45.35 -6.76 -50.87
N ILE A 56 -44.55 -6.62 -51.92
CA ILE A 56 -43.91 -7.69 -52.71
C ILE A 56 -42.40 -7.69 -52.58
N SER A 57 -41.78 -8.86 -52.31
CA SER A 57 -40.32 -8.90 -52.17
C SER A 57 -39.56 -9.22 -53.46
N SER A 58 -40.22 -9.88 -54.41
CA SER A 58 -39.59 -10.31 -55.65
C SER A 58 -40.64 -10.56 -56.72
N LEU A 59 -40.19 -10.80 -57.95
CA LEU A 59 -41.12 -11.07 -59.03
C LEU A 59 -41.99 -12.33 -58.79
N LEU A 60 -41.45 -13.33 -58.07
CA LEU A 60 -42.23 -14.54 -57.79
C LEU A 60 -43.45 -14.24 -56.92
N ASP A 61 -43.28 -13.31 -55.96
CA ASP A 61 -44.39 -12.93 -55.10
C ASP A 61 -45.41 -12.20 -55.92
N PHE A 62 -44.95 -11.36 -56.84
CA PHE A 62 -45.91 -10.66 -57.67
C PHE A 62 -46.77 -11.65 -58.43
N THR A 63 -46.11 -12.59 -59.12
CA THR A 63 -46.82 -13.55 -59.95
C THR A 63 -47.85 -14.32 -59.14
N THR A 64 -47.47 -14.75 -57.95
CA THR A 64 -48.33 -15.49 -57.04
C THR A 64 -49.69 -14.86 -56.80
N TYR A 65 -49.77 -13.53 -56.70
CA TYR A 65 -51.04 -12.89 -56.36
C TYR A 65 -51.67 -12.11 -57.51
N TYR A 66 -50.87 -11.76 -58.52
CA TYR A 66 -51.34 -10.92 -59.62
C TYR A 66 -51.29 -11.51 -61.06
N GLY A 67 -50.57 -12.61 -61.27
CA GLY A 67 -50.44 -13.19 -62.60
C GLY A 67 -49.37 -12.53 -63.49
N GLY A 68 -49.38 -12.91 -64.78
CA GLY A 68 -48.41 -12.46 -65.78
C GLY A 68 -48.95 -11.41 -66.79
N ALA A 69 -48.43 -11.47 -68.02
CA ALA A 69 -48.80 -10.55 -69.10
C ALA A 69 -50.02 -11.07 -69.88
N GLN A 70 -50.65 -10.18 -70.66
CA GLN A 70 -51.73 -10.54 -71.55
C GLN A 70 -51.16 -11.03 -72.88
N ASN A 71 -51.75 -12.07 -73.47
CA ASN A 71 -51.29 -12.55 -74.78
C ASN A 71 -51.54 -11.50 -75.87
N GLU A 72 -50.59 -11.34 -76.78
CA GLU A 72 -50.79 -10.44 -77.91
C GLU A 72 -51.71 -11.09 -78.93
N GLN A 73 -52.55 -10.29 -79.58
CA GLN A 73 -53.46 -10.81 -80.62
C GLN A 73 -53.28 -10.13 -81.97
N GLY A 74 -52.14 -9.46 -82.16
CA GLY A 74 -51.84 -8.73 -83.39
C GLY A 74 -50.75 -9.33 -84.29
N ILE A 75 -50.37 -10.58 -84.05
CA ILE A 75 -49.29 -11.22 -84.82
C ILE A 75 -49.84 -11.93 -86.04
N THR A 76 -49.28 -11.65 -87.22
CA THR A 76 -49.69 -12.30 -88.46
C THR A 76 -48.45 -12.86 -89.13
N VAL A 77 -48.63 -13.78 -90.09
CA VAL A 77 -47.48 -14.33 -90.82
C VAL A 77 -47.70 -14.37 -92.33
N LYS A 78 -46.69 -13.98 -93.12
CA LYS A 78 -46.78 -14.07 -94.58
C LYS A 78 -45.62 -14.88 -95.20
N LEU A 79 -45.96 -15.94 -95.94
CA LEU A 79 -44.99 -16.83 -96.57
C LEU A 79 -45.09 -16.77 -98.11
N THR A 80 -43.97 -16.52 -98.80
CA THR A 80 -44.03 -16.47 -100.28
C THR A 80 -43.03 -17.42 -100.98
N ASP A 81 -43.56 -18.24 -101.90
CA ASP A 81 -42.82 -19.22 -102.72
C ASP A 81 -42.53 -18.76 -104.17
N THR A 82 -41.25 -18.65 -104.52
CA THR A 82 -40.83 -18.22 -105.86
C THR A 82 -39.74 -19.13 -106.46
N LEU A 83 -39.42 -18.93 -107.75
CA LEU A 83 -38.33 -19.68 -108.34
C LEU A 83 -37.12 -18.82 -108.70
N ILE A 84 -35.95 -19.40 -108.48
CA ILE A 84 -34.69 -18.79 -108.87
C ILE A 84 -33.98 -19.68 -109.86
N GLU A 85 -33.97 -19.28 -111.13
CA GLU A 85 -33.37 -20.08 -112.20
C GLU A 85 -33.87 -21.53 -112.17
N GLY A 86 -35.17 -21.70 -111.89
CA GLY A 86 -35.83 -22.99 -111.83
C GLY A 86 -35.81 -23.67 -110.44
N ALA A 87 -35.04 -23.14 -109.49
CA ALA A 87 -34.94 -23.74 -108.16
C ALA A 87 -36.00 -23.15 -107.23
N GLU A 88 -36.48 -23.96 -106.30
CA GLU A 88 -37.43 -23.44 -105.32
C GLU A 88 -36.72 -22.57 -104.28
N ASN A 89 -37.42 -21.52 -103.84
CA ASN A 89 -36.95 -20.65 -102.78
C ASN A 89 -38.13 -20.00 -102.03
N ARG A 90 -38.09 -20.00 -100.69
CA ARG A 90 -39.20 -19.36 -99.99
C ARG A 90 -38.74 -18.42 -98.90
N THR A 91 -39.52 -17.36 -98.71
CA THR A 91 -39.30 -16.38 -97.65
C THR A 91 -40.43 -16.33 -96.64
N ILE A 92 -40.08 -16.37 -95.36
CA ILE A 92 -41.05 -16.25 -94.29
C ILE A 92 -40.88 -14.92 -93.58
N ASN A 93 -41.95 -14.12 -93.59
CA ASN A 93 -41.91 -12.79 -93.01
C ASN A 93 -42.94 -12.57 -91.93
N VAL A 94 -42.45 -12.21 -90.75
CA VAL A 94 -43.32 -11.90 -89.64
C VAL A 94 -43.14 -10.42 -89.27
N PRO A 95 -44.04 -9.51 -89.67
CA PRO A 95 -44.03 -8.07 -89.42
C PRO A 95 -44.19 -7.73 -87.95
N GLU A 96 -43.69 -6.58 -87.54
CA GLU A 96 -43.95 -6.11 -86.19
C GLU A 96 -45.46 -5.82 -86.08
N PRO A 97 -46.17 -6.23 -85.02
CA PRO A 97 -47.58 -5.96 -84.80
C PRO A 97 -47.87 -4.48 -84.77
N THR A 98 -49.03 -4.08 -85.27
CA THR A 98 -49.44 -2.68 -85.25
C THR A 98 -50.47 -2.44 -84.15
N PHE A 99 -50.96 -3.53 -83.58
CA PHE A 99 -51.94 -3.52 -82.50
C PHE A 99 -51.36 -4.37 -81.38
N LYS A 100 -51.19 -3.74 -80.23
CA LYS A 100 -50.57 -4.40 -79.08
C LYS A 100 -51.41 -4.26 -77.83
N SER A 101 -51.25 -5.19 -76.89
CA SER A 101 -51.92 -5.09 -75.60
C SER A 101 -51.46 -3.81 -74.91
N PRO A 102 -52.34 -3.05 -74.25
CA PRO A 102 -52.01 -1.84 -73.52
C PRO A 102 -51.53 -2.06 -72.09
N TYR A 103 -51.35 -3.32 -71.66
CA TYR A 103 -51.03 -3.57 -70.26
C TYR A 103 -49.54 -3.90 -70.03
N LEU A 104 -48.81 -2.98 -69.42
CA LEU A 104 -47.36 -3.10 -69.25
C LEU A 104 -46.79 -3.39 -67.84
N MET A 105 -47.61 -3.58 -66.80
CA MET A 105 -47.02 -3.74 -65.46
C MET A 105 -46.09 -4.93 -65.32
N PHE A 106 -46.41 -6.06 -65.93
CA PHE A 106 -45.55 -7.22 -65.80
C PHE A 106 -44.15 -6.94 -66.35
N TYR A 107 -44.08 -6.39 -67.56
CA TYR A 107 -42.81 -6.09 -68.21
C TYR A 107 -42.04 -5.06 -67.42
N SER A 108 -42.75 -4.08 -66.88
CA SER A 108 -42.16 -3.02 -66.10
C SER A 108 -41.43 -3.59 -64.87
N LEU A 109 -42.09 -4.50 -64.15
CA LEU A 109 -41.48 -5.14 -62.99
C LEU A 109 -40.27 -5.98 -63.36
N GLN A 110 -40.29 -6.67 -64.49
CA GLN A 110 -39.11 -7.43 -64.88
C GLN A 110 -37.90 -6.50 -65.03
N MET A 111 -38.10 -5.32 -65.63
CA MET A 111 -37.00 -4.37 -65.80
C MET A 111 -36.53 -3.81 -64.46
N TYR A 112 -37.47 -3.54 -63.56
CA TYR A 112 -37.18 -3.03 -62.22
C TYR A 112 -36.25 -3.97 -61.45
N PHE A 113 -36.59 -5.25 -61.42
CA PHE A 113 -35.75 -6.20 -60.69
C PHE A 113 -34.41 -6.43 -61.42
N ALA A 114 -34.41 -6.41 -62.76
CA ALA A 114 -33.18 -6.59 -63.56
C ALA A 114 -32.14 -5.51 -63.25
N ASN A 115 -32.61 -4.31 -62.93
CA ASN A 115 -31.76 -3.18 -62.61
C ASN A 115 -31.46 -2.99 -61.13
N GLY A 116 -31.75 -4.00 -60.29
CA GLY A 116 -31.37 -3.93 -58.89
C GLY A 116 -32.41 -3.49 -57.87
N GLY A 117 -33.68 -3.40 -58.25
CA GLY A 117 -34.69 -3.00 -57.30
C GLY A 117 -34.95 -4.01 -56.18
N GLY A 118 -35.37 -3.48 -55.02
CA GLY A 118 -35.72 -4.29 -53.86
C GLY A 118 -37.23 -4.39 -53.73
N PRO A 119 -37.77 -4.57 -52.51
CA PRO A 119 -39.17 -4.70 -52.18
C PRO A 119 -39.95 -3.48 -52.63
N CYS A 120 -41.22 -3.69 -53.00
CA CYS A 120 -42.06 -2.60 -53.48
C CYS A 120 -43.53 -2.79 -53.19
N TYR A 121 -44.32 -1.72 -53.40
CA TYR A 121 -45.76 -1.82 -53.23
C TYR A 121 -46.53 -1.89 -54.54
N ILE A 122 -47.50 -2.80 -54.55
CA ILE A 122 -48.37 -2.95 -55.70
C ILE A 122 -49.79 -2.55 -55.37
N VAL A 123 -50.35 -1.69 -56.21
CA VAL A 123 -51.74 -1.31 -56.07
C VAL A 123 -52.42 -1.63 -57.40
N SER A 124 -53.40 -2.50 -57.34
CA SER A 124 -54.14 -2.86 -58.52
C SER A 124 -55.16 -1.78 -58.74
N THR A 125 -55.60 -1.63 -59.96
CA THR A 125 -56.68 -0.70 -60.27
C THR A 125 -57.84 -1.43 -60.93
N GLY A 126 -57.62 -2.71 -61.20
CA GLY A 126 -58.57 -3.54 -61.91
C GLY A 126 -57.81 -4.66 -62.58
N VAL A 127 -58.51 -5.42 -63.42
CA VAL A 127 -57.89 -6.55 -64.10
C VAL A 127 -58.01 -6.38 -65.60
N TYR A 128 -57.20 -7.11 -66.34
CA TYR A 128 -57.15 -7.01 -67.80
C TYR A 128 -58.49 -7.26 -68.48
N ASP A 129 -58.86 -6.40 -69.42
CA ASP A 129 -60.10 -6.63 -70.16
C ASP A 129 -59.77 -7.44 -71.42
N ASP A 130 -60.79 -7.77 -72.21
CA ASP A 130 -60.52 -8.54 -73.42
C ASP A 130 -60.47 -7.68 -74.69
N TRP A 131 -60.21 -8.31 -75.82
CA TRP A 131 -60.15 -7.63 -77.12
C TRP A 131 -61.51 -7.69 -77.80
N SER A 132 -61.82 -6.69 -78.61
CA SER A 132 -63.09 -6.72 -79.33
C SER A 132 -62.90 -7.40 -80.67
N ASP A 133 -61.71 -7.22 -81.22
CA ASP A 133 -61.33 -7.80 -82.51
C ASP A 133 -59.81 -7.82 -82.58
N SER A 134 -59.23 -8.38 -83.63
CA SER A 134 -57.76 -8.42 -83.76
C SER A 134 -57.15 -7.04 -83.96
N GLU A 135 -57.97 -6.11 -84.41
CA GLU A 135 -57.57 -4.74 -84.63
C GLU A 135 -58.16 -3.79 -83.59
N THR A 136 -58.83 -4.34 -82.58
CA THR A 136 -59.43 -3.49 -81.56
C THR A 136 -59.07 -3.97 -80.14
N PRO A 137 -58.03 -3.39 -79.53
CA PRO A 137 -57.48 -3.70 -78.22
C PRO A 137 -58.32 -3.07 -77.09
N PRO A 138 -58.12 -3.50 -75.83
CA PRO A 138 -58.64 -2.94 -74.60
C PRO A 138 -58.19 -1.50 -74.41
N THR A 139 -58.87 -0.77 -73.54
CA THR A 139 -58.50 0.60 -73.23
C THR A 139 -58.15 0.77 -71.75
N ILE A 140 -57.49 1.88 -71.43
CA ILE A 140 -57.10 2.23 -70.07
C ILE A 140 -58.04 3.31 -69.55
N ASN A 141 -58.64 3.06 -68.40
CA ASN A 141 -59.61 3.99 -67.83
C ASN A 141 -59.00 4.94 -66.84
N PHE A 142 -58.92 6.20 -67.21
CA PHE A 142 -58.32 7.22 -66.37
C PHE A 142 -58.80 7.19 -64.92
N SER A 143 -60.10 7.00 -64.71
CA SER A 143 -60.69 7.03 -63.37
C SER A 143 -60.15 5.94 -62.45
N ASP A 144 -59.62 4.87 -63.03
CA ASP A 144 -59.11 3.76 -62.26
C ASP A 144 -57.73 4.13 -61.70
N LEU A 145 -56.99 4.98 -62.42
CA LEU A 145 -55.65 5.32 -61.97
C LEU A 145 -55.79 6.35 -60.88
N GLU A 146 -56.79 7.25 -61.00
CA GLU A 146 -57.00 8.23 -59.94
C GLU A 146 -57.39 7.54 -58.64
N SER A 147 -58.19 6.50 -58.74
CA SER A 147 -58.59 5.74 -57.57
C SER A 147 -57.36 5.15 -56.90
N GLY A 148 -56.48 4.51 -57.68
CA GLY A 148 -55.27 3.93 -57.10
C GLY A 148 -54.37 4.97 -56.41
N LEU A 149 -54.29 6.17 -56.97
CA LEU A 149 -53.48 7.24 -56.37
C LEU A 149 -54.08 7.65 -55.02
N ALA A 150 -55.42 7.78 -54.97
CA ALA A 150 -56.12 8.14 -53.72
C ALA A 150 -55.86 7.10 -52.62
N VAL A 151 -55.73 5.83 -53.01
CA VAL A 151 -55.44 4.74 -52.09
C VAL A 151 -54.01 4.81 -51.54
N ILE A 152 -53.01 4.96 -52.43
CA ILE A 152 -51.61 4.94 -51.97
C ILE A 152 -51.35 6.13 -51.04
N ARG A 153 -52.11 7.20 -51.18
CA ARG A 153 -51.96 8.37 -50.32
C ARG A 153 -52.04 8.03 -48.83
N LYS A 154 -52.70 6.95 -48.44
CA LYS A 154 -52.81 6.60 -47.03
C LYS A 154 -51.68 5.72 -46.50
N GLU A 155 -50.73 5.31 -47.34
CA GLU A 155 -49.60 4.48 -46.91
C GLU A 155 -48.41 5.36 -46.56
N ASP A 156 -47.65 4.96 -45.54
CA ASP A 156 -46.45 5.73 -45.14
C ASP A 156 -45.12 5.30 -45.75
N GLU A 157 -44.96 4.03 -46.03
CA GLU A 157 -43.67 3.52 -46.50
C GLU A 157 -43.11 3.94 -47.89
N PRO A 158 -43.91 4.05 -48.98
CA PRO A 158 -43.44 4.39 -50.32
C PRO A 158 -42.72 5.73 -50.40
N THR A 159 -41.68 5.79 -51.23
CA THR A 159 -40.93 7.03 -51.46
C THR A 159 -41.02 7.50 -52.92
N LEU A 160 -41.28 6.56 -53.85
CA LEU A 160 -41.38 6.90 -55.28
C LEU A 160 -42.75 6.51 -55.86
N LEU A 161 -43.29 7.36 -56.73
CA LEU A 161 -44.57 7.04 -57.38
C LEU A 161 -44.46 6.79 -58.89
N LEU A 162 -44.89 5.58 -59.34
CA LEU A 162 -44.85 5.23 -60.76
C LEU A 162 -46.19 4.72 -61.32
N PHE A 163 -46.46 5.03 -62.59
CA PHE A 163 -47.65 4.53 -63.31
C PHE A 163 -47.31 3.81 -64.63
N PRO A 164 -47.12 2.47 -64.62
CA PRO A 164 -46.73 1.66 -65.76
C PRO A 164 -47.65 1.73 -66.99
N ASP A 165 -48.95 2.10 -66.83
CA ASP A 165 -49.82 2.13 -67.99
C ASP A 165 -50.39 3.55 -68.22
N ALA A 166 -49.61 4.58 -67.96
CA ALA A 166 -50.11 5.96 -68.19
C ALA A 166 -49.99 6.41 -69.64
N THR A 167 -49.00 5.91 -70.37
CA THR A 167 -48.78 6.38 -71.74
C THR A 167 -49.81 5.82 -72.70
N ASN A 168 -50.61 4.87 -72.21
CA ASN A 168 -51.66 4.29 -73.03
C ASN A 168 -53.03 4.92 -72.78
N LEU A 169 -53.09 6.01 -72.00
CA LEU A 169 -54.34 6.73 -71.81
C LEU A 169 -54.76 7.32 -73.16
N PRO A 170 -56.07 7.33 -73.50
CA PRO A 170 -56.64 7.87 -74.73
C PRO A 170 -56.19 9.28 -75.15
N THR A 171 -55.91 10.17 -74.20
CA THR A 171 -55.49 11.51 -74.57
C THR A 171 -54.27 11.95 -73.77
N ASP A 172 -53.61 12.99 -74.26
CA ASP A 172 -52.46 13.54 -73.58
C ASP A 172 -52.94 14.38 -72.42
N ASP A 173 -54.12 14.96 -72.56
CA ASP A 173 -54.68 15.75 -71.49
C ASP A 173 -54.87 14.90 -70.22
N GLU A 174 -55.37 13.66 -70.37
CA GLU A 174 -55.51 12.78 -69.21
C GLU A 174 -54.16 12.44 -68.61
N PHE A 175 -53.18 12.19 -69.47
CA PHE A 175 -51.83 11.88 -69.03
C PHE A 175 -51.26 13.01 -68.16
N TYR A 176 -51.33 14.25 -68.64
CA TYR A 176 -50.78 15.37 -67.90
C TYR A 176 -51.53 15.60 -66.60
N SER A 177 -52.84 15.43 -66.61
CA SER A 177 -53.65 15.59 -65.41
C SER A 177 -53.20 14.63 -64.32
N LEU A 178 -52.97 13.36 -64.69
CA LEU A 178 -52.54 12.37 -63.73
C LEU A 178 -51.21 12.77 -63.06
N TYR A 179 -50.26 13.27 -63.86
CA TYR A 179 -48.97 13.67 -63.28
C TYR A 179 -49.05 14.93 -62.44
N ASN A 180 -49.92 15.88 -62.80
CA ASN A 180 -50.06 17.06 -61.96
C ASN A 180 -50.56 16.64 -60.58
N SER A 181 -51.49 15.68 -60.52
CA SER A 181 -51.99 15.20 -59.25
C SER A 181 -50.90 14.53 -58.42
N ALA A 182 -50.05 13.73 -59.06
CA ALA A 182 -48.96 13.08 -58.34
C ALA A 182 -47.99 14.10 -57.73
N LEU A 183 -47.66 15.18 -58.46
CA LEU A 183 -46.77 16.20 -57.91
C LEU A 183 -47.42 16.93 -56.74
N MET A 184 -48.73 17.18 -56.82
CA MET A 184 -49.42 17.83 -55.71
C MET A 184 -49.42 16.95 -54.46
N GLN A 185 -49.56 15.62 -54.62
CA GLN A 185 -49.51 14.73 -53.47
C GLN A 185 -48.15 14.84 -52.78
N CYS A 186 -47.07 14.89 -53.57
CA CYS A 186 -45.73 15.00 -52.99
C CYS A 186 -45.58 16.30 -52.21
N ASN A 187 -46.09 17.40 -52.74
CA ASN A 187 -46.00 18.64 -52.00
C ASN A 187 -46.76 18.55 -50.67
N ASP A 188 -47.97 17.98 -50.66
CA ASP A 188 -48.70 17.90 -49.40
C ASP A 188 -48.06 16.99 -48.35
N LEU A 189 -47.48 15.86 -48.77
CA LEU A 189 -46.91 14.92 -47.80
C LEU A 189 -45.45 15.23 -47.40
N GLN A 190 -44.68 15.88 -48.30
CA GLN A 190 -43.27 16.25 -48.11
C GLN A 190 -42.29 15.09 -47.95
N ASP A 191 -42.60 13.92 -48.46
CA ASP A 191 -41.73 12.77 -48.38
C ASP A 191 -41.64 11.89 -49.64
N ARG A 192 -42.07 12.40 -50.79
CA ARG A 192 -42.08 11.61 -52.03
C ARG A 192 -41.50 12.34 -53.22
N PHE A 193 -41.09 11.56 -54.21
CA PHE A 193 -40.55 12.08 -55.46
C PHE A 193 -41.16 11.32 -56.63
N THR A 194 -41.42 12.00 -57.75
CA THR A 194 -41.99 11.30 -58.91
C THR A 194 -41.04 11.23 -60.10
N ILE A 195 -41.18 10.16 -60.87
CA ILE A 195 -40.41 9.96 -62.10
C ILE A 195 -41.35 10.08 -63.30
N LEU A 196 -41.06 11.00 -64.23
CA LEU A 196 -41.94 11.27 -65.36
C LEU A 196 -41.38 10.87 -66.73
N ASP A 197 -42.31 10.47 -67.58
CA ASP A 197 -42.10 10.11 -68.99
C ASP A 197 -42.79 11.10 -69.90
N THR A 198 -42.39 11.16 -71.15
CA THR A 198 -43.17 11.92 -72.10
C THR A 198 -44.34 11.02 -72.49
N TYR A 199 -45.34 11.58 -73.17
CA TYR A 199 -46.50 10.83 -73.66
C TYR A 199 -46.08 9.81 -74.73
N SER A 200 -45.15 10.22 -75.58
CA SER A 200 -44.63 9.46 -76.70
C SER A 200 -43.18 9.86 -76.96
N ASP A 201 -42.38 8.99 -77.57
CA ASP A 201 -41.03 9.39 -77.95
C ASP A 201 -40.94 9.98 -79.36
N GLN A 202 -42.09 10.01 -80.05
CA GLN A 202 -42.26 10.50 -81.43
C GLN A 202 -43.37 11.54 -81.53
N THR A 203 -43.37 12.33 -82.61
CA THR A 203 -44.40 13.34 -82.83
C THR A 203 -45.80 12.73 -82.66
N TYR A 204 -46.62 13.37 -81.87
CA TYR A 204 -47.95 12.76 -81.71
C TYR A 204 -48.99 13.70 -82.30
N ASN A 205 -50.09 13.07 -82.63
CA ASN A 205 -51.22 13.70 -83.29
C ASN A 205 -52.32 14.05 -82.28
N ASP A 206 -52.52 15.35 -82.02
CA ASP A 206 -53.47 15.85 -81.01
C ASP A 206 -54.92 15.64 -81.45
N GLY A 207 -55.11 15.32 -82.73
CA GLY A 207 -56.39 15.20 -83.39
C GLY A 207 -56.64 16.47 -84.21
N VAL A 208 -55.86 17.50 -83.91
CA VAL A 208 -55.92 18.79 -84.59
C VAL A 208 -54.56 19.34 -85.04
N GLU A 209 -53.46 18.79 -84.51
CA GLU A 209 -52.11 19.32 -84.75
C GLU A 209 -51.03 18.25 -84.48
N ASP A 210 -49.85 18.43 -85.09
CA ASP A 210 -48.74 17.48 -84.81
C ASP A 210 -47.92 18.13 -83.68
N LEU A 211 -47.67 17.40 -82.60
CA LEU A 211 -46.96 17.99 -81.43
C LEU A 211 -45.65 17.25 -81.11
N ASP A 212 -44.58 18.01 -80.89
CA ASP A 212 -43.27 17.53 -80.42
C ASP A 212 -43.31 17.22 -78.91
N PRO A 213 -43.00 15.98 -78.48
CA PRO A 213 -43.00 15.50 -77.10
C PRO A 213 -42.30 16.35 -76.03
N ILE A 214 -41.21 17.05 -76.37
CA ILE A 214 -40.58 17.80 -75.29
C ILE A 214 -41.40 19.08 -74.97
N PRO A 215 -41.69 19.99 -75.92
CA PRO A 215 -42.61 21.09 -75.74
C PRO A 215 -43.95 20.66 -75.18
N ALA A 216 -44.42 19.46 -75.58
CA ALA A 216 -45.68 18.95 -75.10
C ALA A 216 -45.70 18.81 -73.60
N LEU A 217 -44.67 18.16 -73.05
CA LEU A 217 -44.56 17.93 -71.62
C LEU A 217 -44.40 19.25 -70.90
N ARG A 218 -43.60 20.16 -71.47
CA ARG A 218 -43.40 21.46 -70.84
C ARG A 218 -44.68 22.28 -70.72
N ASN A 219 -45.54 22.25 -71.73
CA ASN A 219 -46.81 22.96 -71.64
C ASN A 219 -47.83 22.19 -70.79
N GLY A 220 -47.76 20.86 -70.85
CA GLY A 220 -48.65 19.95 -70.15
C GLY A 220 -48.61 20.10 -68.63
N ILE A 221 -47.42 20.08 -68.06
CA ILE A 221 -47.27 20.24 -66.61
C ILE A 221 -47.09 21.72 -66.30
N ASN A 222 -48.10 22.33 -65.69
CA ASN A 222 -48.14 23.77 -65.44
C ASN A 222 -48.14 24.22 -63.97
N LEU A 223 -47.59 23.39 -63.09
CA LEU A 223 -47.49 23.73 -61.68
C LEU A 223 -46.28 24.59 -61.44
N THR A 224 -46.26 25.32 -60.33
CA THR A 224 -45.11 26.14 -59.97
C THR A 224 -44.00 25.43 -59.20
N LYS A 225 -42.98 26.21 -58.84
CA LYS A 225 -41.74 25.80 -58.19
C LYS A 225 -41.89 24.83 -57.02
N ASP A 226 -42.89 25.07 -56.18
CA ASP A 226 -43.18 24.27 -54.99
C ASP A 226 -43.47 22.81 -55.32
N TYR A 227 -43.90 22.55 -56.54
CA TYR A 227 -44.25 21.22 -56.95
C TYR A 227 -43.19 20.63 -57.84
N LEU A 228 -42.63 21.47 -58.71
CA LEU A 228 -41.65 21.03 -59.69
C LEU A 228 -40.40 20.46 -59.04
N LYS A 229 -40.04 21.00 -57.88
CA LYS A 229 -38.89 20.51 -57.14
C LYS A 229 -39.04 19.03 -56.70
N TYR A 230 -40.24 18.45 -56.76
CA TYR A 230 -40.47 17.08 -56.35
C TYR A 230 -40.48 16.03 -57.46
N GLY A 231 -39.98 16.38 -58.64
CA GLY A 231 -39.89 15.35 -59.66
C GLY A 231 -38.91 15.65 -60.76
N ALA A 232 -38.72 14.66 -61.62
CA ALA A 232 -37.77 14.72 -62.75
C ALA A 232 -38.31 13.89 -63.91
N ALA A 233 -37.89 14.24 -65.13
CA ALA A 233 -38.32 13.54 -66.33
C ALA A 233 -37.15 13.03 -67.15
N TYR A 234 -37.39 11.92 -67.86
CA TYR A 234 -36.39 11.29 -68.74
C TYR A 234 -36.91 11.07 -70.18
N TYR A 235 -35.99 11.14 -71.15
CA TYR A 235 -36.28 10.93 -72.57
C TYR A 235 -35.07 10.37 -73.30
N PRO A 236 -35.23 9.50 -74.31
CA PRO A 236 -36.36 8.80 -74.93
C PRO A 236 -36.73 7.49 -74.25
N PHE A 237 -37.61 6.74 -74.91
CA PHE A 237 -38.01 5.38 -74.54
C PHE A 237 -36.87 4.43 -74.89
N VAL A 238 -36.85 3.22 -74.30
CA VAL A 238 -35.76 2.28 -74.62
C VAL A 238 -36.21 0.91 -75.13
N GLN A 239 -35.33 0.27 -75.89
CA GLN A 239 -35.57 -1.07 -76.41
C GLN A 239 -34.90 -2.10 -75.53
N THR A 240 -35.73 -2.99 -74.97
CA THR A 240 -35.36 -4.10 -74.05
C THR A 240 -35.11 -5.41 -74.82
N ILE A 241 -34.77 -6.48 -74.08
CA ILE A 241 -34.46 -7.79 -74.62
C ILE A 241 -35.52 -8.83 -74.26
N LEU A 242 -36.65 -8.34 -73.76
CA LEU A 242 -37.77 -9.15 -73.35
C LEU A 242 -38.62 -9.51 -74.57
N ASN A 243 -39.23 -10.68 -74.55
CA ASN A 243 -40.12 -11.12 -75.63
C ASN A 243 -41.58 -10.79 -75.39
N TYR A 244 -42.41 -11.13 -76.35
CA TYR A 244 -43.85 -10.95 -76.25
C TYR A 244 -44.48 -12.26 -75.86
N GLN A 245 -45.61 -12.20 -75.17
CA GLN A 245 -46.33 -13.40 -74.79
C GLN A 245 -47.42 -13.65 -75.85
N TYR A 246 -47.50 -14.87 -76.37
CA TYR A 246 -48.47 -15.21 -77.42
C TYR A 246 -48.77 -16.72 -77.48
N SER A 247 -49.71 -17.08 -78.35
CA SER A 247 -50.06 -18.47 -78.62
C SER A 247 -50.26 -18.72 -80.10
N ALA A 248 -49.72 -19.84 -80.58
CA ALA A 248 -49.77 -20.27 -81.98
C ALA A 248 -51.20 -20.46 -82.49
N ASP A 249 -52.14 -20.64 -81.55
CA ASP A 249 -53.55 -20.83 -81.89
C ASP A 249 -54.18 -19.57 -82.46
N GLU A 250 -53.56 -18.42 -82.18
CA GLU A 250 -54.10 -17.14 -82.61
C GLU A 250 -53.43 -16.60 -83.87
N ILE A 251 -52.49 -17.35 -84.45
CA ILE A 251 -51.72 -16.81 -85.56
C ILE A 251 -52.03 -17.47 -86.89
N VAL A 252 -52.47 -16.65 -87.87
CA VAL A 252 -52.87 -17.12 -89.20
C VAL A 252 -51.85 -16.75 -90.27
N ILE A 253 -51.61 -17.72 -91.16
CA ILE A 253 -50.64 -17.63 -92.23
C ILE A 253 -51.20 -17.37 -93.62
N GLN A 254 -50.63 -16.36 -94.28
CA GLN A 254 -50.91 -16.05 -95.67
C GLN A 254 -49.85 -16.79 -96.49
N HIS A 255 -50.25 -17.47 -97.56
CA HIS A 255 -49.28 -18.21 -98.38
C HIS A 255 -49.44 -17.91 -99.86
N LEU A 256 -48.45 -17.25 -100.44
CA LEU A 256 -48.51 -16.89 -101.84
C LEU A 256 -47.51 -17.71 -102.61
N SER A 257 -47.83 -18.00 -103.86
CA SER A 257 -46.95 -18.84 -104.68
C SER A 257 -46.95 -18.56 -106.17
N TYR A 258 -45.77 -18.73 -106.77
CA TYR A 258 -45.58 -18.67 -108.23
C TYR A 258 -46.44 -19.74 -108.93
N ASN A 259 -46.78 -20.78 -108.16
CA ASN A 259 -47.57 -21.92 -108.57
C ASN A 259 -48.62 -22.16 -107.47
N PRO A 260 -49.81 -21.54 -107.56
CA PRO A 260 -50.92 -21.59 -106.63
C PRO A 260 -51.50 -22.99 -106.49
N ASN A 261 -51.99 -23.32 -105.30
CA ASN A 261 -52.69 -24.59 -105.11
C ASN A 261 -53.53 -24.65 -103.82
N ALA A 262 -54.05 -23.51 -103.35
CA ALA A 262 -54.90 -23.53 -102.16
C ALA A 262 -56.24 -24.23 -102.37
N ILE A 263 -56.85 -23.98 -103.54
CA ILE A 263 -58.19 -24.53 -103.82
C ILE A 263 -58.07 -25.99 -104.12
N ALA A 264 -57.09 -26.34 -104.95
CA ALA A 264 -56.89 -27.73 -105.31
C ALA A 264 -56.64 -28.57 -104.07
N THR A 265 -55.89 -28.04 -103.10
CA THR A 265 -55.64 -28.78 -101.88
C THR A 265 -56.94 -29.00 -101.13
N ALA A 266 -57.76 -27.94 -101.01
CA ALA A 266 -59.02 -28.09 -100.29
C ALA A 266 -59.88 -29.15 -100.97
N LEU A 267 -59.92 -29.17 -102.30
CA LEU A 267 -60.71 -30.16 -102.99
C LEU A 267 -60.21 -31.57 -102.78
N ASP A 268 -58.89 -31.78 -102.81
CA ASP A 268 -58.40 -33.13 -102.60
C ASP A 268 -58.84 -33.69 -101.26
N ASN A 269 -58.84 -32.83 -100.23
CA ASN A 269 -59.28 -33.30 -98.92
C ASN A 269 -60.80 -33.43 -98.85
N LEU A 270 -61.54 -32.46 -99.39
CA LEU A 270 -63.00 -32.50 -99.32
C LEU A 270 -63.55 -33.71 -100.09
N ASN A 271 -62.90 -34.09 -101.18
CA ASN A 271 -63.32 -35.21 -101.98
C ASN A 271 -62.97 -36.54 -101.32
N ALA A 272 -62.18 -36.50 -100.24
CA ALA A 272 -61.82 -37.70 -99.52
C ALA A 272 -62.85 -37.92 -98.43
N GLY A 450 -74.40 -36.40 -96.05
CA GLY A 450 -73.81 -36.49 -97.39
C GLY A 450 -74.28 -35.42 -98.39
N THR A 451 -75.54 -35.00 -98.28
CA THR A 451 -76.07 -33.98 -99.17
C THR A 451 -75.31 -32.67 -99.02
N ARG A 452 -74.98 -32.31 -97.77
CA ARG A 452 -74.33 -31.05 -97.54
C ARG A 452 -72.88 -31.12 -98.00
N LEU A 453 -72.27 -32.30 -97.90
CA LEU A 453 -70.89 -32.43 -98.35
C LEU A 453 -70.81 -32.18 -99.85
N ASP A 454 -71.82 -32.68 -100.60
CA ASP A 454 -71.83 -32.43 -102.04
C ASP A 454 -71.92 -30.93 -102.35
N ASP A 455 -72.78 -30.20 -101.60
CA ASP A 455 -72.91 -28.74 -101.83
C ASP A 455 -71.61 -28.00 -101.56
N ILE A 456 -70.89 -28.41 -100.52
CA ILE A 456 -69.61 -27.76 -100.21
C ILE A 456 -68.61 -27.98 -101.32
N ILE A 457 -68.47 -29.21 -101.77
CA ILE A 457 -67.49 -29.49 -102.81
C ILE A 457 -67.78 -28.72 -104.07
N ALA A 458 -69.05 -28.69 -104.50
CA ALA A 458 -69.38 -27.94 -105.70
C ALA A 458 -69.06 -26.45 -105.53
N ALA A 459 -69.38 -25.88 -104.35
CA ALA A 459 -69.09 -24.46 -104.13
C ALA A 459 -67.60 -24.17 -104.24
N VAL A 460 -66.79 -25.10 -103.70
CA VAL A 460 -65.35 -24.95 -103.73
C VAL A 460 -64.76 -25.14 -105.11
N SER A 461 -65.17 -26.17 -105.84
CA SER A 461 -64.56 -26.40 -107.15
C SER A 461 -64.81 -25.24 -108.08
N ALA A 462 -65.91 -24.53 -107.87
CA ALA A 462 -66.24 -23.35 -108.65
C ALA A 462 -65.17 -22.26 -108.53
N ALA A 463 -64.40 -22.25 -107.42
CA ALA A 463 -63.37 -21.25 -107.16
C ALA A 463 -62.03 -21.56 -107.77
N GLU A 464 -61.83 -22.74 -108.36
CA GLU A 464 -60.48 -23.01 -108.84
C GLU A 464 -59.99 -21.95 -109.86
N PRO A 465 -60.82 -21.45 -110.81
CA PRO A 465 -60.50 -20.38 -111.75
C PRO A 465 -60.23 -19.00 -111.10
N ILE A 466 -60.63 -18.82 -109.83
CA ILE A 466 -60.47 -17.54 -109.14
C ILE A 466 -59.13 -17.40 -108.48
N ASP A 467 -58.74 -18.43 -107.75
CA ASP A 467 -57.51 -18.35 -107.01
C ASP A 467 -56.31 -18.54 -107.89
N VAL A 468 -55.62 -17.45 -108.17
CA VAL A 468 -54.46 -17.49 -109.03
C VAL A 468 -53.22 -17.05 -108.28
N ASN A 469 -53.31 -16.93 -106.95
CA ASN A 469 -52.17 -16.47 -106.15
C ASN A 469 -51.80 -17.31 -104.93
N ASN A 470 -52.75 -18.05 -104.34
CA ASN A 470 -52.52 -18.66 -103.05
C ASN A 470 -52.05 -20.11 -103.08
N GLY A 471 -51.07 -20.38 -102.22
CA GLY A 471 -50.51 -21.71 -102.07
C GLY A 471 -51.27 -22.56 -101.05
N LYS A 472 -50.81 -23.81 -100.92
CA LYS A 472 -51.34 -24.84 -100.03
C LYS A 472 -51.67 -24.47 -98.59
N LEU A 473 -50.83 -23.66 -97.93
CA LEU A 473 -51.02 -23.35 -96.49
C LEU A 473 -51.87 -22.11 -96.21
N ASN A 474 -52.32 -21.43 -97.27
CA ASN A 474 -53.03 -20.17 -97.09
C ASN A 474 -54.27 -20.32 -96.22
N GLY A 475 -54.39 -19.47 -95.20
CA GLY A 475 -55.56 -19.45 -94.34
C GLY A 475 -55.47 -20.31 -93.07
N ARG A 476 -54.43 -21.13 -92.93
CA ARG A 476 -54.34 -21.96 -91.73
C ARG A 476 -53.58 -21.31 -90.57
N LEU A 477 -53.84 -21.80 -89.37
CA LEU A 477 -53.20 -21.36 -88.14
C LEU A 477 -51.88 -22.08 -87.90
N LEU A 478 -50.93 -21.45 -87.23
CA LEU A 478 -49.69 -22.18 -86.93
C LEU A 478 -49.89 -23.49 -86.25
N SER A 479 -50.71 -23.53 -85.23
CA SER A 479 -50.91 -24.78 -84.49
C SER A 479 -51.51 -25.91 -85.35
N ASP A 480 -52.11 -25.58 -86.50
CA ASP A 480 -52.71 -26.58 -87.40
C ASP A 480 -51.83 -26.96 -88.58
N ILE A 481 -50.61 -26.43 -88.69
CA ILE A 481 -49.78 -26.82 -89.84
C ILE A 481 -48.56 -27.59 -89.43
N GLU A 482 -48.30 -27.72 -88.13
CA GLU A 482 -47.10 -28.43 -87.72
C GLU A 482 -46.96 -29.81 -88.36
N PRO A 483 -47.98 -30.71 -88.39
CA PRO A 483 -47.87 -32.00 -89.05
C PRO A 483 -47.76 -31.93 -90.59
N LEU A 484 -48.17 -30.81 -91.20
CA LEU A 484 -48.13 -30.68 -92.66
C LEU A 484 -46.70 -30.39 -93.08
N ASP A 485 -46.09 -29.48 -92.33
CA ASP A 485 -44.73 -29.05 -92.53
C ASP A 485 -44.18 -28.43 -91.26
N ASN A 486 -43.48 -29.21 -90.43
CA ASN A 486 -43.04 -28.67 -89.17
C ASN A 486 -41.81 -27.80 -89.35
N ALA A 487 -41.31 -27.69 -90.60
CA ALA A 487 -40.19 -26.83 -90.86
C ALA A 487 -40.73 -25.40 -90.93
N THR A 488 -41.95 -25.26 -91.45
CA THR A 488 -42.58 -23.96 -91.57
C THR A 488 -43.00 -23.52 -90.20
N TYR A 489 -43.65 -24.42 -89.48
CA TYR A 489 -44.11 -24.12 -88.14
C TYR A 489 -42.95 -23.65 -87.26
N ASN A 490 -41.86 -24.41 -87.24
CA ASN A 490 -40.75 -24.03 -86.41
C ASN A 490 -40.06 -22.75 -86.88
N THR A 491 -39.94 -22.54 -88.20
CA THR A 491 -39.30 -21.33 -88.69
C THR A 491 -40.10 -20.10 -88.29
N ILE A 492 -41.41 -20.18 -88.41
CA ILE A 492 -42.23 -19.06 -88.04
C ILE A 492 -42.08 -18.72 -86.57
N LEU A 493 -42.11 -19.72 -85.68
CA LEU A 493 -41.99 -19.41 -84.27
C LEU A 493 -40.65 -18.74 -83.99
N LEU A 494 -39.59 -19.19 -84.66
CA LEU A 494 -38.29 -18.59 -84.48
C LEU A 494 -38.32 -17.11 -84.90
N GLU A 495 -38.97 -16.82 -86.04
CA GLU A 495 -39.09 -15.42 -86.47
C GLU A 495 -39.94 -14.58 -85.53
N ILE A 496 -41.01 -15.13 -84.98
CA ILE A 496 -41.86 -14.34 -84.07
C ILE A 496 -41.03 -13.87 -82.89
N ASN A 497 -40.13 -14.75 -82.44
CA ASN A 497 -39.26 -14.58 -81.25
C ASN A 497 -38.23 -13.47 -81.47
N SER A 498 -38.06 -13.00 -82.70
CA SER A 498 -37.02 -12.00 -82.93
C SER A 498 -37.52 -10.59 -82.59
N HIS A 499 -38.83 -10.43 -82.34
CA HIS A 499 -39.40 -9.13 -82.01
C HIS A 499 -39.33 -8.84 -80.52
N LYS A 500 -38.83 -7.66 -80.16
CA LYS A 500 -38.67 -7.31 -78.75
C LYS A 500 -39.62 -6.20 -78.28
N VAL A 501 -39.79 -6.16 -76.97
CA VAL A 501 -40.61 -5.20 -76.23
C VAL A 501 -39.93 -3.81 -76.08
N THR A 502 -40.69 -2.72 -76.28
CA THR A 502 -40.19 -1.34 -76.10
C THR A 502 -40.94 -0.67 -74.95
N LEU A 503 -40.21 -0.08 -74.01
CA LEU A 503 -40.81 0.51 -72.81
C LEU A 503 -40.37 1.96 -72.48
N PRO A 504 -41.21 2.78 -71.83
CA PRO A 504 -40.84 4.04 -71.21
C PRO A 504 -39.77 3.66 -70.18
N PRO A 505 -38.80 4.51 -69.87
CA PRO A 505 -37.69 4.24 -68.95
C PRO A 505 -37.92 4.38 -67.43
N SER A 506 -39.13 4.68 -66.99
CA SER A 506 -39.32 4.98 -65.57
C SER A 506 -39.07 3.84 -64.58
N SER A 507 -39.33 2.59 -64.95
CA SER A 507 -39.13 1.51 -63.99
C SER A 507 -37.66 1.14 -63.90
N SER A 508 -36.95 1.36 -65.01
CA SER A 508 -35.54 1.11 -65.08
C SER A 508 -34.85 2.12 -64.19
N MET A 509 -35.33 3.37 -64.22
CA MET A 509 -34.73 4.38 -63.37
C MET A 509 -34.98 4.11 -61.90
N ALA A 510 -36.18 3.62 -61.51
CA ALA A 510 -36.40 3.32 -60.10
C ALA A 510 -35.38 2.27 -59.64
N GLY A 511 -35.11 1.28 -60.50
CA GLY A 511 -34.11 0.26 -60.22
C GLY A 511 -32.73 0.91 -60.04
N ALA A 512 -32.35 1.76 -60.99
CA ALA A 512 -31.07 2.45 -60.97
C ALA A 512 -30.90 3.31 -59.70
N TYR A 513 -31.97 3.96 -59.23
CA TYR A 513 -31.88 4.76 -58.02
C TYR A 513 -31.47 3.88 -56.85
N ALA A 514 -32.09 2.70 -56.74
CA ALA A 514 -31.74 1.77 -55.66
C ALA A 514 -30.28 1.35 -55.70
N ARG A 515 -29.74 1.08 -56.91
CA ARG A 515 -28.33 0.71 -56.99
C ARG A 515 -27.40 1.81 -56.49
N VAL A 516 -27.65 3.05 -56.88
CA VAL A 516 -26.77 4.11 -56.43
C VAL A 516 -26.82 4.28 -54.92
N ASP A 517 -28.02 4.26 -54.34
CA ASP A 517 -28.12 4.46 -52.90
C ASP A 517 -27.31 3.41 -52.13
N ASN A 518 -27.30 2.16 -52.62
CA ASN A 518 -26.53 1.11 -51.96
C ASN A 518 -25.02 1.15 -52.19
N ASP A 519 -24.55 1.47 -53.40
CA ASP A 519 -23.10 1.47 -53.63
C ASP A 519 -22.39 2.78 -53.31
N ARG A 520 -23.03 3.93 -53.51
CA ARG A 520 -22.35 5.20 -53.28
C ARG A 520 -23.01 6.09 -52.23
N GLY A 521 -24.33 6.00 -52.08
CA GLY A 521 -25.07 6.83 -51.14
C GLY A 521 -26.03 7.80 -51.81
N VAL A 522 -27.12 8.09 -51.11
CA VAL A 522 -28.22 8.96 -51.56
C VAL A 522 -27.79 10.39 -51.89
N TRP A 523 -26.63 10.80 -51.41
CA TRP A 523 -26.13 12.14 -51.67
C TRP A 523 -25.36 12.25 -53.00
N LYS A 524 -25.23 11.15 -53.75
CA LYS A 524 -24.55 11.19 -55.05
C LYS A 524 -25.57 11.20 -56.19
N SER A 525 -25.24 11.91 -57.28
CA SER A 525 -26.14 12.01 -58.42
C SER A 525 -26.45 10.66 -59.08
N PRO A 526 -27.71 10.37 -59.41
CA PRO A 526 -28.16 9.19 -60.12
C PRO A 526 -27.94 9.34 -61.62
N ALA A 527 -26.68 9.38 -62.03
CA ALA A 527 -26.29 9.55 -63.43
C ALA A 527 -24.95 8.88 -63.67
N ASN A 528 -24.61 8.67 -64.96
CA ASN A 528 -23.42 7.97 -65.41
C ASN A 528 -23.50 6.53 -64.90
N ILE A 529 -24.71 6.00 -65.06
CA ILE A 529 -25.16 4.67 -64.68
C ILE A 529 -25.51 3.86 -65.91
N GLY A 530 -24.99 2.64 -66.02
CA GLY A 530 -25.41 1.81 -67.15
C GLY A 530 -26.69 1.09 -66.78
N LEU A 531 -27.57 0.91 -67.77
CA LEU A 531 -28.83 0.18 -67.56
C LEU A 531 -28.73 -1.27 -67.96
N ASN A 532 -29.40 -2.16 -67.23
CA ASN A 532 -29.40 -3.57 -67.56
C ASN A 532 -30.57 -3.90 -68.46
N TYR A 533 -30.39 -4.93 -69.30
CA TYR A 533 -31.43 -5.40 -70.22
C TYR A 533 -31.85 -4.33 -71.21
N VAL A 534 -30.93 -3.48 -71.65
CA VAL A 534 -31.27 -2.47 -72.62
C VAL A 534 -30.37 -2.64 -73.81
N SER A 535 -30.98 -2.78 -74.98
CA SER A 535 -30.26 -2.94 -76.23
C SER A 535 -29.79 -1.57 -76.68
N LYS A 536 -30.73 -0.64 -76.73
CA LYS A 536 -30.43 0.72 -77.17
C LYS A 536 -31.59 1.68 -76.86
N PRO A 537 -31.38 3.01 -76.82
CA PRO A 537 -32.41 4.04 -76.83
C PRO A 537 -33.18 3.94 -78.13
N SER A 538 -34.47 4.24 -78.12
CA SER A 538 -35.27 4.22 -79.36
C SER A 538 -34.96 5.39 -80.31
N VAL A 539 -34.54 6.52 -79.75
CA VAL A 539 -34.22 7.72 -80.50
C VAL A 539 -32.81 8.19 -80.16
N THR A 540 -32.01 8.48 -81.17
CA THR A 540 -30.66 8.97 -80.91
C THR A 540 -30.65 10.45 -80.59
N VAL A 541 -29.99 10.83 -79.50
CA VAL A 541 -29.87 12.22 -79.09
C VAL A 541 -28.40 12.63 -79.22
N SER A 542 -28.14 13.65 -80.02
CA SER A 542 -26.79 14.15 -80.27
C SER A 542 -26.36 15.07 -79.15
N HIS A 543 -25.10 15.48 -79.18
CA HIS A 543 -24.59 16.42 -78.19
C HIS A 543 -25.33 17.75 -78.25
N GLU A 544 -25.41 18.34 -79.44
CA GLU A 544 -26.05 19.63 -79.63
C GLU A 544 -27.53 19.60 -79.29
N GLU A 545 -28.18 18.50 -79.59
CA GLU A 545 -29.61 18.33 -79.32
C GLU A 545 -29.95 18.31 -77.83
N GLN A 546 -28.98 18.05 -76.97
CA GLN A 546 -29.27 17.99 -75.56
C GLN A 546 -29.14 19.35 -74.89
N GLU A 547 -28.61 20.36 -75.59
CA GLU A 547 -28.39 21.62 -74.88
C GLU A 547 -29.68 22.21 -74.32
N SER A 548 -30.77 22.10 -75.07
CA SER A 548 -32.07 22.62 -74.67
C SER A 548 -32.82 21.70 -73.70
N MET A 549 -32.28 20.51 -73.45
CA MET A 549 -32.89 19.58 -72.53
C MET A 549 -32.34 19.86 -71.14
N ASN A 550 -31.05 20.21 -71.05
CA ASN A 550 -30.42 20.44 -69.75
C ASN A 550 -30.70 21.85 -69.25
N VAL A 551 -30.64 22.84 -70.16
CA VAL A 551 -30.86 24.23 -69.79
C VAL A 551 -31.95 24.83 -70.67
N HIS A 552 -32.94 25.46 -70.04
CA HIS A 552 -34.05 26.03 -70.78
C HIS A 552 -34.68 27.18 -70.01
N GLY A 553 -35.23 28.15 -70.73
CA GLY A 553 -35.88 29.33 -70.14
C GLY A 553 -36.96 29.02 -69.10
N THR A 554 -37.66 27.89 -69.23
CA THR A 554 -38.69 27.53 -68.26
C THR A 554 -38.19 26.79 -67.03
N GLY A 555 -36.97 26.27 -67.07
CA GLY A 555 -36.40 25.48 -65.99
C GLY A 555 -36.87 24.01 -66.01
N LYS A 556 -37.76 23.65 -66.95
CA LYS A 556 -38.30 22.30 -67.01
C LYS A 556 -37.40 21.35 -67.79
N SER A 557 -36.30 21.03 -67.15
CA SER A 557 -35.24 20.19 -67.66
C SER A 557 -35.67 18.75 -67.87
N VAL A 558 -35.07 18.08 -68.85
CA VAL A 558 -35.29 16.67 -69.14
C VAL A 558 -33.93 15.96 -69.21
N ASN A 559 -33.78 14.84 -68.51
CA ASN A 559 -32.51 14.11 -68.50
C ASN A 559 -32.48 13.18 -69.73
N ALA A 560 -31.28 12.86 -70.24
CA ALA A 560 -31.24 12.05 -71.46
C ALA A 560 -30.69 10.66 -71.28
N ILE A 561 -31.22 9.72 -72.04
CA ILE A 561 -30.64 8.39 -72.08
C ILE A 561 -29.83 8.31 -73.38
N ARG A 562 -28.51 8.05 -73.26
CA ARG A 562 -27.63 8.08 -74.43
C ARG A 562 -26.69 6.87 -74.55
N SER A 563 -26.34 6.54 -75.79
CA SER A 563 -25.41 5.45 -76.09
C SER A 563 -23.97 5.91 -76.25
N PHE A 564 -23.07 5.29 -75.51
CA PHE A 564 -21.65 5.63 -75.58
C PHE A 564 -20.83 4.45 -76.10
N VAL A 565 -19.82 4.76 -76.91
CA VAL A 565 -19.02 3.70 -77.49
C VAL A 565 -18.16 3.03 -76.44
N GLY A 566 -18.31 1.71 -76.36
CA GLY A 566 -17.57 0.90 -75.42
C GLY A 566 -18.19 0.88 -74.02
N LYS A 567 -19.31 1.59 -73.81
CA LYS A 567 -19.92 1.64 -72.50
C LYS A 567 -21.35 1.15 -72.48
N GLY A 568 -22.10 1.35 -73.57
CA GLY A 568 -23.50 0.95 -73.61
C GLY A 568 -24.41 2.12 -73.26
N THR A 569 -25.62 1.80 -72.82
CA THR A 569 -26.61 2.86 -72.60
C THR A 569 -26.47 3.43 -71.20
N LEU A 570 -26.22 4.74 -71.12
CA LEU A 570 -26.02 5.45 -69.86
C LEU A 570 -27.05 6.54 -69.59
N VAL A 571 -27.29 6.78 -68.31
CA VAL A 571 -28.13 7.89 -67.88
C VAL A 571 -27.28 9.16 -67.86
N TRP A 572 -27.63 10.16 -68.67
CA TRP A 572 -26.80 11.34 -68.77
C TRP A 572 -27.53 12.61 -68.28
N GLY A 573 -27.17 13.10 -67.11
CA GLY A 573 -27.83 14.25 -66.49
C GLY A 573 -28.66 13.87 -65.26
N ALA A 574 -28.71 14.77 -64.28
CA ALA A 574 -29.45 14.51 -63.05
C ALA A 574 -30.09 15.76 -62.45
N ARG A 575 -30.87 16.49 -63.25
CA ARG A 575 -31.55 17.67 -62.72
C ARG A 575 -33.04 17.42 -62.52
N THR A 576 -33.67 18.28 -61.72
CA THR A 576 -35.11 18.23 -61.40
C THR A 576 -35.87 19.15 -62.36
N LEU A 577 -37.20 19.18 -62.22
CA LEU A 577 -38.05 20.03 -63.06
C LEU A 577 -38.00 21.52 -62.68
N ALA A 578 -37.12 21.87 -61.74
CA ALA A 578 -36.89 23.24 -61.32
C ALA A 578 -35.38 23.52 -61.50
N GLY A 579 -34.90 23.37 -62.73
CA GLY A 579 -33.48 23.39 -63.10
C GLY A 579 -32.74 24.69 -62.89
N ASN A 580 -33.45 25.78 -62.71
CA ASN A 580 -32.80 27.06 -62.48
C ASN A 580 -32.84 27.44 -61.01
N ASP A 581 -33.26 26.53 -60.15
CA ASP A 581 -33.37 26.75 -58.72
C ASP A 581 -32.01 26.60 -58.02
N ASN A 582 -31.52 27.70 -57.48
CA ASN A 582 -30.21 27.74 -56.87
C ASN A 582 -30.05 26.76 -55.70
N GLU A 583 -31.14 26.35 -55.06
CA GLU A 583 -31.05 25.43 -53.95
C GLU A 583 -31.49 24.02 -54.33
N TRP A 584 -32.53 23.90 -55.15
CA TRP A 584 -33.11 22.61 -55.47
C TRP A 584 -32.94 22.02 -56.89
N ARG A 585 -32.13 22.62 -57.78
CA ARG A 585 -31.98 22.05 -59.12
C ARG A 585 -31.41 20.62 -59.25
N TYR A 586 -30.64 20.12 -58.27
CA TYR A 586 -30.10 18.78 -58.40
C TYR A 586 -30.90 17.72 -57.66
N ILE A 587 -31.04 16.55 -58.30
CA ILE A 587 -31.83 15.48 -57.73
C ILE A 587 -31.27 15.00 -56.39
N SER A 588 -29.96 14.83 -56.31
CA SER A 588 -29.29 14.36 -55.10
C SER A 588 -29.40 15.28 -53.90
N VAL A 589 -29.70 16.56 -54.12
CA VAL A 589 -29.83 17.45 -52.99
C VAL A 589 -31.23 17.25 -52.46
N ARG A 590 -32.22 17.27 -53.35
CA ARG A 590 -33.58 17.07 -52.91
C ARG A 590 -33.77 15.72 -52.21
N ARG A 591 -33.21 14.64 -52.79
CA ARG A 591 -33.36 13.33 -52.18
C ARG A 591 -32.62 13.21 -50.84
N PHE A 592 -31.42 13.79 -50.72
CA PHE A 592 -30.70 13.77 -49.45
C PHE A 592 -31.54 14.40 -48.35
N PHE A 593 -32.09 15.59 -48.62
CA PHE A 593 -32.91 16.24 -47.62
C PHE A 593 -34.13 15.41 -47.27
N ASN A 594 -34.84 14.82 -48.24
CA ASN A 594 -36.00 14.02 -47.86
C ASN A 594 -35.61 12.90 -46.93
N MET A 595 -34.47 12.24 -47.18
CA MET A 595 -34.00 11.15 -46.36
C MET A 595 -33.70 11.63 -44.94
N ALA A 596 -32.93 12.70 -44.80
CA ALA A 596 -32.57 13.18 -43.48
C ALA A 596 -33.79 13.60 -42.69
N GLU A 597 -34.75 14.26 -43.34
CA GLU A 597 -35.94 14.72 -42.64
C GLU A 597 -36.79 13.56 -42.14
N GLU A 598 -36.95 12.52 -42.94
CA GLU A 598 -37.74 11.37 -42.53
C GLU A 598 -37.10 10.66 -41.33
N SER A 599 -35.78 10.43 -41.39
CA SER A 599 -35.11 9.74 -40.30
C SER A 599 -35.18 10.51 -39.00
N ILE A 600 -35.03 11.84 -39.07
CA ILE A 600 -35.09 12.61 -37.85
C ILE A 600 -36.51 12.58 -37.28
N LYS A 601 -37.56 12.80 -38.08
CA LYS A 601 -38.84 12.78 -37.37
C LYS A 601 -39.15 11.43 -36.72
N LYS A 602 -38.72 10.31 -37.31
CA LYS A 602 -39.00 9.04 -36.65
C LYS A 602 -38.36 9.03 -35.27
N ALA A 603 -37.13 9.52 -35.19
CA ALA A 603 -36.40 9.61 -33.94
C ALA A 603 -37.06 10.57 -32.92
N THR A 604 -37.71 11.66 -33.38
CA THR A 604 -38.31 12.62 -32.45
C THR A 604 -39.68 12.20 -31.92
N GLU A 605 -40.35 11.23 -32.55
CA GLU A 605 -41.67 10.82 -32.10
C GLU A 605 -41.70 10.29 -30.65
N GLN A 606 -40.60 9.72 -30.17
CA GLN A 606 -40.54 9.23 -28.80
C GLN A 606 -40.75 10.33 -27.74
N PHE A 607 -40.65 11.61 -28.11
CA PHE A 607 -40.81 12.72 -27.16
C PHE A 607 -42.17 13.44 -27.27
N VAL A 608 -43.12 12.91 -28.04
CA VAL A 608 -44.37 13.66 -28.26
C VAL A 608 -45.18 14.04 -27.03
N PHE A 609 -45.29 13.18 -26.05
CA PHE A 609 -46.11 13.55 -24.89
C PHE A 609 -45.30 13.93 -23.65
N GLU A 610 -44.03 14.31 -23.85
CA GLU A 610 -43.18 14.72 -22.74
C GLU A 610 -43.48 16.16 -22.33
N PRO A 611 -43.18 16.59 -21.08
CA PRO A 611 -43.29 17.96 -20.60
C PRO A 611 -42.52 18.95 -21.45
N ASN A 612 -43.08 20.13 -21.70
CA ASN A 612 -42.38 21.08 -22.54
C ASN A 612 -41.55 21.99 -21.65
N ASP A 613 -40.30 21.58 -21.43
CA ASP A 613 -39.38 22.29 -20.55
C ASP A 613 -37.93 22.00 -20.93
N GLY A 614 -37.00 22.61 -20.21
CA GLY A 614 -35.57 22.53 -20.45
C GLY A 614 -34.98 21.13 -20.48
N ASN A 615 -35.51 20.22 -19.68
CA ASN A 615 -34.98 18.88 -19.69
C ASN A 615 -35.23 18.16 -21.02
N THR A 616 -36.36 18.46 -21.65
CA THR A 616 -36.75 17.83 -22.89
C THR A 616 -35.97 18.47 -24.00
N TRP A 617 -35.87 19.80 -23.95
CA TRP A 617 -35.20 20.52 -25.01
C TRP A 617 -33.77 20.01 -25.17
N VAL A 618 -33.08 19.78 -24.04
CA VAL A 618 -31.73 19.24 -24.10
C VAL A 618 -31.69 17.83 -24.69
N ARG A 619 -32.59 16.94 -24.25
CA ARG A 619 -32.59 15.56 -24.78
C ARG A 619 -32.84 15.55 -26.30
N VAL A 620 -33.75 16.37 -26.80
CA VAL A 620 -34.07 16.40 -28.21
C VAL A 620 -32.88 16.89 -29.02
N ARG A 621 -32.28 17.99 -28.57
CA ARG A 621 -31.13 18.53 -29.25
C ARG A 621 -30.00 17.53 -29.34
N ALA A 622 -29.65 16.88 -28.23
CA ALA A 622 -28.55 15.95 -28.25
C ALA A 622 -28.77 14.80 -29.23
N MET A 623 -30.01 14.29 -29.28
CA MET A 623 -30.33 13.21 -30.19
C MET A 623 -30.13 13.60 -31.65
N ILE A 624 -30.61 14.78 -32.03
CA ILE A 624 -30.48 15.25 -33.40
C ILE A 624 -29.02 15.45 -33.78
N GLU A 625 -28.23 16.07 -32.91
CA GLU A 625 -26.82 16.28 -33.22
C GLU A 625 -26.09 14.95 -33.42
N ASN A 626 -26.40 13.92 -32.62
CA ASN A 626 -25.70 12.65 -32.80
C ASN A 626 -25.97 12.06 -34.20
N PHE A 627 -27.20 12.17 -34.67
CA PHE A 627 -27.55 11.70 -36.01
C PHE A 627 -26.70 12.40 -37.07
N LEU A 628 -26.66 13.73 -36.99
CA LEU A 628 -25.93 14.52 -37.96
C LEU A 628 -24.43 14.28 -37.93
N ILE A 629 -23.86 14.00 -36.75
CA ILE A 629 -22.44 13.70 -36.67
C ILE A 629 -22.13 12.45 -37.47
N LEU A 630 -22.97 11.42 -37.33
CA LEU A 630 -22.74 10.21 -38.10
C LEU A 630 -22.85 10.45 -39.61
N GLN A 631 -23.78 11.31 -40.05
CA GLN A 631 -23.89 11.61 -41.48
C GLN A 631 -22.63 12.32 -41.97
N TRP A 632 -22.07 13.19 -41.14
CA TRP A 632 -20.83 13.87 -41.43
C TRP A 632 -19.67 12.87 -41.53
N ARG A 633 -19.56 11.98 -40.55
CA ARG A 633 -18.48 11.01 -40.51
C ARG A 633 -18.45 10.15 -41.78
N ALA A 634 -19.63 9.82 -42.31
CA ALA A 634 -19.79 9.00 -43.50
C ALA A 634 -19.57 9.77 -44.82
N GLY A 635 -19.31 11.08 -44.74
CA GLY A 635 -19.06 11.90 -45.92
C GLY A 635 -20.27 12.51 -46.62
N ALA A 636 -21.45 12.55 -45.96
CA ALA A 636 -22.62 13.13 -46.62
C ALA A 636 -22.62 14.65 -46.56
N LEU A 637 -22.06 15.21 -45.50
CA LEU A 637 -22.05 16.67 -45.29
C LEU A 637 -20.68 17.27 -45.50
N ALA A 638 -20.67 18.52 -45.91
CA ALA A 638 -19.45 19.30 -46.11
C ALA A 638 -18.88 19.78 -44.78
N GLY A 639 -17.58 20.10 -44.75
CA GLY A 639 -16.96 20.68 -43.54
C GLY A 639 -15.83 19.85 -42.92
N ALA A 640 -14.75 20.54 -42.53
CA ALA A 640 -13.57 19.92 -41.90
C ALA A 640 -13.88 19.22 -40.56
N LYS A 641 -14.80 19.79 -39.81
CA LYS A 641 -15.23 19.32 -38.50
C LYS A 641 -16.75 19.50 -38.45
N PRO A 642 -17.53 18.76 -37.62
CA PRO A 642 -18.97 18.88 -37.49
C PRO A 642 -19.45 20.33 -37.32
N GLU A 643 -18.66 21.15 -36.64
CA GLU A 643 -18.96 22.56 -36.41
C GLU A 643 -19.18 23.38 -37.68
N HIS A 644 -18.70 22.88 -38.82
CA HIS A 644 -18.81 23.54 -40.09
C HIS A 644 -19.84 22.86 -40.99
N ALA A 645 -20.40 21.76 -40.52
CA ALA A 645 -21.32 20.95 -41.30
C ALA A 645 -22.78 21.25 -40.97
N PHE A 646 -23.05 21.49 -39.69
CA PHE A 646 -24.44 21.71 -39.29
C PHE A 646 -24.59 22.45 -37.97
N TYR A 647 -25.82 22.90 -37.72
CA TYR A 647 -26.17 23.43 -36.40
C TYR A 647 -27.60 23.02 -36.02
N VAL A 648 -27.85 22.95 -34.70
CA VAL A 648 -29.18 22.69 -34.14
C VAL A 648 -29.46 23.69 -33.01
N LYS A 649 -30.62 24.38 -33.04
CA LYS A 649 -30.98 25.35 -32.00
C LYS A 649 -32.37 25.14 -31.44
N VAL A 650 -32.50 25.28 -30.13
CA VAL A 650 -33.79 25.22 -29.45
C VAL A 650 -33.74 25.95 -28.12
N GLY A 651 -34.78 26.71 -27.82
CA GLY A 651 -34.83 27.34 -26.51
C GLY A 651 -35.79 28.51 -26.41
N LEU A 652 -36.12 28.87 -25.18
CA LEU A 652 -37.01 29.98 -24.97
C LEU A 652 -36.19 31.23 -25.20
N GLY A 653 -36.69 32.10 -26.07
CA GLY A 653 -35.97 33.30 -26.43
C GLY A 653 -35.12 33.10 -27.69
N GLN A 654 -34.96 31.86 -28.15
CA GLN A 654 -34.18 31.59 -29.35
C GLN A 654 -35.10 31.13 -30.45
N THR A 655 -35.93 30.13 -30.17
CA THR A 655 -36.83 29.58 -31.16
C THR A 655 -38.29 29.64 -30.72
N MET A 656 -38.52 29.78 -29.40
CA MET A 656 -39.85 29.79 -28.81
C MET A 656 -40.16 31.02 -27.99
N THR A 657 -41.44 31.35 -27.92
CA THR A 657 -41.86 32.43 -27.02
C THR A 657 -42.83 31.93 -25.95
N ALA A 658 -43.26 32.83 -25.08
CA ALA A 658 -44.14 32.46 -23.97
C ALA A 658 -45.45 31.84 -24.46
N GLN A 659 -45.94 32.36 -25.57
CA GLN A 659 -47.16 31.91 -26.20
C GLN A 659 -47.06 30.47 -26.69
N ASP A 660 -45.85 30.03 -27.07
CA ASP A 660 -45.69 28.69 -27.60
C ASP A 660 -45.66 27.75 -26.44
N ILE A 661 -45.12 28.21 -25.32
CA ILE A 661 -45.08 27.31 -24.20
C ILE A 661 -46.53 27.07 -23.77
N LEU A 662 -47.32 28.14 -23.70
CA LEU A 662 -48.72 28.02 -23.29
C LEU A 662 -49.55 27.13 -24.19
N GLU A 663 -49.32 27.18 -25.50
CA GLU A 663 -50.06 26.36 -26.44
C GLU A 663 -49.50 24.95 -26.64
N GLY A 664 -48.40 24.61 -25.96
CA GLY A 664 -47.79 23.30 -26.13
C GLY A 664 -46.89 23.10 -27.36
N ASN A 665 -46.35 24.18 -27.95
CA ASN A 665 -45.50 24.02 -29.12
C ASN A 665 -44.03 23.92 -28.75
N MET A 666 -43.26 23.24 -29.59
CA MET A 666 -41.81 23.18 -29.43
C MET A 666 -41.15 23.41 -30.79
N ASN A 667 -40.25 24.38 -30.86
CA ASN A 667 -39.61 24.79 -32.12
C ASN A 667 -38.12 24.46 -32.22
N VAL A 668 -37.74 23.64 -33.18
CA VAL A 668 -36.32 23.30 -33.32
C VAL A 668 -35.82 23.73 -34.70
N GLU A 669 -34.72 24.47 -34.74
CA GLU A 669 -34.14 24.92 -36.01
C GLU A 669 -32.85 24.17 -36.35
N ILE A 670 -32.78 23.69 -37.60
CA ILE A 670 -31.64 22.89 -38.08
C ILE A 670 -31.08 23.42 -39.41
N GLY A 671 -29.75 23.51 -39.54
CA GLY A 671 -29.15 23.91 -40.82
C GLY A 671 -28.08 22.90 -41.26
N LEU A 672 -27.97 22.67 -42.59
CA LEU A 672 -27.01 21.68 -43.15
C LEU A 672 -26.16 22.18 -44.33
N ALA A 673 -24.86 21.84 -44.34
CA ALA A 673 -23.95 22.13 -45.45
C ALA A 673 -23.88 20.95 -46.45
N VAL A 674 -24.46 21.12 -47.63
CA VAL A 674 -24.56 20.03 -48.61
C VAL A 674 -23.75 20.31 -49.90
N VAL A 675 -23.00 19.30 -50.32
CA VAL A 675 -22.11 19.28 -51.49
C VAL A 675 -22.83 19.11 -52.84
N ARG A 676 -22.49 19.94 -53.82
CA ARG A 676 -23.07 19.88 -55.16
C ARG A 676 -22.01 19.46 -56.21
N PRO A 677 -22.40 18.68 -57.26
CA PRO A 677 -21.56 18.14 -58.33
C PRO A 677 -21.09 19.12 -59.38
N ALA A 678 -19.97 18.80 -60.03
CA ALA A 678 -19.51 19.53 -61.21
C ALA A 678 -20.10 18.89 -62.46
N GLU A 679 -20.43 19.69 -63.47
CA GLU A 679 -20.95 19.14 -64.73
C GLU A 679 -20.02 19.28 -65.94
N PHE A 680 -19.08 20.22 -65.93
CA PHE A 680 -18.34 20.44 -67.17
C PHE A 680 -16.84 20.33 -67.00
N ILE A 681 -16.19 19.67 -67.94
CA ILE A 681 -14.75 19.53 -67.97
C ILE A 681 -14.21 20.05 -69.28
N ILE A 682 -13.30 20.99 -69.21
CA ILE A 682 -12.75 21.60 -70.41
C ILE A 682 -11.27 21.30 -70.58
N LEU A 683 -10.92 20.73 -71.72
CA LEU A 683 -9.53 20.41 -71.99
C LEU A 683 -8.99 21.41 -72.98
N LYS A 684 -7.71 21.75 -72.84
CA LYS A 684 -7.07 22.67 -73.75
C LYS A 684 -5.77 22.07 -74.23
N PHE A 685 -5.47 22.22 -75.51
CA PHE A 685 -4.27 21.65 -76.10
C PHE A 685 -3.42 22.69 -76.77
N SER A 686 -2.11 22.44 -76.81
CA SER A 686 -1.16 23.33 -77.45
C SER A 686 0.10 22.57 -77.83
N HIS A 687 0.96 23.24 -78.59
CA HIS A 687 2.25 22.70 -78.99
C HIS A 687 3.32 23.13 -78.00
N LYS A 688 3.88 22.17 -77.30
CA LYS A 688 4.89 22.46 -76.29
C LYS A 688 6.09 23.16 -76.89
N MET A 689 6.52 24.22 -76.24
CA MET A 689 7.68 24.98 -76.68
C MET A 689 8.44 25.56 -75.51
N GLN A 690 9.70 25.89 -75.75
CA GLN A 690 10.53 26.53 -74.73
C GLN A 690 9.87 27.78 -74.17
N THR B 3 -12.04 -75.80 -19.21
CA THR B 3 -11.08 -76.13 -18.16
C THR B 3 -9.74 -76.54 -18.72
N TYR B 4 -8.70 -75.83 -18.30
CA TYR B 4 -7.35 -76.14 -18.72
C TYR B 4 -6.55 -76.36 -17.47
N LYS B 5 -5.56 -77.24 -17.53
CA LYS B 5 -4.75 -77.53 -16.36
C LYS B 5 -3.29 -77.10 -16.45
N THR B 6 -2.76 -77.00 -17.65
CA THR B 6 -1.36 -76.66 -17.82
C THR B 6 -1.26 -75.22 -18.33
N PRO B 7 -0.45 -74.34 -17.70
CA PRO B 7 -0.22 -72.97 -18.14
C PRO B 7 0.30 -73.00 -19.57
N GLY B 8 -0.11 -72.07 -20.41
CA GLY B 8 0.42 -72.09 -21.77
C GLY B 8 -0.59 -71.63 -22.81
N VAL B 9 -0.23 -71.84 -24.06
CA VAL B 9 -1.03 -71.44 -25.20
C VAL B 9 -1.69 -72.64 -25.86
N TYR B 10 -3.00 -72.57 -26.03
CA TYR B 10 -3.77 -73.64 -26.63
C TYR B 10 -4.23 -73.23 -28.02
N ILE B 11 -4.32 -74.19 -28.93
CA ILE B 11 -4.75 -73.93 -30.31
C ILE B 11 -5.99 -74.71 -30.73
N GLU B 12 -6.96 -73.98 -31.27
CA GLU B 12 -8.21 -74.54 -31.75
C GLU B 12 -8.53 -74.05 -33.17
N GLU B 13 -9.30 -74.83 -33.94
CA GLU B 13 -9.70 -74.43 -35.29
C GLU B 13 -11.22 -74.43 -35.43
N ILE B 14 -11.78 -73.25 -35.69
CA ILE B 14 -13.22 -73.07 -35.79
C ILE B 14 -13.65 -72.28 -37.02
N THR B 15 -14.93 -72.31 -37.35
CA THR B 15 -15.50 -71.48 -38.42
C THR B 15 -16.67 -70.64 -37.88
N LYS B 16 -16.62 -69.32 -38.10
CA LYS B 16 -17.70 -68.43 -37.65
C LYS B 16 -17.57 -67.03 -38.21
N PHE B 17 -18.62 -66.23 -38.08
CA PHE B 17 -18.55 -64.81 -38.38
C PHE B 17 -17.90 -64.13 -37.18
N PRO B 18 -17.12 -63.07 -37.36
CA PRO B 18 -16.53 -62.29 -36.28
C PRO B 18 -17.63 -61.60 -35.47
N PRO B 19 -17.43 -61.37 -34.16
CA PRO B 19 -18.31 -60.70 -33.22
C PRO B 19 -18.42 -59.19 -33.40
N SER B 20 -19.46 -58.58 -32.83
CA SER B 20 -19.65 -57.12 -32.82
C SER B 20 -20.47 -56.66 -31.61
N VAL B 21 -20.02 -55.56 -31.00
CA VAL B 21 -20.65 -54.93 -29.83
C VAL B 21 -20.77 -53.42 -30.00
N ALA B 22 -21.60 -52.77 -29.18
CA ALA B 22 -21.74 -51.32 -29.20
C ALA B 22 -22.23 -50.79 -27.87
N GLN B 23 -21.96 -49.51 -27.61
CA GLN B 23 -22.41 -48.80 -26.42
C GLN B 23 -23.58 -47.89 -26.78
N VAL B 24 -24.75 -48.20 -26.27
CA VAL B 24 -25.98 -47.49 -26.59
C VAL B 24 -26.73 -47.05 -25.34
N GLU B 25 -27.09 -45.78 -25.27
CA GLU B 25 -27.83 -45.27 -24.11
C GLU B 25 -29.33 -45.00 -24.34
N THR B 26 -29.72 -44.60 -25.55
CA THR B 26 -31.10 -44.17 -25.81
C THR B 26 -31.99 -45.08 -26.65
N ALA B 27 -31.51 -46.25 -27.00
CA ALA B 27 -32.27 -47.13 -27.86
C ALA B 27 -32.23 -48.56 -27.41
N ILE B 28 -32.78 -48.85 -26.22
CA ILE B 28 -32.77 -50.19 -25.67
C ILE B 28 -34.08 -50.97 -25.95
N PRO B 29 -34.08 -51.99 -26.82
CA PRO B 29 -35.23 -52.80 -27.16
C PRO B 29 -35.49 -53.92 -26.19
N ALA B 30 -36.73 -54.39 -26.17
CA ALA B 30 -37.03 -55.69 -25.58
C ALA B 30 -37.48 -56.64 -26.69
N PHE B 31 -37.05 -57.89 -26.59
CA PHE B 31 -37.42 -58.93 -27.55
C PHE B 31 -38.21 -60.06 -26.87
N ILE B 32 -39.44 -60.28 -27.32
CA ILE B 32 -40.30 -61.31 -26.71
C ILE B 32 -40.50 -62.54 -27.63
N GLY B 33 -40.08 -63.74 -27.18
CA GLY B 33 -40.20 -64.96 -28.03
C GLY B 33 -39.66 -66.29 -27.45
N TYR B 34 -39.47 -67.30 -28.32
CA TYR B 34 -39.03 -68.65 -27.86
C TYR B 34 -37.52 -68.89 -27.93
N THR B 35 -36.99 -69.70 -27.00
CA THR B 35 -35.56 -70.06 -26.94
C THR B 35 -35.31 -71.58 -26.87
N GLN B 36 -34.04 -72.04 -26.87
CA GLN B 36 -33.81 -73.48 -26.70
C GLN B 36 -34.06 -73.88 -25.27
N PHE B 37 -33.61 -73.02 -24.38
CA PHE B 37 -33.70 -73.20 -22.95
C PHE B 37 -33.67 -71.86 -22.26
N ALA B 38 -33.91 -71.83 -20.96
CA ALA B 38 -33.80 -70.57 -20.25
C ALA B 38 -33.33 -70.80 -18.82
N ARG B 39 -32.05 -70.55 -18.57
CA ARG B 39 -31.48 -70.87 -17.25
C ARG B 39 -30.61 -69.77 -16.66
N THR B 40 -30.43 -69.78 -15.35
CA THR B 40 -29.53 -68.82 -14.71
C THR B 40 -28.13 -69.36 -14.46
N LYS B 41 -28.00 -70.68 -14.42
CA LYS B 41 -26.73 -71.33 -14.20
C LYS B 41 -26.60 -72.43 -15.23
N PRO B 42 -25.39 -72.77 -15.69
CA PRO B 42 -25.09 -73.83 -16.65
C PRO B 42 -25.45 -75.24 -16.19
N SER B 43 -25.66 -75.42 -14.89
CA SER B 43 -25.96 -76.73 -14.34
C SER B 43 -27.17 -76.69 -13.42
N VAL B 44 -28.34 -76.76 -14.03
CA VAL B 44 -29.62 -76.71 -13.36
C VAL B 44 -30.46 -77.86 -13.87
N ASP B 45 -31.54 -78.18 -13.16
CA ASP B 45 -32.45 -79.21 -13.61
C ASP B 45 -33.72 -78.70 -14.31
N SER B 46 -33.77 -77.40 -14.61
CA SER B 46 -34.94 -76.84 -15.27
C SER B 46 -34.69 -75.50 -15.92
N ASP B 47 -35.76 -74.94 -16.44
CA ASP B 47 -35.75 -73.62 -17.05
C ASP B 47 -36.16 -72.62 -15.98
N ASP B 48 -35.25 -71.72 -15.64
CA ASP B 48 -35.43 -70.78 -14.54
C ASP B 48 -36.01 -69.45 -15.00
N LEU B 49 -35.70 -69.09 -16.24
CA LEU B 49 -36.01 -67.78 -16.79
C LEU B 49 -37.16 -67.73 -17.78
N ILE B 50 -38.11 -68.66 -17.76
CA ILE B 50 -39.13 -68.63 -18.81
C ILE B 50 -39.90 -67.32 -18.88
N LEU B 51 -40.32 -66.74 -17.78
CA LEU B 51 -41.00 -65.45 -17.85
C LEU B 51 -40.28 -64.37 -17.07
N LYS B 52 -38.94 -64.43 -17.06
CA LYS B 52 -38.21 -63.43 -16.30
C LYS B 52 -37.36 -62.58 -17.24
N PRO B 53 -37.54 -61.26 -17.33
CA PRO B 53 -36.74 -60.39 -18.15
C PRO B 53 -35.30 -60.45 -17.73
N LYS B 54 -34.40 -60.45 -18.69
CA LYS B 54 -32.99 -60.41 -18.37
C LYS B 54 -32.26 -59.46 -19.29
N ARG B 55 -31.26 -58.76 -18.77
CA ARG B 55 -30.48 -57.88 -19.61
C ARG B 55 -29.23 -58.58 -20.13
N ILE B 56 -29.05 -58.47 -21.44
CA ILE B 56 -27.98 -59.06 -22.25
C ILE B 56 -27.08 -58.00 -22.90
N SER B 57 -25.75 -58.13 -22.77
CA SER B 57 -24.86 -57.13 -23.36
C SER B 57 -24.39 -57.44 -24.79
N SER B 58 -24.40 -58.71 -25.15
CA SER B 58 -23.91 -59.15 -26.45
C SER B 58 -24.48 -60.51 -26.82
N LEU B 59 -24.25 -60.94 -28.05
CA LEU B 59 -24.75 -62.25 -28.47
C LEU B 59 -24.19 -63.42 -27.63
N LEU B 60 -22.95 -63.30 -27.11
CA LEU B 60 -22.38 -64.36 -26.28
C LEU B 60 -23.17 -64.56 -24.99
N ASP B 61 -23.66 -63.46 -24.41
CA ASP B 61 -24.44 -63.54 -23.20
C ASP B 61 -25.75 -64.20 -23.51
N PHE B 62 -26.33 -63.86 -24.67
CA PHE B 62 -27.58 -64.50 -25.04
C PHE B 62 -27.40 -66.00 -25.09
N THR B 63 -26.39 -66.44 -25.84
CA THR B 63 -26.17 -67.87 -26.05
C THR B 63 -26.01 -68.60 -24.73
N THR B 64 -25.23 -68.01 -23.83
CA THR B 64 -24.97 -68.55 -22.50
C THR B 64 -26.23 -68.97 -21.73
N TYR B 65 -27.32 -68.20 -21.82
CA TYR B 65 -28.49 -68.51 -21.02
C TYR B 65 -29.68 -69.05 -21.83
N TYR B 66 -29.68 -68.80 -23.15
CA TYR B 66 -30.80 -69.17 -23.98
C TYR B 66 -30.56 -70.18 -25.14
N GLY B 67 -29.29 -70.45 -25.49
CA GLY B 67 -28.98 -71.33 -26.60
C GLY B 67 -29.05 -70.70 -28.00
N GLY B 68 -28.98 -71.54 -29.03
CA GLY B 68 -28.95 -71.14 -30.45
C GLY B 68 -30.26 -71.39 -31.21
N ALA B 69 -30.15 -71.68 -32.50
CA ALA B 69 -31.27 -71.93 -33.41
C ALA B 69 -31.70 -73.40 -33.39
N GLN B 70 -32.90 -73.68 -33.89
CA GLN B 70 -33.39 -75.05 -34.06
C GLN B 70 -32.89 -75.60 -35.40
N ASN B 71 -32.50 -76.88 -35.44
CA ASN B 71 -32.08 -77.49 -36.72
C ASN B 71 -33.25 -77.58 -37.69
N GLU B 72 -32.98 -77.32 -38.97
CA GLU B 72 -34.01 -77.47 -39.99
C GLU B 72 -34.20 -78.96 -40.29
N GLN B 73 -35.43 -79.37 -40.57
CA GLN B 73 -35.71 -80.76 -40.92
C GLN B 73 -36.39 -80.92 -42.29
N GLY B 74 -36.30 -79.88 -43.12
CA GLY B 74 -36.93 -79.87 -44.45
C GLY B 74 -35.98 -79.92 -45.64
N ILE B 75 -34.72 -80.28 -45.43
CA ILE B 75 -33.72 -80.31 -46.49
C ILE B 75 -33.68 -81.68 -47.16
N THR B 76 -33.78 -81.73 -48.49
CA THR B 76 -33.71 -82.98 -49.24
C THR B 76 -32.67 -82.81 -50.33
N VAL B 77 -32.19 -83.92 -50.91
CA VAL B 77 -31.22 -83.85 -52.00
C VAL B 77 -31.57 -84.75 -53.18
N LYS B 78 -31.43 -84.25 -54.42
CA LYS B 78 -31.67 -85.07 -55.60
C LYS B 78 -30.47 -85.08 -56.57
N LEU B 79 -29.94 -86.27 -56.85
CA LEU B 79 -28.77 -86.44 -57.73
C LEU B 79 -29.15 -87.23 -59.00
N THR B 80 -28.83 -86.68 -60.19
CA THR B 80 -29.14 -87.42 -61.43
C THR B 80 -27.93 -87.66 -62.36
N ASP B 81 -27.74 -88.93 -62.74
CA ASP B 81 -26.68 -89.41 -63.64
C ASP B 81 -27.13 -89.65 -65.10
N THR B 82 -26.54 -88.91 -66.06
CA THR B 82 -26.87 -89.05 -67.48
C THR B 82 -25.62 -89.15 -68.37
N LEU B 83 -25.83 -89.45 -69.66
CA LEU B 83 -24.70 -89.46 -70.59
C LEU B 83 -24.76 -88.34 -71.63
N ILE B 84 -23.58 -87.79 -71.92
CA ILE B 84 -23.43 -86.81 -72.97
C ILE B 84 -22.47 -87.34 -74.02
N GLU B 85 -23.01 -87.72 -75.17
CA GLU B 85 -22.21 -88.31 -76.25
C GLU B 85 -21.32 -89.45 -75.73
N GLY B 86 -21.89 -90.27 -74.84
CA GLY B 86 -21.21 -91.41 -74.24
C GLY B 86 -20.42 -91.11 -72.95
N ALA B 87 -20.23 -89.83 -72.61
CA ALA B 87 -19.49 -89.46 -71.41
C ALA B 87 -20.38 -89.37 -70.20
N GLU B 88 -19.85 -89.69 -69.03
CA GLU B 88 -20.65 -89.54 -67.81
C GLU B 88 -20.77 -88.08 -67.42
N ASN B 89 -21.92 -87.71 -66.86
CA ASN B 89 -22.19 -86.38 -66.33
C ASN B 89 -23.25 -86.42 -65.23
N ARG B 90 -22.99 -85.74 -64.10
CA ARG B 90 -24.03 -85.75 -63.07
C ARG B 90 -24.32 -84.38 -62.52
N THR B 91 -25.59 -84.20 -62.14
CA THR B 91 -26.06 -82.97 -61.52
C THR B 91 -26.59 -83.21 -60.10
N ILE B 92 -26.13 -82.35 -59.17
CA ILE B 92 -26.59 -82.41 -57.79
C ILE B 92 -27.44 -81.20 -57.50
N ASN B 93 -28.69 -81.43 -57.12
CA ASN B 93 -29.64 -80.37 -56.87
C ASN B 93 -30.22 -80.38 -55.47
N VAL B 94 -30.03 -79.28 -54.76
CA VAL B 94 -30.58 -79.14 -53.42
C VAL B 94 -31.60 -77.98 -53.45
N PRO B 95 -32.92 -78.25 -53.51
CA PRO B 95 -34.03 -77.30 -53.54
C PRO B 95 -34.13 -76.49 -52.26
N GLU B 96 -34.72 -75.30 -52.34
CA GLU B 96 -35.00 -74.55 -51.14
C GLU B 96 -36.07 -75.31 -50.36
N PRO B 97 -35.97 -75.50 -49.03
CA PRO B 97 -36.96 -76.17 -48.20
C PRO B 97 -38.31 -75.49 -48.28
N THR B 98 -39.37 -76.28 -48.20
CA THR B 98 -40.73 -75.74 -48.21
C THR B 98 -41.32 -75.73 -46.81
N PHE B 99 -40.63 -76.41 -45.90
CA PHE B 99 -41.01 -76.51 -44.49
C PHE B 99 -39.82 -76.07 -43.68
N LYS B 100 -40.02 -75.04 -42.88
CA LYS B 100 -38.94 -74.44 -42.10
C LYS B 100 -39.32 -74.31 -40.64
N SER B 101 -38.32 -74.27 -39.77
CA SER B 101 -38.55 -74.02 -38.35
C SER B 101 -39.20 -72.65 -38.19
N PRO B 102 -40.20 -72.47 -37.31
CA PRO B 102 -40.85 -71.21 -37.06
C PRO B 102 -40.16 -70.32 -36.04
N TYR B 103 -38.98 -70.72 -35.54
CA TYR B 103 -38.36 -69.96 -34.47
C TYR B 103 -37.20 -69.06 -34.95
N LEU B 104 -37.42 -67.75 -34.94
CA LEU B 104 -36.45 -66.78 -35.48
C LEU B 104 -35.67 -65.88 -34.50
N MET B 105 -35.80 -66.02 -33.18
CA MET B 105 -35.10 -65.08 -32.30
C MET B 105 -33.59 -65.07 -32.44
N PHE B 106 -32.97 -66.23 -32.61
CA PHE B 106 -31.52 -66.27 -32.73
C PHE B 106 -31.04 -65.45 -33.94
N TYR B 107 -31.66 -65.69 -35.10
CA TYR B 107 -31.28 -65.00 -36.33
C TYR B 107 -31.53 -63.50 -36.21
N SER B 108 -32.63 -63.15 -35.55
CA SER B 108 -33.01 -61.78 -35.34
C SER B 108 -31.93 -61.03 -34.56
N LEU B 109 -31.44 -61.63 -33.47
CA LEU B 109 -30.38 -61.02 -32.68
C LEU B 109 -29.08 -60.90 -33.44
N GLN B 110 -28.74 -61.86 -34.28
CA GLN B 110 -27.52 -61.70 -35.07
C GLN B 110 -27.59 -60.45 -35.94
N MET B 111 -28.76 -60.20 -36.56
CA MET B 111 -28.93 -59.01 -37.40
C MET B 111 -28.87 -57.72 -36.57
N TYR B 112 -29.48 -57.74 -35.38
CA TYR B 112 -29.49 -56.62 -34.47
C TYR B 112 -28.08 -56.16 -34.10
N PHE B 113 -27.23 -57.11 -33.71
CA PHE B 113 -25.88 -56.73 -33.33
C PHE B 113 -25.04 -56.34 -34.58
N ALA B 114 -25.28 -56.99 -35.74
CA ALA B 114 -24.58 -56.67 -36.99
C ALA B 114 -24.80 -55.22 -37.41
N ASN B 115 -25.98 -54.69 -37.10
CA ASN B 115 -26.35 -53.32 -37.44
C ASN B 115 -26.06 -52.29 -36.35
N GLY B 116 -25.28 -52.65 -35.33
CA GLY B 116 -24.88 -51.67 -34.31
C GLY B 116 -25.65 -51.62 -33.00
N GLY B 117 -26.51 -52.58 -32.73
CA GLY B 117 -27.25 -52.55 -31.49
C GLY B 117 -26.39 -52.75 -30.23
N GLY B 118 -26.86 -52.16 -29.13
CA GLY B 118 -26.21 -52.28 -27.83
C GLY B 118 -26.98 -53.26 -26.95
N PRO B 119 -26.93 -53.12 -25.62
CA PRO B 119 -27.57 -53.97 -24.63
C PRO B 119 -29.07 -54.01 -24.84
N CYS B 120 -29.68 -55.14 -24.50
CA CYS B 120 -31.12 -55.30 -24.68
C CYS B 120 -31.77 -56.24 -23.67
N TYR B 121 -33.11 -56.24 -23.65
CA TYR B 121 -33.83 -57.17 -22.78
C TYR B 121 -34.43 -58.35 -23.50
N ILE B 122 -34.27 -59.51 -22.90
CA ILE B 122 -34.83 -60.74 -23.42
C ILE B 122 -35.90 -61.28 -22.51
N VAL B 123 -37.06 -61.57 -23.10
CA VAL B 123 -38.14 -62.20 -22.36
C VAL B 123 -38.49 -63.47 -23.10
N SER B 124 -38.36 -64.59 -22.42
CA SER B 124 -38.68 -65.86 -23.02
C SER B 124 -40.18 -66.02 -22.89
N THR B 125 -40.75 -66.82 -23.74
CA THR B 125 -42.17 -67.15 -23.63
C THR B 125 -42.36 -68.64 -23.50
N GLY B 126 -41.26 -69.37 -23.62
CA GLY B 126 -41.26 -70.82 -23.63
C GLY B 126 -40.04 -71.29 -24.39
N VAL B 127 -39.97 -72.59 -24.63
CA VAL B 127 -38.83 -73.15 -25.33
C VAL B 127 -39.30 -73.88 -26.59
N TYR B 128 -38.37 -74.14 -27.50
CA TYR B 128 -38.67 -74.75 -28.79
C TYR B 128 -39.35 -76.10 -28.67
N ASP B 129 -40.41 -76.32 -29.43
CA ASP B 129 -41.06 -77.63 -29.43
C ASP B 129 -40.45 -78.50 -30.53
N ASP B 130 -40.90 -79.74 -30.65
CA ASP B 130 -40.33 -80.60 -31.69
C ASP B 130 -41.22 -80.68 -32.94
N TRP B 131 -40.75 -81.43 -33.93
CA TRP B 131 -41.48 -81.64 -35.17
C TRP B 131 -42.33 -82.90 -35.09
N SER B 132 -43.46 -82.93 -35.80
CA SER B 132 -44.27 -84.14 -35.78
C SER B 132 -43.85 -85.06 -36.91
N ASP B 133 -43.41 -84.44 -38.00
CA ASP B 133 -42.94 -85.15 -39.19
C ASP B 133 -42.07 -84.19 -39.99
N SER B 134 -41.47 -84.64 -41.08
CA SER B 134 -40.62 -83.76 -41.90
C SER B 134 -41.41 -82.67 -42.60
N GLU B 135 -42.71 -82.89 -42.74
CA GLU B 135 -43.62 -81.96 -43.36
C GLU B 135 -44.54 -81.29 -42.33
N THR B 136 -44.31 -81.56 -41.05
CA THR B 136 -45.16 -80.97 -40.02
C THR B 136 -44.32 -80.31 -38.91
N PRO B 137 -44.09 -78.99 -38.98
CA PRO B 137 -43.30 -78.17 -38.09
C PRO B 137 -44.09 -77.81 -36.81
N PRO B 138 -43.42 -77.30 -35.77
CA PRO B 138 -43.95 -76.72 -34.54
C PRO B 138 -44.81 -75.51 -34.85
N THR B 139 -45.64 -75.12 -33.89
CA THR B 139 -46.47 -73.94 -34.04
C THR B 139 -46.16 -72.89 -32.97
N ILE B 140 -46.62 -71.66 -33.21
CA ILE B 140 -46.46 -70.53 -32.29
C ILE B 140 -47.76 -70.28 -31.57
N ASN B 141 -47.71 -70.26 -30.24
CA ASN B 141 -48.91 -70.09 -29.44
C ASN B 141 -49.15 -68.65 -29.05
N PHE B 142 -50.18 -68.06 -29.61
CA PHE B 142 -50.51 -66.66 -29.37
C PHE B 142 -50.51 -66.29 -27.87
N SER B 143 -51.07 -67.17 -27.03
CA SER B 143 -51.21 -66.87 -25.60
C SER B 143 -49.85 -66.69 -24.89
N ASP B 144 -48.79 -67.24 -25.47
CA ASP B 144 -47.48 -67.16 -24.89
C ASP B 144 -46.90 -65.78 -25.14
N LEU B 145 -47.28 -65.15 -26.26
CA LEU B 145 -46.71 -63.86 -26.59
C LEU B 145 -47.43 -62.82 -25.76
N GLU B 146 -48.74 -63.01 -25.53
CA GLU B 146 -49.47 -62.07 -24.68
C GLU B 146 -48.92 -62.09 -23.26
N SER B 147 -48.55 -63.27 -22.77
CA SER B 147 -47.97 -63.39 -21.46
C SER B 147 -46.67 -62.59 -21.39
N GLY B 148 -45.79 -62.75 -22.38
CA GLY B 148 -44.53 -62.02 -22.38
C GLY B 148 -44.75 -60.49 -22.40
N LEU B 149 -45.76 -60.02 -23.13
CA LEU B 149 -46.05 -58.59 -23.18
C LEU B 149 -46.49 -58.09 -21.81
N ALA B 150 -47.34 -58.86 -21.11
CA ALA B 150 -47.81 -58.51 -19.77
C ALA B 150 -46.66 -58.39 -18.79
N VAL B 151 -45.62 -59.23 -18.98
CA VAL B 151 -44.44 -59.22 -18.14
C VAL B 151 -43.57 -57.97 -18.39
N ILE B 152 -43.27 -57.66 -19.66
CA ILE B 152 -42.39 -56.53 -19.95
C ILE B 152 -43.02 -55.22 -19.48
N ARG B 153 -44.34 -55.17 -19.41
CA ARG B 153 -45.03 -53.98 -18.94
C ARG B 153 -44.56 -53.50 -17.57
N LYS B 154 -44.00 -54.37 -16.74
CA LYS B 154 -43.54 -53.95 -15.42
C LYS B 154 -42.10 -53.44 -15.37
N GLU B 155 -41.38 -53.47 -16.49
CA GLU B 155 -40.00 -53.00 -16.54
C GLU B 155 -39.95 -51.53 -16.97
N ASP B 156 -39.03 -50.76 -16.41
CA ASP B 156 -38.90 -49.34 -16.78
C ASP B 156 -37.89 -49.01 -17.87
N GLU B 157 -36.82 -49.76 -17.99
CA GLU B 157 -35.76 -49.44 -18.94
C GLU B 157 -36.02 -49.52 -20.47
N PRO B 158 -36.76 -50.50 -21.02
CA PRO B 158 -36.97 -50.66 -22.45
C PRO B 158 -37.66 -49.46 -23.10
N THR B 159 -37.26 -49.14 -24.34
CA THR B 159 -37.87 -48.05 -25.11
C THR B 159 -38.54 -48.56 -26.39
N LEU B 160 -38.09 -49.72 -26.90
CA LEU B 160 -38.67 -50.29 -28.13
C LEU B 160 -39.24 -51.69 -27.89
N LEU B 161 -40.38 -51.99 -28.52
CA LEU B 161 -40.97 -53.33 -28.39
C LEU B 161 -40.95 -54.15 -29.68
N LEU B 162 -40.31 -55.33 -29.66
CA LEU B 162 -40.24 -56.21 -30.84
C LEU B 162 -40.69 -57.65 -30.58
N PHE B 163 -41.33 -58.27 -31.58
CA PHE B 163 -41.73 -59.70 -31.52
C PHE B 163 -41.19 -60.53 -32.71
N PRO B 164 -40.00 -61.16 -32.56
CA PRO B 164 -39.32 -61.93 -33.60
C PRO B 164 -40.11 -63.10 -34.20
N ASP B 165 -41.12 -63.66 -33.50
CA ASP B 165 -41.85 -64.78 -34.06
C ASP B 165 -43.34 -64.47 -34.22
N ALA B 166 -43.70 -63.22 -34.56
CA ALA B 166 -45.12 -62.89 -34.73
C ALA B 166 -45.66 -63.25 -36.10
N THR B 167 -44.82 -63.24 -37.13
CA THR B 167 -45.30 -63.49 -38.49
C THR B 167 -45.61 -64.97 -38.71
N ASN B 168 -45.23 -65.80 -37.75
CA ASN B 168 -45.50 -67.22 -37.83
C ASN B 168 -46.75 -67.64 -37.06
N LEU B 169 -47.51 -66.68 -36.54
CA LEU B 169 -48.77 -66.99 -35.88
C LEU B 169 -49.72 -67.59 -36.92
N PRO B 170 -50.54 -68.60 -36.58
CA PRO B 170 -51.51 -69.27 -37.44
C PRO B 170 -52.45 -68.38 -38.25
N THR B 171 -52.85 -67.22 -37.71
CA THR B 171 -53.75 -66.35 -38.48
C THR B 171 -53.26 -64.91 -38.46
N ASP B 172 -53.80 -64.12 -39.38
CA ASP B 172 -53.48 -62.72 -39.46
C ASP B 172 -54.21 -61.99 -38.36
N ASP B 173 -55.38 -62.50 -38.00
CA ASP B 173 -56.15 -61.89 -36.94
C ASP B 173 -55.37 -61.88 -35.63
N GLU B 174 -54.68 -62.99 -35.30
CA GLU B 174 -53.86 -63.01 -34.09
C GLU B 174 -52.70 -62.04 -34.19
N PHE B 175 -52.10 -61.95 -35.37
CA PHE B 175 -51.00 -61.03 -35.60
C PHE B 175 -51.42 -59.59 -35.32
N TYR B 176 -52.54 -59.16 -35.90
CA TYR B 176 -53.01 -57.78 -35.73
C TYR B 176 -53.39 -57.50 -34.29
N SER B 177 -54.01 -58.48 -33.61
CA SER B 177 -54.40 -58.33 -32.23
C SER B 177 -53.19 -58.05 -31.35
N LEU B 178 -52.09 -58.81 -31.57
CA LEU B 178 -50.88 -58.61 -30.80
C LEU B 178 -50.34 -57.20 -30.95
N TYR B 179 -50.32 -56.66 -32.18
CA TYR B 179 -49.82 -55.32 -32.38
C TYR B 179 -50.73 -54.23 -31.84
N ASN B 180 -52.05 -54.43 -31.87
CA ASN B 180 -52.93 -53.43 -31.29
C ASN B 180 -52.64 -53.33 -29.78
N SER B 181 -52.40 -54.47 -29.12
CA SER B 181 -52.07 -54.46 -27.70
C SER B 181 -50.77 -53.71 -27.42
N ALA B 182 -49.75 -53.92 -28.25
CA ALA B 182 -48.48 -53.23 -28.06
C ALA B 182 -48.65 -51.70 -28.17
N LEU B 183 -49.45 -51.23 -29.15
CA LEU B 183 -49.67 -49.78 -29.29
C LEU B 183 -50.42 -49.22 -28.09
N MET B 184 -51.38 -49.98 -27.56
CA MET B 184 -52.11 -49.53 -26.38
C MET B 184 -51.19 -49.42 -25.16
N GLN B 185 -50.24 -50.35 -25.02
CA GLN B 185 -49.29 -50.27 -23.90
C GLN B 185 -48.49 -48.97 -24.00
N CYS B 186 -48.04 -48.61 -25.21
CA CYS B 186 -47.26 -47.39 -25.39
C CYS B 186 -48.08 -46.17 -25.01
N ASN B 187 -49.35 -46.13 -25.40
CA ASN B 187 -50.17 -44.99 -25.02
C ASN B 187 -50.31 -44.89 -23.49
N ASP B 188 -50.54 -46.01 -22.80
CA ASP B 188 -50.68 -45.93 -21.35
C ASP B 188 -49.39 -45.52 -20.61
N LEU B 189 -48.23 -45.99 -21.06
CA LEU B 189 -46.99 -45.67 -20.35
C LEU B 189 -46.34 -44.33 -20.78
N GLN B 190 -46.57 -43.91 -22.03
CA GLN B 190 -46.02 -42.67 -22.63
C GLN B 190 -44.50 -42.60 -22.78
N ASP B 191 -43.83 -43.74 -22.87
CA ASP B 191 -42.39 -43.78 -23.04
C ASP B 191 -41.85 -44.84 -24.01
N ARG B 192 -42.71 -45.40 -24.88
CA ARG B 192 -42.28 -46.46 -25.79
C ARG B 192 -42.75 -46.24 -27.22
N PHE B 193 -42.06 -46.91 -28.14
CA PHE B 193 -42.39 -46.86 -29.55
C PHE B 193 -42.32 -48.28 -30.14
N THR B 194 -43.21 -48.60 -31.08
CA THR B 194 -43.17 -49.94 -31.67
C THR B 194 -42.77 -49.94 -33.14
N ILE B 195 -42.12 -51.02 -33.56
CA ILE B 195 -41.74 -51.23 -34.95
C ILE B 195 -42.58 -52.37 -35.53
N LEU B 196 -43.30 -52.10 -36.62
CA LEU B 196 -44.22 -53.08 -37.21
C LEU B 196 -43.82 -53.62 -38.59
N ASP B 197 -44.18 -54.88 -38.79
CA ASP B 197 -44.01 -55.62 -40.04
C ASP B 197 -45.36 -55.95 -40.64
N THR B 198 -45.39 -56.27 -41.92
CA THR B 198 -46.61 -56.82 -42.48
C THR B 198 -46.62 -58.30 -42.08
N TYR B 199 -47.76 -58.96 -42.27
CA TYR B 199 -47.90 -60.39 -42.00
C TYR B 199 -47.02 -61.22 -42.95
N SER B 200 -46.97 -60.78 -44.19
CA SER B 200 -46.25 -61.42 -45.28
C SER B 200 -45.79 -60.37 -46.29
N ASP B 201 -44.73 -60.65 -47.05
CA ASP B 201 -44.36 -59.71 -48.10
C ASP B 201 -45.02 -60.00 -49.46
N GLN B 202 -45.83 -61.08 -49.49
CA GLN B 202 -46.55 -61.59 -50.67
C GLN B 202 -48.04 -61.76 -50.38
N THR B 203 -48.85 -61.85 -51.44
CA THR B 203 -50.29 -62.05 -51.27
C THR B 203 -50.57 -63.24 -50.36
N TYR B 204 -51.41 -63.03 -49.38
CA TYR B 204 -51.67 -64.17 -48.49
C TYR B 204 -53.11 -64.60 -48.63
N ASN B 205 -53.29 -65.85 -48.28
CA ASN B 205 -54.56 -66.56 -48.39
C ASN B 205 -55.28 -66.59 -47.04
N ASP B 206 -56.40 -65.86 -46.94
CA ASP B 206 -57.18 -65.70 -45.70
C ASP B 206 -57.93 -66.98 -45.33
N GLY B 207 -57.98 -67.91 -46.27
CA GLY B 207 -58.74 -69.15 -46.19
C GLY B 207 -60.03 -68.99 -46.98
N VAL B 208 -60.36 -67.73 -47.28
CA VAL B 208 -61.54 -67.37 -48.05
C VAL B 208 -61.29 -66.37 -49.20
N GLU B 209 -60.13 -65.71 -49.19
CA GLU B 209 -59.82 -64.64 -50.14
C GLU B 209 -58.31 -64.41 -50.27
N ASP B 210 -57.88 -63.83 -51.39
CA ASP B 210 -56.44 -63.50 -51.54
C ASP B 210 -56.29 -62.05 -51.09
N LEU B 211 -55.37 -61.76 -50.16
CA LEU B 211 -55.24 -60.39 -49.61
C LEU B 211 -53.85 -59.79 -49.86
N ASP B 212 -53.81 -58.54 -50.33
CA ASP B 212 -52.59 -57.73 -50.48
C ASP B 212 -52.11 -57.20 -49.12
N PRO B 213 -50.86 -57.49 -48.69
CA PRO B 213 -50.24 -57.10 -47.43
C PRO B 213 -50.33 -55.63 -47.00
N ILE B 214 -50.34 -54.67 -47.94
CA ILE B 214 -50.40 -53.30 -47.46
C ILE B 214 -51.82 -52.95 -46.99
N PRO B 215 -52.89 -53.08 -47.81
CA PRO B 215 -54.27 -52.96 -47.39
C PRO B 215 -54.59 -53.83 -46.18
N ALA B 216 -53.97 -55.01 -46.10
CA ALA B 216 -54.20 -55.90 -44.98
C ALA B 216 -53.84 -55.27 -43.66
N LEU B 217 -52.64 -54.69 -43.60
CA LEU B 217 -52.15 -54.05 -42.39
C LEU B 217 -52.99 -52.83 -42.06
N ARG B 218 -53.35 -52.07 -43.10
CA ARG B 218 -54.17 -50.88 -42.87
C ARG B 218 -55.54 -51.19 -42.28
N ASN B 219 -56.18 -52.27 -42.72
CA ASN B 219 -57.46 -52.65 -42.14
C ASN B 219 -57.29 -53.36 -40.78
N GLY B 220 -56.19 -54.11 -40.64
CA GLY B 220 -55.84 -54.86 -39.46
C GLY B 220 -55.68 -54.02 -38.20
N ILE B 221 -54.89 -52.94 -38.30
CA ILE B 221 -54.67 -52.06 -37.16
C ILE B 221 -55.71 -50.94 -37.23
N ASN B 222 -56.68 -50.96 -36.30
CA ASN B 222 -57.81 -50.03 -36.32
C ASN B 222 -57.92 -49.06 -35.13
N LEU B 223 -56.80 -48.74 -34.51
CA LEU B 223 -56.76 -47.79 -33.40
C LEU B 223 -56.72 -46.38 -33.93
N THR B 224 -57.10 -45.42 -33.12
CA THR B 224 -57.05 -44.01 -33.52
C THR B 224 -55.71 -43.31 -33.28
N LYS B 225 -55.69 -42.02 -33.61
CA LYS B 225 -54.54 -41.12 -33.60
C LYS B 225 -53.65 -41.20 -32.35
N ASP B 226 -54.28 -41.31 -31.19
CA ASP B 226 -53.58 -41.38 -29.90
C ASP B 226 -52.64 -42.57 -29.79
N TYR B 227 -52.88 -43.59 -30.58
CA TYR B 227 -52.09 -44.79 -30.54
C TYR B 227 -51.17 -44.87 -31.73
N LEU B 228 -51.66 -44.44 -32.88
CA LEU B 228 -50.92 -44.54 -34.13
C LEU B 228 -49.64 -43.71 -34.09
N LYS B 229 -49.67 -42.60 -33.36
CA LYS B 229 -48.48 -41.76 -33.21
C LYS B 229 -47.30 -42.49 -32.52
N TYR B 230 -47.54 -43.64 -31.88
CA TYR B 230 -46.50 -44.38 -31.18
C TYR B 230 -45.85 -45.52 -31.96
N GLY B 231 -46.05 -45.58 -33.27
CA GLY B 231 -45.35 -46.61 -34.00
C GLY B 231 -45.21 -46.32 -35.49
N ALA B 232 -44.46 -47.19 -36.15
CA ALA B 232 -44.16 -47.09 -37.58
C ALA B 232 -44.01 -48.48 -38.19
N ALA B 233 -44.26 -48.60 -39.49
CA ALA B 233 -44.14 -49.87 -40.20
C ALA B 233 -43.21 -49.80 -41.38
N TYR B 234 -42.57 -50.93 -41.69
CA TYR B 234 -41.64 -51.07 -42.82
C TYR B 234 -42.01 -52.24 -43.76
N TYR B 235 -41.71 -52.07 -45.04
CA TYR B 235 -41.95 -53.08 -46.10
C TYR B 235 -40.93 -52.96 -47.22
N PRO B 236 -40.50 -54.05 -47.86
CA PRO B 236 -40.69 -55.49 -47.71
C PRO B 236 -39.73 -56.16 -46.74
N PHE B 237 -39.75 -57.49 -46.74
CA PHE B 237 -38.83 -58.36 -46.01
C PHE B 237 -37.46 -58.33 -46.70
N VAL B 238 -36.40 -58.72 -46.01
CA VAL B 238 -35.07 -58.70 -46.65
C VAL B 238 -34.32 -60.02 -46.65
N GLN B 239 -33.43 -60.18 -47.63
CA GLN B 239 -32.58 -61.36 -47.72
C GLN B 239 -31.21 -61.09 -47.13
N THR B 240 -30.88 -61.86 -46.09
CA THR B 240 -29.62 -61.80 -45.30
C THR B 240 -28.56 -62.76 -45.86
N ILE B 241 -27.38 -62.80 -45.22
CA ILE B 241 -26.24 -63.60 -45.62
C ILE B 241 -25.96 -64.71 -44.61
N LEU B 242 -26.91 -64.95 -43.73
CA LEU B 242 -26.82 -65.95 -42.69
C LEU B 242 -27.24 -67.30 -43.24
N ASN B 243 -26.64 -68.38 -42.73
CA ASN B 243 -26.98 -69.74 -43.16
C ASN B 243 -28.04 -70.38 -42.29
N TYR B 244 -28.41 -71.60 -42.65
CA TYR B 244 -29.36 -72.39 -41.88
C TYR B 244 -28.59 -73.37 -41.02
N GLN B 245 -29.18 -73.74 -39.88
CA GLN B 245 -28.57 -74.72 -39.01
C GLN B 245 -29.16 -76.10 -39.33
N TYR B 246 -28.32 -77.10 -39.53
CA TYR B 246 -28.76 -78.45 -39.91
C TYR B 246 -27.75 -79.53 -39.56
N SER B 247 -28.14 -80.79 -39.79
CA SER B 247 -27.27 -81.95 -39.61
C SER B 247 -27.45 -82.95 -40.74
N ALA B 248 -26.32 -83.47 -41.23
CA ALA B 248 -26.24 -84.44 -42.33
C ALA B 248 -27.00 -85.73 -42.02
N ASP B 249 -27.22 -86.00 -40.74
CA ASP B 249 -27.93 -87.20 -40.30
C ASP B 249 -29.41 -87.16 -40.69
N GLU B 250 -29.93 -85.97 -40.95
CA GLU B 250 -31.33 -85.80 -41.25
C GLU B 250 -31.61 -85.66 -42.75
N ILE B 251 -30.56 -85.75 -43.58
CA ILE B 251 -30.75 -85.48 -45.00
C ILE B 251 -30.63 -86.71 -45.89
N VAL B 252 -31.69 -87.01 -46.64
CA VAL B 252 -31.77 -88.20 -47.50
C VAL B 252 -31.67 -87.84 -48.98
N ILE B 253 -30.91 -88.67 -49.70
CA ILE B 253 -30.62 -88.50 -51.10
C ILE B 253 -31.39 -89.40 -52.07
N GLN B 254 -31.97 -88.76 -53.07
CA GLN B 254 -32.63 -89.46 -54.18
C GLN B 254 -31.57 -89.59 -55.27
N HIS B 255 -31.44 -90.75 -55.88
CA HIS B 255 -30.43 -90.94 -56.94
C HIS B 255 -31.02 -91.60 -58.17
N LEU B 256 -31.07 -90.85 -59.26
CA LEU B 256 -31.64 -91.37 -60.49
C LEU B 256 -30.54 -91.56 -61.51
N SER B 257 -30.71 -92.55 -62.38
CA SER B 257 -29.68 -92.85 -63.36
C SER B 257 -30.16 -93.42 -64.68
N TYR B 258 -29.45 -93.05 -65.75
CA TYR B 258 -29.64 -93.60 -67.10
C TYR B 258 -29.39 -95.11 -67.09
N ASN B 259 -28.61 -95.56 -66.10
CA ASN B 259 -28.23 -96.93 -65.87
C ASN B 259 -28.44 -97.21 -64.37
N PRO B 260 -29.63 -97.69 -63.98
CA PRO B 260 -30.07 -97.99 -62.62
C PRO B 260 -29.25 -99.11 -61.99
N ASN B 261 -29.07 -99.05 -60.68
CA ASN B 261 -28.42 -100.13 -59.95
C ASN B 261 -28.62 -100.09 -58.44
N ALA B 262 -29.75 -99.54 -57.96
CA ALA B 262 -30.02 -99.54 -56.53
C ALA B 262 -30.27 -100.93 -55.94
N ILE B 263 -31.01 -101.76 -56.68
CA ILE B 263 -31.39 -103.08 -56.17
C ILE B 263 -30.20 -104.00 -56.25
N ALA B 264 -29.49 -103.95 -57.37
CA ALA B 264 -28.32 -104.79 -57.55
C ALA B 264 -27.30 -104.51 -56.47
N THR B 265 -27.13 -103.23 -56.10
CA THR B 265 -26.19 -102.89 -55.05
C THR B 265 -26.64 -103.51 -53.73
N ALA B 266 -27.93 -103.38 -53.40
CA ALA B 266 -28.40 -103.95 -52.15
C ALA B 266 -28.16 -105.45 -52.12
N LEU B 267 -28.39 -106.14 -53.25
CA LEU B 267 -28.16 -107.57 -53.28
C LEU B 267 -26.71 -107.95 -53.12
N ASP B 268 -25.79 -107.21 -53.74
CA ASP B 268 -24.39 -107.57 -53.59
C ASP B 268 -23.98 -107.51 -52.12
N ASN B 269 -24.47 -106.52 -51.39
CA ASN B 269 -24.13 -106.43 -49.98
C ASN B 269 -24.89 -107.48 -49.14
N LEU B 270 -26.18 -107.67 -49.41
CA LEU B 270 -26.97 -108.62 -48.63
C LEU B 270 -26.44 -110.04 -48.81
N ASN B 271 -25.96 -110.36 -50.00
CA ASN B 271 -25.43 -111.68 -50.29
C ASN B 271 -24.05 -111.88 -49.68
N ALA B 272 -23.44 -110.82 -49.15
CA ALA B 272 -22.16 -110.92 -48.52
C ALA B 272 -22.38 -111.19 -47.05
N GLY B 450 -29.79 -116.75 -39.58
CA GLY B 450 -29.61 -117.07 -41.01
C GLY B 450 -30.92 -117.25 -41.81
N THR B 451 -31.95 -117.79 -41.18
CA THR B 451 -33.23 -117.99 -41.85
C THR B 451 -33.82 -116.66 -42.30
N ARG B 452 -33.70 -115.64 -41.46
CA ARG B 452 -34.30 -114.37 -41.79
C ARG B 452 -33.49 -113.69 -42.88
N LEU B 453 -32.18 -113.90 -42.90
CA LEU B 453 -31.36 -113.29 -43.94
C LEU B 453 -31.79 -113.83 -45.30
N ASP B 454 -32.09 -115.14 -45.38
CA ASP B 454 -32.54 -115.71 -46.64
C ASP B 454 -33.85 -115.07 -47.10
N ASP B 455 -34.80 -114.84 -46.17
CA ASP B 455 -36.07 -114.21 -46.53
C ASP B 455 -35.88 -112.79 -47.08
N ILE B 456 -34.96 -112.04 -46.47
CA ILE B 456 -34.70 -110.68 -46.93
C ILE B 456 -34.15 -110.69 -48.33
N ILE B 457 -33.15 -111.53 -48.59
CA ILE B 457 -32.55 -111.55 -49.91
C ILE B 457 -33.55 -111.91 -50.97
N ALA B 458 -34.37 -112.94 -50.73
CA ALA B 458 -35.36 -113.31 -51.71
C ALA B 458 -36.35 -112.16 -51.97
N ALA B 459 -36.80 -111.48 -50.91
CA ALA B 459 -37.72 -110.38 -51.10
C ALA B 459 -37.12 -109.28 -51.95
N VAL B 460 -35.82 -109.01 -51.75
CA VAL B 460 -35.12 -107.98 -52.50
C VAL B 460 -34.87 -108.38 -53.94
N SER B 461 -34.40 -109.61 -54.20
CA SER B 461 -34.10 -109.98 -55.58
C SER B 461 -35.33 -109.93 -56.44
N ALA B 462 -36.49 -110.14 -55.85
CA ALA B 462 -37.76 -110.07 -56.53
C ALA B 462 -38.00 -108.67 -57.14
N ALA B 463 -37.39 -107.63 -56.57
CA ALA B 463 -37.56 -106.25 -57.03
C ALA B 463 -36.63 -105.84 -58.16
N GLU B 464 -35.68 -106.67 -58.56
CA GLU B 464 -34.77 -106.17 -59.58
C GLU B 464 -35.52 -105.74 -60.88
N PRO B 465 -36.56 -106.46 -61.37
CA PRO B 465 -37.39 -106.10 -62.51
C PRO B 465 -38.23 -104.82 -62.31
N ILE B 466 -38.39 -104.36 -61.07
CA ILE B 466 -39.21 -103.19 -60.76
C ILE B 466 -38.44 -101.90 -60.89
N ASP B 467 -37.27 -101.88 -60.28
CA ASP B 467 -36.51 -100.66 -60.25
C ASP B 467 -35.80 -100.40 -61.57
N VAL B 468 -36.34 -99.46 -62.32
CA VAL B 468 -35.80 -99.14 -63.62
C VAL B 468 -35.31 -97.71 -63.67
N ASN B 469 -35.23 -97.06 -62.49
CA ASN B 469 -34.81 -95.65 -62.46
C ASN B 469 -33.71 -95.28 -61.44
N ASN B 470 -33.56 -96.06 -60.36
CA ASN B 470 -32.71 -95.62 -59.26
C ASN B 470 -31.30 -96.15 -59.28
N GLY B 471 -30.37 -95.25 -58.99
CA GLY B 471 -28.96 -95.56 -58.90
C GLY B 471 -28.53 -96.06 -57.52
N LYS B 472 -27.25 -96.40 -57.42
CA LYS B 472 -26.57 -96.91 -56.24
C LYS B 472 -26.81 -96.20 -54.90
N LEU B 473 -26.87 -94.87 -54.87
CA LEU B 473 -26.99 -94.12 -53.62
C LEU B 473 -28.42 -93.84 -53.16
N ASN B 474 -29.39 -94.25 -53.95
CA ASN B 474 -30.78 -93.90 -53.67
C ASN B 474 -31.22 -94.38 -52.29
N GLY B 475 -31.79 -93.48 -51.51
CA GLY B 475 -32.33 -93.81 -50.19
C GLY B 475 -31.37 -93.62 -49.01
N ARG B 476 -30.10 -93.34 -49.26
CA ARG B 476 -29.17 -93.16 -48.14
C ARG B 476 -29.07 -91.73 -47.64
N LEU B 477 -28.61 -91.60 -46.39
CA LEU B 477 -28.38 -90.32 -45.74
C LEU B 477 -27.01 -89.76 -46.06
N LEU B 478 -26.86 -88.43 -46.04
CA LEU B 478 -25.52 -87.90 -46.28
C LEU B 478 -24.45 -88.44 -45.37
N SER B 479 -24.73 -88.50 -44.09
CA SER B 479 -23.71 -88.98 -43.17
C SER B 479 -23.29 -90.45 -43.41
N ASP B 480 -24.11 -91.23 -44.16
CA ASP B 480 -23.80 -92.62 -44.46
C ASP B 480 -23.18 -92.85 -45.85
N ILE B 481 -22.92 -91.80 -46.63
CA ILE B 481 -22.35 -92.03 -47.95
C ILE B 481 -20.95 -91.47 -48.07
N GLU B 482 -20.47 -90.74 -47.07
CA GLU B 482 -19.16 -90.16 -47.18
C GLU B 482 -18.07 -91.17 -47.57
N PRO B 483 -17.94 -92.37 -46.94
CA PRO B 483 -16.96 -93.36 -47.36
C PRO B 483 -17.22 -94.00 -48.73
N LEU B 484 -18.47 -93.93 -49.25
CA LEU B 484 -18.79 -94.54 -50.53
C LEU B 484 -18.27 -93.63 -51.63
N ASP B 485 -18.52 -92.35 -51.45
CA ASP B 485 -18.12 -91.30 -52.36
C ASP B 485 -18.09 -89.96 -51.64
N ASN B 486 -16.92 -89.55 -51.15
CA ASN B 486 -16.89 -88.33 -50.38
C ASN B 486 -16.92 -87.12 -51.29
N ALA B 487 -16.94 -87.33 -52.61
CA ALA B 487 -17.03 -86.23 -53.52
C ALA B 487 -18.49 -85.80 -53.56
N THR B 488 -19.40 -86.77 -53.42
CA THR B 488 -20.82 -86.51 -53.44
C THR B 488 -21.17 -85.87 -52.14
N TYR B 489 -20.69 -86.45 -51.05
CA TYR B 489 -20.97 -85.92 -49.73
C TYR B 489 -20.55 -84.46 -49.63
N ASN B 490 -19.31 -84.17 -50.00
CA ASN B 490 -18.83 -82.81 -49.92
C ASN B 490 -19.54 -81.86 -50.87
N THR B 491 -19.87 -82.30 -52.09
CA THR B 491 -20.56 -81.43 -53.03
C THR B 491 -21.92 -81.06 -52.50
N ILE B 492 -22.64 -82.02 -51.93
CA ILE B 492 -23.94 -81.74 -51.41
C ILE B 492 -23.88 -80.73 -50.28
N LEU B 493 -22.95 -80.89 -49.34
CA LEU B 493 -22.88 -79.94 -48.24
C LEU B 493 -22.61 -78.53 -48.78
N LEU B 494 -21.76 -78.43 -49.79
CA LEU B 494 -21.46 -77.14 -50.38
C LEU B 494 -22.73 -76.52 -50.97
N GLU B 495 -23.54 -77.33 -51.66
CA GLU B 495 -24.79 -76.82 -52.22
C GLU B 495 -25.81 -76.45 -51.14
N ILE B 496 -25.88 -77.19 -50.04
CA ILE B 496 -26.83 -76.85 -48.98
C ILE B 496 -26.54 -75.46 -48.45
N ASN B 497 -25.25 -75.15 -48.36
CA ASN B 497 -24.67 -73.90 -47.81
C ASN B 497 -25.01 -72.69 -48.68
N SER B 498 -25.50 -72.91 -49.90
CA SER B 498 -25.75 -71.77 -50.77
C SER B 498 -27.11 -71.13 -50.47
N HIS B 499 -27.94 -71.77 -49.65
CA HIS B 499 -29.26 -71.24 -49.29
C HIS B 499 -29.20 -70.30 -48.10
N LYS B 500 -29.79 -69.11 -48.24
CA LYS B 500 -29.74 -68.12 -47.16
C LYS B 500 -31.09 -67.88 -46.49
N VAL B 501 -31.01 -67.33 -45.29
CA VAL B 501 -32.12 -66.95 -44.42
C VAL B 501 -32.82 -65.64 -44.84
N THR B 502 -34.16 -65.61 -44.83
CA THR B 502 -34.94 -64.40 -45.16
C THR B 502 -35.71 -63.97 -43.91
N LEU B 503 -35.61 -62.68 -43.56
CA LEU B 503 -36.23 -62.15 -42.34
C LEU B 503 -37.07 -60.86 -42.52
N PRO B 504 -38.10 -60.63 -41.69
CA PRO B 504 -38.80 -59.36 -41.55
C PRO B 504 -37.71 -58.37 -41.13
N PRO B 505 -37.78 -57.08 -41.47
CA PRO B 505 -36.77 -56.07 -41.19
C PRO B 505 -36.76 -55.40 -39.81
N SER B 506 -37.61 -55.80 -38.88
CA SER B 506 -37.72 -55.06 -37.62
C SER B 506 -36.49 -55.06 -36.71
N SER B 507 -35.69 -56.13 -36.69
CA SER B 507 -34.55 -56.16 -35.79
C SER B 507 -33.41 -55.36 -36.36
N SER B 508 -33.37 -55.31 -37.70
CA SER B 508 -32.36 -54.55 -38.41
C SER B 508 -32.63 -53.09 -38.16
N MET B 509 -33.92 -52.71 -38.16
CA MET B 509 -34.24 -51.32 -37.89
C MET B 509 -33.91 -50.92 -36.46
N ALA B 510 -34.14 -51.79 -35.47
CA ALA B 510 -33.78 -51.42 -34.11
C ALA B 510 -32.27 -51.12 -34.02
N GLY B 511 -31.47 -51.93 -34.73
CA GLY B 511 -30.03 -51.73 -34.82
C GLY B 511 -29.73 -50.36 -35.45
N ALA B 512 -30.36 -50.09 -36.59
CA ALA B 512 -30.18 -48.83 -37.32
C ALA B 512 -30.55 -47.61 -36.46
N TYR B 513 -31.60 -47.71 -35.64
CA TYR B 513 -31.99 -46.60 -34.77
C TYR B 513 -30.85 -46.27 -33.83
N ALA B 514 -30.23 -47.30 -33.24
CA ALA B 514 -29.11 -47.08 -32.33
C ALA B 514 -27.94 -46.38 -33.01
N ARG B 515 -27.63 -46.76 -34.26
CA ARG B 515 -26.54 -46.09 -34.97
C ARG B 515 -26.80 -44.61 -35.18
N VAL B 516 -28.01 -44.25 -35.59
CA VAL B 516 -28.28 -42.84 -35.82
C VAL B 516 -28.18 -42.04 -34.53
N ASP B 517 -28.76 -42.55 -33.44
CA ASP B 517 -28.73 -41.81 -32.19
C ASP B 517 -27.28 -41.50 -31.76
N ASN B 518 -26.36 -42.45 -31.97
CA ASN B 518 -24.97 -42.22 -31.62
C ASN B 518 -24.16 -41.31 -32.56
N ASP B 519 -24.37 -41.40 -33.87
CA ASP B 519 -23.59 -40.57 -34.78
C ASP B 519 -24.17 -39.19 -35.07
N ARG B 520 -25.50 -39.06 -35.13
CA ARG B 520 -26.08 -37.78 -35.47
C ARG B 520 -26.99 -37.18 -34.40
N GLY B 521 -27.65 -38.03 -33.61
CA GLY B 521 -28.58 -37.57 -32.58
C GLY B 521 -30.02 -37.97 -32.84
N VAL B 522 -30.76 -38.19 -31.76
CA VAL B 522 -32.16 -38.63 -31.75
C VAL B 522 -33.12 -37.69 -32.48
N TRP B 523 -32.70 -36.45 -32.71
CA TRP B 523 -33.54 -35.50 -33.40
C TRP B 523 -33.41 -35.58 -34.93
N LYS B 524 -32.59 -36.49 -35.46
CA LYS B 524 -32.46 -36.65 -36.91
C LYS B 524 -33.24 -37.87 -37.39
N SER B 525 -33.80 -37.78 -38.59
CA SER B 525 -34.59 -38.87 -39.15
C SER B 525 -33.80 -40.17 -39.34
N PRO B 526 -34.36 -41.33 -38.94
CA PRO B 526 -33.78 -42.64 -39.13
C PRO B 526 -34.03 -43.15 -40.55
N ALA B 527 -33.41 -42.50 -41.53
CA ALA B 527 -33.58 -42.82 -42.94
C ALA B 527 -32.31 -42.44 -43.71
N ASN B 528 -32.17 -42.97 -44.94
CA ASN B 528 -30.99 -42.81 -45.78
C ASN B 528 -29.80 -43.44 -45.07
N ILE B 529 -30.09 -44.62 -44.52
CA ILE B 529 -29.22 -45.50 -43.76
C ILE B 529 -28.98 -46.78 -44.50
N GLY B 530 -27.73 -47.20 -44.66
CA GLY B 530 -27.49 -48.50 -45.27
C GLY B 530 -27.59 -49.59 -44.21
N LEU B 531 -28.11 -50.74 -44.60
CA LEU B 531 -28.22 -51.88 -43.67
C LEU B 531 -27.05 -52.85 -43.81
N ASN B 532 -26.61 -53.45 -42.72
CA ASN B 532 -25.52 -54.42 -42.76
C ASN B 532 -26.09 -55.81 -42.91
N TYR B 533 -25.30 -56.70 -43.53
CA TYR B 533 -25.68 -58.09 -43.74
C TYR B 533 -26.95 -58.25 -44.56
N VAL B 534 -27.17 -57.37 -45.51
CA VAL B 534 -28.35 -57.49 -46.36
C VAL B 534 -27.90 -57.57 -47.80
N SER B 535 -28.33 -58.62 -48.47
CA SER B 535 -28.00 -58.86 -49.86
C SER B 535 -28.91 -57.98 -50.71
N LYS B 536 -30.21 -58.08 -50.45
CA LYS B 536 -31.22 -57.32 -51.19
C LYS B 536 -32.59 -57.40 -50.53
N PRO B 537 -33.53 -56.47 -50.81
CA PRO B 537 -34.94 -56.55 -50.49
C PRO B 537 -35.52 -57.77 -51.20
N SER B 538 -36.51 -58.44 -50.61
CA SER B 538 -37.16 -59.57 -51.28
C SER B 538 -38.08 -59.16 -52.43
N VAL B 539 -38.66 -57.97 -52.35
CA VAL B 539 -39.56 -57.43 -53.36
C VAL B 539 -39.07 -56.08 -53.83
N THR B 540 -39.01 -55.87 -55.13
CA THR B 540 -38.59 -54.58 -55.66
C THR B 540 -39.74 -53.57 -55.64
N VAL B 541 -39.47 -52.39 -55.09
CA VAL B 541 -40.44 -51.31 -55.04
C VAL B 541 -39.95 -50.17 -55.92
N SER B 542 -40.76 -49.81 -56.91
CA SER B 542 -40.43 -48.76 -57.87
C SER B 542 -40.74 -47.40 -57.28
N HIS B 543 -40.35 -46.35 -57.99
CA HIS B 543 -40.64 -44.98 -57.55
C HIS B 543 -42.15 -44.74 -57.46
N GLU B 544 -42.86 -45.03 -58.54
CA GLU B 544 -44.30 -44.81 -58.61
C GLU B 544 -45.06 -45.63 -57.58
N GLU B 545 -44.61 -46.84 -57.33
CA GLU B 545 -45.23 -47.75 -56.38
C GLU B 545 -45.16 -47.26 -54.93
N GLN B 546 -44.25 -46.35 -54.62
CA GLN B 546 -44.12 -45.88 -53.26
C GLN B 546 -45.02 -44.69 -52.99
N GLU B 547 -45.65 -44.10 -54.01
CA GLU B 547 -46.42 -42.89 -53.73
C GLU B 547 -47.53 -43.12 -52.71
N SER B 548 -48.20 -44.27 -52.80
CA SER B 548 -49.29 -44.63 -51.90
C SER B 548 -48.82 -45.18 -50.55
N MET B 549 -47.50 -45.38 -50.41
CA MET B 549 -46.94 -45.86 -49.16
C MET B 549 -46.62 -44.68 -48.29
N ASN B 550 -46.14 -43.57 -48.91
CA ASN B 550 -45.75 -42.40 -48.13
C ASN B 550 -46.96 -41.52 -47.82
N VAL B 551 -47.87 -41.36 -48.79
CA VAL B 551 -49.06 -40.53 -48.59
C VAL B 551 -50.30 -41.33 -48.91
N HIS B 552 -51.26 -41.31 -47.99
CA HIS B 552 -52.49 -42.08 -48.17
C HIS B 552 -53.64 -41.46 -47.39
N GLY B 553 -54.86 -41.62 -47.90
CA GLY B 553 -56.07 -41.09 -47.28
C GLY B 553 -56.26 -41.46 -45.80
N THR B 554 -55.78 -42.64 -45.39
CA THR B 554 -55.92 -43.05 -43.99
C THR B 554 -54.83 -42.54 -43.06
N GLY B 555 -53.71 -42.05 -43.61
CA GLY B 555 -52.56 -41.61 -42.83
C GLY B 555 -51.66 -42.76 -42.38
N LYS B 556 -52.03 -44.01 -42.68
CA LYS B 556 -51.28 -45.17 -42.24
C LYS B 556 -50.14 -45.50 -43.18
N SER B 557 -49.13 -44.65 -43.12
CA SER B 557 -47.94 -44.69 -43.95
C SER B 557 -47.07 -45.90 -43.67
N VAL B 558 -46.36 -46.36 -44.70
CA VAL B 558 -45.40 -47.46 -44.60
C VAL B 558 -44.07 -47.01 -45.21
N ASN B 559 -42.96 -47.21 -44.50
CA ASN B 559 -41.66 -46.78 -45.00
C ASN B 559 -41.10 -47.89 -45.91
N ALA B 560 -40.24 -47.55 -46.87
CA ALA B 560 -39.78 -48.59 -47.80
C ALA B 560 -38.32 -48.92 -47.69
N ILE B 561 -38.00 -50.19 -47.92
CA ILE B 561 -36.60 -50.58 -48.02
C ILE B 561 -36.30 -50.74 -49.51
N ARG B 562 -35.33 -49.96 -50.02
CA ARG B 562 -35.04 -49.93 -51.45
C ARG B 562 -33.56 -50.07 -51.82
N SER B 563 -33.30 -50.62 -52.99
CA SER B 563 -31.95 -50.79 -53.52
C SER B 563 -31.52 -49.66 -54.44
N PHE B 564 -30.38 -49.05 -54.15
CA PHE B 564 -29.85 -47.96 -54.96
C PHE B 564 -28.53 -48.36 -55.61
N VAL B 565 -28.34 -47.91 -56.85
CA VAL B 565 -27.13 -48.28 -57.56
C VAL B 565 -25.92 -47.59 -56.98
N GLY B 566 -24.93 -48.40 -56.62
CA GLY B 566 -23.69 -47.92 -56.03
C GLY B 566 -23.80 -47.65 -54.53
N LYS B 567 -24.97 -47.88 -53.93
CA LYS B 567 -25.14 -47.60 -52.51
C LYS B 567 -25.56 -48.82 -51.71
N GLY B 568 -26.33 -49.73 -52.31
CA GLY B 568 -26.82 -50.89 -51.59
C GLY B 568 -28.21 -50.66 -51.04
N THR B 569 -28.58 -51.42 -50.02
CA THR B 569 -29.96 -51.36 -49.52
C THR B 569 -30.09 -50.25 -48.48
N LEU B 570 -31.00 -49.30 -48.76
CA LEU B 570 -31.23 -48.15 -47.89
C LEU B 570 -32.64 -48.07 -47.34
N VAL B 571 -32.75 -47.47 -46.17
CA VAL B 571 -34.05 -47.17 -45.57
C VAL B 571 -34.58 -45.87 -46.18
N TRP B 572 -35.72 -45.92 -46.88
CA TRP B 572 -36.21 -44.74 -47.56
C TRP B 572 -37.57 -44.26 -47.00
N GLY B 573 -37.55 -43.16 -46.26
CA GLY B 573 -38.74 -42.64 -45.59
C GLY B 573 -38.71 -42.81 -44.07
N ALA B 574 -39.29 -41.85 -43.36
CA ALA B 574 -39.29 -41.89 -41.90
C ALA B 574 -40.56 -41.30 -41.27
N ARG B 575 -41.72 -41.78 -41.70
CA ARG B 575 -42.97 -41.29 -41.12
C ARG B 575 -43.59 -42.32 -40.17
N THR B 576 -44.48 -41.85 -39.31
CA THR B 576 -45.23 -42.67 -38.34
C THR B 576 -46.56 -43.11 -38.92
N LEU B 577 -47.32 -43.89 -38.16
CA LEU B 577 -48.64 -44.38 -38.60
C LEU B 577 -49.74 -43.31 -38.55
N ALA B 578 -49.36 -42.07 -38.24
CA ALA B 578 -50.24 -40.92 -38.23
C ALA B 578 -49.65 -39.86 -39.16
N GLY B 579 -49.45 -40.23 -40.42
CA GLY B 579 -48.73 -39.48 -41.44
C GLY B 579 -49.31 -38.13 -41.84
N ASN B 580 -50.57 -37.88 -41.51
CA ASN B 580 -51.18 -36.61 -41.85
C ASN B 580 -51.26 -35.70 -40.64
N ASP B 581 -50.61 -36.10 -39.55
CA ASP B 581 -50.60 -35.33 -38.31
C ASP B 581 -49.60 -34.19 -38.35
N ASN B 582 -50.11 -32.97 -38.32
CA ASN B 582 -49.27 -31.78 -38.43
C ASN B 582 -48.19 -31.67 -37.36
N GLU B 583 -48.39 -32.30 -36.21
CA GLU B 583 -47.40 -32.23 -35.15
C GLU B 583 -46.59 -33.51 -35.02
N TRP B 584 -47.23 -34.66 -35.19
CA TRP B 584 -46.58 -35.95 -34.97
C TRP B 584 -46.26 -36.86 -36.17
N ARG B 585 -46.42 -36.42 -37.42
CA ARG B 585 -46.12 -37.31 -38.56
C ARG B 585 -44.66 -37.81 -38.70
N TYR B 586 -43.65 -37.11 -38.16
CA TYR B 586 -42.28 -37.59 -38.31
C TYR B 586 -41.77 -38.36 -37.11
N ILE B 587 -41.03 -39.43 -37.40
CA ILE B 587 -40.51 -40.29 -36.34
C ILE B 587 -39.59 -39.55 -35.39
N SER B 588 -38.68 -38.73 -35.94
CA SER B 588 -37.71 -37.98 -35.16
C SER B 588 -38.32 -36.93 -34.22
N VAL B 589 -39.54 -36.50 -34.48
CA VAL B 589 -40.14 -35.53 -33.60
C VAL B 589 -40.69 -36.30 -32.43
N ARG B 590 -41.43 -37.38 -32.71
CA ARG B 590 -41.97 -38.18 -31.63
C ARG B 590 -40.87 -38.72 -30.71
N ARG B 591 -39.79 -39.27 -31.30
CA ARG B 591 -38.72 -39.81 -30.49
C ARG B 591 -37.97 -38.73 -29.68
N PHE B 592 -37.72 -37.55 -30.27
CA PHE B 592 -37.07 -36.48 -29.52
C PHE B 592 -37.88 -36.12 -28.28
N PHE B 593 -39.19 -35.94 -28.44
CA PHE B 593 -40.01 -35.63 -27.29
C PHE B 593 -39.97 -36.72 -26.25
N ASN B 594 -40.08 -38.00 -26.65
CA ASN B 594 -40.04 -39.04 -25.61
C ASN B 594 -38.75 -38.98 -24.81
N MET B 595 -37.62 -38.73 -25.49
CA MET B 595 -36.33 -38.63 -24.82
C MET B 595 -36.30 -37.48 -23.84
N ALA B 596 -36.70 -36.28 -24.28
CA ALA B 596 -36.66 -35.13 -23.41
C ALA B 596 -37.55 -35.30 -22.19
N GLU B 597 -38.73 -35.87 -22.39
CA GLU B 597 -39.67 -36.05 -21.30
C GLU B 597 -39.14 -37.02 -20.25
N GLU B 598 -38.53 -38.13 -20.69
CA GLU B 598 -37.99 -39.09 -19.75
C GLU B 598 -36.84 -38.51 -18.93
N SER B 599 -35.92 -37.79 -19.59
CA SER B 599 -34.80 -37.21 -18.87
C SER B 599 -35.23 -36.18 -17.85
N ILE B 600 -36.21 -35.35 -18.20
CA ILE B 600 -36.67 -34.37 -17.25
C ILE B 600 -37.36 -35.03 -16.08
N LYS B 601 -38.27 -35.99 -16.27
CA LYS B 601 -38.87 -36.49 -15.05
C LYS B 601 -37.85 -37.15 -14.11
N LYS B 602 -36.80 -37.80 -14.64
CA LYS B 602 -35.83 -38.39 -13.72
C LYS B 602 -35.21 -37.30 -12.85
N ALA B 603 -34.90 -36.16 -13.47
CA ALA B 603 -34.34 -35.02 -12.77
C ALA B 603 -35.31 -34.41 -11.73
N THR B 604 -36.64 -34.43 -12.00
CA THR B 604 -37.58 -33.83 -11.06
C THR B 604 -37.94 -34.71 -9.86
N GLU B 605 -37.66 -36.02 -9.93
CA GLU B 605 -38.00 -36.91 -8.81
C GLU B 605 -37.34 -36.51 -7.47
N GLN B 606 -36.18 -35.88 -7.51
CA GLN B 606 -35.51 -35.45 -6.29
C GLN B 606 -36.34 -34.45 -5.45
N PHE B 607 -37.37 -33.83 -6.03
CA PHE B 607 -38.19 -32.84 -5.33
C PHE B 607 -39.56 -33.36 -4.88
N VAL B 608 -39.82 -34.67 -4.98
CA VAL B 608 -41.16 -35.17 -4.68
C VAL B 608 -41.72 -34.87 -3.30
N PHE B 609 -40.94 -34.98 -2.25
CA PHE B 609 -41.50 -34.74 -0.92
C PHE B 609 -41.13 -33.38 -0.33
N GLU B 610 -40.75 -32.42 -1.18
CA GLU B 610 -40.39 -31.09 -0.72
C GLU B 610 -41.65 -30.25 -0.47
N PRO B 611 -41.60 -29.19 0.38
CA PRO B 611 -42.69 -28.25 0.62
C PRO B 611 -43.19 -27.59 -0.65
N ASN B 612 -44.49 -27.41 -0.78
CA ASN B 612 -45.01 -26.81 -1.99
C ASN B 612 -45.11 -25.31 -1.80
N ASP B 613 -44.03 -24.62 -2.15
CA ASP B 613 -43.92 -23.17 -1.98
C ASP B 613 -42.91 -22.57 -2.96
N GLY B 614 -42.76 -21.25 -2.91
CA GLY B 614 -41.92 -20.48 -3.80
C GLY B 614 -40.47 -20.92 -3.88
N ASN B 615 -39.90 -21.39 -2.78
CA ASN B 615 -38.51 -21.81 -2.82
C ASN B 615 -38.31 -23.04 -3.72
N THR B 616 -39.31 -23.92 -3.75
CA THR B 616 -39.23 -25.14 -4.52
C THR B 616 -39.49 -24.81 -5.96
N TRP B 617 -40.49 -23.96 -6.19
CA TRP B 617 -40.87 -23.62 -7.55
C TRP B 617 -39.68 -23.05 -8.30
N VAL B 618 -38.90 -22.18 -7.64
CA VAL B 618 -37.70 -21.62 -8.25
C VAL B 618 -36.66 -22.69 -8.54
N ARG B 619 -36.38 -23.58 -7.58
CA ARG B 619 -35.36 -24.64 -7.80
C ARG B 619 -35.76 -25.54 -8.97
N VAL B 620 -37.03 -25.92 -9.08
CA VAL B 620 -37.47 -26.81 -10.15
C VAL B 620 -37.33 -26.14 -11.51
N ARG B 621 -37.78 -24.89 -11.59
CA ARG B 621 -37.67 -24.15 -12.83
C ARG B 621 -36.24 -24.03 -13.30
N ALA B 622 -35.34 -23.62 -12.41
CA ALA B 622 -33.96 -23.45 -12.81
C ALA B 622 -33.34 -24.73 -13.34
N MET B 623 -33.64 -25.86 -12.71
CA MET B 623 -33.11 -27.14 -13.13
C MET B 623 -33.56 -27.50 -14.56
N ILE B 624 -34.85 -27.32 -14.85
CA ILE B 624 -35.39 -27.64 -16.16
C ILE B 624 -34.78 -26.75 -17.23
N GLU B 625 -34.68 -25.45 -16.97
CA GLU B 625 -34.09 -24.55 -17.96
C GLU B 625 -32.64 -24.93 -18.27
N ASN B 626 -31.85 -25.33 -17.26
CA ASN B 626 -30.47 -25.69 -17.56
C ASN B 626 -30.39 -26.88 -18.52
N PHE B 627 -31.26 -27.88 -18.33
CA PHE B 627 -31.31 -29.03 -19.23
C PHE B 627 -31.57 -28.57 -20.67
N LEU B 628 -32.60 -27.75 -20.84
CA LEU B 628 -32.98 -27.29 -22.16
C LEU B 628 -31.93 -26.43 -22.84
N ILE B 629 -31.18 -25.64 -22.07
CA ILE B 629 -30.10 -24.83 -22.64
C ILE B 629 -29.06 -25.74 -23.26
N LEU B 630 -28.69 -26.82 -22.56
CA LEU B 630 -27.72 -27.74 -23.13
C LEU B 630 -28.24 -28.40 -24.42
N GLN B 631 -29.54 -28.74 -24.48
CA GLN B 631 -30.08 -29.34 -25.70
C GLN B 631 -30.01 -28.34 -26.85
N TRP B 632 -30.25 -27.07 -26.55
CA TRP B 632 -30.14 -26.01 -27.53
C TRP B 632 -28.69 -25.86 -28.01
N ARG B 633 -27.74 -25.83 -27.08
CA ARG B 633 -26.34 -25.65 -27.42
C ARG B 633 -25.85 -26.75 -28.37
N ALA B 634 -26.36 -27.97 -28.20
CA ALA B 634 -26.00 -29.13 -29.00
C ALA B 634 -26.71 -29.18 -30.36
N GLY B 635 -27.60 -28.23 -30.64
CA GLY B 635 -28.32 -28.17 -31.91
C GLY B 635 -29.62 -28.95 -32.01
N ALA B 636 -30.21 -29.38 -30.88
CA ALA B 636 -31.46 -30.15 -30.97
C ALA B 636 -32.67 -29.24 -31.17
N LEU B 637 -32.62 -28.04 -30.63
CA LEU B 637 -33.74 -27.09 -30.69
C LEU B 637 -33.48 -25.96 -31.65
N ALA B 638 -34.56 -25.43 -32.22
CA ALA B 638 -34.51 -24.27 -33.12
C ALA B 638 -34.35 -22.98 -32.33
N GLY B 639 -33.85 -21.92 -32.99
CA GLY B 639 -33.76 -20.59 -32.37
C GLY B 639 -32.34 -20.03 -32.25
N ALA B 640 -32.20 -18.72 -32.57
CA ALA B 640 -30.93 -18.00 -32.50
C ALA B 640 -30.31 -17.94 -31.09
N LYS B 641 -31.17 -17.85 -30.09
CA LYS B 641 -30.82 -17.77 -28.67
C LYS B 641 -31.82 -18.64 -27.92
N PRO B 642 -31.52 -19.17 -26.71
CA PRO B 642 -32.42 -19.99 -25.91
C PRO B 642 -33.82 -19.40 -25.76
N GLU B 643 -33.92 -18.07 -25.71
CA GLU B 643 -35.18 -17.34 -25.60
C GLU B 643 -36.19 -17.64 -26.72
N HIS B 644 -35.70 -18.16 -27.84
CA HIS B 644 -36.52 -18.48 -28.99
C HIS B 644 -36.71 -19.99 -29.14
N ALA B 645 -36.07 -20.77 -28.28
CA ALA B 645 -36.08 -22.21 -28.36
C ALA B 645 -37.10 -22.83 -27.41
N PHE B 646 -37.22 -22.25 -26.22
CA PHE B 646 -38.12 -22.83 -25.23
C PHE B 646 -38.59 -21.88 -24.15
N TYR B 647 -39.60 -22.30 -23.41
CA TYR B 647 -40.01 -21.58 -22.20
C TYR B 647 -40.42 -22.57 -21.11
N VAL B 648 -40.29 -22.14 -19.84
CA VAL B 648 -40.74 -22.88 -18.66
C VAL B 648 -41.51 -21.94 -17.73
N LYS B 649 -42.72 -22.32 -17.30
CA LYS B 649 -43.53 -21.49 -16.40
C LYS B 649 -44.07 -22.25 -15.20
N VAL B 650 -44.02 -21.62 -14.03
CA VAL B 650 -44.59 -22.17 -12.81
C VAL B 650 -44.93 -21.08 -11.83
N GLY B 651 -46.07 -21.17 -11.18
CA GLY B 651 -46.38 -20.21 -10.13
C GLY B 651 -47.86 -20.11 -9.78
N LEU B 652 -48.12 -19.52 -8.63
CA LEU B 652 -49.49 -19.37 -8.19
C LEU B 652 -50.07 -18.24 -9.00
N GLY B 653 -51.20 -18.49 -9.64
CA GLY B 653 -51.81 -17.50 -10.51
C GLY B 653 -51.38 -17.67 -11.97
N GLN B 654 -50.37 -18.50 -12.23
CA GLN B 654 -49.92 -18.73 -13.60
C GLN B 654 -50.27 -20.13 -14.02
N THR B 655 -49.88 -21.11 -13.20
CA THR B 655 -50.13 -22.51 -13.51
C THR B 655 -50.94 -23.21 -12.42
N MET B 656 -50.96 -22.63 -11.21
CA MET B 656 -51.62 -23.23 -10.06
C MET B 656 -52.64 -22.32 -9.41
N THR B 657 -53.64 -22.94 -8.77
CA THR B 657 -54.58 -22.16 -7.98
C THR B 657 -54.55 -22.56 -6.51
N ALA B 658 -55.37 -21.89 -5.70
CA ALA B 658 -55.39 -22.16 -4.25
C ALA B 658 -55.72 -23.60 -3.94
N GLN B 659 -56.61 -24.17 -4.73
CA GLN B 659 -57.05 -25.55 -4.59
C GLN B 659 -55.92 -26.53 -4.82
N ASP B 660 -54.95 -26.18 -5.67
CA ASP B 660 -53.87 -27.10 -5.97
C ASP B 660 -52.90 -27.06 -4.84
N ILE B 661 -52.76 -25.89 -4.23
CA ILE B 661 -51.82 -25.83 -3.13
C ILE B 661 -52.39 -26.71 -2.02
N LEU B 662 -53.69 -26.59 -1.74
CA LEU B 662 -54.33 -27.36 -0.68
C LEU B 662 -54.24 -28.87 -0.91
N GLU B 663 -54.37 -29.33 -2.15
CA GLU B 663 -54.30 -30.75 -2.45
C GLU B 663 -52.87 -31.28 -2.66
N GLY B 664 -51.86 -30.42 -2.56
CA GLY B 664 -50.48 -30.85 -2.78
C GLY B 664 -50.02 -30.98 -4.25
N ASN B 665 -50.68 -30.30 -5.20
CA ASN B 665 -50.28 -30.41 -6.59
C ASN B 665 -49.29 -29.31 -6.98
N MET B 666 -48.44 -29.60 -7.96
CA MET B 666 -47.55 -28.60 -8.53
C MET B 666 -47.59 -28.70 -10.05
N ASN B 667 -47.87 -27.59 -10.71
CA ASN B 667 -48.03 -27.55 -12.17
C ASN B 667 -46.95 -26.80 -12.93
N VAL B 668 -46.23 -27.50 -13.80
CA VAL B 668 -45.16 -26.83 -14.55
C VAL B 668 -45.46 -26.92 -16.06
N GLU B 669 -45.43 -25.79 -16.76
CA GLU B 669 -45.69 -25.78 -18.21
C GLU B 669 -44.41 -25.53 -19.00
N ILE B 670 -44.19 -26.36 -20.03
CA ILE B 670 -42.98 -26.32 -20.86
C ILE B 670 -43.31 -26.30 -22.36
N GLY B 671 -42.65 -25.43 -23.13
CA GLY B 671 -42.84 -25.42 -24.60
C GLY B 671 -41.50 -25.52 -25.33
N LEU B 672 -41.48 -26.22 -26.48
CA LEU B 672 -40.24 -26.44 -27.26
C LEU B 672 -40.35 -26.16 -28.78
N ALA B 673 -39.33 -25.51 -29.36
CA ALA B 673 -39.25 -25.30 -30.81
C ALA B 673 -38.43 -26.41 -31.51
N VAL B 674 -39.10 -27.27 -32.26
CA VAL B 674 -38.45 -28.44 -32.87
C VAL B 674 -38.44 -28.38 -34.41
N VAL B 675 -37.26 -28.68 -34.97
CA VAL B 675 -36.94 -28.67 -36.41
C VAL B 675 -37.44 -29.90 -37.18
N ARG B 676 -38.09 -29.68 -38.33
CA ARG B 676 -38.59 -30.75 -39.17
C ARG B 676 -37.83 -30.81 -40.52
N PRO B 677 -37.61 -32.02 -41.10
CA PRO B 677 -36.88 -32.30 -42.34
C PRO B 677 -37.59 -31.95 -43.63
N ALA B 678 -36.80 -31.71 -44.68
CA ALA B 678 -37.31 -31.57 -46.03
C ALA B 678 -37.35 -32.93 -46.71
N GLU B 679 -38.36 -33.18 -47.55
CA GLU B 679 -38.43 -34.45 -48.28
C GLU B 679 -38.22 -34.37 -49.79
N PHE B 680 -38.44 -33.20 -50.40
CA PHE B 680 -38.40 -33.18 -51.86
C PHE B 680 -37.43 -32.17 -52.43
N ILE B 681 -36.69 -32.60 -53.44
CA ILE B 681 -35.75 -31.73 -54.15
C ILE B 681 -36.10 -31.74 -55.62
N ILE B 682 -36.32 -30.56 -56.17
CA ILE B 682 -36.70 -30.42 -57.57
C ILE B 682 -35.64 -29.71 -58.39
N LEU B 683 -35.17 -30.36 -59.44
CA LEU B 683 -34.17 -29.76 -60.30
C LEU B 683 -34.83 -29.32 -61.57
N LYS B 684 -34.35 -28.22 -62.14
CA LYS B 684 -34.88 -27.71 -63.39
C LYS B 684 -33.73 -27.44 -64.34
N PHE B 685 -33.91 -27.78 -65.60
CA PHE B 685 -32.86 -27.61 -66.60
C PHE B 685 -33.33 -26.77 -67.77
N SER B 686 -32.39 -26.08 -68.40
CA SER B 686 -32.66 -25.26 -69.55
C SER B 686 -31.40 -25.04 -70.38
N HIS B 687 -31.58 -24.47 -71.56
CA HIS B 687 -30.47 -24.13 -72.44
C HIS B 687 -30.04 -22.70 -72.20
N LYS B 688 -28.82 -22.53 -71.71
CA LYS B 688 -28.31 -21.22 -71.39
C LYS B 688 -28.29 -20.31 -72.61
N MET B 689 -28.79 -19.11 -72.45
CA MET B 689 -28.80 -18.13 -73.52
C MET B 689 -28.63 -16.72 -73.00
N GLN B 690 -28.22 -15.81 -73.86
CA GLN B 690 -28.09 -14.41 -73.50
C GLN B 690 -29.38 -13.86 -72.91
N THR C 3 50.64 -60.75 2.11
CA THR C 3 51.63 -59.79 2.58
C THR C 3 52.64 -59.41 1.51
N TYR C 4 52.74 -58.12 1.26
CA TYR C 4 53.68 -57.62 0.29
C TYR C 4 54.54 -56.61 1.01
N LYS C 5 55.80 -56.49 0.61
CA LYS C 5 56.69 -55.54 1.26
C LYS C 5 57.16 -54.38 0.39
N THR C 6 57.17 -54.57 -0.92
CA THR C 6 57.68 -53.54 -1.81
C THR C 6 56.50 -52.89 -2.52
N PRO C 7 56.35 -51.55 -2.54
CA PRO C 7 55.31 -50.85 -3.25
C PRO C 7 55.39 -51.20 -4.72
N GLY C 8 54.27 -51.35 -5.39
CA GLY C 8 54.35 -51.68 -6.80
C GLY C 8 53.23 -52.59 -7.27
N VAL C 9 53.39 -53.08 -8.49
CA VAL C 9 52.41 -53.94 -9.14
C VAL C 9 52.89 -55.38 -9.19
N TYR C 10 52.06 -56.28 -8.69
CA TYR C 10 52.37 -57.70 -8.65
C TYR C 10 51.53 -58.45 -9.69
N ILE C 11 52.11 -59.51 -10.26
CA ILE C 11 51.42 -60.31 -11.26
C ILE C 11 51.26 -61.77 -10.88
N GLU C 12 50.02 -62.27 -11.00
CA GLU C 12 49.67 -63.64 -10.71
C GLU C 12 48.85 -64.26 -11.85
N GLU C 13 48.91 -65.59 -12.00
CA GLU C 13 48.12 -66.28 -13.02
C GLU C 13 47.24 -67.35 -12.41
N ILE C 14 45.92 -67.17 -12.54
CA ILE C 14 44.94 -68.06 -11.95
C ILE C 14 43.85 -68.49 -12.94
N THR C 15 43.08 -69.52 -12.56
CA THR C 15 41.91 -69.95 -13.33
C THR C 15 40.65 -69.97 -12.45
N LYS C 16 39.59 -69.28 -12.88
CA LYS C 16 38.34 -69.27 -12.11
C LYS C 16 37.18 -68.64 -12.89
N PHE C 17 35.96 -68.83 -12.39
CA PHE C 17 34.81 -68.10 -12.93
C PHE C 17 34.86 -66.70 -12.34
N PRO C 18 34.42 -65.66 -13.04
CA PRO C 18 34.31 -64.31 -12.54
C PRO C 18 33.26 -64.23 -11.42
N PRO C 19 33.41 -63.33 -10.44
CA PRO C 19 32.54 -63.06 -9.31
C PRO C 19 31.24 -62.36 -9.68
N SER C 20 30.25 -62.42 -8.77
CA SER C 20 28.98 -61.70 -8.92
C SER C 20 28.35 -61.39 -7.56
N VAL C 21 27.82 -60.16 -7.44
CA VAL C 21 27.16 -59.65 -6.23
C VAL C 21 25.84 -58.94 -6.57
N ALA C 22 24.99 -58.72 -5.57
CA ALA C 22 23.74 -57.98 -5.75
C ALA C 22 23.26 -57.34 -4.47
N GLN C 23 22.44 -56.30 -4.59
CA GLN C 23 21.82 -55.63 -3.47
C GLN C 23 20.36 -56.05 -3.37
N VAL C 24 20.03 -56.75 -2.29
CA VAL C 24 18.69 -57.30 -2.09
C VAL C 24 18.14 -56.94 -0.72
N GLU C 25 16.91 -56.41 -0.69
CA GLU C 25 16.28 -56.03 0.57
C GLU C 25 15.17 -56.97 1.07
N THR C 26 14.42 -57.60 0.17
CA THR C 26 13.23 -58.38 0.54
C THR C 26 13.31 -59.89 0.41
N ALA C 27 14.47 -60.42 0.07
CA ALA C 27 14.59 -61.86 -0.15
C ALA C 27 15.84 -62.43 0.47
N ILE C 28 15.96 -62.37 1.80
CA ILE C 28 17.15 -62.86 2.50
C ILE C 28 16.97 -64.31 3.02
N PRO C 29 17.63 -65.32 2.45
CA PRO C 29 17.57 -66.70 2.86
C PRO C 29 18.49 -67.05 4.00
N ALA C 30 18.17 -68.12 4.70
CA ALA C 30 19.12 -68.77 5.56
C ALA C 30 19.44 -70.16 5.01
N PHE C 31 20.72 -70.54 5.07
CA PHE C 31 21.17 -71.85 4.61
C PHE C 31 21.74 -72.68 5.76
N ILE C 32 21.13 -73.84 6.03
CA ILE C 32 21.58 -74.70 7.13
C ILE C 32 22.29 -75.98 6.66
N GLY C 33 23.58 -76.18 7.04
CA GLY C 33 24.34 -77.37 6.57
C GLY C 33 25.81 -77.49 7.02
N TYR C 34 26.58 -78.37 6.35
CA TYR C 34 28.00 -78.63 6.76
C TYR C 34 29.05 -77.81 6.00
N THR C 35 30.15 -77.47 6.67
CA THR C 35 31.27 -76.71 6.07
C THR C 35 32.65 -77.38 6.27
N GLN C 36 33.74 -76.80 5.73
CA GLN C 36 35.05 -77.41 6.00
C GLN C 36 35.49 -77.09 7.41
N PHE C 37 35.20 -75.87 7.81
CA PHE C 37 35.54 -75.33 9.11
C PHE C 37 34.60 -74.21 9.46
N ALA C 38 34.66 -73.72 10.68
CA ALA C 38 33.83 -72.58 11.02
C ALA C 38 34.53 -71.70 12.05
N ARG C 39 35.10 -70.59 11.60
CA ARG C 39 35.91 -69.75 12.50
C ARG C 39 35.62 -68.27 12.39
N THR C 40 35.97 -67.51 13.44
CA THR C 40 35.82 -66.05 13.37
C THR C 40 37.09 -65.33 12.99
N LYS C 41 38.23 -65.97 13.18
CA LYS C 41 39.52 -65.40 12.85
C LYS C 41 40.30 -66.44 12.09
N PRO C 42 41.19 -66.07 11.17
CA PRO C 42 42.04 -66.95 10.37
C PRO C 42 43.04 -67.77 11.18
N SER C 43 43.30 -67.38 12.42
CA SER C 43 44.26 -68.06 13.26
C SER C 43 43.71 -68.38 14.64
N VAL C 44 42.99 -69.48 14.69
CA VAL C 44 42.33 -69.97 15.88
C VAL C 44 42.68 -71.43 16.06
N ASP C 45 42.44 -71.99 17.23
CA ASP C 45 42.68 -73.40 17.48
C ASP C 45 41.42 -74.27 17.42
N SER C 46 40.31 -73.71 16.97
CA SER C 46 39.08 -74.48 16.88
C SER C 46 38.02 -73.86 15.98
N ASP C 47 36.87 -74.51 15.97
CA ASP C 47 35.72 -74.04 15.23
C ASP C 47 34.85 -73.21 16.18
N ASP C 48 34.71 -71.93 15.86
CA ASP C 48 34.04 -70.97 16.73
C ASP C 48 32.57 -70.82 16.41
N LEU C 49 32.24 -71.02 15.14
CA LEU C 49 30.93 -70.74 14.60
C LEU C 49 30.05 -71.94 14.31
N ILE C 50 30.26 -73.09 14.95
CA ILE C 50 29.48 -74.26 14.54
C ILE C 50 27.98 -74.05 14.63
N LEU C 51 27.45 -73.46 15.70
CA LEU C 51 26.01 -73.20 15.75
C LEU C 51 25.71 -71.73 15.88
N LYS C 52 26.51 -70.88 15.25
CA LYS C 52 26.26 -69.45 15.37
C LYS C 52 25.90 -68.86 14.00
N PRO C 53 24.72 -68.26 13.81
CA PRO C 53 24.34 -67.65 12.56
C PRO C 53 25.29 -66.53 12.23
N LYS C 54 25.63 -66.40 10.97
CA LYS C 54 26.48 -65.30 10.54
C LYS C 54 25.96 -64.73 9.23
N ARG C 55 26.07 -63.41 9.07
CA ARG C 55 25.65 -62.80 7.82
C ARG C 55 26.85 -62.63 6.87
N ILE C 56 26.64 -63.10 5.65
CA ILE C 56 27.57 -63.13 4.53
C ILE C 56 27.13 -62.24 3.37
N SER C 57 28.03 -61.38 2.85
CA SER C 57 27.63 -60.51 1.73
C SER C 57 27.91 -61.07 0.34
N SER C 58 28.85 -62.00 0.24
CA SER C 58 29.27 -62.56 -1.04
C SER C 58 29.96 -63.89 -0.84
N LEU C 59 30.24 -64.59 -1.94
CA LEU C 59 30.92 -65.88 -1.83
C LEU C 59 32.32 -65.76 -1.20
N LEU C 60 33.02 -64.62 -1.38
CA LEU C 60 34.35 -64.46 -0.77
C LEU C 60 34.27 -64.46 0.75
N ASP C 61 33.21 -63.86 1.30
CA ASP C 61 33.04 -63.83 2.74
C ASP C 61 32.76 -65.23 3.22
N PHE C 62 31.97 -65.98 2.46
CA PHE C 62 31.70 -67.34 2.87
C PHE C 62 32.99 -68.11 2.98
N THR C 63 33.80 -68.07 1.91
CA THR C 63 35.04 -68.84 1.87
C THR C 63 35.93 -68.50 3.04
N THR C 64 36.06 -67.22 3.34
CA THR C 64 36.87 -66.70 4.43
C THR C 64 36.62 -67.40 5.77
N TYR C 65 35.37 -67.72 6.10
CA TYR C 65 35.08 -68.28 7.42
C TYR C 65 34.70 -69.76 7.40
N TYR C 66 34.28 -70.26 6.23
CA TYR C 66 33.79 -71.63 6.12
C TYR C 66 34.53 -72.60 5.19
N GLY C 67 35.41 -72.10 4.31
CA GLY C 67 36.11 -72.95 3.35
C GLY C 67 35.32 -73.31 2.09
N GLY C 68 35.87 -74.25 1.30
CA GLY C 68 35.31 -74.69 0.02
C GLY C 68 34.63 -76.07 0.05
N ALA C 69 34.71 -76.80 -1.07
CA ALA C 69 34.11 -78.12 -1.25
C ALA C 69 35.05 -79.23 -0.78
N GLN C 70 34.52 -80.43 -0.57
CA GLN C 70 35.29 -81.62 -0.24
C GLN C 70 35.79 -82.27 -1.54
N ASN C 71 37.04 -82.75 -1.56
CA ASN C 71 37.55 -83.45 -2.75
C ASN C 71 36.78 -84.75 -3.00
N GLU C 72 36.50 -85.06 -4.26
CA GLU C 72 35.87 -86.32 -4.60
C GLU C 72 36.90 -87.44 -4.53
N GLN C 73 36.47 -88.63 -4.09
CA GLN C 73 37.37 -89.79 -4.03
C GLN C 73 36.88 -90.97 -4.84
N GLY C 74 35.96 -90.73 -5.76
CA GLY C 74 35.35 -91.79 -6.58
C GLY C 74 35.74 -91.78 -8.07
N ILE C 75 36.78 -91.05 -8.44
CA ILE C 75 37.19 -90.94 -9.84
C ILE C 75 38.21 -92.01 -10.20
N THR C 76 37.96 -92.75 -11.28
CA THR C 76 38.87 -93.80 -11.75
C THR C 76 39.14 -93.56 -13.22
N VAL C 77 40.21 -94.16 -13.76
CA VAL C 77 40.52 -94.01 -15.18
C VAL C 77 40.84 -95.33 -15.88
N LYS C 78 40.30 -95.56 -17.08
CA LYS C 78 40.62 -96.76 -17.85
C LYS C 78 41.15 -96.45 -19.26
N LEU C 79 42.36 -96.92 -19.56
CA LEU C 79 43.01 -96.69 -20.86
C LEU C 79 43.22 -98.00 -21.63
N THR C 80 42.75 -98.06 -22.89
CA THR C 80 42.95 -99.30 -23.67
C THR C 80 43.67 -99.09 -25.02
N ASP C 81 44.74 -99.88 -25.24
CA ASP C 81 45.57 -99.90 -26.46
C ASP C 81 45.27 -101.04 -27.44
N THR C 82 44.85 -100.69 -28.66
CA THR C 82 44.52 -101.69 -29.70
C THR C 82 45.16 -101.37 -31.05
N LEU C 83 45.07 -102.31 -32.00
CA LEU C 83 45.56 -102.01 -33.35
C LEU C 83 44.46 -101.92 -34.39
N ILE C 84 44.63 -100.98 -35.31
CA ILE C 84 43.74 -100.82 -36.46
C ILE C 84 44.53 -101.02 -37.73
N GLU C 85 44.34 -102.15 -38.39
CA GLU C 85 45.08 -102.49 -39.61
C GLU C 85 46.60 -102.32 -39.41
N GLY C 86 47.09 -102.71 -38.23
CA GLY C 86 48.49 -102.63 -37.86
C GLY C 86 48.93 -101.30 -37.20
N ALA C 87 48.07 -100.28 -37.21
CA ALA C 87 48.40 -98.99 -36.62
C ALA C 87 48.02 -98.94 -35.15
N GLU C 88 48.78 -98.21 -34.35
CA GLU C 88 48.41 -98.04 -32.95
C GLU C 88 47.24 -97.09 -32.80
N ASN C 89 46.38 -97.38 -31.82
CA ASN C 89 45.25 -96.52 -31.47
C ASN C 89 44.87 -96.71 -29.99
N ARG C 90 44.67 -95.59 -29.26
CA ARG C 90 44.25 -95.78 -27.86
C ARG C 90 43.09 -94.92 -27.47
N THR C 91 42.28 -95.46 -26.57
CA THR C 91 41.13 -94.77 -26.00
C THR C 91 41.26 -94.55 -24.50
N ILE C 92 41.00 -93.31 -24.07
CA ILE C 92 41.01 -92.97 -22.66
C ILE C 92 39.60 -92.69 -22.18
N ASN C 93 39.15 -93.47 -21.20
CA ASN C 93 37.80 -93.36 -20.70
C ASN C 93 37.71 -93.06 -19.22
N VAL C 94 37.06 -91.95 -18.89
CA VAL C 94 36.86 -91.59 -17.51
C VAL C 94 35.34 -91.61 -17.22
N PRO C 95 34.79 -92.65 -16.58
CA PRO C 95 33.40 -92.85 -16.22
C PRO C 95 32.90 -91.84 -15.21
N GLU C 96 31.60 -91.58 -15.18
CA GLU C 96 31.05 -90.73 -14.15
C GLU C 96 31.18 -91.50 -12.83
N PRO C 97 31.62 -90.89 -11.71
CA PRO C 97 31.73 -91.52 -10.40
C PRO C 97 30.40 -92.06 -9.92
N THR C 98 30.43 -93.17 -9.20
CA THR C 98 29.22 -93.76 -8.63
C THR C 98 29.12 -93.46 -7.15
N PHE C 99 30.21 -92.94 -6.59
CA PHE C 99 30.31 -92.57 -5.18
C PHE C 99 30.78 -91.14 -5.15
N LYS C 100 29.99 -90.28 -4.54
CA LYS C 100 30.25 -88.85 -4.50
C LYS C 100 30.18 -88.30 -3.09
N SER C 101 30.87 -87.21 -2.83
CA SER C 101 30.78 -86.52 -1.55
C SER C 101 29.34 -86.09 -1.33
N PRO C 102 28.77 -86.21 -0.12
CA PRO C 102 27.42 -85.80 0.21
C PRO C 102 27.29 -84.32 0.60
N TYR C 103 28.37 -83.54 0.50
CA TYR C 103 28.30 -82.16 0.99
C TYR C 103 28.16 -81.13 -0.13
N LEU C 104 26.98 -80.51 -0.24
CA LEU C 104 26.66 -79.59 -1.33
C LEU C 104 26.56 -78.09 -1.04
N MET C 105 26.82 -77.60 0.18
CA MET C 105 26.62 -76.17 0.44
C MET C 105 27.46 -75.24 -0.42
N PHE C 106 28.70 -75.58 -0.68
CA PHE C 106 29.54 -74.71 -1.48
C PHE C 106 28.96 -74.52 -2.89
N TYR C 107 28.60 -75.62 -3.54
CA TYR C 107 28.04 -75.58 -4.89
C TYR C 107 26.73 -74.83 -4.92
N SER C 108 25.93 -75.03 -3.87
CA SER C 108 24.64 -74.40 -3.74
C SER C 108 24.79 -72.88 -3.73
N LEU C 109 25.74 -72.36 -2.93
CA LEU C 109 26.00 -70.93 -2.88
C LEU C 109 26.51 -70.37 -4.18
N GLN C 110 27.33 -71.11 -4.91
CA GLN C 110 27.76 -70.60 -6.21
C GLN C 110 26.57 -70.36 -7.13
N MET C 111 25.59 -71.29 -7.12
CA MET C 111 24.40 -71.13 -7.96
C MET C 111 23.54 -69.95 -7.50
N TYR C 112 23.42 -69.78 -6.18
CA TYR C 112 22.66 -68.70 -5.59
C TYR C 112 23.17 -67.33 -6.04
N PHE C 113 24.47 -67.12 -5.95
CA PHE C 113 25.02 -65.83 -6.37
C PHE C 113 24.96 -65.67 -7.90
N ALA C 114 25.14 -66.76 -8.66
CA ALA C 114 25.08 -66.72 -10.13
C ALA C 114 23.72 -66.25 -10.64
N ASN C 115 22.66 -66.56 -9.88
CA ASN C 115 21.31 -66.18 -10.21
C ASN C 115 20.83 -64.88 -9.59
N GLY C 116 21.74 -64.07 -9.04
CA GLY C 116 21.36 -62.75 -8.54
C GLY C 116 21.09 -62.59 -7.05
N GLY C 117 21.42 -63.56 -6.23
CA GLY C 117 21.19 -63.42 -4.81
C GLY C 117 22.05 -62.36 -4.12
N GLY C 118 21.51 -61.80 -3.05
CA GLY C 118 22.20 -60.80 -2.24
C GLY C 118 22.70 -61.45 -0.95
N PRO C 119 22.84 -60.68 0.15
CA PRO C 119 23.32 -61.10 1.45
C PRO C 119 22.46 -62.22 2.02
N CYS C 120 23.07 -63.09 2.80
CA CYS C 120 22.35 -64.23 3.38
C CYS C 120 22.90 -64.70 4.71
N TYR C 121 22.15 -65.57 5.39
CA TYR C 121 22.62 -66.15 6.64
C TYR C 121 23.11 -67.58 6.51
N ILE C 122 24.24 -67.83 7.15
CA ILE C 122 24.82 -69.17 7.18
C ILE C 122 24.78 -69.74 8.57
N VAL C 123 24.26 -70.95 8.69
CA VAL C 123 24.27 -71.66 9.95
C VAL C 123 24.96 -72.98 9.70
N SER C 124 26.06 -73.20 10.41
CA SER C 124 26.78 -74.43 10.26
C SER C 124 26.09 -75.45 11.14
N THR C 125 26.25 -76.71 10.83
CA THR C 125 25.73 -77.77 11.67
C THR C 125 26.84 -78.69 12.12
N GLY C 126 28.03 -78.45 11.59
CA GLY C 126 29.19 -79.27 11.82
C GLY C 126 30.13 -79.11 10.66
N VAL C 127 31.18 -79.93 10.64
CA VAL C 127 32.17 -79.85 9.58
C VAL C 127 32.27 -81.18 8.84
N TYR C 128 32.84 -81.16 7.66
CA TYR C 128 32.93 -82.35 6.81
C TYR C 128 33.66 -83.51 7.46
N ASP C 129 33.09 -84.71 7.37
CA ASP C 129 33.77 -85.88 7.91
C ASP C 129 34.63 -86.50 6.81
N ASP C 130 35.35 -87.58 7.13
CA ASP C 130 36.18 -88.21 6.11
C ASP C 130 35.53 -89.45 5.49
N TRP C 131 36.23 -90.05 4.54
CA TRP C 131 35.76 -91.27 3.87
C TRP C 131 36.31 -92.50 4.57
N SER C 132 35.56 -93.61 4.52
CA SER C 132 36.07 -94.83 5.14
C SER C 132 36.86 -95.62 4.12
N ASP C 133 36.43 -95.51 2.87
CA ASP C 133 37.05 -96.19 1.73
C ASP C 133 36.65 -95.46 0.47
N SER C 134 37.16 -95.87 -0.69
CA SER C 134 36.80 -95.21 -1.94
C SER C 134 35.35 -95.44 -2.35
N GLU C 135 34.77 -96.49 -1.79
CA GLU C 135 33.39 -96.85 -2.03
C GLU C 135 32.51 -96.58 -0.82
N THR C 136 33.08 -95.95 0.22
CA THR C 136 32.30 -95.67 1.42
C THR C 136 32.43 -94.20 1.85
N PRO C 137 31.49 -93.33 1.44
CA PRO C 137 31.44 -91.90 1.69
C PRO C 137 30.91 -91.59 3.11
N PRO C 138 31.08 -90.35 3.59
CA PRO C 138 30.51 -89.77 4.79
C PRO C 138 29.00 -89.79 4.76
N THR C 139 28.38 -89.64 5.92
CA THR C 139 26.92 -89.57 6.00
C THR C 139 26.45 -88.25 6.59
N ILE C 140 25.16 -87.96 6.42
CA ILE C 140 24.50 -86.76 6.91
C ILE C 140 23.68 -87.11 8.14
N ASN C 141 23.91 -86.42 9.25
CA ASN C 141 23.24 -86.73 10.49
C ASN C 141 22.01 -85.87 10.71
N PHE C 142 20.85 -86.48 10.64
CA PHE C 142 19.58 -85.79 10.78
C PHE C 142 19.54 -84.85 11.98
N SER C 143 20.07 -85.29 13.13
CA SER C 143 20.00 -84.51 14.37
C SER C 143 20.75 -83.18 14.28
N ASP C 144 21.69 -83.07 13.35
CA ASP C 144 22.48 -81.88 13.20
C ASP C 144 21.66 -80.83 12.46
N LEU C 145 20.74 -81.27 11.59
CA LEU C 145 19.99 -80.31 10.81
C LEU C 145 18.88 -79.79 11.70
N GLU C 146 18.33 -80.64 12.58
CA GLU C 146 17.30 -80.17 13.50
C GLU C 146 17.87 -79.13 14.45
N SER C 147 19.11 -79.32 14.88
CA SER C 147 19.76 -78.36 15.75
C SER C 147 19.88 -77.02 15.04
N GLY C 148 20.35 -77.03 13.78
CA GLY C 148 20.47 -75.77 13.04
C GLY C 148 19.12 -75.05 12.87
N LEU C 149 18.04 -75.80 12.67
CA LEU C 149 16.72 -75.19 12.53
C LEU C 149 16.29 -74.52 13.84
N ALA C 150 16.54 -75.20 14.97
CA ALA C 150 16.23 -74.65 16.30
C ALA C 150 16.97 -73.33 16.54
N VAL C 151 18.19 -73.23 16.02
CA VAL C 151 19.01 -72.03 16.14
C VAL C 151 18.45 -70.87 15.31
N ILE C 152 18.16 -71.12 14.02
CA ILE C 152 17.71 -70.02 13.14
C ILE C 152 16.38 -69.47 13.64
N ARG C 153 15.59 -70.27 14.35
CA ARG C 153 14.33 -69.82 14.89
C ARG C 153 14.44 -68.55 15.74
N LYS C 154 15.60 -68.28 16.33
CA LYS C 154 15.75 -67.10 17.17
C LYS C 154 16.19 -65.83 16.41
N GLU C 155 16.42 -65.92 15.11
CA GLU C 155 16.83 -64.76 14.31
C GLU C 155 15.60 -64.10 13.68
N ASP C 156 15.61 -62.77 13.57
CA ASP C 156 14.48 -62.05 12.96
C ASP C 156 14.60 -61.74 11.47
N GLU C 157 15.80 -61.54 10.96
CA GLU C 157 15.98 -61.11 9.59
C GLU C 157 15.63 -62.07 8.42
N PRO C 158 15.91 -63.39 8.47
CA PRO C 158 15.66 -64.33 7.38
C PRO C 158 14.20 -64.40 6.96
N THR C 159 13.95 -64.57 5.65
CA THR C 159 12.60 -64.71 5.11
C THR C 159 12.41 -66.08 4.43
N LEU C 160 13.51 -66.70 3.97
CA LEU C 160 13.43 -68.00 3.30
C LEU C 160 14.26 -69.06 4.01
N LEU C 161 13.75 -70.30 4.09
CA LEU C 161 14.51 -71.39 4.71
C LEU C 161 14.95 -72.48 3.73
N LEU C 162 16.27 -72.73 3.63
CA LEU C 162 16.81 -73.75 2.74
C LEU C 162 17.76 -74.76 3.43
N PHE C 163 17.72 -76.01 2.97
CA PHE C 163 18.64 -77.07 3.46
C PHE C 163 19.42 -77.76 2.32
N PRO C 164 20.63 -77.28 1.96
CA PRO C 164 21.45 -77.78 0.87
C PRO C 164 21.83 -79.27 0.93
N ASP C 165 21.83 -79.90 2.13
CA ASP C 165 22.23 -81.31 2.19
C ASP C 165 21.09 -82.18 2.74
N ALA C 166 19.83 -81.86 2.42
CA ALA C 166 18.72 -82.69 2.91
C ALA C 166 18.46 -83.94 2.06
N THR C 167 18.77 -83.88 0.77
CA THR C 167 18.45 -85.00 -0.12
C THR C 167 19.43 -86.15 0.09
N ASN C 168 20.48 -85.91 0.87
CA ASN C 168 21.44 -86.94 1.16
C ASN C 168 21.20 -87.63 2.51
N LEU C 169 20.08 -87.33 3.17
CA LEU C 169 19.73 -88.01 4.40
C LEU C 169 19.48 -89.48 4.08
N PRO C 170 19.89 -90.45 4.94
CA PRO C 170 19.73 -91.89 4.78
C PRO C 170 18.34 -92.39 4.41
N THR C 171 17.26 -91.73 4.86
CA THR C 171 15.92 -92.18 4.51
C THR C 171 15.04 -91.03 4.05
N ASP C 172 13.95 -91.39 3.40
CA ASP C 172 12.99 -90.40 2.94
C ASP C 172 12.17 -89.94 4.11
N ASP C 173 11.98 -90.82 5.08
CA ASP C 173 11.23 -90.46 6.26
C ASP C 173 11.90 -89.30 7.00
N GLU C 174 13.24 -89.32 7.12
CA GLU C 174 13.94 -88.21 7.76
C GLU C 174 13.79 -86.93 6.95
N PHE C 175 13.87 -87.06 5.64
CA PHE C 175 13.72 -85.92 4.74
C PHE C 175 12.35 -85.23 4.94
N TYR C 176 11.28 -86.02 4.93
CA TYR C 176 9.94 -85.44 5.07
C TYR C 176 9.74 -84.83 6.45
N SER C 177 10.29 -85.48 7.49
CA SER C 177 10.19 -84.96 8.84
C SER C 177 10.81 -83.58 8.94
N LEU C 178 11.99 -83.40 8.35
CA LEU C 178 12.67 -82.11 8.39
C LEU C 178 11.81 -81.01 7.76
N TYR C 179 11.18 -81.30 6.61
CA TYR C 179 10.36 -80.29 5.96
C TYR C 179 9.06 -80.01 6.70
N ASN C 180 8.46 -81.01 7.34
CA ASN C 180 7.26 -80.74 8.11
C ASN C 180 7.60 -79.75 9.24
N SER C 181 8.76 -79.91 9.88
CA SER C 181 9.18 -78.99 10.93
C SER C 181 9.37 -77.58 10.41
N ALA C 182 9.99 -77.43 9.23
CA ALA C 182 10.18 -76.11 8.66
C ALA C 182 8.85 -75.39 8.37
N LEU C 183 7.85 -76.14 7.86
CA LEU C 183 6.54 -75.52 7.61
C LEU C 183 5.86 -75.11 8.92
N MET C 184 6.00 -75.91 9.97
CA MET C 184 5.43 -75.56 11.26
C MET C 184 6.08 -74.29 11.83
N GLN C 185 7.40 -74.13 11.65
CA GLN C 185 8.06 -72.91 12.12
C GLN C 185 7.47 -71.69 11.43
N CYS C 186 7.23 -71.78 10.10
CA CYS C 186 6.66 -70.65 9.37
C CYS C 186 5.26 -70.30 9.89
N ASN C 187 4.46 -71.31 10.18
CA ASN C 187 3.14 -71.02 10.72
C ASN C 187 3.24 -70.29 12.06
N ASP C 188 4.13 -70.75 12.95
CA ASP C 188 4.23 -70.08 14.25
C ASP C 188 4.75 -68.65 14.19
N LEU C 189 5.72 -68.37 13.31
CA LEU C 189 6.30 -67.03 13.25
C LEU C 189 5.53 -66.05 12.34
N GLN C 190 4.83 -66.56 11.31
CA GLN C 190 4.05 -65.79 10.34
C GLN C 190 4.84 -64.83 9.45
N ASP C 191 6.12 -65.07 9.23
CA ASP C 191 6.95 -64.23 8.38
C ASP C 191 7.94 -64.96 7.46
N ARG C 192 7.75 -66.26 7.24
CA ARG C 192 8.69 -67.04 6.43
C ARG C 192 8.01 -67.92 5.39
N PHE C 193 8.77 -68.30 4.39
CA PHE C 193 8.30 -69.18 3.32
C PHE C 193 9.38 -70.23 3.02
N THR C 194 8.97 -71.46 2.71
CA THR C 194 9.96 -72.50 2.42
C THR C 194 9.94 -72.96 0.96
N ILE C 195 11.10 -73.35 0.47
CA ILE C 195 11.26 -73.91 -0.88
C ILE C 195 11.59 -75.39 -0.77
N LEU C 196 10.78 -76.25 -1.40
CA LEU C 196 10.93 -77.69 -1.29
C LEU C 196 11.35 -78.41 -2.57
N ASP C 197 12.14 -79.47 -2.37
CA ASP C 197 12.62 -80.39 -3.39
C ASP C 197 12.01 -81.77 -3.19
N THR C 198 12.02 -82.60 -4.21
CA THR C 198 11.67 -83.98 -4.01
C THR C 198 12.92 -84.64 -3.42
N TYR C 199 12.76 -85.87 -2.90
CA TYR C 199 13.87 -86.64 -2.36
C TYR C 199 14.88 -87.01 -3.46
N SER C 200 14.35 -87.34 -4.63
CA SER C 200 15.08 -87.77 -5.81
C SER C 200 14.33 -87.34 -7.07
N ASP C 201 15.02 -87.19 -8.19
CA ASP C 201 14.31 -86.91 -9.43
C ASP C 201 13.93 -88.18 -10.22
N GLN C 202 14.33 -89.34 -9.67
CA GLN C 202 14.12 -90.68 -10.24
C GLN C 202 13.46 -91.62 -9.24
N THR C 203 12.88 -92.72 -9.73
CA THR C 203 12.25 -93.71 -8.85
C THR C 203 13.21 -94.12 -7.74
N TYR C 204 12.71 -94.07 -6.51
CA TYR C 204 13.64 -94.46 -5.43
C TYR C 204 13.13 -95.73 -4.78
N ASN C 205 14.10 -96.39 -4.18
CA ASN C 205 13.92 -97.69 -3.53
C ASN C 205 13.76 -97.52 -2.02
N ASP C 206 12.55 -97.78 -1.50
CA ASP C 206 12.20 -97.60 -0.09
C ASP C 206 12.86 -98.64 0.80
N GLY C 207 13.41 -99.67 0.17
CA GLY C 207 13.99 -100.84 0.83
C GLY C 207 12.98 -101.99 0.76
N VAL C 208 11.74 -101.63 0.45
CA VAL C 208 10.64 -102.58 0.32
C VAL C 208 9.79 -102.40 -0.95
N GLU C 209 9.93 -101.25 -1.62
CA GLU C 209 9.08 -100.90 -2.77
C GLU C 209 9.73 -99.83 -3.66
N ASP C 210 9.33 -99.77 -4.92
CA ASP C 210 9.85 -98.71 -5.82
C ASP C 210 8.85 -97.55 -5.74
N LEU C 211 9.31 -96.34 -5.45
CA LEU C 211 8.37 -95.19 -5.27
C LEU C 211 8.64 -94.06 -6.26
N ASP C 212 7.58 -93.54 -6.89
CA ASP C 212 7.61 -92.36 -7.76
C ASP C 212 7.69 -91.06 -6.93
N PRO C 213 8.71 -90.20 -7.12
CA PRO C 213 8.96 -88.95 -6.41
C PRO C 213 7.80 -87.97 -6.24
N ILE C 214 6.88 -87.88 -7.20
CA ILE C 214 5.82 -86.89 -6.99
C ILE C 214 4.80 -87.40 -5.95
N PRO C 215 4.15 -88.59 -6.11
CA PRO C 215 3.35 -89.21 -5.09
C PRO C 215 4.06 -89.33 -3.75
N ALA C 216 5.38 -89.56 -3.79
CA ALA C 216 6.16 -89.67 -2.57
C ALA C 216 6.09 -88.42 -1.72
N LEU C 217 6.31 -87.27 -2.36
CA LEU C 217 6.29 -86.00 -1.66
C LEU C 217 4.89 -85.70 -1.19
N ARG C 218 3.89 -86.00 -2.01
CA ARG C 218 2.52 -85.75 -1.61
C ARG C 218 2.07 -86.54 -0.38
N ASN C 219 2.50 -87.79 -0.27
CA ASN C 219 2.17 -88.56 0.93
C ASN C 219 3.07 -88.19 2.12
N GLY C 220 4.33 -87.83 1.82
CA GLY C 220 5.34 -87.45 2.79
C GLY C 220 4.97 -86.25 3.64
N ILE C 221 4.54 -85.17 3.00
CA ILE C 221 4.14 -83.96 3.72
C ILE C 221 2.65 -84.03 3.98
N ASN C 222 2.26 -84.23 5.24
CA ASN C 222 0.88 -84.45 5.64
C ASN C 222 0.23 -83.39 6.54
N LEU C 223 0.72 -82.16 6.47
CA LEU C 223 0.18 -81.05 7.24
C LEU C 223 -1.02 -80.48 6.52
N THR C 224 -1.88 -79.77 7.25
CA THR C 224 -3.05 -79.13 6.65
C THR C 224 -2.79 -77.73 6.08
N LYS C 225 -3.88 -77.14 5.58
CA LYS C 225 -3.95 -75.85 4.87
C LYS C 225 -3.15 -74.72 5.51
N ASP C 226 -3.23 -74.61 6.83
CA ASP C 226 -2.55 -73.58 7.61
C ASP C 226 -1.05 -73.58 7.44
N TYR C 227 -0.49 -74.71 7.05
CA TYR C 227 0.93 -74.86 6.90
C TYR C 227 1.32 -74.87 5.45
N LEU C 228 0.49 -75.52 4.62
CA LEU C 228 0.78 -75.70 3.22
C LEU C 228 0.86 -74.36 2.48
N LYS C 229 0.07 -73.39 2.93
CA LYS C 229 0.10 -72.05 2.34
C LYS C 229 1.48 -71.36 2.48
N TYR C 230 2.38 -71.87 3.33
CA TYR C 230 3.68 -71.26 3.53
C TYR C 230 4.84 -71.87 2.74
N GLY C 231 4.54 -72.67 1.73
CA GLY C 231 5.65 -73.17 0.93
C GLY C 231 5.24 -73.64 -0.45
N ALA C 232 6.25 -73.96 -1.26
CA ALA C 232 6.09 -74.41 -2.64
C ALA C 232 7.20 -75.39 -3.00
N ALA C 233 6.93 -76.27 -3.97
CA ALA C 233 7.89 -77.27 -4.41
C ALA C 233 8.16 -77.19 -5.90
N TYR C 234 9.39 -77.57 -6.28
CA TYR C 234 9.83 -77.60 -7.68
C TYR C 234 10.39 -78.96 -8.12
N TYR C 235 10.22 -79.30 -9.39
CA TYR C 235 10.70 -80.54 -10.00
C TYR C 235 11.00 -80.35 -11.48
N PRO C 236 12.01 -81.01 -12.06
CA PRO C 236 13.09 -81.89 -11.60
C PRO C 236 14.34 -81.16 -11.12
N PHE C 237 15.40 -81.95 -10.90
CA PHE C 237 16.74 -81.47 -10.58
C PHE C 237 17.37 -80.90 -11.85
N VAL C 238 18.43 -80.09 -11.72
CA VAL C 238 19.05 -79.51 -12.92
C VAL C 238 20.55 -79.77 -13.06
N GLN C 239 21.01 -79.76 -14.30
CA GLN C 239 22.43 -79.92 -14.61
C GLN C 239 23.09 -78.58 -14.82
N THR C 240 24.09 -78.30 -13.96
CA THR C 240 24.90 -77.05 -13.92
C THR C 240 26.17 -77.18 -14.76
N ILE C 241 26.98 -76.10 -14.79
CA ILE C 241 28.22 -76.01 -15.54
C ILE C 241 29.44 -75.97 -14.65
N LEU C 242 29.23 -76.29 -13.37
CA LEU C 242 30.27 -76.30 -12.36
C LEU C 242 31.01 -77.63 -12.42
N ASN C 243 32.31 -77.60 -12.08
CA ASN C 243 33.14 -78.81 -12.05
C ASN C 243 33.20 -79.45 -10.68
N TYR C 244 33.91 -80.57 -10.60
CA TYR C 244 34.13 -81.27 -9.35
C TYR C 244 35.49 -80.91 -8.82
N GLN C 245 35.66 -80.94 -7.51
CA GLN C 245 36.94 -80.68 -6.90
C GLN C 245 37.65 -82.01 -6.66
N TYR C 246 38.91 -82.14 -7.08
CA TYR C 246 39.66 -83.39 -6.94
C TYR C 246 41.17 -83.17 -6.97
N SER C 247 41.91 -84.26 -6.76
CA SER C 247 43.37 -84.26 -6.84
C SER C 247 43.88 -85.50 -7.56
N ALA C 248 44.86 -85.29 -8.45
CA ALA C 248 45.50 -86.34 -9.26
C ALA C 248 46.16 -87.42 -8.41
N ASP C 249 46.45 -87.10 -7.16
CA ASP C 249 47.08 -88.04 -6.24
C ASP C 249 46.15 -89.17 -5.84
N GLU C 250 44.85 -88.96 -6.02
CA GLU C 250 43.85 -89.95 -5.61
C GLU C 250 43.33 -90.77 -6.79
N ILE C 251 43.86 -90.55 -7.99
CA ILE C 251 43.30 -91.22 -9.16
C ILE C 251 44.20 -92.28 -9.77
N VAL C 252 43.70 -93.51 -9.84
CA VAL C 252 44.45 -94.67 -10.34
C VAL C 252 43.97 -95.12 -11.72
N ILE C 253 44.96 -95.43 -12.57
CA ILE C 253 44.75 -95.83 -13.94
C ILE C 253 44.86 -97.33 -14.25
N GLN C 254 43.84 -97.84 -14.92
CA GLN C 254 43.84 -99.21 -15.43
C GLN C 254 44.36 -99.12 -16.86
N HIS C 255 45.27 -100.01 -17.26
CA HIS C 255 45.81 -99.97 -18.62
C HIS C 255 45.80 -101.33 -19.28
N LEU C 256 44.98 -101.48 -20.29
CA LEU C 256 44.86 -102.75 -20.99
C LEU C 256 45.47 -102.63 -22.36
N SER C 257 46.01 -103.73 -22.86
CA SER C 257 46.67 -103.70 -24.16
C SER C 257 46.63 -104.99 -24.96
N TYR C 258 46.55 -104.83 -26.29
CA TYR C 258 46.65 -105.93 -27.26
C TYR C 258 48.02 -106.63 -27.13
N ASN C 259 48.99 -105.89 -26.57
CA ASN C 259 50.34 -106.32 -26.34
C ASN C 259 50.70 -105.89 -24.91
N PRO C 260 50.47 -106.76 -23.90
CA PRO C 260 50.70 -106.55 -22.48
C PRO C 260 52.16 -106.35 -22.15
N ASN C 261 52.46 -105.54 -21.13
CA ASN C 261 53.82 -105.38 -20.65
C ASN C 261 53.93 -104.75 -19.26
N ALA C 262 52.93 -104.96 -18.40
CA ALA C 262 53.01 -104.42 -17.04
C ALA C 262 54.09 -105.10 -16.18
N ILE C 263 54.21 -106.42 -16.30
CA ILE C 263 55.14 -107.17 -15.46
C ILE C 263 56.54 -106.95 -15.96
N ALA C 264 56.71 -107.02 -17.28
CA ALA C 264 58.03 -106.81 -17.86
C ALA C 264 58.57 -105.45 -17.49
N THR C 265 57.71 -104.43 -17.47
CA THR C 265 58.14 -103.10 -17.09
C THR C 265 58.63 -103.11 -15.65
N ALA C 266 57.83 -103.72 -14.74
CA ALA C 266 58.24 -103.75 -13.35
C ALA C 266 59.58 -104.43 -13.21
N LEU C 267 59.80 -105.53 -13.93
CA LEU C 267 61.08 -106.22 -13.83
C LEU C 267 62.23 -105.39 -14.34
N ASP C 268 62.07 -104.68 -15.44
CA ASP C 268 63.18 -103.89 -15.94
C ASP C 268 63.63 -102.86 -14.91
N ASN C 269 62.67 -102.26 -14.20
CA ASN C 269 63.04 -101.30 -13.18
C ASN C 269 63.59 -101.98 -11.91
N LEU C 270 62.96 -103.08 -11.48
CA LEU C 270 63.40 -103.76 -10.27
C LEU C 270 64.81 -104.32 -10.44
N ASN C 271 65.14 -104.76 -11.64
CA ASN C 271 66.45 -105.31 -11.94
C ASN C 271 67.51 -104.22 -12.04
N ALA C 272 67.10 -102.95 -12.07
CA ALA C 272 68.02 -101.86 -12.14
C ALA C 272 68.36 -101.44 -10.73
N GLY C 450 69.87 -105.85 0.22
CA GLY C 450 69.98 -106.62 -1.03
C GLY C 450 69.24 -107.96 -1.05
N THR C 451 69.19 -108.65 0.09
CA THR C 451 68.51 -109.93 0.18
C THR C 451 67.03 -109.78 -0.14
N ARG C 452 66.41 -108.70 0.33
CA ARG C 452 65.00 -108.53 0.15
C ARG C 452 64.72 -108.15 -1.30
N LEU C 453 65.65 -107.42 -1.92
CA LEU C 453 65.44 -107.03 -3.31
C LEU C 453 65.40 -108.29 -4.18
N ASP C 454 66.26 -109.27 -3.89
CA ASP C 454 66.25 -110.51 -4.64
C ASP C 454 64.91 -111.23 -4.51
N ASP C 455 64.34 -111.27 -3.28
CA ASP C 455 63.04 -111.93 -3.07
C ASP C 455 61.93 -111.26 -3.86
N ILE C 456 61.94 -109.92 -3.93
CA ILE C 456 60.93 -109.20 -4.67
C ILE C 456 61.01 -109.52 -6.14
N ILE C 457 62.21 -109.48 -6.71
CA ILE C 457 62.34 -109.74 -8.13
C ILE C 457 61.88 -111.12 -8.49
N ALA C 458 62.28 -112.12 -7.71
CA ALA C 458 61.84 -113.48 -8.00
C ALA C 458 60.31 -113.59 -7.93
N ALA C 459 59.69 -112.96 -6.92
CA ALA C 459 58.24 -113.04 -6.80
C ALA C 459 57.55 -112.44 -8.02
N VAL C 460 58.11 -111.34 -8.53
CA VAL C 460 57.56 -110.65 -9.68
C VAL C 460 57.78 -111.42 -10.96
N SER C 461 58.99 -111.94 -11.22
CA SER C 461 59.22 -112.63 -12.49
C SER C 461 58.33 -113.83 -12.63
N ALA C 462 57.95 -114.42 -11.51
CA ALA C 462 57.03 -115.55 -11.49
C ALA C 462 55.68 -115.21 -12.12
N ALA C 463 55.29 -113.92 -12.12
CA ALA C 463 54.01 -113.47 -12.64
C ALA C 463 54.01 -113.18 -14.14
N GLU C 464 55.15 -113.23 -14.81
CA GLU C 464 55.09 -112.85 -16.21
C GLU C 464 54.10 -113.72 -17.03
N PRO C 465 54.00 -115.06 -16.81
CA PRO C 465 53.05 -115.95 -17.44
C PRO C 465 51.57 -115.68 -17.08
N ILE C 466 51.32 -114.91 -16.01
CA ILE C 466 49.96 -114.62 -15.54
C ILE C 466 49.35 -113.44 -16.24
N ASP C 467 50.11 -112.37 -16.29
CA ASP C 467 49.56 -111.15 -16.85
C ASP C 467 49.53 -111.19 -18.36
N VAL C 468 48.34 -111.36 -18.90
CA VAL C 468 48.19 -111.47 -20.33
C VAL C 468 47.31 -110.35 -20.85
N ASN C 469 47.02 -109.34 -19.99
CA ASN C 469 46.15 -108.25 -20.40
C ASN C 469 46.65 -106.82 -20.14
N ASN C 470 47.54 -106.63 -19.15
CA ASN C 470 47.86 -105.29 -18.71
C ASN C 470 49.10 -104.66 -19.33
N GLY C 471 48.95 -103.39 -19.68
CA GLY C 471 50.02 -102.61 -20.26
C GLY C 471 50.91 -101.93 -19.19
N LYS C 472 51.93 -101.24 -19.69
CA LYS C 472 52.92 -100.51 -18.92
C LYS C 472 52.45 -99.61 -17.77
N LEU C 473 51.35 -98.86 -17.94
CA LEU C 473 50.90 -97.89 -16.93
C LEU C 473 49.93 -98.45 -15.90
N ASN C 474 49.57 -99.72 -16.02
CA ASN C 474 48.55 -100.29 -15.16
C ASN C 474 48.92 -100.19 -13.68
N GLY C 475 48.01 -99.66 -12.88
CA GLY C 475 48.19 -99.56 -11.44
C GLY C 475 48.78 -98.25 -10.93
N ARG C 476 49.25 -97.36 -11.82
CA ARG C 476 49.83 -96.11 -11.34
C ARG C 476 48.82 -94.97 -11.20
N LEU C 477 49.18 -94.00 -10.37
CA LEU C 477 48.41 -92.79 -10.14
C LEU C 477 48.68 -91.72 -11.18
N LEU C 478 47.71 -90.86 -11.46
CA LEU C 478 48.01 -89.78 -12.41
C LEU C 478 49.21 -88.95 -12.08
N SER C 479 49.31 -88.54 -10.83
CA SER C 479 50.44 -87.70 -10.46
C SER C 479 51.82 -88.38 -10.64
N ASP C 480 51.85 -89.72 -10.74
CA ASP C 480 53.09 -90.46 -10.92
C ASP C 480 53.39 -90.87 -12.37
N ILE C 481 52.55 -90.48 -13.34
CA ILE C 481 52.85 -90.89 -14.71
C ILE C 481 53.18 -89.70 -15.59
N GLU C 482 53.03 -88.48 -15.09
CA GLU C 482 53.30 -87.34 -15.93
C GLU C 482 54.66 -87.39 -16.63
N PRO C 483 55.81 -87.68 -15.96
CA PRO C 483 57.09 -87.81 -16.63
C PRO C 483 57.23 -89.02 -17.57
N LEU C 484 56.37 -90.05 -17.41
CA LEU C 484 56.45 -91.23 -18.25
C LEU C 484 55.84 -90.92 -19.60
N ASP C 485 54.68 -90.26 -19.53
CA ASP C 485 53.92 -89.84 -20.68
C ASP C 485 52.99 -88.70 -20.30
N ASN C 486 53.41 -87.46 -20.53
CA ASN C 486 52.58 -86.36 -20.08
C ASN C 486 51.44 -86.13 -21.04
N ALA C 487 51.38 -86.91 -22.13
CA ALA C 487 50.27 -86.79 -23.05
C ALA C 487 49.09 -87.51 -22.44
N THR C 488 49.37 -88.60 -21.72
CA THR C 488 48.35 -89.39 -21.08
C THR C 488 47.85 -88.62 -19.90
N TYR C 489 48.79 -88.11 -19.11
CA TYR C 489 48.43 -87.35 -17.93
C TYR C 489 47.52 -86.18 -18.30
N ASN C 490 47.93 -85.38 -19.28
CA ASN C 490 47.12 -84.25 -19.66
C ASN C 490 45.78 -84.63 -20.27
N THR C 491 45.75 -85.70 -21.09
CA THR C 491 44.50 -86.11 -21.70
C THR C 491 43.50 -86.53 -20.64
N ILE C 492 43.97 -87.29 -19.65
CA ILE C 492 43.08 -87.72 -18.60
C ILE C 492 42.50 -86.56 -17.84
N LEU C 493 43.33 -85.57 -17.46
CA LEU C 493 42.78 -84.45 -16.72
C LEU C 493 41.72 -83.72 -17.54
N LEU C 494 41.96 -83.60 -18.84
CA LEU C 494 40.99 -82.95 -19.70
C LEU C 494 39.66 -83.72 -19.69
N GLU C 495 39.73 -85.06 -19.76
CA GLU C 495 38.51 -85.86 -19.69
C GLU C 495 37.82 -85.78 -18.34
N ILE C 496 38.56 -85.71 -17.24
CA ILE C 496 37.93 -85.63 -15.92
C ILE C 496 37.07 -84.39 -15.85
N ASN C 497 37.58 -83.31 -16.46
CA ASN C 497 36.99 -81.94 -16.47
C ASN C 497 35.68 -81.91 -17.25
N SER C 498 35.37 -82.95 -18.01
CA SER C 498 34.16 -82.89 -18.83
C SER C 498 32.92 -83.25 -18.01
N HIS C 499 33.11 -83.78 -16.79
CA HIS C 499 31.98 -84.17 -15.94
C HIS C 499 31.47 -83.01 -15.10
N LYS C 500 30.16 -82.79 -15.13
CA LYS C 500 29.58 -81.66 -14.40
C LYS C 500 28.73 -82.08 -13.20
N VAL C 501 28.53 -81.12 -12.31
CA VAL C 501 27.75 -81.20 -11.07
C VAL C 501 26.22 -81.12 -11.33
N THR C 502 25.43 -81.98 -10.65
CA THR C 502 23.96 -81.97 -10.75
C THR C 502 23.37 -81.61 -9.38
N LEU C 503 22.46 -80.63 -9.34
CA LEU C 503 21.90 -80.14 -8.09
C LEU C 503 20.35 -80.05 -8.04
N PRO C 504 19.72 -80.19 -6.86
CA PRO C 504 18.33 -79.85 -6.61
C PRO C 504 18.23 -78.36 -6.94
N PRO C 505 17.09 -77.84 -7.43
CA PRO C 505 16.90 -76.45 -7.85
C PRO C 505 16.62 -75.38 -6.78
N SER C 506 16.61 -75.72 -5.50
CA SER C 506 16.17 -74.75 -4.50
C SER C 506 17.03 -73.50 -4.31
N SER C 507 18.35 -73.59 -4.51
CA SER C 507 19.17 -72.40 -4.30
C SER C 507 19.09 -71.48 -5.49
N SER C 508 18.84 -72.07 -6.66
CA SER C 508 18.69 -71.32 -7.89
C SER C 508 17.40 -70.54 -7.79
N MET C 509 16.36 -71.16 -7.22
CA MET C 509 15.11 -70.45 -7.07
C MET C 509 15.21 -69.31 -6.07
N ALA C 510 15.96 -69.48 -4.97
CA ALA C 510 16.10 -68.36 -4.04
C ALA C 510 16.74 -67.16 -4.75
N GLY C 511 17.72 -67.44 -5.61
CA GLY C 511 18.37 -66.42 -6.43
C GLY C 511 17.33 -65.75 -7.34
N ALA C 512 16.55 -66.56 -8.05
CA ALA C 512 15.53 -66.08 -8.97
C ALA C 512 14.49 -65.21 -8.27
N TYR C 513 14.10 -65.55 -7.02
CA TYR C 513 13.14 -64.75 -6.29
C TYR C 513 13.69 -63.34 -6.09
N ALA C 514 14.98 -63.24 -5.71
CA ALA C 514 15.59 -61.94 -5.52
C ALA C 514 15.58 -61.09 -6.81
N ARG C 515 15.85 -61.72 -7.95
CA ARG C 515 15.81 -60.96 -9.21
C ARG C 515 14.44 -60.39 -9.50
N VAL C 516 13.40 -61.17 -9.33
CA VAL C 516 12.07 -60.66 -9.63
C VAL C 516 11.70 -59.51 -8.70
N ASP C 517 11.97 -59.65 -7.39
CA ASP C 517 11.61 -58.58 -6.48
C ASP C 517 12.26 -57.26 -6.87
N ASN C 518 13.51 -57.29 -7.35
CA ASN C 518 14.18 -56.07 -7.77
C ASN C 518 13.74 -55.49 -9.10
N ASP C 519 13.48 -56.31 -10.12
CA ASP C 519 13.11 -55.77 -11.41
C ASP C 519 11.62 -55.51 -11.61
N ARG C 520 10.75 -56.32 -11.03
CA ARG C 520 9.32 -56.14 -11.24
C ARG C 520 8.51 -55.88 -9.98
N GLY C 521 8.95 -56.41 -8.85
CA GLY C 521 8.23 -56.25 -7.58
C GLY C 521 7.68 -57.57 -7.04
N VAL C 522 7.62 -57.63 -5.71
CA VAL C 522 7.18 -58.82 -4.93
C VAL C 522 5.74 -59.26 -5.25
N TRP C 523 4.95 -58.39 -5.85
CA TRP C 523 3.59 -58.73 -6.20
C TRP C 523 3.45 -59.44 -7.56
N LYS C 524 4.57 -59.68 -8.26
CA LYS C 524 4.52 -60.39 -9.54
C LYS C 524 4.98 -61.84 -9.36
N SER C 525 4.37 -62.75 -10.13
CA SER C 525 4.71 -64.16 -10.04
C SER C 525 6.15 -64.48 -10.37
N PRO C 526 6.85 -65.32 -9.57
CA PRO C 526 8.20 -65.79 -9.80
C PRO C 526 8.21 -66.94 -10.81
N ALA C 527 7.89 -66.63 -12.04
CA ALA C 527 7.81 -67.62 -13.13
C ALA C 527 8.10 -66.95 -14.46
N ASN C 528 8.38 -67.75 -15.49
CA ASN C 528 8.79 -67.30 -16.83
C ASN C 528 10.09 -66.53 -16.68
N ILE C 529 10.97 -67.13 -15.88
CA ILE C 529 12.30 -66.68 -15.51
C ILE C 529 13.34 -67.63 -16.04
N GLY C 530 14.36 -67.12 -16.73
CA GLY C 530 15.43 -68.00 -17.16
C GLY C 530 16.43 -68.17 -16.01
N LEU C 531 17.00 -69.36 -15.89
CA LEU C 531 18.01 -69.64 -14.86
C LEU C 531 19.44 -69.50 -15.40
N ASN C 532 20.35 -69.01 -14.58
CA ASN C 532 21.74 -68.88 -14.98
C ASN C 532 22.51 -70.11 -14.60
N TYR C 533 23.57 -70.41 -15.38
CA TYR C 533 24.44 -71.57 -15.14
C TYR C 533 23.70 -72.90 -15.19
N VAL C 534 22.69 -73.00 -16.04
CA VAL C 534 21.98 -74.26 -16.17
C VAL C 534 22.06 -74.71 -17.61
N SER C 535 22.53 -75.93 -17.79
CA SER C 535 22.67 -76.53 -19.09
C SER C 535 21.30 -77.03 -19.52
N LYS C 536 20.68 -77.82 -18.65
CA LYS C 536 19.38 -78.41 -18.92
C LYS C 536 18.77 -79.02 -17.66
N PRO C 537 17.44 -79.25 -17.60
CA PRO C 537 16.75 -80.07 -16.62
C PRO C 537 17.27 -81.50 -16.75
N SER C 538 17.34 -82.25 -15.64
CA SER C 538 17.77 -83.64 -15.71
C SER C 538 16.71 -84.58 -16.31
N VAL C 539 15.44 -84.24 -16.16
CA VAL C 539 14.32 -85.02 -16.65
C VAL C 539 13.43 -84.16 -17.53
N THR C 540 13.08 -84.63 -18.70
CA THR C 540 12.19 -83.87 -19.58
C THR C 540 10.74 -84.04 -19.17
N VAL C 541 10.03 -82.91 -19.03
CA VAL C 541 8.61 -82.91 -18.69
C VAL C 541 7.83 -82.37 -19.88
N SER C 542 6.90 -83.18 -20.38
CA SER C 542 6.09 -82.82 -21.53
C SER C 542 4.93 -81.96 -21.10
N HIS C 543 4.18 -81.45 -22.08
CA HIS C 543 3.00 -80.65 -21.79
C HIS C 543 1.96 -81.45 -21.01
N GLU C 544 1.60 -82.62 -21.53
CA GLU C 544 0.59 -83.47 -20.92
C GLU C 544 0.99 -83.94 -19.53
N GLU C 545 2.26 -84.21 -19.35
CA GLU C 545 2.79 -84.67 -18.07
C GLU C 545 2.69 -83.64 -16.96
N GLN C 546 2.53 -82.37 -17.29
CA GLN C 546 2.47 -81.35 -16.27
C GLN C 546 1.04 -81.13 -15.79
N GLU C 547 0.03 -81.70 -16.45
CA GLU C 547 -1.32 -81.38 -16.04
C GLU C 547 -1.60 -81.74 -14.57
N SER C 548 -1.07 -82.88 -14.13
CA SER C 548 -1.26 -83.37 -12.77
C SER C 548 -0.32 -82.71 -11.76
N MET C 549 0.62 -81.89 -12.24
CA MET C 549 1.54 -81.20 -11.38
C MET C 549 0.91 -79.87 -10.99
N ASN C 550 0.20 -79.23 -11.93
CA ASN C 550 -0.38 -77.93 -11.66
C ASN C 550 -1.72 -78.06 -10.94
N VAL C 551 -2.54 -79.04 -11.35
CA VAL C 551 -3.85 -79.25 -10.75
C VAL C 551 -3.98 -80.68 -10.26
N HIS C 552 -4.38 -80.87 -9.02
CA HIS C 552 -4.50 -82.19 -8.44
C HIS C 552 -5.52 -82.22 -7.31
N GLY C 553 -6.18 -83.36 -7.13
CA GLY C 553 -7.19 -83.54 -6.08
C GLY C 553 -6.74 -83.16 -4.66
N THR C 554 -5.45 -83.31 -4.35
CA THR C 554 -4.97 -82.96 -3.02
C THR C 554 -4.60 -81.49 -2.84
N GLY C 555 -4.44 -80.75 -3.94
CA GLY C 555 -4.01 -79.36 -3.92
C GLY C 555 -2.48 -79.20 -3.78
N LYS C 556 -1.75 -80.31 -3.64
CA LYS C 556 -0.32 -80.27 -3.44
C LYS C 556 0.45 -80.17 -4.76
N SER C 557 0.35 -78.98 -5.34
CA SER C 557 0.92 -78.63 -6.63
C SER C 557 2.44 -78.62 -6.61
N VAL C 558 3.03 -78.92 -7.76
CA VAL C 558 4.48 -78.87 -7.97
C VAL C 558 4.77 -78.03 -9.21
N ASN C 559 5.69 -77.07 -9.12
CA ASN C 559 6.02 -76.21 -10.25
C ASN C 559 7.06 -76.92 -11.12
N ALA C 560 7.12 -76.64 -12.43
CA ALA C 560 8.05 -77.37 -13.27
C ALA C 560 9.17 -76.55 -13.84
N ILE C 561 10.33 -77.18 -13.98
CA ILE C 561 11.43 -76.53 -14.68
C ILE C 561 11.47 -77.15 -16.09
N ARG C 562 11.32 -76.32 -17.12
CA ARG C 562 11.21 -76.81 -18.51
C ARG C 562 12.10 -76.09 -19.51
N SER C 563 12.50 -76.82 -20.56
CA SER C 563 13.32 -76.28 -21.64
C SER C 563 12.50 -75.81 -22.83
N PHE C 564 12.71 -74.56 -23.24
CA PHE C 564 12.00 -73.99 -24.37
C PHE C 564 12.96 -73.66 -25.52
N VAL C 565 12.49 -73.88 -26.73
CA VAL C 565 13.36 -73.65 -27.88
C VAL C 565 13.60 -72.18 -28.09
N GLY C 566 14.87 -71.81 -28.13
CA GLY C 566 15.30 -70.43 -28.32
C GLY C 566 15.28 -69.62 -27.02
N LYS C 567 14.89 -70.23 -25.90
CA LYS C 567 14.82 -69.48 -24.65
C LYS C 567 15.69 -70.07 -23.55
N GLY C 568 15.88 -71.39 -23.53
CA GLY C 568 16.65 -72.02 -22.48
C GLY C 568 15.77 -72.54 -21.37
N THR C 569 16.34 -72.71 -20.19
CA THR C 569 15.60 -73.34 -19.11
C THR C 569 14.81 -72.29 -18.33
N LEU C 570 13.48 -72.47 -18.29
CA LEU C 570 12.58 -71.55 -17.62
C LEU C 570 11.79 -72.16 -16.47
N VAL C 571 11.45 -71.31 -15.51
CA VAL C 571 10.57 -71.71 -14.42
C VAL C 571 9.12 -71.61 -14.89
N TRP C 572 8.39 -72.72 -14.92
CA TRP C 572 7.05 -72.71 -15.46
C TRP C 572 5.98 -73.06 -14.40
N GLY C 573 5.24 -72.05 -13.95
CA GLY C 573 4.26 -72.21 -12.89
C GLY C 573 4.68 -71.54 -11.58
N ALA C 574 3.68 -71.02 -10.83
CA ALA C 574 3.96 -70.33 -9.58
C ALA C 574 2.87 -70.52 -8.52
N ARG C 575 2.52 -71.77 -8.23
CA ARG C 575 1.51 -72.03 -7.21
C ARG C 575 2.15 -72.56 -5.92
N THR C 576 1.40 -72.46 -4.83
CA THR C 576 1.81 -72.94 -3.50
C THR C 576 1.30 -74.36 -3.27
N LEU C 577 1.63 -74.93 -2.12
CA LEU C 577 1.20 -76.30 -1.76
C LEU C 577 -0.30 -76.38 -1.36
N ALA C 578 -1.01 -75.27 -1.49
CA ALA C 578 -2.44 -75.18 -1.22
C ALA C 578 -3.11 -74.63 -2.50
N GLY C 579 -2.91 -75.35 -3.61
CA GLY C 579 -3.29 -74.93 -4.96
C GLY C 579 -4.76 -74.74 -5.24
N ASN C 580 -5.62 -75.26 -4.39
CA ASN C 580 -7.05 -75.10 -4.60
C ASN C 580 -7.63 -74.04 -3.66
N ASP C 581 -6.75 -73.31 -2.99
CA ASP C 581 -7.14 -72.26 -2.05
C ASP C 581 -7.50 -70.96 -2.78
N ASN C 582 -8.76 -70.58 -2.70
CA ASN C 582 -9.26 -69.41 -3.40
C ASN C 582 -8.55 -68.11 -3.03
N GLU C 583 -7.95 -68.04 -1.85
CA GLU C 583 -7.26 -66.83 -1.43
C GLU C 583 -5.75 -66.97 -1.51
N TRP C 584 -5.22 -68.13 -1.15
CA TRP C 584 -3.78 -68.33 -1.07
C TRP C 584 -3.06 -69.23 -2.10
N ARG C 585 -3.72 -69.70 -3.16
CA ARG C 585 -3.04 -70.56 -4.15
C ARG C 585 -1.83 -69.96 -4.89
N TYR C 586 -1.73 -68.63 -5.03
CA TYR C 586 -0.58 -68.08 -5.77
C TYR C 586 0.54 -67.61 -4.86
N ILE C 587 1.78 -67.86 -5.28
CA ILE C 587 2.94 -67.50 -4.48
C ILE C 587 3.03 -66.00 -4.26
N SER C 588 2.81 -65.21 -5.31
CA SER C 588 2.88 -63.75 -5.24
C SER C 588 1.86 -63.10 -4.32
N VAL C 589 0.77 -63.79 -4.01
CA VAL C 589 -0.19 -63.19 -3.13
C VAL C 589 0.31 -63.41 -1.72
N ARG C 590 0.70 -64.65 -1.43
CA ARG C 590 1.22 -64.95 -0.10
C ARG C 590 2.44 -64.09 0.23
N ARG C 591 3.40 -63.97 -0.71
CA ARG C 591 4.59 -63.18 -0.45
C ARG C 591 4.29 -61.69 -0.31
N PHE C 592 3.38 -61.12 -1.12
CA PHE C 592 3.02 -59.72 -0.98
C PHE C 592 2.49 -59.44 0.41
N PHE C 593 1.56 -60.28 0.89
CA PHE C 593 1.04 -60.07 2.22
C PHE C 593 2.11 -60.17 3.28
N ASN C 594 3.02 -61.16 3.20
CA ASN C 594 4.04 -61.23 4.24
C ASN C 594 4.87 -59.95 4.29
N MET C 595 5.20 -59.40 3.10
CA MET C 595 5.97 -58.17 3.03
C MET C 595 5.24 -57.01 3.66
N ALA C 596 3.98 -56.80 3.29
CA ALA C 596 3.23 -55.68 3.81
C ALA C 596 3.06 -55.78 5.32
N GLU C 597 2.81 -56.99 5.82
CA GLU C 597 2.60 -57.16 7.26
C GLU C 597 3.87 -56.86 8.05
N GLU C 598 5.03 -57.30 7.56
CA GLU C 598 6.27 -57.05 8.26
C GLU C 598 6.59 -55.55 8.31
N SER C 599 6.43 -54.86 7.17
CA SER C 599 6.73 -53.44 7.13
C SER C 599 5.83 -52.63 8.05
N ILE C 600 4.54 -52.97 8.09
CA ILE C 600 3.66 -52.25 8.96
C ILE C 600 4.00 -52.50 10.41
N LYS C 601 4.22 -53.75 10.85
CA LYS C 601 4.48 -53.83 12.29
C LYS C 601 5.75 -53.09 12.68
N LYS C 602 6.78 -53.02 11.84
CA LYS C 602 7.97 -52.28 12.24
C LYS C 602 7.60 -50.82 12.50
N ALA C 603 6.77 -50.26 11.62
CA ALA C 603 6.28 -48.91 11.76
C ALA C 603 5.42 -48.67 13.02
N THR C 604 4.63 -49.69 13.45
CA THR C 604 3.76 -49.51 14.62
C THR C 604 4.47 -49.67 15.96
N GLU C 605 5.67 -50.26 15.99
CA GLU C 605 6.38 -50.46 17.25
C GLU C 605 6.67 -49.14 18.01
N GLN C 606 6.83 -48.03 17.32
CA GLN C 606 7.07 -46.74 17.95
C GLN C 606 5.93 -46.30 18.90
N PHE C 607 4.75 -46.92 18.81
CA PHE C 607 3.61 -46.55 19.65
C PHE C 607 3.33 -47.53 20.79
N VAL C 608 4.20 -48.49 21.05
CA VAL C 608 3.89 -49.52 22.06
C VAL C 608 3.58 -49.05 23.46
N PHE C 609 4.29 -48.06 23.98
CA PHE C 609 3.99 -47.65 25.36
C PHE C 609 3.22 -46.34 25.46
N GLU C 610 2.52 -45.95 24.38
CA GLU C 610 1.74 -44.73 24.38
C GLU C 610 0.38 -44.96 25.08
N PRO C 611 -0.28 -43.91 25.60
CA PRO C 611 -1.63 -43.96 26.18
C PRO C 611 -2.66 -44.54 25.22
N ASN C 612 -3.58 -45.35 25.73
CA ASN C 612 -4.55 -45.94 24.84
C ASN C 612 -5.79 -45.05 24.81
N ASP C 613 -5.78 -44.12 23.86
CA ASP C 613 -6.84 -43.13 23.71
C ASP C 613 -6.92 -42.61 22.28
N GLY C 614 -7.89 -41.73 22.03
CA GLY C 614 -8.17 -41.17 20.72
C GLY C 614 -7.01 -40.50 20.02
N ASN C 615 -6.12 -39.86 20.77
CA ASN C 615 -5.00 -39.21 20.12
C ASN C 615 -4.05 -40.22 19.46
N THR C 616 -3.91 -41.40 20.06
CA THR C 616 -3.02 -42.42 19.58
C THR C 616 -3.69 -43.11 18.42
N TRP C 617 -4.98 -43.39 18.56
CA TRP C 617 -5.70 -44.11 17.53
C TRP C 617 -5.61 -43.36 16.21
N VAL C 618 -5.75 -42.03 16.25
CA VAL C 618 -5.62 -41.23 15.05
C VAL C 618 -4.21 -41.29 14.46
N ARG C 619 -3.17 -41.15 15.30
CA ARG C 619 -1.77 -41.19 14.78
C ARG C 619 -1.48 -42.54 14.12
N VAL C 620 -1.93 -43.65 14.71
CA VAL C 620 -1.64 -44.97 14.17
C VAL C 620 -2.34 -45.15 12.83
N ARG C 621 -3.61 -44.78 12.77
CA ARG C 621 -4.35 -44.89 11.53
C ARG C 621 -3.71 -44.11 10.40
N ALA C 622 -3.37 -42.86 10.66
CA ALA C 622 -2.79 -42.03 9.60
C ALA C 622 -1.50 -42.63 9.06
N MET C 623 -0.66 -43.16 9.94
CA MET C 623 0.60 -43.76 9.53
C MET C 623 0.39 -44.96 8.60
N ILE C 624 -0.55 -45.83 8.95
CA ILE C 624 -0.82 -47.02 8.14
C ILE C 624 -1.37 -46.63 6.77
N GLU C 625 -2.32 -45.69 6.74
CA GLU C 625 -2.86 -45.28 5.46
C GLU C 625 -1.79 -44.69 4.54
N ASN C 626 -0.84 -43.91 5.08
CA ASN C 626 0.19 -43.35 4.21
C ASN C 626 1.03 -44.45 3.54
N PHE C 627 1.36 -45.49 4.29
CA PHE C 627 2.10 -46.62 3.75
C PHE C 627 1.34 -47.24 2.57
N LEU C 628 0.06 -47.53 2.80
CA LEU C 628 -0.76 -48.17 1.78
C LEU C 628 -0.96 -47.30 0.54
N ILE C 629 -1.04 -45.98 0.70
CA ILE C 629 -1.16 -45.09 -0.45
C ILE C 629 0.05 -45.23 -1.35
N LEU C 630 1.25 -45.26 -0.76
CA LEU C 630 2.45 -45.44 -1.57
C LEU C 630 2.47 -46.78 -2.30
N GLN C 631 1.97 -47.86 -1.65
CA GLN C 631 1.94 -49.17 -2.33
C GLN C 631 0.98 -49.12 -3.52
N TRP C 632 -0.13 -48.40 -3.35
CA TRP C 632 -1.07 -48.19 -4.43
C TRP C 632 -0.45 -47.38 -5.57
N ARG C 633 0.22 -46.29 -5.25
CA ARG C 633 0.83 -45.43 -6.26
C ARG C 633 1.82 -46.20 -7.12
N ALA C 634 2.54 -47.15 -6.51
CA ALA C 634 3.54 -47.97 -7.20
C ALA C 634 2.94 -49.14 -8.01
N GLY C 635 1.62 -49.31 -7.97
CA GLY C 635 0.94 -50.37 -8.70
C GLY C 635 0.81 -51.72 -8.02
N ALA C 636 1.02 -51.81 -6.70
CA ALA C 636 0.90 -53.10 -6.02
C ALA C 636 -0.55 -53.49 -5.76
N LEU C 637 -1.40 -52.50 -5.52
CA LEU C 637 -2.81 -52.72 -5.18
C LEU C 637 -3.74 -52.37 -6.32
N ALA C 638 -4.88 -53.05 -6.36
CA ALA C 638 -5.93 -52.80 -7.35
C ALA C 638 -6.74 -51.57 -6.98
N GLY C 639 -7.42 -50.96 -7.95
CA GLY C 639 -8.32 -49.83 -7.68
C GLY C 639 -7.95 -48.50 -8.38
N ALA C 640 -8.97 -47.83 -8.93
CA ALA C 640 -8.81 -46.54 -9.63
C ALA C 640 -8.27 -45.42 -8.73
N LYS C 641 -8.65 -45.44 -7.47
CA LYS C 641 -8.27 -44.47 -6.45
C LYS C 641 -8.01 -45.26 -5.17
N PRO C 642 -7.22 -44.77 -4.19
CA PRO C 642 -6.93 -45.45 -2.93
C PRO C 642 -8.19 -45.96 -2.21
N GLU C 643 -9.30 -45.23 -2.34
CA GLU C 643 -10.58 -45.59 -1.75
C GLU C 643 -11.12 -46.97 -2.16
N HIS C 644 -10.60 -47.49 -3.27
CA HIS C 644 -11.01 -48.78 -3.80
C HIS C 644 -9.94 -49.85 -3.58
N ALA C 645 -8.80 -49.44 -3.03
CA ALA C 645 -7.66 -50.33 -2.85
C ALA C 645 -7.59 -50.87 -1.44
N PHE C 646 -7.91 -50.06 -0.46
CA PHE C 646 -7.79 -50.49 0.93
C PHE C 646 -8.65 -49.72 1.92
N TYR C 647 -8.76 -50.28 3.13
CA TYR C 647 -9.35 -49.54 4.23
C TYR C 647 -8.61 -49.84 5.54
N VAL C 648 -8.67 -48.89 6.48
CA VAL C 648 -8.13 -49.03 7.83
C VAL C 648 -9.16 -48.54 8.85
N LYS C 649 -9.48 -49.35 9.87
CA LYS C 649 -10.46 -48.96 10.91
C LYS C 649 -9.94 -49.17 12.33
N VAL C 650 -10.22 -48.21 13.20
CA VAL C 650 -9.90 -48.31 14.61
C VAL C 650 -10.79 -47.41 15.44
N GLY C 651 -11.26 -47.90 16.58
CA GLY C 651 -12.04 -47.04 17.45
C GLY C 651 -12.90 -47.79 18.46
N LEU C 652 -13.32 -47.06 19.48
CA LEU C 652 -14.15 -47.66 20.51
C LEU C 652 -15.53 -47.78 19.90
N GLY C 653 -16.09 -48.98 19.95
CA GLY C 653 -17.38 -49.25 19.34
C GLY C 653 -17.25 -49.77 17.92
N GLN C 654 -16.05 -49.71 17.33
CA GLN C 654 -15.83 -50.21 15.99
C GLN C 654 -14.98 -51.46 16.02
N THR C 655 -13.83 -51.36 16.70
CA THR C 655 -12.91 -52.48 16.78
C THR C 655 -12.62 -52.88 18.23
N MET C 656 -12.88 -51.97 19.18
CA MET C 656 -12.58 -52.18 20.60
C MET C 656 -13.79 -52.02 21.51
N THR C 657 -13.76 -52.71 22.63
CA THR C 657 -14.78 -52.49 23.65
C THR C 657 -14.20 -51.99 24.95
N ALA C 658 -15.06 -51.75 25.94
CA ALA C 658 -14.61 -51.21 27.22
C ALA C 658 -13.58 -52.09 27.91
N GLN C 659 -13.77 -53.40 27.76
CA GLN C 659 -12.90 -54.41 28.33
C GLN C 659 -11.49 -54.35 27.73
N ASP C 660 -11.36 -53.92 26.47
CA ASP C 660 -10.07 -53.88 25.84
C ASP C 660 -9.35 -52.67 26.32
N ILE C 661 -10.11 -51.61 26.58
CA ILE C 661 -9.44 -50.43 27.05
C ILE C 661 -8.86 -50.75 28.43
N LEU C 662 -9.65 -51.41 29.28
CA LEU C 662 -9.21 -51.75 30.63
C LEU C 662 -7.99 -52.67 30.65
N GLU C 663 -7.92 -53.62 29.73
CA GLU C 663 -6.78 -54.54 29.67
C GLU C 663 -5.58 -54.01 28.88
N GLY C 664 -5.66 -52.79 28.33
CA GLY C 664 -4.57 -52.25 27.53
C GLY C 664 -4.47 -52.74 26.08
N ASN C 665 -5.55 -53.24 25.47
CA ASN C 665 -5.47 -53.72 24.10
C ASN C 665 -5.85 -52.63 23.10
N MET C 666 -5.31 -52.72 21.88
CA MET C 666 -5.68 -51.84 20.79
C MET C 666 -5.89 -52.66 19.53
N ASN C 667 -7.06 -52.53 18.92
CA ASN C 667 -7.43 -53.33 17.75
C ASN C 667 -7.54 -52.56 16.44
N VAL C 668 -6.73 -52.91 15.46
CA VAL C 668 -6.78 -52.20 14.18
C VAL C 668 -7.13 -53.19 13.05
N GLU C 669 -8.15 -52.85 12.26
CA GLU C 669 -8.55 -53.72 11.14
C GLU C 669 -8.15 -53.13 9.78
N ILE C 670 -7.54 -53.97 8.94
CA ILE C 670 -7.04 -53.54 7.63
C ILE C 670 -7.49 -54.49 6.50
N GLY C 671 -7.94 -53.93 5.37
CA GLY C 671 -8.30 -54.77 4.22
C GLY C 671 -7.59 -54.30 2.95
N LEU C 672 -7.20 -55.26 2.07
CA LEU C 672 -6.46 -54.95 0.82
C LEU C 672 -7.01 -55.60 -0.46
N ALA C 673 -7.05 -54.84 -1.57
CA ALA C 673 -7.41 -55.38 -2.89
C ALA C 673 -6.18 -55.81 -3.69
N VAL C 674 -5.99 -57.11 -3.87
CA VAL C 674 -4.79 -57.66 -4.52
C VAL C 674 -5.10 -58.36 -5.85
N VAL C 675 -4.29 -58.03 -6.86
CA VAL C 675 -4.36 -58.53 -8.24
C VAL C 675 -3.78 -59.94 -8.45
N ARG C 676 -4.53 -60.79 -9.15
CA ARG C 676 -4.11 -62.17 -9.45
C ARG C 676 -3.85 -62.35 -10.97
N PRO C 677 -2.85 -63.18 -11.37
CA PRO C 677 -2.42 -63.46 -12.73
C PRO C 677 -3.33 -64.36 -13.56
N ALA C 678 -3.25 -64.22 -14.88
CA ALA C 678 -3.89 -65.14 -15.81
C ALA C 678 -2.94 -66.28 -16.14
N GLU C 679 -3.45 -67.50 -16.31
CA GLU C 679 -2.60 -68.62 -16.70
C GLU C 679 -2.81 -69.18 -18.11
N PHE C 680 -3.97 -68.94 -18.72
CA PHE C 680 -4.21 -69.63 -19.98
C PHE C 680 -4.58 -68.69 -21.12
N ILE C 681 -3.98 -68.93 -22.28
CA ILE C 681 -4.26 -68.18 -23.49
C ILE C 681 -4.71 -69.12 -24.58
N ILE C 682 -5.88 -68.86 -25.14
CA ILE C 682 -6.44 -69.72 -26.17
C ILE C 682 -6.55 -69.01 -27.50
N LEU C 683 -5.93 -69.59 -28.53
CA LEU C 683 -5.99 -69.01 -29.85
C LEU C 683 -6.95 -69.82 -30.69
N LYS C 684 -7.64 -69.15 -31.60
CA LYS C 684 -8.57 -69.82 -32.49
C LYS C 684 -8.30 -69.37 -33.91
N PHE C 685 -8.34 -70.30 -34.85
CA PHE C 685 -8.06 -69.99 -36.24
C PHE C 685 -9.18 -70.39 -37.15
N SER C 686 -9.32 -69.69 -38.27
CA SER C 686 -10.33 -69.96 -39.27
C SER C 686 -9.92 -69.42 -40.62
N HIS C 687 -10.68 -69.78 -41.64
CA HIS C 687 -10.47 -69.29 -42.99
C HIS C 687 -11.33 -68.06 -43.23
N LYS C 688 -10.69 -66.94 -43.44
CA LYS C 688 -11.39 -65.68 -43.64
C LYS C 688 -12.32 -65.75 -44.85
N MET C 689 -13.55 -65.30 -44.66
CA MET C 689 -14.53 -65.27 -45.73
C MET C 689 -15.47 -64.09 -45.60
N GLN C 690 -16.11 -63.74 -46.70
CA GLN C 690 -17.10 -62.67 -46.69
C GLN C 690 -18.17 -62.91 -45.64
N THR D 3 78.06 -0.47 -12.92
CA THR D 3 77.94 0.95 -13.15
C THR D 3 78.03 1.31 -14.63
N TYR D 4 77.01 1.99 -15.11
CA TYR D 4 76.97 2.43 -16.49
C TYR D 4 76.77 3.93 -16.46
N LYS D 5 77.33 4.62 -17.44
CA LYS D 5 77.19 6.07 -17.47
C LYS D 5 76.39 6.62 -18.64
N THR D 6 76.32 5.88 -19.73
CA THR D 6 75.62 6.37 -20.92
C THR D 6 74.31 5.62 -21.05
N PRO D 7 73.15 6.28 -21.22
CA PRO D 7 71.86 5.65 -21.44
C PRO D 7 71.94 4.79 -22.68
N GLY D 8 71.30 3.64 -22.68
CA GLY D 8 71.37 2.80 -23.87
C GLY D 8 71.38 1.32 -23.57
N VAL D 9 71.66 0.54 -24.61
CA VAL D 9 71.68 -0.90 -24.54
C VAL D 9 73.09 -1.44 -24.57
N TYR D 10 73.43 -2.27 -23.59
CA TYR D 10 74.74 -2.86 -23.48
C TYR D 10 74.70 -4.34 -23.82
N ILE D 11 75.78 -4.84 -24.43
CA ILE D 11 75.85 -6.25 -24.81
C ILE D 11 77.00 -7.01 -24.16
N GLU D 12 76.67 -8.16 -23.57
CA GLU D 12 77.63 -9.05 -22.92
C GLU D 12 77.46 -10.48 -23.39
N GLU D 13 78.52 -11.27 -23.33
CA GLU D 13 78.46 -12.70 -23.70
C GLU D 13 78.92 -13.59 -22.56
N ILE D 14 78.00 -14.42 -22.06
CA ILE D 14 78.25 -15.29 -20.92
C ILE D 14 77.81 -16.73 -21.16
N THR D 15 78.26 -17.64 -20.30
CA THR D 15 77.80 -19.04 -20.31
C THR D 15 77.25 -19.44 -18.94
N LYS D 16 76.02 -19.96 -18.89
CA LYS D 16 75.41 -20.39 -17.62
C LYS D 16 74.13 -21.19 -17.83
N PHE D 17 73.65 -21.85 -16.78
CA PHE D 17 72.33 -22.45 -16.79
C PHE D 17 71.33 -21.32 -16.53
N PRO D 18 70.12 -21.38 -17.09
CA PRO D 18 69.07 -20.42 -16.84
C PRO D 18 68.61 -20.51 -15.38
N PRO D 19 68.13 -19.41 -14.77
CA PRO D 19 67.61 -19.30 -13.41
C PRO D 19 66.23 -19.92 -13.20
N SER D 20 65.88 -20.16 -11.94
CA SER D 20 64.55 -20.65 -11.56
C SER D 20 64.16 -20.23 -10.14
N VAL D 21 62.90 -19.81 -9.98
CA VAL D 21 62.32 -19.37 -8.71
C VAL D 21 60.94 -19.99 -8.48
N ALA D 22 60.45 -19.93 -7.24
CA ALA D 22 59.11 -20.43 -6.91
C ALA D 22 58.54 -19.74 -5.68
N GLN D 23 57.22 -19.76 -5.55
CA GLN D 23 56.51 -19.22 -4.39
C GLN D 23 56.03 -20.38 -3.52
N VAL D 24 56.59 -20.47 -2.32
CA VAL D 24 56.31 -21.56 -1.41
C VAL D 24 55.93 -21.05 -0.02
N GLU D 25 54.81 -21.54 0.51
CA GLU D 25 54.37 -21.12 1.84
C GLU D 25 54.57 -22.15 2.96
N THR D 26 54.49 -23.45 2.66
CA THR D 26 54.50 -24.48 3.69
C THR D 26 55.75 -25.36 3.80
N ALA D 27 56.77 -25.07 3.03
CA ALA D 27 57.95 -25.92 3.03
C ALA D 27 59.24 -25.13 3.03
N ILE D 28 59.48 -24.37 4.10
CA ILE D 28 60.68 -23.53 4.19
C ILE D 28 61.83 -24.22 4.98
N PRO D 29 62.91 -24.64 4.33
CA PRO D 29 64.06 -25.27 4.94
C PRO D 29 65.05 -24.31 5.53
N ALA D 30 65.85 -24.79 6.46
CA ALA D 30 67.07 -24.11 6.84
C ALA D 30 68.27 -24.97 6.43
N PHE D 31 69.32 -24.32 5.94
CA PHE D 31 70.55 -25.00 5.53
C PHE D 31 71.74 -24.54 6.37
N ILE D 32 72.36 -25.47 7.09
CA ILE D 32 73.50 -25.13 7.97
C ILE D 32 74.86 -25.63 7.42
N GLY D 33 75.81 -24.70 7.14
CA GLY D 33 77.12 -25.12 6.57
C GLY D 33 78.14 -23.99 6.25
N TYR D 34 79.17 -24.31 5.45
CA TYR D 34 80.26 -23.35 5.15
C TYR D 34 80.07 -22.55 3.85
N THR D 35 80.55 -21.30 3.82
CA THR D 35 80.46 -20.42 2.64
C THR D 35 81.83 -19.81 2.24
N GLN D 36 81.90 -19.03 1.15
CA GLN D 36 83.18 -18.36 0.83
C GLN D 36 83.42 -17.22 1.78
N PHE D 37 82.34 -16.52 2.06
CA PHE D 37 82.32 -15.35 2.91
C PHE D 37 80.94 -15.14 3.47
N ALA D 38 80.79 -14.22 4.41
CA ALA D 38 79.46 -13.95 4.93
C ALA D 38 79.34 -12.48 5.32
N ARG D 39 78.69 -11.69 4.47
CA ARG D 39 78.64 -10.24 4.70
C ARG D 39 77.27 -9.63 4.50
N THR D 40 77.04 -8.47 5.10
CA THR D 40 75.76 -7.76 4.87
C THR D 40 75.86 -6.69 3.80
N LYS D 41 77.05 -6.22 3.52
CA LYS D 41 77.27 -5.20 2.51
C LYS D 41 78.43 -5.65 1.64
N PRO D 42 78.48 -5.31 0.36
CA PRO D 42 79.54 -5.64 -0.60
C PRO D 42 80.91 -5.07 -0.26
N SER D 43 80.95 -4.06 0.61
CA SER D 43 82.19 -3.41 0.97
C SER D 43 82.36 -3.28 2.47
N VAL D 44 82.85 -4.36 3.06
CA VAL D 44 83.07 -4.49 4.49
C VAL D 44 84.47 -5.01 4.70
N ASP D 45 84.97 -4.90 5.92
CA ASP D 45 86.29 -5.44 6.25
C ASP D 45 86.26 -6.80 6.95
N SER D 46 85.10 -7.43 7.03
CA SER D 46 84.99 -8.73 7.69
C SER D 46 83.75 -9.51 7.33
N ASP D 47 83.60 -10.64 7.99
CA ASP D 47 82.45 -11.49 7.84
C ASP D 47 81.44 -11.11 8.94
N ASP D 48 80.29 -10.63 8.53
CA ASP D 48 79.28 -10.10 9.44
C ASP D 48 78.25 -11.15 9.86
N LEU D 49 78.02 -12.09 8.96
CA LEU D 49 76.94 -13.06 9.11
C LEU D 49 77.36 -14.47 9.49
N ILE D 50 78.52 -14.67 10.12
CA ILE D 50 78.93 -16.06 10.35
C ILE D 50 77.92 -16.88 11.14
N LEU D 51 77.33 -16.37 12.20
CA LEU D 51 76.32 -17.14 12.91
C LEU D 51 74.97 -16.43 12.93
N LYS D 52 74.64 -15.72 11.86
CA LYS D 52 73.37 -15.02 11.83
C LYS D 52 72.46 -15.58 10.75
N PRO D 53 71.28 -16.11 11.06
CA PRO D 53 70.35 -16.61 10.08
C PRO D 53 69.94 -15.51 9.14
N LYS D 54 69.81 -15.83 7.87
CA LYS D 54 69.33 -14.85 6.91
C LYS D 54 68.36 -15.50 5.95
N ARG D 55 67.34 -14.76 5.55
CA ARG D 55 66.40 -15.29 4.57
C ARG D 55 66.78 -14.87 3.15
N ILE D 56 66.83 -15.88 2.28
CA ILE D 56 67.19 -15.82 0.86
C ILE D 56 66.03 -16.17 -0.06
N SER D 57 65.76 -15.35 -1.09
CA SER D 57 64.64 -15.65 -1.99
C SER D 57 65.02 -16.48 -3.22
N SER D 58 66.27 -16.43 -3.62
CA SER D 58 66.75 -17.11 -4.83
C SER D 58 68.25 -17.32 -4.77
N LEU D 59 68.78 -18.08 -5.73
CA LEU D 59 70.21 -18.31 -5.77
C LEU D 59 71.04 -17.01 -5.92
N LEU D 60 70.50 -15.98 -6.61
CA LEU D 60 71.22 -14.73 -6.77
C LEU D 60 71.44 -14.03 -5.42
N ASP D 61 70.45 -14.12 -4.53
CA ASP D 61 70.58 -13.51 -3.22
C ASP D 61 71.62 -14.26 -2.45
N PHE D 62 71.64 -15.59 -2.59
CA PHE D 62 72.65 -16.34 -1.87
C PHE D 62 74.03 -15.87 -2.29
N THR D 63 74.27 -15.84 -3.59
CA THR D 63 75.59 -15.50 -4.12
C THR D 63 76.03 -14.13 -3.61
N THR D 64 75.12 -13.17 -3.64
CA THR D 64 75.37 -11.81 -3.18
C THR D 64 76.01 -11.71 -1.80
N TYR D 65 75.61 -12.56 -0.85
CA TYR D 65 76.12 -12.43 0.52
C TYR D 65 77.08 -13.54 0.93
N TYR D 66 77.04 -14.68 0.22
CA TYR D 66 77.84 -15.84 0.61
C TYR D 66 78.89 -16.36 -0.41
N GLY D 67 78.83 -15.92 -1.67
CA GLY D 67 79.75 -16.41 -2.69
C GLY D 67 79.37 -17.77 -3.32
N GLY D 68 80.31 -18.32 -4.10
CA GLY D 68 80.13 -19.58 -4.86
C GLY D 68 80.84 -20.79 -4.27
N ALA D 69 81.28 -21.70 -5.14
CA ALA D 69 81.97 -22.94 -4.78
C ALA D 69 83.48 -22.73 -4.66
N GLN D 70 84.17 -23.67 -4.01
CA GLN D 70 85.63 -23.68 -3.92
C GLN D 70 86.21 -24.35 -5.17
N ASN D 71 87.30 -23.83 -5.71
CA ASN D 71 87.96 -24.48 -6.86
C ASN D 71 88.51 -25.84 -6.49
N GLU D 72 88.39 -26.82 -7.38
CA GLU D 72 88.98 -28.13 -7.15
C GLU D 72 90.47 -28.05 -7.40
N GLN D 73 91.26 -28.80 -6.62
CA GLN D 73 92.71 -28.84 -6.81
C GLN D 73 93.25 -30.24 -7.07
N GLY D 74 92.37 -31.17 -7.45
CA GLY D 74 92.73 -32.57 -7.67
C GLY D 74 92.69 -33.04 -9.14
N ILE D 75 92.64 -32.12 -10.09
CA ILE D 75 92.54 -32.47 -11.51
C ILE D 75 93.93 -32.59 -12.13
N THR D 76 94.19 -33.70 -12.80
CA THR D 76 95.47 -33.93 -13.48
C THR D 76 95.18 -34.33 -14.92
N VAL D 77 96.17 -34.24 -15.80
CA VAL D 77 95.99 -34.65 -17.20
C VAL D 77 97.12 -35.54 -17.73
N LYS D 78 96.78 -36.60 -18.45
CA LYS D 78 97.80 -37.46 -19.06
C LYS D 78 97.61 -37.63 -20.59
N LEU D 79 98.63 -37.25 -21.36
CA LEU D 79 98.59 -37.32 -22.83
C LEU D 79 99.63 -38.31 -23.37
N THR D 80 99.19 -39.26 -24.20
CA THR D 80 100.17 -40.22 -24.77
C THR D 80 100.18 -40.30 -26.32
N ASP D 81 101.39 -40.15 -26.88
CA ASP D 81 101.67 -40.21 -28.33
C ASP D 81 102.24 -41.54 -28.84
N THR D 82 101.52 -42.22 -29.74
CA THR D 82 101.96 -43.51 -30.29
C THR D 82 101.82 -43.57 -31.82
N LEU D 83 102.37 -44.63 -32.43
CA LEU D 83 102.18 -44.80 -33.87
C LEU D 83 101.30 -45.98 -34.24
N ILE D 84 100.48 -45.78 -35.26
CA ILE D 84 99.65 -46.84 -35.84
C ILE D 84 100.04 -47.04 -37.28
N GLU D 85 100.74 -48.14 -37.56
CA GLU D 85 101.22 -48.45 -38.91
C GLU D 85 101.98 -47.25 -39.51
N GLY D 86 102.77 -46.58 -38.68
CA GLY D 86 103.58 -45.43 -39.07
C GLY D 86 102.87 -44.07 -38.93
N ALA D 87 101.56 -44.05 -38.70
CA ALA D 87 100.82 -42.80 -38.56
C ALA D 87 100.80 -42.30 -37.13
N GLU D 88 100.80 -40.99 -36.94
CA GLU D 88 100.69 -40.45 -35.59
C GLU D 88 99.29 -40.61 -35.04
N ASN D 89 99.19 -40.85 -33.74
CA ASN D 89 97.93 -40.93 -33.02
C ASN D 89 98.10 -40.57 -31.54
N ARG D 90 97.22 -39.71 -31.01
CA ARG D 90 97.38 -39.40 -29.58
C ARG D 90 96.08 -39.49 -28.82
N THR D 91 96.21 -39.88 -27.55
CA THR D 91 95.10 -39.97 -26.61
C THR D 91 95.25 -39.02 -25.43
N ILE D 92 94.18 -38.28 -25.15
CA ILE D 92 94.16 -37.38 -24.00
C ILE D 92 93.21 -37.92 -22.96
N ASN D 93 93.73 -38.18 -21.77
CA ASN D 93 92.97 -38.76 -20.69
C ASN D 93 92.93 -37.93 -19.42
N VAL D 94 91.73 -37.55 -19.02
CA VAL D 94 91.56 -36.80 -17.79
C VAL D 94 90.76 -37.67 -16.80
N PRO D 95 91.39 -38.31 -15.80
CA PRO D 95 90.81 -39.18 -14.78
C PRO D 95 89.90 -38.42 -13.85
N GLU D 96 88.95 -39.11 -13.24
CA GLU D 96 88.13 -38.49 -12.21
C GLU D 96 89.05 -38.20 -11.02
N PRO D 97 89.00 -37.02 -10.38
CA PRO D 97 89.79 -36.67 -9.21
C PRO D 97 89.55 -37.61 -8.06
N THR D 98 90.59 -37.87 -7.27
CA THR D 98 90.46 -38.74 -6.10
C THR D 98 90.41 -37.90 -4.83
N PHE D 99 90.72 -36.62 -4.97
CA PHE D 99 90.72 -35.65 -3.88
C PHE D 99 89.85 -34.50 -4.32
N LYS D 100 88.81 -34.24 -3.55
CA LYS D 100 87.82 -33.22 -3.89
C LYS D 100 87.58 -32.27 -2.73
N SER D 101 87.13 -31.06 -3.04
CA SER D 101 86.76 -30.10 -2.01
C SER D 101 85.62 -30.69 -1.18
N PRO D 102 85.61 -30.54 0.15
CA PRO D 102 84.57 -31.02 1.02
C PRO D 102 83.37 -30.09 1.17
N TYR D 103 83.33 -28.97 0.44
CA TYR D 103 82.28 -27.99 0.67
C TYR D 103 81.18 -28.03 -0.41
N LEU D 104 79.99 -28.51 -0.01
CA LEU D 104 78.87 -28.72 -0.95
C LEU D 104 77.66 -27.78 -0.91
N MET D 105 77.63 -26.74 -0.07
CA MET D 105 76.41 -25.93 0.01
C MET D 105 75.99 -25.27 -1.29
N PHE D 106 76.94 -24.77 -2.07
CA PHE D 106 76.58 -24.11 -3.31
C PHE D 106 75.85 -25.07 -4.26
N TYR D 107 76.42 -26.26 -4.46
CA TYR D 107 75.84 -27.26 -5.35
C TYR D 107 74.48 -27.71 -4.84
N SER D 108 74.37 -27.84 -3.53
CA SER D 108 73.14 -28.25 -2.89
C SER D 108 72.01 -27.28 -3.20
N LEU D 109 72.28 -25.97 -3.07
CA LEU D 109 71.28 -24.95 -3.39
C LEU D 109 70.90 -24.95 -4.86
N GLN D 110 71.85 -25.18 -5.76
CA GLN D 110 71.46 -25.23 -7.17
C GLN D 110 70.42 -26.34 -7.40
N MET D 111 70.62 -27.50 -6.77
CA MET D 111 69.66 -28.60 -6.92
C MET D 111 68.30 -28.27 -6.30
N TYR D 112 68.32 -27.61 -5.15
CA TYR D 112 67.11 -27.19 -4.44
C TYR D 112 66.23 -26.30 -5.31
N PHE D 113 66.83 -25.27 -5.92
CA PHE D 113 66.03 -24.38 -6.75
C PHE D 113 65.61 -25.08 -8.06
N ALA D 114 66.46 -25.95 -8.62
CA ALA D 114 66.14 -26.70 -9.85
C ALA D 114 64.89 -27.56 -9.69
N ASN D 115 64.67 -28.07 -8.48
CA ASN D 115 63.53 -28.91 -8.16
C ASN D 115 62.32 -28.17 -7.61
N GLY D 116 62.29 -26.83 -7.72
CA GLY D 116 61.09 -26.09 -7.32
C GLY D 116 61.07 -25.43 -5.95
N GLY D 117 62.19 -25.39 -5.24
CA GLY D 117 62.18 -24.76 -3.94
C GLY D 117 61.94 -23.25 -3.95
N GLY D 118 61.36 -22.76 -2.86
CA GLY D 118 61.10 -21.34 -2.67
C GLY D 118 62.12 -20.75 -1.71
N PRO D 119 61.78 -19.67 -0.97
CA PRO D 119 62.61 -18.97 -0.02
C PRO D 119 63.10 -19.90 1.08
N CYS D 120 64.30 -19.62 1.59
CA CYS D 120 64.89 -20.45 2.63
C CYS D 120 65.82 -19.70 3.58
N TYR D 121 66.20 -20.37 4.67
CA TYR D 121 67.15 -19.78 5.60
C TYR D 121 68.56 -20.34 5.50
N ILE D 122 69.52 -19.43 5.52
CA ILE D 122 70.92 -19.81 5.49
C ILE D 122 71.60 -19.48 6.80
N VAL D 123 72.29 -20.45 7.35
CA VAL D 123 73.08 -20.24 8.55
C VAL D 123 74.50 -20.67 8.22
N SER D 124 75.42 -19.72 8.32
CA SER D 124 76.80 -20.03 8.04
C SER D 124 77.37 -20.63 9.30
N THR D 125 78.42 -21.40 9.16
CA THR D 125 79.11 -21.94 10.31
C THR D 125 80.56 -21.52 10.31
N GLY D 126 80.95 -20.85 9.25
CA GLY D 126 82.32 -20.44 9.01
C GLY D 126 82.54 -20.31 7.52
N VAL D 127 83.78 -20.10 7.13
CA VAL D 127 84.10 -19.92 5.72
C VAL D 127 85.10 -20.98 5.27
N TYR D 128 85.21 -21.17 3.96
CA TYR D 128 86.07 -22.20 3.39
C TYR D 128 87.53 -22.07 3.79
N ASP D 129 88.16 -23.17 4.19
CA ASP D 129 89.57 -23.14 4.51
C ASP D 129 90.38 -23.46 3.26
N ASP D 130 91.70 -23.45 3.37
CA ASP D 130 92.51 -23.76 2.17
C ASP D 130 93.03 -25.21 2.17
N TRP D 131 93.75 -25.56 1.12
CA TRP D 131 94.35 -26.89 0.97
C TRP D 131 95.76 -26.90 1.52
N SER D 132 96.20 -28.04 2.02
CA SER D 132 97.58 -28.11 2.51
C SER D 132 98.51 -28.54 1.37
N ASP D 133 97.96 -29.38 0.50
CA ASP D 133 98.67 -29.91 -0.66
C ASP D 133 97.64 -30.37 -1.67
N SER D 134 98.06 -30.83 -2.85
CA SER D 134 97.10 -31.31 -3.85
C SER D 134 96.39 -32.58 -3.44
N GLU D 135 97.00 -33.30 -2.51
CA GLU D 135 96.46 -34.54 -1.96
C GLU D 135 95.94 -34.36 -0.54
N THR D 136 95.94 -33.12 -0.04
CA THR D 136 95.47 -32.89 1.31
C THR D 136 94.44 -31.74 1.38
N PRO D 137 93.13 -32.06 1.34
CA PRO D 137 91.99 -31.15 1.34
C PRO D 137 91.70 -30.64 2.75
N PRO D 138 90.88 -29.58 2.88
CA PRO D 138 90.29 -29.02 4.09
C PRO D 138 89.44 -30.06 4.81
N THR D 139 89.16 -29.81 6.09
CA THR D 139 88.30 -30.69 6.86
C THR D 139 87.06 -29.95 7.37
N ILE D 140 86.06 -30.73 7.80
CA ILE D 140 84.81 -30.22 8.36
C ILE D 140 84.84 -30.37 9.86
N ASN D 141 84.61 -29.27 10.58
CA ASN D 141 84.68 -29.29 12.03
C ASN D 141 83.32 -29.50 12.68
N PHE D 142 83.14 -30.65 13.28
CA PHE D 142 81.88 -31.01 13.90
C PHE D 142 81.30 -29.91 14.81
N SER D 143 82.16 -29.26 15.61
CA SER D 143 81.71 -28.25 16.56
C SER D 143 81.06 -27.04 15.90
N ASP D 144 81.36 -26.82 14.62
CA ASP D 144 80.82 -25.68 13.91
C ASP D 144 79.38 -25.98 13.50
N LEU D 145 79.06 -27.26 13.27
CA LEU D 145 77.72 -27.60 12.83
C LEU D 145 76.82 -27.59 14.05
N GLU D 146 77.35 -28.01 15.21
CA GLU D 146 76.53 -27.97 16.42
C GLU D 146 76.18 -26.52 16.78
N SER D 147 77.13 -25.61 16.57
CA SER D 147 76.89 -24.21 16.83
C SER D 147 75.75 -23.72 15.94
N GLY D 148 75.80 -24.01 14.64
CA GLY D 148 74.74 -23.58 13.73
C GLY D 148 73.36 -24.14 14.14
N LEU D 149 73.31 -25.38 14.62
CA LEU D 149 72.04 -25.98 15.04
C LEU D 149 71.49 -25.22 16.27
N ALA D 150 72.37 -24.89 17.22
CA ALA D 150 71.97 -24.14 18.41
C ALA D 150 71.39 -22.77 18.05
N VAL D 151 71.91 -22.16 16.99
CA VAL D 151 71.43 -20.88 16.49
C VAL D 151 70.04 -20.99 15.85
N ILE D 152 69.85 -21.96 14.93
CA ILE D 152 68.56 -22.05 14.23
C ILE D 152 67.44 -22.37 15.21
N ARG D 153 67.76 -23.00 16.33
CA ARG D 153 66.77 -23.32 17.34
C ARG D 153 65.97 -22.09 17.80
N LYS D 154 66.51 -20.89 17.69
CA LYS D 154 65.79 -19.70 18.14
C LYS D 154 64.90 -19.06 17.08
N GLU D 155 64.88 -19.59 15.85
CA GLU D 155 64.04 -19.05 14.78
C GLU D 155 62.71 -19.79 14.73
N ASP D 156 61.63 -19.07 14.42
CA ASP D 156 60.30 -19.71 14.32
C ASP D 156 59.86 -20.17 12.94
N GLU D 157 60.29 -19.51 11.89
CA GLU D 157 59.82 -19.83 10.54
C GLU D 157 60.19 -21.18 9.87
N PRO D 158 61.41 -21.72 10.01
CA PRO D 158 61.84 -22.95 9.34
C PRO D 158 60.99 -24.17 9.72
N THR D 159 60.76 -25.06 8.75
CA THR D 159 60.01 -26.30 8.97
C THR D 159 60.88 -27.54 8.71
N LEU D 160 61.92 -27.40 7.89
CA LEU D 160 62.82 -28.53 7.57
C LEU D 160 64.26 -28.23 7.95
N LEU D 161 64.96 -29.24 8.46
CA LEU D 161 66.38 -29.07 8.81
C LEU D 161 67.34 -29.89 7.94
N LEU D 162 68.28 -29.20 7.24
CA LEU D 162 69.26 -29.87 6.38
C LEU D 162 70.73 -29.49 6.68
N PHE D 163 71.64 -30.45 6.52
CA PHE D 163 73.09 -30.22 6.66
C PHE D 163 73.90 -30.66 5.42
N PRO D 164 74.14 -29.76 4.44
CA PRO D 164 74.83 -30.04 3.18
C PRO D 164 76.25 -30.61 3.30
N ASP D 165 76.96 -30.39 4.43
CA ASP D 165 78.32 -30.91 4.52
C ASP D 165 78.47 -31.89 5.70
N ALA D 166 77.44 -32.68 5.99
CA ALA D 166 77.55 -33.66 7.08
C ALA D 166 78.26 -34.95 6.69
N THR D 167 78.16 -35.35 5.43
CA THR D 167 78.73 -36.63 5.02
C THR D 167 80.24 -36.55 4.91
N ASN D 168 80.79 -35.34 5.01
CA ASN D 168 82.22 -35.15 4.96
C ASN D 168 82.86 -35.04 6.35
N LEU D 169 82.09 -35.29 7.41
CA LEU D 169 82.65 -35.32 8.75
C LEU D 169 83.64 -36.48 8.84
N PRO D 170 84.78 -36.33 9.54
CA PRO D 170 85.82 -37.34 9.73
C PRO D 170 85.36 -38.73 10.17
N THR D 171 84.31 -38.83 10.98
CA THR D 171 83.84 -40.14 11.42
C THR D 171 82.34 -40.29 11.26
N ASP D 172 81.89 -41.54 11.29
CA ASP D 172 80.47 -41.83 11.20
C ASP D 172 79.83 -41.52 12.54
N ASP D 173 80.60 -41.69 13.60
CA ASP D 173 80.07 -41.38 14.92
C ASP D 173 79.65 -39.92 15.03
N GLU D 174 80.46 -38.99 14.49
CA GLU D 174 80.08 -37.58 14.51
C GLU D 174 78.83 -37.35 13.68
N PHE D 175 78.75 -38.01 12.52
CA PHE D 175 77.60 -37.90 11.64
C PHE D 175 76.31 -38.30 12.37
N TYR D 176 76.31 -39.47 13.02
CA TYR D 176 75.12 -39.94 13.71
C TYR D 176 74.75 -39.05 14.88
N SER D 177 75.75 -38.56 15.60
CA SER D 177 75.51 -37.67 16.73
C SER D 177 74.77 -36.41 16.28
N LEU D 178 75.20 -35.82 15.16
CA LEU D 178 74.58 -34.62 14.65
C LEU D 178 73.08 -34.86 14.35
N TYR D 179 72.77 -36.00 13.72
CA TYR D 179 71.36 -36.29 13.40
C TYR D 179 70.53 -36.62 14.62
N ASN D 180 71.10 -37.27 15.63
CA ASN D 180 70.32 -37.52 16.84
C ASN D 180 69.92 -36.18 17.47
N SER D 181 70.83 -35.20 17.46
CA SER D 181 70.50 -33.89 18.01
C SER D 181 69.39 -33.21 17.23
N ALA D 182 69.43 -33.29 15.89
CA ALA D 182 68.38 -32.69 15.09
C ALA D 182 67.00 -33.30 15.40
N LEU D 183 66.92 -34.62 15.56
CA LEU D 183 65.64 -35.26 15.89
C LEU D 183 65.15 -34.83 17.27
N MET D 184 66.06 -34.68 18.23
CA MET D 184 65.66 -34.23 19.55
C MET D 184 65.12 -32.80 19.51
N GLN D 185 65.71 -31.92 18.68
CA GLN D 185 65.19 -30.57 18.56
C GLN D 185 63.75 -30.58 18.05
N CYS D 186 63.46 -31.44 17.06
CA CYS D 186 62.11 -31.53 16.52
C CYS D 186 61.13 -31.99 17.59
N ASN D 187 61.51 -32.97 18.40
CA ASN D 187 60.62 -33.40 19.46
C ASN D 187 60.32 -32.26 20.45
N ASP D 188 61.34 -31.50 20.85
CA ASP D 188 61.09 -30.42 21.80
C ASP D 188 60.24 -29.28 21.25
N LEU D 189 60.41 -28.91 19.97
CA LEU D 189 59.66 -27.79 19.42
C LEU D 189 58.27 -28.18 18.85
N GLN D 190 58.12 -29.43 18.40
CA GLN D 190 56.88 -29.99 17.81
C GLN D 190 56.40 -29.34 16.51
N ASP D 191 57.30 -28.75 15.73
CA ASP D 191 56.95 -28.14 14.47
C ASP D 191 57.95 -28.36 13.32
N ARG D 192 58.85 -29.34 13.43
CA ARG D 192 59.86 -29.57 12.41
C ARG D 192 60.00 -31.01 12.01
N PHE D 193 60.58 -31.23 10.83
CA PHE D 193 60.83 -32.56 10.29
C PHE D 193 62.24 -32.59 9.70
N THR D 194 62.94 -33.72 9.83
CA THR D 194 64.29 -33.81 9.26
C THR D 194 64.39 -34.80 8.11
N ILE D 195 65.29 -34.51 7.18
CA ILE D 195 65.58 -35.38 6.04
C ILE D 195 66.99 -35.96 6.21
N LEU D 196 67.10 -37.30 6.23
CA LEU D 196 68.37 -37.96 6.48
C LEU D 196 68.97 -38.73 5.30
N ASP D 197 70.30 -38.71 5.27
CA ASP D 197 71.14 -39.44 4.31
C ASP D 197 71.93 -40.52 5.01
N THR D 198 72.42 -41.49 4.27
CA THR D 198 73.38 -42.41 4.85
C THR D 198 74.72 -41.68 4.85
N TYR D 199 75.70 -42.23 5.56
CA TYR D 199 77.05 -41.68 5.62
C TYR D 199 77.72 -41.76 4.24
N SER D 200 77.48 -42.88 3.56
CA SER D 200 78.05 -43.21 2.26
C SER D 200 77.07 -44.08 1.49
N ASP D 201 77.14 -44.09 0.15
CA ASP D 201 76.30 -45.00 -0.60
C ASP D 201 76.97 -46.36 -0.88
N GLN D 202 78.22 -46.51 -0.41
CA GLN D 202 79.08 -47.68 -0.56
C GLN D 202 79.63 -48.16 0.77
N THR D 203 80.09 -49.41 0.82
CA THR D 203 80.67 -49.97 2.04
C THR D 203 81.75 -49.03 2.60
N TYR D 204 81.64 -48.73 3.87
CA TYR D 204 82.67 -47.82 4.40
C TYR D 204 83.51 -48.55 5.42
N ASN D 205 84.70 -48.00 5.56
CA ASN D 205 85.74 -48.56 6.43
C ASN D 205 85.77 -47.82 7.78
N ASP D 206 85.38 -48.52 8.85
CA ASP D 206 85.27 -47.96 10.20
C ASP D 206 86.64 -47.67 10.82
N GLY D 207 87.68 -48.21 10.19
CA GLY D 207 89.06 -48.19 10.65
C GLY D 207 89.39 -49.53 11.28
N VAL D 208 88.34 -50.30 11.57
CA VAL D 208 88.45 -51.63 12.15
C VAL D 208 87.60 -52.70 11.45
N GLU D 209 86.64 -52.29 10.61
CA GLU D 209 85.68 -53.21 9.99
C GLU D 209 85.04 -52.60 8.73
N ASP D 210 84.54 -53.45 7.84
CA ASP D 210 83.83 -52.93 6.64
C ASP D 210 82.34 -52.89 7.01
N LEU D 211 81.68 -51.75 6.83
CA LEU D 211 80.26 -51.62 7.24
C LEU D 211 79.33 -51.27 6.08
N ASP D 212 78.22 -51.99 5.97
CA ASP D 212 77.12 -51.72 5.02
C ASP D 212 76.28 -50.51 5.48
N PRO D 213 76.14 -49.44 4.68
CA PRO D 213 75.40 -48.21 4.95
C PRO D 213 73.97 -48.33 5.49
N ILE D 214 73.21 -49.36 5.11
CA ILE D 214 71.85 -49.38 5.64
C ILE D 214 71.85 -49.83 7.12
N PRO D 215 72.41 -51.02 7.50
CA PRO D 215 72.63 -51.41 8.88
C PRO D 215 73.36 -50.35 9.68
N ALA D 216 74.29 -49.63 9.04
CA ALA D 216 75.04 -48.59 9.72
C ALA D 216 74.13 -47.52 10.28
N LEU D 217 73.23 -47.01 9.43
CA LEU D 217 72.32 -45.96 9.82
C LEU D 217 71.36 -46.47 10.87
N ARG D 218 70.89 -47.71 10.70
CA ARG D 218 69.97 -48.28 11.68
C ARG D 218 70.56 -48.42 13.07
N ASN D 219 71.83 -48.79 13.18
CA ASN D 219 72.47 -48.87 14.49
C ASN D 219 72.88 -47.48 15.00
N GLY D 220 73.26 -46.60 14.07
CA GLY D 220 73.71 -45.24 14.34
C GLY D 220 72.67 -44.38 15.05
N ILE D 221 71.45 -44.36 14.53
CA ILE D 221 70.38 -43.58 15.14
C ILE D 221 69.63 -44.47 16.11
N ASN D 222 69.78 -44.22 17.41
CA ASN D 222 69.23 -45.07 18.48
C ASN D 222 68.17 -44.44 19.37
N LEU D 223 67.45 -43.45 18.86
CA LEU D 223 66.39 -42.80 19.61
C LEU D 223 65.11 -43.60 19.50
N THR D 224 64.17 -43.40 20.42
CA THR D 224 62.89 -44.10 20.37
C THR D 224 61.81 -43.41 19.52
N LYS D 225 60.64 -44.03 19.53
CA LYS D 225 59.44 -43.69 18.74
C LYS D 225 59.10 -42.20 18.71
N ASP D 226 59.20 -41.54 19.86
CA ASP D 226 58.88 -40.13 20.03
C ASP D 226 59.72 -39.21 19.15
N TYR D 227 60.88 -39.69 18.72
CA TYR D 227 61.78 -38.92 17.92
C TYR D 227 61.76 -39.38 16.49
N LEU D 228 61.67 -40.69 16.30
CA LEU D 228 61.73 -41.30 14.98
C LEU D 228 60.59 -40.84 14.09
N LYS D 229 59.43 -40.58 14.70
CA LYS D 229 58.28 -40.09 13.96
C LYS D 229 58.53 -38.72 13.29
N TYR D 230 59.60 -37.99 13.65
CA TYR D 230 59.90 -36.69 13.10
C TYR D 230 60.91 -36.66 11.95
N GLY D 231 61.21 -37.81 11.36
CA GLY D 231 62.10 -37.76 10.22
C GLY D 231 62.00 -38.98 9.32
N ALA D 232 62.71 -38.89 8.19
CA ALA D 232 62.74 -39.93 7.16
C ALA D 232 64.10 -39.94 6.47
N ALA D 233 64.48 -41.09 5.91
CA ALA D 233 65.76 -41.24 5.23
C ALA D 233 65.60 -41.75 3.81
N TYR D 234 66.54 -41.35 2.95
CA TYR D 234 66.56 -41.76 1.54
C TYR D 234 67.91 -42.38 1.13
N TYR D 235 67.86 -43.31 0.18
CA TYR D 235 69.04 -44.01 -0.38
C TYR D 235 68.80 -44.43 -1.83
N PRO D 236 69.81 -44.42 -2.71
CA PRO D 236 71.21 -43.99 -2.69
C PRO D 236 71.41 -42.52 -3.02
N PHE D 237 72.69 -42.16 -3.21
CA PHE D 237 73.13 -40.85 -3.69
C PHE D 237 72.83 -40.73 -5.17
N VAL D 238 72.78 -39.51 -5.71
CA VAL D 238 72.48 -39.35 -7.14
C VAL D 238 73.52 -38.57 -7.95
N GLN D 239 73.57 -38.88 -9.25
CA GLN D 239 74.45 -38.19 -10.18
C GLN D 239 73.71 -37.09 -10.91
N THR D 240 74.19 -35.85 -10.71
CA THR D 240 73.67 -34.58 -11.27
C THR D 240 74.36 -34.22 -12.60
N ILE D 241 73.95 -33.10 -13.19
CA ILE D 241 74.45 -32.61 -14.47
C ILE D 241 75.28 -31.33 -14.30
N LEU D 242 75.63 -31.03 -13.07
CA LEU D 242 76.41 -29.86 -12.70
C LEU D 242 77.88 -30.15 -12.90
N ASN D 243 78.66 -29.13 -13.25
CA ASN D 243 80.11 -29.27 -13.43
C ASN D 243 80.89 -28.92 -12.19
N TYR D 244 82.22 -29.06 -12.28
CA TYR D 244 83.12 -28.70 -11.19
C TYR D 244 83.69 -27.33 -11.47
N GLN D 245 84.04 -26.61 -10.42
CA GLN D 245 84.68 -25.31 -10.58
C GLN D 245 86.19 -25.49 -10.49
N TYR D 246 86.94 -24.94 -11.44
CA TYR D 246 88.40 -25.10 -11.50
C TYR D 246 89.07 -23.99 -12.29
N SER D 247 90.41 -24.02 -12.30
CA SER D 247 91.23 -23.10 -13.08
C SER D 247 92.40 -23.84 -13.74
N ALA D 248 92.64 -23.50 -15.02
CA ALA D 248 93.70 -24.08 -15.86
C ALA D 248 95.09 -23.86 -15.26
N ASP D 249 95.23 -22.86 -14.40
CA ASP D 249 96.50 -22.53 -13.76
C ASP D 249 96.93 -23.61 -12.78
N GLU D 250 95.99 -24.42 -12.31
CA GLU D 250 96.28 -25.44 -11.33
C GLU D 250 96.44 -26.84 -11.94
N ILE D 251 96.36 -26.95 -13.26
CA ILE D 251 96.37 -28.27 -13.87
C ILE D 251 97.64 -28.58 -14.67
N VAL D 252 98.32 -29.65 -14.27
CA VAL D 252 99.60 -30.06 -14.87
C VAL D 252 99.45 -31.31 -15.75
N ILE D 253 100.12 -31.27 -16.89
CA ILE D 253 100.09 -32.30 -17.91
C ILE D 253 101.30 -33.24 -17.97
N GLN D 254 101.01 -34.53 -17.95
CA GLN D 254 102.02 -35.56 -18.16
C GLN D 254 102.01 -35.87 -19.66
N HIS D 255 103.17 -35.98 -20.29
CA HIS D 255 103.21 -36.26 -21.73
C HIS D 255 104.18 -37.37 -22.06
N LEU D 256 103.65 -38.50 -22.52
CA LEU D 256 104.48 -39.64 -22.83
C LEU D 256 104.51 -39.84 -24.33
N SER D 257 105.61 -40.35 -24.84
CA SER D 257 105.75 -40.54 -26.28
C SER D 257 106.62 -41.70 -26.73
N TYR D 258 106.22 -42.31 -27.85
CA TYR D 258 106.99 -43.34 -28.55
C TYR D 258 108.35 -42.78 -28.98
N ASN D 259 108.41 -41.46 -29.12
CA ASN D 259 109.57 -40.69 -29.50
C ASN D 259 109.67 -39.51 -28.53
N PRO D 260 110.41 -39.67 -27.42
CA PRO D 260 110.62 -38.71 -26.34
C PRO D 260 111.35 -37.47 -26.82
N ASN D 261 111.05 -36.32 -26.22
CA ASN D 261 111.79 -35.09 -26.50
C ASN D 261 111.57 -33.97 -25.47
N ALA D 262 111.32 -34.32 -24.21
CA ALA D 262 111.17 -33.30 -23.17
C ALA D 262 112.47 -32.56 -22.86
N ILE D 263 113.59 -33.31 -22.81
CA ILE D 263 114.86 -32.72 -22.41
C ILE D 263 115.40 -31.91 -23.56
N ALA D 264 115.33 -32.47 -24.77
CA ALA D 264 115.82 -31.78 -25.95
C ALA D 264 115.09 -30.45 -26.12
N THR D 265 113.78 -30.43 -25.85
CA THR D 265 113.03 -29.20 -25.96
C THR D 265 113.56 -28.18 -24.95
N ALA D 266 113.76 -28.61 -23.70
CA ALA D 266 114.24 -27.68 -22.69
C ALA D 266 115.58 -27.11 -23.12
N LEU D 267 116.47 -27.96 -23.66
CA LEU D 267 117.78 -27.46 -24.09
C LEU D 267 117.69 -26.47 -25.23
N ASP D 268 116.82 -26.72 -26.22
CA ASP D 268 116.73 -25.77 -27.31
C ASP D 268 116.35 -24.38 -26.82
N ASN D 269 115.45 -24.33 -25.84
CA ASN D 269 115.05 -23.03 -25.31
C ASN D 269 116.14 -22.45 -24.39
N LEU D 270 116.72 -23.27 -23.53
CA LEU D 270 117.73 -22.78 -22.59
C LEU D 270 118.97 -22.25 -23.34
N ASN D 271 119.30 -22.88 -24.46
CA ASN D 271 120.43 -22.48 -25.26
C ASN D 271 120.16 -21.21 -26.05
N ALA D 272 118.89 -20.77 -26.08
CA ALA D 272 118.52 -19.57 -26.77
C ALA D 272 118.64 -18.42 -25.81
N GLY D 450 124.91 -14.60 -16.45
CA GLY D 450 125.38 -15.58 -17.45
C GLY D 450 126.03 -16.84 -16.87
N THR D 451 126.75 -16.71 -15.76
CA THR D 451 127.40 -17.85 -15.13
C THR D 451 126.37 -18.90 -14.71
N ARG D 452 125.24 -18.44 -14.17
CA ARG D 452 124.26 -19.38 -13.67
C ARG D 452 123.55 -20.04 -14.83
N LEU D 453 123.39 -19.32 -15.95
CA LEU D 453 122.73 -19.91 -17.10
C LEU D 453 123.56 -21.08 -17.61
N ASP D 454 124.89 -20.93 -17.61
CA ASP D 454 125.75 -22.03 -18.06
C ASP D 454 125.58 -23.26 -17.16
N ASP D 455 125.50 -23.05 -15.82
CA ASP D 455 125.32 -24.17 -14.90
C ASP D 455 124.01 -24.91 -15.14
N ILE D 456 122.94 -24.17 -15.42
CA ILE D 456 121.65 -24.79 -15.69
C ILE D 456 121.70 -25.64 -16.94
N ILE D 457 122.26 -25.10 -18.01
CA ILE D 457 122.29 -25.86 -19.25
C ILE D 457 123.09 -27.13 -19.10
N ALA D 458 124.24 -27.06 -18.46
CA ALA D 458 125.03 -28.27 -18.27
C ALA D 458 124.27 -29.31 -17.44
N ALA D 459 123.58 -28.87 -16.37
CA ALA D 459 122.83 -29.80 -15.55
C ALA D 459 121.75 -30.50 -16.36
N VAL D 460 121.09 -29.74 -17.25
CA VAL D 460 120.04 -30.28 -18.08
C VAL D 460 120.55 -31.21 -19.16
N SER D 461 121.62 -30.84 -19.87
CA SER D 461 122.09 -31.69 -20.97
C SER D 461 122.52 -33.04 -20.45
N ALA D 462 122.96 -33.08 -19.20
CA ALA D 462 123.35 -34.32 -18.56
C ALA D 462 122.19 -35.33 -18.49
N ALA D 463 120.94 -34.84 -18.50
CA ALA D 463 119.76 -35.69 -18.40
C ALA D 463 119.26 -36.25 -19.73
N GLU D 464 119.85 -35.84 -20.85
CA GLU D 464 119.26 -36.36 -22.09
C GLU D 464 119.26 -37.90 -22.15
N PRO D 465 120.31 -38.63 -21.70
CA PRO D 465 120.38 -40.09 -21.62
C PRO D 465 119.37 -40.72 -20.63
N ILE D 466 118.80 -39.93 -19.72
CA ILE D 466 117.87 -40.42 -18.70
C ILE D 466 116.45 -40.49 -19.19
N ASP D 467 116.01 -39.41 -19.79
CA ASP D 467 114.63 -39.34 -20.21
C ASP D 467 114.38 -40.11 -21.47
N VAL D 468 113.75 -41.26 -21.33
CA VAL D 468 113.50 -42.12 -22.45
C VAL D 468 112.01 -42.32 -22.64
N ASN D 469 111.19 -41.51 -21.95
CA ASN D 469 109.73 -41.65 -22.05
C ASN D 469 108.93 -40.37 -22.31
N ASN D 470 109.46 -39.21 -21.94
CA ASN D 470 108.63 -38.00 -21.93
C ASN D 470 108.74 -37.14 -23.17
N GLY D 471 107.58 -36.68 -23.62
CA GLY D 471 107.46 -35.80 -24.76
C GLY D 471 107.60 -34.31 -24.41
N LYS D 472 107.54 -33.49 -25.44
CA LYS D 472 107.66 -32.04 -25.40
C LYS D 472 106.87 -31.27 -24.34
N LEU D 473 105.60 -31.65 -24.07
CA LEU D 473 104.74 -30.90 -23.14
C LEU D 473 104.81 -31.35 -21.68
N ASN D 474 105.60 -32.38 -21.40
CA ASN D 474 105.62 -32.95 -20.06
C ASN D 474 106.01 -31.93 -19.00
N GLY D 475 105.20 -31.84 -17.95
CA GLY D 475 105.48 -30.95 -16.82
C GLY D 475 104.84 -29.56 -16.91
N ARG D 476 104.25 -29.18 -18.04
CA ARG D 476 103.66 -27.84 -18.13
C ARG D 476 102.20 -27.80 -17.70
N LEU D 477 101.76 -26.58 -17.34
CA LEU D 477 100.38 -26.30 -16.96
C LEU D 477 99.50 -26.01 -18.16
N LEU D 478 98.20 -26.30 -18.07
CA LEU D 478 97.35 -25.95 -19.20
C LEU D 478 97.43 -24.52 -19.64
N SER D 479 97.38 -23.59 -18.71
CA SER D 479 97.41 -22.19 -19.08
C SER D 479 98.71 -21.76 -19.78
N ASP D 480 99.79 -22.56 -19.67
CA ASP D 480 101.06 -22.26 -20.31
C ASP D 480 101.32 -23.00 -21.63
N ILE D 481 100.36 -23.81 -22.11
CA ILE D 481 100.62 -24.51 -23.36
C ILE D 481 99.70 -24.06 -24.48
N GLU D 482 98.72 -23.20 -24.17
CA GLU D 482 97.82 -22.78 -25.21
C GLU D 482 98.52 -22.25 -26.48
N PRO D 483 99.53 -21.34 -26.42
CA PRO D 483 100.25 -20.90 -27.60
C PRO D 483 101.13 -21.96 -28.26
N LEU D 484 101.49 -23.04 -27.54
CA LEU D 484 102.35 -24.07 -28.10
C LEU D 484 101.52 -24.96 -29.01
N ASP D 485 100.34 -25.31 -28.49
CA ASP D 485 99.36 -26.13 -29.17
C ASP D 485 97.99 -25.91 -28.57
N ASN D 486 97.19 -25.03 -29.18
CA ASN D 486 95.92 -24.73 -28.58
C ASN D 486 94.90 -25.81 -28.88
N ALA D 487 95.31 -26.83 -29.65
CA ALA D 487 94.42 -27.94 -29.92
C ALA D 487 94.44 -28.83 -28.70
N THR D 488 95.59 -28.91 -28.04
CA THR D 488 95.76 -29.73 -26.85
C THR D 488 95.06 -29.04 -25.71
N TYR D 489 95.31 -27.74 -25.59
CA TYR D 489 94.69 -26.97 -24.54
C TYR D 489 93.17 -27.08 -24.59
N ASN D 490 92.60 -26.83 -25.76
CA ASN D 490 91.17 -26.89 -25.89
C ASN D 490 90.61 -28.29 -25.70
N THR D 491 91.30 -29.34 -26.19
CA THR D 491 90.81 -30.69 -26.04
C THR D 491 90.77 -31.07 -24.57
N ILE D 492 91.80 -30.70 -23.82
CA ILE D 492 91.83 -31.03 -22.43
C ILE D 492 90.69 -30.37 -21.68
N LEU D 493 90.44 -29.08 -21.93
CA LEU D 493 89.35 -28.43 -21.21
C LEU D 493 88.02 -29.11 -21.52
N LEU D 494 87.83 -29.52 -22.77
CA LEU D 494 86.61 -30.21 -23.13
C LEU D 494 86.48 -31.51 -22.35
N GLU D 495 87.57 -32.27 -22.21
CA GLU D 495 87.53 -33.50 -21.43
C GLU D 495 87.31 -33.25 -19.94
N ILE D 496 87.86 -32.18 -19.38
CA ILE D 496 87.66 -31.91 -17.96
C ILE D 496 86.19 -31.72 -17.67
N ASN D 497 85.50 -31.07 -18.63
CA ASN D 497 84.07 -30.69 -18.58
C ASN D 497 83.16 -31.91 -18.62
N SER D 498 83.69 -33.08 -18.94
CA SER D 498 82.81 -34.23 -19.06
C SER D 498 82.54 -34.87 -17.68
N HIS D 499 83.27 -34.45 -16.64
CA HIS D 499 83.09 -34.98 -15.29
C HIS D 499 82.02 -34.25 -14.52
N LYS D 500 81.08 -35.00 -13.94
CA LYS D 500 79.96 -34.38 -13.21
C LYS D 500 80.01 -34.60 -11.70
N VAL D 501 79.29 -33.73 -11.01
CA VAL D 501 79.13 -33.70 -9.55
C VAL D 501 78.14 -34.78 -9.02
N THR D 502 78.50 -35.46 -7.92
CA THR D 502 77.63 -36.47 -7.29
C THR D 502 77.24 -35.98 -5.89
N LEU D 503 75.94 -36.00 -5.57
CA LEU D 503 75.43 -35.47 -4.30
C LEU D 503 74.49 -36.42 -3.52
N PRO D 504 74.44 -36.34 -2.18
CA PRO D 504 73.42 -36.93 -1.34
C PRO D 504 72.10 -36.31 -1.83
N PRO D 505 70.96 -36.99 -1.77
CA PRO D 505 69.67 -36.53 -2.27
C PRO D 505 68.82 -35.58 -1.39
N SER D 506 69.31 -35.16 -0.24
CA SER D 506 68.45 -34.40 0.68
C SER D 506 67.97 -33.03 0.21
N SER D 507 68.76 -32.31 -0.60
CA SER D 507 68.33 -30.98 -1.02
C SER D 507 67.32 -31.09 -2.15
N SER D 508 67.46 -32.16 -2.93
CA SER D 508 66.56 -32.44 -4.02
C SER D 508 65.21 -32.78 -3.44
N MET D 509 65.21 -33.55 -2.34
CA MET D 509 63.95 -33.89 -1.71
C MET D 509 63.27 -32.68 -1.10
N ALA D 510 64.02 -31.74 -0.50
CA ALA D 510 63.37 -30.55 0.05
C ALA D 510 62.64 -29.80 -1.08
N GLY D 511 63.28 -29.74 -2.26
CA GLY D 511 62.69 -29.12 -3.44
C GLY D 511 61.41 -29.87 -3.83
N ALA D 512 61.49 -31.19 -3.92
CA ALA D 512 60.36 -32.04 -4.28
C ALA D 512 59.18 -31.88 -3.30
N TYR D 513 59.46 -31.73 -2.00
CA TYR D 513 58.40 -31.54 -1.03
C TYR D 513 57.61 -30.28 -1.37
N ALA D 514 58.33 -29.19 -1.69
CA ALA D 514 57.66 -27.94 -2.05
C ALA D 514 56.76 -28.09 -3.27
N ARG D 515 57.22 -28.83 -4.30
CA ARG D 515 56.38 -29.03 -5.47
C ARG D 515 55.08 -29.76 -5.15
N VAL D 516 55.15 -30.81 -4.35
CA VAL D 516 53.93 -31.53 -4.04
C VAL D 516 52.94 -30.67 -3.26
N ASP D 517 53.44 -29.92 -2.26
CA ASP D 517 52.53 -29.11 -1.47
C ASP D 517 51.77 -28.11 -2.34
N ASN D 518 52.43 -27.54 -3.35
CA ASN D 518 51.77 -26.59 -4.25
C ASN D 518 50.82 -27.21 -5.28
N ASP D 519 51.17 -28.35 -5.88
CA ASP D 519 50.28 -28.91 -6.90
C ASP D 519 49.19 -29.85 -6.39
N ARG D 520 49.44 -30.60 -5.31
CA ARG D 520 48.45 -31.55 -4.83
C ARG D 520 47.99 -31.31 -3.39
N GLY D 521 48.85 -30.77 -2.55
CA GLY D 521 48.55 -30.53 -1.15
C GLY D 521 49.38 -31.38 -0.20
N VAL D 522 49.62 -30.82 0.99
CA VAL D 522 50.44 -31.40 2.06
C VAL D 522 49.93 -32.75 2.57
N TRP D 523 48.68 -33.07 2.29
CA TRP D 523 48.12 -34.33 2.73
C TRP D 523 48.38 -35.49 1.75
N LYS D 524 49.08 -35.23 0.64
CA LYS D 524 49.41 -36.29 -0.31
C LYS D 524 50.86 -36.74 -0.14
N SER D 525 51.11 -38.04 -0.35
CA SER D 525 52.45 -38.58 -0.20
C SER D 525 53.49 -37.97 -1.14
N PRO D 526 54.69 -37.61 -0.66
CA PRO D 526 55.79 -37.09 -1.43
C PRO D 526 56.56 -38.23 -2.11
N ALA D 527 55.90 -38.89 -3.07
CA ALA D 527 56.47 -40.03 -3.78
C ALA D 527 55.86 -40.10 -5.18
N ASN D 528 56.50 -40.88 -6.07
CA ASN D 528 56.14 -41.02 -7.48
C ASN D 528 56.30 -39.64 -8.14
N ILE D 529 57.42 -39.02 -7.78
CA ILE D 529 57.88 -37.70 -8.19
C ILE D 529 59.14 -37.82 -9.00
N GLY D 530 59.20 -37.19 -10.17
CA GLY D 530 60.46 -37.21 -10.91
C GLY D 530 61.35 -36.08 -10.40
N LEU D 531 62.66 -36.34 -10.38
CA LEU D 531 63.63 -35.33 -9.94
C LEU D 531 64.24 -34.58 -11.12
N ASN D 532 64.51 -33.28 -10.95
CA ASN D 532 65.13 -32.50 -12.00
C ASN D 532 66.63 -32.51 -11.85
N TYR D 533 67.33 -32.36 -12.97
CA TYR D 533 68.80 -32.34 -13.00
C TYR D 533 69.43 -33.61 -12.46
N VAL D 534 68.80 -34.75 -12.68
CA VAL D 534 69.37 -36.00 -12.24
C VAL D 534 69.53 -36.91 -13.42
N SER D 535 70.75 -37.39 -13.61
CA SER D 535 71.09 -38.28 -14.70
C SER D 535 70.64 -39.69 -14.31
N LYS D 536 71.07 -40.11 -13.13
CA LYS D 536 70.74 -41.43 -12.62
C LYS D 536 71.10 -41.58 -11.15
N PRO D 537 70.54 -42.55 -10.40
CA PRO D 537 70.98 -43.00 -9.09
C PRO D 537 72.39 -43.53 -9.21
N SER D 538 73.23 -43.37 -8.18
CA SER D 538 74.58 -43.92 -8.21
C SER D 538 74.63 -45.45 -8.05
N VAL D 539 73.65 -46.01 -7.35
CA VAL D 539 73.55 -47.45 -7.11
C VAL D 539 72.20 -47.97 -7.56
N THR D 540 72.18 -49.05 -8.31
CA THR D 540 70.91 -49.61 -8.74
C THR D 540 70.28 -50.47 -7.65
N VAL D 541 69.00 -50.23 -7.38
CA VAL D 541 68.24 -50.98 -6.39
C VAL D 541 67.16 -51.77 -7.11
N SER D 542 67.19 -53.09 -6.96
CA SER D 542 66.25 -53.99 -7.60
C SER D 542 64.97 -54.05 -6.81
N HIS D 543 63.96 -54.72 -7.35
CA HIS D 543 62.69 -54.91 -6.66
C HIS D 543 62.88 -55.67 -5.36
N GLU D 544 63.52 -56.82 -5.44
CA GLU D 544 63.73 -57.68 -4.28
C GLU D 544 64.56 -57.00 -3.20
N GLU D 545 65.54 -56.23 -3.62
CA GLU D 545 66.44 -55.52 -2.72
C GLU D 545 65.75 -54.46 -1.88
N GLN D 546 64.57 -53.99 -2.30
CA GLN D 546 63.90 -52.95 -1.56
C GLN D 546 62.99 -53.53 -0.49
N GLU D 547 62.76 -54.84 -0.47
CA GLU D 547 61.78 -55.34 0.49
C GLU D 547 62.18 -55.03 1.94
N SER D 548 63.46 -55.12 2.26
CA SER D 548 63.99 -54.85 3.59
C SER D 548 64.17 -53.36 3.88
N MET D 549 63.97 -52.51 2.87
CA MET D 549 64.08 -51.09 3.05
C MET D 549 62.72 -50.54 3.47
N ASN D 550 61.65 -51.10 2.90
CA ASN D 550 60.31 -50.61 3.20
C ASN D 550 59.78 -51.22 4.50
N VAL D 551 60.03 -52.52 4.71
CA VAL D 551 59.54 -53.20 5.91
C VAL D 551 60.71 -53.87 6.62
N HIS D 552 60.83 -53.63 7.92
CA HIS D 552 61.93 -54.19 8.69
C HIS D 552 61.56 -54.32 10.15
N GLY D 553 62.14 -55.31 10.83
CA GLY D 553 61.88 -55.58 12.25
C GLY D 553 62.07 -54.37 13.17
N THR D 554 62.98 -53.46 12.83
CA THR D 554 63.20 -52.28 13.68
C THR D 554 62.27 -51.11 13.41
N GLY D 555 61.57 -51.12 12.27
CA GLY D 555 60.71 -50.02 11.83
C GLY D 555 61.48 -48.87 11.18
N LYS D 556 62.82 -48.96 11.12
CA LYS D 556 63.63 -47.89 10.58
C LYS D 556 63.76 -47.97 9.07
N SER D 557 62.66 -47.65 8.43
CA SER D 557 62.49 -47.69 6.99
C SER D 557 63.34 -46.69 6.25
N VAL D 558 63.73 -47.03 5.02
CA VAL D 558 64.48 -46.14 4.13
C VAL D 558 63.75 -46.08 2.78
N ASN D 559 63.53 -44.88 2.26
CA ASN D 559 62.83 -44.73 0.98
C ASN D 559 63.85 -44.87 -0.16
N ALA D 560 63.43 -45.31 -1.34
CA ALA D 560 64.41 -45.54 -2.41
C ALA D 560 64.30 -44.60 -3.58
N ILE D 561 65.44 -44.27 -4.16
CA ILE D 561 65.43 -43.52 -5.41
C ILE D 561 65.70 -44.54 -6.52
N ARG D 562 64.78 -44.66 -7.48
CA ARG D 562 64.87 -45.69 -8.52
C ARG D 562 64.63 -45.19 -9.95
N SER D 563 65.26 -45.85 -10.91
CA SER D 563 65.11 -45.53 -12.33
C SER D 563 64.06 -46.39 -13.02
N PHE D 564 63.11 -45.73 -13.68
CA PHE D 564 62.05 -46.42 -14.40
C PHE D 564 62.14 -46.16 -15.90
N VAL D 565 61.85 -47.19 -16.68
CA VAL D 565 61.95 -47.05 -18.13
C VAL D 565 60.87 -46.15 -18.67
N GLY D 566 61.30 -45.13 -19.38
CA GLY D 566 60.41 -44.14 -19.98
C GLY D 566 59.96 -43.06 -19.01
N LYS D 567 60.42 -43.11 -17.75
CA LYS D 567 60.00 -42.13 -16.77
C LYS D 567 61.16 -41.34 -16.17
N GLY D 568 62.33 -41.98 -16.02
CA GLY D 568 63.46 -41.31 -15.40
C GLY D 568 63.55 -41.65 -13.93
N THR D 569 64.22 -40.79 -13.17
CA THR D 569 64.49 -41.11 -11.77
C THR D 569 63.33 -40.65 -10.89
N LEU D 570 62.72 -41.61 -10.18
CA LEU D 570 61.57 -41.35 -9.31
C LEU D 570 61.83 -41.64 -7.85
N VAL D 571 61.11 -40.92 -7.00
CA VAL D 571 61.11 -41.19 -5.56
C VAL D 571 60.12 -42.33 -5.27
N TRP D 572 60.59 -43.45 -4.76
CA TRP D 572 59.72 -44.59 -4.57
C TRP D 572 59.57 -44.97 -3.07
N GLY D 573 58.42 -44.66 -2.49
CA GLY D 573 58.16 -44.88 -1.07
C GLY D 573 58.08 -43.58 -0.27
N ALA D 574 57.24 -43.57 0.76
CA ALA D 574 57.06 -42.38 1.58
C ALA D 574 56.76 -42.69 3.05
N ARG D 575 57.62 -43.50 3.68
CA ARG D 575 57.43 -43.80 5.10
C ARG D 575 58.44 -43.05 5.97
N THR D 576 58.12 -42.96 7.25
CA THR D 576 58.96 -42.32 8.28
C THR D 576 59.85 -43.36 8.96
N LEU D 577 60.70 -42.90 9.88
CA LEU D 577 61.60 -43.81 10.62
C LEU D 577 60.89 -44.63 11.71
N ALA D 578 59.56 -44.53 11.77
CA ALA D 578 58.73 -45.29 12.68
C ALA D 578 57.69 -46.04 11.83
N GLY D 579 58.17 -46.86 10.90
CA GLY D 579 57.39 -47.53 9.85
C GLY D 579 56.35 -48.53 10.30
N ASN D 580 56.42 -48.98 11.55
CA ASN D 580 55.44 -49.92 12.05
C ASN D 580 54.42 -49.23 12.95
N ASP D 581 54.45 -47.90 12.98
CA ASP D 581 53.55 -47.12 13.79
C ASP D 581 52.18 -46.95 13.13
N ASN D 582 51.16 -47.53 13.75
CA ASN D 582 49.82 -47.53 13.19
C ASN D 582 49.24 -46.13 12.94
N GLU D 583 49.74 -45.12 13.66
CA GLU D 583 49.22 -43.78 13.48
C GLU D 583 50.19 -42.90 12.68
N TRP D 584 51.49 -43.04 12.93
CA TRP D 584 52.49 -42.16 12.32
C TRP D 584 53.43 -42.72 11.25
N ARG D 585 53.26 -43.94 10.74
CA ARG D 585 54.17 -44.46 9.71
C ARG D 585 54.25 -43.69 8.38
N TYR D 586 53.23 -42.92 7.97
CA TYR D 586 53.30 -42.21 6.70
C TYR D 586 53.72 -40.76 6.84
N ILE D 587 54.56 -40.30 5.91
CA ILE D 587 55.07 -38.94 5.96
C ILE D 587 53.96 -37.91 5.86
N SER D 588 53.02 -38.12 4.95
CA SER D 588 51.91 -37.20 4.73
C SER D 588 50.95 -37.04 5.90
N VAL D 589 50.93 -38.01 6.82
CA VAL D 589 50.05 -37.87 7.96
C VAL D 589 50.77 -36.98 8.95
N ARG D 590 52.04 -37.28 9.21
CA ARG D 590 52.79 -36.46 10.14
C ARG D 590 52.86 -35.00 9.69
N ARG D 591 53.15 -34.77 8.39
CA ARG D 591 53.25 -33.41 7.89
C ARG D 591 51.90 -32.68 7.91
N PHE D 592 50.79 -33.35 7.57
CA PHE D 592 49.48 -32.72 7.63
C PHE D 592 49.19 -32.22 9.03
N PHE D 593 49.41 -33.08 10.04
CA PHE D 593 49.18 -32.66 11.41
C PHE D 593 50.06 -31.49 11.79
N ASN D 594 51.36 -31.50 11.46
CA ASN D 594 52.18 -30.35 11.85
C ASN D 594 51.62 -29.06 11.26
N MET D 595 51.17 -29.10 10.01
CA MET D 595 50.61 -27.93 9.35
C MET D 595 49.36 -27.44 10.07
N ALA D 596 48.42 -28.33 10.33
CA ALA D 596 47.18 -27.93 10.96
C ALA D 596 47.43 -27.36 12.34
N GLU D 597 48.33 -27.96 13.11
CA GLU D 597 48.60 -27.49 14.45
C GLU D 597 49.21 -26.11 14.46
N GLU D 598 50.15 -25.84 13.55
CA GLU D 598 50.77 -24.53 13.49
C GLU D 598 49.77 -23.44 13.13
N SER D 599 48.92 -23.70 12.12
CA SER D 599 47.95 -22.71 11.70
C SER D 599 46.95 -22.39 12.80
N ILE D 600 46.49 -23.42 13.52
CA ILE D 600 45.55 -23.17 14.57
C ILE D 600 46.20 -22.36 15.70
N LYS D 601 47.40 -22.72 16.17
CA LYS D 601 47.86 -21.90 17.28
C LYS D 601 48.06 -20.43 16.88
N LYS D 602 48.46 -20.14 15.63
CA LYS D 602 48.60 -18.73 15.27
C LYS D 602 47.27 -18.01 15.44
N ALA D 603 46.20 -18.68 15.00
CA ALA D 603 44.85 -18.15 15.13
C ALA D 603 44.40 -17.97 16.60
N THR D 604 44.83 -18.86 17.51
CA THR D 604 44.39 -18.75 18.91
C THR D 604 45.15 -17.72 19.73
N GLU D 605 46.32 -17.26 19.27
CA GLU D 605 47.09 -16.27 20.04
C GLU D 605 46.34 -14.97 20.32
N GLN D 606 45.41 -14.57 19.46
CA GLN D 606 44.63 -13.36 19.68
C GLN D 606 43.79 -13.38 20.97
N PHE D 607 43.58 -14.57 21.58
CA PHE D 607 42.79 -14.70 22.79
C PHE D 607 43.60 -14.88 24.08
N VAL D 608 44.93 -14.72 24.02
CA VAL D 608 45.74 -15.03 25.20
C VAL D 608 45.42 -14.28 26.49
N PHE D 609 45.13 -13.00 26.43
CA PHE D 609 44.87 -12.28 27.67
C PHE D 609 43.39 -12.00 27.92
N GLU D 610 42.51 -12.76 27.28
CA GLU D 610 41.07 -12.57 27.46
C GLU D 610 40.59 -13.25 28.75
N PRO D 611 39.46 -12.84 29.35
CA PRO D 611 38.84 -13.46 30.52
C PRO D 611 38.55 -14.95 30.30
N ASN D 612 38.77 -15.76 31.32
CA ASN D 612 38.52 -17.18 31.14
C ASN D 612 37.10 -17.50 31.57
N ASP D 613 36.20 -17.42 30.60
CA ASP D 613 34.77 -17.62 30.82
C ASP D 613 34.05 -18.08 29.56
N GLY D 614 32.76 -18.32 29.67
CA GLY D 614 31.91 -18.84 28.60
C GLY D 614 31.92 -18.04 27.31
N ASN D 615 32.05 -16.72 27.41
CA ASN D 615 32.06 -15.92 26.19
C ASN D 615 33.30 -16.20 25.33
N THR D 616 34.43 -16.49 25.98
CA THR D 616 35.67 -16.73 25.30
C THR D 616 35.64 -18.13 24.74
N TRP D 617 35.16 -19.06 25.55
CA TRP D 617 35.15 -20.46 25.15
C TRP D 617 34.36 -20.61 23.84
N VAL D 618 33.23 -19.92 23.73
CA VAL D 618 32.46 -19.96 22.50
C VAL D 618 33.21 -19.36 21.32
N ARG D 619 33.83 -18.19 21.50
CA ARG D 619 34.57 -17.54 20.38
C ARG D 619 35.72 -18.45 19.89
N VAL D 620 36.45 -19.08 20.80
CA VAL D 620 37.58 -19.92 20.41
C VAL D 620 37.09 -21.14 19.65
N ARG D 621 36.06 -21.80 20.16
CA ARG D 621 35.51 -22.95 19.48
C ARG D 621 35.06 -22.63 18.07
N ALA D 622 34.29 -21.56 17.91
CA ALA D 622 33.79 -21.23 16.60
C ALA D 622 34.90 -20.99 15.59
N MET D 623 35.97 -20.31 16.02
CA MET D 623 37.09 -20.02 15.15
C MET D 623 37.77 -21.31 14.65
N ILE D 624 38.00 -22.26 15.56
CA ILE D 624 38.66 -23.49 15.21
C ILE D 624 37.80 -24.31 14.24
N GLU D 625 36.49 -24.42 14.51
CA GLU D 625 35.63 -25.16 13.61
C GLU D 625 35.62 -24.56 12.21
N ASN D 626 35.62 -23.23 12.07
CA ASN D 626 35.62 -22.66 10.73
C ASN D 626 36.87 -23.06 9.94
N PHE D 627 38.02 -23.08 10.60
CA PHE D 627 39.26 -23.51 9.95
C PHE D 627 39.11 -24.94 9.42
N LEU D 628 38.66 -25.84 10.28
CA LEU D 628 38.53 -27.24 9.92
C LEU D 628 37.50 -27.47 8.81
N ILE D 629 36.43 -26.69 8.77
CA ILE D 629 35.45 -26.83 7.70
C ILE D 629 36.10 -26.54 6.36
N LEU D 630 36.91 -25.49 6.28
CA LEU D 630 37.59 -25.20 5.04
C LEU D 630 38.57 -26.32 4.62
N GLN D 631 39.25 -26.93 5.59
CA GLN D 631 40.16 -28.04 5.25
C GLN D 631 39.37 -29.22 4.70
N TRP D 632 38.18 -29.45 5.25
CA TRP D 632 37.30 -30.49 4.77
C TRP D 632 36.81 -30.18 3.36
N ARG D 633 36.37 -28.94 3.12
CA ARG D 633 35.85 -28.55 1.82
C ARG D 633 36.89 -28.76 0.71
N ALA D 634 38.17 -28.53 1.03
CA ALA D 634 39.28 -28.68 0.10
C ALA D 634 39.73 -30.14 -0.10
N GLY D 635 39.13 -31.09 0.61
CA GLY D 635 39.47 -32.50 0.49
C GLY D 635 40.60 -33.03 1.37
N ALA D 636 41.01 -32.30 2.42
CA ALA D 636 42.09 -32.79 3.26
C ALA D 636 41.62 -33.83 4.25
N LEU D 637 40.38 -33.71 4.72
CA LEU D 637 39.82 -34.60 5.74
C LEU D 637 38.80 -35.56 5.16
N ALA D 638 38.69 -36.72 5.79
CA ALA D 638 37.72 -37.75 5.43
C ALA D 638 36.33 -37.39 5.94
N GLY D 639 35.28 -37.97 5.32
CA GLY D 639 33.91 -37.79 5.81
C GLY D 639 32.94 -37.13 4.82
N ALA D 640 31.73 -37.68 4.73
CA ALA D 640 30.66 -37.17 3.85
C ALA D 640 30.23 -35.73 4.15
N LYS D 641 30.24 -35.38 5.43
CA LYS D 641 29.85 -34.08 5.95
C LYS D 641 30.86 -33.74 7.05
N PRO D 642 31.09 -32.45 7.43
CA PRO D 642 32.01 -32.03 8.48
C PRO D 642 31.82 -32.81 9.79
N GLU D 643 30.58 -33.18 10.10
CA GLU D 643 30.23 -33.94 11.30
C GLU D 643 30.97 -35.28 11.43
N HIS D 644 31.50 -35.79 10.32
CA HIS D 644 32.20 -37.06 10.28
C HIS D 644 33.70 -36.86 10.12
N ALA D 645 34.13 -35.61 9.96
CA ALA D 645 35.51 -35.27 9.71
C ALA D 645 36.25 -34.85 10.97
N PHE D 646 35.56 -34.12 11.84
CA PHE D 646 36.23 -33.60 13.03
C PHE D 646 35.29 -33.24 14.17
N TYR D 647 35.87 -33.05 15.35
CA TYR D 647 35.13 -32.47 16.47
C TYR D 647 36.03 -31.52 17.26
N VAL D 648 35.38 -30.55 17.95
CA VAL D 648 36.04 -29.61 18.85
C VAL D 648 35.24 -29.52 20.17
N LYS D 649 35.87 -29.69 21.32
CA LYS D 649 35.19 -29.61 22.62
C LYS D 649 35.89 -28.69 23.62
N VAL D 650 35.10 -27.90 24.34
CA VAL D 650 35.61 -27.05 25.40
C VAL D 650 34.52 -26.72 26.39
N GLY D 651 34.84 -26.76 27.68
CA GLY D 651 33.86 -26.34 28.68
C GLY D 651 34.14 -26.84 30.08
N LEU D 652 33.49 -26.20 31.04
CA LEU D 652 33.67 -26.60 32.42
C LEU D 652 32.88 -27.87 32.60
N GLY D 653 33.53 -28.89 33.11
CA GLY D 653 32.90 -30.19 33.28
C GLY D 653 33.16 -31.11 32.08
N GLN D 654 33.70 -30.57 30.98
CA GLN D 654 33.98 -31.37 29.80
C GLN D 654 35.47 -31.51 29.63
N THR D 655 36.17 -30.37 29.63
CA THR D 655 37.60 -30.37 29.44
C THR D 655 38.35 -29.69 30.60
N MET D 656 37.62 -28.88 31.39
CA MET D 656 38.21 -28.11 32.49
C MET D 656 37.54 -28.37 33.82
N THR D 657 38.31 -28.19 34.89
CA THR D 657 37.74 -28.24 36.22
C THR D 657 37.89 -26.94 36.98
N ALA D 658 37.38 -26.88 38.20
CA ALA D 658 37.41 -25.64 38.99
C ALA D 658 38.82 -25.15 39.21
N GLN D 659 39.74 -26.09 39.40
CA GLN D 659 41.15 -25.82 39.62
C GLN D 659 41.79 -25.14 38.42
N ASP D 660 41.31 -25.43 37.21
CA ASP D 660 41.91 -24.86 36.02
C ASP D 660 41.42 -23.47 35.88
N ILE D 661 40.20 -23.22 36.30
CA ILE D 661 39.71 -21.88 36.17
C ILE D 661 40.54 -21.02 37.12
N LEU D 662 40.75 -21.50 38.35
CA LEU D 662 41.51 -20.74 39.34
C LEU D 662 42.95 -20.45 38.91
N GLU D 663 43.60 -21.40 38.25
CA GLU D 663 44.97 -21.20 37.79
C GLU D 663 45.10 -20.50 36.43
N GLY D 664 43.98 -20.14 35.80
CA GLY D 664 44.03 -19.49 34.50
C GLY D 664 44.23 -20.41 33.28
N ASN D 665 43.92 -21.71 33.38
CA ASN D 665 44.11 -22.60 32.25
C ASN D 665 42.84 -22.71 31.40
N MET D 666 43.02 -23.00 30.11
CA MET D 666 41.91 -23.28 29.22
C MET D 666 42.23 -24.50 28.38
N ASN D 667 41.36 -25.50 28.40
CA ASN D 667 41.59 -26.77 27.72
C ASN D 667 40.68 -27.05 26.52
N VAL D 668 41.26 -27.19 25.34
CA VAL D 668 40.44 -27.45 24.15
C VAL D 668 40.84 -28.79 23.52
N GLU D 669 39.86 -29.65 23.29
CA GLU D 669 40.13 -30.96 22.67
C GLU D 669 39.66 -31.03 21.22
N ILE D 670 40.53 -31.51 20.34
CA ILE D 670 40.26 -31.59 18.90
C ILE D 670 40.55 -32.97 18.32
N GLY D 671 39.66 -33.50 17.47
CA GLY D 671 39.93 -34.79 16.81
C GLY D 671 39.74 -34.67 15.30
N LEU D 672 40.58 -35.39 14.51
CA LEU D 672 40.54 -35.34 13.04
C LEU D 672 40.53 -36.70 12.31
N ALA D 673 39.71 -36.83 11.26
CA ALA D 673 39.70 -38.02 10.40
C ALA D 673 40.63 -37.85 9.17
N VAL D 674 41.74 -38.55 9.15
CA VAL D 674 42.75 -38.40 8.10
C VAL D 674 42.91 -39.66 7.23
N VAL D 675 42.94 -39.44 5.92
CA VAL D 675 43.06 -40.43 4.84
C VAL D 675 44.48 -40.96 4.62
N ARG D 676 44.62 -42.29 4.53
CA ARG D 676 45.91 -42.94 4.30
C ARG D 676 45.95 -43.63 2.90
N PRO D 677 47.12 -43.63 2.21
CA PRO D 677 47.36 -44.19 0.87
C PRO D 677 47.41 -45.70 0.76
N ALA D 678 47.12 -46.22 -0.44
CA ALA D 678 47.33 -47.62 -0.75
C ALA D 678 48.74 -47.80 -1.32
N GLU D 679 49.39 -48.92 -1.02
CA GLU D 679 50.71 -49.20 -1.57
C GLU D 679 50.79 -50.35 -2.58
N PHE D 680 49.84 -51.27 -2.57
CA PHE D 680 50.04 -52.44 -3.42
C PHE D 680 48.89 -52.69 -4.37
N ILE D 681 49.23 -53.02 -5.62
CA ILE D 681 48.24 -53.36 -6.64
C ILE D 681 48.55 -54.73 -7.19
N ILE D 682 47.58 -55.61 -7.15
CA ILE D 682 47.78 -56.97 -7.60
C ILE D 682 46.91 -57.30 -8.81
N LEU D 683 47.56 -57.73 -9.89
CA LEU D 683 46.84 -58.08 -11.09
C LEU D 683 46.79 -59.59 -11.22
N LYS D 684 45.69 -60.10 -11.75
CA LYS D 684 45.55 -61.53 -11.94
C LYS D 684 45.10 -61.79 -13.37
N PHE D 685 45.67 -62.81 -13.99
CA PHE D 685 45.34 -63.13 -15.38
C PHE D 685 44.86 -64.54 -15.54
N SER D 686 44.03 -64.77 -16.55
CA SER D 686 43.50 -66.09 -16.86
C SER D 686 43.07 -66.17 -18.31
N HIS D 687 42.74 -67.38 -18.74
CA HIS D 687 42.23 -67.61 -20.08
C HIS D 687 40.72 -67.59 -20.07
N LYS D 688 40.14 -66.63 -20.76
CA LYS D 688 38.70 -66.47 -20.79
C LYS D 688 38.03 -67.70 -21.36
N MET D 689 36.99 -68.17 -20.67
CA MET D 689 36.23 -69.32 -21.11
C MET D 689 34.77 -69.20 -20.73
N GLN D 690 33.92 -69.95 -21.41
CA GLN D 690 32.50 -69.99 -21.11
C GLN D 690 32.27 -70.32 -19.64
N THR E 3 42.79 44.75 -49.26
CA THR E 3 41.52 45.39 -49.64
C THR E 3 41.05 44.92 -51.00
N TYR E 4 39.83 44.40 -51.03
CA TYR E 4 39.22 43.96 -52.26
C TYR E 4 37.92 44.69 -52.39
N LYS E 5 37.50 44.98 -53.61
CA LYS E 5 36.26 45.71 -53.83
C LYS E 5 35.15 44.92 -54.52
N THR E 6 35.52 43.92 -55.29
CA THR E 6 34.52 43.16 -56.05
C THR E 6 34.36 41.79 -55.39
N PRO E 7 33.13 41.34 -55.08
CA PRO E 7 32.86 40.03 -54.53
C PRO E 7 33.40 38.97 -55.48
N GLY E 8 33.95 37.89 -54.98
CA GLY E 8 34.46 36.89 -55.90
C GLY E 8 35.70 36.18 -55.40
N VAL E 9 36.31 35.42 -56.29
CA VAL E 9 37.48 34.62 -56.01
C VAL E 9 38.72 35.24 -56.63
N TYR E 10 39.74 35.46 -55.82
CA TYR E 10 41.00 36.05 -56.26
C TYR E 10 42.10 35.00 -56.30
N ILE E 11 43.02 35.12 -57.25
CA ILE E 11 44.12 34.17 -57.39
C ILE E 11 45.50 34.81 -57.26
N GLU E 12 46.33 34.22 -56.41
CA GLU E 12 47.70 34.68 -56.18
C GLU E 12 48.67 33.50 -56.25
N GLU E 13 49.94 33.78 -56.59
CA GLU E 13 50.97 32.74 -56.65
C GLU E 13 52.15 33.09 -55.74
N ILE E 14 52.37 32.25 -54.73
CA ILE E 14 53.41 32.48 -53.73
C ILE E 14 54.27 31.24 -53.47
N THR E 15 55.42 31.44 -52.81
CA THR E 15 56.27 30.33 -52.36
C THR E 15 56.51 30.41 -50.85
N LYS E 16 56.23 29.33 -50.11
CA LYS E 16 56.46 29.30 -48.67
C LYS E 16 56.32 27.89 -48.08
N PHE E 17 56.76 27.72 -46.84
CA PHE E 17 56.48 26.49 -46.11
C PHE E 17 55.06 26.61 -45.58
N PRO E 18 54.30 25.51 -45.45
CA PRO E 18 52.97 25.49 -44.88
C PRO E 18 53.04 25.84 -43.38
N PRO E 19 51.99 26.46 -42.82
CA PRO E 19 51.84 26.85 -41.42
C PRO E 19 51.58 25.69 -40.47
N SER E 20 51.79 25.94 -39.16
CA SER E 20 51.49 24.97 -38.11
C SER E 20 51.18 25.65 -36.78
N VAL E 21 50.14 25.14 -36.10
CA VAL E 21 49.67 25.63 -34.80
C VAL E 21 49.42 24.48 -33.81
N ALA E 22 49.30 24.80 -32.52
CA ALA E 22 48.99 23.80 -31.50
C ALA E 22 48.34 24.42 -30.28
N GLN E 23 47.62 23.60 -29.53
CA GLN E 23 46.98 24.01 -28.28
C GLN E 23 47.78 23.45 -27.10
N VAL E 24 48.38 24.35 -26.34
CA VAL E 24 49.25 23.99 -25.23
C VAL E 24 48.86 24.71 -23.95
N GLU E 25 48.70 23.96 -22.86
CA GLU E 25 48.34 24.56 -21.58
C GLU E 25 49.48 24.66 -20.54
N THR E 26 50.42 23.70 -20.54
CA THR E 26 51.43 23.62 -19.49
C THR E 26 52.87 23.99 -19.87
N ALA E 27 53.09 24.46 -21.07
CA ALA E 27 54.44 24.74 -21.52
C ALA E 27 54.54 26.04 -22.28
N ILE E 28 54.26 27.16 -21.61
CA ILE E 28 54.28 28.47 -22.25
C ILE E 28 55.63 29.21 -22.03
N PRO E 29 56.48 29.37 -23.05
CA PRO E 29 57.75 30.06 -22.98
C PRO E 29 57.64 31.56 -23.14
N ALA E 30 58.65 32.26 -22.65
CA ALA E 30 58.86 33.64 -23.04
C ALA E 30 60.16 33.74 -23.83
N PHE E 31 60.16 34.56 -24.88
CA PHE E 31 61.33 34.78 -25.71
C PHE E 31 61.79 36.24 -25.65
N ILE E 32 63.02 36.47 -25.19
CA ILE E 32 63.54 37.84 -25.05
C ILE E 32 64.63 38.18 -26.10
N GLY E 33 64.39 39.19 -26.95
CA GLY E 33 65.37 39.54 -28.03
C GLY E 33 65.00 40.70 -28.98
N TYR E 34 65.71 40.81 -30.12
CA TYR E 34 65.50 41.93 -31.07
C TYR E 34 64.53 41.62 -32.22
N THR E 35 63.79 42.64 -32.69
CA THR E 35 62.84 42.51 -33.81
C THR E 35 63.06 43.57 -34.92
N GLN E 36 62.28 43.52 -36.02
CA GLN E 36 62.43 44.58 -37.03
C GLN E 36 61.80 45.86 -36.53
N PHE E 37 60.68 45.70 -35.88
CA PHE E 37 59.87 46.77 -35.34
C PHE E 37 59.02 46.26 -34.20
N ALA E 38 58.35 47.15 -33.48
CA ALA E 38 57.46 46.67 -32.45
C ALA E 38 56.28 47.62 -32.29
N ARG E 39 55.13 47.24 -32.84
CA ARG E 39 53.97 48.15 -32.84
C ARG E 39 52.67 47.50 -32.46
N THR E 40 51.70 48.31 -32.01
CA THR E 40 50.38 47.77 -31.70
C THR E 40 49.37 47.91 -32.84
N LYS E 41 49.64 48.83 -33.76
CA LYS E 41 48.78 49.07 -34.89
C LYS E 41 49.66 49.15 -36.12
N PRO E 42 49.19 48.74 -37.31
CA PRO E 42 49.89 48.78 -38.58
C PRO E 42 50.27 50.19 -39.06
N SER E 43 49.64 51.21 -38.50
CA SER E 43 49.89 52.58 -38.93
C SER E 43 50.14 53.49 -37.74
N VAL E 44 51.39 53.49 -37.30
CA VAL E 44 51.86 54.25 -36.17
C VAL E 44 53.12 54.98 -36.58
N ASP E 45 53.53 55.98 -35.81
CA ASP E 45 54.76 56.69 -36.08
C ASP E 45 55.96 56.23 -35.24
N SER E 46 55.81 55.14 -34.50
CA SER E 46 56.91 54.65 -33.67
C SER E 46 56.76 53.22 -33.23
N ASP E 47 57.69 52.79 -32.40
CA ASP E 47 57.70 51.47 -31.81
C ASP E 47 57.02 51.57 -30.45
N ASP E 48 55.89 50.89 -30.32
CA ASP E 48 55.05 50.97 -29.13
C ASP E 48 55.37 49.91 -28.10
N LEU E 49 55.83 48.76 -28.59
CA LEU E 49 56.03 47.57 -27.78
C LEU E 49 57.46 47.23 -27.42
N ILE E 50 58.39 48.18 -27.41
CA ILE E 50 59.78 47.78 -27.19
C ILE E 50 60.00 47.02 -25.89
N LEU E 51 59.43 47.45 -24.77
CA LEU E 51 59.59 46.68 -23.54
C LEU E 51 58.26 46.22 -22.98
N LYS E 52 57.32 45.88 -23.86
CA LYS E 52 56.02 45.44 -23.37
C LYS E 52 55.77 43.99 -23.76
N PRO E 53 55.57 43.05 -22.82
CA PRO E 53 55.28 41.68 -23.12
C PRO E 53 53.99 41.58 -23.90
N LYS E 54 53.96 40.69 -24.88
CA LYS E 54 52.74 40.47 -25.63
C LYS E 54 52.54 38.99 -25.87
N ARG E 55 51.29 38.54 -25.83
CA ARG E 55 51.01 37.15 -26.11
C ARG E 55 50.66 36.94 -27.59
N ILE E 56 51.34 35.97 -28.18
CA ILE E 56 51.26 35.55 -29.58
C ILE E 56 50.72 34.13 -29.74
N SER E 57 49.72 33.92 -30.62
CA SER E 57 49.18 32.57 -30.80
C SER E 57 49.84 31.74 -31.91
N SER E 58 50.46 32.40 -32.87
CA SER E 58 51.06 31.73 -34.01
C SER E 58 52.09 32.63 -34.67
N LEU E 59 52.84 32.08 -35.62
CA LEU E 59 53.85 32.87 -36.33
C LEU E 59 53.24 34.08 -37.07
N LEU E 60 51.99 33.97 -37.57
CA LEU E 60 51.38 35.10 -38.27
C LEU E 60 51.17 36.29 -37.35
N ASP E 61 50.83 36.03 -36.08
CA ASP E 61 50.63 37.10 -35.12
C ASP E 61 51.96 37.74 -34.85
N PHE E 62 53.01 36.92 -34.76
CA PHE E 62 54.32 37.50 -34.51
C PHE E 62 54.66 38.48 -35.62
N THR E 63 54.55 38.01 -36.87
CA THR E 63 54.94 38.82 -38.02
C THR E 63 54.18 40.14 -38.03
N THR E 64 52.88 40.08 -37.76
CA THR E 64 52.01 41.24 -37.72
C THR E 64 52.54 42.41 -36.87
N TYR E 65 53.16 42.12 -35.72
CA TYR E 65 53.57 43.19 -34.83
C TYR E 65 55.09 43.39 -34.75
N TYR E 66 55.86 42.37 -35.15
CA TYR E 66 57.31 42.42 -35.03
C TYR E 66 58.15 42.32 -36.32
N GLY E 67 57.55 41.91 -37.45
CA GLY E 67 58.30 41.73 -38.69
C GLY E 67 59.06 40.41 -38.82
N GLY E 68 59.90 40.31 -39.85
CA GLY E 68 60.67 39.11 -40.20
C GLY E 68 62.17 39.18 -39.84
N ALA E 69 63.00 38.51 -40.66
CA ALA E 69 64.44 38.43 -40.47
C ALA E 69 65.16 39.61 -41.15
N GLN E 70 66.42 39.83 -40.78
CA GLN E 70 67.28 40.83 -41.41
C GLN E 70 67.93 40.22 -42.65
N ASN E 71 68.05 40.97 -43.74
CA ASN E 71 68.74 40.47 -44.94
C ASN E 71 70.22 40.24 -44.66
N GLU E 72 70.78 39.16 -45.20
CA GLU E 72 72.21 38.91 -45.07
C GLU E 72 72.96 39.81 -46.04
N GLN E 73 74.14 40.28 -45.63
CA GLN E 73 74.97 41.13 -46.51
C GLN E 73 76.36 40.54 -46.75
N GLY E 74 76.53 39.25 -46.49
CA GLY E 74 77.82 38.58 -46.63
C GLY E 74 77.92 37.56 -47.78
N ILE E 75 76.99 37.59 -48.72
CA ILE E 75 76.97 36.64 -49.83
C ILE E 75 77.76 37.17 -51.02
N THR E 76 78.69 36.38 -51.55
CA THR E 76 79.49 36.75 -52.71
C THR E 76 79.39 35.64 -53.73
N VAL E 77 79.74 35.91 -54.99
CA VAL E 77 79.72 34.87 -56.02
C VAL E 77 80.98 34.84 -56.88
N LYS E 78 81.53 33.65 -57.16
CA LYS E 78 82.70 33.54 -58.04
C LYS E 78 82.45 32.57 -59.22
N LEU E 79 82.61 33.08 -60.44
CA LEU E 79 82.39 32.30 -61.67
C LEU E 79 83.68 32.15 -62.48
N THR E 80 84.06 30.91 -62.83
CA THR E 80 85.29 30.72 -63.62
C THR E 80 85.08 29.93 -64.93
N ASP E 81 85.56 30.53 -66.04
CA ASP E 81 85.52 29.97 -67.41
C ASP E 81 86.84 29.34 -67.90
N THR E 82 86.81 28.04 -68.20
CA THR E 82 88.00 27.31 -68.67
C THR E 82 87.71 26.45 -69.90
N LEU E 83 88.76 25.90 -70.52
CA LEU E 83 88.55 24.97 -71.63
C LEU E 83 88.93 23.54 -71.32
N ILE E 84 88.12 22.62 -71.83
CA ILE E 84 88.40 21.19 -71.74
C ILE E 84 88.54 20.61 -73.13
N GLU E 85 89.77 20.30 -73.52
CA GLU E 85 90.06 19.79 -74.86
C GLU E 85 89.43 20.68 -75.95
N GLY E 86 89.49 22.00 -75.74
CA GLY E 86 88.96 22.99 -76.65
C GLY E 86 87.49 23.38 -76.42
N ALA E 87 86.76 22.64 -75.57
CA ALA E 87 85.36 22.94 -75.31
C ALA E 87 85.20 23.91 -74.16
N GLU E 88 84.17 24.74 -74.21
CA GLU E 88 83.92 25.65 -73.10
C GLU E 88 83.33 24.90 -71.91
N ASN E 89 83.69 25.34 -70.71
CA ASN E 89 83.16 24.81 -69.46
C ASN E 89 83.22 25.85 -68.34
N ARG E 90 82.12 26.04 -67.59
CA ARG E 90 82.21 27.01 -66.50
C ARG E 90 81.66 26.47 -65.20
N THR E 91 82.27 26.95 -64.12
CA THR E 91 81.86 26.63 -62.76
C THR E 91 81.39 27.85 -61.98
N ILE E 92 80.24 27.71 -61.33
CA ILE E 92 79.71 28.77 -60.49
C ILE E 92 79.77 28.35 -59.04
N ASN E 93 80.49 29.13 -58.24
CA ASN E 93 80.70 28.82 -56.84
C ASN E 93 80.22 29.89 -55.89
N VAL E 94 79.31 29.52 -55.00
CA VAL E 94 78.82 30.43 -54.00
C VAL E 94 79.23 29.90 -52.61
N PRO E 95 80.28 30.43 -51.97
CA PRO E 95 80.81 30.06 -50.66
C PRO E 95 79.84 30.34 -49.54
N GLU E 96 79.97 29.62 -48.43
CA GLU E 96 79.17 29.93 -47.26
C GLU E 96 79.67 31.29 -46.74
N PRO E 97 78.80 32.25 -46.37
CA PRO E 97 79.17 33.55 -45.81
C PRO E 97 79.98 33.40 -44.55
N THR E 98 80.93 34.32 -44.34
CA THR E 98 81.74 34.32 -43.13
C THR E 98 81.27 35.39 -42.16
N PHE E 99 80.39 36.26 -42.65
CA PHE E 99 79.79 37.34 -41.88
C PHE E 99 78.30 37.21 -42.02
N LYS E 100 77.63 37.05 -40.89
CA LYS E 100 76.20 36.82 -40.86
C LYS E 100 75.49 37.78 -39.92
N SER E 101 74.21 38.03 -40.17
CA SER E 101 73.40 38.84 -39.26
C SER E 101 73.36 38.15 -37.90
N PRO E 102 73.47 38.87 -36.78
CA PRO E 102 73.40 38.34 -35.44
C PRO E 102 72.00 38.17 -34.88
N TYR E 103 70.95 38.42 -35.68
CA TYR E 103 69.61 38.40 -35.13
C TYR E 103 68.83 37.13 -35.49
N LEU E 104 68.60 36.26 -34.51
CA LEU E 104 67.97 34.95 -34.73
C LEU E 104 66.53 34.71 -34.24
N MET E 105 65.82 35.71 -33.68
CA MET E 105 64.49 35.40 -33.15
C MET E 105 63.50 34.87 -34.17
N PHE E 106 63.51 35.41 -35.38
CA PHE E 106 62.56 34.94 -36.38
C PHE E 106 62.74 33.44 -36.67
N TYR E 107 64.00 33.03 -36.92
CA TYR E 107 64.31 31.65 -37.23
C TYR E 107 63.98 30.74 -36.06
N SER E 108 64.24 31.23 -34.85
CA SER E 108 63.98 30.50 -33.65
C SER E 108 62.50 30.16 -33.52
N LEU E 109 61.63 31.16 -33.75
CA LEU E 109 60.19 30.93 -33.70
C LEU E 109 59.71 29.96 -34.77
N GLN E 110 60.29 30.01 -35.97
CA GLN E 110 59.87 29.04 -36.98
C GLN E 110 60.12 27.60 -36.49
N MET E 111 61.27 27.37 -35.84
CA MET E 111 61.58 26.04 -35.32
C MET E 111 60.65 25.64 -34.18
N TYR E 112 60.33 26.60 -33.31
CA TYR E 112 59.42 26.39 -32.19
C TYR E 112 58.05 25.89 -32.65
N PHE E 113 57.46 26.57 -33.63
CA PHE E 113 56.15 26.17 -34.10
C PHE E 113 56.24 24.83 -34.89
N ALA E 114 57.34 24.62 -35.65
CA ALA E 114 57.54 23.38 -36.42
C ALA E 114 57.55 22.15 -35.52
N ASN E 115 58.04 22.31 -34.30
CA ASN E 115 58.12 21.24 -33.32
C ASN E 115 56.93 21.13 -32.38
N GLY E 116 55.82 21.82 -32.68
CA GLY E 116 54.61 21.66 -31.89
C GLY E 116 54.30 22.68 -30.80
N GLY E 117 55.02 23.80 -30.76
CA GLY E 117 54.74 24.78 -29.74
C GLY E 117 53.39 25.48 -29.88
N GLY E 118 52.85 25.92 -28.76
CA GLY E 118 51.59 26.65 -28.70
C GLY E 118 51.87 28.13 -28.47
N PRO E 119 50.94 28.87 -27.85
CA PRO E 119 51.01 30.30 -27.56
C PRO E 119 52.22 30.63 -26.72
N CYS E 120 52.76 31.83 -26.91
CA CYS E 120 53.96 32.25 -26.17
C CYS E 120 54.05 33.74 -25.94
N TYR E 121 54.99 34.15 -25.09
CA TYR E 121 55.22 35.57 -24.85
C TYR E 121 56.45 36.12 -25.54
N ILE E 122 56.28 37.29 -26.13
CA ILE E 122 57.38 37.98 -26.79
C ILE E 122 57.72 39.26 -26.06
N VAL E 123 59.00 39.42 -25.76
CA VAL E 123 59.49 40.65 -25.17
C VAL E 123 60.57 41.17 -26.08
N SER E 124 60.37 42.37 -26.59
CA SER E 124 61.35 42.97 -27.46
C SER E 124 62.38 43.61 -26.55
N THR E 125 63.57 43.79 -27.06
CA THR E 125 64.60 44.50 -26.32
C THR E 125 65.08 45.70 -27.12
N GLY E 126 64.59 45.81 -28.33
CA GLY E 126 65.01 46.83 -29.27
C GLY E 126 64.76 46.32 -30.67
N VAL E 127 65.24 47.07 -31.65
CA VAL E 127 65.04 46.69 -33.05
C VAL E 127 66.39 46.53 -33.75
N TYR E 128 66.38 45.85 -34.88
CA TYR E 128 67.59 45.54 -35.62
C TYR E 128 68.39 46.77 -36.02
N ASP E 129 69.71 46.74 -35.79
CA ASP E 129 70.54 47.86 -36.22
C ASP E 129 71.05 47.59 -37.64
N ASP E 130 71.81 48.52 -38.21
CA ASP E 130 72.33 48.29 -39.55
C ASP E 130 73.77 47.81 -39.58
N TRP E 131 74.29 47.56 -40.77
CA TRP E 131 75.67 47.12 -40.96
C TRP E 131 76.58 48.31 -41.20
N SER E 132 77.85 48.19 -40.79
CA SER E 132 78.77 49.31 -41.05
C SER E 132 79.45 49.10 -42.39
N ASP E 133 79.65 47.84 -42.73
CA ASP E 133 80.29 47.43 -43.98
C ASP E 133 79.90 45.99 -44.26
N SER E 134 80.30 45.44 -45.39
CA SER E 134 79.96 44.04 -45.71
C SER E 134 80.66 43.04 -44.80
N GLU E 135 81.74 43.49 -44.17
CA GLU E 135 82.51 42.69 -43.25
C GLU E 135 82.32 43.14 -41.81
N THR E 136 81.41 44.09 -41.58
CA THR E 136 81.19 44.59 -40.23
C THR E 136 79.70 44.60 -39.86
N PRO E 137 79.20 43.53 -39.20
CA PRO E 137 77.82 43.31 -38.79
C PRO E 137 77.47 44.10 -37.52
N PRO E 138 76.18 44.23 -37.18
CA PRO E 138 75.60 44.75 -35.96
C PRO E 138 76.07 43.96 -34.75
N THR E 139 75.93 44.54 -33.57
CA THR E 139 76.27 43.84 -32.34
C THR E 139 75.07 43.70 -31.41
N ILE E 140 75.19 42.81 -30.42
CA ILE E 140 74.16 42.55 -29.42
C ILE E 140 74.55 43.22 -28.12
N ASN E 141 73.67 44.05 -27.58
CA ASN E 141 73.97 44.79 -26.37
C ASN E 141 73.48 44.09 -25.12
N PHE E 142 74.39 43.61 -24.31
CA PHE E 142 74.07 42.88 -23.10
C PHE E 142 73.01 43.57 -22.23
N SER E 143 73.12 44.90 -22.09
CA SER E 143 72.22 45.65 -21.21
C SER E 143 70.76 45.59 -21.66
N ASP E 144 70.53 45.29 -22.93
CA ASP E 144 69.19 45.24 -23.47
C ASP E 144 68.53 43.91 -23.06
N LEU E 145 69.35 42.87 -22.88
CA LEU E 145 68.78 41.58 -22.56
C LEU E 145 68.46 41.59 -21.07
N GLU E 146 69.30 42.25 -20.26
CA GLU E 146 69.01 42.35 -18.84
C GLU E 146 67.71 43.10 -18.60
N SER E 147 67.48 44.15 -19.39
CA SER E 147 66.26 44.92 -19.28
C SER E 147 65.06 44.03 -19.57
N GLY E 148 65.11 43.25 -20.65
CA GLY E 148 64.01 42.36 -20.98
C GLY E 148 63.72 41.33 -19.87
N LEU E 149 64.78 40.82 -19.23
CA LEU E 149 64.60 39.85 -18.14
C LEU E 149 63.90 40.51 -16.95
N ALA E 150 64.29 41.75 -16.62
CA ALA E 150 63.67 42.51 -15.53
C ALA E 150 62.17 42.73 -15.78
N VAL E 151 61.80 42.90 -17.05
CA VAL E 151 60.42 43.08 -17.46
C VAL E 151 59.60 41.79 -17.31
N ILE E 152 60.11 40.66 -17.83
CA ILE E 152 59.34 39.41 -17.79
C ILE E 152 59.11 38.98 -16.34
N ARG E 153 59.99 39.37 -15.44
CA ARG E 153 59.85 39.03 -14.03
C ARG E 153 58.49 39.43 -13.45
N LYS E 154 57.81 40.43 -14.01
CA LYS E 154 56.53 40.85 -13.48
C LYS E 154 55.32 40.11 -14.05
N GLU E 155 55.53 39.19 -15.00
CA GLU E 155 54.43 38.43 -15.60
C GLU E 155 54.25 37.10 -14.86
N ASP E 156 53.01 36.65 -14.72
CA ASP E 156 52.73 35.37 -14.05
C ASP E 156 52.62 34.13 -14.93
N GLU E 157 52.15 34.29 -16.15
CA GLU E 157 51.91 33.14 -17.02
C GLU E 157 53.09 32.28 -17.55
N PRO E 158 54.26 32.83 -17.95
CA PRO E 158 55.37 32.09 -18.52
C PRO E 158 55.93 31.02 -17.58
N THR E 159 56.34 29.88 -18.15
CA THR E 159 56.95 28.78 -17.38
C THR E 159 58.39 28.52 -17.82
N LEU E 160 58.73 28.88 -19.06
CA LEU E 160 60.09 28.65 -19.58
C LEU E 160 60.76 29.97 -20.02
N LEU E 161 62.06 30.11 -19.75
CA LEU E 161 62.78 31.31 -20.19
C LEU E 161 63.83 31.05 -21.27
N LEU E 162 63.71 31.71 -22.43
CA LEU E 162 64.65 31.55 -23.54
C LEU E 162 65.23 32.89 -24.07
N PHE E 163 66.50 32.85 -24.49
CA PHE E 163 67.17 34.01 -25.12
C PHE E 163 67.77 33.69 -26.51
N PRO E 164 67.02 33.88 -27.61
CA PRO E 164 67.42 33.56 -28.98
C PRO E 164 68.71 34.23 -29.48
N ASP E 165 69.14 35.36 -28.90
CA ASP E 165 70.34 36.01 -29.40
C ASP E 165 71.42 36.12 -28.31
N ALA E 166 71.52 35.12 -27.42
CA ALA E 166 72.55 35.19 -26.37
C ALA E 166 73.92 34.71 -26.84
N THR E 167 73.98 33.81 -27.80
CA THR E 167 75.26 33.24 -28.23
C THR E 167 76.05 34.23 -29.08
N ASN E 168 75.41 35.33 -29.45
CA ASN E 168 76.06 36.36 -30.23
C ASN E 168 76.58 37.52 -29.37
N LEU E 169 76.52 37.40 -28.05
CA LEU E 169 77.09 38.40 -27.17
C LEU E 169 78.59 38.43 -27.39
N PRO E 170 79.25 39.61 -27.37
CA PRO E 170 80.69 39.81 -27.56
C PRO E 170 81.62 38.93 -26.72
N THR E 171 81.23 38.56 -25.49
CA THR E 171 82.10 37.72 -24.67
C THR E 171 81.33 36.57 -24.05
N ASP E 172 82.07 35.57 -23.59
CA ASP E 172 81.49 34.43 -22.92
C ASP E 172 81.10 34.85 -21.52
N ASP E 173 81.85 35.77 -20.96
CA ASP E 173 81.54 36.24 -19.61
C ASP E 173 80.15 36.86 -19.56
N GLU E 174 79.77 37.65 -20.57
CA GLU E 174 78.42 38.22 -20.60
C GLU E 174 77.38 37.12 -20.76
N PHE E 175 77.67 36.13 -21.59
CA PHE E 175 76.77 35.01 -21.79
C PHE E 175 76.47 34.29 -20.47
N TYR E 176 77.52 33.94 -19.72
CA TYR E 176 77.34 33.22 -18.48
C TYR E 176 76.62 34.06 -17.44
N SER E 177 76.91 35.36 -17.39
CA SER E 177 76.26 36.26 -16.46
C SER E 177 74.75 36.28 -16.68
N LEU E 178 74.34 36.35 -17.96
CA LEU E 178 72.92 36.37 -18.29
C LEU E 178 72.21 35.10 -17.78
N TYR E 179 72.83 33.93 -17.97
CA TYR E 179 72.22 32.70 -17.51
C TYR E 179 72.21 32.55 -15.99
N ASN E 180 73.23 33.05 -15.29
CA ASN E 180 73.19 32.98 -13.84
C ASN E 180 72.00 33.79 -13.33
N SER E 181 71.73 34.95 -13.94
CA SER E 181 70.59 35.76 -13.53
C SER E 181 69.27 35.03 -13.77
N ALA E 182 69.13 34.35 -14.91
CA ALA E 182 67.90 33.62 -15.19
C ALA E 182 67.65 32.51 -14.14
N LEU E 183 68.72 31.78 -13.74
CA LEU E 183 68.54 30.73 -12.73
C LEU E 183 68.15 31.33 -11.38
N MET E 184 68.71 32.48 -11.03
CA MET E 184 68.35 33.13 -9.78
C MET E 184 66.89 33.58 -9.79
N GLN E 185 66.38 34.06 -10.93
CA GLN E 185 64.97 34.44 -11.01
C GLN E 185 64.08 33.23 -10.74
N CYS E 186 64.42 32.07 -11.30
CA CYS E 186 63.64 30.86 -11.08
C CYS E 186 63.63 30.47 -9.61
N ASN E 187 64.77 30.56 -8.94
CA ASN E 187 64.78 30.25 -7.53
C ASN E 187 63.88 31.19 -6.72
N ASP E 188 63.92 32.49 -7.01
CA ASP E 188 63.07 33.42 -6.26
C ASP E 188 61.57 33.23 -6.50
N LEU E 189 61.17 32.94 -7.73
CA LEU E 189 59.73 32.81 -8.02
C LEU E 189 59.16 31.40 -7.77
N GLN E 190 60.00 30.35 -7.86
CA GLN E 190 59.63 28.94 -7.67
C GLN E 190 58.62 28.35 -8.65
N ASP E 191 58.53 28.90 -9.85
CA ASP E 191 57.61 28.40 -10.87
C ASP E 191 58.16 28.38 -12.31
N ARG E 192 59.48 28.46 -12.49
CA ARG E 192 60.07 28.50 -13.83
C ARG E 192 61.25 27.57 -13.99
N PHE E 193 61.54 27.24 -15.24
CA PHE E 193 62.67 26.38 -15.61
C PHE E 193 63.40 26.99 -16.80
N THR E 194 64.72 26.87 -16.84
CA THR E 194 65.46 27.43 -17.98
C THR E 194 66.12 26.37 -18.85
N ILE E 195 66.24 26.67 -20.14
CA ILE E 195 66.92 25.82 -21.10
C ILE E 195 68.21 26.49 -21.55
N LEU E 196 69.34 25.80 -21.38
CA LEU E 196 70.66 26.38 -21.67
C LEU E 196 71.41 25.75 -22.85
N ASP E 197 72.16 26.63 -23.52
CA ASP E 197 73.05 26.30 -24.63
C ASP E 197 74.49 26.54 -24.24
N THR E 198 75.42 25.95 -24.96
CA THR E 198 76.80 26.33 -24.78
C THR E 198 76.99 27.63 -25.56
N TYR E 199 78.11 28.31 -25.34
CA TYR E 199 78.46 29.54 -26.05
C TYR E 199 78.67 29.26 -27.55
N SER E 200 79.31 28.14 -27.82
CA SER E 200 79.68 27.67 -29.15
C SER E 200 79.68 26.15 -29.19
N ASP E 201 79.49 25.55 -30.37
CA ASP E 201 79.62 24.10 -30.44
C ASP E 201 81.04 23.62 -30.78
N GLN E 202 81.95 24.59 -30.97
CA GLN E 202 83.37 24.41 -31.33
C GLN E 202 84.30 25.15 -30.38
N THR E 203 85.58 24.77 -30.36
CA THR E 203 86.56 25.43 -29.50
C THR E 203 86.52 26.94 -29.71
N TYR E 204 86.43 27.66 -28.61
CA TYR E 204 86.37 29.12 -28.82
C TYR E 204 87.63 29.75 -28.23
N ASN E 205 87.89 30.92 -28.78
CA ASN E 205 89.07 31.71 -28.47
C ASN E 205 88.73 32.81 -27.46
N ASP E 206 89.26 32.68 -26.23
CA ASP E 206 88.98 33.59 -25.11
C ASP E 206 89.64 34.96 -25.30
N GLY E 207 90.55 35.02 -26.26
CA GLY E 207 91.39 36.17 -26.55
C GLY E 207 92.77 35.93 -25.95
N VAL E 208 92.84 34.93 -25.05
CA VAL E 208 94.08 34.53 -24.39
C VAL E 208 94.33 33.01 -24.39
N GLU E 209 93.31 32.20 -24.71
CA GLU E 209 93.39 30.75 -24.62
C GLU E 209 92.32 30.06 -25.49
N ASP E 210 92.56 28.81 -25.86
CA ASP E 210 91.53 28.06 -26.63
C ASP E 210 90.72 27.29 -25.59
N LEU E 211 89.40 27.42 -25.61
CA LEU E 211 88.55 26.75 -24.57
C LEU E 211 87.54 25.77 -25.17
N ASP E 212 87.45 24.57 -24.60
CA ASP E 212 86.45 23.55 -24.92
C ASP E 212 85.07 23.90 -24.31
N PRO E 213 84.00 24.03 -25.11
CA PRO E 213 82.63 24.38 -24.72
C PRO E 213 82.01 23.64 -23.53
N ILE E 214 82.34 22.37 -23.31
CA ILE E 214 81.67 21.72 -22.19
C ILE E 214 82.28 22.19 -20.85
N PRO E 215 83.62 22.06 -20.60
CA PRO E 215 84.30 22.64 -19.47
C PRO E 215 84.00 24.13 -19.32
N ALA E 216 83.85 24.84 -20.44
CA ALA E 216 83.55 26.26 -20.40
C ALA E 216 82.27 26.55 -19.66
N LEU E 217 81.21 25.84 -20.03
CA LEU E 217 79.90 26.03 -19.42
C LEU E 217 79.94 25.61 -17.96
N ARG E 218 80.64 24.51 -17.67
CA ARG E 218 80.74 24.06 -16.29
C ARG E 218 81.43 25.06 -15.37
N ASN E 219 82.47 25.73 -15.83
CA ASN E 219 83.12 26.74 -15.01
C ASN E 219 82.34 28.06 -15.01
N GLY E 220 81.68 28.36 -16.13
CA GLY E 220 80.90 29.56 -16.35
C GLY E 220 79.74 29.73 -15.38
N ILE E 221 78.93 28.68 -15.23
CA ILE E 221 77.80 28.73 -14.32
C ILE E 221 78.25 28.18 -12.96
N ASN E 222 78.36 29.07 -11.97
CA ASN E 222 78.91 28.75 -10.65
C ASN E 222 77.94 28.84 -9.46
N LEU E 223 76.66 28.69 -9.71
CA LEU E 223 75.65 28.72 -8.66
C LEU E 223 75.55 27.37 -8.00
N THR E 224 75.02 27.33 -6.78
CA THR E 224 74.83 26.05 -6.08
C THR E 224 73.52 25.32 -6.39
N LYS E 225 73.35 24.20 -5.71
CA LYS E 225 72.26 23.23 -5.85
C LYS E 225 70.85 23.84 -5.95
N ASP E 226 70.57 24.84 -5.13
CA ASP E 226 69.29 25.52 -5.07
C ASP E 226 68.89 26.17 -6.38
N TYR E 227 69.86 26.45 -7.24
CA TYR E 227 69.62 27.09 -8.49
C TYR E 227 69.73 26.12 -9.64
N LEU E 228 70.70 25.21 -9.53
CA LEU E 228 71.00 24.26 -10.59
C LEU E 228 69.82 23.33 -10.86
N LYS E 229 69.06 23.03 -9.82
CA LYS E 229 67.87 22.18 -9.97
C LYS E 229 66.80 22.80 -10.90
N TYR E 230 66.91 24.10 -11.22
CA TYR E 230 65.92 24.78 -12.08
C TYR E 230 66.29 24.89 -13.54
N GLY E 231 67.28 24.14 -14.00
CA GLY E 231 67.54 24.20 -15.43
C GLY E 231 68.31 23.00 -15.95
N ALA E 232 68.45 22.97 -17.27
CA ALA E 232 69.13 21.88 -18.00
C ALA E 232 69.80 22.43 -19.25
N ALA E 233 70.85 21.75 -19.72
CA ALA E 233 71.58 22.18 -20.91
C ALA E 233 71.65 21.08 -21.96
N TYR E 234 71.72 21.51 -23.22
CA TYR E 234 71.82 20.61 -24.38
C TYR E 234 73.02 20.93 -25.30
N TYR E 235 73.58 19.90 -25.93
CA TYR E 235 74.71 20.00 -26.86
C TYR E 235 74.66 18.90 -27.91
N PRO E 236 75.09 19.14 -29.15
CA PRO E 236 75.54 20.31 -29.90
C PRO E 236 74.43 21.13 -30.53
N PHE E 237 74.83 22.08 -31.38
CA PHE E 237 73.95 22.89 -32.22
C PHE E 237 73.42 22.03 -33.36
N VAL E 238 72.32 22.44 -34.01
CA VAL E 238 71.79 21.62 -35.11
C VAL E 238 71.62 22.35 -36.44
N GLN E 239 71.66 21.58 -37.52
CA GLN E 239 71.45 22.11 -38.86
C GLN E 239 70.02 21.89 -39.31
N THR E 240 69.35 23.02 -39.58
CA THR E 240 67.93 23.12 -40.02
C THR E 240 67.81 23.14 -41.55
N ILE E 241 66.57 23.22 -42.05
CA ILE E 241 66.23 23.21 -43.47
C ILE E 241 65.72 24.56 -43.94
N LEU E 242 65.89 25.58 -43.10
CA LEU E 242 65.46 26.93 -43.37
C LEU E 242 66.51 27.65 -44.22
N ASN E 243 66.07 28.57 -45.07
CA ASN E 243 66.97 29.35 -45.91
C ASN E 243 67.36 30.68 -45.28
N TYR E 244 68.20 31.42 -45.99
CA TYR E 244 68.62 32.74 -45.57
C TYR E 244 67.81 33.78 -46.32
N GLN E 245 67.60 34.93 -45.71
CA GLN E 245 66.90 36.01 -46.37
C GLN E 245 67.93 36.95 -47.00
N TYR E 246 67.74 37.29 -48.28
CA TYR E 246 68.70 38.13 -49.01
C TYR E 246 68.06 38.82 -50.22
N SER E 247 68.85 39.68 -50.87
CA SER E 247 68.45 40.37 -52.09
C SER E 247 69.58 40.40 -53.11
N ALA E 248 69.24 40.12 -54.37
CA ALA E 248 70.17 40.07 -55.51
C ALA E 248 70.88 41.41 -55.73
N ASP E 249 70.30 42.49 -55.21
CA ASP E 249 70.88 43.83 -55.34
C ASP E 249 72.16 43.98 -54.54
N GLU E 250 72.36 43.12 -53.55
CA GLU E 250 73.51 43.20 -52.68
C GLU E 250 74.61 42.22 -53.05
N ILE E 251 74.43 41.45 -54.12
CA ILE E 251 75.40 40.40 -54.43
C ILE E 251 76.23 40.66 -55.67
N VAL E 252 77.56 40.70 -55.50
CA VAL E 252 78.51 41.00 -56.57
C VAL E 252 79.28 39.77 -57.03
N ILE E 253 79.43 39.67 -58.36
CA ILE E 253 80.07 38.57 -59.03
C ILE E 253 81.49 38.80 -59.53
N GLN E 254 82.37 37.87 -59.16
CA GLN E 254 83.74 37.84 -59.66
C GLN E 254 83.72 36.91 -60.88
N HIS E 255 84.36 37.31 -61.97
CA HIS E 255 84.37 36.47 -63.18
C HIS E 255 85.76 36.31 -63.75
N LEU E 256 86.28 35.11 -63.68
CA LEU E 256 87.62 34.84 -64.18
C LEU E 256 87.53 34.01 -65.44
N SER E 257 88.49 34.20 -66.34
CA SER E 257 88.47 33.47 -67.59
C SER E 257 89.82 33.17 -68.22
N TYR E 258 89.90 32.00 -68.87
CA TYR E 258 91.05 31.57 -69.68
C TYR E 258 91.30 32.57 -70.82
N ASN E 259 90.24 33.31 -71.17
CA ASN E 259 90.23 34.32 -72.21
C ASN E 259 89.50 35.55 -71.62
N PRO E 260 90.24 36.48 -71.00
CA PRO E 260 89.77 37.70 -70.35
C PRO E 260 89.11 38.66 -71.32
N ASN E 261 88.12 39.41 -70.85
CA ASN E 261 87.51 40.45 -71.65
C ASN E 261 86.67 41.47 -70.86
N ALA E 262 87.02 41.71 -69.60
CA ALA E 262 86.29 42.71 -68.81
C ALA E 262 86.50 44.14 -69.30
N ILE E 263 87.74 44.48 -69.67
CA ILE E 263 88.07 45.84 -70.07
C ILE E 263 87.52 46.09 -71.45
N ALA E 264 87.74 45.13 -72.34
CA ALA E 264 87.26 45.28 -73.71
C ALA E 264 85.75 45.47 -73.72
N THR E 265 85.02 44.76 -72.85
CA THR E 265 83.58 44.92 -72.78
C THR E 265 83.24 46.34 -72.36
N ALA E 266 83.92 46.85 -71.30
CA ALA E 266 83.62 48.18 -70.84
C ALA E 266 83.86 49.18 -71.96
N LEU E 267 84.95 49.02 -72.72
CA LEU E 267 85.22 49.94 -73.80
C LEU E 267 84.19 49.90 -74.90
N ASP E 268 83.72 48.70 -75.28
CA ASP E 268 82.72 48.65 -76.33
C ASP E 268 81.48 49.43 -75.95
N ASN E 269 81.08 49.35 -74.68
CA ASN E 269 79.90 50.10 -74.26
C ASN E 269 80.21 51.60 -74.08
N LEU E 270 81.36 51.93 -73.51
CA LEU E 270 81.70 53.33 -73.28
C LEU E 270 81.85 54.09 -74.61
N ASN E 271 82.36 53.40 -75.63
CA ASN E 271 82.56 53.98 -76.94
C ASN E 271 81.23 54.14 -77.69
N ALA E 272 80.16 53.54 -77.16
CA ALA E 272 78.86 53.65 -77.79
C ALA E 272 78.16 54.85 -77.19
N GLY E 450 80.29 65.74 -72.92
CA GLY E 450 81.18 65.00 -73.83
C GLY E 450 82.66 64.99 -73.45
N THR E 451 83.16 66.08 -72.88
CA THR E 451 84.55 66.16 -72.47
C THR E 451 84.88 65.10 -71.42
N ARG E 452 83.96 64.87 -70.49
CA ARG E 452 84.24 63.94 -69.42
C ARG E 452 84.16 62.52 -69.96
N LEU E 453 83.30 62.29 -70.95
CA LEU E 453 83.20 60.95 -71.51
C LEU E 453 84.52 60.57 -72.16
N ASP E 454 85.16 61.54 -72.85
CA ASP E 454 86.46 61.26 -73.46
C ASP E 454 87.51 60.89 -72.40
N ASP E 455 87.52 61.60 -71.26
CA ASP E 455 88.48 61.29 -70.19
C ASP E 455 88.28 59.88 -69.63
N ILE E 456 87.02 59.47 -69.48
CA ILE E 456 86.73 58.14 -68.96
C ILE E 456 87.23 57.07 -69.90
N ILE E 457 86.94 57.22 -71.20
CA ILE E 457 87.34 56.21 -72.14
C ILE E 457 88.85 56.07 -72.19
N ALA E 458 89.57 57.19 -72.23
CA ALA E 458 91.03 57.10 -72.25
C ALA E 458 91.56 56.42 -70.99
N ALA E 459 91.00 56.73 -69.82
CA ALA E 459 91.47 56.11 -68.59
C ALA E 459 91.27 54.60 -68.64
N VAL E 460 90.13 54.16 -69.20
CA VAL E 460 89.81 52.76 -69.31
C VAL E 460 90.67 52.04 -70.32
N SER E 461 90.85 52.61 -71.52
CA SER E 461 91.62 51.89 -72.54
C SER E 461 93.04 51.65 -72.09
N ALA E 462 93.55 52.53 -71.23
CA ALA E 462 94.86 52.39 -70.66
C ALA E 462 95.02 51.09 -69.86
N ALA E 463 93.93 50.53 -69.35
CA ALA E 463 93.93 49.32 -68.54
C ALA E 463 93.88 48.03 -69.33
N GLU E 464 93.69 48.08 -70.65
CA GLU E 464 93.56 46.80 -71.33
C GLU E 464 94.79 45.89 -71.14
N PRO E 465 96.05 46.39 -71.14
CA PRO E 465 97.27 45.64 -70.86
C PRO E 465 97.37 45.09 -69.41
N ILE E 466 96.56 45.61 -68.48
CA ILE E 466 96.60 45.22 -67.08
C ILE E 466 95.76 44.01 -66.80
N ASP E 467 94.54 44.04 -67.27
CA ASP E 467 93.62 42.97 -66.96
C ASP E 467 93.89 41.74 -67.80
N VAL E 468 94.47 40.75 -67.17
CA VAL E 468 94.83 39.54 -67.86
C VAL E 468 94.10 38.34 -67.26
N ASN E 469 93.10 38.61 -66.40
CA ASN E 469 92.37 37.53 -65.75
C ASN E 469 90.83 37.60 -65.78
N ASN E 470 90.27 38.80 -65.92
CA ASN E 470 88.83 38.94 -65.72
C ASN E 470 87.97 38.91 -66.97
N GLY E 471 86.87 38.19 -66.86
CA GLY E 471 85.90 38.06 -67.93
C GLY E 471 84.86 39.18 -67.94
N LYS E 472 83.99 39.10 -68.93
CA LYS E 472 82.89 40.03 -69.19
C LYS E 472 82.00 40.47 -68.02
N LEU E 473 81.63 39.56 -67.11
CA LEU E 473 80.70 39.87 -66.03
C LEU E 473 81.35 40.37 -64.73
N ASN E 474 82.67 40.44 -64.71
CA ASN E 474 83.38 40.78 -63.49
C ASN E 474 82.96 42.14 -62.94
N GLY E 475 82.60 42.17 -61.66
CA GLY E 475 82.24 43.40 -60.98
C GLY E 475 80.75 43.75 -60.97
N ARG E 476 79.92 43.02 -61.71
CA ARG E 476 78.49 43.36 -61.72
C ARG E 476 77.68 42.64 -60.64
N LEU E 477 76.53 43.22 -60.32
CA LEU E 477 75.57 42.66 -59.37
C LEU E 477 74.63 41.66 -60.01
N LEU E 478 74.14 40.69 -59.25
CA LEU E 478 73.17 39.77 -59.86
C LEU E 478 72.00 40.43 -60.51
N SER E 479 71.39 41.38 -59.84
CA SER E 479 70.22 42.03 -60.40
C SER E 479 70.50 42.79 -61.72
N ASP E 480 71.77 43.08 -62.02
CA ASP E 480 72.15 43.78 -63.23
C ASP E 480 72.67 42.89 -64.36
N ILE E 481 72.68 41.55 -64.17
CA ILE E 481 73.18 40.71 -65.26
C ILE E 481 72.09 39.83 -65.84
N GLU E 482 70.90 39.82 -65.24
CA GLU E 482 69.87 38.95 -65.76
C GLU E 482 69.63 39.11 -67.26
N PRO E 483 69.49 40.31 -67.86
CA PRO E 483 69.34 40.47 -69.29
C PRO E 483 70.59 40.12 -70.13
N LEU E 484 71.77 40.09 -69.50
CA LEU E 484 73.00 39.78 -70.23
C LEU E 484 73.08 38.29 -70.44
N ASP E 485 72.78 37.57 -69.37
CA ASP E 485 72.77 36.12 -69.34
C ASP E 485 71.89 35.64 -68.19
N ASN E 486 70.63 35.31 -68.46
CA ASN E 486 69.76 34.95 -67.37
C ASN E 486 70.01 33.51 -66.95
N ALA E 487 70.92 32.81 -67.64
CA ALA E 487 71.26 31.46 -67.25
C ALA E 487 72.20 31.56 -66.06
N THR E 488 73.04 32.60 -66.06
CA THR E 488 73.98 32.81 -64.98
C THR E 488 73.23 33.31 -63.79
N TYR E 489 72.35 34.28 -64.02
CA TYR E 489 71.56 34.83 -62.94
C TYR E 489 70.77 33.74 -62.23
N ASN E 490 70.05 32.93 -63.00
CA ASN E 490 69.25 31.89 -62.39
C ASN E 490 70.09 30.82 -61.72
N THR E 491 71.24 30.44 -62.31
CA THR E 491 72.07 29.41 -61.70
C THR E 491 72.59 29.88 -60.36
N ILE E 492 73.03 31.13 -60.29
CA ILE E 492 73.54 31.65 -59.06
C ILE E 492 72.49 31.64 -57.97
N LEU E 493 71.27 32.10 -58.27
CA LEU E 493 70.24 32.10 -57.24
C LEU E 493 69.98 30.69 -56.73
N LEU E 494 69.99 29.72 -57.64
CA LEU E 494 69.78 28.34 -57.24
C LEU E 494 70.88 27.89 -56.28
N GLU E 495 72.15 28.24 -56.58
CA GLU E 495 73.25 27.89 -55.68
C GLU E 495 73.16 28.61 -54.34
N ILE E 496 72.72 29.87 -54.31
CA ILE E 496 72.64 30.59 -53.04
C ILE E 496 71.68 29.86 -52.12
N ASN E 497 70.62 29.33 -52.71
CA ASN E 497 69.50 28.63 -52.02
C ASN E 497 69.94 27.31 -51.39
N SER E 498 71.14 26.83 -51.73
CA SER E 498 71.54 25.54 -51.22
C SER E 498 72.13 25.66 -49.80
N HIS E 499 72.38 26.89 -49.34
CA HIS E 499 72.95 27.12 -48.02
C HIS E 499 71.87 27.21 -46.94
N LYS E 500 72.04 26.45 -45.86
CA LYS E 500 71.03 26.42 -44.80
C LYS E 500 71.50 27.08 -43.50
N VAL E 501 70.50 27.44 -42.69
CA VAL E 501 70.64 28.06 -41.37
C VAL E 501 71.03 27.05 -40.26
N THR E 502 71.96 27.44 -39.37
CA THR E 502 72.39 26.60 -38.23
C THR E 502 72.01 27.31 -36.93
N LEU E 503 71.34 26.59 -36.02
CA LEU E 503 70.85 27.18 -34.78
C LEU E 503 71.20 26.40 -33.48
N PRO E 504 71.33 27.07 -32.33
CA PRO E 504 71.38 26.47 -31.00
C PRO E 504 70.04 25.72 -30.88
N PRO E 505 69.94 24.61 -30.15
CA PRO E 505 68.75 23.78 -30.02
C PRO E 505 67.66 24.19 -29.02
N SER E 506 67.79 25.33 -28.34
CA SER E 506 66.85 25.65 -27.26
C SER E 506 65.39 25.88 -27.67
N SER E 507 65.13 26.42 -28.86
CA SER E 507 63.74 26.68 -29.22
C SER E 507 63.06 25.41 -29.69
N SER E 508 63.87 24.51 -30.24
CA SER E 508 63.40 23.22 -30.69
C SER E 508 62.99 22.43 -29.47
N MET E 509 63.80 22.53 -28.40
CA MET E 509 63.46 21.81 -27.19
C MET E 509 62.20 22.35 -26.54
N ALA E 510 61.98 23.68 -26.54
CA ALA E 510 60.75 24.19 -25.96
C ALA E 510 59.54 23.60 -26.70
N GLY E 511 59.65 23.48 -28.02
CA GLY E 511 58.62 22.86 -28.84
C GLY E 511 58.41 21.40 -28.42
N ALA E 512 59.51 20.65 -28.32
CA ALA E 512 59.48 19.25 -27.93
C ALA E 512 58.85 19.04 -26.55
N TYR E 513 59.10 19.95 -25.60
CA TYR E 513 58.51 19.83 -24.28
C TYR E 513 56.99 19.87 -24.39
N ALA E 514 56.48 20.81 -25.19
CA ALA E 514 55.03 20.91 -25.38
C ALA E 514 54.42 19.64 -25.97
N ARG E 515 55.10 19.02 -26.94
CA ARG E 515 54.59 17.76 -27.50
C ARG E 515 54.48 16.66 -26.46
N VAL E 516 55.50 16.49 -25.64
CA VAL E 516 55.43 15.42 -24.66
C VAL E 516 54.31 15.65 -23.65
N ASP E 517 54.17 16.89 -23.16
CA ASP E 517 53.14 17.16 -22.18
C ASP E 517 51.75 16.79 -22.72
N ASN E 518 51.50 17.07 -24.00
CA ASN E 518 50.20 16.74 -24.60
C ASN E 518 49.97 15.25 -24.92
N ASP E 519 50.99 14.53 -25.40
CA ASP E 519 50.76 13.13 -25.75
C ASP E 519 50.97 12.13 -24.62
N ARG E 520 51.91 12.38 -23.71
CA ARG E 520 52.18 11.43 -22.64
C ARG E 520 51.97 11.96 -21.22
N GLY E 521 52.18 13.26 -21.02
CA GLY E 521 52.05 13.87 -19.70
C GLY E 521 53.37 14.40 -19.16
N VAL E 522 53.26 15.47 -18.37
CA VAL E 522 54.38 16.19 -17.75
C VAL E 522 55.26 15.33 -16.84
N TRP E 523 54.75 14.19 -16.41
CA TRP E 523 55.52 13.31 -15.55
C TRP E 523 56.43 12.34 -16.32
N LYS E 524 56.44 12.41 -17.65
CA LYS E 524 57.32 11.55 -18.46
C LYS E 524 58.53 12.33 -18.94
N SER E 525 59.68 11.65 -19.03
CA SER E 525 60.91 12.29 -19.47
C SER E 525 60.84 12.86 -20.89
N PRO E 526 61.32 14.09 -21.12
CA PRO E 526 61.42 14.73 -22.41
C PRO E 526 62.64 14.25 -23.18
N ALA E 527 62.64 12.99 -23.57
CA ALA E 527 63.75 12.34 -24.27
C ALA E 527 63.22 11.22 -25.15
N ASN E 528 64.06 10.77 -26.10
CA ASN E 528 63.72 9.77 -27.10
C ASN E 528 62.59 10.33 -27.97
N ILE E 529 62.80 11.60 -28.31
CA ILE E 529 61.94 12.46 -29.11
C ILE E 529 62.62 12.82 -30.41
N GLY E 530 61.94 12.65 -31.53
CA GLY E 530 62.54 13.10 -32.79
C GLY E 530 62.24 14.59 -32.98
N LEU E 531 63.20 15.31 -33.55
CA LEU E 531 63.02 16.74 -33.83
C LEU E 531 62.56 17.00 -35.26
N ASN E 532 61.71 18.00 -35.46
CA ASN E 532 61.25 18.34 -36.80
C ASN E 532 62.15 19.40 -37.40
N TYR E 533 62.24 19.40 -38.74
CA TYR E 533 63.05 20.36 -39.49
C TYR E 533 64.52 20.31 -39.12
N VAL E 534 65.04 19.13 -38.81
CA VAL E 534 66.45 19.01 -38.49
C VAL E 534 67.07 18.02 -39.44
N SER E 535 68.11 18.45 -40.13
CA SER E 535 68.83 17.63 -41.07
C SER E 535 69.77 16.73 -40.28
N LYS E 536 70.56 17.34 -39.41
CA LYS E 536 71.53 16.61 -38.60
C LYS E 536 72.10 17.50 -37.49
N PRO E 537 72.68 16.92 -36.41
CA PRO E 537 73.52 17.60 -35.42
C PRO E 537 74.73 18.17 -36.13
N SER E 538 75.26 19.30 -35.69
CA SER E 538 76.47 19.87 -36.29
C SER E 538 77.75 19.10 -35.92
N VAL E 539 77.76 18.48 -34.75
CA VAL E 539 78.89 17.71 -34.25
C VAL E 539 78.46 16.30 -33.89
N THR E 540 79.19 15.31 -34.34
CA THR E 540 78.84 13.93 -33.99
C THR E 540 79.36 13.56 -32.61
N VAL E 541 78.47 12.99 -31.79
CA VAL E 541 78.82 12.55 -30.45
C VAL E 541 78.71 11.03 -30.40
N SER E 542 79.82 10.38 -30.07
CA SER E 542 79.89 8.92 -30.01
C SER E 542 79.33 8.42 -28.69
N HIS E 543 79.21 7.11 -28.54
CA HIS E 543 78.75 6.51 -27.30
C HIS E 543 79.68 6.83 -26.15
N GLU E 544 80.97 6.55 -26.34
CA GLU E 544 81.97 6.76 -25.31
C GLU E 544 82.10 8.23 -24.91
N GLU E 545 81.97 9.12 -25.88
CA GLU E 545 82.07 10.55 -25.66
C GLU E 545 80.95 11.12 -24.78
N GLN E 546 79.84 10.41 -24.64
CA GLN E 546 78.75 10.92 -23.86
C GLN E 546 78.87 10.51 -22.40
N GLU E 547 79.80 9.62 -22.05
CA GLU E 547 79.81 9.17 -20.66
C GLU E 547 80.03 10.31 -19.67
N SER E 548 80.89 11.26 -20.01
CA SER E 548 81.21 12.40 -19.18
C SER E 548 80.16 13.52 -19.27
N MET E 549 79.19 13.38 -20.17
CA MET E 549 78.15 14.36 -20.32
C MET E 549 77.01 13.99 -19.37
N ASN E 550 76.75 12.68 -19.24
CA ASN E 550 75.63 12.23 -18.41
C ASN E 550 76.04 12.16 -16.94
N VAL E 551 77.26 11.68 -16.66
CA VAL E 551 77.74 11.57 -15.29
C VAL E 551 79.06 12.29 -15.14
N HIS E 552 79.17 13.15 -14.13
CA HIS E 552 80.37 13.93 -13.92
C HIS E 552 80.52 14.32 -12.46
N GLY E 553 81.76 14.46 -12.00
CA GLY E 553 82.07 14.83 -10.62
C GLY E 553 81.37 16.11 -10.12
N THR E 554 81.10 17.07 -11.01
CA THR E 554 80.43 18.30 -10.59
C THR E 554 78.91 18.23 -10.56
N GLY E 555 78.32 17.20 -11.20
CA GLY E 555 76.87 17.05 -11.32
C GLY E 555 76.28 17.90 -12.45
N LYS E 556 77.10 18.70 -13.14
CA LYS E 556 76.62 19.59 -14.19
C LYS E 556 76.50 18.88 -15.52
N SER E 557 75.50 18.03 -15.60
CA SER E 557 75.19 17.18 -16.73
C SER E 557 74.74 17.96 -17.95
N VAL E 558 75.03 17.42 -19.13
CA VAL E 558 74.59 17.98 -20.41
C VAL E 558 73.89 16.89 -21.22
N ASN E 559 72.71 17.16 -21.76
CA ASN E 559 71.98 16.17 -22.53
C ASN E 559 72.48 16.21 -23.98
N ALA E 560 72.39 15.10 -24.71
CA ALA E 560 72.95 15.09 -26.06
C ALA E 560 71.93 14.98 -27.17
N ILE E 561 72.22 15.64 -28.28
CA ILE E 561 71.39 15.45 -29.47
C ILE E 561 72.17 14.51 -30.39
N ARG E 562 71.58 13.35 -30.73
CA ARG E 562 72.28 12.32 -31.50
C ARG E 562 71.50 11.75 -32.68
N SER E 563 72.23 11.31 -33.70
CA SER E 563 71.64 10.70 -34.90
C SER E 563 71.61 9.18 -34.83
N PHE E 564 70.43 8.61 -35.04
CA PHE E 564 70.25 7.16 -35.02
C PHE E 564 69.84 6.64 -36.39
N VAL E 565 70.36 5.48 -36.74
CA VAL E 565 70.05 4.93 -38.05
C VAL E 565 68.62 4.46 -38.13
N GLY E 566 67.92 4.98 -39.13
CA GLY E 566 66.53 4.66 -39.36
C GLY E 566 65.56 5.47 -38.50
N LYS E 567 66.08 6.36 -37.64
CA LYS E 567 65.22 7.13 -36.76
C LYS E 567 65.36 8.63 -36.94
N GLY E 568 66.56 9.10 -37.28
CA GLY E 568 66.79 10.54 -37.42
C GLY E 568 67.37 11.12 -36.15
N THR E 569 67.19 12.44 -35.97
CA THR E 569 67.83 13.10 -34.85
C THR E 569 66.96 13.04 -33.61
N LEU E 570 67.50 12.44 -32.54
CA LEU E 570 66.78 12.25 -31.28
C LEU E 570 67.41 12.96 -30.10
N VAL E 571 66.56 13.32 -29.15
CA VAL E 571 67.03 13.87 -27.87
C VAL E 571 67.43 12.72 -26.95
N TRP E 572 68.69 12.63 -26.55
CA TRP E 572 69.14 11.49 -25.77
C TRP E 572 69.61 11.92 -24.35
N GLY E 573 68.80 11.60 -23.35
CA GLY E 573 69.09 12.01 -21.97
C GLY E 573 68.13 13.10 -21.47
N ALA E 574 67.81 13.04 -20.17
CA ALA E 574 66.90 14.01 -19.57
C ALA E 574 67.23 14.37 -18.12
N ARG E 575 68.47 14.77 -17.87
CA ARG E 575 68.85 15.16 -16.51
C ARG E 575 68.98 16.68 -16.38
N THR E 576 68.94 17.15 -15.15
CA THR E 576 69.08 18.58 -14.79
C THR E 576 70.54 18.90 -14.47
N LEU E 577 70.82 20.17 -14.17
CA LEU E 577 72.19 20.61 -13.83
C LEU E 577 72.63 20.20 -12.41
N ALA E 578 71.80 19.41 -11.73
CA ALA E 578 72.08 18.86 -10.42
C ALA E 578 71.94 17.33 -10.51
N GLY E 579 72.72 16.73 -11.40
CA GLY E 579 72.64 15.34 -11.81
C GLY E 579 72.93 14.30 -10.74
N ASN E 580 73.54 14.69 -9.64
CA ASN E 580 73.82 13.75 -8.57
C ASN E 580 72.84 13.91 -7.42
N ASP E 581 71.80 14.71 -7.63
CA ASP E 581 70.78 14.96 -6.62
C ASP E 581 69.76 13.83 -6.54
N ASN E 582 69.75 13.14 -5.42
CA ASN E 582 68.88 11.98 -5.23
C ASN E 582 67.39 12.28 -5.40
N GLU E 583 66.98 13.53 -5.19
CA GLU E 583 65.58 13.88 -5.32
C GLU E 583 65.29 14.63 -6.62
N TRP E 584 66.19 15.52 -7.03
CA TRP E 584 65.95 16.38 -8.18
C TRP E 584 66.75 16.16 -9.47
N ARG E 585 67.54 15.09 -9.62
CA ARG E 585 68.31 14.90 -10.86
C ARG E 585 67.50 14.75 -12.17
N TYR E 586 66.24 14.31 -12.13
CA TYR E 586 65.49 14.15 -13.38
C TYR E 586 64.59 15.33 -13.71
N ILE E 587 64.55 15.68 -14.99
CA ILE E 587 63.75 16.82 -15.42
C ILE E 587 62.28 16.64 -15.13
N SER E 588 61.74 15.45 -15.42
CA SER E 588 60.33 15.14 -15.22
C SER E 588 59.87 15.17 -13.77
N VAL E 589 60.78 15.06 -12.82
CA VAL E 589 60.36 15.11 -11.44
C VAL E 589 60.23 16.58 -11.09
N ARG E 590 61.25 17.36 -11.43
CA ARG E 590 61.18 18.78 -11.14
C ARG E 590 59.96 19.44 -11.81
N ARG E 591 59.73 19.14 -13.10
CA ARG E 591 58.60 19.73 -13.80
C ARG E 591 57.24 19.28 -13.25
N PHE E 592 57.10 18.00 -12.88
CA PHE E 592 55.84 17.52 -12.29
C PHE E 592 55.53 18.30 -11.03
N PHE E 593 56.51 18.45 -10.13
CA PHE E 593 56.28 19.21 -8.92
C PHE E 593 55.90 20.65 -9.22
N ASN E 594 56.59 21.33 -10.15
CA ASN E 594 56.21 22.71 -10.40
C ASN E 594 54.76 22.81 -10.85
N MET E 595 54.32 21.87 -11.69
CA MET E 595 52.95 21.85 -12.17
C MET E 595 51.96 21.67 -11.03
N ALA E 596 52.18 20.66 -10.20
CA ALA E 596 51.26 20.38 -9.12
C ALA E 596 51.18 21.55 -8.15
N GLU E 597 52.31 22.17 -7.84
CA GLU E 597 52.32 23.27 -6.90
C GLU E 597 51.57 24.48 -7.41
N GLU E 598 51.72 24.80 -8.70
CA GLU E 598 51.02 25.94 -9.28
C GLU E 598 49.51 25.72 -9.28
N SER E 599 49.07 24.52 -9.68
CA SER E 599 47.64 24.25 -9.72
C SER E 599 47.00 24.30 -8.35
N ILE E 600 47.69 23.77 -7.34
CA ILE E 600 47.12 23.81 -6.02
C ILE E 600 47.05 25.24 -5.50
N LYS E 601 48.11 26.06 -5.63
CA LYS E 601 47.89 27.38 -5.05
C LYS E 601 46.76 28.16 -5.73
N LYS E 602 46.55 27.97 -7.04
CA LYS E 602 45.43 28.69 -7.65
C LYS E 602 44.12 28.31 -6.98
N ALA E 603 43.96 27.02 -6.72
CA ALA E 603 42.79 26.50 -6.04
C ALA E 603 42.64 27.01 -4.59
N THR E 604 43.76 27.24 -3.87
CA THR E 604 43.67 27.69 -2.47
C THR E 604 43.42 29.18 -2.32
N GLU E 605 43.63 29.99 -3.36
CA GLU E 605 43.42 31.45 -3.25
C GLU E 605 41.98 31.83 -2.86
N GLN E 606 40.99 31.04 -3.20
CA GLN E 606 39.61 31.32 -2.83
C GLN E 606 39.37 31.38 -1.31
N PHE E 607 40.30 30.87 -0.49
CA PHE E 607 40.16 30.86 0.95
C PHE E 607 41.00 31.91 1.68
N VAL E 608 41.62 32.85 0.97
CA VAL E 608 42.54 33.80 1.63
C VAL E 608 41.97 34.64 2.76
N PHE E 609 40.77 35.15 2.63
CA PHE E 609 40.25 36.00 3.71
C PHE E 609 39.21 35.31 4.60
N GLU E 610 39.21 33.98 4.61
CA GLU E 610 38.28 33.24 5.44
C GLU E 610 38.78 33.16 6.89
N PRO E 611 37.90 32.95 7.89
CA PRO E 611 38.24 32.76 9.29
C PRO E 611 39.23 31.61 9.50
N ASN E 612 40.18 31.78 10.40
CA ASN E 612 41.15 30.71 10.60
C ASN E 612 40.66 29.81 11.71
N ASP E 613 39.92 28.79 11.32
CA ASP E 613 39.31 27.84 12.25
C ASP E 613 39.05 26.48 11.58
N GLY E 614 38.52 25.55 12.36
CA GLY E 614 38.26 24.18 11.94
C GLY E 614 37.40 24.01 10.71
N ASN E 615 36.44 24.89 10.51
CA ASN E 615 35.60 24.77 9.33
C ASN E 615 36.38 25.00 8.03
N THR E 616 37.37 25.89 8.09
CA THR E 616 38.16 26.25 6.93
C THR E 616 39.16 25.15 6.70
N TRP E 617 39.78 24.68 7.78
CA TRP E 617 40.82 23.68 7.68
C TRP E 617 40.27 22.44 6.97
N VAL E 618 39.04 22.04 7.31
CA VAL E 618 38.43 20.90 6.65
C VAL E 618 38.17 21.17 5.17
N ARG E 619 37.62 22.34 4.83
CA ARG E 619 37.34 22.65 3.40
C ARG E 619 38.63 22.65 2.57
N VAL E 620 39.72 23.20 3.09
CA VAL E 620 40.98 23.28 2.35
C VAL E 620 41.53 21.89 2.13
N ARG E 621 41.56 21.08 3.18
CA ARG E 621 42.06 19.73 3.07
C ARG E 621 41.31 18.92 2.03
N ALA E 622 39.97 18.95 2.09
CA ALA E 622 39.20 18.17 1.16
C ALA E 622 39.47 18.55 -0.29
N MET E 623 39.60 19.85 -0.56
CA MET E 623 39.87 20.32 -1.89
C MET E 623 41.20 19.80 -2.45
N ILE E 624 42.25 19.85 -1.62
CA ILE E 624 43.56 19.39 -2.04
C ILE E 624 43.56 17.89 -2.31
N GLU E 625 42.94 17.10 -1.42
CA GLU E 625 42.90 15.67 -1.64
C GLU E 625 42.17 15.32 -2.94
N ASN E 626 41.08 16.02 -3.28
CA ASN E 626 40.38 15.69 -4.52
C ASN E 626 41.28 15.89 -5.74
N PHE E 627 42.07 16.97 -5.74
CA PHE E 627 43.02 17.21 -6.83
C PHE E 627 43.99 16.04 -6.98
N LEU E 628 44.59 15.64 -5.86
CA LEU E 628 45.58 14.58 -5.87
C LEU E 628 44.99 13.23 -6.28
N ILE E 629 43.74 12.95 -5.93
CA ILE E 629 43.11 11.70 -6.33
C ILE E 629 43.03 11.64 -7.84
N LEU E 630 42.63 12.73 -8.48
CA LEU E 630 42.57 12.75 -9.93
C LEU E 630 43.95 12.54 -10.58
N GLN E 631 45.01 13.12 -9.99
CA GLN E 631 46.36 12.91 -10.53
C GLN E 631 46.76 11.44 -10.42
N TRP E 632 46.37 10.81 -9.33
CA TRP E 632 46.60 9.39 -9.13
C TRP E 632 45.83 8.56 -10.16
N ARG E 633 44.55 8.86 -10.35
CA ARG E 633 43.71 8.11 -11.28
C ARG E 633 44.29 8.13 -12.70
N ALA E 634 44.89 9.26 -13.08
CA ALA E 634 45.49 9.45 -14.41
C ALA E 634 46.88 8.81 -14.55
N GLY E 635 47.42 8.22 -13.49
CA GLY E 635 48.72 7.57 -13.53
C GLY E 635 49.94 8.44 -13.25
N ALA E 636 49.77 9.64 -12.67
CA ALA E 636 50.93 10.49 -12.40
C ALA E 636 51.68 10.07 -11.14
N LEU E 637 50.94 9.55 -10.15
CA LEU E 637 51.50 9.16 -8.86
C LEU E 637 51.60 7.66 -8.70
N ALA E 638 52.58 7.24 -7.91
CA ALA E 638 52.78 5.83 -7.57
C ALA E 638 51.79 5.37 -6.51
N GLY E 639 51.55 4.05 -6.43
CA GLY E 639 50.70 3.48 -5.37
C GLY E 639 49.45 2.75 -5.86
N ALA E 640 49.18 1.59 -5.24
CA ALA E 640 48.02 0.75 -5.55
C ALA E 640 46.67 1.43 -5.32
N LYS E 641 46.61 2.27 -4.29
CA LYS E 641 45.44 3.01 -3.87
C LYS E 641 45.92 4.41 -3.48
N PRO E 642 45.09 5.48 -3.49
CA PRO E 642 45.45 6.84 -3.11
C PRO E 642 46.19 6.91 -1.77
N GLU E 643 45.84 6.04 -0.83
CA GLU E 643 46.45 5.95 0.49
C GLU E 643 47.98 5.74 0.47
N HIS E 644 48.49 5.25 -0.66
CA HIS E 644 49.90 4.96 -0.83
C HIS E 644 50.58 6.00 -1.73
N ALA E 645 49.78 6.92 -2.28
CA ALA E 645 50.27 7.89 -3.24
C ALA E 645 50.57 9.23 -2.59
N PHE E 646 49.73 9.63 -1.63
CA PHE E 646 49.91 10.94 -1.02
C PHE E 646 49.27 11.08 0.35
N TYR E 647 49.66 12.16 1.04
CA TYR E 647 48.96 12.56 2.27
C TYR E 647 48.84 14.07 2.35
N VAL E 648 47.82 14.54 3.09
CA VAL E 648 47.60 15.95 3.38
C VAL E 648 47.28 16.11 4.88
N LYS E 649 47.99 17.01 5.59
CA LYS E 649 47.75 17.24 7.02
C LYS E 649 47.59 18.71 7.38
N VAL E 650 46.63 19.00 8.25
CA VAL E 650 46.42 20.35 8.77
C VAL E 650 45.70 20.30 10.09
N GLY E 651 46.13 21.11 11.04
CA GLY E 651 45.42 21.20 12.31
C GLY E 651 46.22 21.78 13.46
N LEU E 652 45.50 22.19 14.49
CA LEU E 652 46.15 22.75 15.65
C LEU E 652 46.75 21.59 16.41
N GLY E 653 48.03 21.68 16.69
CA GLY E 653 48.74 20.60 17.36
C GLY E 653 49.42 19.66 16.36
N GLN E 654 49.11 19.79 15.07
CA GLN E 654 49.72 18.95 14.05
C GLN E 654 50.64 19.76 13.19
N THR E 655 50.13 20.87 12.66
CA THR E 655 50.91 21.72 11.79
C THR E 655 51.00 23.16 12.31
N MET E 656 50.07 23.54 13.20
CA MET E 656 49.97 24.90 13.73
C MET E 656 50.03 24.97 15.24
N THR E 657 50.51 26.09 15.74
CA THR E 657 50.45 26.35 17.18
C THR E 657 49.61 27.56 17.53
N ALA E 658 49.49 27.85 18.82
CA ALA E 658 48.65 28.96 19.28
C ALA E 658 49.11 30.30 18.69
N GLN E 659 50.40 30.45 18.55
CA GLN E 659 51.03 31.64 18.01
C GLN E 659 50.66 31.86 16.55
N ASP E 660 50.41 30.79 15.80
CA ASP E 660 50.09 30.92 14.39
C ASP E 660 48.66 31.34 14.28
N ILE E 661 47.84 30.88 15.20
CA ILE E 661 46.46 31.26 15.11
C ILE E 661 46.40 32.77 15.37
N LEU E 662 47.12 33.23 16.40
CA LEU E 662 47.13 34.65 16.74
C LEU E 662 47.64 35.55 15.62
N GLU E 663 48.66 35.12 14.89
CA GLU E 663 49.20 35.90 13.79
C GLU E 663 48.48 35.73 12.46
N GLY E 664 47.44 34.89 12.40
CA GLY E 664 46.74 34.65 11.15
C GLY E 664 47.37 33.67 10.17
N ASN E 665 48.25 32.77 10.62
CA ASN E 665 48.88 31.82 9.71
C ASN E 665 48.11 30.51 9.61
N MET E 666 48.22 29.84 8.49
CA MET E 666 47.64 28.51 8.31
C MET E 666 48.68 27.61 7.63
N ASN E 667 48.97 26.47 8.25
CA ASN E 667 50.01 25.56 7.77
C ASN E 667 49.50 24.22 7.23
N VAL E 668 49.75 23.94 5.96
CA VAL E 668 49.29 22.67 5.39
C VAL E 668 50.48 21.87 4.89
N GLU E 669 50.57 20.60 5.31
CA GLU E 669 51.67 19.74 4.87
C GLU E 669 51.21 18.67 3.87
N ILE E 670 51.94 18.54 2.76
CA ILE E 670 51.60 17.61 1.68
C ILE E 670 52.79 16.73 1.27
N GLY E 671 52.55 15.42 1.07
CA GLY E 671 53.63 14.54 0.59
C GLY E 671 53.16 13.75 -0.64
N LEU E 672 54.08 13.50 -1.59
CA LEU E 672 53.76 12.79 -2.85
C LEU E 672 54.73 11.65 -3.24
N ALA E 673 54.19 10.52 -3.71
CA ALA E 673 54.99 9.41 -4.24
C ALA E 673 55.17 9.51 -5.77
N VAL E 674 56.37 9.83 -6.22
CA VAL E 674 56.64 10.07 -7.64
C VAL E 674 57.60 9.03 -8.26
N VAL E 675 57.20 8.54 -9.44
CA VAL E 675 57.89 7.51 -10.24
C VAL E 675 59.09 8.04 -11.04
N ARG E 676 60.22 7.33 -10.97
CA ARG E 676 61.44 7.69 -11.69
C ARG E 676 61.77 6.64 -12.79
N PRO E 677 62.33 7.06 -13.95
CA PRO E 677 62.68 6.25 -15.12
C PRO E 677 63.91 5.37 -14.99
N ALA E 678 63.95 4.30 -15.79
CA ALA E 678 65.14 3.48 -15.93
C ALA E 678 65.99 4.01 -17.07
N GLU E 679 67.32 3.94 -16.94
CA GLU E 679 68.20 4.39 -18.02
C GLU E 679 68.99 3.30 -18.73
N PHE E 680 69.19 2.14 -18.10
CA PHE E 680 70.10 1.18 -18.73
C PHE E 680 69.48 -0.19 -18.94
N ILE E 681 69.71 -0.75 -20.12
CA ILE E 681 69.25 -2.09 -20.45
C ILE E 681 70.44 -2.95 -20.85
N ILE E 682 70.61 -4.07 -20.18
CA ILE E 682 71.73 -4.94 -20.44
C ILE E 682 71.29 -6.28 -21.01
N LEU E 683 71.81 -6.64 -22.17
CA LEU E 683 71.48 -7.90 -22.78
C LEU E 683 72.63 -8.85 -22.61
N LYS E 684 72.33 -10.13 -22.45
CA LYS E 684 73.36 -11.14 -22.31
C LYS E 684 73.07 -12.28 -23.27
N PHE E 685 74.10 -12.80 -23.91
CA PHE E 685 73.94 -13.88 -24.88
C PHE E 685 74.78 -15.08 -24.54
N SER E 686 74.30 -16.25 -24.96
CA SER E 686 75.00 -17.50 -24.74
C SER E 686 74.57 -18.54 -25.75
N HIS E 687 75.28 -19.66 -25.77
CA HIS E 687 74.95 -20.79 -26.63
C HIS E 687 74.07 -21.76 -25.88
N LYS E 688 72.85 -21.93 -26.34
CA LYS E 688 71.89 -22.81 -25.69
C LYS E 688 72.40 -24.23 -25.63
N MET E 689 72.30 -24.83 -24.47
CA MET E 689 72.71 -26.21 -24.27
C MET E 689 71.85 -26.92 -23.25
N GLN E 690 71.84 -28.24 -23.30
CA GLN E 690 71.12 -29.04 -22.33
C GLN E 690 71.50 -28.68 -20.90
N THR F 3 -19.90 29.70 -70.58
CA THR F 3 -21.19 29.05 -70.39
C THR F 3 -21.33 27.80 -71.24
N TYR F 4 -21.61 26.69 -70.58
CA TYR F 4 -21.81 25.44 -71.27
C TYR F 4 -23.17 24.94 -70.86
N LYS F 5 -23.85 24.23 -71.76
CA LYS F 5 -25.19 23.73 -71.44
C LYS F 5 -25.30 22.21 -71.36
N THR F 6 -24.42 21.49 -72.04
CA THR F 6 -24.51 20.04 -72.07
C THR F 6 -23.39 19.47 -71.20
N PRO F 7 -23.67 18.55 -70.25
CA PRO F 7 -22.68 17.89 -69.43
C PRO F 7 -21.70 17.17 -70.33
N GLY F 8 -20.42 17.17 -69.99
CA GLY F 8 -19.48 16.48 -70.86
C GLY F 8 -18.12 17.14 -70.92
N VAL F 9 -17.32 16.65 -71.86
CA VAL F 9 -15.96 17.12 -72.06
C VAL F 9 -15.85 17.97 -73.31
N TYR F 10 -15.31 19.17 -73.15
CA TYR F 10 -15.14 20.12 -74.25
C TYR F 10 -13.68 20.22 -74.63
N ILE F 11 -13.41 20.43 -75.92
CA ILE F 11 -12.04 20.55 -76.42
C ILE F 11 -11.74 21.88 -77.10
N GLU F 12 -10.65 22.50 -76.67
CA GLU F 12 -10.19 23.78 -77.22
C GLU F 12 -8.70 23.71 -77.58
N GLU F 13 -8.27 24.53 -78.53
CA GLU F 13 -6.85 24.60 -78.91
C GLU F 13 -6.30 26.01 -78.78
N ILE F 14 -5.33 26.17 -77.88
CA ILE F 14 -4.74 27.47 -77.58
C ILE F 14 -3.21 27.45 -77.57
N THR F 15 -2.60 28.64 -77.59
CA THR F 15 -1.15 28.78 -77.44
C THR F 15 -0.82 29.73 -76.28
N LYS F 16 0.02 29.28 -75.34
CA LYS F 16 0.41 30.13 -74.20
C LYS F 16 1.56 29.52 -73.40
N PHE F 17 2.17 30.31 -72.53
CA PHE F 17 3.12 29.80 -71.56
C PHE F 17 2.30 29.18 -70.42
N PRO F 18 2.77 28.12 -69.77
CA PRO F 18 2.13 27.51 -68.63
C PRO F 18 2.14 28.48 -67.44
N PRO F 19 1.15 28.43 -66.54
CA PRO F 19 0.98 29.23 -65.33
C PRO F 19 1.93 28.86 -64.19
N SER F 20 2.08 29.77 -63.22
CA SER F 20 2.86 29.54 -62.01
C SER F 20 2.36 30.38 -60.83
N VAL F 21 2.30 29.74 -59.66
CA VAL F 21 1.86 30.35 -58.40
C VAL F 21 2.81 30.00 -57.25
N ALA F 22 2.71 30.74 -56.13
CA ALA F 22 3.52 30.46 -54.94
C ALA F 22 2.85 30.98 -53.68
N GLN F 23 3.21 30.41 -52.55
CA GLN F 23 2.75 30.83 -51.23
C GLN F 23 3.84 31.61 -50.53
N VAL F 24 3.59 32.90 -50.32
CA VAL F 24 4.57 33.81 -49.74
C VAL F 24 4.00 34.59 -48.57
N GLU F 25 4.70 34.59 -47.44
CA GLU F 25 4.24 35.32 -46.26
C GLU F 25 4.98 36.62 -45.95
N THR F 26 6.28 36.70 -46.26
CA THR F 26 7.11 37.84 -45.83
C THR F 26 7.57 38.81 -46.93
N ALA F 27 7.11 38.63 -48.15
CA ALA F 27 7.59 39.47 -49.24
C ALA F 27 6.47 39.90 -50.15
N ILE F 28 5.52 40.68 -49.63
CA ILE F 28 4.37 41.14 -50.41
C ILE F 28 4.59 42.56 -51.00
N PRO F 29 4.76 42.71 -52.32
CA PRO F 29 4.95 43.97 -53.00
C PRO F 29 3.66 44.68 -53.32
N ALA F 30 3.75 45.99 -53.51
CA ALA F 30 2.70 46.74 -54.18
C ALA F 30 3.24 47.26 -55.52
N PHE F 31 2.39 47.21 -56.54
CA PHE F 31 2.75 47.70 -57.87
C PHE F 31 1.84 48.87 -58.29
N ILE F 32 2.44 50.04 -58.54
CA ILE F 32 1.67 51.23 -58.90
C ILE F 32 1.84 51.62 -60.39
N GLY F 33 0.73 51.63 -61.18
CA GLY F 33 0.84 51.95 -62.63
C GLY F 33 -0.47 51.90 -63.45
N TYR F 34 -0.34 51.87 -64.79
CA TYR F 34 -1.53 51.91 -65.70
C TYR F 34 -2.03 50.54 -66.16
N THR F 35 -3.35 50.41 -66.36
CA THR F 35 -3.99 49.17 -66.83
C THR F 35 -4.89 49.37 -68.06
N GLN F 36 -5.50 48.29 -68.62
CA GLN F 36 -6.44 48.51 -69.73
C GLN F 36 -7.74 49.07 -69.20
N PHE F 37 -8.14 48.55 -68.07
CA PHE F 37 -9.37 48.91 -67.39
C PHE F 37 -9.25 48.61 -65.92
N ALA F 38 -10.22 49.03 -65.13
CA ALA F 38 -10.17 48.68 -63.71
C ALA F 38 -11.58 48.52 -63.17
N ARG F 39 -12.02 47.28 -63.01
CA ARG F 39 -13.41 47.03 -62.59
C ARG F 39 -13.57 46.00 -61.51
N THR F 40 -14.70 46.04 -60.80
CA THR F 40 -14.97 45.00 -59.79
C THR F 40 -15.86 43.88 -60.30
N LYS F 41 -16.60 44.13 -61.37
CA LYS F 41 -17.47 43.14 -61.95
C LYS F 41 -17.25 43.17 -63.45
N PRO F 42 -17.39 42.04 -64.16
CA PRO F 42 -17.24 41.91 -65.60
C PRO F 42 -18.24 42.72 -66.43
N SER F 43 -19.32 43.17 -65.82
CA SER F 43 -20.35 43.91 -66.52
C SER F 43 -20.74 45.18 -65.79
N VAL F 44 -19.94 46.21 -66.02
CA VAL F 44 -20.09 47.51 -65.41
C VAL F 44 -20.03 48.56 -66.50
N ASP F 45 -20.45 49.78 -66.21
CA ASP F 45 -20.36 50.87 -67.17
C ASP F 45 -19.18 51.81 -66.96
N SER F 46 -18.26 51.44 -66.08
CA SER F 46 -17.09 52.29 -65.82
C SER F 46 -15.95 51.59 -65.13
N ASP F 47 -14.94 52.36 -64.82
CA ASP F 47 -13.78 51.89 -64.09
C ASP F 47 -14.00 52.16 -62.61
N ASP F 48 -14.08 51.10 -61.83
CA ASP F 48 -14.43 51.17 -60.42
C ASP F 48 -13.21 51.28 -59.52
N LEU F 49 -12.11 50.69 -59.97
CA LEU F 49 -10.91 50.53 -59.17
C LEU F 49 -9.75 51.45 -59.51
N ILE F 50 -9.98 52.61 -60.12
CA ILE F 50 -8.82 53.40 -60.54
C ILE F 50 -7.87 53.75 -59.40
N LEU F 51 -8.34 54.17 -58.25
CA LEU F 51 -7.43 54.44 -57.14
C LEU F 51 -7.72 53.57 -55.93
N LYS F 52 -8.13 52.33 -56.17
CA LYS F 52 -8.44 51.46 -55.04
C LYS F 52 -7.49 50.28 -55.00
N PRO F 53 -6.69 50.06 -53.95
CA PRO F 53 -5.80 48.93 -53.84
C PRO F 53 -6.60 47.65 -53.86
N LYS F 54 -6.07 46.65 -54.54
CA LYS F 54 -6.72 45.35 -54.53
C LYS F 54 -5.69 44.25 -54.39
N ARG F 55 -6.03 43.18 -53.68
CA ARG F 55 -5.12 42.07 -53.55
C ARG F 55 -5.42 41.00 -54.59
N ILE F 56 -4.36 40.60 -55.28
CA ILE F 56 -4.30 39.62 -56.36
C ILE F 56 -3.50 38.37 -56.01
N SER F 57 -4.05 37.17 -56.24
CA SER F 57 -3.31 35.95 -55.89
C SER F 57 -2.45 35.37 -57.02
N SER F 58 -2.80 35.69 -58.26
CA SER F 58 -2.12 35.14 -59.43
C SER F 58 -2.35 36.01 -60.65
N LEU F 59 -1.64 35.71 -61.74
CA LEU F 59 -1.82 36.49 -62.95
C LEU F 59 -3.27 36.42 -63.51
N LEU F 60 -3.98 35.30 -63.30
CA LEU F 60 -5.37 35.19 -63.78
C LEU F 60 -6.28 36.19 -63.09
N ASP F 61 -6.04 36.43 -61.80
CA ASP F 61 -6.85 37.39 -61.06
C ASP F 61 -6.55 38.76 -61.59
N PHE F 62 -5.28 39.03 -61.89
CA PHE F 62 -4.96 40.34 -62.42
C PHE F 62 -5.73 40.59 -63.70
N THR F 63 -5.65 39.64 -64.63
CA THR F 63 -6.27 39.79 -65.94
C THR F 63 -7.76 40.04 -65.79
N THR F 64 -8.41 39.29 -64.93
CA THR F 64 -9.83 39.40 -64.65
C THR F 64 -10.31 40.83 -64.38
N TYR F 65 -9.53 41.63 -63.65
CA TYR F 65 -10.00 42.96 -63.26
C TYR F 65 -9.29 44.11 -63.98
N TYR F 66 -8.10 43.83 -64.53
CA TYR F 66 -7.29 44.87 -65.14
C TYR F 66 -6.94 44.74 -66.64
N GLY F 67 -7.15 43.56 -67.25
CA GLY F 67 -6.79 43.34 -68.65
C GLY F 67 -5.32 43.01 -68.90
N GLY F 68 -4.94 43.02 -70.19
CA GLY F 68 -3.59 42.67 -70.66
C GLY F 68 -2.72 43.86 -71.10
N ALA F 69 -1.86 43.63 -72.09
CA ALA F 69 -0.94 44.62 -72.64
C ALA F 69 -1.59 45.43 -73.76
N GLN F 70 -0.98 46.58 -74.09
CA GLN F 70 -1.41 47.40 -75.22
C GLN F 70 -0.75 46.87 -76.50
N ASN F 71 -1.48 46.85 -77.63
CA ASN F 71 -0.89 46.43 -78.90
C ASN F 71 0.20 47.40 -79.36
N GLU F 72 1.29 46.89 -79.90
CA GLU F 72 2.33 47.76 -80.46
C GLU F 72 1.87 48.30 -81.81
N GLN F 73 2.23 49.54 -82.12
CA GLN F 73 1.89 50.13 -83.41
C GLN F 73 3.10 50.60 -84.20
N GLY F 74 4.27 50.10 -83.85
CA GLY F 74 5.54 50.49 -84.48
C GLY F 74 6.21 49.43 -85.36
N ILE F 75 5.49 48.36 -85.70
CA ILE F 75 6.06 47.26 -86.48
C ILE F 75 5.87 47.50 -87.98
N THR F 76 6.95 47.40 -88.75
CA THR F 76 6.91 47.57 -90.20
C THR F 76 7.58 46.37 -90.84
N VAL F 77 7.33 46.14 -92.14
CA VAL F 77 7.98 45.03 -92.84
C VAL F 77 8.58 45.43 -94.19
N LYS F 78 9.80 44.96 -94.49
CA LYS F 78 10.40 45.23 -95.80
C LYS F 78 10.84 43.95 -96.53
N LEU F 79 10.31 43.74 -97.73
CA LEU F 79 10.60 42.55 -98.55
C LEU F 79 11.32 42.92 -99.85
N THR F 80 12.48 42.29 -100.12
CA THR F 80 13.19 42.60 -101.37
C THR F 80 13.49 41.37 -102.27
N ASP F 81 13.09 41.49 -103.54
CA ASP F 81 13.26 40.47 -104.61
C ASP F 81 14.45 40.74 -105.56
N THR F 82 15.43 39.82 -105.59
CA THR F 82 16.61 39.97 -106.46
C THR F 82 16.93 38.67 -107.22
N LEU F 83 17.86 38.74 -108.17
CA LEU F 83 18.29 37.53 -108.87
C LEU F 83 19.72 37.11 -108.55
N ILE F 84 19.91 35.80 -108.43
CA ILE F 84 21.23 35.22 -108.26
C ILE F 84 21.53 34.30 -109.42
N GLU F 85 22.42 34.73 -110.30
CA GLU F 85 22.76 33.97 -111.51
C GLU F 85 21.50 33.55 -112.28
N GLY F 86 20.52 34.43 -112.35
CA GLY F 86 19.26 34.21 -113.04
C GLY F 86 18.14 33.57 -112.17
N ALA F 87 18.47 33.09 -110.97
CA ALA F 87 17.48 32.47 -110.11
C ALA F 87 16.80 33.48 -109.21
N GLU F 88 15.53 33.26 -108.89
CA GLU F 88 14.84 34.15 -107.96
C GLU F 88 15.32 33.92 -106.53
N ASN F 89 15.39 35.00 -105.75
CA ASN F 89 15.71 34.95 -104.34
C ASN F 89 15.11 36.14 -103.58
N ARG F 90 14.46 35.89 -102.44
CA ARG F 90 13.91 37.03 -101.71
C ARG F 90 14.26 37.01 -100.24
N THR F 91 14.41 38.21 -99.69
CA THR F 91 14.66 38.42 -98.27
C THR F 91 13.55 39.20 -97.58
N ILE F 92 13.11 38.67 -96.44
CA ILE F 92 12.10 39.35 -95.63
C ILE F 92 12.72 39.85 -94.35
N ASN F 93 12.65 41.16 -94.15
CA ASN F 93 13.26 41.80 -93.00
C ASN F 93 12.29 42.57 -92.13
N VAL F 94 12.22 42.19 -90.87
CA VAL F 94 11.37 42.88 -89.92
C VAL F 94 12.28 43.51 -88.85
N PRO F 95 12.56 44.83 -88.90
CA PRO F 95 13.39 45.61 -87.98
C PRO F 95 12.80 45.68 -86.59
N GLU F 96 13.64 45.88 -85.58
CA GLU F 96 13.14 46.12 -84.25
C GLU F 96 12.42 47.48 -84.27
N PRO F 97 11.22 47.64 -83.68
CA PRO F 97 10.48 48.90 -83.61
C PRO F 97 11.28 49.96 -82.91
N THR F 98 11.12 51.21 -83.35
CA THR F 98 11.80 52.35 -82.71
C THR F 98 10.82 53.12 -81.83
N PHE F 99 9.55 52.80 -81.96
CA PHE F 99 8.46 53.41 -81.19
C PHE F 99 7.69 52.28 -80.55
N LYS F 100 7.63 52.30 -79.24
CA LYS F 100 7.00 51.23 -78.47
C LYS F 100 6.00 51.78 -77.47
N SER F 101 5.01 50.97 -77.10
CA SER F 101 4.06 51.34 -76.06
C SER F 101 4.83 51.59 -74.76
N PRO F 102 4.49 52.62 -73.97
CA PRO F 102 5.13 52.92 -72.71
C PRO F 102 4.55 52.18 -71.51
N TYR F 103 3.61 51.25 -71.72
CA TYR F 103 2.96 50.61 -70.59
C TYR F 103 3.47 49.19 -70.31
N LEU F 104 4.20 49.03 -69.20
CA LEU F 104 4.86 47.76 -68.87
C LEU F 104 4.30 46.92 -67.71
N MET F 105 3.20 47.28 -67.05
CA MET F 105 2.78 46.50 -65.89
C MET F 105 2.45 45.04 -66.19
N PHE F 106 1.83 44.75 -67.32
CA PHE F 106 1.49 43.37 -67.63
C PHE F 106 2.74 42.50 -67.72
N TYR F 107 3.75 42.97 -68.48
CA TYR F 107 4.99 42.22 -68.67
C TYR F 107 5.72 42.06 -67.35
N SER F 108 5.69 43.11 -66.53
CA SER F 108 6.33 43.12 -65.24
C SER F 108 5.78 42.01 -64.36
N LEU F 109 4.44 41.88 -64.29
CA LEU F 109 3.82 40.83 -63.51
C LEU F 109 4.13 39.45 -64.03
N GLN F 110 4.21 39.26 -65.34
CA GLN F 110 4.58 37.94 -65.84
C GLN F 110 5.95 37.52 -65.30
N MET F 111 6.91 38.46 -65.28
CA MET F 111 8.25 38.15 -64.76
C MET F 111 8.23 37.87 -63.26
N TYR F 112 7.43 38.63 -62.51
CA TYR F 112 7.28 38.47 -61.08
C TYR F 112 6.81 37.06 -60.71
N PHE F 113 5.76 36.59 -61.38
CA PHE F 113 5.26 35.25 -61.06
C PHE F 113 6.23 34.17 -61.57
N ALA F 114 6.91 34.39 -62.72
CA ALA F 114 7.89 33.44 -63.28
C ALA F 114 9.04 33.17 -62.31
N ASN F 115 9.40 34.19 -61.52
CA ASN F 115 10.47 34.10 -60.55
C ASN F 115 10.03 33.71 -59.14
N GLY F 116 8.80 33.24 -58.97
CA GLY F 116 8.37 32.74 -57.66
C GLY F 116 7.56 33.66 -56.76
N GLY F 117 7.09 34.78 -57.25
CA GLY F 117 6.31 35.66 -56.42
C GLY F 117 4.95 35.10 -56.00
N GLY F 118 4.48 35.56 -54.84
CA GLY F 118 3.18 35.17 -54.29
C GLY F 118 2.19 36.32 -54.48
N PRO F 119 1.17 36.44 -53.62
CA PRO F 119 0.12 37.43 -53.65
C PRO F 119 0.69 38.84 -53.58
N CYS F 120 0.01 39.78 -54.21
CA CYS F 120 0.48 41.17 -54.23
C CYS F 120 -0.63 42.21 -54.32
N TYR F 121 -0.27 43.47 -54.12
CA TYR F 121 -1.24 44.56 -54.28
C TYR F 121 -1.09 45.34 -55.55
N ILE F 122 -2.23 45.60 -56.18
CA ILE F 122 -2.26 46.41 -57.39
C ILE F 122 -2.97 47.71 -57.15
N VAL F 123 -2.32 48.80 -57.55
CA VAL F 123 -2.92 50.11 -57.48
C VAL F 123 -2.89 50.70 -58.88
N SER F 124 -4.04 50.98 -59.42
CA SER F 124 -4.11 51.55 -60.74
C SER F 124 -3.89 53.04 -60.58
N THR F 125 -3.44 53.67 -61.63
CA THR F 125 -3.30 55.12 -61.62
C THR F 125 -4.11 55.74 -62.73
N GLY F 126 -4.70 54.89 -63.55
CA GLY F 126 -5.44 55.29 -64.74
C GLY F 126 -5.41 54.14 -65.72
N VAL F 127 -5.91 54.41 -66.92
CA VAL F 127 -5.96 53.39 -67.95
C VAL F 127 -5.17 53.83 -69.17
N TYR F 128 -4.83 52.88 -70.04
CA TYR F 128 -4.01 53.14 -71.21
C TYR F 128 -4.61 54.18 -72.15
N ASP F 129 -3.80 55.14 -72.60
CA ASP F 129 -4.29 56.11 -73.56
C ASP F 129 -4.02 55.61 -74.98
N ASP F 130 -4.43 56.36 -75.99
CA ASP F 130 -4.19 55.90 -77.36
C ASP F 130 -2.97 56.57 -78.01
N TRP F 131 -2.68 56.19 -79.24
CA TRP F 131 -1.58 56.75 -80.01
C TRP F 131 -2.06 57.91 -80.86
N SER F 132 -1.17 58.88 -81.11
CA SER F 132 -1.57 60.00 -81.97
C SER F 132 -1.26 59.67 -83.41
N ASP F 133 -0.18 58.91 -83.59
CA ASP F 133 0.29 58.48 -84.91
C ASP F 133 1.17 57.26 -84.72
N SER F 134 1.66 56.66 -85.79
CA SER F 134 2.53 55.49 -85.66
C SER F 134 3.89 55.81 -85.06
N GLU F 135 4.25 57.08 -85.13
CA GLU F 135 5.50 57.59 -84.58
C GLU F 135 5.27 58.43 -83.32
N THR F 136 4.02 58.48 -82.85
CA THR F 136 3.74 59.28 -81.67
C THR F 136 2.93 58.48 -80.62
N PRO F 137 3.61 57.87 -79.63
CA PRO F 137 3.08 57.04 -78.57
C PRO F 137 2.46 57.89 -77.45
N PRO F 138 1.68 57.27 -76.55
CA PRO F 138 1.14 57.80 -75.30
C PRO F 138 2.25 58.23 -74.36
N THR F 139 1.91 59.05 -73.38
CA THR F 139 2.89 59.48 -72.38
C THR F 139 2.46 59.06 -70.97
N ILE F 140 3.41 59.11 -70.05
CA ILE F 140 3.21 58.78 -68.63
C ILE F 140 3.12 60.05 -67.82
N ASN F 141 2.04 60.21 -67.06
CA ASN F 141 1.82 61.42 -66.30
C ASN F 141 2.31 61.32 -64.87
N PHE F 142 3.36 62.03 -64.56
CA PHE F 142 3.98 62.00 -63.24
C PHE F 142 2.96 62.12 -62.10
N SER F 143 1.98 63.03 -62.24
CA SER F 143 1.01 63.29 -61.18
C SER F 143 0.15 62.07 -60.83
N ASP F 144 0.05 61.13 -61.76
CA ASP F 144 -0.77 59.95 -61.56
C ASP F 144 -0.01 58.97 -60.66
N LEU F 145 1.32 58.99 -60.73
CA LEU F 145 2.09 58.04 -59.96
C LEU F 145 2.15 58.55 -58.54
N GLU F 146 2.23 59.89 -58.37
CA GLU F 146 2.24 60.44 -57.02
C GLU F 146 0.93 60.15 -56.31
N SER F 147 -0.18 60.20 -57.05
CA SER F 147 -1.47 59.89 -56.48
C SER F 147 -1.48 58.45 -55.99
N GLY F 148 -1.02 57.51 -56.81
CA GLY F 148 -1.00 56.11 -56.41
C GLY F 148 -0.14 55.88 -55.14
N LEU F 149 0.98 56.60 -55.03
CA LEU F 149 1.84 56.46 -53.85
C LEU F 149 1.11 56.95 -52.59
N ALA F 150 0.41 58.09 -52.71
CA ALA F 150 -0.38 58.65 -51.60
C ALA F 150 -1.45 57.67 -51.12
N VAL F 151 -2.02 56.89 -52.04
CA VAL F 151 -3.02 55.89 -51.74
C VAL F 151 -2.43 54.68 -51.00
N ILE F 152 -1.32 54.12 -51.52
CA ILE F 152 -0.77 52.92 -50.89
C ILE F 152 -0.29 53.22 -49.47
N ARG F 153 0.06 54.47 -49.20
CA ARG F 153 0.49 54.87 -47.87
C ARG F 153 -0.51 54.49 -46.77
N LYS F 154 -1.79 54.34 -47.09
CA LYS F 154 -2.77 54.00 -46.07
C LYS F 154 -2.97 52.49 -45.84
N GLU F 155 -2.27 51.64 -46.60
CA GLU F 155 -2.39 50.19 -46.44
C GLU F 155 -1.31 49.67 -45.51
N ASP F 156 -1.63 48.67 -44.70
CA ASP F 156 -0.64 48.08 -43.78
C ASP F 156 0.13 46.87 -44.28
N GLU F 157 -0.47 46.05 -45.12
CA GLU F 157 0.17 44.81 -45.55
C GLU F 157 1.44 44.84 -46.44
N PRO F 158 1.59 45.72 -47.44
CA PRO F 158 2.73 45.75 -48.35
C PRO F 158 4.07 45.96 -47.64
N THR F 159 5.12 45.30 -48.14
CA THR F 159 6.48 45.45 -47.60
C THR F 159 7.44 46.04 -48.64
N LEU F 160 7.13 45.86 -49.93
CA LEU F 160 8.00 46.37 -51.01
C LEU F 160 7.25 47.34 -51.92
N LEU F 161 7.93 48.41 -52.36
CA LEU F 161 7.31 49.36 -53.28
C LEU F 161 7.93 49.38 -54.68
N LEU F 162 7.12 49.11 -55.72
CA LEU F 162 7.61 49.10 -57.11
C LEU F 162 6.78 49.98 -58.07
N PHE F 163 7.46 50.59 -59.05
CA PHE F 163 6.80 51.39 -60.11
C PHE F 163 7.17 50.91 -61.53
N PRO F 164 6.39 50.00 -62.14
CA PRO F 164 6.65 49.41 -63.45
C PRO F 164 6.76 50.39 -64.62
N ASP F 165 6.19 51.61 -64.53
CA ASP F 165 6.27 52.53 -65.66
C ASP F 165 6.99 53.83 -65.27
N ALA F 166 7.99 53.77 -64.39
CA ALA F 166 8.71 54.99 -64.01
C ALA F 166 9.80 55.40 -65.00
N THR F 167 10.39 54.44 -65.71
CA THR F 167 11.51 54.74 -66.60
C THR F 167 11.02 55.42 -67.87
N ASN F 168 9.70 55.44 -68.07
CA ASN F 168 9.12 56.08 -69.23
C ASN F 168 8.63 57.51 -68.94
N LEU F 169 8.93 58.04 -67.76
CA LEU F 169 8.59 59.42 -67.46
C LEU F 169 9.40 60.33 -68.38
N PRO F 170 8.83 61.45 -68.90
CA PRO F 170 9.46 62.42 -69.79
C PRO F 170 10.83 62.93 -69.38
N THR F 171 11.13 63.06 -68.08
CA THR F 171 12.43 63.55 -67.66
C THR F 171 13.03 62.69 -66.56
N ASP F 172 14.33 62.84 -66.36
CA ASP F 172 15.03 62.12 -65.32
C ASP F 172 14.72 62.79 -63.99
N ASP F 173 14.50 64.09 -64.04
CA ASP F 173 14.16 64.81 -62.82
C ASP F 173 12.88 64.27 -62.19
N GLU F 174 11.86 63.98 -63.01
CA GLU F 174 10.62 63.41 -62.47
C GLU F 174 10.87 62.02 -61.89
N PHE F 175 11.70 61.23 -62.58
CA PHE F 175 12.05 59.90 -62.13
C PHE F 175 12.69 59.94 -60.74
N TYR F 176 13.70 60.80 -60.56
CA TYR F 176 14.39 60.87 -59.27
C TYR F 176 13.48 61.38 -58.17
N SER F 177 12.61 62.35 -58.50
CA SER F 177 11.67 62.90 -57.53
C SER F 177 10.77 61.79 -56.99
N LEU F 178 10.25 60.94 -57.88
CA LEU F 178 9.37 59.86 -57.47
C LEU F 178 10.07 58.92 -56.47
N TYR F 179 11.34 58.57 -56.75
CA TYR F 179 12.04 57.68 -55.84
C TYR F 179 12.42 58.32 -54.52
N ASN F 180 12.72 59.63 -54.51
CA ASN F 180 13.01 60.28 -53.24
C ASN F 180 11.76 60.21 -52.34
N SER F 181 10.57 60.39 -52.94
CA SER F 181 9.34 60.30 -52.16
C SER F 181 9.13 58.90 -51.60
N ALA F 182 9.39 57.86 -52.39
CA ALA F 182 9.23 56.50 -51.90
C ALA F 182 10.16 56.21 -50.71
N LEU F 183 11.42 56.69 -50.76
CA LEU F 183 12.33 56.46 -49.63
C LEU F 183 11.87 57.21 -48.39
N MET F 184 11.33 58.42 -48.56
CA MET F 184 10.81 59.16 -47.41
C MET F 184 9.62 58.44 -46.78
N GLN F 185 8.75 57.83 -47.59
CA GLN F 185 7.62 57.08 -47.03
C GLN F 185 8.12 55.94 -46.16
N CYS F 186 9.17 55.23 -46.61
CA CYS F 186 9.72 54.12 -45.83
C CYS F 186 10.28 54.62 -44.51
N ASN F 187 10.96 55.74 -44.51
CA ASN F 187 11.48 56.27 -43.26
C ASN F 187 10.33 56.60 -42.29
N ASP F 188 9.27 57.23 -42.77
CA ASP F 188 8.17 57.57 -41.86
C ASP F 188 7.42 56.37 -41.30
N LEU F 189 7.21 55.32 -42.11
CA LEU F 189 6.45 54.16 -41.63
C LEU F 189 7.29 53.11 -40.89
N GLN F 190 8.60 53.01 -41.21
CA GLN F 190 9.55 52.05 -40.63
C GLN F 190 9.28 50.58 -40.88
N ASP F 191 8.57 50.24 -41.96
CA ASP F 191 8.28 48.86 -42.30
C ASP F 191 8.37 48.49 -43.79
N ARG F 192 9.03 49.32 -44.60
CA ARG F 192 9.10 49.09 -46.04
C ARG F 192 10.50 49.24 -46.61
N PHE F 193 10.71 48.63 -47.77
CA PHE F 193 11.98 48.71 -48.48
C PHE F 193 11.69 48.95 -49.98
N THR F 194 12.55 49.73 -50.63
CA THR F 194 12.33 49.99 -52.06
C THR F 194 13.41 49.39 -52.95
N ILE F 195 13.01 49.00 -54.17
CA ILE F 195 13.92 48.49 -55.18
C ILE F 195 14.04 49.51 -56.32
N LEU F 196 15.27 49.95 -56.61
CA LEU F 196 15.51 51.00 -57.59
C LEU F 196 16.23 50.56 -58.86
N ASP F 197 15.85 51.21 -59.96
CA ASP F 197 16.43 51.07 -61.29
C ASP F 197 17.13 52.35 -61.70
N THR F 198 18.01 52.27 -62.68
CA THR F 198 18.53 53.48 -63.26
C THR F 198 17.46 53.98 -64.23
N TYR F 199 17.60 55.21 -64.71
CA TYR F 199 16.68 55.79 -65.69
C TYR F 199 16.77 55.05 -67.02
N SER F 200 17.99 54.69 -67.39
CA SER F 200 18.34 54.01 -68.63
C SER F 200 19.56 53.12 -68.41
N ASP F 201 19.74 52.08 -69.23
CA ASP F 201 20.96 51.30 -69.11
C ASP F 201 22.10 51.79 -70.02
N GLN F 202 21.81 52.86 -70.79
CA GLN F 202 22.69 53.50 -71.76
C GLN F 202 22.81 55.00 -71.53
N THR F 203 23.84 55.63 -72.07
CA THR F 203 24.02 57.07 -71.93
C THR F 203 22.75 57.82 -72.34
N TYR F 204 22.31 58.71 -71.48
CA TYR F 204 21.07 59.40 -71.87
C TYR F 204 21.38 60.88 -72.09
N ASN F 205 20.50 61.45 -72.89
CA ASN F 205 20.59 62.84 -73.33
C ASN F 205 19.69 63.74 -72.47
N ASP F 206 20.31 64.61 -71.67
CA ASP F 206 19.60 65.50 -70.73
C ASP F 206 18.86 66.61 -71.44
N GLY F 207 19.16 66.78 -72.72
CA GLY F 207 18.68 67.86 -73.56
C GLY F 207 19.76 68.93 -73.69
N VAL F 208 20.74 68.83 -72.79
CA VAL F 208 21.88 69.73 -72.76
C VAL F 208 23.25 69.03 -72.64
N GLU F 209 23.25 67.75 -72.28
CA GLU F 209 24.49 67.01 -71.99
C GLU F 209 24.28 65.48 -72.09
N ASP F 210 25.36 64.74 -72.32
CA ASP F 210 25.24 63.26 -72.35
C ASP F 210 25.58 62.79 -70.93
N LEU F 211 24.71 61.98 -70.32
CA LEU F 211 24.93 61.55 -68.91
C LEU F 211 25.04 60.04 -68.77
N ASP F 212 26.06 59.57 -68.03
CA ASP F 212 26.25 58.17 -67.65
C ASP F 212 25.28 57.77 -66.51
N PRO F 213 24.43 56.74 -66.69
CA PRO F 213 23.44 56.24 -65.74
C PRO F 213 23.87 55.98 -64.31
N ILE F 214 25.12 55.57 -64.05
CA ILE F 214 25.45 55.31 -62.65
C ILE F 214 25.66 56.64 -61.90
N PRO F 215 26.57 57.56 -62.32
CA PRO F 215 26.68 58.90 -61.77
C PRO F 215 25.35 59.63 -61.75
N ALA F 216 24.49 59.39 -62.75
CA ALA F 216 23.19 60.03 -62.80
C ALA F 216 22.35 59.72 -61.59
N LEU F 217 22.25 58.43 -61.26
CA LEU F 217 21.46 57.97 -60.14
C LEU F 217 22.07 58.48 -58.84
N ARG F 218 23.39 58.45 -58.75
CA ARG F 218 24.06 58.93 -57.55
C ARG F 218 23.81 60.41 -57.25
N ASN F 219 23.78 61.25 -58.29
CA ASN F 219 23.48 62.66 -58.08
C ASN F 219 21.98 62.89 -57.91
N GLY F 220 21.17 62.09 -58.60
CA GLY F 220 19.72 62.15 -58.60
C GLY F 220 19.09 61.95 -57.22
N ILE F 221 19.50 60.90 -56.53
CA ILE F 221 18.96 60.63 -55.20
C ILE F 221 19.89 61.27 -54.17
N ASN F 222 19.42 62.34 -53.52
CA ASN F 222 20.21 63.16 -52.61
C ASN F 222 19.79 63.17 -51.14
N LEU F 223 19.14 62.11 -50.69
CA LEU F 223 18.71 61.99 -49.30
C LEU F 223 19.86 61.46 -48.46
N THR F 224 19.79 61.68 -47.16
CA THR F 224 20.83 61.18 -46.25
C THR F 224 20.61 59.74 -45.76
N LYS F 225 21.53 59.32 -44.89
CA LYS F 225 21.66 57.97 -44.31
C LYS F 225 20.36 57.35 -43.82
N ASP F 226 19.54 58.15 -43.15
CA ASP F 226 18.26 57.72 -42.58
C ASP F 226 17.29 57.18 -43.61
N TYR F 227 17.47 57.56 -44.87
CA TYR F 227 16.60 57.16 -45.93
C TYR F 227 17.26 56.12 -46.80
N LEU F 228 18.55 56.29 -47.04
CA LEU F 228 19.30 55.42 -47.93
C LEU F 228 19.32 53.98 -47.42
N LYS F 229 19.32 53.81 -46.11
CA LYS F 229 19.29 52.48 -45.52
C LYS F 229 18.02 51.68 -45.89
N TYR F 230 16.98 52.33 -46.43
CA TYR F 230 15.74 51.66 -46.79
C TYR F 230 15.61 51.24 -48.25
N GLY F 231 16.69 51.24 -49.01
CA GLY F 231 16.55 50.75 -50.37
C GLY F 231 17.86 50.31 -50.99
N ALA F 232 17.75 49.73 -52.18
CA ALA F 232 18.87 49.20 -52.95
C ALA F 232 18.59 49.35 -54.44
N ALA F 233 19.66 49.42 -55.25
CA ALA F 233 19.54 49.56 -56.69
C ALA F 233 20.28 48.47 -57.44
N TYR F 234 19.76 48.14 -58.63
CA TYR F 234 20.35 47.13 -59.51
C TYR F 234 20.61 47.65 -60.94
N TYR F 235 21.65 47.13 -61.58
CA TYR F 235 22.06 47.48 -62.95
C TYR F 235 22.73 46.29 -63.65
N PRO F 236 22.58 46.10 -64.96
CA PRO F 236 21.76 46.71 -66.02
C PRO F 236 20.36 46.14 -66.14
N PHE F 237 19.68 46.53 -67.23
CA PHE F 237 18.38 46.00 -67.65
C PHE F 237 18.57 44.60 -68.22
N VAL F 238 17.51 43.80 -68.30
CA VAL F 238 17.66 42.44 -68.84
C VAL F 238 16.75 42.11 -70.02
N GLN F 239 17.21 41.16 -70.84
CA GLN F 239 16.44 40.67 -71.98
C GLN F 239 15.72 39.38 -71.62
N THR F 240 14.38 39.45 -71.71
CA THR F 240 13.41 38.37 -71.40
C THR F 240 13.07 37.55 -72.66
N ILE F 241 12.20 36.53 -72.49
CA ILE F 241 11.79 35.61 -73.54
C ILE F 241 10.32 35.82 -73.91
N LEU F 242 9.76 36.92 -73.46
CA LEU F 242 8.38 37.29 -73.70
C LEU F 242 8.25 37.97 -75.05
N ASN F 243 7.11 37.79 -75.71
CA ASN F 243 6.86 38.42 -77.01
C ASN F 243 6.12 39.75 -76.89
N TYR F 244 5.89 40.39 -78.03
CA TYR F 244 5.14 41.63 -78.09
C TYR F 244 3.71 41.31 -78.51
N GLN F 245 2.78 42.13 -78.07
CA GLN F 245 1.40 41.97 -78.48
C GLN F 245 1.12 42.86 -79.68
N TYR F 246 0.53 42.32 -80.75
CA TYR F 246 0.27 43.07 -81.97
C TYR F 246 -0.86 42.47 -82.80
N SER F 247 -1.21 43.15 -83.90
CA SER F 247 -2.19 42.69 -84.86
C SER F 247 -1.75 42.95 -86.29
N ALA F 248 -1.94 41.95 -87.15
CA ALA F 248 -1.57 41.97 -88.58
C ALA F 248 -2.27 43.11 -89.33
N ASP F 249 -3.38 43.60 -88.80
CA ASP F 249 -4.14 44.67 -89.41
C ASP F 249 -3.39 46.00 -89.38
N GLU F 250 -2.42 46.12 -88.49
CA GLU F 250 -1.68 47.35 -88.31
C GLU F 250 -0.32 47.34 -89.01
N ILE F 251 0.01 46.25 -89.71
CA ILE F 251 1.35 46.13 -90.27
C ILE F 251 1.40 46.22 -91.79
N VAL F 252 2.16 47.20 -92.30
CA VAL F 252 2.27 47.47 -93.73
C VAL F 252 3.63 47.05 -94.30
N ILE F 253 3.56 46.45 -95.49
CA ILE F 253 4.70 45.90 -96.19
C ILE F 253 5.24 46.73 -97.35
N GLN F 254 6.55 46.96 -97.32
CA GLN F 254 7.27 47.59 -98.41
C GLN F 254 7.79 46.46 -99.29
N HIS F 255 7.65 46.58 -100.60
CA HIS F 255 8.13 45.51 -101.51
C HIS F 255 8.94 46.06 -102.65
N LEU F 256 10.23 45.73 -102.65
CA LEU F 256 11.12 46.22 -103.68
C LEU F 256 11.53 45.08 -104.58
N SER F 257 11.77 45.37 -105.85
CA SER F 257 12.13 44.33 -106.79
C SER F 257 13.04 44.73 -107.93
N TYR F 258 13.89 43.79 -108.34
CA TYR F 258 14.76 43.91 -109.53
C TYR F 258 13.90 44.10 -110.78
N ASN F 259 12.65 43.65 -110.70
CA ASN F 259 11.65 43.71 -111.74
C ASN F 259 10.35 44.23 -111.09
N PRO F 260 10.14 45.55 -111.08
CA PRO F 260 9.01 46.25 -110.49
C PRO F 260 7.69 45.89 -111.16
N ASN F 261 6.60 45.91 -110.39
CA ASN F 261 5.27 45.71 -110.96
C ASN F 261 4.11 46.12 -110.04
N ALA F 262 4.34 47.12 -109.16
CA ALA F 262 3.25 47.59 -108.30
C ALA F 262 2.14 48.31 -109.06
N ILE F 263 2.52 49.13 -110.04
CA ILE F 263 1.54 49.94 -110.77
C ILE F 263 0.80 49.05 -111.73
N ALA F 264 1.53 48.19 -112.44
CA ALA F 264 0.90 47.31 -113.39
C ALA F 264 -0.11 46.42 -112.70
N THR F 265 0.19 45.96 -111.48
CA THR F 265 -0.75 45.13 -110.75
C THR F 265 -2.01 45.93 -110.45
N ALA F 266 -1.85 47.18 -109.95
CA ALA F 266 -3.01 47.98 -109.64
C ALA F 266 -3.86 48.17 -110.88
N LEU F 267 -3.25 48.42 -112.04
CA LEU F 267 -4.02 48.59 -113.25
C LEU F 267 -4.76 47.35 -113.68
N ASP F 268 -4.13 46.18 -113.58
CA ASP F 268 -4.84 44.97 -113.98
C ASP F 268 -6.12 44.79 -113.17
N ASN F 269 -6.06 45.10 -111.88
CA ASN F 269 -7.26 44.97 -111.06
C ASN F 269 -8.26 46.11 -111.32
N LEU F 270 -7.76 47.34 -111.44
CA LEU F 270 -8.66 48.47 -111.64
C LEU F 270 -9.40 48.35 -112.98
N ASN F 271 -8.73 47.80 -113.99
CA ASN F 271 -9.32 47.62 -115.30
C ASN F 271 -10.33 46.48 -115.32
N ALA F 272 -10.38 45.68 -114.24
CA ALA F 272 -11.32 44.58 -114.16
C ALA F 272 -12.57 45.11 -113.51
N GLY F 450 -19.36 54.84 -112.71
CA GLY F 450 -18.42 54.54 -113.81
C GLY F 450 -17.49 55.71 -114.20
N THR F 451 -17.99 56.94 -114.14
CA THR F 451 -17.18 58.10 -114.48
C THR F 451 -15.96 58.21 -113.58
N ARG F 452 -16.15 57.94 -112.29
CA ARG F 452 -15.06 58.11 -111.35
C ARG F 452 -14.06 56.98 -111.54
N LEU F 453 -14.54 55.80 -111.93
CA LEU F 453 -13.61 54.69 -112.14
C LEU F 453 -12.66 55.03 -113.28
N ASP F 454 -13.19 55.66 -114.34
CA ASP F 454 -12.33 56.06 -115.45
C ASP F 454 -11.25 57.05 -115.00
N ASP F 455 -11.62 58.02 -114.15
CA ASP F 455 -10.63 59.00 -113.65
C ASP F 455 -9.52 58.34 -112.84
N ILE F 456 -9.89 57.35 -112.02
CA ILE F 456 -8.89 56.65 -111.22
C ILE F 456 -7.92 55.90 -112.09
N ILE F 457 -8.42 55.17 -113.08
CA ILE F 457 -7.55 54.39 -113.92
C ILE F 457 -6.59 55.27 -114.67
N ALA F 458 -7.08 56.38 -115.25
CA ALA F 458 -6.18 57.27 -115.96
C ALA F 458 -5.11 57.85 -115.03
N ALA F 459 -5.48 58.23 -113.81
CA ALA F 459 -4.50 58.78 -112.89
C ALA F 459 -3.41 57.76 -112.58
N VAL F 460 -3.81 56.50 -112.43
CA VAL F 460 -2.88 55.42 -112.12
C VAL F 460 -1.99 55.07 -113.29
N SER F 461 -2.54 54.94 -114.51
CA SER F 461 -1.70 54.53 -115.63
C SER F 461 -0.62 55.55 -115.90
N ALA F 462 -0.89 56.80 -115.56
CA ALA F 462 0.07 57.87 -115.70
C ALA F 462 1.34 57.62 -114.88
N ALA F 463 1.25 56.83 -113.81
CA ALA F 463 2.37 56.54 -112.92
C ALA F 463 3.23 55.37 -113.36
N GLU F 464 2.85 54.64 -114.41
CA GLU F 464 3.69 53.49 -114.71
C GLU F 464 5.16 53.86 -114.99
N PRO F 465 5.48 54.98 -115.70
CA PRO F 465 6.83 55.49 -115.93
C PRO F 465 7.58 55.95 -114.65
N ILE F 466 6.85 56.17 -113.55
CA ILE F 466 7.43 56.67 -112.30
C ILE F 466 7.97 55.55 -111.45
N ASP F 467 7.16 54.54 -111.25
CA ASP F 467 7.55 53.47 -110.36
C ASP F 467 8.54 52.53 -111.01
N VAL F 468 9.78 52.65 -110.59
CA VAL F 468 10.85 51.85 -111.15
C VAL F 468 11.49 50.98 -110.08
N ASN F 469 10.85 50.90 -108.90
CA ASN F 469 11.41 50.11 -107.80
C ASN F 469 10.48 49.13 -107.09
N ASN F 470 9.16 49.37 -107.12
CA ASN F 470 8.26 48.61 -106.27
C ASN F 470 7.59 47.42 -106.92
N GLY F 471 7.55 46.34 -106.16
CA GLY F 471 6.92 45.10 -106.58
C GLY F 471 5.42 45.04 -106.26
N LYS F 472 4.80 43.95 -106.67
CA LYS F 472 3.39 43.63 -106.52
C LYS F 472 2.74 43.87 -105.15
N LEU F 473 3.42 43.55 -104.04
CA LEU F 473 2.82 43.65 -102.71
C LEU F 473 3.01 45.00 -102.01
N ASN F 474 3.71 45.91 -102.64
CA ASN F 474 4.05 47.17 -102.00
C ASN F 474 2.82 47.94 -101.54
N GLY F 475 2.81 48.35 -100.28
CA GLY F 475 1.72 49.16 -99.73
C GLY F 475 0.59 48.38 -99.05
N ARG F 476 0.58 47.06 -99.15
CA ARG F 476 -0.51 46.30 -98.52
C ARG F 476 -0.21 45.88 -97.08
N LEU F 477 -1.28 45.61 -96.34
CA LEU F 477 -1.21 45.13 -94.96
C LEU F 477 -1.06 43.62 -94.88
N LEU F 478 -0.43 43.11 -93.82
CA LEU F 478 -0.35 41.66 -93.72
C LEU F 478 -1.66 40.94 -93.81
N SER F 479 -2.66 41.42 -93.09
CA SER F 479 -3.94 40.74 -93.11
C SER F 479 -4.62 40.71 -94.51
N ASP F 480 -4.18 41.58 -95.43
CA ASP F 480 -4.73 41.64 -96.78
C ASP F 480 -3.91 40.90 -97.85
N ILE F 481 -2.80 40.24 -97.46
CA ILE F 481 -2.02 39.55 -98.50
C ILE F 481 -2.04 38.05 -98.31
N GLU F 482 -2.60 37.56 -97.22
CA GLU F 482 -2.59 36.12 -97.01
C GLU F 482 -3.11 35.32 -98.21
N PRO F 483 -4.26 35.63 -98.84
CA PRO F 483 -4.72 34.92 -100.03
C PRO F 483 -3.86 35.13 -101.29
N LEU F 484 -3.06 36.20 -101.34
CA LEU F 484 -2.24 36.48 -102.51
C LEU F 484 -1.03 35.57 -102.49
N ASP F 485 -0.44 35.48 -101.29
CA ASP F 485 0.73 34.66 -101.01
C ASP F 485 0.82 34.37 -99.52
N ASN F 486 0.30 33.22 -99.09
CA ASN F 486 0.28 32.97 -97.67
C ASN F 486 1.65 32.51 -97.19
N ALA F 487 2.61 32.38 -98.11
CA ALA F 487 3.95 32.03 -97.72
C ALA F 487 4.61 33.27 -97.18
N THR F 488 4.26 34.43 -97.76
CA THR F 488 4.82 35.69 -97.34
C THR F 488 4.19 36.06 -96.04
N TYR F 489 2.88 35.94 -95.97
CA TYR F 489 2.17 36.26 -94.74
C TYR F 489 2.71 35.46 -93.57
N ASN F 490 2.81 34.14 -93.74
CA ASN F 490 3.30 33.32 -92.65
C ASN F 490 4.76 33.59 -92.30
N THR F 491 5.62 33.84 -93.31
CA THR F 491 7.02 34.09 -93.03
C THR F 491 7.17 35.37 -92.22
N ILE F 492 6.43 36.39 -92.59
CA ILE F 492 6.51 37.64 -91.87
C ILE F 492 6.10 37.47 -90.42
N LEU F 493 4.99 36.78 -90.16
CA LEU F 493 4.57 36.62 -88.76
C LEU F 493 5.65 35.88 -87.97
N LEU F 494 6.28 34.88 -88.59
CA LEU F 494 7.33 34.15 -87.91
C LEU F 494 8.48 35.09 -87.56
N GLU F 495 8.87 35.98 -88.49
CA GLU F 495 9.94 36.94 -88.21
C GLU F 495 9.54 37.96 -87.14
N ILE F 496 8.29 38.40 -87.11
CA ILE F 496 7.88 39.37 -86.09
C ILE F 496 8.08 38.79 -84.71
N ASN F 497 7.80 37.49 -84.60
CA ASN F 497 7.84 36.68 -83.36
C ASN F 497 9.26 36.52 -82.82
N SER F 498 10.26 36.87 -83.62
CA SER F 498 11.62 36.65 -83.16
C SER F 498 12.10 37.79 -82.25
N HIS F 499 11.34 38.90 -82.20
CA HIS F 499 11.70 40.05 -81.37
C HIS F 499 11.20 39.92 -79.94
N LYS F 500 12.09 40.12 -78.97
CA LYS F 500 11.72 39.97 -77.56
C LYS F 500 11.68 41.28 -76.79
N VAL F 501 10.97 41.23 -75.67
CA VAL F 501 10.77 42.31 -74.71
C VAL F 501 11.99 42.54 -73.78
N THR F 502 12.37 43.81 -73.55
CA THR F 502 13.48 44.16 -72.64
C THR F 502 12.92 44.95 -71.47
N LEU F 503 13.26 44.55 -70.24
CA LEU F 503 12.73 45.18 -69.02
C LEU F 503 13.77 45.59 -67.97
N PRO F 504 13.51 46.63 -67.15
CA PRO F 504 14.24 46.95 -65.94
C PRO F 504 14.10 45.71 -65.07
N PRO F 505 15.07 45.36 -64.20
CA PRO F 505 15.07 44.16 -63.37
C PRO F 505 14.28 44.18 -62.05
N SER F 506 13.57 45.25 -61.72
CA SER F 506 12.97 45.34 -60.39
C SER F 506 11.86 44.32 -60.05
N SER F 507 11.08 43.87 -61.04
CA SER F 507 10.02 42.93 -60.71
C SER F 507 10.57 41.53 -60.56
N SER F 508 11.66 41.27 -61.27
CA SER F 508 12.34 40.00 -61.21
C SER F 508 12.96 39.88 -59.85
N MET F 509 13.52 40.99 -59.34
CA MET F 509 14.11 40.94 -58.02
C MET F 509 13.07 40.74 -56.93
N ALA F 510 11.88 41.36 -57.05
CA ALA F 510 10.87 41.13 -56.03
C ALA F 510 10.52 39.63 -55.97
N GLY F 511 10.46 38.99 -57.14
CA GLY F 511 10.22 37.55 -57.24
C GLY F 511 11.34 36.79 -56.53
N ALA F 512 12.59 37.13 -56.86
CA ALA F 512 13.76 36.50 -56.27
C ALA F 512 13.81 36.64 -54.75
N TYR F 513 13.39 37.79 -54.21
CA TYR F 513 13.38 37.98 -52.76
C TYR F 513 12.44 36.95 -52.12
N ALA F 514 11.27 36.75 -52.72
CA ALA F 514 10.32 35.77 -52.19
C ALA F 514 10.91 34.35 -52.18
N ARG F 515 11.63 33.97 -53.25
CA ARG F 515 12.23 32.64 -53.25
C ARG F 515 13.24 32.44 -52.14
N VAL F 516 14.10 33.41 -51.90
CA VAL F 516 15.08 33.24 -50.86
C VAL F 516 14.43 33.13 -49.49
N ASP F 517 13.44 33.99 -49.20
CA ASP F 517 12.81 33.94 -47.89
C ASP F 517 12.21 32.55 -47.61
N ASN F 518 11.63 31.91 -48.64
CA ASN F 518 11.06 30.59 -48.46
C ASN F 518 12.06 29.44 -48.36
N ASP F 519 13.13 29.44 -49.16
CA ASP F 519 14.07 28.32 -49.10
C ASP F 519 15.18 28.44 -48.08
N ARG F 520 15.67 29.65 -47.80
CA ARG F 520 16.78 29.79 -46.87
C ARG F 520 16.47 30.66 -45.65
N GLY F 521 15.59 31.64 -45.79
CA GLY F 521 15.24 32.55 -44.69
C GLY F 521 15.67 33.99 -44.96
N VAL F 522 14.88 34.92 -44.41
CA VAL F 522 15.05 36.38 -44.56
C VAL F 522 16.40 36.90 -44.07
N TRP F 523 17.10 36.12 -43.26
CA TRP F 523 18.39 36.54 -42.75
C TRP F 523 19.56 36.20 -43.69
N LYS F 524 19.28 35.59 -44.86
CA LYS F 524 20.33 35.29 -45.82
C LYS F 524 20.32 36.30 -46.97
N SER F 525 21.50 36.62 -47.50
CA SER F 525 21.62 37.58 -48.59
C SER F 525 20.88 37.18 -49.85
N PRO F 526 20.12 38.09 -50.50
CA PRO F 526 19.44 37.88 -51.75
C PRO F 526 20.41 38.04 -52.93
N ALA F 527 21.35 37.12 -53.05
CA ALA F 527 22.37 37.14 -54.09
C ALA F 527 22.82 35.72 -54.40
N ASN F 528 23.50 35.55 -55.54
CA ASN F 528 23.95 34.25 -56.07
C ASN F 528 22.69 33.42 -56.34
N ILE F 529 21.73 34.11 -56.96
CA ILE F 529 20.42 33.64 -57.36
C ILE F 529 20.29 33.67 -58.87
N GLY F 530 19.85 32.57 -59.47
CA GLY F 530 19.62 32.61 -60.91
C GLY F 530 18.22 33.17 -61.17
N LEU F 531 18.08 33.93 -62.25
CA LEU F 531 16.78 34.50 -62.64
C LEU F 531 16.08 33.65 -63.68
N ASN F 532 14.75 33.56 -63.60
CA ASN F 532 13.98 32.81 -64.57
C ASN F 532 13.54 33.70 -65.71
N TYR F 533 13.37 33.12 -66.89
CA TYR F 533 12.93 33.83 -68.09
C TYR F 533 13.88 34.95 -68.49
N VAL F 534 15.17 34.77 -68.28
CA VAL F 534 16.12 35.78 -68.69
C VAL F 534 17.12 35.16 -69.64
N SER F 535 17.24 35.76 -70.80
CA SER F 535 18.16 35.30 -71.83
C SER F 535 19.56 35.78 -71.47
N LYS F 536 19.66 37.08 -71.21
CA LYS F 536 20.94 37.69 -70.86
C LYS F 536 20.75 39.13 -70.34
N PRO F 537 21.72 39.71 -69.61
CA PRO F 537 21.83 41.12 -69.30
C PRO F 537 21.95 41.90 -70.60
N SER F 538 21.40 43.12 -70.66
CA SER F 538 21.55 43.94 -71.87
C SER F 538 22.95 44.52 -72.05
N VAL F 539 23.67 44.74 -70.95
CA VAL F 539 25.01 45.29 -70.95
C VAL F 539 25.95 44.38 -70.18
N THR F 540 27.10 44.07 -70.77
CA THR F 540 28.06 43.23 -70.08
C THR F 540 28.89 44.02 -69.09
N VAL F 541 28.98 43.52 -67.85
CA VAL F 541 29.78 44.15 -66.80
C VAL F 541 30.93 43.23 -66.46
N SER F 542 32.14 43.74 -66.60
CA SER F 542 33.36 42.99 -66.34
C SER F 542 33.67 42.99 -64.86
N HIS F 543 34.67 42.21 -64.46
CA HIS F 543 35.11 42.17 -63.07
C HIS F 543 35.59 43.55 -62.59
N GLU F 544 36.50 44.14 -63.34
CA GLU F 544 37.09 45.42 -62.98
C GLU F 544 36.05 46.54 -62.96
N GLU F 545 35.10 46.48 -63.86
CA GLU F 545 34.04 47.48 -63.96
C GLU F 545 33.11 47.50 -62.76
N GLN F 546 33.07 46.42 -61.97
CA GLN F 546 32.16 46.38 -60.85
C GLN F 546 32.81 46.95 -59.60
N GLU F 547 34.11 47.22 -59.60
CA GLU F 547 34.73 47.65 -58.36
C GLU F 547 34.10 48.92 -57.80
N SER F 548 33.77 49.87 -58.68
CA SER F 548 33.17 51.14 -58.30
C SER F 548 31.67 51.05 -58.06
N MET F 549 31.07 49.90 -58.33
CA MET F 549 29.67 49.70 -58.11
C MET F 549 29.48 49.20 -56.68
N ASN F 550 30.39 48.33 -56.21
CA ASN F 550 30.27 47.75 -54.89
C ASN F 550 30.79 48.70 -53.82
N VAL F 551 31.92 49.36 -54.10
CA VAL F 551 32.54 50.28 -53.15
C VAL F 551 32.74 51.65 -53.78
N HIS F 552 32.28 52.69 -53.12
CA HIS F 552 32.38 54.04 -53.65
C HIS F 552 32.40 55.08 -52.55
N GLY F 553 33.08 56.19 -52.78
CA GLY F 553 33.19 57.29 -51.81
C GLY F 553 31.85 57.80 -51.26
N THR F 554 30.77 57.74 -52.04
CA THR F 554 29.48 58.21 -51.56
C THR F 554 28.67 57.18 -50.78
N GLY F 555 29.05 55.90 -50.87
CA GLY F 555 28.33 54.80 -50.24
C GLY F 555 27.11 54.34 -51.05
N LYS F 556 26.82 55.00 -52.18
CA LYS F 556 25.65 54.68 -52.98
C LYS F 556 25.92 53.55 -53.95
N SER F 557 26.01 52.37 -53.38
CA SER F 557 26.33 51.12 -54.06
C SER F 557 25.23 50.68 -55.01
N VAL F 558 25.63 49.98 -56.07
CA VAL F 558 24.71 49.39 -57.05
C VAL F 558 25.05 47.91 -57.22
N ASN F 559 24.06 47.03 -57.14
CA ASN F 559 24.31 45.60 -57.28
C ASN F 559 24.32 45.23 -58.77
N ALA F 560 25.03 44.18 -59.17
CA ALA F 560 25.12 43.89 -60.59
C ALA F 560 24.44 42.61 -61.02
N ILE F 561 23.89 42.64 -62.22
CA ILE F 561 23.36 41.41 -62.80
C ILE F 561 24.41 40.92 -63.82
N ARG F 562 24.93 39.71 -63.63
CA ARG F 562 26.03 39.20 -64.46
C ARG F 562 25.83 37.78 -64.98
N SER F 563 26.43 37.51 -66.15
CA SER F 563 26.38 36.20 -66.77
C SER F 563 27.60 35.33 -66.45
N PHE F 564 27.34 34.12 -65.95
CA PHE F 564 28.40 33.19 -65.60
C PHE F 564 28.35 31.94 -66.49
N VAL F 565 29.53 31.45 -66.86
CA VAL F 565 29.57 30.30 -67.73
C VAL F 565 29.11 29.05 -67.02
N GLY F 566 28.12 28.39 -67.62
CA GLY F 566 27.54 27.18 -67.09
C GLY F 566 26.48 27.44 -66.00
N LYS F 567 26.22 28.70 -65.67
CA LYS F 567 25.26 29.01 -64.62
C LYS F 567 24.11 29.87 -65.10
N GLY F 568 24.34 30.76 -66.06
CA GLY F 568 23.31 31.67 -66.52
C GLY F 568 23.38 33.01 -65.81
N THR F 569 22.27 33.73 -65.80
CA THR F 569 22.28 35.08 -65.27
C THR F 569 22.05 35.07 -63.77
N LEU F 570 23.03 35.61 -63.01
CA LEU F 570 22.98 35.65 -61.56
C LEU F 570 22.98 37.05 -60.97
N VAL F 571 22.36 37.17 -59.80
CA VAL F 571 22.41 38.41 -59.04
C VAL F 571 23.72 38.46 -58.24
N TRP F 572 24.58 39.43 -58.51
CA TRP F 572 25.88 39.46 -57.87
C TRP F 572 26.06 40.70 -56.96
N GLY F 573 26.01 40.49 -55.65
CA GLY F 573 26.08 41.58 -54.68
C GLY F 573 24.76 41.82 -53.96
N ALA F 574 24.84 42.22 -52.69
CA ALA F 574 23.63 42.46 -51.89
C ALA F 574 23.80 43.59 -50.87
N ARG F 575 24.22 44.76 -51.33
CA ARG F 575 24.37 45.90 -50.43
C ARG F 575 23.24 46.92 -50.62
N THR F 576 23.05 47.77 -49.62
CA THR F 576 22.05 48.85 -49.63
C THR F 576 22.68 50.15 -50.13
N LEU F 577 21.88 51.21 -50.23
CA LEU F 577 22.36 52.53 -50.68
C LEU F 577 23.18 53.27 -49.60
N ALA F 578 23.46 52.61 -48.49
CA ALA F 578 24.28 53.14 -47.41
C ALA F 578 25.42 52.12 -47.16
N GLY F 579 26.20 51.85 -48.22
CA GLY F 579 27.20 50.79 -48.29
C GLY F 579 28.37 50.90 -47.35
N ASN F 580 28.59 52.06 -46.77
CA ASN F 580 29.70 52.24 -45.84
C ASN F 580 29.21 52.25 -44.39
N ASP F 581 27.94 51.91 -44.19
CA ASP F 581 27.32 51.89 -42.87
C ASP F 581 27.66 50.61 -42.11
N ASN F 582 28.40 50.75 -41.03
CA ASN F 582 28.87 49.61 -40.25
C ASN F 582 27.75 48.72 -39.71
N GLU F 583 26.55 49.27 -39.55
CA GLU F 583 25.44 48.48 -39.04
C GLU F 583 24.45 48.09 -40.12
N TRP F 584 24.18 49.00 -41.06
CA TRP F 584 23.16 48.77 -42.08
C TRP F 584 23.56 48.53 -43.54
N ARG F 585 24.84 48.37 -43.87
CA ARG F 585 25.24 48.15 -45.28
C ARG F 585 24.67 46.90 -45.98
N TYR F 586 24.31 45.83 -45.25
CA TYR F 586 23.79 44.64 -45.93
C TYR F 586 22.28 44.56 -45.96
N ILE F 587 21.74 44.12 -47.09
CA ILE F 587 20.30 44.04 -47.27
C ILE F 587 19.65 43.09 -46.26
N SER F 588 20.25 41.92 -46.05
CA SER F 588 19.73 40.92 -45.13
C SER F 588 19.69 41.34 -43.67
N VAL F 589 20.47 42.34 -43.29
CA VAL F 589 20.42 42.76 -41.91
C VAL F 589 19.23 43.68 -41.80
N ARG F 590 19.12 44.64 -42.72
CA ARG F 590 17.99 45.55 -42.68
C ARG F 590 16.65 44.80 -42.76
N ARG F 591 16.54 43.84 -43.69
CA ARG F 591 15.30 43.10 -43.83
C ARG F 591 14.99 42.23 -42.62
N PHE F 592 15.99 41.57 -42.02
CA PHE F 592 15.75 40.76 -40.82
C PHE F 592 15.17 41.63 -39.72
N PHE F 593 15.77 42.79 -39.47
CA PHE F 593 15.23 43.65 -38.44
C PHE F 593 13.81 44.09 -38.75
N ASN F 594 13.50 44.48 -40.00
CA ASN F 594 12.13 44.90 -40.26
C ASN F 594 11.14 43.79 -39.95
N MET F 595 11.50 42.55 -40.29
CA MET F 595 10.64 41.40 -40.03
C MET F 595 10.43 41.20 -38.54
N ALA F 596 11.51 41.17 -37.76
CA ALA F 596 11.38 40.93 -36.34
C ALA F 596 10.56 42.03 -35.66
N GLU F 597 10.77 43.28 -36.06
CA GLU F 597 10.06 44.37 -35.44
C GLU F 597 8.56 44.31 -35.72
N GLU F 598 8.18 43.98 -36.95
CA GLU F 598 6.77 43.89 -37.28
C GLU F 598 6.08 42.77 -36.50
N SER F 599 6.72 41.59 -36.43
CA SER F 599 6.11 40.47 -35.73
C SER F 599 5.94 40.77 -34.25
N ILE F 600 6.94 41.39 -33.63
CA ILE F 600 6.80 41.70 -32.23
C ILE F 600 5.69 42.71 -32.00
N LYS F 601 5.63 43.82 -32.76
CA LYS F 601 4.54 44.72 -32.37
C LYS F 601 3.16 44.09 -32.54
N LYS F 602 2.96 43.19 -33.52
CA LYS F 602 1.63 42.58 -33.61
C LYS F 602 1.31 41.83 -32.33
N ALA F 603 2.30 41.11 -31.81
CA ALA F 603 2.17 40.38 -30.57
C ALA F 603 1.91 41.28 -29.35
N THR F 604 2.50 42.50 -29.32
CA THR F 604 2.32 43.38 -28.15
C THR F 604 1.00 44.15 -28.14
N GLU F 605 0.31 44.24 -29.27
CA GLU F 605 -0.97 44.98 -29.32
C GLU F 605 -2.03 44.47 -28.34
N GLN F 606 -2.02 43.18 -28.01
CA GLN F 606 -2.97 42.62 -27.08
C GLN F 606 -2.89 43.24 -25.67
N PHE F 607 -1.81 43.96 -25.34
CA PHE F 607 -1.65 44.57 -24.02
C PHE F 607 -1.88 46.08 -23.99
N VAL F 608 -2.41 46.67 -25.06
CA VAL F 608 -2.52 48.13 -25.11
C VAL F 608 -3.33 48.81 -24.01
N PHE F 609 -4.45 48.24 -23.61
CA PHE F 609 -5.24 48.92 -22.58
C PHE F 609 -5.13 48.27 -21.20
N GLU F 610 -4.06 47.52 -20.95
CA GLU F 610 -3.85 46.88 -19.67
C GLU F 610 -3.27 47.87 -18.66
N PRO F 611 -3.42 47.66 -17.33
CA PRO F 611 -2.83 48.46 -16.26
C PRO F 611 -1.31 48.55 -16.38
N ASN F 612 -0.74 49.72 -16.11
CA ASN F 612 0.70 49.85 -16.23
C ASN F 612 1.33 49.56 -14.89
N ASP F 613 1.67 48.28 -14.70
CA ASP F 613 2.23 47.80 -13.44
C ASP F 613 3.06 46.53 -13.65
N GLY F 614 3.64 46.02 -12.58
CA GLY F 614 4.53 44.86 -12.59
C GLY F 614 3.96 43.59 -13.19
N ASN F 615 2.66 43.37 -13.04
CA ASN F 615 2.08 42.17 -13.61
C ASN F 615 2.12 42.18 -15.13
N THR F 616 1.98 43.37 -15.73
CA THR F 616 1.95 43.52 -17.17
C THR F 616 3.35 43.44 -17.66
N TRP F 617 4.26 44.12 -16.97
CA TRP F 617 5.65 44.17 -17.40
C TRP F 617 6.21 42.76 -17.53
N VAL F 618 5.90 41.89 -16.58
CA VAL F 618 6.34 40.50 -16.65
C VAL F 618 5.72 39.76 -17.84
N ARG F 619 4.41 39.90 -18.05
CA ARG F 619 3.76 39.19 -19.18
C ARG F 619 4.36 39.64 -20.52
N VAL F 620 4.62 40.94 -20.71
CA VAL F 620 5.15 41.44 -21.96
C VAL F 620 6.54 40.91 -22.20
N ARG F 621 7.39 40.97 -21.18
CA ARG F 621 8.74 40.47 -21.30
C ARG F 621 8.78 39.01 -21.68
N ALA F 622 8.01 38.18 -20.98
CA ALA F 622 8.03 36.76 -21.27
C ALA F 622 7.63 36.45 -22.69
N MET F 623 6.61 37.15 -23.21
CA MET F 623 6.16 36.95 -24.56
C MET F 623 7.25 37.25 -25.60
N ILE F 624 7.95 38.37 -25.41
CA ILE F 624 8.99 38.77 -26.35
C ILE F 624 10.15 37.77 -26.32
N GLU F 625 10.58 37.35 -25.13
CA GLU F 625 11.66 36.39 -25.05
C GLU F 625 11.30 35.08 -25.75
N ASN F 626 10.06 34.59 -25.62
CA ASN F 626 9.73 33.34 -26.28
C ASN F 626 9.87 33.44 -27.81
N PHE F 627 9.45 34.58 -28.38
CA PHE F 627 9.60 34.82 -29.81
C PHE F 627 11.08 34.71 -30.21
N LEU F 628 11.93 35.43 -29.49
CA LEU F 628 13.34 35.47 -29.81
C LEU F 628 14.04 34.11 -29.64
N ILE F 629 13.60 33.29 -28.69
CA ILE F 629 14.17 31.96 -28.52
C ILE F 629 13.91 31.14 -29.75
N LEU F 630 12.69 31.19 -30.29
CA LEU F 630 12.40 30.44 -31.50
C LEU F 630 13.25 30.93 -32.70
N GLN F 631 13.50 32.25 -32.80
CA GLN F 631 14.34 32.74 -33.90
C GLN F 631 15.76 32.21 -33.76
N TRP F 632 16.23 32.14 -32.52
CA TRP F 632 17.54 31.56 -32.23
C TRP F 632 17.59 30.08 -32.60
N ARG F 633 16.59 29.32 -32.18
CA ARG F 633 16.55 27.89 -32.44
C ARG F 633 16.62 27.58 -33.94
N ALA F 634 16.00 28.44 -34.76
CA ALA F 634 15.95 28.29 -36.21
C ALA F 634 17.24 28.77 -36.91
N GLY F 635 18.20 29.30 -36.16
CA GLY F 635 19.46 29.77 -36.73
C GLY F 635 19.51 31.21 -37.23
N ALA F 636 18.55 32.06 -36.86
CA ALA F 636 18.57 33.44 -37.33
C ALA F 636 19.55 34.31 -36.55
N LEU F 637 19.72 34.01 -35.26
CA LEU F 637 20.57 34.79 -34.37
C LEU F 637 21.86 34.07 -34.03
N ALA F 638 22.89 34.86 -33.76
CA ALA F 638 24.21 34.36 -33.34
C ALA F 638 24.19 33.95 -31.87
N GLY F 639 25.12 33.09 -31.46
CA GLY F 639 25.26 32.72 -30.04
C GLY F 639 25.06 31.24 -29.72
N ALA F 640 25.94 30.70 -28.87
CA ALA F 640 25.89 29.30 -28.43
C ALA F 640 24.62 28.91 -27.68
N LYS F 641 24.09 29.86 -26.91
CA LYS F 641 22.89 29.72 -26.10
C LYS F 641 22.12 31.03 -26.23
N PRO F 642 20.78 31.09 -26.02
CA PRO F 642 19.96 32.30 -26.09
C PRO F 642 20.56 33.48 -25.33
N GLU F 643 21.22 33.20 -24.20
CA GLU F 643 21.87 34.21 -23.36
C GLU F 643 22.90 35.08 -24.09
N HIS F 644 23.40 34.58 -25.22
CA HIS F 644 24.40 35.26 -26.02
C HIS F 644 23.81 35.85 -27.29
N ALA F 645 22.52 35.60 -27.53
CA ALA F 645 21.85 36.00 -28.75
C ALA F 645 21.05 37.29 -28.55
N PHE F 646 20.43 37.43 -27.40
CA PHE F 646 19.58 38.59 -27.17
C PHE F 646 19.34 38.93 -25.72
N TYR F 647 18.80 40.13 -25.49
CA TYR F 647 18.31 40.50 -24.17
C TYR F 647 17.03 41.34 -24.30
N VAL F 648 16.20 41.28 -23.24
CA VAL F 648 14.99 42.11 -23.11
C VAL F 648 14.94 42.72 -21.71
N LYS F 649 14.75 44.04 -21.60
CA LYS F 649 14.66 44.71 -20.29
C LYS F 649 13.46 45.63 -20.15
N VAL F 650 12.83 45.59 -18.99
CA VAL F 650 11.72 46.47 -18.67
C VAL F 650 11.58 46.63 -17.16
N GLY F 651 11.32 47.84 -16.70
CA GLY F 651 11.07 48.04 -15.29
C GLY F 651 11.26 49.46 -14.79
N LEU F 652 10.70 49.72 -13.62
CA LEU F 652 10.81 51.04 -13.04
C LEU F 652 12.21 51.15 -12.50
N GLY F 653 12.93 52.17 -12.90
CA GLY F 653 14.31 52.36 -12.51
C GLY F 653 15.28 51.77 -13.53
N GLN F 654 14.78 51.00 -14.50
CA GLN F 654 15.63 50.42 -15.52
C GLN F 654 15.36 51.08 -16.85
N THR F 655 14.08 51.12 -17.23
CA THR F 655 13.69 51.70 -18.51
C THR F 655 12.67 52.83 -18.34
N MET F 656 12.00 52.87 -17.19
CA MET F 656 10.94 53.85 -16.91
C MET F 656 11.18 54.66 -15.67
N THR F 657 10.63 55.88 -15.66
CA THR F 657 10.65 56.68 -14.44
C THR F 657 9.25 56.99 -13.94
N ALA F 658 9.17 57.71 -12.82
CA ALA F 658 7.87 58.02 -12.21
C ALA F 658 6.97 58.79 -13.16
N GLN F 659 7.57 59.67 -13.94
CA GLN F 659 6.88 60.50 -14.90
C GLN F 659 6.24 59.67 -16.00
N ASP F 660 6.83 58.52 -16.35
CA ASP F 660 6.30 57.70 -17.41
C ASP F 660 5.12 56.94 -16.88
N ILE F 661 5.18 56.58 -15.61
CA ILE F 661 4.06 55.85 -15.07
C ILE F 661 2.87 56.81 -15.08
N LEU F 662 3.08 58.04 -14.63
CA LEU F 662 2.00 59.04 -14.57
C LEU F 662 1.39 59.34 -15.93
N GLU F 663 2.19 59.40 -16.99
CA GLU F 663 1.69 59.68 -18.32
C GLU F 663 1.19 58.44 -19.08
N GLY F 664 1.25 57.26 -18.48
CA GLY F 664 0.82 56.05 -19.16
C GLY F 664 1.82 55.42 -20.15
N ASN F 665 3.11 55.70 -20.04
CA ASN F 665 4.08 55.13 -20.98
C ASN F 665 4.67 53.83 -20.45
N MET F 666 5.07 52.95 -21.37
CA MET F 666 5.79 51.74 -21.02
C MET F 666 6.98 51.57 -21.95
N ASN F 667 8.17 51.42 -21.38
CA ASN F 667 9.41 51.34 -22.14
C ASN F 667 10.11 49.98 -22.13
N VAL F 668 10.25 49.36 -23.29
CA VAL F 668 10.90 48.05 -23.34
C VAL F 668 12.15 48.12 -24.22
N GLU F 669 13.29 47.67 -23.70
CA GLU F 669 14.54 47.67 -24.47
C GLU F 669 14.95 46.28 -24.92
N ILE F 670 15.29 46.14 -26.20
CA ILE F 670 15.65 44.85 -26.82
C ILE F 670 16.97 44.92 -27.60
N GLY F 671 17.84 43.93 -27.43
CA GLY F 671 19.09 43.89 -28.22
C GLY F 671 19.25 42.53 -28.91
N LEU F 672 19.81 42.53 -30.15
CA LEU F 672 19.98 41.29 -30.94
C LEU F 672 21.38 41.08 -31.55
N ALA F 673 21.90 39.85 -31.50
CA ALA F 673 23.16 39.48 -32.17
C ALA F 673 22.92 38.91 -33.58
N VAL F 674 23.27 39.66 -34.61
CA VAL F 674 22.99 39.29 -36.01
C VAL F 674 24.26 39.02 -36.83
N VAL F 675 24.23 37.90 -37.56
CA VAL F 675 25.30 37.38 -38.41
C VAL F 675 25.43 38.07 -39.78
N ARG F 676 26.67 38.45 -40.14
CA ARG F 676 26.95 39.10 -41.42
C ARG F 676 27.79 38.18 -42.35
N PRO F 677 27.57 38.22 -43.69
CA PRO F 677 28.22 37.42 -44.72
C PRO F 677 29.66 37.79 -45.07
N ALA F 678 30.40 36.80 -45.59
CA ALA F 678 31.72 37.04 -46.16
C ALA F 678 31.58 37.36 -47.65
N GLU F 679 32.41 38.26 -48.17
CA GLU F 679 32.37 38.56 -49.60
C GLU F 679 33.58 38.11 -50.42
N PHE F 680 34.73 37.88 -49.79
CA PHE F 680 35.90 37.63 -50.61
C PHE F 680 36.62 36.33 -50.24
N ILE F 681 37.00 35.58 -51.27
CA ILE F 681 37.76 34.35 -51.12
C ILE F 681 39.04 34.45 -51.89
N ILE F 682 40.16 34.24 -51.21
CA ILE F 682 41.46 34.35 -51.84
C ILE F 682 42.19 33.02 -51.89
N LEU F 683 42.57 32.59 -53.08
CA LEU F 683 43.29 31.34 -53.23
C LEU F 683 44.75 31.64 -53.49
N LYS F 684 45.62 30.79 -52.99
CA LYS F 684 47.05 30.95 -53.21
C LYS F 684 47.63 29.65 -53.69
N PHE F 685 48.53 29.71 -54.66
CA PHE F 685 49.13 28.51 -55.23
C PHE F 685 50.64 28.54 -55.15
N SER F 686 51.23 27.36 -55.08
CA SER F 686 52.67 27.20 -55.04
C SER F 686 53.09 25.82 -55.52
N HIS F 687 54.39 25.65 -55.69
CA HIS F 687 54.96 24.37 -56.08
C HIS F 687 55.37 23.60 -54.84
N LYS F 688 54.72 22.47 -54.61
CA LYS F 688 54.99 21.66 -53.44
C LYS F 688 56.43 21.20 -53.41
N MET F 689 57.06 21.36 -52.25
CA MET F 689 58.44 20.93 -52.07
C MET F 689 58.69 20.46 -50.65
N GLN F 690 59.74 19.67 -50.46
CA GLN F 690 60.13 19.21 -49.15
C GLN F 690 60.30 20.36 -48.18
N THR G 3 -57.19 -35.38 -9.39
CA THR G 3 -56.92 -36.37 -8.35
C THR G 3 -55.86 -37.37 -8.78
N TYR G 4 -54.81 -37.46 -7.99
CA TYR G 4 -53.76 -38.40 -8.24
C TYR G 4 -53.61 -39.25 -7.01
N LYS G 5 -53.24 -40.51 -7.17
CA LYS G 5 -53.10 -41.39 -6.02
C LYS G 5 -51.68 -41.87 -5.73
N THR G 6 -50.82 -41.88 -6.73
CA THR G 6 -49.47 -42.38 -6.55
C THR G 6 -48.50 -41.20 -6.55
N PRO G 7 -47.61 -41.04 -5.55
CA PRO G 7 -46.61 -40.01 -5.50
C PRO G 7 -45.74 -40.09 -6.74
N GLY G 8 -45.33 -38.97 -7.31
CA GLY G 8 -44.50 -39.05 -8.50
C GLY G 8 -44.76 -37.94 -9.50
N VAL G 9 -44.17 -38.10 -10.67
CA VAL G 9 -44.25 -37.14 -11.75
C VAL G 9 -45.18 -37.62 -12.85
N TYR G 10 -46.14 -36.79 -13.20
CA TYR G 10 -47.11 -37.10 -14.24
C TYR G 10 -46.84 -36.29 -15.49
N ILE G 11 -47.11 -36.86 -16.65
CA ILE G 11 -46.89 -36.17 -17.93
C ILE G 11 -48.15 -36.02 -18.77
N GLU G 12 -48.39 -34.79 -19.22
CA GLU G 12 -49.52 -34.44 -20.07
C GLU G 12 -49.07 -33.64 -21.28
N GLU G 13 -49.84 -33.70 -22.37
CA GLU G 13 -49.55 -32.92 -23.58
C GLU G 13 -50.72 -32.03 -23.97
N ILE G 14 -50.49 -30.73 -23.94
CA ILE G 14 -51.53 -29.74 -24.22
C ILE G 14 -51.09 -28.66 -25.20
N THR G 15 -52.05 -27.90 -25.73
CA THR G 15 -51.76 -26.73 -26.56
C THR G 15 -52.43 -25.47 -26.00
N LYS G 16 -51.66 -24.40 -25.78
CA LYS G 16 -52.22 -23.14 -25.26
C LYS G 16 -51.23 -22.00 -25.32
N PHE G 17 -51.72 -20.78 -25.14
CA PHE G 17 -50.85 -19.63 -24.96
C PHE G 17 -50.37 -19.65 -23.51
N PRO G 18 -49.15 -19.21 -23.20
CA PRO G 18 -48.62 -19.10 -21.86
C PRO G 18 -49.43 -18.04 -21.07
N PRO G 19 -49.55 -18.19 -19.74
CA PRO G 19 -50.23 -17.31 -18.80
C PRO G 19 -49.48 -16.01 -18.52
N SER G 20 -50.20 -15.02 -17.97
CA SER G 20 -49.62 -13.74 -17.53
C SER G 20 -50.43 -13.10 -16.40
N VAL G 21 -49.71 -12.57 -15.41
CA VAL G 21 -50.28 -11.90 -14.23
C VAL G 21 -49.55 -10.58 -13.93
N ALA G 22 -50.16 -9.73 -13.10
CA ALA G 22 -49.53 -8.47 -12.69
C ALA G 22 -50.08 -7.99 -11.35
N GLN G 23 -49.29 -7.16 -10.67
CA GLN G 23 -49.69 -6.53 -9.42
C GLN G 23 -50.05 -5.07 -9.67
N VAL G 24 -51.32 -4.75 -9.48
CA VAL G 24 -51.84 -3.42 -9.77
C VAL G 24 -52.62 -2.85 -8.60
N GLU G 25 -52.30 -1.64 -8.18
CA GLU G 25 -53.00 -0.99 -7.08
C GLU G 25 -54.00 0.11 -7.45
N THR G 26 -53.73 0.85 -8.53
CA THR G 26 -54.54 2.04 -8.86
C THR G 26 -55.44 1.94 -10.09
N ALA G 27 -55.54 0.79 -10.70
CA ALA G 27 -56.32 0.66 -11.92
C ALA G 27 -57.16 -0.60 -11.94
N ILE G 28 -58.11 -0.71 -11.01
CA ILE G 28 -58.96 -1.90 -10.91
C ILE G 28 -60.31 -1.72 -11.65
N PRO G 29 -60.56 -2.39 -12.78
CA PRO G 29 -61.77 -2.34 -13.54
C PRO G 29 -62.86 -3.26 -13.03
N ALA G 30 -64.10 -2.93 -13.38
CA ALA G 30 -65.18 -3.90 -13.28
C ALA G 30 -65.66 -4.23 -14.69
N PHE G 31 -65.98 -5.50 -14.92
CA PHE G 31 -66.49 -5.97 -16.21
C PHE G 31 -67.91 -6.54 -16.06
N ILE G 32 -68.87 -5.94 -16.75
CA ILE G 32 -70.28 -6.38 -16.66
C ILE G 32 -70.77 -7.10 -17.93
N GLY G 33 -71.17 -8.40 -17.82
CA GLY G 33 -71.61 -9.16 -19.03
C GLY G 33 -72.03 -10.63 -18.81
N TYR G 34 -72.11 -11.42 -19.90
CA TYR G 34 -72.58 -12.83 -19.83
C TYR G 34 -71.46 -13.87 -19.71
N THR G 35 -71.75 -14.98 -19.00
CA THR G 35 -70.79 -16.08 -18.82
C THR G 35 -71.38 -17.46 -19.19
N GLN G 36 -70.58 -18.56 -19.11
CA GLN G 36 -71.18 -19.89 -19.37
C GLN G 36 -72.03 -20.30 -18.19
N PHE G 37 -71.52 -20.01 -17.02
CA PHE G 37 -72.13 -20.35 -15.75
C PHE G 37 -71.65 -19.40 -14.68
N ALA G 38 -72.24 -19.45 -13.49
CA ALA G 38 -71.75 -18.62 -12.43
C ALA G 38 -71.93 -19.31 -11.08
N ARG G 39 -70.86 -19.88 -10.54
CA ARG G 39 -70.97 -20.68 -9.32
C ARG G 39 -69.91 -20.38 -8.29
N THR G 40 -70.19 -20.72 -7.03
CA THR G 40 -69.18 -20.56 -5.97
C THR G 40 -68.41 -21.84 -5.67
N LYS G 41 -68.98 -22.97 -6.03
CA LYS G 41 -68.35 -24.26 -5.81
C LYS G 41 -68.46 -25.05 -7.10
N PRO G 42 -67.52 -25.94 -7.42
CA PRO G 42 -67.52 -26.80 -8.60
C PRO G 42 -68.66 -27.80 -8.68
N SER G 43 -69.32 -28.05 -7.56
CA SER G 43 -70.40 -29.02 -7.51
C SER G 43 -71.64 -28.46 -6.84
N VAL G 44 -72.43 -27.75 -7.63
CA VAL G 44 -73.64 -27.09 -7.21
C VAL G 44 -74.74 -27.45 -8.19
N ASP G 45 -75.99 -27.21 -7.81
CA ASP G 45 -77.11 -27.45 -8.70
C ASP G 45 -77.64 -26.21 -9.41
N SER G 46 -76.94 -25.08 -9.30
CA SER G 46 -77.39 -23.85 -9.94
C SER G 46 -76.31 -22.80 -10.08
N ASP G 47 -76.72 -21.66 -10.58
CA ASP G 47 -75.87 -20.50 -10.72
C ASP G 47 -76.03 -19.63 -9.48
N ASP G 48 -74.94 -19.49 -8.73
CA ASP G 48 -74.96 -18.80 -7.44
C ASP G 48 -74.62 -17.33 -7.55
N LEU G 49 -73.80 -17.01 -8.55
CA LEU G 49 -73.22 -15.69 -8.70
C LEU G 49 -73.79 -14.83 -9.80
N ILE G 50 -75.03 -15.04 -10.23
CA ILE G 50 -75.51 -14.26 -11.37
C ILE G 50 -75.44 -12.76 -11.16
N LEU G 51 -75.84 -12.24 -10.03
CA LEU G 51 -75.71 -10.80 -9.80
C LEU G 51 -74.84 -10.48 -8.61
N LYS G 52 -73.80 -11.28 -8.39
CA LYS G 52 -72.94 -11.01 -7.24
C LYS G 52 -71.54 -10.66 -7.71
N PRO G 53 -71.00 -9.47 -7.40
CA PRO G 53 -69.66 -9.10 -7.76
C PRO G 53 -68.66 -10.05 -7.15
N LYS G 54 -67.63 -10.39 -7.88
CA LYS G 54 -66.58 -11.22 -7.34
C LYS G 54 -65.22 -10.71 -7.78
N ARG G 55 -64.23 -10.79 -6.90
CA ARG G 55 -62.88 -10.38 -7.27
C ARG G 55 -62.07 -11.58 -7.78
N ILE G 56 -61.46 -11.38 -8.93
CA ILE G 56 -60.64 -12.32 -9.69
C ILE G 56 -59.18 -11.87 -9.81
N SER G 57 -58.21 -12.76 -9.51
CA SER G 57 -56.81 -12.36 -9.59
C SER G 57 -56.13 -12.65 -10.94
N SER G 58 -56.67 -13.60 -11.68
CA SER G 58 -56.08 -14.02 -12.95
C SER G 58 -57.11 -14.72 -13.82
N LEU G 59 -56.75 -15.00 -15.06
CA LEU G 59 -57.68 -15.69 -15.96
C LEU G 59 -58.08 -17.09 -15.44
N LEU G 60 -57.19 -17.79 -14.70
CA LEU G 60 -57.53 -19.11 -14.16
C LEU G 60 -58.67 -19.03 -13.16
N ASP G 61 -58.69 -17.97 -12.35
CA ASP G 61 -59.75 -17.79 -11.37
C ASP G 61 -61.04 -17.51 -12.11
N PHE G 62 -60.96 -16.74 -13.17
CA PHE G 62 -62.18 -16.47 -13.93
C PHE G 62 -62.77 -17.77 -14.43
N THR G 63 -61.94 -18.58 -15.09
CA THR G 63 -62.41 -19.81 -15.69
C THR G 63 -63.07 -20.71 -14.65
N THR G 64 -62.43 -20.83 -13.51
CA THR G 64 -62.91 -21.64 -12.39
C THR G 64 -64.38 -21.39 -12.02
N TYR G 65 -64.85 -20.14 -12.04
CA TYR G 65 -66.20 -19.85 -11.60
C TYR G 65 -67.16 -19.47 -12.72
N TYR G 66 -66.63 -19.05 -13.88
CA TYR G 66 -67.45 -18.58 -14.96
C TYR G 66 -67.40 -19.33 -16.32
N GLY G 67 -66.40 -20.21 -16.52
CA GLY G 67 -66.25 -20.92 -17.78
C GLY G 67 -65.55 -20.13 -18.90
N GLY G 68 -65.58 -20.68 -20.11
CA GLY G 68 -64.91 -20.13 -21.31
C GLY G 68 -65.85 -19.46 -22.32
N ALA G 69 -65.50 -19.55 -23.60
CA ALA G 69 -66.23 -18.95 -24.71
C ALA G 69 -67.32 -19.91 -25.23
N GLN G 70 -68.27 -19.36 -25.99
CA GLN G 70 -69.30 -20.16 -26.66
C GLN G 70 -68.76 -20.66 -27.99
N ASN G 71 -69.07 -21.90 -28.37
CA ASN G 71 -68.64 -22.42 -29.69
C ASN G 71 -69.31 -21.66 -30.82
N GLU G 72 -68.57 -21.39 -31.89
CA GLU G 72 -69.16 -20.76 -33.07
C GLU G 72 -69.95 -21.80 -33.84
N GLN G 73 -71.07 -21.38 -34.45
CA GLN G 73 -71.89 -22.29 -35.26
C GLN G 73 -72.07 -21.80 -36.70
N GLY G 74 -71.22 -20.88 -37.14
CA GLY G 74 -71.31 -20.28 -38.47
C GLY G 74 -70.18 -20.67 -39.45
N ILE G 75 -69.42 -21.71 -39.15
CA ILE G 75 -68.30 -22.13 -39.99
C ILE G 75 -68.73 -23.15 -41.03
N THR G 76 -68.42 -22.90 -42.30
CA THR G 76 -68.77 -23.82 -43.38
C THR G 76 -67.50 -24.10 -44.18
N VAL G 77 -67.49 -25.17 -44.97
CA VAL G 77 -66.32 -25.48 -45.81
C VAL G 77 -66.68 -25.81 -47.26
N LYS G 78 -65.93 -25.26 -48.22
CA LYS G 78 -66.16 -25.60 -49.63
C LYS G 78 -64.89 -26.12 -50.34
N LEU G 79 -64.97 -27.34 -50.89
CA LEU G 79 -63.85 -28.00 -51.56
C LEU G 79 -64.14 -28.21 -53.06
N THR G 80 -63.24 -27.75 -53.94
CA THR G 80 -63.47 -27.95 -55.39
C THR G 80 -62.32 -28.68 -56.12
N ASP G 81 -62.68 -29.74 -56.85
CA ASP G 81 -61.78 -30.58 -57.66
C ASP G 81 -61.81 -30.29 -59.17
N THR G 82 -60.65 -29.87 -59.73
CA THR G 82 -60.55 -29.55 -61.16
C THR G 82 -59.31 -30.19 -61.81
N LEU G 83 -59.22 -30.10 -63.15
CA LEU G 83 -58.03 -30.60 -63.82
C LEU G 83 -57.19 -29.50 -64.45
N ILE G 84 -55.87 -29.66 -64.35
CA ILE G 84 -54.92 -28.78 -65.01
C ILE G 84 -54.09 -29.58 -65.98
N GLU G 85 -54.35 -29.40 -67.27
CA GLU G 85 -53.66 -30.15 -68.33
C GLU G 85 -53.69 -31.66 -68.05
N GLY G 86 -54.83 -32.13 -67.56
CA GLY G 86 -55.04 -33.55 -67.26
C GLY G 86 -54.67 -33.96 -65.82
N ALA G 87 -53.98 -33.10 -65.07
CA ALA G 87 -53.57 -33.43 -63.71
C ALA G 87 -54.63 -33.04 -62.70
N GLU G 88 -54.74 -33.80 -61.62
CA GLU G 88 -55.69 -33.43 -60.56
C GLU G 88 -55.17 -32.25 -59.77
N ASN G 89 -56.10 -31.39 -59.32
CA ASN G 89 -55.80 -30.26 -58.46
C ASN G 89 -57.02 -29.87 -57.62
N ARG G 90 -56.83 -29.66 -56.31
CA ARG G 90 -58.00 -29.26 -55.52
C ARG G 90 -57.72 -28.07 -54.63
N THR G 91 -58.77 -27.27 -54.43
CA THR G 91 -58.73 -26.11 -53.54
C THR G 91 -59.71 -26.24 -52.38
N ILE G 92 -59.21 -25.97 -51.18
CA ILE G 92 -60.05 -25.98 -49.98
C ILE G 92 -60.21 -24.56 -49.47
N ASN G 93 -61.46 -24.12 -49.41
CA ASN G 93 -61.77 -22.76 -49.00
C ASN G 93 -62.68 -22.67 -47.79
N VAL G 94 -62.20 -22.01 -46.75
CA VAL G 94 -62.99 -21.81 -45.55
C VAL G 94 -63.22 -20.30 -45.39
N PRO G 95 -64.41 -19.75 -45.75
CA PRO G 95 -64.80 -18.35 -45.67
C PRO G 95 -64.89 -17.85 -44.25
N GLU G 96 -64.73 -16.55 -44.04
CA GLU G 96 -64.95 -15.98 -42.73
C GLU G 96 -66.45 -16.12 -42.43
N PRO G 97 -66.88 -16.55 -41.23
CA PRO G 97 -68.28 -16.66 -40.83
C PRO G 97 -69.00 -15.34 -40.91
N THR G 98 -70.27 -15.37 -41.28
CA THR G 98 -71.09 -14.16 -41.35
C THR G 98 -72.00 -14.06 -40.14
N PHE G 99 -72.08 -15.15 -39.38
CA PHE G 99 -72.88 -15.24 -38.16
C PHE G 99 -71.96 -15.71 -37.07
N LYS G 100 -71.85 -14.90 -36.03
CA LYS G 100 -70.93 -15.17 -34.93
C LYS G 100 -71.62 -15.08 -33.58
N SER G 101 -71.08 -15.78 -32.58
CA SER G 101 -71.59 -15.67 -31.21
C SER G 101 -71.47 -14.23 -30.76
N PRO G 102 -72.47 -13.66 -30.05
CA PRO G 102 -72.44 -12.31 -29.53
C PRO G 102 -71.75 -12.17 -28.18
N TYR G 103 -71.15 -13.24 -27.63
CA TYR G 103 -70.62 -13.16 -26.28
C TYR G 103 -69.08 -13.02 -26.26
N LEU G 104 -68.60 -11.83 -25.87
CA LEU G 104 -67.17 -11.51 -25.91
C LEU G 104 -66.39 -11.41 -24.59
N MET G 105 -66.99 -11.65 -23.41
CA MET G 105 -66.22 -11.43 -22.17
C MET G 105 -64.96 -12.27 -22.05
N PHE G 106 -65.00 -13.54 -22.47
CA PHE G 106 -63.81 -14.37 -22.35
C PHE G 106 -62.62 -13.79 -23.13
N TYR G 107 -62.87 -13.42 -24.39
CA TYR G 107 -61.83 -12.88 -25.26
C TYR G 107 -61.32 -11.55 -24.72
N SER G 108 -62.24 -10.76 -24.19
CA SER G 108 -61.92 -9.47 -23.62
C SER G 108 -60.92 -9.61 -22.48
N LEU G 109 -61.18 -10.55 -21.57
CA LEU G 109 -60.27 -10.80 -20.45
C LEU G 109 -58.91 -11.31 -20.90
N GLN G 110 -58.86 -12.14 -21.94
CA GLN G 110 -57.55 -12.57 -22.42
C GLN G 110 -56.71 -11.37 -22.85
N MET G 111 -57.32 -10.41 -23.54
CA MET G 111 -56.60 -9.22 -23.98
C MET G 111 -56.17 -8.35 -22.79
N TYR G 112 -57.04 -8.21 -21.80
CA TYR G 112 -56.77 -7.45 -20.60
C TYR G 112 -55.52 -7.95 -19.87
N PHE G 113 -55.44 -9.27 -19.65
CA PHE G 113 -54.28 -9.80 -18.95
C PHE G 113 -53.02 -9.75 -19.85
N ALA G 114 -53.17 -9.94 -21.18
CA ALA G 114 -52.05 -9.87 -22.13
C ALA G 114 -51.37 -8.51 -22.11
N ASN G 115 -52.14 -7.46 -21.85
CA ASN G 115 -51.64 -6.10 -21.80
C ASN G 115 -51.25 -5.61 -20.41
N GLY G 116 -51.12 -6.51 -19.43
CA GLY G 116 -50.62 -6.12 -18.11
C GLY G 116 -51.63 -5.86 -17.00
N GLY G 117 -52.89 -6.18 -17.19
CA GLY G 117 -53.85 -5.95 -16.15
C GLY G 117 -53.66 -6.81 -14.90
N GLY G 118 -54.10 -6.26 -13.76
CA GLY G 118 -54.05 -6.94 -12.47
C GLY G 118 -55.43 -7.45 -12.09
N PRO G 119 -55.75 -7.58 -10.80
CA PRO G 119 -57.00 -8.06 -10.24
C PRO G 119 -58.16 -7.21 -10.71
N CYS G 120 -59.33 -7.82 -10.85
CA CYS G 120 -60.52 -7.10 -11.31
C CYS G 120 -61.83 -7.66 -10.77
N TYR G 121 -62.91 -6.91 -10.98
CA TYR G 121 -64.23 -7.38 -10.59
C TYR G 121 -65.08 -7.88 -11.73
N ILE G 122 -65.72 -9.01 -11.50
CA ILE G 122 -66.63 -9.59 -12.48
C ILE G 122 -68.05 -9.56 -11.98
N VAL G 123 -68.95 -9.04 -12.81
CA VAL G 123 -70.36 -9.05 -12.51
C VAL G 123 -71.05 -9.75 -13.66
N SER G 124 -71.72 -10.84 -13.35
CA SER G 124 -72.43 -11.58 -14.37
C SER G 124 -73.75 -10.89 -14.54
N THR G 125 -74.36 -11.06 -15.70
CA THR G 125 -75.69 -10.54 -15.94
C THR G 125 -76.64 -11.66 -16.32
N GLY G 126 -76.08 -12.84 -16.47
CA GLY G 126 -76.80 -14.01 -16.93
C GLY G 126 -75.82 -14.96 -17.59
N VAL G 127 -76.34 -16.01 -18.20
CA VAL G 127 -75.49 -16.99 -18.84
C VAL G 127 -75.83 -17.10 -20.32
N TYR G 128 -74.93 -17.68 -21.09
CA TYR G 128 -75.07 -17.78 -22.54
C TYR G 128 -76.33 -18.52 -22.97
N ASP G 129 -77.06 -17.95 -23.94
CA ASP G 129 -78.24 -18.64 -24.45
C ASP G 129 -77.83 -19.51 -25.64
N ASP G 130 -78.78 -20.22 -26.22
CA ASP G 130 -78.43 -21.06 -27.38
C ASP G 130 -78.78 -20.43 -28.72
N TRP G 131 -78.48 -21.12 -29.79
CA TRP G 131 -78.78 -20.67 -31.15
C TRP G 131 -80.13 -21.21 -31.61
N SER G 132 -80.82 -20.47 -32.47
CA SER G 132 -82.09 -20.98 -32.97
C SER G 132 -81.85 -21.79 -34.24
N ASP G 133 -80.84 -21.35 -35.00
CA ASP G 133 -80.45 -22.00 -36.25
C ASP G 133 -79.02 -21.59 -36.54
N SER G 134 -78.42 -22.11 -37.61
CA SER G 134 -77.04 -21.74 -37.95
C SER G 134 -76.90 -20.29 -38.39
N GLU G 135 -78.01 -19.72 -38.82
CA GLU G 135 -78.08 -18.34 -39.25
C GLU G 135 -78.81 -17.46 -38.24
N THR G 136 -79.15 -18.02 -37.09
CA THR G 136 -79.87 -17.23 -36.09
C THR G 136 -79.23 -17.36 -34.69
N PRO G 137 -78.34 -16.41 -34.32
CA PRO G 137 -77.58 -16.35 -33.08
C PRO G 137 -78.44 -15.82 -31.93
N PRO G 138 -77.97 -15.98 -30.68
CA PRO G 138 -78.49 -15.40 -29.43
C PRO G 138 -78.48 -13.89 -29.49
N THR G 139 -79.25 -13.27 -28.61
CA THR G 139 -79.28 -11.82 -28.52
C THR G 139 -78.84 -11.33 -27.13
N ILE G 140 -78.51 -10.04 -27.05
CA ILE G 140 -78.10 -9.38 -25.82
C ILE G 140 -79.25 -8.55 -25.28
N ASN G 141 -79.63 -8.79 -24.03
CA ASN G 141 -80.76 -8.10 -23.44
C ASN G 141 -80.35 -6.87 -22.65
N PHE G 142 -80.71 -5.71 -23.16
CA PHE G 142 -80.35 -4.44 -22.56
C PHE G 142 -80.64 -4.40 -21.05
N SER G 143 -81.79 -4.91 -20.62
CA SER G 143 -82.20 -4.84 -19.22
C SER G 143 -81.24 -5.59 -18.28
N ASP G 144 -80.48 -6.53 -18.81
CA ASP G 144 -79.57 -7.32 -18.01
C ASP G 144 -78.32 -6.49 -17.72
N LEU G 145 -77.96 -5.58 -18.64
CA LEU G 145 -76.75 -4.81 -18.44
C LEU G 145 -77.08 -3.70 -17.46
N GLU G 146 -78.30 -3.16 -17.53
CA GLU G 146 -78.67 -2.13 -16.56
C GLU G 146 -78.69 -2.68 -15.14
N SER G 147 -79.14 -3.94 -15.00
CA SER G 147 -79.15 -4.57 -13.71
C SER G 147 -77.73 -4.68 -13.17
N GLY G 148 -76.79 -5.15 -14.00
CA GLY G 148 -75.40 -5.27 -13.56
C GLY G 148 -74.80 -3.92 -13.13
N LEU G 149 -75.15 -2.84 -13.84
CA LEU G 149 -74.65 -1.51 -13.49
C LEU G 149 -75.19 -1.09 -12.11
N ALA G 150 -76.49 -1.34 -11.87
CA ALA G 150 -77.11 -1.01 -10.59
C ALA G 150 -76.42 -1.75 -9.42
N VAL G 151 -75.96 -2.96 -9.68
CA VAL G 151 -75.25 -3.78 -8.70
C VAL G 151 -73.86 -3.22 -8.40
N ILE G 152 -73.06 -2.93 -9.44
CA ILE G 152 -71.68 -2.48 -9.20
C ILE G 152 -71.68 -1.13 -8.46
N ARG G 153 -72.75 -0.36 -8.60
CA ARG G 153 -72.86 0.91 -7.91
C ARG G 153 -72.65 0.81 -6.40
N LYS G 154 -72.91 -0.36 -5.80
CA LYS G 154 -72.75 -0.49 -4.36
C LYS G 154 -71.35 -0.92 -3.90
N GLU G 155 -70.43 -1.15 -4.84
CA GLU G 155 -69.06 -1.56 -4.50
C GLU G 155 -68.16 -0.34 -4.43
N ASP G 156 -67.20 -0.33 -3.51
CA ASP G 156 -66.26 0.79 -3.38
C ASP G 156 -64.94 0.67 -4.13
N GLU G 157 -64.42 -0.52 -4.30
CA GLU G 157 -63.11 -0.71 -4.90
C GLU G 157 -62.88 -0.37 -6.39
N PRO G 158 -63.79 -0.65 -7.35
CA PRO G 158 -63.59 -0.41 -8.78
C PRO G 158 -63.33 1.06 -9.12
N THR G 159 -62.46 1.29 -10.11
CA THR G 159 -62.16 2.64 -10.59
C THR G 159 -62.56 2.82 -12.06
N LEU G 160 -62.62 1.73 -12.82
CA LEU G 160 -62.97 1.79 -14.24
C LEU G 160 -64.22 0.96 -14.56
N LEU G 161 -65.08 1.47 -15.43
CA LEU G 161 -66.27 0.70 -15.83
C LEU G 161 -66.27 0.25 -17.30
N LEU G 162 -66.35 -1.07 -17.53
CA LEU G 162 -66.36 -1.62 -18.90
C LEU G 162 -67.54 -2.57 -19.19
N PHE G 163 -68.04 -2.55 -20.43
CA PHE G 163 -69.10 -3.46 -20.90
C PHE G 163 -68.71 -4.26 -22.16
N PRO G 164 -68.11 -5.46 -22.03
CA PRO G 164 -67.62 -6.29 -23.13
C PRO G 164 -68.66 -6.68 -24.19
N ASP G 165 -69.97 -6.68 -23.88
CA ASP G 165 -70.95 -7.08 -24.88
C ASP G 165 -71.94 -5.94 -25.19
N ALA G 166 -71.50 -4.68 -25.16
CA ALA G 166 -72.42 -3.58 -25.47
C ALA G 166 -72.60 -3.33 -26.95
N THR G 167 -71.60 -3.63 -27.77
CA THR G 167 -71.69 -3.33 -29.20
C THR G 167 -72.59 -4.30 -29.92
N ASN G 168 -73.02 -5.36 -29.22
CA ASN G 168 -73.92 -6.33 -29.79
C ASN G 168 -75.38 -6.09 -29.40
N LEU G 169 -75.68 -4.96 -28.76
CA LEU G 169 -77.06 -4.61 -28.46
C LEU G 169 -77.79 -4.38 -29.77
N PRO G 170 -79.08 -4.79 -29.91
CA PRO G 170 -79.91 -4.63 -31.09
C PRO G 170 -79.97 -3.24 -31.72
N THR G 171 -79.87 -2.17 -30.93
CA THR G 171 -79.92 -0.83 -31.52
C THR G 171 -78.80 0.06 -30.98
N ASP G 172 -78.55 1.15 -31.68
CA ASP G 172 -77.56 2.11 -31.25
C ASP G 172 -78.14 2.93 -30.12
N ASP G 173 -79.44 3.12 -30.15
CA ASP G 173 -80.09 3.87 -29.10
C ASP G 173 -79.87 3.21 -27.73
N GLU G 174 -79.98 1.88 -27.66
CA GLU G 174 -79.72 1.19 -26.40
C GLU G 174 -78.27 1.33 -25.99
N PHE G 175 -77.36 1.25 -26.95
CA PHE G 175 -75.93 1.41 -26.69
C PHE G 175 -75.64 2.77 -26.05
N TYR G 176 -76.15 3.85 -26.65
CA TYR G 176 -75.88 5.18 -26.14
C TYR G 176 -76.50 5.39 -24.77
N SER G 177 -77.71 4.85 -24.56
CA SER G 177 -78.39 4.96 -23.27
C SER G 177 -77.54 4.34 -22.16
N LEU G 178 -76.97 3.16 -22.42
CA LEU G 178 -76.15 2.48 -21.43
C LEU G 178 -74.95 3.35 -21.03
N TYR G 179 -74.28 3.98 -22.02
CA TYR G 179 -73.12 4.81 -21.70
C TYR G 179 -73.49 6.11 -20.99
N ASN G 180 -74.65 6.70 -21.32
CA ASN G 180 -75.04 7.91 -20.60
C ASN G 180 -75.23 7.58 -19.12
N SER G 181 -75.81 6.40 -18.82
CA SER G 181 -75.99 6.00 -17.42
C SER G 181 -74.66 5.80 -16.72
N ALA G 182 -73.68 5.20 -17.39
CA ALA G 182 -72.37 5.01 -16.78
C ALA G 182 -71.70 6.35 -16.43
N LEU G 183 -71.80 7.35 -17.33
CA LEU G 183 -71.21 8.65 -17.04
C LEU G 183 -71.91 9.33 -15.88
N MET G 184 -73.23 9.19 -15.78
CA MET G 184 -73.96 9.77 -14.67
C MET G 184 -73.55 9.13 -13.34
N GLN G 185 -73.29 7.81 -13.32
CA GLN G 185 -72.85 7.16 -12.10
C GLN G 185 -71.51 7.75 -11.64
N CYS G 186 -70.59 7.98 -12.58
CA CYS G 186 -69.29 8.57 -12.23
C CYS G 186 -69.46 9.96 -11.64
N ASN G 187 -70.34 10.77 -12.20
CA ASN G 187 -70.55 12.09 -11.64
C ASN G 187 -71.09 12.00 -10.20
N ASP G 188 -72.05 11.11 -9.94
CA ASP G 188 -72.58 11.01 -8.59
C ASP G 188 -71.58 10.50 -7.55
N LEU G 189 -70.73 9.52 -7.92
CA LEU G 189 -69.80 8.96 -6.95
C LEU G 189 -68.47 9.73 -6.82
N GLN G 190 -68.04 10.41 -7.89
CA GLN G 190 -66.80 11.20 -7.97
C GLN G 190 -65.50 10.41 -7.83
N ASP G 191 -65.49 9.13 -8.16
CA ASP G 191 -64.30 8.31 -8.08
C ASP G 191 -64.09 7.32 -9.23
N ARG G 192 -64.79 7.49 -10.36
CA ARG G 192 -64.70 6.55 -11.48
C ARG G 192 -64.51 7.22 -12.81
N PHE G 193 -64.00 6.45 -13.77
CA PHE G 193 -63.79 6.92 -15.13
C PHE G 193 -64.27 5.84 -16.11
N THR G 194 -64.85 6.23 -17.24
CA THR G 194 -65.30 5.23 -18.21
C THR G 194 -64.53 5.26 -19.51
N ILE G 195 -64.41 4.08 -20.14
CA ILE G 195 -63.77 3.92 -21.44
C ILE G 195 -64.83 3.58 -22.49
N LEU G 196 -64.93 4.40 -23.54
CA LEU G 196 -65.98 4.23 -24.55
C LEU G 196 -65.49 3.79 -25.94
N ASP G 197 -66.34 3.01 -26.58
CA ASP G 197 -66.19 2.53 -27.95
C ASP G 197 -67.25 3.13 -28.84
N THR G 198 -67.04 3.11 -30.15
CA THR G 198 -68.11 3.45 -31.05
C THR G 198 -68.99 2.20 -31.15
N TYR G 199 -70.18 2.35 -31.73
CA TYR G 199 -71.10 1.23 -31.95
C TYR G 199 -70.52 0.23 -32.94
N SER G 200 -69.87 0.76 -33.96
CA SER G 200 -69.25 0.02 -35.06
C SER G 200 -68.05 0.76 -35.59
N ASP G 201 -67.09 0.07 -36.21
CA ASP G 201 -65.98 0.79 -36.82
C ASP G 201 -66.24 1.15 -38.30
N GLN G 202 -67.42 0.75 -38.80
CA GLN G 202 -67.88 0.96 -40.18
C GLN G 202 -69.26 1.60 -40.23
N THR G 203 -69.62 2.18 -41.38
CA THR G 203 -70.93 2.81 -41.54
C THR G 203 -72.05 1.85 -41.10
N TYR G 204 -72.92 2.34 -40.26
CA TYR G 204 -73.98 1.42 -39.83
C TYR G 204 -75.32 1.92 -40.35
N ASN G 205 -76.20 0.94 -40.45
CA ASN G 205 -77.55 1.12 -40.99
C ASN G 205 -78.57 1.29 -39.85
N ASP G 206 -79.13 2.49 -39.72
CA ASP G 206 -80.07 2.85 -38.65
C ASP G 206 -81.43 2.19 -38.83
N GLY G 207 -81.64 1.63 -40.01
CA GLY G 207 -82.90 1.04 -40.45
C GLY G 207 -83.62 2.05 -41.36
N VAL G 208 -83.16 3.29 -41.30
CA VAL G 208 -83.68 4.38 -42.11
C VAL G 208 -82.62 5.23 -42.82
N GLU G 209 -81.34 5.10 -42.41
CA GLU G 209 -80.26 5.94 -42.91
C GLU G 209 -78.88 5.30 -42.70
N ASP G 210 -77.90 5.71 -43.49
CA ASP G 210 -76.52 5.18 -43.28
C ASP G 210 -75.82 6.19 -42.38
N LEU G 211 -75.23 5.74 -41.27
CA LEU G 211 -74.60 6.68 -40.30
C LEU G 211 -73.11 6.41 -40.11
N ASP G 212 -72.30 7.48 -40.15
CA ASP G 212 -70.86 7.46 -39.83
C ASP G 212 -70.64 7.39 -38.31
N PRO G 213 -69.91 6.38 -37.79
CA PRO G 213 -69.62 6.13 -36.38
C PRO G 213 -69.08 7.30 -35.54
N ILE G 214 -68.31 8.22 -36.11
CA ILE G 214 -67.82 9.28 -35.25
C ILE G 214 -68.94 10.29 -34.94
N PRO G 215 -69.61 10.94 -35.93
CA PRO G 215 -70.79 11.74 -35.74
C PRO G 215 -71.86 11.02 -34.93
N ALA G 216 -71.98 9.70 -35.12
CA ALA G 216 -72.96 8.93 -34.40
C ALA G 216 -72.78 9.01 -32.90
N LEU G 217 -71.54 8.78 -32.45
CA LEU G 217 -71.21 8.82 -31.05
C LEU G 217 -71.37 10.23 -30.50
N ARG G 218 -70.96 11.22 -31.29
CA ARG G 218 -71.09 12.61 -30.85
C ARG G 218 -72.54 13.03 -30.62
N ASN G 219 -73.46 12.60 -31.47
CA ASN G 219 -74.87 12.93 -31.26
C ASN G 219 -75.50 12.03 -30.19
N GLY G 220 -75.04 10.79 -30.11
CA GLY G 220 -75.52 9.77 -29.19
C GLY G 220 -75.35 10.16 -27.72
N ILE G 221 -74.15 10.58 -27.34
CA ILE G 221 -73.90 10.99 -25.96
C ILE G 221 -74.14 12.49 -25.85
N ASN G 222 -75.22 12.87 -25.16
CA ASN G 222 -75.67 14.26 -25.07
C ASN G 222 -75.63 14.91 -23.68
N LEU G 223 -74.76 14.43 -22.81
CA LEU G 223 -74.61 14.98 -21.47
C LEU G 223 -73.70 16.19 -21.52
N THR G 224 -73.78 17.04 -20.51
CA THR G 224 -72.90 18.21 -20.44
C THR G 224 -71.54 17.97 -19.77
N LYS G 225 -70.78 19.05 -19.67
CA LYS G 225 -69.40 19.13 -19.18
C LYS G 225 -69.12 18.34 -17.89
N ASP G 226 -70.05 18.42 -16.94
CA ASP G 226 -69.94 17.76 -15.64
C ASP G 226 -69.82 16.25 -15.75
N TYR G 227 -70.27 15.69 -16.85
CA TYR G 227 -70.24 14.26 -17.05
C TYR G 227 -69.17 13.88 -18.03
N LEU G 228 -68.99 14.70 -19.06
CA LEU G 228 -68.05 14.41 -20.13
C LEU G 228 -66.62 14.34 -19.61
N LYS G 229 -66.30 15.12 -18.59
CA LYS G 229 -64.98 15.10 -17.99
C LYS G 229 -64.62 13.72 -17.37
N TYR G 230 -65.59 12.83 -17.17
CA TYR G 230 -65.35 11.52 -16.58
C TYR G 230 -65.14 10.37 -17.55
N GLY G 231 -64.92 10.65 -18.83
CA GLY G 231 -64.64 9.54 -19.72
C GLY G 231 -63.92 9.94 -20.99
N ALA G 232 -63.54 8.93 -21.76
CA ALA G 232 -62.81 9.08 -23.01
C ALA G 232 -63.18 7.97 -23.98
N ALA G 233 -63.03 8.24 -25.28
CA ALA G 233 -63.36 7.26 -26.32
C ALA G 233 -62.20 6.99 -27.25
N TYR G 234 -62.16 5.76 -27.78
CA TYR G 234 -61.13 5.32 -28.72
C TYR G 234 -61.71 4.74 -30.03
N TYR G 235 -60.98 4.92 -31.13
CA TYR G 235 -61.35 4.43 -32.47
C TYR G 235 -60.10 4.12 -33.30
N PRO G 236 -60.11 3.11 -34.17
CA PRO G 236 -61.04 2.03 -34.51
C PRO G 236 -60.92 0.79 -33.65
N PHE G 237 -61.60 -0.28 -34.08
CA PHE G 237 -61.51 -1.63 -33.51
C PHE G 237 -60.19 -2.25 -33.92
N VAL G 238 -59.74 -3.30 -33.21
CA VAL G 238 -58.46 -3.92 -33.58
C VAL G 238 -58.53 -5.43 -33.85
N GLN G 239 -57.58 -5.89 -34.68
CA GLN G 239 -57.46 -7.31 -34.99
C GLN G 239 -56.41 -7.96 -34.12
N THR G 240 -56.86 -8.95 -33.33
CA THR G 240 -56.07 -9.76 -32.36
C THR G 240 -55.52 -11.04 -33.00
N ILE G 241 -54.78 -11.84 -32.22
CA ILE G 241 -54.15 -13.07 -32.65
C ILE G 241 -54.80 -14.29 -32.01
N LEU G 242 -55.96 -14.09 -31.42
CA LEU G 242 -56.73 -15.12 -30.75
C LEU G 242 -57.56 -15.87 -31.76
N ASN G 243 -57.79 -17.17 -31.51
CA ASN G 243 -58.60 -18.00 -32.40
C ASN G 243 -60.06 -18.06 -31.97
N TYR G 244 -60.86 -18.78 -32.75
CA TYR G 244 -62.26 -19.00 -32.44
C TYR G 244 -62.41 -20.36 -31.81
N GLN G 245 -63.41 -20.52 -30.97
CA GLN G 245 -63.69 -21.82 -30.36
C GLN G 245 -64.77 -22.52 -31.20
N TYR G 246 -64.53 -23.78 -31.56
CA TYR G 246 -65.45 -24.54 -32.41
C TYR G 246 -65.29 -26.05 -32.24
N SER G 247 -66.17 -26.80 -32.92
CA SER G 247 -66.11 -28.26 -32.96
C SER G 247 -66.39 -28.77 -34.37
N ALA G 248 -65.58 -29.76 -34.80
CA ALA G 248 -65.66 -30.40 -36.11
C ALA G 248 -67.02 -31.06 -36.36
N ASP G 249 -67.75 -31.36 -35.29
CA ASP G 249 -69.05 -31.99 -35.38
C ASP G 249 -70.10 -31.06 -35.98
N GLU G 250 -69.84 -29.76 -35.93
CA GLU G 250 -70.79 -28.77 -36.41
C GLU G 250 -70.46 -28.26 -37.81
N ILE G 251 -69.41 -28.78 -38.44
CA ILE G 251 -68.98 -28.23 -39.71
C ILE G 251 -69.22 -29.14 -40.91
N VAL G 252 -69.98 -28.65 -41.88
CA VAL G 252 -70.38 -29.41 -43.08
C VAL G 252 -69.64 -28.93 -44.33
N ILE G 253 -69.23 -29.91 -45.12
CA ILE G 253 -68.46 -29.71 -46.33
C ILE G 253 -69.22 -29.84 -47.65
N GLN G 254 -69.07 -28.82 -48.48
CA GLN G 254 -69.59 -28.83 -49.85
C GLN G 254 -68.45 -29.35 -50.73
N HIS G 255 -68.75 -30.27 -51.65
CA HIS G 255 -67.70 -30.81 -52.52
C HIS G 255 -68.10 -30.80 -53.97
N LEU G 256 -67.43 -29.99 -54.76
CA LEU G 256 -67.76 -29.87 -56.17
C LEU G 256 -66.66 -30.48 -57.00
N SER G 257 -67.01 -31.04 -58.15
CA SER G 257 -66.02 -31.71 -58.98
C SER G 257 -66.27 -31.68 -60.48
N TYR G 258 -65.17 -31.60 -61.24
CA TYR G 258 -65.18 -31.70 -62.70
C TYR G 258 -65.74 -33.07 -63.13
N ASN G 259 -65.65 -34.03 -62.21
CA ASN G 259 -66.11 -35.39 -62.36
C ASN G 259 -66.90 -35.75 -61.09
N PRO G 260 -68.22 -35.52 -61.08
CA PRO G 260 -69.15 -35.74 -59.98
C PRO G 260 -69.26 -37.21 -59.60
N ASN G 261 -69.50 -37.49 -58.32
CA ASN G 261 -69.75 -38.86 -57.88
C ASN G 261 -70.37 -38.95 -56.48
N ALA G 262 -71.16 -37.96 -56.06
CA ALA G 262 -71.82 -38.04 -54.76
C ALA G 262 -72.90 -39.11 -54.69
N ILE G 263 -73.68 -39.24 -55.77
CA ILE G 263 -74.81 -40.17 -55.77
C ILE G 263 -74.29 -41.57 -55.93
N ALA G 264 -73.34 -41.75 -56.85
CA ALA G 264 -72.77 -43.06 -57.08
C ALA G 264 -72.15 -43.60 -55.80
N THR G 265 -71.48 -42.73 -55.03
CA THR G 265 -70.88 -43.16 -53.78
C THR G 265 -71.98 -43.63 -52.82
N ALA G 266 -73.05 -42.84 -52.69
CA ALA G 266 -74.11 -43.24 -51.79
C ALA G 266 -74.67 -44.59 -52.19
N LEU G 267 -74.86 -44.82 -53.50
CA LEU G 267 -75.38 -46.10 -53.94
C LEU G 267 -74.45 -47.26 -53.65
N ASP G 268 -73.15 -47.08 -53.85
CA ASP G 268 -72.25 -48.20 -53.58
C ASP G 268 -72.36 -48.63 -52.13
N ASN G 269 -72.49 -47.66 -51.21
CA ASN G 269 -72.61 -48.03 -49.81
C ASN G 269 -74.01 -48.58 -49.48
N LEU G 270 -75.06 -47.95 -50.02
CA LEU G 270 -76.41 -48.40 -49.72
C LEU G 270 -76.66 -49.82 -50.24
N ASN G 271 -76.05 -50.15 -51.38
CA ASN G 271 -76.19 -51.46 -51.97
C ASN G 271 -75.39 -52.52 -51.23
N ALA G 272 -74.53 -52.09 -50.30
CA ALA G 272 -73.74 -53.02 -49.51
C ALA G 272 -74.52 -53.35 -48.27
N GLY G 450 -85.64 -54.86 -44.30
CA GLY G 450 -85.21 -54.98 -45.70
C GLY G 450 -86.09 -54.25 -46.73
N THR G 451 -87.40 -54.20 -46.48
CA THR G 451 -88.32 -53.53 -47.39
C THR G 451 -87.98 -52.04 -47.50
N ARG G 452 -87.63 -51.42 -46.38
CA ARG G 452 -87.37 -50.01 -46.38
C ARG G 452 -86.03 -49.73 -47.06
N LEU G 453 -85.09 -50.66 -46.91
CA LEU G 453 -83.80 -50.46 -47.55
C LEU G 453 -83.97 -50.42 -49.07
N ASP G 454 -84.84 -51.28 -49.60
CA ASP G 454 -85.09 -51.28 -51.03
C ASP G 454 -85.69 -49.94 -51.49
N ASP G 455 -86.62 -49.37 -50.71
CA ASP G 455 -87.22 -48.08 -51.07
C ASP G 455 -86.19 -46.96 -51.10
N ILE G 456 -85.26 -46.97 -50.14
CA ILE G 456 -84.22 -45.96 -50.10
C ILE G 456 -83.33 -46.04 -51.31
N ILE G 457 -82.88 -47.24 -51.66
CA ILE G 457 -81.99 -47.38 -52.78
C ILE G 457 -82.64 -46.93 -54.06
N ALA G 458 -83.89 -47.32 -54.30
CA ALA G 458 -84.56 -46.89 -55.50
C ALA G 458 -84.70 -45.37 -55.55
N ALA G 459 -85.04 -44.73 -54.42
CA ALA G 459 -85.18 -43.29 -54.41
C ALA G 459 -83.87 -42.61 -54.76
N VAL G 460 -82.76 -43.16 -54.27
CA VAL G 460 -81.44 -42.61 -54.52
C VAL G 460 -80.98 -42.82 -55.95
N SER G 461 -81.14 -44.04 -56.50
CA SER G 461 -80.64 -44.29 -57.85
C SER G 461 -81.34 -43.39 -58.85
N ALA G 462 -82.57 -43.01 -58.56
CA ALA G 462 -83.34 -42.11 -59.40
C ALA G 462 -82.64 -40.75 -59.57
N ALA G 463 -81.80 -40.36 -58.60
CA ALA G 463 -81.10 -39.07 -58.62
C ALA G 463 -79.79 -39.07 -59.39
N GLU G 464 -79.32 -40.22 -59.87
CA GLU G 464 -78.02 -40.16 -60.51
C GLU G 464 -77.99 -39.19 -61.71
N PRO G 465 -79.03 -39.08 -62.57
CA PRO G 465 -79.16 -38.13 -63.67
C PRO G 465 -79.25 -36.65 -63.22
N ILE G 466 -79.54 -36.39 -61.94
CA ILE G 466 -79.71 -35.03 -61.43
C ILE G 466 -78.40 -34.43 -61.01
N ASP G 467 -77.65 -35.17 -60.24
CA ASP G 467 -76.43 -34.62 -59.70
C ASP G 467 -75.32 -34.60 -60.73
N VAL G 468 -75.03 -33.42 -61.22
CA VAL G 468 -74.03 -33.25 -62.25
C VAL G 468 -72.90 -32.36 -61.76
N ASN G 469 -72.88 -32.07 -60.45
CA ASN G 469 -71.85 -31.19 -59.89
C ASN G 469 -71.10 -31.69 -58.65
N ASN G 470 -71.71 -32.58 -57.86
CA ASN G 470 -71.14 -32.88 -56.54
C ASN G 470 -70.27 -34.12 -56.49
N GLY G 471 -69.16 -33.98 -55.77
CA GLY G 471 -68.21 -35.04 -55.55
C GLY G 471 -68.55 -35.92 -54.34
N LYS G 472 -67.72 -36.93 -54.14
CA LYS G 472 -67.81 -37.93 -53.08
C LYS G 472 -68.07 -37.46 -51.65
N LEU G 473 -67.45 -36.34 -51.21
CA LEU G 473 -67.57 -35.89 -49.82
C LEU G 473 -68.72 -34.91 -49.56
N ASN G 474 -69.46 -34.56 -50.59
CA ASN G 474 -70.50 -33.54 -50.45
C ASN G 474 -71.53 -33.90 -49.39
N GLY G 475 -71.78 -32.98 -48.47
CA GLY G 475 -72.80 -33.16 -47.44
C GLY G 475 -72.30 -33.76 -46.12
N ARG G 476 -71.05 -34.21 -46.04
CA ARG G 476 -70.58 -34.79 -44.78
C ARG G 476 -69.93 -33.78 -43.85
N LEU G 477 -69.89 -34.13 -42.57
CA LEU G 477 -69.27 -33.35 -41.51
C LEU G 477 -67.79 -33.61 -41.40
N LEU G 478 -67.00 -32.64 -40.95
CA LEU G 478 -65.57 -32.93 -40.77
C LEU G 478 -65.27 -34.12 -39.91
N SER G 479 -65.94 -34.24 -38.79
CA SER G 479 -65.65 -35.36 -37.90
C SER G 479 -65.97 -36.74 -38.51
N ASP G 480 -66.78 -36.78 -39.59
CA ASP G 480 -67.14 -38.02 -40.26
C ASP G 480 -66.33 -38.33 -41.53
N ILE G 481 -65.34 -37.49 -41.88
CA ILE G 481 -64.58 -37.80 -43.09
C ILE G 481 -63.13 -38.11 -42.78
N GLU G 482 -62.70 -37.96 -41.53
CA GLU G 482 -61.31 -38.22 -41.24
C GLU G 482 -60.82 -39.59 -41.74
N PRO G 483 -61.52 -40.74 -41.50
CA PRO G 483 -61.10 -42.02 -42.03
C PRO G 483 -61.20 -42.16 -43.56
N LEU G 484 -62.00 -41.32 -44.23
CA LEU G 484 -62.16 -41.40 -45.68
C LEU G 484 -60.94 -40.78 -46.34
N ASP G 485 -60.56 -39.64 -45.81
CA ASP G 485 -59.41 -38.86 -46.26
C ASP G 485 -58.95 -37.92 -45.17
N ASN G 486 -57.96 -38.34 -44.38
CA ASN G 486 -57.56 -37.50 -43.26
C ASN G 486 -56.68 -36.37 -43.74
N ALA G 487 -56.39 -36.31 -45.05
CA ALA G 487 -55.62 -35.21 -45.57
C ALA G 487 -56.56 -34.03 -45.71
N THR G 488 -57.83 -34.32 -46.04
CA THR G 488 -58.83 -33.29 -46.23
C THR G 488 -59.21 -32.79 -44.86
N TYR G 489 -59.46 -33.73 -43.95
CA TYR G 489 -59.84 -33.35 -42.60
C TYR G 489 -58.79 -32.43 -41.97
N ASN G 490 -57.52 -32.85 -42.02
CA ASN G 490 -56.49 -32.04 -41.43
C ASN G 490 -56.28 -30.70 -42.14
N THR G 491 -56.39 -30.66 -43.48
CA THR G 491 -56.20 -29.42 -44.20
C THR G 491 -57.28 -28.43 -43.81
N ILE G 492 -58.51 -28.89 -43.71
CA ILE G 492 -59.60 -28.02 -43.36
C ILE G 492 -59.39 -27.42 -41.98
N LEU G 493 -59.02 -28.24 -41.00
CA LEU G 493 -58.83 -27.69 -39.65
C LEU G 493 -57.74 -26.64 -39.67
N LEU G 494 -56.68 -26.87 -40.44
CA LEU G 494 -55.60 -25.89 -40.52
C LEU G 494 -56.13 -24.58 -41.10
N GLU G 495 -56.96 -24.64 -42.14
CA GLU G 495 -57.55 -23.44 -42.72
C GLU G 495 -58.51 -22.73 -41.76
N ILE G 496 -59.29 -23.48 -40.97
CA ILE G 496 -60.22 -22.84 -40.05
C ILE G 496 -59.45 -21.98 -39.06
N ASN G 497 -58.28 -22.48 -38.66
CA ASN G 497 -57.37 -21.88 -37.65
C ASN G 497 -56.76 -20.57 -38.16
N SER G 498 -56.89 -20.27 -39.44
CA SER G 498 -56.23 -19.07 -39.94
C SER G 498 -57.10 -17.83 -39.68
N HIS G 499 -58.36 -18.01 -39.27
CA HIS G 499 -59.26 -16.89 -38.99
C HIS G 499 -59.12 -16.37 -37.56
N LYS G 500 -58.95 -15.06 -37.43
CA LYS G 500 -58.75 -14.46 -36.10
C LYS G 500 -59.93 -13.61 -35.63
N VAL G 501 -59.96 -13.41 -34.32
CA VAL G 501 -60.94 -12.63 -33.58
C VAL G 501 -60.70 -11.09 -33.68
N THR G 502 -61.78 -10.32 -33.89
CA THR G 502 -61.70 -8.84 -33.95
C THR G 502 -62.49 -8.26 -32.78
N LEU G 503 -61.87 -7.34 -32.02
CA LEU G 503 -62.49 -6.76 -30.82
C LEU G 503 -62.46 -5.22 -30.73
N PRO G 504 -63.44 -4.58 -30.06
CA PRO G 504 -63.41 -3.19 -29.65
C PRO G 504 -62.17 -3.09 -28.76
N PRO G 505 -61.47 -1.95 -28.69
CA PRO G 505 -60.23 -1.76 -27.94
C PRO G 505 -60.31 -1.46 -26.43
N SER G 506 -61.50 -1.45 -25.84
CA SER G 506 -61.61 -1.00 -24.44
C SER G 506 -60.92 -1.85 -23.38
N SER G 507 -60.82 -3.17 -23.57
CA SER G 507 -60.19 -3.99 -22.54
C SER G 507 -58.69 -3.90 -22.64
N SER G 508 -58.21 -3.66 -23.86
CA SER G 508 -56.80 -3.50 -24.12
C SER G 508 -56.36 -2.21 -23.47
N MET G 509 -57.19 -1.17 -23.56
CA MET G 509 -56.84 0.08 -22.93
C MET G 509 -56.83 -0.02 -21.41
N ALA G 510 -57.76 -0.76 -20.81
CA ALA G 510 -57.72 -0.90 -19.35
C ALA G 510 -56.39 -1.53 -18.93
N GLY G 511 -55.93 -2.52 -19.71
CA GLY G 511 -54.63 -3.15 -19.48
C GLY G 511 -53.51 -2.12 -19.59
N ALA G 512 -53.52 -1.35 -20.68
CA ALA G 512 -52.52 -0.32 -20.92
C ALA G 512 -52.47 0.73 -19.81
N TYR G 513 -53.62 1.11 -19.25
CA TYR G 513 -53.65 2.08 -18.16
C TYR G 513 -52.86 1.54 -16.97
N ALA G 514 -53.07 0.26 -16.65
CA ALA G 514 -52.34 -0.35 -15.54
C ALA G 514 -50.84 -0.34 -15.75
N ARG G 515 -50.38 -0.62 -16.99
CA ARG G 515 -48.94 -0.57 -17.24
C ARG G 515 -48.34 0.81 -17.02
N VAL G 516 -49.01 1.84 -17.50
CA VAL G 516 -48.44 3.18 -17.33
C VAL G 516 -48.37 3.56 -15.86
N ASP G 517 -49.43 3.28 -15.09
CA ASP G 517 -49.43 3.66 -13.68
C ASP G 517 -48.24 3.02 -12.94
N ASN G 518 -47.91 1.76 -13.28
CA ASN G 518 -46.79 1.08 -12.64
C ASN G 518 -45.39 1.53 -13.09
N ASP G 519 -45.19 1.78 -14.38
CA ASP G 519 -43.85 2.16 -14.83
C ASP G 519 -43.53 3.65 -14.78
N ARG G 520 -44.51 4.52 -15.01
CA ARG G 520 -44.24 5.95 -15.04
C ARG G 520 -45.01 6.76 -14.00
N GLY G 521 -46.21 6.32 -13.64
CA GLY G 521 -47.06 7.04 -12.68
C GLY G 521 -48.33 7.59 -13.31
N VAL G 522 -49.38 7.65 -12.48
CA VAL G 522 -50.74 8.09 -12.85
C VAL G 522 -50.80 9.51 -13.41
N TRP G 523 -49.77 10.31 -13.17
CA TRP G 523 -49.74 11.67 -13.65
C TRP G 523 -49.20 11.80 -15.09
N LYS G 524 -48.83 10.68 -15.72
CA LYS G 524 -48.35 10.72 -17.10
C LYS G 524 -49.44 10.26 -18.07
N SER G 525 -49.46 10.86 -19.26
CA SER G 525 -50.47 10.52 -20.26
C SER G 525 -50.43 9.06 -20.71
N PRO G 526 -51.59 8.37 -20.80
CA PRO G 526 -51.72 7.02 -21.29
C PRO G 526 -51.73 6.99 -22.82
N ALA G 527 -50.60 7.32 -23.42
CA ALA G 527 -50.44 7.40 -24.87
C ALA G 527 -49.00 7.10 -25.25
N ASN G 528 -48.76 6.80 -26.53
CA ASN G 528 -47.47 6.40 -27.08
C ASN G 528 -47.06 5.10 -26.40
N ILE G 529 -48.05 4.22 -26.32
CA ILE G 529 -48.03 2.90 -25.73
C ILE G 529 -48.25 1.85 -26.79
N GLY G 530 -47.40 0.83 -26.85
CA GLY G 530 -47.67 -0.26 -27.80
C GLY G 530 -48.63 -1.25 -27.15
N LEU G 531 -49.51 -1.83 -27.97
CA LEU G 531 -50.46 -2.83 -27.48
C LEU G 531 -49.96 -4.25 -27.72
N ASN G 532 -50.26 -5.17 -26.80
CA ASN G 532 -49.86 -6.56 -26.97
C ASN G 532 -50.96 -7.34 -27.64
N TYR G 533 -50.58 -8.39 -28.37
CA TYR G 533 -51.52 -9.27 -29.07
C TYR G 533 -52.36 -8.54 -30.10
N VAL G 534 -51.79 -7.53 -30.75
CA VAL G 534 -52.53 -6.83 -31.78
C VAL G 534 -51.76 -6.91 -33.07
N SER G 535 -52.43 -7.40 -34.10
CA SER G 535 -51.85 -7.54 -35.42
C SER G 535 -51.87 -6.17 -36.10
N LYS G 536 -53.04 -5.55 -36.10
CA LYS G 536 -53.23 -4.25 -36.73
C LYS G 536 -54.58 -3.65 -36.36
N PRO G 537 -54.78 -2.32 -36.50
CA PRO G 537 -56.07 -1.63 -36.47
C PRO G 537 -56.91 -2.16 -37.61
N SER G 538 -58.23 -2.23 -37.44
CA SER G 538 -59.12 -2.67 -38.53
C SER G 538 -59.29 -1.62 -39.63
N VAL G 539 -59.18 -0.35 -39.28
CA VAL G 539 -59.33 0.77 -40.21
C VAL G 539 -58.09 1.67 -40.15
N THR G 540 -57.53 2.01 -41.28
CA THR G 540 -56.39 2.90 -41.29
C THR G 540 -56.80 4.36 -41.15
N VAL G 541 -56.16 5.06 -40.22
CA VAL G 541 -56.42 6.48 -40.00
C VAL G 541 -55.17 7.26 -40.39
N SER G 542 -55.33 8.19 -41.34
CA SER G 542 -54.23 9.01 -41.85
C SER G 542 -53.98 10.17 -40.92
N HIS G 543 -52.93 10.92 -41.18
CA HIS G 543 -52.61 12.11 -40.40
C HIS G 543 -53.72 13.14 -40.49
N GLU G 544 -54.11 13.49 -41.70
CA GLU G 544 -55.12 14.50 -41.95
C GLU G 544 -56.48 14.11 -41.37
N GLU G 545 -56.80 12.83 -41.45
CA GLU G 545 -58.06 12.30 -40.95
C GLU G 545 -58.21 12.42 -39.44
N GLN G 546 -57.12 12.58 -38.70
CA GLN G 546 -57.20 12.64 -37.26
C GLN G 546 -57.43 14.07 -36.79
N GLU G 547 -57.32 15.07 -37.66
CA GLU G 547 -57.41 16.43 -37.15
C GLU G 547 -58.73 16.71 -36.46
N SER G 548 -59.83 16.18 -37.01
CA SER G 548 -61.17 16.37 -36.48
C SER G 548 -61.49 15.43 -35.31
N MET G 549 -60.59 14.50 -35.02
CA MET G 549 -60.76 13.59 -33.91
C MET G 549 -60.19 14.22 -32.66
N ASN G 550 -59.06 14.92 -32.82
CA ASN G 550 -58.39 15.52 -31.66
C ASN G 550 -59.03 16.86 -31.30
N VAL G 551 -59.37 17.67 -32.29
CA VAL G 551 -59.96 18.98 -32.06
C VAL G 551 -61.27 19.11 -32.83
N HIS G 552 -62.33 19.51 -32.13
CA HIS G 552 -63.64 19.62 -32.75
C HIS G 552 -64.51 20.64 -32.02
N GLY G 553 -65.40 21.30 -32.75
CA GLY G 553 -66.30 22.31 -32.21
C GLY G 553 -67.11 21.86 -30.98
N THR G 554 -67.44 20.58 -30.87
CA THR G 554 -68.21 20.09 -29.72
C THR G 554 -67.36 19.74 -28.50
N GLY G 555 -66.05 19.58 -28.68
CA GLY G 555 -65.14 19.15 -27.62
C GLY G 555 -65.14 17.63 -27.40
N LYS G 556 -65.97 16.90 -28.14
CA LYS G 556 -66.10 15.46 -27.96
C LYS G 556 -65.04 14.69 -28.75
N SER G 557 -63.82 14.79 -28.26
CA SER G 557 -62.63 14.22 -28.85
C SER G 557 -62.63 12.70 -28.82
N VAL G 558 -61.96 12.11 -29.81
CA VAL G 558 -61.77 10.66 -29.89
C VAL G 558 -60.28 10.37 -30.09
N ASN G 559 -59.71 9.46 -29.30
CA ASN G 559 -58.29 9.14 -29.41
C ASN G 559 -58.12 8.08 -30.51
N ALA G 560 -56.95 8.03 -31.17
CA ALA G 560 -56.81 7.09 -32.28
C ALA G 560 -55.83 5.96 -32.02
N ILE G 561 -56.13 4.81 -32.59
CA ILE G 561 -55.18 3.71 -32.56
C ILE G 561 -54.54 3.66 -33.95
N ARG G 562 -53.21 3.82 -34.02
CA ARG G 562 -52.51 3.92 -35.30
C ARG G 562 -51.27 3.03 -35.44
N SER G 563 -50.97 2.63 -36.66
CA SER G 563 -49.80 1.81 -36.97
C SER G 563 -48.60 2.64 -37.42
N PHE G 564 -47.46 2.43 -36.75
CA PHE G 564 -46.24 3.13 -37.07
C PHE G 564 -45.16 2.18 -37.59
N VAL G 565 -44.40 2.64 -38.57
CA VAL G 565 -43.38 1.77 -39.14
C VAL G 565 -42.25 1.55 -38.17
N GLY G 566 -41.97 0.27 -37.92
CA GLY G 566 -40.92 -0.15 -37.01
C GLY G 566 -41.34 -0.13 -35.54
N LYS G 567 -42.59 0.26 -35.25
CA LYS G 567 -43.04 0.34 -33.87
C LYS G 567 -44.25 -0.55 -33.58
N GLY G 568 -45.13 -0.73 -34.56
CA GLY G 568 -46.34 -1.50 -34.33
C GLY G 568 -47.51 -0.62 -33.98
N THR G 569 -48.51 -1.19 -33.33
CA THR G 569 -49.75 -0.45 -33.08
C THR G 569 -49.63 0.35 -31.79
N LEU G 570 -49.78 1.68 -31.90
CA LEU G 570 -49.67 2.60 -30.77
C LEU G 570 -50.94 3.37 -30.47
N VAL G 571 -51.09 3.72 -29.20
CA VAL G 571 -52.18 4.60 -28.77
C VAL G 571 -51.77 6.05 -29.02
N TRP G 572 -52.48 6.77 -29.88
CA TRP G 572 -52.08 8.11 -30.24
C TRP G 572 -53.11 9.18 -29.80
N GLY G 573 -52.76 9.93 -28.75
CA GLY G 573 -53.68 10.91 -28.17
C GLY G 573 -54.21 10.51 -26.80
N ALA G 574 -54.43 11.50 -25.92
CA ALA G 574 -54.91 11.22 -24.57
C ALA G 574 -55.82 12.32 -24.02
N ARG G 575 -56.87 12.66 -24.76
CA ARG G 575 -57.81 13.66 -24.29
C ARG G 575 -59.12 13.03 -23.83
N THR G 576 -59.87 13.78 -23.03
CA THR G 576 -61.19 13.38 -22.51
C THR G 576 -62.31 13.87 -23.42
N LEU G 577 -63.56 13.54 -23.08
CA LEU G 577 -64.72 13.98 -23.87
C LEU G 577 -65.08 15.46 -23.67
N ALA G 578 -64.25 16.19 -22.93
CA ALA G 578 -64.39 17.62 -22.71
C ALA G 578 -63.08 18.28 -23.14
N GLY G 579 -62.71 18.09 -24.41
CA GLY G 579 -61.43 18.45 -24.99
C GLY G 579 -61.09 19.93 -25.05
N ASN G 580 -62.08 20.80 -24.88
CA ASN G 580 -61.83 22.22 -24.90
C ASN G 580 -61.81 22.81 -23.49
N ASP G 581 -61.84 21.93 -22.49
CA ASP G 581 -61.84 22.34 -21.10
C ASP G 581 -60.44 22.69 -20.60
N ASN G 582 -60.25 23.96 -20.27
CA ASN G 582 -58.94 24.46 -19.87
C ASN G 582 -58.36 23.76 -18.64
N GLU G 583 -59.21 23.17 -17.80
CA GLU G 583 -58.70 22.49 -16.61
C GLU G 583 -58.73 20.97 -16.77
N TRP G 584 -59.78 20.44 -17.40
CA TRP G 584 -59.96 18.99 -17.47
C TRP G 584 -59.79 18.27 -18.83
N ARG G 585 -59.30 18.93 -19.89
CA ARG G 585 -59.14 18.24 -21.18
C ARG G 585 -58.18 17.03 -21.22
N TYR G 586 -57.19 16.92 -20.32
CA TYR G 586 -56.27 15.79 -20.38
C TYR G 586 -56.64 14.67 -19.42
N ILE G 587 -56.49 13.44 -19.89
CA ILE G 587 -56.84 12.27 -19.08
C ILE G 587 -56.01 12.20 -17.81
N SER G 588 -54.71 12.41 -17.91
CA SER G 588 -53.80 12.34 -16.77
C SER G 588 -54.05 13.38 -15.68
N VAL G 589 -54.74 14.47 -16.00
CA VAL G 589 -55.00 15.44 -14.97
C VAL G 589 -56.20 14.93 -14.21
N ARG G 590 -57.25 14.53 -14.94
CA ARG G 590 -58.44 14.01 -14.27
C ARG G 590 -58.12 12.80 -13.40
N ARG G 591 -57.34 11.84 -13.93
CA ARG G 591 -56.99 10.66 -13.16
C ARG G 591 -56.11 10.96 -11.96
N PHE G 592 -55.13 11.87 -12.08
CA PHE G 592 -54.31 12.24 -10.94
C PHE G 592 -55.17 12.78 -9.81
N PHE G 593 -56.08 13.71 -10.12
CA PHE G 593 -56.94 14.24 -9.09
C PHE G 593 -57.80 13.15 -8.46
N ASN G 594 -58.40 12.24 -9.24
CA ASN G 594 -59.21 11.22 -8.60
C ASN G 594 -58.40 10.40 -7.61
N MET G 595 -57.15 10.08 -7.97
CA MET G 595 -56.27 9.31 -7.10
C MET G 595 -55.98 10.05 -5.81
N ALA G 596 -55.56 11.31 -5.92
CA ALA G 596 -55.22 12.07 -4.74
C ALA G 596 -56.41 12.24 -3.81
N GLU G 597 -57.59 12.49 -4.38
CA GLU G 597 -58.77 12.69 -3.56
C GLU G 597 -59.17 11.44 -2.81
N GLU G 598 -59.09 10.28 -3.46
CA GLU G 598 -59.44 9.03 -2.79
C GLU G 598 -58.49 8.72 -1.64
N SER G 599 -57.18 8.88 -1.87
CA SER G 599 -56.21 8.58 -0.83
C SER G 599 -56.37 9.49 0.38
N ILE G 600 -56.62 10.78 0.13
CA ILE G 600 -56.79 11.67 1.25
C ILE G 600 -58.05 11.32 2.03
N LYS G 601 -59.20 11.10 1.39
CA LYS G 601 -60.32 10.84 2.27
C LYS G 601 -60.13 9.58 3.11
N LYS G 602 -59.45 8.54 2.59
CA LYS G 602 -59.26 7.37 3.44
C LYS G 602 -58.49 7.74 4.69
N ALA G 603 -57.46 8.57 4.52
CA ALA G 603 -56.67 9.06 5.63
C ALA G 603 -57.47 9.93 6.62
N THR G 604 -58.45 10.72 6.15
CA THR G 604 -59.22 11.59 7.05
C THR G 604 -60.32 10.88 7.83
N GLU G 605 -60.74 9.68 7.41
CA GLU G 605 -61.80 8.97 8.12
C GLU G 605 -61.51 8.69 9.60
N GLN G 606 -60.24 8.55 9.97
CA GLN G 606 -59.87 8.30 11.36
C GLN G 606 -60.29 9.44 12.30
N PHE G 607 -60.62 10.62 11.78
CA PHE G 607 -61.02 11.77 12.61
C PHE G 607 -62.52 12.05 12.63
N VAL G 608 -63.35 11.17 12.09
CA VAL G 608 -64.78 11.47 11.98
C VAL G 608 -65.53 11.80 13.26
N PHE G 609 -65.27 11.09 14.35
CA PHE G 609 -66.02 11.39 15.57
C PHE G 609 -65.23 12.17 16.61
N GLU G 610 -64.17 12.87 16.19
CA GLU G 610 -63.36 13.66 17.09
C GLU G 610 -64.03 15.01 17.38
N PRO G 611 -63.73 15.69 18.51
CA PRO G 611 -64.20 17.03 18.85
C PRO G 611 -63.88 18.06 17.77
N ASN G 612 -64.79 18.97 17.50
CA ASN G 612 -64.51 19.95 16.46
C ASN G 612 -63.91 21.19 17.10
N ASP G 613 -62.58 21.18 17.16
CA ASP G 613 -61.82 22.25 17.80
C ASP G 613 -60.40 22.33 17.24
N GLY G 614 -59.63 23.29 17.73
CA GLY G 614 -58.28 23.59 17.28
C GLY G 614 -57.30 22.43 17.32
N ASN G 615 -57.44 21.54 18.29
CA ASN G 615 -56.52 20.41 18.36
C ASN G 615 -56.70 19.47 17.18
N THR G 616 -57.93 19.32 16.69
CA THR G 616 -58.23 18.42 15.61
C THR G 616 -57.82 19.09 14.33
N TRP G 617 -58.13 20.38 14.20
CA TRP G 617 -57.84 21.09 12.97
C TRP G 617 -56.34 20.99 12.66
N VAL G 618 -55.50 21.14 13.68
CA VAL G 618 -54.06 21.01 13.48
C VAL G 618 -53.67 19.61 13.05
N ARG G 619 -54.19 18.57 13.73
CA ARG G 619 -53.83 17.18 13.36
C ARG G 619 -54.23 16.87 11.92
N VAL G 620 -55.41 17.30 11.47
CA VAL G 620 -55.88 17.02 10.13
C VAL G 620 -54.99 17.71 9.11
N ARG G 621 -54.70 18.98 9.32
CA ARG G 621 -53.86 19.72 8.42
C ARG G 621 -52.49 19.09 8.26
N ALA G 622 -51.85 18.75 9.37
CA ALA G 622 -50.52 18.17 9.29
C ALA G 622 -50.50 16.88 8.50
N MET G 623 -51.51 16.04 8.69
CA MET G 623 -51.60 14.78 7.97
C MET G 623 -51.69 14.98 6.45
N ILE G 624 -52.55 15.91 6.03
CA ILE G 624 -52.72 16.17 4.61
C ILE G 624 -51.45 16.72 3.98
N GLU G 625 -50.79 17.68 4.65
CA GLU G 625 -49.57 18.22 4.11
C GLU G 625 -48.49 17.15 3.95
N ASN G 626 -48.37 16.20 4.90
CA ASN G 626 -47.35 15.17 4.75
C ASN G 626 -47.58 14.32 3.49
N PHE G 627 -48.84 14.00 3.20
CA PHE G 627 -49.17 13.26 2.00
C PHE G 627 -48.70 14.01 0.75
N LEU G 628 -49.06 15.28 0.68
CA LEU G 628 -48.73 16.09 -0.49
C LEU G 628 -47.22 16.30 -0.66
N ILE G 629 -46.46 16.37 0.44
CA ILE G 629 -45.01 16.51 0.34
C ILE G 629 -44.44 15.29 -0.35
N LEU G 630 -44.89 14.10 0.02
CA LEU G 630 -44.40 12.90 -0.64
C LEU G 630 -44.75 12.87 -2.13
N GLN G 631 -45.94 13.35 -2.52
CA GLN G 631 -46.30 13.39 -3.94
C GLN G 631 -45.38 14.34 -4.70
N TRP G 632 -45.03 15.45 -4.05
CA TRP G 632 -44.09 16.40 -4.61
C TRP G 632 -42.70 15.78 -4.76
N ARG G 633 -42.22 15.10 -3.73
CA ARG G 633 -40.90 14.51 -3.75
C ARG G 633 -40.75 13.51 -4.90
N ALA G 634 -41.82 12.79 -5.20
CA ALA G 634 -41.86 11.78 -6.26
C ALA G 634 -42.03 12.37 -7.67
N GLY G 635 -42.18 13.69 -7.78
CA GLY G 635 -42.33 14.36 -9.06
C GLY G 635 -43.75 14.48 -9.63
N ALA G 636 -44.79 14.28 -8.82
CA ALA G 636 -46.14 14.39 -9.34
C ALA G 636 -46.61 15.85 -9.46
N LEU G 637 -46.14 16.71 -8.56
CA LEU G 637 -46.54 18.11 -8.51
C LEU G 637 -45.45 19.04 -9.01
N ALA G 638 -45.87 20.16 -9.56
CA ALA G 638 -44.97 21.22 -10.03
C ALA G 638 -44.43 22.04 -8.86
N GLY G 639 -43.31 22.72 -9.06
CA GLY G 639 -42.75 23.62 -8.04
C GLY G 639 -41.36 23.25 -7.51
N ALA G 640 -40.50 24.28 -7.37
CA ALA G 640 -39.13 24.12 -6.87
C ALA G 640 -39.05 23.59 -5.43
N LYS G 641 -40.02 23.98 -4.62
CA LYS G 641 -40.12 23.61 -3.21
C LYS G 641 -41.62 23.35 -2.95
N PRO G 642 -42.02 22.56 -1.93
CA PRO G 642 -43.42 22.27 -1.60
C PRO G 642 -44.29 23.53 -1.52
N GLU G 643 -43.71 24.64 -1.06
CA GLU G 643 -44.39 25.93 -0.94
C GLU G 643 -45.01 26.44 -2.24
N HIS G 644 -44.53 25.93 -3.37
CA HIS G 644 -44.97 26.33 -4.69
C HIS G 644 -45.84 25.25 -5.34
N ALA G 645 -45.99 24.12 -4.67
CA ALA G 645 -46.70 22.98 -5.21
C ALA G 645 -48.13 22.90 -4.68
N PHE G 646 -48.32 23.23 -3.41
CA PHE G 646 -49.65 23.12 -2.82
C PHE G 646 -49.87 23.97 -1.60
N TYR G 647 -51.14 24.08 -1.21
CA TYR G 647 -51.49 24.68 0.08
C TYR G 647 -52.67 23.94 0.72
N VAL G 648 -52.73 24.01 2.06
CA VAL G 648 -53.84 23.47 2.85
C VAL G 648 -54.29 24.51 3.88
N LYS G 649 -55.59 24.82 3.96
CA LYS G 649 -56.11 25.80 4.93
C LYS G 649 -57.31 25.29 5.72
N VAL G 650 -57.31 25.58 7.01
CA VAL G 650 -58.44 25.25 7.88
C VAL G 650 -58.47 26.16 9.09
N GLY G 651 -59.65 26.63 9.47
CA GLY G 651 -59.74 27.41 10.69
C GLY G 651 -60.99 28.26 10.80
N LEU G 652 -61.27 28.70 12.02
CA LEU G 652 -62.43 29.52 12.24
C LEU G 652 -62.07 30.91 11.75
N GLY G 653 -62.89 31.46 10.87
CA GLY G 653 -62.62 32.73 10.27
C GLY G 653 -61.90 32.60 8.92
N GLN G 654 -61.43 31.40 8.60
CA GLN G 654 -60.74 31.19 7.33
C GLN G 654 -61.59 30.32 6.43
N THR G 655 -62.04 29.18 6.96
CA THR G 655 -62.84 28.26 6.17
C THR G 655 -64.19 27.96 6.84
N MET G 656 -64.30 28.23 8.14
CA MET G 656 -65.49 27.93 8.93
C MET G 656 -66.06 29.15 9.64
N THR G 657 -67.37 29.10 9.88
CA THR G 657 -67.99 30.14 10.71
C THR G 657 -68.64 29.55 11.95
N ALA G 658 -69.22 30.42 12.77
CA ALA G 658 -69.82 29.98 14.04
C ALA G 658 -70.92 28.95 13.83
N GLN G 659 -71.67 29.13 12.76
CA GLN G 659 -72.76 28.25 12.38
C GLN G 659 -72.27 26.85 12.05
N ASP G 660 -71.05 26.71 11.53
CA ASP G 660 -70.54 25.42 11.15
C ASP G 660 -70.10 24.71 12.38
N ILE G 661 -69.59 25.47 13.34
CA ILE G 661 -69.15 24.81 14.54
C ILE G 661 -70.40 24.24 15.21
N LEU G 662 -71.47 25.03 15.28
CA LEU G 662 -72.71 24.58 15.93
C LEU G 662 -73.34 23.36 15.25
N GLU G 663 -73.27 23.27 13.93
CA GLU G 663 -73.83 22.13 13.21
C GLU G 663 -72.88 20.94 13.09
N GLY G 664 -71.67 21.03 13.63
CA GLY G 664 -70.72 19.94 13.52
C GLY G 664 -69.94 19.82 12.19
N ASN G 665 -69.83 20.90 11.40
CA ASN G 665 -69.11 20.82 10.14
C ASN G 665 -67.65 21.20 10.29
N MET G 666 -66.80 20.65 9.42
CA MET G 666 -65.40 21.03 9.36
C MET G 666 -65.00 21.24 7.90
N ASN G 667 -64.45 22.41 7.58
CA ASN G 667 -64.12 22.77 6.21
C ASN G 667 -62.62 22.88 5.92
N VAL G 668 -62.12 22.07 5.01
CA VAL G 668 -60.69 22.12 4.69
C VAL G 668 -60.50 22.47 3.21
N GLU G 669 -59.69 23.48 2.92
CA GLU G 669 -59.43 23.87 1.53
C GLU G 669 -58.03 23.48 1.07
N ILE G 670 -57.94 22.85 -0.11
CA ILE G 670 -56.68 22.35 -0.67
C ILE G 670 -56.46 22.80 -2.12
N GLY G 671 -55.25 23.25 -2.45
CA GLY G 671 -54.94 23.61 -3.85
C GLY G 671 -53.68 22.88 -4.34
N LEU G 672 -53.66 22.50 -5.63
CA LEU G 672 -52.52 21.75 -6.22
C LEU G 672 -51.99 22.30 -7.56
N ALA G 673 -50.65 22.34 -7.73
CA ALA G 673 -50.02 22.70 -9.01
C ALA G 673 -49.71 21.46 -9.85
N VAL G 674 -50.44 21.27 -10.95
CA VAL G 674 -50.32 20.06 -11.78
C VAL G 674 -49.78 20.36 -13.20
N VAL G 675 -48.81 19.55 -13.61
CA VAL G 675 -48.09 19.62 -14.90
C VAL G 675 -48.87 19.03 -16.09
N ARG G 676 -48.92 19.77 -17.20
CA ARG G 676 -49.60 19.34 -18.42
C ARG G 676 -48.60 19.08 -19.57
N PRO G 677 -48.84 18.07 -20.44
CA PRO G 677 -48.00 17.64 -21.57
C PRO G 677 -47.98 18.54 -22.78
N ALA G 678 -46.91 18.45 -23.55
CA ALA G 678 -46.82 19.09 -24.86
C ALA G 678 -47.32 18.13 -25.93
N GLU G 679 -48.00 18.64 -26.96
CA GLU G 679 -48.47 17.78 -28.06
C GLU G 679 -47.77 17.99 -29.40
N PHE G 680 -47.17 19.15 -29.64
CA PHE G 680 -46.67 19.39 -31.00
C PHE G 680 -45.20 19.74 -31.05
N ILE G 681 -44.49 19.15 -31.99
CA ILE G 681 -43.08 19.43 -32.23
C ILE G 681 -42.90 19.88 -33.67
N ILE G 682 -42.31 21.04 -33.84
CA ILE G 682 -42.11 21.58 -35.17
C ILE G 682 -40.64 21.71 -35.53
N LEU G 683 -40.26 21.09 -36.64
CA LEU G 683 -38.88 21.14 -37.08
C LEU G 683 -38.78 22.09 -38.25
N LYS G 684 -37.66 22.80 -38.35
CA LYS G 684 -37.44 23.71 -39.45
C LYS G 684 -36.08 23.45 -40.05
N PHE G 685 -35.99 23.48 -41.37
CA PHE G 685 -34.75 23.19 -42.06
C PHE G 685 -34.33 24.32 -42.98
N SER G 686 -33.04 24.44 -43.19
CA SER G 686 -32.47 25.46 -44.06
C SER G 686 -31.09 25.05 -44.55
N HIS G 687 -30.58 25.81 -45.50
CA HIS G 687 -29.23 25.61 -46.03
C HIS G 687 -28.25 26.47 -45.28
N LYS G 688 -27.34 25.83 -44.57
CA LYS G 688 -26.36 26.54 -43.76
C LYS G 688 -25.50 27.46 -44.61
N MET G 689 -25.35 28.70 -44.17
CA MET G 689 -24.53 29.68 -44.86
C MET G 689 -23.85 30.63 -43.90
N GLN G 690 -22.79 31.26 -44.36
CA GLN G 690 -22.09 32.25 -43.56
C GLN G 690 -23.04 33.33 -43.05
N THR H 3 -5.92 -62.48 25.92
CA THR H 3 -4.79 -62.36 26.83
C THR H 3 -3.46 -62.44 26.13
N TYR H 4 -2.64 -61.42 26.30
CA TYR H 4 -1.33 -61.38 25.71
C TYR H 4 -0.36 -61.18 26.85
N LYS H 5 0.84 -61.73 26.72
CA LYS H 5 1.83 -61.59 27.79
C LYS H 5 3.06 -60.78 27.42
N THR H 6 3.39 -60.71 26.15
CA THR H 6 4.61 -60.03 25.72
C THR H 6 4.20 -58.71 25.06
N PRO H 7 4.77 -57.55 25.45
CA PRO H 7 4.51 -56.26 24.82
C PRO H 7 4.86 -56.36 23.35
N GLY H 8 4.10 -55.71 22.48
CA GLY H 8 4.44 -55.80 21.07
C GLY H 8 3.23 -55.82 20.16
N VAL H 9 3.49 -56.11 18.89
CA VAL H 9 2.48 -56.13 17.85
C VAL H 9 2.15 -57.55 17.43
N TYR H 10 0.88 -57.87 17.47
CA TYR H 10 0.39 -59.20 17.12
C TYR H 10 -0.32 -59.17 15.77
N ILE H 11 -0.21 -60.25 15.00
CA ILE H 11 -0.85 -60.33 13.69
C ILE H 11 -1.84 -61.48 13.56
N GLU H 12 -3.04 -61.15 13.09
CA GLU H 12 -4.11 -62.12 12.87
C GLU H 12 -4.72 -61.95 11.47
N GLU H 13 -5.29 -63.03 10.93
CA GLU H 13 -5.95 -62.98 9.62
C GLU H 13 -7.39 -63.43 9.71
N ILE H 14 -8.32 -62.52 9.41
CA ILE H 14 -9.75 -62.77 9.51
C ILE H 14 -10.53 -62.34 8.28
N THR H 15 -11.78 -62.79 8.17
CA THR H 15 -12.70 -62.34 7.12
C THR H 15 -14.00 -61.79 7.72
N LYS H 16 -14.37 -60.56 7.36
CA LYS H 16 -15.62 -59.96 7.87
C LYS H 16 -15.98 -58.67 7.13
N PHE H 17 -17.22 -58.21 7.33
CA PHE H 17 -17.60 -56.88 6.87
C PHE H 17 -17.06 -55.88 7.88
N PRO H 18 -16.66 -54.67 7.46
CA PRO H 18 -16.22 -53.60 8.34
C PRO H 18 -17.39 -53.15 9.23
N PRO H 19 -17.11 -52.66 10.45
CA PRO H 19 -18.05 -52.14 11.44
C PRO H 19 -18.62 -50.76 11.11
N SER H 20 -19.74 -50.41 11.76
CA SER H 20 -20.35 -49.08 11.63
C SER H 20 -21.13 -48.69 12.90
N VAL H 21 -20.97 -47.43 13.31
CA VAL H 21 -21.63 -46.84 14.48
C VAL H 21 -22.22 -45.46 14.16
N ALA H 22 -23.11 -44.97 15.02
CA ALA H 22 -23.68 -43.63 14.86
C ALA H 22 -24.16 -43.06 16.18
N GLN H 23 -24.27 -41.74 16.25
CA GLN H 23 -24.78 -41.02 17.41
C GLN H 23 -26.20 -40.55 17.13
N VAL H 24 -27.15 -41.11 17.86
CA VAL H 24 -28.56 -40.83 17.64
C VAL H 24 -29.27 -40.44 18.94
N GLU H 25 -29.99 -39.34 18.92
CA GLU H 25 -30.71 -38.88 20.12
C GLU H 25 -32.23 -39.09 20.09
N THR H 26 -32.87 -39.01 18.92
CA THR H 26 -34.33 -39.02 18.83
C THR H 26 -34.99 -40.28 18.25
N ALA H 27 -34.22 -41.30 17.96
CA ALA H 27 -34.78 -42.48 17.32
C ALA H 27 -34.24 -43.77 17.93
N ILE H 28 -34.54 -44.00 19.21
CA ILE H 28 -34.06 -45.19 19.91
C ILE H 28 -35.10 -46.34 19.91
N PRO H 29 -34.89 -47.44 19.18
CA PRO H 29 -35.76 -48.59 19.12
C PRO H 29 -35.55 -49.58 20.23
N ALA H 30 -36.58 -50.38 20.48
CA ALA H 30 -36.41 -51.58 21.26
C ALA H 30 -36.67 -52.79 20.35
N PHE H 31 -35.86 -53.83 20.52
CA PHE H 31 -36.00 -55.08 19.75
C PHE H 31 -36.33 -56.27 20.66
N ILE H 32 -37.48 -56.89 20.45
CA ILE H 32 -37.92 -58.02 21.29
C ILE H 32 -37.83 -59.38 20.55
N GLY H 33 -37.01 -60.33 21.07
CA GLY H 33 -36.85 -61.65 20.39
C GLY H 33 -35.87 -62.66 21.02
N TYR H 34 -35.48 -63.69 20.26
CA TYR H 34 -34.60 -64.78 20.79
C TYR H 34 -33.11 -64.58 20.51
N THR H 35 -32.26 -65.06 21.44
CA THR H 35 -30.79 -64.98 21.31
C THR H 35 -30.09 -66.33 21.51
N GLN H 36 -28.73 -66.40 21.38
CA GLN H 36 -28.06 -67.68 21.66
C GLN H 36 -28.01 -67.90 23.16
N PHE H 37 -27.75 -66.82 23.86
CA PHE H 37 -27.61 -66.80 25.30
C PHE H 37 -27.91 -65.42 25.82
N ALA H 38 -28.01 -65.27 27.13
CA ALA H 38 -28.21 -63.92 27.67
C ALA H 38 -27.53 -63.79 29.03
N ARG H 39 -26.37 -63.15 29.05
CA ARG H 39 -25.58 -63.07 30.29
C ARG H 39 -25.03 -61.71 30.61
N THR H 40 -24.71 -61.47 31.88
CA THR H 40 -24.08 -60.20 32.25
C THR H 40 -22.55 -60.28 32.34
N LYS H 41 -22.03 -61.48 32.51
CA LYS H 41 -20.60 -61.69 32.61
C LYS H 41 -20.25 -62.86 31.69
N PRO H 42 -19.06 -62.90 31.10
CA PRO H 42 -18.56 -63.96 30.22
C PRO H 42 -18.43 -65.33 30.89
N SER H 43 -18.42 -65.36 32.22
CA SER H 43 -18.25 -66.60 32.95
C SER H 43 -19.29 -66.77 34.04
N VAL H 44 -20.44 -67.26 33.63
CA VAL H 44 -21.60 -67.48 34.48
C VAL H 44 -22.10 -68.88 34.23
N ASP H 45 -22.94 -69.39 35.13
CA ASP H 45 -23.54 -70.70 34.94
C ASP H 45 -24.97 -70.68 34.40
N SER H 46 -25.45 -69.52 33.97
CA SER H 46 -26.80 -69.43 33.43
C SER H 46 -27.05 -68.18 32.61
N ASP H 47 -28.29 -68.04 32.20
CA ASP H 47 -28.76 -66.89 31.46
C ASP H 47 -29.33 -65.88 32.45
N ASP H 48 -28.70 -64.73 32.54
CA ASP H 48 -29.04 -63.71 33.53
C ASP H 48 -30.04 -62.70 33.03
N LEU H 49 -30.00 -62.46 31.73
CA LEU H 49 -30.75 -61.39 31.10
C LEU H 49 -31.97 -61.82 30.29
N ILE H 50 -32.58 -62.97 30.56
CA ILE H 50 -33.67 -63.40 29.69
C ILE H 50 -34.80 -62.39 29.59
N LEU H 51 -35.25 -61.80 30.67
CA LEU H 51 -36.30 -60.78 30.56
C LEU H 51 -35.85 -59.44 31.09
N LYS H 52 -34.58 -59.10 30.90
CA LYS H 52 -34.11 -57.83 31.42
C LYS H 52 -33.67 -56.93 30.28
N PRO H 53 -34.25 -55.75 30.07
CA PRO H 53 -33.85 -54.82 29.04
C PRO H 53 -32.42 -54.40 29.24
N LYS H 54 -31.68 -54.28 28.16
CA LYS H 54 -30.32 -53.80 28.24
C LYS H 54 -30.03 -52.84 27.13
N ARG H 55 -29.24 -51.81 27.40
CA ARG H 55 -28.86 -50.87 26.35
C ARG H 55 -27.53 -51.25 25.73
N ILE H 56 -27.54 -51.31 24.40
CA ILE H 56 -26.44 -51.68 23.50
C ILE H 56 -25.98 -50.52 22.63
N SER H 57 -24.67 -50.24 22.55
CA SER H 57 -24.20 -49.13 21.73
C SER H 57 -23.82 -49.51 20.29
N SER H 58 -23.49 -50.77 20.08
CA SER H 58 -23.04 -51.25 18.76
C SER H 58 -23.21 -52.75 18.66
N LEU H 59 -23.00 -53.29 17.45
CA LEU H 59 -23.11 -54.73 17.27
C LEU H 59 -22.14 -55.54 18.13
N LEU H 60 -20.95 -54.99 18.44
CA LEU H 60 -19.99 -55.72 19.28
C LEU H 60 -20.53 -55.93 20.70
N ASP H 61 -21.26 -54.93 21.22
CA ASP H 61 -21.84 -55.05 22.54
C ASP H 61 -22.91 -56.10 22.50
N PHE H 62 -23.69 -56.13 21.42
CA PHE H 62 -24.72 -57.14 21.33
C PHE H 62 -24.10 -58.52 21.42
N THR H 63 -23.09 -58.76 20.57
CA THR H 63 -22.47 -60.08 20.49
C THR H 63 -21.95 -60.51 21.85
N THR H 64 -21.29 -59.60 22.55
CA THR H 64 -20.73 -59.83 23.87
C THR H 64 -21.70 -60.48 24.86
N TYR H 65 -22.98 -60.08 24.86
CA TYR H 65 -23.91 -60.58 25.86
C TYR H 65 -24.95 -61.55 25.31
N TYR H 66 -25.17 -61.53 23.99
CA TYR H 66 -26.22 -62.33 23.39
C TYR H 66 -25.82 -63.38 22.33
N GLY H 67 -24.58 -63.32 21.81
CA GLY H 67 -24.14 -64.24 20.78
C GLY H 67 -24.56 -63.88 19.35
N GLY H 68 -24.35 -64.81 18.42
CA GLY H 68 -24.61 -64.64 16.97
C GLY H 68 -25.86 -65.37 16.46
N ALA H 69 -25.80 -65.81 15.20
CA ALA H 69 -26.90 -66.50 14.51
C ALA H 69 -26.85 -68.02 14.76
N GLN H 70 -27.95 -68.70 14.49
CA GLN H 70 -28.02 -70.16 14.56
C GLN H 70 -27.54 -70.75 13.22
N ASN H 71 -26.78 -71.85 13.26
CA ASN H 71 -26.34 -72.50 12.02
C ASN H 71 -27.53 -73.07 11.25
N GLU H 72 -27.51 -72.95 9.92
CA GLU H 72 -28.55 -73.55 9.11
C GLU H 72 -28.30 -75.04 8.99
N GLN H 73 -29.38 -75.83 8.96
CA GLN H 73 -29.27 -77.28 8.82
C GLN H 73 -30.00 -77.83 7.60
N GLY H 74 -30.33 -76.96 6.65
CA GLY H 74 -31.09 -77.33 5.46
C GLY H 74 -30.31 -77.29 4.13
N ILE H 75 -28.98 -77.23 4.19
CA ILE H 75 -28.15 -77.14 2.99
C ILE H 75 -27.76 -78.53 2.49
N THR H 76 -27.99 -78.80 1.20
CA THR H 76 -27.63 -80.08 0.59
C THR H 76 -26.83 -79.79 -0.66
N VAL H 77 -26.10 -80.79 -1.17
CA VAL H 77 -25.33 -80.61 -2.41
C VAL H 77 -25.52 -81.75 -3.41
N LYS H 78 -25.68 -81.42 -4.70
CA LYS H 78 -25.80 -82.44 -5.73
C LYS H 78 -24.77 -82.26 -6.87
N LEU H 79 -23.94 -83.27 -7.10
CA LEU H 79 -22.88 -83.25 -8.12
C LEU H 79 -23.13 -84.29 -9.22
N THR H 80 -23.14 -83.87 -10.49
CA THR H 80 -23.35 -84.84 -11.58
C THR H 80 -22.25 -84.86 -12.65
N ASP H 81 -21.72 -86.06 -12.92
CA ASP H 81 -20.67 -86.35 -13.92
C ASP H 81 -21.18 -86.94 -15.24
N THR H 82 -20.95 -86.21 -16.36
CA THR H 82 -21.40 -86.66 -17.70
C THR H 82 -20.29 -86.53 -18.74
N LEU H 83 -20.53 -87.07 -19.94
CA LEU H 83 -19.57 -86.90 -21.02
C LEU H 83 -20.08 -86.02 -22.16
N ILE H 84 -19.18 -85.20 -22.69
CA ILE H 84 -19.45 -84.39 -23.86
C ILE H 84 -18.50 -84.78 -24.98
N GLU H 85 -19.03 -85.47 -25.98
CA GLU H 85 -18.21 -85.96 -27.10
C GLU H 85 -16.96 -86.72 -26.60
N GLY H 86 -17.15 -87.51 -25.55
CA GLY H 86 -16.09 -88.30 -24.93
C GLY H 86 -15.29 -87.60 -23.83
N ALA H 87 -15.46 -86.28 -23.66
CA ALA H 87 -14.73 -85.53 -22.64
C ALA H 87 -15.48 -85.51 -21.32
N GLU H 88 -14.74 -85.49 -20.22
CA GLU H 88 -15.40 -85.39 -18.91
C GLU H 88 -15.91 -83.98 -18.68
N ASN H 89 -17.05 -83.89 -18.00
CA ASN H 89 -17.65 -82.62 -17.58
C ASN H 89 -18.52 -82.78 -16.33
N ARG H 90 -18.35 -81.90 -15.34
CA ARG H 90 -19.21 -82.06 -14.16
C ARG H 90 -19.84 -80.75 -13.73
N THR H 91 -21.05 -80.88 -13.18
CA THR H 91 -21.80 -79.77 -12.64
C THR H 91 -22.07 -79.92 -11.15
N ILE H 92 -21.79 -78.85 -10.40
CA ILE H 92 -22.06 -78.81 -8.98
C ILE H 92 -23.20 -77.86 -8.68
N ASN H 93 -24.26 -78.40 -8.09
CA ASN H 93 -25.45 -77.62 -7.81
C ASN H 93 -25.84 -77.58 -6.36
N VAL H 94 -25.91 -76.37 -5.81
CA VAL H 94 -26.33 -76.20 -4.44
C VAL H 94 -27.65 -75.40 -4.43
N PRO H 95 -28.82 -76.04 -4.25
CA PRO H 95 -30.16 -75.46 -4.21
C PRO H 95 -30.35 -74.53 -3.04
N GLU H 96 -31.28 -73.58 -3.16
CA GLU H 96 -31.64 -72.76 -2.02
C GLU H 96 -32.34 -73.69 -1.00
N PRO H 97 -32.03 -73.62 0.30
CA PRO H 97 -32.66 -74.41 1.35
C PRO H 97 -34.16 -74.17 1.40
N THR H 98 -34.92 -75.20 1.73
CA THR H 98 -36.36 -75.08 1.87
C THR H 98 -36.76 -75.04 3.34
N PHE H 99 -35.81 -75.34 4.20
CA PHE H 99 -35.98 -75.32 5.65
C PHE H 99 -34.89 -74.44 6.21
N LYS H 100 -35.29 -73.41 6.91
CA LYS H 100 -34.37 -72.41 7.45
C LYS H 100 -34.61 -72.16 8.92
N SER H 101 -33.57 -71.72 9.63
CA SER H 101 -33.70 -71.32 11.02
C SER H 101 -34.72 -70.19 11.12
N PRO H 102 -35.62 -70.18 12.11
CA PRO H 102 -36.59 -69.13 12.33
C PRO H 102 -36.08 -67.93 13.13
N TYR H 103 -34.79 -67.88 13.47
CA TYR H 103 -34.31 -66.83 14.35
C TYR H 103 -33.55 -65.73 13.60
N LEU H 104 -34.16 -64.54 13.49
CA LEU H 104 -33.61 -63.44 12.70
C LEU H 104 -33.02 -62.21 13.44
N MET H 105 -32.95 -62.17 14.77
CA MET H 105 -32.48 -60.95 15.42
C MET H 105 -31.07 -60.53 15.05
N PHE H 106 -30.15 -61.49 14.92
CA PHE H 106 -28.79 -61.12 14.58
C PHE H 106 -28.72 -60.40 13.23
N TYR H 107 -29.35 -60.97 12.21
CA TYR H 107 -29.35 -60.40 10.87
C TYR H 107 -30.03 -59.04 10.87
N SER H 108 -31.10 -58.92 11.64
CA SER H 108 -31.85 -57.70 11.74
C SER H 108 -30.98 -56.56 12.26
N LEU H 109 -30.21 -56.83 13.33
CA LEU H 109 -29.30 -55.82 13.88
C LEU H 109 -28.19 -55.44 12.91
N GLN H 110 -27.67 -56.39 12.14
CA GLN H 110 -26.65 -56.01 11.16
C GLN H 110 -27.21 -54.98 10.17
N MET H 111 -28.46 -55.17 9.72
CA MET H 111 -29.07 -54.23 8.79
C MET H 111 -29.32 -52.87 9.44
N TYR H 112 -29.76 -52.88 10.70
CA TYR H 112 -30.00 -51.67 11.47
C TYR H 112 -28.76 -50.79 11.56
N PHE H 113 -27.63 -51.38 11.93
CA PHE H 113 -26.41 -50.58 12.05
C PHE H 113 -25.89 -50.16 10.65
N ALA H 114 -26.06 -51.02 9.63
CA ALA H 114 -25.63 -50.70 8.25
C ALA H 114 -26.33 -49.46 7.71
N ASN H 115 -27.57 -49.24 8.13
CA ASN H 115 -28.37 -48.12 7.71
C ASN H 115 -28.29 -46.89 8.62
N GLY H 116 -27.33 -46.86 9.54
CA GLY H 116 -27.13 -45.66 10.36
C GLY H 116 -27.73 -45.62 11.76
N GLY H 117 -28.22 -46.74 12.27
CA GLY H 117 -28.78 -46.73 13.60
C GLY H 117 -27.77 -46.47 14.72
N GLY H 118 -28.26 -45.90 15.81
CA GLY H 118 -27.47 -45.62 16.99
C GLY H 118 -27.79 -46.64 18.09
N PRO H 119 -27.64 -46.28 19.37
CA PRO H 119 -27.87 -47.12 20.54
C PRO H 119 -29.30 -47.61 20.58
N CYS H 120 -29.50 -48.80 21.13
CA CYS H 120 -30.83 -49.40 21.20
C CYS H 120 -31.05 -50.32 22.38
N TYR H 121 -32.30 -50.70 22.62
CA TYR H 121 -32.61 -51.65 23.69
C TYR H 121 -32.89 -53.05 23.20
N ILE H 122 -32.31 -54.01 23.90
CA ILE H 122 -32.54 -55.41 23.61
C ILE H 122 -33.29 -56.09 24.73
N VAL H 123 -34.35 -56.79 24.37
CA VAL H 123 -35.10 -57.58 25.33
C VAL H 123 -35.14 -58.99 24.80
N SER H 124 -34.59 -59.91 25.57
CA SER H 124 -34.58 -61.29 25.17
C SER H 124 -35.93 -61.86 25.56
N THR H 125 -36.32 -62.91 24.90
CA THR H 125 -37.54 -63.61 25.26
C THR H 125 -37.26 -65.06 25.58
N GLY H 126 -36.01 -65.44 25.38
CA GLY H 126 -35.56 -66.82 25.53
C GLY H 126 -34.36 -67.03 24.64
N VAL H 127 -33.92 -68.28 24.56
CA VAL H 127 -32.75 -68.60 23.75
C VAL H 127 -33.11 -69.60 22.67
N TYR H 128 -32.26 -69.72 21.66
CA TYR H 128 -32.52 -70.58 20.51
C TYR H 128 -32.72 -72.04 20.88
N ASP H 129 -33.76 -72.68 20.32
CA ASP H 129 -33.97 -74.09 20.57
C ASP H 129 -33.24 -74.90 19.50
N ASP H 130 -33.30 -76.22 19.58
CA ASP H 130 -32.63 -77.03 18.57
C ASP H 130 -33.58 -77.56 17.49
N TRP H 131 -33.03 -78.29 16.53
CA TRP H 131 -33.80 -78.89 15.44
C TRP H 131 -34.20 -80.30 15.80
N SER H 132 -35.34 -80.76 15.28
CA SER H 132 -35.74 -82.14 15.56
C SER H 132 -35.19 -83.06 14.50
N ASP H 133 -35.08 -82.51 13.29
CA ASP H 133 -34.56 -83.23 12.13
C ASP H 133 -34.12 -82.21 11.10
N SER H 134 -33.54 -82.63 9.98
CA SER H 134 -33.10 -81.68 8.96
C SER H 134 -34.26 -80.98 8.26
N GLU H 135 -35.43 -81.58 8.35
CA GLU H 135 -36.66 -81.05 7.78
C GLU H 135 -37.61 -80.53 8.86
N THR H 136 -37.15 -80.52 10.11
CA THR H 136 -38.02 -80.05 11.18
C THR H 136 -37.31 -79.01 12.08
N PRO H 137 -37.49 -77.70 11.80
CA PRO H 137 -36.90 -76.57 12.48
C PRO H 137 -37.62 -76.26 13.81
N PRO H 138 -37.02 -75.44 14.68
CA PRO H 138 -37.56 -74.84 15.90
C PRO H 138 -38.78 -73.99 15.59
N THR H 139 -39.57 -73.71 16.62
CA THR H 139 -40.74 -72.85 16.46
C THR H 139 -40.63 -71.61 17.35
N ILE H 140 -41.47 -70.62 17.05
CA ILE H 140 -41.55 -69.36 17.80
C ILE H 140 -42.78 -69.39 18.68
N ASN H 141 -42.59 -69.15 19.98
CA ASN H 141 -43.69 -69.21 20.92
C ASN H 141 -44.31 -67.86 21.18
N PHE H 142 -45.53 -67.68 20.73
CA PHE H 142 -46.24 -66.42 20.86
C PHE H 142 -46.18 -65.84 22.28
N SER H 143 -46.35 -66.69 23.30
CA SER H 143 -46.39 -66.23 24.69
C SER H 143 -45.10 -65.57 25.15
N ASP H 144 -43.99 -65.87 24.48
CA ASP H 144 -42.70 -65.33 24.85
C ASP H 144 -42.60 -63.89 24.35
N LEU H 145 -43.29 -63.58 23.23
CA LEU H 145 -43.18 -62.25 22.68
C LEU H 145 -44.09 -61.35 23.49
N GLU H 146 -45.23 -61.87 23.95
CA GLU H 146 -46.11 -61.06 24.79
C GLU H 146 -45.43 -60.69 26.09
N SER H 147 -44.66 -61.63 26.65
CA SER H 147 -43.93 -61.37 27.87
C SER H 147 -42.94 -60.24 27.64
N GLY H 148 -42.17 -60.30 26.56
CA GLY H 148 -41.20 -59.24 26.27
C GLY H 148 -41.87 -57.86 26.12
N LEU H 149 -43.05 -57.81 25.51
CA LEU H 149 -43.77 -56.55 25.33
C LEU H 149 -44.18 -55.99 26.70
N ALA H 150 -44.69 -56.86 27.59
CA ALA H 150 -45.08 -56.47 28.94
C ALA H 150 -43.91 -55.87 29.72
N VAL H 151 -42.69 -56.40 29.47
CA VAL H 151 -41.48 -55.91 30.10
C VAL H 151 -41.08 -54.53 29.59
N ILE H 152 -41.03 -54.34 28.26
CA ILE H 152 -40.57 -53.06 27.71
C ILE H 152 -41.51 -51.93 28.12
N ARG H 153 -42.78 -52.25 28.39
CA ARG H 153 -43.74 -51.26 28.82
C ARG H 153 -43.28 -50.45 30.04
N LYS H 154 -42.39 -50.99 30.87
CA LYS H 154 -41.94 -50.26 32.05
C LYS H 154 -40.72 -49.36 31.82
N GLU H 155 -40.16 -49.35 30.61
CA GLU H 155 -39.00 -48.51 30.29
C GLU H 155 -39.45 -47.18 29.70
N ASP H 156 -38.75 -46.10 30.03
CA ASP H 156 -39.10 -44.77 29.48
C ASP H 156 -38.37 -44.34 28.21
N GLU H 157 -37.15 -44.77 28.02
CA GLU H 157 -36.35 -44.31 26.89
C GLU H 157 -36.75 -44.68 25.43
N PRO H 158 -37.20 -45.91 25.11
CA PRO H 158 -37.53 -46.35 23.76
C PRO H 158 -38.61 -45.51 23.09
N THR H 159 -38.48 -45.28 21.78
CA THR H 159 -39.47 -44.54 21.00
C THR H 159 -40.10 -45.41 19.90
N LEU H 160 -39.39 -46.46 19.47
CA LEU H 160 -39.88 -47.35 18.41
C LEU H 160 -39.97 -48.80 18.89
N LEU H 161 -41.03 -49.50 18.48
CA LEU H 161 -41.17 -50.92 18.85
C LEU H 161 -41.05 -51.90 17.67
N LEU H 162 -40.08 -52.83 17.72
CA LEU H 162 -39.88 -53.81 16.66
C LEU H 162 -39.84 -55.27 17.15
N PHE H 163 -40.36 -56.19 16.32
CA PHE H 163 -40.30 -57.64 16.60
C PHE H 163 -39.66 -58.46 15.46
N PRO H 164 -38.34 -58.69 15.48
CA PRO H 164 -37.58 -59.38 14.44
C PRO H 164 -38.05 -60.81 14.11
N ASP H 165 -38.74 -61.52 15.02
CA ASP H 165 -39.15 -62.88 14.70
C ASP H 165 -40.67 -63.03 14.74
N ALA H 166 -41.43 -62.01 14.33
CA ALA H 166 -42.90 -62.12 14.34
C ALA H 166 -43.46 -62.83 13.11
N THR H 167 -42.78 -62.74 11.98
CA THR H 167 -43.32 -63.32 10.75
C THR H 167 -43.18 -64.84 10.73
N ASN H 168 -42.46 -65.37 11.72
CA ASN H 168 -42.28 -66.81 11.84
C ASN H 168 -43.25 -67.44 12.84
N LEU H 169 -44.22 -66.67 13.36
CA LEU H 169 -45.23 -67.23 14.23
C LEU H 169 -46.07 -68.22 13.43
N PRO H 170 -46.49 -69.37 14.00
CA PRO H 170 -47.30 -70.41 13.38
C PRO H 170 -48.56 -69.96 12.64
N THR H 171 -49.23 -68.89 13.09
CA THR H 171 -50.42 -68.44 12.38
C THR H 171 -50.41 -66.94 12.16
N ASP H 172 -51.26 -66.49 11.25
CA ASP H 172 -51.39 -65.08 10.97
C ASP H 172 -52.19 -64.44 12.07
N ASP H 173 -53.09 -65.20 12.67
CA ASP H 173 -53.88 -64.67 13.76
C ASP H 173 -52.99 -64.25 14.93
N GLU H 174 -51.98 -65.04 15.27
CA GLU H 174 -51.05 -64.66 16.32
C GLU H 174 -50.27 -63.41 15.95
N PHE H 175 -49.85 -63.34 14.69
CA PHE H 175 -49.13 -62.19 14.18
C PHE H 175 -49.93 -60.90 14.36
N TYR H 176 -51.19 -60.90 13.92
CA TYR H 176 -52.02 -59.71 14.00
C TYR H 176 -52.31 -59.34 15.45
N SER H 177 -52.51 -60.34 16.31
CA SER H 177 -52.78 -60.10 17.72
C SER H 177 -51.61 -59.35 18.35
N LEU H 178 -50.38 -59.78 18.06
CA LEU H 178 -49.20 -59.13 18.61
C LEU H 178 -49.14 -57.65 18.22
N TYR H 179 -49.43 -57.33 16.95
CA TYR H 179 -49.38 -55.95 16.52
C TYR H 179 -50.51 -55.10 17.07
N ASN H 180 -51.71 -55.68 17.27
CA ASN H 180 -52.77 -54.89 17.87
C ASN H 180 -52.36 -54.48 19.28
N SER H 181 -51.70 -55.38 20.02
CA SER H 181 -51.24 -55.06 21.37
C SER H 181 -50.21 -53.94 21.36
N ALA H 182 -49.27 -53.98 20.41
CA ALA H 182 -48.26 -52.92 20.32
C ALA H 182 -48.90 -51.55 20.06
N LEU H 183 -49.91 -51.48 19.18
CA LEU H 183 -50.57 -50.21 18.91
C LEU H 183 -51.33 -49.70 20.15
N MET H 184 -51.94 -50.61 20.90
CA MET H 184 -52.63 -50.21 22.11
C MET H 184 -51.66 -49.66 23.15
N GLN H 185 -50.45 -50.24 23.26
CA GLN H 185 -49.46 -49.72 24.19
C GLN H 185 -49.10 -48.29 23.84
N CYS H 186 -48.93 -48.00 22.54
CA CYS H 186 -48.59 -46.65 22.10
C CYS H 186 -49.69 -45.67 22.46
N ASN H 187 -50.94 -46.06 22.27
CA ASN H 187 -52.03 -45.16 22.64
C ASN H 187 -52.01 -44.86 24.14
N ASP H 188 -51.81 -45.88 24.99
CA ASP H 188 -51.79 -45.63 26.42
C ASP H 188 -50.63 -44.76 26.91
N LEU H 189 -49.44 -44.93 26.34
CA LEU H 189 -48.27 -44.17 26.80
C LEU H 189 -48.12 -42.80 26.13
N GLN H 190 -48.61 -42.64 24.90
CA GLN H 190 -48.54 -41.41 24.08
C GLN H 190 -47.14 -40.94 23.70
N ASP H 191 -46.17 -41.83 23.63
CA ASP H 191 -44.81 -41.47 23.25
C ASP H 191 -44.09 -42.47 22.33
N ARG H 192 -44.82 -43.38 21.68
CA ARG H 192 -44.21 -44.40 20.83
C ARG H 192 -44.88 -44.55 19.48
N PHE H 193 -44.13 -45.12 18.55
CA PHE H 193 -44.61 -45.38 17.19
C PHE H 193 -44.18 -46.80 16.78
N THR H 194 -45.03 -47.51 16.03
CA THR H 194 -44.66 -48.86 15.59
C THR H 194 -44.45 -48.97 14.08
N ILE H 195 -43.55 -49.87 13.70
CA ILE H 195 -43.29 -50.17 12.29
C ILE H 195 -43.80 -51.58 11.98
N LEU H 196 -44.68 -51.69 10.99
CA LEU H 196 -45.32 -52.96 10.67
C LEU H 196 -44.94 -53.57 9.31
N ASP H 197 -44.90 -54.91 9.30
CA ASP H 197 -44.67 -55.75 8.14
C ASP H 197 -45.90 -56.54 7.79
N THR H 198 -45.99 -57.04 6.58
CA THR H 198 -47.03 -58.00 6.29
C THR H 198 -46.55 -59.34 6.83
N TYR H 199 -47.45 -60.32 6.90
CA TYR H 199 -47.11 -61.67 7.36
C TYR H 199 -46.14 -62.35 6.38
N SER H 200 -46.37 -62.12 5.10
CA SER H 200 -45.62 -62.68 3.99
C SER H 200 -45.62 -61.71 2.82
N ASP H 201 -44.62 -61.78 1.93
CA ASP H 201 -44.67 -60.95 0.75
C ASP H 201 -45.36 -61.62 -0.45
N GLN H 202 -45.80 -62.87 -0.25
CA GLN H 202 -46.46 -63.75 -1.23
C GLN H 202 -47.77 -64.30 -0.71
N THR H 203 -48.64 -64.77 -1.60
CA THR H 203 -49.93 -65.35 -1.20
C THR H 203 -49.72 -66.41 -0.12
N TYR H 204 -50.47 -66.30 0.95
CA TYR H 204 -50.26 -67.32 1.99
C TYR H 204 -51.51 -68.17 2.11
N ASN H 205 -51.26 -69.34 2.63
CA ASN H 205 -52.26 -70.39 2.79
C ASN H 205 -52.79 -70.42 4.23
N ASP H 206 -54.05 -70.03 4.42
CA ASP H 206 -54.69 -69.92 5.75
C ASP H 206 -54.96 -71.28 6.37
N GLY H 207 -54.84 -72.33 5.55
CA GLY H 207 -55.17 -73.70 5.90
C GLY H 207 -56.54 -74.04 5.29
N VAL H 208 -57.27 -72.99 4.92
CA VAL H 208 -58.58 -73.11 4.30
C VAL H 208 -58.77 -72.27 3.03
N GLU H 209 -57.87 -71.31 2.78
CA GLU H 209 -58.02 -70.36 1.68
C GLU H 209 -56.68 -69.72 1.29
N ASP H 210 -56.56 -69.22 0.06
CA ASP H 210 -55.33 -68.51 -0.35
C ASP H 210 -55.58 -67.04 -0.09
N LEU H 211 -54.69 -66.36 0.65
CA LEU H 211 -54.92 -64.94 1.02
C LEU H 211 -53.81 -64.01 0.49
N ASP H 212 -54.21 -62.89 -0.12
CA ASP H 212 -53.33 -61.80 -0.55
C ASP H 212 -52.88 -60.95 0.66
N PRO H 213 -51.56 -60.80 0.92
CA PRO H 213 -50.95 -60.06 2.01
C PRO H 213 -51.44 -58.63 2.28
N ILE H 214 -51.83 -57.88 1.25
CA ILE H 214 -52.27 -56.52 1.58
C ILE H 214 -53.67 -56.52 2.22
N PRO H 215 -54.73 -57.09 1.59
CA PRO H 215 -56.02 -57.29 2.20
C PRO H 215 -55.92 -58.02 3.54
N ALA H 216 -54.96 -58.95 3.66
CA ALA H 216 -54.77 -59.68 4.89
C ALA H 216 -54.48 -58.78 6.06
N LEU H 217 -53.51 -57.88 5.87
CA LEU H 217 -53.11 -56.96 6.92
C LEU H 217 -54.24 -55.99 7.23
N ARG H 218 -54.94 -55.53 6.18
CA ARG H 218 -56.04 -54.61 6.40
C ARG H 218 -57.18 -55.21 7.23
N ASN H 219 -57.50 -56.48 7.02
CA ASN H 219 -58.54 -57.12 7.83
C ASN H 219 -58.00 -57.52 9.21
N GLY H 220 -56.72 -57.89 9.26
CA GLY H 220 -56.01 -58.33 10.46
C GLY H 220 -55.99 -57.29 11.56
N ILE H 221 -55.58 -56.07 11.23
CA ILE H 221 -55.51 -54.99 12.22
C ILE H 221 -56.84 -54.24 12.18
N ASN H 222 -57.65 -54.39 13.24
CA ASN H 222 -59.00 -53.85 13.30
C ASN H 222 -59.26 -52.77 14.37
N LEU H 223 -58.23 -52.05 14.77
CA LEU H 223 -58.36 -50.98 15.74
C LEU H 223 -58.81 -49.71 15.05
N THR H 224 -59.37 -48.78 15.81
CA THR H 224 -59.79 -47.50 15.25
C THR H 224 -58.71 -46.41 15.20
N LYS H 225 -59.12 -45.24 14.73
CA LYS H 225 -58.32 -44.05 14.46
C LYS H 225 -57.30 -43.69 15.55
N ASP H 226 -57.73 -43.79 16.81
CA ASP H 226 -56.92 -43.46 17.97
C ASP H 226 -55.65 -44.30 18.07
N TYR H 227 -55.65 -45.46 17.45
CA TYR H 227 -54.53 -46.36 17.50
C TYR H 227 -53.77 -46.35 16.20
N LEU H 228 -54.50 -46.27 15.09
CA LEU H 228 -53.92 -46.33 13.76
C LEU H 228 -52.94 -45.18 13.51
N LYS H 229 -53.22 -44.03 14.10
CA LYS H 229 -52.34 -42.87 13.98
C LYS H 229 -50.94 -43.12 14.56
N TYR H 230 -50.73 -44.18 15.34
CA TYR H 230 -49.44 -44.48 15.95
C TYR H 230 -48.57 -45.49 15.21
N GLY H 231 -48.89 -45.79 13.97
CA GLY H 231 -47.99 -46.69 13.25
C GLY H 231 -48.12 -46.60 11.75
N ALA H 232 -47.22 -47.30 11.08
CA ALA H 232 -47.14 -47.35 9.60
C ALA H 232 -46.63 -48.71 9.16
N ALA H 233 -46.98 -49.09 7.93
CA ALA H 233 -46.57 -50.38 7.37
C ALA H 233 -45.84 -50.22 6.05
N TYR H 234 -44.92 -51.16 5.78
CA TYR H 234 -44.14 -51.19 4.53
C TYR H 234 -44.23 -52.54 3.80
N TYR H 235 -44.15 -52.51 2.47
CA TYR H 235 -44.19 -53.68 1.59
C TYR H 235 -43.39 -53.45 0.32
N PRO H 236 -42.72 -54.46 -0.26
CA PRO H 236 -42.45 -55.86 0.08
C PRO H 236 -41.22 -56.06 0.97
N PHE H 237 -40.84 -57.33 1.11
CA PHE H 237 -39.61 -57.77 1.79
C PHE H 237 -38.41 -57.45 0.89
N VAL H 238 -37.20 -57.41 1.45
CA VAL H 238 -36.03 -57.11 0.61
C VAL H 238 -34.91 -58.15 0.65
N GLN H 239 -34.14 -58.19 -0.43
CA GLN H 239 -32.98 -59.07 -0.52
C GLN H 239 -31.71 -58.33 -0.19
N THR H 240 -31.04 -58.82 0.87
CA THR H 240 -29.77 -58.28 1.46
C THR H 240 -28.54 -58.97 0.84
N ILE H 241 -27.35 -58.55 1.29
CA ILE H 241 -26.07 -59.06 0.81
C ILE H 241 -25.34 -59.88 1.88
N LEU H 242 -26.07 -60.23 2.93
CA LEU H 242 -25.57 -61.00 4.05
C LEU H 242 -25.61 -62.48 3.71
N ASN H 243 -24.66 -63.25 4.25
CA ASN H 243 -24.61 -64.70 4.04
C ASN H 243 -25.33 -65.48 5.12
N TYR H 244 -25.34 -66.80 4.97
CA TYR H 244 -25.92 -67.69 5.96
C TYR H 244 -24.79 -68.27 6.80
N GLN H 245 -25.10 -68.60 8.04
CA GLN H 245 -24.12 -69.23 8.91
C GLN H 245 -24.30 -70.75 8.84
N TYR H 246 -23.22 -71.49 8.62
CA TYR H 246 -23.28 -72.95 8.48
C TYR H 246 -21.96 -73.63 8.79
N SER H 247 -21.96 -74.97 8.77
CA SER H 247 -20.77 -75.79 8.94
C SER H 247 -20.75 -76.95 7.97
N ALA H 248 -19.58 -77.20 7.37
CA ALA H 248 -19.34 -78.26 6.39
C ALA H 248 -19.63 -79.65 6.96
N ASP H 249 -19.61 -79.78 8.28
CA ASP H 249 -19.87 -81.04 8.95
C ASP H 249 -21.33 -81.49 8.79
N GLU H 250 -22.21 -80.55 8.49
CA GLU H 250 -23.63 -80.83 8.38
C GLU H 250 -24.09 -81.01 6.93
N ILE H 251 -23.17 -80.93 5.97
CA ILE H 251 -23.60 -80.96 4.58
C ILE H 251 -23.20 -82.22 3.82
N VAL H 252 -24.21 -82.92 3.28
CA VAL H 252 -24.03 -84.19 2.58
C VAL H 252 -24.20 -84.06 1.08
N ILE H 253 -23.30 -84.73 0.35
CA ILE H 253 -23.25 -84.70 -1.10
C ILE H 253 -23.81 -85.92 -1.83
N GLN H 254 -24.67 -85.64 -2.79
CA GLN H 254 -25.20 -86.65 -3.70
C GLN H 254 -24.29 -86.64 -4.92
N HIS H 255 -23.87 -87.81 -5.41
CA HIS H 255 -22.99 -87.85 -6.59
C HIS H 255 -23.48 -88.83 -7.62
N LEU H 256 -23.88 -88.31 -8.76
CA LEU H 256 -24.40 -89.15 -9.82
C LEU H 256 -23.42 -89.17 -10.97
N SER H 257 -23.37 -90.29 -11.69
CA SER H 257 -22.42 -90.42 -12.78
C SER H 257 -22.85 -91.31 -13.94
N TYR H 258 -22.42 -90.91 -15.14
CA TYR H 258 -22.58 -91.69 -16.38
C TYR H 258 -21.88 -93.05 -16.23
N ASN H 259 -20.90 -93.09 -15.34
CA ASN H 259 -20.09 -94.26 -15.02
C ASN H 259 -20.04 -94.35 -13.48
N PRO H 260 -20.98 -95.08 -12.86
CA PRO H 260 -21.15 -95.29 -11.43
C PRO H 260 -19.96 -96.01 -10.80
N ASN H 261 -19.65 -95.70 -9.55
CA ASN H 261 -18.62 -96.43 -8.81
C ASN H 261 -18.65 -96.22 -7.30
N ALA H 262 -19.84 -95.95 -6.72
CA ALA H 262 -19.92 -95.79 -5.28
C ALA H 262 -19.67 -97.10 -4.50
N ILE H 263 -20.20 -98.21 -5.02
CA ILE H 263 -20.10 -99.49 -4.31
C ILE H 263 -18.71 -100.02 -4.47
N ALA H 264 -18.18 -99.96 -5.69
CA ALA H 264 -16.84 -100.45 -5.95
C ALA H 264 -15.83 -99.71 -5.08
N THR H 265 -16.02 -98.40 -4.88
CA THR H 265 -15.11 -97.64 -4.03
C THR H 265 -15.20 -98.16 -2.60
N ALA H 266 -16.43 -98.36 -2.09
CA ALA H 266 -16.56 -98.84 -0.73
C ALA H 266 -15.86 -100.18 -0.57
N LEU H 267 -16.01 -101.07 -1.56
CA LEU H 267 -15.35 -102.37 -1.47
C LEU H 267 -13.86 -102.28 -1.50
N ASP H 268 -13.28 -101.42 -2.33
CA ASP H 268 -11.83 -101.33 -2.36
C ASP H 268 -11.28 -100.94 -0.99
N ASN H 269 -11.97 -100.03 -0.30
CA ASN H 269 -11.52 -99.63 1.02
C ASN H 269 -11.82 -100.71 2.07
N LEU H 270 -13.01 -101.30 2.03
CA LEU H 270 -13.38 -102.30 3.02
C LEU H 270 -12.46 -103.53 2.93
N ASN H 271 -12.04 -103.87 1.72
CA ASN H 271 -11.18 -105.01 1.50
C ASN H 271 -9.74 -104.72 1.92
N ALA H 272 -9.43 -103.45 2.22
CA ALA H 272 -8.11 -103.08 2.66
C ALA H 272 -8.08 -103.18 4.16
N GLY H 450 -12.53 -109.41 13.26
CA GLY H 450 -12.44 -109.89 11.87
C GLY H 450 -13.70 -110.55 11.30
N THR H 451 -14.44 -111.26 12.15
CA THR H 451 -15.67 -111.92 11.72
C THR H 451 -16.69 -110.90 11.20
N ARG H 452 -16.79 -109.77 11.90
CA ARG H 452 -17.78 -108.79 11.52
C ARG H 452 -17.35 -108.08 10.24
N LEU H 453 -16.04 -107.93 10.06
CA LEU H 453 -15.57 -107.27 8.84
C LEU H 453 -15.96 -108.10 7.62
N ASP H 454 -15.86 -109.44 7.75
CA ASP H 454 -16.25 -110.31 6.64
C ASP H 454 -17.75 -110.14 6.31
N ASP H 455 -18.60 -110.06 7.35
CA ASP H 455 -20.04 -109.88 7.12
C ASP H 455 -20.35 -108.58 6.40
N ILE H 456 -19.66 -107.50 6.77
CA ILE H 456 -19.86 -106.22 6.12
C ILE H 456 -19.50 -106.27 4.66
N ILE H 457 -18.34 -106.82 4.35
CA ILE H 457 -17.91 -106.87 2.97
C ILE H 457 -18.86 -107.67 2.12
N ALA H 458 -19.29 -108.84 2.60
CA ALA H 458 -20.24 -109.62 1.83
C ALA H 458 -21.55 -108.86 1.59
N ALA H 459 -22.05 -108.17 2.63
CA ALA H 459 -23.30 -107.43 2.47
C ALA H 459 -23.15 -106.35 1.41
N VAL H 460 -21.99 -105.69 1.37
CA VAL H 460 -21.73 -104.63 0.41
C VAL H 460 -21.53 -105.16 -0.99
N SER H 461 -20.74 -106.23 -1.18
CA SER H 461 -20.49 -106.70 -2.55
C SER H 461 -21.78 -107.14 -3.21
N ALA H 462 -22.74 -107.58 -2.42
CA ALA H 462 -24.04 -107.97 -2.90
C ALA H 462 -24.76 -106.83 -3.62
N ALA H 463 -24.43 -105.56 -3.27
CA ALA H 463 -25.07 -104.38 -3.84
C ALA H 463 -24.45 -103.91 -5.14
N GLU H 464 -23.34 -104.49 -5.59
CA GLU H 464 -22.75 -103.91 -6.79
C GLU H 464 -23.73 -103.92 -8.00
N PRO H 465 -24.55 -104.96 -8.24
CA PRO H 465 -25.58 -105.03 -9.27
C PRO H 465 -26.75 -104.04 -9.10
N ILE H 466 -26.89 -103.45 -7.90
CA ILE H 466 -27.99 -102.53 -7.60
C ILE H 466 -27.67 -101.12 -7.99
N ASP H 467 -26.49 -100.67 -7.57
CA ASP H 467 -26.15 -99.28 -7.81
C ASP H 467 -25.71 -99.05 -9.23
N VAL H 468 -26.59 -98.43 -9.99
CA VAL H 468 -26.32 -98.17 -11.39
C VAL H 468 -26.30 -96.68 -11.68
N ASN H 469 -26.29 -95.86 -10.61
CA ASN H 469 -26.31 -94.41 -10.79
C ASN H 469 -25.28 -93.59 -10.01
N ASN H 470 -24.78 -94.11 -8.88
CA ASN H 470 -23.98 -93.29 -7.98
C ASN H 470 -22.48 -93.39 -8.15
N GLY H 471 -21.85 -92.22 -8.11
CA GLY H 471 -20.41 -92.10 -8.21
C GLY H 471 -19.69 -92.24 -6.87
N LYS H 472 -18.37 -92.17 -6.93
CA LYS H 472 -17.44 -92.29 -5.82
C LYS H 472 -17.73 -91.48 -4.55
N LEU H 473 -18.18 -90.22 -4.66
CA LEU H 473 -18.38 -89.36 -3.49
C LEU H 473 -19.77 -89.43 -2.86
N ASN H 474 -20.66 -90.22 -3.44
CA ASN H 474 -22.03 -90.25 -2.97
C ASN H 474 -22.16 -90.62 -1.51
N GLY H 475 -22.88 -89.81 -0.75
CA GLY H 475 -23.14 -90.07 0.66
C GLY H 475 -22.16 -89.44 1.65
N ARG H 476 -21.07 -88.85 1.18
CA ARG H 476 -20.12 -88.25 2.12
C ARG H 476 -20.40 -86.78 2.43
N LEU H 477 -19.87 -86.33 3.57
CA LEU H 477 -19.96 -84.95 4.03
C LEU H 477 -18.88 -84.08 3.44
N LEU H 478 -19.13 -82.79 3.29
CA LEU H 478 -18.05 -81.93 2.79
C LEU H 478 -16.78 -82.00 3.57
N SER H 479 -16.87 -81.94 4.88
CA SER H 479 -15.66 -81.97 5.68
C SER H 479 -14.85 -83.27 5.54
N ASP H 480 -15.45 -84.35 5.03
CA ASP H 480 -14.78 -85.63 4.83
C ASP H 480 -14.28 -85.88 3.40
N ILE H 481 -14.46 -84.93 2.48
CA ILE H 481 -13.99 -85.19 1.12
C ILE H 481 -12.85 -84.29 0.72
N GLU H 482 -12.51 -83.30 1.55
CA GLU H 482 -11.46 -82.38 1.17
C GLU H 482 -10.16 -83.09 0.73
N PRO H 483 -9.60 -84.09 1.46
CA PRO H 483 -8.42 -84.81 1.02
C PRO H 483 -8.62 -85.70 -0.21
N LEU H 484 -9.88 -86.07 -0.54
CA LEU H 484 -10.15 -86.93 -1.68
C LEU H 484 -10.06 -86.11 -2.95
N ASP H 485 -10.68 -84.93 -2.87
CA ASP H 485 -10.72 -83.96 -3.95
C ASP H 485 -11.02 -82.58 -3.39
N ASN H 486 -9.98 -81.78 -3.14
CA ASN H 486 -10.24 -80.50 -2.52
C ASN H 486 -10.73 -79.51 -3.54
N ALA H 487 -10.83 -79.91 -4.81
CA ALA H 487 -11.37 -79.04 -5.82
C ALA H 487 -12.87 -79.04 -5.68
N THR H 488 -13.42 -80.20 -5.30
CA THR H 488 -14.85 -80.37 -5.13
C THR H 488 -15.24 -79.67 -3.87
N TYR H 489 -14.47 -79.91 -2.81
CA TYR H 489 -14.75 -79.29 -1.53
C TYR H 489 -14.78 -77.77 -1.66
N ASN H 490 -13.74 -77.20 -2.26
CA ASN H 490 -13.69 -75.76 -2.39
C ASN H 490 -14.76 -75.21 -3.31
N THR H 491 -15.09 -75.92 -4.42
CA THR H 491 -16.11 -75.43 -5.33
C THR H 491 -17.45 -75.39 -4.64
N ILE H 492 -17.77 -76.42 -3.88
CA ILE H 492 -19.03 -76.44 -3.19
C ILE H 492 -19.15 -75.30 -2.21
N LEU H 493 -18.11 -75.04 -1.40
CA LEU H 493 -18.22 -73.95 -0.44
C LEU H 493 -18.45 -72.62 -1.17
N LEU H 494 -17.78 -72.44 -2.30
CA LEU H 494 -17.96 -71.22 -3.07
C LEU H 494 -19.42 -71.09 -3.52
N GLU H 495 -20.02 -72.19 -4.00
CA GLU H 495 -21.42 -72.16 -4.40
C GLU H 495 -22.37 -71.92 -3.23
N ILE H 496 -22.08 -72.47 -2.05
CA ILE H 496 -22.97 -72.27 -0.91
C ILE H 496 -23.05 -70.79 -0.59
N ASN H 497 -21.92 -70.12 -0.74
CA ASN H 497 -21.70 -68.68 -0.42
C ASN H 497 -22.49 -67.78 -1.36
N SER H 498 -23.02 -68.31 -2.45
CA SER H 498 -23.70 -67.44 -3.40
C SER H 498 -25.15 -67.17 -2.96
N HIS H 499 -25.64 -67.89 -1.95
CA HIS H 499 -27.01 -67.72 -1.47
C HIS H 499 -27.10 -66.63 -0.41
N LYS H 500 -28.04 -65.70 -0.59
CA LYS H 500 -28.17 -64.57 0.34
C LYS H 500 -29.45 -64.63 1.20
N VAL H 501 -29.41 -63.90 2.29
CA VAL H 501 -30.47 -63.74 3.28
C VAL H 501 -31.57 -62.75 2.82
N THR H 502 -32.86 -63.11 3.04
CA THR H 502 -34.00 -62.23 2.70
C THR H 502 -34.73 -61.85 3.99
N LEU H 503 -34.97 -60.55 4.18
CA LEU H 503 -35.58 -60.04 5.41
C LEU H 503 -36.79 -59.10 5.22
N PRO H 504 -37.74 -59.05 6.17
CA PRO H 504 -38.78 -58.03 6.28
C PRO H 504 -38.00 -56.71 6.41
N PRO H 505 -38.50 -55.57 5.93
CA PRO H 505 -37.82 -54.27 5.94
C PRO H 505 -37.85 -53.42 7.23
N SER H 506 -38.43 -53.91 8.32
CA SER H 506 -38.62 -53.05 9.48
C SER H 506 -37.35 -52.56 10.19
N SER H 507 -36.27 -53.34 10.20
CA SER H 507 -35.08 -52.90 10.92
C SER H 507 -34.30 -51.90 10.08
N SER H 508 -34.43 -52.04 8.77
CA SER H 508 -33.80 -51.15 7.83
C SER H 508 -34.47 -49.80 7.95
N MET H 509 -35.80 -49.81 8.10
CA MET H 509 -36.49 -48.55 8.26
C MET H 509 -36.14 -47.85 9.56
N ALA H 510 -35.99 -48.60 10.67
CA ALA H 510 -35.60 -47.93 11.91
C ALA H 510 -34.26 -47.21 11.72
N GLY H 511 -33.33 -47.85 11.00
CA GLY H 511 -32.04 -47.26 10.67
C GLY H 511 -32.25 -45.97 9.85
N ALA H 512 -33.06 -46.07 8.80
CA ALA H 512 -33.35 -44.95 7.92
C ALA H 512 -33.98 -43.77 8.67
N TYR H 513 -34.85 -44.04 9.66
CA TYR H 513 -35.46 -42.98 10.43
C TYR H 513 -34.37 -42.19 11.16
N ALA H 514 -33.40 -42.88 11.75
CA ALA H 514 -32.31 -42.22 12.45
C ALA H 514 -31.50 -41.32 11.52
N ARG H 515 -31.22 -41.79 10.29
CA ARG H 515 -30.48 -40.94 9.35
C ARG H 515 -31.20 -39.65 9.02
N VAL H 516 -32.50 -39.72 8.76
CA VAL H 516 -33.21 -38.50 8.42
C VAL H 516 -33.22 -37.53 9.58
N ASP H 517 -33.48 -38.01 10.80
CA ASP H 517 -33.54 -37.10 11.93
C ASP H 517 -32.22 -36.33 12.10
N ASN H 518 -31.08 -36.99 11.86
CA ASN H 518 -29.79 -36.32 11.96
C ASN H 518 -29.42 -35.38 10.82
N ASP H 519 -29.73 -35.73 9.57
CA ASP H 519 -29.34 -34.86 8.47
C ASP H 519 -30.35 -33.77 8.10
N ARG H 520 -31.64 -34.03 8.24
CA ARG H 520 -32.65 -33.03 7.85
C ARG H 520 -33.56 -32.56 8.98
N GLY H 521 -33.83 -33.44 9.95
CA GLY H 521 -34.72 -33.11 11.06
C GLY H 521 -35.99 -33.95 11.06
N VAL H 522 -36.51 -34.20 12.27
CA VAL H 522 -37.70 -35.02 12.54
C VAL H 522 -38.98 -34.51 11.87
N TRP H 523 -38.98 -33.26 11.45
CA TRP H 523 -40.15 -32.70 10.79
C TRP H 523 -40.18 -32.96 9.27
N LYS H 524 -39.19 -33.68 8.73
CA LYS H 524 -39.17 -34.01 7.30
C LYS H 524 -39.60 -35.46 7.09
N SER H 525 -40.30 -35.72 5.98
CA SER H 525 -40.76 -37.08 5.67
C SER H 525 -39.65 -38.10 5.52
N PRO H 526 -39.77 -39.30 6.12
CA PRO H 526 -38.85 -40.40 5.99
C PRO H 526 -39.09 -41.17 4.69
N ALA H 527 -38.81 -40.53 3.57
CA ALA H 527 -39.03 -41.10 2.24
C ALA H 527 -38.04 -40.49 1.26
N ASN H 528 -37.89 -41.15 0.09
CA ASN H 528 -36.92 -40.78 -0.95
C ASN H 528 -35.52 -40.93 -0.36
N ILE H 529 -35.37 -42.04 0.36
CA ILE H 529 -34.19 -42.50 1.07
C ILE H 529 -33.66 -43.77 0.45
N GLY H 530 -32.37 -43.82 0.15
CA GLY H 530 -31.82 -45.08 -0.35
C GLY H 530 -31.46 -45.97 0.84
N LEU H 531 -31.64 -47.27 0.67
CA LEU H 531 -31.29 -48.24 1.72
C LEU H 531 -29.91 -48.84 1.50
N ASN H 532 -29.19 -49.11 2.58
CA ASN H 532 -27.86 -49.73 2.48
C ASN H 532 -28.00 -51.23 2.58
N TYR H 533 -27.05 -51.95 1.94
CA TYR H 533 -27.00 -53.40 1.96
C TYR H 533 -28.25 -54.04 1.36
N VAL H 534 -28.84 -53.41 0.37
CA VAL H 534 -30.00 -54.00 -0.27
C VAL H 534 -29.72 -54.17 -1.75
N SER H 535 -29.88 -55.39 -2.22
CA SER H 535 -29.67 -55.73 -3.60
C SER H 535 -30.89 -55.29 -4.40
N LYS H 536 -32.06 -55.72 -3.94
CA LYS H 536 -33.32 -55.40 -4.60
C LYS H 536 -34.52 -55.76 -3.72
N PRO H 537 -35.73 -55.20 -3.96
CA PRO H 537 -36.99 -55.63 -3.41
C PRO H 537 -37.26 -57.05 -3.88
N SER H 538 -37.92 -57.88 -3.08
CA SER H 538 -38.26 -59.24 -3.51
C SER H 538 -39.39 -59.30 -4.55
N VAL H 539 -40.28 -58.32 -4.51
CA VAL H 539 -41.43 -58.22 -5.41
C VAL H 539 -41.43 -56.88 -6.11
N THR H 540 -41.59 -56.86 -7.42
CA THR H 540 -41.64 -55.61 -8.14
C THR H 540 -43.03 -54.97 -8.06
N VAL H 541 -43.08 -53.69 -7.70
CA VAL H 541 -44.32 -52.95 -7.62
C VAL H 541 -44.29 -51.87 -8.69
N SER H 542 -45.29 -51.91 -9.57
CA SER H 542 -45.40 -50.96 -10.68
C SER H 542 -46.04 -49.67 -10.21
N HIS H 543 -46.08 -48.67 -11.09
CA HIS H 543 -46.72 -47.41 -10.77
C HIS H 543 -48.20 -47.59 -10.46
N GLU H 544 -48.92 -48.24 -11.38
CA GLU H 544 -50.35 -48.45 -11.25
C GLU H 544 -50.70 -49.29 -10.03
N GLU H 545 -49.88 -50.27 -9.73
CA GLU H 545 -50.08 -51.15 -8.59
C GLU H 545 -50.01 -50.45 -7.24
N GLN H 546 -49.39 -49.28 -7.18
CA GLN H 546 -49.24 -48.60 -5.92
C GLN H 546 -50.43 -47.69 -5.63
N GLU H 547 -51.32 -47.46 -6.61
CA GLU H 547 -52.37 -46.50 -6.36
C GLU H 547 -53.25 -46.87 -5.16
N SER H 548 -53.54 -48.17 -5.01
CA SER H 548 -54.36 -48.69 -3.92
C SER H 548 -53.59 -48.86 -2.61
N MET H 549 -52.27 -48.65 -2.64
CA MET H 549 -51.45 -48.76 -1.45
C MET H 549 -51.42 -47.40 -0.78
N ASN H 550 -51.36 -46.32 -1.58
CA ASN H 550 -51.27 -44.98 -1.02
C ASN H 550 -52.65 -44.46 -0.62
N VAL H 551 -53.66 -44.70 -1.45
CA VAL H 551 -55.01 -44.23 -1.17
C VAL H 551 -55.99 -45.39 -1.20
N HIS H 552 -56.81 -45.51 -0.16
CA HIS H 552 -57.74 -46.62 -0.05
C HIS H 552 -58.93 -46.25 0.81
N GLY H 553 -60.09 -46.82 0.52
CA GLY H 553 -61.33 -46.56 1.27
C GLY H 553 -61.23 -46.75 2.79
N THR H 554 -60.36 -47.65 3.25
CA THR H 554 -60.21 -47.87 4.69
C THR H 554 -59.23 -46.94 5.38
N GLY H 555 -58.39 -46.24 4.61
CA GLY H 555 -57.35 -45.37 5.13
C GLY H 555 -56.08 -46.14 5.57
N LYS H 556 -56.10 -47.47 5.48
CA LYS H 556 -54.98 -48.28 5.93
C LYS H 556 -53.91 -48.42 4.86
N SER H 557 -53.20 -47.32 4.67
CA SER H 557 -52.17 -47.14 3.68
C SER H 557 -50.94 -47.99 3.95
N VAL H 558 -50.25 -48.38 2.89
CA VAL H 558 -49.00 -49.13 2.96
C VAL H 558 -47.94 -48.41 2.11
N ASN H 559 -46.76 -48.17 2.65
CA ASN H 559 -45.70 -47.48 1.91
C ASN H 559 -44.94 -48.50 1.07
N ALA H 560 -44.35 -48.08 -0.06
CA ALA H 560 -43.70 -49.07 -0.92
C ALA H 560 -42.20 -48.95 -1.00
N ILE H 561 -41.54 -50.09 -1.13
CA ILE H 561 -40.11 -50.08 -1.40
C ILE H 561 -39.95 -50.37 -2.89
N ARG H 562 -39.32 -49.44 -3.63
CA ARG H 562 -39.22 -49.56 -5.09
C ARG H 562 -37.83 -49.30 -5.66
N SER H 563 -37.54 -49.94 -6.80
CA SER H 563 -36.27 -49.78 -7.49
C SER H 563 -36.32 -48.74 -8.61
N PHE H 564 -35.38 -47.80 -8.56
CA PHE H 564 -35.31 -46.74 -9.55
C PHE H 564 -34.01 -46.83 -10.35
N VAL H 565 -34.11 -46.54 -11.64
CA VAL H 565 -32.94 -46.65 -12.49
C VAL H 565 -31.94 -45.56 -12.19
N GLY H 566 -30.72 -45.98 -11.89
CA GLY H 566 -29.63 -45.10 -11.56
C GLY H 566 -29.63 -44.64 -10.10
N LYS H 567 -30.61 -45.09 -9.30
CA LYS H 567 -30.69 -44.67 -7.92
C LYS H 567 -30.62 -45.82 -6.93
N GLY H 568 -31.14 -46.99 -7.29
CA GLY H 568 -31.17 -48.12 -6.38
C GLY H 568 -32.49 -48.21 -5.66
N THR H 569 -32.50 -48.88 -4.50
CA THR H 569 -33.75 -49.14 -3.82
C THR H 569 -34.10 -47.98 -2.89
N LEU H 570 -35.28 -47.38 -3.14
CA LEU H 570 -35.75 -46.22 -2.39
C LEU H 570 -37.05 -46.46 -1.63
N VAL H 571 -37.21 -45.75 -0.53
CA VAL H 571 -38.46 -45.75 0.22
C VAL H 571 -39.43 -44.77 -0.44
N TRP H 572 -40.57 -45.24 -0.94
CA TRP H 572 -41.46 -44.38 -1.67
C TRP H 572 -42.84 -44.22 -0.96
N GLY H 573 -43.06 -43.07 -0.36
CA GLY H 573 -44.28 -42.82 0.42
C GLY H 573 -44.01 -42.73 1.92
N ALA H 574 -44.78 -41.87 2.60
CA ALA H 574 -44.60 -41.69 4.05
C ALA H 574 -45.91 -41.39 4.79
N ARG H 575 -46.91 -42.25 4.61
CA ARG H 575 -48.18 -42.06 5.31
C ARG H 575 -48.34 -43.06 6.46
N THR H 576 -49.24 -42.74 7.38
CA THR H 576 -49.57 -43.58 8.55
C THR H 576 -50.77 -44.47 8.22
N LEU H 577 -51.16 -45.31 9.18
CA LEU H 577 -52.31 -46.22 9.00
C LEU H 577 -53.67 -45.51 9.10
N ALA H 578 -53.65 -44.18 9.21
CA ALA H 578 -54.84 -43.35 9.24
C ALA H 578 -54.70 -42.32 8.10
N GLY H 579 -54.55 -42.81 6.86
CA GLY H 579 -54.21 -42.03 5.68
C GLY H 579 -55.22 -41.00 5.22
N ASN H 580 -56.43 -41.08 5.71
CA ASN H 580 -57.45 -40.10 5.33
C ASN H 580 -57.66 -39.07 6.43
N ASP H 581 -56.81 -39.09 7.45
CA ASP H 581 -56.90 -38.18 8.57
C ASP H 581 -56.29 -36.82 8.25
N ASN H 582 -57.15 -35.80 8.23
CA ASN H 582 -56.74 -34.46 7.85
C ASN H 582 -55.63 -33.87 8.72
N GLU H 583 -55.49 -34.36 9.95
CA GLU H 583 -54.45 -33.85 10.84
C GLU H 583 -53.27 -34.79 10.98
N TRP H 584 -53.56 -36.11 11.05
CA TRP H 584 -52.52 -37.10 11.30
C TRP H 584 -52.07 -38.05 10.18
N ARG H 585 -52.50 -37.88 8.93
CA ARG H 585 -52.08 -38.79 7.86
C ARG H 585 -50.56 -38.88 7.55
N TYR H 586 -49.77 -37.85 7.85
CA TYR H 586 -48.34 -37.92 7.54
C TYR H 586 -47.48 -38.33 8.73
N ILE H 587 -46.48 -39.18 8.46
CA ILE H 587 -45.61 -39.68 9.52
C ILE H 587 -44.86 -38.56 10.22
N SER H 588 -44.30 -37.62 9.44
CA SER H 588 -43.54 -36.51 9.98
C SER H 588 -44.32 -35.55 10.87
N VAL H 589 -45.65 -35.52 10.76
CA VAL H 589 -46.40 -34.65 11.61
C VAL H 589 -46.55 -35.35 12.94
N ARG H 590 -46.95 -36.62 12.89
CA ARG H 590 -47.10 -37.37 14.13
C ARG H 590 -45.79 -37.44 14.91
N ARG H 591 -44.67 -37.72 14.24
CA ARG H 591 -43.39 -37.81 14.92
C ARG H 591 -42.93 -36.46 15.48
N PHE H 592 -43.12 -35.36 14.74
CA PHE H 592 -42.74 -34.05 15.25
C PHE H 592 -43.47 -33.76 16.55
N PHE H 593 -44.79 -33.97 16.56
CA PHE H 593 -45.53 -33.73 17.79
C PHE H 593 -45.05 -34.61 18.93
N ASN H 594 -44.79 -35.91 18.70
CA ASN H 594 -44.33 -36.71 19.83
C ASN H 594 -43.03 -36.16 20.41
N MET H 595 -42.12 -35.71 19.54
CA MET H 595 -40.86 -35.15 19.97
C MET H 595 -41.06 -33.89 20.82
N ALA H 596 -41.86 -32.96 20.31
CA ALA H 596 -42.06 -31.71 21.02
C ALA H 596 -42.72 -31.95 22.37
N GLU H 597 -43.69 -32.85 22.43
CA GLU H 597 -44.40 -33.12 23.67
C GLU H 597 -43.48 -33.73 24.72
N GLU H 598 -42.62 -34.67 24.33
CA GLU H 598 -41.70 -35.28 25.27
C GLU H 598 -40.71 -34.27 25.84
N SER H 599 -40.13 -33.43 24.97
CA SER H 599 -39.16 -32.45 25.43
C SER H 599 -39.77 -31.45 26.39
N ILE H 600 -40.99 -30.99 26.10
CA ILE H 600 -41.62 -30.05 26.98
C ILE H 600 -41.92 -30.69 28.33
N LYS H 601 -42.52 -31.89 28.38
CA LYS H 601 -42.79 -32.35 29.74
C LYS H 601 -41.52 -32.54 30.57
N LYS H 602 -40.40 -32.93 29.96
CA LYS H 602 -39.19 -33.07 30.78
C LYS H 602 -38.85 -31.73 31.42
N ALA H 603 -38.95 -30.67 30.63
CA ALA H 603 -38.70 -29.32 31.10
C ALA H 603 -39.69 -28.86 32.20
N THR H 604 -40.96 -29.30 32.15
CA THR H 604 -41.95 -28.85 33.14
C THR H 604 -41.87 -29.61 34.47
N GLU H 605 -41.22 -30.77 34.52
CA GLU H 605 -41.14 -31.53 35.77
C GLU H 605 -40.48 -30.78 36.93
N GLN H 606 -39.59 -29.85 36.65
CA GLN H 606 -38.94 -29.06 37.70
C GLN H 606 -39.93 -28.22 38.53
N PHE H 607 -41.16 -28.03 38.05
CA PHE H 607 -42.16 -27.22 38.75
C PHE H 607 -43.24 -28.04 39.47
N VAL H 608 -43.10 -29.36 39.56
CA VAL H 608 -44.18 -30.17 40.12
C VAL H 608 -44.65 -29.84 41.53
N PHE H 609 -43.75 -29.56 42.44
CA PHE H 609 -44.21 -29.28 43.81
C PHE H 609 -44.21 -27.80 44.18
N GLU H 610 -44.23 -26.92 43.17
CA GLU H 610 -44.25 -25.48 43.43
C GLU H 610 -45.67 -25.01 43.77
N PRO H 611 -45.85 -23.87 44.47
CA PRO H 611 -47.13 -23.25 44.78
C PRO H 611 -47.95 -22.97 43.52
N ASN H 612 -49.26 -23.19 43.59
CA ASN H 612 -50.06 -22.96 42.40
C ASN H 612 -50.60 -21.54 42.44
N ASP H 613 -49.83 -20.63 41.86
CA ASP H 613 -50.13 -19.20 41.84
C ASP H 613 -49.48 -18.50 40.65
N GLY H 614 -49.74 -17.19 40.54
CA GLY H 614 -49.27 -16.36 39.43
C GLY H 614 -47.78 -16.37 39.19
N ASN H 615 -46.98 -16.48 40.24
CA ASN H 615 -45.54 -16.50 40.03
C ASN H 615 -45.08 -17.74 39.26
N THR H 616 -45.76 -18.86 39.48
CA THR H 616 -45.40 -20.11 38.86
C THR H 616 -45.91 -20.09 37.44
N TRP H 617 -47.14 -19.61 37.26
CA TRP H 617 -47.76 -19.61 35.95
C TRP H 617 -46.89 -18.83 34.97
N VAL H 618 -46.34 -17.69 35.41
CA VAL H 618 -45.45 -16.92 34.56
C VAL H 618 -44.17 -17.67 34.23
N ARG H 619 -43.53 -18.28 35.23
CA ARG H 619 -42.26 -19.03 34.98
C ARG H 619 -42.49 -20.17 33.98
N VAL H 620 -43.59 -20.92 34.11
CA VAL H 620 -43.86 -22.05 33.23
C VAL H 620 -44.09 -21.57 31.81
N ARG H 621 -44.91 -20.54 31.65
CA ARG H 621 -45.18 -20.00 30.34
C ARG H 621 -43.91 -19.55 29.63
N ALA H 622 -43.08 -18.77 30.33
CA ALA H 622 -41.87 -18.26 29.70
C ALA H 622 -40.96 -19.39 29.23
N MET H 623 -40.82 -20.44 30.02
CA MET H 623 -39.98 -21.57 29.67
C MET H 623 -40.46 -22.25 28.38
N ILE H 624 -41.77 -22.49 28.27
CA ILE H 624 -42.32 -23.16 27.11
C ILE H 624 -42.14 -22.30 25.85
N GLU H 625 -42.42 -20.99 25.95
CA GLU H 625 -42.24 -20.14 24.79
C GLU H 625 -40.79 -20.13 24.31
N ASN H 626 -39.81 -20.13 25.22
CA ASN H 626 -38.42 -20.12 24.75
C ASN H 626 -38.09 -21.37 23.94
N PHE H 627 -38.60 -22.53 24.36
CA PHE H 627 -38.40 -23.77 23.62
C PHE H 627 -38.95 -23.63 22.19
N LEU H 628 -40.19 -23.18 22.10
CA LEU H 628 -40.85 -23.06 20.81
C LEU H 628 -40.19 -22.03 19.88
N ILE H 629 -39.63 -20.95 20.44
CA ILE H 629 -38.93 -19.98 19.62
C ILE H 629 -37.73 -20.63 18.95
N LEU H 630 -36.97 -21.43 19.69
CA LEU H 630 -35.84 -22.12 19.10
C LEU H 630 -36.27 -23.10 17.98
N GLN H 631 -37.41 -23.79 18.16
CA GLN H 631 -37.89 -24.70 17.12
C GLN H 631 -38.25 -23.92 15.85
N TRP H 632 -38.83 -22.74 16.05
CA TRP H 632 -39.15 -21.85 14.95
C TRP H 632 -37.89 -21.37 14.24
N ARG H 633 -36.89 -20.92 15.00
CA ARG H 633 -35.66 -20.41 14.43
C ARG H 633 -34.97 -21.46 13.55
N ALA H 634 -35.06 -22.72 13.94
CA ALA H 634 -34.46 -23.84 13.21
C ALA H 634 -35.27 -24.29 12.00
N GLY H 635 -36.44 -23.70 11.75
CA GLY H 635 -37.27 -24.04 10.62
C GLY H 635 -38.28 -25.18 10.81
N ALA H 636 -38.58 -25.58 12.04
CA ALA H 636 -39.54 -26.66 12.25
C ALA H 636 -40.98 -26.20 12.13
N LEU H 637 -41.24 -24.96 12.53
CA LEU H 637 -42.59 -24.40 12.53
C LEU H 637 -42.80 -23.39 11.41
N ALA H 638 -44.04 -23.28 10.97
CA ALA H 638 -44.46 -22.31 9.95
C ALA H 638 -44.60 -20.92 10.54
N GLY H 639 -44.54 -19.89 9.71
CA GLY H 639 -44.78 -18.50 10.16
C GLY H 639 -43.60 -17.54 9.99
N ALA H 640 -43.90 -16.32 9.52
CA ALA H 640 -42.91 -15.26 9.30
C ALA H 640 -42.19 -14.82 10.58
N LYS H 641 -42.91 -14.82 11.69
CA LYS H 641 -42.44 -14.43 13.00
C LYS H 641 -43.03 -15.43 14.00
N PRO H 642 -42.46 -15.65 15.20
CA PRO H 642 -42.96 -16.56 16.23
C PRO H 642 -44.46 -16.38 16.51
N GLU H 643 -44.94 -15.14 16.44
CA GLU H 643 -46.34 -14.79 16.65
C GLU H 643 -47.33 -15.54 15.75
N HIS H 644 -46.84 -16.07 14.63
CA HIS H 644 -47.64 -16.78 13.66
C HIS H 644 -47.39 -18.28 13.71
N ALA H 645 -46.45 -18.71 14.54
CA ALA H 645 -46.02 -20.09 14.62
C ALA H 645 -46.69 -20.82 15.79
N PHE H 646 -46.85 -20.13 16.92
CA PHE H 646 -47.41 -20.78 18.09
C PHE H 646 -48.02 -19.84 19.11
N TYR H 647 -48.77 -20.42 20.05
CA TYR H 647 -49.23 -19.68 21.22
C TYR H 647 -49.19 -20.56 22.46
N VAL H 648 -49.06 -19.92 23.62
CA VAL H 648 -49.12 -20.57 24.93
C VAL H 648 -50.04 -19.76 25.87
N LYS H 649 -51.01 -20.39 26.51
CA LYS H 649 -51.93 -19.70 27.43
C LYS H 649 -52.08 -20.40 28.79
N VAL H 650 -52.09 -19.61 29.85
CA VAL H 650 -52.32 -20.11 31.19
C VAL H 650 -52.86 -19.02 32.09
N GLY H 651 -53.84 -19.33 32.92
CA GLY H 651 -54.31 -18.36 33.88
C GLY H 651 -55.70 -18.63 34.44
N LEU H 652 -55.98 -17.97 35.55
CA LEU H 652 -57.28 -18.15 36.18
C LEU H 652 -58.26 -17.37 35.35
N GLY H 653 -59.32 -18.02 34.92
CA GLY H 653 -60.31 -17.40 34.05
C GLY H 653 -60.02 -17.66 32.57
N GLN H 654 -58.84 -18.20 32.25
CA GLN H 654 -58.49 -18.50 30.87
C GLN H 654 -58.44 -19.99 30.67
N THR H 655 -57.68 -20.68 31.52
CA THR H 655 -57.53 -22.11 31.41
C THR H 655 -57.96 -22.85 32.68
N MET H 656 -58.02 -22.12 33.80
CA MET H 656 -58.32 -22.70 35.11
C MET H 656 -59.50 -22.03 35.80
N THR H 657 -60.17 -22.80 36.64
CA THR H 657 -61.21 -22.22 37.49
C THR H 657 -60.90 -22.36 38.97
N ALA H 658 -61.79 -21.84 39.81
CA ALA H 658 -61.55 -21.88 41.26
C ALA H 658 -61.39 -23.29 41.80
N GLN H 659 -62.15 -24.20 41.22
CA GLN H 659 -62.14 -25.61 41.58
C GLN H 659 -60.79 -26.26 41.29
N ASP H 660 -60.07 -25.77 40.27
CA ASP H 660 -58.80 -26.38 39.90
C ASP H 660 -57.77 -25.89 40.85
N ILE H 661 -57.93 -24.65 41.30
CA ILE H 661 -56.95 -24.15 42.23
C ILE H 661 -57.08 -24.97 43.51
N LEU H 662 -58.32 -25.19 43.97
CA LEU H 662 -58.56 -25.94 45.19
C LEU H 662 -58.04 -27.38 45.13
N GLU H 663 -58.17 -28.04 43.99
CA GLU H 663 -57.70 -29.41 43.84
C GLU H 663 -56.21 -29.53 43.46
N GLY H 664 -55.51 -28.42 43.31
CA GLY H 664 -54.10 -28.47 42.92
C GLY H 664 -53.80 -28.68 41.43
N ASN H 665 -54.73 -28.37 40.53
CA ASN H 665 -54.48 -28.57 39.11
C ASN H 665 -53.91 -27.31 38.45
N MET H 666 -53.14 -27.49 37.38
CA MET H 666 -52.66 -26.38 36.59
C MET H 666 -52.85 -26.73 35.11
N ASN H 667 -53.53 -25.84 34.38
CA ASN H 667 -53.86 -26.08 32.97
C ASN H 667 -53.14 -25.18 31.97
N VAL H 668 -52.35 -25.75 31.08
CA VAL H 668 -51.64 -24.95 30.09
C VAL H 668 -52.06 -25.35 28.68
N GLU H 669 -52.46 -24.37 27.86
CA GLU H 669 -52.87 -24.66 26.48
C GLU H 669 -51.82 -24.18 25.47
N ILE H 670 -51.47 -25.07 24.53
CA ILE H 670 -50.45 -24.79 23.51
C ILE H 670 -50.94 -25.10 22.09
N GLY H 671 -50.66 -24.21 21.13
CA GLY H 671 -51.01 -24.49 19.73
C GLY H 671 -49.80 -24.31 18.82
N LEU H 672 -49.69 -25.15 17.75
CA LEU H 672 -48.55 -25.11 16.82
C LEU H 672 -48.91 -25.11 15.32
N ALA H 673 -48.21 -24.29 14.52
CA ALA H 673 -48.36 -24.30 13.05
C ALA H 673 -47.32 -25.21 12.38
N VAL H 674 -47.78 -26.34 11.83
CA VAL H 674 -46.88 -27.36 11.26
C VAL H 674 -47.06 -27.52 9.74
N VAL H 675 -45.93 -27.54 9.05
CA VAL H 675 -45.79 -27.67 7.59
C VAL H 675 -45.96 -29.10 7.04
N ARG H 676 -46.78 -29.25 5.99
CA ARG H 676 -47.03 -30.54 5.35
C ARG H 676 -46.44 -30.59 3.93
N PRO H 677 -45.94 -31.76 3.47
CA PRO H 677 -45.30 -32.01 2.17
C PRO H 677 -46.22 -32.07 0.97
N ALA H 678 -45.66 -31.78 -0.22
CA ALA H 678 -46.35 -32.01 -1.48
C ALA H 678 -46.05 -33.41 -1.99
N GLU H 679 -47.03 -34.07 -2.62
CA GLU H 679 -46.78 -35.40 -3.19
C GLU H 679 -46.78 -35.48 -4.72
N PHE H 680 -47.41 -34.53 -5.42
CA PHE H 680 -47.56 -34.74 -6.84
C PHE H 680 -47.01 -33.59 -7.67
N ILE H 681 -46.29 -33.93 -8.73
CA ILE H 681 -45.75 -32.96 -9.67
C ILE H 681 -46.25 -33.27 -11.06
N ILE H 682 -46.87 -32.31 -11.70
CA ILE H 682 -47.43 -32.51 -13.02
C ILE H 682 -46.74 -31.66 -14.07
N LEU H 683 -46.22 -32.30 -15.10
CA LEU H 683 -45.55 -31.58 -16.16
C LEU H 683 -46.46 -31.54 -17.38
N LYS H 684 -46.40 -30.45 -18.13
CA LYS H 684 -47.20 -30.32 -19.33
C LYS H 684 -46.31 -29.87 -20.46
N PHE H 685 -46.52 -30.44 -21.64
CA PHE H 685 -45.69 -30.12 -22.80
C PHE H 685 -46.52 -29.66 -23.97
N SER H 686 -45.91 -28.83 -24.81
CA SER H 686 -46.55 -28.30 -26.00
C SER H 686 -45.52 -27.87 -27.02
N HIS H 687 -46.00 -27.56 -28.23
CA HIS H 687 -45.15 -27.05 -29.29
C HIS H 687 -45.16 -25.54 -29.29
N LYS H 688 -44.00 -24.96 -29.01
CA LYS H 688 -43.87 -23.52 -28.93
C LYS H 688 -44.27 -22.84 -30.23
N MET H 689 -45.10 -21.82 -30.13
CA MET H 689 -45.53 -21.06 -31.28
C MET H 689 -45.74 -19.60 -30.95
N GLN H 690 -45.72 -18.76 -31.97
CA GLN H 690 -45.99 -17.34 -31.80
C GLN H 690 -47.30 -17.10 -31.08
N THR I 3 51.19 -27.02 35.48
CA THR I 3 51.90 -25.76 35.69
C THR I 3 52.61 -25.29 34.44
N TYR I 4 52.28 -24.08 34.02
CA TYR I 4 52.91 -23.48 32.87
C TYR I 4 53.49 -22.17 33.33
N LYS I 5 54.59 -21.75 32.73
CA LYS I 5 55.22 -20.50 33.13
C LYS I 5 55.22 -19.41 32.07
N THR I 6 55.14 -19.77 30.81
CA THR I 6 55.21 -18.79 29.75
C THR I 6 53.81 -18.62 29.15
N PRO I 7 53.26 -17.40 29.01
CA PRO I 7 51.98 -17.14 28.39
C PRO I 7 51.99 -17.68 26.97
N GLY I 8 50.91 -18.24 26.50
CA GLY I 8 50.92 -18.76 25.14
C GLY I 8 50.09 -20.01 24.95
N VAL I 9 50.26 -20.61 23.78
CA VAL I 9 49.51 -21.80 23.39
C VAL I 9 50.40 -23.04 23.44
N TYR I 10 49.94 -24.05 24.15
CA TYR I 10 50.66 -25.30 24.31
C TYR I 10 50.00 -26.40 23.50
N ILE I 11 50.80 -27.33 22.97
CA ILE I 11 50.27 -28.44 22.18
C ILE I 11 50.61 -29.81 22.74
N GLU I 12 49.58 -30.64 22.88
CA GLU I 12 49.70 -32.01 23.37
C GLU I 12 48.99 -32.99 22.44
N GLU I 13 49.42 -34.25 22.44
CA GLU I 13 48.78 -35.29 21.64
C GLU I 13 48.33 -36.46 22.50
N ILE I 14 47.02 -36.70 22.54
CA ILE I 14 46.42 -37.73 23.38
C ILE I 14 45.42 -38.59 22.63
N THR I 15 45.05 -39.73 23.22
CA THR I 15 43.98 -40.59 22.70
C THR I 15 42.90 -40.83 23.77
N LYS I 16 41.64 -40.56 23.43
CA LYS I 16 40.53 -40.78 24.38
C LYS I 16 39.16 -40.65 23.71
N PHE I 17 38.13 -41.09 24.41
CA PHE I 17 36.76 -40.82 23.98
C PHE I 17 36.44 -39.39 24.41
N PRO I 18 35.62 -38.64 23.67
CA PRO I 18 35.17 -37.31 24.01
C PRO I 18 34.28 -37.38 25.28
N PRO I 19 34.27 -36.33 26.10
CA PRO I 19 33.47 -36.16 27.33
C PRO I 19 31.99 -35.91 27.09
N SER I 20 31.18 -36.12 28.13
CA SER I 20 29.75 -35.82 28.11
C SER I 20 29.20 -35.49 29.50
N VAL I 21 28.35 -34.47 29.57
CA VAL I 21 27.70 -33.99 30.79
C VAL I 21 26.21 -33.74 30.58
N ALA I 22 25.45 -33.62 31.68
CA ALA I 22 24.02 -33.32 31.60
C ALA I 22 23.52 -32.65 32.87
N GLN I 23 22.41 -31.94 32.75
CA GLN I 23 21.73 -31.29 33.88
C GLN I 23 20.50 -32.09 34.25
N VAL I 24 20.53 -32.69 35.44
CA VAL I 24 19.45 -33.56 35.91
C VAL I 24 18.97 -33.17 37.29
N GLU I 25 17.66 -33.00 37.45
CA GLU I 25 17.09 -32.65 38.74
C GLU I 25 16.38 -33.78 39.50
N THR I 26 15.76 -34.73 38.80
CA THR I 26 14.92 -35.74 39.44
C THR I 26 15.45 -37.17 39.47
N ALA I 27 16.66 -37.39 39.03
CA ALA I 27 17.18 -38.75 38.95
C ALA I 27 18.62 -38.84 39.42
N ILE I 28 18.85 -38.54 40.70
CA ILE I 28 20.22 -38.56 41.26
C ILE I 28 20.54 -39.90 41.96
N PRO I 29 21.41 -40.76 41.42
CA PRO I 29 21.82 -42.02 41.98
C PRO I 29 22.92 -41.90 43.00
N ALA I 30 23.03 -42.91 43.86
CA ALA I 30 24.23 -43.12 44.64
C ALA I 30 24.89 -44.42 44.19
N PHE I 31 26.22 -44.41 44.12
CA PHE I 31 26.99 -45.59 43.73
C PHE I 31 27.93 -46.03 44.87
N ILE I 32 27.73 -47.26 45.35
CA ILE I 32 28.53 -47.77 46.47
C ILE I 32 29.55 -48.86 46.04
N GLY I 33 30.86 -48.61 46.23
CA GLY I 33 31.90 -49.59 45.79
C GLY I 33 33.37 -49.21 46.02
N TYR I 34 34.30 -49.93 45.33
CA TYR I 34 35.76 -49.72 45.55
C TYR I 34 36.41 -48.75 44.55
N THR I 35 37.44 -48.01 45.01
CA THR I 35 38.19 -47.06 44.15
C THR I 35 39.72 -47.28 44.20
N GLN I 36 40.51 -46.49 43.44
CA GLN I 36 41.97 -46.64 43.58
C GLN I 36 42.45 -46.01 44.85
N PHE I 37 41.85 -44.88 45.16
CA PHE I 37 42.15 -44.07 46.31
C PHE I 37 40.96 -43.22 46.68
N ALA I 38 41.01 -42.55 47.82
CA ALA I 38 39.91 -41.66 48.15
C ALA I 38 40.42 -40.47 48.95
N ARG I 39 40.58 -39.33 48.30
CA ARG I 39 41.19 -38.16 48.96
C ARG I 39 40.46 -36.86 48.73
N THR I 40 40.66 -35.89 49.62
CA THR I 40 40.07 -34.56 49.42
C THR I 40 41.02 -33.56 48.77
N LYS I 41 42.31 -33.83 48.85
CA LYS I 41 43.32 -32.96 48.27
C LYS I 41 44.29 -33.85 47.51
N PRO I 42 44.91 -33.38 46.42
CA PRO I 42 45.89 -34.08 45.62
C PRO I 42 47.18 -34.45 46.35
N SER I 43 47.44 -33.82 47.48
CA SER I 43 48.67 -34.06 48.23
C SER I 43 48.38 -34.31 49.69
N VAL I 44 48.05 -35.55 49.99
CA VAL I 44 47.71 -36.02 51.32
C VAL I 44 48.50 -37.28 51.61
N ASP I 45 48.59 -37.68 52.86
CA ASP I 45 49.26 -38.90 53.22
C ASP I 45 48.34 -40.11 53.44
N SER I 46 47.06 -39.97 53.11
CA SER I 46 46.12 -41.07 53.31
C SER I 46 44.84 -40.92 52.51
N ASP I 47 43.94 -41.86 52.75
CA ASP I 47 42.62 -41.86 52.16
C ASP I 47 41.67 -41.18 53.13
N ASP I 48 41.10 -40.05 52.70
CA ASP I 48 40.28 -39.21 53.55
C ASP I 48 38.80 -39.54 53.44
N LEU I 49 38.41 -40.01 52.26
CA LEU I 49 37.02 -40.20 51.91
C LEU I 49 36.52 -41.64 51.88
N ILE I 50 37.15 -42.56 52.62
CA ILE I 50 36.71 -43.96 52.47
C ILE I 50 35.24 -44.18 52.77
N LEU I 51 34.69 -43.60 53.82
CA LEU I 51 33.26 -43.77 54.07
C LEU I 51 32.53 -42.44 54.09
N LYS I 52 32.95 -41.50 53.24
CA LYS I 52 32.30 -40.21 53.24
C LYS I 52 31.63 -39.96 51.89
N PRO I 53 30.30 -39.77 51.81
CA PRO I 53 29.62 -39.48 50.58
C PRO I 53 30.14 -38.20 49.97
N LYS I 54 30.28 -38.18 48.67
CA LYS I 54 30.69 -36.96 48.00
C LYS I 54 29.87 -36.77 46.73
N ARG I 55 29.55 -35.52 46.41
CA ARG I 55 28.84 -35.24 45.18
C ARG I 55 29.81 -34.89 44.04
N ILE I 56 29.61 -35.58 42.93
CA ILE I 56 30.38 -35.51 41.68
C ILE I 56 29.56 -34.98 40.51
N SER I 57 30.08 -33.98 39.76
CA SER I 57 29.31 -33.45 38.64
C SER I 57 29.60 -34.12 37.29
N SER I 58 30.75 -34.73 37.15
CA SER I 58 31.17 -35.34 35.89
C SER I 58 32.26 -36.37 36.12
N LEU I 59 32.61 -37.12 35.09
CA LEU I 59 33.66 -38.12 35.22
C LEU I 59 35.02 -37.52 35.62
N LEU I 60 35.32 -36.27 35.21
CA LEU I 60 36.58 -35.64 35.59
C LEU I 60 36.69 -35.43 37.09
N ASP I 61 35.56 -35.09 37.73
CA ASP I 61 35.55 -34.88 39.17
C ASP I 61 35.77 -36.20 39.83
N PHE I 62 35.16 -37.26 39.29
CA PHE I 62 35.37 -38.57 39.88
C PHE I 62 36.85 -38.91 39.88
N THR I 63 37.47 -38.80 38.71
CA THR I 63 38.87 -39.19 38.56
C THR I 63 39.76 -38.42 39.53
N THR I 64 39.52 -37.13 39.65
CA THR I 64 40.26 -36.25 40.55
C THR I 64 40.38 -36.77 41.99
N TYR I 65 39.33 -37.38 42.54
CA TYR I 65 39.38 -37.80 43.94
C TYR I 65 39.47 -39.30 44.14
N TYR I 66 39.08 -40.08 43.12
CA TYR I 66 39.03 -41.53 43.24
C TYR I 66 39.93 -42.39 42.32
N GLY I 67 40.50 -41.78 41.26
CA GLY I 67 41.32 -42.53 40.31
C GLY I 67 40.54 -43.30 39.23
N GLY I 68 41.24 -44.15 38.49
CA GLY I 68 40.71 -44.93 37.36
C GLY I 68 40.49 -46.43 37.65
N ALA I 69 40.67 -47.26 36.62
CA ALA I 69 40.47 -48.70 36.69
C ALA I 69 41.76 -49.41 37.12
N GLN I 70 41.63 -50.67 37.55
CA GLN I 70 42.78 -51.52 37.88
C GLN I 70 43.29 -52.19 36.61
N ASN I 71 44.61 -52.30 36.44
CA ASN I 71 45.17 -52.99 35.28
C ASN I 71 44.82 -54.48 35.30
N GLU I 72 44.50 -55.04 34.14
CA GLU I 72 44.25 -56.47 34.05
C GLU I 72 45.58 -57.22 34.08
N GLN I 73 45.59 -58.40 34.71
CA GLN I 73 46.80 -59.23 34.77
C GLN I 73 46.60 -60.62 34.19
N GLY I 74 45.55 -60.79 33.39
CA GLY I 74 45.21 -62.09 32.79
C GLY I 74 45.40 -62.21 31.27
N ILE I 75 46.12 -61.27 30.67
CA ILE I 75 46.32 -61.26 29.21
C ILE I 75 47.57 -62.04 28.83
N THR I 76 47.43 -62.98 27.90
CA THR I 76 48.56 -63.78 27.41
C THR I 76 48.58 -63.70 25.89
N VAL I 77 49.70 -64.04 25.26
CA VAL I 77 49.79 -64.02 23.80
C VAL I 77 50.42 -65.30 23.22
N LYS I 78 49.83 -65.85 22.15
CA LYS I 78 50.42 -67.02 21.48
C LYS I 78 50.66 -66.78 19.98
N LEU I 79 51.91 -66.93 19.54
CA LEU I 79 52.32 -66.72 18.15
C LEU I 79 52.82 -68.02 17.51
N THR I 80 52.27 -68.41 16.36
CA THR I 80 52.74 -69.63 15.69
C THR I 80 53.20 -69.44 14.22
N ASP I 81 54.43 -69.91 13.94
CA ASP I 81 55.09 -69.88 12.62
C ASP I 81 55.03 -71.21 11.83
N THR I 82 54.40 -71.18 10.64
CA THR I 82 54.26 -72.38 9.80
C THR I 82 54.62 -72.08 8.33
N LEU I 83 54.71 -73.15 7.52
CA LEU I 83 54.93 -72.95 6.09
C LEU I 83 53.74 -73.33 5.22
N ILE I 84 53.51 -72.53 4.20
CA ILE I 84 52.50 -72.81 3.19
C ILE I 84 53.16 -72.97 1.84
N GLU I 85 53.25 -74.20 1.35
CA GLU I 85 53.92 -74.48 0.08
C GLU I 85 55.32 -73.86 0.02
N GLY I 86 56.03 -73.91 1.15
CA GLY I 86 57.38 -73.37 1.28
C GLY I 86 57.46 -71.90 1.72
N ALA I 87 56.34 -71.18 1.72
CA ALA I 87 56.32 -69.77 2.10
C ALA I 87 56.12 -69.60 3.60
N GLU I 88 56.70 -68.57 4.19
CA GLU I 88 56.47 -68.31 5.60
C GLU I 88 55.08 -67.72 5.82
N ASN I 89 54.47 -68.08 6.95
CA ASN I 89 53.18 -67.55 7.38
C ASN I 89 53.04 -67.60 8.90
N ARG I 90 52.60 -66.50 9.52
CA ARG I 90 52.43 -66.58 10.98
C ARG I 90 51.09 -66.03 11.44
N THR I 91 50.61 -66.64 12.52
CA THR I 91 49.37 -66.23 13.18
C THR I 91 49.60 -65.75 14.61
N ILE I 92 49.02 -64.60 14.93
CA ILE I 92 49.09 -64.06 16.28
C ILE I 92 47.73 -64.11 16.93
N ASN I 93 47.64 -64.84 18.04
CA ASN I 93 46.39 -65.04 18.73
C ASN I 93 46.39 -64.56 20.17
N VAL I 94 45.47 -63.65 20.46
CA VAL I 94 45.32 -63.15 21.82
C VAL I 94 43.94 -63.56 22.33
N PRO I 95 43.81 -64.60 23.17
CA PRO I 95 42.58 -65.14 23.75
C PRO I 95 41.93 -64.15 24.71
N GLU I 96 40.62 -64.28 24.90
CA GLU I 96 39.95 -63.49 25.91
C GLU I 96 40.46 -63.98 27.28
N PRO I 97 40.82 -63.10 28.24
CA PRO I 97 41.27 -63.46 29.57
C PRO I 97 40.22 -64.27 30.31
N THR I 98 40.68 -65.21 31.14
CA THR I 98 39.78 -66.04 31.94
C THR I 98 39.76 -65.54 33.39
N PHE I 99 40.69 -64.66 33.71
CA PHE I 99 40.85 -64.06 35.03
C PHE I 99 40.85 -62.57 34.82
N LYS I 100 39.91 -61.89 35.46
CA LYS I 100 39.73 -60.46 35.29
C LYS I 100 39.65 -59.75 36.62
N SER I 101 40.00 -58.47 36.65
CA SER I 101 39.85 -57.65 37.85
C SER I 101 38.38 -57.61 38.24
N PRO I 102 38.02 -57.71 39.53
CA PRO I 102 36.66 -57.66 40.00
C PRO I 102 36.12 -56.24 40.25
N TYR I 103 36.89 -55.20 39.90
CA TYR I 103 36.46 -53.85 40.24
C TYR I 103 35.89 -53.09 39.03
N LEU I 104 34.58 -52.86 39.05
CA LEU I 104 33.87 -52.25 37.92
C LEU I 104 33.35 -50.80 38.06
N MET I 105 33.59 -50.08 39.17
CA MET I 105 32.98 -48.74 39.28
C MET I 105 33.39 -47.77 38.19
N PHE I 106 34.66 -47.77 37.79
CA PHE I 106 35.09 -46.83 36.78
C PHE I 106 34.32 -47.02 35.47
N TYR I 107 34.24 -48.28 35.01
CA TYR I 107 33.55 -48.60 33.76
C TYR I 107 32.07 -48.27 33.86
N SER I 108 31.49 -48.53 35.03
CA SER I 108 30.10 -48.28 35.28
C SER I 108 29.78 -46.80 35.10
N LEU I 109 30.61 -45.91 35.68
CA LEU I 109 30.42 -44.48 35.53
C LEU I 109 30.58 -44.01 34.10
N GLN I 110 31.51 -44.58 33.34
CA GLN I 110 31.62 -44.17 31.95
C GLN I 110 30.31 -44.43 31.20
N MET I 111 29.67 -45.59 31.47
CA MET I 111 28.40 -45.90 30.81
C MET I 111 27.28 -44.96 31.27
N TYR I 112 27.26 -44.63 32.56
CA TYR I 112 26.28 -43.74 33.14
C TYR I 112 26.29 -42.37 32.46
N PHE I 113 27.48 -41.78 32.31
CA PHE I 113 27.55 -40.47 31.69
C PHE I 113 27.27 -40.56 30.17
N ALA I 114 27.69 -41.66 29.51
CA ALA I 114 27.45 -41.88 28.08
C ALA I 114 25.96 -41.89 27.74
N ASN I 115 25.14 -42.38 28.68
CA ASN I 115 23.71 -42.47 28.53
C ASN I 115 22.92 -41.26 29.06
N GLY I 116 23.61 -40.15 29.38
CA GLY I 116 22.90 -38.94 29.78
C GLY I 116 22.77 -38.63 31.26
N GLY I 117 23.47 -39.35 32.13
CA GLY I 117 23.37 -39.06 33.53
C GLY I 117 23.95 -37.70 33.96
N GLY I 118 23.38 -37.15 35.03
CA GLY I 118 23.81 -35.89 35.61
C GLY I 118 24.63 -36.15 36.87
N PRO I 119 24.66 -35.22 37.84
CA PRO I 119 25.39 -35.29 39.09
C PRO I 119 24.98 -36.49 39.90
N CYS I 120 25.92 -37.04 40.67
CA CYS I 120 25.64 -38.23 41.48
C CYS I 120 26.47 -38.31 42.76
N TYR I 121 26.10 -39.24 43.64
CA TYR I 121 26.87 -39.46 44.86
C TYR I 121 27.74 -40.69 44.82
N ILE I 122 28.96 -40.52 45.29
CA ILE I 122 29.91 -41.61 45.38
C ILE I 122 30.22 -41.95 46.82
N VAL I 123 30.10 -43.22 47.16
CA VAL I 123 30.48 -43.70 48.48
C VAL I 123 31.51 -44.79 48.27
N SER I 124 32.68 -44.57 48.81
CA SER I 124 33.72 -45.55 48.70
C SER I 124 33.48 -46.58 49.78
N THR I 125 33.99 -47.77 49.59
CA THR I 125 33.91 -48.79 50.62
C THR I 125 35.29 -49.28 51.00
N GLY I 126 36.29 -48.79 50.27
CA GLY I 126 37.66 -49.20 50.41
C GLY I 126 38.37 -48.96 49.11
N VAL I 127 39.61 -49.43 49.01
CA VAL I 127 40.39 -49.24 47.80
C VAL I 127 40.81 -50.58 47.22
N TYR I 128 41.22 -50.57 45.97
CA TYR I 128 41.57 -51.80 45.25
C TYR I 128 42.68 -52.59 45.91
N ASP I 129 42.49 -53.91 46.05
CA ASP I 129 43.56 -54.73 46.60
C ASP I 129 44.44 -55.25 45.47
N ASP I 130 45.48 -56.01 45.79
CA ASP I 130 46.34 -56.53 44.73
C ASP I 130 46.03 -57.98 44.36
N TRP I 131 46.77 -58.50 43.38
CA TRP I 131 46.63 -59.88 42.93
C TRP I 131 47.60 -60.78 43.67
N SER I 132 47.22 -62.05 43.86
CA SER I 132 48.14 -62.96 44.53
C SER I 132 49.02 -63.65 43.50
N ASP I 133 48.43 -63.87 42.33
CA ASP I 133 49.10 -64.50 41.20
C ASP I 133 48.36 -64.12 39.93
N SER I 134 48.84 -64.53 38.76
CA SER I 134 48.15 -64.20 37.50
C SER I 134 46.80 -64.89 37.36
N GLU I 135 46.63 -65.97 38.12
CA GLU I 135 45.41 -66.74 38.14
C GLU I 135 44.64 -66.55 39.44
N THR I 136 45.10 -65.64 40.29
CA THR I 136 44.41 -65.41 41.55
C THR I 136 44.14 -63.91 41.79
N PRO I 137 42.94 -63.42 41.44
CA PRO I 137 42.48 -62.04 41.53
C PRO I 137 42.06 -61.69 42.97
N PRO I 138 41.88 -60.39 43.28
CA PRO I 138 41.32 -59.82 44.48
C PRO I 138 39.88 -60.28 44.69
N THR I 139 39.38 -60.14 45.91
CA THR I 139 38.00 -60.48 46.20
C THR I 139 37.21 -59.28 46.70
N ILE I 140 35.88 -59.40 46.69
CA ILE I 140 34.96 -58.38 47.16
C ILE I 140 34.42 -58.76 48.52
N ASN I 141 34.57 -57.87 49.49
CA ASN I 141 34.14 -58.16 50.86
C ASN I 141 32.75 -57.67 51.16
N PHE I 142 31.84 -58.59 51.34
CA PHE I 142 30.44 -58.27 51.59
C PHE I 142 30.26 -57.21 52.68
N SER I 143 31.01 -57.31 53.78
CA SER I 143 30.86 -56.40 54.92
C SER I 143 31.15 -54.94 54.56
N ASP I 144 31.91 -54.71 53.49
CA ASP I 144 32.27 -53.38 53.09
C ASP I 144 31.09 -52.73 52.36
N LEU I 145 30.26 -53.55 51.70
CA LEU I 145 29.16 -52.98 50.94
C LEU I 145 28.05 -52.66 51.94
N GLU I 146 27.89 -53.49 52.98
CA GLU I 146 26.88 -53.20 54.00
C GLU I 146 27.21 -51.90 54.72
N SER I 147 28.50 -51.66 54.97
CA SER I 147 28.91 -50.44 55.61
C SER I 147 28.53 -49.25 54.75
N GLY I 148 28.83 -49.31 53.44
CA GLY I 148 28.49 -48.20 52.55
C GLY I 148 26.98 -47.93 52.51
N LEU I 149 26.15 -48.98 52.56
CA LEU I 149 24.70 -48.81 52.56
C LEU I 149 24.24 -48.09 53.84
N ALA I 150 24.82 -48.49 54.99
CA ALA I 150 24.50 -47.86 56.27
C ALA I 150 24.83 -46.36 56.26
N VAL I 151 25.90 -45.99 55.55
CA VAL I 151 26.32 -44.61 55.41
C VAL I 151 25.35 -43.79 54.54
N ILE I 152 24.99 -44.31 53.35
CA ILE I 152 24.13 -43.54 52.44
C ILE I 152 22.76 -43.32 53.07
N ARG I 153 22.34 -44.20 53.98
CA ARG I 153 21.07 -44.05 54.65
C ARG I 153 20.90 -42.69 55.32
N LYS I 154 21.98 -42.01 55.69
CA LYS I 154 21.85 -40.72 56.36
C LYS I 154 21.79 -39.52 55.41
N GLU I 155 21.89 -39.74 54.10
CA GLU I 155 21.83 -38.64 53.12
C GLU I 155 20.40 -38.46 52.61
N ASP I 156 19.98 -37.22 52.37
CA ASP I 156 18.64 -36.96 51.85
C ASP I 156 18.49 -36.86 50.34
N GLU I 157 19.49 -36.39 49.64
CA GLU I 157 19.38 -36.15 48.20
C GLU I 157 19.21 -37.34 47.23
N PRO I 158 19.89 -38.49 47.38
CA PRO I 158 19.82 -39.62 46.45
C PRO I 158 18.40 -40.19 46.27
N THR I 159 18.08 -40.60 45.04
CA THR I 159 16.78 -41.21 44.74
C THR I 159 16.93 -42.66 44.26
N LEU I 160 18.11 -43.00 43.71
CA LEU I 160 18.35 -44.37 43.20
C LEU I 160 19.55 -45.02 43.90
N LEU I 161 19.44 -46.32 44.18
CA LEU I 161 20.56 -47.04 44.80
C LEU I 161 21.20 -48.10 43.89
N LEU I 162 22.51 -47.96 43.62
CA LEU I 162 23.23 -48.92 42.78
C LEU I 162 24.52 -49.49 43.42
N PHE I 163 24.82 -50.77 43.12
CA PHE I 163 26.06 -51.43 43.57
C PHE I 163 26.88 -52.02 42.42
N PRO I 164 27.83 -51.28 41.82
CA PRO I 164 28.65 -51.68 40.69
C PRO I 164 29.47 -52.97 40.86
N ASP I 165 29.79 -53.39 42.09
CA ASP I 165 30.60 -54.59 42.25
C ASP I 165 29.85 -55.66 43.06
N ALA I 166 28.53 -55.77 42.91
CA ALA I 166 27.78 -56.79 43.66
C ALA I 166 27.83 -58.18 43.00
N THR I 167 27.95 -58.24 41.68
CA THR I 167 27.89 -59.52 40.98
C THR I 167 29.18 -60.30 41.17
N ASN I 168 30.19 -59.66 41.74
CA ASN I 168 31.47 -60.31 42.00
C ASN I 168 31.59 -60.82 43.43
N LEU I 169 30.52 -60.75 44.23
CA LEU I 169 30.53 -61.31 45.56
C LEU I 169 30.71 -62.83 45.44
N PRO I 170 31.49 -63.48 46.34
CA PRO I 170 31.75 -64.92 46.37
C PRO I 170 30.54 -65.85 46.27
N THR I 171 29.39 -65.46 46.81
CA THR I 171 28.22 -66.33 46.73
C THR I 171 26.99 -65.57 46.28
N ASP I 172 25.98 -66.31 45.85
CA ASP I 172 24.73 -65.74 45.43
C ASP I 172 23.94 -65.34 46.67
N ASP I 173 24.14 -66.10 47.73
CA ASP I 173 23.45 -65.78 48.98
C ASP I 173 23.82 -64.37 49.46
N GLU I 174 25.10 -64.00 49.39
CA GLU I 174 25.49 -62.64 49.78
C GLU I 174 24.88 -61.60 48.86
N PHE I 175 24.84 -61.90 47.57
CA PHE I 175 24.25 -61.00 46.59
C PHE I 175 22.78 -60.72 46.93
N TYR I 176 21.99 -61.76 47.16
CA TYR I 176 20.57 -61.59 47.45
C TYR I 176 20.36 -60.85 48.76
N SER I 177 21.19 -61.14 49.76
CA SER I 177 21.08 -60.48 51.05
C SER I 177 21.27 -58.98 50.91
N LEU I 178 22.26 -58.56 50.12
CA LEU I 178 22.52 -57.14 49.91
C LEU I 178 21.29 -56.44 49.29
N TYR I 179 20.65 -57.08 48.30
CA TYR I 179 19.49 -56.46 47.67
C TYR I 179 18.26 -56.45 48.57
N ASN I 180 18.08 -57.47 49.40
CA ASN I 180 16.94 -57.43 50.31
C ASN I 180 17.09 -56.23 51.26
N SER I 181 18.32 -55.95 51.72
CA SER I 181 18.55 -54.81 52.59
C SER I 181 18.24 -53.49 51.89
N ALA I 182 18.64 -53.36 50.62
CA ALA I 182 18.36 -52.14 49.88
C ALA I 182 16.85 -51.89 49.73
N LEU I 183 16.07 -52.95 49.46
CA LEU I 183 14.61 -52.78 49.35
C LEU I 183 14.00 -52.39 50.68
N MET I 184 14.50 -52.94 51.79
CA MET I 184 13.99 -52.58 53.10
C MET I 184 14.29 -51.11 53.42
N GLN I 185 15.46 -50.60 53.01
CA GLN I 185 15.78 -49.20 53.24
C GLN I 185 14.76 -48.31 52.51
N CYS I 186 14.42 -48.67 51.27
CA CYS I 186 13.45 -47.87 50.51
C CYS I 186 12.09 -47.87 51.19
N ASN I 187 11.65 -49.00 51.71
CA ASN I 187 10.38 -49.02 52.42
C ASN I 187 10.41 -48.11 53.64
N ASP I 188 11.49 -48.15 54.43
CA ASP I 188 11.53 -47.29 55.61
C ASP I 188 11.58 -45.79 55.31
N LEU I 189 12.32 -45.38 54.27
CA LEU I 189 12.45 -43.96 53.97
C LEU I 189 11.32 -43.39 53.08
N GLN I 190 10.70 -44.24 52.24
CA GLN I 190 9.61 -43.88 51.31
C GLN I 190 9.96 -42.88 50.21
N ASP I 191 11.22 -42.78 49.82
CA ASP I 191 11.66 -41.87 48.78
C ASP I 191 12.71 -42.42 47.80
N ARG I 192 12.90 -43.75 47.75
CA ARG I 192 13.93 -44.34 46.90
C ARG I 192 13.43 -45.52 46.09
N PHE I 193 14.17 -45.82 45.03
CA PHE I 193 13.87 -46.94 44.15
C PHE I 193 15.17 -47.68 43.82
N THR I 194 15.13 -49.01 43.71
CA THR I 194 16.34 -49.74 43.38
C THR I 194 16.29 -50.40 42.01
N ILE I 195 17.46 -50.52 41.38
CA ILE I 195 17.62 -51.21 40.10
C ILE I 195 18.40 -52.50 40.31
N LEU I 196 17.82 -53.64 39.93
CA LEU I 196 18.43 -54.94 40.17
C LEU I 196 18.89 -55.70 38.93
N ASP I 197 19.97 -56.44 39.13
CA ASP I 197 20.60 -57.34 38.16
C ASP I 197 20.46 -58.78 38.60
N THR I 198 20.61 -59.72 37.69
CA THR I 198 20.73 -61.10 38.11
C THR I 198 22.17 -61.28 38.56
N TYR I 199 22.46 -62.40 39.22
CA TYR I 199 23.82 -62.73 39.68
C TYR I 199 24.75 -62.96 38.49
N SER I 200 24.21 -63.60 37.45
CA SER I 200 24.90 -63.97 36.23
C SER I 200 23.92 -63.98 35.07
N ASP I 201 24.40 -63.81 33.83
CA ASP I 201 23.50 -63.94 32.70
C ASP I 201 23.44 -65.37 32.12
N GLN I 202 24.23 -66.27 32.73
CA GLN I 202 24.38 -67.68 32.36
C GLN I 202 24.16 -68.62 33.55
N THR I 203 23.88 -69.89 33.28
CA THR I 203 23.69 -70.87 34.35
C THR I 203 24.84 -70.82 35.34
N TYR I 204 24.50 -70.73 36.62
CA TYR I 204 25.62 -70.66 37.57
C TYR I 204 25.61 -71.91 38.43
N ASN I 205 26.79 -72.16 38.95
CA ASN I 205 27.09 -73.34 39.76
C ASN I 205 27.05 -73.00 41.25
N ASP I 206 26.05 -73.52 41.97
CA ASP I 206 25.82 -73.23 43.40
C ASP I 206 26.87 -73.88 44.28
N GLY I 207 27.63 -74.80 43.70
CA GLY I 207 28.61 -75.64 44.39
C GLY I 207 27.99 -77.02 44.60
N VAL I 208 26.68 -77.09 44.45
CA VAL I 208 25.92 -78.32 44.60
C VAL I 208 24.92 -78.59 43.46
N GLU I 209 24.61 -77.57 42.65
CA GLU I 209 23.58 -77.65 41.62
C GLU I 209 23.77 -76.59 40.52
N ASP I 210 23.21 -76.84 39.33
CA ASP I 210 23.29 -75.83 38.26
C ASP I 210 22.00 -75.01 38.36
N LEU I 211 22.09 -73.68 38.44
CA LEU I 211 20.89 -72.84 38.63
C LEU I 211 20.69 -71.84 37.49
N ASP I 212 19.45 -71.76 36.96
CA ASP I 212 19.01 -70.76 35.98
C ASP I 212 18.79 -69.39 36.65
N PRO I 213 19.47 -68.31 36.20
CA PRO I 213 19.41 -66.94 36.72
C PRO I 213 18.03 -66.32 36.94
N ILE I 214 17.02 -66.65 36.14
CA ILE I 214 15.74 -65.98 36.40
C ILE I 214 15.06 -66.60 37.64
N PRO I 215 14.79 -67.93 37.71
CA PRO I 215 14.33 -68.60 38.91
C PRO I 215 15.20 -68.29 40.13
N ALA I 216 16.51 -68.14 39.91
CA ALA I 216 17.41 -67.83 41.00
C ALA I 216 17.06 -66.55 41.70
N LEU I 217 16.86 -65.49 40.92
CA LEU I 217 16.53 -64.19 41.45
C LEU I 217 15.17 -64.23 42.11
N ARG I 218 14.21 -64.93 41.49
CA ARG I 218 12.88 -65.03 42.05
C ARG I 218 12.85 -65.71 43.43
N ASN I 219 13.64 -66.75 43.62
CA ASN I 219 13.71 -67.40 44.92
C ASN I 219 14.58 -66.60 45.92
N GLY I 220 15.62 -65.95 45.39
CA GLY I 220 16.58 -65.16 46.13
C GLY I 220 15.95 -63.99 46.91
N ILE I 221 15.15 -63.19 46.20
CA ILE I 221 14.49 -62.05 46.84
C ILE I 221 13.13 -62.51 47.34
N ASN I 222 12.96 -62.62 48.66
CA ASN I 222 11.76 -63.16 49.29
C ASN I 222 10.93 -62.19 50.15
N LEU I 223 11.02 -60.91 49.87
CA LEU I 223 10.24 -59.89 50.58
C LEU I 223 8.85 -59.80 50.00
N THR I 224 7.92 -59.27 50.77
CA THR I 224 6.55 -59.09 50.29
C THR I 224 6.29 -57.78 49.53
N LYS I 225 5.03 -57.62 49.14
CA LYS I 225 4.49 -56.53 48.31
C LYS I 225 4.97 -55.13 48.69
N ASP I 226 5.03 -54.85 49.99
CA ASP I 226 5.43 -53.56 50.53
C ASP I 226 6.83 -53.14 50.13
N TYR I 227 7.65 -54.12 49.79
CA TYR I 227 9.03 -53.88 49.44
C TYR I 227 9.24 -54.01 47.95
N LEU I 228 8.56 -54.97 47.35
CA LEU I 228 8.72 -55.28 45.94
C LEU I 228 8.31 -54.10 45.06
N LYS I 229 7.33 -53.34 45.51
CA LYS I 229 6.87 -52.16 44.78
C LYS I 229 7.98 -51.09 44.62
N TYR I 230 9.08 -51.18 45.38
CA TYR I 230 10.16 -50.20 45.31
C TYR I 230 11.34 -50.57 44.42
N GLY I 231 11.20 -51.57 43.56
CA GLY I 231 12.30 -51.84 42.66
C GLY I 231 11.90 -52.61 41.42
N ALA I 232 12.86 -52.75 40.51
CA ALA I 232 12.70 -53.44 39.23
C ALA I 232 13.99 -54.10 38.82
N ALA I 233 13.90 -55.15 38.00
CA ALA I 233 15.06 -55.89 37.53
C ALA I 233 15.13 -55.97 36.02
N TYR I 234 16.36 -56.04 35.50
CA TYR I 234 16.62 -56.15 34.06
C TYR I 234 17.53 -57.35 33.71
N TYR I 235 17.31 -57.91 32.51
CA TYR I 235 18.08 -59.05 31.99
C TYR I 235 18.14 -59.00 30.46
N PRO I 236 19.23 -59.43 29.82
CA PRO I 236 20.57 -59.88 30.20
C PRO I 236 21.58 -58.77 30.39
N PHE I 237 22.85 -59.16 30.54
CA PHE I 237 24.02 -58.28 30.59
C PHE I 237 24.29 -57.76 29.18
N VAL I 238 25.05 -56.66 29.05
CA VAL I 238 25.33 -56.12 27.71
C VAL I 238 26.81 -55.96 27.38
N GLN I 239 27.10 -56.01 26.07
CA GLN I 239 28.46 -55.80 25.58
C GLN I 239 28.64 -54.37 25.12
N THR I 240 29.60 -53.70 25.77
CA THR I 240 29.99 -52.27 25.55
C THR I 240 31.15 -52.15 24.54
N ILE I 241 31.57 -50.91 24.27
CA ILE I 241 32.63 -50.59 23.32
C ILE I 241 33.87 -50.06 24.02
N LEU I 242 33.92 -50.23 25.32
CA LEU I 242 35.02 -49.79 26.16
C LEU I 242 36.13 -50.84 26.15
N ASN I 243 37.38 -50.39 26.27
CA ASN I 243 38.53 -51.29 26.31
C ASN I 243 38.95 -51.67 27.71
N TYR I 244 39.96 -52.52 27.81
CA TYR I 244 40.52 -52.92 29.08
C TYR I 244 41.76 -52.10 29.35
N GLN I 245 42.08 -51.89 30.61
CA GLN I 245 43.28 -51.18 30.99
C GLN I 245 44.39 -52.21 31.28
N TYR I 246 45.57 -52.03 30.68
CA TYR I 246 46.68 -52.98 30.83
C TYR I 246 48.04 -52.33 30.55
N SER I 247 49.10 -53.12 30.76
CA SER I 247 50.46 -52.72 30.46
C SER I 247 51.24 -53.85 29.82
N ALA I 248 52.01 -53.51 28.77
CA ALA I 248 52.83 -54.44 27.99
C ALA I 248 53.88 -55.16 28.84
N ASP I 249 54.21 -54.57 29.98
CA ASP I 249 55.20 -55.14 30.91
C ASP I 249 54.70 -56.42 31.56
N GLU I 250 53.39 -56.61 31.57
CA GLU I 250 52.79 -57.77 32.22
C GLU I 250 52.42 -58.88 31.24
N ILE I 251 52.71 -58.70 29.96
CA ILE I 251 52.25 -59.66 28.97
C ILE I 251 53.37 -60.50 28.35
N VAL I 252 53.25 -61.83 28.50
CA VAL I 252 54.27 -62.78 28.02
C VAL I 252 53.79 -63.56 26.80
N ILE I 253 54.72 -63.71 25.85
CA ILE I 253 54.49 -64.36 24.57
C ILE I 253 55.02 -65.78 24.42
N GLN I 254 54.13 -66.67 23.98
CA GLN I 254 54.49 -68.04 23.64
C GLN I 254 54.79 -68.03 22.13
N HIS I 255 55.87 -68.67 21.71
CA HIS I 255 56.22 -68.68 20.29
C HIS I 255 56.55 -70.07 19.79
N LEU I 256 55.70 -70.59 18.94
CA LEU I 256 55.89 -71.95 18.42
C LEU I 256 56.28 -71.87 16.96
N SER I 257 57.08 -72.82 16.51
CA SER I 257 57.55 -72.81 15.12
C SER I 257 57.81 -74.17 14.49
N TYR I 258 57.53 -74.24 13.19
CA TYR I 258 57.86 -75.40 12.34
C TYR I 258 59.37 -75.65 12.34
N ASN I 259 60.11 -74.59 12.65
CA ASN I 259 61.57 -74.57 12.72
C ASN I 259 61.94 -73.83 14.01
N PRO I 260 62.09 -74.57 15.14
CA PRO I 260 62.40 -74.09 16.47
C PRO I 260 63.77 -73.43 16.55
N ASN I 261 63.92 -72.43 17.42
CA ASN I 261 65.21 -71.82 17.65
C ASN I 261 65.29 -70.97 18.94
N ALA I 262 64.50 -71.32 19.97
CA ALA I 262 64.57 -70.57 21.23
C ALA I 262 65.88 -70.79 21.98
N ILE I 263 66.39 -72.02 21.98
CA ILE I 263 67.60 -72.34 22.74
C ILE I 263 68.80 -71.80 22.02
N ALA I 264 68.83 -72.01 20.70
CA ALA I 264 69.94 -71.54 19.91
C ALA I 264 70.08 -70.03 20.04
N THR I 265 68.96 -69.31 20.08
CA THR I 265 69.01 -67.86 20.23
C THR I 265 69.63 -67.52 21.57
N ALA I 266 69.18 -68.19 22.65
CA ALA I 266 69.72 -67.88 23.96
C ALA I 266 71.21 -68.13 23.97
N LEU I 267 71.68 -69.21 23.35
CA LEU I 267 73.11 -69.48 23.33
C LEU I 267 73.89 -68.45 22.56
N ASP I 268 73.39 -67.99 21.41
CA ASP I 268 74.14 -66.99 20.67
C ASP I 268 74.37 -65.75 21.50
N ASN I 269 73.36 -65.34 22.28
CA ASN I 269 73.54 -64.17 23.11
C ASN I 269 74.40 -64.46 24.35
N LEU I 270 74.19 -65.61 24.99
CA LEU I 270 74.95 -65.95 26.19
C LEU I 270 76.44 -66.09 25.87
N ASN I 271 76.76 -66.61 24.68
CA ASN I 271 78.13 -66.80 24.26
C ASN I 271 78.78 -65.48 23.87
N ALA I 272 78.00 -64.40 23.76
CA ALA I 272 78.53 -63.11 23.43
C ALA I 272 78.88 -62.40 24.71
N GLY I 450 82.91 -64.46 35.71
CA GLY I 450 83.10 -65.35 34.56
C GLY I 450 82.81 -66.83 34.81
N THR I 451 83.11 -67.33 36.01
CA THR I 451 82.86 -68.72 36.35
C THR I 451 81.37 -69.05 36.25
N ARG I 452 80.52 -68.13 36.69
CA ARG I 452 79.11 -68.40 36.70
C ARG I 452 78.56 -68.34 35.28
N LEU I 453 79.15 -67.48 34.45
CA LEU I 453 78.68 -67.40 33.07
C LEU I 453 78.92 -68.72 32.36
N ASP I 454 80.07 -69.35 32.64
CA ASP I 454 80.35 -70.65 32.03
C ASP I 454 79.32 -71.70 32.46
N ASP I 455 78.94 -71.71 33.75
CA ASP I 455 77.92 -72.67 34.23
C ASP I 455 76.58 -72.47 33.55
N ILE I 456 76.19 -71.22 33.34
CA ILE I 456 74.91 -70.94 32.68
C ILE I 456 74.92 -71.45 31.26
N ILE I 457 75.98 -71.15 30.51
CA ILE I 457 76.02 -71.57 29.13
C ILE I 457 75.97 -73.07 29.00
N ALA I 458 76.74 -73.79 29.82
CA ALA I 458 76.70 -75.24 29.74
C ALA I 458 75.30 -75.77 30.07
N ALA I 459 74.63 -75.21 31.08
CA ALA I 459 73.31 -75.67 31.43
C ALA I 459 72.34 -75.49 30.27
N VAL I 460 72.47 -74.36 29.57
CA VAL I 460 71.61 -74.04 28.44
C VAL I 460 71.90 -74.90 27.24
N SER I 461 73.18 -75.09 26.86
CA SER I 461 73.46 -75.87 25.66
C SER I 461 72.97 -77.29 25.79
N ALA I 462 72.90 -77.78 27.01
CA ALA I 462 72.40 -79.10 27.29
C ALA I 462 70.93 -79.26 26.85
N ALA I 463 70.18 -78.17 26.77
CA ALA I 463 68.77 -78.18 26.39
C ALA I 463 68.51 -78.14 24.90
N GLU I 464 69.54 -77.96 24.07
CA GLU I 464 69.20 -77.83 22.66
C GLU I 464 68.44 -79.06 22.11
N PRO I 465 68.77 -80.32 22.49
CA PRO I 465 68.06 -81.54 22.12
C PRO I 465 66.63 -81.65 22.67
N ILE I 466 66.28 -80.83 23.68
CA ILE I 466 64.96 -80.87 24.32
C ILE I 466 63.94 -80.04 23.59
N ASP I 467 64.33 -78.82 23.30
CA ASP I 467 63.39 -77.91 22.69
C ASP I 467 63.20 -78.18 21.22
N VAL I 468 62.06 -78.77 20.90
CA VAL I 468 61.77 -79.13 19.53
C VAL I 468 60.54 -78.41 19.03
N ASN I 469 60.07 -77.41 19.80
CA ASN I 469 58.85 -76.68 19.41
C ASN I 469 58.93 -75.16 19.43
N ASN I 470 59.82 -74.57 20.24
CA ASN I 470 59.77 -73.13 20.48
C ASN I 470 60.68 -72.29 19.60
N GLY I 471 60.12 -71.18 19.14
CA GLY I 471 60.82 -70.22 18.33
C GLY I 471 61.57 -69.16 19.15
N LYS I 472 62.27 -68.29 18.43
CA LYS I 472 63.08 -67.19 18.95
C LYS I 472 62.49 -66.30 20.05
N LEU I 473 61.20 -65.95 19.96
CA LEU I 473 60.59 -65.00 20.92
C LEU I 473 59.96 -65.65 22.15
N ASN I 474 59.99 -66.97 22.22
CA ASN I 474 59.30 -67.67 23.29
C ASN I 474 59.79 -67.24 24.67
N GLY I 475 58.85 -66.88 25.54
CA GLY I 475 59.16 -66.51 26.92
C GLY I 475 59.38 -65.01 27.18
N ARG I 476 59.45 -64.19 26.14
CA ARG I 476 59.67 -62.76 26.37
C ARG I 476 58.38 -61.95 26.54
N LEU I 477 58.53 -60.80 27.18
CA LEU I 477 57.45 -59.84 27.39
C LEU I 477 57.27 -58.92 26.21
N LEU I 478 56.05 -58.42 25.98
CA LEU I 478 55.90 -57.47 24.89
C LEU I 478 56.81 -56.28 24.94
N SER I 479 56.93 -55.67 26.09
CA SER I 479 57.79 -54.50 26.20
C SER I 479 59.28 -54.77 25.90
N ASP I 480 59.71 -56.04 25.93
CA ASP I 480 61.09 -56.43 25.64
C ASP I 480 61.33 -56.95 24.23
N ILE I 481 60.31 -56.97 23.35
CA ILE I 481 60.56 -57.48 22.01
C ILE I 481 60.40 -56.39 20.97
N GLU I 482 59.94 -55.20 21.35
CA GLU I 482 59.75 -54.18 20.34
C GLU I 482 60.98 -53.94 19.46
N PRO I 483 62.24 -53.79 19.97
CA PRO I 483 63.41 -53.64 19.13
C PRO I 483 63.80 -54.89 18.33
N LEU I 484 63.32 -56.08 18.73
CA LEU I 484 63.66 -57.31 18.02
C LEU I 484 62.83 -57.40 16.76
N ASP I 485 61.55 -57.10 16.93
CA ASP I 485 60.57 -57.10 15.87
C ASP I 485 59.38 -56.23 16.26
N ASN I 486 59.38 -54.96 15.84
CA ASN I 486 58.30 -54.09 16.28
C ASN I 486 57.04 -54.35 15.47
N ALA I 487 57.10 -55.27 14.50
CA ALA I 487 55.92 -55.61 13.76
C ALA I 487 55.09 -56.55 14.63
N THR I 488 55.78 -57.38 15.41
CA THR I 488 55.12 -58.32 16.29
C THR I 488 54.55 -57.56 17.45
N TYR I 489 55.36 -56.68 18.01
CA TYR I 489 54.92 -55.89 19.14
C TYR I 489 53.67 -55.10 18.79
N ASN I 490 53.70 -54.38 17.67
CA ASN I 490 52.55 -53.59 17.30
C ASN I 490 51.34 -54.43 16.93
N THR I 491 51.53 -55.58 16.27
CA THR I 491 50.40 -56.43 15.91
C THR I 491 49.71 -56.94 17.15
N ILE I 492 50.49 -57.37 18.14
CA ILE I 492 49.91 -57.87 19.35
C ILE I 492 49.10 -56.82 20.05
N LEU I 493 49.62 -55.60 20.18
CA LEU I 493 48.85 -54.57 20.87
C LEU I 493 47.52 -54.31 20.15
N LEU I 494 47.56 -54.33 18.82
CA LEU I 494 46.35 -54.12 18.05
C LEU I 494 45.33 -55.23 18.36
N GLU I 495 45.79 -56.49 18.43
CA GLU I 495 44.90 -57.60 18.76
C GLU I 495 44.36 -57.50 20.20
N ILE I 496 45.18 -57.06 21.15
CA ILE I 496 44.71 -56.97 22.53
C ILE I 496 43.52 -56.02 22.60
N ASN I 497 43.60 -54.96 21.80
CA ASN I 497 42.63 -53.83 21.73
C ASN I 497 41.29 -54.29 21.16
N SER I 498 41.22 -55.48 20.58
CA SER I 498 39.98 -55.89 19.96
C SER I 498 39.01 -56.48 20.99
N HIS I 499 39.48 -56.73 22.21
CA HIS I 499 38.64 -57.29 23.28
C HIS I 499 37.89 -56.21 24.05
N LYS I 500 36.58 -56.38 24.20
CA LYS I 500 35.76 -55.37 24.87
C LYS I 500 35.23 -55.82 26.23
N VAL I 501 34.86 -54.83 27.02
CA VAL I 501 34.28 -54.96 28.36
C VAL I 501 32.78 -55.35 28.35
N THR I 502 32.38 -56.29 29.23
CA THR I 502 30.97 -56.70 29.35
C THR I 502 30.46 -56.33 30.76
N LEU I 503 29.30 -55.66 30.83
CA LEU I 503 28.76 -55.17 32.09
C LEU I 503 27.28 -55.50 32.36
N PRO I 504 26.86 -55.64 33.63
CA PRO I 504 25.47 -55.69 34.05
C PRO I 504 24.88 -54.36 33.57
N PRO I 505 23.59 -54.26 33.22
CA PRO I 505 22.95 -53.07 32.67
C PRO I 505 22.47 -51.97 33.64
N SER I 506 22.71 -52.10 34.95
CA SER I 506 22.11 -51.16 35.89
C SER I 506 22.57 -49.69 35.80
N SER I 507 23.82 -49.44 35.40
CA SER I 507 24.27 -48.05 35.35
C SER I 507 23.77 -47.38 34.10
N SER I 508 23.58 -48.19 33.05
CA SER I 508 23.06 -47.72 31.79
C SER I 508 21.62 -47.32 31.99
N MET I 509 20.89 -48.13 32.79
CA MET I 509 19.51 -47.78 33.05
C MET I 509 19.37 -46.52 33.89
N ALA I 510 20.26 -46.30 34.87
CA ALA I 510 20.15 -45.06 35.64
C ALA I 510 20.31 -43.85 34.70
N GLY I 511 21.23 -43.97 33.73
CA GLY I 511 21.43 -42.94 32.71
C GLY I 511 20.14 -42.74 31.90
N ALA I 512 19.58 -43.84 31.41
CA ALA I 512 18.36 -43.82 30.63
C ALA I 512 17.18 -43.19 31.38
N TYR I 513 17.07 -43.44 32.69
CA TYR I 513 15.99 -42.84 33.48
C TYR I 513 16.11 -41.33 33.42
N ALA I 514 17.33 -40.80 33.58
CA ALA I 514 17.54 -39.36 33.53
C ALA I 514 17.13 -38.76 32.18
N ARG I 515 17.45 -39.45 31.07
CA ARG I 515 17.03 -38.93 29.77
C ARG I 515 15.53 -38.83 29.62
N VAL I 516 14.80 -39.85 30.06
CA VAL I 516 13.36 -39.79 29.90
C VAL I 516 12.76 -38.67 30.74
N ASP I 517 13.21 -38.52 31.99
CA ASP I 517 12.64 -37.48 32.84
C ASP I 517 12.81 -36.10 32.20
N ASN I 518 13.95 -35.84 31.54
CA ASN I 518 14.17 -34.56 30.89
C ASN I 518 13.42 -34.34 29.57
N ASP I 519 13.31 -35.35 28.72
CA ASP I 519 12.64 -35.13 27.43
C ASP I 519 11.13 -35.35 27.45
N ARG I 520 10.62 -36.28 28.24
CA ARG I 520 9.19 -36.56 28.23
C ARG I 520 8.49 -36.34 29.57
N GLY I 521 9.19 -36.55 30.68
CA GLY I 521 8.61 -36.41 32.00
C GLY I 521 8.55 -37.72 32.77
N VAL I 522 8.68 -37.61 34.09
CA VAL I 522 8.70 -38.73 35.06
C VAL I 522 7.45 -39.61 35.02
N TRP I 523 6.36 -39.11 34.45
CA TRP I 523 5.14 -39.86 34.36
C TRP I 523 5.08 -40.79 33.13
N LYS I 524 6.12 -40.80 32.29
CA LYS I 524 6.16 -41.68 31.13
C LYS I 524 7.04 -42.89 31.39
N SER I 525 6.66 -44.05 30.83
CA SER I 525 7.42 -45.28 31.03
C SER I 525 8.85 -45.22 30.52
N PRO I 526 9.84 -45.68 31.29
CA PRO I 526 11.23 -45.77 30.91
C PRO I 526 11.49 -47.01 30.05
N ALA I 527 10.95 -47.00 28.84
CA ALA I 527 11.04 -48.13 27.91
C ALA I 527 10.96 -47.60 26.48
N ASN I 528 11.37 -48.45 25.52
CA ASN I 528 11.46 -48.12 24.09
C ASN I 528 12.48 -46.98 23.94
N ILE I 529 13.58 -47.18 24.66
CA ILE I 529 14.74 -46.32 24.77
C ILE I 529 15.95 -47.00 24.18
N GLY I 530 16.69 -46.33 23.31
CA GLY I 530 17.92 -46.93 22.82
C GLY I 530 19.05 -46.62 23.80
N LEU I 531 19.96 -47.57 23.96
CA LEU I 531 21.12 -47.38 24.86
C LEU I 531 22.35 -46.92 24.09
N ASN I 532 23.17 -46.07 24.71
CA ASN I 532 24.40 -45.62 24.07
C ASN I 532 25.55 -46.50 24.47
N TYR I 533 26.55 -46.60 23.58
CA TYR I 533 27.75 -47.40 23.81
C TYR I 533 27.44 -48.88 24.02
N VAL I 534 26.44 -49.40 23.36
CA VAL I 534 26.13 -50.81 23.48
C VAL I 534 26.17 -51.44 22.11
N SER I 535 26.97 -52.48 21.99
CA SER I 535 27.14 -53.22 20.75
C SER I 535 25.95 -54.15 20.59
N LYS I 536 25.70 -54.94 21.65
CA LYS I 536 24.61 -55.90 21.64
C LYS I 536 24.37 -56.47 23.05
N PRO I 537 23.19 -57.05 23.34
CA PRO I 537 22.91 -57.89 24.49
C PRO I 537 23.82 -59.10 24.46
N SER I 538 24.24 -59.62 25.60
CA SER I 538 25.07 -60.83 25.63
C SER I 538 24.28 -62.11 25.32
N VAL I 539 22.99 -62.12 25.62
CA VAL I 539 22.11 -63.26 25.39
C VAL I 539 20.90 -62.83 24.58
N THR I 540 20.58 -63.57 23.52
CA THR I 540 19.42 -63.22 22.73
C THR I 540 18.13 -63.74 23.37
N VAL I 541 17.14 -62.86 23.48
CA VAL I 541 15.84 -63.21 24.04
C VAL I 541 14.80 -63.11 22.94
N SER I 542 14.11 -64.22 22.68
CA SER I 542 13.11 -64.29 21.62
C SER I 542 11.79 -63.73 22.13
N HIS I 543 10.81 -63.62 21.24
CA HIS I 543 9.48 -63.16 21.60
C HIS I 543 8.84 -64.09 22.63
N GLU I 544 8.79 -65.38 22.30
CA GLU I 544 8.17 -66.38 23.15
C GLU I 544 8.85 -66.50 24.51
N GLU I 545 10.15 -66.36 24.52
CA GLU I 545 10.94 -66.45 25.74
C GLU I 545 10.65 -65.34 26.74
N GLN I 546 10.07 -64.22 26.29
CA GLN I 546 9.82 -63.13 27.19
C GLN I 546 8.46 -63.25 27.85
N GLU I 547 7.62 -64.18 27.43
CA GLU I 547 6.28 -64.20 28.01
C GLU I 547 6.29 -64.40 29.51
N SER I 548 7.19 -65.26 30.01
CA SER I 548 7.32 -65.57 31.42
C SER I 548 8.12 -64.52 32.19
N MET I 549 8.70 -63.55 31.49
CA MET I 549 9.45 -62.50 32.11
C MET I 549 8.50 -61.36 32.45
N ASN I 550 7.53 -61.10 31.55
CA ASN I 550 6.62 -59.99 31.76
C ASN I 550 5.47 -60.40 32.70
N VAL I 551 4.95 -61.62 32.54
CA VAL I 551 3.84 -62.10 33.35
C VAL I 551 4.20 -63.42 34.00
N HIS I 552 4.02 -63.52 35.31
CA HIS I 552 4.39 -64.71 36.05
C HIS I 552 3.56 -64.86 37.31
N GLY I 553 3.30 -66.10 37.72
CA GLY I 553 2.52 -66.39 38.93
C GLY I 553 2.99 -65.70 40.20
N THR I 554 4.29 -65.42 40.33
CA THR I 554 4.80 -64.74 41.52
C THR I 554 4.73 -63.22 41.48
N GLY I 555 4.52 -62.65 40.30
CA GLY I 555 4.50 -61.20 40.08
C GLY I 555 5.91 -60.60 39.97
N LYS I 556 6.95 -61.42 40.11
CA LYS I 556 8.32 -60.93 40.08
C LYS I 556 8.86 -60.82 38.67
N SER I 557 8.35 -59.82 37.98
CA SER I 557 8.64 -59.52 36.59
C SER I 557 10.07 -59.07 36.37
N VAL I 558 10.59 -59.36 35.17
CA VAL I 558 11.93 -58.93 34.75
C VAL I 558 11.80 -58.24 33.38
N ASN I 559 12.38 -57.05 33.23
CA ASN I 559 12.30 -56.33 31.97
C ASN I 559 13.41 -56.84 31.04
N ALA I 560 13.22 -56.75 29.71
CA ALA I 560 14.24 -57.31 28.82
C ALA I 560 14.99 -56.29 28.00
N ILE I 561 16.25 -56.58 27.76
CA ILE I 561 17.01 -55.76 26.83
C ILE I 561 17.09 -56.55 25.51
N ARG I 562 16.57 -55.96 24.42
CA ARG I 562 16.47 -56.67 23.14
C ARG I 562 16.97 -55.89 21.93
N SER I 563 17.44 -56.63 20.93
CA SER I 563 17.93 -56.05 19.67
C SER I 563 16.87 -56.02 18.58
N PHE I 564 16.65 -54.84 18.00
CA PHE I 564 15.68 -54.67 16.94
C PHE I 564 16.36 -54.27 15.63
N VAL I 565 15.85 -54.79 14.53
CA VAL I 565 16.46 -54.50 13.24
C VAL I 565 16.21 -53.07 12.84
N GLY I 566 17.30 -52.37 12.56
CA GLY I 566 17.26 -50.97 12.16
C GLY I 566 17.15 -50.01 13.33
N LYS I 567 17.08 -50.52 14.57
CA LYS I 567 16.94 -49.64 15.73
C LYS I 567 18.07 -49.78 16.74
N GLY I 568 18.64 -50.97 16.87
CA GLY I 568 19.70 -51.20 17.85
C GLY I 568 19.14 -51.77 19.14
N THR I 569 19.87 -51.59 20.23
CA THR I 569 19.48 -52.23 21.48
C THR I 569 18.51 -51.34 22.24
N LEU I 570 17.30 -51.88 22.51
CA LEU I 570 16.24 -51.17 23.20
C LEU I 570 15.83 -51.79 24.52
N VAL I 571 15.34 -50.94 25.42
CA VAL I 571 14.76 -51.40 26.68
C VAL I 571 13.30 -51.80 26.43
N TRP I 572 12.96 -53.06 26.63
CA TRP I 572 11.61 -53.52 26.30
C TRP I 572 10.84 -53.98 27.55
N GLY I 573 9.88 -53.17 27.99
CA GLY I 573 9.12 -53.45 29.21
C GLY I 573 9.45 -52.50 30.35
N ALA I 574 8.45 -52.17 31.18
CA ALA I 574 8.65 -51.26 32.29
C ALA I 574 7.79 -51.57 33.52
N ARG I 575 7.87 -52.81 34.00
CA ARG I 575 7.11 -53.20 35.18
C ARG I 575 8.03 -53.31 36.40
N THR I 576 7.41 -53.26 37.59
CA THR I 576 8.09 -53.40 38.88
C THR I 576 8.08 -54.85 39.34
N LEU I 577 8.70 -55.13 40.49
CA LEU I 577 8.73 -56.50 41.06
C LEU I 577 7.40 -56.92 41.70
N ALA I 578 6.37 -56.11 41.55
CA ALA I 578 5.02 -56.39 42.03
C ALA I 578 4.07 -56.26 40.82
N GLY I 579 4.34 -57.05 39.77
CA GLY I 579 3.72 -56.97 38.46
C GLY I 579 2.23 -57.26 38.38
N ASN I 580 1.68 -57.86 39.41
CA ASN I 580 0.25 -58.15 39.41
C ASN I 580 -0.51 -57.17 40.30
N ASP I 581 0.17 -56.13 40.75
CA ASP I 581 -0.41 -55.10 41.61
C ASP I 581 -1.23 -54.09 40.80
N ASN I 582 -2.53 -54.07 41.03
CA ASN I 582 -3.44 -53.22 40.29
C ASN I 582 -3.12 -51.73 40.40
N GLU I 583 -2.45 -51.31 41.46
CA GLU I 583 -2.11 -49.90 41.62
C GLU I 583 -0.65 -49.61 41.33
N TRP I 584 0.24 -50.52 41.74
CA TRP I 584 1.69 -50.27 41.61
C TRP I 584 2.51 -51.07 40.59
N ARG I 585 1.91 -51.87 39.70
CA ARG I 585 2.71 -52.65 38.73
C ARG I 585 3.59 -51.85 37.75
N TYR I 586 3.26 -50.57 37.44
CA TYR I 586 4.09 -49.84 36.48
C TYR I 586 5.12 -48.92 37.14
N ILE I 587 6.31 -48.88 36.57
CA ILE I 587 7.40 -48.08 37.13
C ILE I 587 7.04 -46.61 37.17
N SER I 588 6.48 -46.08 36.08
CA SER I 588 6.12 -44.67 35.98
C SER I 588 5.05 -44.20 36.96
N VAL I 589 4.26 -45.12 37.51
CA VAL I 589 3.26 -44.70 38.46
C VAL I 589 3.98 -44.55 39.79
N ARG I 590 4.76 -45.57 40.16
CA ARG I 590 5.49 -45.49 41.41
C ARG I 590 6.42 -44.27 41.45
N ARG I 591 7.18 -44.04 40.37
CA ARG I 591 8.09 -42.91 40.35
C ARG I 591 7.38 -41.56 40.37
N PHE I 592 6.25 -41.42 39.64
CA PHE I 592 5.50 -40.16 39.68
C PHE I 592 5.07 -39.84 41.10
N PHE I 593 4.50 -40.83 41.80
CA PHE I 593 4.09 -40.58 43.17
C PHE I 593 5.27 -40.20 44.05
N ASN I 594 6.42 -40.89 43.95
CA ASN I 594 7.52 -40.50 44.82
C ASN I 594 7.92 -39.05 44.59
N MET I 595 7.93 -38.61 43.32
CA MET I 595 8.27 -37.24 42.99
C MET I 595 7.29 -36.25 43.59
N ALA I 596 6.00 -36.48 43.39
CA ALA I 596 5.00 -35.56 43.90
C ALA I 596 5.04 -35.46 45.42
N GLU I 597 5.24 -36.60 46.09
CA GLU I 597 5.26 -36.61 47.54
C GLU I 597 6.45 -35.83 48.09
N GLU I 598 7.63 -36.00 47.49
CA GLU I 598 8.81 -35.29 47.95
C GLU I 598 8.65 -33.78 47.78
N SER I 599 8.16 -33.34 46.61
CA SER I 599 8.02 -31.92 46.37
C SER I 599 7.02 -31.27 47.32
N ILE I 600 5.92 -31.96 47.59
CA ILE I 600 4.95 -31.40 48.50
C ILE I 600 5.52 -31.31 49.90
N LYS I 601 6.15 -32.36 50.44
CA LYS I 601 6.60 -32.14 51.81
C LYS I 601 7.62 -31.01 51.93
N LYS I 602 8.47 -30.79 50.92
CA LYS I 602 9.41 -29.68 51.07
C LYS I 602 8.64 -28.37 51.21
N ALA I 603 7.59 -28.22 50.41
CA ALA I 603 6.74 -27.05 50.48
C ALA I 603 5.99 -26.89 51.82
N THR I 604 5.61 -28.01 52.47
CA THR I 604 4.86 -27.91 53.73
C THR I 604 5.73 -27.65 54.96
N GLU I 605 7.05 -27.86 54.86
CA GLU I 605 7.93 -27.64 56.02
C GLU I 605 7.89 -26.21 56.58
N GLN I 606 7.61 -25.22 55.74
CA GLN I 606 7.53 -23.83 56.18
C GLN I 606 6.43 -23.60 57.24
N PHE I 607 5.48 -24.52 57.40
CA PHE I 607 4.39 -24.37 58.36
C PHE I 607 4.54 -25.21 59.64
N VAL I 608 5.71 -25.83 59.86
CA VAL I 608 5.84 -26.73 61.01
C VAL I 608 5.55 -26.16 62.39
N PHE I 609 5.98 -24.96 62.69
CA PHE I 609 5.74 -24.43 64.03
C PHE I 609 4.61 -23.41 64.10
N GLU I 610 3.72 -23.40 63.11
CA GLU I 610 2.60 -22.47 63.09
C GLU I 610 1.47 -22.97 64.01
N PRO I 611 0.58 -22.08 64.51
CA PRO I 611 -0.60 -22.43 65.29
C PRO I 611 -1.52 -23.42 64.58
N ASN I 612 -2.07 -24.37 65.31
CA ASN I 612 -2.93 -25.34 64.65
C ASN I 612 -4.36 -24.87 64.71
N ASP I 613 -4.75 -24.13 63.68
CA ASP I 613 -6.08 -23.52 63.58
C ASP I 613 -6.47 -23.27 62.13
N GLY I 614 -7.68 -22.75 61.94
CA GLY I 614 -8.27 -22.50 60.63
C GLY I 614 -7.46 -21.65 59.69
N ASN I 615 -6.73 -20.68 60.20
CA ASN I 615 -5.93 -19.83 59.32
C ASN I 615 -4.81 -20.62 58.64
N THR I 616 -4.25 -21.60 59.35
CA THR I 616 -3.15 -22.39 58.85
C THR I 616 -3.70 -23.41 57.89
N TRP I 617 -4.82 -24.02 58.27
CA TRP I 617 -5.41 -25.06 57.44
C TRP I 617 -5.69 -24.54 56.05
N VAL I 618 -6.23 -23.31 55.96
CA VAL I 618 -6.48 -22.69 54.67
C VAL I 618 -5.19 -22.43 53.88
N ARG I 619 -4.17 -21.88 54.53
CA ARG I 619 -2.90 -21.60 53.81
C ARG I 619 -2.27 -22.89 53.28
N VAL I 620 -2.29 -23.98 54.05
CA VAL I 620 -1.69 -25.23 53.62
C VAL I 620 -2.43 -25.81 52.43
N ARG I 621 -3.76 -25.84 52.52
CA ARG I 621 -4.57 -26.34 51.44
C ARG I 621 -4.34 -25.58 50.14
N ALA I 622 -4.36 -24.26 50.20
CA ALA I 622 -4.18 -23.48 48.99
C ALA I 622 -2.85 -23.75 48.32
N MET I 623 -1.78 -23.89 49.12
CA MET I 623 -0.47 -24.15 48.59
C MET I 623 -0.41 -25.49 47.83
N ILE I 624 -0.98 -26.54 48.42
CA ILE I 624 -0.97 -27.86 47.81
C ILE I 624 -1.76 -27.85 46.50
N GLU I 625 -2.95 -27.25 46.50
CA GLU I 625 -3.74 -27.21 45.28
C GLU I 625 -3.00 -26.48 44.15
N ASN I 626 -2.28 -25.39 44.45
CA ASN I 626 -1.58 -24.70 43.37
C ASN I 626 -0.52 -25.60 42.72
N PHE I 627 0.19 -26.38 43.52
CA PHE I 627 1.17 -27.33 42.99
C PHE I 627 0.51 -28.31 42.03
N LEU I 628 -0.59 -28.92 42.48
CA LEU I 628 -1.28 -29.91 41.67
C LEU I 628 -1.88 -29.33 40.38
N ILE I 629 -2.33 -28.08 40.41
CA ILE I 629 -2.85 -27.45 39.20
C ILE I 629 -1.76 -27.38 38.15
N LEU I 630 -0.56 -26.98 38.56
CA LEU I 630 0.53 -26.92 37.60
C LEU I 630 0.88 -28.30 37.03
N GLN I 631 0.82 -29.35 37.84
CA GLN I 631 1.10 -30.70 37.34
C GLN I 631 0.05 -31.11 36.31
N TRP I 632 -1.20 -30.72 36.56
CA TRP I 632 -2.28 -30.96 35.64
C TRP I 632 -2.07 -30.20 34.32
N ARG I 633 -1.73 -28.92 34.41
CA ARG I 633 -1.53 -28.09 33.24
C ARG I 633 -0.45 -28.67 32.31
N ALA I 634 0.58 -29.26 32.90
CA ALA I 634 1.69 -29.86 32.18
C ALA I 634 1.39 -31.26 31.61
N GLY I 635 0.20 -31.79 31.87
CA GLY I 635 -0.20 -33.10 31.36
C GLY I 635 0.17 -34.32 32.21
N ALA I 636 0.54 -34.13 33.49
CA ALA I 636 0.90 -35.29 34.31
C ALA I 636 -0.33 -36.03 34.84
N LEU I 637 -1.40 -35.30 35.10
CA LEU I 637 -2.63 -35.86 35.68
C LEU I 637 -3.75 -35.97 34.66
N ALA I 638 -4.61 -36.94 34.86
CA ALA I 638 -5.80 -37.17 34.04
C ALA I 638 -6.90 -36.17 34.39
N GLY I 639 -7.84 -35.94 33.46
CA GLY I 639 -9.00 -35.09 33.74
C GLY I 639 -9.14 -33.84 32.85
N ALA I 640 -10.37 -33.58 32.39
CA ALA I 640 -10.69 -32.42 31.55
C ALA I 640 -10.41 -31.06 32.21
N LYS I 641 -10.63 -31.01 33.51
CA LYS I 641 -10.45 -29.82 34.34
C LYS I 641 -9.82 -30.30 35.65
N PRO I 642 -9.10 -29.46 36.44
CA PRO I 642 -8.49 -29.82 37.71
C PRO I 642 -9.44 -30.55 38.66
N GLU I 643 -10.72 -30.20 38.62
CA GLU I 643 -11.76 -30.81 39.44
C GLU I 643 -11.88 -32.34 39.28
N HIS I 644 -11.37 -32.86 38.16
CA HIS I 644 -11.43 -34.27 37.85
C HIS I 644 -10.07 -34.94 38.02
N ALA I 645 -9.05 -34.16 38.34
CA ALA I 645 -7.68 -34.63 38.44
C ALA I 645 -7.28 -34.91 39.87
N PHE I 646 -7.73 -34.08 40.80
CA PHE I 646 -7.32 -34.25 42.20
C PHE I 646 -8.24 -33.61 43.20
N TYR I 647 -8.05 -33.98 44.47
CA TYR I 647 -8.71 -33.28 45.57
C TYR I 647 -7.78 -33.15 46.76
N VAL I 648 -8.01 -32.12 47.59
CA VAL I 648 -7.30 -31.90 48.85
C VAL I 648 -8.31 -31.58 49.96
N LYS I 649 -8.25 -32.28 51.10
CA LYS I 649 -9.17 -32.03 52.23
C LYS I 649 -8.46 -31.86 53.57
N VAL I 650 -8.92 -30.90 54.35
CA VAL I 650 -8.42 -30.68 55.70
C VAL I 650 -9.45 -29.97 56.55
N GLY I 651 -9.62 -30.38 57.79
CA GLY I 651 -10.51 -29.67 58.68
C GLY I 651 -10.98 -30.47 59.89
N LEU I 652 -11.49 -29.73 60.87
CA LEU I 652 -11.98 -30.39 62.06
C LEU I 652 -13.31 -30.99 61.71
N GLY I 653 -13.46 -32.28 61.97
CA GLY I 653 -14.66 -32.99 61.61
C GLY I 653 -14.55 -33.67 60.23
N GLN I 654 -13.49 -33.36 59.47
CA GLN I 654 -13.30 -33.98 58.17
C GLN I 654 -12.11 -34.90 58.22
N THR I 655 -10.98 -34.38 58.71
CA THR I 655 -9.75 -35.16 58.77
C THR I 655 -9.20 -35.23 60.19
N MET I 656 -9.61 -34.30 61.05
CA MET I 656 -9.11 -34.20 62.42
C MET I 656 -10.19 -34.25 63.47
N THR I 657 -9.82 -34.73 64.66
CA THR I 657 -10.73 -34.66 65.80
C THR I 657 -10.19 -33.82 66.93
N ALA I 658 -10.96 -33.69 68.00
CA ALA I 658 -10.56 -32.85 69.14
C ALA I 658 -9.24 -33.29 69.74
N GLN I 659 -9.04 -34.60 69.77
CA GLN I 659 -7.84 -35.21 70.30
C GLN I 659 -6.60 -34.84 69.50
N ASP I 660 -6.75 -34.59 68.20
CA ASP I 660 -5.61 -34.28 67.37
C ASP I 660 -5.25 -32.85 67.60
N ILE I 661 -6.25 -32.03 67.85
CA ILE I 661 -5.92 -30.64 68.07
C ILE I 661 -5.13 -30.58 69.37
N LEU I 662 -5.58 -31.29 70.41
CA LEU I 662 -4.90 -31.29 71.71
C LEU I 662 -3.46 -31.80 71.65
N GLU I 663 -3.21 -32.82 70.82
CA GLU I 663 -1.86 -33.36 70.70
C GLU I 663 -0.98 -32.65 69.67
N GLY I 664 -1.49 -31.62 69.01
CA GLY I 664 -0.72 -30.91 68.00
C GLY I 664 -0.63 -31.56 66.60
N ASN I 665 -1.56 -32.44 66.24
CA ASN I 665 -1.51 -33.09 64.93
C ASN I 665 -2.31 -32.31 63.89
N MET I 666 -1.90 -32.42 62.63
CA MET I 666 -2.66 -31.87 61.51
C MET I 666 -2.75 -32.90 60.40
N ASN I 667 -3.96 -33.21 59.96
CA ASN I 667 -4.20 -34.25 58.97
C ASN I 667 -4.70 -33.74 57.61
N VAL I 668 -3.93 -33.99 56.56
CA VAL I 668 -4.34 -33.54 55.23
C VAL I 668 -4.50 -34.74 54.29
N GLU I 669 -5.65 -34.84 53.62
CA GLU I 669 -5.89 -35.95 52.69
C GLU I 669 -5.86 -35.49 51.24
N ILE I 670 -5.11 -36.22 50.40
CA ILE I 670 -4.91 -35.89 48.98
C ILE I 670 -5.19 -37.09 48.06
N GLY I 671 -5.91 -36.86 46.96
CA GLY I 671 -6.13 -37.93 45.98
C GLY I 671 -5.74 -37.49 44.57
N LEU I 672 -5.18 -38.41 43.75
CA LEU I 672 -4.72 -38.09 42.38
C LEU I 672 -5.18 -39.06 41.29
N ALA I 673 -5.58 -38.53 40.11
CA ALA I 673 -5.91 -39.34 38.94
C ALA I 673 -4.70 -39.52 38.01
N VAL I 674 -4.14 -40.72 37.95
CA VAL I 674 -2.92 -41.00 37.19
C VAL I 674 -3.15 -41.96 36.00
N VAL I 675 -2.59 -41.57 34.85
CA VAL I 675 -2.67 -42.26 33.56
C VAL I 675 -1.72 -43.47 33.42
N ARG I 676 -2.25 -44.60 32.94
CA ARG I 676 -1.46 -45.82 32.75
C ARG I 676 -1.33 -46.15 31.23
N PRO I 677 -0.19 -46.71 30.78
CA PRO I 677 0.15 -47.07 29.40
C PRO I 677 -0.52 -48.30 28.84
N ALA I 678 -0.64 -48.35 27.51
CA ALA I 678 -1.08 -49.55 26.80
C ALA I 678 0.14 -50.40 26.46
N GLU I 679 0.00 -51.73 26.50
CA GLU I 679 1.10 -52.61 26.12
C GLU I 679 0.92 -53.40 24.83
N PHE I 680 -0.32 -53.62 24.39
CA PHE I 680 -0.48 -54.52 23.25
C PHE I 680 -1.24 -53.91 22.09
N ILE I 681 -0.74 -54.15 20.88
CA ILE I 681 -1.37 -53.70 19.66
C ILE I 681 -1.63 -54.89 18.76
N ILE I 682 -2.88 -55.06 18.37
CA ILE I 682 -3.26 -56.19 17.54
C ILE I 682 -3.74 -55.76 16.16
N LEU I 683 -3.09 -56.29 15.14
CA LEU I 683 -3.47 -55.96 13.78
C LEU I 683 -4.23 -57.12 13.19
N LYS I 684 -5.20 -56.82 12.33
CA LYS I 684 -5.98 -57.86 11.67
C LYS I 684 -6.01 -57.57 10.19
N PHE I 685 -5.88 -58.61 9.38
CA PHE I 685 -5.86 -58.46 7.94
C PHE I 685 -6.92 -59.30 7.25
N SER I 686 -7.37 -58.84 6.11
CA SER I 686 -8.37 -59.54 5.31
C SER I 686 -8.30 -59.12 3.86
N HIS I 687 -9.03 -59.83 3.01
CA HIS I 687 -9.14 -59.52 1.60
C HIS I 687 -10.34 -58.65 1.36
N LYS I 688 -10.11 -57.42 0.92
CA LYS I 688 -11.17 -56.47 0.70
C LYS I 688 -12.16 -56.98 -0.33
N MET I 689 -13.44 -56.89 -0.01
CA MET I 689 -14.50 -57.31 -0.91
C MET I 689 -15.73 -56.44 -0.78
N GLN I 690 -16.57 -56.45 -1.79
CA GLN I 690 -17.83 -55.72 -1.75
C GLN I 690 -18.66 -56.09 -0.53
N THR J 3 57.03 35.54 9.73
CA THR J 3 56.46 36.82 9.35
C THR J 3 56.28 36.95 7.86
N TYR J 4 55.04 37.22 7.46
CA TYR J 4 54.72 37.41 6.07
C TYR J 4 54.08 38.77 5.95
N LYS J 5 54.28 39.45 4.83
CA LYS J 5 53.70 40.78 4.66
C LYS J 5 52.63 40.89 3.57
N THR J 6 52.67 40.00 2.59
CA THR J 6 51.73 40.09 1.48
C THR J 6 50.70 38.98 1.64
N PRO J 7 49.39 39.25 1.58
CA PRO J 7 48.33 38.25 1.63
C PRO J 7 48.54 37.26 0.51
N GLY J 8 48.28 35.98 0.73
CA GLY J 8 48.47 35.04 -0.36
C GLY J 8 48.96 33.68 0.10
N VAL J 9 49.34 32.87 -0.88
CA VAL J 9 49.80 31.52 -0.65
C VAL J 9 51.31 31.41 -0.84
N TYR J 10 51.98 30.87 0.17
CA TYR J 10 53.43 30.71 0.14
C TYR J 10 53.79 29.24 -0.02
N ILE J 11 54.89 28.98 -0.72
CA ILE J 11 55.35 27.61 -0.95
C ILE J 11 56.75 27.32 -0.41
N GLU J 12 56.85 26.24 0.35
CA GLU J 12 58.10 25.77 0.94
C GLU J 12 58.33 24.29 0.67
N GLU J 13 59.58 23.86 0.65
CA GLU J 13 59.92 22.44 0.45
C GLU J 13 60.75 21.89 1.60
N ILE J 14 60.18 20.92 2.32
CA ILE J 14 60.82 20.34 3.50
C ILE J 14 60.81 18.82 3.50
N THR J 15 61.62 18.22 4.38
CA THR J 15 61.60 16.77 4.60
C THR J 15 61.36 16.44 6.07
N LYS J 16 60.36 15.60 6.37
CA LYS J 16 60.08 15.21 7.76
C LYS J 16 59.07 14.06 7.84
N PHE J 17 58.95 13.46 9.02
CA PHE J 17 57.87 12.51 9.27
C PHE J 17 56.62 13.33 9.56
N PRO J 18 55.43 12.85 9.20
CA PRO J 18 54.16 13.49 9.50
C PRO J 18 53.92 13.49 11.02
N PRO J 19 53.21 14.48 11.57
CA PRO J 19 52.83 14.67 12.97
C PRO J 19 51.75 13.71 13.46
N SER J 20 51.62 13.57 14.78
CA SER J 20 50.56 12.78 15.42
C SER J 20 50.23 13.29 16.82
N VAL J 21 48.94 13.36 17.12
CA VAL J 21 48.39 13.80 18.41
C VAL J 21 47.31 12.85 18.92
N ALA J 22 46.96 12.96 20.21
CA ALA J 22 45.88 12.15 20.79
C ALA J 22 45.29 12.82 22.01
N GLN J 23 44.05 12.45 22.34
CA GLN J 23 43.35 12.93 23.53
C GLN J 23 43.34 11.83 24.59
N VAL J 24 44.04 12.09 25.69
CA VAL J 24 44.20 11.12 26.76
C VAL J 24 43.85 11.70 28.12
N GLU J 25 43.01 11.01 28.86
CA GLU J 25 42.61 11.47 30.19
C GLU J 25 43.25 10.74 31.38
N THR J 26 43.52 9.44 31.24
CA THR J 26 43.97 8.62 32.37
C THR J 26 45.43 8.16 32.37
N ALA J 27 46.22 8.61 31.44
CA ALA J 27 47.60 8.14 31.34
C ALA J 27 48.57 9.27 31.05
N ILE J 28 48.68 10.22 31.98
CA ILE J 28 49.57 11.37 31.80
C ILE J 28 50.96 11.16 32.47
N PRO J 29 52.04 10.98 31.71
CA PRO J 29 53.39 10.80 32.20
C PRO J 29 54.11 12.10 32.52
N ALA J 30 55.11 12.00 33.37
CA ALA J 30 56.10 13.06 33.48
C ALA J 30 57.45 12.53 32.98
N PHE J 31 58.18 13.36 32.27
CA PHE J 31 59.51 13.02 31.75
C PHE J 31 60.59 13.92 32.35
N ILE J 32 61.54 13.33 33.05
CA ILE J 32 62.62 14.11 33.71
C ILE J 32 63.99 13.94 33.02
N GLY J 33 64.57 15.05 32.49
CA GLY J 33 65.88 14.94 31.77
C GLY J 33 66.46 16.24 31.18
N TYR J 34 67.44 16.12 30.26
CA TYR J 34 68.15 17.29 29.69
C TYR J 34 67.58 17.80 28.35
N THR J 35 67.64 19.12 28.13
CA THR J 35 67.17 19.74 26.87
C THR J 35 68.22 20.64 26.20
N GLN J 36 67.92 21.24 25.02
CA GLN J 36 68.89 22.18 24.44
C GLN J 36 68.88 23.49 25.21
N PHE J 37 67.68 23.87 25.57
CA PHE J 37 67.40 25.12 26.27
C PHE J 37 66.10 25.00 27.02
N ALA J 38 65.79 25.97 27.87
CA ALA J 38 64.50 25.92 28.54
C ALA J 38 63.98 27.33 28.78
N ARG J 39 63.03 27.77 27.96
CA ARG J 39 62.56 29.16 28.03
C ARG J 39 61.06 29.31 27.98
N THR J 40 60.55 30.44 28.47
CA THR J 40 59.11 30.71 28.36
C THR J 40 58.75 31.58 27.18
N LYS J 41 59.70 32.32 26.66
CA LYS J 41 59.48 33.20 25.53
C LYS J 41 60.62 32.96 24.55
N PRO J 42 60.41 33.11 23.23
CA PRO J 42 61.41 32.95 22.17
C PRO J 42 62.57 33.95 22.23
N SER J 43 62.40 35.04 22.97
CA SER J 43 63.42 36.07 23.05
C SER J 43 63.70 36.46 24.48
N VAL J 44 64.57 35.67 25.11
CA VAL J 44 64.98 35.83 26.49
C VAL J 44 66.49 35.77 26.54
N ASP J 45 67.07 36.21 27.65
CA ASP J 45 68.51 36.12 27.83
C ASP J 45 68.98 34.94 28.68
N SER J 46 68.08 34.02 29.00
CA SER J 46 68.45 32.87 29.81
C SER J 46 67.47 31.72 29.73
N ASP J 47 67.75 30.71 30.53
CA ASP J 47 66.90 29.55 30.67
C ASP J 47 65.96 29.79 31.86
N ASP J 48 64.68 29.85 31.57
CA ASP J 48 63.67 30.20 32.56
C ASP J 48 63.07 28.99 33.26
N LEU J 49 63.02 27.89 32.51
CA LEU J 49 62.32 26.68 32.94
C LEU J 49 63.19 25.53 33.40
N ILE J 50 64.41 25.76 33.87
CA ILE J 50 65.25 24.62 34.19
C ILE J 50 64.64 23.66 35.20
N LEU J 51 64.05 24.15 36.28
CA LEU J 51 63.40 23.23 37.22
C LEU J 51 61.92 23.52 37.37
N LYS J 52 61.26 23.93 36.29
CA LYS J 52 59.86 24.23 36.38
C LYS J 52 59.04 23.27 35.52
N PRO J 53 58.12 22.47 36.08
CA PRO J 53 57.28 21.59 35.31
C PRO J 53 56.45 22.37 34.32
N LYS J 54 56.29 21.83 33.13
CA LYS J 54 55.43 22.47 32.15
C LYS J 54 54.59 21.43 31.43
N ARG J 55 53.36 21.78 31.11
CA ARG J 55 52.52 20.86 30.36
C ARG J 55 52.59 21.15 28.86
N ILE J 56 52.84 20.08 28.11
CA ILE J 56 53.01 20.01 26.67
C ILE J 56 51.91 19.20 25.97
N SER J 57 51.29 19.75 24.91
CA SER J 57 50.22 19.00 24.24
C SER J 57 50.68 18.15 23.05
N SER J 58 51.81 18.49 22.47
CA SER J 58 52.32 17.80 21.29
C SER J 58 53.82 18.04 21.13
N LEU J 59 54.45 17.33 20.20
CA LEU J 59 55.87 17.51 19.96
C LEU J 59 56.23 18.95 19.54
N LEU J 60 55.33 19.66 18.83
CA LEU J 60 55.61 21.04 18.43
C LEU J 60 55.76 21.96 19.63
N ASP J 61 54.96 21.73 20.67
CA ASP J 61 55.03 22.55 21.86
C ASP J 61 56.33 22.26 22.55
N PHE J 62 56.74 20.99 22.55
CA PHE J 62 58.01 20.67 23.18
C PHE J 62 59.13 21.44 22.52
N THR J 63 59.20 21.35 21.19
CA THR J 63 60.28 21.96 20.44
C THR J 63 60.34 23.46 20.71
N THR J 64 59.18 24.10 20.72
CA THR J 64 59.05 25.53 20.97
C THR J 64 59.79 26.02 22.22
N TYR J 65 59.78 25.25 23.31
CA TYR J 65 60.37 25.73 24.56
C TYR J 65 61.67 25.02 24.94
N TYR J 66 61.90 23.82 24.38
CA TYR J 66 63.05 23.02 24.76
C TYR J 66 64.09 22.66 23.66
N GLY J 67 63.75 22.87 22.38
CA GLY J 67 64.66 22.51 21.30
C GLY J 67 64.64 21.03 20.88
N GLY J 68 65.60 20.65 20.04
CA GLY J 68 65.73 19.29 19.47
C GLY J 68 66.86 18.44 20.08
N ALA J 69 67.44 17.57 19.25
CA ALA J 69 68.51 16.64 19.64
C ALA J 69 69.89 17.31 19.49
N GLN J 70 70.89 16.70 20.14
CA GLN J 70 72.29 17.13 20.00
C GLN J 70 72.89 16.47 18.77
N ASN J 71 73.72 17.19 18.00
CA ASN J 71 74.40 16.59 16.84
C ASN J 71 75.39 15.52 17.28
N GLU J 72 75.46 14.42 16.54
CA GLU J 72 76.44 13.39 16.81
C GLU J 72 77.82 13.85 16.33
N GLN J 73 78.87 13.49 17.05
CA GLN J 73 80.23 13.84 16.64
C GLN J 73 81.14 12.62 16.46
N GLY J 74 80.54 11.45 16.34
CA GLY J 74 81.29 10.19 16.21
C GLY J 74 81.23 9.51 14.84
N ILE J 75 80.78 10.21 13.81
CA ILE J 75 80.64 9.64 12.47
C ILE J 75 81.91 9.83 11.65
N THR J 76 82.43 8.74 11.08
CA THR J 76 83.63 8.79 10.24
C THR J 76 83.31 8.11 8.92
N VAL J 77 84.13 8.35 7.89
CA VAL J 77 83.92 7.69 6.59
C VAL J 77 85.19 7.09 6.00
N LYS J 78 85.12 5.87 5.47
CA LYS J 78 86.28 5.27 4.80
C LYS J 78 85.97 4.82 3.35
N LEU J 79 86.73 5.34 2.40
CA LEU J 79 86.56 5.06 0.98
C LEU J 79 87.77 4.33 0.39
N THR J 80 87.57 3.17 -0.25
CA THR J 80 88.70 2.45 -0.85
C THR J 80 88.57 2.15 -2.37
N ASP J 81 89.60 2.55 -3.13
CA ASP J 81 89.72 2.36 -4.59
C ASP J 81 90.62 1.18 -5.02
N THR J 82 90.03 0.19 -5.72
CA THR J 82 90.77 -0.99 -6.18
C THR J 82 90.49 -1.31 -7.66
N LEU J 83 91.26 -2.26 -8.22
CA LEU J 83 90.97 -2.69 -9.59
C LEU J 83 90.46 -4.12 -9.68
N ILE J 84 89.51 -4.32 -10.58
CA ILE J 84 88.98 -5.63 -10.90
C ILE J 84 89.24 -5.95 -12.35
N GLU J 85 90.20 -6.83 -12.61
CA GLU J 85 90.60 -7.18 -13.98
C GLU J 85 90.88 -5.93 -14.82
N GLY J 86 91.52 -4.94 -14.19
CA GLY J 86 91.90 -3.68 -14.83
C GLY J 86 90.82 -2.58 -14.74
N ALA J 87 89.61 -2.90 -14.31
CA ALA J 87 88.54 -1.90 -14.21
C ALA J 87 88.54 -1.22 -12.85
N GLU J 88 88.14 0.04 -12.81
CA GLU J 88 88.05 0.74 -11.53
C GLU J 88 86.82 0.26 -10.76
N ASN J 89 86.95 0.21 -9.43
CA ASN J 89 85.86 -0.12 -8.53
C ASN J 89 86.09 0.50 -7.15
N ARG J 90 85.06 1.14 -6.58
CA ARG J 90 85.27 1.69 -5.24
C ARG J 90 84.15 1.35 -4.28
N THR J 91 84.54 1.22 -3.02
CA THR J 91 83.62 0.97 -1.91
C THR J 91 83.61 2.08 -0.88
N ILE J 92 82.42 2.53 -0.52
CA ILE J 92 82.25 3.54 0.51
C ILE J 92 81.63 2.92 1.75
N ASN J 93 82.35 3.00 2.85
CA ASN J 93 81.91 2.40 4.09
C ASN J 93 81.78 3.37 5.25
N VAL J 94 80.57 3.44 5.79
CA VAL J 94 80.32 4.29 6.94
C VAL J 94 79.94 3.39 8.13
N PRO J 95 80.85 3.12 9.09
CA PRO J 95 80.68 2.29 10.28
C PRO J 95 79.68 2.89 11.25
N GLU J 96 79.07 2.05 12.07
CA GLU J 96 78.23 2.56 13.14
C GLU J 96 79.14 3.29 14.14
N PRO J 97 78.81 4.49 14.63
CA PRO J 97 79.58 5.23 15.62
C PRO J 97 79.77 4.45 16.90
N THR J 98 80.93 4.61 17.54
CA THR J 98 81.20 3.95 18.80
C THR J 98 81.04 4.92 19.97
N PHE J 99 80.93 6.20 19.64
CA PHE J 99 80.75 7.28 20.59
C PHE J 99 79.53 8.05 20.17
N LYS J 100 78.56 8.11 21.05
CA LYS J 100 77.27 8.74 20.76
C LYS J 100 76.89 9.75 21.83
N SER J 101 76.07 10.72 21.46
CA SER J 101 75.53 11.68 22.43
C SER J 101 74.73 10.92 23.47
N PRO J 102 74.82 11.26 24.77
CA PRO J 102 74.08 10.64 25.84
C PRO J 102 72.69 11.21 26.06
N TYR J 103 72.22 12.13 25.22
CA TYR J 103 70.96 12.80 25.50
C TYR J 103 69.80 12.27 24.62
N LEU J 104 68.87 11.54 25.24
CA LEU J 104 67.78 10.88 24.52
C LEU J 104 66.35 11.43 24.65
N MET J 105 66.10 12.53 25.36
CA MET J 105 64.71 12.97 25.54
C MET J 105 63.97 13.27 24.24
N PHE J 106 64.62 13.89 23.28
CA PHE J 106 63.94 14.23 22.04
C PHE J 106 63.43 12.96 21.33
N TYR J 107 64.32 11.96 21.18
CA TYR J 107 63.96 10.73 20.51
C TYR J 107 62.86 9.98 21.26
N SER J 108 62.96 10.03 22.59
CA SER J 108 61.99 9.38 23.46
C SER J 108 60.59 9.94 23.20
N LEU J 109 60.46 11.27 23.15
CA LEU J 109 59.17 11.90 22.88
C LEU J 109 58.63 11.57 21.49
N GLN J 110 59.51 11.48 20.49
CA GLN J 110 59.00 11.10 19.17
C GLN J 110 58.33 9.73 19.22
N MET J 111 58.93 8.77 19.95
CA MET J 111 58.35 7.44 20.07
C MET J 111 57.03 7.46 20.86
N TYR J 112 56.98 8.27 21.92
CA TYR J 112 55.80 8.42 22.74
C TYR J 112 54.59 8.88 21.93
N PHE J 113 54.77 9.93 21.12
CA PHE J 113 53.65 10.42 20.33
C PHE J 113 53.31 9.45 19.19
N ALA J 114 54.32 8.77 18.59
CA ALA J 114 54.11 7.78 17.52
C ALA J 114 53.21 6.63 17.97
N ASN J 115 53.30 6.28 19.25
CA ASN J 115 52.51 5.21 19.83
C ASN J 115 51.20 5.64 20.49
N GLY J 116 50.75 6.88 20.23
CA GLY J 116 49.44 7.31 20.72
C GLY J 116 49.37 8.12 22.00
N GLY J 117 50.50 8.60 22.51
CA GLY J 117 50.45 9.38 23.72
C GLY J 117 49.76 10.74 23.57
N GLY J 118 49.18 11.22 24.68
CA GLY J 118 48.52 12.51 24.75
C GLY J 118 49.41 13.51 25.47
N PRO J 119 48.85 14.54 26.13
CA PRO J 119 49.53 15.60 26.85
C PRO J 119 50.41 15.03 27.95
N CYS J 120 51.51 15.71 28.24
CA CYS J 120 52.45 15.24 29.27
C CYS J 120 53.20 16.36 29.97
N TYR J 121 53.89 16.01 31.06
CA TYR J 121 54.72 16.99 31.76
C TYR J 121 56.19 16.85 31.50
N ILE J 122 56.84 17.98 31.28
CA ILE J 122 58.27 18.02 31.07
C ILE J 122 58.96 18.73 32.21
N VAL J 123 59.98 18.09 32.76
CA VAL J 123 60.80 18.70 33.78
C VAL J 123 62.23 18.66 33.29
N SER J 124 62.83 19.82 33.14
CA SER J 124 64.19 19.88 32.69
C SER J 124 65.05 19.67 33.91
N THR J 125 66.26 19.22 33.70
CA THR J 125 67.22 19.09 34.78
C THR J 125 68.46 19.91 34.51
N GLY J 126 68.51 20.48 33.33
CA GLY J 126 69.65 21.22 32.84
C GLY J 126 69.64 21.19 31.32
N VAL J 127 70.71 21.68 30.72
CA VAL J 127 70.79 21.72 29.27
C VAL J 127 72.01 20.95 28.80
N TYR J 128 72.03 20.59 27.52
CA TYR J 128 73.08 19.78 26.94
C TYR J 128 74.48 20.38 27.09
N ASP J 129 75.45 19.57 27.51
CA ASP J 129 76.82 20.06 27.60
C ASP J 129 77.54 19.79 26.28
N ASP J 130 78.79 20.21 26.18
CA ASP J 130 79.52 19.95 24.93
C ASP J 130 80.45 18.74 25.01
N TRP J 131 81.11 18.45 23.90
CA TRP J 131 82.06 17.34 23.81
C TRP J 131 83.47 17.83 24.13
N SER J 132 84.30 16.94 24.69
CA SER J 132 85.68 17.35 24.96
C SER J 132 86.55 17.03 23.75
N ASP J 133 86.19 15.95 23.07
CA ASP J 133 86.89 15.48 21.88
C ASP J 133 85.94 14.59 21.11
N SER J 134 86.34 14.09 19.95
CA SER J 134 85.47 13.22 19.15
C SER J 134 85.23 11.86 19.81
N GLU J 135 86.13 11.50 20.71
CA GLU J 135 86.06 10.26 21.46
C GLU J 135 85.68 10.50 22.92
N THR J 136 85.36 11.75 23.27
CA THR J 136 85.00 12.04 24.64
C THR J 136 83.68 12.85 24.74
N PRO J 137 82.53 12.16 24.94
CA PRO J 137 81.19 12.70 25.02
C PRO J 137 80.91 13.31 26.39
N PRO J 138 79.82 14.10 26.53
CA PRO J 138 79.24 14.64 27.75
C PRO J 138 78.83 13.53 28.69
N THR J 139 78.63 13.88 29.96
CA THR J 139 78.18 12.92 30.95
C THR J 139 76.84 13.34 31.56
N ILE J 140 76.18 12.38 32.22
CA ILE J 140 74.90 12.59 32.91
C ILE J 140 75.15 12.68 34.40
N ASN J 141 74.68 13.77 35.02
CA ASN J 141 74.92 13.99 36.43
C ASN J 141 73.77 13.51 37.30
N PHE J 142 74.01 12.46 38.05
CA PHE J 142 73.01 11.85 38.89
C PHE J 142 72.23 12.87 39.74
N SER J 143 72.94 13.85 40.33
CA SER J 143 72.31 14.83 41.22
C SER J 143 71.24 15.68 40.54
N ASP J 144 71.32 15.78 39.21
CA ASP J 144 70.37 16.59 38.46
C ASP J 144 69.06 15.83 38.32
N LEU J 145 69.13 14.49 38.29
CA LEU J 145 67.92 13.72 38.10
C LEU J 145 67.20 13.66 39.44
N GLU J 146 67.96 13.59 40.54
CA GLU J 146 67.31 13.59 41.85
C GLU J 146 66.58 14.91 42.10
N SER J 147 67.17 16.01 41.63
CA SER J 147 66.54 17.30 41.77
C SER J 147 65.21 17.31 41.03
N GLY J 148 65.22 16.84 39.78
CA GLY J 148 63.97 16.81 39.00
C GLY J 148 62.88 15.95 39.66
N LEU J 149 63.27 14.84 40.29
CA LEU J 149 62.30 13.97 40.96
C LEU J 149 61.69 14.71 42.17
N ALA J 150 62.53 15.43 42.94
CA ALA J 150 62.06 16.21 44.08
C ALA J 150 61.04 17.27 43.66
N VAL J 151 61.23 17.84 42.47
CA VAL J 151 60.34 18.83 41.91
C VAL J 151 58.98 18.24 41.51
N ILE J 152 58.99 17.13 40.74
CA ILE J 152 57.72 16.56 40.27
C ILE J 152 56.87 16.10 41.43
N ARG J 153 57.49 15.75 42.56
CA ARG J 153 56.77 15.34 43.74
C ARG J 153 55.69 16.33 44.18
N LYS J 154 55.82 17.61 43.85
CA LYS J 154 54.83 18.59 44.26
C LYS J 154 53.66 18.78 43.29
N GLU J 155 53.67 18.08 42.15
CA GLU J 155 52.59 18.18 41.17
C GLU J 155 51.55 17.11 41.40
N ASP J 156 50.27 17.42 41.18
CA ASP J 156 49.20 16.43 41.36
C ASP J 156 48.77 15.65 40.13
N GLU J 157 48.85 16.24 38.96
CA GLU J 157 48.36 15.60 37.74
C GLU J 157 49.04 14.33 37.19
N PRO J 158 50.38 14.18 37.18
CA PRO J 158 51.09 13.04 36.61
C PRO J 158 50.69 11.70 37.24
N THR J 159 50.63 10.64 36.42
CA THR J 159 50.33 9.29 36.90
C THR J 159 51.51 8.33 36.65
N LEU J 160 52.35 8.63 35.66
CA LEU J 160 53.49 7.77 35.33
C LEU J 160 54.83 8.52 35.46
N LEU J 161 55.85 7.84 35.97
CA LEU J 161 57.18 8.48 36.06
C LEU J 161 58.24 7.84 35.15
N LEU J 162 58.84 8.65 34.26
CA LEU J 162 59.88 8.16 33.33
C LEU J 162 61.17 8.99 33.35
N PHE J 163 62.32 8.32 33.16
CA PHE J 163 63.64 8.98 33.05
C PHE J 163 64.39 8.61 31.76
N PRO J 164 64.24 9.37 30.66
CA PRO J 164 64.82 9.12 29.35
C PRO J 164 66.35 9.00 29.31
N ASP J 165 67.09 9.57 30.28
CA ASP J 165 68.54 9.50 30.22
C ASP J 165 69.11 8.79 31.46
N ALA J 166 68.42 7.78 32.00
CA ALA J 166 68.94 7.07 33.17
C ALA J 166 69.96 5.99 32.82
N THR J 167 69.85 5.39 31.64
CA THR J 167 70.74 4.27 31.29
C THR J 167 72.13 4.77 30.94
N ASN J 168 72.28 6.08 30.83
CA ASN J 168 73.58 6.66 30.53
C ASN J 168 74.31 7.17 31.78
N LEU J 169 73.78 6.87 32.97
CA LEU J 169 74.46 7.22 34.21
C LEU J 169 75.76 6.41 34.27
N PRO J 170 76.89 6.99 34.76
CA PRO J 170 78.19 6.36 34.90
C PRO J 170 78.23 4.98 35.56
N THR J 171 77.35 4.71 36.53
CA THR J 171 77.37 3.40 37.18
C THR J 171 75.97 2.80 37.27
N ASP J 172 75.92 1.50 37.52
CA ASP J 172 74.67 0.80 37.67
C ASP J 172 74.12 1.12 39.05
N ASP J 173 75.01 1.34 39.99
CA ASP J 173 74.58 1.68 41.34
C ASP J 173 73.74 2.96 41.35
N GLU J 174 74.17 3.98 40.58
CA GLU J 174 73.38 5.21 40.51
C GLU J 174 72.03 4.95 39.85
N PHE J 175 72.02 4.12 38.81
CA PHE J 175 70.81 3.77 38.11
C PHE J 175 69.78 3.14 39.07
N TYR J 176 70.22 2.13 39.83
CA TYR J 176 69.31 1.44 40.74
C TYR J 176 68.82 2.36 41.85
N SER J 177 69.71 3.23 42.36
CA SER J 177 69.34 4.17 43.40
C SER J 177 68.21 5.08 42.93
N LEU J 178 68.30 5.58 41.70
CA LEU J 178 67.28 6.46 41.16
C LEU J 178 65.92 5.76 41.12
N TYR J 179 65.89 4.49 40.69
CA TYR J 179 64.63 3.78 40.62
C TYR J 179 64.06 3.41 41.98
N ASN J 180 64.92 3.12 42.96
CA ASN J 180 64.39 2.83 44.29
C ASN J 180 63.68 4.08 44.83
N SER J 181 64.24 5.27 44.57
CA SER J 181 63.60 6.51 45.00
C SER J 181 62.25 6.72 44.34
N ALA J 182 62.15 6.43 43.03
CA ALA J 182 60.88 6.58 42.34
C ALA J 182 59.80 5.66 42.91
N LEU J 183 60.15 4.41 43.24
CA LEU J 183 59.17 3.49 43.83
C LEU J 183 58.73 3.97 45.21
N MET J 184 59.65 4.51 46.00
CA MET J 184 59.29 5.03 47.31
C MET J 184 58.34 6.22 47.19
N GLN J 185 58.53 7.09 46.18
CA GLN J 185 57.62 8.21 45.99
C GLN J 185 56.21 7.70 45.72
N CYS J 186 56.08 6.66 44.88
CA CYS J 186 54.76 6.10 44.58
C CYS J 186 54.10 5.55 45.82
N ASN J 187 54.85 4.86 46.68
CA ASN J 187 54.26 4.36 47.90
C ASN J 187 53.75 5.50 48.79
N ASP J 188 54.53 6.57 48.94
CA ASP J 188 54.07 7.67 49.78
C ASP J 188 52.85 8.43 49.25
N LEU J 189 52.77 8.63 47.94
CA LEU J 189 51.64 9.38 47.37
C LEU J 189 50.39 8.53 47.08
N GLN J 190 50.57 7.23 46.80
CA GLN J 190 49.50 6.26 46.48
C GLN J 190 48.70 6.53 45.20
N ASP J 191 49.29 7.22 44.24
CA ASP J 191 48.62 7.52 42.97
C ASP J 191 49.51 7.42 41.72
N ARG J 192 50.67 6.77 41.80
CA ARG J 192 51.58 6.68 40.66
C ARG J 192 52.11 5.29 40.41
N PHE J 193 52.58 5.07 39.19
CA PHE J 193 53.16 3.81 38.78
C PHE J 193 54.44 4.09 37.97
N THR J 194 55.46 3.24 38.12
CA THR J 194 56.70 3.46 37.37
C THR J 194 56.96 2.37 36.33
N ILE J 195 57.62 2.77 35.24
CA ILE J 195 58.04 1.86 34.18
C ILE J 195 59.56 1.73 34.20
N LEU J 196 60.08 0.50 34.34
CA LEU J 196 61.51 0.27 34.48
C LEU J 196 62.17 -0.46 33.30
N ASP J 197 63.42 -0.07 33.07
CA ASP J 197 64.32 -0.66 32.08
C ASP J 197 65.48 -1.36 32.77
N THR J 198 66.16 -2.24 32.07
CA THR J 198 67.41 -2.75 32.60
C THR J 198 68.46 -1.68 32.31
N TYR J 199 69.63 -1.81 32.92
CA TYR J 199 70.75 -0.89 32.71
C TYR J 199 71.26 -0.99 31.26
N SER J 200 71.30 -2.21 30.75
CA SER J 200 71.78 -2.57 29.42
C SER J 200 71.03 -3.79 28.92
N ASP J 201 70.95 -3.98 27.59
CA ASP J 201 70.35 -5.19 27.09
C ASP J 201 71.36 -6.34 26.86
N GLN J 202 72.64 -6.04 27.15
CA GLN J 202 73.80 -6.93 26.99
C GLN J 202 74.62 -7.03 28.27
N THR J 203 75.44 -8.07 28.39
CA THR J 203 76.29 -8.24 29.56
C THR J 203 77.09 -6.96 29.84
N TYR J 204 77.03 -6.51 31.08
CA TYR J 204 77.79 -5.27 31.33
C TYR J 204 78.93 -5.57 32.29
N ASN J 205 79.90 -4.70 32.19
CA ASN J 205 81.15 -4.77 32.94
C ASN J 205 81.11 -3.87 34.17
N ASP J 206 81.08 -4.48 35.37
CA ASP J 206 80.96 -3.76 36.65
C ASP J 206 82.24 -3.01 37.00
N GLY J 207 83.30 -3.32 36.28
CA GLY J 207 84.66 -2.84 36.52
C GLY J 207 85.46 -3.91 37.24
N VAL J 208 84.73 -4.89 37.77
CA VAL J 208 85.30 -6.03 38.47
C VAL J 208 84.75 -7.40 38.04
N GLU J 209 83.63 -7.41 37.33
CA GLU J 209 82.92 -8.65 36.97
C GLU J 209 81.99 -8.45 35.76
N ASP J 210 81.67 -9.53 35.05
CA ASP J 210 80.71 -9.42 33.93
C ASP J 210 79.34 -9.77 34.52
N LEU J 211 78.34 -8.89 34.31
CA LEU J 211 77.00 -9.12 34.93
C LEU J 211 75.89 -9.24 33.88
N ASP J 212 75.04 -10.25 34.03
CA ASP J 212 73.81 -10.45 33.23
C ASP J 212 72.70 -9.49 33.69
N PRO J 213 72.14 -8.64 32.79
CA PRO J 213 71.10 -7.64 33.04
C PRO J 213 69.86 -8.08 33.81
N ILE J 214 69.41 -9.32 33.66
CA ILE J 214 68.19 -9.66 34.41
C ILE J 214 68.50 -9.86 35.91
N PRO J 215 69.42 -10.76 36.32
CA PRO J 215 69.91 -10.86 37.68
C PRO J 215 70.36 -9.52 38.24
N ALA J 216 70.95 -8.67 37.38
CA ALA J 216 71.42 -7.37 37.82
C ALA J 216 70.30 -6.52 38.38
N LEU J 217 69.20 -6.44 37.64
CA LEU J 217 68.06 -5.65 38.05
C LEU J 217 67.43 -6.24 39.28
N ARG J 218 67.34 -7.57 39.33
CA ARG J 218 66.75 -8.23 40.48
C ARG J 218 67.51 -7.97 41.79
N ASN J 219 68.84 -7.95 41.73
CA ASN J 219 69.62 -7.64 42.93
C ASN J 219 69.64 -6.13 43.21
N GLY J 220 69.63 -5.34 42.14
CA GLY J 220 69.67 -3.88 42.18
C GLY J 220 68.50 -3.25 42.95
N ILE J 221 67.28 -3.65 42.62
CA ILE J 221 66.11 -3.13 43.29
C ILE J 221 65.77 -4.05 44.46
N ASN J 222 65.99 -3.57 45.69
CA ASN J 222 65.86 -4.36 46.91
C ASN J 222 64.76 -3.93 47.90
N LEU J 223 63.72 -3.28 47.40
CA LEU J 223 62.59 -2.85 48.22
C LEU J 223 61.62 -4.00 48.38
N THR J 224 60.79 -3.93 49.42
CA THR J 224 59.78 -4.97 49.64
C THR J 224 58.45 -4.76 48.90
N LYS J 225 57.53 -5.68 49.16
CA LYS J 225 56.21 -5.81 48.53
C LYS J 225 55.42 -4.52 48.39
N ASP J 226 55.46 -3.69 49.43
CA ASP J 226 54.74 -2.42 49.48
C ASP J 226 55.15 -1.45 48.38
N TYR J 227 56.34 -1.63 47.85
CA TYR J 227 56.88 -0.76 46.83
C TYR J 227 56.84 -1.43 45.47
N LEU J 228 57.13 -2.73 45.46
CA LEU J 228 57.23 -3.49 44.22
C LEU J 228 55.89 -3.50 43.48
N LYS J 229 54.79 -3.50 44.21
CA LYS J 229 53.46 -3.48 43.62
C LYS J 229 53.21 -2.21 42.75
N TYR J 230 54.04 -1.17 42.88
CA TYR J 230 53.86 0.07 42.13
C TYR J 230 54.68 0.20 40.85
N GLY J 231 55.24 -0.89 40.35
CA GLY J 231 55.94 -0.76 39.09
C GLY J 231 56.11 -2.07 38.35
N ALA J 232 56.63 -1.96 37.13
CA ALA J 232 56.86 -3.09 36.23
C ALA J 232 58.07 -2.82 35.35
N ALA J 233 58.71 -3.89 34.87
CA ALA J 233 59.89 -3.77 34.02
C ALA J 233 59.74 -4.51 32.71
N TYR J 234 60.40 -4.00 31.67
CA TYR J 234 60.39 -4.59 30.33
C TYR J 234 61.81 -4.86 29.79
N TYR J 235 61.94 -5.90 28.96
CA TYR J 235 63.19 -6.31 28.32
C TYR J 235 62.94 -6.98 26.98
N PRO J 236 63.79 -6.84 25.97
CA PRO J 236 64.98 -6.02 25.71
C PRO J 236 64.70 -4.62 25.20
N PHE J 237 65.77 -3.95 24.77
CA PHE J 237 65.73 -2.65 24.09
C PHE J 237 65.23 -2.85 22.65
N VAL J 238 64.77 -1.79 22.00
CA VAL J 238 64.27 -1.95 20.63
C VAL J 238 64.92 -1.05 19.59
N GLN J 239 64.90 -1.52 18.33
CA GLN J 239 65.43 -0.75 17.21
C GLN J 239 64.31 -0.03 16.49
N THR J 240 64.41 1.30 16.46
CA THR J 240 63.47 2.27 15.85
C THR J 240 63.86 2.60 14.40
N ILE J 241 63.06 3.46 13.75
CA ILE J 241 63.24 3.87 12.37
C ILE J 241 63.65 5.34 12.26
N LEU J 242 64.04 5.91 13.39
CA LEU J 242 64.46 7.30 13.49
C LEU J 242 65.93 7.42 13.11
N ASN J 243 66.30 8.55 12.53
CA ASN J 243 67.69 8.81 12.13
C ASN J 243 68.47 9.55 13.20
N TYR J 244 69.74 9.78 12.93
CA TYR J 244 70.62 10.55 13.81
C TYR J 244 70.71 11.97 13.29
N GLN J 245 70.94 12.92 14.19
CA GLN J 245 71.12 14.29 13.79
C GLN J 245 72.63 14.57 13.66
N TYR J 246 73.06 15.16 12.55
CA TYR J 246 74.47 15.42 12.29
C TYR J 246 74.68 16.54 11.28
N SER J 247 75.96 16.89 11.08
CA SER J 247 76.37 17.88 10.08
C SER J 247 77.62 17.43 9.33
N ALA J 248 77.60 17.61 8.00
CA ALA J 248 78.68 17.23 7.08
C ALA J 248 80.00 17.93 7.43
N ASP J 249 79.92 19.05 8.14
CA ASP J 249 81.09 19.82 8.53
C ASP J 249 81.95 19.08 9.55
N GLU J 250 81.36 18.11 10.24
CA GLU J 250 82.05 17.38 11.28
C GLU J 250 82.57 16.02 10.81
N ILE J 251 82.37 15.68 9.54
CA ILE J 251 82.71 14.33 9.09
C ILE J 251 83.91 14.29 8.14
N VAL J 252 84.94 13.53 8.55
CA VAL J 252 86.19 13.41 7.81
C VAL J 252 86.35 12.05 7.12
N ILE J 253 86.83 12.12 5.88
CA ILE J 253 87.00 10.97 5.00
C ILE J 253 88.42 10.43 4.86
N GLN J 254 88.55 9.12 5.07
CA GLN J 254 89.79 8.40 4.82
C GLN J 254 89.70 7.87 3.39
N HIS J 255 90.76 8.02 2.60
CA HIS J 255 90.72 7.54 1.21
C HIS J 255 91.94 6.72 0.86
N LEU J 256 91.73 5.44 0.62
CA LEU J 256 92.83 4.54 0.32
C LEU J 256 92.74 4.12 -1.14
N SER J 257 93.89 3.88 -1.74
CA SER J 257 93.91 3.52 -3.17
C SER J 257 95.04 2.61 -3.61
N TYR J 258 94.72 1.75 -4.57
CA TYR J 258 95.68 0.87 -5.26
C TYR J 258 96.75 1.73 -5.96
N ASN J 259 96.38 2.98 -6.26
CA ASN J 259 97.20 3.98 -6.90
C ASN J 259 97.05 5.28 -6.10
N PRO J 260 97.93 5.51 -5.10
CA PRO J 260 97.95 6.64 -4.19
C PRO J 260 98.20 7.95 -4.91
N ASN J 261 97.64 9.05 -4.40
CA ASN J 261 97.93 10.37 -4.93
C ASN J 261 97.51 11.53 -4.01
N ALA J 262 97.51 11.31 -2.68
CA ALA J 262 97.18 12.40 -1.76
C ALA J 262 98.23 13.52 -1.74
N ILE J 263 99.51 13.15 -1.78
CA ILE J 263 100.59 14.13 -1.65
C ILE J 263 100.71 14.86 -2.95
N ALA J 264 100.68 14.12 -4.07
CA ALA J 264 100.80 14.74 -5.37
C ALA J 264 99.69 15.76 -5.57
N THR J 265 98.47 15.45 -5.12
CA THR J 265 97.37 16.39 -5.25
C THR J 265 97.67 17.66 -4.46
N ALA J 266 98.14 17.50 -3.20
CA ALA J 266 98.43 18.67 -2.39
C ALA J 266 99.48 19.53 -3.08
N LEU J 267 100.51 18.90 -3.67
CA LEU J 267 101.54 19.68 -4.35
C LEU J 267 101.03 20.41 -5.56
N ASP J 268 100.17 19.78 -6.36
CA ASP J 268 99.67 20.47 -7.54
C ASP J 268 98.95 21.75 -7.14
N ASN J 269 98.19 21.70 -6.05
CA ASN J 269 97.48 22.90 -5.61
C ASN J 269 98.44 23.90 -4.94
N LEU J 270 99.34 23.42 -4.09
CA LEU J 270 100.25 24.32 -3.39
C LEU J 270 101.17 25.06 -4.37
N ASN J 271 101.54 24.39 -5.45
CA ASN J 271 102.41 24.97 -6.45
C ASN J 271 101.66 25.97 -7.34
N ALA J 272 100.34 26.01 -7.21
CA ALA J 272 99.54 26.94 -7.98
C ALA J 272 99.40 28.20 -7.17
N GLY J 450 105.24 35.05 0.62
CA GLY J 450 105.87 34.10 -0.32
C GLY J 450 106.94 33.18 0.28
N THR J 451 107.70 33.69 1.24
CA THR J 451 108.73 32.89 1.89
C THR J 451 108.13 31.67 2.58
N ARG J 452 106.98 31.85 3.24
CA ARG J 452 106.40 30.77 3.98
C ARG J 452 105.80 29.76 3.02
N LEU J 453 105.29 30.23 1.87
CA LEU J 453 104.72 29.30 0.91
C LEU J 453 105.80 28.35 0.41
N ASP J 454 107.02 28.89 0.19
CA ASP J 454 108.12 28.03 -0.26
C ASP J 454 108.44 26.94 0.79
N ASP J 455 108.45 27.32 2.09
CA ASP J 455 108.72 26.34 3.15
C ASP J 455 107.68 25.23 3.21
N ILE J 456 106.41 25.60 3.00
CA ILE J 456 105.35 24.60 3.01
C ILE J 456 105.52 23.62 1.88
N ILE J 457 105.75 24.11 0.68
CA ILE J 457 105.88 23.22 -0.46
C ILE J 457 107.03 22.27 -0.30
N ALA J 458 108.18 22.76 0.14
CA ALA J 458 109.31 21.88 0.34
C ALA J 458 109.00 20.80 1.40
N ALA J 459 108.34 21.18 2.50
CA ALA J 459 108.01 20.22 3.53
C ALA J 459 107.11 19.12 2.98
N VAL J 460 106.16 19.51 2.12
CA VAL J 460 105.22 18.57 1.53
C VAL J 460 105.88 17.68 0.50
N SER J 461 106.69 18.23 -0.41
CA SER J 461 107.27 17.39 -1.46
C SER J 461 108.15 16.31 -0.87
N ALA J 462 108.71 16.59 0.30
CA ALA J 462 109.53 15.63 1.00
C ALA J 462 108.76 14.35 1.36
N ALA J 463 107.42 14.45 1.49
CA ALA J 463 106.57 13.33 1.87
C ALA J 463 106.12 12.46 0.70
N GLU J 464 106.43 12.83 -0.53
CA GLU J 464 105.89 11.99 -1.60
C GLU J 464 106.35 10.52 -1.49
N PRO J 465 107.62 10.20 -1.13
CA PRO J 465 108.13 8.85 -0.89
C PRO J 465 107.49 8.12 0.30
N ILE J 466 106.81 8.85 1.19
CA ILE J 466 106.19 8.27 2.39
C ILE J 466 104.82 7.72 2.14
N ASP J 467 104.01 8.53 1.49
CA ASP J 467 102.63 8.13 1.29
C ASP J 467 102.49 7.14 0.17
N VAL J 468 102.26 5.89 0.54
CA VAL J 468 102.16 4.83 -0.42
C VAL J 468 100.78 4.19 -0.36
N ASN J 469 99.84 4.83 0.35
CA ASN J 469 98.50 4.27 0.50
C ASN J 469 97.31 5.19 0.23
N ASN J 470 97.50 6.51 0.38
CA ASN J 470 96.35 7.41 0.38
C ASN J 470 96.04 8.07 -0.96
N GLY J 471 94.76 8.11 -1.27
CA GLY J 471 94.25 8.73 -2.47
C GLY J 471 93.97 10.23 -2.31
N LYS J 472 93.55 10.83 -3.40
CA LYS J 472 93.23 12.25 -3.55
C LYS J 472 92.36 12.91 -2.47
N LEU J 473 91.32 12.22 -1.96
CA LEU J 473 90.38 12.83 -1.01
C LEU J 473 90.75 12.65 0.46
N ASN J 474 91.84 11.95 0.73
CA ASN J 474 92.18 11.62 2.10
C ASN J 474 92.35 12.86 2.97
N GLY J 475 91.68 12.88 4.12
CA GLY J 475 91.80 13.96 5.08
C GLY J 475 90.78 15.08 4.94
N ARG J 476 89.97 15.09 3.89
CA ARG J 476 88.99 16.18 3.74
C ARG J 476 87.64 15.87 4.38
N LEU J 477 86.90 16.95 4.66
CA LEU J 477 85.55 16.88 5.21
C LEU J 477 84.50 16.72 4.14
N LEU J 478 83.37 16.09 4.46
CA LEU J 478 82.33 16.00 3.44
C LEU J 478 81.91 17.32 2.83
N SER J 479 81.69 18.31 3.66
CA SER J 479 81.25 19.59 3.13
C SER J 479 82.27 20.26 2.19
N ASP J 480 83.54 19.83 2.22
CA ASP J 480 84.59 20.38 1.37
C ASP J 480 84.90 19.55 0.11
N ILE J 481 84.18 18.44 -0.12
CA ILE J 481 84.50 17.66 -1.31
C ILE J 481 83.37 17.66 -2.31
N GLU J 482 82.22 18.24 -1.95
CA GLU J 482 81.12 18.21 -2.89
C GLU J 482 81.48 18.72 -4.29
N PRO J 483 82.15 19.87 -4.49
CA PRO J 483 82.57 20.32 -5.81
C PRO J 483 83.65 19.46 -6.48
N LEU J 484 84.41 18.66 -5.71
CA LEU J 484 85.47 17.85 -6.27
C LEU J 484 84.85 16.63 -6.94
N ASP J 485 83.89 16.04 -6.21
CA ASP J 485 83.15 14.87 -6.63
C ASP J 485 81.84 14.79 -5.86
N ASN J 486 80.76 15.29 -6.43
CA ASN J 486 79.52 15.31 -5.68
C ASN J 486 78.87 13.94 -5.70
N ALA J 487 79.47 12.98 -6.40
CA ALA J 487 78.95 11.64 -6.40
C ALA J 487 79.36 10.98 -5.10
N THR J 488 80.57 11.35 -4.62
CA THR J 488 81.10 10.80 -3.40
C THR J 488 80.36 11.43 -2.25
N TYR J 489 80.22 12.74 -2.32
CA TYR J 489 79.52 13.45 -1.27
C TYR J 489 78.11 12.92 -1.08
N ASN J 490 77.35 12.80 -2.17
CA ASN J 490 76.01 12.31 -2.07
C ASN J 490 75.93 10.86 -1.63
N THR J 491 76.85 10.00 -2.11
CA THR J 491 76.81 8.59 -1.73
C THR J 491 77.05 8.45 -0.24
N ILE J 492 78.00 9.20 0.30
CA ILE J 492 78.29 9.12 1.70
C ILE J 492 77.09 9.54 2.53
N LEU J 493 76.43 10.65 2.18
CA LEU J 493 75.28 11.06 2.98
C LEU J 493 74.21 9.99 2.96
N LEU J 494 74.00 9.35 1.81
CA LEU J 494 73.02 8.30 1.72
C LEU J 494 73.38 7.14 2.66
N GLU J 495 74.67 6.76 2.71
CA GLU J 495 75.10 5.70 3.62
C GLU J 495 74.96 6.10 5.09
N ILE J 496 75.23 7.36 5.43
CA ILE J 496 75.12 7.77 6.83
C ILE J 496 73.70 7.58 7.31
N ASN J 497 72.75 7.85 6.41
CA ASN J 497 71.29 7.82 6.63
C ASN J 497 70.79 6.39 6.88
N SER J 498 71.61 5.38 6.61
CA SER J 498 71.12 4.02 6.76
C SER J 498 71.21 3.55 8.22
N HIS J 499 71.89 4.32 9.08
CA HIS J 499 72.04 3.96 10.50
C HIS J 499 70.88 4.47 11.35
N LYS J 500 70.29 3.58 12.14
CA LYS J 500 69.14 3.96 12.95
C LYS J 500 69.42 4.01 14.45
N VAL J 501 68.55 4.72 15.15
CA VAL J 501 68.55 4.93 16.60
C VAL J 501 68.01 3.71 17.39
N THR J 502 68.68 3.34 18.49
CA THR J 502 68.24 2.22 19.36
C THR J 502 67.88 2.79 20.74
N LEU J 503 66.69 2.45 21.25
CA LEU J 503 66.20 3.00 22.52
C LEU J 503 65.68 1.95 23.54
N PRO J 504 65.76 2.22 24.86
CA PRO J 504 65.08 1.49 25.90
C PRO J 504 63.59 1.63 25.55
N PRO J 505 62.72 0.67 25.87
CA PRO J 505 61.30 0.65 25.53
C PRO J 505 60.32 1.45 26.41
N SER J 506 60.78 2.17 27.43
CA SER J 506 59.84 2.78 28.37
C SER J 506 58.91 3.87 27.82
N SER J 507 59.35 4.65 26.82
CA SER J 507 58.48 5.72 26.33
C SER J 507 57.44 5.15 25.40
N SER J 508 57.81 4.06 24.73
CA SER J 508 56.92 3.37 23.83
C SER J 508 55.82 2.75 24.64
N MET J 509 56.18 2.20 25.81
CA MET J 509 55.16 1.61 26.65
C MET J 509 54.21 2.65 27.23
N ALA J 510 54.71 3.84 27.60
CA ALA J 510 53.79 4.86 28.10
C ALA J 510 52.75 5.20 27.02
N GLY J 511 53.20 5.26 25.76
CA GLY J 511 52.31 5.48 24.62
C GLY J 511 51.28 4.35 24.52
N ALA J 512 51.76 3.11 24.57
CA ALA J 512 50.90 1.94 24.49
C ALA J 512 49.86 1.90 25.60
N TYR J 513 50.22 2.33 26.82
CA TYR J 513 49.26 2.34 27.92
C TYR J 513 48.10 3.26 27.57
N ALA J 514 48.40 4.44 27.01
CA ALA J 514 47.36 5.38 26.63
C ALA J 514 46.41 4.79 25.58
N ARG J 515 46.96 4.07 24.59
CA ARG J 515 46.08 3.46 23.59
C ARG J 515 45.11 2.44 24.19
N VAL J 516 45.59 1.59 25.08
CA VAL J 516 44.69 0.60 25.65
C VAL J 516 43.59 1.26 26.47
N ASP J 517 43.94 2.25 27.30
CA ASP J 517 42.93 2.89 28.12
C ASP J 517 41.81 3.49 27.27
N ASN J 518 42.14 4.06 26.11
CA ASN J 518 41.12 4.62 25.23
C ASN J 518 40.29 3.61 24.42
N ASP J 519 40.90 2.54 23.92
CA ASP J 519 40.12 1.60 23.11
C ASP J 519 39.43 0.49 23.90
N ARG J 520 40.03 0.01 24.99
CA ARG J 520 39.43 -1.10 25.72
C ARG J 520 39.08 -0.78 27.18
N GLY J 521 39.84 0.10 27.81
CA GLY J 521 39.62 0.46 29.22
C GLY J 521 40.78 0.04 30.12
N VAL J 522 40.98 0.82 31.17
CA VAL J 522 42.06 0.67 32.17
C VAL J 522 42.04 -0.68 32.89
N TRP J 523 40.92 -1.38 32.85
CA TRP J 523 40.83 -2.66 33.51
C TRP J 523 41.31 -3.84 32.63
N LYS J 524 41.77 -3.57 31.42
CA LYS J 524 42.30 -4.62 30.55
C LYS J 524 43.83 -4.61 30.54
N SER J 525 44.43 -5.79 30.44
CA SER J 525 45.89 -5.90 30.44
C SER J 525 46.57 -5.16 29.29
N PRO J 526 47.65 -4.40 29.54
CA PRO J 526 48.45 -3.72 28.55
C PRO J 526 49.44 -4.69 27.89
N ALA J 527 48.92 -5.63 27.14
CA ALA J 527 49.72 -6.67 26.47
C ALA J 527 49.01 -7.13 25.20
N ASN J 528 49.74 -7.81 24.32
CA ASN J 528 49.29 -8.26 23.00
C ASN J 528 48.94 -7.01 22.18
N ILE J 529 49.85 -6.05 22.29
CA ILE J 529 49.84 -4.74 21.67
C ILE J 529 50.98 -4.61 20.69
N GLY J 530 50.70 -4.18 19.46
CA GLY J 530 51.81 -3.95 18.54
C GLY J 530 52.38 -2.55 18.78
N LEU J 531 53.69 -2.41 18.62
CA LEU J 531 54.35 -1.10 18.79
C LEU J 531 54.57 -0.41 17.46
N ASN J 532 54.45 0.92 17.44
CA ASN J 532 54.67 1.67 16.22
C ASN J 532 56.12 2.12 16.14
N TYR J 533 56.61 2.29 14.91
CA TYR J 533 57.98 2.72 14.65
C TYR J 533 59.03 1.78 15.23
N VAL J 534 58.76 0.50 15.24
CA VAL J 534 59.73 -0.45 15.73
C VAL J 534 60.02 -1.45 14.64
N SER J 535 61.30 -1.58 14.32
CA SER J 535 61.77 -2.50 13.30
C SER J 535 61.81 -3.89 13.90
N LYS J 536 62.48 -3.99 15.05
CA LYS J 536 62.64 -5.26 15.75
C LYS J 536 63.19 -5.06 17.17
N PRO J 537 63.03 -6.03 18.09
CA PRO J 537 63.74 -6.13 19.35
C PRO J 537 65.23 -6.25 19.08
N SER J 538 66.08 -5.71 19.94
CA SER J 538 67.53 -5.84 19.76
C SER J 538 68.06 -7.24 20.09
N VAL J 539 67.39 -7.95 20.98
CA VAL J 539 67.76 -9.30 21.41
C VAL J 539 66.58 -10.24 21.23
N THR J 540 66.81 -11.39 20.61
CA THR J 540 65.73 -12.35 20.44
C THR J 540 65.51 -13.18 21.71
N VAL J 541 64.26 -13.27 22.15
CA VAL J 541 63.90 -14.05 23.32
C VAL J 541 63.03 -15.22 22.87
N SER J 542 63.49 -16.43 23.17
CA SER J 542 62.78 -17.65 22.77
C SER J 542 61.68 -17.95 23.76
N HIS J 543 60.87 -18.96 23.45
CA HIS J 543 59.80 -19.39 24.34
C HIS J 543 60.35 -19.85 25.69
N GLU J 544 61.31 -20.78 25.65
CA GLU J 544 61.90 -21.34 26.85
C GLU J 544 62.61 -20.31 27.70
N GLU J 545 63.26 -19.36 27.04
CA GLU J 545 63.99 -18.30 27.72
C GLU J 545 63.10 -17.36 28.52
N GLN J 546 61.80 -17.32 28.24
CA GLN J 546 60.94 -16.42 28.95
C GLN J 546 60.37 -17.06 30.21
N GLU J 547 60.56 -18.35 30.42
CA GLU J 547 59.90 -18.97 31.56
C GLU J 547 60.33 -18.34 32.90
N SER J 548 61.61 -18.00 33.01
CA SER J 548 62.18 -17.40 34.21
C SER J 548 61.94 -15.89 34.30
N MET J 549 61.37 -15.30 33.25
CA MET J 549 61.06 -13.89 33.24
C MET J 549 59.66 -13.70 33.80
N ASN J 550 58.75 -14.62 33.48
CA ASN J 550 57.37 -14.50 33.92
C ASN J 550 57.19 -15.02 35.35
N VAL J 551 57.84 -16.15 35.66
CA VAL J 551 57.75 -16.75 36.98
C VAL J 551 59.12 -16.95 37.58
N HIS J 552 59.32 -16.49 38.80
CA HIS J 552 60.62 -16.58 39.46
C HIS J 552 60.48 -16.59 40.97
N GLY J 553 61.40 -17.26 41.65
CA GLY J 553 61.39 -17.36 43.12
C GLY J 553 61.31 -16.02 43.86
N THR J 554 61.86 -14.95 43.29
CA THR J 554 61.81 -13.64 43.94
C THR J 554 60.54 -12.84 43.69
N GLY J 555 59.76 -13.23 42.68
CA GLY J 555 58.55 -12.51 42.26
C GLY J 555 58.86 -11.29 41.38
N LYS J 556 60.14 -11.00 41.13
CA LYS J 556 60.52 -9.84 40.35
C LYS J 556 60.50 -10.11 38.85
N SER J 557 59.28 -10.22 38.35
CA SER J 557 58.97 -10.54 36.97
C SER J 557 59.39 -9.45 36.01
N VAL J 558 59.72 -9.85 34.79
CA VAL J 558 60.06 -8.94 33.68
C VAL J 558 59.20 -9.30 32.46
N ASN J 559 58.55 -8.30 31.85
CA ASN J 559 57.71 -8.56 30.69
C ASN J 559 58.59 -8.57 29.43
N ALA J 560 58.19 -9.30 28.38
CA ALA J 560 59.07 -9.39 27.21
C ALA J 560 58.54 -8.71 25.97
N ILE J 561 59.44 -8.16 25.19
CA ILE J 561 59.07 -7.65 23.89
C ILE J 561 59.51 -8.70 22.86
N ARG J 562 58.56 -9.23 22.08
CA ARG J 562 58.85 -10.33 21.15
C ARG J 562 58.30 -10.15 19.74
N SER J 563 58.99 -10.75 18.77
CA SER J 563 58.59 -10.71 17.36
C SER J 563 57.78 -11.92 16.94
N PHE J 564 56.61 -11.67 16.36
CA PHE J 564 55.73 -12.74 15.91
C PHE J 564 55.57 -12.70 14.38
N VAL J 565 55.52 -13.87 13.78
CA VAL J 565 55.41 -13.93 12.33
C VAL J 565 54.05 -13.47 11.87
N GLY J 566 54.06 -12.50 10.98
CA GLY J 566 52.85 -11.91 10.42
C GLY J 566 52.22 -10.86 11.32
N LYS J 567 52.80 -10.59 12.49
CA LYS J 567 52.22 -9.62 13.42
C LYS J 567 53.15 -8.46 13.73
N GLY J 568 54.45 -8.70 13.77
CA GLY J 568 55.40 -7.65 14.13
C GLY J 568 55.75 -7.72 15.60
N THR J 569 56.22 -6.60 16.14
CA THR J 569 56.72 -6.61 17.51
C THR J 569 55.59 -6.38 18.50
N LEU J 570 55.38 -7.34 19.40
CA LEU J 570 54.32 -7.30 20.40
C LEU J 570 54.81 -7.28 21.83
N VAL J 571 54.01 -6.67 22.70
CA VAL J 571 54.26 -6.71 24.14
C VAL J 571 53.70 -8.01 24.70
N TRP J 572 54.55 -8.86 25.26
CA TRP J 572 54.09 -10.16 25.71
C TRP J 572 54.24 -10.34 27.24
N GLY J 573 53.11 -10.29 27.95
CA GLY J 573 53.11 -10.36 29.42
C GLY J 573 52.73 -9.03 30.07
N ALA J 574 52.04 -9.10 31.21
CA ALA J 574 51.60 -7.90 31.92
C ALA J 574 51.59 -8.04 33.44
N ARG J 575 52.70 -8.47 34.01
CA ARG J 575 52.79 -8.60 35.46
C ARG J 575 53.61 -7.48 36.08
N THR J 576 53.42 -7.27 37.38
CA THR J 576 54.15 -6.27 38.18
C THR J 576 55.38 -6.89 38.83
N LEU J 577 56.15 -6.08 39.55
CA LEU J 577 57.36 -6.56 40.24
C LEU J 577 57.06 -7.37 41.52
N ALA J 578 55.78 -7.65 41.76
CA ALA J 578 55.33 -8.47 42.88
C ALA J 578 54.47 -9.60 42.28
N GLY J 579 55.08 -10.40 41.39
CA GLY J 579 54.43 -11.40 40.56
C GLY J 579 53.80 -12.58 41.27
N ASN J 580 54.15 -12.79 42.53
CA ASN J 580 53.57 -13.89 43.28
C ASN J 580 52.50 -13.39 44.24
N ASP J 581 52.12 -12.13 44.11
CA ASP J 581 51.11 -11.50 44.97
C ASP J 581 49.70 -11.85 44.51
N ASN J 582 48.98 -12.58 45.34
CA ASN J 582 47.65 -13.06 45.01
C ASN J 582 46.65 -11.94 44.70
N GLU J 583 46.88 -10.74 45.20
CA GLU J 583 45.98 -9.63 44.95
C GLU J 583 46.52 -8.65 43.93
N TRP J 584 47.83 -8.38 43.99
CA TRP J 584 48.43 -7.36 43.13
C TRP J 584 49.38 -7.77 41.99
N ARG J 585 49.52 -9.05 41.66
CA ARG J 585 50.43 -9.45 40.56
C ARG J 585 50.12 -8.89 39.15
N TYR J 586 48.87 -8.53 38.84
CA TYR J 586 48.59 -8.03 37.49
C TYR J 586 48.55 -6.52 37.41
N ILE J 587 49.10 -5.98 36.32
CA ILE J 587 49.18 -4.54 36.14
C ILE J 587 47.80 -3.90 36.10
N SER J 588 46.86 -4.50 35.36
CA SER J 588 45.51 -3.98 35.21
C SER J 588 44.69 -3.94 36.50
N VAL J 589 45.07 -4.71 37.51
CA VAL J 589 44.32 -4.66 38.74
C VAL J 589 44.84 -3.46 39.49
N ARG J 590 46.17 -3.35 39.60
CA ARG J 590 46.74 -2.21 40.30
C ARG J 590 46.30 -0.88 39.68
N ARG J 591 46.37 -0.77 38.34
CA ARG J 591 45.98 0.47 37.69
C ARG J 591 44.49 0.77 37.83
N PHE J 592 43.60 -0.23 37.75
CA PHE J 592 42.18 0.01 37.94
C PHE J 592 41.92 0.60 39.31
N PHE J 593 42.50 0.00 40.35
CA PHE J 593 42.30 0.55 41.67
C PHE J 593 42.82 1.97 41.79
N ASN J 594 44.02 2.27 41.26
CA ASN J 594 44.48 3.65 41.39
C ASN J 594 43.51 4.63 40.75
N MET J 595 42.94 4.27 39.60
CA MET J 595 41.99 5.12 38.91
C MET J 595 40.74 5.34 39.75
N ALA J 596 40.14 4.25 40.25
CA ALA J 596 38.92 4.38 41.02
C ALA J 596 39.13 5.20 42.28
N GLU J 597 40.27 5.00 42.95
CA GLU J 597 40.53 5.73 44.18
C GLU J 597 40.69 7.22 43.94
N GLU J 598 41.39 7.60 42.87
CA GLU J 598 41.57 9.01 42.57
C GLU J 598 40.25 9.69 42.25
N SER J 599 39.42 9.06 41.42
CA SER J 599 38.15 9.65 41.04
C SER J 599 37.22 9.83 42.23
N ILE J 600 37.19 8.84 43.12
CA ILE J 600 36.34 8.97 44.28
C ILE J 600 36.84 10.09 45.19
N LYS J 601 38.14 10.17 45.51
CA LYS J 601 38.45 11.24 46.43
C LYS J 601 38.14 12.63 45.84
N LYS J 602 38.28 12.83 44.53
CA LYS J 602 37.95 14.15 43.99
C LYS J 602 36.49 14.46 44.29
N ALA J 603 35.63 13.47 44.10
CA ALA J 603 34.21 13.60 44.36
C ALA J 603 33.89 13.86 45.86
N THR J 604 34.67 13.29 46.79
CA THR J 604 34.40 13.47 48.22
C THR J 604 34.89 14.80 48.80
N GLU J 605 35.80 15.50 48.11
CA GLU J 605 36.32 16.76 48.63
C GLU J 605 35.24 17.83 48.88
N GLN J 606 34.15 17.81 48.13
CA GLN J 606 33.07 18.76 48.33
C GLN J 606 32.43 18.70 49.73
N PHE J 607 32.66 17.61 50.49
CA PHE J 607 32.08 17.45 51.83
C PHE J 607 33.05 17.71 52.98
N VAL J 608 34.25 18.22 52.70
CA VAL J 608 35.26 18.34 53.77
C VAL J 608 34.86 19.16 55.00
N PHE J 609 34.19 20.27 54.84
CA PHE J 609 33.88 21.07 56.02
C PHE J 609 32.41 20.96 56.46
N GLU J 610 31.73 19.89 56.05
CA GLU J 610 30.34 19.68 56.43
C GLU J 610 30.25 19.10 57.85
N PRO J 611 29.12 19.26 58.57
CA PRO J 611 28.85 18.67 59.87
C PRO J 611 29.00 17.16 59.88
N ASN J 612 29.57 16.59 60.94
CA ASN J 612 29.75 15.16 60.96
C ASN J 612 28.56 14.52 61.63
N ASP J 613 27.57 14.18 60.81
CA ASP J 613 26.30 13.62 61.28
C ASP J 613 25.63 12.78 60.19
N GLY J 614 24.49 12.20 60.53
CA GLY J 614 23.72 11.30 59.66
C GLY J 614 23.34 11.87 58.31
N ASN J 615 23.07 13.17 58.23
CA ASN J 615 22.70 13.74 56.95
C ASN J 615 23.86 13.70 55.95
N THR J 616 25.08 13.85 56.44
CA THR J 616 26.26 13.87 55.61
C THR J 616 26.59 12.45 55.22
N TRP J 617 26.51 11.55 56.20
CA TRP J 617 26.87 10.17 55.96
C TRP J 617 26.05 9.60 54.81
N VAL J 618 24.75 9.92 54.80
CA VAL J 618 23.88 9.47 53.71
C VAL J 618 24.28 10.07 52.37
N ARG J 619 24.53 11.38 52.33
CA ARG J 619 24.91 12.02 51.04
C ARG J 619 26.21 11.43 50.50
N VAL J 620 27.21 11.18 51.35
CA VAL J 620 28.48 10.65 50.89
C VAL J 620 28.31 9.24 50.33
N ARG J 621 27.58 8.40 51.07
CA ARG J 621 27.34 7.05 50.62
C ARG J 621 26.65 7.00 49.28
N ALA J 622 25.58 7.77 49.11
CA ALA J 622 24.85 7.74 47.86
C ALA J 622 25.72 8.14 46.68
N MET J 623 26.56 9.15 46.86
CA MET J 623 27.45 9.61 45.81
C MET J 623 28.43 8.52 45.35
N ILE J 624 29.03 7.82 46.32
CA ILE J 624 29.99 6.78 46.00
C ILE J 624 29.32 5.62 45.28
N GLU J 625 28.15 5.18 45.76
CA GLU J 625 27.47 4.09 45.09
C GLU J 625 27.11 4.44 43.65
N ASN J 626 26.69 5.68 43.37
CA ASN J 626 26.36 6.02 41.98
C ASN J 626 27.57 5.87 41.06
N PHE J 627 28.74 6.29 41.52
CA PHE J 627 29.96 6.13 40.74
C PHE J 627 30.21 4.66 40.41
N LEU J 628 30.15 3.82 41.44
CA LEU J 628 30.41 2.40 41.25
C LEU J 628 29.39 1.70 40.35
N ILE J 629 28.13 2.14 40.38
CA ILE J 629 27.11 1.55 39.50
C ILE J 629 27.50 1.81 38.05
N LEU J 630 27.93 3.03 37.74
CA LEU J 630 28.34 3.31 36.37
C LEU J 630 29.55 2.46 35.95
N GLN J 631 30.51 2.22 36.86
CA GLN J 631 31.66 1.39 36.51
C GLN J 631 31.22 -0.04 36.22
N TRP J 632 30.23 -0.51 36.97
CA TRP J 632 29.65 -1.82 36.76
C TRP J 632 28.94 -1.88 35.40
N ARG J 633 28.12 -0.88 35.10
CA ARG J 633 27.36 -0.85 33.86
C ARG J 633 28.29 -0.93 32.64
N ALA J 634 29.45 -0.30 32.73
CA ALA J 634 30.44 -0.26 31.66
C ALA J 634 31.30 -1.54 31.56
N GLY J 635 31.09 -2.50 32.46
CA GLY J 635 31.83 -3.76 32.44
C GLY J 635 33.17 -3.80 33.19
N ALA J 636 33.44 -2.83 34.07
CA ALA J 636 34.71 -2.86 34.78
C ALA J 636 34.70 -3.83 35.96
N LEU J 637 33.54 -4.00 36.59
CA LEU J 637 33.39 -4.84 37.78
C LEU J 637 32.66 -6.14 37.47
N ALA J 638 32.98 -7.16 38.24
CA ALA J 638 32.34 -8.47 38.15
C ALA J 638 30.97 -8.46 38.82
N GLY J 639 30.10 -9.38 38.44
CA GLY J 639 28.79 -9.54 39.11
C GLY J 639 27.57 -9.34 38.21
N ALA J 640 26.57 -10.22 38.39
CA ALA J 640 25.31 -10.18 37.62
C ALA J 640 24.49 -8.90 37.83
N LYS J 641 24.55 -8.37 39.04
CA LYS J 641 23.84 -7.17 39.47
C LYS J 641 24.81 -6.39 40.36
N PRO J 642 24.68 -5.05 40.54
CA PRO J 642 25.55 -4.23 41.38
C PRO J 642 25.75 -4.81 42.78
N GLU J 643 24.73 -5.47 43.32
CA GLU J 643 24.76 -6.11 44.64
C GLU J 643 25.89 -7.14 44.81
N HIS J 644 26.40 -7.65 43.70
CA HIS J 644 27.46 -8.65 43.69
C HIS J 644 28.80 -8.05 43.27
N ALA J 645 28.81 -6.78 42.92
CA ALA J 645 29.98 -6.10 42.41
C ALA J 645 30.69 -5.30 43.49
N PHE J 646 29.93 -4.66 44.36
CA PHE J 646 30.52 -3.81 45.38
C PHE J 646 29.66 -3.56 46.59
N TYR J 647 30.28 -3.03 47.65
CA TYR J 647 29.54 -2.52 48.79
C TYR J 647 30.19 -1.24 49.34
N VAL J 648 29.36 -0.41 49.99
CA VAL J 648 29.80 0.80 50.68
C VAL J 648 29.16 0.87 52.07
N LYS J 649 29.95 1.07 53.13
CA LYS J 649 29.42 1.15 54.50
C LYS J 649 29.92 2.37 55.27
N VAL J 650 29.01 2.99 56.01
CA VAL J 650 29.36 4.11 56.88
C VAL J 650 28.34 4.26 57.99
N GLY J 651 28.80 4.52 59.21
CA GLY J 651 27.87 4.78 60.28
C GLY J 651 28.45 4.60 61.68
N LEU J 652 27.74 5.17 62.65
CA LEU J 652 28.18 5.05 64.01
C LEU J 652 27.84 3.66 64.47
N GLY J 653 28.83 2.94 64.98
CA GLY J 653 28.66 1.57 65.38
C GLY J 653 29.03 0.59 64.26
N GLN J 654 29.25 1.09 63.05
CA GLN J 654 29.63 0.23 61.94
C GLN J 654 31.07 0.50 61.55
N THR J 655 31.38 1.78 61.32
CA THR J 655 32.72 2.17 60.90
C THR J 655 33.34 3.19 61.86
N MET J 656 32.51 3.87 62.65
CA MET J 656 32.94 4.93 63.55
C MET J 656 32.55 4.70 64.99
N THR J 657 33.34 5.26 65.91
CA THR J 657 32.95 5.25 67.31
C THR J 657 32.79 6.64 67.88
N ALA J 658 32.43 6.73 69.15
CA ALA J 658 32.18 8.04 69.78
C ALA J 658 33.40 8.95 69.73
N GLN J 659 34.56 8.35 69.87
CA GLN J 659 35.83 9.04 69.85
C GLN J 659 36.11 9.68 68.49
N ASP J 660 35.60 9.09 67.40
CA ASP J 660 35.86 9.60 66.08
C ASP J 660 34.96 10.78 65.86
N ILE J 661 33.77 10.71 66.44
CA ILE J 661 32.88 11.83 66.24
C ILE J 661 33.51 13.02 66.94
N LEU J 662 34.00 12.82 68.17
CA LEU J 662 34.60 13.91 68.94
C LEU J 662 35.83 14.53 68.27
N GLU J 663 36.65 13.71 67.61
CA GLU J 663 37.83 14.22 66.94
C GLU J 663 37.59 14.71 65.51
N GLY J 664 36.35 14.63 65.02
CA GLY J 664 36.06 15.06 63.66
C GLY J 664 36.39 14.07 62.53
N ASN J 665 36.50 12.77 62.82
CA ASN J 665 36.82 11.79 61.79
C ASN J 665 35.56 11.20 61.16
N MET J 666 35.67 10.78 59.90
CA MET J 666 34.60 10.07 59.22
C MET J 666 35.19 8.87 58.49
N ASN J 667 34.66 7.68 58.76
CA ASN J 667 35.19 6.44 58.20
C ASN J 667 34.28 5.74 57.20
N VAL J 668 34.73 5.59 55.96
CA VAL J 668 33.91 4.93 54.95
C VAL J 668 34.61 3.67 54.43
N GLU J 669 33.92 2.53 54.44
CA GLU J 669 34.52 1.28 53.94
C GLU J 669 33.92 0.86 52.61
N ILE J 670 34.80 0.52 51.65
CA ILE J 670 34.39 0.15 50.28
C ILE J 670 35.03 -1.17 49.83
N GLY J 671 34.25 -2.05 49.20
CA GLY J 671 34.83 -3.29 48.66
C GLY J 671 34.44 -3.46 47.18
N LEU J 672 35.36 -4.03 46.36
CA LEU J 672 35.14 -4.21 44.91
C LEU J 672 35.46 -5.61 44.36
N ALA J 673 34.61 -6.14 43.46
CA ALA J 673 34.86 -7.40 42.76
C ALA J 673 35.54 -7.16 41.39
N VAL J 674 36.81 -7.51 41.27
CA VAL J 674 37.61 -7.23 40.07
C VAL J 674 38.04 -8.51 39.32
N VAL J 675 37.85 -8.49 38.01
CA VAL J 675 38.14 -9.57 37.06
C VAL J 675 39.63 -9.69 36.67
N ARG J 676 40.15 -10.93 36.72
CA ARG J 676 41.54 -11.21 36.35
C ARG J 676 41.63 -12.05 35.06
N PRO J 677 42.66 -11.84 34.20
CA PRO J 677 42.89 -12.49 32.92
C PRO J 677 43.40 -13.92 32.96
N ALA J 678 43.15 -14.67 31.90
CA ALA J 678 43.74 -15.99 31.70
C ALA J 678 45.05 -15.86 30.95
N GLU J 679 46.05 -16.68 31.29
CA GLU J 679 47.33 -16.65 30.56
C GLU J 679 47.63 -17.86 29.68
N PHE J 680 47.02 -19.01 29.94
CA PHE J 680 47.46 -20.19 29.22
C PHE J 680 46.34 -20.91 28.48
N ILE J 681 46.61 -21.30 27.25
CA ILE J 681 45.68 -22.06 26.43
C ILE J 681 46.33 -23.36 25.99
N ILE J 682 45.68 -24.46 26.30
CA ILE J 682 46.23 -25.77 25.96
C ILE J 682 45.38 -26.50 24.95
N LEU J 683 45.99 -26.89 23.84
CA LEU J 683 45.27 -27.61 22.81
C LEU J 683 45.67 -29.07 22.87
N LYS J 684 44.73 -29.95 22.56
CA LYS J 684 45.02 -31.38 22.55
C LYS J 684 44.51 -31.97 21.25
N PHE J 685 45.28 -32.86 20.66
CA PHE J 685 44.91 -33.47 19.40
C PHE J 685 44.87 -34.98 19.47
N SER J 686 44.05 -35.58 18.64
CA SER J 686 43.90 -37.02 18.56
C SER J 686 43.36 -37.45 17.22
N HIS J 687 43.37 -38.75 16.97
CA HIS J 687 42.81 -39.32 15.77
C HIS J 687 41.37 -39.74 16.00
N LYS J 688 40.46 -39.10 15.31
CA LYS J 688 39.04 -39.37 15.49
C LYS J 688 38.71 -40.82 15.17
N MET J 689 37.96 -41.44 16.06
CA MET J 689 37.53 -42.81 15.87
C MET J 689 36.16 -43.06 16.46
N GLN J 690 35.51 -44.11 15.99
CA GLN J 690 34.22 -44.51 16.53
C GLN J 690 34.25 -44.67 18.04
N THR K 3 5.75 62.63 -25.58
CA THR K 3 4.33 62.80 -25.83
C THR K 3 3.86 62.03 -27.04
N TYR K 4 2.87 61.18 -26.83
CA TYR K 4 2.29 60.39 -27.89
C TYR K 4 0.82 60.70 -27.90
N LYS K 5 0.20 60.67 -29.07
CA LYS K 5 -1.22 60.97 -29.16
C LYS K 5 -2.11 59.80 -29.58
N THR K 6 -1.55 58.83 -30.29
CA THR K 6 -2.34 57.73 -30.80
C THR K 6 -2.01 56.48 -29.97
N PRO K 7 -2.99 55.75 -29.41
CA PRO K 7 -2.78 54.50 -28.70
C PRO K 7 -2.07 53.52 -29.59
N GLY K 8 -1.16 52.73 -29.06
CA GLY K 8 -0.47 51.78 -29.92
C GLY K 8 0.98 51.55 -29.55
N VAL K 9 1.68 50.87 -30.43
CA VAL K 9 3.07 50.51 -30.25
C VAL K 9 3.98 51.34 -31.13
N TYR K 10 4.97 51.97 -30.51
CA TYR K 10 5.92 52.82 -31.20
C TYR K 10 7.28 52.14 -31.29
N ILE K 11 8.01 52.37 -32.39
CA ILE K 11 9.32 51.76 -32.58
C ILE K 11 10.44 52.78 -32.75
N GLU K 12 11.50 52.60 -31.96
CA GLU K 12 12.68 53.45 -32.00
C GLU K 12 13.96 52.60 -32.10
N GLU K 13 15.03 53.18 -32.65
CA GLU K 13 16.31 52.49 -32.75
C GLU K 13 17.42 53.29 -32.08
N ILE K 14 18.01 52.72 -31.03
CA ILE K 14 19.03 53.38 -30.23
C ILE K 14 20.25 52.50 -29.97
N THR K 15 21.35 53.11 -29.52
CA THR K 15 22.55 52.38 -29.08
C THR K 15 22.93 52.75 -27.65
N LYS K 16 23.08 51.76 -26.76
CA LYS K 16 23.47 52.02 -25.37
C LYS K 16 23.82 50.75 -24.62
N PHE K 17 24.44 50.90 -23.45
CA PHE K 17 24.63 49.78 -22.55
C PHE K 17 23.31 49.56 -21.82
N PRO K 18 22.94 48.32 -21.46
CA PRO K 18 21.76 48.01 -20.69
C PRO K 18 21.89 48.59 -19.27
N PRO K 19 20.78 48.96 -18.62
CA PRO K 19 20.65 49.50 -17.27
C PRO K 19 20.89 48.47 -16.17
N SER K 20 21.15 48.96 -14.94
CA SER K 20 21.29 48.12 -13.75
C SER K 20 20.94 48.88 -12.48
N VAL K 21 20.19 48.21 -11.59
CA VAL K 21 19.75 48.74 -10.30
C VAL K 21 19.97 47.73 -9.16
N ALA K 22 19.91 48.19 -7.92
CA ALA K 22 20.04 47.32 -6.75
C ALA K 22 19.36 47.90 -5.52
N GLN K 23 19.02 47.03 -4.58
CA GLN K 23 18.43 47.42 -3.30
C GLN K 23 19.49 47.31 -2.21
N VAL K 24 19.88 48.46 -1.66
CA VAL K 24 20.93 48.53 -0.66
C VAL K 24 20.49 49.30 0.57
N GLU K 25 20.70 48.71 1.75
CA GLU K 25 20.32 49.36 3.00
C GLU K 25 21.49 49.94 3.84
N THR K 26 22.66 49.31 3.80
CA THR K 26 23.76 49.69 4.68
C THR K 26 24.97 50.39 4.05
N ALA K 27 24.90 50.70 2.77
CA ALA K 27 26.05 51.30 2.09
C ALA K 27 25.66 52.44 1.20
N ILE K 28 25.12 53.52 1.77
CA ILE K 28 24.67 54.66 0.98
C ILE K 28 25.74 55.79 0.91
N PRO K 29 26.38 56.03 -0.25
CA PRO K 29 27.37 57.05 -0.46
C PRO K 29 26.80 58.41 -0.75
N ALA K 30 27.60 59.44 -0.50
CA ALA K 30 27.34 60.75 -1.07
C ALA K 30 28.45 61.09 -2.05
N PHE K 31 28.07 61.70 -3.18
CA PHE K 31 29.02 62.12 -4.20
C PHE K 31 29.01 63.65 -4.38
N ILE K 32 30.16 64.28 -4.14
CA ILE K 32 30.25 65.75 -4.25
C ILE K 32 31.05 66.22 -5.48
N GLY K 33 30.41 66.98 -6.39
CA GLY K 33 31.12 67.43 -7.64
C GLY K 33 30.30 68.27 -8.64
N TYR K 34 30.81 68.39 -9.89
CA TYR K 34 30.16 69.25 -10.92
C TYR K 34 29.21 68.51 -11.86
N THR K 35 28.15 69.20 -12.32
CA THR K 35 27.16 68.62 -13.26
C THR K 35 26.93 69.51 -14.50
N GLN K 36 26.06 69.08 -15.46
CA GLN K 36 25.77 69.98 -16.59
C GLN K 36 24.85 71.08 -16.15
N PHE K 37 23.91 70.70 -15.32
CA PHE K 37 22.88 71.57 -14.78
C PHE K 37 22.36 71.01 -13.49
N ALA K 38 21.54 71.78 -12.77
CA ALA K 38 20.96 71.23 -11.55
C ALA K 38 19.57 71.81 -11.33
N ARG K 39 18.54 71.04 -11.64
CA ARG K 39 17.17 71.57 -11.58
C ARG K 39 16.18 70.64 -10.92
N THR K 40 15.07 71.19 -10.43
CA THR K 40 14.01 70.35 -9.85
C THR K 40 12.89 70.03 -10.84
N LYS K 41 12.76 70.83 -11.88
CA LYS K 41 11.74 70.63 -12.88
C LYS K 41 12.41 70.77 -14.25
N PRO K 42 11.95 70.07 -15.29
CA PRO K 42 12.46 70.12 -16.65
C PRO K 42 12.34 71.48 -17.34
N SER K 43 11.49 72.35 -16.81
CA SER K 43 11.26 73.65 -17.41
C SER K 43 11.35 74.77 -16.39
N VAL K 44 12.58 75.19 -16.15
CA VAL K 44 12.93 76.22 -15.19
C VAL K 44 13.85 77.20 -15.88
N ASP K 45 14.03 78.38 -15.29
CA ASP K 45 14.95 79.37 -15.82
C ASP K 45 16.31 79.42 -15.14
N SER K 46 16.59 78.45 -14.26
CA SER K 46 17.87 78.44 -13.57
C SER K 46 18.21 77.09 -12.95
N ASP K 47 19.32 77.09 -12.25
CA ASP K 47 19.79 75.94 -11.51
C ASP K 47 19.27 76.03 -10.08
N ASP K 48 18.43 75.09 -9.69
CA ASP K 48 17.74 75.11 -8.41
C ASP K 48 18.49 74.35 -7.33
N LEU K 49 19.22 73.33 -7.76
CA LEU K 49 19.86 72.38 -6.85
C LEU K 49 21.36 72.52 -6.69
N ILE K 50 21.96 73.69 -6.93
CA ILE K 50 23.42 73.74 -6.87
C ILE K 50 24.01 73.29 -5.55
N LEU K 51 23.46 73.70 -4.41
CA LEU K 51 23.98 73.21 -3.15
C LEU K 51 22.93 72.47 -2.34
N LYS K 52 22.05 71.75 -3.01
CA LYS K 52 21.01 71.05 -2.28
C LYS K 52 21.17 69.54 -2.46
N PRO K 53 21.37 68.74 -1.41
CA PRO K 53 21.48 67.31 -1.50
C PRO K 53 20.21 66.73 -2.07
N LYS K 54 20.34 65.74 -2.91
CA LYS K 54 19.17 65.05 -3.44
C LYS K 54 19.40 63.56 -3.47
N ARG K 55 18.36 62.78 -3.20
CA ARG K 55 18.48 61.34 -3.27
C ARG K 55 18.05 60.82 -4.64
N ILE K 56 18.92 60.00 -5.22
CA ILE K 56 18.81 59.37 -6.54
C ILE K 56 18.72 57.86 -6.45
N SER K 57 17.74 57.23 -7.15
CA SER K 57 17.61 55.77 -7.08
C SER K 57 18.36 55.00 -8.17
N SER K 58 18.64 55.66 -9.29
CA SER K 58 19.28 55.03 -10.43
C SER K 58 19.92 56.07 -11.34
N LEU K 59 20.68 55.62 -12.32
CA LEU K 59 21.31 56.54 -13.25
C LEU K 59 20.29 57.39 -14.04
N LEU K 60 19.08 56.87 -14.32
CA LEU K 60 18.07 57.64 -15.03
C LEU K 60 17.62 58.85 -14.23
N ASP K 61 17.51 58.70 -12.91
CA ASP K 61 17.12 59.81 -12.05
C ASP K 61 18.21 60.83 -12.06
N PHE K 62 19.46 60.38 -12.04
CA PHE K 62 20.56 61.33 -12.08
C PHE K 62 20.46 62.18 -13.33
N THR K 63 20.34 61.52 -14.48
CA THR K 63 20.33 62.23 -15.75
C THR K 63 19.22 63.26 -15.79
N THR K 64 18.04 62.87 -15.33
CA THR K 64 16.86 63.72 -15.29
C THR K 64 17.10 65.10 -14.66
N TYR K 65 17.91 65.18 -13.59
CA TYR K 65 18.08 66.46 -12.90
C TYR K 65 19.45 67.09 -13.10
N TYR K 66 20.45 66.28 -13.49
CA TYR K 66 21.82 66.76 -13.59
C TYR K 66 22.51 66.71 -14.98
N GLY K 67 21.93 65.97 -15.95
CA GLY K 67 22.55 65.84 -17.26
C GLY K 67 23.65 64.78 -17.36
N GLY K 68 24.37 64.78 -18.49
CA GLY K 68 25.42 63.81 -18.82
C GLY K 68 26.86 64.35 -18.70
N ALA K 69 27.75 63.84 -19.56
CA ALA K 69 29.17 64.21 -19.58
C ALA K 69 29.41 65.41 -20.50
N GLN K 70 30.58 66.05 -20.35
CA GLN K 70 31.00 67.14 -21.22
C GLN K 70 31.67 66.56 -22.46
N ASN K 71 31.42 67.14 -23.64
CA ASN K 71 32.09 66.68 -24.86
C ASN K 71 33.59 66.93 -24.80
N GLU K 72 34.39 65.98 -25.28
CA GLU K 72 35.83 66.17 -25.35
C GLU K 72 36.17 67.10 -26.52
N GLN K 73 37.18 67.94 -26.36
CA GLN K 73 37.61 68.84 -27.44
C GLN K 73 39.08 68.66 -27.82
N GLY K 74 39.66 67.52 -27.45
CA GLY K 74 41.07 67.23 -27.71
C GLY K 74 41.34 66.13 -28.75
N ILE K 75 40.34 65.74 -29.52
CA ILE K 75 40.50 64.66 -30.51
C ILE K 75 40.94 65.21 -31.85
N THR K 76 42.00 64.65 -32.42
CA THR K 76 42.51 65.05 -33.73
C THR K 76 42.64 63.81 -34.59
N VAL K 77 42.75 63.98 -35.91
CA VAL K 77 42.92 62.83 -36.81
C VAL K 77 44.03 63.03 -37.85
N LYS K 78 44.88 62.02 -38.06
CA LYS K 78 45.92 62.12 -39.10
C LYS K 78 45.85 60.95 -40.11
N LEU K 79 45.69 61.28 -41.40
CA LEU K 79 45.58 60.30 -42.47
C LEU K 79 46.76 60.40 -43.45
N THR K 80 47.46 59.29 -43.71
CA THR K 80 48.59 59.34 -44.66
C THR K 80 48.49 58.33 -45.83
N ASP K 81 48.63 58.87 -47.06
CA ASP K 81 48.60 58.12 -48.34
C ASP K 81 49.98 57.82 -48.95
N THR K 82 50.33 56.54 -49.09
CA THR K 82 51.62 56.11 -49.65
C THR K 82 51.47 55.02 -50.73
N LEU K 83 52.56 54.71 -51.43
CA LEU K 83 52.52 53.61 -52.39
C LEU K 83 53.35 52.40 -51.97
N ILE K 84 52.81 51.22 -52.24
CA ILE K 84 53.51 49.97 -52.04
C ILE K 84 53.67 49.25 -53.36
N GLU K 85 54.88 49.24 -53.90
CA GLU K 85 55.15 48.64 -55.20
C GLU K 85 54.17 49.13 -56.27
N GLY K 86 53.84 50.42 -56.22
CA GLY K 86 52.93 51.08 -57.15
C GLY K 86 51.45 51.06 -56.74
N ALA K 87 51.09 50.28 -55.72
CA ALA K 87 49.69 50.19 -55.27
C ALA K 87 49.38 51.25 -54.23
N GLU K 88 48.15 51.74 -54.21
CA GLU K 88 47.76 52.69 -53.18
C GLU K 88 47.57 52.00 -51.84
N ASN K 89 47.91 52.70 -50.77
CA ASN K 89 47.72 52.24 -49.40
C ASN K 89 47.57 53.41 -48.43
N ARG K 90 46.57 53.39 -47.55
CA ARG K 90 46.48 54.49 -46.60
C ARG K 90 46.28 54.04 -45.17
N THR K 91 46.83 54.83 -44.26
CA THR K 91 46.70 54.62 -42.83
C THR K 91 45.97 55.76 -42.13
N ILE K 92 44.99 55.40 -41.30
CA ILE K 92 44.26 56.38 -40.51
C ILE K 92 44.62 56.22 -39.04
N ASN K 93 45.15 57.28 -38.46
CA ASN K 93 45.60 57.26 -37.09
C ASN K 93 44.93 58.29 -36.20
N VAL K 94 44.29 57.80 -35.15
CA VAL K 94 43.65 58.69 -34.19
C VAL K 94 44.36 58.50 -32.83
N PRO K 95 45.27 59.41 -32.42
CA PRO K 95 46.04 59.41 -31.18
C PRO K 95 45.16 59.57 -29.95
N GLU K 96 45.62 59.09 -28.81
CA GLU K 96 44.91 59.35 -27.56
C GLU K 96 45.02 60.85 -27.28
N PRO K 97 43.95 61.57 -26.89
CA PRO K 97 43.97 62.98 -26.55
C PRO K 97 44.93 63.27 -25.42
N THR K 98 45.56 64.45 -25.47
CA THR K 98 46.47 64.85 -24.41
C THR K 98 45.80 65.89 -23.50
N PHE K 99 44.66 66.38 -23.94
CA PHE K 99 43.85 67.35 -23.22
C PHE K 99 42.47 66.78 -23.11
N LYS K 100 42.00 66.61 -21.88
CA LYS K 100 40.72 65.99 -21.61
C LYS K 100 39.87 66.83 -20.67
N SER K 101 38.55 66.67 -20.75
CA SER K 101 37.64 67.33 -19.82
C SER K 101 37.98 66.89 -18.40
N PRO K 102 37.98 67.78 -17.40
CA PRO K 102 38.24 67.46 -16.02
C PRO K 102 37.03 66.98 -15.23
N TYR K 103 35.87 66.79 -15.89
CA TYR K 103 34.66 66.48 -15.14
C TYR K 103 34.27 64.99 -15.23
N LEU K 104 34.43 64.26 -14.12
CA LEU K 104 34.22 62.81 -14.10
C LEU K 104 32.98 62.25 -13.38
N MET K 105 32.08 63.06 -12.83
CA MET K 105 30.96 62.47 -12.06
C MET K 105 30.07 61.53 -12.85
N PHE K 106 29.78 61.85 -14.12
CA PHE K 106 28.91 60.98 -14.88
C PHE K 106 29.51 59.58 -15.03
N TYR K 107 30.79 59.52 -15.43
CA TYR K 107 31.48 58.24 -15.62
C TYR K 107 31.57 57.47 -14.33
N SER K 108 31.81 58.20 -13.23
CA SER K 108 31.92 57.62 -11.92
C SER K 108 30.63 56.89 -11.53
N LEU K 109 29.48 57.54 -11.75
CA LEU K 109 28.20 56.92 -11.45
C LEU K 109 27.91 55.71 -12.31
N GLN K 110 28.31 55.73 -13.59
CA GLN K 110 28.09 54.54 -14.39
C GLN K 110 28.82 53.34 -13.79
N MET K 111 30.06 53.54 -13.32
CA MET K 111 30.83 52.45 -12.70
C MET K 111 30.18 51.98 -11.39
N TYR K 112 29.70 52.93 -10.59
CA TYR K 112 29.03 52.64 -9.34
C TYR K 112 27.84 51.71 -9.51
N PHE K 113 26.96 52.04 -10.46
CA PHE K 113 25.79 51.21 -10.68
C PHE K 113 26.19 49.86 -11.32
N ALA K 114 27.20 49.84 -12.20
CA ALA K 114 27.69 48.62 -12.86
C ALA K 114 28.18 47.59 -11.84
N ASN K 115 28.73 48.07 -10.72
CA ASN K 115 29.24 47.22 -9.66
C ASN K 115 28.25 46.93 -8.55
N GLY K 116 26.96 47.22 -8.75
CA GLY K 116 25.95 46.84 -7.76
C GLY K 116 25.48 47.89 -6.76
N GLY K 117 25.82 49.15 -6.95
CA GLY K 117 25.38 50.17 -6.02
C GLY K 117 23.86 50.42 -6.03
N GLY K 118 23.35 50.85 -4.90
CA GLY K 118 21.94 51.19 -4.72
C GLY K 118 21.77 52.70 -4.71
N PRO K 119 20.74 53.23 -4.04
CA PRO K 119 20.41 54.65 -3.93
C PRO K 119 21.55 55.43 -3.33
N CYS K 120 21.68 56.69 -3.73
CA CYS K 120 22.77 57.54 -3.24
C CYS K 120 22.42 59.03 -3.20
N TYR K 121 23.28 59.80 -2.55
CA TYR K 121 23.09 61.25 -2.51
C TYR K 121 24.01 62.01 -3.44
N ILE K 122 23.43 62.97 -4.13
CA ILE K 122 24.18 63.85 -5.01
C ILE K 122 24.20 65.27 -4.49
N VAL K 123 25.39 65.84 -4.42
CA VAL K 123 25.54 67.22 -4.04
C VAL K 123 26.31 67.90 -5.16
N SER K 124 25.70 68.88 -5.78
CA SER K 124 26.34 69.60 -6.84
C SER K 124 27.22 70.64 -6.19
N THR K 125 28.23 71.08 -6.89
CA THR K 125 29.07 72.16 -6.40
C THR K 125 29.08 73.31 -7.38
N GLY K 126 28.44 73.09 -8.52
CA GLY K 126 28.41 74.03 -9.62
C GLY K 126 28.18 73.26 -10.90
N VAL K 127 28.29 73.96 -12.03
CA VAL K 127 28.06 73.33 -13.32
C VAL K 127 29.30 73.44 -14.19
N TYR K 128 29.36 72.63 -15.23
CA TYR K 128 30.53 72.58 -16.11
C TYR K 128 30.86 73.90 -16.77
N ASP K 129 32.14 74.29 -16.74
CA ASP K 129 32.54 75.52 -17.42
C ASP K 129 32.95 75.19 -18.85
N ASP K 130 33.32 76.20 -19.63
CA ASP K 130 33.71 75.92 -21.01
C ASP K 130 35.23 75.88 -21.21
N TRP K 131 35.66 75.61 -22.42
CA TRP K 131 37.08 75.56 -22.78
C TRP K 131 37.55 76.91 -23.28
N SER K 132 38.82 77.23 -23.06
CA SER K 132 39.33 78.51 -23.58
C SER K 132 39.88 78.31 -24.98
N ASP K 133 40.43 77.12 -25.20
CA ASP K 133 40.99 76.72 -26.49
C ASP K 133 41.04 75.20 -26.54
N SER K 134 41.46 74.62 -27.65
CA SER K 134 41.53 73.15 -27.76
C SER K 134 42.59 72.55 -26.85
N GLU K 135 43.55 73.37 -26.47
CA GLU K 135 44.63 72.98 -25.58
C GLU K 135 44.47 73.58 -24.19
N THR K 136 43.35 74.24 -23.93
CA THR K 136 43.15 74.86 -22.62
C THR K 136 41.77 74.50 -22.04
N PRO K 137 41.70 73.45 -21.19
CA PRO K 137 40.52 72.91 -20.55
C PRO K 137 40.09 73.75 -19.34
N PRO K 138 38.86 73.56 -18.82
CA PRO K 138 38.30 74.07 -17.59
C PRO K 138 39.12 73.64 -16.38
N THR K 139 38.95 74.33 -15.26
CA THR K 139 39.63 73.95 -14.03
C THR K 139 38.63 73.62 -12.93
N ILE K 140 39.13 72.96 -11.88
CA ILE K 140 38.36 72.58 -10.70
C ILE K 140 38.68 73.52 -9.56
N ASN K 141 37.65 74.13 -8.99
CA ASN K 141 37.84 75.11 -7.92
C ASN K 141 37.73 74.49 -6.54
N PHE K 142 38.83 74.42 -5.85
CA PHE K 142 38.89 73.83 -4.52
C PHE K 142 37.78 74.31 -3.59
N SER K 143 37.49 75.62 -3.60
CA SER K 143 36.51 76.22 -2.69
C SER K 143 35.09 75.66 -2.89
N ASP K 144 34.82 75.12 -4.08
CA ASP K 144 33.51 74.60 -4.39
C ASP K 144 33.34 73.24 -3.74
N LEU K 145 34.45 72.49 -3.58
CA LEU K 145 34.34 71.17 -3.02
C LEU K 145 34.21 71.31 -1.52
N GLU K 146 34.89 72.31 -0.93
CA GLU K 146 34.75 72.53 0.51
C GLU K 146 33.32 72.92 0.85
N SER K 147 32.69 73.71 -0.01
CA SER K 147 31.31 74.10 0.21
C SER K 147 30.42 72.87 0.21
N GLY K 148 30.59 71.99 -0.78
CA GLY K 148 29.77 70.78 -0.83
C GLY K 148 29.94 69.89 0.42
N LEU K 149 31.17 69.81 0.95
CA LEU K 149 31.42 69.01 2.14
C LEU K 149 30.68 69.62 3.35
N ALA K 150 30.73 70.96 3.47
CA ALA K 150 30.03 71.66 4.55
C ALA K 150 28.52 71.40 4.51
N VAL K 151 27.97 71.26 3.31
CA VAL K 151 26.56 70.97 3.11
C VAL K 151 26.20 69.54 3.52
N ILE K 152 26.96 68.54 3.06
CA ILE K 152 26.62 67.14 3.36
C ILE K 152 26.70 66.89 4.85
N ARG K 153 27.52 67.66 5.57
CA ARG K 153 27.65 67.51 7.01
C ARG K 153 26.31 67.59 7.75
N LYS K 154 25.30 68.25 7.18
CA LYS K 154 24.01 68.36 7.86
C LYS K 154 23.03 67.22 7.56
N GLU K 155 23.40 66.27 6.71
CA GLU K 155 22.52 65.15 6.38
C GLU K 155 22.84 63.95 7.27
N ASP K 156 21.82 63.19 7.66
CA ASP K 156 22.03 62.01 8.50
C ASP K 156 22.20 60.66 7.78
N GLU K 157 21.58 60.48 6.64
CA GLU K 157 21.59 59.20 5.96
C GLU K 157 22.91 58.65 5.36
N PRO K 158 23.79 59.44 4.72
CA PRO K 158 25.02 58.97 4.07
C PRO K 158 25.97 58.26 5.03
N THR K 159 26.65 57.21 4.54
CA THR K 159 27.64 56.47 5.31
C THR K 159 29.05 56.57 4.70
N LEU K 160 29.12 56.82 3.38
CA LEU K 160 30.41 56.91 2.68
C LEU K 160 30.58 58.27 2.01
N LEU K 161 31.80 58.82 2.06
CA LEU K 161 32.07 60.11 1.38
C LEU K 161 33.03 59.99 0.19
N LEU K 162 32.56 60.40 -1.01
CA LEU K 162 33.39 60.36 -2.22
C LEU K 162 33.47 61.70 -2.98
N PHE K 163 34.63 61.97 -3.59
CA PHE K 163 34.83 63.15 -4.44
C PHE K 163 35.34 62.81 -5.86
N PRO K 164 34.46 62.61 -6.86
CA PRO K 164 34.77 62.21 -8.22
C PRO K 164 35.73 63.13 -8.99
N ASP K 165 35.85 64.42 -8.61
CA ASP K 165 36.74 65.30 -9.36
C ASP K 165 37.84 65.88 -8.47
N ALA K 166 38.35 65.10 -7.50
CA ALA K 166 39.42 65.62 -6.63
C ALA K 166 40.82 65.49 -7.25
N THR K 167 41.04 64.50 -8.11
CA THR K 167 42.37 64.27 -8.66
C THR K 167 42.71 65.30 -9.72
N ASN K 168 41.73 66.10 -10.11
CA ASN K 168 41.95 67.14 -11.09
C ASN K 168 42.17 68.51 -10.47
N LEU K 169 42.31 68.58 -9.14
CA LEU K 169 42.63 69.83 -8.48
C LEU K 169 44.03 70.26 -8.92
N PRO K 170 44.30 71.57 -9.16
CA PRO K 170 45.58 72.14 -9.58
C PRO K 170 46.82 71.70 -8.80
N THR K 171 46.70 71.43 -7.49
CA THR K 171 47.87 71.01 -6.73
C THR K 171 47.57 69.79 -5.86
N ASP K 172 48.63 69.13 -5.41
CA ASP K 172 48.49 68.00 -4.54
C ASP K 172 48.17 68.48 -3.15
N ASP K 173 48.66 69.67 -2.82
CA ASP K 173 48.38 70.23 -1.51
C ASP K 173 46.87 70.42 -1.31
N GLU K 174 46.16 70.91 -2.34
CA GLU K 174 44.71 71.05 -2.23
C GLU K 174 44.03 69.70 -2.08
N PHE K 175 44.51 68.71 -2.83
CA PHE K 175 43.99 67.36 -2.76
C PHE K 175 44.08 66.80 -1.34
N TYR K 176 45.26 66.88 -0.74
CA TYR K 176 45.46 66.34 0.60
C TYR K 176 44.63 67.09 1.64
N SER K 177 44.52 68.40 1.49
CA SER K 177 43.73 69.22 2.40
C SER K 177 42.28 68.76 2.41
N LEU K 178 41.71 68.52 1.22
CA LEU K 178 40.34 68.08 1.12
C LEU K 178 40.11 66.76 1.87
N TYR K 179 41.03 65.81 1.72
CA TYR K 179 40.87 64.53 2.40
C TYR K 179 41.08 64.61 3.91
N ASN K 180 41.98 65.49 4.37
CA ASN K 180 42.14 65.63 5.81
C ASN K 180 40.81 66.13 6.42
N SER K 181 40.13 67.06 5.73
CA SER K 181 38.85 67.56 6.20
C SER K 181 37.80 66.47 6.26
N ALA K 182 37.75 65.61 5.24
CA ALA K 182 36.78 64.51 5.24
C ALA K 182 37.00 63.56 6.42
N LEU K 183 38.26 63.23 6.74
CA LEU K 183 38.54 62.35 7.87
C LEU K 183 38.14 63.01 9.20
N MET K 184 38.37 64.31 9.32
CA MET K 184 37.97 65.01 10.53
C MET K 184 36.45 65.02 10.70
N GLN K 185 35.69 65.14 9.60
CA GLN K 185 34.23 65.10 9.70
C GLN K 185 33.79 63.74 10.24
N CYS K 186 34.41 62.65 9.76
CA CYS K 186 34.06 61.32 10.24
C CYS K 186 34.33 61.17 11.73
N ASN K 187 35.46 61.68 12.20
CA ASN K 187 35.73 61.61 13.62
C ASN K 187 34.67 62.36 14.43
N ASP K 188 34.29 63.57 14.01
CA ASP K 188 33.29 64.30 14.77
C ASP K 188 31.90 63.66 14.79
N LEU K 189 31.46 63.08 13.67
CA LEU K 189 30.12 62.50 13.62
C LEU K 189 30.04 61.05 14.12
N GLN K 190 31.13 60.28 14.01
CA GLN K 190 31.24 58.88 14.42
C GLN K 190 30.35 57.88 13.67
N ASP K 191 29.96 58.19 12.45
CA ASP K 191 29.14 57.30 11.65
C ASP K 191 29.49 57.20 10.16
N ARG K 192 30.70 57.64 9.77
CA ARG K 192 31.09 57.65 8.36
C ARG K 192 32.47 57.07 8.11
N PHE K 193 32.70 56.65 6.88
CA PHE K 193 33.98 56.10 6.45
C PHE K 193 34.35 56.72 5.09
N THR K 194 35.64 56.98 4.85
CA THR K 194 36.05 57.54 3.57
C THR K 194 36.89 56.59 2.73
N ILE K 195 36.76 56.72 1.41
CA ILE K 195 37.55 55.95 0.45
C ILE K 195 38.52 56.89 -0.26
N LEU K 196 39.83 56.59 -0.18
CA LEU K 196 40.85 57.46 -0.74
C LEU K 196 41.62 56.92 -1.94
N ASP K 197 41.98 57.84 -2.82
CA ASP K 197 42.80 57.62 -4.01
C ASP K 197 44.14 58.32 -3.87
N THR K 198 45.11 57.92 -4.65
CA THR K 198 46.33 58.71 -4.73
C THR K 198 46.02 59.87 -5.67
N TYR K 199 46.90 60.86 -5.70
CA TYR K 199 46.76 62.02 -6.59
C TYR K 199 46.89 61.59 -8.06
N SER K 200 47.80 60.67 -8.31
CA SER K 200 48.14 60.12 -9.62
C SER K 200 48.60 58.69 -9.49
N ASP K 201 48.48 57.88 -10.54
CA ASP K 201 49.03 56.53 -10.48
C ASP K 201 50.49 56.44 -10.98
N GLN K 202 51.03 57.59 -11.41
CA GLN K 202 52.37 57.76 -11.97
C GLN K 202 53.14 58.88 -11.26
N THR K 203 54.46 58.87 -11.39
CA THR K 203 55.29 59.92 -10.78
C THR K 203 54.77 61.31 -11.14
N TYR K 204 54.59 62.13 -10.13
CA TYR K 204 54.07 63.47 -10.48
C TYR K 204 55.12 64.51 -10.18
N ASN K 205 54.95 65.60 -10.89
CA ASN K 205 55.87 66.74 -10.85
C ASN K 205 55.33 67.84 -9.93
N ASP K 206 56.00 68.05 -8.79
CA ASP K 206 55.58 69.01 -7.75
C ASP K 206 55.77 70.45 -8.20
N GLY K 207 56.51 70.63 -9.29
CA GLY K 207 56.93 71.92 -9.82
C GLY K 207 58.37 72.17 -9.42
N VAL K 208 58.84 71.39 -8.45
CA VAL K 208 60.20 71.46 -7.94
C VAL K 208 60.90 70.10 -7.81
N GLU K 209 60.15 69.00 -7.86
CA GLU K 209 60.67 67.66 -7.63
C GLU K 209 59.78 66.57 -8.24
N ASP K 210 60.35 65.40 -8.50
CA ASP K 210 59.52 64.27 -9.01
C ASP K 210 59.10 63.46 -7.78
N LEU K 211 57.81 63.21 -7.61
CA LEU K 211 57.32 62.51 -6.39
C LEU K 211 56.61 61.19 -6.72
N ASP K 212 56.96 60.12 -6.00
CA ASP K 212 56.28 58.81 -6.04
C ASP K 212 54.94 58.86 -5.27
N PRO K 213 53.79 58.53 -5.91
CA PRO K 213 52.45 58.54 -5.36
C PRO K 213 52.21 57.85 -4.01
N ILE K 214 52.92 56.77 -3.70
CA ILE K 214 52.63 56.14 -2.42
C ILE K 214 53.22 56.95 -1.26
N PRO K 215 54.54 57.26 -1.20
CA PRO K 215 55.14 58.18 -0.26
C PRO K 215 54.42 59.52 -0.23
N ALA K 216 53.93 59.97 -1.39
CA ALA K 216 53.22 61.24 -1.46
C ALA K 216 52.01 61.26 -0.57
N LEU K 217 51.18 60.22 -0.69
CA LEU K 217 49.95 60.13 0.08
C LEU K 217 50.28 59.98 1.56
N ARG K 218 51.32 59.18 1.86
CA ARG K 218 51.70 58.98 3.25
C ARG K 218 52.15 60.27 3.94
N ASN K 219 52.89 61.13 3.24
CA ASN K 219 53.29 62.40 3.83
C ASN K 219 52.15 63.42 3.81
N GLY K 220 51.31 63.35 2.77
CA GLY K 220 50.17 64.22 2.55
C GLY K 220 49.14 64.19 3.67
N ILE K 221 48.70 62.99 4.05
CA ILE K 221 47.72 62.85 5.12
C ILE K 221 48.47 62.68 6.44
N ASN K 222 48.42 63.70 7.30
CA ASN K 222 49.18 63.76 8.53
C ASN K 222 48.38 63.75 9.85
N LEU K 223 47.18 63.20 9.82
CA LEU K 223 46.34 63.11 11.00
C LEU K 223 46.74 61.89 11.82
N THR K 224 46.38 61.89 13.09
CA THR K 224 46.68 60.75 13.96
C THR K 224 45.62 59.64 13.94
N LYS K 225 45.88 58.62 14.77
CA LYS K 225 45.13 57.36 14.90
C LYS K 225 43.60 57.53 14.95
N ASP K 226 43.13 58.53 15.68
CA ASP K 226 41.71 58.81 15.87
C ASP K 226 40.99 59.10 14.56
N TYR K 227 41.72 59.52 13.55
CA TYR K 227 41.15 59.87 12.28
C TYR K 227 41.43 58.80 11.25
N LEU K 228 42.63 58.25 11.31
CA LEU K 228 43.08 57.26 10.33
C LEU K 228 42.22 56.00 10.35
N LYS K 229 41.70 55.65 11.52
CA LYS K 229 40.83 54.49 11.65
C LYS K 229 39.52 54.63 10.84
N TYR K 230 39.18 55.84 10.35
CA TYR K 230 37.96 56.06 9.60
C TYR K 230 38.10 56.05 8.07
N GLY K 231 39.22 55.56 7.56
CA GLY K 231 39.29 55.47 6.11
C GLY K 231 40.31 54.48 5.62
N ALA K 232 40.31 54.27 4.30
CA ALA K 232 41.20 53.34 3.60
C ALA K 232 41.52 53.87 2.21
N ALA K 233 42.66 53.44 1.67
CA ALA K 233 43.09 53.87 0.34
C ALA K 233 43.37 52.70 -0.58
N TYR K 234 43.16 52.92 -1.88
CA TYR K 234 43.41 51.92 -2.93
C TYR K 234 44.34 52.44 -4.05
N TYR K 235 45.11 51.52 -4.64
CA TYR K 235 46.05 51.80 -5.73
C TYR K 235 46.21 50.58 -6.64
N PRO K 236 46.40 50.74 -7.95
CA PRO K 236 46.39 51.87 -8.89
C PRO K 236 45.01 52.22 -9.43
N PHE K 237 45.01 53.10 -10.43
CA PHE K 237 43.82 53.50 -11.21
C PHE K 237 43.46 52.35 -12.15
N VAL K 238 42.23 52.33 -12.67
CA VAL K 238 41.84 51.24 -13.57
C VAL K 238 41.31 51.67 -14.93
N GLN K 239 41.46 50.78 -15.91
CA GLN K 239 40.96 51.02 -17.26
C GLN K 239 39.61 50.34 -17.45
N THR K 240 38.60 51.17 -17.74
CA THR K 240 37.18 50.80 -17.97
C THR K 240 36.89 50.54 -19.45
N ILE K 241 35.62 50.18 -19.76
CA ILE K 241 35.16 49.86 -21.09
C ILE K 241 34.20 50.92 -21.64
N LEU K 242 34.16 52.06 -20.94
CA LEU K 242 33.30 53.18 -21.30
C LEU K 242 33.97 54.02 -22.37
N ASN K 243 33.18 54.63 -23.24
CA ASN K 243 33.70 55.51 -24.29
C ASN K 243 33.74 56.97 -23.90
N TYR K 244 34.23 57.80 -24.79
CA TYR K 244 34.27 59.24 -24.59
C TYR K 244 33.10 59.86 -25.32
N GLN K 245 32.62 60.99 -24.82
CA GLN K 245 31.56 61.71 -25.48
C GLN K 245 32.16 62.80 -26.37
N TYR K 246 31.74 62.87 -27.64
CA TYR K 246 32.31 63.83 -28.60
C TYR K 246 31.35 64.12 -29.75
N SER K 247 31.76 65.06 -30.61
CA SER K 247 31.04 65.40 -31.83
C SER K 247 31.98 65.60 -33.00
N ALA K 248 31.61 65.04 -34.16
CA ALA K 248 32.36 65.10 -35.41
C ALA K 248 32.61 66.53 -35.89
N ASP K 249 31.80 67.46 -35.42
CA ASP K 249 31.92 68.87 -35.79
C ASP K 249 33.17 69.51 -35.22
N GLU K 250 33.73 68.90 -34.17
CA GLU K 250 34.89 69.44 -33.50
C GLU K 250 36.20 68.77 -33.93
N ILE K 251 36.13 67.83 -34.87
CA ILE K 251 37.33 67.06 -35.20
C ILE K 251 37.90 67.35 -36.58
N VAL K 252 39.16 67.81 -36.61
CA VAL K 252 39.85 68.20 -37.85
C VAL K 252 40.89 67.18 -38.28
N ILE K 253 40.92 66.93 -39.59
CA ILE K 253 41.78 65.96 -40.23
C ILE K 253 43.01 66.51 -40.97
N GLN K 254 44.16 65.95 -40.63
CA GLN K 254 45.40 66.23 -41.33
C GLN K 254 45.53 65.17 -42.43
N HIS K 255 45.89 65.56 -43.64
CA HIS K 255 46.02 64.59 -44.73
C HIS K 255 47.31 64.74 -45.49
N LEU K 256 48.18 63.75 -45.38
CA LEU K 256 49.48 63.82 -46.03
C LEU K 256 49.51 62.81 -47.15
N SER K 257 50.25 63.12 -48.21
CA SER K 257 50.31 62.24 -49.37
C SER K 257 51.61 62.24 -50.15
N TYR K 258 51.95 61.06 -50.67
CA TYR K 258 53.08 60.86 -51.59
C TYR K 258 52.89 61.72 -52.86
N ASN K 259 51.63 62.05 -53.12
CA ASN K 259 51.18 62.84 -54.26
C ASN K 259 50.19 63.88 -53.71
N PRO K 260 50.68 65.08 -53.32
CA PRO K 260 49.94 66.19 -52.74
C PRO K 260 48.91 66.76 -53.71
N ASN K 261 47.80 67.26 -53.16
CA ASN K 261 46.81 67.95 -53.99
C ASN K 261 45.80 68.79 -53.19
N ALA K 262 46.20 69.31 -52.02
CA ALA K 262 45.29 70.17 -51.25
C ALA K 262 45.00 71.51 -51.92
N ILE K 263 46.03 72.12 -52.53
CA ILE K 263 45.87 73.44 -53.12
C ILE K 263 45.13 73.31 -54.42
N ALA K 264 45.51 72.32 -55.23
CA ALA K 264 44.87 72.12 -56.51
C ALA K 264 43.38 71.88 -56.30
N THR K 265 43.02 71.12 -55.26
CA THR K 265 41.61 70.87 -54.99
C THR K 265 40.90 72.18 -54.67
N ALA K 266 41.50 73.01 -53.81
CA ALA K 266 40.87 74.26 -53.46
C ALA K 266 40.66 75.11 -54.70
N LEU K 267 41.65 75.15 -55.59
CA LEU K 267 41.51 75.94 -56.81
C LEU K 267 40.42 75.43 -57.72
N ASP K 268 40.29 74.11 -57.88
CA ASP K 268 39.25 73.61 -58.76
C ASP K 268 37.88 74.05 -58.28
N ASN K 269 37.67 74.06 -56.96
CA ASN K 269 36.38 74.49 -56.44
C ASN K 269 36.24 76.02 -56.50
N LEU K 270 37.29 76.76 -56.14
CA LEU K 270 37.20 78.22 -56.13
C LEU K 270 36.98 78.77 -57.54
N ASN K 271 37.54 78.10 -58.54
CA ASN K 271 37.40 78.51 -59.92
C ASN K 271 36.02 78.16 -60.47
N ALA K 272 35.24 77.37 -59.73
CA ALA K 272 33.91 77.01 -60.15
C ALA K 272 32.95 78.04 -59.60
N GLY K 450 32.14 89.61 -56.95
CA GLY K 450 33.09 89.01 -57.90
C GLY K 450 34.54 89.49 -57.76
N THR K 451 34.74 90.76 -57.39
CA THR K 451 36.09 91.29 -57.22
C THR K 451 36.84 90.54 -56.12
N ARG K 452 36.14 90.21 -55.04
CA ARG K 452 36.81 89.56 -53.92
C ARG K 452 37.11 88.11 -54.28
N LEU K 453 36.24 87.50 -55.09
CA LEU K 453 36.51 86.12 -55.48
C LEU K 453 37.80 86.03 -56.28
N ASP K 454 38.03 87.03 -57.16
CA ASP K 454 39.27 87.05 -57.93
C ASP K 454 40.49 87.15 -57.02
N ASP K 455 40.42 88.00 -55.97
CA ASP K 455 41.54 88.15 -55.04
C ASP K 455 41.85 86.85 -54.30
N ILE K 456 40.80 86.12 -53.91
CA ILE K 456 40.99 84.86 -53.21
C ILE K 456 41.69 83.86 -54.10
N ILE K 457 41.21 83.71 -55.33
CA ILE K 457 41.80 82.72 -56.21
C ILE K 457 43.26 83.02 -56.47
N ALA K 458 43.60 84.28 -56.75
CA ALA K 458 44.98 84.61 -56.98
C ALA K 458 45.85 84.30 -55.75
N ALA K 459 45.35 84.62 -54.54
CA ALA K 459 46.12 84.35 -53.34
C ALA K 459 46.39 82.87 -53.18
N VAL K 460 45.38 82.04 -53.52
CA VAL K 460 45.50 80.60 -53.41
C VAL K 460 46.41 80.01 -54.46
N SER K 461 46.28 80.41 -55.73
CA SER K 461 47.12 79.80 -56.77
C SER K 461 48.57 80.05 -56.51
N ALA K 462 48.88 81.15 -55.85
CA ALA K 462 50.24 81.50 -55.48
C ALA K 462 50.88 80.43 -54.58
N ALA K 463 50.06 79.67 -53.84
CA ALA K 463 50.54 78.65 -52.91
C ALA K 463 50.78 77.29 -53.55
N GLU K 464 50.44 77.09 -54.81
CA GLU K 464 50.63 75.74 -55.32
C GLU K 464 52.09 75.25 -55.21
N PRO K 465 53.14 76.08 -55.46
CA PRO K 465 54.55 75.75 -55.29
C PRO K 465 54.98 75.50 -53.83
N ILE K 466 54.16 75.90 -52.85
CA ILE K 466 54.48 75.76 -51.43
C ILE K 466 54.08 74.42 -50.88
N ASP K 467 52.86 74.03 -51.17
CA ASP K 467 52.36 72.80 -50.60
C ASP K 467 52.89 71.59 -51.33
N VAL K 468 53.82 70.90 -50.69
CA VAL K 468 54.44 69.76 -51.29
C VAL K 468 54.18 68.52 -50.45
N ASN K 469 53.26 68.61 -49.48
CA ASN K 469 52.97 67.47 -48.60
C ASN K 469 51.49 67.09 -48.42
N ASN K 470 50.57 68.04 -48.60
CA ASN K 470 49.18 67.81 -48.19
C ASN K 470 48.26 67.33 -49.29
N GLY K 471 47.44 66.35 -48.93
CA GLY K 471 46.44 65.79 -49.81
C GLY K 471 45.11 66.54 -49.77
N LYS K 472 44.20 66.07 -50.61
CA LYS K 472 42.85 66.60 -50.82
C LYS K 472 42.01 66.94 -49.58
N LEU K 473 42.05 66.11 -48.52
CA LEU K 473 41.19 66.31 -47.35
C LEU K 473 41.80 67.17 -46.23
N ASN K 474 43.03 67.62 -46.42
CA ASN K 474 43.73 68.32 -45.36
C ASN K 474 42.98 69.57 -44.91
N GLY K 475 42.78 69.69 -43.60
CA GLY K 475 42.15 70.86 -43.02
C GLY K 475 40.62 70.77 -42.82
N ARG K 476 39.98 69.72 -43.33
CA ARG K 476 38.53 69.63 -43.16
C ARG K 476 38.10 68.89 -41.90
N LEU K 477 36.87 69.15 -41.48
CA LEU K 477 36.25 68.50 -40.32
C LEU K 477 35.59 67.18 -40.71
N LEU K 478 35.51 66.24 -39.77
CA LEU K 478 34.81 65.00 -40.12
C LEU K 478 33.42 65.18 -40.64
N SER K 479 32.63 66.02 -40.00
CA SER K 479 31.26 66.20 -40.45
C SER K 479 31.14 66.80 -41.87
N ASP K 480 32.22 67.40 -42.39
CA ASP K 480 32.23 67.99 -43.73
C ASP K 480 32.86 67.10 -44.81
N ILE K 481 33.30 65.88 -44.48
CA ILE K 481 33.91 65.06 -45.52
C ILE K 481 33.08 63.83 -45.82
N GLU K 482 32.02 63.57 -45.05
CA GLU K 482 31.26 62.37 -45.30
C GLU K 482 30.82 62.22 -46.77
N PRO K 483 30.24 63.23 -47.46
CA PRO K 483 29.89 63.12 -48.86
C PRO K 483 31.09 63.01 -49.83
N LEU K 484 32.29 63.43 -49.41
CA LEU K 484 33.46 63.37 -50.27
C LEU K 484 33.96 61.95 -50.32
N ASP K 485 34.02 61.35 -49.15
CA ASP K 485 34.45 59.97 -48.95
C ASP K 485 33.91 59.45 -47.63
N ASN K 486 32.78 58.74 -47.67
CA ASN K 486 32.20 58.30 -46.41
C ASN K 486 32.91 57.08 -45.89
N ALA K 487 33.92 56.58 -46.63
CA ALA K 487 34.68 55.47 -46.15
C ALA K 487 35.68 55.99 -45.13
N THR K 488 36.16 57.23 -45.37
CA THR K 488 37.11 57.87 -44.50
C THR K 488 36.37 58.30 -43.26
N TYR K 489 35.24 58.93 -43.46
CA TYR K 489 34.44 59.39 -42.34
C TYR K 489 34.10 58.25 -41.40
N ASN K 490 33.58 57.16 -41.94
CA ASN K 490 33.21 56.04 -41.10
C ASN K 490 34.41 55.36 -40.46
N THR K 491 35.54 55.24 -41.17
CA THR K 491 36.71 54.60 -40.59
C THR K 491 37.21 55.40 -39.41
N ILE K 492 37.25 56.72 -39.55
CA ILE K 492 37.71 57.55 -38.47
C ILE K 492 36.85 57.41 -37.25
N LEU K 493 35.53 57.44 -37.41
CA LEU K 493 34.67 57.32 -36.23
C LEU K 493 34.90 55.98 -35.53
N LEU K 494 35.10 54.92 -36.31
CA LEU K 494 35.37 53.62 -35.74
C LEU K 494 36.66 53.66 -34.91
N GLU K 495 37.71 54.30 -35.45
CA GLU K 495 38.97 54.43 -34.70
C GLU K 495 38.82 55.29 -33.44
N ILE K 496 38.03 56.36 -33.50
CA ILE K 496 37.87 57.21 -32.31
C ILE K 496 37.29 56.39 -31.17
N ASN K 497 36.39 55.48 -31.52
CA ASN K 497 35.61 54.62 -30.60
C ASN K 497 36.51 53.59 -29.91
N SER K 498 37.74 53.42 -30.37
CA SER K 498 38.59 52.39 -29.78
C SER K 498 39.26 52.89 -28.49
N HIS K 499 39.19 54.21 -28.23
CA HIS K 499 39.80 54.79 -27.03
C HIS K 499 38.88 54.73 -25.82
N LYS K 500 39.39 54.22 -24.71
CA LYS K 500 38.56 54.08 -23.50
C LYS K 500 38.95 55.03 -22.37
N VAL K 501 38.00 55.21 -21.46
CA VAL K 501 38.08 56.03 -20.25
C VAL K 501 38.88 55.35 -19.11
N THR K 502 39.75 56.13 -18.43
CA THR K 502 40.53 55.62 -17.28
C THR K 502 40.11 56.39 -16.03
N LEU K 503 39.80 55.66 -14.95
CA LEU K 503 39.30 56.27 -13.72
C LEU K 503 40.01 55.84 -12.42
N PRO K 504 40.07 56.69 -11.38
CA PRO K 504 40.44 56.33 -10.03
C PRO K 504 39.43 55.26 -9.61
N PRO K 505 39.75 54.28 -8.76
CA PRO K 505 38.89 53.18 -8.35
C PRO K 505 37.84 53.42 -7.24
N SER K 506 37.71 54.63 -6.72
CA SER K 506 36.85 54.82 -5.56
C SER K 506 35.34 54.57 -5.76
N SER K 507 34.80 54.82 -6.95
CA SER K 507 33.36 54.62 -7.12
C SER K 507 33.05 53.15 -7.32
N SER K 508 34.04 52.44 -7.89
CA SER K 508 33.92 51.02 -8.12
C SER K 508 33.93 50.34 -6.77
N MET K 509 34.78 50.83 -5.85
CA MET K 509 34.81 50.23 -4.53
C MET K 509 33.53 50.48 -3.76
N ALA K 510 32.92 51.68 -3.87
CA ALA K 510 31.67 51.90 -3.17
C ALA K 510 30.62 50.87 -3.64
N GLY K 511 30.61 50.60 -4.94
CA GLY K 511 29.72 49.59 -5.52
C GLY K 511 30.02 48.22 -4.91
N ALA K 512 31.30 47.84 -4.90
CA ALA K 512 31.74 46.56 -4.36
C ALA K 512 31.37 46.40 -2.88
N TYR K 513 31.44 47.48 -2.08
CA TYR K 513 31.07 47.40 -0.68
C TYR K 513 29.60 46.99 -0.56
N ALA K 514 28.73 47.59 -1.38
CA ALA K 514 27.31 47.25 -1.36
C ALA K 514 27.07 45.78 -1.69
N ARG K 515 27.79 45.24 -2.68
CA ARG K 515 27.62 43.82 -3.01
C ARG K 515 27.97 42.90 -1.85
N VAL K 516 29.08 43.16 -1.18
CA VAL K 516 29.46 42.29 -0.08
C VAL K 516 28.44 42.34 1.05
N ASP K 517 27.99 43.54 1.41
CA ASP K 517 27.04 43.65 2.51
C ASP K 517 25.78 42.83 2.23
N ASN K 518 25.31 42.81 0.97
CA ASN K 518 24.12 42.03 0.63
C ASN K 518 24.32 40.52 0.52
N ASP K 519 25.44 40.06 -0.04
CA ASP K 519 25.61 38.61 -0.18
C ASP K 519 26.25 37.90 1.01
N ARG K 520 27.16 38.55 1.73
CA ARG K 520 27.83 37.88 2.84
C ARG K 520 27.63 38.55 4.21
N GLY K 521 27.45 39.87 4.23
CA GLY K 521 27.30 40.61 5.47
C GLY K 521 28.44 41.56 5.74
N VAL K 522 28.11 42.67 6.42
CA VAL K 522 29.02 43.77 6.77
C VAL K 522 30.21 43.35 7.62
N TRP K 523 30.13 42.19 8.25
CA TRP K 523 31.22 41.71 9.08
C TRP K 523 32.29 40.92 8.29
N LYS K 524 32.13 40.80 6.97
CA LYS K 524 33.12 40.11 6.14
C LYS K 524 33.98 41.12 5.39
N SER K 525 35.26 40.79 5.20
CA SER K 525 36.18 41.69 4.50
C SER K 525 35.78 41.99 3.06
N PRO K 526 35.84 43.26 2.62
CA PRO K 526 35.59 43.69 1.27
C PRO K 526 36.80 43.47 0.38
N ALA K 527 37.13 42.21 0.14
CA ALA K 527 38.31 41.81 -0.64
C ALA K 527 38.04 40.47 -1.30
N ASN K 528 38.87 40.14 -2.31
CA ASN K 528 38.74 38.93 -3.13
C ASN K 528 37.40 39.01 -3.87
N ILE K 529 37.16 40.22 -4.38
CA ILE K 529 36.00 40.66 -5.13
C ILE K 529 36.39 41.01 -6.55
N GLY K 530 35.67 40.47 -7.53
CA GLY K 530 35.96 40.88 -8.90
C GLY K 530 35.20 42.17 -9.21
N LEU K 531 35.82 43.04 -10.00
CA LEU K 531 35.18 44.30 -10.41
C LEU K 531 34.51 44.19 -11.78
N ASN K 532 33.38 44.87 -11.95
CA ASN K 532 32.68 44.86 -13.23
C ASN K 532 33.14 46.02 -14.07
N TYR K 533 33.08 45.83 -15.40
CA TYR K 533 33.47 46.86 -16.37
C TYR K 533 34.92 47.29 -16.24
N VAL K 534 35.80 46.38 -15.88
CA VAL K 534 37.21 46.72 -15.78
C VAL K 534 37.99 45.81 -16.69
N SER K 535 38.76 46.42 -17.57
CA SER K 535 39.59 45.70 -18.51
C SER K 535 40.84 45.23 -17.78
N LYS K 536 41.49 46.17 -17.12
CA LYS K 536 42.72 45.88 -16.39
C LYS K 536 43.12 47.05 -15.49
N PRO K 537 43.98 46.85 -14.45
CA PRO K 537 44.67 47.88 -13.69
C PRO K 537 45.57 48.64 -14.65
N SER K 538 45.76 49.95 -14.42
CA SER K 538 46.67 50.73 -15.25
C SER K 538 48.16 50.44 -15.01
N VAL K 539 48.50 50.02 -13.79
CA VAL K 539 49.86 49.71 -13.38
C VAL K 539 49.92 48.30 -12.80
N THR K 540 50.85 47.49 -13.25
CA THR K 540 51.00 46.15 -12.70
C THR K 540 51.74 46.16 -11.38
N VAL K 541 51.17 45.50 -10.37
CA VAL K 541 51.80 45.38 -9.05
C VAL K 541 52.16 43.92 -8.83
N SER K 542 53.44 43.67 -8.60
CA SER K 542 53.96 42.32 -8.38
C SER K 542 53.74 41.90 -6.95
N HIS K 543 54.02 40.63 -6.65
CA HIS K 543 53.92 40.13 -5.28
C HIS K 543 54.84 40.88 -4.33
N GLU K 544 56.11 40.96 -4.68
CA GLU K 544 57.12 41.60 -3.85
C GLU K 544 56.84 43.09 -3.65
N GLU K 545 56.33 43.74 -4.67
CA GLU K 545 56.01 45.16 -4.64
C GLU K 545 54.89 45.50 -3.66
N GLN K 546 54.07 44.54 -3.28
CA GLN K 546 52.96 44.82 -2.41
C GLN K 546 53.37 44.70 -0.93
N GLU K 547 54.56 44.18 -0.64
CA GLU K 547 54.87 43.97 0.77
C GLU K 547 54.84 45.26 1.59
N SER K 548 55.32 46.35 1.00
CA SER K 548 55.37 47.66 1.65
C SER K 548 54.03 48.41 1.60
N MET K 549 53.06 47.85 0.88
CA MET K 549 51.75 48.45 0.79
C MET K 549 50.90 47.92 1.92
N ASN K 550 51.06 46.63 2.24
CA ASN K 550 50.24 46.01 3.28
C ASN K 550 50.81 46.29 4.67
N VAL K 551 52.15 46.23 4.81
CA VAL K 551 52.79 46.46 6.10
C VAL K 551 53.84 47.55 5.96
N HIS K 552 53.80 48.54 6.84
CA HIS K 552 54.71 49.66 6.77
C HIS K 552 54.90 50.31 8.14
N GLY K 553 56.08 50.86 8.38
CA GLY K 553 56.42 51.51 9.65
C GLY K 553 55.43 52.60 10.10
N THR K 554 54.78 53.29 9.16
CA THR K 554 53.82 54.31 9.53
C THR K 554 52.40 53.82 9.80
N GLY K 555 52.10 52.59 9.39
CA GLY K 555 50.76 52.01 9.50
C GLY K 555 49.80 52.47 8.39
N LYS K 556 50.26 53.36 7.50
CA LYS K 556 49.41 53.89 6.45
C LYS K 556 49.36 52.99 5.24
N SER K 557 48.67 51.89 5.42
CA SER K 557 48.50 50.82 4.45
C SER K 557 47.70 51.25 3.23
N VAL K 558 48.00 50.63 2.09
CA VAL K 558 47.28 50.85 0.84
C VAL K 558 46.86 49.48 0.27
N ASN K 559 45.60 49.33 -0.10
CA ASN K 559 45.11 48.06 -0.65
C ASN K 559 45.42 48.02 -2.14
N ALA K 560 45.59 46.82 -2.72
CA ALA K 560 45.96 46.78 -4.13
C ALA K 560 44.90 46.21 -5.05
N ILE K 561 44.86 46.74 -6.26
CA ILE K 561 43.99 46.15 -7.28
C ILE K 561 44.92 45.33 -8.20
N ARG K 562 44.67 44.02 -8.31
CA ARG K 562 45.56 43.13 -9.06
C ARG K 562 44.86 42.19 -10.03
N SER K 563 45.56 41.82 -11.10
CA SER K 563 45.06 40.89 -12.11
C SER K 563 45.50 39.46 -11.88
N PHE K 564 44.53 38.54 -11.84
CA PHE K 564 44.80 37.13 -11.62
C PHE K 564 44.42 36.31 -12.84
N VAL K 565 45.23 35.30 -13.14
CA VAL K 565 44.96 34.49 -14.31
C VAL K 565 43.73 33.63 -14.12
N GLY K 566 42.80 33.77 -15.05
CA GLY K 566 41.56 33.03 -15.04
C GLY K 566 40.49 33.65 -14.12
N LYS K 567 40.81 34.78 -13.46
CA LYS K 567 39.87 35.39 -12.55
C LYS K 567 39.51 36.82 -12.92
N GLY K 568 40.47 37.56 -13.49
CA GLY K 568 40.23 38.96 -13.82
C GLY K 568 40.74 39.87 -12.73
N THR K 569 40.20 41.09 -12.67
CA THR K 569 40.73 42.09 -11.75
C THR K 569 40.06 41.95 -10.38
N LEU K 570 40.88 41.71 -9.35
CA LEU K 570 40.41 41.52 -7.99
C LEU K 570 40.91 42.55 -7.00
N VAL K 571 40.12 42.79 -5.97
CA VAL K 571 40.53 43.65 -4.86
C VAL K 571 41.36 42.80 -3.89
N TRP K 572 42.63 43.15 -3.68
CA TRP K 572 43.49 42.33 -2.86
C TRP K 572 43.96 43.07 -1.58
N GLY K 573 43.41 42.70 -0.44
CA GLY K 573 43.70 43.38 0.83
C GLY K 573 42.54 44.21 1.35
N ALA K 574 42.40 44.27 2.68
CA ALA K 574 41.31 45.02 3.29
C ALA K 574 41.67 45.66 4.62
N ARG K 575 42.75 46.44 4.64
CA ARG K 575 43.15 47.13 5.87
C ARG K 575 42.82 48.62 5.80
N THR K 576 42.79 49.25 6.97
CA THR K 576 42.52 50.69 7.14
C THR K 576 43.84 51.46 7.19
N LEU K 577 43.75 52.78 7.30
CA LEU K 577 44.95 53.65 7.37
C LEU K 577 45.65 53.60 8.74
N ALA K 578 45.18 52.72 9.63
CA ALA K 578 45.77 52.50 10.93
C ALA K 578 46.10 51.00 11.04
N GLY K 579 46.92 50.51 10.10
CA GLY K 579 47.22 49.10 9.88
C GLY K 579 47.92 48.36 11.00
N ASN K 580 48.51 49.08 11.94
CA ASN K 580 49.18 48.44 13.05
C ASN K 580 48.34 48.48 14.31
N ASP K 581 47.09 48.90 14.19
CA ASP K 581 46.16 49.01 15.30
C ASP K 581 45.55 47.66 15.66
N ASN K 582 45.88 47.17 16.85
CA ASN K 582 45.44 45.86 17.29
C ASN K 582 43.92 45.69 17.32
N GLU K 583 43.17 46.79 17.44
CA GLU K 583 41.72 46.69 17.49
C GLU K 583 41.07 47.11 16.19
N TRP K 584 41.61 48.17 15.55
CA TRP K 584 40.99 48.73 14.36
C TRP K 584 41.66 48.56 12.99
N ARG K 585 42.72 47.75 12.84
CA ARG K 585 43.36 47.59 11.53
C ARG K 585 42.50 47.01 10.38
N TYR K 586 41.44 46.24 10.66
CA TYR K 586 40.64 45.68 9.57
C TYR K 586 39.39 46.49 9.26
N ILE K 587 39.10 46.63 7.97
CA ILE K 587 37.94 47.41 7.53
C ILE K 587 36.64 46.85 8.07
N SER K 588 36.46 45.53 8.00
CA SER K 588 35.25 44.86 8.45
C SER K 588 34.97 44.99 9.94
N VAL K 589 35.98 45.28 10.76
CA VAL K 589 35.72 45.42 12.16
C VAL K 589 35.18 46.82 12.36
N ARG K 590 35.86 47.82 11.78
CA ARG K 590 35.40 49.18 11.91
C ARG K 590 33.98 49.35 11.37
N ARG K 591 33.69 48.80 10.18
CA ARG K 591 32.37 48.93 9.60
C ARG K 591 31.29 48.20 10.41
N PHE K 592 31.59 47.00 10.93
CA PHE K 592 30.61 46.29 11.75
C PHE K 592 30.22 47.13 12.95
N PHE K 593 31.21 47.68 13.66
CA PHE K 593 30.89 48.51 14.80
C PHE K 593 30.07 49.73 14.40
N ASN K 594 30.41 50.43 13.31
CA ASN K 594 29.60 51.59 12.97
C ASN K 594 28.14 51.19 12.74
N MET K 595 27.91 50.05 12.08
CA MET K 595 26.57 49.57 11.82
C MET K 595 25.81 49.28 13.12
N ALA K 596 26.44 48.52 14.02
CA ALA K 596 25.77 48.16 15.25
C ALA K 596 25.45 49.39 16.09
N GLU K 597 26.36 50.35 16.15
CA GLU K 597 26.15 51.54 16.95
C GLU K 597 25.00 52.39 16.41
N GLU K 598 24.91 52.54 15.09
CA GLU K 598 23.83 53.32 14.51
C GLU K 598 22.47 52.68 14.77
N SER K 599 22.37 51.36 14.57
CA SER K 599 21.10 50.69 14.77
C SER K 599 20.64 50.77 16.22
N ILE K 600 21.56 50.61 17.17
CA ILE K 600 21.17 50.69 18.55
C ILE K 600 20.71 52.11 18.90
N LYS K 601 21.45 53.17 18.52
CA LYS K 601 20.91 54.44 18.98
C LYS K 601 19.53 54.74 18.40
N LYS K 602 19.23 54.31 17.17
CA LYS K 602 17.89 54.58 16.65
C LYS K 602 16.85 53.94 17.56
N ALA K 603 17.12 52.71 17.99
CA ALA K 603 16.25 51.99 18.90
C ALA K 603 16.12 52.66 20.29
N THR K 604 17.18 53.31 20.80
CA THR K 604 17.12 53.92 22.13
C THR K 604 16.44 55.29 22.15
N GLU K 605 16.28 55.95 21.00
CA GLU K 605 15.65 57.27 20.98
C GLU K 605 14.22 57.29 21.55
N GLN K 606 13.48 56.20 21.45
CA GLN K 606 12.13 56.13 21.99
C GLN K 606 12.06 56.36 23.52
N PHE K 607 13.20 56.26 24.22
CA PHE K 607 13.22 56.44 25.68
C PHE K 607 13.78 57.79 26.14
N VAL K 608 13.99 58.73 25.24
CA VAL K 608 14.65 59.99 25.64
C VAL K 608 13.99 60.81 26.74
N PHE K 609 12.68 60.92 26.74
CA PHE K 609 12.06 61.74 27.79
C PHE K 609 11.39 60.94 28.90
N GLU K 610 11.79 59.67 29.06
CA GLU K 610 11.23 58.82 30.09
C GLU K 610 11.88 59.13 31.46
N PRO K 611 11.24 58.82 32.60
CA PRO K 611 11.78 58.95 33.95
C PRO K 611 13.08 58.18 34.12
N ASN K 612 14.04 58.76 34.85
CA ASN K 612 15.30 58.06 35.01
C ASN K 612 15.24 57.23 36.28
N ASP K 613 14.81 55.99 36.12
CA ASP K 613 14.62 55.06 37.23
C ASP K 613 14.72 53.61 36.78
N GLY K 614 14.59 52.69 37.73
CA GLY K 614 14.72 51.25 37.50
C GLY K 614 13.82 50.67 36.45
N ASN K 615 12.61 51.19 36.29
CA ASN K 615 11.72 50.65 35.29
C ASN K 615 12.25 50.89 33.87
N THR K 616 12.91 52.03 33.66
CA THR K 616 13.41 52.41 32.37
C THR K 616 14.67 51.63 32.11
N TRP K 617 15.53 51.54 33.13
CA TRP K 617 16.80 50.86 32.99
C TRP K 617 16.59 49.44 32.51
N VAL K 618 15.59 48.75 33.08
CA VAL K 618 15.27 47.39 32.65
C VAL K 618 14.78 47.34 31.21
N ARG K 619 13.86 48.23 30.83
CA ARG K 619 13.34 48.23 29.44
C ARG K 619 14.47 48.47 28.42
N VAL K 620 15.39 49.40 28.70
CA VAL K 620 16.46 49.71 27.77
C VAL K 620 17.40 48.53 27.62
N ARG K 621 17.79 47.92 28.75
CA ARG K 621 18.65 46.78 28.71
C ARG K 621 18.07 45.63 27.90
N ALA K 622 16.81 45.30 28.16
CA ALA K 622 16.20 44.19 27.45
C ALA K 622 16.18 44.40 25.95
N MET K 623 15.88 45.63 25.51
CA MET K 623 15.84 45.95 24.11
C MET K 623 17.19 45.75 23.42
N ILE K 624 18.26 46.23 24.06
CA ILE K 624 19.60 46.11 23.49
C ILE K 624 20.01 44.64 23.41
N GLU K 625 19.77 43.86 24.46
CA GLU K 625 20.15 42.45 24.41
C GLU K 625 19.42 41.71 23.29
N ASN K 626 18.14 42.02 23.04
CA ASN K 626 17.44 41.31 21.97
C ASN K 626 18.09 41.57 20.61
N PHE K 627 18.51 42.81 20.37
CA PHE K 627 19.20 43.15 19.13
C PHE K 627 20.46 42.30 18.96
N LEU K 628 21.28 42.27 20.01
CA LEU K 628 22.54 41.55 19.96
C LEU K 628 22.35 40.04 19.81
N ILE K 629 21.29 39.47 20.38
CA ILE K 629 21.03 38.04 20.22
C ILE K 629 20.79 37.73 18.75
N LEU K 630 20.01 38.56 18.06
CA LEU K 630 19.78 38.33 16.65
C LEU K 630 21.09 38.43 15.83
N GLN K 631 21.97 39.37 16.18
CA GLN K 631 23.25 39.47 15.46
C GLN K 631 24.09 38.22 15.67
N TRP K 632 24.03 37.67 16.88
CA TRP K 632 24.71 36.43 17.19
C TRP K 632 24.12 35.27 16.39
N ARG K 633 22.79 35.15 16.37
CA ARG K 633 22.13 34.06 15.67
C ARG K 633 22.51 34.03 14.19
N ALA K 634 22.69 35.20 13.60
CA ALA K 634 23.05 35.36 12.18
C ALA K 634 24.54 35.13 11.90
N GLY K 635 25.35 34.89 12.92
CA GLY K 635 26.77 34.64 12.76
C GLY K 635 27.69 35.86 12.75
N ALA K 636 27.23 37.03 13.20
CA ALA K 636 28.10 38.20 13.20
C ALA K 636 29.07 38.21 14.36
N LEU K 637 28.65 37.67 15.50
CA LEU K 637 29.45 37.66 16.73
C LEU K 637 30.01 36.29 17.04
N ALA K 638 31.16 36.29 17.71
CA ALA K 638 31.82 35.07 18.17
C ALA K 638 31.14 34.51 19.41
N GLY K 639 31.32 33.21 19.68
CA GLY K 639 30.82 32.60 20.92
C GLY K 639 29.80 31.46 20.72
N ALA K 640 29.97 30.38 21.49
CA ALA K 640 29.09 29.21 21.46
C ALA K 640 27.63 29.51 21.83
N LYS K 641 27.44 30.44 22.74
CA LYS K 641 26.15 30.86 23.25
C LYS K 641 26.23 32.39 23.40
N PRO K 642 25.12 33.16 23.41
CA PRO K 642 25.08 34.61 23.56
C PRO K 642 25.92 35.10 24.76
N GLU K 643 25.96 34.31 25.84
CA GLU K 643 26.72 34.61 27.05
C GLU K 643 28.22 34.84 26.81
N HIS K 644 28.74 34.35 25.69
CA HIS K 644 30.13 34.46 25.33
C HIS K 644 30.35 35.49 24.22
N ALA K 645 29.26 36.05 23.71
CA ALA K 645 29.31 36.97 22.58
C ALA K 645 29.26 38.42 23.02
N PHE K 646 28.46 38.70 24.04
CA PHE K 646 28.29 40.09 24.47
C PHE K 646 27.80 40.24 25.90
N TYR K 647 27.91 41.48 26.39
CA TYR K 647 27.27 41.84 27.66
C TYR K 647 26.71 43.25 27.59
N VAL K 648 25.69 43.52 28.42
CA VAL K 648 25.08 44.84 28.58
C VAL K 648 24.91 45.13 30.09
N LYS K 649 25.38 46.29 30.57
CA LYS K 649 25.25 46.66 31.98
C LYS K 649 24.69 48.06 32.20
N VAL K 650 23.78 48.18 33.17
CA VAL K 650 23.24 49.48 33.56
C VAL K 650 22.73 49.43 34.98
N GLY K 651 23.00 50.48 35.75
CA GLY K 651 22.43 50.55 37.09
C GLY K 651 23.14 51.50 38.04
N LEU K 652 22.45 51.84 39.12
CA LEU K 652 23.03 52.73 40.08
C LEU K 652 24.04 51.92 40.87
N GLY K 653 25.26 52.42 40.94
CA GLY K 653 26.33 51.71 41.60
C GLY K 653 27.15 50.86 40.62
N GLN K 654 26.66 50.69 39.39
CA GLN K 654 27.38 49.91 38.39
C GLN K 654 27.91 50.81 37.32
N THR K 655 27.02 51.64 36.75
CA THR K 655 27.41 52.54 35.69
C THR K 655 27.11 54.00 36.02
N MET K 656 26.21 54.23 36.99
CA MET K 656 25.77 55.57 37.37
C MET K 656 25.98 55.88 38.84
N THR K 657 26.15 57.17 39.13
CA THR K 657 26.17 57.59 40.52
C THR K 657 25.05 58.57 40.86
N ALA K 658 25.00 59.00 42.11
CA ALA K 658 23.92 59.89 42.56
C ALA K 658 23.87 61.18 41.76
N GLN K 659 25.04 61.68 41.42
CA GLN K 659 25.22 62.90 40.65
C GLN K 659 24.62 62.78 39.25
N ASP K 660 24.62 61.58 38.67
CA ASP K 660 24.13 61.39 37.33
C ASP K 660 22.64 61.37 37.38
N ILE K 661 22.11 60.83 38.46
CA ILE K 661 20.67 60.78 38.55
C ILE K 661 20.19 62.24 38.65
N LEU K 662 20.84 63.04 39.49
CA LEU K 662 20.45 64.43 39.67
C LEU K 662 20.53 65.27 38.39
N GLU K 663 21.55 65.03 37.57
CA GLU K 663 21.70 65.77 36.32
C GLU K 663 20.92 65.18 35.14
N GLY K 664 20.19 64.09 35.34
CA GLY K 664 19.45 63.47 34.25
C GLY K 664 20.24 62.57 33.29
N ASN K 665 21.39 62.04 33.71
CA ASN K 665 22.18 61.19 32.82
C ASN K 665 21.83 59.71 32.99
N MET K 666 22.01 58.93 31.93
CA MET K 666 21.86 57.48 32.01
C MET K 666 23.04 56.83 31.28
N ASN K 667 23.73 55.93 31.98
CA ASN K 667 24.93 55.29 31.44
C ASN K 667 24.80 53.79 31.15
N VAL K 668 24.97 53.41 29.89
CA VAL K 668 24.85 51.99 29.54
C VAL K 668 26.17 51.49 28.95
N GLU K 669 26.70 50.39 29.50
CA GLU K 669 27.96 49.81 28.99
C GLU K 669 27.72 48.52 28.20
N ILE K 670 28.33 48.44 27.02
CA ILE K 670 28.16 47.30 26.11
C ILE K 670 29.51 46.73 25.63
N GLY K 671 29.66 45.41 25.61
CA GLY K 671 30.89 44.80 25.07
C GLY K 671 30.55 43.73 24.03
N LEU K 672 31.39 43.62 22.98
CA LEU K 672 31.17 42.65 21.88
C LEU K 672 32.38 41.79 21.47
N ALA K 673 32.16 40.49 21.22
CA ALA K 673 33.20 39.60 20.70
C ALA K 673 33.15 39.51 19.15
N VAL K 674 34.15 40.09 18.49
CA VAL K 674 34.17 40.19 17.03
C VAL K 674 35.31 39.38 16.39
N VAL K 675 34.96 38.62 15.35
CA VAL K 675 35.83 37.72 14.57
C VAL K 675 36.71 38.43 13.54
N ARG K 676 38.01 38.09 13.52
CA ARG K 676 38.97 38.67 12.58
C ARG K 676 39.48 37.62 11.57
N PRO K 677 39.75 38.00 10.30
CA PRO K 677 40.19 37.15 9.19
C PRO K 677 41.63 36.69 9.22
N ALA K 678 41.90 35.56 8.55
CA ALA K 678 43.27 35.11 8.32
C ALA K 678 43.78 35.69 7.01
N GLU K 679 45.07 36.02 6.94
CA GLU K 679 45.64 36.53 5.69
C GLU K 679 46.64 35.61 5.00
N PHE K 680 47.27 34.67 5.71
CA PHE K 680 48.34 33.93 5.06
C PHE K 680 48.15 32.43 5.11
N ILE K 681 48.41 31.77 3.98
CA ILE K 681 48.34 30.32 3.87
C ILE K 681 49.67 29.79 3.40
N ILE K 682 50.25 28.89 4.16
CA ILE K 682 51.55 28.33 3.82
C ILE K 682 51.48 26.86 3.48
N LEU K 683 51.94 26.50 2.30
CA LEU K 683 51.95 25.11 1.89
C LEU K 683 53.35 24.57 1.99
N LYS K 684 53.48 23.29 2.35
CA LYS K 684 54.77 22.66 2.43
C LYS K 684 54.73 21.35 1.67
N PHE K 685 55.80 21.05 0.94
CA PHE K 685 55.86 19.84 0.12
C PHE K 685 57.06 18.99 0.47
N SER K 686 56.93 17.69 0.26
CA SER K 686 57.98 16.74 0.50
C SER K 686 57.78 15.48 -0.31
N HIS K 687 58.79 14.61 -0.30
CA HIS K 687 58.73 13.32 -0.97
C HIS K 687 58.28 12.27 0.01
N LYS K 688 57.12 11.69 -0.24
CA LYS K 688 56.56 10.69 0.65
C LYS K 688 57.48 9.50 0.79
N MET K 689 57.70 9.07 2.02
CA MET K 689 58.52 7.91 2.29
C MET K 689 58.04 7.15 3.51
N GLN K 690 58.44 5.90 3.61
CA GLN K 690 58.11 5.08 4.77
C GLN K 690 58.52 5.75 6.07
N THR L 3 -51.35 27.18 -35.14
CA THR L 3 -52.35 26.21 -34.69
C THR L 3 -52.21 24.87 -35.37
N TYR L 4 -52.06 23.84 -34.55
CA TYR L 4 -51.94 22.49 -35.04
C TYR L 4 -53.03 21.69 -34.38
N LYS L 5 -53.56 20.69 -35.07
CA LYS L 5 -54.62 19.88 -34.50
C LYS L 5 -54.27 18.43 -34.23
N THR L 6 -53.29 17.89 -34.96
CA THR L 6 -52.94 16.49 -34.81
C THR L 6 -51.61 16.40 -34.06
N PRO L 7 -51.49 15.60 -32.99
CA PRO L 7 -50.25 15.38 -32.26
C PRO L 7 -49.21 14.85 -33.21
N GLY L 8 -47.96 15.26 -33.08
CA GLY L 8 -46.96 14.74 -33.99
C GLY L 8 -45.88 15.74 -34.34
N VAL L 9 -45.08 15.38 -35.34
CA VAL L 9 -43.96 16.18 -35.79
C VAL L 9 -44.26 16.83 -37.13
N TYR L 10 -44.10 18.13 -37.19
CA TYR L 10 -44.35 18.91 -38.39
C TYR L 10 -43.04 19.37 -39.02
N ILE L 11 -43.00 19.44 -40.35
CA ILE L 11 -41.80 19.87 -41.06
C ILE L 11 -42.01 21.11 -41.93
N GLU L 12 -41.12 22.09 -41.75
CA GLU L 12 -41.12 23.34 -42.50
C GLU L 12 -39.74 23.64 -43.07
N GLU L 13 -39.69 24.40 -44.16
CA GLU L 13 -38.40 24.81 -44.76
C GLU L 13 -38.30 26.32 -44.87
N ILE L 14 -37.33 26.90 -44.16
CA ILE L 14 -37.14 28.34 -44.09
C ILE L 14 -35.69 28.76 -44.33
N THR L 15 -35.48 30.05 -44.57
CA THR L 15 -34.13 30.63 -44.67
C THR L 15 -33.97 31.79 -43.69
N LYS L 16 -32.94 31.76 -42.84
CA LYS L 16 -32.69 32.84 -41.88
C LYS L 16 -31.33 32.72 -41.20
N PHE L 17 -30.89 33.78 -40.53
CA PHE L 17 -29.72 33.70 -39.66
C PHE L 17 -30.19 33.06 -38.36
N PRO L 18 -29.35 32.29 -37.68
CA PRO L 18 -29.63 31.71 -36.38
C PRO L 18 -29.79 32.82 -35.33
N PRO L 19 -30.60 32.61 -34.28
CA PRO L 19 -30.87 33.51 -33.16
C PRO L 19 -29.73 33.62 -32.15
N SER L 20 -29.76 34.67 -31.33
CA SER L 20 -28.81 34.86 -30.23
C SER L 20 -29.40 35.68 -29.09
N VAL L 21 -29.14 35.24 -27.85
CA VAL L 21 -29.59 35.89 -26.62
C VAL L 21 -28.45 36.01 -25.59
N ALA L 22 -28.65 36.85 -24.57
CA ALA L 22 -27.67 36.99 -23.49
C ALA L 22 -28.31 37.49 -22.21
N GLN L 23 -27.66 37.22 -21.09
CA GLN L 23 -28.08 37.69 -19.77
C GLN L 23 -27.21 38.85 -19.34
N VAL L 24 -27.81 40.03 -19.24
CA VAL L 24 -27.09 41.26 -18.91
C VAL L 24 -27.74 42.02 -17.77
N GLU L 25 -26.95 42.38 -16.78
CA GLU L 25 -27.48 43.13 -15.63
C GLU L 25 -27.13 44.63 -15.59
N THR L 26 -25.96 45.02 -16.09
CA THR L 26 -25.48 46.40 -15.93
C THR L 26 -25.47 47.28 -17.19
N ALA L 27 -25.98 46.79 -18.29
CA ALA L 27 -25.91 47.55 -19.53
C ALA L 27 -27.21 47.51 -20.31
N ILE L 28 -28.28 48.06 -19.73
CA ILE L 28 -29.59 48.04 -20.37
C ILE L 28 -29.90 49.35 -21.15
N PRO L 29 -29.92 49.34 -22.49
CA PRO L 29 -30.21 50.48 -23.32
C PRO L 29 -31.68 50.73 -23.52
N ALA L 30 -32.02 51.97 -23.87
CA ALA L 30 -33.30 52.27 -24.44
C ALA L 30 -33.12 52.71 -25.90
N PHE L 31 -34.02 52.27 -26.77
CA PHE L 31 -33.98 52.63 -28.18
C PHE L 31 -35.23 53.41 -28.59
N ILE L 32 -35.06 54.65 -29.05
CA ILE L 32 -36.19 55.50 -29.42
C ILE L 32 -36.33 55.69 -30.96
N GLY L 33 -37.46 55.26 -31.55
CA GLY L 33 -37.62 55.38 -33.03
C GLY L 33 -38.94 54.83 -33.64
N TYR L 34 -38.97 54.63 -34.97
CA TYR L 34 -40.20 54.19 -35.68
C TYR L 34 -40.31 52.67 -35.90
N THR L 35 -41.55 52.15 -35.88
CA THR L 35 -41.81 50.71 -36.11
C THR L 35 -42.88 50.46 -37.19
N GLN L 36 -43.19 49.18 -37.53
CA GLN L 36 -44.27 48.95 -38.50
C GLN L 36 -45.61 49.19 -37.85
N PHE L 37 -45.69 48.76 -36.60
CA PHE L 37 -46.89 48.84 -35.79
C PHE L 37 -46.52 48.82 -34.34
N ALA L 38 -47.47 49.06 -33.45
CA ALA L 38 -47.16 48.97 -32.03
C ALA L 38 -48.38 48.49 -31.26
N ARG L 39 -48.41 47.22 -30.90
CA ARG L 39 -49.60 46.65 -30.25
C ARG L 39 -49.31 45.79 -29.04
N THR L 40 -50.30 45.61 -28.18
CA THR L 40 -50.13 44.72 -27.03
C THR L 40 -50.67 43.32 -27.27
N LYS L 41 -51.58 43.18 -28.23
CA LYS L 41 -52.18 41.90 -28.56
C LYS L 41 -52.13 41.76 -30.06
N PRO L 42 -52.02 40.55 -30.61
CA PRO L 42 -51.99 40.24 -32.04
C PRO L 42 -53.28 40.60 -32.79
N SER L 43 -54.37 40.80 -32.07
CA SER L 43 -55.65 41.12 -32.69
C SER L 43 -56.32 42.31 -32.05
N VAL L 44 -55.91 43.47 -32.52
CA VAL L 44 -56.38 44.76 -32.05
C VAL L 44 -56.76 45.60 -33.24
N ASP L 45 -57.50 46.67 -33.03
CA ASP L 45 -57.86 47.58 -34.09
C ASP L 45 -57.00 48.84 -34.18
N SER L 46 -55.91 48.90 -33.42
CA SER L 46 -55.05 50.07 -33.44
C SER L 46 -53.67 49.83 -32.86
N ASP L 47 -52.91 50.91 -32.79
CA ASP L 47 -51.59 50.91 -32.21
C ASP L 47 -51.72 51.32 -30.75
N ASP L 48 -51.38 50.42 -29.85
CA ASP L 48 -51.57 50.60 -28.42
C ASP L 48 -50.34 51.19 -27.73
N LEU L 49 -49.19 50.88 -28.28
CA LEU L 49 -47.91 51.20 -27.66
C LEU L 49 -47.13 52.35 -28.29
N ILE L 50 -47.77 53.28 -28.98
CA ILE L 50 -46.96 54.30 -29.66
C ILE L 50 -46.04 55.08 -28.73
N LEU L 51 -46.49 55.51 -27.57
CA LEU L 51 -45.57 56.20 -26.65
C LEU L 51 -45.45 55.48 -25.33
N LYS L 52 -45.48 54.15 -25.35
CA LYS L 52 -45.39 53.42 -24.10
C LYS L 52 -44.13 52.57 -24.08
N PRO L 53 -43.18 52.77 -23.14
CA PRO L 53 -41.99 51.97 -23.04
C PRO L 53 -42.35 50.52 -22.80
N LYS L 54 -41.63 49.62 -23.43
CA LYS L 54 -41.84 48.21 -23.18
C LYS L 54 -40.51 47.50 -23.08
N ARG L 55 -40.43 46.49 -22.21
CA ARG L 55 -39.21 45.71 -22.09
C ARG L 55 -39.29 44.45 -22.96
N ILE L 56 -38.23 44.28 -23.74
CA ILE L 56 -38.01 43.20 -24.71
C ILE L 56 -36.83 42.31 -24.35
N SER L 57 -37.00 40.97 -24.35
CA SER L 57 -35.90 40.09 -23.99
C SER L 57 -35.04 39.61 -25.16
N SER L 58 -35.61 39.62 -26.36
CA SER L 58 -34.92 39.13 -27.55
C SER L 58 -35.56 39.69 -28.81
N LEU L 59 -34.92 39.45 -29.96
CA LEU L 59 -35.46 39.95 -31.21
C LEU L 59 -36.87 39.37 -31.52
N LEU L 60 -37.19 38.14 -31.08
CA LEU L 60 -38.51 37.57 -31.33
C LEU L 60 -39.60 38.36 -30.62
N ASP L 61 -39.30 38.86 -29.42
CA ASP L 61 -40.27 39.64 -28.68
C ASP L 61 -40.47 40.94 -29.39
N PHE L 62 -39.39 41.52 -29.91
CA PHE L 62 -39.54 42.76 -30.63
C PHE L 62 -40.49 42.58 -31.79
N THR L 63 -40.22 41.57 -32.61
CA THR L 63 -41.01 41.34 -33.82
C THR L 63 -42.48 41.17 -33.48
N THR L 64 -42.76 40.40 -32.44
CA THR L 64 -44.11 40.14 -31.97
C THR L 64 -44.97 41.39 -31.78
N TYR L 65 -44.40 42.49 -31.28
CA TYR L 65 -45.21 43.67 -30.98
C TYR L 65 -44.96 44.84 -31.92
N TYR L 66 -43.81 44.84 -32.61
CA TYR L 66 -43.43 45.97 -33.45
C TYR L 66 -43.24 45.72 -34.97
N GLY L 67 -43.14 44.45 -35.39
CA GLY L 67 -42.91 44.12 -36.80
C GLY L 67 -41.43 44.20 -37.25
N GLY L 68 -41.23 44.12 -38.56
CA GLY L 68 -39.90 44.09 -39.20
C GLY L 68 -39.49 45.41 -39.90
N ALA L 69 -38.72 45.27 -40.97
CA ALA L 69 -38.21 46.41 -41.77
C ALA L 69 -39.20 46.81 -42.86
N GLN L 70 -39.01 48.02 -43.40
CA GLN L 70 -39.79 48.50 -44.54
C GLN L 70 -39.16 48.00 -45.84
N ASN L 71 -39.97 47.59 -46.83
CA ASN L 71 -39.42 47.17 -48.12
C ASN L 71 -38.75 48.34 -48.85
N GLU L 72 -37.62 48.07 -49.50
CA GLU L 72 -36.97 49.10 -50.30
C GLU L 72 -37.72 49.27 -51.61
N GLN L 73 -37.79 50.50 -52.11
CA GLN L 73 -38.44 50.77 -53.39
C GLN L 73 -37.53 51.44 -54.41
N GLY L 74 -36.22 51.36 -54.19
CA GLY L 74 -35.22 52.00 -55.06
C GLY L 74 -34.36 51.04 -55.89
N ILE L 75 -34.76 49.77 -56.00
CA ILE L 75 -33.97 48.78 -56.73
C ILE L 75 -34.39 48.72 -58.20
N THR L 76 -33.43 48.82 -59.11
CA THR L 76 -33.69 48.74 -60.55
C THR L 76 -32.76 47.70 -61.14
N VAL L 77 -33.07 47.22 -62.35
CA VAL L 77 -32.20 46.24 -63.02
C VAL L 77 -31.91 46.59 -64.48
N LYS L 78 -30.64 46.45 -64.91
CA LYS L 78 -30.31 46.68 -66.32
C LYS L 78 -29.57 45.47 -66.96
N LEU L 79 -30.16 44.94 -68.03
CA LEU L 79 -29.61 43.78 -68.74
C LEU L 79 -29.19 44.13 -70.17
N THR L 80 -27.95 43.82 -70.55
CA THR L 80 -27.50 44.14 -71.93
C THR L 80 -26.95 42.91 -72.71
N ASP L 81 -27.50 42.71 -73.92
CA ASP L 81 -27.14 41.64 -74.88
C ASP L 81 -26.22 42.09 -76.03
N THR L 82 -25.02 41.50 -76.10
CA THR L 82 -24.04 41.83 -77.14
C THR L 82 -23.44 40.59 -77.80
N LEU L 83 -22.68 40.78 -78.89
CA LEU L 83 -21.98 39.66 -79.50
C LEU L 83 -20.47 39.71 -79.36
N ILE L 84 -19.88 38.55 -79.12
CA ILE L 84 -18.44 38.39 -79.09
C ILE L 84 -18.00 37.44 -80.18
N GLU L 85 -17.40 37.97 -81.23
CA GLU L 85 -16.97 37.16 -82.38
C GLU L 85 -18.13 36.28 -82.89
N GLY L 86 -19.33 36.83 -82.91
CA GLY L 86 -20.53 36.14 -83.36
C GLY L 86 -21.29 35.36 -82.28
N ALA L 87 -20.71 35.18 -81.10
CA ALA L 87 -21.36 34.43 -80.02
C ALA L 87 -22.20 35.34 -79.15
N GLU L 88 -23.29 34.82 -78.62
CA GLU L 88 -24.11 35.61 -77.69
C GLU L 88 -23.43 35.74 -76.34
N ASN L 89 -23.61 36.90 -75.71
CA ASN L 89 -23.13 37.17 -74.36
C ASN L 89 -23.98 38.23 -73.66
N ARG L 90 -24.38 37.98 -72.41
CA ARG L 90 -25.16 39.02 -71.74
C ARG L 90 -24.65 39.32 -70.35
N THR L 91 -24.83 40.59 -69.98
CA THR L 91 -24.48 41.08 -68.64
C THR L 91 -25.69 41.59 -67.88
N ILE L 92 -25.82 41.15 -66.63
CA ILE L 92 -26.89 41.62 -65.75
C ILE L 92 -26.31 42.48 -64.65
N ASN L 93 -26.76 43.72 -64.59
CA ASN L 93 -26.24 44.68 -63.63
C ASN L 93 -27.29 45.26 -62.72
N VAL L 94 -27.09 45.08 -61.41
CA VAL L 94 -28.00 45.64 -60.43
C VAL L 94 -27.22 46.65 -59.59
N PRO L 95 -27.36 47.97 -59.84
CA PRO L 95 -26.71 49.09 -59.15
C PRO L 95 -27.13 49.20 -57.70
N GLU L 96 -26.28 49.79 -56.87
CA GLU L 96 -26.68 50.07 -55.50
C GLU L 96 -27.77 51.15 -55.57
N PRO L 97 -28.89 51.05 -54.83
CA PRO L 97 -29.96 52.03 -54.78
C PRO L 97 -29.46 53.38 -54.33
N THR L 98 -30.03 54.45 -54.88
CA THR L 98 -29.67 55.81 -54.48
C THR L 98 -30.72 56.41 -53.55
N PHE L 99 -31.85 55.71 -53.45
CA PHE L 99 -32.96 56.10 -52.60
C PHE L 99 -33.28 54.91 -51.72
N LYS L 100 -33.20 55.10 -50.42
CA LYS L 100 -33.38 54.03 -49.45
C LYS L 100 -34.39 54.42 -48.38
N SER L 101 -35.02 53.42 -47.78
CA SER L 101 -35.92 53.66 -46.65
C SER L 101 -35.12 54.32 -45.52
N PRO L 102 -35.66 55.32 -44.82
CA PRO L 102 -35.02 55.98 -43.70
C PRO L 102 -35.19 55.29 -42.35
N TYR L 103 -35.82 54.11 -42.31
CA TYR L 103 -36.12 53.50 -41.03
C TYR L 103 -35.17 52.34 -40.68
N LEU L 104 -34.30 52.56 -39.68
CA LEU L 104 -33.25 51.61 -39.32
C LEU L 104 -33.39 50.83 -37.99
N MET L 105 -34.46 50.96 -37.22
CA MET L 105 -34.50 50.27 -35.92
C MET L 105 -34.39 48.76 -36.01
N PHE L 106 -35.03 48.14 -36.99
CA PHE L 106 -34.97 46.69 -37.08
C PHE L 106 -33.52 46.20 -37.27
N TYR L 107 -32.80 46.81 -38.22
CA TYR L 107 -31.42 46.44 -38.51
C TYR L 107 -30.53 46.70 -37.31
N SER L 108 -30.79 47.81 -36.63
CA SER L 108 -30.03 48.20 -35.46
C SER L 108 -30.12 47.12 -34.38
N LEU L 109 -31.34 46.63 -34.10
CA LEU L 109 -31.52 45.58 -33.11
C LEU L 109 -30.86 44.27 -33.52
N GLN L 110 -30.87 43.92 -34.80
CA GLN L 110 -30.18 42.70 -35.19
C GLN L 110 -28.69 42.79 -34.83
N MET L 111 -28.07 43.95 -35.06
CA MET L 111 -26.65 44.12 -34.73
C MET L 111 -26.41 44.08 -33.21
N TYR L 112 -27.32 44.69 -32.45
CA TYR L 112 -27.25 44.70 -31.00
C TYR L 112 -27.22 43.29 -30.40
N PHE L 113 -28.14 42.44 -30.85
CA PHE L 113 -28.18 41.10 -30.31
C PHE L 113 -26.98 40.26 -30.83
N ALA L 114 -26.54 40.49 -32.09
CA ALA L 114 -25.39 39.79 -32.68
C ALA L 114 -24.11 40.02 -31.88
N ASN L 115 -23.99 41.20 -31.28
CA ASN L 115 -22.84 41.57 -30.48
C ASN L 115 -22.97 41.30 -28.98
N GLY L 116 -23.98 40.52 -28.57
CA GLY L 116 -24.09 40.13 -27.17
C GLY L 116 -25.02 40.91 -26.26
N GLY L 117 -25.87 41.75 -26.80
CA GLY L 117 -26.78 42.49 -25.97
C GLY L 117 -27.85 41.64 -25.28
N GLY L 118 -28.29 42.11 -24.11
CA GLY L 118 -29.34 41.46 -23.33
C GLY L 118 -30.65 42.22 -23.49
N PRO L 119 -31.56 42.18 -22.50
CA PRO L 119 -32.86 42.82 -22.48
C PRO L 119 -32.74 44.31 -22.66
N CYS L 120 -33.74 44.92 -23.28
CA CYS L 120 -33.71 46.37 -23.53
C CYS L 120 -35.10 47.01 -23.56
N TYR L 121 -35.12 48.34 -23.56
CA TYR L 121 -36.38 49.06 -23.68
C TYR L 121 -36.63 49.66 -25.05
N ILE L 122 -37.85 49.48 -25.51
CA ILE L 122 -38.27 50.04 -26.79
C ILE L 122 -39.32 51.12 -26.60
N VAL L 123 -39.07 52.27 -27.21
CA VAL L 123 -40.04 53.35 -27.20
C VAL L 123 -40.34 53.69 -28.64
N SER L 124 -41.58 53.55 -29.02
CA SER L 124 -41.97 53.86 -30.37
C SER L 124 -42.19 55.36 -30.41
N THR L 125 -42.07 55.94 -31.58
CA THR L 125 -42.38 57.34 -31.76
C THR L 125 -43.47 57.53 -32.80
N GLY L 126 -43.86 56.43 -33.42
CA GLY L 126 -44.81 56.41 -34.51
C GLY L 126 -44.55 55.19 -35.36
N VAL L 127 -45.24 55.11 -36.49
CA VAL L 127 -45.09 53.98 -37.37
C VAL L 127 -44.63 54.43 -38.75
N TYR L 128 -44.11 53.49 -39.54
CA TYR L 128 -43.55 53.80 -40.85
C TYR L 128 -44.55 54.46 -41.80
N ASP L 129 -44.11 55.53 -42.47
CA ASP L 129 -44.99 56.16 -43.44
C ASP L 129 -44.75 55.55 -44.82
N ASP L 130 -45.47 55.99 -45.84
CA ASP L 130 -45.25 55.41 -47.16
C ASP L 130 -44.38 56.30 -48.06
N TRP L 131 -44.13 55.83 -49.28
CA TRP L 131 -43.35 56.55 -50.26
C TRP L 131 -44.24 57.40 -51.16
N SER L 132 -43.74 58.52 -51.65
CA SER L 132 -44.55 59.33 -52.55
C SER L 132 -44.32 58.90 -53.98
N ASP L 133 -43.10 58.46 -54.24
CA ASP L 133 -42.67 57.98 -55.55
C ASP L 133 -41.44 57.11 -55.37
N SER L 134 -40.92 56.52 -56.43
CA SER L 134 -39.72 55.67 -56.30
C SER L 134 -38.47 56.46 -55.96
N GLU L 135 -38.52 57.76 -56.22
CA GLU L 135 -37.43 58.68 -55.94
C GLU L 135 -37.76 59.60 -54.77
N THR L 136 -38.90 59.36 -54.11
CA THR L 136 -39.28 60.23 -53.00
C THR L 136 -39.68 59.40 -51.76
N PRO L 137 -38.74 59.16 -50.82
CA PRO L 137 -38.87 58.39 -49.61
C PRO L 137 -39.58 59.19 -48.50
N PRO L 138 -40.03 58.52 -47.42
CA PRO L 138 -40.56 59.05 -46.18
C PRO L 138 -39.53 59.92 -45.48
N THR L 139 -39.99 60.75 -44.55
CA THR L 139 -39.09 61.59 -43.77
C THR L 139 -39.20 61.29 -42.28
N ILE L 140 -38.22 61.75 -41.51
CA ILE L 140 -38.15 61.59 -40.07
C ILE L 140 -38.53 62.90 -39.40
N ASN L 141 -39.51 62.85 -38.50
CA ASN L 141 -39.99 64.06 -37.85
C ASN L 141 -39.33 64.31 -36.52
N PHE L 142 -38.53 65.34 -36.45
CA PHE L 142 -37.79 65.68 -35.25
C PHE L 142 -38.66 65.68 -33.98
N SER L 143 -39.87 66.24 -34.08
CA SER L 143 -40.75 66.38 -32.91
C SER L 143 -41.15 65.03 -32.30
N ASP L 144 -41.08 63.96 -33.09
CA ASP L 144 -41.46 62.65 -32.63
C ASP L 144 -40.35 62.07 -31.77
N LEU L 145 -39.09 62.46 -32.04
CA LEU L 145 -37.99 61.90 -31.29
C LEU L 145 -37.92 62.63 -29.97
N GLU L 146 -38.24 63.94 -29.97
CA GLU L 146 -38.25 64.67 -28.70
C GLU L 146 -39.32 64.12 -27.77
N SER L 147 -40.47 63.74 -28.33
CA SER L 147 -41.53 63.17 -27.54
C SER L 147 -41.05 61.88 -26.89
N GLY L 148 -40.42 61.00 -27.67
CA GLY L 148 -39.92 59.74 -27.11
C GLY L 148 -38.90 59.96 -25.98
N LEU L 149 -38.04 60.98 -26.11
CA LEU L 149 -37.05 61.27 -25.08
C LEU L 149 -37.74 61.72 -23.79
N ALA L 150 -38.78 62.57 -23.92
CA ALA L 150 -39.55 63.05 -22.78
C ALA L 150 -40.21 61.89 -22.02
N VAL L 151 -40.62 60.86 -22.77
CA VAL L 151 -41.23 59.67 -22.20
C VAL L 151 -40.22 58.81 -21.43
N ILE L 152 -39.06 58.51 -22.04
CA ILE L 152 -38.09 57.63 -21.37
C ILE L 152 -37.58 58.27 -20.09
N ARG L 153 -37.60 59.60 -20.01
CA ARG L 153 -37.16 60.30 -18.82
C ARG L 153 -37.87 59.82 -17.55
N LYS L 154 -39.08 59.26 -17.64
CA LYS L 154 -39.77 58.81 -16.45
C LYS L 154 -39.47 57.37 -16.03
N GLU L 155 -38.65 56.65 -16.79
CA GLU L 155 -38.30 55.27 -16.46
C GLU L 155 -37.01 55.23 -15.65
N ASP L 156 -36.91 54.31 -14.69
CA ASP L 156 -35.70 54.18 -13.87
C ASP L 156 -34.65 53.18 -14.35
N GLU L 157 -35.06 52.11 -14.98
CA GLU L 157 -34.14 51.05 -15.37
C GLU L 157 -33.05 51.30 -16.44
N PRO L 158 -33.29 52.02 -17.54
CA PRO L 158 -32.32 52.24 -18.62
C PRO L 158 -31.04 52.94 -18.15
N THR L 159 -29.90 52.54 -18.73
CA THR L 159 -28.60 53.14 -18.42
C THR L 159 -27.99 53.82 -19.66
N LEU L 160 -28.37 53.36 -20.86
CA LEU L 160 -27.83 53.93 -22.11
C LEU L 160 -28.93 54.49 -23.00
N LEU L 161 -28.67 55.63 -23.65
CA LEU L 161 -29.66 56.21 -24.57
C LEU L 161 -29.23 56.19 -26.04
N LEU L 162 -30.03 55.54 -26.91
CA LEU L 162 -29.72 55.46 -28.34
C LEU L 162 -30.89 55.91 -29.26
N PHE L 163 -30.54 56.54 -30.39
CA PHE L 163 -31.53 56.94 -31.42
C PHE L 163 -31.20 56.38 -32.82
N PRO L 164 -31.72 55.19 -33.19
CA PRO L 164 -31.44 54.51 -34.45
C PRO L 164 -31.77 55.29 -35.73
N ASP L 165 -32.68 56.30 -35.69
CA ASP L 165 -33.01 57.01 -36.91
C ASP L 165 -32.68 58.51 -36.79
N ALA L 166 -31.61 58.87 -36.07
CA ALA L 166 -31.26 60.29 -35.95
C ALA L 166 -30.47 60.83 -37.14
N THR L 167 -29.70 60.00 -37.81
CA THR L 167 -28.84 60.47 -38.90
C THR L 167 -29.65 60.76 -40.15
N ASN L 168 -30.92 60.39 -40.14
CA ASN L 168 -31.80 60.65 -41.26
C ASN L 168 -32.67 61.89 -41.06
N LEU L 169 -32.42 62.67 -40.01
CA LEU L 169 -33.12 63.92 -39.81
C LEU L 169 -32.74 64.87 -40.95
N PRO L 170 -33.67 65.68 -41.48
CA PRO L 170 -33.47 66.64 -42.56
C PRO L 170 -32.28 67.59 -42.43
N THR L 171 -31.91 67.99 -41.22
CA THR L 171 -30.77 68.90 -41.07
C THR L 171 -29.82 68.42 -39.99
N ASP L 172 -28.61 68.96 -40.01
CA ASP L 172 -27.62 68.65 -39.01
C ASP L 172 -27.96 69.39 -37.73
N ASP L 173 -28.57 70.56 -37.89
CA ASP L 173 -28.96 71.33 -36.73
C ASP L 173 -29.94 70.55 -35.86
N GLU L 174 -30.92 69.86 -36.46
CA GLU L 174 -31.84 69.04 -35.67
C GLU L 174 -31.11 67.88 -35.00
N PHE L 175 -30.17 67.27 -35.71
CA PHE L 175 -29.39 66.18 -35.17
C PHE L 175 -28.64 66.62 -33.91
N TYR L 176 -27.92 67.74 -33.98
CA TYR L 176 -27.14 68.21 -32.84
C TYR L 176 -28.04 68.60 -31.68
N SER L 177 -29.19 69.22 -31.96
CA SER L 177 -30.13 69.61 -30.94
C SER L 177 -30.60 68.39 -30.14
N LEU L 178 -30.92 67.30 -30.84
CA LEU L 178 -31.38 66.09 -30.18
C LEU L 178 -30.32 65.55 -29.20
N TYR L 179 -29.05 65.55 -29.63
CA TYR L 179 -27.99 65.04 -28.75
C TYR L 179 -27.69 65.96 -27.59
N ASN L 180 -27.80 67.28 -27.76
CA ASN L 180 -27.58 68.17 -26.64
C ASN L 180 -28.64 67.88 -25.56
N SER L 181 -29.88 67.63 -25.97
CA SER L 181 -30.94 67.31 -25.01
C SER L 181 -30.65 66.01 -24.26
N ALA L 182 -30.17 64.99 -24.97
CA ALA L 182 -29.85 63.73 -24.32
C ALA L 182 -28.75 63.90 -23.25
N LEU L 183 -27.71 64.70 -23.55
CA LEU L 183 -26.65 64.93 -22.56
C LEU L 183 -27.18 65.69 -21.35
N MET L 184 -28.07 66.65 -21.57
CA MET L 184 -28.66 67.38 -20.46
C MET L 184 -29.50 66.47 -19.56
N GLN L 185 -30.23 65.51 -20.16
CA GLN L 185 -31.00 64.57 -19.35
C GLN L 185 -30.07 63.76 -18.44
N CYS L 186 -28.93 63.32 -18.97
CA CYS L 186 -27.98 62.55 -18.16
C CYS L 186 -27.45 63.37 -17.00
N ASN L 187 -27.14 64.63 -17.24
CA ASN L 187 -26.67 65.48 -16.15
C ASN L 187 -27.74 65.60 -15.05
N ASP L 188 -29.00 65.83 -15.43
CA ASP L 188 -30.04 65.98 -14.41
C ASP L 188 -30.32 64.70 -13.60
N LEU L 189 -30.29 63.53 -14.26
CA LEU L 189 -30.60 62.29 -13.54
C LEU L 189 -29.40 61.64 -12.83
N GLN L 190 -28.17 61.88 -13.33
CA GLN L 190 -26.90 61.34 -12.80
C GLN L 190 -26.75 59.82 -12.84
N ASP L 191 -27.43 59.14 -13.75
CA ASP L 191 -27.33 57.69 -13.88
C ASP L 191 -27.30 57.16 -15.32
N ARG L 192 -27.03 58.00 -16.31
CA ARG L 192 -27.04 57.58 -17.72
C ARG L 192 -25.83 58.03 -18.49
N PHE L 193 -25.59 57.34 -19.60
CA PHE L 193 -24.49 57.66 -20.50
C PHE L 193 -25.00 57.59 -21.95
N THR L 194 -24.51 58.48 -22.83
CA THR L 194 -24.95 58.42 -24.22
C THR L 194 -23.85 58.03 -25.19
N ILE L 195 -24.25 57.37 -26.28
CA ILE L 195 -23.35 56.99 -27.36
C ILE L 195 -23.67 57.82 -28.60
N LEU L 196 -22.68 58.54 -29.12
CA LEU L 196 -22.89 59.44 -30.25
C LEU L 196 -22.21 59.04 -31.56
N ASP L 197 -22.90 59.38 -32.64
CA ASP L 197 -22.46 59.22 -34.03
C ASP L 197 -22.23 60.56 -34.68
N THR L 198 -21.49 60.59 -35.77
CA THR L 198 -21.44 61.80 -36.56
C THR L 198 -22.71 61.81 -37.40
N TYR L 199 -23.00 62.94 -38.03
CA TYR L 199 -24.16 63.08 -38.92
C TYR L 199 -24.01 62.20 -40.16
N SER L 200 -22.78 62.15 -40.66
CA SER L 200 -22.39 61.42 -41.86
C SER L 200 -20.94 60.96 -41.74
N ASP L 201 -20.55 59.90 -42.45
CA ASP L 201 -19.14 59.53 -42.43
C ASP L 201 -18.31 60.19 -43.56
N GLN L 202 -19.00 60.99 -44.39
CA GLN L 202 -18.47 61.70 -45.55
C GLN L 202 -18.80 63.20 -45.51
N THR L 203 -18.07 64.00 -46.27
CA THR L 203 -18.32 65.44 -46.32
C THR L 203 -19.80 65.72 -46.61
N TYR L 204 -20.39 66.56 -45.80
CA TYR L 204 -21.82 66.81 -46.07
C TYR L 204 -22.00 68.25 -46.50
N ASN L 205 -23.09 68.42 -47.20
CA ASN L 205 -23.49 69.69 -47.82
C ASN L 205 -24.51 70.42 -46.94
N ASP L 206 -24.10 71.54 -46.33
CA ASP L 206 -24.93 72.31 -45.40
C ASP L 206 -26.06 73.06 -46.11
N GLY L 207 -25.97 73.11 -47.43
CA GLY L 207 -26.85 73.85 -48.31
C GLY L 207 -26.16 75.15 -48.72
N VAL L 208 -25.11 75.49 -47.98
CA VAL L 208 -24.30 76.67 -48.23
C VAL L 208 -22.77 76.42 -48.25
N GLU L 209 -22.34 75.26 -47.74
CA GLU L 209 -20.92 74.95 -47.56
C GLU L 209 -20.66 73.44 -47.47
N ASP L 210 -19.44 73.02 -47.77
CA ASP L 210 -19.10 71.57 -47.61
C ASP L 210 -18.48 71.44 -46.22
N LEU L 211 -18.98 70.52 -45.40
CA LEU L 211 -18.48 70.40 -44.00
C LEU L 211 -17.90 69.01 -43.71
N ASP L 212 -16.71 68.98 -43.09
CA ASP L 212 -16.06 67.77 -42.58
C ASP L 212 -16.73 67.29 -41.27
N PRO L 213 -17.23 66.04 -41.19
CA PRO L 213 -17.92 65.42 -40.06
C PRO L 213 -17.26 65.53 -38.69
N ILE L 214 -15.93 65.53 -38.59
CA ILE L 214 -15.37 65.60 -37.24
C ILE L 214 -15.50 67.03 -36.68
N PRO L 215 -14.97 68.10 -37.33
CA PRO L 215 -15.21 69.48 -36.97
C PRO L 215 -16.69 69.79 -36.82
N ALA L 216 -17.54 69.16 -37.65
CA ALA L 216 -18.96 69.39 -37.57
C ALA L 216 -19.53 69.04 -36.21
N LEU L 217 -19.18 67.84 -35.73
CA LEU L 217 -19.68 67.36 -34.46
C LEU L 217 -19.12 68.21 -33.34
N ARG L 218 -17.84 68.58 -33.45
CA ARG L 218 -17.22 69.40 -32.42
C ARG L 218 -17.87 70.77 -32.26
N ASN L 219 -18.26 71.41 -33.36
CA ASN L 219 -18.96 72.68 -33.26
C ASN L 219 -20.44 72.50 -32.90
N GLY L 220 -21.03 71.41 -33.35
CA GLY L 220 -22.42 71.05 -33.14
C GLY L 220 -22.79 70.90 -31.67
N ILE L 221 -22.02 70.11 -30.93
CA ILE L 221 -22.28 69.91 -29.51
C ILE L 221 -21.49 70.95 -28.73
N ASN L 222 -22.18 71.93 -28.13
CA ASN L 222 -21.57 73.06 -27.46
C ASN L 222 -21.82 73.17 -25.94
N LEU L 223 -22.06 72.05 -25.28
CA LEU L 223 -22.27 72.03 -23.84
C LEU L 223 -20.93 71.99 -23.13
N THR L 224 -20.91 72.38 -21.86
CA THR L 224 -19.67 72.33 -21.08
C THR L 224 -19.38 71.00 -20.40
N LYS L 225 -18.28 70.99 -19.65
CA LYS L 225 -17.68 69.84 -18.95
C LYS L 225 -18.68 68.95 -18.19
N ASP L 226 -19.61 69.58 -17.50
CA ASP L 226 -20.63 68.90 -16.69
C ASP L 226 -21.50 67.95 -17.50
N TYR L 227 -21.58 68.17 -18.80
CA TYR L 227 -22.41 67.38 -19.67
C TYR L 227 -21.57 66.45 -20.51
N LEU L 228 -20.43 66.95 -20.95
CA LEU L 228 -19.55 66.20 -21.85
C LEU L 228 -19.03 64.93 -21.19
N LYS L 229 -18.84 64.96 -19.88
CA LYS L 229 -18.39 63.78 -19.15
C LYS L 229 -19.39 62.60 -19.23
N TYR L 230 -20.63 62.84 -19.67
CA TYR L 230 -21.64 61.79 -19.75
C TYR L 230 -21.81 61.13 -21.12
N GLY L 231 -20.87 61.33 -22.03
CA GLY L 231 -21.00 60.62 -23.29
C GLY L 231 -19.70 60.49 -24.06
N ALA L 232 -19.77 59.72 -25.14
CA ALA L 232 -18.64 59.43 -26.02
C ALA L 232 -19.10 59.26 -27.45
N ALA L 233 -18.21 59.50 -28.41
CA ALA L 233 -18.53 59.38 -29.83
C ALA L 233 -17.59 58.45 -30.56
N TYR L 234 -18.12 57.80 -31.61
CA TYR L 234 -17.35 56.88 -32.46
C TYR L 234 -17.43 57.23 -33.96
N TYR L 235 -16.35 56.93 -34.68
CA TYR L 235 -16.23 57.17 -36.13
C TYR L 235 -15.32 56.13 -36.78
N PRO L 236 -15.56 55.71 -38.02
CA PRO L 236 -16.63 55.89 -39.00
C PRO L 236 -17.80 54.93 -38.84
N PHE L 237 -18.68 54.94 -39.85
CA PHE L 237 -19.80 54.00 -40.01
C PHE L 237 -19.25 52.65 -40.44
N VAL L 238 -20.03 51.57 -40.27
CA VAL L 238 -19.52 50.25 -40.66
C VAL L 238 -20.41 49.49 -41.64
N GLN L 239 -19.78 48.60 -42.41
CA GLN L 239 -20.49 47.75 -43.35
C GLN L 239 -20.74 46.37 -42.75
N THR L 240 -22.04 46.04 -42.63
CA THR L 240 -22.59 44.79 -42.07
C THR L 240 -22.80 43.72 -43.15
N ILE L 241 -23.30 42.54 -42.74
CA ILE L 241 -23.53 41.39 -43.61
C ILE L 241 -25.02 41.11 -43.77
N LEU L 242 -25.84 42.06 -43.35
CA LEU L 242 -27.29 41.97 -43.42
C LEU L 242 -27.76 42.37 -44.80
N ASN L 243 -28.87 41.77 -45.26
CA ASN L 243 -29.45 42.10 -46.57
C ASN L 243 -30.53 43.16 -46.48
N TYR L 244 -31.07 43.52 -47.63
CA TYR L 244 -32.17 44.48 -47.72
C TYR L 244 -33.46 43.70 -47.88
N GLN L 245 -34.56 44.27 -47.40
CA GLN L 245 -35.86 43.67 -47.56
C GLN L 245 -36.52 44.25 -48.80
N TYR L 246 -37.05 43.40 -49.69
CA TYR L 246 -37.66 43.85 -50.94
C TYR L 246 -38.63 42.83 -51.51
N SER L 247 -39.29 43.21 -52.61
CA SER L 247 -40.20 42.34 -53.35
C SER L 247 -40.02 42.50 -54.85
N ALA L 248 -39.99 41.37 -55.56
CA ALA L 248 -39.81 41.28 -57.01
C ALA L 248 -40.90 42.03 -57.78
N ASP L 249 -42.04 42.26 -57.13
CA ASP L 249 -43.16 42.96 -57.74
C ASP L 249 -42.85 44.44 -57.98
N GLU L 250 -41.87 44.96 -57.26
CA GLU L 250 -41.53 46.37 -57.34
C GLU L 250 -40.32 46.64 -58.24
N ILE L 251 -39.76 45.60 -58.85
CA ILE L 251 -38.51 45.78 -59.60
C ILE L 251 -38.66 45.65 -61.10
N VAL L 252 -38.30 46.72 -61.83
CA VAL L 252 -38.45 46.78 -63.29
C VAL L 252 -37.09 46.69 -64.00
N ILE L 253 -37.11 45.92 -65.10
CA ILE L 253 -35.95 45.62 -65.90
C ILE L 253 -35.82 46.38 -67.22
N GLN L 254 -34.64 46.97 -67.41
CA GLN L 254 -34.28 47.62 -68.66
C GLN L 254 -33.55 46.55 -69.48
N HIS L 255 -33.86 46.42 -70.77
CA HIS L 255 -33.20 45.41 -71.60
C HIS L 255 -32.71 45.99 -72.91
N LEU L 256 -31.40 46.05 -73.07
CA LEU L 256 -30.82 46.61 -74.28
C LEU L 256 -30.19 45.51 -75.09
N SER L 257 -30.20 45.67 -76.41
CA SER L 257 -29.65 44.63 -77.27
C SER L 257 -29.05 45.10 -78.58
N TYR L 258 -27.99 44.39 -79.00
CA TYR L 258 -27.35 44.57 -80.32
C TYR L 258 -28.35 44.32 -81.45
N ASN L 259 -29.39 43.54 -81.11
CA ASN L 259 -30.47 43.15 -81.99
C ASN L 259 -31.79 43.37 -81.21
N PRO L 260 -32.40 44.56 -81.31
CA PRO L 260 -33.62 45.00 -80.64
C PRO L 260 -34.82 44.17 -81.05
N ASN L 261 -35.77 43.99 -80.13
CA ASN L 261 -37.03 43.34 -80.46
C ASN L 261 -38.14 43.54 -79.43
N ALA L 262 -38.13 44.68 -78.72
CA ALA L 262 -39.20 44.94 -77.75
C ALA L 262 -40.57 45.19 -78.41
N ILE L 263 -40.57 45.92 -79.52
CA ILE L 263 -41.82 46.30 -80.18
C ILE L 263 -42.37 45.09 -80.90
N ALA L 264 -41.49 44.40 -81.62
CA ALA L 264 -41.92 43.22 -82.35
C ALA L 264 -42.54 42.19 -81.42
N THR L 265 -41.97 42.04 -80.22
CA THR L 265 -42.52 41.10 -79.25
C THR L 265 -43.93 41.54 -78.86
N ALA L 266 -44.09 42.84 -78.54
CA ALA L 266 -45.40 43.32 -78.15
C ALA L 266 -46.41 43.05 -79.25
N LEU L 267 -46.03 43.29 -80.52
CA LEU L 267 -46.95 43.05 -81.60
C LEU L 267 -47.33 41.60 -81.77
N ASP L 268 -46.36 40.68 -81.63
CA ASP L 268 -46.71 39.28 -81.78
C ASP L 268 -47.77 38.86 -80.77
N ASN L 269 -47.67 39.37 -79.54
CA ASN L 269 -48.67 39.02 -78.54
C ASN L 269 -49.99 39.79 -78.77
N LEU L 270 -49.91 41.07 -79.10
CA LEU L 270 -51.13 41.86 -79.30
C LEU L 270 -51.94 41.32 -80.48
N ASN L 271 -51.25 40.83 -81.51
CA ASN L 271 -51.91 40.29 -82.69
C ASN L 271 -52.51 38.92 -82.42
N ALA L 272 -52.20 38.32 -81.27
CA ALA L 272 -52.73 37.03 -80.91
C ALA L 272 -54.01 37.26 -80.14
N GLY L 450 -63.30 44.65 -79.41
CA GLY L 450 -62.45 44.47 -80.59
C GLY L 450 -61.97 45.78 -81.26
N THR L 451 -62.80 46.81 -81.25
CA THR L 451 -62.44 48.09 -81.85
C THR L 451 -61.22 48.67 -81.16
N ARG L 452 -61.17 48.56 -79.83
CA ARG L 452 -60.08 49.18 -79.10
C ARG L 452 -58.81 48.37 -79.31
N LEU L 453 -58.94 47.05 -79.49
CA LEU L 453 -57.75 46.24 -79.71
C LEU L 453 -57.09 46.66 -81.02
N ASP L 454 -57.91 46.95 -82.05
CA ASP L 454 -57.34 47.39 -83.32
C ASP L 454 -56.56 48.70 -83.16
N ASP L 455 -57.11 49.66 -82.37
CA ASP L 455 -56.43 50.94 -82.14
C ASP L 455 -55.08 50.76 -81.44
N ILE L 456 -55.03 49.84 -80.47
CA ILE L 456 -53.79 49.58 -79.76
C ILE L 456 -52.74 49.03 -80.69
N ILE L 457 -53.10 48.03 -81.49
CA ILE L 457 -52.13 47.42 -82.38
C ILE L 457 -51.58 48.42 -83.35
N ALA L 458 -52.44 49.23 -83.96
CA ALA L 458 -51.95 50.22 -84.90
C ALA L 458 -51.01 51.22 -84.23
N ALA L 459 -51.34 51.66 -83.01
CA ALA L 459 -50.47 52.60 -82.31
C ALA L 459 -49.10 52.00 -82.06
N VAL L 460 -49.07 50.71 -81.71
CA VAL L 460 -47.83 50.02 -81.43
C VAL L 460 -47.01 49.76 -82.69
N SER L 461 -47.63 49.28 -83.77
CA SER L 461 -46.85 48.97 -84.96
C SER L 461 -46.16 50.20 -85.51
N ALA L 462 -46.76 51.36 -85.28
CA ALA L 462 -46.19 52.62 -85.68
C ALA L 462 -44.83 52.88 -85.05
N ALA L 463 -44.54 52.27 -83.88
CA ALA L 463 -43.30 52.45 -83.16
C ALA L 463 -42.18 51.52 -83.59
N GLU L 464 -42.43 50.56 -84.47
CA GLU L 464 -41.32 49.66 -84.78
C GLU L 464 -40.07 50.41 -85.32
N PRO L 465 -40.19 51.43 -86.18
CA PRO L 465 -39.10 52.27 -86.67
C PRO L 465 -38.39 53.11 -85.59
N ILE L 466 -39.02 53.28 -84.42
CA ILE L 466 -38.47 54.11 -83.34
C ILE L 466 -37.53 53.35 -82.46
N ASP L 467 -37.97 52.18 -82.03
CA ASP L 467 -37.17 51.42 -81.10
C ASP L 467 -36.02 50.72 -81.78
N VAL L 468 -34.83 51.25 -81.57
CA VAL L 468 -33.65 50.71 -82.19
C VAL L 468 -32.66 50.23 -81.15
N ASN L 469 -33.10 50.17 -79.88
CA ASN L 469 -32.21 49.74 -78.80
C ASN L 469 -32.71 48.66 -77.85
N ASN L 470 -34.03 48.50 -77.71
CA ASN L 470 -34.56 47.66 -76.65
C ASN L 470 -34.90 46.23 -77.05
N GLY L 471 -34.52 45.32 -76.18
CA GLY L 471 -34.79 43.90 -76.35
C GLY L 471 -36.14 43.47 -75.80
N LYS L 472 -36.44 42.19 -75.99
CA LYS L 472 -37.67 41.51 -75.58
C LYS L 472 -38.20 41.76 -74.16
N LEU L 473 -37.34 41.83 -73.14
CA LEU L 473 -37.79 41.94 -71.75
C LEU L 473 -37.94 43.39 -71.25
N ASN L 474 -37.63 44.36 -72.08
CA ASN L 474 -37.61 45.74 -71.65
C ASN L 474 -38.96 46.19 -71.09
N GLY L 475 -38.95 46.76 -69.90
CA GLY L 475 -40.16 47.30 -69.28
C GLY L 475 -40.92 46.35 -68.35
N ARG L 476 -40.54 45.07 -68.29
CA ARG L 476 -41.26 44.15 -67.42
C ARG L 476 -40.68 44.06 -66.01
N LEU L 477 -41.52 43.60 -65.09
CA LEU L 477 -41.16 43.39 -63.69
C LEU L 477 -40.54 42.02 -63.47
N LEU L 478 -39.68 41.87 -62.48
CA LEU L 478 -39.15 40.53 -62.22
C LEU L 478 -40.18 39.46 -62.02
N SER L 479 -41.18 39.74 -61.22
CA SER L 479 -42.19 38.73 -60.96
C SER L 479 -42.98 38.30 -62.22
N ASP L 480 -42.94 39.10 -63.29
CA ASP L 480 -43.64 38.79 -64.54
C ASP L 480 -42.75 38.17 -65.63
N ILE L 481 -41.46 37.91 -65.35
CA ILE L 481 -40.63 37.33 -66.41
C ILE L 481 -40.16 35.94 -66.06
N GLU L 482 -40.43 35.48 -64.84
CA GLU L 482 -39.95 34.16 -64.48
C GLU L 482 -40.34 33.07 -65.48
N PRO L 483 -41.59 32.93 -65.96
CA PRO L 483 -41.94 31.95 -66.98
C PRO L 483 -41.34 32.20 -68.38
N LEU L 484 -40.91 33.43 -68.66
CA LEU L 484 -40.36 33.76 -69.97
C LEU L 484 -38.92 33.24 -70.03
N ASP L 485 -38.21 33.51 -68.94
CA ASP L 485 -36.83 33.11 -68.76
C ASP L 485 -36.49 33.09 -67.28
N ASN L 486 -36.57 31.92 -66.64
CA ASN L 486 -36.35 31.90 -65.22
C ASN L 486 -34.86 31.93 -64.91
N ALA L 487 -34.01 31.94 -65.94
CA ALA L 487 -32.60 32.05 -65.73
C ALA L 487 -32.29 33.50 -65.44
N THR L 488 -33.05 34.40 -66.08
CA THR L 488 -32.85 35.82 -65.90
C THR L 488 -33.40 36.19 -64.56
N TYR L 489 -34.61 35.70 -64.28
CA TYR L 489 -35.24 35.99 -63.01
C TYR L 489 -34.35 35.57 -61.84
N ASN L 490 -33.87 34.33 -61.88
CA ASN L 490 -33.04 33.87 -60.79
C ASN L 490 -31.70 34.59 -60.71
N THR L 491 -31.08 34.91 -61.86
CA THR L 491 -29.79 35.60 -61.83
C THR L 491 -29.95 36.96 -61.20
N ILE L 492 -31.00 37.68 -61.56
CA ILE L 492 -31.22 38.99 -61.01
C ILE L 492 -31.40 38.92 -59.50
N LEU L 493 -32.20 38.00 -58.99
CA LEU L 493 -32.39 37.94 -57.55
C LEU L 493 -31.06 37.67 -56.85
N LEU L 494 -30.23 36.81 -57.44
CA LEU L 494 -28.93 36.53 -56.86
C LEU L 494 -28.09 37.80 -56.80
N GLU L 495 -28.10 38.60 -57.88
CA GLU L 495 -27.36 39.86 -57.86
C GLU L 495 -27.92 40.87 -56.87
N ILE L 496 -29.23 40.95 -56.70
CA ILE L 496 -29.80 41.90 -55.75
C ILE L 496 -29.28 41.62 -54.36
N ASN L 497 -29.13 40.32 -54.07
CA ASN L 497 -28.71 39.76 -52.75
C ASN L 497 -27.26 40.10 -52.43
N SER L 498 -26.51 40.59 -53.40
CA SER L 498 -25.10 40.84 -53.13
C SER L 498 -24.89 42.21 -52.45
N HIS L 499 -25.95 43.04 -52.40
CA HIS L 499 -25.86 44.36 -51.77
C HIS L 499 -26.12 44.31 -50.28
N LYS L 500 -25.24 44.91 -49.49
CA LYS L 500 -25.38 44.87 -48.03
C LYS L 500 -25.74 46.22 -47.41
N VAL L 501 -26.25 46.14 -46.20
CA VAL L 501 -26.67 47.26 -45.35
C VAL L 501 -25.48 47.96 -44.64
N THR L 502 -25.48 49.30 -44.62
CA THR L 502 -24.43 50.09 -43.94
C THR L 502 -25.07 50.87 -42.79
N LEU L 503 -24.48 50.77 -41.59
CA LEU L 503 -25.04 51.39 -40.40
C LEU L 503 -24.07 52.24 -39.56
N PRO L 504 -24.53 53.28 -38.84
CA PRO L 504 -23.80 53.98 -37.80
C PRO L 504 -23.45 52.90 -36.77
N PRO L 505 -22.34 52.98 -36.03
CA PRO L 505 -21.87 51.97 -35.08
C PRO L 505 -22.47 51.96 -33.67
N SER L 506 -23.44 52.82 -33.36
CA SER L 506 -23.89 52.94 -31.97
C SER L 506 -24.57 51.71 -31.35
N SER L 507 -25.29 50.91 -32.15
CA SER L 507 -25.98 49.77 -31.56
C SER L 507 -25.01 48.63 -31.33
N SER L 508 -23.98 48.58 -32.18
CA SER L 508 -22.95 47.58 -32.08
C SER L 508 -22.16 47.85 -30.82
N MET L 509 -21.91 49.14 -30.55
CA MET L 509 -21.19 49.47 -29.32
C MET L 509 -22.00 49.15 -28.07
N ALA L 510 -23.32 49.38 -28.08
CA ALA L 510 -24.09 49.02 -26.89
C ALA L 510 -23.95 47.52 -26.61
N GLY L 511 -23.95 46.71 -27.68
CA GLY L 511 -23.75 45.27 -27.57
C GLY L 511 -22.37 44.98 -26.97
N ALA L 512 -21.33 45.61 -27.52
CA ALA L 512 -19.96 45.44 -27.06
C ALA L 512 -19.80 45.81 -25.58
N TYR L 513 -20.48 46.87 -25.12
CA TYR L 513 -20.39 47.26 -23.72
C TYR L 513 -20.88 46.13 -22.83
N ALA L 514 -22.00 45.50 -23.22
CA ALA L 514 -22.53 44.39 -22.44
C ALA L 514 -21.55 43.22 -22.36
N ARG L 515 -20.87 42.89 -23.47
CA ARG L 515 -19.90 41.81 -23.42
C ARG L 515 -18.76 42.08 -22.46
N VAL L 516 -18.21 43.29 -22.47
CA VAL L 516 -17.10 43.56 -21.57
C VAL L 516 -17.54 43.48 -20.12
N ASP L 517 -18.70 44.06 -19.79
CA ASP L 517 -19.14 44.03 -18.39
C ASP L 517 -19.25 42.59 -17.88
N ASN L 518 -19.72 41.66 -18.72
CA ASN L 518 -19.83 40.27 -18.30
C ASN L 518 -18.52 39.48 -18.24
N ASP L 519 -17.61 39.68 -19.18
CA ASP L 519 -16.37 38.89 -19.15
C ASP L 519 -15.24 39.48 -18.33
N ARG L 520 -15.11 40.80 -18.27
CA ARG L 520 -14.00 41.41 -17.54
C ARG L 520 -14.41 42.32 -16.39
N GLY L 521 -15.57 42.97 -16.50
CA GLY L 521 -16.05 43.91 -15.48
C GLY L 521 -16.11 45.34 -15.97
N VAL L 522 -17.07 46.09 -15.41
CA VAL L 522 -17.38 47.49 -15.74
C VAL L 522 -16.20 48.44 -15.53
N TRP L 523 -15.21 48.03 -14.76
CA TRP L 523 -14.06 48.87 -14.50
C TRP L 523 -12.96 48.75 -15.58
N LYS L 524 -13.18 47.91 -16.60
CA LYS L 524 -12.21 47.78 -17.68
C LYS L 524 -12.64 48.55 -18.92
N SER L 525 -11.68 49.11 -19.65
CA SER L 525 -12.00 49.90 -20.85
C SER L 525 -12.71 49.11 -21.94
N PRO L 526 -13.78 49.65 -22.55
CA PRO L 526 -14.51 49.07 -23.65
C PRO L 526 -13.78 49.31 -24.98
N ALA L 527 -12.62 48.68 -25.14
CA ALA L 527 -11.77 48.85 -26.31
C ALA L 527 -10.95 47.58 -26.53
N ASN L 528 -10.38 47.44 -27.73
CA ASN L 528 -9.64 46.26 -28.18
C ASN L 528 -10.59 45.07 -28.16
N ILE L 529 -11.77 45.36 -28.69
CA ILE L 529 -12.92 44.48 -28.83
C ILE L 529 -13.23 44.23 -30.29
N GLY L 530 -13.38 42.97 -30.69
CA GLY L 530 -13.78 42.72 -32.07
C GLY L 530 -15.29 42.82 -32.18
N LEU L 531 -15.78 43.33 -33.31
CA LEU L 531 -17.22 43.44 -33.54
C LEU L 531 -17.75 42.27 -34.36
N ASN L 532 -18.98 41.83 -34.07
CA ASN L 532 -19.59 40.74 -34.82
C ASN L 532 -20.40 41.29 -35.97
N TYR L 533 -20.51 40.50 -37.04
CA TYR L 533 -21.28 40.87 -38.23
C TYR L 533 -20.78 42.14 -38.90
N VAL L 534 -19.48 42.37 -38.87
CA VAL L 534 -18.93 43.53 -39.53
C VAL L 534 -17.91 43.08 -40.54
N SER L 535 -18.11 43.51 -41.78
CA SER L 535 -17.22 43.18 -42.87
C SER L 535 -16.00 44.09 -42.79
N LYS L 536 -16.27 45.39 -42.69
CA LYS L 536 -15.21 46.39 -42.62
C LYS L 536 -15.76 47.77 -42.25
N PRO L 537 -14.93 48.70 -41.74
CA PRO L 537 -15.24 50.12 -41.61
C PRO L 537 -15.50 50.69 -42.98
N SER L 538 -16.39 51.68 -43.11
CA SER L 538 -16.64 52.32 -44.40
C SER L 538 -15.52 53.25 -44.86
N VAL L 539 -14.79 53.83 -43.92
CA VAL L 539 -13.68 54.74 -44.19
C VAL L 539 -12.42 54.25 -43.49
N THR L 540 -11.31 54.19 -44.20
CA THR L 540 -10.07 53.78 -43.57
C THR L 540 -9.41 54.92 -42.81
N VAL L 541 -9.04 54.66 -41.56
CA VAL L 541 -8.36 55.64 -40.72
C VAL L 541 -6.94 55.16 -40.46
N SER L 542 -5.97 55.97 -40.85
CA SER L 542 -4.56 55.64 -40.70
C SER L 542 -4.10 55.95 -39.29
N HIS L 543 -2.87 55.58 -38.96
CA HIS L 543 -2.29 55.88 -37.66
C HIS L 543 -2.21 57.38 -37.43
N GLU L 544 -1.59 58.10 -38.35
CA GLU L 544 -1.40 59.53 -38.25
C GLU L 544 -2.72 60.29 -38.18
N GLU L 545 -3.70 59.83 -38.92
CA GLU L 545 -5.01 60.45 -38.97
C GLU L 545 -5.76 60.39 -37.65
N GLN L 546 -5.39 59.48 -36.75
CA GLN L 546 -6.10 59.36 -35.51
C GLN L 546 -5.52 60.26 -34.44
N GLU L 547 -4.37 60.90 -34.68
CA GLU L 547 -3.78 61.66 -33.59
C GLU L 547 -4.70 62.78 -33.09
N SER L 548 -5.40 63.45 -34.01
CA SER L 548 -6.31 64.54 -33.70
C SER L 548 -7.68 64.06 -33.21
N MET L 549 -7.92 62.75 -33.26
CA MET L 549 -9.16 62.19 -32.79
C MET L 549 -9.03 61.88 -31.31
N ASN L 550 -7.84 61.40 -30.90
CA ASN L 550 -7.63 61.02 -29.51
C ASN L 550 -7.30 62.24 -28.65
N VAL L 551 -6.47 63.14 -29.17
CA VAL L 551 -6.06 64.33 -28.43
C VAL L 551 -6.35 65.58 -29.25
N HIS L 552 -7.03 66.54 -28.63
CA HIS L 552 -7.41 67.76 -29.33
C HIS L 552 -7.59 68.92 -28.36
N GLY L 553 -7.31 70.13 -28.82
CA GLY L 553 -7.43 71.34 -28.01
C GLY L 553 -8.78 71.54 -27.32
N THR L 554 -9.87 71.05 -27.92
CA THR L 554 -11.19 71.19 -27.30
C THR L 554 -11.55 70.11 -26.29
N GLY L 555 -10.81 69.00 -26.29
CA GLY L 555 -11.09 67.84 -25.44
C GLY L 555 -12.19 66.94 -26.00
N LYS L 556 -12.79 67.30 -27.13
CA LYS L 556 -13.89 66.55 -27.70
C LYS L 556 -13.41 65.40 -28.57
N SER L 557 -12.89 64.39 -27.89
CA SER L 557 -12.29 63.20 -28.46
C SER L 557 -13.31 62.33 -29.18
N VAL L 558 -12.83 61.62 -30.20
CA VAL L 558 -13.64 60.65 -30.96
C VAL L 558 -12.87 59.32 -31.01
N ASN L 559 -13.53 58.21 -30.68
CA ASN L 559 -12.88 56.91 -30.69
C ASN L 559 -12.93 56.34 -32.11
N ALA L 560 -11.98 55.48 -32.50
CA ALA L 560 -11.97 55.02 -33.88
C ALA L 560 -12.28 53.55 -34.06
N ILE L 561 -12.94 53.22 -35.15
CA ILE L 561 -13.13 51.83 -35.51
C ILE L 561 -12.11 51.51 -36.60
N ARG L 562 -11.22 50.55 -36.36
CA ARG L 562 -10.12 50.26 -37.29
C ARG L 562 -9.93 48.77 -37.62
N SER L 563 -9.42 48.51 -38.81
CA SER L 563 -9.14 47.15 -39.28
C SER L 563 -7.70 46.73 -39.05
N PHE L 564 -7.51 45.60 -38.39
CA PHE L 564 -6.18 45.07 -38.10
C PHE L 564 -5.94 43.74 -38.83
N VAL L 565 -4.73 43.56 -39.32
CA VAL L 565 -4.43 42.34 -40.05
C VAL L 565 -4.41 41.14 -39.14
N GLY L 566 -5.22 40.15 -39.51
CA GLY L 566 -5.33 38.92 -38.75
C GLY L 566 -6.28 39.02 -37.56
N LYS L 567 -6.88 40.20 -37.33
CA LYS L 567 -7.77 40.37 -36.18
C LYS L 567 -9.18 40.78 -36.58
N GLY L 568 -9.33 41.55 -37.66
CA GLY L 568 -10.64 42.03 -38.05
C GLY L 568 -10.90 43.42 -37.52
N THR L 569 -12.17 43.79 -37.41
CA THR L 569 -12.50 45.16 -37.04
C THR L 569 -12.54 45.31 -35.53
N LEU L 570 -11.71 46.22 -35.01
CA LEU L 570 -11.60 46.46 -33.57
C LEU L 570 -11.96 47.88 -33.16
N VAL L 571 -12.43 47.99 -31.92
CA VAL L 571 -12.69 49.30 -31.32
C VAL L 571 -11.37 49.83 -30.74
N TRP L 572 -10.89 50.97 -31.25
CA TRP L 572 -9.60 51.47 -30.83
C TRP L 572 -9.70 52.82 -30.10
N GLY L 573 -9.53 52.81 -28.79
CA GLY L 573 -9.69 54.02 -27.97
C GLY L 573 -10.93 53.98 -27.09
N ALA L 574 -10.84 54.57 -25.89
CA ALA L 574 -11.95 54.58 -24.95
C ALA L 574 -12.03 55.85 -24.10
N ARG L 575 -12.04 57.01 -24.74
CA ARG L 575 -12.14 58.26 -24.01
C ARG L 575 -13.54 58.87 -24.15
N THR L 576 -13.87 59.77 -23.24
CA THR L 576 -15.14 60.51 -23.21
C THR L 576 -15.01 61.84 -23.94
N LEU L 577 -16.09 62.60 -24.02
CA LEU L 577 -16.09 63.92 -24.69
C LEU L 577 -15.42 65.01 -23.86
N ALA L 578 -14.82 64.65 -22.72
CA ALA L 578 -14.08 65.54 -21.86
C ALA L 578 -12.68 64.94 -21.68
N GLY L 579 -11.98 64.75 -22.79
CA GLY L 579 -10.71 64.02 -22.89
C GLY L 579 -9.53 64.62 -22.17
N ASN L 580 -9.61 65.87 -21.77
CA ASN L 580 -8.51 66.49 -21.04
C ASN L 580 -8.81 66.58 -19.55
N ASP L 581 -9.89 65.93 -19.12
CA ASP L 581 -10.31 65.94 -17.73
C ASP L 581 -9.51 64.93 -16.89
N ASN L 582 -8.74 65.44 -15.95
CA ASN L 582 -7.86 64.62 -15.14
C ASN L 582 -8.59 63.54 -14.34
N GLU L 583 -9.87 63.75 -14.05
CA GLU L 583 -10.62 62.76 -13.29
C GLU L 583 -11.56 61.93 -14.15
N TRP L 584 -12.19 62.58 -15.13
CA TRP L 584 -13.22 61.90 -15.95
C TRP L 584 -12.93 61.58 -17.43
N ARG L 585 -11.69 61.74 -17.93
CA ARG L 585 -11.42 61.43 -19.35
C ARG L 585 -11.65 59.98 -19.81
N TYR L 586 -11.58 58.97 -18.92
CA TYR L 586 -11.79 57.60 -19.37
C TYR L 586 -13.19 57.08 -19.15
N ILE L 587 -13.70 56.34 -20.13
CA ILE L 587 -15.06 55.82 -20.07
C ILE L 587 -15.27 54.90 -18.88
N SER L 588 -14.32 53.98 -18.63
CA SER L 588 -14.41 53.03 -17.54
C SER L 588 -14.41 53.64 -16.15
N VAL L 589 -13.93 54.87 -16.00
CA VAL L 589 -13.94 55.47 -14.69
C VAL L 589 -15.34 56.02 -14.50
N ARG L 590 -15.85 56.75 -15.49
CA ARG L 590 -17.18 57.30 -15.38
C ARG L 590 -18.23 56.19 -15.17
N ARG L 591 -18.15 55.11 -15.96
CA ARG L 591 -19.12 54.03 -15.83
C ARG L 591 -19.00 53.29 -14.49
N PHE L 592 -17.78 53.05 -13.99
CA PHE L 592 -17.63 52.40 -12.69
C PHE L 592 -18.32 53.22 -11.60
N PHE L 593 -18.08 54.53 -11.58
CA PHE L 593 -18.73 55.35 -10.58
C PHE L 593 -20.24 55.32 -10.72
N ASN L 594 -20.80 55.41 -11.94
CA ASN L 594 -22.25 55.37 -12.03
C ASN L 594 -22.81 54.08 -11.45
N MET L 595 -22.14 52.95 -11.70
CA MET L 595 -22.57 51.67 -11.18
C MET L 595 -22.54 51.64 -9.66
N ALA L 596 -21.41 52.05 -9.07
CA ALA L 596 -21.30 52.01 -7.62
C ALA L 596 -22.32 52.91 -6.95
N GLU L 597 -22.56 54.09 -7.52
CA GLU L 597 -23.50 55.02 -6.93
C GLU L 597 -24.92 54.49 -6.96
N GLU L 598 -25.33 53.88 -8.07
CA GLU L 598 -26.68 53.33 -8.16
C GLU L 598 -26.89 52.19 -7.17
N SER L 599 -25.93 51.28 -7.07
CA SER L 599 -26.08 50.15 -6.16
C SER L 599 -26.17 50.60 -4.70
N ILE L 600 -25.35 51.58 -4.33
CA ILE L 600 -25.40 52.04 -2.97
C ILE L 600 -26.73 52.73 -2.69
N LYS L 601 -27.22 53.63 -3.54
CA LYS L 601 -28.47 54.23 -3.11
C LYS L 601 -29.61 53.21 -2.98
N LYS L 602 -29.64 52.16 -3.81
CA LYS L 602 -30.72 51.19 -3.62
C LYS L 602 -30.64 50.58 -2.24
N ALA L 603 -29.43 50.27 -1.80
CA ALA L 603 -29.19 49.72 -0.47
C ALA L 603 -29.57 50.70 0.66
N THR L 604 -29.39 52.01 0.47
CA THR L 604 -29.69 52.98 1.54
C THR L 604 -31.17 53.33 1.67
N GLU L 605 -31.99 53.04 0.65
CA GLU L 605 -33.41 53.37 0.73
C GLU L 605 -34.15 52.72 1.91
N GLN L 606 -33.71 51.57 2.37
CA GLN L 606 -34.33 50.90 3.50
C GLN L 606 -34.29 51.73 4.80
N PHE L 607 -33.45 52.77 4.87
CA PHE L 607 -33.32 53.59 6.08
C PHE L 607 -34.01 54.96 5.98
N VAL L 608 -34.81 55.21 4.93
CA VAL L 608 -35.36 56.55 4.74
C VAL L 608 -36.21 57.12 5.87
N PHE L 609 -37.05 56.33 6.50
CA PHE L 609 -37.89 56.90 7.56
C PHE L 609 -37.43 56.55 8.97
N GLU L 610 -36.16 56.16 9.13
CA GLU L 610 -35.62 55.82 10.43
C GLU L 610 -35.25 57.08 11.22
N PRO L 611 -35.19 57.04 12.57
CA PRO L 611 -34.75 58.13 13.44
C PRO L 611 -33.36 58.63 13.07
N ASN L 612 -33.15 59.94 13.12
CA ASN L 612 -31.84 60.45 12.76
C ASN L 612 -30.99 60.57 14.02
N ASP L 613 -30.27 59.49 14.30
CA ASP L 613 -29.44 59.38 15.50
C ASP L 613 -28.30 58.38 15.30
N GLY L 614 -27.46 58.23 16.33
CA GLY L 614 -26.28 57.39 16.32
C GLY L 614 -26.50 55.94 15.95
N ASN L 615 -27.64 55.38 16.32
CA ASN L 615 -27.89 53.99 15.98
C ASN L 615 -28.03 53.79 14.48
N THR L 616 -28.59 54.77 13.78
CA THR L 616 -28.83 54.68 12.37
C THR L 616 -27.53 54.94 11.67
N TRP L 617 -26.80 55.95 12.13
CA TRP L 617 -25.55 56.33 11.49
C TRP L 617 -24.61 55.13 11.43
N VAL L 618 -24.54 54.36 12.52
CA VAL L 618 -23.70 53.17 12.53
C VAL L 618 -24.19 52.11 11.54
N ARG L 619 -25.49 51.84 11.52
CA ARG L 619 -26.02 50.80 10.59
C ARG L 619 -25.75 51.19 9.14
N VAL L 620 -25.92 52.47 8.77
CA VAL L 620 -25.71 52.90 7.40
C VAL L 620 -24.26 52.75 7.01
N ARG L 621 -23.36 53.22 7.87
CA ARG L 621 -21.94 53.11 7.60
C ARG L 621 -21.51 51.68 7.39
N ALA L 622 -21.91 50.78 8.28
CA ALA L 622 -21.48 49.40 8.17
C ALA L 622 -21.94 48.78 6.85
N MET L 623 -23.16 49.07 6.43
CA MET L 623 -23.69 48.55 5.19
C MET L 623 -22.86 48.98 3.98
N ILE L 624 -22.53 50.27 3.92
CA ILE L 624 -21.76 50.80 2.80
C ILE L 624 -20.37 50.19 2.75
N GLU L 625 -19.69 50.10 3.91
CA GLU L 625 -18.37 49.53 3.92
C GLU L 625 -18.39 48.07 3.44
N ASN L 626 -19.39 47.27 3.82
CA ASN L 626 -19.41 45.89 3.36
C ASN L 626 -19.48 45.79 1.83
N PHE L 627 -20.28 46.66 1.20
CA PHE L 627 -20.37 46.72 -0.25
C PHE L 627 -19.00 46.97 -0.86
N LEU L 628 -18.32 48.01 -0.37
CA LEU L 628 -17.04 48.39 -0.90
C LEU L 628 -15.95 47.34 -0.70
N ILE L 629 -16.00 46.58 0.41
CA ILE L 629 -15.04 45.52 0.63
C ILE L 629 -15.17 44.48 -0.45
N LEU L 630 -16.40 44.10 -0.79
CA LEU L 630 -16.59 43.12 -1.85
C LEU L 630 -16.07 43.64 -3.21
N GLN L 631 -16.26 44.93 -3.50
CA GLN L 631 -15.73 45.47 -4.77
C GLN L 631 -14.21 45.40 -4.79
N TRP L 632 -13.60 45.65 -3.63
CA TRP L 632 -12.16 45.54 -3.49
C TRP L 632 -11.70 44.10 -3.69
N ARG L 633 -12.36 43.14 -3.04
CA ARG L 633 -12.00 41.74 -3.13
C ARG L 633 -12.01 41.25 -4.57
N ALA L 634 -12.95 41.74 -5.37
CA ALA L 634 -13.11 41.38 -6.78
C ALA L 634 -12.13 42.09 -7.72
N GLY L 635 -11.29 42.98 -7.19
CA GLY L 635 -10.31 43.70 -7.99
C GLY L 635 -10.76 45.00 -8.66
N ALA L 636 -11.88 45.59 -8.24
CA ALA L 636 -12.33 46.83 -8.86
C ALA L 636 -11.58 48.05 -8.34
N LEU L 637 -11.19 48.02 -7.07
CA LEU L 637 -10.52 49.13 -6.41
C LEU L 637 -9.04 48.88 -6.20
N ALA L 638 -8.27 49.95 -6.18
CA ALA L 638 -6.83 49.92 -5.92
C ALA L 638 -6.56 49.76 -4.43
N GLY L 639 -5.37 49.27 -4.07
CA GLY L 639 -4.95 49.19 -2.66
C GLY L 639 -4.66 47.77 -2.14
N ALA L 640 -3.56 47.64 -1.38
CA ALA L 640 -3.13 46.37 -0.79
C ALA L 640 -4.14 45.75 0.19
N LYS L 641 -4.83 46.62 0.92
CA LYS L 641 -5.83 46.26 1.92
C LYS L 641 -6.98 47.26 1.76
N PRO L 642 -8.24 46.97 2.17
CA PRO L 642 -9.39 47.87 2.08
C PRO L 642 -9.10 49.27 2.61
N GLU L 643 -8.27 49.37 3.65
CA GLU L 643 -7.87 50.63 4.25
C GLU L 643 -7.23 51.64 3.29
N HIS L 644 -6.74 51.14 2.15
CA HIS L 644 -6.09 51.95 1.14
C HIS L 644 -6.97 52.14 -0.09
N ALA L 645 -8.13 51.50 -0.09
CA ALA L 645 -9.03 51.51 -1.23
C ALA L 645 -10.16 52.52 -1.06
N PHE L 646 -10.67 52.65 0.15
CA PHE L 646 -11.80 53.55 0.37
C PHE L 646 -11.97 54.02 1.80
N TYR L 647 -12.81 55.04 1.97
CA TYR L 647 -13.24 55.44 3.30
C TYR L 647 -14.71 55.85 3.29
N VAL L 648 -15.37 55.73 4.45
CA VAL L 648 -16.74 56.17 4.67
C VAL L 648 -16.82 56.95 5.99
N LYS L 649 -17.39 58.17 5.98
CA LYS L 649 -17.52 58.98 7.20
C LYS L 649 -18.93 59.53 7.42
N VAL L 650 -19.38 59.48 8.67
CA VAL L 650 -20.67 60.05 9.05
C VAL L 650 -20.68 60.38 10.53
N GLY L 651 -21.23 61.53 10.89
CA GLY L 651 -21.36 61.85 12.30
C GLY L 651 -21.57 63.33 12.59
N LEU L 652 -22.05 63.60 13.80
CA LEU L 652 -22.27 64.97 14.19
C LEU L 652 -20.92 65.56 14.51
N GLY L 653 -20.60 66.67 13.89
CA GLY L 653 -19.31 67.30 14.04
C GLY L 653 -18.32 66.86 12.95
N GLN L 654 -18.68 65.85 12.17
CA GLN L 654 -17.81 65.39 11.09
C GLN L 654 -18.42 65.72 9.75
N THR L 655 -19.68 65.34 9.58
CA THR L 655 -20.37 65.58 8.32
C THR L 655 -21.65 66.39 8.51
N MET L 656 -22.18 66.41 9.74
CA MET L 656 -23.44 67.07 10.07
C MET L 656 -23.33 68.10 11.16
N THR L 657 -24.21 69.09 11.12
CA THR L 657 -24.30 70.04 12.23
C THR L 657 -25.67 70.01 12.90
N ALA L 658 -25.83 70.84 13.93
CA ALA L 658 -27.08 70.86 14.69
C ALA L 658 -28.28 71.18 13.82
N GLN L 659 -28.07 72.07 12.85
CA GLN L 659 -29.09 72.51 11.93
C GLN L 659 -29.56 71.37 11.03
N ASP L 660 -28.70 70.39 10.74
CA ASP L 660 -29.07 69.30 9.86
C ASP L 660 -29.89 68.34 10.64
N ILE L 661 -29.58 68.21 11.92
CA ILE L 661 -30.35 67.28 12.70
C ILE L 661 -31.77 67.84 12.78
N LEU L 662 -31.90 69.14 13.04
CA LEU L 662 -33.21 69.77 13.17
C LEU L 662 -34.04 69.67 11.89
N GLU L 663 -33.41 69.81 10.72
CA GLU L 663 -34.13 69.72 9.45
C GLU L 663 -34.32 68.30 8.92
N GLY L 664 -33.82 67.28 9.64
CA GLY L 664 -33.94 65.91 9.18
C GLY L 664 -32.92 65.45 8.11
N ASN L 665 -31.77 66.10 7.99
CA ASN L 665 -30.78 65.70 6.99
C ASN L 665 -29.77 64.71 7.56
N MET L 666 -29.23 63.87 6.69
CA MET L 666 -28.14 62.97 7.07
C MET L 666 -27.07 63.01 5.99
N ASN L 667 -25.83 63.29 6.38
CA ASN L 667 -24.72 63.45 5.45
C ASN L 667 -23.65 62.37 5.51
N VAL L 668 -23.46 61.65 4.42
CA VAL L 668 -22.44 60.59 4.41
C VAL L 668 -21.39 60.88 3.35
N GLU L 669 -20.12 60.86 3.74
CA GLU L 669 -19.03 61.11 2.78
C GLU L 669 -18.25 59.84 2.44
N ILE L 670 -18.04 59.60 1.13
CA ILE L 670 -17.37 58.40 0.63
C ILE L 670 -16.24 58.72 -0.35
N GLY L 671 -15.09 58.06 -0.21
CA GLY L 671 -14.00 58.26 -1.17
C GLY L 671 -13.51 56.91 -1.72
N LEU L 672 -13.11 56.88 -3.02
CA LEU L 672 -12.66 55.64 -3.69
C LEU L 672 -11.35 55.75 -4.48
N ALA L 673 -10.47 54.73 -4.39
CA ALA L 673 -9.24 54.65 -5.18
C ALA L 673 -9.47 53.82 -6.46
N VAL L 674 -9.48 54.47 -7.62
CA VAL L 674 -9.79 53.82 -8.90
C VAL L 674 -8.59 53.81 -9.88
N VAL L 675 -8.36 52.63 -10.46
CA VAL L 675 -7.29 52.31 -11.40
C VAL L 675 -7.53 52.80 -12.84
N ARG L 676 -6.52 53.45 -13.43
CA ARG L 676 -6.60 53.95 -14.81
C ARG L 676 -5.63 53.17 -15.74
N PRO L 677 -6.00 52.95 -17.03
CA PRO L 677 -5.26 52.22 -18.05
C PRO L 677 -4.06 52.92 -18.66
N ALA L 678 -3.12 52.13 -19.17
CA ALA L 678 -2.01 52.65 -19.96
C ALA L 678 -2.40 52.67 -21.43
N GLU L 679 -1.95 53.69 -22.18
CA GLU L 679 -2.24 53.75 -23.62
C GLU L 679 -1.05 53.52 -24.54
N PHE L 680 0.17 53.75 -24.09
CA PHE L 680 1.27 53.72 -25.04
C PHE L 680 2.37 52.75 -24.66
N ILE L 681 2.86 52.00 -25.63
CA ILE L 681 3.97 51.07 -25.46
C ILE L 681 5.07 51.40 -26.44
N ILE L 682 6.26 51.63 -25.91
CA ILE L 682 7.39 52.02 -26.75
C ILE L 682 8.47 50.96 -26.75
N LEU L 683 8.82 50.48 -27.94
CA LEU L 683 9.86 49.49 -28.05
C LEU L 683 11.13 50.14 -28.56
N LYS L 684 12.28 49.66 -28.12
CA LYS L 684 13.55 50.20 -28.57
C LYS L 684 14.45 49.05 -28.99
N PHE L 685 15.16 49.23 -30.09
CA PHE L 685 16.02 48.17 -30.60
C PHE L 685 17.45 48.64 -30.76
N SER L 686 18.39 47.70 -30.65
CA SER L 686 19.80 47.98 -30.81
C SER L 686 20.56 46.72 -31.19
N HIS L 687 21.82 46.90 -31.55
CA HIS L 687 22.71 45.80 -31.86
C HIS L 687 23.47 45.37 -30.63
N LYS L 688 23.22 44.16 -30.17
CA LYS L 688 23.86 43.65 -28.97
C LYS L 688 25.37 43.63 -29.11
N MET L 689 26.05 44.13 -28.10
CA MET L 689 27.50 44.15 -28.07
C MET L 689 28.04 44.00 -26.67
N GLN L 690 29.29 43.58 -26.56
CA GLN L 690 29.96 43.46 -25.28
C GLN L 690 29.87 44.75 -24.48
N THR M 3 -59.80 -35.68 37.98
CA THR M 3 -59.12 -36.38 39.07
C THR M 3 -57.87 -37.09 38.61
N TYR M 4 -56.75 -36.75 39.23
CA TYR M 4 -55.49 -37.38 38.92
C TYR M 4 -54.96 -37.95 40.21
N LYS M 5 -54.24 -39.06 40.13
CA LYS M 5 -53.70 -39.68 41.34
C LYS M 5 -52.20 -39.67 41.46
N THR M 6 -51.49 -39.60 40.34
CA THR M 6 -50.04 -39.66 40.37
C THR M 6 -49.49 -38.26 40.08
N PRO M 7 -48.58 -37.71 40.91
CA PRO M 7 -47.94 -36.43 40.69
C PRO M 7 -47.23 -36.46 39.34
N GLY M 8 -47.26 -35.36 38.60
CA GLY M 8 -46.57 -35.39 37.32
C GLY M 8 -47.27 -34.56 36.25
N VAL M 9 -46.80 -34.73 35.03
CA VAL M 9 -47.29 -34.00 33.87
C VAL M 9 -48.15 -34.89 32.99
N TYR M 10 -49.36 -34.43 32.69
CA TYR M 10 -50.30 -35.16 31.87
C TYR M 10 -50.43 -34.51 30.50
N ILE M 11 -50.64 -35.31 29.46
CA ILE M 11 -50.78 -34.80 28.10
C ILE M 11 -52.12 -35.14 27.45
N GLU M 12 -52.77 -34.11 26.91
CA GLU M 12 -54.05 -34.24 26.22
C GLU M 12 -54.01 -33.53 24.86
N GLU M 13 -54.84 -33.98 23.92
CA GLU M 13 -54.93 -33.34 22.60
C GLU M 13 -56.36 -32.90 22.30
N ILE M 14 -56.54 -31.60 22.15
CA ILE M 14 -57.86 -31.00 21.92
C ILE M 14 -57.88 -30.00 20.77
N THR M 15 -59.07 -29.64 20.31
CA THR M 15 -59.25 -28.57 19.32
C THR M 15 -60.20 -27.49 19.84
N LYS M 16 -59.78 -26.23 19.81
CA LYS M 16 -60.64 -25.12 20.27
C LYS M 16 -60.06 -23.76 19.92
N PHE M 17 -60.87 -22.72 20.04
CA PHE M 17 -60.37 -21.35 19.95
C PHE M 17 -59.74 -21.02 21.31
N PRO M 18 -58.70 -20.20 21.37
CA PRO M 18 -58.07 -19.75 22.59
C PRO M 18 -59.07 -18.85 23.38
N PRO M 19 -58.98 -18.83 24.71
CA PRO M 19 -59.79 -18.03 25.65
C PRO M 19 -59.46 -16.55 25.66
N SER M 20 -60.37 -15.74 26.20
CA SER M 20 -60.17 -14.30 26.40
C SER M 20 -61.00 -13.76 27.56
N VAL M 21 -60.36 -12.90 28.37
CA VAL M 21 -60.97 -12.24 29.53
C VAL M 21 -60.65 -10.75 29.57
N ALA M 22 -61.39 -9.98 30.38
CA ALA M 22 -61.13 -8.55 30.55
C ALA M 22 -61.64 -8.05 31.89
N GLN M 23 -61.08 -6.93 32.34
CA GLN M 23 -61.50 -6.26 33.56
C GLN M 23 -62.31 -5.02 33.21
N VAL M 24 -63.59 -5.04 33.55
CA VAL M 24 -64.53 -3.98 33.20
C VAL M 24 -65.31 -3.49 34.41
N GLU M 25 -65.32 -2.18 34.63
CA GLU M 25 -66.05 -1.61 35.75
C GLU M 25 -67.38 -0.91 35.40
N THR M 26 -67.48 -0.29 34.22
CA THR M 26 -68.63 0.54 33.89
C THR M 26 -69.61 0.01 32.84
N ALA M 27 -69.41 -1.20 32.38
CA ALA M 27 -70.26 -1.74 31.32
C ALA M 27 -70.66 -3.17 31.58
N ILE M 28 -71.42 -3.40 32.65
CA ILE M 28 -71.85 -4.76 33.01
C ILE M 28 -73.27 -5.09 32.47
N PRO M 29 -73.42 -5.97 31.48
CA PRO M 29 -74.68 -6.38 30.91
C PRO M 29 -75.36 -7.49 31.67
N ALA M 30 -76.67 -7.59 31.50
CA ALA M 30 -77.39 -8.80 31.87
C ALA M 30 -77.91 -9.46 30.60
N PHE M 31 -77.85 -10.79 30.56
CA PHE M 31 -78.34 -11.57 29.42
C PHE M 31 -79.49 -12.50 29.85
N ILE M 32 -80.66 -12.32 29.26
CA ILE M 32 -81.84 -13.12 29.61
C ILE M 32 -82.23 -14.14 28.52
N GLY M 33 -82.20 -15.46 28.84
CA GLY M 33 -82.52 -16.50 27.81
C GLY M 33 -82.44 -17.98 28.26
N TYR M 34 -82.40 -18.90 27.28
CA TYR M 34 -82.42 -20.36 27.58
C TYR M 34 -81.03 -21.01 27.65
N THR M 35 -80.88 -22.03 28.50
CA THR M 35 -79.61 -22.77 28.66
C THR M 35 -79.79 -24.30 28.54
N GLN M 36 -78.70 -25.11 28.63
CA GLN M 36 -78.89 -26.56 28.61
C GLN M 36 -79.43 -27.02 29.94
N PHE M 37 -78.91 -26.42 30.98
CA PHE M 37 -79.23 -26.72 32.36
C PHE M 37 -78.94 -25.53 33.23
N ALA M 38 -79.35 -25.57 34.49
CA ALA M 38 -79.02 -24.46 35.37
C ALA M 38 -78.83 -24.97 36.79
N ARG M 39 -77.58 -25.12 37.22
CA ARG M 39 -77.31 -25.71 38.53
C ARG M 39 -76.27 -24.98 39.35
N THR M 40 -76.29 -25.18 40.67
CA THR M 40 -75.26 -24.58 41.52
C THR M 40 -74.11 -25.52 41.84
N LYS M 41 -74.34 -26.81 41.71
CA LYS M 41 -73.33 -27.81 41.98
C LYS M 41 -73.35 -28.80 40.81
N PRO M 42 -72.22 -29.41 40.45
CA PRO M 42 -72.09 -30.40 39.39
C PRO M 42 -72.87 -31.70 39.60
N SER M 43 -73.29 -31.95 40.83
CA SER M 43 -74.02 -33.17 41.15
C SER M 43 -75.28 -32.89 41.94
N VAL M 44 -76.33 -32.56 41.21
CA VAL M 44 -77.64 -32.22 41.74
C VAL M 44 -78.67 -33.03 40.99
N ASP M 45 -79.89 -33.10 41.52
CA ASP M 45 -80.96 -33.78 40.84
C ASP M 45 -81.93 -32.88 40.09
N SER M 46 -81.60 -31.59 39.97
CA SER M 46 -82.47 -30.65 39.27
C SER M 46 -81.78 -29.37 38.84
N ASP M 47 -82.59 -28.49 38.29
CA ASP M 47 -82.14 -27.18 37.89
C ASP M 47 -82.42 -26.20 39.04
N ASP M 48 -81.35 -25.64 39.59
CA ASP M 48 -81.43 -24.80 40.79
C ASP M 48 -81.57 -23.33 40.46
N LEU M 49 -81.00 -22.94 39.32
CA LEU M 49 -80.87 -21.55 38.93
C LEU M 49 -81.81 -21.06 37.84
N ILE M 50 -82.96 -21.69 37.63
CA ILE M 50 -83.78 -21.26 36.50
C ILE M 50 -84.16 -19.79 36.52
N LEU M 51 -84.56 -19.25 37.64
CA LEU M 51 -84.86 -17.81 37.68
C LEU M 51 -83.99 -17.07 38.67
N LYS M 52 -82.74 -17.49 38.82
CA LYS M 52 -81.88 -16.83 39.78
C LYS M 52 -80.71 -16.16 39.08
N PRO M 53 -80.52 -14.84 39.16
CA PRO M 53 -79.41 -14.15 38.56
C PRO M 53 -78.11 -14.66 39.11
N LYS M 54 -77.12 -14.81 38.27
CA LYS M 54 -75.81 -15.21 38.73
C LYS M 54 -74.73 -14.40 38.03
N ARG M 55 -73.66 -14.07 38.75
CA ARG M 55 -72.56 -13.36 38.13
C ARG M 55 -71.49 -14.32 37.65
N ILE M 56 -71.11 -14.14 36.40
CA ILE M 56 -70.12 -14.91 35.63
C ILE M 56 -68.89 -14.09 35.25
N SER M 57 -67.68 -14.61 35.49
CA SER M 57 -66.48 -13.83 35.14
C SER M 57 -65.90 -14.11 33.75
N SER M 58 -66.21 -15.29 33.21
CA SER M 58 -65.67 -15.71 31.92
C SER M 58 -66.53 -16.81 31.31
N LEU M 59 -66.25 -17.15 30.06
CA LEU M 59 -67.01 -18.21 29.41
C LEU M 59 -66.90 -19.57 30.13
N LEU M 60 -65.76 -19.86 30.80
CA LEU M 60 -65.63 -21.12 31.52
C LEU M 60 -66.62 -21.22 32.68
N ASP M 61 -66.87 -20.10 33.35
CA ASP M 61 -67.81 -20.08 34.46
C ASP M 61 -69.19 -20.31 33.91
N PHE M 62 -69.49 -19.71 32.76
CA PHE M 62 -70.79 -19.92 32.17
C PHE M 62 -71.02 -21.40 31.92
N THR M 63 -70.07 -22.03 31.24
CA THR M 63 -70.20 -23.42 30.86
C THR M 63 -70.42 -24.31 32.07
N THR M 64 -69.65 -24.05 33.12
CA THR M 64 -69.74 -24.79 34.38
C THR M 64 -71.17 -24.91 34.95
N TYR M 65 -71.99 -23.87 34.85
CA TYR M 65 -73.31 -23.92 35.47
C TYR M 65 -74.45 -24.01 34.47
N TYR M 66 -74.21 -23.64 33.20
CA TYR M 66 -75.26 -23.59 32.21
C TYR M 66 -75.13 -24.49 30.96
N GLY M 67 -73.94 -25.06 30.71
CA GLY M 67 -73.72 -25.89 29.53
C GLY M 67 -73.42 -25.11 28.23
N GLY M 68 -73.43 -25.83 27.11
CA GLY M 68 -73.10 -25.30 25.77
C GLY M 68 -74.32 -25.09 24.84
N ALA M 69 -74.10 -25.26 23.54
CA ALA M 69 -75.10 -25.08 22.50
C ALA M 69 -75.90 -26.38 22.26
N GLN M 70 -77.06 -26.25 21.61
CA GLN M 70 -77.86 -27.40 21.19
C GLN M 70 -77.35 -27.93 19.86
N ASN M 71 -77.30 -29.25 19.67
CA ASN M 71 -76.88 -29.82 18.38
C ASN M 71 -77.88 -29.47 17.28
N GLU M 72 -77.39 -29.16 16.08
CA GLU M 72 -78.26 -28.92 14.95
C GLU M 72 -78.79 -30.24 14.43
N GLN M 73 -80.04 -30.26 13.96
CA GLN M 73 -80.63 -31.48 13.39
C GLN M 73 -81.11 -31.29 11.95
N GLY M 74 -80.63 -30.24 11.28
CA GLY M 74 -81.05 -29.91 9.92
C GLY M 74 -79.99 -30.10 8.83
N ILE M 75 -78.92 -30.82 9.13
CA ILE M 75 -77.82 -31.02 8.18
C ILE M 75 -78.04 -32.27 7.34
N THR M 76 -77.97 -32.14 6.01
CA THR M 76 -78.13 -33.28 5.10
C THR M 76 -76.94 -33.30 4.16
N VAL M 77 -76.70 -34.43 3.49
CA VAL M 77 -75.60 -34.52 2.53
C VAL M 77 -76.00 -35.15 1.20
N LYS M 78 -75.56 -34.57 0.07
CA LYS M 78 -75.84 -35.17 -1.23
C LYS M 78 -74.56 -35.41 -2.06
N LEU M 79 -74.33 -36.66 -2.45
CA LEU M 79 -73.14 -37.07 -3.21
C LEU M 79 -73.52 -37.58 -4.61
N THR M 80 -72.91 -37.03 -5.67
CA THR M 80 -73.23 -37.51 -7.03
C THR M 80 -72.01 -37.97 -7.85
N ASP M 81 -72.11 -39.20 -8.39
CA ASP M 81 -71.10 -39.86 -9.23
C ASP M 81 -71.37 -39.82 -10.75
N THR M 82 -70.48 -39.18 -11.51
CA THR M 82 -70.64 -39.07 -12.98
C THR M 82 -69.35 -39.42 -13.72
N LEU M 83 -69.44 -39.52 -15.06
CA LEU M 83 -68.24 -39.74 -15.86
C LEU M 83 -67.85 -38.56 -16.73
N ILE M 84 -66.55 -38.32 -16.81
CA ILE M 84 -65.99 -37.32 -17.70
C ILE M 84 -65.08 -37.98 -18.70
N GLU M 85 -65.52 -38.07 -19.94
CA GLU M 85 -64.76 -38.75 -21.01
C GLU M 85 -64.29 -40.14 -20.56
N GLY M 86 -65.18 -40.85 -19.85
CA GLY M 86 -64.92 -42.20 -19.36
C GLY M 86 -64.27 -42.27 -17.95
N ALA M 87 -63.79 -41.14 -17.42
CA ALA M 87 -63.15 -41.13 -16.11
C ALA M 87 -64.16 -40.91 -15.00
N GLU M 88 -63.91 -41.49 -13.84
CA GLU M 88 -64.79 -41.25 -12.70
C GLU M 88 -64.57 -39.86 -12.13
N ASN M 89 -65.66 -39.25 -11.65
CA ASN M 89 -65.63 -37.96 -10.97
C ASN M 89 -66.80 -37.81 -10.00
N ARG M 90 -66.55 -37.36 -8.77
CA ARG M 90 -67.68 -37.19 -7.86
C ARG M 90 -67.67 -35.85 -7.16
N THR M 91 -68.89 -35.37 -6.89
CA THR M 91 -69.11 -34.13 -6.15
C THR M 91 -69.86 -34.35 -4.85
N ILE M 92 -69.33 -33.77 -3.78
CA ILE M 92 -69.99 -33.83 -2.47
C ILE M 92 -70.52 -32.46 -2.11
N ASN M 93 -71.82 -32.39 -1.90
CA ASN M 93 -72.48 -31.13 -1.60
C ASN M 93 -73.23 -31.12 -0.29
N VAL M 94 -72.86 -30.20 0.58
CA VAL M 94 -73.54 -30.05 1.85
C VAL M 94 -74.20 -28.66 1.88
N PRO M 95 -75.52 -28.54 1.66
CA PRO M 95 -76.31 -27.32 1.64
C PRO M 95 -76.38 -26.65 2.99
N GLU M 96 -76.61 -25.35 3.02
CA GLU M 96 -76.84 -24.67 4.28
C GLU M 96 -78.19 -25.18 4.82
N PRO M 97 -78.32 -25.53 6.12
CA PRO M 97 -79.57 -25.98 6.73
C PRO M 97 -80.66 -24.95 6.61
N THR M 98 -81.89 -25.39 6.46
CA THR M 98 -83.04 -24.50 6.38
C THR M 98 -83.80 -24.47 7.70
N PHE M 99 -83.46 -25.41 8.57
CA PHE M 99 -84.05 -25.54 9.90
C PHE M 99 -82.90 -25.55 10.89
N LYS M 100 -82.93 -24.59 11.80
CA LYS M 100 -81.86 -24.41 12.77
C LYS M 100 -82.39 -24.33 14.19
N SER M 101 -81.55 -24.67 15.16
CA SER M 101 -81.90 -24.51 16.56
C SER M 101 -82.18 -23.04 16.84
N PRO M 102 -83.21 -22.68 17.63
CA PRO M 102 -83.53 -21.32 17.98
C PRO M 102 -82.78 -20.78 19.19
N TYR M 103 -81.83 -21.53 19.74
CA TYR M 103 -81.19 -21.10 20.98
C TYR M 103 -79.78 -20.53 20.75
N LEU M 104 -79.64 -19.20 20.92
CA LEU M 104 -78.39 -18.50 20.62
C LEU M 104 -77.54 -17.97 21.80
N MET M 105 -77.88 -18.20 23.06
CA MET M 105 -77.10 -17.59 24.15
C MET M 105 -75.63 -18.00 24.16
N PHE M 106 -75.33 -19.26 23.89
CA PHE M 106 -73.94 -19.69 23.93
C PHE M 106 -73.09 -18.92 22.91
N TYR M 107 -73.57 -18.85 21.67
CA TYR M 107 -72.85 -18.17 20.59
C TYR M 107 -72.71 -16.69 20.90
N SER M 108 -73.76 -16.11 21.47
CA SER M 108 -73.79 -14.71 21.83
C SER M 108 -72.68 -14.38 22.81
N LEU M 109 -72.53 -15.21 23.86
CA LEU M 109 -71.47 -15.02 24.84
C LEU M 109 -70.08 -15.18 24.25
N GLN M 110 -69.89 -16.11 23.31
CA GLN M 110 -68.57 -16.21 22.70
C GLN M 110 -68.19 -14.90 22.00
N MET M 111 -69.15 -14.28 21.31
CA MET M 111 -68.87 -13.01 20.64
C MET M 111 -68.60 -11.88 21.64
N TYR M 112 -69.35 -11.85 22.73
CA TYR M 112 -69.18 -10.87 23.79
C TYR M 112 -67.77 -10.87 24.36
N PHE M 113 -67.27 -12.06 24.71
CA PHE M 113 -65.93 -12.12 25.28
C PHE M 113 -64.87 -11.84 24.20
N ALA M 114 -65.09 -12.27 22.94
CA ALA M 114 -64.16 -12.04 21.82
C ALA M 114 -63.93 -10.55 21.59
N ASN M 115 -64.95 -9.74 21.84
CA ASN M 115 -64.89 -8.30 21.67
C ASN M 115 -64.50 -7.51 22.92
N GLY M 116 -64.00 -8.19 23.96
CA GLY M 116 -63.50 -7.47 25.13
C GLY M 116 -64.40 -7.34 26.34
N GLY M 117 -65.52 -8.04 26.39
CA GLY M 117 -66.39 -7.93 27.53
C GLY M 117 -65.80 -8.49 28.83
N GLY M 118 -66.25 -7.93 29.95
CA GLY M 118 -65.84 -8.36 31.29
C GLY M 118 -66.97 -9.18 31.93
N PRO M 119 -67.06 -9.20 33.27
CA PRO M 119 -68.04 -9.93 34.05
C PRO M 119 -69.46 -9.52 33.68
N CYS M 120 -70.38 -10.45 33.79
CA CYS M 120 -71.78 -10.19 33.44
C CYS M 120 -72.79 -11.01 34.23
N TYR M 121 -74.07 -10.64 34.11
CA TYR M 121 -75.13 -11.41 34.76
C TYR M 121 -75.91 -12.30 33.82
N ILE M 122 -76.14 -13.51 34.27
CA ILE M 122 -76.94 -14.47 33.52
C ILE M 122 -78.24 -14.77 34.22
N VAL M 123 -79.33 -14.67 33.48
CA VAL M 123 -80.63 -15.04 34.00
C VAL M 123 -81.21 -16.07 33.06
N SER M 124 -81.47 -17.25 33.58
CA SER M 124 -82.02 -18.30 32.78
C SER M 124 -83.52 -18.06 32.73
N THR M 125 -84.16 -18.57 31.72
CA THR M 125 -85.61 -18.50 31.63
C THR M 125 -86.20 -19.88 31.53
N GLY M 126 -85.34 -20.86 31.42
CA GLY M 126 -85.72 -22.24 31.21
C GLY M 126 -84.57 -22.96 30.53
N VAL M 127 -84.82 -24.20 30.12
CA VAL M 127 -83.78 -24.98 29.47
C VAL M 127 -84.23 -25.41 28.08
N TYR M 128 -83.29 -25.81 27.24
CA TYR M 128 -83.57 -26.18 25.86
C TYR M 128 -84.59 -27.30 25.71
N ASP M 129 -85.55 -27.12 24.81
CA ASP M 129 -86.52 -28.19 24.57
C ASP M 129 -86.00 -29.08 23.44
N ASP M 130 -86.76 -30.12 23.09
CA ASP M 130 -86.29 -30.98 22.00
C ASP M 130 -86.98 -30.69 20.67
N TRP M 131 -86.60 -31.43 19.64
CA TRP M 131 -87.17 -31.29 18.31
C TRP M 131 -88.33 -32.26 18.13
N SER M 132 -89.31 -31.90 17.30
CA SER M 132 -90.41 -32.82 17.06
C SER M 132 -90.09 -33.71 15.87
N ASP M 133 -89.36 -33.13 14.93
CA ASP M 133 -88.93 -33.80 13.71
C ASP M 133 -87.74 -33.06 13.15
N SER M 134 -87.13 -33.53 12.07
CA SER M 134 -85.97 -32.85 11.49
C SER M 134 -86.34 -31.51 10.87
N GLU M 135 -87.61 -31.35 10.55
CA GLU M 135 -88.15 -30.12 9.98
C GLU M 135 -88.99 -29.34 10.98
N THR M 136 -89.02 -29.80 12.23
CA THR M 136 -89.81 -29.10 13.23
C THR M 136 -89.00 -28.84 14.52
N PRO M 137 -88.41 -27.63 14.65
CA PRO M 137 -87.57 -27.16 15.73
C PRO M 137 -88.41 -26.73 16.95
N PRO M 138 -87.79 -26.55 18.12
CA PRO M 138 -88.30 -25.97 19.36
C PRO M 138 -88.77 -24.54 19.13
N THR M 139 -89.59 -24.04 20.04
CA THR M 139 -90.04 -22.65 19.97
C THR M 139 -89.62 -21.86 21.21
N ILE M 140 -89.70 -20.53 21.09
CA ILE M 140 -89.37 -19.60 22.17
C ILE M 140 -90.65 -19.07 22.78
N ASN M 141 -90.79 -19.20 24.09
CA ASN M 141 -92.00 -18.79 24.77
C ASN M 141 -91.90 -17.39 25.34
N PHE M 142 -92.65 -16.47 24.76
CA PHE M 142 -92.63 -15.08 25.16
C PHE M 142 -92.74 -14.88 26.68
N SER M 143 -93.62 -15.64 27.33
CA SER M 143 -93.87 -15.48 28.77
C SER M 143 -92.64 -15.76 29.63
N ASP M 144 -91.69 -16.52 29.09
CA ASP M 144 -90.49 -16.88 29.83
C ASP M 144 -89.54 -15.69 29.82
N LEU M 145 -89.57 -14.87 28.77
CA LEU M 145 -88.65 -13.76 28.69
C LEU M 145 -89.17 -12.65 29.58
N GLU M 146 -90.51 -12.50 29.64
CA GLU M 146 -91.07 -11.49 30.53
C GLU M 146 -90.75 -11.81 31.98
N SER M 147 -90.78 -13.09 32.34
CA SER M 147 -90.45 -13.50 33.68
C SER M 147 -89.01 -13.12 33.99
N GLY M 148 -88.07 -13.42 33.09
CA GLY M 148 -86.68 -13.06 33.32
C GLY M 148 -86.47 -11.55 33.50
N LEU M 149 -87.21 -10.74 32.74
CA LEU M 149 -87.09 -9.28 32.86
C LEU M 149 -87.58 -8.82 34.24
N ALA M 150 -88.70 -9.40 34.71
CA ALA M 150 -89.24 -9.07 36.03
C ALA M 150 -88.24 -9.40 37.15
N VAL M 151 -87.46 -10.45 36.96
CA VAL M 151 -86.43 -10.86 37.90
C VAL M 151 -85.25 -9.89 37.92
N ILE M 152 -84.70 -9.55 36.74
CA ILE M 152 -83.51 -8.69 36.72
C ILE M 152 -83.84 -7.32 37.29
N ARG M 153 -85.10 -6.90 37.23
CA ARG M 153 -85.51 -5.62 37.78
C ARG M 153 -85.11 -5.43 39.25
N LYS M 154 -84.93 -6.51 40.01
CA LYS M 154 -84.57 -6.38 41.41
C LYS M 154 -83.07 -6.31 41.69
N GLU M 155 -82.23 -6.42 40.65
CA GLU M 155 -80.78 -6.35 40.82
C GLU M 155 -80.28 -4.92 40.61
N ASP M 156 -79.28 -4.50 41.37
CA ASP M 156 -78.72 -3.15 41.22
C ASP M 156 -77.52 -3.00 40.29
N GLU M 157 -76.68 -4.01 40.19
CA GLU M 157 -75.45 -3.90 39.41
C GLU M 157 -75.51 -3.74 37.87
N PRO M 158 -76.39 -4.41 37.11
CA PRO M 158 -76.44 -4.35 35.65
C PRO M 158 -76.68 -2.95 35.11
N THR M 159 -76.04 -2.63 33.98
CA THR M 159 -76.22 -1.33 33.31
C THR M 159 -76.82 -1.50 31.91
N LEU M 160 -76.64 -2.67 31.29
CA LEU M 160 -77.16 -2.92 29.94
C LEU M 160 -78.11 -4.12 29.92
N LEU M 161 -79.18 -4.03 29.14
CA LEU M 161 -80.12 -5.15 29.01
C LEU M 161 -80.14 -5.80 27.62
N LEU M 162 -79.85 -7.11 27.54
CA LEU M 162 -79.84 -7.83 26.27
C LEU M 162 -80.70 -9.12 26.28
N PHE M 163 -81.33 -9.43 25.13
CA PHE M 163 -82.10 -10.67 24.95
C PHE M 163 -81.62 -11.50 23.73
N PRO M 164 -80.69 -12.45 23.90
CA PRO M 164 -80.10 -13.27 22.85
C PRO M 164 -81.08 -14.09 22.01
N ASP M 165 -82.29 -14.42 22.51
CA ASP M 165 -83.21 -15.23 21.72
C ASP M 165 -84.51 -14.49 21.45
N ALA M 166 -84.48 -13.17 21.26
CA ALA M 166 -85.71 -12.43 20.99
C ALA M 166 -86.14 -12.47 19.52
N THR M 167 -85.19 -12.60 18.61
CA THR M 167 -85.52 -12.56 17.18
C THR M 167 -86.17 -13.85 16.72
N ASN M 168 -86.17 -14.86 17.59
CA ASN M 168 -86.79 -16.13 17.28
C ASN M 168 -88.20 -16.26 17.86
N LEU M 169 -88.76 -15.18 18.41
CA LEU M 169 -90.13 -15.20 18.88
C LEU M 169 -91.05 -15.39 17.68
N PRO M 170 -92.15 -16.16 17.79
CA PRO M 170 -93.13 -16.44 16.74
C PRO M 170 -93.68 -15.24 15.97
N THR M 171 -93.83 -14.07 16.61
CA THR M 171 -94.34 -12.92 15.89
C THR M 171 -93.50 -11.67 16.16
N ASP M 172 -93.67 -10.67 15.31
CA ASP M 172 -92.98 -9.42 15.46
C ASP M 172 -93.64 -8.63 16.56
N ASP M 173 -94.94 -8.83 16.72
CA ASP M 173 -95.67 -8.14 17.77
C ASP M 173 -95.10 -8.50 19.14
N GLU M 174 -94.78 -9.77 19.39
CA GLU M 174 -94.18 -10.17 20.66
C GLU M 174 -92.81 -9.54 20.83
N PHE M 175 -92.03 -9.51 19.75
CA PHE M 175 -90.71 -8.91 19.76
C PHE M 175 -90.77 -7.44 20.19
N TYR M 176 -91.64 -6.66 19.57
CA TYR M 176 -91.74 -5.24 19.87
C TYR M 176 -92.24 -5.02 21.29
N SER M 177 -93.19 -5.84 21.75
CA SER M 177 -93.72 -5.74 23.09
C SER M 177 -92.60 -5.90 24.13
N LEU M 178 -91.74 -6.90 23.92
CA LEU M 178 -90.64 -7.16 24.84
C LEU M 178 -89.72 -5.92 24.96
N TYR M 179 -89.39 -5.29 23.81
CA TYR M 179 -88.52 -4.13 23.85
C TYR M 179 -89.19 -2.90 24.44
N ASN M 180 -90.49 -2.72 24.25
CA ASN M 180 -91.14 -1.58 24.87
C ASN M 180 -91.06 -1.72 26.39
N SER M 181 -91.21 -2.95 26.91
CA SER M 181 -91.10 -3.16 28.35
C SER M 181 -89.71 -2.86 28.86
N ALA M 182 -88.67 -3.25 28.12
CA ALA M 182 -87.31 -2.97 28.55
C ALA M 182 -87.03 -1.45 28.63
N LEU M 183 -87.55 -0.68 27.65
CA LEU M 183 -87.35 0.77 27.70
C LEU M 183 -88.09 1.40 28.87
N MET M 184 -89.28 0.89 29.19
CA MET M 184 -90.02 1.40 30.33
C MET M 184 -89.28 1.12 31.64
N GLN M 185 -88.64 -0.05 31.76
CA GLN M 185 -87.88 -0.36 32.96
C GLN M 185 -86.75 0.65 33.14
N CYS M 186 -86.05 1.00 32.05
CA CYS M 186 -84.96 1.97 32.12
C CYS M 186 -85.48 3.33 32.58
N ASN M 187 -86.62 3.76 32.07
CA ASN M 187 -87.16 5.03 32.52
C ASN M 187 -87.47 5.02 34.02
N ASP M 188 -88.08 3.93 34.52
CA ASP M 188 -88.41 3.90 35.94
C ASP M 188 -87.19 3.86 36.87
N LEU M 189 -86.13 3.13 36.47
CA LEU M 189 -84.96 3.01 37.35
C LEU M 189 -83.92 4.14 37.18
N GLN M 190 -83.85 4.75 35.99
CA GLN M 190 -82.93 5.83 35.63
C GLN M 190 -81.43 5.49 35.66
N ASP M 191 -81.08 4.22 35.48
CA ASP M 191 -79.69 3.79 35.47
C ASP M 191 -79.32 2.74 34.41
N ARG M 192 -80.16 2.53 33.40
CA ARG M 192 -79.92 1.50 32.38
C ARG M 192 -80.09 1.99 30.97
N PHE M 193 -79.50 1.26 30.04
CA PHE M 193 -79.59 1.54 28.62
C PHE M 193 -79.82 0.24 27.85
N THR M 194 -80.62 0.27 26.79
CA THR M 194 -80.86 -0.95 26.02
C THR M 194 -80.28 -0.90 24.62
N ILE M 195 -79.88 -2.07 24.12
CA ILE M 195 -79.37 -2.24 22.76
C ILE M 195 -80.39 -3.03 21.94
N LEU M 196 -80.86 -2.45 20.82
CA LEU M 196 -81.91 -3.07 20.02
C LEU M 196 -81.48 -3.55 18.63
N ASP M 197 -82.12 -4.63 18.21
CA ASP M 197 -81.98 -5.26 16.90
C ASP M 197 -83.27 -5.13 16.12
N THR M 198 -83.20 -5.29 14.81
CA THR M 198 -84.43 -5.41 14.05
C THR M 198 -84.89 -6.86 14.23
N TYR M 199 -86.13 -7.14 13.83
CA TYR M 199 -86.68 -8.50 13.89
C TYR M 199 -85.94 -9.43 12.93
N SER M 200 -85.60 -8.91 11.77
CA SER M 200 -84.92 -9.60 10.68
C SER M 200 -84.06 -8.63 9.89
N ASP M 201 -83.02 -9.10 9.21
CA ASP M 201 -82.26 -8.20 8.35
C ASP M 201 -82.78 -8.16 6.91
N GLN M 202 -83.82 -8.95 6.63
CA GLN M 202 -84.48 -9.11 5.33
C GLN M 202 -85.99 -8.89 5.43
N THR M 203 -86.64 -8.63 4.28
CA THR M 203 -88.09 -8.43 4.26
C THR M 203 -88.80 -9.59 4.97
N TYR M 204 -89.69 -9.25 5.87
CA TYR M 204 -90.36 -10.36 6.57
C TYR M 204 -91.84 -10.35 6.21
N ASN M 205 -92.38 -11.53 6.36
CA ASN M 205 -93.77 -11.84 6.01
C ASN M 205 -94.66 -11.80 7.26
N ASP M 206 -95.54 -10.79 7.34
CA ASP M 206 -96.42 -10.55 8.50
C ASP M 206 -97.53 -11.61 8.61
N GLY M 207 -97.69 -12.38 7.54
CA GLY M 207 -98.75 -13.36 7.37
C GLY M 207 -99.83 -12.76 6.47
N VAL M 208 -99.77 -11.44 6.33
CA VAL M 208 -100.69 -10.68 5.49
C VAL M 208 -100.03 -9.69 4.53
N GLU M 209 -98.74 -9.38 4.75
CA GLU M 209 -98.03 -8.34 4.00
C GLU M 209 -96.50 -8.54 4.07
N ASP M 210 -95.78 -7.98 3.09
CA ASP M 210 -94.30 -8.05 3.14
C ASP M 210 -93.84 -6.76 3.81
N LEU M 211 -93.02 -6.85 4.86
CA LEU M 211 -92.61 -5.63 5.61
C LEU M 211 -91.09 -5.42 5.59
N ASP M 212 -90.66 -4.20 5.31
CA ASP M 212 -89.25 -3.75 5.41
C ASP M 212 -88.84 -3.52 6.87
N PRO M 213 -87.78 -4.19 7.39
CA PRO M 213 -87.27 -4.13 8.74
C PRO M 213 -87.03 -2.74 9.36
N ILE M 214 -86.65 -1.73 8.58
CA ILE M 214 -86.41 -0.46 9.23
C ILE M 214 -87.74 0.23 9.59
N PRO M 215 -88.68 0.49 8.65
CA PRO M 215 -90.02 0.95 8.93
C PRO M 215 -90.72 0.08 9.97
N ALA M 216 -90.46 -1.23 9.95
CA ALA M 216 -91.06 -2.13 10.90
C ALA M 216 -90.75 -1.76 12.33
N LEU M 217 -89.46 -1.56 12.60
CA LEU M 217 -88.99 -1.22 13.93
C LEU M 217 -89.52 0.15 14.33
N ARG M 218 -89.52 1.09 13.39
CA ARG M 218 -90.01 2.43 13.69
C ARG M 218 -91.49 2.46 14.08
N ASN M 219 -92.32 1.65 13.43
CA ASN M 219 -93.73 1.58 13.82
C ASN M 219 -93.94 0.72 15.07
N GLY M 220 -93.11 -0.31 15.22
CA GLY M 220 -93.14 -1.26 16.31
C GLY M 220 -92.94 -0.63 17.69
N ILE M 221 -91.89 0.17 17.83
CA ILE M 221 -91.62 0.84 19.09
C ILE M 221 -92.29 2.21 19.07
N ASN M 222 -93.35 2.38 19.87
CA ASN M 222 -94.19 3.57 19.87
C ASN M 222 -94.19 4.41 21.16
N LEU M 223 -93.13 4.33 21.93
CA LEU M 223 -93.00 5.10 23.16
C LEU M 223 -92.50 6.50 22.84
N THR M 224 -92.73 7.44 23.74
CA THR M 224 -92.25 8.80 23.55
C THR M 224 -90.82 9.07 24.02
N LYS M 225 -90.41 10.33 23.88
CA LYS M 225 -89.08 10.87 24.14
C LYS M 225 -88.43 10.40 25.45
N ASP M 226 -89.21 10.36 26.52
CA ASP M 226 -88.76 9.97 27.85
C ASP M 226 -88.20 8.56 27.90
N TYR M 227 -88.58 7.72 26.94
CA TYR M 227 -88.16 6.35 26.90
C TYR M 227 -87.13 6.15 25.82
N LEU M 228 -87.32 6.82 24.70
CA LEU M 228 -86.47 6.65 23.53
C LEU M 228 -85.02 7.06 23.82
N LYS M 229 -84.86 8.05 24.69
CA LYS M 229 -83.52 8.51 25.09
C LYS M 229 -82.70 7.41 25.79
N TYR M 230 -83.32 6.30 26.23
CA TYR M 230 -82.63 5.23 26.93
C TYR M 230 -82.20 4.05 26.07
N GLY M 231 -82.22 4.19 24.75
CA GLY M 231 -81.72 3.08 23.96
C GLY M 231 -81.31 3.47 22.55
N ALA M 232 -80.72 2.52 21.85
CA ALA M 232 -80.21 2.67 20.49
C ALA M 232 -80.34 1.37 19.72
N ALA M 233 -80.43 1.46 18.39
CA ALA M 233 -80.56 0.28 17.54
C ALA M 233 -79.48 0.22 16.47
N TYR M 234 -79.13 -1.02 16.09
CA TYR M 234 -78.13 -1.28 15.04
C TYR M 234 -78.66 -2.20 13.92
N TYR M 235 -78.14 -1.98 12.71
CA TYR M 235 -78.49 -2.76 11.51
C TYR M 235 -77.32 -2.82 10.53
N PRO M 236 -77.12 -3.92 9.79
CA PRO M 236 -77.70 -5.26 9.72
C PRO M 236 -77.10 -6.27 10.68
N PHE M 237 -77.48 -7.53 10.49
CA PHE M 237 -76.92 -8.70 11.19
C PHE M 237 -75.52 -8.98 10.65
N VAL M 238 -74.70 -9.72 11.39
CA VAL M 238 -73.34 -10.00 10.91
C VAL M 238 -72.97 -11.48 10.82
N GLN M 239 -72.03 -11.78 9.92
CA GLN M 239 -71.53 -13.13 9.75
C GLN M 239 -70.22 -13.32 10.52
N THR M 240 -70.27 -14.26 11.47
CA THR M 240 -69.16 -14.65 12.39
C THR M 240 -68.33 -15.80 11.81
N ILE M 241 -67.30 -16.22 12.56
CA ILE M 241 -66.37 -17.28 12.18
C ILE M 241 -66.54 -18.52 13.04
N LEU M 242 -67.63 -18.56 13.78
CA LEU M 242 -67.96 -19.66 14.68
C LEU M 242 -68.64 -20.77 13.89
N ASN M 243 -68.43 -22.02 14.32
CA ASN M 243 -69.05 -23.18 13.66
C ASN M 243 -70.35 -23.59 14.32
N TYR M 244 -70.99 -24.61 13.76
CA TYR M 244 -72.21 -25.18 14.30
C TYR M 244 -71.86 -26.42 15.09
N GLN M 245 -72.67 -26.72 16.10
CA GLN M 245 -72.47 -27.93 16.88
C GLN M 245 -73.36 -29.03 16.30
N TYR M 246 -72.80 -30.21 16.06
CA TYR M 246 -73.54 -31.33 15.45
C TYR M 246 -72.90 -32.68 15.76
N SER M 247 -73.57 -33.75 15.31
CA SER M 247 -73.08 -35.11 15.42
C SER M 247 -73.35 -35.90 14.14
N ALA M 248 -72.34 -36.66 13.71
CA ALA M 248 -72.37 -37.49 12.49
C ALA M 248 -73.47 -38.54 12.54
N ASP M 249 -73.95 -38.87 13.74
CA ASP M 249 -75.00 -39.87 13.93
C ASP M 249 -76.35 -39.37 13.40
N GLU M 250 -76.49 -38.06 13.25
CA GLU M 250 -77.74 -37.47 12.83
C GLU M 250 -77.75 -37.11 11.34
N ILE M 251 -76.66 -37.39 10.62
CA ILE M 251 -76.57 -36.94 9.24
C ILE M 251 -76.66 -38.06 8.21
N VAL M 252 -77.65 -37.96 7.31
CA VAL M 252 -77.92 -38.98 6.29
C VAL M 252 -77.52 -38.51 4.89
N ILE M 253 -76.91 -39.43 4.16
CA ILE M 253 -76.38 -39.21 2.82
C ILE M 253 -77.21 -39.75 1.67
N GLN M 254 -77.47 -38.87 0.70
CA GLN M 254 -78.12 -39.23 -0.55
C GLN M 254 -76.99 -39.54 -1.53
N HIS M 255 -77.10 -40.63 -2.28
CA HIS M 255 -76.04 -40.98 -3.24
C HIS M 255 -76.59 -41.31 -4.61
N LEU M 256 -76.29 -40.47 -5.58
CA LEU M 256 -76.79 -40.68 -6.93
C LEU M 256 -75.65 -41.06 -7.84
N SER M 257 -75.95 -41.86 -8.85
CA SER M 257 -74.91 -42.33 -9.75
C SER M 257 -75.34 -42.61 -11.18
N TYR M 258 -74.40 -42.33 -12.11
CA TYR M 258 -74.54 -42.67 -13.53
C TYR M 258 -74.71 -44.18 -13.71
N ASN M 259 -74.23 -44.93 -12.71
CA ASN M 259 -74.26 -46.37 -12.63
C ASN M 259 -74.75 -46.74 -11.23
N PRO M 260 -76.07 -46.90 -11.04
CA PRO M 260 -76.75 -47.20 -9.79
C PRO M 260 -76.37 -48.57 -9.24
N ASN M 261 -76.36 -48.70 -7.91
CA ASN M 261 -76.13 -50.00 -7.28
C ASN M 261 -76.53 -50.06 -5.81
N ALA M 262 -77.53 -49.27 -5.38
CA ALA M 262 -77.97 -49.34 -4.00
C ALA M 262 -78.67 -50.66 -3.64
N ILE M 263 -79.50 -51.17 -4.56
CA ILE M 263 -80.28 -52.37 -4.29
C ILE M 263 -79.37 -53.57 -4.37
N ALA M 264 -78.52 -53.61 -5.39
CA ALA M 264 -77.62 -54.72 -5.56
C ALA M 264 -76.71 -54.86 -4.35
N THR M 265 -76.26 -53.72 -3.78
CA THR M 265 -75.43 -53.76 -2.60
C THR M 265 -76.20 -54.37 -1.44
N ALA M 266 -77.45 -53.92 -1.23
CA ALA M 266 -78.22 -54.46 -0.14
C ALA M 266 -78.39 -55.96 -0.29
N LEU M 267 -78.64 -56.43 -1.52
CA LEU M 267 -78.80 -57.87 -1.74
C LEU M 267 -77.54 -58.65 -1.47
N ASP M 268 -76.38 -58.14 -1.88
CA ASP M 268 -75.16 -58.89 -1.63
C ASP M 268 -74.95 -59.10 -0.13
N ASN M 269 -75.28 -58.10 0.68
CA ASN M 269 -75.12 -58.26 2.11
C ASN M 269 -76.24 -59.13 2.71
N LEU M 270 -77.49 -58.92 2.28
CA LEU M 270 -78.59 -59.68 2.82
C LEU M 270 -78.45 -61.17 2.51
N ASN M 271 -77.91 -61.49 1.34
CA ASN M 271 -77.71 -62.86 0.93
C ASN M 271 -76.53 -63.52 1.66
N ALA M 272 -75.75 -62.73 2.38
CA ALA M 272 -74.63 -63.25 3.13
C ALA M 272 -75.13 -63.60 4.52
N GLY M 450 -84.73 -67.61 10.29
CA GLY M 450 -84.45 -67.81 8.86
C GLY M 450 -85.62 -67.53 7.91
N THR M 451 -86.85 -67.82 8.35
CA THR M 451 -88.02 -67.58 7.52
C THR M 451 -88.17 -66.10 7.20
N ARG M 452 -87.89 -65.24 8.18
CA ARG M 452 -88.09 -63.83 7.97
C ARG M 452 -86.99 -63.29 7.07
N LEU M 453 -85.79 -63.88 7.18
CA LEU M 453 -84.70 -63.41 6.33
C LEU M 453 -85.05 -63.66 4.86
N ASP M 454 -85.67 -64.82 4.57
CA ASP M 454 -86.08 -65.10 3.20
C ASP M 454 -87.09 -64.06 2.69
N ASP M 455 -88.07 -63.68 3.54
CA ASP M 455 -89.06 -62.68 3.13
C ASP M 455 -88.43 -61.33 2.82
N ILE M 456 -87.44 -60.93 3.62
CA ILE M 456 -86.76 -59.66 3.38
C ILE M 456 -86.03 -59.67 2.06
N ILE M 457 -85.28 -60.73 1.79
CA ILE M 457 -84.52 -60.79 0.57
C ILE M 457 -85.42 -60.73 -0.64
N ALA M 458 -86.51 -61.51 -0.64
CA ALA M 458 -87.41 -61.48 -1.76
C ALA M 458 -88.02 -60.08 -1.96
N ALA M 459 -88.41 -59.41 -0.87
CA ALA M 459 -88.98 -58.08 -1.00
C ALA M 459 -87.99 -57.11 -1.62
N VAL M 460 -86.70 -57.24 -1.25
CA VAL M 460 -85.66 -56.38 -1.76
C VAL M 460 -85.33 -56.68 -3.21
N SER M 461 -85.17 -57.96 -3.59
CA SER M 461 -84.78 -58.25 -4.97
C SER M 461 -85.82 -57.76 -5.94
N ALA M 462 -87.07 -57.70 -5.51
CA ALA M 462 -88.15 -57.20 -6.31
C ALA M 462 -87.93 -55.74 -6.74
N ALA M 463 -87.14 -54.97 -5.96
CA ALA M 463 -86.88 -53.57 -6.24
C ALA M 463 -85.73 -53.31 -7.19
N GLU M 464 -84.98 -54.34 -7.60
CA GLU M 464 -83.85 -54.00 -8.45
C GLU M 464 -84.26 -53.26 -9.74
N PRO M 465 -85.37 -53.60 -10.43
CA PRO M 465 -85.91 -52.90 -11.59
C PRO M 465 -86.40 -51.45 -11.32
N ILE M 466 -86.61 -51.10 -10.04
CA ILE M 466 -87.11 -49.79 -9.65
C ILE M 466 -86.02 -48.76 -9.52
N ASP M 467 -84.99 -49.13 -8.79
CA ASP M 467 -83.94 -48.19 -8.51
C ASP M 467 -83.02 -48.01 -9.70
N VAL M 468 -83.16 -46.88 -10.36
CA VAL M 468 -82.39 -46.59 -11.54
C VAL M 468 -81.53 -45.35 -11.34
N ASN M 469 -81.44 -44.87 -10.08
CA ASN M 469 -80.67 -43.67 -9.80
C ASN M 469 -79.68 -43.73 -8.64
N ASN M 470 -79.89 -44.62 -7.66
CA ASN M 470 -79.12 -44.55 -6.43
C ASN M 470 -77.91 -45.46 -6.36
N GLY M 471 -76.83 -44.89 -5.86
CA GLY M 471 -75.58 -45.60 -5.66
C GLY M 471 -75.49 -46.33 -4.33
N LYS M 472 -74.38 -47.02 -4.15
CA LYS M 472 -74.03 -47.84 -2.98
C LYS M 472 -74.26 -47.23 -1.59
N LEU M 473 -73.97 -45.95 -1.38
CA LEU M 473 -74.05 -45.33 -0.05
C LEU M 473 -75.41 -44.70 0.28
N ASN M 474 -76.35 -44.74 -0.66
CA ASN M 474 -77.60 -44.05 -0.47
C ASN M 474 -78.35 -44.53 0.77
N GLY M 475 -78.77 -43.58 1.61
CA GLY M 475 -79.56 -43.89 2.80
C GLY M 475 -78.76 -44.11 4.08
N ARG M 476 -77.43 -44.17 4.02
CA ARG M 476 -76.66 -44.38 5.25
C ARG M 476 -76.26 -43.10 5.95
N LEU M 477 -75.96 -43.23 7.24
CA LEU M 477 -75.49 -42.14 8.09
C LEU M 477 -74.00 -41.95 8.00
N LEU M 478 -73.50 -40.74 8.22
CA LEU M 478 -72.05 -40.58 8.20
C LEU M 478 -71.30 -41.49 9.13
N SER M 479 -71.76 -41.61 10.35
CA SER M 479 -71.05 -42.46 11.30
C SER M 479 -71.01 -43.94 10.90
N ASP M 480 -71.87 -44.38 9.98
CA ASP M 480 -71.91 -45.76 9.51
C ASP M 480 -71.19 -46.01 8.18
N ILE M 481 -70.55 -44.99 7.59
CA ILE M 481 -69.88 -45.24 6.32
C ILE M 481 -68.39 -45.09 6.43
N GLU M 482 -67.89 -44.63 7.58
CA GLU M 482 -66.45 -44.43 7.68
C GLU M 482 -65.63 -45.66 7.26
N PRO M 483 -65.91 -46.91 7.73
CA PRO M 483 -65.18 -48.09 7.28
C PRO M 483 -65.40 -48.48 5.82
N LEU M 484 -66.50 -48.01 5.19
CA LEU M 484 -66.79 -48.36 3.81
C LEU M 484 -65.90 -47.53 2.90
N ASP M 485 -65.82 -46.25 3.24
CA ASP M 485 -65.04 -45.26 2.52
C ASP M 485 -64.76 -44.08 3.43
N ASN M 486 -63.59 -44.06 4.09
CA ASN M 486 -63.35 -42.99 5.02
C ASN M 486 -62.93 -41.73 4.30
N ALA M 487 -62.81 -41.79 2.97
CA ALA M 487 -62.49 -40.61 2.21
C ALA M 487 -63.75 -39.79 2.08
N THR M 488 -64.90 -40.48 1.98
CA THR M 488 -66.18 -39.82 1.85
C THR M 488 -66.53 -39.26 3.18
N TYR M 489 -66.38 -40.06 4.22
CA TYR M 489 -66.70 -39.61 5.56
C TYR M 489 -65.92 -38.35 5.92
N ASN M 490 -64.60 -38.38 5.72
CA ASN M 490 -63.80 -37.23 6.05
C ASN M 490 -64.10 -36.02 5.17
N THR M 491 -64.36 -36.22 3.87
CA THR M 491 -64.64 -35.10 2.99
C THR M 491 -65.92 -34.41 3.43
N ILE M 492 -66.93 -35.19 3.77
CA ILE M 492 -68.18 -34.61 4.18
C ILE M 492 -68.01 -33.78 5.44
N LEU M 493 -67.30 -34.30 6.44
CA LEU M 493 -67.13 -33.52 7.67
C LEU M 493 -66.42 -32.21 7.37
N LEU M 494 -65.44 -32.24 6.47
CA LEU M 494 -64.74 -31.02 6.12
C LEU M 494 -65.70 -30.02 5.48
N GLU M 495 -66.59 -30.48 4.59
CA GLU M 495 -67.57 -29.60 3.99
C GLU M 495 -68.58 -29.06 5.00
N ILE M 496 -69.01 -29.87 5.97
CA ILE M 496 -69.98 -29.39 6.95
C ILE M 496 -69.40 -28.20 7.70
N ASN M 497 -68.10 -28.28 7.96
CA ASN M 497 -67.31 -27.30 8.75
C ASN M 497 -67.18 -25.96 8.02
N SER M 498 -67.53 -25.91 6.74
CA SER M 498 -67.35 -24.66 6.01
C SER M 498 -68.51 -23.70 6.26
N HIS M 499 -69.60 -24.17 6.89
CA HIS M 499 -70.76 -23.33 7.17
C HIS M 499 -70.62 -22.57 8.49
N LYS M 500 -70.85 -21.26 8.45
CA LYS M 500 -70.69 -20.43 9.65
C LYS M 500 -72.01 -19.90 10.20
N VAL M 501 -71.95 -19.52 11.48
CA VAL M 501 -73.03 -18.95 12.27
C VAL M 501 -73.29 -17.45 11.96
N THR M 502 -74.56 -17.05 11.84
CA THR M 502 -74.95 -15.64 11.59
C THR M 502 -75.74 -15.13 12.80
N LEU M 503 -75.34 -13.97 13.34
CA LEU M 503 -75.97 -13.43 14.55
C LEU M 503 -76.41 -11.94 14.46
N PRO M 504 -77.45 -11.52 15.20
CA PRO M 504 -77.79 -10.12 15.44
C PRO M 504 -76.56 -9.53 16.11
N PRO M 505 -76.23 -8.25 15.95
CA PRO M 505 -75.04 -7.59 16.47
C PRO M 505 -75.04 -7.10 17.93
N SER M 506 -76.09 -7.35 18.70
CA SER M 506 -76.18 -6.74 20.03
C SER M 506 -75.14 -7.19 21.07
N SER M 507 -74.66 -8.43 21.00
CA SER M 507 -73.71 -8.87 22.01
C SER M 507 -72.32 -8.37 21.68
N SER M 508 -72.08 -8.19 20.38
CA SER M 508 -70.82 -7.68 19.90
C SER M 508 -70.72 -6.23 20.32
N MET M 509 -71.85 -5.51 20.23
CA MET M 509 -71.82 -4.12 20.66
C MET M 509 -71.61 -3.98 22.16
N ALA M 510 -72.20 -4.86 22.98
CA ALA M 510 -71.95 -4.75 24.42
C ALA M 510 -70.45 -4.89 24.70
N GLY M 511 -69.79 -5.82 23.97
CA GLY M 511 -68.35 -6.02 24.07
C GLY M 511 -67.62 -4.73 23.67
N ALA M 512 -67.98 -4.17 22.52
CA ALA M 512 -67.38 -2.96 22.01
C ALA M 512 -67.53 -1.77 22.98
N TYR M 513 -68.68 -1.66 23.66
CA TYR M 513 -68.87 -0.58 24.62
C TYR M 513 -67.83 -0.68 25.73
N ALA M 514 -67.60 -1.91 26.22
CA ALA M 514 -66.60 -2.11 27.27
C ALA M 514 -65.19 -1.69 26.82
N ARG M 515 -64.82 -2.02 25.57
CA ARG M 515 -63.50 -1.61 25.10
C ARG M 515 -63.33 -0.10 25.07
N VAL M 516 -64.33 0.63 24.58
CA VAL M 516 -64.18 2.07 24.52
C VAL M 516 -64.06 2.68 25.91
N ASP M 517 -64.90 2.22 26.85
CA ASP M 517 -64.85 2.80 28.19
C ASP M 517 -63.45 2.64 28.81
N ASN M 518 -62.79 1.50 28.57
CA ASN M 518 -61.45 1.28 29.10
C ASN M 518 -60.32 2.04 28.39
N ASP M 519 -60.35 2.13 27.06
CA ASP M 519 -59.25 2.80 26.38
C ASP M 519 -59.40 4.31 26.20
N ARG M 520 -60.62 4.82 26.03
CA ARG M 520 -60.79 6.24 25.81
C ARG M 520 -61.66 6.95 26.85
N GLY M 521 -62.61 6.25 27.44
CA GLY M 521 -63.52 6.83 28.42
C GLY M 521 -64.97 6.88 27.95
N VAL M 522 -65.88 6.78 28.91
CA VAL M 522 -67.34 6.75 28.71
C VAL M 522 -67.90 7.99 28.02
N TRP M 523 -67.14 9.07 28.01
CA TRP M 523 -67.59 10.30 27.37
C TRP M 523 -67.26 10.35 25.87
N LYS M 524 -66.65 9.31 25.31
CA LYS M 524 -66.37 9.26 23.88
C LYS M 524 -67.36 8.37 23.15
N SER M 525 -67.71 8.75 21.91
CA SER M 525 -68.67 7.98 21.13
C SER M 525 -68.24 6.55 20.84
N PRO M 526 -69.13 5.55 21.01
CA PRO M 526 -68.91 4.16 20.70
C PRO M 526 -69.08 3.90 19.20
N ALA M 527 -68.17 4.44 18.40
CA ALA M 527 -68.22 4.33 16.95
C ALA M 527 -66.80 4.41 16.39
N ASN M 528 -66.64 4.00 15.12
CA ASN M 528 -65.36 3.91 14.43
C ASN M 528 -64.49 2.90 15.18
N ILE M 529 -65.15 1.79 15.51
CA ILE M 529 -64.66 0.63 16.24
C ILE M 529 -64.67 -0.58 15.35
N GLY M 530 -63.57 -1.31 15.27
CA GLY M 530 -63.59 -2.55 14.50
C GLY M 530 -64.13 -3.68 15.39
N LEU M 531 -64.88 -4.60 14.80
CA LEU M 531 -65.41 -5.74 15.54
C LEU M 531 -64.54 -6.99 15.38
N ASN M 532 -64.43 -7.78 16.43
CA ASN M 532 -63.65 -9.02 16.37
C ASN M 532 -64.53 -10.17 15.96
N TYR M 533 -63.94 -11.17 15.31
CA TYR M 533 -64.64 -12.37 14.86
C TYR M 533 -65.77 -12.09 13.90
N VAL M 534 -65.62 -11.07 13.06
CA VAL M 534 -66.64 -10.77 12.08
C VAL M 534 -66.04 -10.83 10.71
N SER M 535 -66.64 -11.64 9.86
CA SER M 535 -66.20 -11.81 8.48
C SER M 535 -66.70 -10.63 7.67
N LYS M 536 -68.01 -10.39 7.77
CA LYS M 536 -68.65 -9.29 7.05
C LYS M 536 -70.07 -9.05 7.55
N PRO M 537 -70.68 -7.88 7.30
CA PRO M 537 -72.11 -7.59 7.44
C PRO M 537 -72.88 -8.50 6.51
N SER M 538 -74.08 -8.94 6.89
CA SER M 538 -74.90 -9.76 6.01
C SER M 538 -75.52 -8.99 4.84
N VAL M 539 -75.76 -7.70 5.02
CA VAL M 539 -76.34 -6.83 4.01
C VAL M 539 -75.45 -5.63 3.78
N THR M 540 -75.15 -5.31 2.53
CA THR M 540 -74.33 -4.13 2.25
C THR M 540 -75.16 -2.86 2.29
N VAL M 541 -74.66 -1.85 3.02
CA VAL M 541 -75.32 -0.56 3.12
C VAL M 541 -74.43 0.48 2.46
N SER M 542 -74.96 1.15 1.45
CA SER M 542 -74.22 2.16 0.69
C SER M 542 -74.24 3.48 1.43
N HIS M 543 -73.49 4.46 0.92
CA HIS M 543 -73.47 5.79 1.51
C HIS M 543 -74.86 6.44 1.47
N GLU M 544 -75.46 6.47 0.30
CA GLU M 544 -76.76 7.09 0.11
C GLU M 544 -77.86 6.42 0.92
N GLU M 545 -77.78 5.11 1.05
CA GLU M 545 -78.74 4.32 1.79
C GLU M 545 -78.75 4.62 3.28
N GLN M 546 -77.69 5.21 3.82
CA GLN M 546 -77.63 5.47 5.23
C GLN M 546 -78.21 6.82 5.58
N GLU M 547 -78.51 7.66 4.59
CA GLU M 547 -78.96 9.01 4.95
C GLU M 547 -80.22 8.99 5.80
N SER M 548 -81.16 8.10 5.49
CA SER M 548 -82.42 7.96 6.20
C SER M 548 -82.30 7.17 7.50
N MET M 549 -81.13 6.59 7.75
CA MET M 549 -80.90 5.84 8.97
C MET M 549 -80.40 6.80 10.03
N ASN M 550 -79.56 7.77 9.63
CA ASN M 550 -78.98 8.70 10.60
C ASN M 550 -79.95 9.84 10.90
N VAL M 551 -80.64 10.35 9.88
CA VAL M 551 -81.57 11.47 10.06
C VAL M 551 -82.94 11.09 9.49
N HIS M 552 -83.98 11.28 10.29
CA HIS M 552 -85.32 10.91 9.88
C HIS M 552 -86.36 11.74 10.62
N GLY M 553 -87.50 11.98 9.96
CA GLY M 553 -88.60 12.76 10.52
C GLY M 553 -89.09 12.31 11.90
N THR M 554 -89.00 11.01 12.19
CA THR M 554 -89.43 10.51 13.50
C THR M 554 -88.39 10.59 14.60
N GLY M 555 -87.13 10.79 14.25
CA GLY M 555 -86.02 10.82 15.20
C GLY M 555 -85.53 9.42 15.58
N LYS M 556 -86.18 8.37 15.06
CA LYS M 556 -85.83 6.99 15.42
C LYS M 556 -84.69 6.46 14.57
N SER M 557 -83.51 6.98 14.85
CA SER M 557 -82.27 6.69 14.16
C SER M 557 -81.81 5.26 14.35
N VAL M 558 -81.11 4.73 13.35
CA VAL M 558 -80.50 3.41 13.39
C VAL M 558 -79.02 3.53 13.01
N ASN M 559 -78.12 2.95 13.80
CA ASN M 559 -76.69 3.03 13.51
C ASN M 559 -76.33 1.92 12.51
N ALA M 560 -75.29 2.11 11.70
CA ALA M 560 -74.99 1.09 10.69
C ALA M 560 -73.69 0.34 10.91
N ILE M 561 -73.70 -0.92 10.54
CA ILE M 561 -72.45 -1.69 10.54
C ILE M 561 -71.99 -1.76 9.08
N ARG M 562 -70.79 -1.25 8.80
CA ARG M 562 -70.30 -1.15 7.42
C ARG M 562 -68.87 -1.65 7.20
N SER M 563 -68.61 -2.13 5.99
CA SER M 563 -67.29 -2.61 5.59
C SER M 563 -66.46 -1.56 4.88
N PHE M 564 -65.25 -1.34 5.38
CA PHE M 564 -64.34 -0.36 4.80
C PHE M 564 -63.09 -1.04 4.24
N VAL M 565 -62.61 -0.54 3.11
CA VAL M 565 -61.46 -1.15 2.48
C VAL M 565 -60.21 -0.89 3.28
N GLY M 566 -59.53 -1.98 3.63
CA GLY M 566 -58.30 -1.94 4.41
C GLY M 566 -58.54 -1.81 5.90
N LYS M 567 -59.81 -1.76 6.34
CA LYS M 567 -60.09 -1.59 7.75
C LYS M 567 -60.93 -2.73 8.33
N GLY M 568 -61.83 -3.31 7.53
CA GLY M 568 -62.70 -4.36 8.02
C GLY M 568 -64.04 -3.80 8.45
N THR M 569 -64.74 -4.53 9.31
CA THR M 569 -66.10 -4.14 9.67
C THR M 569 -66.09 -3.16 10.82
N LEU M 570 -66.66 -1.96 10.58
CA LEU M 570 -66.70 -0.89 11.57
C LEU M 570 -68.10 -0.48 11.98
N VAL M 571 -68.21 0.01 13.20
CA VAL M 571 -69.46 0.59 13.70
C VAL M 571 -69.54 2.05 13.22
N TRP M 572 -70.53 2.38 12.41
CA TRP M 572 -70.59 3.73 11.85
C TRP M 572 -71.84 4.50 12.32
N GLY M 573 -71.63 5.47 13.21
CA GLY M 573 -72.73 6.23 13.81
C GLY M 573 -72.95 5.91 15.29
N ALA M 574 -73.35 6.91 16.06
CA ALA M 574 -73.57 6.72 17.49
C ALA M 574 -74.71 7.57 18.06
N ARG M 575 -75.88 7.48 17.45
CA ARG M 575 -77.03 8.24 17.96
C ARG M 575 -78.02 7.33 18.68
N THR M 576 -78.88 7.95 19.49
CA THR M 576 -79.94 7.27 20.26
C THR M 576 -81.25 7.28 19.47
N LEU M 577 -82.29 6.67 20.03
CA LEU M 577 -83.61 6.62 19.39
C LEU M 577 -84.37 7.95 19.48
N ALA M 578 -83.74 8.99 19.99
CA ALA M 578 -84.28 10.33 20.08
C ALA M 578 -83.29 11.27 19.37
N GLY M 579 -83.03 11.00 18.09
CA GLY M 579 -82.00 11.63 17.28
C GLY M 579 -82.13 13.11 17.00
N ASN M 580 -83.31 13.67 17.23
CA ASN M 580 -83.51 15.09 17.01
C ASN M 580 -83.51 15.86 18.32
N ASP M 581 -83.16 15.19 19.41
CA ASP M 581 -83.13 15.78 20.73
C ASP M 581 -81.85 16.59 20.96
N ASN M 582 -82.02 17.89 21.12
CA ASN M 582 -80.90 18.80 21.25
C ASN M 582 -79.98 18.49 22.45
N GLU M 583 -80.51 17.82 23.47
CA GLU M 583 -79.69 17.50 24.63
C GLU M 583 -79.28 16.04 24.66
N TRP M 584 -80.18 15.14 24.26
CA TRP M 584 -79.92 13.70 24.37
C TRP M 584 -79.69 12.87 23.10
N ARG M 585 -79.55 13.46 21.91
CA ARG M 585 -79.33 12.67 20.69
C ARG M 585 -78.06 11.79 20.64
N TYR M 586 -76.99 12.11 21.38
CA TYR M 586 -75.78 11.29 21.31
C TYR M 586 -75.68 10.28 22.43
N ILE M 587 -75.21 9.08 22.09
CA ILE M 587 -75.09 7.99 23.07
C ILE M 587 -74.15 8.35 24.20
N SER M 588 -72.99 8.93 23.87
CA SER M 588 -71.98 9.30 24.86
C SER M 588 -72.41 10.36 25.85
N VAL M 589 -73.43 11.14 25.53
CA VAL M 589 -73.86 12.15 26.47
C VAL M 589 -74.76 11.44 27.45
N ARG M 590 -75.71 10.65 26.95
CA ARG M 590 -76.59 9.93 27.84
C ARG M 590 -75.82 9.01 28.78
N ARG M 591 -74.85 8.24 28.25
CA ARG M 591 -74.08 7.33 29.08
C ARG M 591 -73.20 8.06 30.10
N PHE M 592 -72.57 9.18 29.72
CA PHE M 592 -71.77 9.94 30.68
C PHE M 592 -72.62 10.38 31.86
N PHE M 593 -73.79 10.95 31.58
CA PHE M 593 -74.66 11.36 32.67
C PHE M 593 -75.06 10.18 33.55
N ASN M 594 -75.44 9.03 32.97
CA ASN M 594 -75.83 7.92 33.84
C ASN M 594 -74.69 7.54 34.78
N MET M 595 -73.46 7.53 34.27
CA MET M 595 -72.29 7.19 35.07
C MET M 595 -72.10 8.18 36.21
N ALA M 596 -72.10 9.47 35.90
CA ALA M 596 -71.87 10.47 36.92
C ALA M 596 -72.94 10.43 37.99
N GLU M 597 -74.20 10.24 37.60
CA GLU M 597 -75.28 10.22 38.55
C GLU M 597 -75.19 9.03 39.50
N GLU M 598 -74.84 7.86 38.98
CA GLU M 598 -74.72 6.68 39.83
C GLU M 598 -73.58 6.84 40.85
N SER M 599 -72.43 7.33 40.40
CA SER M 599 -71.29 7.49 41.30
C SER M 599 -71.59 8.49 42.41
N ILE M 600 -72.25 9.59 42.07
CA ILE M 600 -72.56 10.56 43.09
C ILE M 600 -73.55 9.99 44.09
N LYS M 601 -74.65 9.35 43.66
CA LYS M 601 -75.53 8.92 44.73
C LYS M 601 -74.87 7.90 45.66
N LYS M 602 -73.96 7.04 45.16
CA LYS M 602 -73.33 6.12 46.10
C LYS M 602 -72.57 6.89 47.16
N ALA M 603 -71.88 7.94 46.75
CA ALA M 603 -71.15 8.80 47.66
C ALA M 603 -72.05 9.55 48.66
N THR M 604 -73.27 9.93 48.26
CA THR M 604 -74.17 10.68 49.17
C THR M 604 -74.91 9.81 50.18
N GLU M 605 -74.97 8.50 49.96
CA GLU M 605 -75.69 7.62 50.90
C GLU M 605 -75.15 7.67 52.34
N GLN M 606 -73.87 7.95 52.53
CA GLN M 606 -73.29 8.04 53.85
C GLN M 606 -73.92 9.14 54.73
N PHE M 607 -74.67 10.08 54.14
CA PHE M 607 -75.28 11.18 54.88
C PHE M 607 -76.79 11.03 55.10
N VAL M 608 -77.37 9.86 54.79
CA VAL M 608 -78.83 9.72 54.87
C VAL M 608 -79.48 10.01 56.22
N PHE M 609 -78.90 9.59 57.32
CA PHE M 609 -79.56 9.84 58.60
C PHE M 609 -78.93 10.98 59.41
N GLU M 610 -78.20 11.86 58.76
CA GLU M 610 -77.57 12.99 59.43
C GLU M 610 -78.58 14.12 59.66
N PRO M 611 -78.38 15.02 60.64
CA PRO M 611 -79.19 16.20 60.91
C PRO M 611 -79.32 17.10 59.69
N ASN M 612 -80.50 17.65 59.45
CA ASN M 612 -80.66 18.50 58.28
C ASN M 612 -80.38 19.94 58.67
N ASP M 613 -79.12 20.33 58.53
CA ASP M 613 -78.65 21.66 58.92
C ASP M 613 -77.40 22.06 58.14
N GLY M 614 -76.91 23.26 58.40
CA GLY M 614 -75.77 23.86 57.71
C GLY M 614 -74.48 23.04 57.74
N ASN M 615 -74.24 22.32 58.80
CA ASN M 615 -73.02 21.53 58.86
C ASN M 615 -73.02 20.40 57.82
N THR M 616 -74.21 19.84 57.56
CA THR M 616 -74.35 18.73 56.64
C THR M 616 -74.30 19.28 55.24
N TRP M 617 -75.00 20.39 55.03
CA TRP M 617 -75.08 20.97 53.70
C TRP M 617 -73.68 21.25 53.17
N VAL M 618 -72.80 21.80 54.03
CA VAL M 618 -71.43 22.05 53.62
C VAL M 618 -70.67 20.76 53.30
N ARG M 619 -70.78 19.74 54.15
CA ARG M 619 -70.05 18.47 53.90
C ARG M 619 -70.51 17.84 52.58
N VAL M 620 -71.80 17.85 52.28
CA VAL M 620 -72.31 17.24 51.06
C VAL M 620 -71.80 17.98 49.83
N ARG M 621 -71.89 19.31 49.87
CA ARG M 621 -71.42 20.12 48.76
C ARG M 621 -69.96 19.88 48.48
N ALA M 622 -69.11 19.92 49.50
CA ALA M 622 -67.69 19.74 49.28
C ALA M 622 -67.38 18.40 48.64
N MET M 623 -68.05 17.33 49.08
CA MET M 623 -67.83 16.02 48.54
C MET M 623 -68.15 15.94 47.04
N ILE M 624 -69.28 16.51 46.64
CA ILE M 624 -69.70 16.49 45.25
C ILE M 624 -68.73 17.28 44.38
N GLU M 625 -68.32 18.47 44.83
CA GLU M 625 -67.39 19.27 44.04
C GLU M 625 -66.06 18.52 43.84
N ASN M 626 -65.55 17.82 44.86
CA ASN M 626 -64.29 17.12 44.67
C ASN M 626 -64.39 16.05 43.56
N PHE M 627 -65.51 15.34 43.51
CA PHE M 627 -65.74 14.35 42.46
C PHE M 627 -65.67 15.01 41.08
N LEU M 628 -66.41 16.10 40.93
CA LEU M 628 -66.47 16.79 39.64
C LEU M 628 -65.13 17.38 39.21
N ILE M 629 -64.31 17.85 40.16
CA ILE M 629 -62.99 18.38 39.83
C ILE M 629 -62.16 17.28 39.21
N LEU M 630 -62.18 16.08 39.77
CA LEU M 630 -61.42 14.98 39.19
C LEU M 630 -61.92 14.63 37.77
N GLN M 631 -63.24 14.68 37.52
CA GLN M 631 -63.75 14.39 36.18
C GLN M 631 -63.26 15.44 35.19
N TRP M 632 -63.19 16.69 35.65
CA TRP M 632 -62.65 17.77 34.85
C TRP M 632 -61.17 17.56 34.55
N ARG M 633 -60.39 17.22 35.56
CA ARG M 633 -58.95 17.03 35.41
C ARG M 633 -58.65 15.95 34.37
N ALA M 634 -59.47 14.91 34.32
CA ALA M 634 -59.33 13.79 33.40
C ALA M 634 -59.82 14.09 31.97
N GLY M 635 -60.38 15.27 31.74
CA GLY M 635 -60.87 15.66 30.42
C GLY M 635 -62.32 15.29 30.08
N ALA M 636 -63.15 14.93 31.06
CA ALA M 636 -64.52 14.56 30.74
C ALA M 636 -65.42 15.78 30.53
N LEU M 637 -65.13 16.86 31.24
CA LEU M 637 -65.93 18.09 31.20
C LEU M 637 -65.24 19.20 30.44
N ALA M 638 -66.05 20.06 29.84
CA ALA M 638 -65.58 21.24 29.12
C ALA M 638 -65.18 22.35 30.09
N GLY M 639 -64.34 23.29 29.64
CA GLY M 639 -63.99 24.46 30.45
C GLY M 639 -62.49 24.60 30.80
N ALA M 640 -61.98 25.84 30.69
CA ALA M 640 -60.58 26.16 30.99
C ALA M 640 -60.17 25.90 32.45
N LYS M 641 -61.11 26.11 33.36
CA LYS M 641 -60.94 25.94 34.80
C LYS M 641 -62.24 25.31 35.31
N PRO M 642 -62.27 24.60 36.46
CA PRO M 642 -63.46 23.98 37.04
C PRO M 642 -64.66 24.94 37.11
N GLU M 643 -64.40 26.22 37.35
CA GLU M 643 -65.42 27.26 37.42
C GLU M 643 -66.31 27.37 36.17
N HIS M 644 -65.83 26.86 35.05
CA HIS M 644 -66.52 26.90 33.78
C HIS M 644 -67.09 25.54 33.40
N ALA M 645 -66.81 24.52 34.21
CA ALA M 645 -67.20 23.15 33.92
C ALA M 645 -68.46 22.75 34.67
N PHE M 646 -68.60 23.21 35.90
CA PHE M 646 -69.75 22.80 36.70
C PHE M 646 -70.08 23.74 37.84
N TYR M 647 -71.28 23.54 38.41
CA TYR M 647 -71.64 24.20 39.66
C TYR M 647 -72.45 23.27 40.55
N VAL M 648 -72.39 23.51 41.87
CA VAL M 648 -73.18 22.80 42.88
C VAL M 648 -73.80 23.82 43.85
N LYS M 649 -75.12 23.76 44.08
CA LYS M 649 -75.80 24.68 45.00
C LYS M 649 -76.69 23.98 46.03
N VAL M 650 -76.64 24.45 47.26
CA VAL M 650 -77.50 23.95 48.32
C VAL M 650 -77.66 24.98 49.42
N GLY M 651 -78.88 25.15 49.92
CA GLY M 651 -79.07 26.04 51.04
C GLY M 651 -80.50 26.52 51.24
N LEU M 652 -80.76 27.02 52.44
CA LEU M 652 -82.07 27.52 52.74
C LEU M 652 -82.22 28.85 52.05
N GLY M 653 -83.26 29.00 51.25
CA GLY M 653 -83.47 30.20 50.47
C GLY M 653 -82.90 30.06 49.05
N GLN M 654 -82.11 29.01 48.79
CA GLN M 654 -81.55 28.81 47.47
C GLN M 654 -82.19 27.62 46.82
N THR M 655 -82.21 26.49 47.52
CA THR M 655 -82.78 25.27 46.99
C THR M 655 -83.88 24.70 47.88
N MET M 656 -83.92 25.13 49.15
CA MET M 656 -84.87 24.62 50.14
C MET M 656 -85.69 25.71 50.79
N THR M 657 -86.90 25.33 51.23
CA THR M 657 -87.70 26.25 52.02
C THR M 657 -88.00 25.71 53.41
N ALA M 658 -88.71 26.49 54.21
CA ALA M 658 -89.00 26.10 55.60
C ALA M 658 -89.74 24.78 55.68
N GLN M 659 -90.63 24.57 54.72
CA GLN M 659 -91.44 23.37 54.61
C GLN M 659 -90.59 22.13 54.37
N ASP M 660 -89.45 22.27 53.69
CA ASP M 660 -88.62 21.14 53.38
C ASP M 660 -87.85 20.78 54.60
N ILE M 661 -87.49 21.79 55.38
CA ILE M 661 -86.73 21.48 56.56
C ILE M 661 -87.66 20.68 57.48
N LEU M 662 -88.91 21.14 57.63
CA LEU M 662 -89.88 20.46 58.50
C LEU M 662 -90.16 19.02 58.08
N GLU M 663 -90.23 18.75 56.78
CA GLU M 663 -90.49 17.40 56.29
C GLU M 663 -89.25 16.52 56.15
N GLY M 664 -88.06 17.04 56.48
CA GLY M 664 -86.84 16.27 56.35
C GLY M 664 -86.24 16.17 54.94
N ASN M 665 -86.54 17.11 54.03
CA ASN M 665 -85.99 17.04 52.69
C ASN M 665 -84.70 17.84 52.57
N MET M 666 -83.83 17.44 51.65
CA MET M 666 -82.63 18.19 51.32
C MET M 666 -82.48 18.27 49.81
N ASN M 667 -82.36 19.49 49.28
CA ASN M 667 -82.30 19.72 47.85
C ASN M 667 -80.95 20.20 47.31
N VAL M 668 -80.33 19.44 46.44
CA VAL M 668 -79.04 19.86 45.89
C VAL M 668 -79.13 20.00 44.37
N GLU M 669 -78.70 21.15 43.84
CA GLU M 669 -78.74 21.38 42.39
C GLU M 669 -77.35 21.34 41.78
N ILE M 670 -77.21 20.60 40.67
CA ILE M 670 -75.93 20.40 39.98
C ILE M 670 -76.02 20.66 38.48
N GLY M 671 -75.05 21.38 37.91
CA GLY M 671 -75.02 21.59 36.45
C GLY M 671 -73.67 21.20 35.87
N LEU M 672 -73.68 20.64 34.63
CA LEU M 672 -72.44 20.17 33.97
C LEU M 672 -72.25 20.63 32.51
N ALA M 673 -71.03 21.03 32.12
CA ALA M 673 -70.69 21.36 30.74
C ALA M 673 -70.10 20.15 30.00
N VAL M 674 -70.87 19.58 29.06
CA VAL M 674 -70.48 18.35 28.35
C VAL M 674 -70.22 18.57 26.85
N VAL M 675 -69.10 18.02 26.38
CA VAL M 675 -68.59 18.09 25.00
C VAL M 675 -69.28 17.13 24.02
N ARG M 676 -69.68 17.64 22.85
CA ARG M 676 -70.33 16.86 21.81
C ARG M 676 -69.43 16.73 20.56
N PRO M 677 -69.46 15.57 19.85
CA PRO M 677 -68.66 15.22 18.67
C PRO M 677 -69.06 15.90 17.36
N ALA M 678 -68.09 16.01 16.45
CA ALA M 678 -68.37 16.44 15.08
C ALA M 678 -68.67 15.21 14.22
N GLU M 679 -69.58 15.35 13.26
CA GLU M 679 -69.87 14.24 12.35
C GLU M 679 -69.44 14.42 10.90
N PHE M 680 -69.25 15.66 10.43
CA PHE M 680 -69.01 15.81 9.00
C PHE M 680 -67.73 16.57 8.69
N ILE M 681 -66.99 16.07 7.72
CA ILE M 681 -65.76 16.70 7.24
C ILE M 681 -65.88 16.95 5.75
N ILE M 682 -65.71 18.20 5.35
CA ILE M 682 -65.85 18.57 3.95
C ILE M 682 -64.52 19.05 3.36
N LEU M 683 -64.10 18.39 2.29
CA LEU M 683 -62.87 18.77 1.64
C LEU M 683 -63.19 19.53 0.37
N LYS M 684 -62.36 20.50 0.01
CA LYS M 684 -62.56 21.25 -1.20
C LYS M 684 -61.26 21.30 -1.98
N PHE M 685 -61.34 21.16 -3.29
CA PHE M 685 -60.15 21.14 -4.13
C PHE M 685 -60.21 22.18 -5.21
N SER M 686 -59.05 22.64 -5.64
CA SER M 686 -58.92 23.63 -6.69
C SER M 686 -57.55 23.57 -7.34
N HIS M 687 -57.39 24.29 -8.44
CA HIS M 687 -56.12 24.39 -9.14
C HIS M 687 -55.37 25.61 -8.65
N LYS M 688 -54.23 25.37 -8.02
CA LYS M 688 -53.44 26.45 -7.47
C LYS M 688 -53.00 27.43 -8.54
N MET M 689 -53.18 28.71 -8.26
CA MET M 689 -52.79 29.76 -9.19
C MET M 689 -52.33 31.00 -8.44
N GLN M 690 -51.57 31.84 -9.13
CA GLN M 690 -51.12 33.11 -8.57
C GLN M 690 -52.29 33.93 -8.04
N THR N 3 0.97 -41.21 67.77
CA THR N 3 2.10 -40.64 68.48
C THR N 3 3.30 -40.44 67.59
N TYR N 4 3.78 -39.21 67.52
CA TYR N 4 4.95 -38.89 66.74
C TYR N 4 5.93 -38.25 67.68
N LYS N 5 7.22 -38.45 67.44
CA LYS N 5 8.23 -37.86 68.31
C LYS N 5 9.12 -36.79 67.67
N THR N 6 9.26 -36.84 66.37
CA THR N 6 10.14 -35.91 65.69
C THR N 6 9.29 -34.87 64.94
N PRO N 7 9.50 -33.56 65.11
CA PRO N 7 8.81 -32.51 64.39
C PRO N 7 9.00 -32.73 62.90
N GLY N 8 7.98 -32.48 62.09
CA GLY N 8 8.17 -32.67 60.67
C GLY N 8 6.93 -33.17 59.95
N VAL N 9 7.12 -33.56 58.70
CA VAL N 9 6.06 -34.04 57.85
C VAL N 9 6.13 -35.54 57.65
N TYR N 10 5.02 -36.21 57.92
CA TYR N 10 4.93 -37.65 57.79
C TYR N 10 4.09 -38.03 56.58
N ILE N 11 4.44 -39.14 55.92
CA ILE N 11 3.71 -39.60 54.75
C ILE N 11 3.11 -40.99 54.90
N GLU N 12 1.82 -41.10 54.59
CA GLU N 12 1.08 -42.35 54.65
C GLU N 12 0.30 -42.59 53.35
N GLU N 13 0.02 -43.86 53.03
CA GLU N 13 -0.76 -44.18 51.83
C GLU N 13 -1.99 -45.02 52.20
N ILE N 14 -3.17 -44.47 51.95
CA ILE N 14 -4.44 -45.10 52.30
C ILE N 14 -5.44 -45.10 51.15
N THR N 15 -6.50 -45.91 51.29
CA THR N 15 -7.63 -45.90 50.35
C THR N 15 -8.95 -45.66 51.08
N LYS N 16 -9.73 -44.66 50.64
CA LYS N 16 -11.03 -44.37 51.27
C LYS N 16 -11.85 -43.38 50.46
N PHE N 17 -13.13 -43.26 50.80
CA PHE N 17 -13.96 -42.19 50.24
C PHE N 17 -13.63 -40.93 51.04
N PRO N 18 -13.68 -39.74 50.43
CA PRO N 18 -13.49 -38.48 51.11
C PRO N 18 -14.63 -38.23 52.11
N PRO N 19 -14.38 -37.51 53.21
CA PRO N 19 -15.31 -37.13 54.27
C PRO N 19 -16.31 -36.04 53.88
N SER N 20 -17.39 -35.93 54.66
CA SER N 20 -18.40 -34.86 54.48
C SER N 20 -19.10 -34.53 55.79
N VAL N 21 -19.29 -33.23 56.03
CA VAL N 21 -19.96 -32.68 57.21
C VAL N 21 -20.98 -31.59 56.83
N ALA N 22 -21.87 -31.25 57.76
CA ALA N 22 -22.84 -30.17 57.55
C ALA N 22 -23.31 -29.57 58.86
N GLN N 23 -23.81 -28.34 58.79
CA GLN N 23 -24.38 -27.63 59.93
C GLN N 23 -25.90 -27.63 59.81
N VAL N 24 -26.55 -28.32 60.74
CA VAL N 24 -28.00 -28.50 60.71
C VAL N 24 -28.62 -28.13 62.06
N GLU N 25 -29.65 -27.28 62.02
CA GLU N 25 -30.34 -26.89 63.25
C GLU N 25 -31.72 -27.52 63.49
N THR N 26 -32.46 -27.81 62.43
CA THR N 26 -33.86 -28.25 62.56
C THR N 26 -34.16 -29.72 62.24
N ALA N 27 -33.15 -30.52 61.95
CA ALA N 27 -33.40 -31.89 61.55
C ALA N 27 -32.44 -32.85 62.20
N ILE N 28 -32.49 -32.97 63.53
CA ILE N 28 -31.60 -33.84 64.27
C ILE N 28 -32.23 -35.24 64.57
N PRO N 29 -31.78 -36.32 63.94
CA PRO N 29 -32.27 -37.67 64.14
C PRO N 29 -31.64 -38.38 65.32
N ALA N 30 -32.33 -39.38 65.82
CA ALA N 30 -31.72 -40.36 66.69
C ALA N 30 -31.70 -41.71 65.97
N PHE N 31 -30.60 -42.44 66.13
CA PHE N 31 -30.44 -43.78 65.53
C PHE N 31 -30.28 -44.85 66.61
N ILE N 32 -31.21 -45.81 66.65
CA ILE N 32 -31.18 -46.87 67.67
C ILE N 32 -30.76 -48.25 67.09
N GLY N 33 -29.64 -48.83 67.57
CA GLY N 33 -29.16 -50.14 67.02
C GLY N 33 -27.86 -50.71 67.61
N TYR N 34 -27.26 -51.70 66.91
CA TYR N 34 -26.04 -52.39 67.42
C TYR N 34 -24.72 -51.82 66.90
N THR N 35 -23.66 -51.89 67.74
CA THR N 35 -22.32 -51.41 67.36
C THR N 35 -21.21 -52.46 67.61
N GLN N 36 -19.94 -52.15 67.27
CA GLN N 36 -18.87 -53.12 67.60
C GLN N 36 -18.58 -53.10 69.08
N PHE N 37 -18.60 -51.90 69.61
CA PHE N 37 -18.30 -51.61 71.00
C PHE N 37 -18.94 -50.31 71.41
N ALA N 38 -18.93 -49.98 72.69
CA ALA N 38 -19.47 -48.70 73.09
C ALA N 38 -18.71 -48.17 74.31
N ARG N 39 -17.81 -47.23 74.07
CA ARG N 39 -16.95 -46.74 75.17
C ARG N 39 -16.82 -45.24 75.23
N THR N 40 -16.43 -44.72 76.40
CA THR N 40 -16.17 -43.29 76.53
C THR N 40 -14.71 -42.91 76.40
N LYS N 41 -13.82 -43.88 76.61
CA LYS N 41 -12.40 -43.66 76.52
C LYS N 41 -11.82 -44.80 75.70
N PRO N 42 -10.75 -44.58 74.93
CA PRO N 42 -10.05 -45.59 74.12
C PRO N 42 -9.43 -46.73 74.90
N SER N 43 -9.26 -46.55 76.21
CA SER N 43 -8.64 -47.57 77.04
C SER N 43 -9.45 -47.85 78.29
N VAL N 44 -10.43 -48.72 78.12
CA VAL N 44 -11.36 -49.12 79.15
C VAL N 44 -11.44 -50.63 79.15
N ASP N 45 -11.98 -51.21 80.22
CA ASP N 45 -12.17 -52.65 80.28
C ASP N 45 -13.59 -53.13 79.96
N SER N 46 -14.44 -52.23 79.48
CA SER N 46 -15.81 -52.61 79.16
C SER N 46 -16.52 -51.64 78.24
N ASP N 47 -17.78 -51.92 78.02
CA ASP N 47 -18.65 -51.08 77.23
C ASP N 47 -19.39 -50.14 78.18
N ASP N 48 -19.14 -48.85 78.05
CA ASP N 48 -19.65 -47.84 78.96
C ASP N 48 -20.97 -47.24 78.50
N LEU N 49 -21.14 -47.20 77.19
CA LEU N 49 -22.26 -46.51 76.57
C LEU N 49 -23.37 -47.39 76.01
N ILE N 50 -23.57 -48.61 76.51
CA ILE N 50 -24.56 -49.46 75.86
C ILE N 50 -25.96 -48.84 75.82
N LEU N 51 -26.44 -48.24 76.89
CA LEU N 51 -27.75 -47.60 76.83
C LEU N 51 -27.68 -46.13 77.13
N LYS N 52 -26.60 -45.47 76.71
CA LYS N 52 -26.48 -44.05 77.00
C LYS N 52 -26.46 -43.25 75.71
N PRO N 53 -27.40 -42.33 75.47
CA PRO N 53 -27.43 -41.49 74.29
C PRO N 53 -26.18 -40.66 74.22
N LYS N 54 -25.63 -40.51 73.03
CA LYS N 54 -24.49 -39.64 72.86
C LYS N 54 -24.64 -38.81 71.60
N ARG N 55 -24.17 -37.57 71.62
CA ARG N 55 -24.22 -36.74 70.44
C ARG N 55 -22.91 -36.81 69.66
N ILE N 56 -23.05 -37.08 68.36
CA ILE N 56 -22.01 -37.25 67.36
C ILE N 56 -22.03 -36.15 66.29
N SER N 57 -20.88 -35.53 65.99
CA SER N 57 -20.87 -34.47 64.98
C SER N 57 -20.55 -34.94 63.56
N SER N 58 -19.89 -36.07 63.44
CA SER N 58 -19.46 -36.59 62.13
C SER N 58 -19.17 -38.08 62.22
N LEU N 59 -18.94 -38.71 61.07
CA LEU N 59 -18.65 -40.13 61.06
C LEU N 59 -17.37 -40.49 61.86
N LEU N 60 -16.37 -39.59 61.92
CA LEU N 60 -15.15 -39.86 62.68
C LEU N 60 -15.44 -40.00 64.17
N ASP N 61 -16.38 -39.19 64.68
CA ASP N 61 -16.74 -39.27 66.08
C ASP N 61 -17.44 -40.57 66.32
N PHE N 62 -18.28 -40.98 65.39
CA PHE N 62 -18.96 -42.25 65.57
C PHE N 62 -17.95 -43.37 65.72
N THR N 63 -17.02 -43.44 64.76
CA THR N 63 -16.04 -44.52 64.74
C THR N 63 -15.25 -44.57 66.04
N THR N 64 -14.83 -43.41 66.51
CA THR N 64 -14.08 -43.27 67.75
C THR N 64 -14.69 -44.00 68.94
N TYR N 65 -16.03 -43.99 69.10
CA TYR N 65 -16.63 -44.58 70.28
C TYR N 65 -17.39 -45.88 70.01
N TYR N 66 -17.76 -46.12 68.75
CA TYR N 66 -18.58 -47.28 68.40
C TYR N 66 -17.98 -48.31 67.42
N GLY N 67 -16.89 -47.99 66.72
CA GLY N 67 -16.31 -48.89 65.74
C GLY N 67 -16.98 -48.88 64.36
N GLY N 68 -16.60 -49.85 63.52
CA GLY N 68 -17.07 -49.98 62.12
C GLY N 68 -18.09 -51.11 61.89
N ALA N 69 -18.05 -51.70 60.70
CA ALA N 69 -18.94 -52.77 60.27
C ALA N 69 -18.40 -54.16 60.68
N GLN N 70 -19.27 -55.17 60.66
CA GLN N 70 -18.88 -56.55 60.89
C GLN N 70 -18.40 -57.17 59.58
N ASN N 71 -17.34 -57.98 59.61
CA ASN N 71 -16.87 -58.68 58.41
C ASN N 71 -17.91 -59.66 57.90
N GLU N 72 -18.08 -59.74 56.58
CA GLU N 72 -18.98 -60.74 56.00
C GLU N 72 -18.30 -62.10 56.03
N GLN N 73 -19.08 -63.16 56.24
CA GLN N 73 -18.54 -64.53 56.25
C GLN N 73 -19.21 -65.44 55.23
N GLY N 74 -19.89 -64.85 54.25
CA GLY N 74 -20.64 -65.61 53.23
C GLY N 74 -20.06 -65.55 51.81
N ILE N 75 -18.82 -65.10 51.66
CA ILE N 75 -18.20 -64.97 50.34
C ILE N 75 -17.46 -66.24 49.94
N THR N 76 -17.74 -66.77 48.75
CA THR N 76 -17.09 -67.96 48.24
C THR N 76 -16.55 -67.65 46.86
N VAL N 77 -15.62 -68.47 46.35
CA VAL N 77 -15.08 -68.26 45.01
C VAL N 77 -15.03 -69.54 44.17
N LYS N 78 -15.44 -69.48 42.89
CA LYS N 78 -15.35 -70.64 42.01
C LYS N 78 -14.56 -70.34 40.71
N LEU N 79 -13.49 -71.10 40.48
CA LEU N 79 -12.62 -70.92 39.31
C LEU N 79 -12.66 -72.15 38.39
N THR N 80 -12.94 -71.95 37.10
CA THR N 80 -12.97 -73.10 36.17
C THR N 80 -12.04 -72.97 34.94
N ASP N 81 -11.20 -74.00 34.74
CA ASP N 81 -10.23 -74.11 33.63
C ASP N 81 -10.70 -75.02 32.47
N THR N 82 -10.82 -74.45 31.26
CA THR N 82 -11.26 -75.19 30.08
C THR N 82 -10.38 -74.92 28.85
N LEU N 83 -10.58 -75.69 27.77
CA LEU N 83 -9.84 -75.40 26.54
C LEU N 83 -10.72 -74.90 25.41
N ILE N 84 -10.18 -73.95 24.66
CA ILE N 84 -10.82 -73.44 23.45
C ILE N 84 -9.93 -73.71 22.26
N GLU N 85 -10.33 -74.66 21.43
CA GLU N 85 -9.53 -75.07 20.26
C GLU N 85 -8.07 -75.36 20.65
N GLY N 86 -7.88 -75.99 21.80
CA GLY N 86 -6.57 -76.35 22.33
C GLY N 86 -5.90 -75.27 23.21
N ALA N 87 -6.44 -74.05 23.25
CA ALA N 87 -5.87 -72.98 24.05
C ALA N 87 -6.42 -72.97 25.47
N GLU N 88 -5.61 -72.58 26.43
CA GLU N 88 -6.12 -72.46 27.80
C GLU N 88 -7.00 -71.25 27.96
N ASN N 89 -8.04 -71.37 28.79
CA ASN N 89 -8.93 -70.28 29.14
C ASN N 89 -9.56 -70.50 30.53
N ARG N 90 -9.57 -69.47 31.37
CA ARG N 90 -10.20 -69.68 32.68
C ARG N 90 -11.14 -68.56 33.05
N THR N 91 -12.18 -68.94 33.79
CA THR N 91 -13.17 -68.03 34.32
C THR N 91 -13.20 -68.01 35.84
N ILE N 92 -13.18 -66.80 36.41
CA ILE N 92 -13.29 -66.63 37.86
C ILE N 92 -14.62 -66.02 38.20
N ASN N 93 -15.40 -66.72 39.00
CA ASN N 93 -16.73 -66.30 39.38
C ASN N 93 -16.94 -66.14 40.87
N VAL N 94 -17.32 -64.94 41.27
CA VAL N 94 -17.60 -64.69 42.67
C VAL N 94 -19.10 -64.31 42.79
N PRO N 95 -19.99 -65.22 43.21
CA PRO N 95 -21.43 -65.05 43.39
C PRO N 95 -21.76 -64.05 44.47
N GLU N 96 -22.93 -63.44 44.39
CA GLU N 96 -23.40 -62.59 45.47
C GLU N 96 -23.66 -63.50 46.68
N PRO N 97 -23.24 -63.15 47.91
CA PRO N 97 -23.48 -63.92 49.12
C PRO N 97 -24.96 -64.11 49.38
N THR N 98 -25.33 -65.26 49.93
CA THR N 98 -26.72 -65.54 50.28
C THR N 98 -26.95 -65.38 51.78
N PHE N 99 -25.85 -65.26 52.51
CA PHE N 99 -25.85 -65.08 53.96
C PHE N 99 -25.02 -63.85 54.25
N LYS N 100 -25.64 -62.87 54.88
CA LYS N 100 -25.01 -61.59 55.15
C LYS N 100 -25.14 -61.19 56.61
N SER N 101 -24.22 -60.37 57.09
CA SER N 101 -24.31 -59.82 58.43
C SER N 101 -25.60 -59.02 58.56
N PRO N 102 -26.34 -59.12 59.68
CA PRO N 102 -27.56 -58.37 59.91
C PRO N 102 -27.36 -56.97 60.48
N TYR N 103 -26.11 -56.51 60.62
CA TYR N 103 -25.88 -55.24 61.29
C TYR N 103 -25.58 -54.10 60.31
N LEU N 104 -26.52 -53.17 60.16
CA LEU N 104 -26.42 -52.08 59.18
C LEU N 104 -26.16 -50.64 59.68
N MET N 105 -25.96 -50.38 60.97
CA MET N 105 -25.82 -48.99 61.40
C MET N 105 -24.64 -48.24 60.77
N PHE N 106 -23.51 -48.90 60.60
CA PHE N 106 -22.36 -48.22 60.03
C PHE N 106 -22.67 -47.72 58.61
N TYR N 107 -23.21 -48.61 57.77
CA TYR N 107 -23.54 -48.26 56.39
C TYR N 107 -24.59 -47.17 56.33
N SER N 108 -25.56 -47.25 57.24
CA SER N 108 -26.63 -46.29 57.32
C SER N 108 -26.09 -44.89 57.57
N LEU N 109 -25.16 -44.75 58.53
CA LEU N 109 -24.54 -43.46 58.81
C LEU N 109 -23.72 -42.94 57.65
N GLN N 110 -23.03 -43.80 56.92
CA GLN N 110 -22.29 -43.30 55.76
C GLN N 110 -23.25 -42.64 54.76
N MET N 111 -24.42 -43.25 54.54
CA MET N 111 -25.40 -42.67 53.61
C MET N 111 -25.96 -41.35 54.13
N TYR N 112 -26.23 -41.30 55.44
CA TYR N 112 -26.75 -40.11 56.10
C TYR N 112 -25.84 -38.90 55.89
N PHE N 113 -24.54 -39.08 56.15
CA PHE N 113 -23.62 -37.96 55.98
C PHE N 113 -23.42 -37.63 54.49
N ALA N 114 -23.43 -38.64 53.60
CA ALA N 114 -23.27 -38.43 52.15
C ALA N 114 -24.38 -37.55 51.59
N ASN N 115 -25.57 -37.63 52.17
CA ASN N 115 -26.71 -36.85 51.76
C ASN N 115 -26.91 -35.53 52.49
N GLY N 116 -25.90 -35.08 53.25
CA GLY N 116 -25.99 -33.76 53.88
C GLY N 116 -26.41 -33.69 55.35
N GLY N 117 -26.48 -34.80 56.05
CA GLY N 117 -26.87 -34.75 57.44
C GLY N 117 -25.85 -34.05 58.36
N GLY N 118 -26.37 -33.48 59.44
CA GLY N 118 -25.56 -32.80 60.45
C GLY N 118 -25.44 -33.70 61.69
N PRO N 119 -25.26 -33.12 62.88
CA PRO N 119 -25.09 -33.79 64.16
C PRO N 119 -26.29 -34.67 64.47
N CYS N 120 -26.05 -35.77 65.18
CA CYS N 120 -27.12 -36.71 65.52
C CYS N 120 -26.91 -37.46 66.82
N TYR N 121 -27.95 -38.14 67.29
CA TYR N 121 -27.83 -38.96 68.49
C TYR N 121 -27.72 -40.44 68.21
N ILE N 122 -26.81 -41.07 68.92
CA ILE N 122 -26.62 -42.51 68.82
C ILE N 122 -27.00 -43.19 70.12
N VAL N 123 -27.84 -44.22 70.00
CA VAL N 123 -28.19 -45.03 71.15
C VAL N 123 -27.85 -46.46 70.80
N SER N 124 -26.97 -47.04 71.57
CA SER N 124 -26.58 -48.41 71.33
C SER N 124 -27.64 -49.28 71.98
N THR N 125 -27.77 -50.49 71.51
CA THR N 125 -28.67 -51.44 72.13
C THR N 125 -27.92 -52.68 72.57
N GLY N 126 -26.65 -52.73 72.22
CA GLY N 126 -25.79 -53.87 72.46
C GLY N 126 -24.68 -53.86 71.42
N VAL N 127 -23.90 -54.93 71.41
CA VAL N 127 -22.79 -55.02 70.47
C VAL N 127 -22.95 -56.24 69.58
N TYR N 128 -22.22 -56.26 68.47
CA TYR N 128 -22.32 -57.32 67.48
C TYR N 128 -22.03 -58.71 68.04
N ASP N 129 -22.89 -59.68 67.72
CA ASP N 129 -22.62 -61.05 68.16
C ASP N 129 -21.81 -61.77 67.08
N ASP N 130 -21.46 -63.03 67.32
CA ASP N 130 -20.69 -63.75 66.31
C ASP N 130 -21.55 -64.69 65.47
N TRP N 131 -20.92 -65.36 64.51
CA TRP N 131 -21.58 -66.32 63.64
C TRP N 131 -21.49 -67.73 64.21
N SER N 132 -22.49 -68.56 63.92
CA SER N 132 -22.42 -69.94 64.42
C SER N 132 -21.73 -70.81 63.39
N ASP N 133 -21.94 -70.45 62.12
CA ASP N 133 -21.36 -71.16 60.98
C ASP N 133 -21.37 -70.22 59.79
N SER N 134 -20.82 -70.63 58.66
CA SER N 134 -20.81 -69.76 57.47
C SER N 134 -22.21 -69.54 56.89
N GLU N 135 -23.12 -70.43 57.23
CA GLU N 135 -24.50 -70.37 56.79
C GLU N 135 -25.44 -69.98 57.94
N THR N 136 -24.87 -69.65 59.10
CA THR N 136 -25.71 -69.29 60.24
C THR N 136 -25.25 -67.97 60.89
N PRO N 137 -25.86 -66.82 60.51
CA PRO N 137 -25.56 -65.48 60.95
C PRO N 137 -26.19 -65.19 62.33
N PRO N 138 -25.77 -64.09 62.99
CA PRO N 138 -26.32 -63.51 64.21
C PRO N 138 -27.77 -63.10 64.00
N THR N 139 -28.49 -62.91 65.10
CA THR N 139 -29.87 -62.45 65.03
C THR N 139 -30.05 -61.11 65.74
N ILE N 140 -31.18 -60.45 65.47
CA ILE N 140 -31.56 -59.17 66.07
C ILE N 140 -32.61 -59.42 67.13
N ASN N 141 -32.36 -58.94 68.35
CA ASN N 141 -33.26 -59.16 69.46
C ASN N 141 -34.23 -58.02 69.65
N PHE N 142 -35.49 -58.27 69.38
CA PHE N 142 -36.54 -57.27 69.47
C PHE N 142 -36.49 -56.48 70.80
N SER N 143 -36.28 -57.19 71.91
CA SER N 143 -36.31 -56.55 73.24
C SER N 143 -35.22 -55.48 73.42
N ASP N 144 -34.16 -55.55 72.62
CA ASP N 144 -33.07 -54.61 72.72
C ASP N 144 -33.48 -53.30 72.05
N LEU N 145 -34.33 -53.37 71.03
CA LEU N 145 -34.70 -52.17 70.32
C LEU N 145 -35.74 -51.45 71.15
N GLU N 146 -36.62 -52.20 71.84
CA GLU N 146 -37.61 -51.56 72.70
C GLU N 146 -36.91 -50.81 73.84
N SER N 147 -35.84 -51.40 74.38
CA SER N 147 -35.09 -50.77 75.43
C SER N 147 -34.52 -49.44 74.93
N GLY N 148 -33.90 -49.44 73.75
CA GLY N 148 -33.35 -48.20 73.20
C GLY N 148 -34.41 -47.11 72.99
N LEU N 149 -35.62 -47.51 72.58
CA LEU N 149 -36.70 -46.54 72.38
C LEU N 149 -37.11 -45.92 73.72
N ALA N 150 -37.21 -46.76 74.77
CA ALA N 150 -37.55 -46.28 76.12
C ALA N 150 -36.53 -45.27 76.62
N VAL N 151 -35.27 -45.46 76.26
CA VAL N 151 -34.19 -44.54 76.63
C VAL N 151 -34.28 -43.20 75.91
N ILE N 152 -34.45 -43.22 74.57
CA ILE N 152 -34.47 -41.96 73.83
C ILE N 152 -35.66 -41.10 74.25
N ARG N 153 -36.72 -41.72 74.74
CA ARG N 153 -37.89 -41.00 75.20
C ARG N 153 -37.56 -39.91 76.23
N LYS N 154 -36.46 -40.04 76.98
CA LYS N 154 -36.12 -39.04 77.98
C LYS N 154 -35.28 -37.87 77.46
N GLU N 155 -34.89 -37.89 76.19
CA GLU N 155 -34.08 -36.81 75.61
C GLU N 155 -34.98 -35.77 74.95
N ASP N 156 -34.61 -34.50 75.03
CA ASP N 156 -35.40 -33.43 74.41
C ASP N 156 -35.00 -33.00 73.00
N GLU N 157 -33.72 -33.09 72.67
CA GLU N 157 -33.24 -32.60 71.38
C GLU N 157 -33.66 -33.29 70.06
N PRO N 158 -33.76 -34.63 69.96
CA PRO N 158 -34.09 -35.35 68.72
C PRO N 158 -35.45 -34.96 68.14
N THR N 159 -35.53 -34.91 66.81
CA THR N 159 -36.79 -34.61 66.11
C THR N 159 -37.24 -35.78 65.23
N LEU N 160 -36.30 -36.63 64.80
CA LEU N 160 -36.62 -37.79 63.95
C LEU N 160 -36.21 -39.11 64.59
N LEU N 161 -37.04 -40.14 64.44
CA LEU N 161 -36.69 -41.47 64.98
C LEU N 161 -36.43 -42.53 63.91
N LEU N 162 -35.21 -43.13 63.92
CA LEU N 162 -34.85 -44.17 62.95
C LEU N 162 -34.30 -45.46 63.60
N PHE N 163 -34.61 -46.61 62.97
CA PHE N 163 -34.08 -47.92 63.39
C PHE N 163 -33.36 -48.68 62.26
N PRO N 164 -32.03 -48.52 62.11
CA PRO N 164 -31.22 -49.11 61.05
C PRO N 164 -31.26 -50.65 60.95
N ASP N 165 -31.60 -51.38 62.03
CA ASP N 165 -31.61 -52.83 61.94
C ASP N 165 -33.00 -53.41 62.23
N ALA N 166 -34.08 -52.72 61.82
CA ALA N 166 -35.42 -53.25 62.08
C ALA N 166 -35.88 -54.26 61.04
N THR N 167 -35.40 -54.16 59.81
CA THR N 167 -35.87 -55.05 58.75
C THR N 167 -35.28 -56.44 58.88
N ASN N 168 -34.32 -56.60 59.80
CA ASN N 168 -33.71 -57.88 60.05
C ASN N 168 -34.31 -58.61 61.26
N LEU N 169 -35.40 -58.07 61.82
CA LEU N 169 -36.09 -58.76 62.90
C LEU N 169 -36.67 -60.06 62.35
N PRO N 170 -36.66 -61.18 63.11
CA PRO N 170 -37.17 -62.49 62.75
C PRO N 170 -38.58 -62.53 62.16
N THR N 171 -39.49 -61.66 62.58
CA THR N 171 -40.84 -61.68 62.03
C THR N 171 -41.30 -60.29 61.63
N ASP N 172 -42.36 -60.25 60.82
CA ASP N 172 -42.94 -58.99 60.41
C ASP N 172 -43.76 -58.44 61.55
N ASP N 173 -44.32 -59.34 62.35
CA ASP N 173 -45.11 -58.89 63.48
C ASP N 173 -44.26 -58.06 64.44
N GLU N 174 -43.01 -58.47 64.72
CA GLU N 174 -42.14 -57.67 65.57
C GLU N 174 -41.83 -56.33 64.93
N PHE N 175 -41.59 -56.33 63.62
CA PHE N 175 -41.31 -55.11 62.89
C PHE N 175 -42.45 -54.10 63.05
N TYR N 176 -43.69 -54.53 62.80
CA TYR N 176 -44.83 -53.63 62.88
C TYR N 176 -45.05 -53.13 64.30
N SER N 177 -44.84 -54.01 65.29
CA SER N 177 -45.01 -53.64 66.68
C SER N 177 -44.06 -52.50 67.05
N LEU N 178 -42.80 -52.60 66.61
CA LEU N 178 -41.82 -51.57 66.91
C LEU N 178 -42.25 -50.21 66.35
N TYR N 179 -42.77 -50.20 65.11
CA TYR N 179 -43.19 -48.93 64.52
C TYR N 179 -44.46 -48.37 65.15
N ASN N 180 -45.39 -49.22 65.59
CA ASN N 180 -46.57 -48.70 66.25
C ASN N 180 -46.15 -47.98 67.53
N SER N 181 -45.17 -48.53 68.26
CA SER N 181 -44.67 -47.88 69.47
C SER N 181 -44.04 -46.53 69.17
N ALA N 182 -43.25 -46.43 68.10
CA ALA N 182 -42.63 -45.16 67.74
C ALA N 182 -43.68 -44.09 67.43
N LEU N 183 -44.75 -44.45 66.71
CA LEU N 183 -45.79 -43.47 66.41
C LEU N 183 -46.52 -43.02 67.68
N MET N 184 -46.75 -43.95 68.61
CA MET N 184 -47.38 -43.58 69.87
C MET N 184 -46.51 -42.61 70.68
N GLN N 185 -45.18 -42.81 70.66
CA GLN N 185 -44.30 -41.89 71.37
C GLN N 185 -44.43 -40.48 70.80
N CYS N 186 -44.50 -40.36 69.47
CA CYS N 186 -44.64 -39.05 68.83
C CYS N 186 -45.94 -38.38 69.25
N ASN N 187 -47.03 -39.13 69.29
CA ASN N 187 -48.29 -38.55 69.74
C ASN N 187 -48.19 -38.02 71.18
N ASP N 188 -47.59 -38.80 72.08
CA ASP N 188 -47.50 -38.34 73.46
C ASP N 188 -46.61 -37.11 73.66
N LEU N 189 -45.48 -37.03 72.94
CA LEU N 189 -44.57 -35.90 73.12
C LEU N 189 -44.91 -34.66 72.28
N GLN N 190 -45.57 -34.83 71.13
CA GLN N 190 -45.97 -33.77 70.19
C GLN N 190 -44.84 -32.98 69.53
N ASP N 191 -43.65 -33.56 69.42
CA ASP N 191 -42.53 -32.90 68.80
C ASP N 191 -41.64 -33.78 67.90
N ARG N 192 -42.13 -34.95 67.47
CA ARG N 192 -41.33 -35.87 66.66
C ARG N 192 -42.06 -36.41 65.45
N PHE N 193 -41.30 -36.87 64.49
CA PHE N 193 -41.82 -37.47 63.26
C PHE N 193 -41.04 -38.75 62.95
N THR N 194 -41.71 -39.77 62.42
CA THR N 194 -41.00 -41.01 62.08
C THR N 194 -40.94 -41.29 60.59
N ILE N 195 -39.86 -41.94 60.17
CA ILE N 195 -39.67 -42.36 58.78
C ILE N 195 -39.77 -43.89 58.71
N LEU N 196 -40.68 -44.41 57.89
CA LEU N 196 -40.93 -45.84 57.81
C LEU N 196 -40.53 -46.52 56.50
N ASP N 197 -40.10 -47.76 56.63
CA ASP N 197 -39.75 -48.67 55.55
C ASP N 197 -40.72 -49.83 55.48
N THR N 198 -40.78 -50.52 54.37
CA THR N 198 -41.52 -51.77 54.34
C THR N 198 -40.58 -52.81 54.96
N TYR N 199 -41.13 -53.98 55.27
CA TYR N 199 -40.35 -55.10 55.82
C TYR N 199 -39.33 -55.61 54.79
N SER N 200 -39.77 -55.66 53.53
CA SER N 200 -39.00 -56.14 52.40
C SER N 200 -39.43 -55.39 51.14
N ASP N 201 -38.57 -55.33 50.12
CA ASP N 201 -39.00 -54.72 48.88
C ASP N 201 -39.59 -55.74 47.88
N GLN N 202 -39.60 -57.03 48.29
CA GLN N 202 -40.07 -58.19 47.52
C GLN N 202 -41.09 -59.01 48.30
N THR N 203 -41.87 -59.83 47.61
CA THR N 203 -42.86 -60.69 48.27
C THR N 203 -42.22 -61.47 49.42
N TYR N 204 -42.85 -61.42 50.57
CA TYR N 204 -42.22 -62.16 51.67
C TYR N 204 -43.13 -63.30 52.09
N ASN N 205 -42.47 -64.27 52.68
CA ASN N 205 -43.08 -65.52 53.12
C ASN N 205 -43.40 -65.47 54.61
N ASP N 206 -44.69 -65.44 54.95
CA ASP N 206 -45.19 -65.31 56.33
C ASP N 206 -44.96 -66.58 57.14
N GLY N 207 -44.61 -67.67 56.44
CA GLY N 207 -44.47 -69.00 56.98
C GLY N 207 -45.71 -69.81 56.64
N VAL N 208 -46.78 -69.09 56.27
CA VAL N 208 -48.05 -69.67 55.87
C VAL N 208 -48.62 -69.12 54.56
N GLU N 209 -48.11 -67.99 54.07
CA GLU N 209 -48.66 -67.30 52.90
C GLU N 209 -47.62 -66.38 52.25
N ASP N 210 -47.81 -66.06 50.96
CA ASP N 210 -46.90 -65.10 50.30
C ASP N 210 -47.56 -63.73 50.42
N LEU N 211 -46.84 -62.73 50.93
CA LEU N 211 -47.46 -61.39 51.17
C LEU N 211 -46.75 -60.29 50.38
N ASP N 212 -47.54 -59.43 49.72
CA ASP N 212 -47.08 -58.21 49.04
C ASP N 212 -46.78 -57.08 50.05
N PRO N 213 -45.55 -56.53 50.09
CA PRO N 213 -45.08 -55.49 50.98
C PRO N 213 -45.94 -54.24 51.17
N ILE N 214 -46.67 -53.80 50.13
CA ILE N 214 -47.45 -52.59 50.37
C ILE N 214 -48.70 -52.89 51.21
N PRO N 215 -49.60 -53.82 50.82
CA PRO N 215 -50.69 -54.30 51.65
C PRO N 215 -50.22 -54.75 53.02
N ALA N 216 -49.01 -55.34 53.09
CA ALA N 216 -48.48 -55.79 54.36
C ALA N 216 -48.34 -54.67 55.36
N LEU N 217 -47.73 -53.57 54.92
CA LEU N 217 -47.51 -52.42 55.78
C LEU N 217 -48.84 -51.79 56.16
N ARG N 218 -49.75 -51.71 55.19
CA ARG N 218 -51.05 -51.13 55.47
C ARG N 218 -51.85 -51.89 56.52
N ASN N 219 -51.79 -53.21 56.51
CA ASN N 219 -52.48 -53.98 57.53
C ASN N 219 -51.69 -54.00 58.86
N GLY N 220 -50.36 -53.98 58.74
CA GLY N 220 -49.43 -54.01 59.86
C GLY N 220 -49.59 -52.85 60.83
N ILE N 221 -49.61 -51.63 60.30
CA ILE N 221 -49.77 -50.44 61.14
C ILE N 221 -51.26 -50.12 61.23
N ASN N 222 -51.86 -50.32 62.40
CA ASN N 222 -53.30 -50.20 62.61
C ASN N 222 -53.75 -49.09 63.58
N LEU N 223 -52.94 -48.05 63.73
CA LEU N 223 -53.28 -46.92 64.59
C LEU N 223 -54.18 -45.96 63.83
N THR N 224 -54.91 -45.13 64.56
CA THR N 224 -55.76 -44.11 63.93
C THR N 224 -55.07 -42.79 63.60
N LYS N 225 -55.88 -41.87 63.06
CA LYS N 225 -55.50 -40.56 62.54
C LYS N 225 -54.53 -39.76 63.41
N ASP N 226 -54.77 -39.78 64.73
CA ASP N 226 -53.96 -39.06 65.71
C ASP N 226 -52.49 -39.47 65.70
N TYR N 227 -52.21 -40.67 65.22
CA TYR N 227 -50.87 -41.19 65.21
C TYR N 227 -50.30 -41.16 63.81
N LEU N 228 -51.15 -41.46 62.83
CA LEU N 228 -50.73 -41.55 61.44
C LEU N 228 -50.19 -40.23 60.91
N LYS N 229 -50.73 -39.13 61.41
CA LYS N 229 -50.28 -37.80 61.02
C LYS N 229 -48.79 -37.54 61.40
N TYR N 230 -48.19 -38.37 62.26
CA TYR N 230 -46.81 -38.18 62.68
C TYR N 230 -45.77 -39.00 61.95
N GLY N 231 -46.11 -39.57 60.81
CA GLY N 231 -45.08 -40.28 60.06
C GLY N 231 -45.40 -40.46 58.60
N ALA N 232 -44.40 -40.97 57.88
CA ALA N 232 -44.48 -41.21 56.42
C ALA N 232 -43.64 -42.43 56.06
N ALA N 233 -43.99 -43.07 54.95
CA ALA N 233 -43.27 -44.25 54.48
C ALA N 233 -42.79 -44.10 53.05
N TYR N 234 -41.66 -44.76 52.75
CA TYR N 234 -41.06 -44.77 51.41
C TYR N 234 -40.81 -46.19 50.86
N TYR N 235 -40.89 -46.33 49.53
CA TYR N 235 -40.68 -47.58 48.81
C TYR N 235 -40.13 -47.33 47.41
N PRO N 236 -39.26 -48.18 46.86
CA PRO N 236 -38.53 -49.37 47.30
C PRO N 236 -37.21 -49.08 48.01
N PHE N 237 -36.44 -50.15 48.23
CA PHE N 237 -35.08 -50.11 48.76
C PHE N 237 -34.14 -49.61 47.66
N VAL N 238 -32.95 -49.14 48.02
CA VAL N 238 -32.03 -48.64 46.97
C VAL N 238 -30.65 -49.30 46.96
N GLN N 239 -30.02 -49.28 45.79
CA GLN N 239 -28.68 -49.80 45.62
C GLN N 239 -27.65 -48.68 45.67
N THR N 240 -26.75 -48.79 46.65
CA THR N 240 -25.66 -47.83 46.97
C THR N 240 -24.35 -48.22 46.25
N ILE N 241 -23.30 -47.42 46.46
CA ILE N 241 -21.98 -47.59 45.86
C ILE N 241 -20.93 -48.00 46.88
N LEU N 242 -21.40 -48.38 48.06
CA LEU N 242 -20.56 -48.80 49.18
C LEU N 242 -20.19 -50.26 49.02
N ASN N 243 -18.99 -50.63 49.49
CA ASN N 243 -18.53 -52.02 49.43
C ASN N 243 -18.83 -52.80 50.70
N TYR N 244 -18.47 -54.07 50.69
CA TYR N 244 -18.62 -54.93 51.86
C TYR N 244 -17.30 -55.03 52.56
N GLN N 245 -17.34 -55.25 53.87
CA GLN N 245 -16.13 -55.42 54.64
C GLN N 245 -15.84 -56.92 54.78
N TYR N 246 -14.62 -57.34 54.47
CA TYR N 246 -14.25 -58.76 54.51
C TYR N 246 -12.75 -58.98 54.69
N SER N 247 -12.35 -60.25 54.82
CA SER N 247 -10.96 -60.65 54.90
C SER N 247 -10.70 -61.90 54.07
N ALA N 248 -9.58 -61.89 53.33
CA ALA N 248 -9.14 -62.97 52.44
C ALA N 248 -8.92 -64.29 53.20
N ASP N 249 -8.72 -64.20 54.51
CA ASP N 249 -8.50 -65.36 55.35
C ASP N 249 -9.75 -66.23 55.48
N GLU N 250 -10.91 -65.64 55.21
CA GLU N 250 -12.18 -66.33 55.35
C GLU N 250 -12.73 -66.86 54.02
N ILE N 251 -12.00 -66.66 52.92
CA ILE N 251 -12.55 -67.02 51.63
C ILE N 251 -11.88 -68.22 50.97
N VAL N 252 -12.67 -69.26 50.68
CA VAL N 252 -12.19 -70.51 50.10
C VAL N 252 -12.58 -70.66 48.63
N ILE N 253 -11.61 -71.15 47.85
CA ILE N 253 -11.72 -71.33 46.42
C ILE N 253 -11.95 -72.75 45.93
N GLN N 254 -12.97 -72.90 45.09
CA GLN N 254 -13.27 -74.14 44.39
C GLN N 254 -12.55 -74.05 43.05
N HIS N 255 -11.86 -75.11 42.63
CA HIS N 255 -11.14 -75.08 41.35
C HIS N 255 -11.42 -76.31 40.52
N LEU N 256 -12.10 -76.10 39.40
CA LEU N 256 -12.45 -77.21 38.53
C LEU N 256 -11.65 -77.13 37.25
N SER N 257 -11.34 -78.27 36.67
CA SER N 257 -10.53 -78.30 35.47
C SER N 257 -10.79 -79.44 34.50
N TYR N 258 -10.64 -79.12 33.20
CA TYR N 258 -10.69 -80.10 32.10
C TYR N 258 -9.61 -81.16 32.29
N ASN N 259 -8.56 -80.78 33.03
CA ASN N 259 -7.41 -81.60 33.36
C ASN N 259 -7.15 -81.44 34.86
N PRO N 260 -7.75 -82.30 35.69
CA PRO N 260 -7.68 -82.33 37.15
C PRO N 260 -6.27 -82.58 37.66
N ASN N 261 -5.93 -82.00 38.81
CA ASN N 261 -4.65 -82.29 39.45
C ASN N 261 -4.57 -81.86 40.92
N ALA N 262 -5.70 -81.86 41.65
CA ALA N 262 -5.67 -81.51 43.06
C ALA N 262 -4.95 -82.56 43.92
N ILE N 263 -5.17 -83.84 43.62
CA ILE N 263 -4.60 -84.91 44.44
C ILE N 263 -3.14 -85.03 44.13
N ALA N 264 -2.80 -85.01 42.85
CA ALA N 264 -1.42 -85.13 42.44
C ALA N 264 -0.58 -84.01 43.06
N THR N 265 -1.14 -82.79 43.13
CA THR N 265 -0.42 -81.69 43.74
C THR N 265 -0.17 -81.99 45.21
N ALA N 266 -1.21 -82.44 45.93
CA ALA N 266 -1.04 -82.73 47.33
C ALA N 266 0.04 -83.78 47.53
N LEU N 267 0.06 -84.81 46.69
CA LEU N 267 1.09 -85.84 46.82
C LEU N 267 2.48 -85.33 46.56
N ASP N 268 2.66 -84.48 45.55
CA ASP N 268 4.01 -83.98 45.29
C ASP N 268 4.56 -83.24 46.51
N ASN N 269 3.70 -82.48 47.19
CA ASN N 269 4.17 -81.77 48.37
C ASN N 269 4.33 -82.71 49.57
N LEU N 270 3.38 -83.62 49.78
CA LEU N 270 3.45 -84.52 50.92
C LEU N 270 4.68 -85.44 50.83
N ASN N 271 5.04 -85.82 49.61
CA ASN N 271 6.18 -86.68 49.39
C ASN N 271 7.50 -85.93 49.54
N ALA N 272 7.44 -84.60 49.65
CA ALA N 272 8.62 -83.80 49.84
C ALA N 272 8.86 -83.65 51.32
N GLY N 450 7.58 -89.44 61.64
CA GLY N 450 7.66 -90.07 60.31
C GLY N 450 6.60 -91.15 60.03
N THR N 451 6.21 -91.91 61.05
CA THR N 451 5.21 -92.95 60.89
C THR N 451 3.88 -92.35 60.43
N ARG N 452 3.51 -91.20 61.00
CA ARG N 452 2.23 -90.62 60.67
C ARG N 452 2.28 -90.02 59.27
N LEU N 453 3.45 -89.52 58.87
CA LEU N 453 3.55 -88.96 57.53
C LEU N 453 3.29 -90.04 56.50
N ASP N 454 3.82 -91.25 56.75
CA ASP N 454 3.59 -92.36 55.82
C ASP N 454 2.08 -92.69 55.70
N ASP N 455 1.36 -92.68 56.85
CA ASP N 455 -0.08 -92.97 56.82
C ASP N 455 -0.86 -91.93 56.02
N ILE N 456 -0.48 -90.66 56.15
CA ILE N 456 -1.14 -89.61 55.40
C ILE N 456 -0.94 -89.78 53.92
N ILE N 457 0.29 -90.01 53.50
CA ILE N 457 0.56 -90.15 52.08
C ILE N 457 -0.21 -91.31 51.48
N ALA N 458 -0.21 -92.46 52.14
CA ALA N 458 -0.94 -93.59 51.63
C ALA N 458 -2.44 -93.29 51.52
N ALA N 459 -3.01 -92.61 52.53
CA ALA N 459 -4.43 -92.29 52.49
C ALA N 459 -4.75 -91.40 51.30
N VAL N 460 -3.85 -90.45 51.00
CA VAL N 460 -4.03 -89.52 49.91
C VAL N 460 -3.84 -90.17 48.56
N SER N 461 -2.80 -90.99 48.37
CA SER N 461 -2.57 -91.57 47.05
C SER N 461 -3.73 -92.45 46.64
N ALA N 462 -4.41 -93.02 47.63
CA ALA N 462 -5.58 -93.85 47.38
C ALA N 462 -6.69 -93.08 46.67
N ALA N 463 -6.73 -91.74 46.81
CA ALA N 463 -7.75 -90.90 46.22
C ALA N 463 -7.46 -90.46 44.79
N GLU N 464 -6.28 -90.75 44.24
CA GLU N 464 -6.05 -90.23 42.91
C GLU N 464 -7.11 -90.69 41.89
N PRO N 465 -7.59 -91.97 41.89
CA PRO N 465 -8.65 -92.49 41.05
C PRO N 465 -10.04 -91.84 41.28
N ILE N 466 -10.22 -91.15 42.41
CA ILE N 466 -11.51 -90.56 42.78
C ILE N 466 -11.68 -89.19 42.19
N ASP N 467 -10.67 -88.36 42.36
CA ASP N 467 -10.78 -86.98 41.93
C ASP N 467 -10.60 -86.86 40.43
N VAL N 468 -11.71 -86.63 39.75
CA VAL N 468 -11.68 -86.54 38.32
C VAL N 468 -12.16 -85.16 37.86
N ASN N 469 -12.28 -84.21 38.81
CA ASN N 469 -12.76 -82.88 38.48
C ASN N 469 -11.94 -81.69 38.99
N ASN N 470 -11.19 -81.87 40.07
CA ASN N 470 -10.58 -80.71 40.74
C ASN N 470 -9.15 -80.40 40.35
N GLY N 471 -8.90 -79.12 40.17
CA GLY N 471 -7.59 -78.61 39.83
C GLY N 471 -6.72 -78.32 41.06
N LYS N 472 -5.49 -77.90 40.78
CA LYS N 472 -4.45 -77.57 41.74
C LYS N 472 -4.83 -76.69 42.94
N LEU N 473 -5.65 -75.65 42.77
CA LEU N 473 -5.97 -74.71 43.84
C LEU N 473 -7.19 -75.08 44.69
N ASN N 474 -7.85 -76.17 44.35
CA ASN N 474 -9.10 -76.52 45.02
C ASN N 474 -8.93 -76.68 46.52
N GLY N 475 -9.78 -76.01 47.29
CA GLY N 475 -9.78 -76.11 48.74
C GLY N 475 -8.93 -75.08 49.49
N ARG N 476 -8.13 -74.27 48.78
CA ARG N 476 -7.31 -73.30 49.50
C ARG N 476 -7.99 -71.95 49.68
N LEU N 477 -7.49 -71.20 50.67
CA LEU N 477 -7.95 -69.85 50.98
C LEU N 477 -7.26 -68.80 50.13
N LEU N 478 -7.92 -67.67 49.87
CA LEU N 478 -7.22 -66.63 49.12
C LEU N 478 -5.90 -66.21 49.70
N SER N 479 -5.86 -65.98 50.99
CA SER N 479 -4.61 -65.54 51.60
C SER N 479 -3.46 -66.55 51.49
N ASP N 480 -3.77 -67.82 51.19
CA ASP N 480 -2.76 -68.87 51.04
C ASP N 480 -2.37 -69.20 49.59
N ILE N 481 -2.93 -68.48 48.60
CA ILE N 481 -2.56 -68.81 47.23
C ILE N 481 -1.81 -67.68 46.56
N GLU N 482 -1.70 -66.52 47.22
CA GLU N 482 -1.02 -65.42 46.57
C GLU N 482 0.37 -65.78 46.02
N PRO N 483 1.29 -66.45 46.76
CA PRO N 483 2.57 -66.87 46.22
C PRO N 483 2.51 -67.96 45.15
N LEU N 484 1.40 -68.72 45.07
CA LEU N 484 1.28 -69.78 44.08
C LEU N 484 0.97 -69.17 42.73
N ASP N 485 0.03 -68.22 42.77
CA ASP N 485 -0.42 -67.48 41.61
C ASP N 485 -1.06 -66.17 42.05
N ASN N 486 -0.29 -65.09 42.04
CA ASN N 486 -0.86 -63.85 42.54
C ASN N 486 -1.75 -63.21 41.51
N ALA N 487 -1.86 -63.81 40.32
CA ALA N 487 -2.75 -63.29 39.32
C ALA N 487 -4.16 -63.72 39.68
N THR N 488 -4.28 -64.91 40.28
CA THR N 488 -5.56 -65.45 40.69
C THR N 488 -5.99 -64.70 41.91
N TYR N 489 -5.08 -64.55 42.85
CA TYR N 489 -5.39 -63.85 44.08
C TYR N 489 -5.89 -62.43 43.79
N ASN N 490 -5.14 -61.70 42.98
CA ASN N 490 -5.56 -60.34 42.68
C ASN N 490 -6.85 -60.27 41.87
N THR N 491 -7.06 -61.20 40.92
CA THR N 491 -8.28 -61.17 40.12
C THR N 491 -9.48 -61.41 41.01
N ILE N 492 -9.38 -62.36 41.92
CA ILE N 492 -10.49 -62.63 42.79
C ILE N 492 -10.83 -61.44 43.65
N LEU N 493 -9.84 -60.77 44.25
CA LEU N 493 -10.17 -59.62 45.08
C LEU N 493 -10.87 -58.54 44.26
N LEU N 494 -10.43 -58.35 43.02
CA LEU N 494 -11.06 -57.37 42.16
C LEU N 494 -12.53 -57.74 41.92
N GLU N 495 -12.81 -59.02 41.67
CA GLU N 495 -14.19 -59.46 41.49
C GLU N 495 -15.03 -59.32 42.77
N ILE N 496 -14.46 -59.58 43.93
CA ILE N 496 -15.23 -59.47 45.18
C ILE N 496 -15.72 -58.05 45.33
N ASN N 497 -14.87 -57.11 44.93
CA ASN N 497 -15.06 -55.64 45.06
C ASN N 497 -16.19 -55.14 44.15
N SER N 498 -16.66 -55.98 43.22
CA SER N 498 -17.67 -55.49 42.30
C SER N 498 -19.08 -55.58 42.91
N HIS N 499 -19.21 -56.26 44.07
CA HIS N 499 -20.50 -56.41 44.73
C HIS N 499 -20.80 -55.24 45.66
N LYS N 500 -21.99 -54.66 45.53
CA LYS N 500 -22.36 -53.49 46.34
C LYS N 500 -23.44 -53.77 47.38
N VAL N 501 -23.50 -52.90 48.36
CA VAL N 501 -24.44 -52.90 49.48
C VAL N 501 -25.85 -52.35 49.09
N THR N 502 -26.91 -53.03 49.55
CA THR N 502 -28.30 -52.59 49.30
C THR N 502 -28.96 -52.23 50.63
N LEU N 503 -29.57 -51.04 50.70
CA LEU N 503 -30.16 -50.55 51.95
C LEU N 503 -31.62 -50.03 51.84
N PRO N 504 -32.42 -50.11 52.91
CA PRO N 504 -33.69 -49.42 53.07
C PRO N 504 -33.35 -47.94 52.93
N PRO N 505 -34.22 -47.07 52.41
CA PRO N 505 -33.97 -45.65 52.17
C PRO N 505 -34.12 -44.66 53.34
N SER N 506 -34.39 -45.12 54.55
CA SER N 506 -34.70 -44.18 55.62
C SER N 506 -33.56 -43.24 56.08
N SER N 507 -32.31 -43.67 56.00
CA SER N 507 -31.24 -42.80 56.47
C SER N 507 -30.91 -41.77 55.41
N SER N 508 -31.14 -42.14 54.16
CA SER N 508 -30.91 -41.26 53.03
C SER N 508 -31.94 -40.16 53.12
N MET N 509 -33.18 -40.52 53.47
CA MET N 509 -34.21 -39.50 53.59
C MET N 509 -33.94 -38.55 54.74
N ALA N 510 -33.43 -39.03 55.89
CA ALA N 510 -33.13 -38.11 56.98
C ALA N 510 -32.10 -37.07 56.50
N GLY N 511 -31.12 -37.52 55.72
CA GLY N 511 -30.11 -36.64 55.13
C GLY N 511 -30.79 -35.61 54.21
N ALA N 512 -31.66 -36.10 53.31
CA ALA N 512 -32.37 -35.25 52.37
C ALA N 512 -33.23 -34.20 53.07
N TYR N 513 -33.86 -34.55 54.21
CA TYR N 513 -34.67 -33.60 54.94
C TYR N 513 -33.80 -32.43 55.40
N ALA N 514 -32.61 -32.73 55.91
CA ALA N 514 -31.70 -31.68 56.36
C ALA N 514 -31.31 -30.74 55.21
N ARG N 515 -31.04 -31.28 54.02
CA ARG N 515 -30.71 -30.42 52.88
C ARG N 515 -31.83 -29.46 52.53
N VAL N 516 -33.06 -29.94 52.48
CA VAL N 516 -34.14 -29.04 52.12
C VAL N 516 -34.32 -27.94 53.15
N ASP N 517 -34.28 -28.28 54.44
CA ASP N 517 -34.48 -27.26 55.45
C ASP N 517 -33.45 -26.13 55.33
N ASN N 518 -32.19 -26.47 54.99
CA ASN N 518 -31.17 -25.45 54.83
C ASN N 518 -31.23 -24.63 53.53
N ASP N 519 -31.57 -25.25 52.39
CA ASP N 519 -31.60 -24.47 51.15
C ASP N 519 -32.91 -23.79 50.83
N ARG N 520 -34.05 -24.39 51.20
CA ARG N 520 -35.34 -23.79 50.86
C ARG N 520 -36.22 -23.44 52.06
N GLY N 521 -36.10 -24.19 53.14
CA GLY N 521 -36.92 -23.97 54.33
C GLY N 521 -37.87 -25.13 54.62
N VAL N 522 -38.13 -25.32 55.92
CA VAL N 522 -38.98 -26.40 56.47
C VAL N 522 -40.42 -26.39 55.95
N TRP N 523 -40.86 -25.26 55.39
CA TRP N 523 -42.20 -25.18 54.86
C TRP N 523 -42.32 -25.67 53.41
N LYS N 524 -41.22 -26.14 52.79
CA LYS N 524 -41.27 -26.67 51.44
C LYS N 524 -41.26 -28.19 51.46
N SER N 525 -41.96 -28.81 50.51
CA SER N 525 -42.03 -30.27 50.43
C SER N 525 -40.68 -30.94 50.22
N PRO N 526 -40.37 -32.02 50.96
CA PRO N 526 -39.17 -32.82 50.81
C PRO N 526 -39.32 -33.82 49.66
N ALA N 527 -39.38 -33.30 48.45
CA ALA N 527 -39.56 -34.10 47.24
C ALA N 527 -38.92 -33.41 46.06
N ASN N 528 -38.71 -34.15 44.96
CA ASN N 528 -38.02 -33.69 43.74
C ASN N 528 -36.59 -33.34 44.13
N ILE N 529 -36.02 -34.24 44.94
CA ILE N 529 -34.69 -34.22 45.50
C ILE N 529 -33.87 -35.37 44.95
N GLY N 530 -32.66 -35.09 44.47
CA GLY N 530 -31.82 -36.20 44.03
C GLY N 530 -31.07 -36.76 45.24
N LEU N 531 -30.86 -38.07 45.25
CA LEU N 531 -30.12 -38.73 46.33
C LEU N 531 -28.65 -38.93 45.98
N ASN N 532 -27.76 -38.81 46.96
CA ASN N 532 -26.34 -39.04 46.72
C ASN N 532 -25.99 -40.48 47.01
N TYR N 533 -24.96 -40.97 46.31
CA TYR N 533 -24.46 -42.34 46.49
C TYR N 533 -25.52 -43.39 46.17
N VAL N 534 -26.38 -43.13 45.20
CA VAL N 534 -27.38 -44.11 44.83
C VAL N 534 -27.22 -44.41 43.36
N SER N 535 -27.07 -45.69 43.05
CA SER N 535 -26.91 -46.16 41.70
C SER N 535 -28.29 -46.22 41.06
N LYS N 536 -29.21 -46.88 41.74
CA LYS N 536 -30.58 -47.05 41.25
C LYS N 536 -31.50 -47.59 42.34
N PRO N 537 -32.84 -47.44 42.23
CA PRO N 537 -33.85 -48.14 43.01
C PRO N 537 -33.72 -49.62 42.74
N SER N 538 -34.00 -50.48 43.73
CA SER N 538 -33.96 -51.93 43.51
C SER N 538 -35.13 -52.47 42.68
N VAL N 539 -36.26 -51.79 42.74
CA VAL N 539 -37.47 -52.17 42.02
C VAL N 539 -37.97 -51.00 41.19
N THR N 540 -38.27 -51.23 39.92
CA THR N 540 -38.79 -50.17 39.08
C THR N 540 -40.28 -49.95 39.31
N VAL N 541 -40.67 -48.70 39.52
CA VAL N 541 -42.07 -48.34 39.71
C VAL N 541 -42.51 -47.48 38.53
N SER N 542 -43.54 -47.93 37.82
CA SER N 542 -44.05 -47.24 36.65
C SER N 542 -44.99 -46.14 37.07
N HIS N 543 -45.43 -45.33 36.10
CA HIS N 543 -46.38 -44.27 36.36
C HIS N 543 -47.70 -44.83 36.91
N GLU N 544 -48.27 -45.78 36.20
CA GLU N 544 -49.55 -46.37 36.57
C GLU N 544 -49.49 -47.08 37.91
N GLU N 545 -48.38 -47.72 38.20
CA GLU N 545 -48.17 -48.44 39.44
C GLU N 545 -48.16 -47.54 40.68
N GLN N 546 -47.92 -46.25 40.51
CA GLN N 546 -47.85 -45.37 41.65
C GLN N 546 -49.23 -44.81 42.01
N GLU N 547 -50.24 -45.01 41.17
CA GLU N 547 -51.51 -44.36 41.47
C GLU N 547 -52.08 -44.78 42.83
N SER N 548 -51.95 -46.06 43.16
CA SER N 548 -52.44 -46.62 44.41
C SER N 548 -51.51 -46.36 45.60
N MET N 549 -50.33 -45.79 45.34
CA MET N 549 -49.40 -45.48 46.39
C MET N 549 -49.69 -44.08 46.89
N ASN N 550 -50.06 -43.17 45.98
CA ASN N 550 -50.32 -41.78 46.36
C ASN N 550 -51.73 -41.62 46.91
N VAL N 551 -52.71 -42.28 46.28
CA VAL N 551 -54.10 -42.17 46.70
C VAL N 551 -54.68 -43.56 46.97
N HIS N 552 -55.29 -43.74 48.12
CA HIS N 552 -55.83 -45.04 48.50
C HIS N 552 -56.96 -44.89 49.49
N GLY N 553 -57.92 -45.82 49.44
CA GLY N 553 -59.09 -45.82 50.34
C GLY N 553 -58.76 -45.73 51.84
N THR N 554 -57.62 -46.27 52.26
CA THR N 554 -57.24 -46.21 53.67
C THR N 554 -56.52 -44.93 54.09
N GLY N 555 -56.02 -44.15 53.13
CA GLY N 555 -55.24 -42.95 53.39
C GLY N 555 -53.77 -43.24 53.71
N LYS N 556 -53.39 -44.52 53.77
CA LYS N 556 -52.03 -44.90 54.13
C LYS N 556 -51.10 -44.88 52.92
N SER N 557 -50.79 -43.68 52.51
CA SER N 557 -49.98 -43.36 51.36
C SER N 557 -48.53 -43.78 51.54
N VAL N 558 -47.88 -44.11 50.42
CA VAL N 558 -46.45 -44.45 50.39
C VAL N 558 -45.78 -43.59 49.31
N ASN N 559 -44.66 -42.95 49.64
CA ASN N 559 -43.95 -42.11 48.67
C ASN N 559 -43.02 -42.98 47.83
N ALA N 560 -42.72 -42.59 46.59
CA ALA N 560 -41.91 -43.47 45.75
C ALA N 560 -40.53 -42.95 45.44
N ILE N 561 -39.58 -43.85 45.33
CA ILE N 561 -38.25 -43.47 44.84
C ILE N 561 -38.18 -43.92 43.38
N ARG N 562 -37.96 -42.98 42.46
CA ARG N 562 -37.99 -43.28 41.02
C ARG N 562 -36.81 -42.73 40.22
N SER N 563 -36.48 -43.43 39.13
CA SER N 563 -35.41 -43.02 38.23
C SER N 563 -35.89 -42.22 37.03
N PHE N 564 -35.30 -41.05 36.83
CA PHE N 564 -35.66 -40.18 35.72
C PHE N 564 -34.50 -40.02 34.75
N VAL N 565 -34.83 -39.97 33.47
CA VAL N 565 -33.78 -39.87 32.47
C VAL N 565 -33.13 -38.51 32.49
N GLY N 566 -31.82 -38.52 32.64
CA GLY N 566 -31.02 -37.31 32.69
C GLY N 566 -31.00 -36.65 34.07
N LYS N 567 -31.69 -37.24 35.06
CA LYS N 567 -31.74 -36.65 36.38
C LYS N 567 -31.21 -37.57 37.48
N GLY N 568 -31.40 -38.88 37.32
CA GLY N 568 -30.97 -39.82 38.36
C GLY N 568 -32.11 -40.18 39.28
N THR N 569 -31.77 -40.63 40.49
CA THR N 569 -32.81 -41.13 41.38
C THR N 569 -33.39 -39.99 42.21
N LEU N 570 -34.71 -39.79 42.09
CA LEU N 570 -35.42 -38.72 42.76
C LEU N 570 -36.49 -39.21 43.74
N VAL N 571 -36.73 -38.40 44.76
CA VAL N 571 -37.83 -38.66 45.70
C VAL N 571 -39.12 -38.10 45.08
N TRP N 572 -40.10 -38.96 44.83
CA TRP N 572 -41.30 -38.51 44.15
C TRP N 572 -42.57 -38.64 45.04
N GLY N 573 -43.06 -37.52 45.53
CA GLY N 573 -44.21 -37.52 46.46
C GLY N 573 -43.81 -37.13 47.87
N ALA N 574 -44.72 -36.44 48.58
CA ALA N 574 -44.45 -35.99 49.94
C ALA N 574 -45.68 -35.97 50.84
N ARG N 575 -46.39 -37.09 50.91
CA ARG N 575 -47.57 -37.17 51.78
C ARG N 575 -47.28 -37.98 53.04
N THR N 576 -48.13 -37.80 54.04
CA THR N 576 -48.05 -38.51 55.32
C THR N 576 -48.95 -39.75 55.31
N LEU N 577 -48.96 -40.51 56.40
CA LEU N 577 -49.79 -41.72 56.50
C LEU N 577 -51.28 -41.42 56.73
N ALA N 578 -51.65 -40.15 56.69
CA ALA N 578 -53.02 -39.69 56.80
C ALA N 578 -53.33 -38.85 55.56
N GLY N 579 -53.18 -39.46 54.37
CA GLY N 579 -53.24 -38.82 53.07
C GLY N 579 -54.56 -38.20 52.66
N ASN N 580 -55.63 -38.54 53.33
CA ASN N 580 -56.93 -37.96 53.00
C ASN N 580 -57.32 -36.89 54.00
N ASP N 581 -56.39 -36.50 54.88
CA ASP N 581 -56.62 -35.50 55.89
C ASP N 581 -56.51 -34.08 55.32
N ASN N 582 -57.62 -33.37 55.32
CA ASN N 582 -57.68 -32.04 54.74
C ASN N 582 -56.71 -31.04 55.36
N GLU N 583 -56.29 -31.26 56.60
CA GLU N 583 -55.38 -30.35 57.25
C GLU N 583 -53.96 -30.89 57.31
N TRP N 584 -53.82 -32.20 57.56
CA TRP N 584 -52.49 -32.80 57.77
C TRP N 584 -51.92 -33.75 56.70
N ARG N 585 -52.52 -33.90 55.52
CA ARG N 585 -51.96 -34.81 54.51
C ARG N 585 -50.54 -34.50 53.98
N TYR N 586 -50.06 -33.25 54.05
CA TYR N 586 -48.72 -32.96 53.53
C TYR N 586 -47.66 -32.92 54.61
N ILE N 587 -46.49 -33.47 54.28
CA ILE N 587 -45.39 -33.54 55.24
C ILE N 587 -44.94 -32.16 55.68
N SER N 588 -44.79 -31.22 54.73
CA SER N 588 -44.33 -29.87 55.02
C SER N 588 -45.27 -29.05 55.91
N VAL N 589 -46.54 -29.43 56.00
CA VAL N 589 -47.42 -28.68 56.84
C VAL N 589 -47.21 -29.19 58.25
N ARG N 590 -47.20 -30.52 58.42
CA ARG N 590 -46.97 -31.08 59.74
C ARG N 590 -45.62 -30.64 60.31
N ARG N 591 -44.56 -30.70 59.51
CA ARG N 591 -43.24 -30.31 60.00
C ARG N 591 -43.15 -28.81 60.32
N PHE N 592 -43.75 -27.93 59.50
CA PHE N 592 -43.74 -26.50 59.79
C PHE N 592 -44.37 -26.24 61.14
N PHE N 593 -45.54 -26.83 61.39
CA PHE N 593 -46.19 -26.62 62.68
C PHE N 593 -45.33 -27.14 63.82
N ASN N 594 -44.71 -28.33 63.70
CA ASN N 594 -43.91 -28.79 64.83
C ASN N 594 -42.78 -27.80 65.14
N MET N 595 -42.16 -27.24 64.10
CA MET N 595 -41.08 -26.28 64.26
C MET N 595 -41.56 -25.03 64.98
N ALA N 596 -42.66 -24.44 64.50
CA ALA N 596 -43.15 -23.23 65.09
C ALA N 596 -43.56 -23.42 66.54
N GLU N 597 -44.19 -24.56 66.85
CA GLU N 597 -44.62 -24.82 68.21
C GLU N 597 -43.46 -24.97 69.17
N GLU N 598 -42.39 -25.67 68.76
CA GLU N 598 -41.24 -25.84 69.61
C GLU N 598 -40.55 -24.52 69.89
N SER N 599 -40.35 -23.69 68.86
CA SER N 599 -39.68 -22.41 69.06
C SER N 599 -40.45 -21.49 69.98
N ILE N 600 -41.78 -21.45 69.83
CA ILE N 600 -42.56 -20.61 70.68
C ILE N 600 -42.50 -21.09 72.13
N LYS N 601 -42.69 -22.40 72.41
CA LYS N 601 -42.66 -22.70 73.83
C LYS N 601 -41.30 -22.39 74.47
N LYS N 602 -40.18 -22.53 73.75
CA LYS N 602 -38.91 -22.19 74.38
C LYS N 602 -38.92 -20.73 74.79
N ALA N 603 -39.44 -19.87 73.92
CA ALA N 603 -39.55 -18.45 74.20
C ALA N 603 -40.50 -18.13 75.38
N THR N 604 -41.58 -18.92 75.58
CA THR N 604 -42.53 -18.63 76.66
C THR N 604 -42.08 -19.12 78.03
N GLU N 605 -41.10 -20.02 78.10
CA GLU N 605 -40.65 -20.53 79.41
C GLU N 605 -40.13 -19.45 80.36
N GLN N 606 -39.60 -18.36 79.84
CA GLN N 606 -39.10 -17.27 80.68
C GLN N 606 -40.21 -16.62 81.56
N PHE N 607 -41.49 -16.86 81.26
CA PHE N 607 -42.59 -16.28 82.00
C PHE N 607 -43.29 -17.26 82.96
N VAL N 608 -42.74 -18.45 83.18
CA VAL N 608 -43.45 -19.45 83.99
C VAL N 608 -43.83 -19.06 85.41
N PHE N 609 -42.96 -18.38 86.13
CA PHE N 609 -43.33 -18.05 87.51
C PHE N 609 -43.74 -16.59 87.71
N GLU N 610 -44.13 -15.91 86.64
CA GLU N 610 -44.56 -14.52 86.73
C GLU N 610 -46.02 -14.43 87.23
N PRO N 611 -46.45 -13.29 87.81
CA PRO N 611 -47.82 -13.03 88.24
C PRO N 611 -48.83 -13.19 87.10
N ASN N 612 -49.98 -13.76 87.40
CA ASN N 612 -50.95 -13.96 86.33
C ASN N 612 -51.89 -12.76 86.29
N ASP N 613 -51.51 -11.77 85.49
CA ASP N 613 -52.23 -10.51 85.37
C ASP N 613 -51.97 -9.84 84.02
N GLY N 614 -52.62 -8.71 83.81
CA GLY N 614 -52.55 -7.95 82.56
C GLY N 614 -51.17 -7.57 82.09
N ASN N 615 -50.25 -7.28 83.00
CA ASN N 615 -48.92 -6.91 82.58
C ASN N 615 -48.19 -8.07 81.89
N THR N 616 -48.46 -9.30 82.33
CA THR N 616 -47.81 -10.47 81.81
C THR N 616 -48.47 -10.81 80.49
N TRP N 617 -49.79 -10.74 80.46
CA TRP N 617 -50.53 -11.11 79.27
C TRP N 617 -50.05 -10.28 78.08
N VAL N 618 -49.83 -8.98 78.29
CA VAL N 618 -49.33 -8.13 77.24
C VAL N 618 -47.92 -8.52 76.80
N ARG N 619 -47.02 -8.76 77.76
CA ARG N 619 -45.62 -9.14 77.39
C ARG N 619 -45.60 -10.45 76.59
N VAL N 620 -46.40 -11.44 76.96
CA VAL N 620 -46.41 -12.72 76.27
C VAL N 620 -46.93 -12.56 74.86
N ARG N 621 -48.05 -11.84 74.71
CA ARG N 621 -48.60 -11.61 73.41
C ARG N 621 -47.63 -10.92 72.46
N ALA N 622 -46.99 -9.85 72.93
CA ALA N 622 -46.09 -9.12 72.08
C ALA N 622 -44.93 -9.99 71.59
N MET N 623 -44.39 -10.83 72.47
CA MET N 623 -43.29 -11.71 72.12
C MET N 623 -43.69 -12.69 71.00
N ILE N 624 -44.86 -13.31 71.13
CA ILE N 624 -45.31 -14.27 70.14
C ILE N 624 -45.55 -13.60 68.80
N GLU N 625 -46.19 -12.43 68.78
CA GLU N 625 -46.43 -11.76 67.52
C GLU N 625 -45.11 -11.40 66.82
N ASN N 626 -44.07 -10.98 67.56
CA ASN N 626 -42.82 -10.64 66.89
C ASN N 626 -42.22 -11.85 66.18
N PHE N 627 -42.29 -13.03 66.81
CA PHE N 627 -41.81 -14.26 66.18
C PHE N 627 -42.53 -14.51 64.86
N LEU N 628 -43.86 -14.45 64.90
CA LEU N 628 -44.67 -14.72 63.72
C LEU N 628 -44.45 -13.70 62.60
N ILE N 629 -44.20 -12.44 62.94
CA ILE N 629 -43.92 -11.43 61.91
C ILE N 629 -42.67 -11.82 61.14
N LEU N 630 -41.63 -12.25 61.84
CA LEU N 630 -40.41 -12.66 61.16
C LEU N 630 -40.65 -13.88 60.25
N GLN N 631 -41.50 -14.83 60.68
CA GLN N 631 -41.78 -15.99 59.83
C GLN N 631 -42.51 -15.55 58.57
N TRP N 632 -43.40 -14.57 58.71
CA TRP N 632 -44.10 -14.00 57.58
C TRP N 632 -43.13 -13.28 56.63
N ARG N 633 -42.23 -12.46 57.17
CA ARG N 633 -41.29 -11.71 56.36
C ARG N 633 -40.42 -12.63 55.51
N ALA N 634 -40.08 -13.80 56.05
CA ALA N 634 -39.24 -14.79 55.37
C ALA N 634 -40.01 -15.64 54.36
N GLY N 635 -41.33 -15.44 54.22
CA GLY N 635 -42.14 -16.19 53.28
C GLY N 635 -42.73 -17.52 53.75
N ALA N 636 -42.74 -17.80 55.06
CA ALA N 636 -43.30 -19.07 55.53
C ALA N 636 -44.82 -19.06 55.58
N LEU N 637 -45.40 -17.90 55.86
CA LEU N 637 -46.85 -17.75 56.02
C LEU N 637 -47.48 -17.03 54.85
N ALA N 638 -48.73 -17.35 54.58
CA ALA N 638 -49.54 -16.72 53.53
C ALA N 638 -50.03 -15.35 53.98
N GLY N 639 -50.38 -14.48 53.04
CA GLY N 639 -50.99 -13.18 53.37
C GLY N 639 -50.18 -11.95 52.91
N ALA N 640 -50.89 -10.96 52.35
CA ALA N 640 -50.30 -9.70 51.87
C ALA N 640 -49.61 -8.88 52.96
N LYS N 641 -50.17 -8.92 54.17
CA LYS N 641 -49.69 -8.21 55.33
C LYS N 641 -49.83 -9.17 56.51
N PRO N 642 -49.08 -9.04 57.64
CA PRO N 642 -49.17 -9.89 58.82
C PRO N 642 -50.60 -10.10 59.31
N GLU N 643 -51.45 -9.07 59.18
CA GLU N 643 -52.85 -9.12 59.56
C GLU N 643 -53.66 -10.24 58.91
N HIS N 644 -53.17 -10.78 57.80
CA HIS N 644 -53.81 -11.83 57.05
C HIS N 644 -53.11 -13.17 57.22
N ALA N 645 -51.99 -13.17 57.95
CA ALA N 645 -51.17 -14.34 58.13
C ALA N 645 -51.44 -15.04 59.45
N PHE N 646 -51.68 -14.26 60.50
CA PHE N 646 -51.87 -14.87 61.81
C PHE N 646 -52.62 -13.99 62.80
N TYR N 647 -53.05 -14.62 63.90
CA TYR N 647 -53.58 -13.86 65.04
C TYR N 647 -53.13 -14.50 66.35
N VAL N 648 -53.07 -13.68 67.40
CA VAL N 648 -52.77 -14.11 68.78
C VAL N 648 -53.79 -13.45 69.74
N LYS N 649 -54.44 -14.25 70.59
CA LYS N 649 -55.41 -13.71 71.56
C LYS N 649 -55.18 -14.20 72.99
N VAL N 650 -55.31 -13.29 73.94
CA VAL N 650 -55.23 -13.63 75.36
C VAL N 650 -55.96 -12.61 76.20
N GLY N 651 -56.70 -13.07 77.20
CA GLY N 651 -57.34 -12.13 78.11
C GLY N 651 -58.49 -12.70 78.90
N LEU N 652 -58.85 -11.99 79.96
CA LEU N 652 -59.94 -12.43 80.80
C LEU N 652 -61.21 -12.10 80.04
N GLY N 653 -62.07 -13.09 79.86
CA GLY N 653 -63.28 -12.93 79.09
C GLY N 653 -63.10 -13.32 77.62
N GLN N 654 -61.86 -13.53 77.19
CA GLN N 654 -61.59 -13.92 75.81
C GLN N 654 -61.12 -15.35 75.77
N THR N 655 -60.09 -15.66 76.57
CA THR N 655 -59.53 -16.99 76.59
C THR N 655 -59.56 -17.61 77.99
N MET N 656 -59.70 -16.77 79.02
CA MET N 656 -59.67 -17.19 80.42
C MET N 656 -60.90 -16.79 81.20
N THR N 657 -61.21 -17.59 82.22
CA THR N 657 -62.28 -17.20 83.15
C THR N 657 -61.77 -17.03 84.57
N ALA N 658 -62.68 -16.66 85.47
CA ALA N 658 -62.28 -16.39 86.87
C ALA N 658 -61.64 -17.61 87.52
N GLN N 659 -62.14 -18.78 87.17
CA GLN N 659 -61.66 -20.05 87.68
C GLN N 659 -60.21 -20.32 87.27
N ASP N 660 -59.80 -19.82 86.10
CA ASP N 660 -58.46 -20.08 85.61
C ASP N 660 -57.53 -19.18 86.33
N ILE N 661 -58.00 -17.98 86.66
CA ILE N 661 -57.11 -17.09 87.36
C ILE N 661 -56.84 -17.71 88.73
N LEU N 662 -57.90 -18.20 89.39
CA LEU N 662 -57.76 -18.80 90.72
C LEU N 662 -56.83 -20.01 90.74
N GLU N 663 -56.89 -20.85 89.71
CA GLU N 663 -56.04 -22.03 89.64
C GLU N 663 -54.64 -21.78 89.06
N GLY N 664 -54.33 -20.54 88.68
CA GLY N 664 -53.03 -20.25 88.08
C GLY N 664 -52.85 -20.59 86.60
N ASN N 665 -53.93 -20.70 85.82
CA ASN N 665 -53.79 -21.04 84.41
C ASN N 665 -53.72 -19.78 83.53
N MET N 666 -53.05 -19.89 82.39
CA MET N 666 -53.02 -18.83 81.40
C MET N 666 -53.26 -19.43 80.02
N ASN N 667 -54.26 -18.91 79.31
CA ASN N 667 -54.66 -19.45 78.01
C ASN N 667 -54.37 -18.54 76.81
N VAL N 668 -53.55 -19.00 75.89
CA VAL N 668 -53.23 -18.17 74.72
C VAL N 668 -53.67 -18.90 73.44
N GLU N 669 -54.44 -18.21 72.59
CA GLU N 669 -54.89 -18.80 71.33
C GLU N 669 -54.17 -18.22 70.11
N ILE N 670 -53.68 -19.10 69.24
CA ILE N 670 -52.91 -18.70 68.05
C ILE N 670 -53.43 -19.35 66.76
N GLY N 671 -53.55 -18.58 65.68
CA GLY N 671 -53.96 -19.16 64.40
C GLY N 671 -52.97 -18.77 63.29
N LEU N 672 -52.74 -19.70 62.32
CA LEU N 672 -51.77 -19.47 61.23
C LEU N 672 -52.28 -19.81 59.81
N ALA N 673 -51.96 -18.96 58.82
CA ALA N 673 -52.27 -19.23 57.41
C ALA N 673 -51.09 -19.91 56.69
N VAL N 674 -51.23 -21.18 56.35
CA VAL N 674 -50.14 -21.98 55.76
C VAL N 674 -50.43 -22.42 54.32
N VAL N 675 -49.43 -22.23 53.47
CA VAL N 675 -49.43 -22.53 52.03
C VAL N 675 -49.23 -24.01 51.68
N ARG N 676 -50.08 -24.55 50.79
CA ARG N 676 -49.99 -25.94 50.35
C ARG N 676 -49.59 -26.03 48.86
N PRO N 677 -48.79 -27.05 48.46
CA PRO N 677 -48.26 -27.31 47.12
C PRO N 677 -49.25 -27.82 46.09
N ALA N 678 -48.94 -27.57 44.81
CA ALA N 678 -49.68 -28.18 43.70
C ALA N 678 -49.02 -29.49 43.31
N GLU N 679 -49.81 -30.49 42.92
CA GLU N 679 -49.25 -31.76 42.47
C GLU N 679 -49.39 -32.08 40.98
N PHE N 680 -50.35 -31.48 40.29
CA PHE N 680 -50.59 -31.93 38.93
C PHE N 680 -50.52 -30.80 37.90
N ILE N 681 -49.86 -31.08 36.79
CA ILE N 681 -49.75 -30.16 35.67
C ILE N 681 -50.28 -30.81 34.42
N ILE N 682 -51.25 -30.17 33.78
CA ILE N 682 -51.86 -30.73 32.60
C ILE N 682 -51.59 -29.89 31.36
N LEU N 683 -51.01 -30.51 30.35
CA LEU N 683 -50.72 -29.79 29.11
C LEU N 683 -51.73 -30.20 28.06
N LYS N 684 -52.10 -29.27 27.19
CA LYS N 684 -53.02 -29.56 26.12
C LYS N 684 -52.44 -29.06 24.81
N PHE N 685 -52.60 -29.83 23.76
CA PHE N 685 -52.05 -29.47 22.46
C PHE N 685 -53.11 -29.44 21.38
N SER N 686 -52.88 -28.62 20.37
CA SER N 686 -53.78 -28.48 19.24
C SER N 686 -53.06 -27.94 18.03
N HIS N 687 -53.74 -27.96 16.89
CA HIS N 687 -53.22 -27.40 15.66
C HIS N 687 -53.68 -25.98 15.50
N LYS N 688 -52.73 -25.05 15.53
CA LYS N 688 -53.05 -23.64 15.42
C LYS N 688 -53.77 -23.32 14.13
N MET N 689 -54.85 -22.56 14.24
CA MET N 689 -55.63 -22.15 13.09
C MET N 689 -56.23 -20.78 13.29
N GLN N 690 -56.59 -20.14 12.18
CA GLN N 690 -57.25 -18.85 12.24
C GLN N 690 -58.49 -18.88 13.12
N THR O 3 45.24 10.15 64.37
CA THR O 3 45.55 11.57 64.32
C THR O 3 45.94 12.04 62.93
N TYR O 4 45.21 13.02 62.43
CA TYR O 4 45.48 13.59 61.15
C TYR O 4 45.69 15.07 61.35
N LYS O 5 46.54 15.68 60.55
CA LYS O 5 46.80 17.12 60.70
C LYS O 5 46.35 17.99 59.54
N THR O 6 46.24 17.42 58.36
CA THR O 6 45.88 18.21 57.19
C THR O 6 44.43 17.87 56.80
N PRO O 7 43.53 18.85 56.62
CA PRO O 7 42.16 18.64 56.17
C PRO O 7 42.19 17.91 54.84
N GLY O 8 41.27 16.99 54.61
CA GLY O 8 41.29 16.31 53.33
C GLY O 8 40.86 14.85 53.41
N VAL O 9 41.07 14.15 52.32
CA VAL O 9 40.69 12.75 52.18
C VAL O 9 41.91 11.84 52.22
N TYR O 10 41.86 10.86 53.11
CA TYR O 10 42.95 9.91 53.29
C TYR O 10 42.56 8.56 52.72
N ILE O 11 43.54 7.83 52.18
CA ILE O 11 43.29 6.50 51.61
C ILE O 11 44.09 5.39 52.26
N GLU O 12 43.38 4.33 52.65
CA GLU O 12 43.97 3.15 53.27
C GLU O 12 43.49 1.87 52.58
N GLU O 13 44.30 0.81 52.65
CA GLU O 13 43.91 -0.49 52.08
C GLU O 13 43.95 -1.59 53.13
N ILE O 14 42.78 -2.18 53.40
CA ILE O 14 42.62 -3.20 54.43
C ILE O 14 41.85 -4.42 53.95
N THR O 15 41.92 -5.51 54.71
CA THR O 15 41.10 -6.71 54.46
C THR O 15 40.28 -7.08 55.70
N LYS O 16 38.96 -7.24 55.53
CA LYS O 16 38.10 -7.62 56.65
C LYS O 16 36.69 -7.99 56.20
N PHE O 17 35.92 -8.60 57.09
CA PHE O 17 34.49 -8.80 56.85
C PHE O 17 33.81 -7.47 57.16
N PRO O 18 32.72 -7.12 56.48
CA PRO O 18 31.93 -5.93 56.74
C PRO O 18 31.25 -6.05 58.12
N PRO O 19 31.00 -4.93 58.82
CA PRO O 19 30.35 -4.81 60.12
C PRO O 19 28.84 -5.04 60.09
N SER O 20 28.26 -5.31 61.26
CA SER O 20 26.81 -5.44 61.43
C SER O 20 26.36 -5.09 62.85
N VAL O 21 25.25 -4.34 62.92
CA VAL O 21 24.63 -3.89 64.17
C VAL O 21 23.11 -4.12 64.16
N ALA O 22 22.48 -4.06 65.35
CA ALA O 22 21.03 -4.19 65.45
C ALA O 22 20.50 -3.50 66.71
N GLN O 23 19.22 -3.16 66.68
CA GLN O 23 18.51 -2.57 67.82
C GLN O 23 17.63 -3.63 68.47
N VAL O 24 17.97 -4.00 69.69
CA VAL O 24 17.27 -5.06 70.42
C VAL O 24 16.85 -4.61 71.80
N GLU O 25 15.58 -4.81 72.14
CA GLU O 25 15.08 -4.45 73.46
C GLU O 25 14.84 -5.60 74.46
N THR O 26 14.47 -6.77 73.96
CA THR O 26 14.05 -7.88 74.84
C THR O 26 15.00 -9.08 74.95
N ALA O 27 16.16 -9.01 74.34
CA ALA O 27 17.06 -10.16 74.34
C ALA O 27 18.49 -9.76 74.59
N ILE O 28 18.77 -9.21 75.78
CA ILE O 28 20.12 -8.76 76.11
C ILE O 28 20.93 -9.83 76.91
N PRO O 29 21.95 -10.46 76.33
CA PRO O 29 22.79 -11.45 76.96
C PRO O 29 23.91 -10.87 77.78
N ALA O 30 24.40 -11.66 78.72
CA ALA O 30 25.70 -11.39 79.32
C ALA O 30 26.67 -12.50 78.92
N PHE O 31 27.91 -12.13 78.64
CA PHE O 31 28.96 -13.08 78.28
C PHE O 31 30.10 -13.06 79.30
N ILE O 32 30.35 -14.20 79.95
CA ILE O 32 31.40 -14.29 80.98
C ILE O 32 32.64 -15.08 80.52
N GLY O 33 33.83 -14.44 80.48
CA GLY O 33 35.05 -15.15 80.00
C GLY O 33 36.36 -14.33 79.95
N TYR O 34 37.38 -14.85 79.22
CA TYR O 34 38.71 -14.19 79.18
C TYR O 34 38.93 -13.25 77.99
N THR O 35 39.72 -12.19 78.20
CA THR O 35 40.05 -11.20 77.13
C THR O 35 41.57 -10.96 76.97
N GLN O 36 42.00 -10.11 76.02
CA GLN O 36 43.43 -9.81 75.94
C GLN O 36 43.83 -8.88 77.05
N PHE O 37 42.95 -7.94 77.31
CA PHE O 37 43.13 -6.90 78.31
C PHE O 37 41.78 -6.39 78.76
N ALA O 38 41.75 -5.56 79.79
CA ALA O 38 40.48 -4.98 80.18
C ALA O 38 40.70 -3.59 80.76
N ARG O 39 40.41 -2.56 79.97
CA ARG O 39 40.71 -1.19 80.40
C ARG O 39 39.60 -0.20 80.13
N THR O 40 39.60 0.92 80.87
CA THR O 40 38.61 1.97 80.61
C THR O 40 39.13 3.08 79.71
N LYS O 41 40.45 3.22 79.63
CA LYS O 41 41.06 4.24 78.80
C LYS O 41 42.17 3.55 78.01
N PRO O 42 42.49 4.01 76.79
CA PRO O 42 43.54 3.50 75.93
C PRO O 42 44.95 3.63 76.48
N SER O 43 45.13 4.49 77.49
CA SER O 43 46.45 4.72 78.06
C SER O 43 46.43 4.63 79.57
N VAL O 44 46.53 3.41 80.05
CA VAL O 44 46.50 3.07 81.46
C VAL O 44 47.67 2.16 81.76
N ASP O 45 48.01 1.98 83.02
CA ASP O 45 49.06 1.07 83.41
C ASP O 45 48.58 -0.29 83.91
N SER O 46 47.29 -0.57 83.77
CA SER O 46 46.76 -1.86 84.22
C SER O 46 45.41 -2.20 83.63
N ASP O 47 44.88 -3.31 84.11
CA ASP O 47 43.57 -3.79 83.73
C ASP O 47 42.56 -3.26 84.75
N ASP O 48 41.64 -2.43 84.29
CA ASP O 48 40.70 -1.74 85.15
C ASP O 48 39.38 -2.49 85.30
N LEU O 49 39.02 -3.23 84.27
CA LEU O 49 37.73 -3.87 84.16
C LEU O 49 37.70 -5.37 84.37
N ILE O 50 38.65 -5.95 85.10
CA ILE O 50 38.65 -7.41 85.18
C ILE O 50 37.36 -8.00 85.72
N LEU O 51 36.78 -7.45 86.78
CA LEU O 51 35.50 -7.98 87.25
C LEU O 51 34.41 -6.93 87.24
N LYS O 52 34.43 -6.05 86.24
CA LYS O 52 33.42 -5.02 86.20
C LYS O 52 32.56 -5.18 84.95
N PRO O 53 31.24 -5.39 85.05
CA PRO O 53 30.35 -5.50 83.91
C PRO O 53 30.40 -4.23 83.10
N LYS O 54 30.37 -4.37 81.79
CA LYS O 54 30.31 -3.20 80.93
C LYS O 54 29.34 -3.46 79.79
N ARG O 55 28.62 -2.41 79.39
CA ARG O 55 27.72 -2.54 78.26
C ARG O 55 28.40 -2.12 76.96
N ILE O 56 28.30 -2.99 75.97
CA ILE O 56 28.86 -2.89 74.62
C ILE O 56 27.79 -2.81 73.54
N SER O 57 27.90 -1.83 72.61
CA SER O 57 26.87 -1.71 71.56
C SER O 57 27.19 -2.47 70.26
N SER O 58 28.46 -2.75 70.02
CA SER O 58 28.90 -3.39 68.79
C SER O 58 30.27 -4.02 68.97
N LEU O 59 30.70 -4.79 67.98
CA LEU O 59 32.02 -5.42 68.06
C LEU O 59 33.17 -4.39 68.17
N LEU O 60 33.02 -3.19 67.59
CA LEU O 60 34.07 -2.17 67.69
C LEU O 60 34.28 -1.71 69.13
N ASP O 61 33.18 -1.61 69.88
CA ASP O 61 33.27 -1.20 71.28
C ASP O 61 33.96 -2.29 72.05
N PHE O 62 33.65 -3.54 71.73
CA PHE O 62 34.31 -4.63 72.42
C PHE O 62 35.81 -4.53 72.24
N THR O 63 36.24 -4.43 70.98
CA THR O 63 37.66 -4.41 70.66
C THR O 63 38.37 -3.29 71.40
N THR O 64 37.76 -2.12 71.40
CA THR O 64 38.30 -0.94 72.07
C THR O 64 38.73 -1.17 73.52
N TYR O 65 37.99 -1.97 74.29
CA TYR O 65 38.32 -2.13 75.70
C TYR O 65 38.88 -3.50 76.06
N TYR O 66 38.65 -4.50 75.20
CA TYR O 66 39.04 -5.87 75.49
C TYR O 66 40.06 -6.55 74.54
N GLY O 67 40.29 -5.99 73.35
CA GLY O 67 41.18 -6.61 72.37
C GLY O 67 40.56 -7.72 71.53
N GLY O 68 41.41 -8.44 70.78
CA GLY O 68 41.01 -9.51 69.83
C GLY O 68 41.28 -10.93 70.33
N ALA O 69 41.59 -11.83 69.38
CA ALA O 69 41.85 -13.24 69.64
C ALA O 69 43.34 -13.48 69.95
N GLN O 70 43.65 -14.64 70.53
CA GLN O 70 45.02 -15.07 70.77
C GLN O 70 45.57 -15.74 69.51
N ASN O 71 46.84 -15.49 69.16
CA ASN O 71 47.45 -16.17 68.02
C ASN O 71 47.57 -17.68 68.25
N GLU O 72 47.31 -18.47 67.23
CA GLU O 72 47.50 -19.91 67.34
C GLU O 72 48.99 -20.24 67.25
N GLN O 73 49.43 -21.25 67.99
CA GLN O 73 50.83 -21.67 67.96
C GLN O 73 50.99 -23.14 67.57
N GLY O 74 49.96 -23.73 66.97
CA GLY O 74 49.97 -25.15 66.59
C GLY O 74 50.02 -25.43 65.08
N ILE O 75 50.34 -24.43 64.27
CA ILE O 75 50.37 -24.59 62.81
C ILE O 75 51.73 -25.02 62.33
N THR O 76 51.79 -26.10 61.53
CA THR O 76 53.04 -26.61 60.97
C THR O 76 52.86 -26.75 59.48
N VAL O 77 53.96 -26.85 58.72
CA VAL O 77 53.87 -27.04 57.27
C VAL O 77 54.78 -28.15 56.75
N LYS O 78 54.29 -29.00 55.85
CA LYS O 78 55.12 -30.04 55.23
C LYS O 78 55.10 -29.98 53.69
N LEU O 79 56.28 -29.83 53.10
CA LEU O 79 56.44 -29.73 51.64
C LEU O 79 57.24 -30.91 51.07
N THR O 80 56.69 -31.61 50.07
CA THR O 80 57.45 -32.74 49.49
C THR O 80 57.65 -32.64 47.95
N ASP O 81 58.93 -32.80 47.54
CA ASP O 81 59.39 -32.77 46.13
C ASP O 81 59.66 -34.16 45.52
N THR O 82 58.91 -34.50 44.46
CA THR O 82 59.05 -35.80 43.78
C THR O 82 59.13 -35.65 42.25
N LEU O 83 59.45 -36.75 41.55
CA LEU O 83 59.43 -36.72 40.09
C LEU O 83 58.33 -37.56 39.47
N ILE O 84 57.75 -37.02 38.41
CA ILE O 84 56.77 -37.74 37.61
C ILE O 84 57.28 -37.90 36.20
N GLU O 85 57.69 -39.10 35.83
CA GLU O 85 58.27 -39.38 34.52
C GLU O 85 59.39 -38.40 34.18
N GLY O 86 60.20 -38.08 35.18
CA GLY O 86 61.33 -37.16 35.04
C GLY O 86 61.01 -35.67 35.30
N ALA O 87 59.73 -35.31 35.40
CA ALA O 87 59.34 -33.92 35.61
C ALA O 87 59.25 -33.60 37.09
N GLU O 88 59.55 -32.36 37.46
CA GLU O 88 59.42 -31.96 38.85
C GLU O 88 57.95 -31.78 39.23
N ASN O 89 57.61 -32.12 40.46
CA ASN O 89 56.29 -31.92 41.02
C ASN O 89 56.33 -31.77 42.54
N ARG O 90 55.66 -30.76 43.11
CA ARG O 90 55.69 -30.66 44.56
C ARG O 90 54.31 -30.46 45.17
N THR O 91 54.15 -31.01 46.36
CA THR O 91 52.94 -30.88 47.16
C THR O 91 53.17 -30.14 48.47
N ILE O 92 52.31 -29.16 48.74
CA ILE O 92 52.36 -28.42 50.00
C ILE O 92 51.17 -28.78 50.86
N ASN O 93 51.43 -29.30 52.04
CA ASN O 93 50.39 -29.75 52.93
C ASN O 93 50.41 -29.08 54.29
N VAL O 94 49.30 -28.43 54.62
CA VAL O 94 49.16 -27.79 55.91
C VAL O 94 48.03 -28.50 56.68
N PRO O 95 48.32 -29.40 57.64
CA PRO O 95 47.40 -30.16 58.46
C PRO O 95 46.58 -29.28 59.39
N GLU O 96 45.41 -29.75 59.79
CA GLU O 96 44.65 -29.02 60.81
C GLU O 96 45.43 -29.13 62.12
N PRO O 97 45.61 -28.06 62.91
CA PRO O 97 46.30 -28.07 64.20
C PRO O 97 45.65 -29.01 65.17
N THR O 98 46.45 -29.65 66.02
CA THR O 98 45.94 -30.56 67.04
C THR O 98 45.94 -29.88 68.41
N PHE O 99 46.59 -28.73 68.47
CA PHE O 99 46.70 -27.92 69.67
C PHE O 99 46.24 -26.53 69.31
N LYS O 100 45.20 -26.07 70.00
CA LYS O 100 44.58 -24.79 69.70
C LYS O 100 44.44 -23.93 70.95
N SER O 101 44.38 -22.62 70.77
CA SER O 101 44.13 -21.70 71.88
C SER O 101 42.77 -22.03 72.49
N PRO O 102 42.61 -22.04 73.82
CA PRO O 102 41.36 -22.29 74.49
C PRO O 102 40.45 -21.07 74.65
N TYR O 103 40.82 -19.92 74.07
CA TYR O 103 40.05 -18.71 74.33
C TYR O 103 39.13 -18.34 73.15
N LEU O 104 37.81 -18.50 73.33
CA LEU O 104 36.82 -18.29 72.26
C LEU O 104 35.91 -17.06 72.31
N MET O 105 36.05 -16.14 73.29
CA MET O 105 35.08 -15.03 73.35
C MET O 105 35.05 -14.16 72.11
N PHE O 106 36.20 -13.86 71.51
CA PHE O 106 36.21 -13.00 70.35
C PHE O 106 35.38 -13.60 69.20
N TYR O 107 35.64 -14.88 68.90
CA TYR O 107 34.94 -15.57 67.83
C TYR O 107 33.46 -15.67 68.10
N SER O 108 33.13 -15.90 69.38
CA SER O 108 31.75 -16.02 69.81
C SER O 108 30.99 -14.74 69.51
N LEU O 109 31.57 -13.59 69.86
CA LEU O 109 30.93 -12.30 69.58
C LEU O 109 30.78 -12.03 68.11
N GLN O 110 31.74 -12.43 67.28
CA GLN O 110 31.56 -12.22 65.85
C GLN O 110 30.32 -12.95 65.34
N MET O 111 30.09 -14.18 65.82
CA MET O 111 28.92 -14.95 65.42
C MET O 111 27.62 -14.32 65.94
N TYR O 112 27.65 -13.82 67.17
CA TYR O 112 26.52 -13.15 67.78
C TYR O 112 26.03 -11.97 66.97
N PHE O 113 26.95 -11.09 66.57
CA PHE O 113 26.55 -9.92 65.80
C PHE O 113 26.14 -10.33 64.37
N ALA O 114 26.80 -11.35 63.77
CA ALA O 114 26.49 -11.84 62.43
C ALA O 114 25.04 -12.33 62.33
N ASN O 115 24.52 -12.88 63.43
CA ASN O 115 23.17 -13.39 63.51
C ASN O 115 22.13 -12.40 64.03
N GLY O 116 22.47 -11.11 64.10
CA GLY O 116 21.48 -10.10 64.47
C GLY O 116 21.42 -9.62 65.91
N GLY O 117 22.41 -9.96 66.73
CA GLY O 117 22.39 -9.51 68.10
C GLY O 117 22.55 -7.99 68.27
N GLY O 118 21.99 -7.47 69.36
CA GLY O 118 22.07 -6.06 69.72
C GLY O 118 23.08 -5.89 70.86
N PRO O 119 22.93 -4.85 71.70
CA PRO O 119 23.79 -4.51 72.82
C PRO O 119 23.85 -5.65 73.81
N CYS O 120 24.98 -5.78 74.49
CA CYS O 120 25.19 -6.85 75.46
C CYS O 120 26.13 -6.49 76.60
N TYR O 121 26.17 -7.35 77.62
CA TYR O 121 27.10 -7.15 78.73
C TYR O 121 28.30 -8.07 78.69
N ILE O 122 29.45 -7.48 78.94
CA ILE O 122 30.70 -8.22 79.01
C ILE O 122 31.25 -8.23 80.42
N VAL O 123 31.57 -9.43 80.90
CA VAL O 123 32.22 -9.56 82.19
C VAL O 123 33.50 -10.34 81.96
N SER O 124 34.62 -9.72 82.28
CA SER O 124 35.89 -10.35 82.12
C SER O 124 36.09 -11.24 83.33
N THR O 125 36.91 -12.24 83.21
CA THR O 125 37.26 -13.08 84.34
C THR O 125 38.76 -13.07 84.55
N GLY O 126 39.46 -12.45 83.63
CA GLY O 126 40.91 -12.41 83.60
C GLY O 126 41.36 -12.18 82.18
N VAL O 127 42.66 -12.29 81.96
CA VAL O 127 43.21 -12.07 80.62
C VAL O 127 43.94 -13.31 80.14
N TYR O 128 44.19 -13.38 78.84
CA TYR O 128 44.81 -14.55 78.22
C TYR O 128 46.18 -14.87 78.79
N ASP O 129 46.43 -16.15 79.10
CA ASP O 129 47.74 -16.54 79.57
C ASP O 129 48.60 -16.95 78.38
N ASP O 130 49.85 -17.33 78.62
CA ASP O 130 50.70 -17.73 77.50
C ASP O 130 50.82 -19.25 77.35
N TRP O 131 51.56 -19.68 76.34
CA TRP O 131 51.79 -21.09 76.07
C TRP O 131 53.07 -21.57 76.75
N SER O 132 53.12 -22.83 77.14
CA SER O 132 54.35 -23.34 77.75
C SER O 132 55.27 -23.89 76.68
N ASP O 133 54.65 -24.43 75.64
CA ASP O 133 55.35 -25.02 74.50
C ASP O 133 54.38 -25.07 73.33
N SER O 134 54.83 -25.50 72.16
CA SER O 134 53.94 -25.57 70.99
C SER O 134 52.86 -26.64 71.15
N GLU O 135 53.11 -27.59 72.03
CA GLU O 135 52.20 -28.68 72.33
C GLU O 135 51.56 -28.51 73.70
N THR O 136 51.80 -27.38 74.36
CA THR O 136 51.23 -27.17 75.68
C THR O 136 50.54 -25.79 75.80
N PRO O 137 49.22 -25.72 75.57
CA PRO O 137 48.38 -24.55 75.59
C PRO O 137 48.03 -24.11 77.02
N PRO O 138 47.50 -22.89 77.21
CA PRO O 138 46.93 -22.32 78.41
C PRO O 138 45.73 -23.14 78.88
N THR O 139 45.36 -22.96 80.14
CA THR O 139 44.19 -23.64 80.69
C THR O 139 43.13 -22.65 81.16
N ILE O 140 41.91 -23.14 81.37
CA ILE O 140 40.77 -22.37 81.85
C ILE O 140 40.54 -22.68 83.32
N ASN O 141 40.52 -21.64 84.15
CA ASN O 141 40.37 -21.83 85.59
C ASN O 141 38.93 -21.72 86.04
N PHE O 142 38.37 -22.82 86.46
CA PHE O 142 36.99 -22.88 86.90
C PHE O 142 36.61 -21.77 87.87
N SER O 143 37.48 -21.47 88.84
CA SER O 143 37.18 -20.48 89.88
C SER O 143 36.97 -19.07 89.32
N ASP O 144 37.49 -18.80 88.13
CA ASP O 144 37.39 -17.50 87.53
C ASP O 144 35.99 -17.33 86.93
N LEU O 145 35.38 -18.45 86.49
CA LEU O 145 34.08 -18.34 85.87
C LEU O 145 33.05 -18.20 86.97
N GLU O 146 33.28 -18.89 88.11
CA GLU O 146 32.35 -18.74 89.23
C GLU O 146 32.34 -17.30 89.74
N SER O 147 33.51 -16.67 89.77
CA SER O 147 33.61 -15.30 90.20
C SER O 147 32.79 -14.41 89.27
N GLY O 148 32.95 -14.58 87.95
CA GLY O 148 32.17 -13.77 87.01
C GLY O 148 30.65 -13.95 87.17
N LEU O 149 30.20 -15.17 87.47
CA LEU O 149 28.79 -15.43 87.66
C LEU O 149 28.28 -14.69 88.92
N ALA O 150 29.07 -14.72 90.00
CA ALA O 150 28.73 -14.02 91.23
C ALA O 150 28.58 -12.51 91.00
N VAL O 151 29.39 -11.96 90.10
CA VAL O 151 29.34 -10.56 89.74
C VAL O 151 28.09 -10.20 88.95
N ILE O 152 27.78 -10.97 87.89
CA ILE O 152 26.63 -10.63 87.05
C ILE O 152 25.33 -10.72 87.84
N ARG O 153 25.30 -11.53 88.90
CA ARG O 153 24.13 -11.65 89.74
C ARG O 153 23.63 -10.31 90.28
N LYS O 154 24.49 -9.30 90.39
CA LYS O 154 24.04 -8.01 90.93
C LYS O 154 23.51 -7.04 89.87
N GLU O 155 23.53 -7.41 88.59
CA GLU O 155 23.03 -6.54 87.53
C GLU O 155 21.57 -6.87 87.22
N ASP O 156 20.76 -5.85 86.91
CA ASP O 156 19.35 -6.07 86.57
C ASP O 156 19.00 -6.25 85.10
N GLU O 157 19.74 -5.62 84.21
CA GLU O 157 19.40 -5.65 82.79
C GLU O 157 19.48 -6.98 81.99
N PRO O 158 20.50 -7.85 82.17
CA PRO O 158 20.66 -9.09 81.39
C PRO O 158 19.48 -10.04 81.49
N THR O 159 19.16 -10.72 80.39
CA THR O 159 18.08 -11.72 80.36
C THR O 159 18.62 -13.12 80.02
N LEU O 160 19.77 -13.19 79.34
CA LEU O 160 20.36 -14.49 78.96
C LEU O 160 21.76 -14.65 79.53
N LEU O 161 22.09 -15.86 79.98
CA LEU O 161 23.45 -16.13 80.49
C LEU O 161 24.27 -17.09 79.62
N LEU O 162 25.44 -16.62 79.14
CA LEU O 162 26.31 -17.45 78.30
C LEU O 162 27.78 -17.53 78.80
N PHE O 163 28.41 -18.69 78.60
CA PHE O 163 29.84 -18.89 78.93
C PHE O 163 30.67 -19.40 77.73
N PRO O 164 31.28 -18.52 76.92
CA PRO O 164 32.03 -18.84 75.72
C PRO O 164 33.23 -19.79 75.91
N ASP O 165 33.80 -19.91 77.12
CA ASP O 165 34.95 -20.79 77.29
C ASP O 165 34.66 -21.89 78.32
N ALA O 166 33.43 -22.39 78.39
CA ALA O 166 33.12 -23.47 79.35
C ALA O 166 33.50 -24.86 78.85
N THR O 167 33.49 -25.09 77.55
CA THR O 167 33.75 -26.42 77.01
C THR O 167 35.23 -26.76 77.08
N ASN O 168 36.05 -25.77 77.42
CA ASN O 168 37.48 -25.98 77.55
C ASN O 168 37.92 -26.21 78.99
N LEU O 169 36.97 -26.35 79.93
CA LEU O 169 37.31 -26.66 81.30
C LEU O 169 37.93 -28.05 81.33
N PRO O 170 38.96 -28.32 82.16
CA PRO O 170 39.65 -29.59 82.31
C PRO O 170 38.79 -30.83 82.51
N THR O 171 37.63 -30.72 83.17
CA THR O 171 36.79 -31.89 83.37
C THR O 171 35.33 -31.59 83.03
N ASP O 172 34.56 -32.65 82.85
CA ASP O 172 33.15 -32.52 82.57
C ASP O 172 32.43 -32.19 83.85
N ASP O 173 32.96 -32.68 84.96
CA ASP O 173 32.36 -32.39 86.25
C ASP O 173 32.34 -30.88 86.51
N GLU O 174 33.42 -30.16 86.19
CA GLU O 174 33.43 -28.71 86.37
C GLU O 174 32.43 -28.04 85.45
N PHE O 175 32.33 -28.53 84.21
CA PHE O 175 31.39 -28.01 83.25
C PHE O 175 29.95 -28.10 83.77
N TYR O 176 29.56 -29.28 84.23
CA TYR O 176 28.19 -29.48 84.72
C TYR O 176 27.91 -28.64 85.96
N SER O 177 28.90 -28.53 86.84
CA SER O 177 28.75 -27.74 88.06
C SER O 177 28.44 -26.29 87.71
N LEU O 178 29.17 -25.73 86.74
CA LEU O 178 28.95 -24.35 86.34
C LEU O 178 27.51 -24.13 85.84
N TYR O 179 26.99 -25.06 85.03
CA TYR O 179 25.63 -24.91 84.53
C TYR O 179 24.57 -25.11 85.59
N ASN O 180 24.80 -25.99 86.56
CA ASN O 180 23.82 -26.15 87.63
C ASN O 180 23.70 -24.83 88.40
N SER O 181 24.83 -24.14 88.63
CA SER O 181 24.79 -22.86 89.31
C SER O 181 24.02 -21.81 88.53
N ALA O 182 24.22 -21.76 87.20
CA ALA O 182 23.50 -20.80 86.39
C ALA O 182 21.97 -21.03 86.45
N LEU O 183 21.53 -22.30 86.42
CA LEU O 183 20.09 -22.57 86.51
C LEU O 183 19.54 -22.17 87.89
N MET O 184 20.31 -22.38 88.95
CA MET O 184 19.87 -21.98 90.27
C MET O 184 19.74 -20.46 90.38
N GLN O 185 20.65 -19.71 89.74
CA GLN O 185 20.54 -18.25 89.75
C GLN O 185 19.22 -17.81 89.10
N CYS O 186 18.86 -18.45 87.97
CA CYS O 186 17.62 -18.09 87.29
C CYS O 186 16.42 -18.36 88.16
N ASN O 187 16.41 -19.49 88.87
CA ASN O 187 15.29 -19.76 89.76
C ASN O 187 15.18 -18.70 90.85
N ASP O 188 16.30 -18.30 91.46
CA ASP O 188 16.21 -17.30 92.52
C ASP O 188 15.78 -15.91 92.06
N LEU O 189 16.22 -15.48 90.87
CA LEU O 189 15.87 -14.14 90.40
C LEU O 189 14.53 -14.06 89.64
N GLN O 190 14.11 -15.17 89.00
CA GLN O 190 12.86 -15.28 88.22
C GLN O 190 12.77 -14.40 86.97
N ASP O 191 13.89 -14.01 86.38
CA ASP O 191 13.90 -13.18 85.18
C ASP O 191 14.95 -13.56 84.13
N ARG O 192 15.53 -14.76 84.20
CA ARG O 192 16.58 -15.15 83.27
C ARG O 192 16.39 -16.54 82.68
N PHE O 193 17.05 -16.77 81.57
CA PHE O 193 17.00 -18.06 80.87
C PHE O 193 18.44 -18.43 80.43
N THR O 194 18.78 -19.72 80.48
CA THR O 194 20.12 -20.11 80.05
C THR O 194 20.12 -20.97 78.79
N ILE O 195 21.18 -20.83 78.01
CA ILE O 195 21.40 -21.64 76.80
C ILE O 195 22.56 -22.61 77.03
N LEU O 196 22.30 -23.91 76.87
CA LEU O 196 23.31 -24.93 77.16
C LEU O 196 23.84 -25.70 75.96
N ASP O 197 25.11 -26.07 76.07
CA ASP O 197 25.87 -26.88 75.12
C ASP O 197 26.22 -28.22 75.74
N THR O 198 26.55 -29.20 74.92
CA THR O 198 27.13 -30.41 75.47
C THR O 198 28.60 -30.09 75.71
N TYR O 199 29.29 -30.97 76.44
CA TYR O 199 30.72 -30.82 76.72
C TYR O 199 31.54 -30.96 75.43
N SER O 200 31.11 -31.88 74.58
CA SER O 200 31.73 -32.22 73.30
C SER O 200 30.68 -32.68 72.32
N ASP O 201 30.94 -32.57 71.01
CA ASP O 201 30.00 -33.13 70.05
C ASP O 201 30.31 -34.59 69.66
N GLN O 202 31.40 -35.12 70.23
CA GLN O 202 31.93 -36.47 70.01
C GLN O 202 32.14 -37.22 71.31
N THR O 203 32.24 -38.56 71.23
CA THR O 203 32.48 -39.38 72.42
C THR O 203 33.67 -38.85 73.22
N TYR O 204 33.46 -38.66 74.50
CA TYR O 204 34.61 -38.12 75.27
C TYR O 204 35.08 -39.18 76.25
N ASN O 205 36.33 -39.00 76.60
CA ASN O 205 37.06 -39.91 77.49
C ASN O 205 37.09 -39.37 78.91
N ASP O 206 36.38 -40.03 79.83
CA ASP O 206 36.24 -39.61 81.24
C ASP O 206 37.53 -39.79 82.03
N GLY O 207 38.47 -40.52 81.43
CA GLY O 207 39.72 -40.94 82.05
C GLY O 207 39.60 -42.38 82.51
N VAL O 208 38.35 -42.85 82.58
CA VAL O 208 38.02 -44.21 82.97
C VAL O 208 37.03 -44.92 82.04
N GLU O 209 36.33 -44.17 81.18
CA GLU O 209 35.27 -44.70 80.34
C GLU O 209 35.00 -43.82 79.11
N ASP O 210 34.42 -44.39 78.06
CA ASP O 210 34.05 -43.57 76.88
C ASP O 210 32.60 -43.16 77.09
N LEU O 211 32.29 -41.86 77.00
CA LEU O 211 30.91 -41.38 77.28
C LEU O 211 30.29 -40.67 76.07
N ASP O 212 29.03 -41.02 75.75
CA ASP O 212 28.20 -40.36 74.74
C ASP O 212 27.66 -39.02 75.27
N PRO O 213 27.91 -37.88 74.60
CA PRO O 213 27.50 -36.52 74.97
C PRO O 213 26.03 -36.29 75.34
N ILE O 214 25.09 -37.01 74.74
CA ILE O 214 23.70 -36.72 75.12
C ILE O 214 23.38 -37.30 76.50
N PRO O 215 23.55 -38.63 76.77
CA PRO O 215 23.45 -39.21 78.09
C PRO O 215 24.32 -38.48 79.11
N ALA O 216 25.49 -38.00 78.68
CA ALA O 216 26.38 -37.28 79.58
C ALA O 216 25.73 -36.07 80.18
N LEU O 217 25.12 -35.24 79.32
CA LEU O 217 24.47 -34.02 79.76
C LEU O 217 23.27 -34.35 80.61
N ARG O 218 22.52 -35.38 80.23
CA ARG O 218 21.35 -35.76 81.00
C ARG O 218 21.69 -36.21 82.43
N ASN O 219 22.78 -36.94 82.61
CA ASN O 219 23.19 -37.33 83.96
C ASN O 219 23.88 -36.18 84.70
N GLY O 220 24.60 -35.35 83.95
CA GLY O 220 25.34 -34.20 84.45
C GLY O 220 24.49 -33.17 85.17
N ILE O 221 23.40 -32.74 84.52
CA ILE O 221 22.52 -31.76 85.11
C ILE O 221 21.41 -32.51 85.86
N ASN O 222 21.44 -32.44 87.19
CA ASN O 222 20.55 -33.21 88.07
C ASN O 222 19.57 -32.40 88.93
N LEU O 223 19.22 -31.20 88.49
CA LEU O 223 18.27 -30.36 89.21
C LEU O 223 16.86 -30.77 88.84
N THR O 224 15.89 -30.41 89.68
CA THR O 224 14.49 -30.70 89.39
C THR O 224 13.77 -29.66 88.54
N LYS O 225 12.48 -29.92 88.33
CA LYS O 225 11.54 -29.17 87.48
C LYS O 225 11.61 -27.65 87.62
N ASP O 226 11.72 -27.17 88.85
CA ASP O 226 11.77 -25.75 89.18
C ASP O 226 12.93 -25.02 88.53
N TYR O 227 13.97 -25.76 88.18
CA TYR O 227 15.16 -25.18 87.59
C TYR O 227 15.21 -25.48 86.12
N LEU O 228 14.81 -26.69 85.74
CA LEU O 228 14.89 -27.15 84.36
C LEU O 228 14.04 -26.28 83.43
N LYS O 229 12.93 -25.77 83.93
CA LYS O 229 12.06 -24.90 83.16
C LYS O 229 12.76 -23.60 82.71
N TYR O 230 13.92 -23.25 83.29
CA TYR O 230 14.63 -22.02 82.95
C TYR O 230 15.76 -22.17 81.93
N GLY O 231 15.83 -23.28 81.22
CA GLY O 231 16.85 -23.37 80.20
C GLY O 231 16.57 -24.41 79.13
N ALA O 232 17.42 -24.40 78.11
CA ALA O 232 17.32 -25.29 76.95
C ALA O 232 18.70 -25.61 76.43
N ALA O 233 18.85 -26.76 75.76
CA ALA O 233 20.12 -27.19 75.19
C ALA O 233 20.03 -27.48 73.71
N TYR O 234 21.15 -27.27 73.01
CA TYR O 234 21.27 -27.52 71.58
C TYR O 234 22.45 -28.45 71.22
N TYR O 235 22.29 -29.22 70.15
CA TYR O 235 23.30 -30.16 69.64
C TYR O 235 23.17 -30.34 68.13
N PRO O 236 24.26 -30.52 67.38
CA PRO O 236 25.71 -30.51 67.60
C PRO O 236 26.34 -29.14 67.50
N PHE O 237 27.68 -29.12 67.49
CA PHE O 237 28.52 -27.95 67.27
C PHE O 237 28.47 -27.59 65.78
N VAL O 238 28.83 -26.36 65.42
CA VAL O 238 28.78 -25.98 64.00
C VAL O 238 30.09 -25.45 63.42
N GLN O 239 30.24 -25.61 62.10
CA GLN O 239 31.40 -25.10 61.38
C GLN O 239 31.08 -23.77 60.75
N THR O 240 31.86 -22.75 61.16
CA THR O 240 31.76 -21.32 60.73
C THR O 240 32.71 -21.03 59.55
N ILE O 241 32.71 -19.78 59.07
CA ILE O 241 33.49 -19.32 57.94
C ILE O 241 34.59 -18.36 58.37
N LEU O 242 34.83 -18.31 59.67
CA LEU O 242 35.84 -17.45 60.27
C LEU O 242 37.19 -18.12 60.20
N ASN O 243 38.26 -17.31 60.08
CA ASN O 243 39.62 -17.84 60.04
C ASN O 243 40.30 -17.86 61.40
N TYR O 244 41.52 -18.36 61.43
CA TYR O 244 42.33 -18.38 62.64
C TYR O 244 43.28 -17.21 62.62
N GLN O 245 43.66 -16.72 63.79
CA GLN O 245 44.63 -15.65 63.89
C GLN O 245 46.01 -16.27 64.11
N TYR O 246 47.00 -15.84 63.33
CA TYR O 246 48.36 -16.41 63.41
C TYR O 246 49.41 -15.46 62.85
N SER O 247 50.68 -15.86 62.99
CA SER O 247 51.82 -15.13 62.43
C SER O 247 52.83 -16.08 61.81
N ALA O 248 53.33 -15.70 60.63
CA ALA O 248 54.30 -16.47 59.84
C ALA O 248 55.61 -16.71 60.59
N ASP O 249 55.88 -15.88 61.60
CA ASP O 249 57.08 -16.00 62.41
C ASP O 249 57.08 -17.24 63.27
N GLU O 250 55.90 -17.80 63.51
CA GLU O 250 55.76 -18.96 64.37
C GLU O 250 55.64 -20.27 63.60
N ILE O 251 55.71 -20.22 62.27
CA ILE O 251 55.46 -21.43 61.48
C ILE O 251 56.69 -21.98 60.79
N VAL O 252 57.01 -23.25 61.10
CA VAL O 252 58.20 -23.93 60.58
C VAL O 252 57.85 -24.99 59.54
N ILE O 253 58.66 -25.02 58.48
CA ILE O 253 58.50 -25.89 57.35
C ILE O 253 59.42 -27.11 57.28
N GLN O 254 58.81 -28.26 57.08
CA GLN O 254 59.52 -29.51 56.84
C GLN O 254 59.63 -29.65 55.31
N HIS O 255 60.80 -30.01 54.80
CA HIS O 255 60.97 -30.14 53.35
C HIS O 255 61.65 -31.43 52.97
N LEU O 256 60.91 -32.31 52.32
CA LEU O 256 61.44 -33.60 51.93
C LEU O 256 61.62 -33.65 50.44
N SER O 257 62.62 -34.39 49.98
CA SER O 257 62.89 -34.46 48.55
C SER O 257 63.49 -35.75 48.05
N TYR O 258 63.10 -36.11 46.81
CA TYR O 258 63.66 -37.24 46.05
C TYR O 258 65.17 -37.04 45.85
N ASN O 259 65.59 -35.78 45.91
CA ASN O 259 66.96 -35.33 45.76
C ASN O 259 67.23 -34.34 46.90
N PRO O 260 67.73 -34.81 48.05
CA PRO O 260 68.04 -34.06 49.26
C PRO O 260 69.13 -33.04 49.05
N ASN O 261 69.06 -31.92 49.77
CA ASN O 261 70.13 -30.93 49.74
C ASN O 261 70.09 -29.91 50.88
N ALA O 262 69.57 -30.31 52.05
CA ALA O 262 69.56 -29.40 53.20
C ALA O 262 70.95 -29.09 53.76
N ILE O 263 71.80 -30.12 53.82
CA ILE O 263 73.12 -29.96 54.42
C ILE O 263 74.01 -29.22 53.46
N ALA O 264 73.96 -29.61 52.19
CA ALA O 264 74.77 -28.97 51.18
C ALA O 264 74.47 -27.49 51.12
N THR O 265 73.18 -27.11 51.25
CA THR O 265 72.81 -25.72 51.24
C THR O 265 73.44 -25.00 52.42
N ALA O 266 73.33 -25.60 53.62
CA ALA O 266 73.91 -24.96 54.79
C ALA O 266 75.40 -24.75 54.59
N LEU O 267 76.10 -25.74 54.03
CA LEU O 267 77.53 -25.60 53.82
C LEU O 267 77.87 -24.51 52.83
N ASP O 268 77.12 -24.39 51.73
CA ASP O 268 77.44 -23.35 50.77
C ASP O 268 77.37 -21.98 51.41
N ASN O 269 76.39 -21.77 52.29
CA ASN O 269 76.29 -20.47 52.94
C ASN O 269 77.34 -20.32 54.06
N LEU O 270 77.57 -21.37 54.85
CA LEU O 270 78.52 -21.27 55.95
C LEU O 270 79.94 -21.03 55.42
N ASN O 271 80.25 -21.61 54.27
CA ASN O 271 81.56 -21.46 53.65
C ASN O 271 81.74 -20.09 53.03
N ALA O 272 80.65 -19.32 52.92
CA ALA O 272 80.72 -18.00 52.37
C ALA O 272 80.99 -17.02 53.49
N GLY O 450 86.67 -16.14 63.91
CA GLY O 450 87.00 -17.10 62.84
C GLY O 450 87.20 -18.55 63.30
N THR O 451 87.77 -18.74 64.48
CA THR O 451 88.00 -20.08 65.01
C THR O 451 86.68 -20.84 65.18
N ARG O 452 85.65 -20.14 65.64
CA ARG O 452 84.39 -20.81 65.90
C ARG O 452 83.70 -21.12 64.58
N LEU O 453 83.90 -20.26 63.57
CA LEU O 453 83.27 -20.53 62.28
C LEU O 453 83.82 -21.82 61.71
N ASP O 454 85.14 -22.05 61.87
CA ASP O 454 85.73 -23.29 61.38
C ASP O 454 85.11 -24.51 62.07
N ASP O 455 84.90 -24.43 63.40
CA ASP O 455 84.30 -25.56 64.14
C ASP O 455 82.88 -25.86 63.65
N ILE O 456 82.10 -24.82 63.36
CA ILE O 456 80.75 -25.02 62.88
C ILE O 456 80.75 -25.71 61.55
N ILE O 457 81.57 -25.24 60.61
CA ILE O 457 81.58 -25.84 59.30
C ILE O 457 81.97 -27.30 59.35
N ALA O 458 83.01 -27.63 60.11
CA ALA O 458 83.41 -29.02 60.21
C ALA O 458 82.30 -29.88 60.81
N ALA O 459 81.60 -29.38 61.85
CA ALA O 459 80.53 -30.15 62.44
C ALA O 459 79.43 -30.43 61.43
N VAL O 460 79.12 -29.43 60.59
CA VAL O 460 78.09 -29.55 59.59
C VAL O 460 78.48 -30.46 58.45
N SER O 461 79.70 -30.34 57.91
CA SER O 461 80.07 -31.17 56.77
C SER O 461 80.05 -32.63 57.14
N ALA O 462 80.29 -32.93 58.40
CA ALA O 462 80.24 -34.29 58.90
C ALA O 462 78.86 -34.93 58.71
N ALA O 463 77.80 -34.12 58.63
CA ALA O 463 76.43 -34.60 58.48
C ALA O 463 76.00 -34.85 57.04
N GLU O 464 76.82 -34.51 56.05
CA GLU O 464 76.30 -34.71 54.71
C GLU O 464 75.89 -36.18 54.42
N PRO O 465 76.64 -37.21 54.88
CA PRO O 465 76.30 -38.63 54.77
C PRO O 465 75.04 -39.05 55.54
N ILE O 466 74.57 -38.23 56.49
CA ILE O 466 73.41 -38.55 57.33
C ILE O 466 72.12 -38.16 56.68
N ASP O 467 72.06 -36.94 56.19
CA ASP O 467 70.82 -36.45 55.65
C ASP O 467 70.57 -36.98 54.26
N VAL O 468 69.64 -37.92 54.18
CA VAL O 468 69.32 -38.54 52.92
C VAL O 468 67.87 -38.29 52.54
N ASN O 469 67.21 -37.36 53.26
CA ASN O 469 65.81 -37.08 52.98
C ASN O 469 65.40 -35.61 52.82
N ASN O 470 66.17 -34.67 53.41
CA ASN O 470 65.70 -33.30 53.49
C ASN O 470 66.20 -32.37 52.40
N GLY O 471 65.29 -31.56 51.91
CA GLY O 471 65.57 -30.57 50.89
C GLY O 471 66.04 -29.24 51.47
N LYS O 472 66.37 -28.32 50.56
CA LYS O 472 66.85 -26.97 50.81
C LYS O 472 66.14 -26.13 51.88
N LEU O 473 64.80 -26.16 51.96
CA LEU O 473 64.05 -25.30 52.88
C LEU O 473 63.79 -25.91 54.26
N ASN O 474 64.24 -27.14 54.49
CA ASN O 474 63.92 -27.83 55.72
C ASN O 474 64.40 -27.09 56.94
N GLY O 475 63.51 -26.88 57.91
CA GLY O 475 63.84 -26.23 59.16
C GLY O 475 63.62 -24.71 59.22
N ARG O 476 63.32 -24.07 58.09
CA ARG O 476 63.13 -22.62 58.13
C ARG O 476 61.68 -22.19 58.40
N LEU O 477 61.54 -20.96 58.88
CA LEU O 477 60.25 -20.33 59.15
C LEU O 477 59.65 -19.69 57.91
N LEU O 478 58.33 -19.61 57.82
CA LEU O 478 57.77 -18.92 56.66
C LEU O 478 58.28 -17.53 56.43
N SER O 479 58.34 -16.74 57.48
CA SER O 479 58.80 -15.37 57.32
C SER O 479 60.26 -15.25 56.82
N ASP O 480 61.05 -16.33 56.93
CA ASP O 480 62.45 -16.33 56.49
C ASP O 480 62.67 -16.97 55.12
N ILE O 481 61.61 -17.41 54.42
CA ILE O 481 61.84 -18.03 53.11
C ILE O 481 61.25 -17.22 51.99
N GLU O 482 60.50 -16.16 52.31
CA GLU O 482 59.89 -15.40 51.23
C GLU O 482 60.89 -14.96 50.15
N PRO O 483 62.08 -14.38 50.44
CA PRO O 483 63.05 -14.03 49.42
C PRO O 483 63.71 -15.23 48.71
N LEU O 484 63.66 -16.43 49.31
CA LEU O 484 64.28 -17.60 48.70
C LEU O 484 63.38 -18.12 47.60
N ASP O 485 62.10 -18.17 47.94
CA ASP O 485 61.04 -18.61 47.04
C ASP O 485 59.70 -18.07 47.51
N ASN O 486 59.27 -16.94 46.96
CA ASN O 486 58.04 -16.36 47.45
C ASN O 486 56.83 -17.08 46.90
N ALA O 487 57.06 -18.09 46.03
CA ALA O 487 55.96 -18.87 45.53
C ALA O 487 55.56 -19.85 46.61
N THR O 488 56.55 -20.32 47.36
CA THR O 488 56.32 -21.27 48.44
C THR O 488 55.68 -20.54 49.57
N TYR O 489 56.24 -19.38 49.91
CA TYR O 489 55.71 -18.58 50.99
C TYR O 489 54.24 -18.25 50.75
N ASN O 490 53.93 -17.74 49.57
CA ASN O 490 52.56 -17.37 49.29
C ASN O 490 51.63 -18.57 49.21
N THR O 491 52.09 -19.71 48.67
CA THR O 491 51.23 -20.88 48.58
C THR O 491 50.88 -21.38 49.96
N ILE O 492 51.86 -21.41 50.85
CA ILE O 492 51.61 -21.87 52.19
C ILE O 492 50.59 -21.00 52.89
N LEU O 493 50.72 -19.67 52.80
CA LEU O 493 49.76 -18.82 53.48
C LEU O 493 48.35 -19.06 52.94
N LEU O 494 48.24 -19.27 51.64
CA LEU O 494 46.94 -19.54 51.05
C LEU O 494 46.35 -20.83 51.63
N GLU O 495 47.19 -21.88 51.77
CA GLU O 495 46.71 -23.13 52.36
C GLU O 495 46.34 -22.98 53.84
N ILE O 496 47.08 -22.18 54.60
CA ILE O 496 46.76 -22.01 56.03
C ILE O 496 45.37 -21.45 56.16
N ASN O 497 45.03 -20.54 55.24
CA ASN O 497 43.75 -19.77 55.20
C ASN O 497 42.56 -20.67 54.90
N SER O 498 42.80 -21.90 54.47
CA SER O 498 41.67 -22.74 54.10
C SER O 498 41.05 -23.42 55.32
N HIS O 499 41.72 -23.34 56.49
CA HIS O 499 41.22 -23.94 57.72
C HIS O 499 40.27 -23.01 58.47
N LYS O 500 39.09 -23.53 58.84
CA LYS O 500 38.09 -22.71 59.52
C LYS O 500 37.88 -23.08 60.98
N VAL O 501 37.31 -22.12 61.71
CA VAL O 501 36.96 -22.20 63.13
C VAL O 501 35.66 -23.00 63.39
N THR O 502 35.66 -23.87 64.42
CA THR O 502 34.47 -24.65 64.80
C THR O 502 34.04 -24.23 66.22
N LEU O 503 32.75 -23.92 66.39
CA LEU O 503 32.23 -23.41 67.65
C LEU O 503 30.97 -24.12 68.20
N PRO O 504 30.75 -24.17 69.52
CA PRO O 504 29.49 -24.55 70.15
C PRO O 504 28.48 -23.53 69.62
N PRO O 505 27.20 -23.86 69.46
CA PRO O 505 26.16 -23.01 68.89
C PRO O 505 25.48 -21.96 69.80
N SER O 506 25.90 -21.80 71.05
CA SER O 506 25.15 -20.95 71.97
C SER O 506 25.13 -19.45 71.64
N SER O 507 26.19 -18.90 71.03
CA SER O 507 26.17 -17.47 70.75
C SER O 507 25.36 -17.17 69.52
N SER O 508 25.31 -18.15 68.62
CA SER O 508 24.53 -18.04 67.40
C SER O 508 23.08 -18.06 67.79
N MET O 509 22.72 -18.90 68.77
CA MET O 509 21.34 -18.94 69.20
C MET O 509 20.92 -17.66 69.90
N ALA O 510 21.79 -17.04 70.70
CA ALA O 510 21.41 -15.77 71.33
C ALA O 510 21.08 -14.74 70.25
N GLY O 511 21.87 -14.74 69.17
CA GLY O 511 21.64 -13.86 68.03
C GLY O 511 20.27 -14.16 67.41
N ALA O 512 20.02 -15.44 67.14
CA ALA O 512 18.76 -15.89 66.55
C ALA O 512 17.54 -15.51 67.40
N TYR O 513 17.67 -15.57 68.73
CA TYR O 513 16.56 -15.20 69.60
C TYR O 513 16.19 -13.74 69.37
N ALA O 514 17.22 -12.87 69.27
CA ALA O 514 16.97 -11.46 69.03
C ALA O 514 16.24 -11.22 67.71
N ARG O 515 16.63 -11.94 66.65
CA ARG O 515 15.93 -11.77 65.37
C ARG O 515 14.46 -12.14 65.45
N VAL O 516 14.13 -13.24 66.10
CA VAL O 516 12.73 -13.63 66.16
C VAL O 516 11.91 -12.61 66.95
N ASP O 517 12.44 -12.14 68.09
CA ASP O 517 11.68 -11.20 68.90
C ASP O 517 11.34 -9.94 68.09
N ASN O 518 12.27 -9.46 67.24
CA ASN O 518 12.01 -8.29 66.42
C ASN O 518 11.09 -8.50 65.22
N ASP O 519 11.19 -9.62 64.51
CA ASP O 519 10.35 -9.80 63.33
C ASP O 519 8.99 -10.43 63.60
N ARG O 520 8.88 -11.34 64.56
CA ARG O 520 7.61 -12.02 64.80
C ARG O 520 7.03 -11.81 66.20
N GLY O 521 7.89 -11.63 67.20
CA GLY O 521 7.44 -11.46 68.58
C GLY O 521 7.88 -12.60 69.49
N VAL O 522 8.11 -12.25 70.76
CA VAL O 522 8.58 -13.16 71.82
C VAL O 522 7.66 -14.36 72.08
N TRP O 523 6.42 -14.28 71.62
CA TRP O 523 5.49 -15.37 71.82
C TRP O 523 5.57 -16.44 70.72
N LYS O 524 6.47 -16.29 69.74
CA LYS O 524 6.63 -17.29 68.70
C LYS O 524 7.87 -18.14 68.95
N SER O 525 7.80 -19.43 68.59
CA SER O 525 8.91 -20.34 68.80
C SER O 525 10.19 -19.94 68.07
N PRO O 526 11.36 -19.99 68.73
CA PRO O 526 12.66 -19.73 68.15
C PRO O 526 13.18 -20.96 67.40
N ALA O 527 12.52 -21.30 66.30
CA ALA O 527 12.85 -22.47 65.50
C ALA O 527 12.46 -22.23 64.05
N ASN O 528 12.98 -23.05 63.14
CA ASN O 528 12.81 -22.93 61.69
C ASN O 528 13.41 -21.59 61.26
N ILE O 529 14.59 -21.36 61.81
CA ILE O 529 15.44 -20.18 61.64
C ILE O 529 16.73 -20.57 60.96
N GLY O 530 17.12 -19.86 59.91
CA GLY O 530 18.41 -20.15 59.30
C GLY O 530 19.50 -19.39 60.06
N LEU O 531 20.67 -20.00 60.19
CA LEU O 531 21.80 -19.35 60.86
C LEU O 531 22.75 -18.68 59.87
N ASN O 532 23.32 -17.55 60.26
CA ASN O 532 24.28 -16.85 59.40
C ASN O 532 25.69 -17.31 59.70
N TYR O 533 26.55 -17.26 58.69
CA TYR O 533 27.97 -17.63 58.82
C TYR O 533 28.15 -19.08 59.24
N VAL O 534 27.28 -19.96 58.80
CA VAL O 534 27.43 -21.38 59.12
C VAL O 534 27.51 -22.16 57.84
N SER O 535 28.58 -22.93 57.72
CA SER O 535 28.81 -23.77 56.56
C SER O 535 27.95 -25.02 56.69
N LYS O 536 28.08 -25.67 57.85
CA LYS O 536 27.34 -26.90 58.12
C LYS O 536 27.44 -27.29 59.61
N PRO O 537 26.54 -28.14 60.14
CA PRO O 537 26.66 -28.82 61.42
C PRO O 537 27.88 -29.72 61.37
N SER O 538 28.57 -29.91 62.50
CA SER O 538 29.72 -30.82 62.53
C SER O 538 29.34 -32.31 62.48
N VAL O 539 28.16 -32.64 62.98
CA VAL O 539 27.64 -34.00 63.02
C VAL O 539 26.28 -34.07 62.36
N THR O 540 26.09 -35.01 61.45
CA THR O 540 24.78 -35.16 60.82
C THR O 540 23.80 -35.91 61.70
N VAL O 541 22.61 -35.34 61.87
CA VAL O 541 21.55 -35.96 62.66
C VAL O 541 20.40 -36.33 61.72
N SER O 542 20.06 -37.61 61.70
CA SER O 542 19.01 -38.13 60.83
C SER O 542 17.66 -37.92 61.47
N HIS O 543 16.60 -38.21 60.72
CA HIS O 543 15.24 -38.10 61.24
C HIS O 543 15.04 -39.01 62.45
N GLU O 544 15.35 -40.30 62.28
CA GLU O 544 15.15 -41.29 63.32
C GLU O 544 15.99 -41.00 64.56
N GLU O 545 17.19 -40.49 64.36
CA GLU O 545 18.10 -40.16 65.45
C GLU O 545 17.60 -39.04 66.34
N GLN O 546 16.66 -38.22 65.87
CA GLN O 546 16.19 -37.12 66.66
C GLN O 546 15.02 -37.52 67.54
N GLU O 547 14.45 -38.72 67.37
CA GLU O 547 13.26 -39.03 68.14
C GLU O 547 13.51 -38.98 69.64
N SER O 548 14.67 -39.46 70.08
CA SER O 548 15.04 -39.50 71.48
C SER O 548 15.59 -38.16 72.00
N MET O 549 15.75 -37.18 71.11
CA MET O 549 16.21 -35.88 71.48
C MET O 549 15.01 -35.02 71.83
N ASN O 550 13.91 -35.19 71.09
CA ASN O 550 12.72 -34.37 71.30
C ASN O 550 11.87 -34.94 72.45
N VAL O 551 11.72 -36.27 72.50
CA VAL O 551 10.93 -36.92 73.52
C VAL O 551 11.75 -37.96 74.25
N HIS O 552 11.75 -37.91 75.57
CA HIS O 552 12.54 -38.82 76.38
C HIS O 552 11.94 -39.00 77.76
N GLY O 553 12.13 -40.18 78.34
CA GLY O 553 11.62 -40.51 79.68
C GLY O 553 11.99 -39.51 80.78
N THR O 554 13.15 -38.86 80.68
CA THR O 554 13.56 -37.89 81.69
C THR O 554 13.02 -36.48 81.48
N GLY O 555 12.52 -36.18 80.29
CA GLY O 555 12.04 -34.85 79.93
C GLY O 555 13.18 -33.89 79.53
N LYS O 556 14.43 -34.35 79.61
CA LYS O 556 15.58 -33.50 79.31
C LYS O 556 15.88 -33.45 77.81
N SER O 557 15.01 -32.76 77.11
CA SER O 557 15.04 -32.61 75.67
C SER O 557 16.22 -31.81 75.18
N VAL O 558 16.67 -32.11 73.97
CA VAL O 558 17.76 -31.39 73.29
C VAL O 558 17.28 -30.99 71.89
N ASN O 559 17.45 -29.72 71.52
CA ASN O 559 17.01 -29.25 70.21
C ASN O 559 18.10 -29.56 69.18
N ALA O 560 17.75 -29.73 67.90
CA ALA O 560 18.78 -30.10 66.93
C ALA O 560 19.08 -29.06 65.89
N ILE O 561 20.34 -29.00 65.49
CA ILE O 561 20.71 -28.15 64.37
C ILE O 561 20.86 -29.08 63.16
N ARG O 562 20.07 -28.84 62.11
CA ARG O 562 20.04 -29.74 60.94
C ARG O 562 20.14 -29.04 59.59
N SER O 563 20.70 -29.75 58.61
CA SER O 563 20.83 -29.25 57.24
C SER O 563 19.71 -29.70 56.33
N PHE O 564 19.08 -28.74 55.66
CA PHE O 564 17.98 -29.01 54.75
C PHE O 564 18.35 -28.64 53.31
N VAL O 565 17.91 -29.46 52.37
CA VAL O 565 18.25 -29.20 50.98
C VAL O 565 17.53 -27.98 50.46
N GLY O 566 18.31 -27.04 49.94
CA GLY O 566 17.81 -25.80 49.40
C GLY O 566 17.54 -24.74 50.46
N LYS O 567 17.78 -25.05 51.74
CA LYS O 567 17.50 -24.09 52.81
C LYS O 567 18.73 -23.74 53.63
N GLY O 568 19.65 -24.68 53.81
CA GLY O 568 20.83 -24.44 54.63
C GLY O 568 20.62 -24.94 56.05
N THR O 569 21.39 -24.40 56.99
CA THR O 569 21.35 -24.91 58.34
C THR O 569 20.25 -24.25 59.15
N LEU O 570 19.31 -25.06 59.65
CA LEU O 570 18.15 -24.58 60.41
C LEU O 570 18.11 -25.09 61.85
N VAL O 571 17.50 -24.29 62.71
CA VAL O 571 17.22 -24.70 64.08
C VAL O 571 15.94 -25.53 64.11
N TRP O 572 16.02 -26.79 64.50
CA TRP O 572 14.86 -27.65 64.44
C TRP O 572 14.41 -28.13 65.84
N GLY O 573 13.30 -27.57 66.33
CA GLY O 573 12.81 -27.86 67.67
C GLY O 573 12.96 -26.68 68.63
N ALA O 574 12.00 -26.54 69.56
CA ALA O 574 12.03 -25.44 70.52
C ALA O 574 11.47 -25.81 71.89
N ARG O 575 11.97 -26.88 72.49
CA ARG O 575 11.51 -27.28 73.81
C ARG O 575 12.55 -26.94 74.88
N THR O 576 12.09 -26.90 76.14
CA THR O 576 12.92 -26.62 77.32
C THR O 576 13.40 -27.94 77.93
N LEU O 577 14.20 -27.85 79.00
CA LEU O 577 14.71 -29.03 79.70
C LEU O 577 13.66 -29.73 80.58
N ALA O 578 12.41 -29.27 80.51
CA ALA O 578 11.28 -29.85 81.21
C ALA O 578 10.21 -30.18 80.16
N GLY O 579 10.60 -31.02 79.18
CA GLY O 579 9.82 -31.32 77.98
C GLY O 579 8.50 -32.03 78.16
N ASN O 580 8.27 -32.61 79.33
CA ASN O 580 7.02 -33.29 79.59
C ASN O 580 6.09 -32.44 80.46
N ASP O 581 6.47 -31.18 80.68
CA ASP O 581 5.70 -30.26 81.50
C ASP O 581 4.53 -29.66 80.73
N ASN O 582 3.33 -29.98 81.15
CA ASN O 582 2.12 -29.54 80.46
C ASN O 582 1.98 -28.02 80.35
N GLU O 583 2.62 -27.27 81.24
CA GLU O 583 2.52 -25.83 81.20
C GLU O 583 3.77 -25.17 80.64
N TRP O 584 4.94 -25.71 81.01
CA TRP O 584 6.22 -25.08 80.63
C TRP O 584 7.13 -25.77 79.59
N ARG O 585 6.70 -26.83 78.90
CA ARG O 585 7.58 -27.48 77.92
C ARG O 585 8.06 -26.62 76.72
N TYR O 586 7.33 -25.56 76.33
CA TYR O 586 7.78 -24.77 75.18
C TYR O 586 8.54 -23.51 75.57
N ILE O 587 9.60 -23.22 74.82
CA ILE O 587 10.44 -22.07 75.11
C ILE O 587 9.67 -20.76 75.03
N SER O 588 8.84 -20.60 74.00
CA SER O 588 8.05 -19.38 73.79
C SER O 588 7.03 -19.09 74.87
N VAL O 589 6.62 -20.10 75.63
CA VAL O 589 5.65 -19.84 76.67
C VAL O 589 6.43 -19.30 77.85
N ARG O 590 7.53 -19.97 78.20
CA ARG O 590 8.34 -19.50 79.31
C ARG O 590 8.85 -18.09 79.08
N ARG O 591 9.37 -17.80 77.87
CA ARG O 591 9.89 -16.48 77.58
C ARG O 591 8.80 -15.41 77.56
N PHE O 592 7.62 -15.70 77.01
CA PHE O 592 6.52 -14.73 77.02
C PHE O 592 6.18 -14.33 78.44
N PHE O 593 6.02 -15.31 79.33
CA PHE O 593 5.72 -14.99 80.70
C PHE O 593 6.82 -14.16 81.35
N ASN O 594 8.10 -14.50 81.15
CA ASN O 594 9.12 -13.68 81.78
C ASN O 594 9.03 -12.23 81.33
N MET O 595 8.76 -12.01 80.04
CA MET O 595 8.63 -10.66 79.50
C MET O 595 7.47 -9.91 80.14
N ALA O 596 6.30 -10.54 80.17
CA ALA O 596 5.13 -9.87 80.72
C ALA O 596 5.31 -9.53 82.19
N GLU O 597 5.92 -10.45 82.95
CA GLU O 597 6.11 -10.22 84.36
C GLU O 597 7.06 -9.08 84.64
N GLU O 598 8.15 -8.99 83.88
CA GLU O 598 9.10 -7.91 84.08
C GLU O 598 8.48 -6.54 83.76
N SER O 599 7.75 -6.45 82.64
CA SER O 599 7.15 -5.18 82.26
C SER O 599 6.12 -4.71 83.29
N ILE O 600 5.32 -5.64 83.79
CA ILE O 600 4.33 -5.24 84.77
C ILE O 600 5.01 -4.79 86.06
N LYS O 601 5.99 -5.52 86.60
CA LYS O 601 6.49 -4.98 87.86
C LYS O 601 7.13 -3.59 87.69
N LYS O 602 7.76 -3.29 86.54
CA LYS O 602 8.32 -1.94 86.41
C LYS O 602 7.22 -0.91 86.53
N ALA O 603 6.08 -1.19 85.89
CA ALA O 603 4.92 -0.32 85.95
C ALA O 603 4.32 -0.18 87.36
N THR O 604 4.37 -1.24 88.19
CA THR O 604 3.78 -1.17 89.54
C THR O 604 4.67 -0.48 90.57
N GLU O 605 5.97 -0.32 90.30
CA GLU O 605 6.86 0.31 91.28
C GLU O 605 6.44 1.75 91.66
N GLN O 606 5.79 2.47 90.78
CA GLN O 606 5.35 3.82 91.07
C GLN O 606 4.35 3.90 92.25
N PHE O 607 3.76 2.77 92.66
CA PHE O 607 2.79 2.74 93.76
C PHE O 607 3.34 2.20 95.08
N VAL O 608 4.65 1.98 95.19
CA VAL O 608 5.17 1.33 96.39
C VAL O 608 4.89 2.01 97.73
N PHE O 609 4.96 3.31 97.82
CA PHE O 609 4.73 3.94 99.11
C PHE O 609 3.36 4.61 99.24
N GLU O 610 2.40 4.21 98.41
CA GLU O 610 1.05 4.76 98.46
C GLU O 610 0.24 4.10 99.59
N PRO O 611 -0.82 4.77 100.12
CA PRO O 611 -1.74 4.22 101.11
C PRO O 611 -2.39 2.91 100.66
N ASN O 612 -2.54 1.96 101.56
CA ASN O 612 -3.12 0.70 101.17
C ASN O 612 -4.62 0.74 101.40
N ASP O 613 -5.32 1.17 100.35
CA ASP O 613 -6.78 1.36 100.40
C ASP O 613 -7.40 1.26 99.00
N GLY O 614 -8.72 1.37 98.94
CA GLY O 614 -9.51 1.24 97.72
C GLY O 614 -9.10 2.14 96.57
N ASN O 615 -8.64 3.35 96.86
CA ASN O 615 -8.25 4.23 95.78
C ASN O 615 -7.02 3.71 95.02
N THR O 616 -6.12 3.05 95.74
CA THR O 616 -4.90 2.54 95.17
C THR O 616 -5.22 1.28 94.43
N TRP O 617 -6.04 0.44 95.04
CA TRP O 617 -6.37 -0.86 94.45
C TRP O 617 -6.96 -0.64 93.05
N VAL O 618 -7.85 0.35 92.91
CA VAL O 618 -8.43 0.65 91.62
C VAL O 618 -7.37 1.15 90.62
N ARG O 619 -6.51 2.07 91.03
CA ARG O 619 -5.47 2.59 90.10
C ARG O 619 -4.55 1.46 89.62
N VAL O 620 -4.14 0.55 90.50
CA VAL O 620 -3.24 -0.53 90.13
C VAL O 620 -3.91 -1.47 89.14
N ARG O 621 -5.14 -1.86 89.44
CA ARG O 621 -5.88 -2.74 88.56
C ARG O 621 -6.03 -2.16 87.17
N ALA O 622 -6.45 -0.90 87.08
CA ALA O 622 -6.66 -0.31 85.78
C ALA O 622 -5.39 -0.27 84.94
N MET O 623 -4.26 0.02 85.58
CA MET O 623 -2.99 0.07 84.88
C MET O 623 -2.61 -1.29 84.28
N ILE O 624 -2.76 -2.36 85.06
CA ILE O 624 -2.42 -3.69 84.61
C ILE O 624 -3.32 -4.12 83.45
N GLU O 625 -4.62 -3.88 83.56
CA GLU O 625 -5.52 -4.26 82.48
C GLU O 625 -5.17 -3.54 81.18
N ASN O 626 -4.80 -2.25 81.24
CA ASN O 626 -4.46 -1.56 80.00
C ASN O 626 -3.27 -2.21 79.29
N PHE O 627 -2.26 -2.62 80.06
CA PHE O 627 -1.11 -3.32 79.49
C PHE O 627 -1.54 -4.58 78.75
N LEU O 628 -2.35 -5.40 79.44
CA LEU O 628 -2.79 -6.67 78.87
C LEU O 628 -3.67 -6.49 77.63
N ILE O 629 -4.48 -5.43 77.58
CA ILE O 629 -5.31 -5.18 76.41
C ILE O 629 -4.42 -4.95 75.20
N LEU O 630 -3.36 -4.16 75.36
CA LEU O 630 -2.45 -3.94 74.25
C LEU O 630 -1.77 -5.23 73.79
N GLN O 631 -1.40 -6.12 74.72
CA GLN O 631 -0.79 -7.39 74.33
C GLN O 631 -1.77 -8.25 73.54
N TRP O 632 -3.04 -8.20 73.93
CA TRP O 632 -4.10 -8.88 73.22
C TRP O 632 -4.28 -8.30 71.81
N ARG O 633 -4.34 -6.97 71.70
CA ARG O 633 -4.54 -6.31 70.42
C ARG O 633 -3.44 -6.69 69.42
N ALA O 634 -2.23 -6.87 69.90
CA ALA O 634 -1.07 -7.22 69.08
C ALA O 634 -1.00 -8.71 68.72
N GLY O 635 -1.93 -9.52 69.23
CA GLY O 635 -1.96 -10.95 68.94
C GLY O 635 -1.14 -11.87 69.85
N ALA O 636 -0.71 -11.40 71.03
CA ALA O 636 0.08 -12.26 71.91
C ALA O 636 -0.80 -13.23 72.70
N LEU O 637 -2.01 -12.82 73.04
CA LEU O 637 -2.93 -13.60 73.86
C LEU O 637 -4.07 -14.18 73.04
N ALA O 638 -4.57 -15.32 73.49
CA ALA O 638 -5.72 -15.99 72.88
C ALA O 638 -7.02 -15.32 73.28
N GLY O 639 -8.08 -15.50 72.49
CA GLY O 639 -9.42 -15.00 72.85
C GLY O 639 -10.01 -13.99 71.86
N ALA O 640 -11.32 -14.16 71.57
CA ALA O 640 -12.07 -13.28 70.65
C ALA O 640 -12.15 -11.83 71.12
N LYS O 641 -12.22 -11.64 72.42
CA LYS O 641 -12.32 -10.33 73.08
C LYS O 641 -11.43 -10.40 74.32
N PRO O 642 -10.92 -9.28 74.89
CA PRO O 642 -10.08 -9.25 76.08
C PRO O 642 -10.65 -10.07 77.24
N GLU O 643 -11.97 -10.12 77.37
CA GLU O 643 -12.68 -10.87 78.40
C GLU O 643 -12.35 -12.37 78.42
N HIS O 644 -11.83 -12.89 77.31
CA HIS O 644 -11.49 -14.28 77.17
C HIS O 644 -9.97 -14.50 77.20
N ALA O 645 -9.22 -13.41 77.27
CA ALA O 645 -7.76 -13.46 77.21
C ALA O 645 -7.14 -13.40 78.59
N PHE O 646 -7.72 -12.59 79.47
CA PHE O 646 -7.12 -12.43 80.79
C PHE O 646 -8.07 -11.93 81.86
N TYR O 647 -7.63 -12.03 83.11
CA TYR O 647 -8.35 -11.38 84.22
C TYR O 647 -7.36 -10.81 85.23
N VAL O 648 -7.80 -9.79 85.96
CA VAL O 648 -7.05 -9.17 87.07
C VAL O 648 -7.98 -8.99 88.28
N LYS O 649 -7.58 -9.46 89.47
CA LYS O 649 -8.40 -9.31 90.68
C LYS O 649 -7.63 -8.74 91.87
N VAL O 650 -8.27 -7.85 92.60
CA VAL O 650 -7.70 -7.30 93.83
C VAL O 650 -8.80 -6.78 94.74
N GLY O 651 -8.69 -7.04 96.03
CA GLY O 651 -9.64 -6.48 96.96
C GLY O 651 -9.72 -7.18 98.30
N LEU O 652 -10.30 -6.49 99.27
CA LEU O 652 -10.43 -7.06 100.58
C LEU O 652 -11.56 -8.06 100.51
N GLY O 653 -11.28 -9.29 100.93
CA GLY O 653 -12.24 -10.37 100.85
C GLY O 653 -12.07 -11.19 99.56
N GLN O 654 -11.26 -10.70 98.61
CA GLN O 654 -11.04 -11.43 97.38
C GLN O 654 -9.62 -11.95 97.34
N THR O 655 -8.66 -11.06 97.58
CA THR O 655 -7.26 -11.45 97.54
C THR O 655 -6.55 -11.13 98.86
N MET O 656 -7.12 -10.24 99.67
CA MET O 656 -6.52 -9.79 100.92
C MET O 656 -7.40 -9.99 102.13
N THR O 657 -6.77 -10.15 103.29
CA THR O 657 -7.53 -10.17 104.54
C THR O 657 -7.14 -9.05 105.48
N ALA O 658 -7.79 -8.99 106.63
CA ALA O 658 -7.55 -7.89 107.58
C ALA O 658 -6.09 -7.85 108.02
N GLN O 659 -5.49 -9.02 108.17
CA GLN O 659 -4.12 -9.18 108.59
C GLN O 659 -3.15 -8.59 107.56
N ASP O 660 -3.51 -8.61 106.28
CA ASP O 660 -2.62 -8.10 105.25
C ASP O 660 -2.69 -6.62 105.26
N ILE O 661 -3.86 -6.09 105.57
CA ILE O 661 -3.95 -4.65 105.59
C ILE O 661 -3.07 -4.16 106.73
N LEU O 662 -3.16 -4.81 107.89
CA LEU O 662 -2.38 -4.41 109.06
C LEU O 662 -0.87 -4.49 108.83
N GLU O 663 -0.41 -5.51 108.11
CA GLU O 663 1.02 -5.66 107.84
C GLU O 663 1.52 -4.88 106.61
N GLY O 664 0.64 -4.15 105.93
CA GLY O 664 1.04 -3.42 104.74
C GLY O 664 1.17 -4.23 103.43
N ASN O 665 0.51 -5.38 103.31
CA ASN O 665 0.61 -6.17 102.08
C ASN O 665 -0.50 -5.83 101.10
N MET O 666 -0.23 -6.02 99.82
CA MET O 666 -1.23 -5.88 98.78
C MET O 666 -1.13 -7.05 97.82
N ASN O 667 -2.24 -7.75 97.60
CA ASN O 667 -2.27 -8.96 96.78
C ASN O 667 -3.03 -8.84 95.47
N VAL O 668 -2.35 -9.01 94.35
CA VAL O 668 -3.03 -8.90 93.06
C VAL O 668 -2.93 -10.23 92.29
N GLU O 669 -4.06 -10.75 91.82
CA GLU O 669 -4.05 -12.02 91.07
C GLU O 669 -4.33 -11.79 89.58
N ILE O 670 -3.48 -12.40 88.73
CA ILE O 670 -3.57 -12.25 87.28
C ILE O 670 -3.57 -13.59 86.54
N GLY O 671 -4.45 -13.76 85.55
CA GLY O 671 -4.44 -14.99 84.75
C GLY O 671 -4.36 -14.67 83.25
N LEU O 672 -3.65 -15.51 82.46
CA LEU O 672 -3.47 -15.29 81.01
C LEU O 672 -3.73 -16.50 80.11
N ALA O 673 -4.40 -16.29 78.96
CA ALA O 673 -4.60 -17.33 77.96
C ALA O 673 -3.51 -17.29 76.87
N VAL O 674 -2.62 -18.28 76.87
CA VAL O 674 -1.47 -18.31 75.96
C VAL O 674 -1.52 -19.47 74.94
N VAL O 675 -1.25 -19.12 73.68
CA VAL O 675 -1.26 -20.00 72.50
C VAL O 675 -0.01 -20.88 72.36
N ARG O 676 -0.21 -22.17 72.10
CA ARG O 676 0.88 -23.13 71.92
C ARG O 676 0.93 -23.64 70.45
N PRO O 677 2.13 -23.91 69.89
CA PRO O 677 2.41 -24.36 68.53
C PRO O 677 2.08 -25.81 68.21
N ALA O 678 1.83 -26.09 66.94
CA ALA O 678 1.70 -27.46 66.45
C ALA O 678 3.07 -27.97 66.01
N GLU O 679 3.35 -29.25 66.23
CA GLU O 679 4.63 -29.83 65.78
C GLU O 679 4.53 -30.84 64.63
N PHE O 680 3.37 -31.46 64.41
CA PHE O 680 3.37 -32.54 63.42
C PHE O 680 2.35 -32.35 62.33
N ILE O 681 2.76 -32.62 61.11
CA ILE O 681 1.88 -32.57 59.94
C ILE O 681 1.89 -33.90 59.23
N ILE O 682 0.71 -34.48 59.06
CA ILE O 682 0.61 -35.79 58.44
C ILE O 682 -0.13 -35.74 57.11
N LEU O 683 0.53 -36.20 56.06
CA LEU O 683 -0.10 -36.21 54.75
C LEU O 683 -0.53 -37.61 54.41
N LYS O 684 -1.63 -37.74 53.69
CA LYS O 684 -2.11 -39.04 53.28
C LYS O 684 -2.41 -39.02 51.80
N PHE O 685 -2.05 -40.08 51.10
CA PHE O 685 -2.25 -40.14 49.66
C PHE O 685 -3.06 -41.35 49.25
N SER O 686 -3.77 -41.22 48.14
CA SER O 686 -4.59 -42.30 47.60
C SER O 686 -4.82 -42.10 46.11
N HIS O 687 -5.38 -43.11 45.48
CA HIS O 687 -5.74 -43.06 44.07
C HIS O 687 -7.18 -42.62 43.92
N LYS O 688 -7.37 -41.46 43.32
CA LYS O 688 -8.71 -40.90 43.16
C LYS O 688 -9.60 -41.83 42.36
N MET O 689 -10.81 -42.05 42.85
CA MET O 689 -11.78 -42.89 42.18
C MET O 689 -13.20 -42.40 42.42
N GLN O 690 -14.10 -42.81 41.54
CA GLN O 690 -15.51 -42.47 41.70
C GLN O 690 -16.04 -42.88 43.06
N THR P 3 28.76 67.04 31.16
CA THR P 3 27.78 68.03 30.74
C THR P 3 27.40 67.87 29.29
N TYR P 4 26.10 67.72 29.05
CA TYR P 4 25.58 67.60 27.71
C TYR P 4 24.55 68.68 27.54
N LYS P 5 24.40 69.20 26.34
CA LYS P 5 23.43 70.26 26.11
C LYS P 5 22.28 69.90 25.20
N THR P 6 22.46 68.92 24.33
CA THR P 6 21.43 68.56 23.37
C THR P 6 20.81 67.24 23.82
N PRO P 7 19.48 67.11 23.93
CA PRO P 7 18.79 65.87 24.25
C PRO P 7 19.15 64.82 23.23
N GLY P 8 19.33 63.57 23.63
CA GLY P 8 19.66 62.57 22.64
C GLY P 8 20.60 61.50 23.17
N VAL P 9 21.10 60.69 22.24
CA VAL P 9 21.97 59.58 22.54
C VAL P 9 23.40 59.88 22.13
N TYR P 10 24.32 59.73 23.08
CA TYR P 10 25.73 59.98 22.85
C TYR P 10 26.51 58.67 22.80
N ILE P 11 27.55 58.63 21.97
CA ILE P 11 28.38 57.42 21.82
C ILE P 11 29.85 57.64 22.18
N GLU P 12 30.36 56.75 23.03
CA GLU P 12 31.75 56.77 23.46
C GLU P 12 32.38 55.39 23.33
N GLU P 13 33.70 55.33 23.17
CA GLU P 13 34.42 54.05 23.08
C GLU P 13 35.51 53.96 24.15
N ILE P 14 35.36 52.99 25.05
CA ILE P 14 36.27 52.80 26.17
C ILE P 14 36.73 51.36 26.35
N THR P 15 37.77 51.15 27.15
CA THR P 15 38.23 49.81 27.53
C THR P 15 38.27 49.66 29.05
N LYS P 16 37.61 48.63 29.59
CA LYS P 16 37.61 48.38 31.04
C LYS P 16 37.02 47.03 31.40
N PHE P 17 37.22 46.61 32.65
CA PHE P 17 36.53 45.43 33.18
C PHE P 17 35.12 45.89 33.56
N PRO P 18 34.10 45.05 33.44
CA PRO P 18 32.74 45.34 33.86
C PRO P 18 32.69 45.50 35.39
N PRO P 19 31.77 46.32 35.92
CA PRO P 19 31.52 46.59 37.33
C PRO P 19 30.84 45.45 38.09
N SER P 20 30.92 45.49 39.42
CA SER P 20 30.23 44.54 40.30
C SER P 20 29.92 45.14 41.67
N VAL P 21 28.71 44.87 42.16
CA VAL P 21 28.20 45.34 43.46
C VAL P 21 27.52 44.21 44.23
N ALA P 22 27.31 44.41 45.54
CA ALA P 22 26.60 43.42 46.37
C ALA P 22 25.98 44.08 47.58
N GLN P 23 24.96 43.42 48.13
CA GLN P 23 24.28 43.86 49.36
C GLN P 23 24.73 42.98 50.52
N VAL P 24 25.44 43.59 51.46
CA VAL P 24 26.02 42.88 52.59
C VAL P 24 25.66 43.55 53.92
N GLU P 25 25.15 42.75 54.86
CA GLU P 25 24.78 43.29 56.17
C GLU P 25 25.75 42.96 57.33
N THR P 26 26.39 41.78 57.29
CA THR P 26 27.19 41.31 58.43
C THR P 26 28.71 41.29 58.26
N ALA P 27 29.21 41.81 57.16
CA ALA P 27 30.64 41.74 56.91
C ALA P 27 31.20 43.03 56.35
N ILE P 28 31.12 44.11 57.14
CA ILE P 28 31.59 45.43 56.69
C ILE P 28 33.03 45.73 57.15
N PRO P 29 34.03 45.75 56.26
CA PRO P 29 35.42 46.05 56.56
C PRO P 29 35.73 47.52 56.61
N ALA P 30 36.81 47.85 57.31
CA ALA P 30 37.44 49.15 57.14
C ALA P 30 38.82 48.95 56.51
N PHE P 31 39.17 49.86 55.59
CA PHE P 31 40.48 49.82 54.93
C PHE P 31 41.29 51.09 55.24
N ILE P 32 42.46 50.90 55.86
CA ILE P 32 43.30 52.05 56.24
C ILE P 32 44.57 52.17 55.38
N GLY P 33 44.73 53.32 54.65
CA GLY P 33 45.92 53.47 53.75
C GLY P 33 46.00 54.79 52.93
N TYR P 34 46.86 54.80 51.89
CA TYR P 34 47.11 56.03 51.09
C TYR P 34 46.26 56.14 49.81
N THR P 35 45.89 57.36 49.43
CA THR P 35 45.11 57.63 48.20
C THR P 35 45.75 58.69 47.28
N GLN P 36 45.16 58.98 46.10
CA GLN P 36 45.72 60.06 45.27
C GLN P 36 45.39 61.40 45.88
N PHE P 37 44.18 61.49 46.38
CA PHE P 37 43.63 62.70 46.97
C PHE P 37 42.52 62.33 47.92
N ALA P 38 42.02 63.28 48.69
CA ALA P 38 40.90 62.97 49.56
C ALA P 38 39.99 64.19 49.71
N ARG P 39 38.89 64.21 49.00
CA ARG P 39 38.01 65.40 48.99
C ARG P 39 36.54 65.11 49.15
N THR P 40 35.78 66.10 49.59
CA THR P 40 34.32 65.93 49.68
C THR P 40 33.57 66.47 48.48
N LYS P 41 34.20 67.36 47.73
CA LYS P 41 33.59 67.96 46.55
C LYS P 41 34.62 67.91 45.44
N PRO P 42 34.24 67.79 44.17
CA PRO P 42 35.10 67.76 42.99
C PRO P 42 35.90 69.03 42.76
N SER P 43 35.50 70.13 43.39
CA SER P 43 36.16 71.42 43.20
C SER P 43 36.47 72.09 44.51
N VAL P 44 37.59 71.69 45.08
CA VAL P 44 38.09 72.17 46.36
C VAL P 44 39.54 72.55 46.18
N ASP P 45 40.08 73.29 47.13
CA ASP P 45 41.49 73.66 47.09
C ASP P 45 42.39 72.80 47.99
N SER P 46 41.86 71.72 48.55
CA SER P 46 42.66 70.87 49.41
C SER P 46 42.07 69.49 49.62
N ASP P 47 42.73 68.73 50.47
CA ASP P 47 42.31 67.41 50.87
C ASP P 47 41.48 67.55 52.15
N ASP P 48 40.21 67.20 52.07
CA ASP P 48 39.26 67.40 53.15
C ASP P 48 39.14 66.18 54.06
N LEU P 49 39.35 65.02 53.46
CA LEU P 49 39.10 63.75 54.12
C LEU P 49 40.33 62.97 54.57
N ILE P 50 41.47 63.61 54.81
CA ILE P 50 42.65 62.81 55.13
C ILE P 50 42.48 61.90 56.33
N LEU P 51 41.89 62.34 57.43
CA LEU P 51 41.66 61.43 58.54
C LEU P 51 40.19 61.31 58.89
N LYS P 52 39.33 61.34 57.88
CA LYS P 52 37.91 61.24 58.16
C LYS P 52 37.34 59.97 57.55
N PRO P 53 36.77 59.04 58.33
CA PRO P 53 36.17 57.83 57.81
C PRO P 53 35.03 58.19 56.87
N LYS P 54 34.89 57.45 55.78
CA LYS P 54 33.77 57.66 54.89
C LYS P 54 33.23 56.33 54.43
N ARG P 55 31.91 56.25 54.27
CA ARG P 55 31.31 55.02 53.76
C ARG P 55 31.13 55.09 52.25
N ILE P 56 31.60 54.03 51.60
CA ILE P 56 31.61 53.80 50.15
C ILE P 56 30.75 52.62 49.73
N SER P 57 29.86 52.79 48.72
CA SER P 57 29.01 51.67 48.31
C SER P 57 29.57 50.81 47.18
N SER P 58 30.48 51.38 46.39
CA SER P 58 31.04 50.68 45.23
C SER P 58 32.36 51.32 44.82
N LEU P 59 33.05 50.68 43.88
CA LEU P 59 34.32 51.23 43.41
C LEU P 59 34.18 52.63 42.77
N LEU P 60 33.03 52.93 42.15
CA LEU P 60 32.83 54.26 41.54
C LEU P 60 32.82 55.35 42.60
N ASP P 61 32.25 55.07 43.77
CA ASP P 61 32.21 56.04 44.84
C ASP P 61 33.61 56.25 45.34
N PHE P 62 34.38 55.16 45.43
CA PHE P 62 35.75 55.32 45.89
C PHE P 62 36.50 56.27 44.98
N THR P 63 36.44 56.00 43.67
CA THR P 63 37.19 56.78 42.69
C THR P 63 36.82 58.24 42.79
N THR P 64 35.53 58.53 42.90
CA THR P 64 34.99 59.88 43.01
C THR P 64 35.69 60.74 44.07
N TYR P 65 36.03 60.18 45.24
CA TYR P 65 36.60 60.98 46.31
C TYR P 65 38.09 60.75 46.56
N TYR P 66 38.60 59.60 46.11
CA TYR P 66 39.97 59.23 46.39
C TYR P 66 40.94 59.02 45.20
N GLY P 67 40.42 58.92 43.97
CA GLY P 67 41.26 58.68 42.81
C GLY P 67 41.65 57.20 42.57
N GLY P 68 42.57 57.00 41.63
CA GLY P 68 43.04 55.66 41.20
C GLY P 68 44.44 55.26 41.72
N ALA P 69 45.16 54.49 40.92
CA ALA P 69 46.50 53.98 41.24
C ALA P 69 47.59 54.97 40.81
N GLN P 70 48.79 54.79 41.35
CA GLN P 70 49.96 55.58 40.95
C GLN P 70 50.60 54.94 39.73
N ASN P 71 51.07 55.74 38.77
CA ASN P 71 51.77 55.19 37.59
C ASN P 71 53.08 54.53 37.99
N GLU P 72 53.39 53.40 37.37
CA GLU P 72 54.68 52.74 37.61
C GLU P 72 55.77 53.49 36.87
N GLN P 73 56.97 53.57 37.45
CA GLN P 73 58.10 54.23 36.81
C GLN P 73 59.31 53.31 36.63
N GLY P 74 59.09 52.00 36.73
CA GLY P 74 60.16 51.01 36.63
C GLY P 74 60.16 50.14 35.36
N ILE P 75 59.41 50.52 34.34
CA ILE P 75 59.29 49.73 33.12
C ILE P 75 60.34 50.15 32.10
N THR P 76 61.10 49.18 31.58
CA THR P 76 62.12 49.45 30.57
C THR P 76 61.88 48.51 29.39
N VAL P 77 62.46 48.80 28.23
CA VAL P 77 62.32 47.93 27.06
C VAL P 77 63.64 47.64 26.35
N LYS P 78 63.88 46.38 25.97
CA LYS P 78 65.08 46.04 25.21
C LYS P 78 64.76 45.30 23.88
N LEU P 79 65.22 45.88 22.77
CA LEU P 79 64.97 45.33 21.43
C LEU P 79 66.28 44.90 20.76
N THR P 80 66.35 43.65 20.28
CA THR P 80 67.59 43.21 19.60
C THR P 80 67.38 42.65 18.17
N ASP P 81 68.15 43.20 17.22
CA ASP P 81 68.15 42.83 15.79
C ASP P 81 69.31 41.91 15.36
N THR P 82 68.99 40.70 14.88
CA THR P 82 69.99 39.73 14.44
C THR P 82 69.65 39.11 13.07
N LEU P 83 70.61 38.35 12.50
CA LEU P 83 70.31 37.65 11.25
C LEU P 83 70.25 36.14 11.40
N ILE P 84 69.30 35.54 10.69
CA ILE P 84 69.17 34.09 10.61
C ILE P 84 69.36 33.65 9.17
N GLU P 85 70.50 33.05 8.87
CA GLU P 85 70.82 32.63 7.51
C GLU P 85 70.62 33.76 6.50
N GLY P 86 71.00 34.97 6.90
CA GLY P 86 70.88 36.17 6.07
C GLY P 86 69.56 36.93 6.21
N ALA P 87 68.54 36.34 6.86
CA ALA P 87 67.24 36.99 7.01
C ALA P 87 67.19 37.85 8.26
N GLU P 88 66.44 38.93 8.22
CA GLU P 88 66.27 39.75 9.41
C GLU P 88 65.34 39.08 10.42
N ASN P 89 65.65 39.27 11.70
CA ASN P 89 64.81 38.78 12.79
C ASN P 89 64.99 39.64 14.05
N ARG P 90 63.89 40.04 14.69
CA ARG P 90 64.08 40.84 15.91
C ARG P 90 63.24 40.34 17.06
N THR P 91 63.79 40.51 18.26
CA THR P 91 63.12 40.18 19.51
C THR P 91 62.89 41.40 20.40
N ILE P 92 61.66 41.52 20.89
CA ILE P 92 61.31 42.59 21.82
C ILE P 92 61.05 42.02 23.20
N ASN P 93 61.84 42.47 24.16
CA ASN P 93 61.75 41.97 25.51
C ASN P 93 61.45 43.03 26.56
N VAL P 94 60.36 42.83 27.27
CA VAL P 94 59.98 43.74 28.34
C VAL P 94 60.04 42.96 29.67
N PRO P 95 61.09 43.10 30.50
CA PRO P 95 61.32 42.46 31.78
C PRO P 95 60.30 42.88 32.83
N GLU P 96 60.07 42.05 33.82
CA GLU P 96 59.24 42.45 34.94
C GLU P 96 60.01 43.55 35.71
N PRO P 97 59.37 44.67 36.10
CA PRO P 97 60.00 45.75 36.87
C PRO P 97 60.55 45.25 38.18
N THR P 98 61.67 45.82 38.61
CA THR P 98 62.28 45.47 39.89
C THR P 98 61.97 46.53 40.95
N PHE P 99 61.44 47.65 40.49
CA PHE P 99 61.04 48.78 41.34
C PHE P 99 59.60 49.08 41.03
N LYS P 100 58.76 49.01 42.03
CA LYS P 100 57.33 49.19 41.88
C LYS P 100 56.78 50.19 42.87
N SER P 101 55.66 50.82 42.52
CA SER P 101 54.96 51.73 43.45
C SER P 101 54.57 50.94 44.70
N PRO P 102 54.70 51.48 45.91
CA PRO P 102 54.31 50.84 47.14
C PRO P 102 52.84 51.01 47.52
N TYR P 103 52.03 51.64 46.65
CA TYR P 103 50.65 51.94 47.05
C TYR P 103 49.63 50.98 46.42
N LEU P 104 49.04 50.12 47.26
CA LEU P 104 48.12 49.07 46.79
C LEU P 104 46.62 49.20 47.08
N MET P 105 46.12 50.28 47.70
CA MET P 105 44.70 50.31 48.04
C MET P 105 43.76 50.19 46.84
N PHE P 106 44.08 50.83 45.72
CA PHE P 106 43.18 50.75 44.57
C PHE P 106 43.01 49.31 44.09
N TYR P 107 44.13 48.59 43.93
CA TYR P 107 44.11 47.21 43.46
C TYR P 107 43.38 46.31 44.45
N SER P 108 43.60 46.58 45.74
CA SER P 108 42.99 45.83 46.81
C SER P 108 41.47 45.91 46.72
N LEU P 109 40.93 47.13 46.53
CA LEU P 109 39.49 47.31 46.40
C LEU P 109 38.93 46.64 45.15
N GLN P 110 39.66 46.65 44.04
CA GLN P 110 39.14 45.95 42.87
C GLN P 110 38.93 44.46 43.18
N MET P 111 39.88 43.84 43.91
CA MET P 111 39.75 42.43 44.26
C MET P 111 38.58 42.19 45.24
N TYR P 112 38.41 43.10 46.19
CA TYR P 112 37.34 43.04 47.17
C TYR P 112 35.96 43.00 46.51
N PHE P 113 35.73 43.92 45.57
CA PHE P 113 34.43 43.95 44.91
C PHE P 113 34.28 42.74 43.94
N ALA P 114 35.36 42.31 43.29
CA ALA P 114 35.34 41.15 42.38
C ALA P 114 34.90 39.88 43.09
N ASN P 115 35.24 39.76 44.37
CA ASN P 115 34.89 38.61 45.19
C ASN P 115 33.58 38.75 45.98
N GLY P 116 32.75 39.75 45.66
CA GLY P 116 31.44 39.85 46.29
C GLY P 116 31.28 40.80 47.47
N GLY P 117 32.24 41.66 47.75
CA GLY P 117 32.11 42.57 48.85
C GLY P 117 31.02 43.63 48.66
N GLY P 118 30.46 44.08 49.78
CA GLY P 118 29.45 45.12 49.81
C GLY P 118 30.07 46.44 50.27
N PRO P 119 29.30 47.35 50.89
CA PRO P 119 29.70 48.65 51.37
C PRO P 119 30.82 48.54 52.37
N CYS P 120 31.69 49.54 52.42
CA CYS P 120 32.83 49.53 53.33
C CYS P 120 33.28 50.91 53.78
N TYR P 121 34.17 50.95 54.78
CA TYR P 121 34.73 52.21 55.23
C TYR P 121 36.14 52.46 54.76
N ILE P 122 36.38 53.67 54.32
CA ILE P 122 37.70 54.09 53.89
C ILE P 122 38.27 55.15 54.82
N VAL P 123 39.49 54.91 55.27
CA VAL P 123 40.20 55.88 56.09
C VAL P 123 41.51 56.18 55.39
N SER P 124 41.69 57.42 55.02
CA SER P 124 42.91 57.81 54.35
C SER P 124 43.93 58.04 55.45
N THR P 125 45.19 57.94 55.10
CA THR P 125 46.26 58.24 56.04
C THR P 125 47.15 59.33 55.48
N GLY P 126 46.89 59.71 54.25
CA GLY P 126 47.68 60.66 53.51
C GLY P 126 47.51 60.39 52.04
N VAL P 127 48.31 61.08 51.21
CA VAL P 127 48.22 60.91 49.78
C VAL P 127 49.54 60.45 49.21
N TYR P 128 49.52 59.93 47.99
CA TYR P 128 50.71 59.37 47.35
C TYR P 128 51.85 60.37 47.21
N ASP P 129 53.06 59.94 47.57
CA ASP P 129 54.22 60.81 47.39
C ASP P 129 54.83 60.56 46.02
N ASP P 130 55.88 61.30 45.68
CA ASP P 130 56.50 61.07 44.36
C ASP P 130 57.76 60.20 44.43
N TRP P 131 58.36 59.95 43.28
CA TRP P 131 59.58 59.16 43.17
C TRP P 131 60.80 60.07 43.21
N SER P 132 61.92 59.56 43.73
CA SER P 132 63.13 60.39 43.73
C SER P 132 63.91 60.15 42.45
N ASP P 133 63.81 58.91 41.97
CA ASP P 133 64.49 58.49 40.73
C ASP P 133 63.77 57.25 40.22
N SER P 134 64.18 56.73 39.08
CA SER P 134 63.52 55.52 38.53
C SER P 134 63.80 54.28 39.37
N GLU P 135 64.86 54.33 40.15
CA GLU P 135 65.24 53.26 41.04
C GLU P 135 64.98 53.59 42.50
N THR P 136 64.33 54.73 42.76
CA THR P 136 64.06 55.12 44.13
C THR P 136 62.59 55.52 44.34
N PRO P 137 61.73 54.57 44.78
CA PRO P 137 60.31 54.70 45.01
C PRO P 137 60.01 55.42 46.33
N PRO P 138 58.76 55.87 46.54
CA PRO P 138 58.18 56.40 47.77
C PRO P 138 58.24 55.38 48.89
N THR P 139 58.09 55.85 50.13
CA THR P 139 58.06 54.96 51.27
C THR P 139 56.75 55.07 52.04
N ILE P 140 56.49 54.08 52.89
CA ILE P 140 55.30 54.02 53.73
C ILE P 140 55.67 54.41 55.15
N ASN P 141 54.97 55.39 55.70
CA ASN P 141 55.27 55.88 57.03
C ASN P 141 54.44 55.23 58.11
N PHE P 142 55.08 54.43 58.93
CA PHE P 142 54.40 53.69 59.99
C PHE P 142 53.46 54.56 60.83
N SER P 143 53.89 55.78 61.18
CA SER P 143 53.11 56.66 62.04
C SER P 143 51.75 57.05 61.44
N ASP P 144 51.64 56.97 60.11
CA ASP P 144 50.43 57.35 59.44
C ASP P 144 49.40 56.23 59.58
N LEU P 145 49.87 54.98 59.70
CA LEU P 145 48.93 53.88 59.78
C LEU P 145 48.42 53.82 61.21
N GLU P 146 49.29 54.14 62.19
CA GLU P 146 48.82 54.16 63.57
C GLU P 146 47.76 55.22 63.78
N SER P 147 47.93 56.37 63.11
CA SER P 147 46.96 57.43 63.20
C SER P 147 45.61 56.95 62.67
N GLY P 148 45.61 56.31 61.49
CA GLY P 148 44.37 55.80 60.93
C GLY P 148 43.67 54.78 61.85
N LEU P 149 44.44 53.94 62.53
CA LEU P 149 43.87 52.94 63.43
C LEU P 149 43.20 53.65 64.63
N ALA P 150 43.87 54.68 65.17
CA ALA P 150 43.32 55.46 66.28
C ALA P 150 41.99 56.12 65.91
N VAL P 151 41.85 56.52 64.64
CA VAL P 151 40.64 57.12 64.12
C VAL P 151 39.50 56.11 64.00
N ILE P 152 39.76 54.94 63.37
CA ILE P 152 38.67 53.98 63.16
C ILE P 152 38.14 53.47 64.49
N ARG P 153 38.96 53.50 65.54
CA ARG P 153 38.53 53.07 66.87
C ARG P 153 37.27 53.77 67.35
N LYS P 154 36.97 54.97 66.85
CA LYS P 154 35.78 55.68 67.30
C LYS P 154 34.50 55.37 66.50
N GLU P 155 34.60 54.54 65.47
CA GLU P 155 33.43 54.18 64.65
C GLU P 155 32.80 52.89 65.17
N ASP P 156 31.47 52.78 65.12
CA ASP P 156 30.78 51.58 65.57
C ASP P 156 30.47 50.52 64.51
N GLU P 157 30.24 50.93 63.28
CA GLU P 157 29.82 49.99 62.24
C GLU P 157 30.79 48.90 61.73
N PRO P 158 32.11 49.15 61.54
CA PRO P 158 33.06 48.17 60.99
C PRO P 158 33.17 46.90 61.83
N THR P 159 33.34 45.75 61.15
CA THR P 159 33.51 44.46 61.81
C THR P 159 34.89 43.85 61.50
N LEU P 160 35.49 44.23 60.36
CA LEU P 160 36.80 43.69 59.96
C LEU P 160 37.84 44.80 59.79
N LEU P 161 39.08 44.53 60.21
CA LEU P 161 40.16 45.53 60.03
C LEU P 161 41.24 45.09 59.04
N LEU P 162 41.45 45.89 57.98
CA LEU P 162 42.48 45.58 56.97
C LEU P 162 43.46 46.74 56.69
N PHE P 163 44.73 46.40 56.40
CA PHE P 163 45.76 47.39 56.02
C PHE P 163 46.43 47.05 54.68
N PRO P 164 45.93 47.57 53.53
CA PRO P 164 46.42 47.29 52.20
C PRO P 164 47.89 47.61 51.93
N ASP P 165 48.52 48.52 52.70
CA ASP P 165 49.91 48.85 52.43
C ASP P 165 50.81 48.53 53.64
N ALA P 166 50.52 47.46 54.38
CA ALA P 166 51.37 47.13 55.53
C ALA P 166 52.62 46.34 55.15
N THR P 167 52.57 45.56 54.08
CA THR P 167 53.70 44.70 53.72
C THR P 167 54.83 45.52 53.11
N ASN P 168 54.57 46.79 52.83
CA ASN P 168 55.58 47.66 52.27
C ASN P 168 56.25 48.54 53.33
N LEU P 169 55.98 48.29 54.61
CA LEU P 169 56.66 49.01 55.68
C LEU P 169 58.14 48.62 55.63
N PRO P 170 59.08 49.56 55.88
CA PRO P 170 60.53 49.36 55.88
C PRO P 170 61.06 48.17 56.68
N THR P 171 60.42 47.81 57.79
CA THR P 171 60.91 46.67 58.58
C THR P 171 59.78 45.73 58.95
N ASP P 172 60.16 44.52 59.35
CA ASP P 172 59.20 43.53 59.77
C ASP P 172 58.75 43.87 61.18
N ASP P 173 59.63 44.49 61.94
CA ASP P 173 59.27 44.89 63.29
C ASP P 173 58.09 45.86 63.28
N GLU P 174 58.09 46.84 62.35
CA GLU P 174 56.97 47.76 62.26
C GLU P 174 55.70 47.03 61.85
N PHE P 175 55.83 46.09 60.93
CA PHE P 175 54.70 45.29 60.46
C PHE P 175 54.04 44.55 61.64
N TYR P 176 54.84 43.83 62.43
CA TYR P 176 54.30 43.06 63.54
C TYR P 176 53.68 43.96 64.60
N SER P 177 54.31 45.12 64.86
CA SER P 177 53.79 46.06 65.83
C SER P 177 52.39 46.53 65.45
N LEU P 178 52.19 46.84 64.17
CA LEU P 178 50.89 47.29 63.70
C LEU P 178 49.81 46.23 63.95
N TYR P 179 50.12 44.96 63.67
CA TYR P 179 49.14 43.91 63.88
C TYR P 179 48.87 43.61 65.35
N ASN P 180 49.89 43.73 66.21
CA ASN P 180 49.63 43.52 67.63
C ASN P 180 48.63 44.57 68.12
N SER P 181 48.76 45.82 67.65
CA SER P 181 47.83 46.87 68.04
C SER P 181 46.41 46.58 67.57
N ALA P 182 46.27 46.09 66.34
CA ALA P 182 44.94 45.76 65.83
C ALA P 182 44.26 44.66 66.67
N LEU P 183 45.02 43.63 67.07
CA LEU P 183 44.43 42.58 67.90
C LEU P 183 44.03 43.10 69.27
N MET P 184 44.82 44.02 69.84
CA MET P 184 44.47 44.60 71.13
C MET P 184 43.20 45.44 71.03
N GLN P 185 43.01 46.16 69.91
CA GLN P 185 41.78 46.92 69.73
C GLN P 185 40.57 45.99 69.74
N CYS P 186 40.67 44.85 69.06
CA CYS P 186 39.56 43.90 69.03
C CYS P 186 39.24 43.37 70.42
N ASN P 187 40.26 43.07 71.21
CA ASN P 187 39.99 42.62 72.56
C ASN P 187 39.26 43.69 73.38
N ASP P 188 39.69 44.94 73.29
CA ASP P 188 39.02 45.98 74.07
C ASP P 188 37.57 46.25 73.65
N LEU P 189 37.28 46.22 72.35
CA LEU P 189 35.92 46.53 71.89
C LEU P 189 34.97 45.32 71.88
N GLN P 190 35.50 44.10 71.73
CA GLN P 190 34.75 42.83 71.68
C GLN P 190 33.77 42.66 70.53
N ASP P 191 33.99 43.34 69.41
CA ASP P 191 33.14 43.22 68.24
C ASP P 191 33.86 43.19 66.88
N ARG P 192 35.16 42.92 66.85
CA ARG P 192 35.93 42.93 65.61
C ARG P 192 36.82 41.72 65.44
N PHE P 193 37.19 41.47 64.19
CA PHE P 193 38.08 40.37 63.84
C PHE P 193 39.12 40.88 62.82
N THR P 194 40.36 40.40 62.91
CA THR P 194 41.37 40.84 61.95
C THR P 194 41.83 39.73 61.01
N ILE P 195 42.21 40.13 59.80
CA ILE P 195 42.77 39.22 58.79
C ILE P 195 44.25 39.54 58.59
N LEU P 196 45.12 38.55 58.79
CA LEU P 196 46.56 38.77 58.72
C LEU P 196 47.28 38.08 57.56
N ASP P 197 48.32 38.77 57.09
CA ASP P 197 49.24 38.32 56.04
C ASP P 197 50.62 38.10 56.62
N THR P 198 51.46 37.35 55.92
CA THR P 198 52.85 37.31 56.31
C THR P 198 53.48 38.58 55.75
N TYR P 199 54.70 38.89 56.18
CA TYR P 199 55.45 40.05 55.69
C TYR P 199 55.80 39.88 54.20
N SER P 200 56.15 38.65 53.84
CA SER P 200 56.56 38.25 52.50
C SER P 200 56.17 36.80 52.25
N ASP P 201 56.00 36.40 50.98
CA ASP P 201 55.74 34.99 50.72
C ASP P 201 57.03 34.17 50.47
N GLN P 202 58.18 34.86 50.52
CA GLN P 202 59.52 34.32 50.29
C GLN P 202 60.48 34.66 51.43
N THR P 203 61.59 33.93 51.54
CA THR P 203 62.58 34.20 52.57
C THR P 203 62.98 35.67 52.58
N TYR P 204 62.92 36.28 53.75
CA TYR P 204 63.29 37.70 53.75
C TYR P 204 64.57 37.89 54.54
N ASN P 205 65.20 38.98 54.20
CA ASN P 205 66.50 39.38 54.75
C ASN P 205 66.33 40.41 55.86
N ASP P 206 66.61 40.02 57.11
CA ASP P 206 66.43 40.85 58.31
C ASP P 206 67.45 41.98 58.37
N GLY P 207 68.48 41.89 57.53
CA GLY P 207 69.62 42.78 57.51
C GLY P 207 70.80 42.09 58.21
N VAL P 208 70.47 41.03 58.96
CA VAL P 208 71.44 40.23 59.68
C VAL P 208 71.29 38.72 59.50
N GLU P 209 70.13 38.26 58.97
CA GLU P 209 69.81 36.85 58.86
C GLU P 209 68.74 36.59 57.80
N ASP P 210 68.68 35.35 57.28
CA ASP P 210 67.61 35.01 56.31
C ASP P 210 66.48 34.38 57.14
N LEU P 211 65.26 34.90 56.99
CA LEU P 211 64.13 34.40 57.83
C LEU P 211 63.00 33.80 56.99
N ASP P 212 62.51 32.62 57.37
CA ASP P 212 61.33 31.95 56.81
C ASP P 212 60.03 32.62 57.31
N PRO P 213 59.14 33.12 56.43
CA PRO P 213 57.88 33.80 56.72
C PRO P 213 56.92 33.16 57.72
N ILE P 214 56.86 31.82 57.79
CA ILE P 214 55.90 31.28 58.74
C ILE P 214 56.42 31.40 60.18
N PRO P 215 57.62 30.88 60.56
CA PRO P 215 58.26 31.13 61.82
C PRO P 215 58.35 32.61 62.15
N ALA P 216 58.56 33.45 61.13
CA ALA P 216 58.64 34.89 61.33
C ALA P 216 57.39 35.45 61.97
N LEU P 217 56.24 35.10 61.39
CA LEU P 217 54.97 35.59 61.88
C LEU P 217 54.69 35.03 63.26
N ARG P 218 55.02 33.76 63.47
CA ARG P 218 54.80 33.14 64.77
C ARG P 218 55.59 33.81 65.90
N ASN P 219 56.83 34.20 65.64
CA ASN P 219 57.61 34.90 66.65
C ASN P 219 57.21 36.38 66.77
N GLY P 220 56.82 36.97 65.62
CA GLY P 220 56.42 38.36 65.50
C GLY P 220 55.22 38.73 66.36
N ILE P 221 54.15 37.95 66.27
CA ILE P 221 52.95 38.22 67.05
C ILE P 221 53.05 37.43 68.35
N ASN P 222 53.25 38.13 69.47
CA ASN P 222 53.50 37.54 70.78
C ASN P 222 52.44 37.77 71.87
N LEU P 223 51.20 38.02 71.46
CA LEU P 223 50.11 38.23 72.39
C LEU P 223 49.56 36.88 72.84
N THR P 224 48.87 36.87 73.97
CA THR P 224 48.24 35.64 74.46
C THR P 224 46.85 35.34 73.92
N LYS P 225 46.28 34.24 74.42
CA LYS P 225 45.00 33.64 74.02
C LYS P 225 43.85 34.62 73.85
N ASP P 226 43.75 35.58 74.78
CA ASP P 226 42.69 36.58 74.80
C ASP P 226 42.66 37.44 73.55
N TYR P 227 43.78 37.53 72.86
CA TYR P 227 43.90 38.35 71.68
C TYR P 227 43.91 37.50 70.43
N LEU P 228 44.58 36.36 70.51
CA LEU P 228 44.76 35.47 69.37
C LEU P 228 43.43 34.95 68.85
N LYS P 229 42.47 34.77 69.74
CA LYS P 229 41.13 34.32 69.36
C LYS P 229 40.41 35.31 68.41
N TYR P 230 40.90 36.55 68.29
CA TYR P 230 40.26 37.55 67.44
C TYR P 230 40.85 37.72 66.04
N GLY P 231 41.66 36.77 65.59
CA GLY P 231 42.14 36.90 64.23
C GLY P 231 42.63 35.60 63.62
N ALA P 232 42.93 35.66 62.33
CA ALA P 232 43.38 34.52 61.53
C ALA P 232 44.35 34.99 60.46
N ALA P 233 45.23 34.09 60.01
CA ALA P 233 46.22 34.41 58.98
C ALA P 233 46.14 33.46 57.80
N TYR P 234 46.50 33.98 56.62
CA TYR P 234 46.52 33.21 55.37
C TYR P 234 47.87 33.28 54.64
N TYR P 235 48.22 32.21 53.94
CA TYR P 235 49.46 32.08 53.16
C TYR P 235 49.27 31.16 51.96
N PRO P 236 49.92 31.39 50.82
CA PRO P 236 50.77 32.46 50.29
C PRO P 236 50.02 33.63 49.67
N PHE P 237 50.77 34.50 49.01
CA PHE P 237 50.26 35.62 48.20
C PHE P 237 49.69 35.07 46.89
N VAL P 238 48.85 35.83 46.20
CA VAL P 238 48.27 35.32 44.95
C VAL P 238 48.49 36.21 43.73
N GLN P 239 48.49 35.57 42.55
CA GLN P 239 48.62 36.27 41.29
C GLN P 239 47.26 36.52 40.66
N THR P 240 46.95 37.81 40.48
CA THR P 240 45.68 38.36 39.91
C THR P 240 45.79 38.57 38.39
N ILE P 241 44.70 39.05 37.78
CA ILE P 241 44.59 39.28 36.35
C ILE P 241 44.51 40.77 36.02
N LEU P 242 44.83 41.59 37.00
CA LEU P 242 44.82 43.04 36.88
C LEU P 242 46.12 43.51 36.27
N ASN P 243 46.07 44.61 35.51
CA ASN P 243 47.27 45.18 34.88
C ASN P 243 47.89 46.28 35.73
N TYR P 244 49.00 46.82 35.24
CA TYR P 244 49.69 47.93 35.88
C TYR P 244 49.29 49.21 35.20
N GLN P 245 49.32 50.31 35.93
CA GLN P 245 49.03 51.61 35.36
C GLN P 245 50.35 52.28 34.97
N TYR P 246 50.44 52.79 33.75
CA TYR P 246 51.68 53.40 33.24
C TYR P 246 51.43 54.38 32.10
N SER P 247 52.50 55.04 31.65
CA SER P 247 52.47 55.93 30.51
C SER P 247 53.70 55.75 29.62
N ALA P 248 53.48 55.71 28.31
CA ALA P 248 54.52 55.53 27.28
C ALA P 248 55.58 56.62 27.33
N ASP P 249 55.25 57.76 27.92
CA ASP P 249 56.17 58.89 28.04
C ASP P 249 57.33 58.59 28.99
N GLU P 250 57.13 57.61 29.87
CA GLU P 250 58.13 57.27 30.86
C GLU P 250 58.98 56.06 30.48
N ILE P 251 58.75 55.49 29.29
CA ILE P 251 59.44 54.26 28.95
C ILE P 251 60.48 54.40 27.84
N VAL P 252 61.72 54.05 28.17
CA VAL P 252 62.86 54.18 27.26
C VAL P 252 63.33 52.83 26.72
N ILE P 253 63.64 52.84 25.42
CA ILE P 253 64.05 51.67 24.66
C ILE P 253 65.55 51.55 24.35
N GLN P 254 66.08 50.38 24.69
CA GLN P 254 67.45 50.01 24.34
C GLN P 254 67.36 49.27 23.00
N HIS P 255 68.23 49.59 22.05
CA HIS P 255 68.18 48.91 20.75
C HIS P 255 69.55 48.43 20.31
N LEU P 256 69.71 47.12 20.25
CA LEU P 256 71.00 46.54 19.88
C LEU P 256 70.87 45.90 18.51
N SER P 257 71.96 45.91 17.76
CA SER P 257 71.93 45.35 16.41
C SER P 257 73.22 44.75 15.90
N TYR P 258 73.07 43.69 15.10
CA TYR P 258 74.17 43.04 14.37
C TYR P 258 74.84 44.05 13.42
N ASN P 259 74.08 45.08 13.06
CA ASN P 259 74.48 46.16 12.18
C ASN P 259 74.03 47.47 12.85
N PRO P 260 74.90 48.08 13.67
CA PRO P 260 74.68 49.30 14.43
C PRO P 260 74.44 50.51 13.54
N ASN P 261 73.63 51.46 14.00
CA ASN P 261 73.44 52.71 13.29
C ASN P 261 72.79 53.83 14.13
N ALA P 262 73.01 53.83 15.45
CA ALA P 262 72.46 54.90 16.28
C ALA P 262 73.12 56.27 16.02
N ILE P 263 74.44 56.27 15.83
CA ILE P 263 75.18 57.53 15.67
C ILE P 263 74.92 58.06 14.28
N ALA P 264 74.99 57.17 13.29
CA ALA P 264 74.77 57.60 11.92
C ALA P 264 73.38 58.22 11.77
N THR P 265 72.38 57.65 12.45
CA THR P 265 71.04 58.19 12.38
C THR P 265 71.03 59.60 12.97
N ALA P 266 71.65 59.78 14.15
CA ALA P 266 71.66 61.09 14.76
C ALA P 266 72.32 62.10 13.83
N LEU P 267 73.42 61.72 13.17
CA LEU P 267 74.08 62.63 12.26
C LEU P 267 73.24 62.99 11.06
N ASP P 268 72.53 62.04 10.48
CA ASP P 268 71.72 62.37 9.32
C ASP P 268 70.68 63.43 9.68
N ASN P 269 70.10 63.33 10.88
CA ASN P 269 69.12 64.33 11.28
C ASN P 269 69.79 65.65 11.68
N LEU P 270 70.89 65.59 12.43
CA LEU P 270 71.56 66.80 12.88
C LEU P 270 72.09 67.61 11.69
N ASN P 271 72.53 66.92 10.65
CA ASN P 271 73.05 67.57 9.46
C ASN P 271 71.94 68.17 8.60
N ALA P 272 70.68 67.85 8.91
CA ALA P 272 69.57 68.38 8.18
C ALA P 272 69.13 69.66 8.86
N GLY P 450 73.46 78.99 14.83
CA GLY P 450 74.23 78.13 13.92
C GLY P 450 75.59 77.67 14.44
N THR P 451 76.27 78.50 15.22
CA THR P 451 77.56 78.15 15.79
C THR P 451 77.45 76.93 16.69
N ARG P 452 76.38 76.89 17.49
CA ARG P 452 76.24 75.80 18.43
C ARG P 452 75.87 74.52 17.70
N LEU P 453 75.12 74.65 16.60
CA LEU P 453 74.75 73.46 15.85
C LEU P 453 76.00 72.79 15.29
N ASP P 454 76.96 73.61 14.83
CA ASP P 454 78.22 73.04 14.32
C ASP P 454 78.97 72.27 15.42
N ASP P 455 79.01 72.83 16.65
CA ASP P 455 79.70 72.15 17.76
C ASP P 455 79.05 70.81 18.10
N ILE P 456 77.72 70.76 18.06
CA ILE P 456 77.02 69.51 18.34
C ILE P 456 77.35 68.46 17.31
N ILE P 457 77.28 68.81 16.04
CA ILE P 457 77.54 67.84 15.00
C ILE P 457 78.94 67.28 15.10
N ALA P 458 79.94 68.15 15.29
CA ALA P 458 81.29 67.67 15.42
C ALA P 458 81.45 66.72 16.62
N ALA P 459 80.83 67.06 17.76
CA ALA P 459 80.93 66.21 18.93
C ALA P 459 80.35 64.83 18.65
N VAL P 460 79.24 64.80 17.91
CA VAL P 460 78.56 63.55 17.58
C VAL P 460 79.33 62.73 16.56
N SER P 461 79.83 63.35 15.49
CA SER P 461 80.52 62.55 14.46
C SER P 461 81.74 61.87 15.03
N ALA P 462 82.33 62.48 16.06
CA ALA P 462 83.49 61.92 16.73
C ALA P 462 83.17 60.54 17.35
N ALA P 463 81.90 60.28 17.66
CA ALA P 463 81.48 59.03 18.29
C ALA P 463 81.20 57.90 17.31
N GLU P 464 81.22 58.14 16.02
CA GLU P 464 80.84 57.03 15.14
C GLU P 464 81.74 55.79 15.35
N PRO P 465 83.08 55.91 15.54
CA PRO P 465 84.00 54.81 15.85
C PRO P 465 83.76 54.12 17.20
N ILE P 466 82.99 54.75 18.10
CA ILE P 466 82.73 54.22 19.43
C ILE P 466 81.57 53.27 19.46
N ASP P 467 80.48 53.70 18.86
CA ASP P 467 79.27 52.89 18.92
C ASP P 467 79.32 51.75 17.96
N VAL P 468 79.52 50.56 18.49
CA VAL P 468 79.64 49.38 17.68
C VAL P 468 78.54 48.39 18.02
N ASN P 469 77.54 48.83 18.80
CA ASN P 469 76.46 47.93 19.22
C ASN P 469 75.02 48.43 19.02
N ASN P 470 74.81 49.75 18.99
CA ASN P 470 73.45 50.28 19.07
C ASN P 470 72.81 50.61 17.73
N GLY P 471 71.55 50.22 17.63
CA GLY P 471 70.74 50.48 16.45
C GLY P 471 70.04 51.84 16.49
N LYS P 472 69.33 52.13 15.41
CA LYS P 472 68.57 53.35 15.15
C LYS P 472 67.68 53.89 16.28
N LEU P 473 66.96 53.02 17.01
CA LEU P 473 65.99 53.48 18.02
C LEU P 473 66.56 53.64 19.43
N ASN P 474 67.84 53.33 19.61
CA ASN P 474 68.42 53.33 20.94
C ASN P 474 68.31 54.68 21.62
N GLY P 475 67.80 54.68 22.86
CA GLY P 475 67.69 55.88 23.66
C GLY P 475 66.36 56.63 23.55
N ARG P 476 65.47 56.25 22.64
CA ARG P 476 64.20 56.97 22.53
C ARG P 476 63.09 56.40 23.39
N LEU P 477 62.10 57.24 23.66
CA LEU P 477 60.91 56.88 24.42
C LEU P 477 59.84 56.25 23.55
N LEU P 478 58.99 55.39 24.11
CA LEU P 478 57.92 54.85 23.28
C LEU P 478 57.06 55.88 22.61
N SER P 479 56.64 56.88 23.34
CA SER P 479 55.77 57.89 22.74
C SER P 479 56.43 58.67 21.59
N ASP P 480 57.76 58.63 21.47
CA ASP P 480 58.49 59.32 20.40
C ASP P 480 58.90 58.43 19.22
N ILE P 481 58.52 57.14 19.22
CA ILE P 481 58.93 56.32 18.10
C ILE P 481 57.74 55.83 17.28
N GLU P 482 56.52 56.11 17.75
CA GLU P 482 55.38 55.62 17.01
C GLU P 482 55.41 55.98 15.52
N PRO P 483 55.68 57.25 15.09
CA PRO P 483 55.78 57.58 13.68
C PRO P 483 56.99 56.99 12.95
N LEU P 484 58.04 56.56 13.68
CA LEU P 484 59.22 56.00 13.06
C LEU P 484 58.93 54.57 12.64
N ASP P 485 58.29 53.86 13.56
CA ASP P 485 57.90 52.48 13.39
C ASP P 485 56.78 52.14 14.36
N ASN P 486 55.53 52.22 13.91
CA ASN P 486 54.45 52.00 14.84
C ASN P 486 54.24 50.51 15.07
N ALA P 487 55.02 49.67 14.40
CA ALA P 487 54.93 48.25 14.63
C ALA P 487 55.68 47.94 15.91
N THR P 488 56.76 48.71 16.16
CA THR P 488 57.57 48.52 17.34
C THR P 488 56.80 49.09 18.51
N TYR P 489 56.27 50.28 18.32
CA TYR P 489 55.51 50.91 19.38
C TYR P 489 54.36 50.02 19.85
N ASN P 490 53.56 49.54 18.90
CA ASN P 490 52.44 48.70 19.26
C ASN P 490 52.86 47.37 19.87
N THR P 491 53.94 46.75 19.35
CA THR P 491 54.38 45.47 19.89
C THR P 491 54.81 45.63 21.33
N ILE P 492 55.55 46.70 21.62
CA ILE P 492 55.99 46.92 22.96
C ILE P 492 54.84 47.09 23.92
N LEU P 493 53.84 47.89 23.56
CA LEU P 493 52.71 48.09 24.47
C LEU P 493 52.02 46.76 24.74
N LEU P 494 51.90 45.92 23.71
CA LEU P 494 51.27 44.63 23.90
C LEU P 494 52.08 43.79 24.89
N GLU P 495 53.41 43.80 24.78
CA GLU P 495 54.24 43.06 25.72
C GLU P 495 54.16 43.63 27.14
N ILE P 496 54.08 44.95 27.30
CA ILE P 496 54.00 45.52 28.64
C ILE P 496 52.77 45.00 29.36
N ASN P 497 51.69 44.85 28.59
CA ASN P 497 50.34 44.44 29.03
C ASN P 497 50.33 42.98 29.51
N SER P 498 51.39 42.22 29.24
CA SER P 498 51.35 40.82 29.61
C SER P 498 51.75 40.63 31.09
N HIS P 499 52.26 41.68 31.74
CA HIS P 499 52.67 41.60 33.14
C HIS P 499 51.51 41.88 34.10
N LYS P 500 51.31 40.99 35.07
CA LYS P 500 50.20 41.14 36.00
C LYS P 500 50.63 41.50 37.42
N VAL P 501 49.67 42.03 38.16
CA VAL P 501 49.77 42.45 39.56
C VAL P 501 49.71 41.25 40.56
N THR P 502 50.59 41.26 41.58
CA THR P 502 50.60 40.22 42.63
C THR P 502 50.26 40.87 43.97
N LEU P 503 49.31 40.28 44.70
CA LEU P 503 48.81 40.86 45.96
C LEU P 503 48.75 39.88 47.16
N PRO P 504 48.90 40.36 48.41
CA PRO P 504 48.59 39.63 49.62
C PRO P 504 47.11 39.28 49.49
N PRO P 505 46.61 38.16 50.05
CA PRO P 505 45.23 37.70 49.92
C PRO P 505 44.16 38.30 50.86
N SER P 506 44.49 39.27 51.70
CA SER P 506 43.53 39.72 52.71
C SER P 506 42.25 40.41 52.19
N SER P 507 42.32 41.11 51.06
CA SER P 507 41.11 41.79 50.59
C SER P 507 40.19 40.82 49.89
N SER P 508 40.80 39.79 49.30
CA SER P 508 40.07 38.74 48.63
C SER P 508 39.31 37.96 49.67
N MET P 509 39.95 37.73 50.83
CA MET P 509 39.26 37.00 51.88
C MET P 509 38.11 37.82 52.47
N ALA P 510 38.26 39.14 52.62
CA ALA P 510 37.13 39.91 53.14
C ALA P 510 35.93 39.77 52.20
N GLY P 511 36.19 39.76 50.89
CA GLY P 511 35.16 39.55 49.88
C GLY P 511 34.51 38.17 50.07
N ALA P 512 35.35 37.13 50.19
CA ALA P 512 34.89 35.77 50.37
C ALA P 512 34.04 35.60 51.63
N TYR P 513 34.39 36.29 52.72
CA TYR P 513 33.60 36.21 53.95
C TYR P 513 32.19 36.69 53.67
N ALA P 514 32.05 37.81 52.95
CA ALA P 514 30.73 38.33 52.63
C ALA P 514 29.90 37.35 51.81
N ARG P 515 30.52 36.67 50.84
CA ARG P 515 29.77 35.68 50.07
C ARG P 515 29.23 34.54 50.91
N VAL P 516 30.04 34.01 51.81
CA VAL P 516 29.55 32.91 52.62
C VAL P 516 28.41 33.34 53.52
N ASP P 517 28.54 34.51 54.16
CA ASP P 517 27.48 34.95 55.05
C ASP P 517 26.13 35.06 54.33
N ASN P 518 26.14 35.52 53.07
CA ASN P 518 24.90 35.62 52.30
C ASN P 518 24.34 34.31 51.75
N ASP P 519 25.18 33.39 51.29
CA ASP P 519 24.64 32.15 50.72
C ASP P 519 24.42 31.03 51.72
N ARG P 520 25.25 30.91 52.76
CA ARG P 520 25.10 29.79 53.69
C ARG P 520 24.84 30.22 55.14
N GLY P 521 25.36 31.38 55.55
CA GLY P 521 25.21 31.86 56.92
C GLY P 521 26.53 31.93 57.67
N VAL P 522 26.60 32.90 58.58
CA VAL P 522 27.78 33.21 59.42
C VAL P 522 28.27 32.04 60.28
N TRP P 523 27.41 31.05 60.49
CA TRP P 523 27.78 29.90 61.30
C TRP P 523 28.51 28.80 60.50
N LYS P 524 28.72 29.01 59.19
CA LYS P 524 29.44 28.04 58.38
C LYS P 524 30.88 28.48 58.14
N SER P 525 31.81 27.52 58.07
CA SER P 525 33.21 27.83 57.87
C SER P 525 33.50 28.55 56.54
N PRO P 526 34.32 29.61 56.55
CA PRO P 526 34.75 30.33 55.37
C PRO P 526 35.91 29.60 54.68
N ALA P 527 35.62 28.44 54.13
CA ALA P 527 36.62 27.60 53.46
C ALA P 527 35.94 26.76 52.37
N ASN P 528 36.75 26.19 51.48
CA ASN P 528 36.31 25.44 50.30
C ASN P 528 35.49 26.39 49.41
N ILE P 529 36.08 27.57 49.27
CA ILE P 529 35.60 28.72 48.51
C ILE P 529 36.53 29.01 47.36
N GLY P 530 35.99 29.16 46.15
CA GLY P 530 36.86 29.55 45.05
C GLY P 530 37.01 31.07 45.04
N LEU P 531 38.19 31.56 44.67
CA LEU P 531 38.43 33.00 44.59
C LEU P 531 38.27 33.52 43.16
N ASN P 532 37.74 34.74 43.02
CA ASN P 532 37.59 35.34 41.70
C ASN P 532 38.81 36.15 41.35
N TYR P 533 39.09 36.27 40.05
CA TYR P 533 40.22 37.04 39.53
C TYR P 533 41.56 36.54 40.04
N VAL P 534 41.70 35.24 40.24
CA VAL P 534 42.97 34.69 40.68
C VAL P 534 43.43 33.67 39.67
N SER P 535 44.63 33.87 39.17
CA SER P 535 45.24 32.98 38.20
C SER P 535 45.78 31.76 38.95
N LYS P 536 46.57 32.04 39.99
CA LYS P 536 47.18 30.98 40.79
C LYS P 536 47.81 31.54 42.07
N PRO P 537 48.06 30.73 43.11
CA PRO P 537 48.90 31.04 44.26
C PRO P 537 50.31 31.30 43.76
N SER P 538 51.05 32.20 44.43
CA SER P 538 52.45 32.46 44.03
C SER P 538 53.41 31.32 44.43
N VAL P 539 53.09 30.61 45.49
CA VAL P 539 53.90 29.51 46.00
C VAL P 539 53.05 28.25 46.12
N THR P 540 53.55 27.13 45.60
CA THR P 540 52.80 25.89 45.71
C THR P 540 53.00 25.24 47.08
N VAL P 541 51.89 24.86 47.71
CA VAL P 541 51.92 24.20 49.01
C VAL P 541 51.41 22.77 48.84
N SER P 542 52.23 21.80 49.19
CA SER P 542 51.90 20.39 49.06
C SER P 542 51.06 19.94 50.23
N HIS P 543 50.56 18.71 50.16
CA HIS P 543 49.79 18.12 51.25
C HIS P 543 50.61 18.06 52.54
N GLU P 544 51.78 17.45 52.45
CA GLU P 544 52.66 17.26 53.61
C GLU P 544 53.11 18.57 54.21
N GLU P 545 53.36 19.56 53.36
CA GLU P 545 53.79 20.87 53.79
C GLU P 545 52.77 21.63 54.61
N GLN P 546 51.49 21.26 54.53
CA GLN P 546 50.47 21.97 55.26
C GLN P 546 50.28 21.40 56.66
N GLU P 547 50.88 20.25 56.98
CA GLU P 547 50.58 19.66 58.27
C GLU P 547 50.94 20.59 59.44
N SER P 548 52.07 21.29 59.32
CA SER P 548 52.55 22.20 60.34
C SER P 548 51.87 23.57 60.29
N MET P 549 51.04 23.81 59.29
CA MET P 549 50.32 25.05 59.16
C MET P 549 49.00 24.91 59.92
N ASN P 550 48.38 23.73 59.84
CA ASN P 550 47.09 23.52 60.47
C ASN P 550 47.25 23.19 61.96
N VAL P 551 48.25 22.37 62.30
CA VAL P 551 48.48 21.97 63.67
C VAL P 551 49.91 22.27 64.07
N HIS P 552 50.10 22.95 65.19
CA HIS P 552 51.42 23.34 65.64
C HIS P 552 51.46 23.52 67.15
N GLY P 553 52.62 23.25 67.75
CA GLY P 553 52.82 23.38 69.20
C GLY P 553 52.42 24.74 69.80
N THR P 554 52.54 25.82 69.03
CA THR P 554 52.17 27.13 69.54
C THR P 554 50.69 27.49 69.39
N GLY P 555 49.95 26.75 68.56
CA GLY P 555 48.56 27.02 68.26
C GLY P 555 48.36 28.12 67.20
N LYS P 556 49.46 28.72 66.73
CA LYS P 556 49.39 29.82 65.78
C LYS P 556 49.27 29.31 64.34
N SER P 557 48.10 28.80 64.05
CA SER P 557 47.74 28.19 62.77
C SER P 557 47.69 29.20 61.64
N VAL P 558 47.98 28.72 60.44
CA VAL P 558 47.91 29.51 59.21
C VAL P 558 47.07 28.75 58.18
N ASN P 559 46.09 29.41 57.57
CA ASN P 559 45.23 28.74 56.58
C ASN P 559 45.92 28.79 55.21
N ALA P 560 45.65 27.83 54.32
CA ALA P 560 46.37 27.81 53.06
C ALA P 560 45.52 28.11 51.84
N ILE P 561 46.13 28.77 50.88
CA ILE P 561 45.46 28.95 49.59
C ILE P 561 46.08 27.93 48.63
N ARG P 562 45.26 27.03 48.08
CA ARG P 562 45.77 25.93 47.25
C ARG P 562 45.03 25.73 45.93
N SER P 563 45.76 25.22 44.93
CA SER P 563 45.21 24.92 43.61
C SER P 563 44.76 23.48 43.46
N PHE P 564 43.51 23.29 43.04
CA PHE P 564 42.95 21.96 42.85
C PHE P 564 42.62 21.71 41.37
N VAL P 565 42.86 20.50 40.92
CA VAL P 565 42.61 20.19 39.52
C VAL P 565 41.13 20.16 39.23
N GLY P 566 40.73 20.96 38.24
CA GLY P 566 39.35 21.08 37.81
C GLY P 566 38.53 22.03 38.67
N LYS P 567 39.14 22.63 39.71
CA LYS P 567 38.39 23.52 40.59
C LYS P 567 38.96 24.93 40.63
N GLY P 568 40.27 25.09 40.50
CA GLY P 568 40.88 26.40 40.58
C GLY P 568 41.41 26.66 41.98
N THR P 569 41.57 27.94 42.32
CA THR P 569 42.20 28.28 43.58
C THR P 569 41.17 28.34 44.70
N LEU P 570 41.38 27.50 45.73
CA LEU P 570 40.47 27.39 46.86
C LEU P 570 41.09 27.76 48.20
N VAL P 571 40.24 28.25 49.10
CA VAL P 571 40.66 28.51 50.47
C VAL P 571 40.59 27.19 51.26
N TRP P 572 41.72 26.72 51.78
CA TRP P 572 41.73 25.43 52.44
C TRP P 572 42.10 25.54 53.94
N GLY P 573 41.10 25.37 54.80
CA GLY P 573 41.29 25.53 56.24
C GLY P 573 40.59 26.78 56.79
N ALA P 574 40.09 26.69 58.03
CA ALA P 574 39.39 27.81 58.65
C ALA P 574 39.60 27.90 60.17
N ARG P 575 40.85 27.90 60.61
CA ARG P 575 41.13 28.02 62.03
C ARG P 575 41.64 29.43 62.38
N THR P 576 41.55 29.76 63.67
CA THR P 576 42.01 31.03 64.23
C THR P 576 43.44 30.90 64.74
N LEU P 577 44.01 32.00 65.25
CA LEU P 577 45.37 31.99 65.79
C LEU P 577 45.48 31.34 67.18
N ALA P 578 44.39 30.75 67.65
CA ALA P 578 44.34 30.02 68.90
C ALA P 578 43.80 28.60 68.58
N GLY P 579 44.52 27.90 67.69
CA GLY P 579 44.11 26.63 67.10
C GLY P 579 43.97 25.44 68.02
N ASN P 580 44.50 25.54 69.23
CA ASN P 580 44.37 24.44 70.18
C ASN P 580 43.31 24.75 71.23
N ASP P 581 42.56 25.82 71.03
CA ASP P 581 41.52 26.25 71.95
C ASP P 581 40.22 25.45 71.76
N ASN P 582 39.87 24.68 72.77
CA ASN P 582 38.72 23.80 72.70
C ASN P 582 37.40 24.52 72.42
N GLU P 583 37.31 25.80 72.75
CA GLU P 583 36.09 26.55 72.51
C GLU P 583 36.19 27.48 71.32
N TRP P 584 37.34 28.12 71.14
CA TRP P 584 37.51 29.13 70.10
C TRP P 584 38.39 28.83 68.87
N ARG P 585 38.89 27.60 68.68
CA ARG P 585 39.74 27.33 67.50
C ARG P 585 39.12 27.55 66.10
N TYR P 586 37.79 27.49 65.95
CA TYR P 586 37.22 27.67 64.61
C TYR P 586 36.72 29.08 64.36
N ILE P 587 36.95 29.58 63.15
CA ILE P 587 36.55 30.93 62.80
C ILE P 587 35.05 31.14 62.89
N SER P 588 34.27 30.19 62.39
CA SER P 588 32.81 30.26 62.39
C SER P 588 32.17 30.28 63.77
N VAL P 589 32.88 29.80 64.79
CA VAL P 589 32.30 29.83 66.11
C VAL P 589 32.51 31.22 66.64
N ARG P 590 33.74 31.73 66.52
CA ARG P 590 34.02 33.07 67.00
C ARG P 590 33.13 34.11 66.31
N ARG P 591 33.00 34.03 64.97
CA ARG P 591 32.19 34.99 64.25
C ARG P 591 30.69 34.88 64.58
N PHE P 592 30.15 33.65 64.75
CA PHE P 592 28.75 33.50 65.13
C PHE P 592 28.48 34.19 66.45
N PHE P 593 29.34 33.96 67.45
CA PHE P 593 29.14 34.62 68.73
C PHE P 593 29.21 36.13 68.59
N ASN P 594 30.18 36.68 67.85
CA ASN P 594 30.22 38.14 67.75
C ASN P 594 28.93 38.69 67.18
N MET P 595 28.37 38.01 66.16
CA MET P 595 27.13 38.43 65.54
C MET P 595 25.97 38.41 66.53
N ALA P 596 25.81 37.29 67.24
CA ALA P 596 24.69 37.17 68.17
C ALA P 596 24.79 38.21 69.28
N GLU P 597 26.00 38.45 69.79
CA GLU P 597 26.17 39.40 70.87
C GLU P 597 25.83 40.82 70.44
N GLU P 598 26.26 41.22 69.25
CA GLU P 598 25.97 42.55 68.77
C GLU P 598 24.47 42.77 68.58
N SER P 599 23.79 41.80 67.96
CA SER P 599 22.36 41.95 67.72
C SER P 599 21.57 42.03 69.01
N ILE P 600 21.94 41.23 70.00
CA ILE P 600 21.22 41.29 71.26
C ILE P 600 21.46 42.62 71.95
N LYS P 601 22.70 43.12 72.05
CA LYS P 601 22.77 44.36 72.79
C LYS P 601 21.99 45.49 72.10
N LYS P 602 21.92 45.52 70.77
CA LYS P 602 21.14 46.59 70.16
C LYS P 602 19.70 46.52 70.62
N ALA P 603 19.16 45.30 70.68
CA ALA P 603 17.81 45.07 71.15
C ALA P 603 17.60 45.45 72.63
N THR P 604 18.63 45.28 73.49
CA THR P 604 18.46 45.58 74.92
C THR P 604 18.59 47.07 75.26
N GLU P 605 19.16 47.89 74.36
CA GLU P 605 19.32 49.32 74.65
C GLU P 605 18.01 50.05 74.95
N GLN P 606 16.90 49.60 74.39
CA GLN P 606 15.60 50.23 74.64
C GLN P 606 15.18 50.19 76.12
N PHE P 607 15.82 49.36 76.95
CA PHE P 607 15.47 49.23 78.37
C PHE P 607 16.44 49.93 79.32
N VAL P 608 17.39 50.72 78.81
CA VAL P 608 18.42 51.29 79.69
C VAL P 608 17.95 52.14 80.86
N PHE P 609 16.95 52.98 80.68
CA PHE P 609 16.54 53.82 81.80
C PHE P 609 15.25 53.37 82.47
N GLU P 610 14.88 52.09 82.30
CA GLU P 610 13.67 51.55 82.90
C GLU P 610 13.92 51.19 84.38
N PRO P 611 12.88 51.14 85.24
CA PRO P 611 12.96 50.69 86.63
C PRO P 611 13.57 49.31 86.78
N ASN P 612 14.40 49.11 87.79
CA ASN P 612 15.01 47.80 87.95
C ASN P 612 14.15 46.96 88.87
N ASP P 613 13.23 46.22 88.25
CA ASP P 613 12.25 45.40 88.97
C ASP P 613 11.75 44.26 88.10
N GLY P 614 10.88 43.43 88.67
CA GLY P 614 10.34 42.24 88.04
C GLY P 614 9.65 42.45 86.71
N ASN P 615 8.99 43.58 86.53
CA ASN P 615 8.33 43.82 85.27
C ASN P 615 9.31 43.97 84.10
N THR P 616 10.48 44.53 84.38
CA THR P 616 11.49 44.77 83.38
C THR P 616 12.19 43.46 83.12
N TRP P 617 12.50 42.73 84.19
CA TRP P 617 13.24 41.49 84.05
C TRP P 617 12.50 40.54 83.11
N VAL P 618 11.17 40.46 83.26
CA VAL P 618 10.37 39.63 82.38
C VAL P 618 10.41 40.10 80.94
N ARG P 619 10.24 41.40 80.71
CA ARG P 619 10.25 41.93 79.31
C ARG P 619 11.60 41.66 78.65
N VAL P 620 12.72 41.84 79.35
CA VAL P 620 14.03 41.62 78.77
C VAL P 620 14.23 40.16 78.41
N ARG P 621 13.90 39.28 79.33
CA ARG P 621 14.03 37.86 79.08
C ARG P 621 13.23 37.41 77.87
N ALA P 622 11.97 37.81 77.79
CA ALA P 622 11.15 37.38 76.68
C ALA P 622 11.71 37.82 75.35
N MET P 623 12.22 39.05 75.28
CA MET P 623 12.80 39.57 74.06
C MET P 623 14.00 38.75 73.58
N ILE P 624 14.91 38.42 74.50
CA ILE P 624 16.09 37.66 74.17
C ILE P 624 15.72 36.25 73.69
N GLU P 625 14.80 35.58 74.39
CA GLU P 625 14.42 34.25 73.97
C GLU P 625 13.81 34.25 72.56
N ASN P 626 12.99 35.26 72.22
CA ASN P 626 12.42 35.27 70.88
C ASN P 626 13.51 35.34 69.79
N PHE P 627 14.55 36.15 70.02
CA PHE P 627 15.67 36.23 69.09
C PHE P 627 16.31 34.86 68.88
N LEU P 628 16.62 34.20 70.00
CA LEU P 628 17.28 32.90 69.94
C LEU P 628 16.43 31.82 69.28
N ILE P 629 15.11 31.86 69.46
CA ILE P 629 14.23 30.89 68.82
C ILE P 629 14.35 31.02 67.31
N LEU P 630 14.35 32.25 66.80
CA LEU P 630 14.49 32.43 65.36
C LEU P 630 15.85 31.91 64.85
N GLN P 631 16.93 32.10 65.62
CA GLN P 631 18.23 31.58 65.20
C GLN P 631 18.21 30.06 65.14
N TRP P 632 17.51 29.44 66.09
CA TRP P 632 17.33 28.00 66.12
C TRP P 632 16.52 27.53 64.90
N ARG P 633 15.41 28.20 64.62
CA ARG P 633 14.55 27.82 63.51
C ARG P 633 15.30 27.83 62.18
N ALA P 634 16.23 28.77 62.02
CA ALA P 634 17.04 28.94 60.82
C ALA P 634 18.21 27.95 60.72
N GLY P 635 18.41 27.11 61.75
CA GLY P 635 19.50 26.13 61.75
C GLY P 635 20.85 26.59 62.29
N ALA P 636 20.93 27.72 63.01
CA ALA P 636 22.22 28.18 63.51
C ALA P 636 22.63 27.43 64.78
N LEU P 637 21.66 27.04 65.59
CA LEU P 637 21.91 26.38 66.88
C LEU P 637 21.58 24.90 66.83
N ALA P 638 22.28 24.15 67.65
CA ALA P 638 22.06 22.70 67.81
C ALA P 638 20.85 22.43 68.68
N GLY P 639 20.26 21.24 68.55
CA GLY P 639 19.15 20.82 69.43
C GLY P 639 17.83 20.52 68.71
N ALA P 640 17.16 19.43 69.13
CA ALA P 640 15.89 18.99 68.57
C ALA P 640 14.74 20.00 68.76
N LYS P 641 14.76 20.70 69.88
CA LYS P 641 13.79 21.70 70.28
C LYS P 641 14.56 22.85 70.91
N PRO P 642 14.06 24.11 70.95
CA PRO P 642 14.72 25.26 71.56
C PRO P 642 15.25 24.98 72.97
N GLU P 643 14.55 24.15 73.73
CA GLU P 643 14.92 23.75 75.09
C GLU P 643 16.32 23.12 75.19
N HIS P 644 16.83 22.63 74.08
CA HIS P 644 18.13 21.98 74.02
C HIS P 644 19.18 22.87 73.34
N ALA P 645 18.75 24.03 72.85
CA ALA P 645 19.60 24.92 72.09
C ALA P 645 20.16 26.05 72.96
N PHE P 646 19.32 26.56 73.86
CA PHE P 646 19.76 27.70 74.67
C PHE P 646 19.00 27.87 75.97
N TYR P 647 19.54 28.72 76.84
CA TYR P 647 18.81 29.16 78.02
C TYR P 647 19.09 30.63 78.31
N VAL P 648 18.14 31.28 78.99
CA VAL P 648 18.26 32.67 79.46
C VAL P 648 17.80 32.76 80.92
N LYS P 649 18.60 33.33 81.82
CA LYS P 649 18.23 33.46 83.24
C LYS P 649 18.42 34.88 83.78
N VAL P 650 17.46 35.33 84.57
CA VAL P 650 17.54 36.61 85.25
C VAL P 650 16.66 36.64 86.48
N GLY P 651 17.15 37.20 87.57
CA GLY P 651 16.31 37.34 88.74
C GLY P 651 17.06 37.55 90.04
N LEU P 652 16.35 38.03 91.04
CA LEU P 652 16.95 38.27 92.32
C LEU P 652 17.10 36.91 92.98
N GLY P 653 18.32 36.60 93.40
CA GLY P 653 18.61 35.31 93.98
C GLY P 653 19.16 34.32 92.94
N GLN P 654 19.06 34.67 91.66
CA GLN P 654 19.56 33.80 90.61
C GLN P 654 20.79 34.41 89.97
N THR P 655 20.67 35.67 89.56
CA THR P 655 21.77 36.36 88.90
C THR P 655 22.15 37.65 89.62
N MET P 656 21.25 38.17 90.45
CA MET P 656 21.44 39.45 91.15
C MET P 656 21.30 39.34 92.65
N THR P 657 21.99 40.23 93.36
CA THR P 657 21.79 40.32 94.81
C THR P 657 21.27 41.68 95.23
N ALA P 658 21.04 41.85 96.53
CA ALA P 658 20.48 43.12 97.03
C ALA P 658 21.34 44.31 96.69
N GLN P 659 22.65 44.10 96.73
CA GLN P 659 23.63 45.12 96.42
C GLN P 659 23.55 45.59 94.98
N ASP P 660 23.13 44.72 94.06
CA ASP P 660 23.06 45.08 92.66
C ASP P 660 21.83 45.89 92.45
N ILE P 661 20.79 45.58 93.21
CA ILE P 661 19.59 46.35 93.03
C ILE P 661 19.89 47.77 93.48
N LEU P 662 20.56 47.91 94.63
CA LEU P 662 20.89 49.22 95.18
C LEU P 662 21.78 50.05 94.26
N GLU P 663 22.74 49.42 93.58
CA GLU P 663 23.62 50.14 92.67
C GLU P 663 23.07 50.32 91.25
N GLY P 664 21.87 49.82 90.98
CA GLY P 664 21.31 49.93 89.64
C GLY P 664 21.80 48.90 88.60
N ASN P 665 22.33 47.76 89.01
CA ASN P 665 22.81 46.77 88.05
C ASN P 665 21.74 45.75 87.69
N MET P 666 21.82 45.20 86.49
CA MET P 666 20.95 44.11 86.07
C MET P 666 21.79 43.04 85.39
N ASN P 667 21.68 41.80 85.87
CA ASN P 667 22.49 40.69 85.38
C ASN P 667 21.73 39.61 84.62
N VAL P 668 22.07 39.41 83.35
CA VAL P 668 21.37 38.40 82.56
C VAL P 668 22.37 37.34 82.08
N GLU P 669 22.06 36.06 82.33
CA GLU P 669 22.94 34.98 81.89
C GLU P 669 22.36 34.19 80.71
N ILE P 670 23.18 33.98 79.68
CA ILE P 670 22.76 33.30 78.44
C ILE P 670 23.71 32.17 78.04
N GLY P 671 23.17 31.01 77.64
CA GLY P 671 24.03 29.92 77.16
C GLY P 671 23.55 29.43 75.79
N LEU P 672 24.50 29.02 74.91
CA LEU P 672 24.18 28.56 73.54
C LEU P 672 24.85 27.26 73.10
N ALA P 673 24.10 26.37 72.42
CA ALA P 673 24.65 25.15 71.82
C ALA P 673 25.06 25.36 70.36
N VAL P 674 26.36 25.37 70.08
CA VAL P 674 26.88 25.67 68.74
C VAL P 674 27.61 24.48 68.09
N VAL P 675 27.27 24.24 66.82
CA VAL P 675 27.75 23.16 65.97
C VAL P 675 29.16 23.40 65.37
N ARG P 676 30.04 22.40 65.48
CA ARG P 676 31.40 22.47 64.94
C ARG P 676 31.59 21.50 63.74
N PRO P 677 32.40 21.87 62.72
CA PRO P 677 32.68 21.12 61.50
C PRO P 677 33.60 19.92 61.63
N ALA P 678 33.46 18.97 60.70
CA ALA P 678 34.40 17.87 60.57
C ALA P 678 35.53 18.26 59.62
N GLU P 679 36.74 17.81 59.88
CA GLU P 679 37.86 18.10 58.97
C GLU P 679 38.42 16.91 58.19
N PHE P 680 38.22 15.68 58.67
CA PHE P 680 38.92 14.58 58.03
C PHE P 680 37.99 13.47 57.57
N ILE P 681 38.23 12.99 56.35
CA ILE P 681 37.48 11.87 55.77
C ILE P 681 38.44 10.77 55.40
N ILE P 682 38.21 9.58 55.91
CA ILE P 682 39.08 8.46 55.64
C ILE P 682 38.39 7.36 54.87
N LEU P 683 38.96 7.01 53.72
CA LEU P 683 38.39 5.95 52.91
C LEU P 683 39.21 4.70 53.06
N LYS P 684 38.56 3.55 53.01
CA LYS P 684 39.26 2.28 53.12
C LYS P 684 38.81 1.38 51.98
N PHE P 685 39.75 0.66 51.39
CA PHE P 685 39.44 -0.21 50.27
C PHE P 685 39.88 -1.64 50.52
N SER P 686 39.18 -2.58 49.90
CA SER P 686 39.47 -3.99 50.00
C SER P 686 38.93 -4.76 48.81
N HIS P 687 39.32 -6.03 48.72
CA HIS P 687 38.82 -6.91 47.69
C HIS P 687 37.63 -7.68 48.19
N LYS P 688 36.47 -7.44 47.59
CA LYS P 688 35.24 -8.07 48.01
C LYS P 688 35.34 -9.59 47.91
N MET P 689 34.91 -10.26 48.96
CA MET P 689 34.91 -11.70 49.00
C MET P 689 33.76 -12.24 49.82
N GLN P 690 33.41 -13.50 49.58
CA GLN P 690 32.36 -14.16 50.35
C GLN P 690 32.63 -14.06 51.84
N THR Q 3 -32.00 72.56 1.37
CA THR Q 3 -33.43 72.28 1.32
C THR Q 3 -33.77 71.23 0.30
N TYR Q 4 -34.43 70.18 0.76
CA TYR Q 4 -34.86 69.11 -0.11
C TYR Q 4 -36.34 68.97 0.08
N LYS Q 5 -37.05 68.59 -0.98
CA LYS Q 5 -38.50 68.44 -0.87
C LYS Q 5 -39.03 67.02 -1.02
N THR Q 6 -38.28 66.16 -1.69
CA THR Q 6 -38.75 64.81 -1.94
C THR Q 6 -37.97 63.85 -1.04
N PRO Q 7 -38.61 62.96 -0.27
CA PRO Q 7 -37.95 61.95 0.55
C PRO Q 7 -37.09 61.09 -0.33
N GLY Q 8 -35.91 60.69 0.14
CA GLY Q 8 -35.08 59.86 -0.71
C GLY Q 8 -33.60 60.11 -0.54
N VAL Q 9 -32.82 59.53 -1.45
CA VAL Q 9 -31.38 59.61 -1.43
C VAL Q 9 -30.88 60.53 -2.53
N TYR Q 10 -30.06 61.50 -2.14
CA TYR Q 10 -29.50 62.46 -3.06
C TYR Q 10 -28.01 62.20 -3.28
N ILE Q 11 -27.52 62.46 -4.50
CA ILE Q 11 -26.12 62.24 -4.82
C ILE Q 11 -25.39 63.49 -5.28
N GLU Q 12 -24.23 63.74 -4.65
CA GLU Q 12 -23.38 64.88 -4.96
C GLU Q 12 -21.93 64.44 -5.16
N GLU Q 13 -21.16 65.20 -5.93
CA GLU Q 13 -19.74 64.90 -6.15
C GLU Q 13 -18.85 66.08 -5.75
N ILE Q 14 -18.01 65.86 -4.75
CA ILE Q 14 -17.15 66.91 -4.20
C ILE Q 14 -15.70 66.47 -4.03
N THR Q 15 -14.80 67.42 -3.83
CA THR Q 15 -13.40 67.14 -3.50
C THR Q 15 -12.99 67.83 -2.19
N LYS Q 16 -12.44 67.07 -1.24
CA LYS Q 16 -12.00 67.63 0.04
C LYS Q 16 -11.19 66.65 0.86
N PHE Q 17 -10.52 67.15 1.90
CA PHE Q 17 -9.88 66.27 2.89
C PHE Q 17 -10.99 65.80 3.82
N PRO Q 18 -10.92 64.59 4.37
CA PRO Q 18 -11.86 64.06 5.34
C PRO Q 18 -11.76 64.87 6.65
N PRO Q 19 -12.84 65.01 7.42
CA PRO Q 19 -12.96 65.69 8.71
C PRO Q 19 -12.31 64.95 9.87
N SER Q 20 -12.06 65.68 10.97
CA SER Q 20 -11.55 65.10 12.22
C SER Q 20 -11.97 65.92 13.44
N VAL Q 21 -12.36 65.20 14.50
CA VAL Q 21 -12.80 65.77 15.78
C VAL Q 21 -12.15 65.06 16.97
N ALA Q 22 -12.20 65.67 18.15
CA ALA Q 22 -11.68 65.05 19.38
C ALA Q 22 -12.36 65.61 20.61
N GLN Q 23 -12.32 64.83 21.69
CA GLN Q 23 -12.84 65.22 23.00
C GLN Q 23 -11.68 65.59 23.92
N VAL Q 24 -11.61 66.87 24.27
CA VAL Q 24 -10.52 67.40 25.08
C VAL Q 24 -11.03 68.18 26.27
N GLU Q 25 -10.52 67.86 27.47
CA GLU Q 25 -10.94 68.57 28.68
C GLU Q 25 -9.92 69.57 29.25
N THR Q 26 -8.62 69.32 29.09
CA THR Q 26 -7.58 70.12 29.75
C THR Q 26 -6.73 71.03 28.87
N ALA Q 27 -7.03 71.11 27.59
CA ALA Q 27 -6.22 71.90 26.68
C ALA Q 27 -7.03 72.73 25.73
N ILE Q 28 -7.81 73.68 26.26
CA ILE Q 28 -8.66 74.52 25.42
C ILE Q 28 -8.00 75.88 25.05
N PRO Q 29 -7.60 76.11 23.80
CA PRO Q 29 -7.00 77.32 23.33
C PRO Q 29 -8.00 78.40 22.98
N ALA Q 30 -7.53 79.65 22.98
CA ALA Q 30 -8.23 80.72 22.32
C ALA Q 30 -7.40 81.21 21.13
N PHE Q 31 -8.07 81.51 20.03
CA PHE Q 31 -7.42 82.02 18.82
C PHE Q 31 -7.91 83.43 18.48
N ILE Q 32 -7.00 84.40 18.46
CA ILE Q 32 -7.37 85.80 18.19
C ILE Q 32 -6.89 86.28 16.80
N GLY Q 33 -7.84 86.68 15.91
CA GLY Q 33 -7.44 87.12 14.54
C GLY Q 33 -8.59 87.53 13.58
N TYR Q 34 -8.28 87.60 12.27
CA TYR Q 34 -9.27 88.07 11.25
C TYR Q 34 -10.06 86.94 10.56
N THR Q 35 -11.32 87.22 10.21
CA THR Q 35 -12.19 86.26 9.49
C THR Q 35 -12.83 86.83 8.21
N GLN Q 36 -13.61 86.03 7.45
CA GLN Q 36 -14.29 86.62 6.28
C GLN Q 36 -15.45 87.48 6.74
N PHE Q 37 -16.13 86.97 7.74
CA PHE Q 37 -17.31 87.58 8.33
C PHE Q 37 -17.48 87.10 9.75
N ALA Q 38 -18.40 87.70 10.48
CA ALA Q 38 -18.65 87.21 11.83
C ALA Q 38 -20.11 87.39 12.20
N ARG Q 39 -20.90 86.32 12.14
CA ARG Q 39 -22.34 86.43 12.36
C ARG Q 39 -22.92 85.37 13.26
N THR Q 40 -24.08 85.65 13.85
CA THR Q 40 -24.76 84.63 14.67
C THR Q 40 -25.83 83.87 13.92
N LYS Q 41 -26.32 84.43 12.83
CA LYS Q 41 -27.34 83.79 12.02
C LYS Q 41 -26.89 83.90 10.57
N PRO Q 42 -27.24 82.96 9.69
CA PRO Q 42 -26.93 82.93 8.26
C PRO Q 42 -27.54 84.08 7.46
N SER Q 43 -28.55 84.74 8.01
CA SER Q 43 -29.22 85.81 7.31
C SER Q 43 -29.36 87.06 8.17
N VAL Q 44 -28.30 87.84 8.17
CA VAL Q 44 -28.18 89.07 8.94
C VAL Q 44 -27.69 90.16 8.01
N ASP Q 45 -27.81 91.41 8.43
CA ASP Q 45 -27.31 92.52 7.65
C ASP Q 45 -25.95 93.06 8.11
N SER Q 46 -25.29 92.37 9.03
CA SER Q 46 -24.00 92.82 9.53
C SER Q 46 -23.20 91.74 10.22
N ASP Q 47 -22.06 92.17 10.75
CA ASP Q 47 -21.18 91.32 11.52
C ASP Q 47 -21.54 91.49 13.00
N ASP Q 48 -22.00 90.41 13.61
CA ASP Q 48 -22.52 90.43 14.98
C ASP Q 48 -21.45 90.10 16.01
N LEU Q 49 -20.50 89.27 15.59
CA LEU Q 49 -19.52 88.70 16.48
C LEU Q 49 -18.11 89.28 16.40
N ILE Q 50 -17.93 90.51 15.94
CA ILE Q 50 -16.56 91.00 15.77
C ILE Q 50 -15.72 90.94 17.03
N LEU Q 51 -16.23 91.35 18.18
CA LEU Q 51 -15.44 91.23 19.40
C LEU Q 51 -16.12 90.35 20.44
N LYS Q 52 -16.82 89.31 19.99
CA LYS Q 52 -17.49 88.47 20.95
C LYS Q 52 -16.91 87.05 20.92
N PRO Q 53 -16.35 86.53 22.01
CA PRO Q 53 -15.82 85.18 22.06
C PRO Q 53 -16.91 84.18 21.77
N LYS Q 54 -16.58 83.15 21.03
CA LYS Q 54 -17.54 82.10 20.77
C LYS Q 54 -16.86 80.74 20.87
N ARG Q 55 -17.58 79.75 21.38
CA ARG Q 55 -17.03 78.41 21.46
C ARG Q 55 -17.45 77.58 20.24
N ILE Q 56 -16.44 76.98 19.62
CA ILE Q 56 -16.50 76.14 18.42
C ILE Q 56 -16.11 74.68 18.68
N SER Q 57 -16.93 73.71 18.22
CA SER Q 57 -16.60 72.31 18.48
C SER Q 57 -15.77 71.63 17.38
N SER Q 58 -15.84 72.16 16.17
CA SER Q 58 -15.17 71.57 15.01
C SER Q 58 -14.99 72.60 13.90
N LEU Q 59 -14.24 72.23 12.88
CA LEU Q 59 -14.04 73.15 11.75
C LEU Q 59 -15.35 73.55 11.05
N LEU Q 60 -16.36 72.65 11.02
CA LEU Q 60 -17.64 72.99 10.39
C LEU Q 60 -18.34 74.13 11.11
N ASP Q 61 -18.24 74.16 12.44
CA ASP Q 61 -18.86 75.23 13.22
C ASP Q 61 -18.14 76.51 12.93
N PHE Q 62 -16.82 76.43 12.81
CA PHE Q 62 -16.08 77.65 12.49
C PHE Q 62 -16.57 78.23 11.19
N THR Q 63 -16.61 77.40 10.15
CA THR Q 63 -16.98 77.87 8.82
C THR Q 63 -18.35 78.51 8.83
N THR Q 64 -19.29 77.88 9.51
CA THR Q 64 -20.66 78.35 9.64
C THR Q 64 -20.78 79.83 10.07
N TYR Q 65 -19.93 80.30 10.98
CA TYR Q 65 -20.08 81.66 11.49
C TYR Q 65 -18.99 82.62 11.02
N TYR Q 66 -17.84 82.09 10.56
CA TYR Q 66 -16.71 82.91 10.20
C TYR Q 66 -16.20 82.84 8.74
N GLY Q 67 -16.63 81.84 7.96
CA GLY Q 67 -16.16 81.69 6.59
C GLY Q 67 -14.79 80.98 6.44
N GLY Q 68 -14.26 81.01 5.22
CA GLY Q 68 -12.99 80.34 4.85
C GLY Q 68 -11.79 81.29 4.67
N ALA Q 69 -10.89 80.93 3.76
CA ALA Q 69 -9.67 81.68 3.47
C ALA Q 69 -9.91 82.75 2.40
N GLN Q 70 -8.98 83.71 2.30
CA GLN Q 70 -9.01 84.73 1.26
C GLN Q 70 -8.34 84.19 0.00
N ASN Q 71 -8.88 84.48 -1.19
CA ASN Q 71 -8.24 84.05 -2.44
C ASN Q 71 -6.89 84.72 -2.63
N GLU Q 72 -5.91 83.98 -3.14
CA GLU Q 72 -4.61 84.57 -3.45
C GLU Q 72 -4.72 85.35 -4.74
N GLN Q 73 -3.99 86.47 -4.84
CA GLN Q 73 -3.99 87.28 -6.06
C GLN Q 73 -2.58 87.46 -6.65
N GLY Q 74 -1.65 86.62 -6.24
CA GLY Q 74 -0.25 86.71 -6.68
C GLY Q 74 0.23 85.58 -7.62
N ILE Q 75 -0.70 84.81 -8.18
CA ILE Q 75 -0.34 83.68 -9.05
C ILE Q 75 -0.24 84.12 -10.51
N THR Q 76 0.87 83.81 -11.16
CA THR Q 76 1.07 84.13 -12.57
C THR Q 76 1.49 82.86 -13.30
N VAL Q 77 1.38 82.85 -14.63
CA VAL Q 77 1.81 81.68 -15.41
C VAL Q 77 2.67 82.03 -16.62
N LYS Q 78 3.76 81.29 -16.85
CA LYS Q 78 4.59 81.50 -18.03
C LYS Q 78 4.77 80.23 -18.89
N LEU Q 79 4.37 80.31 -20.16
CA LEU Q 79 4.44 79.18 -21.09
C LEU Q 79 5.42 79.47 -22.25
N THR Q 80 6.39 78.58 -22.48
CA THR Q 80 7.33 78.80 -23.59
C THR Q 80 7.41 77.64 -24.62
N ASP Q 81 7.24 77.99 -25.90
CA ASP Q 81 7.30 77.09 -27.07
C ASP Q 81 8.63 77.11 -27.85
N THR Q 82 9.33 75.97 -27.90
CA THR Q 82 10.61 75.86 -28.61
C THR Q 82 10.67 74.62 -29.51
N LEU Q 83 11.73 74.52 -30.34
CA LEU Q 83 11.92 73.32 -31.14
C LEU Q 83 13.12 72.48 -30.73
N ILE Q 84 12.94 71.17 -30.78
CA ILE Q 84 14.00 70.22 -30.54
C ILE Q 84 14.21 69.38 -31.78
N GLU Q 85 15.31 69.64 -32.51
CA GLU Q 85 15.59 68.94 -33.76
C GLU Q 85 14.39 68.96 -34.71
N GLY Q 86 13.71 70.11 -34.75
CA GLY Q 86 12.53 70.32 -35.61
C GLY Q 86 11.19 69.94 -34.96
N ALA Q 87 11.20 69.26 -33.82
CA ALA Q 87 9.96 68.85 -33.16
C ALA Q 87 9.46 69.92 -32.21
N GLU Q 88 8.15 70.03 -32.05
CA GLU Q 88 7.60 70.97 -31.09
C GLU Q 88 7.79 70.46 -29.66
N ASN Q 89 8.02 71.40 -28.74
CA ASN Q 89 8.13 71.11 -27.32
C ASN Q 89 7.76 72.33 -26.47
N ARG Q 90 6.91 72.15 -25.45
CA ARG Q 90 6.60 73.32 -24.63
C ARG Q 90 6.70 73.05 -23.14
N THR Q 91 7.09 74.10 -22.42
CA THR Q 91 7.19 74.07 -20.97
C THR Q 91 6.24 75.05 -20.30
N ILE Q 92 5.51 74.56 -19.30
CA ILE Q 92 4.61 75.39 -18.51
C ILE Q 92 5.16 75.57 -17.12
N ASN Q 93 5.41 76.82 -16.75
CA ASN Q 93 6.01 77.14 -15.46
C ASN Q 93 5.16 78.06 -14.60
N VAL Q 94 4.82 77.57 -13.42
CA VAL Q 94 4.06 78.37 -12.48
C VAL Q 94 4.94 78.61 -11.24
N PRO Q 95 5.56 79.79 -11.07
CA PRO Q 95 6.43 80.20 -9.97
C PRO Q 95 5.69 80.29 -8.65
N GLU Q 96 6.41 80.14 -7.55
CA GLU Q 96 5.80 80.37 -6.25
C GLU Q 96 5.47 81.88 -6.16
N PRO Q 97 4.28 82.30 -5.70
CA PRO Q 97 3.91 83.69 -5.52
C PRO Q 97 4.86 84.42 -4.58
N THR Q 98 5.10 85.70 -4.86
CA THR Q 98 5.96 86.52 -4.01
C THR Q 98 5.11 87.44 -3.13
N PHE Q 99 3.82 87.51 -3.44
CA PHE Q 99 2.85 88.31 -2.72
C PHE Q 99 1.73 87.38 -2.33
N LYS Q 100 1.47 87.28 -1.03
CA LYS Q 100 0.49 86.36 -0.50
C LYS Q 100 -0.47 87.07 0.45
N SER Q 101 -1.67 86.52 0.60
CA SER Q 101 -2.63 87.04 1.58
C SER Q 101 -2.02 86.92 2.97
N PRO Q 102 -2.17 87.92 3.85
CA PRO Q 102 -1.67 87.90 5.20
C PRO Q 102 -2.59 87.22 6.22
N TYR Q 103 -3.69 86.61 5.78
CA TYR Q 103 -4.66 86.08 6.73
C TYR Q 103 -4.58 84.54 6.86
N LEU Q 104 -4.07 84.07 8.01
CA LEU Q 104 -3.83 82.64 8.24
C LEU Q 104 -4.75 81.87 9.20
N MET Q 105 -5.80 82.47 9.78
CA MET Q 105 -6.58 81.70 10.77
C MET Q 105 -7.23 80.44 10.23
N PHE Q 106 -7.74 80.47 9.01
CA PHE Q 106 -8.39 79.27 8.48
C PHE Q 106 -7.41 78.10 8.41
N TYR Q 107 -6.23 78.34 7.83
CA TYR Q 107 -5.21 77.30 7.67
C TYR Q 107 -4.74 76.81 9.02
N SER Q 108 -4.61 77.73 9.97
CA SER Q 108 -4.18 77.42 11.31
C SER Q 108 -5.13 76.42 11.97
N LEU Q 109 -6.43 76.67 11.87
CA LEU Q 109 -7.43 75.76 12.42
C LEU Q 109 -7.43 74.40 11.76
N GLN Q 110 -7.20 74.34 10.44
CA GLN Q 110 -7.14 73.03 9.82
C GLN Q 110 -6.01 72.19 10.42
N MET Q 111 -4.85 72.81 10.68
CA MET Q 111 -3.73 72.09 11.29
C MET Q 111 -4.04 71.66 12.73
N TYR Q 112 -4.71 72.55 13.48
CA TYR Q 112 -5.09 72.28 14.85
C TYR Q 112 -5.97 71.03 14.97
N PHE Q 113 -7.00 70.94 14.14
CA PHE Q 113 -7.88 69.78 14.20
C PHE Q 113 -7.16 68.52 13.66
N ALA Q 114 -6.31 68.66 12.64
CA ALA Q 114 -5.55 67.55 12.05
C ALA Q 114 -4.66 66.86 13.09
N ASN Q 115 -4.16 67.64 14.05
CA ASN Q 115 -3.29 67.16 15.11
C ASN Q 115 -4.01 66.77 16.39
N GLY Q 116 -5.34 66.64 16.36
CA GLY Q 116 -6.06 66.15 17.53
C GLY Q 116 -6.72 67.16 18.46
N GLY Q 117 -6.80 68.42 18.08
CA GLY Q 117 -7.43 69.39 18.95
C GLY Q 117 -8.93 69.19 19.14
N GLY Q 118 -9.42 69.63 20.29
CA GLY Q 118 -10.83 69.58 20.64
C GLY Q 118 -11.45 70.96 20.50
N PRO Q 119 -12.52 71.27 21.26
CA PRO Q 119 -13.26 72.53 21.26
C PRO Q 119 -12.34 73.69 21.58
N CYS Q 120 -12.64 74.85 21.03
CA CYS Q 120 -11.83 76.05 21.25
C CYS Q 120 -12.60 77.36 21.18
N TYR Q 121 -11.95 78.45 21.60
CA TYR Q 121 -12.57 79.77 21.50
C TYR Q 121 -12.04 80.60 20.37
N ILE Q 122 -12.96 81.24 19.67
CA ILE Q 122 -12.62 82.14 18.59
C ILE Q 122 -12.97 83.57 18.92
N VAL Q 123 -12.01 84.46 18.76
CA VAL Q 123 -12.24 85.88 18.94
C VAL Q 123 -11.85 86.56 17.65
N SER Q 124 -12.81 87.22 17.03
CA SER Q 124 -12.54 87.92 15.82
C SER Q 124 -11.95 89.26 16.20
N THR Q 125 -11.20 89.85 15.30
CA THR Q 125 -10.68 91.20 15.53
C THR Q 125 -11.14 92.13 14.43
N GLY Q 126 -11.80 91.57 13.45
CA GLY Q 126 -12.24 92.28 12.26
C GLY Q 126 -12.38 91.30 11.13
N VAL Q 127 -12.61 91.80 9.93
CA VAL Q 127 -12.78 90.95 8.77
C VAL Q 127 -11.75 91.28 7.71
N TYR Q 128 -11.55 90.37 6.77
CA TYR Q 128 -10.54 90.52 5.73
C TYR Q 128 -10.70 91.77 4.89
N ASP Q 129 -9.61 92.51 4.67
CA ASP Q 129 -9.68 93.67 3.81
C ASP Q 129 -9.36 93.26 2.36
N ASP Q 130 -9.41 94.21 1.44
CA ASP Q 130 -9.10 93.85 0.05
C ASP Q 130 -7.67 94.21 -0.36
N TRP Q 131 -7.33 93.89 -1.60
CA TRP Q 131 -6.01 94.19 -2.16
C TRP Q 131 -6.03 95.54 -2.88
N SER Q 132 -4.90 96.24 -2.90
CA SER Q 132 -4.87 97.50 -3.62
C SER Q 132 -4.45 97.26 -5.06
N ASP Q 133 -3.60 96.25 -5.23
CA ASP Q 133 -3.07 95.84 -6.54
C ASP Q 133 -2.58 94.42 -6.42
N SER Q 134 -2.13 93.82 -7.51
CA SER Q 134 -1.63 92.43 -7.46
C SER Q 134 -0.33 92.30 -6.67
N GLU Q 135 0.36 93.42 -6.53
CA GLU Q 135 1.61 93.49 -5.78
C GLU Q 135 1.43 94.22 -4.46
N THR Q 136 0.19 94.58 -4.11
CA THR Q 136 -0.04 95.30 -2.87
C THR Q 136 -1.16 94.65 -2.03
N PRO Q 137 -0.82 93.77 -1.08
CA PRO Q 137 -1.70 93.01 -0.20
C PRO Q 137 -2.22 93.87 0.95
N PRO Q 138 -3.26 93.41 1.67
CA PRO Q 138 -3.80 93.94 2.92
C PRO Q 138 -2.76 93.94 4.02
N THR Q 139 -3.01 94.71 5.07
CA THR Q 139 -2.12 94.75 6.21
C THR Q 139 -2.82 94.31 7.49
N ILE Q 140 -2.03 94.00 8.51
CA ILE Q 140 -2.51 93.59 9.83
C ILE Q 140 -2.37 94.75 10.80
N ASN Q 141 -3.47 95.12 11.45
CA ASN Q 141 -3.46 96.26 12.35
C ASN Q 141 -3.23 95.86 13.80
N PHE Q 142 -2.08 96.21 14.32
CA PHE Q 142 -1.69 95.88 15.68
C PHE Q 142 -2.78 96.16 16.71
N SER Q 143 -3.45 97.31 16.60
CA SER Q 143 -4.46 97.72 17.57
C SER Q 143 -5.66 96.78 17.65
N ASP Q 144 -5.87 96.00 16.59
CA ASP Q 144 -7.00 95.09 16.55
C ASP Q 144 -6.67 93.84 17.36
N LEU Q 145 -5.37 93.48 17.44
CA LEU Q 145 -5.01 92.28 18.16
C LEU Q 145 -5.01 92.62 19.63
N GLU Q 146 -4.60 93.84 19.99
CA GLU Q 146 -4.64 94.23 21.40
C GLU Q 146 -6.07 94.24 21.92
N SER Q 147 -7.00 94.68 21.08
CA SER Q 147 -8.40 94.70 21.46
C SER Q 147 -8.87 93.28 21.74
N GLY Q 148 -8.55 92.32 20.84
CA GLY Q 148 -8.96 90.94 21.05
C GLY Q 148 -8.38 90.34 22.35
N LEU Q 149 -7.14 90.70 22.69
CA LEU Q 149 -6.52 90.20 23.91
C LEU Q 149 -7.27 90.75 25.14
N ALA Q 150 -7.63 92.04 25.11
CA ALA Q 150 -8.37 92.68 26.19
C ALA Q 150 -9.73 91.99 26.42
N VAL Q 151 -10.34 91.52 25.33
CA VAL Q 151 -11.61 90.81 25.39
C VAL Q 151 -11.47 89.41 26.01
N ILE Q 152 -10.50 88.62 25.55
CA ILE Q 152 -10.36 87.24 26.06
C ILE Q 152 -10.03 87.25 27.54
N ARG Q 153 -9.41 88.33 28.03
CA ARG Q 153 -9.09 88.44 29.44
C ARG Q 153 -10.29 88.24 30.36
N LYS Q 154 -11.50 88.49 29.89
CA LYS Q 154 -12.68 88.34 30.74
C LYS Q 154 -13.29 86.93 30.73
N GLU Q 155 -12.76 86.01 29.94
CA GLU Q 155 -13.27 84.64 29.88
C GLU Q 155 -12.50 83.74 30.83
N ASP Q 156 -13.20 82.79 31.47
CA ASP Q 156 -12.55 81.85 32.39
C ASP Q 156 -12.05 80.53 31.81
N GLU Q 157 -12.72 80.01 30.80
CA GLU Q 157 -12.39 78.69 30.27
C GLU Q 157 -11.04 78.45 29.55
N PRO Q 158 -10.52 79.36 28.69
CA PRO Q 158 -9.29 79.17 27.92
C PRO Q 158 -8.06 78.91 28.79
N THR Q 159 -7.17 78.04 28.32
CA THR Q 159 -5.91 77.74 29.01
C THR Q 159 -4.69 78.14 28.19
N LEU Q 160 -4.84 78.20 26.86
CA LEU Q 160 -3.73 78.55 25.95
C LEU Q 160 -4.06 79.79 25.11
N LEU Q 161 -3.07 80.66 24.91
CA LEU Q 161 -3.28 81.84 24.06
C LEU Q 161 -2.48 81.82 22.75
N LEU Q 162 -3.18 81.90 21.61
CA LEU Q 162 -2.52 81.91 20.29
C LEU Q 162 -2.94 83.08 19.39
N PHE Q 163 -1.99 83.58 18.57
CA PHE Q 163 -2.26 84.63 17.57
C PHE Q 163 -1.84 84.23 16.15
N PRO Q 164 -2.73 83.64 15.33
CA PRO Q 164 -2.46 83.13 13.99
C PRO Q 164 -1.92 84.17 12.98
N ASP Q 165 -2.16 85.48 13.18
CA ASP Q 165 -1.67 86.45 12.21
C ASP Q 165 -0.70 87.45 12.86
N ALA Q 166 0.12 87.01 13.82
CA ALA Q 166 1.08 87.94 14.45
C ALA Q 166 2.36 88.12 13.63
N THR Q 167 2.77 87.12 12.87
CA THR Q 167 4.05 87.19 12.15
C THR Q 167 3.94 88.11 10.94
N ASN Q 168 2.71 88.52 10.62
CA ASN Q 168 2.49 89.42 9.51
C ASN Q 168 2.36 90.88 9.93
N LEU Q 169 2.61 91.19 11.21
CA LEU Q 169 2.62 92.57 11.66
C LEU Q 169 3.76 93.30 10.95
N PRO Q 170 3.59 94.58 10.55
CA PRO Q 170 4.58 95.41 9.88
C PRO Q 170 5.97 95.48 10.49
N THR Q 171 6.09 95.39 11.82
CA THR Q 171 7.42 95.44 12.44
C THR Q 171 7.60 94.34 13.47
N ASP Q 172 8.85 94.09 13.83
CA ASP Q 172 9.17 93.11 14.83
C ASP Q 172 8.87 93.68 16.19
N ASP Q 173 9.01 94.99 16.31
CA ASP Q 173 8.72 95.65 17.57
C ASP Q 173 7.26 95.43 17.98
N GLU Q 174 6.32 95.53 17.02
CA GLU Q 174 4.92 95.27 17.34
C GLU Q 174 4.71 93.81 17.74
N PHE Q 175 5.38 92.91 17.04
CA PHE Q 175 5.30 91.49 17.34
C PHE Q 175 5.72 91.19 18.79
N TYR Q 176 6.89 91.71 19.19
CA TYR Q 176 7.38 91.45 20.53
C TYR Q 176 6.49 92.08 21.59
N SER Q 177 5.97 93.27 21.32
CA SER Q 177 5.09 93.96 22.25
C SER Q 177 3.85 93.11 22.52
N LEU Q 178 3.25 92.54 21.47
CA LEU Q 178 2.07 91.71 21.64
C LEU Q 178 2.35 90.51 22.56
N TYR Q 179 3.50 89.85 22.37
CA TYR Q 179 3.81 88.71 23.21
C TYR Q 179 4.16 89.08 24.65
N ASN Q 180 4.78 90.23 24.87
CA ASN Q 180 5.05 90.64 26.24
C ASN Q 180 3.72 90.83 26.98
N SER Q 181 2.72 91.40 26.31
CA SER Q 181 1.41 91.58 26.92
C SER Q 181 0.74 90.25 27.26
N ALA Q 182 0.85 89.27 26.36
CA ALA Q 182 0.26 87.96 26.63
C ALA Q 182 0.90 87.29 27.86
N LEU Q 183 2.24 87.40 28.01
CA LEU Q 183 2.89 86.82 29.18
C LEU Q 183 2.46 87.53 30.47
N MET Q 184 2.29 88.85 30.41
CA MET Q 184 1.83 89.58 31.59
C MET Q 184 0.42 89.17 31.99
N GLN Q 185 -0.46 88.91 31.00
CA GLN Q 185 -1.81 88.45 31.34
C GLN Q 185 -1.75 87.13 32.09
N CYS Q 186 -0.89 86.21 31.64
CA CYS Q 186 -0.77 84.91 32.32
C CYS Q 186 -0.30 85.09 33.76
N ASN Q 187 0.67 85.97 33.98
CA ASN Q 187 1.11 86.20 35.35
C ASN Q 187 -0.02 86.72 36.22
N ASP Q 188 -0.80 87.69 35.73
CA ASP Q 188 -1.89 88.22 36.55
C ASP Q 188 -3.00 87.22 36.85
N LEU Q 189 -3.36 86.37 35.89
CA LEU Q 189 -4.47 85.43 36.11
C LEU Q 189 -4.04 84.11 36.78
N GLN Q 190 -2.78 83.68 36.59
CA GLN Q 190 -2.20 82.44 37.14
C GLN Q 190 -2.82 81.13 36.65
N ASP Q 191 -3.44 81.13 35.47
CA ASP Q 191 -4.03 79.92 34.91
C ASP Q 191 -3.83 79.71 33.40
N ARG Q 192 -2.88 80.41 32.79
CA ARG Q 192 -2.66 80.31 31.34
C ARG Q 192 -1.21 80.12 30.95
N PHE Q 193 -1.01 79.61 29.76
CA PHE Q 193 0.32 79.39 29.19
C PHE Q 193 0.33 79.86 27.74
N THR Q 194 1.44 80.44 27.27
CA THR Q 194 1.50 80.89 25.88
C THR Q 194 2.51 80.11 25.04
N ILE Q 195 2.19 79.99 23.76
CA ILE Q 195 3.06 79.34 22.77
C ILE Q 195 3.61 80.40 21.82
N LEU Q 196 4.94 80.51 21.72
CA LEU Q 196 5.58 81.54 20.92
C LEU Q 196 6.34 81.06 19.69
N ASP Q 197 6.30 81.91 18.66
CA ASP Q 197 7.01 81.74 17.39
C ASP Q 197 8.07 82.81 17.24
N THR Q 198 9.03 82.59 16.37
CA THR Q 198 9.93 83.67 16.01
C THR Q 198 9.17 84.54 15.02
N TYR Q 199 9.70 85.73 14.74
CA TYR Q 199 9.12 86.64 13.76
C TYR Q 199 9.20 86.05 12.34
N SER Q 200 10.32 85.40 12.06
CA SER Q 200 10.65 84.78 10.78
C SER Q 200 11.54 83.57 11.00
N ASP Q 201 11.56 82.61 10.07
CA ASP Q 201 12.49 81.51 10.21
C ASP Q 201 13.84 81.76 9.50
N GLN Q 202 13.95 82.93 8.87
CA GLN Q 202 15.11 83.40 8.09
C GLN Q 202 15.58 84.78 8.54
N THR Q 203 16.82 85.14 8.21
CA THR Q 203 17.35 86.45 8.57
C THR Q 203 16.39 87.56 8.13
N TYR Q 204 16.09 88.45 9.06
CA TYR Q 204 15.15 89.51 8.64
C TYR Q 204 15.86 90.84 8.66
N ASN Q 205 15.29 91.73 7.87
CA ASN Q 205 15.81 93.06 7.64
C ASN Q 205 15.07 94.09 8.50
N ASP Q 206 15.77 94.66 9.50
CA ASP Q 206 15.20 95.61 10.47
C ASP Q 206 14.89 96.96 9.84
N GLY Q 207 15.41 97.17 8.64
CA GLY Q 207 15.35 98.42 7.90
C GLY Q 207 16.68 99.13 8.05
N VAL Q 208 17.47 98.68 9.02
CA VAL Q 208 18.79 99.22 9.30
C VAL Q 208 19.89 98.15 9.47
N GLU Q 209 19.50 96.89 9.65
CA GLU Q 209 20.44 95.80 9.96
C GLU Q 209 19.85 94.43 9.62
N ASP Q 210 20.71 93.44 9.40
CA ASP Q 210 20.22 92.06 9.16
C ASP Q 210 20.21 91.36 10.52
N LEU Q 211 19.08 90.77 10.92
CA LEU Q 211 18.98 90.16 12.27
C LEU Q 211 18.66 88.66 12.20
N ASP Q 212 19.41 87.86 12.98
CA ASP Q 212 19.16 86.42 13.18
C ASP Q 212 17.97 86.19 14.14
N PRO Q 213 16.91 85.46 13.73
CA PRO Q 213 15.69 85.17 14.48
C PRO Q 213 15.84 84.65 15.92
N ILE Q 214 16.88 83.88 16.23
CA ILE Q 214 16.93 83.40 17.61
C ILE Q 214 17.38 84.53 18.57
N PRO Q 215 18.54 85.19 18.38
CA PRO Q 215 18.93 86.38 19.11
C PRO Q 215 17.85 87.44 19.10
N ALA Q 216 17.11 87.57 17.98
CA ALA Q 216 16.05 88.55 17.88
C ALA Q 216 14.99 88.36 18.93
N LEU Q 217 14.51 87.12 19.07
CA LEU Q 217 13.47 86.80 20.03
C LEU Q 217 14.00 86.97 21.44
N ARG Q 218 15.25 86.56 21.67
CA ARG Q 218 15.84 86.70 23.00
C ARG Q 218 15.95 88.15 23.46
N ASN Q 219 16.30 89.07 22.56
CA ASN Q 219 16.36 90.47 22.93
C ASN Q 219 14.96 91.11 22.97
N GLY Q 220 14.08 90.64 22.09
CA GLY Q 220 12.71 91.11 21.96
C GLY Q 220 11.87 90.95 23.21
N ILE Q 221 11.87 89.75 23.79
CA ILE Q 221 11.10 89.50 25.01
C ILE Q 221 12.02 89.76 26.21
N ASN Q 222 11.75 90.83 26.94
CA ASN Q 222 12.61 91.30 28.04
C ASN Q 222 11.99 91.27 29.45
N LEU Q 223 11.02 90.40 29.67
CA LEU Q 223 10.39 90.24 30.97
C LEU Q 223 11.22 89.34 31.84
N THR Q 224 11.04 89.42 33.15
CA THR Q 224 11.76 88.55 34.08
C THR Q 224 11.10 87.21 34.35
N LYS Q 225 11.75 86.45 35.24
CA LYS Q 225 11.43 85.07 35.62
C LYS Q 225 9.96 84.79 35.88
N ASP Q 226 9.28 85.71 36.58
CA ASP Q 226 7.88 85.61 36.94
C ASP Q 226 6.96 85.47 35.74
N TYR Q 227 7.41 85.91 34.59
CA TYR Q 227 6.62 85.90 33.38
C TYR Q 227 7.10 84.80 32.46
N LEU Q 228 8.40 84.63 32.38
CA LEU Q 228 9.02 83.68 31.47
C LEU Q 228 8.58 82.25 31.76
N LYS Q 229 8.34 81.95 33.03
CA LYS Q 229 7.88 80.63 33.42
C LYS Q 229 6.52 80.25 32.80
N TYR Q 230 5.77 81.22 32.25
CA TYR Q 230 4.46 80.97 31.67
C TYR Q 230 4.43 80.76 30.16
N GLY Q 231 5.56 80.54 29.54
CA GLY Q 231 5.49 80.26 28.11
C GLY Q 231 6.72 79.54 27.57
N ALA Q 232 6.62 79.14 26.31
CA ALA Q 232 7.66 78.40 25.59
C ALA Q 232 7.65 78.77 24.12
N ALA Q 233 8.80 78.63 23.46
CA ALA Q 233 8.92 78.95 22.04
C ALA Q 233 9.44 77.78 21.23
N TYR Q 234 9.02 77.74 19.96
CA TYR Q 234 9.44 76.69 19.00
C TYR Q 234 10.04 77.28 17.70
N TYR Q 235 10.99 76.54 17.11
CA TYR Q 235 11.65 76.91 15.85
C TYR Q 235 12.07 75.66 15.08
N PRO Q 236 12.06 75.67 13.74
CA PRO Q 236 11.60 76.58 12.69
C PRO Q 236 10.13 76.44 12.34
N PHE Q 237 9.74 77.12 11.26
CA PHE Q 237 8.42 77.04 10.63
C PHE Q 237 8.31 75.70 9.90
N VAL Q 238 7.10 75.25 9.58
CA VAL Q 238 6.96 73.96 8.88
C VAL Q 238 6.17 74.02 7.57
N GLN Q 239 6.47 73.07 6.69
CA GLN Q 239 5.77 72.95 5.41
C GLN Q 239 4.69 71.89 5.51
N THR Q 240 3.44 72.34 5.29
CA THR Q 240 2.19 71.54 5.33
C THR Q 240 1.81 70.98 3.95
N ILE Q 241 0.70 70.24 3.88
CA ILE Q 241 0.21 69.60 2.68
C ILE Q 241 -1.09 70.25 2.17
N LEU Q 242 -1.40 71.41 2.73
CA LEU Q 242 -2.59 72.17 2.39
C LEU Q 242 -2.33 73.00 1.14
N ASN Q 243 -3.37 73.22 0.33
CA ASN Q 243 -3.26 74.03 -0.88
C ASN Q 243 -3.63 75.48 -0.65
N TYR Q 244 -3.52 76.28 -1.70
CA TYR Q 244 -3.90 77.68 -1.68
C TYR Q 244 -5.28 77.83 -2.28
N GLN Q 245 -6.02 78.83 -1.84
CA GLN Q 245 -7.33 79.10 -2.41
C GLN Q 245 -7.17 80.17 -3.50
N TYR Q 246 -7.74 79.93 -4.68
CA TYR Q 246 -7.61 80.84 -5.82
C TYR Q 246 -8.73 80.67 -6.84
N SER Q 247 -8.73 81.54 -7.85
CA SER Q 247 -9.65 81.48 -8.97
C SER Q 247 -8.95 81.75 -10.29
N ALA Q 248 -9.28 80.94 -11.31
CA ALA Q 248 -8.71 81.01 -12.65
C ALA Q 248 -8.97 82.37 -13.33
N ASP Q 249 -9.98 83.09 -12.85
CA ASP Q 249 -10.34 84.40 -13.39
C ASP Q 249 -9.27 85.44 -13.09
N GLU Q 250 -8.45 85.19 -12.08
CA GLU Q 250 -7.43 86.14 -11.66
C GLU Q 250 -6.04 85.82 -12.21
N ILE Q 251 -5.91 84.76 -13.02
CA ILE Q 251 -4.59 84.33 -13.44
C ILE Q 251 -4.30 84.56 -14.92
N VAL Q 252 -3.25 85.34 -15.19
CA VAL Q 252 -2.86 85.72 -16.56
C VAL Q 252 -1.61 84.99 -17.02
N ILE Q 253 -1.67 84.56 -18.29
CA ILE Q 253 -0.62 83.79 -18.94
C ILE Q 253 0.29 84.55 -19.91
N GLN Q 254 1.58 84.40 -19.70
CA GLN Q 254 2.60 84.92 -20.60
C GLN Q 254 2.91 83.78 -21.58
N HIS Q 255 2.99 84.07 -22.88
CA HIS Q 255 3.29 83.01 -23.85
C HIS Q 255 4.38 83.41 -24.82
N LEU Q 256 5.52 82.75 -24.73
CA LEU Q 256 6.64 83.07 -25.58
C LEU Q 256 6.86 81.96 -26.58
N SER Q 257 7.35 82.32 -27.76
CA SER Q 257 7.54 81.31 -28.80
C SER Q 257 8.67 81.57 -29.78
N TYR Q 258 9.30 80.48 -30.21
CA TYR Q 258 10.33 80.48 -31.27
C TYR Q 258 9.74 81.02 -32.57
N ASN Q 259 8.42 80.94 -32.69
CA ASN Q 259 7.63 81.39 -33.81
C ASN Q 259 6.43 82.17 -33.24
N PRO Q 260 6.57 83.49 -33.06
CA PRO Q 260 5.60 84.42 -32.50
C PRO Q 260 4.34 84.52 -33.36
N ASN Q 261 3.20 84.76 -32.72
CA ASN Q 261 1.96 85.00 -33.44
C ASN Q 261 0.84 85.63 -32.59
N ALA Q 262 1.19 86.43 -31.58
CA ALA Q 262 0.17 87.08 -30.77
C ALA Q 262 -0.60 88.17 -31.55
N ILE Q 263 0.12 88.95 -32.36
CA ILE Q 263 -0.50 90.06 -33.06
C ILE Q 263 -1.30 89.53 -34.21
N ALA Q 264 -0.74 88.58 -34.95
CA ALA Q 264 -1.43 88.01 -36.08
C ALA Q 264 -2.74 87.38 -35.63
N THR Q 265 -2.74 86.72 -34.46
CA THR Q 265 -3.97 86.12 -33.96
C THR Q 265 -5.00 87.21 -33.68
N ALA Q 266 -4.57 88.30 -33.01
CA ALA Q 266 -5.51 89.36 -32.71
C ALA Q 266 -6.11 89.91 -33.99
N LEU Q 267 -5.29 90.09 -35.03
CA LEU Q 267 -5.81 90.61 -36.30
C LEU Q 267 -6.78 89.68 -36.96
N ASP Q 268 -6.52 88.37 -36.95
CA ASP Q 268 -7.46 87.46 -37.60
C ASP Q 268 -8.84 87.57 -36.96
N ASN Q 269 -8.88 87.71 -35.63
CA ASN Q 269 -10.17 87.84 -34.98
C ASN Q 269 -10.78 89.23 -35.19
N LEU Q 270 -9.97 90.28 -35.07
CA LEU Q 270 -10.50 91.63 -35.22
C LEU Q 270 -11.05 91.87 -36.63
N ASN Q 271 -10.42 91.25 -37.62
CA ASN Q 271 -10.84 91.38 -39.01
C ASN Q 271 -12.10 90.58 -39.29
N ALA Q 272 -12.50 89.73 -38.35
CA ALA Q 272 -13.69 88.93 -38.52
C ALA Q 272 -14.86 89.71 -37.94
N GLY Q 450 -18.85 100.82 -36.52
CA GLY Q 450 -17.88 100.40 -37.53
C GLY Q 450 -16.63 101.29 -37.67
N THR Q 451 -16.79 102.59 -37.48
CA THR Q 451 -15.66 103.52 -37.58
C THR Q 451 -14.60 103.18 -36.53
N ARG Q 452 -15.03 102.84 -35.33
CA ARG Q 452 -14.08 102.59 -34.26
C ARG Q 452 -13.39 101.25 -34.50
N LEU Q 453 -14.11 100.29 -35.09
CA LEU Q 453 -13.50 99.00 -35.35
C LEU Q 453 -12.34 99.18 -36.34
N ASP Q 454 -12.51 100.05 -37.34
CA ASP Q 454 -11.44 100.30 -38.29
C ASP Q 454 -10.21 100.89 -37.59
N ASP Q 455 -10.42 101.84 -36.66
CA ASP Q 455 -9.29 102.44 -35.93
C ASP Q 455 -8.53 101.41 -35.11
N ILE Q 456 -9.25 100.48 -34.48
CA ILE Q 456 -8.60 99.45 -33.68
C ILE Q 456 -7.75 98.56 -34.54
N ILE Q 457 -8.29 98.09 -35.66
CA ILE Q 457 -7.53 97.21 -36.51
C ILE Q 457 -6.28 97.85 -37.03
N ALA Q 458 -6.37 99.10 -37.49
CA ALA Q 458 -5.18 99.77 -37.96
C ALA Q 458 -4.13 99.93 -36.86
N ALA Q 459 -4.56 100.27 -35.63
CA ALA Q 459 -3.62 100.42 -34.54
C ALA Q 459 -2.90 99.12 -34.27
N VAL Q 460 -3.62 98.00 -34.34
CA VAL Q 460 -3.07 96.68 -34.09
C VAL Q 460 -2.14 96.23 -35.20
N SER Q 461 -2.54 96.37 -36.48
CA SER Q 461 -1.69 95.87 -37.56
C SER Q 461 -0.35 96.57 -37.55
N ALA Q 462 -0.31 97.81 -37.07
CA ALA Q 462 0.91 98.57 -36.96
C ALA Q 462 1.94 97.88 -36.05
N ALA Q 463 1.48 97.04 -35.11
CA ALA Q 463 2.34 96.36 -34.16
C ALA Q 463 2.92 95.04 -34.67
N GLU Q 464 2.52 94.56 -35.84
CA GLU Q 464 3.04 93.26 -36.22
C GLU Q 464 4.60 93.24 -36.28
N PRO Q 465 5.29 94.28 -36.78
CA PRO Q 465 6.75 94.41 -36.79
C PRO Q 465 7.40 94.51 -35.39
N ILE Q 466 6.62 94.80 -34.35
CA ILE Q 466 7.12 94.99 -33.00
C ILE Q 466 7.22 93.68 -32.25
N ASP Q 467 6.15 92.92 -32.29
CA ASP Q 467 6.12 91.70 -31.52
C ASP Q 467 6.90 90.60 -32.18
N VAL Q 468 8.06 90.31 -31.62
CA VAL Q 468 8.94 89.31 -32.17
C VAL Q 468 9.16 88.19 -31.17
N ASN Q 469 8.37 88.17 -30.09
CA ASN Q 469 8.54 87.15 -29.06
C ASN Q 469 7.28 86.39 -28.60
N ASN Q 470 6.10 87.00 -28.74
CA ASN Q 470 4.91 86.44 -28.10
C ASN Q 470 4.05 85.55 -28.98
N GLY Q 471 3.62 84.45 -28.40
CA GLY Q 471 2.75 83.49 -29.04
C GLY Q 471 1.27 83.84 -28.90
N LYS Q 472 0.44 83.00 -29.52
CA LYS Q 472 -1.01 83.08 -29.57
C LYS Q 472 -1.76 83.35 -28.26
N LEU Q 473 -1.35 82.74 -27.13
CA LEU Q 473 -2.09 82.86 -25.87
C LEU Q 473 -1.65 84.02 -24.98
N ASN Q 474 -0.64 84.77 -25.40
CA ASN Q 474 -0.09 85.80 -24.55
C ASN Q 474 -1.11 86.83 -24.12
N GLY Q 475 -1.20 87.09 -22.82
CA GLY Q 475 -2.09 88.10 -22.28
C GLY Q 475 -3.48 87.61 -21.85
N ARG Q 476 -3.83 86.35 -22.13
CA ARG Q 476 -5.15 85.89 -21.72
C ARG Q 476 -5.18 85.25 -20.33
N LEU Q 477 -6.37 85.21 -19.76
CA LEU Q 477 -6.64 84.59 -18.47
C LEU Q 477 -6.89 83.10 -18.59
N LEU Q 478 -6.59 82.32 -17.55
CA LEU Q 478 -6.91 80.90 -17.64
C LEU Q 478 -8.34 80.60 -17.97
N SER Q 479 -9.26 81.25 -17.30
CA SER Q 479 -10.67 80.97 -17.56
C SER Q 479 -11.12 81.28 -18.99
N ASP Q 480 -10.34 82.08 -19.74
CA ASP Q 480 -10.67 82.43 -21.13
C ASP Q 480 -9.92 81.61 -22.19
N ILE Q 481 -9.10 80.63 -21.79
CA ILE Q 481 -8.39 79.88 -22.81
C ILE Q 481 -8.84 78.43 -22.84
N GLU Q 482 -9.66 78.00 -21.90
CA GLU Q 482 -10.06 76.61 -21.89
C GLU Q 482 -10.59 76.11 -23.24
N PRO Q 483 -11.53 76.79 -23.95
CA PRO Q 483 -11.98 76.37 -25.26
C PRO Q 483 -10.93 76.47 -26.38
N LEU Q 484 -9.87 77.27 -26.20
CA LEU Q 484 -8.84 77.42 -27.22
C LEU Q 484 -7.94 76.21 -27.19
N ASP Q 485 -7.57 75.83 -25.97
CA ASP Q 485 -6.71 74.70 -25.69
C ASP Q 485 -6.92 74.23 -24.26
N ASN Q 486 -7.77 73.24 -24.05
CA ASN Q 486 -8.05 72.86 -22.68
C ASN Q 486 -6.94 71.99 -22.13
N ALA Q 487 -5.93 71.69 -22.95
CA ALA Q 487 -4.80 70.93 -22.47
C ALA Q 487 -3.91 71.87 -21.69
N THR Q 488 -3.86 73.13 -22.14
CA THR Q 488 -3.05 74.14 -21.50
C THR Q 488 -3.73 74.54 -20.21
N TYR Q 489 -5.04 74.77 -20.31
CA TYR Q 489 -5.81 75.15 -19.14
C TYR Q 489 -5.66 74.12 -18.03
N ASN Q 490 -5.89 72.86 -18.37
CA ASN Q 490 -5.80 71.82 -17.36
C ASN Q 490 -4.38 71.62 -16.83
N THR Q 491 -3.37 71.73 -17.69
CA THR Q 491 -1.99 71.54 -17.23
C THR Q 491 -1.63 72.63 -16.24
N ILE Q 492 -2.01 73.86 -16.54
CA ILE Q 492 -1.70 74.94 -15.65
C ILE Q 492 -2.33 74.75 -14.29
N LEU Q 493 -3.62 74.37 -14.25
CA LEU Q 493 -4.25 74.19 -12.94
C LEU Q 493 -3.54 73.09 -12.15
N LEU Q 494 -3.12 72.04 -12.83
CA LEU Q 494 -2.41 70.97 -12.15
C LEU Q 494 -1.10 71.50 -11.56
N GLU Q 495 -0.36 72.34 -12.30
CA GLU Q 495 0.86 72.92 -11.78
C GLU Q 495 0.60 73.89 -10.62
N ILE Q 496 -0.47 74.67 -10.67
CA ILE Q 496 -0.75 75.61 -9.58
C ILE Q 496 -0.91 74.85 -8.28
N ASN Q 497 -1.53 73.67 -8.38
CA ASN Q 497 -1.90 72.77 -7.26
C ASN Q 497 -0.65 72.16 -6.61
N SER Q 498 0.51 72.29 -7.23
CA SER Q 498 1.68 71.65 -6.66
C SER Q 498 2.32 72.50 -5.57
N HIS Q 499 1.87 73.77 -5.44
CA HIS Q 499 2.41 74.68 -4.42
C HIS Q 499 1.69 74.54 -3.08
N LYS Q 500 2.46 74.38 -2.01
CA LYS Q 500 1.87 74.20 -0.69
C LYS Q 500 2.06 75.37 0.25
N VAL Q 501 1.22 75.41 1.27
CA VAL Q 501 1.18 76.40 2.36
C VAL Q 501 2.27 76.17 3.43
N THR Q 502 2.93 77.25 3.88
CA THR Q 502 3.97 77.17 4.93
C THR Q 502 3.47 77.98 6.15
N LEU Q 503 3.52 77.36 7.34
CA LEU Q 503 3.00 77.98 8.56
C LEU Q 503 3.96 77.97 9.77
N PRO Q 504 3.87 78.95 10.69
CA PRO Q 504 4.49 78.92 12.00
C PRO Q 504 3.90 77.69 12.69
N PRO Q 505 4.61 76.99 13.58
CA PRO Q 505 4.17 75.75 14.24
C PRO Q 505 3.23 75.85 15.46
N SER Q 506 2.79 77.04 15.85
CA SER Q 506 2.05 77.16 17.10
C SER Q 506 0.68 76.46 17.17
N SER Q 507 -0.04 76.35 16.06
CA SER Q 507 -1.36 75.72 16.14
C SER Q 507 -1.22 74.22 16.15
N SER Q 508 -0.14 73.74 15.52
CA SER Q 508 0.16 72.33 15.48
C SER Q 508 0.53 71.89 16.87
N MET Q 509 1.28 72.73 17.59
CA MET Q 509 1.65 72.39 18.94
C MET Q 509 0.45 72.38 19.88
N ALA Q 510 -0.50 73.31 19.72
CA ALA Q 510 -1.68 73.27 20.58
C ALA Q 510 -2.42 71.94 20.39
N GLY Q 511 -2.49 71.47 19.15
CA GLY Q 511 -3.08 70.17 18.82
C GLY Q 511 -2.32 69.05 19.54
N ALA Q 512 -0.98 69.07 19.40
CA ALA Q 512 -0.12 68.07 20.00
C ALA Q 512 -0.25 68.03 21.53
N TYR Q 513 -0.42 69.19 22.18
CA TYR Q 513 -0.59 69.21 23.62
C TYR Q 513 -1.83 68.43 24.01
N ALA Q 514 -2.94 68.63 23.27
CA ALA Q 514 -4.17 67.91 23.54
C ALA Q 514 -3.99 66.39 23.43
N ARG Q 515 -3.26 65.94 22.40
CA ARG Q 515 -3.03 64.50 22.27
C ARG Q 515 -2.29 63.90 23.45
N VAL Q 516 -1.24 64.57 23.91
CA VAL Q 516 -0.49 64.02 25.03
C VAL Q 516 -1.33 63.96 26.28
N ASP Q 517 -2.09 65.02 26.58
CA ASP Q 517 -2.89 65.01 27.79
C ASP Q 517 -3.86 63.83 27.81
N ASN Q 518 -4.45 63.48 26.65
CA ASN Q 518 -5.37 62.37 26.57
C ASN Q 518 -4.74 60.97 26.61
N ASP Q 519 -3.60 60.77 25.95
CA ASP Q 519 -3.01 59.43 25.94
C ASP Q 519 -2.06 59.12 27.09
N ARG Q 520 -1.31 60.10 27.58
CA ARG Q 520 -0.35 59.84 28.65
C ARG Q 520 -0.59 60.62 29.94
N GLY Q 521 -1.14 61.81 29.84
CA GLY Q 521 -1.39 62.67 31.00
C GLY Q 521 -0.57 63.94 30.98
N VAL Q 522 -1.14 64.99 31.58
CA VAL Q 522 -0.58 66.34 31.66
C VAL Q 522 0.78 66.42 32.36
N TRP Q 523 1.13 65.40 33.12
CA TRP Q 523 2.40 65.38 33.82
C TRP Q 523 3.56 64.83 32.97
N LYS Q 524 3.29 64.45 31.71
CA LYS Q 524 4.35 63.97 30.81
C LYS Q 524 4.77 65.05 29.84
N SER Q 525 6.05 65.08 29.49
CA SER Q 525 6.58 66.08 28.56
C SER Q 525 5.94 66.03 27.18
N PRO Q 526 5.56 67.19 26.59
CA PRO Q 526 5.03 67.31 25.25
C PRO Q 526 6.16 67.32 24.22
N ALA Q 527 6.83 66.18 24.08
CA ALA Q 527 7.96 66.03 23.16
C ALA Q 527 8.05 64.58 22.71
N ASN Q 528 8.82 64.34 21.63
CA ASN Q 528 8.97 63.04 20.97
C ASN Q 528 7.60 62.62 20.45
N ILE Q 529 6.94 63.61 19.85
CA ILE Q 529 5.62 63.59 19.25
C ILE Q 529 5.72 63.80 17.76
N GLY Q 530 5.09 62.94 16.95
CA GLY Q 530 5.09 63.21 15.53
C GLY Q 530 3.94 64.16 15.20
N LEU Q 531 4.17 65.03 14.23
CA LEU Q 531 3.13 65.98 13.78
C LEU Q 531 2.38 65.47 12.56
N ASN Q 532 1.08 65.76 12.48
CA ASN Q 532 0.29 65.36 11.34
C ASN Q 532 0.27 66.46 10.30
N TYR Q 533 0.11 66.07 9.03
CA TYR Q 533 0.05 67.00 7.90
C TYR Q 533 1.30 67.84 7.76
N VAL Q 534 2.46 67.29 8.09
CA VAL Q 534 3.70 68.03 7.93
C VAL Q 534 4.61 67.25 7.02
N SER Q 535 5.06 67.91 5.97
CA SER Q 535 5.95 67.33 5.00
C SER Q 535 7.37 67.35 5.57
N LYS Q 536 7.78 68.54 6.01
CA LYS Q 536 9.11 68.73 6.57
C LYS Q 536 9.24 70.08 7.27
N PRO Q 537 10.21 70.30 8.17
CA PRO Q 537 10.64 71.58 8.70
C PRO Q 537 11.15 72.42 7.53
N SER Q 538 10.96 73.75 7.58
CA SER Q 538 11.48 74.62 6.53
C SER Q 538 13.02 74.80 6.58
N VAL Q 539 13.59 74.69 7.76
CA VAL Q 539 15.03 74.84 8.00
C VAL Q 539 15.57 73.62 8.71
N THR Q 540 16.66 73.06 8.22
CA THR Q 540 17.26 71.90 8.88
C THR Q 540 18.12 72.34 10.07
N VAL Q 541 17.90 71.71 11.22
CA VAL Q 541 18.67 71.97 12.42
C VAL Q 541 19.49 70.73 12.76
N SER Q 542 20.80 70.90 12.82
CA SER Q 542 21.72 69.79 13.10
C SER Q 542 21.81 69.56 14.59
N HIS Q 543 22.50 68.50 14.98
CA HIS Q 543 22.70 68.19 16.39
C HIS Q 543 23.46 69.31 17.10
N GLU Q 544 24.60 69.70 16.55
CA GLU Q 544 25.45 70.72 17.14
C GLU Q 544 24.75 72.07 17.21
N GLU Q 545 23.96 72.39 16.21
CA GLU Q 545 23.22 73.64 16.13
C GLU Q 545 22.17 73.80 17.23
N GLN Q 546 21.74 72.70 17.84
CA GLN Q 546 20.71 72.79 18.84
C GLN Q 546 21.29 73.03 20.23
N GLU Q 547 22.61 72.92 20.40
CA GLU Q 547 23.13 73.02 21.76
C GLU Q 547 22.80 74.35 22.42
N SER Q 548 22.86 75.45 21.64
CA SER Q 548 22.58 76.79 22.13
C SER Q 548 21.08 77.10 22.20
N MET Q 549 20.24 76.19 21.71
CA MET Q 549 18.81 76.38 21.75
C MET Q 549 18.29 75.80 23.05
N ASN Q 550 18.88 74.67 23.49
CA ASN Q 550 18.41 74.01 24.71
C ASN Q 550 19.03 74.66 25.95
N VAL Q 551 20.32 75.00 25.89
CA VAL Q 551 21.01 75.60 27.03
C VAL Q 551 21.66 76.91 26.61
N HIS Q 552 21.41 77.97 27.37
CA HIS Q 552 21.93 79.28 27.03
C HIS Q 552 22.06 80.15 28.27
N GLY Q 553 23.04 81.05 28.26
CA GLY Q 553 23.29 81.96 29.38
C GLY Q 553 22.08 82.77 29.86
N THR Q 554 21.16 83.10 28.96
CA THR Q 554 19.97 83.85 29.36
C THR Q 554 18.82 83.02 29.90
N GLY Q 555 18.85 81.71 29.67
CA GLY Q 555 17.78 80.79 30.06
C GLY Q 555 16.61 80.78 29.07
N LYS Q 556 16.67 81.61 28.03
CA LYS Q 556 15.58 81.72 27.06
C LYS Q 556 15.68 80.66 25.97
N SER Q 557 15.38 79.45 26.39
CA SER Q 557 15.43 78.24 25.58
C SER Q 557 14.40 78.23 24.46
N VAL Q 558 14.75 77.57 23.36
CA VAL Q 558 13.86 77.36 22.22
C VAL Q 558 13.81 75.87 21.88
N ASN Q 559 12.62 75.30 21.73
CA ASN Q 559 12.50 73.88 21.42
C ASN Q 559 12.62 73.69 19.91
N ALA Q 560 13.08 72.53 19.44
CA ALA Q 560 13.29 72.38 18.00
C ALA Q 560 12.35 71.39 17.33
N ILE Q 561 12.02 71.70 16.09
CA ILE Q 561 11.26 70.74 15.29
C ILE Q 561 12.27 70.09 14.34
N ARG Q 562 12.43 68.76 14.42
CA ARG Q 562 13.46 68.05 13.63
C ARG Q 562 12.97 66.82 12.90
N SER Q 563 13.63 66.51 11.78
CA SER Q 563 13.32 65.33 10.97
C SER Q 563 14.21 64.13 11.30
N PHE Q 564 13.57 63.00 11.59
CA PHE Q 564 14.28 61.77 11.92
C PHE Q 564 14.03 60.70 10.87
N VAL Q 565 15.07 59.93 10.57
CA VAL Q 565 14.93 58.91 9.54
C VAL Q 565 14.06 57.77 10.01
N GLY Q 566 13.03 57.50 9.23
CA GLY Q 566 12.07 56.44 9.52
C GLY Q 566 10.98 56.87 10.51
N LYS Q 567 11.02 58.11 10.99
CA LYS Q 567 10.04 58.56 11.97
C LYS Q 567 9.23 59.77 11.49
N GLY Q 568 9.84 60.66 10.70
CA GLY Q 568 9.15 61.86 10.26
C GLY Q 568 9.48 63.03 11.15
N THR Q 569 8.60 64.04 11.15
CA THR Q 569 8.91 65.28 11.86
C THR Q 569 8.47 65.17 13.32
N LEU Q 570 9.44 65.33 14.24
CA LEU Q 570 9.20 65.22 15.66
C LEU Q 570 9.48 66.50 16.45
N VAL Q 571 8.76 66.66 17.55
CA VAL Q 571 9.03 67.75 18.48
C VAL Q 571 10.18 67.34 19.40
N TRP Q 572 11.29 68.06 19.37
CA TRP Q 572 12.45 67.65 20.14
C TRP Q 572 12.82 68.69 21.23
N GLY Q 573 12.54 68.36 22.48
CA GLY Q 573 12.76 69.28 23.61
C GLY Q 573 11.46 69.81 24.19
N ALA Q 574 11.46 70.03 25.52
CA ALA Q 574 10.27 70.51 26.21
C ALA Q 574 10.57 71.44 27.39
N ARG Q 575 11.36 72.48 27.15
CA ARG Q 575 11.66 73.44 28.21
C ARG Q 575 10.89 74.75 28.03
N THR Q 576 10.79 75.50 29.12
CA THR Q 576 10.13 76.82 29.15
C THR Q 576 11.15 77.94 28.92
N LEU Q 577 10.67 79.18 28.89
CA LEU Q 577 11.55 80.35 28.68
C LEU Q 577 12.37 80.71 29.92
N ALA Q 578 12.31 79.89 30.97
CA ALA Q 578 13.08 80.04 32.18
C ALA Q 578 13.86 78.73 32.40
N GLY Q 579 14.68 78.37 31.41
CA GLY Q 579 15.37 77.08 31.31
C GLY Q 579 16.38 76.75 32.38
N ASN Q 580 16.82 77.74 33.12
CA ASN Q 580 17.78 77.50 34.19
C ASN Q 580 17.12 77.50 35.55
N ASP Q 581 15.79 77.52 35.57
CA ASP Q 581 15.01 77.52 36.80
C ASP Q 581 14.88 76.12 37.40
N ASN Q 582 15.47 75.94 38.57
CA ASN Q 582 15.51 74.64 39.22
C ASN Q 582 14.13 74.05 39.50
N GLU Q 583 13.11 74.89 39.61
CA GLU Q 583 11.76 74.39 39.89
C GLU Q 583 10.87 74.41 38.66
N TRP Q 584 10.99 75.45 37.84
CA TRP Q 584 10.09 75.64 36.70
C TRP Q 584 10.63 75.44 35.26
N ARG Q 585 11.86 74.97 35.06
CA ARG Q 585 12.36 74.80 33.69
C ARG Q 585 11.60 73.83 32.75
N TYR Q 586 10.86 72.84 33.29
CA TYR Q 586 10.15 71.92 32.40
C TYR Q 586 8.68 72.28 32.20
N ILE Q 587 8.22 72.12 30.96
CA ILE Q 587 6.84 72.46 30.62
C ILE Q 587 5.84 71.65 31.41
N SER Q 588 6.07 70.33 31.51
CA SER Q 588 5.17 69.43 32.22
C SER Q 588 5.04 69.69 33.71
N VAL Q 589 5.99 70.39 34.33
CA VAL Q 589 5.87 70.65 35.73
C VAL Q 589 4.96 71.86 35.85
N ARG Q 590 5.24 72.91 35.06
CA ARG Q 590 4.40 74.09 35.11
C ARG Q 590 2.94 73.75 34.78
N ARG Q 591 2.71 72.96 33.72
CA ARG Q 591 1.35 72.62 33.34
C ARG Q 591 0.64 71.75 34.38
N PHE Q 592 1.34 70.77 34.98
CA PHE Q 592 0.74 69.95 36.02
C PHE Q 592 0.25 70.82 37.16
N PHE Q 593 1.09 71.73 37.64
CA PHE Q 593 0.66 72.60 38.72
C PHE Q 593 -0.53 73.45 38.32
N ASN Q 594 -0.54 74.04 37.11
CA ASN Q 594 -1.71 74.86 36.77
C ASN Q 594 -2.99 74.04 36.82
N MET Q 595 -2.92 72.79 36.34
CA MET Q 595 -4.08 71.90 36.35
C MET Q 595 -4.56 71.62 37.77
N ALA Q 596 -3.64 71.21 38.64
CA ALA Q 596 -4.02 70.87 39.99
C ALA Q 596 -4.61 72.07 40.73
N GLU Q 597 -4.02 73.25 40.54
CA GLU Q 597 -4.51 74.43 41.22
C GLU Q 597 -5.91 74.82 40.78
N GLU Q 598 -6.19 74.74 39.47
CA GLU Q 598 -7.51 75.08 38.98
C GLU Q 598 -8.57 74.13 39.52
N SER Q 599 -8.29 72.82 39.49
CA SER Q 599 -9.26 71.84 39.96
C SER Q 599 -9.57 72.01 41.44
N ILE Q 600 -8.53 72.28 42.25
CA ILE Q 600 -8.77 72.45 43.65
C ILE Q 600 -9.59 73.71 43.91
N LYS Q 601 -9.26 74.86 43.31
CA LYS Q 601 -10.10 75.98 43.70
C LYS Q 601 -11.57 75.78 43.30
N LYS Q 602 -11.86 75.11 42.19
CA LYS Q 602 -13.27 74.90 41.87
C LYS Q 602 -13.96 74.13 42.99
N ALA Q 603 -13.28 73.12 43.50
CA ALA Q 603 -13.78 72.32 44.61
C ALA Q 603 -13.96 73.13 45.92
N THR Q 604 -13.08 74.12 46.18
CA THR Q 604 -13.17 74.89 47.43
C THR Q 604 -14.23 76.00 47.40
N GLU Q 605 -14.72 76.39 46.23
CA GLU Q 605 -15.71 77.46 46.15
C GLU Q 605 -17.01 77.16 46.93
N GLN Q 606 -17.38 75.91 47.07
CA GLN Q 606 -18.58 75.54 47.82
C GLN Q 606 -18.54 75.96 49.29
N PHE Q 607 -17.36 76.30 49.83
CA PHE Q 607 -17.22 76.70 51.23
C PHE Q 607 -17.06 78.20 51.45
N VAL Q 608 -17.24 79.03 50.43
CA VAL Q 608 -16.96 80.47 50.58
C VAL Q 608 -17.70 81.21 51.67
N PHE Q 609 -18.98 80.95 51.86
CA PHE Q 609 -19.70 81.71 52.89
C PHE Q 609 -19.96 80.92 54.17
N GLU Q 610 -19.17 79.87 54.41
CA GLU Q 610 -19.32 79.06 55.61
C GLU Q 610 -18.65 79.74 56.81
N PRO Q 611 -19.04 79.45 58.06
CA PRO Q 611 -18.41 79.93 59.29
C PRO Q 611 -16.92 79.61 59.35
N ASN Q 612 -16.11 80.53 59.85
CA ASN Q 612 -14.69 80.26 59.89
C ASN Q 612 -14.34 79.65 61.24
N ASP Q 613 -14.39 78.34 61.29
CA ASP Q 613 -14.16 77.57 62.52
C ASP Q 613 -13.68 76.15 62.22
N GLY Q 614 -13.41 75.39 63.27
CA GLY Q 614 -12.87 74.04 63.19
C GLY Q 614 -13.67 73.06 62.36
N ASN Q 615 -14.99 73.20 62.34
CA ASN Q 615 -15.78 72.28 61.55
C ASN Q 615 -15.53 72.44 60.05
N THR Q 616 -15.27 73.67 59.62
CA THR Q 616 -15.05 73.98 58.22
C THR Q 616 -13.65 73.56 57.87
N TRP Q 617 -12.70 73.87 58.74
CA TRP Q 617 -11.31 73.58 58.48
C TRP Q 617 -11.13 72.09 58.21
N VAL Q 618 -11.80 71.24 58.99
CA VAL Q 618 -11.73 69.80 58.78
C VAL Q 618 -12.35 69.40 57.44
N ARG Q 619 -13.53 69.92 57.12
CA ARG Q 619 -14.19 69.55 55.82
C ARG Q 619 -13.30 69.95 54.63
N VAL Q 620 -12.68 71.12 54.66
CA VAL Q 620 -11.87 71.58 53.55
C VAL Q 620 -10.65 70.71 53.39
N ARG Q 621 -9.96 70.43 54.50
CA ARG Q 621 -8.79 69.59 54.45
C ARG Q 621 -9.09 68.21 53.88
N ALA Q 622 -10.15 67.57 54.37
CA ALA Q 622 -10.47 66.24 53.89
C ALA Q 622 -10.72 66.21 52.39
N MET Q 623 -11.43 67.21 51.88
CA MET Q 623 -11.73 67.30 50.46
C MET Q 623 -10.46 67.39 49.60
N ILE Q 624 -9.52 68.24 50.02
CA ILE Q 624 -8.29 68.42 49.27
C ILE Q 624 -7.46 67.14 49.28
N GLU Q 625 -7.32 66.49 50.44
CA GLU Q 625 -6.55 65.27 50.49
C GLU Q 625 -7.15 64.19 49.59
N ASN Q 626 -8.48 64.06 49.51
CA ASN Q 626 -9.05 63.03 48.65
C ASN Q 626 -8.66 63.26 47.18
N PHE Q 627 -8.68 64.51 46.74
CA PHE Q 627 -8.27 64.84 45.37
C PHE Q 627 -6.84 64.37 45.11
N LEU Q 628 -5.93 64.74 46.02
CA LEU Q 628 -4.53 64.41 45.86
C LEU Q 628 -4.25 62.90 45.91
N ILE Q 629 -5.02 62.15 46.70
CA ILE Q 629 -4.85 60.70 46.74
C ILE Q 629 -5.14 60.12 45.37
N LEU Q 630 -6.22 60.57 44.72
CA LEU Q 630 -6.52 60.07 43.40
C LEU Q 630 -5.42 60.41 42.37
N GLN Q 631 -4.82 61.60 42.48
CA GLN Q 631 -3.73 61.97 41.56
C GLN Q 631 -2.53 61.05 41.78
N TRP Q 632 -2.28 60.70 43.03
CA TRP Q 632 -1.23 59.77 43.38
C TRP Q 632 -1.52 58.38 42.82
N ARG Q 633 -2.74 57.89 43.01
CA ARG Q 633 -3.11 56.56 42.55
C ARG Q 633 -2.92 56.41 41.04
N ALA Q 634 -3.18 57.48 40.29
CA ALA Q 634 -3.05 57.51 38.83
C ALA Q 634 -1.60 57.68 38.35
N GLY Q 635 -0.63 57.83 39.26
CA GLY Q 635 0.76 57.99 38.91
C GLY Q 635 1.27 59.40 38.62
N ALA Q 636 0.53 60.45 39.00
CA ALA Q 636 0.98 61.81 38.73
C ALA Q 636 2.03 62.27 39.72
N LEU Q 637 1.93 61.80 40.97
CA LEU Q 637 2.83 62.22 42.05
C LEU Q 637 3.81 61.14 42.43
N ALA Q 638 4.97 61.56 42.91
CA ALA Q 638 6.03 60.67 43.40
C ALA Q 638 5.70 60.14 44.78
N GLY Q 639 6.30 59.01 45.16
CA GLY Q 639 6.14 58.47 46.52
C GLY Q 639 5.51 57.07 46.61
N ALA Q 640 6.08 56.22 47.47
CA ALA Q 640 5.60 54.85 47.70
C ALA Q 640 4.18 54.77 48.25
N LYS Q 641 3.82 55.74 49.08
CA LYS Q 641 2.52 55.84 49.73
C LYS Q 641 2.16 57.33 49.70
N PRO Q 642 0.87 57.74 49.78
CA PRO Q 642 0.41 59.14 49.78
C PRO Q 642 1.19 60.02 50.77
N GLU Q 643 1.58 59.45 51.91
CA GLU Q 643 2.35 60.14 52.95
C GLU Q 643 3.67 60.75 52.46
N HIS Q 644 4.18 60.26 51.33
CA HIS Q 644 5.43 60.71 50.75
C HIS Q 644 5.20 61.57 49.52
N ALA Q 645 3.93 61.72 49.11
CA ALA Q 645 3.58 62.42 47.89
C ALA Q 645 3.13 63.85 48.18
N PHE Q 646 2.41 64.04 49.27
CA PHE Q 646 1.88 65.37 49.56
C PHE Q 646 1.53 65.61 51.01
N TYR Q 647 1.31 66.87 51.35
CA TYR Q 647 0.73 67.23 52.65
C TYR Q 647 -0.23 68.39 52.51
N VAL Q 648 -1.19 68.47 53.44
CA VAL Q 648 -2.14 69.58 53.56
C VAL Q 648 -2.23 70.03 55.03
N LYS Q 649 -2.07 71.33 55.30
CA LYS Q 649 -2.15 71.85 56.67
C LYS Q 649 -3.08 73.06 56.81
N VAL Q 650 -3.86 73.07 57.89
CA VAL Q 650 -4.73 74.20 58.21
C VAL Q 650 -5.03 74.23 59.68
N GLY Q 651 -5.02 75.41 60.28
CA GLY Q 651 -5.42 75.51 61.68
C GLY Q 651 -4.93 76.77 62.39
N LEU Q 652 -5.56 77.05 63.51
CA LEU Q 652 -5.17 78.22 64.28
C LEU Q 652 -3.89 77.86 64.98
N GLY Q 653 -2.88 78.69 64.81
CA GLY Q 653 -1.57 78.42 65.37
C GLY Q 653 -0.65 77.70 64.38
N GLN Q 654 -1.20 77.21 63.27
CA GLN Q 654 -0.39 76.53 62.27
C GLN Q 654 -0.29 77.37 61.03
N THR Q 655 -1.44 77.81 60.51
CA THR Q 655 -1.48 78.61 59.31
C THR Q 655 -2.17 79.95 59.51
N MET Q 656 -2.97 80.06 60.59
CA MET Q 656 -3.76 81.27 60.87
C MET Q 656 -3.49 81.85 62.25
N THR Q 657 -3.70 83.15 62.36
CA THR Q 657 -3.64 83.79 63.68
C THR Q 657 -4.95 84.42 64.07
N ALA Q 658 -5.00 85.02 65.26
CA ALA Q 658 -6.25 85.61 65.77
C ALA Q 658 -6.77 86.70 64.85
N GLN Q 659 -5.85 87.46 64.27
CA GLN Q 659 -6.15 88.54 63.36
C GLN Q 659 -6.83 88.05 62.09
N ASP Q 660 -6.52 86.81 61.66
CA ASP Q 660 -7.09 86.30 60.43
C ASP Q 660 -8.49 85.86 60.72
N ILE Q 661 -8.70 85.35 61.93
CA ILE Q 661 -10.04 84.92 62.23
C ILE Q 661 -10.93 86.16 62.24
N LEU Q 662 -10.46 87.24 62.88
CA LEU Q 662 -11.23 88.48 62.96
C LEU Q 662 -11.55 89.09 61.60
N GLU Q 663 -10.61 89.03 60.66
CA GLU Q 663 -10.84 89.58 59.33
C GLU Q 663 -11.53 88.63 58.36
N GLY Q 664 -11.87 87.41 58.79
CA GLY Q 664 -12.50 86.45 57.90
C GLY Q 664 -11.59 85.68 56.94
N ASN Q 665 -10.28 85.57 57.23
CA ASN Q 665 -9.39 84.85 56.33
C ASN Q 665 -9.25 83.38 56.72
N MET Q 666 -8.95 82.54 55.74
CA MET Q 666 -8.65 81.13 55.99
C MET Q 666 -7.43 80.73 55.18
N ASN Q 667 -6.42 80.19 55.85
CA ASN Q 667 -5.15 79.85 55.21
C ASN Q 667 -4.85 78.35 55.11
N VAL Q 668 -4.71 77.85 53.90
CA VAL Q 668 -4.42 76.42 53.73
C VAL Q 668 -3.09 76.23 53.01
N GLU Q 669 -2.21 75.42 53.58
CA GLU Q 669 -0.90 75.16 52.96
C GLU Q 669 -0.81 73.75 52.37
N ILE Q 670 -0.35 73.67 51.12
CA ILE Q 670 -0.25 72.40 50.38
C ILE Q 670 1.13 72.19 49.76
N GLY Q 671 1.68 70.97 49.87
CA GLY Q 671 2.96 70.67 49.22
C GLY Q 671 2.86 69.40 48.37
N LEU Q 672 3.56 69.36 47.22
CA LEU Q 672 3.51 68.22 46.28
C LEU Q 672 4.87 67.69 45.79
N ALA Q 673 5.04 66.37 45.72
CA ALA Q 673 6.23 65.72 45.15
C ALA Q 673 6.04 65.41 43.65
N VAL Q 674 6.74 66.14 42.78
CA VAL Q 674 6.56 66.01 41.33
C VAL Q 674 7.82 65.46 40.63
N VAL Q 675 7.60 64.49 39.75
CA VAL Q 675 8.60 63.77 38.95
C VAL Q 675 9.10 64.55 37.72
N ARG Q 676 10.42 64.59 37.53
CA ARG Q 676 11.05 65.28 36.39
C ARG Q 676 11.74 64.26 35.45
N PRO Q 677 11.73 64.50 34.11
CA PRO Q 677 12.29 63.65 33.05
C PRO Q 677 13.80 63.64 32.92
N ALA Q 678 14.32 62.56 32.34
CA ALA Q 678 15.72 62.47 31.96
C ALA Q 678 15.88 62.97 30.52
N GLU Q 679 16.99 63.64 30.22
CA GLU Q 679 17.23 64.11 28.85
C GLU Q 679 18.38 63.41 28.12
N PHE Q 680 19.34 62.81 28.83
CA PHE Q 680 20.50 62.31 28.11
C PHE Q 680 20.79 60.85 28.35
N ILE Q 681 21.10 60.13 27.27
CA ILE Q 681 21.47 58.73 27.34
C ILE Q 681 22.83 58.53 26.73
N ILE Q 682 23.75 57.95 27.49
CA ILE Q 682 25.10 57.76 27.02
C ILE Q 682 25.46 56.29 26.87
N LEU Q 683 25.87 55.90 25.67
CA LEU Q 683 26.25 54.52 25.43
C LEU Q 683 27.75 54.43 25.37
N LYS Q 684 28.28 53.31 25.83
CA LYS Q 684 29.72 53.09 25.80
C LYS Q 684 30.00 51.73 25.20
N PHE Q 685 31.01 51.64 24.35
CA PHE Q 685 31.34 50.39 23.68
C PHE Q 685 32.77 49.98 23.93
N SER Q 686 33.02 48.68 23.89
CA SER Q 686 34.34 48.12 24.07
C SER Q 686 34.44 46.75 23.45
N HIS Q 687 35.66 46.22 23.39
CA HIS Q 687 35.92 44.88 22.89
C HIS Q 687 35.93 43.90 24.04
N LYS Q 688 34.98 42.99 24.04
CA LYS Q 688 34.86 42.02 25.12
C LYS Q 688 36.10 41.17 25.24
N MET Q 689 36.59 41.02 26.46
CA MET Q 689 37.75 40.21 26.73
C MET Q 689 37.66 39.53 28.09
N GLN Q 690 38.44 38.48 28.27
CA GLN Q 690 38.50 37.79 29.55
C GLN Q 690 38.83 38.74 30.69
N THR R 3 -76.28 21.21 4.79
CA THR R 3 -76.88 20.08 5.49
C THR R 3 -76.41 18.74 4.96
N TYR R 4 -75.87 17.94 5.85
CA TYR R 4 -75.39 16.62 5.50
C TYR R 4 -76.10 15.65 6.41
N LYS R 5 -76.38 14.45 5.92
CA LYS R 5 -77.08 13.47 6.74
C LYS R 5 -76.26 12.23 7.11
N THR R 6 -75.26 11.90 6.31
CA THR R 6 -74.49 10.70 6.55
C THR R 6 -73.12 11.11 7.10
N PRO R 7 -72.64 10.55 8.22
CA PRO R 7 -71.31 10.81 8.76
C PRO R 7 -70.27 10.46 7.73
N GLY R 8 -69.21 11.22 7.63
CA GLY R 8 -68.21 10.88 6.63
C GLY R 8 -67.53 12.09 6.01
N VAL R 9 -66.78 11.81 4.95
CA VAL R 9 -66.01 12.82 4.24
C VAL R 9 -66.64 13.14 2.90
N TYR R 10 -66.89 14.42 2.67
CA TYR R 10 -67.51 14.90 1.43
C TYR R 10 -66.48 15.61 0.57
N ILE R 11 -66.62 15.49 -0.75
CA ILE R 11 -65.69 16.13 -1.68
C ILE R 11 -66.37 17.11 -2.64
N GLU R 12 -65.79 18.31 -2.71
CA GLU R 12 -66.27 19.38 -3.58
C GLU R 12 -65.12 19.98 -4.39
N GLU R 13 -65.43 20.54 -5.57
CA GLU R 13 -64.41 21.20 -6.39
C GLU R 13 -64.79 22.64 -6.69
N ILE R 14 -63.96 23.57 -6.20
CA ILE R 14 -64.21 25.00 -6.33
C ILE R 14 -63.00 25.78 -6.83
N THR R 15 -63.22 27.03 -7.25
CA THR R 15 -62.13 27.95 -7.61
C THR R 15 -62.22 29.25 -6.81
N LYS R 16 -61.15 29.64 -6.13
CA LYS R 16 -61.12 30.87 -5.35
C LYS R 16 -59.72 31.25 -4.87
N PHE R 17 -59.56 32.49 -4.40
CA PHE R 17 -58.34 32.88 -3.72
C PHE R 17 -58.43 32.34 -2.30
N PRO R 18 -57.31 31.96 -1.67
CA PRO R 18 -57.26 31.52 -0.29
C PRO R 18 -57.63 32.70 0.64
N PRO R 19 -58.22 32.43 1.81
CA PRO R 19 -58.62 33.37 2.86
C PRO R 19 -57.46 33.95 3.66
N SER R 20 -57.72 35.06 4.36
CA SER R 20 -56.75 35.69 5.27
C SER R 20 -57.43 36.47 6.39
N VAL R 21 -56.90 36.32 7.61
CA VAL R 21 -57.39 36.99 8.82
C VAL R 21 -56.24 37.57 9.64
N ALA R 22 -56.56 38.48 10.57
CA ALA R 22 -55.55 39.07 11.46
C ALA R 22 -56.17 39.54 12.76
N GLN R 23 -55.34 39.65 13.80
CA GLN R 23 -55.73 40.17 15.10
C GLN R 23 -55.21 41.59 15.26
N VAL R 24 -56.13 42.54 15.32
CA VAL R 24 -55.78 43.96 15.38
C VAL R 24 -56.50 44.66 16.53
N GLU R 25 -55.75 45.39 17.34
CA GLU R 25 -56.35 46.12 18.46
C GLU R 25 -56.48 47.64 18.28
N THR R 26 -55.55 48.27 17.56
CA THR R 26 -55.49 49.73 17.48
C THR R 26 -55.88 50.38 16.16
N ALA R 27 -56.35 49.61 15.20
CA ALA R 27 -56.67 50.15 13.89
C ALA R 27 -57.96 49.62 13.34
N ILE R 28 -59.08 49.92 14.01
CA ILE R 28 -60.39 49.43 13.58
C ILE R 28 -61.16 50.46 12.72
N PRO R 29 -61.33 50.25 11.41
CA PRO R 29 -62.05 51.11 10.51
C PRO R 29 -63.54 50.90 10.51
N ALA R 30 -64.27 51.93 10.08
CA ALA R 30 -65.65 51.75 9.68
C ALA R 30 -65.77 52.00 8.18
N PHE R 31 -66.59 51.19 7.51
CA PHE R 31 -66.83 51.32 6.07
C PHE R 31 -68.30 51.64 5.78
N ILE R 32 -68.56 52.79 5.16
CA ILE R 32 -69.93 53.21 4.87
C ILE R 32 -70.29 53.12 3.37
N GLY R 33 -71.30 52.29 3.01
CA GLY R 33 -71.66 52.13 1.57
C GLY R 33 -72.80 51.14 1.24
N TYR R 34 -72.91 50.74 -0.05
CA TYR R 34 -74.03 49.87 -0.50
C TYR R 34 -73.70 48.37 -0.52
N THR R 35 -74.70 47.52 -0.25
CA THR R 35 -74.55 46.05 -0.28
C THR R 35 -75.60 45.34 -1.15
N GLN R 36 -75.54 43.99 -1.28
CA GLN R 36 -76.59 43.31 -2.04
C GLN R 36 -77.87 43.27 -1.23
N PHE R 37 -77.68 43.01 0.05
CA PHE R 37 -78.74 42.88 1.02
C PHE R 37 -78.21 43.18 2.40
N ALA R 38 -79.10 43.28 3.39
CA ALA R 38 -78.60 43.49 4.73
C ALA R 38 -79.53 42.81 5.74
N ARG R 39 -79.12 41.65 6.25
CA ARG R 39 -80.00 40.88 7.13
C ARG R 39 -79.33 40.33 8.36
N THR R 40 -80.12 40.01 9.39
CA THR R 40 -79.56 39.38 10.59
C THR R 40 -79.67 37.87 10.60
N LYS R 41 -80.59 37.34 9.81
CA LYS R 41 -80.80 35.91 9.72
C LYS R 41 -80.89 35.55 8.25
N PRO R 42 -80.47 34.36 7.83
CA PRO R 42 -80.52 33.85 6.46
C PRO R 42 -81.92 33.72 5.88
N SER R 43 -82.94 33.71 6.74
CA SER R 43 -84.31 33.53 6.30
C SER R 43 -85.24 34.57 6.89
N VAL R 44 -85.26 35.72 6.23
CA VAL R 44 -86.04 36.88 6.62
C VAL R 44 -86.80 37.37 5.42
N ASP R 45 -87.80 38.21 5.62
CA ASP R 45 -88.53 38.80 4.53
C ASP R 45 -88.12 40.22 4.16
N SER R 46 -87.02 40.71 4.74
CA SER R 46 -86.56 42.05 4.46
C SER R 46 -85.12 42.32 4.84
N ASP R 47 -84.73 43.56 4.66
CA ASP R 47 -83.42 44.03 5.03
C ASP R 47 -83.49 44.61 6.44
N ASP R 48 -82.78 43.99 7.37
CA ASP R 48 -82.86 44.33 8.79
C ASP R 48 -81.80 45.34 9.21
N LEU R 49 -80.68 45.29 8.52
CA LEU R 49 -79.49 46.05 8.89
C LEU R 49 -79.18 47.27 8.04
N ILE R 50 -80.15 47.87 7.36
CA ILE R 50 -79.78 48.96 6.45
C ILE R 50 -79.04 50.09 7.12
N LEU R 51 -79.46 50.56 8.29
CA LEU R 51 -78.70 51.61 8.97
C LEU R 51 -78.20 51.17 10.33
N LYS R 52 -77.84 49.90 10.46
CA LYS R 52 -77.39 49.43 11.75
C LYS R 52 -75.93 48.99 11.67
N PRO R 53 -75.00 49.59 12.42
CA PRO R 53 -73.61 49.19 12.43
C PRO R 53 -73.48 47.76 12.89
N LYS R 54 -72.59 47.02 12.26
CA LYS R 54 -72.33 45.66 12.69
C LYS R 54 -70.84 45.37 12.67
N ARG R 55 -70.37 44.58 13.62
CA ARG R 55 -68.97 44.22 13.64
C ARG R 55 -68.75 42.87 12.94
N ILE R 56 -67.79 42.88 12.02
CA ILE R 56 -67.36 41.79 11.17
C ILE R 56 -65.93 41.33 11.44
N SER R 57 -65.70 40.02 11.61
CA SER R 57 -64.33 39.56 11.90
C SER R 57 -63.52 39.17 10.66
N SER R 58 -64.19 38.82 9.57
CA SER R 58 -63.53 38.38 8.36
C SER R 58 -64.44 38.54 7.16
N LEU R 59 -63.89 38.32 5.96
CA LEU R 59 -64.71 38.43 4.75
C LEU R 59 -65.90 37.45 4.73
N LEU R 60 -65.76 36.26 5.35
CA LEU R 60 -66.87 35.30 5.38
C LEU R 60 -68.06 35.85 6.14
N ASP R 61 -67.80 36.58 7.23
CA ASP R 61 -68.87 37.16 8.02
C ASP R 61 -69.54 38.23 7.20
N PHE R 62 -68.75 39.00 6.46
CA PHE R 62 -69.36 40.03 5.64
C PHE R 62 -70.33 39.40 4.66
N THR R 63 -69.86 38.39 3.93
CA THR R 63 -70.67 37.76 2.90
C THR R 63 -71.97 37.24 3.48
N THR R 64 -71.89 36.59 4.62
CA THR R 64 -73.03 36.03 5.33
C THR R 64 -74.21 37.00 5.50
N TYR R 65 -73.94 38.27 5.79
CA TYR R 65 -75.03 39.21 6.07
C TYR R 65 -75.26 40.24 4.98
N TYR R 66 -74.25 40.46 4.12
CA TYR R 66 -74.33 41.50 3.10
C TYR R 66 -74.24 41.09 1.62
N GLY R 67 -73.81 39.85 1.33
CA GLY R 67 -73.64 39.40 -0.05
C GLY R 67 -72.34 39.82 -0.72
N GLY R 68 -72.25 39.60 -2.04
CA GLY R 68 -71.06 39.87 -2.86
C GLY R 68 -71.16 41.11 -3.76
N ALA R 69 -70.52 41.05 -4.92
CA ALA R 69 -70.46 42.15 -5.90
C ALA R 69 -71.65 42.08 -6.87
N GLN R 70 -71.91 43.19 -7.57
CA GLN R 70 -72.92 43.25 -8.62
C GLN R 70 -72.31 42.75 -9.94
N ASN R 71 -73.06 41.99 -10.74
CA ASN R 71 -72.57 41.54 -12.04
C ASN R 71 -72.37 42.73 -12.99
N GLU R 72 -71.30 42.70 -13.77
CA GLU R 72 -71.09 43.74 -14.77
C GLU R 72 -72.00 43.48 -15.97
N GLN R 73 -72.50 44.55 -16.59
CA GLN R 73 -73.35 44.43 -17.77
C GLN R 73 -72.80 45.17 -18.98
N GLY R 74 -71.51 45.50 -18.96
CA GLY R 74 -70.86 46.25 -20.04
C GLY R 74 -69.85 45.47 -20.88
N ILE R 75 -69.85 44.14 -20.79
CA ILE R 75 -68.89 43.31 -21.52
C ILE R 75 -69.44 42.90 -22.88
N THR R 76 -68.66 43.14 -23.94
CA THR R 76 -69.04 42.78 -25.30
C THR R 76 -67.92 41.96 -25.91
N VAL R 77 -68.20 41.24 -27.00
CA VAL R 77 -67.15 40.46 -27.67
C VAL R 77 -67.15 40.64 -29.19
N LYS R 78 -65.96 40.81 -29.80
CA LYS R 78 -65.88 40.90 -31.26
C LYS R 78 -64.89 39.87 -31.86
N LEU R 79 -65.40 39.04 -32.77
CA LEU R 79 -64.62 37.99 -33.42
C LEU R 79 -64.48 38.22 -34.93
N THR R 80 -63.25 38.23 -35.46
CA THR R 80 -63.08 38.44 -36.91
C THR R 80 -62.28 37.33 -37.62
N ASP R 81 -62.88 36.79 -38.71
CA ASP R 81 -62.33 35.74 -39.58
C ASP R 81 -61.71 36.25 -40.90
N THR R 82 -60.41 36.02 -41.09
CA THR R 82 -59.71 36.46 -42.32
C THR R 82 -58.83 35.35 -42.91
N LEU R 83 -58.30 35.59 -44.11
CA LEU R 83 -57.36 34.62 -44.69
C LEU R 83 -55.94 35.13 -44.79
N ILE R 84 -54.99 34.24 -44.53
CA ILE R 84 -53.58 34.51 -44.70
C ILE R 84 -53.00 33.56 -45.72
N GLU R 85 -52.71 34.08 -46.91
CA GLU R 85 -52.19 33.26 -48.01
C GLU R 85 -53.07 32.01 -48.24
N GLY R 86 -54.38 32.19 -48.13
CA GLY R 86 -55.37 31.13 -48.32
C GLY R 86 -55.72 30.33 -47.05
N ALA R 87 -54.97 30.52 -45.95
CA ALA R 87 -55.24 29.79 -44.72
C ALA R 87 -56.22 30.53 -43.83
N GLU R 88 -57.03 29.81 -43.08
CA GLU R 88 -57.93 30.46 -42.15
C GLU R 88 -57.18 30.99 -40.93
N ASN R 89 -57.63 32.13 -40.42
CA ASN R 89 -57.10 32.73 -39.21
C ASN R 89 -58.15 33.60 -38.50
N ARG R 90 -58.31 33.45 -37.18
CA ARG R 90 -59.28 34.31 -36.52
C ARG R 90 -58.75 34.95 -35.26
N THR R 91 -59.25 36.15 -35.01
CA THR R 91 -58.92 36.92 -33.81
C THR R 91 -60.14 37.18 -32.93
N ILE R 92 -59.98 36.91 -31.64
CA ILE R 92 -61.03 37.18 -30.66
C ILE R 92 -60.62 38.33 -29.76
N ASN R 93 -61.42 39.39 -29.78
CA ASN R 93 -61.12 40.58 -29.02
C ASN R 93 -62.18 40.98 -28.03
N VAL R 94 -61.79 41.05 -26.77
CA VAL R 94 -62.70 41.48 -25.72
C VAL R 94 -62.18 42.80 -25.13
N PRO R 95 -62.74 43.97 -25.50
CA PRO R 95 -62.38 45.31 -25.04
C PRO R 95 -62.66 45.51 -23.57
N GLU R 96 -61.94 46.45 -22.95
CA GLU R 96 -62.25 46.81 -21.58
C GLU R 96 -63.62 47.50 -21.59
N PRO R 97 -64.56 47.20 -20.68
CA PRO R 97 -65.87 47.84 -20.58
C PRO R 97 -65.75 49.33 -20.38
N THR R 98 -66.68 50.09 -20.94
CA THR R 98 -66.70 51.53 -20.76
C THR R 98 -67.77 51.94 -19.75
N PHE R 99 -68.62 50.98 -19.40
CA PHE R 99 -69.69 51.15 -18.44
C PHE R 99 -69.53 50.07 -17.39
N LYS R 100 -69.37 50.48 -16.15
CA LYS R 100 -69.11 49.57 -15.05
C LYS R 100 -70.05 49.80 -13.89
N SER R 101 -70.27 48.77 -13.08
CA SER R 101 -71.07 48.91 -11.86
C SER R 101 -70.39 49.93 -10.95
N PRO R 102 -71.12 50.83 -10.29
CA PRO R 102 -70.59 51.82 -9.37
C PRO R 102 -70.40 51.32 -7.94
N TYR R 103 -70.62 50.03 -7.68
CA TYR R 103 -70.58 49.56 -6.30
C TYR R 103 -69.28 48.79 -5.97
N LEU R 104 -68.42 49.41 -5.16
CA LEU R 104 -67.09 48.86 -4.85
C LEU R 104 -66.83 48.28 -3.45
N MET R 105 -67.81 48.23 -2.53
CA MET R 105 -67.48 47.75 -1.17
C MET R 105 -66.92 46.34 -1.10
N PHE R 106 -67.44 45.42 -1.89
CA PHE R 106 -66.96 44.06 -1.84
C PHE R 106 -65.46 43.99 -2.19
N TYR R 107 -65.08 44.62 -3.30
CA TYR R 107 -63.70 44.62 -3.76
C TYR R 107 -62.79 45.31 -2.75
N SER R 108 -63.30 46.38 -2.16
CA SER R 108 -62.56 47.14 -1.18
C SER R 108 -62.20 46.27 0.02
N LEU R 109 -63.16 45.51 0.54
CA LEU R 109 -62.91 44.60 1.65
C LEU R 109 -61.93 43.49 1.30
N GLN R 110 -61.99 42.97 0.08
CA GLN R 110 -60.99 41.95 -0.27
C GLN R 110 -59.58 42.51 -0.16
N MET R 111 -59.36 43.76 -0.61
CA MET R 111 -58.05 44.38 -0.52
C MET R 111 -57.63 44.63 0.93
N TYR R 112 -58.58 45.07 1.74
CA TYR R 112 -58.36 45.32 3.16
C TYR R 112 -57.84 44.09 3.90
N PHE R 113 -58.50 42.95 3.70
CA PHE R 113 -58.06 41.74 4.39
C PHE R 113 -56.73 41.23 3.77
N ALA R 114 -56.53 41.38 2.45
CA ALA R 114 -55.30 40.95 1.78
C ALA R 114 -54.07 41.66 2.34
N ASN R 115 -54.25 42.89 2.78
CA ASN R 115 -53.18 43.70 3.34
C ASN R 115 -53.05 43.64 4.85
N GLY R 116 -53.71 42.67 5.50
CA GLY R 116 -53.53 42.48 6.95
C GLY R 116 -54.57 43.09 7.90
N GLY R 117 -55.68 43.57 7.39
CA GLY R 117 -56.67 44.13 8.28
C GLY R 117 -57.34 43.12 9.22
N GLY R 118 -57.78 43.63 10.38
CA GLY R 118 -58.48 42.83 11.37
C GLY R 118 -59.97 43.15 11.34
N PRO R 119 -60.70 43.00 12.46
CA PRO R 119 -62.12 43.23 12.60
C PRO R 119 -62.49 44.67 12.24
N CYS R 120 -63.68 44.85 11.72
CA CYS R 120 -64.13 46.19 11.31
C CYS R 120 -65.63 46.40 11.40
N TYR R 121 -66.07 47.65 11.27
CA TYR R 121 -67.49 47.95 11.27
C TYR R 121 -68.07 48.23 9.90
N ILE R 122 -69.22 47.65 9.64
CA ILE R 122 -69.93 47.86 8.40
C ILE R 122 -71.23 48.61 8.63
N VAL R 123 -71.42 49.67 7.86
CA VAL R 123 -72.66 50.42 7.90
C VAL R 123 -73.21 50.44 6.49
N SER R 124 -74.39 49.89 6.32
CA SER R 124 -75.00 49.87 5.02
C SER R 124 -75.67 51.21 4.85
N THR R 125 -75.88 51.61 3.61
CA THR R 125 -76.60 52.82 3.33
C THR R 125 -77.82 52.52 2.46
N GLY R 126 -77.91 51.28 2.03
CA GLY R 126 -78.94 50.83 1.11
C GLY R 126 -78.42 49.62 0.38
N VAL R 127 -79.17 49.17 -0.62
CA VAL R 127 -78.78 48.00 -1.39
C VAL R 127 -78.64 48.35 -2.86
N TYR R 128 -77.95 47.49 -3.60
CA TYR R 128 -77.67 47.74 -5.02
C TYR R 128 -78.92 47.94 -5.86
N ASP R 129 -78.92 48.97 -6.71
CA ASP R 129 -80.04 49.17 -7.60
C ASP R 129 -79.78 48.45 -8.92
N ASP R 130 -80.72 48.50 -9.85
CA ASP R 130 -80.50 47.82 -11.13
C ASP R 130 -80.04 48.76 -12.24
N TRP R 131 -79.80 48.21 -13.42
CA TRP R 131 -79.38 48.96 -14.60
C TRP R 131 -80.60 49.36 -15.42
N SER R 132 -80.52 50.50 -16.12
CA SER R 132 -81.63 50.90 -16.96
C SER R 132 -81.45 50.33 -18.35
N ASP R 133 -80.19 50.23 -18.75
CA ASP R 133 -79.79 49.70 -20.05
C ASP R 133 -78.34 49.26 -19.96
N SER R 134 -77.78 48.68 -21.01
CA SER R 134 -76.38 48.24 -20.99
C SER R 134 -75.39 49.41 -20.92
N GLU R 135 -75.87 50.58 -21.32
CA GLU R 135 -75.09 51.80 -21.31
C GLU R 135 -75.55 52.75 -20.22
N THR R 136 -76.48 52.31 -19.37
CA THR R 136 -76.97 53.18 -18.31
C THR R 136 -76.96 52.47 -16.94
N PRO R 137 -75.89 52.66 -16.15
CA PRO R 137 -75.64 52.08 -14.84
C PRO R 137 -76.43 52.80 -13.73
N PRO R 138 -76.53 52.21 -12.53
CA PRO R 138 -77.05 52.75 -11.29
C PRO R 138 -76.26 53.98 -10.86
N THR R 139 -76.85 54.77 -9.97
CA THR R 139 -76.17 55.94 -9.44
C THR R 139 -76.01 55.84 -7.92
N ILE R 140 -75.13 56.69 -7.38
CA ILE R 140 -74.85 56.78 -5.96
C ILE R 140 -75.53 58.02 -5.38
N ASN R 141 -76.34 57.82 -4.36
CA ASN R 141 -77.10 58.92 -3.77
C ASN R 141 -76.40 59.55 -2.60
N PHE R 142 -75.94 60.77 -2.77
CA PHE R 142 -75.21 61.49 -1.74
C PHE R 142 -75.88 61.44 -0.37
N SER R 143 -77.21 61.61 -0.33
CA SER R 143 -77.95 61.66 0.94
C SER R 143 -77.86 60.36 1.75
N ASP R 144 -77.54 59.26 1.08
CA ASP R 144 -77.46 57.97 1.74
C ASP R 144 -76.13 57.88 2.49
N LEU R 145 -75.09 58.56 1.98
CA LEU R 145 -73.80 58.46 2.60
C LEU R 145 -73.80 59.37 3.81
N GLU R 146 -74.49 60.52 3.72
CA GLU R 146 -74.59 61.41 4.88
C GLU R 146 -75.32 60.72 6.02
N SER R 147 -76.36 59.95 5.69
CA SER R 147 -77.10 59.23 6.69
C SER R 147 -76.18 58.24 7.40
N GLY R 148 -75.40 57.47 6.64
CA GLY R 148 -74.48 56.51 7.25
C GLY R 148 -73.45 57.18 8.17
N LEU R 149 -72.97 58.37 7.80
CA LEU R 149 -72.01 59.09 8.63
C LEU R 149 -72.65 59.51 9.95
N ALA R 150 -73.90 60.01 9.87
CA ALA R 150 -74.66 60.41 11.07
C ALA R 150 -74.84 59.23 12.04
N VAL R 151 -75.00 58.02 11.49
CA VAL R 151 -75.14 56.81 12.27
C VAL R 151 -73.84 56.41 12.98
N ILE R 152 -72.72 56.37 12.23
CA ILE R 152 -71.46 55.91 12.83
C ILE R 152 -71.02 56.87 13.94
N ARG R 153 -71.44 58.13 13.87
CA ARG R 153 -71.11 59.09 14.90
C ARG R 153 -71.48 58.64 16.31
N LYS R 154 -72.46 57.75 16.46
CA LYS R 154 -72.86 57.31 17.80
C LYS R 154 -72.08 56.09 18.33
N GLU R 155 -71.16 55.53 17.53
CA GLU R 155 -70.38 54.38 17.96
C GLU R 155 -69.06 54.84 18.56
N ASP R 156 -68.57 54.14 19.59
CA ASP R 156 -67.29 54.49 20.22
C ASP R 156 -66.05 53.76 19.70
N GLU R 157 -66.18 52.54 19.26
CA GLU R 157 -65.02 51.74 18.86
C GLU R 157 -64.19 52.13 17.61
N PRO R 158 -64.78 52.58 16.48
CA PRO R 158 -64.05 52.90 15.25
C PRO R 158 -62.99 53.99 15.43
N THR R 159 -61.86 53.85 14.74
CA THR R 159 -60.78 54.84 14.77
C THR R 159 -60.54 55.47 13.38
N LEU R 160 -60.90 54.74 12.32
CA LEU R 160 -60.71 55.25 10.94
C LEU R 160 -62.03 55.33 10.17
N LEU R 161 -62.20 56.38 9.37
CA LEU R 161 -63.42 56.50 8.55
C LEU R 161 -63.17 56.39 7.05
N LEU R 162 -63.83 55.41 6.39
CA LEU R 162 -63.68 55.20 4.95
C LEU R 162 -65.02 55.15 4.18
N PHE R 163 -65.01 55.66 2.94
CA PHE R 163 -66.18 55.60 2.04
C PHE R 163 -65.86 54.95 0.67
N PRO R 164 -66.04 53.62 0.52
CA PRO R 164 -65.71 52.86 -0.68
C PRO R 164 -66.41 53.31 -1.97
N ASP R 165 -67.56 54.01 -1.90
CA ASP R 165 -68.23 54.42 -3.14
C ASP R 165 -68.37 55.94 -3.23
N ALA R 166 -67.38 56.69 -2.74
CA ALA R 166 -67.47 58.15 -2.83
C ALA R 166 -67.02 58.71 -4.17
N THR R 167 -66.11 58.04 -4.86
CA THR R 167 -65.57 58.56 -6.12
C THR R 167 -66.57 58.42 -7.25
N ASN R 168 -67.66 57.70 -7.00
CA ASN R 168 -68.70 57.52 -7.99
C ASN R 168 -69.87 58.48 -7.81
N LEU R 169 -69.75 59.45 -6.89
CA LEU R 169 -70.78 60.47 -6.74
C LEU R 169 -70.84 61.30 -8.02
N PRO R 170 -72.02 61.71 -8.50
CA PRO R 170 -72.25 62.51 -9.70
C PRO R 170 -71.40 63.77 -9.87
N THR R 171 -71.03 64.45 -8.76
CA THR R 171 -70.21 65.65 -8.91
C THR R 171 -69.04 65.64 -7.92
N ASP R 172 -68.06 66.50 -8.19
CA ASP R 172 -66.92 66.63 -7.33
C ASP R 172 -67.32 67.43 -6.11
N ASP R 173 -68.27 68.34 -6.30
CA ASP R 173 -68.75 69.13 -5.19
C ASP R 173 -69.33 68.25 -4.09
N GLU R 174 -70.12 67.22 -4.45
CA GLU R 174 -70.65 66.31 -3.46
C GLU R 174 -69.54 65.53 -2.77
N PHE R 175 -68.54 65.11 -3.55
CA PHE R 175 -67.40 64.38 -3.01
C PHE R 175 -66.68 65.21 -1.94
N TYR R 176 -66.36 66.46 -2.24
CA TYR R 176 -65.63 67.30 -1.30
C TYR R 176 -66.47 67.59 -0.06
N SER R 177 -67.78 67.80 -0.24
CA SER R 177 -68.67 68.06 0.87
C SER R 177 -68.65 66.90 1.86
N LEU R 178 -68.70 65.67 1.35
CA LEU R 178 -68.70 64.49 2.20
C LEU R 178 -67.42 64.44 3.05
N TYR R 179 -66.26 64.73 2.44
CA TYR R 179 -65.02 64.68 3.20
C TYR R 179 -64.87 65.83 4.19
N ASN R 180 -65.40 67.01 3.89
CA ASN R 180 -65.34 68.08 4.86
C ASN R 180 -66.12 67.69 6.11
N SER R 181 -67.27 67.02 5.94
CA SER R 181 -68.06 66.56 7.07
C SER R 181 -67.32 65.53 7.90
N ALA R 182 -66.62 64.60 7.26
CA ALA R 182 -65.86 63.60 7.99
C ALA R 182 -64.75 64.24 8.85
N LEU R 183 -64.05 65.25 8.30
CA LEU R 183 -63.00 65.92 9.08
C LEU R 183 -63.59 66.67 10.27
N MET R 184 -64.76 67.29 10.08
CA MET R 184 -65.41 67.99 11.18
C MET R 184 -65.82 67.01 12.29
N GLN R 185 -66.29 65.80 11.94
CA GLN R 185 -66.64 64.81 12.95
C GLN R 185 -65.41 64.46 13.79
N CYS R 186 -64.26 64.29 13.14
CA CYS R 186 -63.03 63.96 13.87
C CYS R 186 -62.65 65.07 14.84
N ASN R 187 -62.77 66.31 14.41
CA ASN R 187 -62.46 67.41 15.32
C ASN R 187 -63.39 67.40 16.55
N ASP R 188 -64.69 67.18 16.34
CA ASP R 188 -65.59 67.18 17.49
C ASP R 188 -65.38 66.02 18.46
N LEU R 189 -65.07 64.82 17.95
CA LEU R 189 -64.91 63.67 18.85
C LEU R 189 -63.49 63.51 19.42
N GLN R 190 -62.47 64.01 18.72
CA GLN R 190 -61.04 63.95 19.10
C GLN R 190 -60.43 62.55 19.22
N ASP R 191 -60.97 61.57 18.50
CA ASP R 191 -60.45 60.21 18.52
C ASP R 191 -60.42 59.48 17.17
N ARG R 192 -60.53 60.22 16.05
CA ARG R 192 -60.58 59.59 14.73
C ARG R 192 -59.67 60.25 13.72
N PHE R 193 -59.34 59.50 12.68
CA PHE R 193 -58.52 59.98 11.59
C PHE R 193 -59.13 59.54 10.25
N THR R 194 -59.05 60.38 9.22
CA THR R 194 -59.61 60.00 7.92
C THR R 194 -58.55 59.80 6.85
N ILE R 195 -58.85 58.89 5.91
CA ILE R 195 -58.00 58.61 4.76
C ILE R 195 -58.71 59.12 3.49
N LEU R 196 -58.04 60.01 2.75
CA LEU R 196 -58.65 60.63 1.57
C LEU R 196 -58.04 60.24 0.22
N ASP R 197 -58.91 60.21 -0.77
CA ASP R 197 -58.60 59.95 -2.18
C ASP R 197 -58.88 61.19 -3.00
N THR R 198 -58.30 61.27 -4.19
CA THR R 198 -58.71 62.31 -5.11
C THR R 198 -60.01 61.82 -5.74
N TYR R 199 -60.71 62.70 -6.44
CA TYR R 199 -61.95 62.36 -7.14
C TYR R 199 -61.67 61.39 -8.30
N SER R 200 -60.56 61.62 -8.97
CA SER R 200 -60.09 60.86 -10.12
C SER R 200 -58.58 60.86 -10.18
N ASP R 201 -57.96 59.87 -10.82
CA ASP R 201 -56.51 59.92 -10.97
C ASP R 201 -56.06 60.60 -12.28
N GLN R 202 -57.05 61.03 -13.09
CA GLN R 202 -56.89 61.68 -14.39
C GLN R 202 -57.66 63.01 -14.46
N THR R 203 -57.29 63.86 -15.41
CA THR R 203 -57.99 65.14 -15.58
C THR R 203 -59.50 64.94 -15.67
N TYR R 204 -60.22 65.70 -14.88
CA TYR R 204 -61.68 65.48 -14.95
C TYR R 204 -62.34 66.72 -15.50
N ASN R 205 -63.51 66.46 -16.05
CA ASN R 205 -64.33 67.45 -16.73
C ASN R 205 -65.42 67.99 -15.80
N ASP R 206 -65.31 69.26 -15.39
CA ASP R 206 -66.23 69.90 -14.43
C ASP R 206 -67.60 70.16 -15.04
N GLY R 207 -67.68 70.03 -16.36
CA GLY R 207 -68.85 70.36 -17.16
C GLY R 207 -68.63 71.72 -17.82
N VAL R 208 -67.65 72.45 -17.29
CA VAL R 208 -67.27 73.76 -17.80
C VAL R 208 -65.76 73.95 -18.01
N GLU R 209 -64.93 73.06 -17.45
CA GLU R 209 -63.48 73.21 -17.47
C GLU R 209 -62.76 71.87 -17.24
N ASP R 210 -61.52 71.76 -17.69
CA ASP R 210 -60.74 70.52 -17.42
C ASP R 210 -59.95 70.79 -16.14
N LEU R 211 -60.06 69.91 -15.15
CA LEU R 211 -59.39 70.14 -13.84
C LEU R 211 -58.37 69.04 -13.49
N ASP R 212 -57.18 69.45 -13.06
CA ASP R 212 -56.14 68.56 -12.52
C ASP R 212 -56.46 68.12 -11.08
N PRO R 213 -56.56 66.80 -10.78
CA PRO R 213 -56.89 66.21 -9.51
C PRO R 213 -56.14 66.70 -8.26
N ILE R 214 -54.88 67.11 -8.38
CA ILE R 214 -54.22 67.53 -7.15
C ILE R 214 -54.71 68.94 -6.73
N PRO R 215 -54.61 69.99 -7.57
CA PRO R 215 -55.21 71.29 -7.34
C PRO R 215 -56.69 71.19 -6.99
N ALA R 216 -57.39 70.23 -7.61
CA ALA R 216 -58.80 70.03 -7.34
C ALA R 216 -59.08 69.75 -5.88
N LEU R 217 -58.33 68.79 -5.33
CA LEU R 217 -58.50 68.40 -3.94
C LEU R 217 -58.11 69.53 -3.02
N ARG R 218 -57.02 70.22 -3.37
CA ARG R 218 -56.57 71.34 -2.55
C ARG R 218 -57.59 72.47 -2.45
N ASN R 219 -58.28 72.78 -3.54
CA ASN R 219 -59.30 73.81 -3.49
C ASN R 219 -60.61 73.27 -2.87
N GLY R 220 -60.89 72.00 -3.10
CA GLY R 220 -62.08 71.30 -2.64
C GLY R 220 -62.22 71.26 -1.12
N ILE R 221 -61.15 70.86 -0.43
CA ILE R 221 -61.18 70.82 1.03
C ILE R 221 -60.66 72.15 1.56
N ASN R 222 -61.54 72.96 2.15
CA ASN R 222 -61.24 74.31 2.58
C ASN R 222 -61.33 74.58 4.09
N LEU R 223 -61.14 73.55 4.91
CA LEU R 223 -61.16 73.69 6.36
C LEU R 223 -59.80 74.15 6.85
N THR R 224 -59.76 74.71 8.03
CA THR R 224 -58.49 75.14 8.62
C THR R 224 -57.73 74.07 9.40
N LYS R 225 -56.60 74.49 9.97
CA LYS R 225 -55.60 73.68 10.69
C LYS R 225 -56.19 72.67 11.69
N ASP R 226 -57.19 73.10 12.44
CA ASP R 226 -57.84 72.30 13.47
C ASP R 226 -58.47 71.02 12.91
N TYR R 227 -58.77 71.01 11.63
CA TYR R 227 -59.41 69.89 11.00
C TYR R 227 -58.42 69.13 10.15
N LEU R 228 -57.55 69.86 9.47
CA LEU R 228 -56.59 69.26 8.55
C LEU R 228 -55.64 68.31 9.24
N LYS R 229 -55.32 68.60 10.50
CA LYS R 229 -54.45 67.72 11.29
C LYS R 229 -55.05 66.30 11.50
N TYR R 230 -56.34 66.10 11.22
CA TYR R 230 -56.99 64.81 11.42
C TYR R 230 -57.10 63.93 10.18
N GLY R 231 -56.38 64.25 9.12
CA GLY R 231 -56.44 63.35 7.98
C GLY R 231 -55.24 63.47 7.05
N ALA R 232 -55.21 62.56 6.08
CA ALA R 232 -54.14 62.48 5.07
C ALA R 232 -54.69 61.97 3.75
N ALA R 233 -54.04 62.30 2.65
CA ALA R 233 -54.46 61.89 1.32
C ALA R 233 -53.37 61.16 0.56
N TYR R 234 -53.80 60.23 -0.31
CA TYR R 234 -52.88 59.45 -1.16
C TYR R 234 -53.22 59.53 -2.66
N TYR R 235 -52.21 59.45 -3.50
CA TYR R 235 -52.33 59.48 -4.97
C TYR R 235 -51.22 58.67 -5.64
N PRO R 236 -51.46 58.01 -6.77
CA PRO R 236 -52.64 57.72 -7.59
C PRO R 236 -53.43 56.50 -7.15
N PHE R 237 -54.38 56.11 -7.99
CA PHE R 237 -55.18 54.88 -7.87
C PHE R 237 -54.29 53.68 -8.23
N VAL R 238 -54.68 52.47 -7.82
CA VAL R 238 -53.85 51.30 -8.14
C VAL R 238 -54.56 50.17 -8.88
N GLN R 239 -53.78 49.40 -9.63
CA GLN R 239 -54.30 48.24 -10.35
C GLN R 239 -54.06 46.97 -9.56
N THR R 240 -55.17 46.29 -9.22
CA THR R 240 -55.24 45.04 -8.43
C THR R 240 -55.24 43.80 -9.34
N ILE R 241 -55.30 42.61 -8.73
CA ILE R 241 -55.28 41.33 -9.41
C ILE R 241 -56.61 40.60 -9.31
N LEU R 242 -57.63 41.33 -8.88
CA LEU R 242 -58.98 40.82 -8.71
C LEU R 242 -59.71 40.85 -10.04
N ASN R 243 -60.61 39.90 -10.26
CA ASN R 243 -61.41 39.85 -11.49
C ASN R 243 -62.76 40.55 -11.35
N TYR R 244 -63.51 40.56 -12.44
CA TYR R 244 -64.85 41.13 -12.46
C TYR R 244 -65.85 40.00 -12.33
N GLN R 245 -67.01 40.31 -11.77
CA GLN R 245 -68.07 39.33 -11.65
C GLN R 245 -69.02 39.51 -12.83
N TYR R 246 -69.35 38.42 -13.52
CA TYR R 246 -70.21 38.48 -14.71
C TYR R 246 -70.88 37.14 -15.01
N SER R 247 -71.76 37.15 -16.02
CA SER R 247 -72.43 35.95 -16.52
C SER R 247 -72.48 35.92 -18.03
N ALA R 248 -72.18 34.75 -18.60
CA ALA R 248 -72.16 34.50 -20.05
C ALA R 248 -73.50 34.78 -20.72
N ASP R 249 -74.58 34.77 -19.93
CA ASP R 249 -75.92 35.02 -20.44
C ASP R 249 -76.11 36.47 -20.88
N GLU R 250 -75.26 37.36 -20.39
CA GLU R 250 -75.37 38.77 -20.69
C GLU R 250 -74.41 39.23 -21.78
N ILE R 251 -73.62 38.31 -22.35
CA ILE R 251 -72.60 38.73 -23.30
C ILE R 251 -72.88 38.34 -24.74
N VAL R 252 -72.94 39.33 -25.62
CA VAL R 252 -73.26 39.14 -27.04
C VAL R 252 -72.03 39.32 -27.93
N ILE R 253 -71.93 38.42 -28.92
CA ILE R 253 -70.84 38.34 -29.86
C ILE R 253 -71.10 38.90 -31.25
N GLN R 254 -70.19 39.77 -31.69
CA GLN R 254 -70.19 40.29 -33.05
C GLN R 254 -69.26 39.37 -33.85
N HIS R 255 -69.66 38.96 -35.05
CA HIS R 255 -68.81 38.07 -35.85
C HIS R 255 -68.69 38.54 -37.28
N LEU R 256 -67.50 38.96 -37.64
CA LEU R 256 -67.25 39.46 -38.98
C LEU R 256 -66.41 38.48 -39.75
N SER R 257 -66.61 38.43 -41.06
CA SER R 257 -65.88 37.47 -41.89
C SER R 257 -65.59 37.89 -43.32
N TYR R 258 -64.43 37.46 -43.81
CA TYR R 258 -64.03 37.62 -45.22
C TYR R 258 -65.03 36.91 -46.14
N ASN R 259 -65.74 35.93 -45.57
CA ASN R 259 -66.74 35.13 -46.22
C ASN R 259 -67.96 35.07 -45.27
N PRO R 260 -68.91 36.01 -45.41
CA PRO R 260 -70.11 36.17 -44.61
C PRO R 260 -71.06 34.99 -44.74
N ASN R 261 -71.79 34.68 -43.67
CA ASN R 261 -72.82 33.65 -43.73
C ASN R 261 -73.81 33.68 -42.56
N ALA R 262 -74.08 34.86 -41.99
CA ALA R 262 -75.06 34.96 -40.91
C ALA R 262 -76.50 34.70 -41.37
N ILE R 263 -76.86 35.22 -42.55
CA ILE R 263 -78.23 35.12 -43.04
C ILE R 263 -78.46 33.72 -43.54
N ALA R 264 -77.49 33.19 -44.29
CA ALA R 264 -77.63 31.85 -44.82
C ALA R 264 -77.79 30.84 -43.69
N THR R 265 -77.07 31.04 -42.57
CA THR R 265 -77.20 30.14 -41.44
C THR R 265 -78.61 30.22 -40.89
N ALA R 266 -79.13 31.45 -40.70
CA ALA R 266 -80.46 31.58 -40.16
C ALA R 266 -81.47 30.88 -41.06
N LEU R 267 -81.32 31.01 -42.38
CA LEU R 267 -82.25 30.36 -43.28
C LEU R 267 -82.18 28.85 -43.22
N ASP R 268 -80.97 28.28 -43.14
CA ASP R 268 -80.89 26.84 -43.07
C ASP R 268 -81.65 26.30 -41.87
N ASN R 269 -81.57 27.00 -40.74
CA ASN R 269 -82.29 26.53 -39.56
C ASN R 269 -83.79 26.83 -39.68
N LEU R 270 -84.15 28.03 -40.15
CA LEU R 270 -85.57 28.39 -40.24
C LEU R 270 -86.31 27.47 -41.22
N ASN R 271 -85.63 27.05 -42.28
CA ASN R 271 -86.21 26.17 -43.27
C ASN R 271 -86.34 24.74 -42.77
N ALA R 272 -85.72 24.43 -41.62
CA ALA R 272 -85.80 23.13 -41.04
C ALA R 272 -86.99 23.09 -40.11
N GLY R 450 -97.94 27.53 -38.79
CA GLY R 450 -97.21 27.43 -40.06
C GLY R 450 -97.24 28.68 -40.94
N THR R 451 -98.34 29.42 -40.91
CA THR R 451 -98.45 30.65 -41.70
C THR R 451 -97.40 31.67 -41.28
N ARG R 452 -97.17 31.78 -39.97
CA ARG R 452 -96.24 32.77 -39.50
C ARG R 452 -94.82 32.35 -39.81
N LEU R 453 -94.57 31.04 -39.81
CA LEU R 453 -93.21 30.57 -40.12
C LEU R 453 -92.86 30.96 -41.55
N ASP R 454 -93.84 30.85 -42.47
CA ASP R 454 -93.59 31.22 -43.85
C ASP R 454 -93.23 32.72 -43.96
N ASP R 455 -93.96 33.58 -43.21
CA ASP R 455 -93.67 35.02 -43.24
C ASP R 455 -92.27 35.34 -42.74
N ILE R 456 -91.83 34.65 -41.69
CA ILE R 456 -90.49 34.87 -41.15
C ILE R 456 -89.43 34.50 -42.17
N ILE R 457 -89.56 33.33 -42.78
CA ILE R 457 -88.56 32.89 -43.73
C ILE R 457 -88.46 33.84 -44.90
N ALA R 458 -89.59 34.27 -45.45
CA ALA R 458 -89.54 35.21 -46.56
C ALA R 458 -88.86 36.53 -46.16
N ALA R 459 -89.17 37.04 -44.95
CA ALA R 459 -88.57 38.28 -44.51
C ALA R 459 -87.06 38.14 -44.41
N VAL R 460 -86.60 36.98 -43.92
CA VAL R 460 -85.18 36.72 -43.77
C VAL R 460 -84.47 36.51 -45.09
N SER R 461 -85.04 35.73 -46.01
CA SER R 461 -84.33 35.48 -47.26
C SER R 461 -84.13 36.75 -48.05
N ALA R 462 -85.02 37.71 -47.85
CA ALA R 462 -84.91 39.01 -48.49
C ALA R 462 -83.62 39.73 -48.10
N ALA R 463 -83.04 39.41 -46.93
CA ALA R 463 -81.83 40.06 -46.43
C ALA R 463 -80.54 39.43 -46.92
N GLU R 464 -80.59 38.33 -47.65
CA GLU R 464 -79.30 37.73 -48.01
C GLU R 464 -78.41 38.71 -48.81
N PRO R 465 -78.93 39.53 -49.77
CA PRO R 465 -78.20 40.55 -50.52
C PRO R 465 -77.67 41.72 -49.66
N ILE R 466 -78.19 41.88 -48.42
CA ILE R 466 -77.80 42.98 -47.54
C ILE R 466 -76.58 42.67 -46.73
N ASP R 467 -76.58 41.50 -46.12
CA ASP R 467 -75.49 41.16 -45.24
C ASP R 467 -74.27 40.72 -46.00
N VAL R 468 -73.28 41.60 -46.04
CA VAL R 468 -72.08 41.32 -46.78
C VAL R 468 -70.87 41.32 -45.85
N ASN R 469 -71.12 41.31 -44.54
CA ASN R 469 -70.02 41.35 -43.56
C ASN R 469 -70.06 40.32 -42.44
N ASN R 470 -71.25 39.82 -42.07
CA ASN R 470 -71.37 39.02 -40.85
C ASN R 470 -71.31 37.53 -41.03
N GLY R 471 -70.57 36.90 -40.13
CA GLY R 471 -70.41 35.46 -40.10
C GLY R 471 -71.50 34.75 -39.30
N LYS R 472 -71.40 33.42 -39.30
CA LYS R 472 -72.31 32.49 -38.63
C LYS R 472 -72.74 32.79 -37.19
N LEU R 473 -71.82 33.25 -36.33
CA LEU R 473 -72.12 33.45 -34.90
C LEU R 473 -72.64 34.85 -34.54
N ASN R 474 -72.74 35.72 -35.53
CA ASN R 474 -73.10 37.11 -35.25
C ASN R 474 -74.45 37.23 -34.56
N GLY R 475 -74.48 37.96 -33.45
CA GLY R 475 -75.71 38.22 -32.72
C GLY R 475 -76.03 37.24 -31.57
N ARG R 476 -75.28 36.15 -31.44
CA ARG R 476 -75.58 35.21 -30.37
C ARG R 476 -74.84 35.50 -29.05
N LEU R 477 -75.41 34.97 -27.98
CA LEU R 477 -74.84 35.08 -26.63
C LEU R 477 -73.82 34.00 -26.36
N LEU R 478 -72.83 34.26 -25.50
CA LEU R 478 -71.89 33.19 -25.18
C LEU R 478 -72.52 31.91 -24.71
N SER R 479 -73.46 32.01 -23.79
CA SER R 479 -74.08 30.80 -23.27
C SER R 479 -74.83 29.98 -24.34
N ASP R 480 -75.16 30.58 -25.50
CA ASP R 480 -75.87 29.89 -26.57
C ASP R 480 -74.97 29.40 -27.71
N ILE R 481 -73.65 29.57 -27.61
CA ILE R 481 -72.80 29.10 -28.71
C ILE R 481 -71.89 27.96 -28.28
N GLU R 482 -71.87 27.64 -26.99
CA GLU R 482 -70.97 26.58 -26.56
C GLU R 482 -71.11 25.29 -27.36
N PRO R 483 -72.31 24.71 -27.63
CA PRO R 483 -72.46 23.53 -28.45
C PRO R 483 -72.12 23.73 -29.95
N LEU R 484 -72.14 24.99 -30.44
CA LEU R 484 -71.85 25.24 -31.85
C LEU R 484 -70.35 25.16 -32.06
N ASP R 485 -69.63 25.78 -31.13
CA ASP R 485 -68.18 25.83 -31.12
C ASP R 485 -67.68 26.13 -29.72
N ASN R 486 -67.33 25.10 -28.95
CA ASN R 486 -66.95 25.36 -27.58
C ASN R 486 -65.53 25.86 -27.52
N ALA R 487 -64.84 25.96 -28.66
CA ALA R 487 -63.51 26.50 -28.69
C ALA R 487 -63.62 28.01 -28.60
N THR R 488 -64.69 28.54 -29.22
CA THR R 488 -64.92 29.98 -29.24
C THR R 488 -65.41 30.37 -27.88
N TYR R 489 -66.36 29.60 -27.35
CA TYR R 489 -66.90 29.89 -26.04
C TYR R 489 -65.80 29.93 -24.99
N ASN R 490 -64.97 28.89 -24.96
CA ASN R 490 -63.92 28.85 -23.97
C ASN R 490 -62.87 29.92 -24.17
N THR R 491 -62.51 30.24 -25.44
CA THR R 491 -61.50 31.26 -25.69
C THR R 491 -61.99 32.60 -25.20
N ILE R 492 -63.25 32.91 -25.47
CA ILE R 492 -63.79 34.18 -25.04
C ILE R 492 -63.76 34.31 -23.53
N LEU R 493 -64.18 33.28 -22.80
CA LEU R 493 -64.18 33.38 -21.35
C LEU R 493 -62.77 33.62 -20.84
N LEU R 494 -61.78 32.96 -21.45
CA LEU R 494 -60.41 33.15 -21.05
C LEU R 494 -59.98 34.60 -21.25
N GLU R 495 -60.36 35.19 -22.40
CA GLU R 495 -60.04 36.60 -22.65
C GLU R 495 -60.77 37.55 -21.70
N ILE R 496 -62.01 37.26 -21.33
CA ILE R 496 -62.73 38.15 -20.42
C ILE R 496 -61.99 38.24 -19.11
N ASN R 497 -61.43 37.10 -18.70
CA ASN R 497 -60.71 36.90 -17.40
C ASN R 497 -59.41 37.69 -17.35
N SER R 498 -58.95 38.22 -18.48
CA SER R 498 -57.67 38.90 -18.46
C SER R 498 -57.81 40.35 -17.97
N HIS R 499 -59.06 40.85 -17.86
CA HIS R 499 -59.30 42.22 -17.41
C HIS R 499 -59.37 42.33 -15.89
N LYS R 500 -58.62 43.26 -15.32
CA LYS R 500 -58.58 43.40 -13.87
C LYS R 500 -59.26 44.67 -13.35
N VAL R 501 -59.60 44.63 -12.07
CA VAL R 501 -60.22 45.70 -11.29
C VAL R 501 -59.23 46.82 -10.88
N THR R 502 -59.63 48.09 -11.00
CA THR R 502 -58.81 49.24 -10.58
C THR R 502 -59.52 49.97 -9.44
N LEU R 503 -58.80 50.23 -8.34
CA LEU R 503 -59.38 50.85 -7.15
C LEU R 503 -58.62 52.05 -6.58
N PRO R 504 -59.30 53.00 -5.91
CA PRO R 504 -58.70 54.04 -5.08
C PRO R 504 -57.93 53.28 -4.01
N PRO R 505 -56.82 53.78 -3.47
CA PRO R 505 -55.96 53.11 -2.49
C PRO R 505 -56.36 53.15 -1.00
N SER R 506 -57.50 53.73 -0.65
CA SER R 506 -57.80 53.92 0.77
C SER R 506 -58.00 52.66 1.61
N SER R 507 -58.53 51.58 1.03
CA SER R 507 -58.76 50.39 1.85
C SER R 507 -57.48 49.62 2.04
N SER R 508 -56.59 49.75 1.06
CA SER R 508 -55.29 49.12 1.11
C SER R 508 -54.49 49.79 2.20
N MET R 509 -54.61 51.12 2.29
CA MET R 509 -53.90 51.83 3.33
C MET R 509 -54.42 51.49 4.73
N ALA R 510 -55.74 51.32 4.90
CA ALA R 510 -56.23 50.94 6.22
C ALA R 510 -55.60 49.60 6.64
N GLY R 511 -55.48 48.68 5.69
CA GLY R 511 -54.83 47.39 5.92
C GLY R 511 -53.37 47.60 6.34
N ALA R 512 -52.65 48.41 5.56
CA ALA R 512 -51.25 48.71 5.82
C ALA R 512 -51.03 49.34 7.21
N TYR R 513 -51.95 50.21 7.64
CA TYR R 513 -51.82 50.83 8.96
C TYR R 513 -51.84 49.74 10.03
N ALA R 514 -52.76 48.77 9.91
CA ALA R 514 -52.83 47.68 10.88
C ALA R 514 -51.54 46.88 10.93
N ARG R 515 -50.92 46.59 9.77
CA ARG R 515 -49.66 45.85 9.78
C ARG R 515 -48.56 46.58 10.53
N VAL R 516 -48.42 47.88 10.30
CA VAL R 516 -47.35 48.60 10.98
C VAL R 516 -47.57 48.62 12.48
N ASP R 517 -48.81 48.88 12.92
CA ASP R 517 -49.05 48.94 14.36
C ASP R 517 -48.66 47.62 15.05
N ASN R 518 -48.91 46.48 14.40
CA ASN R 518 -48.55 45.19 14.98
C ASN R 518 -47.06 44.84 14.93
N ASP R 519 -46.36 45.15 13.84
CA ASP R 519 -44.95 44.75 13.76
C ASP R 519 -43.97 45.77 14.33
N ARG R 520 -44.24 47.06 14.23
CA ARG R 520 -43.29 48.06 14.70
C ARG R 520 -43.84 48.99 15.79
N GLY R 521 -45.14 49.25 15.79
CA GLY R 521 -45.75 50.15 16.75
C GLY R 521 -46.31 51.43 16.13
N VAL R 522 -47.38 51.92 16.74
CA VAL R 522 -48.14 53.12 16.30
C VAL R 522 -47.30 54.39 16.22
N TRP R 523 -46.15 54.41 16.88
CA TRP R 523 -45.29 55.57 16.85
C TRP R 523 -44.33 55.60 15.65
N LYS R 524 -44.40 54.60 14.76
CA LYS R 524 -43.55 54.58 13.57
C LYS R 524 -44.36 54.99 12.34
N SER R 525 -43.69 55.69 11.40
CA SER R 525 -44.36 56.15 10.19
C SER R 525 -44.92 55.04 9.32
N PRO R 526 -46.18 55.15 8.83
CA PRO R 526 -46.81 54.23 7.92
C PRO R 526 -46.34 54.47 6.48
N ALA R 527 -45.07 54.19 6.21
CA ALA R 527 -44.46 54.39 4.91
C ALA R 527 -43.32 53.40 4.71
N ASN R 528 -42.88 53.25 3.46
CA ASN R 528 -41.86 52.28 3.04
C ASN R 528 -42.40 50.88 3.33
N ILE R 529 -43.67 50.72 2.97
CA ILE R 529 -44.50 49.54 3.10
C ILE R 529 -44.88 49.00 1.74
N GLY R 530 -44.69 47.71 1.52
CA GLY R 530 -45.14 47.15 0.25
C GLY R 530 -46.62 46.79 0.37
N LEU R 531 -47.36 46.96 -0.72
CA LEU R 531 -48.79 46.61 -0.74
C LEU R 531 -49.02 45.22 -1.33
N ASN R 532 -50.00 44.50 -0.81
CA ASN R 532 -50.34 43.18 -1.33
C ASN R 532 -51.41 43.29 -2.39
N TYR R 533 -51.39 42.35 -3.34
CA TYR R 533 -52.37 42.30 -4.42
C TYR R 533 -52.36 43.53 -5.30
N VAL R 534 -51.19 44.13 -5.50
CA VAL R 534 -51.11 45.29 -6.37
C VAL R 534 -50.12 45.00 -7.46
N SER R 535 -50.58 45.16 -8.70
CA SER R 535 -49.76 44.94 -9.87
C SER R 535 -48.88 46.15 -10.07
N LYS R 536 -49.52 47.33 -10.10
CA LYS R 536 -48.81 48.59 -10.30
C LYS R 536 -49.71 49.78 -9.99
N PRO R 537 -49.16 50.99 -9.74
CA PRO R 537 -49.87 52.27 -9.72
C PRO R 537 -50.45 52.52 -11.09
N SER R 538 -51.60 53.18 -11.18
CA SER R 538 -52.18 53.51 -12.48
C SER R 538 -51.45 54.64 -13.21
N VAL R 539 -50.83 55.54 -12.46
CA VAL R 539 -50.09 56.68 -13.00
C VAL R 539 -48.67 56.69 -12.46
N THR R 540 -47.69 56.84 -13.32
CA THR R 540 -46.31 56.90 -12.85
C THR R 540 -45.96 58.29 -12.33
N VAL R 541 -45.38 58.34 -11.13
CA VAL R 541 -44.94 59.59 -10.52
C VAL R 541 -43.43 59.58 -10.43
N SER R 542 -42.79 60.57 -11.06
CA SER R 542 -41.35 60.69 -11.09
C SER R 542 -40.84 61.33 -9.81
N HIS R 543 -39.53 61.37 -9.64
CA HIS R 543 -38.92 62.03 -8.48
C HIS R 543 -39.27 63.51 -8.44
N GLU R 544 -39.02 64.21 -9.52
CA GLU R 544 -39.26 65.64 -9.61
C GLU R 544 -40.73 65.99 -9.42
N GLU R 545 -41.61 65.16 -9.95
CA GLU R 545 -43.04 65.36 -9.86
C GLU R 545 -43.59 65.29 -8.44
N GLN R 546 -42.85 64.68 -7.51
CA GLN R 546 -43.35 64.55 -6.17
C GLN R 546 -42.95 65.74 -5.31
N GLU R 547 -42.08 66.63 -5.80
CA GLU R 547 -41.64 67.69 -4.91
C GLU R 547 -42.79 68.56 -4.40
N SER R 548 -43.76 68.85 -5.27
CA SER R 548 -44.91 69.67 -4.95
C SER R 548 -46.01 68.90 -4.20
N MET R 549 -45.84 67.59 -4.06
CA MET R 549 -46.80 66.77 -3.35
C MET R 549 -46.41 66.74 -1.88
N ASN R 550 -45.09 66.69 -1.61
CA ASN R 550 -44.62 66.60 -0.23
C ASN R 550 -44.58 67.98 0.42
N VAL R 551 -44.13 68.99 -0.31
CA VAL R 551 -44.02 70.34 0.21
C VAL R 551 -44.77 71.32 -0.69
N HIS R 552 -45.64 72.13 -0.09
CA HIS R 552 -46.45 73.07 -0.85
C HIS R 552 -46.85 74.26 0.00
N GLY R 553 -47.02 75.42 -0.63
CA GLY R 553 -47.41 76.66 0.04
C GLY R 553 -48.66 76.55 0.91
N THR R 554 -49.61 75.69 0.55
CA THR R 554 -50.83 75.54 1.35
C THR R 554 -50.73 74.56 2.51
N GLY R 555 -49.69 73.72 2.52
CA GLY R 555 -49.50 72.69 3.53
C GLY R 555 -50.34 71.43 3.25
N LYS R 556 -51.15 71.43 2.19
CA LYS R 556 -52.02 70.31 1.88
C LYS R 556 -51.30 69.23 1.09
N SER R 557 -50.44 68.53 1.78
CA SER R 557 -49.57 67.50 1.27
C SER R 557 -50.34 66.26 0.82
N VAL R 558 -49.79 65.58 -0.18
CA VAL R 558 -50.34 64.31 -0.68
C VAL R 558 -49.22 63.26 -0.70
N ASN R 559 -49.48 62.07 -0.16
CA ASN R 559 -48.47 61.02 -0.12
C ASN R 559 -48.50 60.26 -1.45
N ALA R 560 -47.38 59.67 -1.87
CA ALA R 560 -47.39 59.01 -3.18
C ALA R 560 -47.25 57.51 -3.14
N ILE R 561 -47.90 56.85 -4.08
CA ILE R 561 -47.70 55.41 -4.24
C ILE R 561 -46.77 55.24 -5.44
N ARG R 562 -45.60 54.62 -5.23
CA ARG R 562 -44.58 54.52 -6.27
C ARG R 562 -43.98 53.12 -6.47
N SER R 563 -43.55 52.83 -7.69
CA SER R 563 -42.92 51.57 -8.04
C SER R 563 -41.41 51.62 -7.99
N PHE R 564 -40.81 50.69 -7.24
CA PHE R 564 -39.36 50.62 -7.10
C PHE R 564 -38.82 49.31 -7.70
N VAL R 565 -37.66 49.42 -8.34
CA VAL R 565 -37.10 48.24 -8.98
C VAL R 565 -36.61 47.25 -7.96
N GLY R 566 -37.11 46.03 -8.08
CA GLY R 566 -36.76 44.94 -7.18
C GLY R 566 -37.55 44.94 -5.88
N LYS R 567 -38.45 45.92 -5.69
CA LYS R 567 -39.20 46.01 -4.46
C LYS R 567 -40.71 45.94 -4.66
N GLY R 568 -41.21 46.46 -5.79
CA GLY R 568 -42.65 46.47 -6.02
C GLY R 568 -43.25 47.80 -5.61
N THR R 569 -44.56 47.80 -5.36
CA THR R 569 -45.25 49.06 -5.10
C THR R 569 -45.16 49.42 -3.62
N LEU R 570 -44.58 50.60 -3.34
CA LEU R 570 -44.38 51.08 -1.97
C LEU R 570 -45.12 52.37 -1.67
N VAL R 571 -45.46 52.53 -0.40
CA VAL R 571 -46.04 53.79 0.09
C VAL R 571 -44.88 54.76 0.38
N TRP R 572 -44.83 55.89 -0.31
CA TRP R 572 -43.72 56.80 -0.15
C TRP R 572 -44.14 58.17 0.42
N GLY R 573 -43.83 58.41 1.69
CA GLY R 573 -44.25 59.62 2.39
C GLY R 573 -45.31 59.37 3.45
N ALA R 574 -45.26 60.14 4.53
CA ALA R 574 -46.21 59.97 5.63
C ALA R 574 -46.58 61.28 6.33
N ARG R 575 -47.01 62.28 5.57
CA ARG R 575 -47.42 63.54 6.17
C ARG R 575 -48.93 63.70 6.18
N THR R 576 -49.42 64.60 7.03
CA THR R 576 -50.84 64.94 7.17
C THR R 576 -51.20 66.13 6.28
N LEU R 577 -52.47 66.51 6.28
CA LEU R 577 -52.94 67.66 5.48
C LEU R 577 -52.55 69.02 6.07
N ALA R 578 -51.76 69.01 7.13
CA ALA R 578 -51.22 70.20 7.77
C ALA R 578 -49.69 70.07 7.79
N GLY R 579 -49.10 69.91 6.61
CA GLY R 579 -47.69 69.58 6.40
C GLY R 579 -46.66 70.59 6.86
N ASN R 580 -47.08 71.81 7.13
CA ASN R 580 -46.15 72.82 7.60
C ASN R 580 -46.30 73.04 9.09
N ASP R 581 -47.07 72.19 9.76
CA ASP R 581 -47.31 72.28 11.19
C ASP R 581 -46.16 71.69 12.00
N ASN R 582 -45.47 72.55 12.74
CA ASN R 582 -44.30 72.14 13.49
C ASN R 582 -44.56 71.03 14.52
N GLU R 583 -45.81 70.90 14.98
CA GLU R 583 -46.13 69.87 15.96
C GLU R 583 -46.86 68.69 15.34
N TRP R 584 -47.78 68.96 14.40
CA TRP R 584 -48.62 67.92 13.84
C TRP R 584 -48.41 67.46 12.38
N ARG R 585 -47.36 67.89 11.68
CA ARG R 585 -47.17 67.46 10.28
C ARG R 585 -46.99 65.95 10.03
N TYR R 586 -46.53 65.16 11.00
CA TYR R 586 -46.35 63.73 10.74
C TYR R 586 -47.50 62.87 11.23
N ILE R 587 -47.86 61.87 10.43
CA ILE R 587 -48.98 61.00 10.75
C ILE R 587 -48.76 60.26 12.07
N SER R 588 -47.56 59.71 12.26
CA SER R 588 -47.23 58.94 13.46
C SER R 588 -47.25 59.73 14.76
N VAL R 589 -47.16 61.06 14.69
CA VAL R 589 -47.21 61.81 15.91
C VAL R 589 -48.67 61.96 16.25
N ARG R 590 -49.48 62.36 15.27
CA ARG R 590 -50.91 62.51 15.53
C ARG R 590 -51.53 61.20 16.02
N ARG R 591 -51.22 60.07 15.35
CA ARG R 591 -51.78 58.80 15.75
C ARG R 591 -51.31 58.34 17.13
N PHE R 592 -50.02 58.54 17.46
CA PHE R 592 -49.53 58.17 18.79
C PHE R 592 -50.31 58.90 19.87
N PHE R 593 -50.48 60.22 19.71
CA PHE R 593 -51.23 60.97 20.69
C PHE R 593 -52.66 60.48 20.79
N ASN R 594 -53.36 60.22 19.68
CA ASN R 594 -54.73 59.75 19.82
C ASN R 594 -54.80 58.46 20.62
N MET R 595 -53.84 57.55 20.39
CA MET R 595 -53.80 56.28 21.11
C MET R 595 -53.59 56.51 22.61
N ALA R 596 -52.59 57.30 22.97
CA ALA R 596 -52.31 57.52 24.37
C ALA R 596 -53.47 58.17 25.08
N GLU R 597 -54.12 59.14 24.44
CA GLU R 597 -55.22 59.84 25.06
C GLU R 597 -56.42 58.92 25.31
N GLU R 598 -56.74 58.06 24.34
CA GLU R 598 -57.85 57.15 24.52
C GLU R 598 -57.60 56.16 25.65
N SER R 599 -56.39 55.58 25.72
CA SER R 599 -56.09 54.62 26.75
C SER R 599 -56.14 55.24 28.14
N ILE R 600 -55.62 56.46 28.28
CA ILE R 600 -55.66 57.09 29.57
C ILE R 600 -57.10 57.40 29.97
N LYS R 601 -57.93 57.98 29.11
CA LYS R 601 -59.25 58.26 29.66
C LYS R 601 -60.00 56.99 30.08
N LYS R 602 -59.80 55.86 29.39
CA LYS R 602 -60.50 54.66 29.84
C LYS R 602 -60.08 54.32 31.27
N ALA R 603 -58.80 54.44 31.54
CA ALA R 603 -58.26 54.19 32.87
C ALA R 603 -58.77 55.17 33.93
N THR R 604 -59.03 56.44 33.56
CA THR R 604 -59.48 57.43 34.55
C THR R 604 -60.98 57.37 34.86
N GLU R 605 -61.77 56.70 34.03
CA GLU R 605 -63.23 56.62 34.28
C GLU R 605 -63.59 55.98 35.63
N GLN R 606 -62.77 55.07 36.13
CA GLN R 606 -63.02 54.44 37.42
C GLN R 606 -63.09 55.43 38.60
N PHE R 607 -62.61 56.67 38.43
CA PHE R 607 -62.60 57.68 39.49
C PHE R 607 -63.67 58.75 39.35
N VAL R 608 -64.62 58.60 38.42
CA VAL R 608 -65.58 59.68 38.17
C VAL R 608 -66.42 60.15 39.35
N PHE R 609 -66.91 59.26 40.18
CA PHE R 609 -67.75 59.72 41.28
C PHE R 609 -67.05 59.72 42.64
N GLU R 610 -65.72 59.76 42.64
CA GLU R 610 -64.95 59.78 43.87
C GLU R 610 -64.90 61.20 44.45
N PRO R 611 -64.67 61.40 45.77
CA PRO R 611 -64.49 62.68 46.42
C PRO R 611 -63.37 63.50 45.81
N ASN R 612 -63.56 64.81 45.67
CA ASN R 612 -62.52 65.61 45.06
C ASN R 612 -61.61 66.15 46.14
N ASP R 613 -60.56 65.39 46.43
CA ASP R 613 -59.62 65.70 47.50
C ASP R 613 -58.26 65.06 47.24
N GLY R 614 -57.30 65.31 48.13
CA GLY R 614 -55.93 64.85 48.03
C GLY R 614 -55.74 63.36 47.87
N ASN R 615 -56.60 62.55 48.48
CA ASN R 615 -56.45 61.12 48.34
C ASN R 615 -56.70 60.65 46.90
N THR R 616 -57.61 61.32 46.20
CA THR R 616 -57.97 60.95 44.85
C THR R 616 -56.89 61.46 43.93
N TRP R 617 -56.46 62.69 44.17
CA TRP R 617 -55.47 63.31 43.30
C TRP R 617 -54.21 62.44 43.23
N VAL R 618 -53.79 61.91 44.38
CA VAL R 618 -52.63 61.02 44.40
C VAL R 618 -52.88 59.72 43.62
N ARG R 619 -54.04 59.09 43.83
CA ARG R 619 -54.34 57.81 43.11
C ARG R 619 -54.35 58.04 41.60
N VAL R 620 -54.95 59.13 41.13
CA VAL R 620 -55.04 59.39 39.70
C VAL R 620 -53.66 59.61 39.10
N ARG R 621 -52.86 60.44 39.76
CA ARG R 621 -51.52 60.71 39.29
C ARG R 621 -50.69 59.45 39.18
N ALA R 622 -50.69 58.62 40.22
CA ALA R 622 -49.89 57.42 40.19
C ALA R 622 -50.27 56.50 39.05
N MET R 623 -51.57 56.36 38.78
CA MET R 623 -52.05 55.51 37.71
C MET R 623 -51.54 55.98 36.34
N ILE R 624 -51.63 57.29 36.08
CA ILE R 624 -51.19 57.84 34.81
C ILE R 624 -49.69 57.65 34.62
N GLU R 625 -48.89 57.94 35.65
CA GLU R 625 -47.46 57.77 35.53
C GLU R 625 -47.08 56.33 35.22
N ASN R 626 -47.76 55.33 35.84
CA ASN R 626 -47.41 53.95 35.54
C ASN R 626 -47.61 53.61 34.06
N PHE R 627 -48.70 54.11 33.48
CA PHE R 627 -48.98 53.90 32.06
C PHE R 627 -47.82 54.45 31.22
N LEU R 628 -47.45 55.70 31.48
CA LEU R 628 -46.40 56.35 30.71
C LEU R 628 -45.04 55.69 30.87
N ILE R 629 -44.73 55.14 32.04
CA ILE R 629 -43.46 54.43 32.24
C ILE R 629 -43.40 53.24 31.32
N LEU R 630 -44.48 52.49 31.21
CA LEU R 630 -44.48 51.34 30.30
C LEU R 630 -44.30 51.77 28.84
N GLN R 631 -44.90 52.90 28.43
CA GLN R 631 -44.72 53.37 27.05
C GLN R 631 -43.27 53.74 26.80
N TRP R 632 -42.63 54.33 27.81
CA TRP R 632 -41.22 54.65 27.74
C TRP R 632 -40.36 53.40 27.64
N ARG R 633 -40.63 52.39 28.49
CA ARG R 633 -39.86 51.16 28.50
C ARG R 633 -39.89 50.47 27.14
N ALA R 634 -41.03 50.55 26.44
CA ALA R 634 -41.22 49.94 25.13
C ALA R 634 -40.61 50.75 23.97
N GLY R 635 -40.04 51.92 24.26
CA GLY R 635 -39.42 52.74 23.24
C GLY R 635 -40.32 53.75 22.52
N ALA R 636 -41.52 54.05 23.03
CA ALA R 636 -42.38 54.99 22.35
C ALA R 636 -41.99 56.44 22.61
N LEU R 637 -41.46 56.72 23.79
CA LEU R 637 -41.10 58.07 24.22
C LEU R 637 -39.59 58.29 24.23
N ALA R 638 -39.20 59.53 24.01
CA ALA R 638 -37.79 59.95 24.04
C ALA R 638 -37.32 60.10 25.48
N GLY R 639 -36.00 60.03 25.71
CA GLY R 639 -35.42 60.28 27.03
C GLY R 639 -34.65 59.11 27.65
N ALA R 640 -33.49 59.42 28.25
CA ALA R 640 -32.62 58.43 28.90
C ALA R 640 -33.29 57.72 30.09
N LYS R 641 -34.12 58.44 30.81
CA LYS R 641 -34.84 57.97 32.00
C LYS R 641 -36.25 58.57 31.90
N PRO R 642 -37.30 57.99 32.53
CA PRO R 642 -38.67 58.49 32.52
C PRO R 642 -38.77 59.99 32.84
N GLU R 643 -37.89 60.47 33.71
CA GLU R 643 -37.83 61.88 34.11
C GLU R 643 -37.64 62.87 32.95
N HIS R 644 -37.16 62.37 31.82
CA HIS R 644 -36.90 63.16 30.64
C HIS R 644 -37.94 62.90 29.54
N ALA R 645 -38.84 61.96 29.79
CA ALA R 645 -39.82 61.53 28.81
C ALA R 645 -41.18 62.19 29.03
N PHE R 646 -41.56 62.36 30.29
CA PHE R 646 -42.88 62.92 30.58
C PHE R 646 -43.02 63.53 31.95
N TYR R 647 -44.10 64.28 32.13
CA TYR R 647 -44.49 64.74 33.47
C TYR R 647 -46.00 64.71 33.63
N VAL R 648 -46.45 64.58 34.89
CA VAL R 648 -47.86 64.65 35.27
C VAL R 648 -48.02 65.56 36.49
N LYS R 649 -48.93 66.55 36.43
CA LYS R 649 -49.18 67.47 37.55
C LYS R 649 -50.64 67.61 37.93
N VAL R 650 -50.91 67.63 39.23
CA VAL R 650 -52.25 67.86 39.74
C VAL R 650 -52.20 68.40 41.16
N GLY R 651 -53.04 69.38 41.46
CA GLY R 651 -53.10 69.86 42.83
C GLY R 651 -53.71 71.24 42.99
N LEU R 652 -54.10 71.55 44.21
CA LEU R 652 -54.69 72.84 44.48
C LEU R 652 -53.55 73.83 44.52
N GLY R 653 -53.66 74.88 43.73
CA GLY R 653 -52.61 75.87 43.61
C GLY R 653 -51.67 75.57 42.44
N GLN R 654 -51.79 74.39 41.83
CA GLN R 654 -50.95 74.04 40.69
C GLN R 654 -51.78 73.98 39.44
N THR R 655 -52.88 73.22 39.50
CA THR R 655 -53.75 73.06 38.35
C THR R 655 -55.19 73.49 38.65
N MET R 656 -55.55 73.54 39.93
CA MET R 656 -56.91 73.85 40.37
C MET R 656 -56.99 75.03 41.31
N THR R 657 -58.14 75.71 41.30
CA THR R 657 -58.38 76.75 42.30
C THR R 657 -59.58 76.45 43.16
N ALA R 658 -59.87 77.33 44.10
CA ALA R 658 -60.98 77.11 45.05
C ALA R 658 -62.31 76.94 44.34
N GLN R 659 -62.49 77.68 43.27
CA GLN R 659 -63.69 77.66 42.45
C GLN R 659 -63.90 76.32 41.78
N ASP R 660 -62.81 75.59 41.47
CA ASP R 660 -62.94 74.32 40.78
C ASP R 660 -63.33 73.30 41.80
N ILE R 661 -62.85 73.46 43.02
CA ILE R 661 -63.20 72.48 44.00
C ILE R 661 -64.71 72.61 44.24
N LEU R 662 -65.19 73.85 44.37
CA LEU R 662 -66.61 74.09 44.62
C LEU R 662 -67.52 73.57 43.50
N GLU R 663 -67.10 73.69 42.25
CA GLU R 663 -67.90 73.21 41.13
C GLU R 663 -67.70 71.72 40.80
N GLY R 664 -66.84 71.02 41.54
CA GLY R 664 -66.58 69.62 41.26
C GLY R 664 -65.60 69.31 40.10
N ASN R 665 -64.72 70.24 39.73
CA ASN R 665 -63.79 69.99 38.64
C ASN R 665 -62.46 69.43 39.16
N MET R 666 -61.78 68.65 38.32
CA MET R 666 -60.44 68.17 38.62
C MET R 666 -59.56 68.36 37.39
N ASN R 667 -58.44 69.03 37.55
CA ASN R 667 -57.55 69.37 36.44
C ASN R 667 -56.19 68.66 36.46
N VAL R 668 -55.91 67.86 35.44
CA VAL R 668 -54.64 67.15 35.40
C VAL R 668 -53.84 67.57 34.16
N GLU R 669 -52.58 67.96 34.34
CA GLU R 669 -51.74 68.37 33.22
C GLU R 669 -50.67 67.33 32.90
N ILE R 670 -50.54 66.97 31.62
CA ILE R 670 -49.60 65.94 31.15
C ILE R 670 -48.74 66.42 29.98
N GLY R 671 -47.43 66.16 30.01
CA GLY R 671 -46.57 66.50 28.88
C GLY R 671 -45.75 65.29 28.41
N LEU R 672 -45.53 65.18 27.08
CA LEU R 672 -44.80 64.03 26.49
C LEU R 672 -43.68 64.39 25.50
N ALA R 673 -42.52 63.69 25.57
CA ALA R 673 -41.44 63.84 24.61
C ALA R 673 -41.53 62.80 23.48
N VAL R 674 -41.88 63.24 22.27
CA VAL R 674 -42.12 62.34 21.14
C VAL R 674 -41.09 62.51 20.00
N VAL R 675 -40.59 61.38 19.52
CA VAL R 675 -39.58 61.24 18.47
C VAL R 675 -40.11 61.41 17.04
N ARG R 676 -39.44 62.22 16.23
CA ARG R 676 -39.82 62.47 14.83
C ARG R 676 -38.77 61.87 13.85
N PRO R 677 -39.19 61.35 12.67
CA PRO R 677 -38.38 60.71 11.63
C PRO R 677 -37.53 61.63 10.78
N ALA R 678 -36.47 61.07 10.22
CA ALA R 678 -35.67 61.76 9.21
C ALA R 678 -36.22 61.45 7.82
N GLU R 679 -36.18 62.41 6.91
CA GLU R 679 -36.64 62.17 5.54
C GLU R 679 -35.55 62.17 4.46
N PHE R 680 -34.40 62.79 4.71
CA PHE R 680 -33.46 62.94 3.60
C PHE R 680 -32.08 62.39 3.91
N ILE R 681 -31.51 61.67 2.96
CA ILE R 681 -30.15 61.13 3.07
C ILE R 681 -29.33 61.62 1.90
N ILE R 682 -28.22 62.26 2.21
CA ILE R 682 -27.36 62.81 1.16
C ILE R 682 -26.01 62.13 1.12
N LEU R 683 -25.67 61.59 -0.05
CA LEU R 683 -24.39 60.93 -0.21
C LEU R 683 -23.46 61.83 -0.98
N LYS R 684 -22.17 61.78 -0.66
CA LYS R 684 -21.19 62.59 -1.37
C LYS R 684 -20.03 61.69 -1.78
N PHE R 685 -19.53 61.89 -2.99
CA PHE R 685 -18.46 61.07 -3.52
C PHE R 685 -17.26 61.89 -3.94
N SER R 686 -16.09 61.29 -3.88
CA SER R 686 -14.85 61.93 -4.28
C SER R 686 -13.80 60.90 -4.63
N HIS R 687 -12.70 61.37 -5.19
CA HIS R 687 -11.55 60.53 -5.52
C HIS R 687 -10.57 60.54 -4.38
N LYS R 688 -10.38 59.39 -3.76
CA LYS R 688 -9.48 59.28 -2.62
C LYS R 688 -8.07 59.67 -2.99
N MET R 689 -7.46 60.50 -2.15
CA MET R 689 -6.09 60.94 -2.35
C MET R 689 -5.37 61.16 -1.04
N GLN R 690 -4.06 61.14 -1.09
CA GLN R 690 -3.24 61.42 0.08
C GLN R 690 -3.62 62.74 0.74
N SER S 2 6.99 23.76 -39.48
CA SER S 2 8.11 23.41 -38.63
C SER S 2 7.99 22.03 -38.08
N TYR S 3 6.91 21.40 -38.45
CA TYR S 3 6.60 20.08 -37.97
C TYR S 3 6.44 19.11 -39.14
N PRO S 4 6.85 17.85 -38.96
CA PRO S 4 6.70 16.77 -39.95
C PRO S 4 5.27 16.28 -40.04
N LEU S 5 4.96 15.59 -41.13
CA LEU S 5 3.66 14.97 -41.35
C LEU S 5 3.51 13.66 -40.57
N SER S 6 2.27 13.35 -40.15
CA SER S 6 1.92 12.10 -39.50
C SER S 6 1.64 11.03 -40.57
N LYS S 7 1.42 9.78 -40.15
CA LYS S 7 1.23 8.67 -41.12
C LYS S 7 -0.13 7.96 -41.06
N PHE S 8 -1.16 8.51 -40.40
CA PHE S 8 -2.43 7.77 -40.31
C PHE S 8 -3.63 8.28 -41.11
N HIS S 9 -3.56 9.43 -41.76
CA HIS S 9 -4.71 9.93 -42.52
C HIS S 9 -4.39 9.90 -44.02
N PHE S 10 -5.02 8.97 -44.75
CA PHE S 10 -4.72 8.75 -46.16
C PHE S 10 -5.89 8.11 -46.91
N SER S 11 -5.81 8.10 -48.25
CA SER S 11 -6.82 7.43 -49.08
C SER S 11 -6.24 6.75 -50.33
N VAL S 12 -6.93 5.71 -50.82
CA VAL S 12 -6.46 4.98 -52.01
C VAL S 12 -7.53 4.86 -53.10
N GLU S 13 -7.24 5.35 -54.30
CA GLU S 13 -8.15 5.22 -55.44
C GLU S 13 -7.69 4.11 -56.38
N TRP S 14 -8.45 3.03 -56.39
CA TRP S 14 -8.08 1.84 -57.14
C TRP S 14 -9.17 1.30 -58.08
N GLY S 15 -10.23 2.05 -58.33
CA GLY S 15 -11.31 1.58 -59.16
C GLY S 15 -12.41 0.82 -58.43
N GLY S 16 -12.27 0.61 -57.13
CA GLY S 16 -13.27 -0.06 -56.34
C GLY S 16 -14.30 0.90 -55.76
N THR S 17 -15.33 0.36 -55.11
CA THR S 17 -16.33 1.21 -54.44
C THR S 17 -15.82 2.01 -53.23
N LYS S 18 -14.91 1.48 -52.43
CA LYS S 18 -14.40 2.14 -51.23
C LYS S 18 -12.94 2.62 -51.34
N ILE S 19 -12.57 3.63 -50.57
CA ILE S 19 -11.20 4.15 -50.58
C ILE S 19 -10.47 4.02 -49.23
N GLY S 20 -11.11 3.38 -48.25
CA GLY S 20 -10.51 3.20 -46.94
C GLY S 20 -9.75 1.89 -46.79
N PHE S 21 -8.53 1.98 -46.30
CA PHE S 21 -7.66 0.84 -46.09
C PHE S 21 -7.04 0.87 -44.71
N THR S 22 -6.68 -0.30 -44.22
CA THR S 22 -5.99 -0.46 -42.95
C THR S 22 -4.48 -0.26 -43.10
N GLU S 23 -3.91 -0.80 -44.16
CA GLU S 23 -2.46 -0.74 -44.35
C GLU S 23 -2.05 -0.68 -45.81
N VAL S 24 -1.03 0.15 -46.09
CA VAL S 24 -0.42 0.30 -47.42
C VAL S 24 1.11 0.20 -47.30
N SER S 25 1.76 -0.67 -48.12
CA SER S 25 3.21 -0.74 -48.07
C SER S 25 3.88 -1.15 -49.42
N GLY S 26 5.19 -0.83 -49.57
CA GLY S 26 5.96 -1.21 -50.75
C GLY S 26 6.25 -0.10 -51.78
N LEU S 27 6.04 1.17 -51.43
CA LEU S 27 6.27 2.28 -52.36
C LEU S 27 7.76 2.64 -52.52
N ASP S 28 8.53 1.71 -53.11
CA ASP S 28 9.99 1.80 -53.30
C ASP S 28 10.48 1.97 -54.75
N LEU S 29 11.68 2.55 -54.88
CA LEU S 29 12.38 2.73 -56.16
C LEU S 29 13.80 2.18 -56.06
N GLU S 30 14.30 1.42 -57.05
CA GLU S 30 15.66 0.87 -56.95
C GLU S 30 16.44 0.80 -58.28
N THR S 31 17.74 1.12 -58.22
CA THR S 31 18.64 1.07 -59.38
C THR S 31 19.85 0.15 -59.16
N GLU S 32 20.23 -0.62 -60.18
CA GLU S 32 21.43 -1.46 -60.19
C GLU S 32 22.73 -0.71 -60.41
N ILE S 33 23.83 -1.26 -59.91
CA ILE S 33 25.16 -0.66 -60.10
C ILE S 33 26.01 -1.48 -61.06
N ILE S 34 26.78 -0.80 -61.92
CA ILE S 34 27.79 -1.40 -62.77
C ILE S 34 29.17 -0.93 -62.30
N GLU S 35 30.07 -1.88 -62.00
CA GLU S 35 31.40 -1.56 -61.48
C GLU S 35 32.54 -1.82 -62.49
N TYR S 36 33.62 -1.02 -62.41
CA TYR S 36 34.77 -1.19 -63.32
C TYR S 36 36.16 -0.77 -62.77
N ARG S 37 37.21 -1.52 -63.12
CA ARG S 37 38.60 -1.10 -62.82
C ARG S 37 39.59 -1.57 -63.88
N HIS S 38 40.35 -0.65 -64.48
CA HIS S 38 41.42 -1.14 -65.36
C HIS S 38 42.69 -1.32 -64.51
N GLY S 39 43.53 -2.25 -64.96
CA GLY S 39 44.73 -2.69 -64.25
C GLY S 39 45.77 -1.63 -63.93
N ALA S 40 45.88 -0.58 -64.73
CA ALA S 40 46.88 0.46 -64.48
C ALA S 40 46.45 1.53 -63.48
N SER S 41 45.24 1.49 -62.95
CA SER S 41 44.79 2.54 -62.03
C SER S 41 45.59 2.57 -60.70
N PRO S 42 46.00 3.76 -60.23
CA PRO S 42 46.61 3.98 -58.91
C PRO S 42 45.72 3.64 -57.73
N GLU S 43 44.42 3.56 -57.93
CA GLU S 43 43.52 3.21 -56.85
C GLU S 43 43.17 1.74 -56.97
N TYR S 44 42.98 1.10 -55.83
CA TYR S 44 42.73 -0.33 -55.81
C TYR S 44 41.28 -0.66 -55.47
N SER S 45 40.39 0.17 -55.99
CA SER S 45 38.95 0.03 -55.82
C SER S 45 38.29 0.36 -57.16
N LYS S 46 36.99 0.12 -57.26
CA LYS S 46 36.27 0.29 -58.53
C LYS S 46 35.48 1.59 -58.67
N ILE S 47 35.22 1.99 -59.92
CA ILE S 47 34.37 3.14 -60.23
C ILE S 47 32.96 2.65 -60.50
N LYS S 48 31.96 3.41 -60.08
CA LYS S 48 30.57 2.97 -60.18
C LYS S 48 29.66 3.84 -61.05
N MET S 49 28.74 3.20 -61.79
CA MET S 49 27.72 3.93 -62.55
C MET S 49 26.36 3.20 -62.54
N PRO S 50 25.25 3.94 -62.71
CA PRO S 50 23.88 3.38 -62.80
C PRO S 50 23.62 2.38 -63.92
N GLY S 51 22.87 1.34 -63.57
CA GLY S 51 22.37 0.26 -64.41
C GLY S 51 20.86 0.37 -64.64
N MET S 52 20.22 -0.78 -64.83
CA MET S 52 18.78 -0.92 -65.06
C MET S 52 17.95 -0.70 -63.78
N GLN S 53 16.65 -0.40 -63.96
CA GLN S 53 15.79 -0.07 -62.82
C GLN S 53 14.73 -1.10 -62.45
N LYS S 54 14.37 -1.13 -61.17
CA LYS S 54 13.35 -2.02 -60.59
C LYS S 54 12.30 -1.31 -59.76
N PHE S 55 11.14 -1.98 -59.61
CA PHE S 55 10.08 -1.53 -58.72
C PHE S 55 9.63 -2.68 -57.82
N SER S 56 9.18 -2.36 -56.60
CA SER S 56 8.63 -3.36 -55.69
C SER S 56 7.12 -3.54 -55.86
N ASN S 57 6.61 -4.68 -55.41
CA ASN S 57 5.16 -4.91 -55.43
C ASN S 57 4.50 -4.14 -54.28
N ILE S 58 3.24 -3.77 -54.45
CA ILE S 58 2.49 -3.00 -53.47
C ILE S 58 1.46 -3.86 -52.72
N THR S 59 1.47 -3.78 -51.39
CA THR S 59 0.52 -4.54 -50.58
C THR S 59 -0.56 -3.66 -49.95
N LEU S 60 -1.82 -4.06 -50.12
CA LEU S 60 -2.97 -3.37 -49.54
C LEU S 60 -3.78 -4.28 -48.60
N LYS S 61 -4.14 -3.79 -47.40
CA LYS S 61 -4.89 -4.57 -46.40
C LYS S 61 -6.17 -3.85 -46.00
N ARG S 62 -7.29 -4.60 -45.88
CA ARG S 62 -8.60 -4.03 -45.50
C ARG S 62 -9.40 -5.06 -44.71
N GLY S 63 -10.42 -4.61 -43.95
CA GLY S 63 -11.30 -5.52 -43.20
C GLY S 63 -12.38 -6.09 -44.14
N THR S 64 -12.80 -7.34 -43.91
CA THR S 64 -13.90 -7.95 -44.66
C THR S 64 -15.29 -7.47 -44.25
N PHE S 65 -16.08 -7.07 -45.25
CA PHE S 65 -17.45 -6.59 -45.06
C PHE S 65 -18.47 -7.41 -45.84
N LYS S 66 -19.67 -7.45 -45.28
CA LYS S 66 -20.81 -8.11 -45.89
C LYS S 66 -21.10 -7.55 -47.27
N SER S 67 -21.27 -8.45 -48.23
CA SER S 67 -21.58 -8.19 -49.64
C SER S 67 -20.52 -7.39 -50.42
N ASP S 68 -19.26 -7.35 -50.00
CA ASP S 68 -18.24 -6.69 -50.82
C ASP S 68 -17.22 -7.75 -51.25
N ASN S 69 -17.26 -8.16 -52.52
CA ASN S 69 -16.39 -9.21 -53.04
C ASN S 69 -15.36 -8.67 -54.08
N GLU S 70 -15.00 -7.39 -53.98
CA GLU S 70 -14.16 -6.73 -54.99
C GLU S 70 -12.73 -7.30 -55.20
N TYR S 71 -12.00 -7.67 -54.15
CA TYR S 71 -10.68 -8.23 -54.36
C TYR S 71 -10.79 -9.43 -55.30
N PHE S 72 -11.81 -10.24 -55.10
CA PHE S 72 -11.96 -11.45 -55.88
C PHE S 72 -12.36 -11.10 -57.30
N GLN S 73 -13.31 -10.19 -57.45
CA GLN S 73 -13.80 -9.85 -58.78
C GLN S 73 -12.70 -9.28 -59.67
N TRP S 74 -11.80 -8.44 -59.14
CA TRP S 74 -10.71 -7.92 -59.96
C TRP S 74 -9.75 -9.06 -60.36
N TYR S 75 -9.39 -9.91 -59.38
CA TYR S 75 -8.48 -11.03 -59.62
C TYR S 75 -9.04 -11.96 -60.69
N ASN S 76 -10.34 -12.17 -60.66
CA ASN S 76 -11.03 -13.06 -61.57
C ASN S 76 -11.16 -12.49 -63.00
N THR S 77 -10.58 -11.32 -63.30
CA THR S 77 -10.55 -10.80 -64.67
C THR S 77 -9.37 -11.36 -65.45
N ILE S 78 -8.50 -12.18 -64.83
CA ILE S 78 -7.34 -12.75 -65.52
C ILE S 78 -7.78 -13.84 -66.50
N ASN S 79 -7.33 -13.79 -67.75
CA ASN S 79 -7.74 -14.77 -68.75
C ASN S 79 -6.52 -15.11 -69.62
N LEU S 80 -5.84 -16.20 -69.36
CA LEU S 80 -4.57 -16.55 -70.04
C LEU S 80 -3.58 -15.39 -69.88
N ASN S 81 -3.25 -14.60 -70.90
CA ASN S 81 -2.37 -13.45 -70.65
C ASN S 81 -3.09 -12.09 -70.49
N LYS S 82 -4.43 -12.01 -70.41
CA LYS S 82 -5.17 -10.77 -70.32
C LYS S 82 -5.59 -10.50 -68.89
N VAL S 83 -5.65 -9.23 -68.52
CA VAL S 83 -6.11 -8.80 -67.20
C VAL S 83 -6.54 -7.35 -67.28
N GLU S 84 -7.49 -6.94 -66.44
CA GLU S 84 -7.82 -5.52 -66.38
C GLU S 84 -6.73 -4.75 -65.65
N ARG S 85 -6.09 -3.80 -66.31
CA ARG S 85 -5.04 -3.02 -65.67
C ARG S 85 -5.60 -1.68 -65.22
N ARG S 86 -5.16 -1.20 -64.06
CA ARG S 86 -5.68 0.06 -63.54
C ARG S 86 -4.62 1.06 -63.08
N ASP S 87 -5.04 2.32 -63.03
CA ASP S 87 -4.21 3.40 -62.54
C ASP S 87 -4.50 3.52 -61.06
N LEU S 88 -3.47 3.41 -60.25
CA LEU S 88 -3.57 3.43 -58.79
C LEU S 88 -3.07 4.76 -58.20
N THR S 89 -3.91 5.47 -57.47
CA THR S 89 -3.47 6.73 -56.88
C THR S 89 -3.55 6.72 -55.35
N ILE S 90 -2.41 6.92 -54.71
CA ILE S 90 -2.31 6.88 -53.26
C ILE S 90 -1.98 8.26 -52.70
N SER S 91 -2.77 8.72 -51.74
CA SER S 91 -2.58 10.08 -51.25
C SER S 91 -2.64 10.29 -49.72
N LEU S 92 -1.66 11.04 -49.22
CA LEU S 92 -1.55 11.45 -47.81
C LEU S 92 -2.28 12.78 -47.64
N LEU S 93 -3.20 12.86 -46.70
CA LEU S 93 -4.11 13.99 -46.55
C LEU S 93 -3.84 15.00 -45.42
N ASN S 94 -4.28 16.25 -45.63
CA ASN S 94 -4.23 17.31 -44.61
C ASN S 94 -5.52 17.38 -43.78
N GLU S 95 -5.62 18.40 -42.91
CA GLU S 95 -6.79 18.58 -42.03
C GLU S 95 -8.09 18.96 -42.74
N GLU S 96 -8.03 19.36 -44.01
CA GLU S 96 -9.21 19.67 -44.81
C GLU S 96 -9.60 18.46 -45.65
N HIS S 97 -8.86 17.36 -45.47
CA HIS S 97 -8.98 16.10 -46.18
C HIS S 97 -8.58 16.25 -47.65
N GLU S 98 -7.60 17.11 -47.93
CA GLU S 98 -7.05 17.33 -49.27
C GLU S 98 -5.67 16.68 -49.36
N PRO S 99 -5.24 16.25 -50.56
CA PRO S 99 -3.91 15.72 -50.82
C PRO S 99 -2.75 16.65 -50.48
N VAL S 100 -1.69 16.06 -49.96
CA VAL S 100 -0.43 16.71 -49.65
C VAL S 100 0.67 16.01 -50.42
N VAL S 101 0.76 14.69 -50.28
CA VAL S 101 1.77 13.88 -50.96
C VAL S 101 1.08 12.80 -51.78
N THR S 102 1.38 12.74 -53.07
CA THR S 102 0.75 11.74 -53.92
C THR S 102 1.73 10.80 -54.62
N TRP S 103 1.40 9.51 -54.56
CA TRP S 103 2.14 8.46 -55.24
C TRP S 103 1.32 7.97 -56.43
N LYS S 104 1.85 8.13 -57.62
CA LYS S 104 1.14 7.76 -58.85
C LYS S 104 1.68 6.46 -59.44
N VAL S 105 0.83 5.44 -59.56
CA VAL S 105 1.25 4.12 -60.03
C VAL S 105 0.57 3.69 -61.35
N LYS S 106 1.41 3.34 -62.32
CA LYS S 106 1.03 2.94 -63.67
C LYS S 106 0.80 1.42 -63.87
N ASN S 107 -0.25 1.07 -64.62
CA ASN S 107 -0.53 -0.31 -65.08
C ASN S 107 -0.58 -1.45 -64.03
N ALA S 108 -1.22 -1.23 -62.89
CA ALA S 108 -1.31 -2.26 -61.84
C ALA S 108 -2.33 -3.37 -62.11
N TRP S 109 -2.05 -4.57 -61.60
CA TRP S 109 -2.93 -5.73 -61.63
C TRP S 109 -2.54 -6.65 -60.46
N PRO S 110 -3.45 -7.53 -60.00
CA PRO S 110 -3.14 -8.39 -58.83
C PRO S 110 -2.46 -9.77 -58.97
N LEU S 111 -1.28 -9.93 -58.38
CA LEU S 111 -0.58 -11.22 -58.32
C LEU S 111 -1.23 -12.19 -57.36
N LYS S 112 -1.68 -11.70 -56.23
CA LYS S 112 -2.32 -12.58 -55.28
C LYS S 112 -3.30 -11.97 -54.30
N VAL S 113 -4.28 -12.78 -53.96
CA VAL S 113 -5.33 -12.41 -53.02
C VAL S 113 -5.28 -13.40 -51.85
N GLN S 114 -5.08 -12.88 -50.63
CA GLN S 114 -5.01 -13.73 -49.42
C GLN S 114 -6.19 -13.51 -48.47
N SER S 115 -6.86 -14.61 -48.14
CA SER S 115 -7.97 -14.63 -47.19
C SER S 115 -7.49 -14.82 -45.76
N THR S 116 -8.42 -14.57 -44.85
CA THR S 116 -8.31 -14.68 -43.40
C THR S 116 -8.24 -16.13 -42.84
N ASP S 117 -7.53 -16.29 -41.74
CA ASP S 117 -7.53 -17.54 -41.00
C ASP S 117 -8.73 -17.55 -40.03
N LEU S 118 -9.15 -18.71 -39.55
CA LEU S 118 -10.27 -18.79 -38.62
C LEU S 118 -9.83 -19.45 -37.33
N LYS S 119 -10.22 -18.89 -36.18
CA LYS S 119 -9.86 -19.46 -34.88
C LYS S 119 -11.03 -19.45 -33.91
N GLY S 120 -11.17 -20.54 -33.14
CA GLY S 120 -12.23 -20.67 -32.14
C GLY S 120 -12.20 -19.60 -31.05
N ASP S 121 -11.00 -19.15 -30.70
CA ASP S 121 -10.78 -18.11 -29.72
C ASP S 121 -10.21 -16.84 -30.36
N GLY S 122 -10.45 -16.68 -31.66
CA GLY S 122 -9.96 -15.55 -32.43
C GLY S 122 -10.76 -14.29 -32.25
N ASN S 123 -10.61 -13.65 -31.10
CA ASN S 123 -11.37 -12.43 -30.80
C ASN S 123 -10.80 -11.21 -31.52
N GLU S 124 -10.96 -11.19 -32.86
CA GLU S 124 -10.46 -10.07 -33.68
C GLU S 124 -11.13 -9.97 -35.06
N VAL S 125 -10.78 -8.89 -35.77
CA VAL S 125 -11.36 -8.56 -37.08
C VAL S 125 -10.75 -9.40 -38.19
N ALA S 126 -11.59 -9.91 -39.07
CA ALA S 126 -11.12 -10.66 -40.22
C ALA S 126 -10.56 -9.70 -41.28
N ILE S 127 -9.25 -9.80 -41.57
CA ILE S 127 -8.54 -8.91 -42.51
C ILE S 127 -8.08 -9.62 -43.78
N GLU S 128 -8.51 -9.13 -44.93
CA GLU S 128 -8.08 -9.66 -46.22
C GLU S 128 -7.01 -8.76 -46.84
N SER S 129 -6.17 -9.34 -47.70
CA SER S 129 -5.12 -8.56 -48.36
C SER S 129 -4.83 -8.93 -49.82
N MET S 130 -4.26 -7.96 -50.52
CA MET S 130 -3.90 -8.08 -51.93
C MET S 130 -2.50 -7.56 -52.27
N GLU S 131 -1.81 -8.26 -53.18
CA GLU S 131 -0.50 -7.85 -53.68
C GLU S 131 -0.54 -7.49 -55.17
N LEU S 132 -0.07 -6.27 -55.48
CA LEU S 132 -0.11 -5.74 -56.85
C LEU S 132 1.24 -5.54 -57.56
N ALA S 133 1.26 -5.95 -58.82
CA ALA S 133 2.37 -5.71 -59.74
C ALA S 133 2.11 -4.40 -60.46
N HIS S 134 3.16 -3.70 -60.88
CA HIS S 134 2.95 -2.46 -61.62
C HIS S 134 4.17 -2.14 -62.47
N GLU S 135 4.07 -1.09 -63.30
CA GLU S 135 5.15 -0.70 -64.20
C GLU S 135 5.76 0.70 -63.96
N GLY S 136 5.63 1.27 -62.77
CA GLY S 136 6.25 2.57 -62.56
C GLY S 136 5.57 3.45 -61.54
N LEU S 137 6.40 4.23 -60.84
CA LEU S 137 6.00 5.11 -59.76
C LEU S 137 6.60 6.52 -59.86
N VAL S 138 5.73 7.52 -59.74
CA VAL S 138 6.09 8.94 -59.71
C VAL S 138 5.63 9.58 -58.39
N ILE S 139 6.51 10.35 -57.74
CA ILE S 139 6.17 10.97 -56.47
C ILE S 139 6.00 12.49 -56.59
N GLN S 140 4.83 12.98 -56.19
CA GLN S 140 4.52 14.41 -56.25
C GLN S 140 4.33 15.05 -54.87
N ASN S 141 5.11 16.10 -54.59
CA ASN S 141 5.02 16.82 -53.33
C ASN S 141 5.35 18.28 -53.59
N GLU S 142 4.34 19.11 -53.76
CA GLU S 142 4.54 20.49 -54.14
C GLU S 142 4.22 21.44 -52.99
N SER T 2 -21.83 -1.09 -41.16
CA SER T 2 -20.77 -0.13 -40.92
C SER T 2 -19.64 -0.73 -40.16
N TYR T 3 -19.82 -1.99 -39.84
CA TYR T 3 -18.85 -2.72 -39.06
C TYR T 3 -18.36 -3.94 -39.83
N PRO T 4 -17.09 -4.31 -39.66
CA PRO T 4 -16.48 -5.51 -40.25
C PRO T 4 -16.92 -6.78 -39.54
N LEU T 5 -16.72 -7.91 -40.21
CA LEU T 5 -17.01 -9.23 -39.66
C LEU T 5 -15.91 -9.70 -38.69
N SER T 6 -16.30 -10.47 -37.68
CA SER T 6 -15.38 -11.12 -36.74
C SER T 6 -14.87 -12.43 -37.34
N LYS T 7 -13.92 -13.10 -36.66
CA LYS T 7 -13.31 -14.32 -37.22
C LYS T 7 -13.50 -15.60 -36.38
N PHE T 8 -14.42 -15.64 -35.40
CA PHE T 8 -14.53 -16.86 -34.58
C PHE T 8 -15.77 -17.74 -34.77
N HIS T 9 -16.77 -17.36 -35.54
CA HIS T 9 -17.95 -18.19 -35.71
C HIS T 9 -18.02 -18.74 -37.15
N PHE T 10 -17.75 -20.04 -37.31
CA PHE T 10 -17.63 -20.66 -38.62
C PHE T 10 -17.92 -22.16 -38.58
N SER T 11 -18.10 -22.76 -39.76
CA SER T 11 -18.27 -24.22 -39.87
C SER T 11 -17.62 -24.83 -41.11
N VAL T 12 -17.26 -26.12 -41.02
CA VAL T 12 -16.62 -26.83 -42.14
C VAL T 12 -17.31 -28.13 -42.53
N GLU T 13 -17.74 -28.24 -43.79
CA GLU T 13 -18.36 -29.47 -44.29
C GLU T 13 -17.37 -30.27 -45.13
N TRP T 14 -16.93 -31.39 -44.59
CA TRP T 14 -15.89 -32.21 -45.21
C TRP T 14 -16.24 -33.67 -45.39
N GLY T 15 -17.49 -34.06 -45.21
CA GLY T 15 -17.88 -35.46 -45.31
C GLY T 15 -17.76 -36.27 -44.02
N GLY T 16 -17.30 -35.64 -42.95
CA GLY T 16 -17.20 -36.31 -41.66
C GLY T 16 -18.46 -36.15 -40.83
N THR T 17 -18.50 -36.82 -39.68
CA THR T 17 -19.64 -36.67 -38.75
C THR T 17 -19.78 -35.29 -38.10
N LYS T 18 -18.70 -34.60 -37.77
CA LYS T 18 -18.73 -33.29 -37.11
C LYS T 18 -18.30 -32.11 -38.00
N ILE T 19 -18.77 -30.91 -37.69
CA ILE T 19 -18.40 -29.71 -38.46
C ILE T 19 -17.65 -28.66 -37.64
N GLY T 20 -17.33 -28.96 -36.39
CA GLY T 20 -16.62 -28.02 -35.52
C GLY T 20 -15.12 -28.21 -35.55
N PHE T 21 -14.40 -27.11 -35.74
CA PHE T 21 -12.95 -27.09 -35.80
C PHE T 21 -12.39 -25.99 -34.93
N THR T 22 -11.16 -26.18 -34.49
CA THR T 22 -10.42 -25.20 -33.72
C THR T 22 -9.75 -24.16 -34.61
N GLU T 23 -9.18 -24.62 -35.72
CA GLU T 23 -8.42 -23.73 -36.60
C GLU T 23 -8.49 -24.13 -38.07
N VAL T 24 -8.62 -23.12 -38.94
CA VAL T 24 -8.61 -23.29 -40.40
C VAL T 24 -7.63 -22.29 -41.03
N SER T 25 -6.71 -22.76 -41.90
CA SER T 25 -5.80 -21.81 -42.57
C SER T 25 -5.34 -22.26 -43.98
N GLY T 26 -4.87 -21.30 -44.80
CA GLY T 26 -4.33 -21.57 -46.14
C GLY T 26 -5.23 -21.26 -47.34
N LEU T 27 -6.30 -20.50 -47.14
CA LEU T 27 -7.22 -20.17 -48.24
C LEU T 27 -6.69 -19.06 -49.17
N ASP T 28 -5.60 -19.37 -49.89
CA ASP T 28 -4.87 -18.46 -50.78
C ASP T 28 -4.98 -18.75 -52.29
N LEU T 29 -4.78 -17.70 -53.09
CA LEU T 29 -4.74 -17.75 -54.57
C LEU T 29 -3.46 -17.08 -55.08
N GLU T 30 -2.75 -17.67 -56.05
CA GLU T 30 -1.51 -17.04 -56.54
C GLU T 30 -1.24 -17.22 -58.05
N THR T 31 -0.75 -16.16 -58.69
CA THR T 31 -0.39 -16.15 -60.11
C THR T 31 1.08 -15.78 -60.37
N GLU T 32 1.75 -16.47 -61.29
CA GLU T 32 3.09 -16.17 -61.75
C GLU T 32 3.20 -14.98 -62.71
N ILE T 33 4.36 -14.34 -62.73
CA ILE T 33 4.61 -13.21 -63.63
C ILE T 33 5.58 -13.59 -64.74
N ILE T 34 5.32 -13.12 -65.96
CA ILE T 34 6.24 -13.21 -67.08
C ILE T 34 6.74 -11.80 -67.44
N GLU T 35 8.06 -11.61 -67.47
CA GLU T 35 8.66 -10.30 -67.73
C GLU T 35 9.34 -10.19 -69.10
N TYR T 36 9.33 -8.98 -69.70
CA TYR T 36 9.97 -8.77 -71.02
C TYR T 36 10.52 -7.35 -71.30
N ARG T 37 11.67 -7.25 -71.98
CA ARG T 37 12.18 -5.96 -72.48
C ARG T 37 12.94 -6.08 -73.80
N HIS T 38 12.53 -5.35 -74.83
CA HIS T 38 13.38 -5.36 -76.03
C HIS T 38 14.39 -4.22 -75.90
N GLY T 39 15.55 -4.42 -76.53
CA GLY T 39 16.72 -3.54 -76.45
C GLY T 39 16.52 -2.08 -76.87
N ALA T 40 15.59 -1.79 -77.78
CA ALA T 40 15.37 -0.43 -78.22
C ALA T 40 14.44 0.40 -77.33
N SER T 41 13.87 -0.17 -76.27
CA SER T 41 12.93 0.59 -75.46
C SER T 41 13.59 1.77 -74.72
N PRO T 42 12.95 2.97 -74.72
CA PRO T 42 13.35 4.14 -73.92
C PRO T 42 13.33 3.94 -72.41
N GLU T 43 12.60 2.93 -71.93
CA GLU T 43 12.56 2.68 -70.50
C GLU T 43 13.50 1.54 -70.19
N TYR T 44 14.11 1.61 -69.02
CA TYR T 44 15.12 0.63 -68.64
C TYR T 44 14.61 -0.34 -67.58
N SER T 45 13.35 -0.71 -67.72
CA SER T 45 12.66 -1.66 -66.85
C SER T 45 11.79 -2.55 -67.73
N LYS T 46 11.22 -3.60 -67.14
CA LYS T 46 10.45 -4.59 -67.90
C LYS T 46 8.93 -4.43 -67.85
N ILE T 47 8.26 -4.99 -68.86
CA ILE T 47 6.80 -5.04 -68.91
C ILE T 47 6.34 -6.39 -68.36
N LYS T 48 5.23 -6.39 -67.63
CA LYS T 48 4.77 -7.61 -66.96
C LYS T 48 3.41 -8.13 -67.41
N MET T 49 3.27 -9.47 -67.48
CA MET T 49 1.96 -10.10 -67.77
C MET T 49 1.77 -11.40 -66.96
N PRO T 50 0.51 -11.80 -66.68
CA PRO T 50 0.16 -13.06 -65.99
C PRO T 50 0.63 -14.36 -66.66
N GLY T 51 1.09 -15.26 -65.82
CA GLY T 51 1.53 -16.63 -66.10
C GLY T 51 0.54 -17.66 -65.58
N MET T 52 1.06 -18.84 -65.24
CA MET T 52 0.32 -19.98 -64.71
C MET T 52 -0.12 -19.78 -63.24
N GLN T 53 -1.12 -20.54 -62.80
CA GLN T 53 -1.69 -20.37 -61.46
C GLN T 53 -1.41 -21.48 -60.46
N LYS T 54 -1.37 -21.11 -59.17
CA LYS T 54 -1.13 -21.99 -58.04
C LYS T 54 -2.16 -21.89 -56.92
N PHE T 55 -2.26 -22.94 -56.12
CA PHE T 55 -3.08 -22.96 -54.91
C PHE T 55 -2.26 -23.48 -53.73
N SER T 56 -2.57 -23.00 -52.53
CA SER T 56 -1.91 -23.47 -51.30
C SER T 56 -2.67 -24.65 -50.68
N ASN T 57 -1.96 -25.43 -49.85
CA ASN T 57 -2.62 -26.52 -49.12
C ASN T 57 -3.41 -25.95 -47.94
N ILE T 58 -4.46 -26.66 -47.53
CA ILE T 58 -5.34 -26.22 -46.45
C ILE T 58 -5.12 -27.02 -45.17
N THR T 59 -4.95 -26.33 -44.04
CA THR T 59 -4.73 -27.00 -42.76
C THR T 59 -5.95 -26.88 -41.83
N LEU T 60 -6.37 -28.02 -41.30
CA LEU T 60 -7.48 -28.10 -40.35
C LEU T 60 -7.06 -28.70 -38.99
N LYS T 61 -7.45 -28.06 -37.88
CA LYS T 61 -7.09 -28.52 -36.53
C LYS T 61 -8.32 -28.76 -35.67
N ARG T 62 -8.35 -29.86 -34.90
CA ARG T 62 -9.49 -30.20 -34.02
C ARG T 62 -8.98 -30.94 -32.78
N GLY T 63 -9.80 -30.98 -31.71
CA GLY T 63 -9.44 -31.72 -30.49
C GLY T 63 -9.76 -33.21 -30.67
N THR T 64 -8.96 -34.09 -30.06
CA THR T 64 -9.22 -35.54 -30.06
C THR T 64 -10.34 -35.97 -29.11
N PHE T 65 -11.27 -36.75 -29.63
CA PHE T 65 -12.41 -37.28 -28.88
C PHE T 65 -12.47 -38.80 -28.91
N LYS T 66 -13.03 -39.34 -27.84
CA LYS T 66 -13.25 -40.78 -27.69
C LYS T 66 -14.12 -41.31 -28.82
N SER T 67 -13.64 -42.41 -29.41
CA SER T 67 -14.28 -43.15 -30.51
C SER T 67 -14.45 -42.38 -31.83
N ASP T 68 -13.69 -41.33 -32.09
CA ASP T 68 -13.77 -40.68 -33.41
C ASP T 68 -12.41 -40.82 -34.10
N ASN T 69 -12.33 -41.70 -35.09
CA ASN T 69 -11.08 -41.99 -35.79
C ASN T 69 -11.10 -41.52 -37.28
N GLU T 70 -11.89 -40.49 -37.58
CA GLU T 70 -12.12 -40.05 -38.97
C GLU T 70 -10.89 -39.55 -39.75
N TYR T 71 -9.99 -38.76 -39.15
CA TYR T 71 -8.82 -38.32 -39.88
C TYR T 71 -8.09 -39.54 -40.43
N PHE T 72 -7.98 -40.58 -39.62
CA PHE T 72 -7.24 -41.75 -40.02
C PHE T 72 -7.97 -42.50 -41.10
N GLN T 73 -9.28 -42.69 -40.91
CA GLN T 73 -10.06 -43.46 -41.86
C GLN T 73 -10.05 -42.85 -43.26
N TRP T 74 -10.12 -41.52 -43.38
CA TRP T 74 -10.05 -40.90 -44.71
C TRP T 74 -8.65 -41.12 -45.32
N TYR T 75 -7.60 -40.88 -44.54
CA TYR T 75 -6.22 -41.05 -44.99
C TYR T 75 -5.99 -42.47 -45.49
N ASN T 76 -6.54 -43.42 -44.78
CA ASN T 76 -6.38 -44.84 -45.07
C ASN T 76 -7.16 -45.30 -46.32
N THR T 77 -7.82 -44.38 -47.07
CA THR T 77 -8.46 -44.75 -48.34
C THR T 77 -7.46 -44.67 -49.49
N ILE T 78 -6.21 -44.27 -49.25
CA ILE T 78 -5.20 -44.17 -50.32
C ILE T 78 -4.74 -45.56 -50.75
N ASN T 79 -4.75 -45.84 -52.05
CA ASN T 79 -4.36 -47.16 -52.54
C ASN T 79 -3.55 -46.98 -53.82
N LEU T 80 -2.24 -47.03 -53.76
CA LEU T 80 -1.34 -46.73 -54.90
C LEU T 80 -1.69 -45.34 -55.45
N ASN T 81 -2.30 -45.16 -56.62
CA ASN T 81 -2.68 -43.80 -57.03
C ASN T 81 -4.15 -43.42 -56.76
N LYS T 82 -4.96 -44.22 -56.05
CA LYS T 82 -6.38 -43.95 -55.82
C LYS T 82 -6.58 -43.37 -54.43
N VAL T 83 -7.59 -42.51 -54.30
CA VAL T 83 -7.95 -41.92 -53.01
C VAL T 83 -9.38 -41.40 -53.12
N GLU T 84 -10.11 -41.38 -52.00
CA GLU T 84 -11.42 -40.77 -52.02
C GLU T 84 -11.29 -39.25 -52.06
N ARG T 85 -11.80 -38.61 -53.10
CA ARG T 85 -11.73 -37.15 -53.19
C ARG T 85 -13.04 -36.53 -52.75
N ARG T 86 -12.97 -35.40 -52.06
CA ARG T 86 -14.19 -34.76 -51.57
C ARG T 86 -14.31 -33.27 -51.87
N ASP T 87 -15.56 -32.80 -51.83
CA ASP T 87 -15.86 -31.40 -52.00
C ASP T 87 -15.87 -30.80 -50.60
N LEU T 88 -15.04 -29.78 -50.39
CA LEU T 88 -14.88 -29.12 -49.10
C LEU T 88 -15.55 -27.75 -49.07
N THR T 89 -16.48 -27.53 -48.14
CA THR T 89 -17.14 -26.23 -48.07
C THR T 89 -16.91 -25.55 -46.72
N ILE T 90 -16.32 -24.37 -46.76
CA ILE T 90 -15.97 -23.62 -45.56
C ILE T 90 -16.80 -22.34 -45.48
N SER T 91 -17.45 -22.12 -44.34
CA SER T 91 -18.34 -20.97 -44.24
C SER T 91 -18.29 -20.15 -42.95
N LEU T 92 -18.26 -18.83 -43.12
CA LEU T 92 -18.27 -17.84 -42.05
C LEU T 92 -19.74 -17.46 -41.76
N LEU T 93 -20.16 -17.57 -40.52
CA LEU T 93 -21.56 -17.45 -40.12
C LEU T 93 -22.01 -16.14 -39.46
N ASN T 94 -23.31 -15.81 -39.63
CA ASN T 94 -23.96 -14.68 -38.97
C ASN T 94 -24.61 -15.07 -37.63
N GLU T 95 -25.34 -14.14 -37.01
CA GLU T 95 -26.00 -14.36 -35.72
C GLU T 95 -27.16 -15.35 -35.75
N GLU T 96 -27.67 -15.70 -36.93
CA GLU T 96 -28.72 -16.69 -37.08
C GLU T 96 -28.13 -18.06 -37.41
N HIS T 97 -26.80 -18.11 -37.44
CA HIS T 97 -25.97 -19.26 -37.78
C HIS T 97 -26.10 -19.64 -39.26
N GLU T 98 -26.28 -18.62 -40.12
CA GLU T 98 -26.38 -18.80 -41.57
C GLU T 98 -25.09 -18.30 -42.22
N PRO T 99 -24.71 -18.85 -43.38
CA PRO T 99 -23.56 -18.41 -44.16
C PRO T 99 -23.59 -16.95 -44.60
N VAL T 100 -22.42 -16.33 -44.57
CA VAL T 100 -22.17 -14.98 -45.04
C VAL T 100 -21.12 -15.03 -46.12
N VAL T 101 -19.97 -15.67 -45.83
CA VAL T 101 -18.87 -15.79 -46.77
C VAL T 101 -18.53 -17.26 -46.95
N THR T 102 -18.53 -17.73 -48.20
CA THR T 102 -18.23 -19.14 -48.44
C THR T 102 -17.03 -19.38 -49.36
N TRP T 103 -16.18 -20.31 -48.94
CA TRP T 103 -15.04 -20.75 -49.71
C TRP T 103 -15.32 -22.16 -50.24
N LYS T 104 -15.35 -22.29 -51.55
CA LYS T 104 -15.66 -23.57 -52.18
C LYS T 104 -14.42 -24.26 -52.74
N VAL T 105 -14.10 -25.46 -52.25
CA VAL T 105 -12.89 -26.17 -52.64
C VAL T 105 -13.15 -27.50 -53.36
N LYS T 106 -12.56 -27.62 -54.55
CA LYS T 106 -12.68 -28.76 -55.45
C LYS T 106 -11.63 -29.88 -55.26
N ASN T 107 -12.08 -31.14 -55.33
CA ASN T 107 -11.20 -32.34 -55.35
C ASN T 107 -10.15 -32.52 -54.24
N ALA T 108 -10.49 -32.26 -52.98
CA ALA T 108 -9.54 -32.39 -51.88
C ALA T 108 -9.27 -33.82 -51.42
N TRP T 109 -8.06 -34.07 -50.93
CA TRP T 109 -7.65 -35.35 -50.32
C TRP T 109 -6.49 -35.05 -49.36
N PRO T 110 -6.21 -35.92 -48.37
CA PRO T 110 -5.14 -35.63 -47.38
C PRO T 110 -3.67 -36.04 -47.60
N LEU T 111 -2.78 -35.08 -47.64
CA LEU T 111 -1.33 -35.32 -47.73
C LEU T 111 -0.76 -35.84 -46.43
N LYS T 112 -1.22 -35.28 -45.31
CA LYS T 112 -0.70 -35.76 -44.04
C LYS T 112 -1.59 -35.57 -42.83
N VAL T 113 -1.44 -36.51 -41.92
CA VAL T 113 -2.18 -36.54 -40.67
C VAL T 113 -1.16 -36.50 -39.53
N GLN T 114 -1.25 -35.48 -38.66
CA GLN T 114 -0.32 -35.33 -37.52
C GLN T 114 -1.00 -35.52 -36.17
N SER T 115 -0.45 -36.42 -35.38
CA SER T 115 -0.91 -36.70 -34.02
C SER T 115 -0.24 -35.78 -33.00
N THR T 116 -0.81 -35.81 -31.81
CA THR T 116 -0.40 -35.10 -30.59
C THR T 116 0.88 -35.61 -29.91
N ASP T 117 1.61 -34.69 -29.28
CA ASP T 117 2.74 -35.05 -28.44
C ASP T 117 2.23 -35.37 -27.03
N LEU T 118 3.00 -36.08 -26.21
CA LEU T 118 2.58 -36.40 -24.86
C LEU T 118 3.59 -35.86 -23.86
N LYS T 119 3.11 -35.24 -22.79
CA LYS T 119 4.00 -34.69 -21.76
C LYS T 119 3.49 -34.97 -20.35
N GLY T 120 4.41 -35.32 -19.45
CA GLY T 120 4.09 -35.60 -18.04
C GLY T 120 3.43 -34.43 -17.31
N ASP T 121 3.81 -33.22 -17.67
CA ASP T 121 3.28 -32.00 -17.11
C ASP T 121 2.46 -31.21 -18.15
N GLY T 122 1.98 -31.90 -19.17
CA GLY T 122 1.23 -31.32 -20.26
C GLY T 122 -0.22 -31.04 -19.92
N ASN T 123 -0.45 -30.01 -19.12
CA ASN T 123 -1.80 -29.65 -18.70
C ASN T 123 -2.58 -28.94 -19.80
N GLU T 124 -2.92 -29.68 -20.87
CA GLU T 124 -3.67 -29.12 -22.00
C GLU T 124 -4.38 -30.18 -22.87
N VAL T 125 -5.16 -29.67 -23.83
CA VAL T 125 -5.98 -30.50 -24.72
C VAL T 125 -5.15 -31.13 -25.83
N ALA T 126 -5.37 -32.40 -26.08
CA ALA T 126 -4.70 -33.08 -27.17
C ALA T 126 -5.33 -32.69 -28.51
N ILE T 127 -4.55 -32.02 -29.39
CA ILE T 127 -5.02 -31.51 -30.68
C ILE T 127 -4.40 -32.24 -31.87
N GLU T 128 -5.24 -32.80 -32.73
CA GLU T 128 -4.79 -33.44 -33.96
C GLU T 128 -5.01 -32.53 -35.17
N SER T 129 -4.21 -32.73 -36.22
CA SER T 129 -4.35 -31.91 -37.43
C SER T 129 -4.14 -32.65 -38.76
N MET T 130 -4.72 -32.06 -39.80
CA MET T 130 -4.66 -32.59 -41.16
C MET T 130 -4.32 -31.53 -42.23
N GLU T 131 -3.52 -31.93 -43.22
CA GLU T 131 -3.19 -31.07 -44.36
C GLU T 131 -3.76 -31.62 -45.67
N LEU T 132 -4.52 -30.77 -46.37
CA LEU T 132 -5.21 -31.15 -47.61
C LEU T 132 -4.72 -30.51 -48.92
N ALA T 133 -4.59 -31.34 -49.94
CA ALA T 133 -4.31 -30.92 -51.31
C ALA T 133 -5.62 -30.69 -52.01
N HIS T 134 -5.67 -29.81 -53.01
CA HIS T 134 -6.91 -29.59 -53.75
C HIS T 134 -6.61 -29.02 -55.13
N GLU T 135 -7.66 -28.90 -55.95
CA GLU T 135 -7.51 -28.40 -57.32
C GLU T 135 -8.23 -27.08 -57.65
N GLY T 136 -8.56 -26.26 -56.66
CA GLY T 136 -9.22 -25.01 -57.00
C GLY T 136 -10.13 -24.44 -55.94
N LEU T 137 -10.17 -23.11 -55.88
CA LEU T 137 -10.92 -22.34 -54.91
C LEU T 137 -11.72 -21.18 -55.52
N VAL T 138 -13.01 -21.13 -55.16
CA VAL T 138 -13.93 -20.06 -55.55
C VAL T 138 -14.48 -19.35 -54.30
N ILE T 139 -14.48 -18.02 -54.31
CA ILE T 139 -14.96 -17.27 -53.15
C ILE T 139 -16.29 -16.57 -53.42
N GLN T 140 -17.29 -16.85 -52.59
CA GLN T 140 -18.62 -16.27 -52.73
C GLN T 140 -19.02 -15.35 -51.57
N ASN T 141 -19.36 -14.11 -51.88
CA ASN T 141 -19.78 -13.13 -50.87
C ASN T 141 -20.80 -12.19 -51.51
N GLU T 142 -22.07 -12.48 -51.29
CA GLU T 142 -23.13 -11.75 -51.94
C GLU T 142 -23.87 -10.85 -50.97
N SER U 2 -18.67 -35.10 -24.30
CA SER U 2 -18.78 -33.74 -24.79
C SER U 2 -17.52 -32.97 -24.59
N TYR U 3 -16.56 -33.64 -24.02
CA TYR U 3 -15.29 -33.04 -23.71
C TYR U 3 -14.16 -33.81 -24.40
N PRO U 4 -13.11 -33.09 -24.82
CA PRO U 4 -11.90 -33.68 -25.43
C PRO U 4 -11.01 -34.35 -24.39
N LEU U 5 -10.10 -35.19 -24.87
CA LEU U 5 -9.12 -35.86 -24.04
C LEU U 5 -7.95 -34.94 -23.67
N SER U 6 -7.38 -35.15 -22.49
CA SER U 6 -6.17 -34.45 -22.03
C SER U 6 -4.92 -35.16 -22.57
N LYS U 7 -3.73 -34.58 -22.35
CA LYS U 7 -2.49 -35.16 -22.92
C LYS U 7 -1.44 -35.60 -21.89
N PHE U 8 -1.76 -35.76 -20.60
CA PHE U 8 -0.71 -36.12 -19.64
C PHE U 8 -0.74 -37.53 -19.04
N HIS U 9 -1.75 -38.35 -19.29
CA HIS U 9 -1.78 -39.69 -18.71
C HIS U 9 -1.62 -40.75 -19.81
N PHE U 10 -0.46 -41.39 -19.86
CA PHE U 10 -0.12 -42.32 -20.94
C PHE U 10 0.93 -43.35 -20.51
N SER U 11 1.11 -44.39 -21.34
CA SER U 11 2.16 -45.39 -21.10
C SER U 11 2.81 -45.92 -22.38
N VAL U 12 4.06 -46.37 -22.27
CA VAL U 12 4.80 -46.90 -23.43
C VAL U 12 5.38 -48.30 -23.20
N GLU U 13 5.02 -49.26 -24.04
CA GLU U 13 5.57 -50.62 -23.96
C GLU U 13 6.63 -50.83 -25.03
N TRP U 14 7.87 -50.94 -24.60
CA TRP U 14 9.00 -51.01 -25.51
C TRP U 14 9.95 -52.17 -25.24
N GLY U 15 9.58 -53.13 -24.41
CA GLY U 15 10.46 -54.23 -24.08
C GLY U 15 11.39 -53.98 -22.89
N GLY U 16 11.35 -52.80 -22.31
CA GLY U 16 12.16 -52.49 -21.15
C GLY U 16 11.46 -52.82 -19.85
N THR U 17 12.16 -52.67 -18.73
CA THR U 17 11.56 -52.88 -17.40
C THR U 17 10.47 -51.85 -17.00
N LYS U 18 10.60 -50.59 -17.38
CA LYS U 18 9.64 -49.53 -17.01
C LYS U 18 8.79 -49.01 -18.17
N ILE U 19 7.60 -48.49 -17.88
CA ILE U 19 6.72 -47.93 -18.92
C ILE U 19 6.45 -46.43 -18.76
N GLY U 20 7.09 -45.78 -17.79
CA GLY U 20 6.89 -44.36 -17.56
C GLY U 20 7.90 -43.48 -18.28
N PHE U 21 7.39 -42.48 -18.98
CA PHE U 21 8.20 -41.54 -19.75
C PHE U 21 7.77 -40.12 -19.47
N THR U 22 8.72 -39.21 -19.67
CA THR U 22 8.48 -37.79 -19.53
C THR U 22 7.88 -37.19 -20.79
N GLU U 23 8.39 -37.60 -21.95
CA GLU U 23 7.94 -37.03 -23.21
C GLU U 23 7.98 -38.02 -24.38
N VAL U 24 6.95 -37.96 -25.22
CA VAL U 24 6.84 -38.76 -26.45
C VAL U 24 6.48 -37.86 -27.64
N SER U 25 7.24 -37.94 -28.76
CA SER U 25 6.88 -37.13 -29.93
C SER U 25 7.27 -37.77 -31.29
N GLY U 26 6.63 -37.30 -32.37
CA GLY U 26 6.93 -37.77 -33.74
C GLY U 26 5.95 -38.76 -34.37
N LEU U 27 4.76 -38.94 -33.82
CA LEU U 27 3.78 -39.89 -34.36
C LEU U 27 3.04 -39.36 -35.60
N ASP U 28 3.78 -39.18 -36.70
CA ASP U 28 3.32 -38.61 -37.97
C ASP U 28 3.23 -39.58 -39.15
N LEU U 29 2.36 -39.23 -40.12
CA LEU U 29 2.17 -39.97 -41.38
C LEU U 29 2.28 -38.99 -42.56
N GLU U 30 3.00 -39.34 -43.64
CA GLU U 30 3.11 -38.40 -44.78
C GLU U 30 3.15 -39.06 -46.17
N THR U 31 2.47 -38.44 -47.14
CA THR U 31 2.44 -38.91 -48.53
C THR U 31 2.92 -37.84 -49.53
N GLU U 32 3.70 -38.26 -50.53
CA GLU U 32 4.15 -37.41 -51.64
C GLU U 32 3.11 -37.14 -52.71
N ILE U 33 3.24 -36.02 -53.40
CA ILE U 33 2.32 -35.65 -54.48
C ILE U 33 3.00 -35.77 -55.84
N ILE U 34 2.27 -36.26 -56.84
CA ILE U 34 2.66 -36.26 -58.24
C ILE U 34 1.75 -35.30 -59.02
N GLU U 35 2.35 -34.34 -59.72
CA GLU U 35 1.60 -33.32 -60.46
C GLU U 35 1.67 -33.49 -61.98
N TYR U 36 0.59 -33.09 -62.69
CA TYR U 36 0.56 -33.19 -64.17
C TYR U 36 -0.32 -32.15 -64.91
N ARG U 37 0.14 -31.68 -66.09
CA ARG U 37 -0.69 -30.84 -66.97
C ARG U 37 -0.39 -31.06 -68.45
N HIS U 38 -1.37 -31.42 -69.26
CA HIS U 38 -1.08 -31.44 -70.70
C HIS U 38 -1.40 -30.05 -71.27
N GLY U 39 -0.69 -29.72 -72.36
CA GLY U 39 -0.72 -28.42 -73.00
C GLY U 39 -2.07 -27.91 -73.50
N ALA U 40 -2.98 -28.80 -73.87
CA ALA U 40 -4.28 -28.38 -74.37
C ALA U 40 -5.32 -28.09 -73.30
N SER U 41 -5.01 -28.27 -72.02
CA SER U 41 -6.02 -28.05 -70.99
C SER U 41 -6.46 -26.57 -70.87
N PRO U 42 -7.79 -26.31 -70.75
CA PRO U 42 -8.37 -24.98 -70.46
C PRO U 42 -7.96 -24.38 -69.13
N GLU U 43 -7.48 -25.19 -68.19
CA GLU U 43 -7.06 -24.68 -66.90
C GLU U 43 -5.55 -24.54 -66.92
N TYR U 44 -5.06 -23.55 -66.22
CA TYR U 44 -3.63 -23.25 -66.23
C TYR U 44 -2.96 -23.63 -64.91
N SER U 45 -3.41 -24.73 -64.35
CA SER U 45 -2.90 -25.30 -63.12
C SER U 45 -2.83 -26.82 -63.29
N LYS U 46 -2.21 -27.51 -62.33
CA LYS U 46 -1.98 -28.95 -62.44
C LYS U 46 -2.97 -29.83 -61.68
N ILE U 47 -3.08 -31.09 -62.11
CA ILE U 47 -3.89 -32.11 -61.44
C ILE U 47 -2.97 -32.91 -60.52
N LYS U 48 -3.48 -33.29 -59.34
CA LYS U 48 -2.65 -33.96 -58.34
C LYS U 48 -3.09 -35.38 -57.97
N MET U 49 -2.11 -36.27 -57.74
CA MET U 49 -2.40 -37.62 -57.25
C MET U 49 -1.32 -38.10 -56.24
N PRO U 50 -1.67 -39.02 -55.31
CA PRO U 50 -0.74 -39.64 -54.34
C PRO U 50 0.44 -40.40 -54.93
N GLY U 51 1.59 -40.21 -54.29
CA GLY U 51 2.88 -40.84 -54.52
C GLY U 51 3.24 -41.84 -53.41
N MET U 52 4.54 -42.00 -53.18
CA MET U 52 5.11 -42.87 -52.17
C MET U 52 4.96 -42.33 -50.73
N GLN U 53 5.08 -43.22 -49.74
CA GLN U 53 4.84 -42.84 -48.35
C GLN U 53 6.07 -42.80 -47.43
N LYS U 54 6.01 -41.92 -46.42
CA LYS U 54 7.05 -41.72 -45.42
C LYS U 54 6.55 -41.80 -43.97
N PHE U 55 7.50 -42.07 -43.07
CA PHE U 55 7.25 -42.03 -41.63
C PHE U 55 8.33 -41.21 -40.94
N SER U 56 7.97 -40.55 -39.83
CA SER U 56 8.94 -39.79 -39.03
C SER U 56 9.56 -40.66 -37.93
N ASN U 57 10.73 -40.24 -37.44
CA ASN U 57 11.35 -40.93 -36.30
C ASN U 57 10.65 -40.56 -35.01
N ILE U 58 10.69 -41.45 -34.03
CA ILE U 58 10.02 -41.24 -32.74
C ILE U 58 11.02 -40.93 -31.63
N THR U 59 10.75 -39.87 -30.86
CA THR U 59 11.63 -39.49 -29.75
C THR U 59 11.00 -39.77 -28.39
N LEU U 60 11.77 -40.44 -27.51
CA LEU U 60 11.35 -40.75 -26.15
C LEU U 60 12.30 -40.15 -25.10
N LYS U 61 11.76 -39.51 -24.07
CA LYS U 61 12.56 -38.86 -23.02
C LYS U 61 12.20 -39.40 -21.63
N ARG U 62 13.21 -39.67 -20.78
CA ARG U 62 12.98 -40.19 -19.41
C ARG U 62 14.07 -39.66 -18.47
N GLY U 63 13.82 -39.70 -17.15
CA GLY U 63 14.83 -39.30 -16.16
C GLY U 63 15.81 -40.44 -15.90
N THR U 64 17.08 -40.12 -15.63
CA THR U 64 18.10 -41.12 -15.27
C THR U 64 17.96 -41.64 -13.83
N PHE U 65 17.96 -42.96 -13.68
CA PHE U 65 17.87 -43.65 -12.41
C PHE U 65 19.04 -44.57 -12.14
N LYS U 66 19.34 -44.72 -10.85
CA LYS U 66 20.39 -45.61 -10.38
C LYS U 66 20.14 -47.05 -10.84
N SER U 67 21.19 -47.66 -11.39
CA SER U 67 21.24 -49.04 -11.90
C SER U 67 20.29 -49.35 -13.07
N ASP U 68 19.84 -48.38 -13.85
CA ASP U 68 19.04 -48.70 -15.04
C ASP U 68 19.81 -48.24 -16.28
N ASN U 69 20.40 -49.16 -17.02
CA ASN U 69 21.22 -48.85 -18.19
C ASN U 69 20.57 -49.32 -19.51
N GLU U 70 19.24 -49.39 -19.56
CA GLU U 70 18.53 -49.97 -20.71
C GLU U 70 18.69 -49.25 -22.07
N TYR U 71 18.67 -47.92 -22.12
CA TYR U 71 18.87 -47.26 -23.41
C TYR U 71 20.16 -47.75 -24.03
N PHE U 72 21.20 -47.87 -23.21
CA PHE U 72 22.50 -48.25 -23.72
C PHE U 72 22.50 -49.70 -24.16
N GLN U 73 21.93 -50.57 -23.33
CA GLN U 73 21.94 -51.99 -23.63
C GLN U 73 21.21 -52.31 -24.94
N TRP U 74 20.09 -51.66 -25.23
CA TRP U 74 19.40 -51.90 -26.49
C TRP U 74 20.27 -51.42 -27.66
N TYR U 75 20.82 -50.19 -27.55
CA TYR U 75 21.67 -49.61 -28.58
C TYR U 75 22.86 -50.51 -28.89
N ASN U 76 23.43 -51.08 -27.86
CA ASN U 76 24.60 -51.93 -27.96
C ASN U 76 24.31 -53.31 -28.56
N THR U 77 23.07 -53.59 -29.03
CA THR U 77 22.78 -54.83 -29.73
C THR U 77 23.09 -54.71 -31.23
N ILE U 78 23.53 -53.53 -31.71
CA ILE U 78 23.84 -53.33 -33.13
C ILE U 78 25.14 -54.04 -33.49
N ASN U 79 25.15 -54.84 -34.55
CA ASN U 79 26.34 -55.58 -34.93
C ASN U 79 26.44 -55.57 -36.46
N LEU U 80 27.23 -54.70 -37.05
CA LEU U 80 27.32 -54.50 -38.51
C LEU U 80 25.91 -54.20 -39.04
N ASN U 81 25.22 -55.07 -39.76
CA ASN U 81 23.84 -54.74 -40.17
C ASN U 81 22.73 -55.36 -39.27
N LYS U 82 23.03 -56.00 -38.14
CA LYS U 82 22.04 -56.67 -37.30
C LYS U 82 21.70 -55.80 -36.10
N VAL U 83 20.46 -55.89 -35.63
CA VAL U 83 19.99 -55.17 -34.46
C VAL U 83 18.75 -55.87 -33.93
N GLU U 84 18.52 -55.79 -32.62
CA GLU U 84 17.26 -56.31 -32.10
C GLU U 84 16.12 -55.36 -32.45
N ARG U 85 15.13 -55.85 -33.19
CA ARG U 85 13.99 -55.01 -33.55
C ARG U 85 12.81 -55.31 -32.64
N ARG U 86 12.06 -54.27 -32.26
CA ARG U 86 10.94 -54.46 -31.35
C ARG U 86 9.62 -53.83 -31.80
N ASP U 87 8.54 -54.37 -31.22
CA ASP U 87 7.20 -53.84 -31.45
C ASP U 87 6.96 -52.82 -30.36
N LEU U 88 6.65 -51.60 -30.75
CA LEU U 88 6.44 -50.48 -29.85
C LEU U 88 4.96 -50.11 -29.72
N THR U 89 4.42 -50.16 -28.50
CA THR U 89 3.00 -49.80 -28.33
C THR U 89 2.82 -48.60 -27.41
N ILE U 90 2.21 -47.55 -27.94
CA ILE U 90 2.01 -46.32 -27.20
C ILE U 90 0.52 -46.09 -26.93
N SER U 91 0.17 -45.83 -25.68
CA SER U 91 -1.24 -45.72 -25.35
C SER U 91 -1.66 -44.58 -24.40
N LEU U 92 -2.72 -43.88 -24.79
CA LEU U 92 -3.34 -42.79 -24.03
C LEU U 92 -4.43 -43.40 -23.13
N LEU U 93 -4.37 -43.13 -21.84
CA LEU U 93 -5.21 -43.80 -20.83
C LEU U 93 -6.40 -43.02 -20.26
N ASN U 94 -7.43 -43.77 -19.82
CA ASN U 94 -8.60 -43.22 -19.13
C ASN U 94 -8.42 -43.22 -17.59
N GLU U 95 -9.48 -42.86 -16.87
CA GLU U 95 -9.45 -42.79 -15.40
C GLU U 95 -9.34 -44.14 -14.69
N GLU U 96 -9.54 -45.25 -15.39
CA GLU U 96 -9.38 -46.59 -14.85
C GLU U 96 -8.01 -47.13 -15.18
N HIS U 97 -7.20 -46.31 -15.86
CA HIS U 97 -5.87 -46.59 -16.35
C HIS U 97 -5.90 -47.61 -17.50
N GLU U 98 -6.96 -47.58 -18.32
CA GLU U 98 -7.12 -48.44 -19.48
C GLU U 98 -6.89 -47.63 -20.75
N PRO U 99 -6.43 -48.27 -21.84
CA PRO U 99 -6.27 -47.63 -23.16
C PRO U 99 -7.53 -47.04 -23.75
N VAL U 100 -7.35 -45.90 -24.40
CA VAL U 100 -8.36 -45.18 -25.15
C VAL U 100 -7.92 -45.05 -26.59
N VAL U 101 -6.71 -44.52 -26.78
CA VAL U 101 -6.13 -44.33 -28.12
C VAL U 101 -4.79 -45.03 -28.19
N THR U 102 -4.62 -45.91 -29.18
CA THR U 102 -3.38 -46.65 -29.30
C THR U 102 -2.66 -46.44 -30.63
N TRP U 103 -1.35 -46.21 -30.54
CA TRP U 103 -0.47 -46.08 -31.68
C TRP U 103 0.41 -47.33 -31.76
N LYS U 104 0.28 -48.08 -32.84
CA LYS U 104 1.02 -49.32 -33.02
C LYS U 104 2.17 -49.16 -34.00
N VAL U 105 3.41 -49.41 -33.53
CA VAL U 105 4.61 -49.21 -34.34
C VAL U 105 5.39 -50.50 -34.60
N LYS U 106 5.62 -50.76 -35.89
CA LYS U 106 6.32 -51.94 -36.42
C LYS U 106 7.85 -51.79 -36.58
N ASN U 107 8.60 -52.84 -36.21
CA ASN U 107 10.06 -52.97 -36.45
C ASN U 107 10.99 -51.83 -35.99
N ALA U 108 10.81 -51.28 -34.80
CA ALA U 108 11.64 -50.20 -34.30
C ALA U 108 13.02 -50.63 -33.79
N TRP U 109 14.00 -49.73 -33.92
CA TRP U 109 15.35 -49.89 -33.39
C TRP U 109 15.95 -48.48 -33.20
N PRO U 110 16.97 -48.32 -32.34
CA PRO U 110 17.53 -46.97 -32.06
C PRO U 110 18.65 -46.35 -32.90
N LEU U 111 18.38 -45.22 -33.54
CA LEU U 111 19.40 -44.45 -34.27
C LEU U 111 20.36 -43.74 -33.37
N LYS U 112 19.85 -43.18 -32.28
CA LYS U 112 20.74 -42.49 -31.37
C LYS U 112 20.29 -42.38 -29.93
N VAL U 113 21.28 -42.37 -29.07
CA VAL U 113 21.10 -42.25 -27.63
C VAL U 113 21.85 -41.01 -27.16
N GLN U 114 21.13 -40.06 -26.54
CA GLN U 114 21.73 -38.80 -26.05
C GLN U 114 21.72 -38.70 -24.52
N SER U 115 22.90 -38.47 -23.97
CA SER U 115 23.09 -38.26 -22.54
C SER U 115 22.92 -36.80 -22.14
N THR U 116 22.82 -36.61 -20.83
CA THR U 116 22.68 -35.33 -20.11
C THR U 116 23.95 -34.45 -20.09
N ASP U 117 23.74 -33.14 -20.05
CA ASP U 117 24.80 -32.18 -19.83
C ASP U 117 25.02 -32.02 -18.31
N LEU U 118 26.17 -31.52 -17.88
CA LEU U 118 26.42 -31.32 -16.47
C LEU U 118 26.74 -29.86 -16.20
N LYS U 119 26.15 -29.29 -15.15
CA LYS U 119 26.39 -27.89 -14.79
C LYS U 119 26.57 -27.70 -13.29
N GLY U 120 27.53 -26.85 -12.91
CA GLY U 120 27.81 -26.54 -11.50
C GLY U 120 26.63 -25.94 -10.75
N ASP U 121 25.80 -25.17 -11.45
CA ASP U 121 24.61 -24.55 -10.91
C ASP U 121 23.34 -25.14 -11.53
N GLY U 122 23.45 -26.35 -12.05
CA GLY U 122 22.35 -27.04 -12.71
C GLY U 122 21.37 -27.66 -11.76
N ASN U 123 20.54 -26.85 -11.14
CA ASN U 123 19.56 -27.32 -10.17
C ASN U 123 18.35 -27.96 -10.85
N GLU U 124 18.57 -29.13 -11.47
CA GLU U 124 17.49 -29.86 -12.16
C GLU U 124 17.79 -31.35 -12.38
N VAL U 125 16.77 -32.05 -12.90
CA VAL U 125 16.81 -33.50 -13.13
C VAL U 125 17.60 -33.84 -14.37
N ALA U 126 18.46 -34.85 -14.27
CA ALA U 126 19.21 -35.33 -15.42
C ALA U 126 18.29 -36.18 -16.33
N ILE U 127 18.05 -35.71 -17.56
CA ILE U 127 17.15 -36.36 -18.52
C ILE U 127 17.89 -36.95 -19.73
N GLU U 128 17.71 -38.25 -19.96
CA GLU U 128 18.27 -38.92 -21.12
C GLU U 128 17.21 -39.13 -22.20
N SER U 129 17.65 -39.24 -23.46
CA SER U 129 16.71 -39.44 -24.56
C SER U 129 17.19 -40.38 -25.68
N MET U 130 16.20 -40.93 -26.39
CA MET U 130 16.43 -41.86 -27.49
C MET U 130 15.59 -41.56 -28.74
N GLU U 131 16.19 -41.75 -29.92
CA GLU U 131 15.50 -41.59 -31.20
C GLU U 131 15.39 -42.92 -31.95
N LEU U 132 14.15 -43.28 -32.32
CA LEU U 132 13.85 -44.55 -32.98
C LEU U 132 13.39 -44.50 -34.44
N ALA U 133 13.96 -45.40 -35.24
CA ALA U 133 13.55 -45.64 -36.62
C ALA U 133 12.49 -46.72 -36.61
N HIS U 134 11.59 -46.72 -37.58
CA HIS U 134 10.58 -47.78 -37.65
C HIS U 134 10.05 -47.93 -39.07
N GLU U 135 9.21 -48.94 -39.29
CA GLU U 135 8.67 -49.23 -40.61
C GLU U 135 7.14 -49.11 -40.74
N GLY U 136 6.46 -48.38 -39.89
CA GLY U 136 5.03 -48.26 -40.07
C GLY U 136 4.23 -48.02 -38.80
N LEU U 137 3.15 -47.25 -38.96
CA LEU U 137 2.26 -46.83 -37.89
C LEU U 137 0.77 -47.00 -38.20
N VAL U 138 0.05 -47.62 -37.27
CA VAL U 138 -1.39 -47.81 -37.34
C VAL U 138 -2.06 -47.17 -36.11
N ILE U 139 -3.14 -46.40 -36.34
CA ILE U 139 -3.81 -45.72 -35.24
C ILE U 139 -5.18 -46.33 -34.94
N GLN U 140 -5.38 -46.74 -33.69
CA GLN U 140 -6.64 -47.35 -33.26
C GLN U 140 -7.39 -46.51 -32.22
N ASN U 141 -8.63 -46.18 -32.53
CA ASN U 141 -9.50 -45.40 -31.62
C ASN U 141 -10.94 -45.85 -31.82
N GLU U 142 -11.40 -46.74 -30.96
CA GLU U 142 -12.70 -47.34 -31.12
C GLU U 142 -13.68 -46.84 -30.07
N SER V 2 13.33 -44.28 -5.78
CA SER V 2 12.09 -43.81 -6.36
C SER V 2 12.22 -42.44 -6.94
N TYR V 3 13.41 -41.92 -6.81
CA TYR V 3 13.71 -40.59 -7.28
C TYR V 3 14.85 -40.61 -8.28
N PRO V 4 14.81 -39.72 -9.28
CA PRO V 4 15.86 -39.55 -10.29
C PRO V 4 17.09 -38.85 -9.74
N LEU V 5 18.20 -38.97 -10.45
CA LEU V 5 19.44 -38.30 -10.12
C LEU V 5 19.43 -36.83 -10.53
N SER V 6 20.14 -35.99 -9.76
CA SER V 6 20.34 -34.57 -10.08
C SER V 6 21.53 -34.42 -11.02
N LYS V 7 21.79 -33.20 -11.52
CA LYS V 7 22.85 -32.99 -12.51
C LYS V 7 23.99 -32.05 -12.08
N PHE V 8 24.15 -31.72 -10.80
CA PHE V 8 25.21 -30.77 -10.43
C PHE V 8 26.43 -31.30 -9.67
N HIS V 9 26.47 -32.56 -9.25
CA HIS V 9 27.63 -33.06 -8.51
C HIS V 9 28.36 -34.11 -9.35
N PHE V 10 29.55 -33.73 -9.86
CA PHE V 10 30.30 -34.58 -10.80
C PHE V 10 31.79 -34.27 -10.78
N SER V 11 32.59 -35.15 -11.40
CA SER V 11 34.03 -34.90 -11.54
C SER V 11 34.61 -35.40 -12.87
N VAL V 12 35.72 -34.79 -13.31
CA VAL V 12 36.37 -35.17 -14.57
C VAL V 12 37.85 -35.48 -14.44
N GLU V 13 38.27 -36.69 -14.82
CA GLU V 13 39.69 -37.06 -14.79
C GLU V 13 40.28 -37.01 -16.19
N TRP V 14 41.15 -36.03 -16.42
CA TRP V 14 41.70 -35.79 -17.73
C TRP V 14 43.22 -35.69 -17.78
N GLY V 15 43.93 -36.08 -16.73
CA GLY V 15 45.38 -35.97 -16.68
C GLY V 15 45.91 -34.64 -16.17
N GLY V 16 45.03 -33.70 -15.85
CA GLY V 16 45.45 -32.41 -15.30
C GLY V 16 45.53 -32.43 -13.79
N THR V 17 46.00 -31.34 -13.21
CA THR V 17 46.05 -31.22 -11.74
C THR V 17 44.68 -31.15 -11.04
N LYS V 18 43.67 -30.52 -11.62
CA LYS V 18 42.34 -30.36 -11.02
C LYS V 18 41.23 -31.20 -11.68
N ILE V 19 40.19 -31.52 -10.95
CA ILE V 19 39.06 -32.29 -11.49
C ILE V 19 37.74 -31.53 -11.47
N GLY V 20 37.74 -30.27 -11.06
CA GLY V 20 36.53 -29.47 -11.00
C GLY V 20 36.28 -28.66 -12.27
N PHE V 21 35.06 -28.77 -12.78
CA PHE V 21 34.63 -28.07 -13.99
C PHE V 21 33.30 -27.39 -13.78
N THR V 22 33.07 -26.35 -14.56
CA THR V 22 31.82 -25.62 -14.57
C THR V 22 30.78 -26.30 -15.45
N GLU V 23 31.20 -26.76 -16.62
CA GLU V 23 30.28 -27.34 -17.58
C GLU V 23 30.89 -28.45 -18.42
N VAL V 24 30.11 -29.51 -18.66
CA VAL V 24 30.48 -30.64 -19.52
C VAL V 24 29.35 -30.94 -20.51
N SER V 25 29.65 -31.03 -21.82
CA SER V 25 28.60 -31.38 -22.78
C SER V 25 29.10 -32.15 -24.03
N GLY V 26 28.17 -32.85 -24.72
CA GLY V 26 28.48 -33.58 -25.95
C GLY V 26 28.61 -35.11 -25.86
N LEU V 27 28.17 -35.72 -24.77
CA LEU V 27 28.29 -37.18 -24.59
C LEU V 27 27.21 -37.96 -25.37
N ASP V 28 27.31 -37.90 -26.72
CA ASP V 28 26.36 -38.51 -27.67
C ASP V 28 26.89 -39.70 -28.47
N LEU V 29 25.96 -40.55 -28.94
CA LEU V 29 26.22 -41.70 -29.80
C LEU V 29 25.30 -41.66 -31.02
N GLU V 30 25.79 -41.91 -32.25
CA GLU V 30 24.91 -41.85 -33.43
C GLU V 30 25.22 -42.88 -34.53
N THR V 31 24.18 -43.45 -35.12
CA THR V 31 24.29 -44.43 -36.22
C THR V 31 23.55 -43.98 -37.49
N GLU V 32 24.15 -44.19 -38.66
CA GLU V 32 23.54 -43.95 -39.97
C GLU V 32 22.53 -45.01 -40.41
N ILE V 33 21.60 -44.61 -41.26
CA ILE V 33 20.59 -45.54 -41.80
C ILE V 33 20.84 -45.83 -43.28
N ILE V 34 20.64 -47.08 -43.69
CA ILE V 34 20.63 -47.51 -45.08
C ILE V 34 19.21 -47.93 -45.46
N GLU V 35 18.66 -47.32 -46.52
CA GLU V 35 17.28 -47.60 -46.94
C GLU V 35 17.19 -48.40 -48.25
N TYR V 36 16.14 -49.22 -48.40
CA TYR V 36 15.94 -50.03 -49.63
C TYR V 36 14.49 -50.37 -50.01
N ARG V 37 14.16 -50.36 -51.32
CA ARG V 37 12.87 -50.87 -51.81
C ARG V 37 12.96 -51.51 -53.19
N HIS V 38 12.55 -52.77 -53.33
CA HIS V 38 12.49 -53.29 -54.69
C HIS V 38 11.10 -52.98 -55.27
N GLY V 39 11.05 -52.86 -56.60
CA GLY V 39 9.86 -52.44 -57.35
C GLY V 39 8.61 -53.28 -57.20
N ALA V 40 8.74 -54.58 -56.92
CA ALA V 40 7.57 -55.44 -56.78
C ALA V 40 6.92 -55.43 -55.39
N SER V 41 7.47 -54.71 -54.42
CA SER V 41 6.89 -54.75 -53.08
C SER V 41 5.48 -54.13 -53.01
N PRO V 42 4.53 -54.79 -52.31
CA PRO V 42 3.18 -54.27 -52.00
C PRO V 42 3.16 -53.01 -51.16
N GLU V 43 4.25 -52.70 -50.45
CA GLU V 43 4.29 -51.49 -49.65
C GLU V 43 5.04 -50.43 -50.42
N TYR V 44 4.65 -49.20 -50.24
CA TYR V 44 5.22 -48.09 -50.99
C TYR V 44 6.13 -47.22 -50.14
N SER V 45 6.87 -47.88 -49.25
CA SER V 45 7.82 -47.26 -48.35
C SER V 45 9.05 -48.16 -48.28
N LYS V 46 10.12 -47.68 -47.65
CA LYS V 46 11.39 -48.42 -47.61
C LYS V 46 11.67 -49.20 -46.32
N ILE V 47 12.54 -50.21 -46.44
CA ILE V 47 13.01 -51.00 -45.29
C ILE V 47 14.33 -50.40 -44.82
N LYS V 48 14.55 -50.38 -43.50
CA LYS V 48 15.73 -49.73 -42.95
C LYS V 48 16.68 -50.64 -42.17
N MET V 49 18.00 -50.41 -42.31
CA MET V 49 19.00 -51.12 -41.51
C MET V 49 20.17 -50.20 -41.11
N PRO V 50 20.87 -50.50 -39.98
CA PRO V 50 22.06 -49.78 -39.51
C PRO V 50 23.25 -49.71 -40.47
N GLY V 51 23.86 -48.54 -40.51
CA GLY V 51 25.07 -48.16 -41.23
C GLY V 51 26.26 -47.97 -40.30
N MET V 52 27.18 -47.08 -40.72
CA MET V 52 28.38 -46.70 -39.98
C MET V 52 28.10 -45.80 -38.77
N GLN V 53 29.05 -45.75 -37.84
CA GLN V 53 28.85 -45.00 -36.59
C GLN V 53 29.67 -43.72 -36.41
N LYS V 54 29.11 -42.77 -35.67
CA LYS V 54 29.72 -41.48 -35.35
C LYS V 54 29.75 -41.14 -33.86
N PHE V 55 30.66 -40.24 -33.50
CA PHE V 55 30.73 -39.67 -32.16
C PHE V 55 30.81 -38.15 -32.23
N SER V 56 30.26 -37.47 -31.22
CA SER V 56 30.35 -36.01 -31.13
C SER V 56 31.59 -35.55 -30.36
N ASN V 57 32.00 -34.30 -30.57
CA ASN V 57 33.11 -33.73 -29.80
C ASN V 57 32.62 -33.36 -28.41
N ILE V 58 33.54 -33.36 -27.44
CA ILE V 58 33.21 -33.05 -26.04
C ILE V 58 33.72 -31.67 -25.62
N THR V 59 32.85 -30.87 -25.02
CA THR V 59 33.23 -29.53 -24.57
C THR V 59 33.34 -29.43 -23.05
N LEU V 60 34.46 -28.89 -22.57
CA LEU V 60 34.71 -28.68 -21.14
C LEU V 60 34.95 -27.19 -20.81
N LYS V 61 34.30 -26.68 -19.76
CA LYS V 61 34.42 -25.26 -19.37
C LYS V 61 34.87 -25.13 -17.92
N ARG V 62 35.81 -24.20 -17.65
CA ARG V 62 36.34 -23.98 -16.27
C ARG V 62 36.70 -22.51 -16.09
N GLY V 63 36.82 -22.05 -14.83
CA GLY V 63 37.24 -20.66 -14.55
C GLY V 63 38.76 -20.55 -14.62
N THR V 64 39.28 -19.40 -15.06
CA THR V 64 40.72 -19.13 -15.08
C THR V 64 41.31 -18.81 -13.70
N PHE V 65 42.40 -19.50 -13.36
CA PHE V 65 43.11 -19.32 -12.09
C PHE V 65 44.57 -18.95 -12.30
N LYS V 66 45.09 -18.21 -11.32
CA LYS V 66 46.48 -17.81 -11.28
C LYS V 66 47.40 -19.01 -11.32
N SER V 67 48.40 -18.95 -12.19
CA SER V 67 49.45 -19.95 -12.42
C SER V 67 48.96 -21.32 -12.91
N ASP V 68 47.79 -21.45 -13.52
CA ASP V 68 47.38 -22.74 -14.09
C ASP V 68 47.24 -22.57 -15.60
N ASN V 69 48.20 -23.07 -16.37
CA ASN V 69 48.22 -22.93 -17.82
C ASN V 69 47.99 -24.27 -18.57
N GLU V 70 47.28 -25.21 -17.93
CA GLU V 70 47.14 -26.58 -18.47
C GLU V 70 46.43 -26.73 -19.83
N TYR V 71 45.33 -26.00 -20.10
CA TYR V 71 44.69 -26.12 -21.39
C TYR V 71 45.72 -25.85 -22.48
N PHE V 72 46.55 -24.83 -22.27
CA PHE V 72 47.51 -24.44 -23.29
C PHE V 72 48.59 -25.49 -23.41
N GLN V 73 49.12 -25.95 -22.29
CA GLN V 73 50.20 -26.91 -22.30
C GLN V 73 49.83 -28.22 -23.02
N TRP V 74 48.61 -28.72 -22.82
CA TRP V 74 48.20 -29.93 -23.53
C TRP V 74 48.10 -29.65 -25.04
N TYR V 75 47.45 -28.54 -25.41
CA TYR V 75 47.29 -28.15 -26.81
C TYR V 75 48.64 -28.04 -27.50
N ASN V 76 49.60 -27.48 -26.81
CA ASN V 76 50.94 -27.25 -27.32
C ASN V 76 51.77 -28.53 -27.47
N THR V 77 51.21 -29.72 -27.21
CA THR V 77 51.92 -30.97 -27.47
C THR V 77 51.73 -31.43 -28.92
N ILE V 78 50.96 -30.71 -29.73
CA ILE V 78 50.74 -31.08 -31.14
C ILE V 78 52.00 -30.80 -31.98
N ASN V 79 52.45 -31.78 -32.75
CA ASN V 79 53.67 -31.61 -33.54
C ASN V 79 53.45 -32.28 -34.90
N LEU V 80 53.11 -31.55 -35.93
CA LEU V 80 52.74 -32.10 -37.26
C LEU V 80 51.61 -33.11 -37.07
N ASN V 81 51.79 -34.41 -37.21
CA ASN V 81 50.67 -35.32 -36.93
C ASN V 81 50.68 -35.98 -35.51
N LYS V 82 51.56 -35.59 -34.59
CA LYS V 82 51.68 -36.21 -33.27
C LYS V 82 50.99 -35.35 -32.23
N VAL V 83 50.43 -36.00 -31.20
CA VAL V 83 49.78 -35.31 -30.09
C VAL V 83 49.72 -36.26 -28.91
N GLU V 84 49.75 -35.74 -27.68
CA GLU V 84 49.54 -36.61 -26.54
C GLU V 84 48.08 -36.99 -26.43
N ARG V 85 47.76 -38.28 -26.50
CA ARG V 85 46.39 -38.73 -26.39
C ARG V 85 46.10 -39.23 -24.99
N ARG V 86 44.91 -38.94 -24.47
CA ARG V 86 44.58 -39.34 -23.11
C ARG V 86 43.24 -40.07 -22.94
N ASP V 87 43.16 -40.80 -21.84
CA ASP V 87 41.93 -41.49 -21.47
C ASP V 87 41.16 -40.53 -20.58
N LEU V 88 39.93 -40.23 -20.97
CA LEU V 88 39.07 -39.28 -20.28
C LEU V 88 37.96 -39.99 -19.50
N THR V 89 37.88 -39.78 -18.18
CA THR V 89 36.82 -40.42 -17.41
C THR V 89 35.92 -39.39 -16.72
N ILE V 90 34.63 -39.47 -17.05
CA ILE V 90 33.65 -38.51 -16.53
C ILE V 90 32.66 -39.23 -15.61
N SER V 91 32.47 -38.70 -14.40
CA SER V 91 31.62 -39.41 -13.45
C SER V 91 30.64 -38.56 -12.63
N LEU V 92 29.40 -39.06 -12.56
CA LEU V 92 28.31 -38.47 -11.78
C LEU V 92 28.33 -39.09 -10.37
N LEU V 93 28.36 -38.27 -9.35
CA LEU V 93 28.59 -38.71 -7.97
C LEU V 93 27.39 -38.78 -7.02
N ASN V 94 27.47 -39.66 -6.01
CA ASN V 94 26.48 -39.78 -4.94
C ASN V 94 26.85 -38.92 -3.71
N GLU V 95 26.08 -39.04 -2.64
CA GLU V 95 26.29 -38.27 -1.40
C GLU V 95 27.56 -38.62 -0.63
N GLU V 96 28.22 -39.74 -0.95
CA GLU V 96 29.47 -40.13 -0.34
C GLU V 96 30.64 -39.70 -1.20
N HIS V 97 30.32 -39.02 -2.31
CA HIS V 97 31.22 -38.56 -3.35
C HIS V 97 31.83 -39.72 -4.14
N GLU V 98 31.06 -40.79 -4.33
CA GLU V 98 31.46 -41.97 -5.09
C GLU V 98 30.72 -41.98 -6.43
N PRO V 99 31.31 -42.57 -7.47
CA PRO V 99 30.67 -42.75 -8.79
C PRO V 99 29.37 -43.52 -8.78
N VAL V 100 28.44 -43.07 -9.61
CA VAL V 100 27.15 -43.69 -9.87
C VAL V 100 27.06 -44.02 -11.35
N VAL V 101 27.30 -43.02 -12.20
CA VAL V 101 27.24 -43.18 -13.65
C VAL V 101 28.56 -42.74 -14.26
N THR V 102 29.20 -43.62 -15.03
CA THR V 102 30.48 -43.27 -15.63
C THR V 102 30.50 -43.33 -17.15
N TRP V 103 31.07 -42.29 -17.75
CA TRP V 103 31.28 -42.21 -19.19
C TRP V 103 32.77 -42.38 -19.47
N LYS V 104 33.10 -43.43 -20.21
CA LYS V 104 34.49 -43.74 -20.51
C LYS V 104 34.87 -43.37 -21.95
N VAL V 105 35.85 -42.47 -22.11
CA VAL V 105 36.23 -41.95 -23.43
C VAL V 105 37.67 -42.31 -23.83
N LYS V 106 37.79 -42.93 -25.00
CA LYS V 106 39.04 -43.41 -25.60
C LYS V 106 39.78 -42.39 -26.51
N ASN V 107 41.10 -42.33 -26.38
CA ASN V 107 42.00 -41.56 -27.28
C ASN V 107 41.69 -40.07 -27.53
N ALA V 108 41.37 -39.30 -26.51
CA ALA V 108 41.05 -37.87 -26.68
C ALA V 108 42.27 -36.97 -26.86
N TRP V 109 42.09 -35.87 -27.60
CA TRP V 109 43.09 -34.81 -27.77
C TRP V 109 42.32 -33.52 -28.14
N PRO V 110 42.93 -32.34 -27.94
CA PRO V 110 42.21 -31.06 -28.19
C PRO V 110 42.21 -30.37 -29.58
N LEU V 111 41.04 -30.21 -30.17
CA LEU V 111 40.88 -29.47 -31.43
C LEU V 111 41.01 -27.98 -31.24
N LYS V 112 40.46 -27.47 -30.15
CA LYS V 112 40.57 -26.05 -29.93
C LYS V 112 40.47 -25.57 -28.49
N VAL V 113 41.18 -24.49 -28.23
CA VAL V 113 41.23 -23.84 -26.94
C VAL V 113 40.73 -22.40 -27.12
N GLN V 114 39.67 -22.03 -26.38
CA GLN V 114 39.09 -20.68 -26.48
C GLN V 114 39.26 -19.88 -25.18
N SER V 115 39.84 -18.69 -25.32
CA SER V 115 40.04 -17.75 -24.24
C SER V 115 38.83 -16.84 -24.05
N THR V 116 38.85 -16.15 -22.91
CA THR V 116 37.87 -15.17 -22.44
C THR V 116 37.89 -13.81 -23.19
N ASP V 117 36.72 -13.18 -23.27
CA ASP V 117 36.61 -11.82 -23.76
C ASP V 117 36.85 -10.85 -22.60
N LEU V 118 37.18 -9.59 -22.88
CA LEU V 118 37.41 -8.62 -21.83
C LEU V 118 36.47 -7.44 -21.99
N LYS V 119 35.85 -6.99 -20.90
CA LYS V 119 34.94 -5.85 -20.95
C LYS V 119 35.14 -4.90 -19.78
N GLY V 120 35.06 -3.59 -20.08
CA GLY V 120 35.22 -2.54 -19.06
C GLY V 120 34.19 -2.60 -17.94
N ASP V 121 32.98 -3.04 -18.26
CA ASP V 121 31.90 -3.22 -17.31
C ASP V 121 31.54 -4.69 -17.13
N GLY V 122 32.48 -5.57 -17.42
CA GLY V 122 32.30 -7.01 -17.33
C GLY V 122 32.40 -7.55 -15.93
N ASN V 123 31.37 -7.31 -15.12
CA ASN V 123 31.37 -7.76 -13.74
C ASN V 123 31.07 -9.26 -13.62
N GLU V 124 32.03 -10.09 -14.07
CA GLU V 124 31.87 -11.55 -14.01
C GLU V 124 33.20 -12.32 -14.10
N VAL V 125 33.09 -13.64 -13.92
CA VAL V 125 34.25 -14.56 -13.89
C VAL V 125 34.76 -14.85 -15.29
N ALA V 126 36.07 -14.81 -15.45
CA ALA V 126 36.69 -15.16 -16.71
C ALA V 126 36.69 -16.68 -16.91
N ILE V 127 35.96 -17.17 -17.93
CA ILE V 127 35.80 -18.62 -18.20
C ILE V 127 36.49 -19.06 -19.49
N GLU V 128 37.39 -20.03 -19.38
CA GLU V 128 38.05 -20.61 -20.54
C GLU V 128 37.43 -21.96 -20.91
N SER V 129 37.55 -22.35 -22.19
CA SER V 129 36.99 -23.63 -22.63
C SER V 129 37.82 -24.39 -23.67
N MET V 130 37.58 -25.70 -23.70
CA MET V 130 38.27 -26.63 -24.60
C MET V 130 37.33 -27.61 -25.30
N GLU V 131 37.63 -27.90 -26.58
CA GLU V 131 36.88 -28.89 -27.36
C GLU V 131 37.76 -30.10 -27.73
N LEU V 132 37.28 -31.29 -27.38
CA LEU V 132 38.02 -32.55 -27.58
C LEU V 132 37.46 -33.53 -28.62
N ALA V 133 38.35 -34.06 -29.42
CA ALA V 133 38.10 -35.14 -30.36
C ALA V 133 38.35 -36.45 -29.65
N HIS V 134 37.67 -37.53 -30.04
CA HIS V 134 37.93 -38.82 -29.42
C HIS V 134 37.51 -39.95 -30.36
N GLU V 135 37.80 -41.20 -29.97
CA GLU V 135 37.50 -42.36 -30.79
C GLU V 135 36.51 -43.37 -30.17
N GLY V 136 35.67 -42.98 -29.22
CA GLY V 136 34.72 -43.94 -28.68
C GLY V 136 34.29 -43.70 -27.25
N LEU V 137 33.04 -44.05 -26.99
CA LEU V 137 32.37 -43.86 -25.71
C LEU V 137 31.60 -45.09 -25.22
N VAL V 138 31.86 -45.47 -23.97
CA VAL V 138 31.17 -46.57 -23.28
C VAL V 138 30.47 -46.04 -22.02
N ILE V 139 29.22 -46.42 -21.81
CA ILE V 139 28.47 -45.94 -20.65
C ILE V 139 28.22 -47.03 -19.62
N GLN V 140 28.65 -46.80 -18.38
CA GLN V 140 28.50 -47.76 -17.29
C GLN V 140 27.57 -47.26 -16.18
N ASN V 141 26.54 -48.05 -15.89
CA ASN V 141 25.58 -47.72 -14.82
C ASN V 141 25.09 -49.03 -14.21
N GLU V 142 25.68 -49.42 -13.10
CA GLU V 142 25.39 -50.70 -12.50
C GLU V 142 24.61 -50.54 -11.20
N SER W 2 42.16 -19.44 -4.11
CA SER W 2 40.98 -20.27 -4.07
C SER W 2 39.86 -19.68 -4.85
N TYR W 3 40.14 -18.53 -5.42
CA TYR W 3 39.16 -17.79 -6.18
C TYR W 3 39.66 -17.55 -7.60
N PRO W 4 38.75 -17.56 -8.59
CA PRO W 4 39.04 -17.27 -9.99
C PRO W 4 39.27 -15.79 -10.24
N LEU W 5 39.88 -15.47 -11.36
CA LEU W 5 40.12 -14.10 -11.81
C LEU W 5 38.85 -13.47 -12.40
N SER W 6 38.71 -12.15 -12.22
CA SER W 6 37.64 -11.36 -12.84
C SER W 6 38.04 -10.96 -14.25
N LYS W 7 37.12 -10.33 -15.01
CA LYS W 7 37.39 -9.99 -16.42
C LYS W 7 37.36 -8.49 -16.76
N PHE W 8 37.40 -7.57 -15.79
CA PHE W 8 37.32 -6.15 -16.16
C PHE W 8 38.57 -5.28 -16.02
N HIS W 9 39.67 -5.77 -15.47
CA HIS W 9 40.87 -4.94 -15.32
C HIS W 9 41.98 -5.46 -16.23
N PHE W 10 42.27 -4.72 -17.30
CA PHE W 10 43.21 -5.17 -18.34
C PHE W 10 43.82 -3.99 -19.11
N SER W 11 44.88 -4.28 -19.88
CA SER W 11 45.48 -3.26 -20.75
C SER W 11 45.99 -3.82 -22.08
N VAL W 12 46.05 -2.95 -23.11
CA VAL W 12 46.51 -3.36 -24.44
C VAL W 12 47.63 -2.49 -25.00
N GLU W 13 48.78 -3.10 -25.33
CA GLU W 13 49.89 -2.37 -25.94
C GLU W 13 49.95 -2.63 -27.44
N TRP W 14 49.62 -1.61 -28.22
CA TRP W 14 49.51 -1.75 -29.66
C TRP W 14 50.30 -0.71 -30.46
N GLY W 15 51.20 0.04 -29.84
CA GLY W 15 51.94 1.08 -30.54
C GLY W 15 51.26 2.44 -30.58
N GLY W 16 50.06 2.56 -30.03
CA GLY W 16 49.37 3.83 -29.98
C GLY W 16 49.68 4.62 -28.72
N THR W 17 49.18 5.84 -28.64
CA THR W 17 49.36 6.66 -27.43
C THR W 17 48.63 6.15 -26.17
N LYS W 18 47.46 5.56 -26.28
CA LYS W 18 46.68 5.06 -25.13
C LYS W 18 46.60 3.54 -25.02
N ILE W 19 46.39 3.02 -23.82
CA ILE W 19 46.27 1.58 -23.61
C ILE W 19 44.91 1.13 -23.07
N GLY W 20 43.97 2.06 -22.93
CA GLY W 20 42.64 1.76 -22.42
C GLY W 20 41.64 1.44 -23.51
N PHE W 21 40.93 0.33 -23.34
CA PHE W 21 39.92 -0.15 -24.27
C PHE W 21 38.65 -0.53 -23.55
N THR W 22 37.55 -0.46 -24.28
CA THR W 22 36.25 -0.88 -23.80
C THR W 22 36.04 -2.38 -23.94
N GLU W 23 36.47 -2.94 -25.06
CA GLU W 23 36.23 -4.35 -25.33
C GLU W 23 37.33 -4.99 -26.17
N VAL W 24 37.70 -6.23 -25.81
CA VAL W 24 38.66 -7.06 -26.55
C VAL W 24 38.09 -8.46 -26.78
N SER W 25 38.11 -8.94 -28.04
CA SER W 25 37.62 -10.32 -28.29
C SER W 25 38.31 -11.04 -29.46
N GLY W 26 38.22 -12.39 -29.49
CA GLY W 26 38.78 -13.20 -30.57
C GLY W 26 40.10 -13.94 -30.30
N LEU W 27 40.52 -14.05 -29.05
CA LEU W 27 41.77 -14.72 -28.72
C LEU W 27 41.67 -16.25 -28.73
N ASP W 28 41.44 -16.82 -29.93
CA ASP W 28 41.22 -18.25 -30.18
C ASP W 28 42.35 -18.99 -30.93
N LEU W 29 42.41 -20.31 -30.73
CA LEU W 29 43.34 -21.23 -31.40
C LEU W 29 42.57 -22.39 -32.00
N GLU W 30 42.84 -22.82 -33.25
CA GLU W 30 42.09 -23.94 -33.84
C GLU W 30 42.91 -24.87 -34.76
N THR W 31 42.66 -26.17 -34.66
CA THR W 31 43.32 -27.19 -35.49
C THR W 31 42.32 -28.04 -36.29
N GLU W 32 42.64 -28.34 -37.56
CA GLU W 32 41.87 -29.24 -38.40
C GLU W 32 42.07 -30.72 -38.12
N ILE W 33 41.06 -31.54 -38.45
CA ILE W 33 41.15 -32.99 -38.26
C ILE W 33 41.27 -33.72 -39.60
N ILE W 34 42.09 -34.76 -39.65
CA ILE W 34 42.18 -35.69 -40.76
C ILE W 34 41.64 -37.06 -40.32
N GLU W 35 40.67 -37.59 -41.05
CA GLU W 35 40.02 -38.86 -40.70
C GLU W 35 40.38 -40.02 -41.64
N TYR W 36 40.42 -41.26 -41.11
CA TYR W 36 40.75 -42.44 -41.94
C TYR W 36 40.12 -43.79 -41.48
N ARG W 37 39.72 -44.64 -42.45
CA ARG W 37 39.29 -46.02 -42.14
C ARG W 37 39.62 -47.00 -43.27
N HIS W 38 40.37 -48.06 -42.97
CA HIS W 38 40.52 -49.07 -44.03
C HIS W 38 39.38 -50.09 -43.89
N GLY W 39 39.02 -50.70 -45.02
CA GLY W 39 37.89 -51.60 -45.15
C GLY W 39 37.87 -52.83 -44.26
N ALA W 40 39.03 -53.36 -43.88
CA ALA W 40 39.07 -54.56 -43.04
C ALA W 40 38.94 -54.29 -41.54
N SER W 41 38.84 -53.05 -41.09
CA SER W 41 38.76 -52.79 -39.65
C SER W 41 37.47 -53.34 -39.00
N PRO W 42 37.58 -53.99 -37.83
CA PRO W 42 36.44 -54.43 -36.99
C PRO W 42 35.56 -53.30 -36.47
N GLU W 43 36.06 -52.07 -36.46
CA GLU W 43 35.26 -50.96 -36.00
C GLU W 43 34.71 -50.23 -37.20
N TYR W 44 33.52 -49.70 -37.05
CA TYR W 44 32.83 -49.05 -38.16
C TYR W 44 32.80 -47.54 -38.02
N SER W 45 33.90 -47.00 -37.51
CA SER W 45 34.10 -45.58 -37.32
C SER W 45 35.54 -45.25 -37.71
N LYS W 46 35.88 -43.97 -37.77
CA LYS W 46 37.20 -43.54 -38.24
C LYS W 46 38.20 -43.17 -37.14
N ILE W 47 39.49 -43.24 -37.50
CA ILE W 47 40.58 -42.81 -36.61
C ILE W 47 40.95 -41.37 -36.96
N LYS W 48 41.28 -40.57 -35.95
CA LYS W 48 41.53 -39.15 -36.16
C LYS W 48 42.94 -38.67 -35.82
N MET W 49 43.48 -37.73 -36.62
CA MET W 49 44.76 -37.09 -36.31
C MET W 49 44.77 -35.59 -36.69
N PRO W 50 45.59 -34.77 -36.02
CA PRO W 50 45.77 -33.33 -36.33
C PRO W 50 46.24 -32.99 -37.73
N GLY W 51 45.64 -31.92 -38.27
CA GLY W 51 45.91 -31.28 -39.54
C GLY W 51 46.58 -29.92 -39.36
N MET W 52 46.33 -29.02 -40.31
CA MET W 52 46.85 -27.64 -40.33
C MET W 52 46.16 -26.72 -39.31
N GLN W 53 46.83 -25.60 -38.99
CA GLN W 53 46.33 -24.71 -37.95
C GLN W 53 45.79 -23.35 -38.41
N LYS W 54 44.84 -22.81 -37.66
CA LYS W 54 44.21 -21.50 -37.91
C LYS W 54 44.21 -20.57 -36.70
N PHE W 55 44.07 -19.27 -36.99
CA PHE W 55 43.88 -18.25 -35.97
C PHE W 55 42.70 -17.36 -36.32
N SER W 56 42.00 -16.83 -35.31
CA SER W 56 40.91 -15.89 -35.52
C SER W 56 41.38 -14.44 -35.53
N ASN W 57 40.58 -13.55 -36.13
CA ASN W 57 40.88 -12.12 -36.11
C ASN W 57 40.55 -11.54 -34.75
N ILE W 58 41.24 -10.48 -34.36
CA ILE W 58 41.04 -9.83 -33.06
C ILE W 58 40.29 -8.50 -33.18
N THR W 59 39.26 -8.32 -32.37
CA THR W 59 38.47 -7.08 -32.40
C THR W 59 38.73 -6.21 -31.16
N LEU W 60 39.01 -4.93 -31.39
CA LEU W 60 39.22 -3.94 -30.33
C LEU W 60 38.22 -2.77 -30.42
N LYS W 61 37.62 -2.39 -29.28
CA LYS W 61 36.62 -1.31 -29.24
C LYS W 61 37.02 -0.22 -28.24
N ARG W 62 36.87 1.06 -28.62
CA ARG W 62 37.22 2.20 -27.75
C ARG W 62 36.27 3.38 -28.02
N GLY W 63 36.20 4.33 -27.07
CA GLY W 63 35.38 5.54 -27.27
C GLY W 63 36.14 6.57 -28.09
N THR W 64 35.44 7.36 -28.92
CA THR W 64 36.04 8.45 -29.69
C THR W 64 36.36 9.69 -28.85
N PHE W 65 37.59 10.18 -28.97
CA PHE W 65 38.07 11.36 -28.28
C PHE W 65 38.58 12.44 -29.22
N LYS W 66 38.45 13.68 -28.76
CA LYS W 66 38.92 14.86 -29.48
C LYS W 66 40.42 14.75 -29.76
N SER W 67 40.77 15.01 -31.01
CA SER W 67 42.15 15.01 -31.56
C SER W 67 42.88 13.67 -31.50
N ASP W 68 42.21 12.53 -31.43
CA ASP W 68 42.91 11.24 -31.50
C ASP W 68 42.43 10.50 -32.76
N ASN W 69 43.26 10.48 -33.80
CA ASN W 69 42.90 9.86 -35.08
C ASN W 69 43.73 8.58 -35.37
N GLU W 70 44.18 7.88 -34.33
CA GLU W 70 45.11 6.74 -34.50
C GLU W 70 44.58 5.52 -35.29
N TYR W 71 43.33 5.10 -35.10
CA TYR W 71 42.84 3.97 -35.88
C TYR W 71 43.02 4.27 -37.35
N PHE W 72 42.72 5.50 -37.75
CA PHE W 72 42.78 5.86 -39.15
C PHE W 72 44.22 5.91 -39.62
N GLN W 73 45.09 6.54 -38.83
CA GLN W 73 46.47 6.69 -39.23
C GLN W 73 47.18 5.35 -39.43
N TRP W 74 46.92 4.35 -38.57
CA TRP W 74 47.54 3.05 -38.78
C TRP W 74 47.00 2.40 -40.07
N TYR W 75 45.67 2.44 -40.25
CA TYR W 75 45.03 1.86 -41.43
C TYR W 75 45.59 2.47 -42.72
N ASN W 76 45.82 3.77 -42.68
CA ASN W 76 46.30 4.53 -43.82
C ASN W 76 47.78 4.27 -44.14
N THR W 77 48.46 3.35 -43.44
CA THR W 77 49.82 2.97 -43.81
C THR W 77 49.83 1.88 -44.88
N ILE W 78 48.68 1.39 -45.31
CA ILE W 78 48.60 0.34 -46.35
C ILE W 78 48.96 0.91 -47.72
N ASN W 79 49.86 0.27 -48.45
CA ASN W 79 50.29 0.79 -49.75
C ASN W 79 50.48 -0.41 -50.69
N LEU W 80 49.51 -0.71 -51.53
CA LEU W 80 49.51 -1.92 -52.39
C LEU W 80 49.70 -3.16 -51.51
N ASN W 81 50.84 -3.85 -51.49
CA ASN W 81 50.97 -4.97 -50.55
C ASN W 81 51.75 -4.65 -49.24
N LYS W 82 52.10 -3.39 -48.95
CA LYS W 82 52.89 -3.03 -47.77
C LYS W 82 51.98 -2.48 -46.68
N VAL W 83 52.36 -2.71 -45.43
CA VAL W 83 51.63 -2.19 -44.27
C VAL W 83 52.57 -2.21 -43.08
N GLU W 84 52.37 -1.30 -42.13
CA GLU W 84 53.15 -1.37 -40.90
C GLU W 84 52.63 -2.50 -40.03
N ARG W 85 53.47 -3.48 -39.71
CA ARG W 85 53.06 -4.59 -38.88
C ARG W 85 53.54 -4.37 -37.45
N ARG W 86 52.72 -4.74 -36.47
CA ARG W 86 53.09 -4.53 -35.07
C ARG W 86 52.93 -5.74 -34.16
N ASP W 87 53.66 -5.68 -33.04
CA ASP W 87 53.58 -6.69 -32.02
C ASP W 87 52.52 -6.22 -31.04
N LEU W 88 51.51 -7.04 -30.82
CA LEU W 88 50.38 -6.73 -29.96
C LEU W 88 50.44 -7.48 -28.64
N THR W 89 50.45 -6.76 -27.51
CA THR W 89 50.49 -7.45 -26.21
C THR W 89 49.27 -7.13 -25.35
N ILE W 90 48.54 -8.18 -25.00
CA ILE W 90 47.31 -8.02 -24.22
C ILE W 90 47.47 -8.63 -22.84
N SER W 91 47.15 -7.87 -21.80
CA SER W 91 47.40 -8.35 -20.45
C SER W 91 46.30 -8.12 -19.41
N LEU W 92 46.00 -9.18 -18.66
CA LEU W 92 45.03 -9.19 -17.55
C LEU W 92 45.79 -8.84 -16.25
N LEU W 93 45.32 -7.84 -15.53
CA LEU W 93 46.04 -7.27 -14.39
C LEU W 93 45.56 -7.64 -12.98
N ASN W 94 46.50 -7.60 -12.01
CA ASN W 94 46.21 -7.79 -10.58
C ASN W 94 45.94 -6.46 -9.86
N GLU W 95 45.79 -6.51 -8.54
CA GLU W 95 45.50 -5.32 -7.72
C GLU W 95 46.65 -4.31 -7.63
N GLU W 96 47.86 -4.68 -8.03
CA GLU W 96 48.99 -3.77 -8.06
C GLU W 96 49.17 -3.19 -9.45
N HIS W 97 48.25 -3.55 -10.34
CA HIS W 97 48.21 -3.20 -11.76
C HIS W 97 49.36 -3.85 -12.53
N GLU W 98 49.75 -5.07 -12.14
CA GLU W 98 50.79 -5.85 -12.79
C GLU W 98 50.14 -7.00 -13.58
N PRO W 99 50.77 -7.46 -14.65
CA PRO W 99 50.32 -8.62 -15.44
C PRO W 99 50.20 -9.92 -14.66
N VAL W 100 49.16 -10.68 -15.00
CA VAL W 100 48.89 -12.00 -14.48
C VAL W 100 48.85 -12.97 -15.65
N VAL W 101 48.03 -12.66 -16.66
CA VAL W 101 47.88 -13.50 -17.84
C VAL W 101 48.18 -12.68 -19.08
N THR W 102 49.11 -13.15 -19.91
CA THR W 102 49.47 -12.39 -21.11
C THR W 102 49.26 -13.16 -22.41
N TRP W 103 48.66 -12.48 -23.37
CA TRP W 103 48.45 -12.99 -24.72
C TRP W 103 49.39 -12.26 -25.67
N LYS W 104 50.31 -13.00 -26.29
CA LYS W 104 51.30 -12.41 -27.18
C LYS W 104 50.96 -12.66 -28.65
N VAL W 105 50.77 -11.57 -29.42
CA VAL W 105 50.36 -11.67 -30.82
C VAL W 105 51.40 -11.12 -31.81
N LYS W 106 51.77 -11.97 -32.77
CA LYS W 106 52.76 -11.71 -33.81
C LYS W 106 52.21 -11.10 -35.12
N ASN W 107 52.93 -10.12 -35.68
CA ASN W 107 52.68 -9.54 -37.01
C ASN W 107 51.26 -9.00 -37.33
N ALA W 108 50.62 -8.27 -36.42
CA ALA W 108 49.29 -7.74 -36.65
C ALA W 108 49.22 -6.51 -37.55
N TRP W 109 48.12 -6.36 -38.27
CA TRP W 109 47.80 -5.19 -39.09
C TRP W 109 46.27 -5.13 -39.25
N PRO W 110 45.70 -3.95 -39.56
CA PRO W 110 44.22 -3.82 -39.63
C PRO W 110 43.43 -4.10 -40.94
N LEU W 111 42.53 -5.08 -40.90
CA LEU W 111 41.63 -5.36 -42.02
C LEU W 111 40.54 -4.33 -42.17
N LYS W 112 40.00 -3.87 -41.05
CA LYS W 112 38.96 -2.88 -41.15
C LYS W 112 38.77 -1.96 -39.96
N VAL W 113 38.35 -0.75 -40.28
CA VAL W 113 38.08 0.28 -39.29
C VAL W 113 36.62 0.69 -39.44
N GLN W 114 35.84 0.56 -38.36
CA GLN W 114 34.40 0.92 -38.37
C GLN W 114 34.07 2.12 -37.49
N SER W 115 33.44 3.10 -38.09
CA SER W 115 32.98 4.31 -37.40
C SER W 115 31.58 4.13 -36.81
N THR W 116 31.24 5.10 -35.95
CA THR W 116 29.96 5.25 -35.25
C THR W 116 28.76 5.67 -36.12
N ASP W 117 27.58 5.22 -35.72
CA ASP W 117 26.34 5.69 -36.32
C ASP W 117 25.89 6.97 -35.60
N LEU W 118 25.03 7.78 -36.21
CA LEU W 118 24.56 9.00 -35.59
C LEU W 118 23.04 8.96 -35.46
N LYS W 119 22.52 9.36 -34.29
CA LYS W 119 21.07 9.38 -34.08
C LYS W 119 20.63 10.64 -33.34
N GLY W 120 19.49 11.19 -33.77
CA GLY W 120 18.90 12.39 -33.15
C GLY W 120 18.56 12.23 -31.68
N ASP W 121 18.17 11.02 -31.28
CA ASP W 121 17.84 10.67 -29.92
C ASP W 121 18.86 9.68 -29.33
N GLY W 122 20.05 9.66 -29.90
CA GLY W 122 21.11 8.76 -29.50
C GLY W 122 21.85 9.19 -28.25
N ASN W 123 21.21 9.05 -27.11
CA ASN W 123 21.80 9.46 -25.84
C ASN W 123 22.86 8.47 -25.34
N GLU W 124 24.00 8.41 -26.06
CA GLU W 124 25.09 7.50 -25.69
C GLU W 124 26.45 7.89 -26.29
N VAL W 125 27.49 7.15 -25.87
CA VAL W 125 28.87 7.39 -26.26
C VAL W 125 29.16 6.88 -27.65
N ALA W 126 29.85 7.68 -28.44
CA ALA W 126 30.27 7.27 -29.78
C ALA W 126 31.46 6.31 -29.68
N ILE W 127 31.26 5.05 -30.11
CA ILE W 127 32.28 3.99 -30.03
C ILE W 127 32.81 3.55 -31.39
N GLU W 128 34.12 3.64 -31.58
CA GLU W 128 34.77 3.17 -32.80
C GLU W 128 35.43 1.81 -32.59
N SER W 129 35.59 1.04 -33.67
CA SER W 129 36.22 -0.27 -33.56
C SER W 129 37.14 -0.67 -34.73
N MET W 130 38.04 -1.59 -34.43
CA MET W 130 39.02 -2.12 -35.37
C MET W 130 39.16 -3.64 -35.35
N GLU W 131 39.34 -4.23 -36.54
CA GLU W 131 39.57 -5.67 -36.68
C GLU W 131 40.98 -5.97 -37.22
N LEU W 132 41.73 -6.80 -36.48
CA LEU W 132 43.12 -7.13 -36.81
C LEU W 132 43.41 -8.57 -37.26
N ALA W 133 44.21 -8.67 -38.31
CA ALA W 133 44.77 -9.93 -38.80
C ALA W 133 46.09 -10.16 -38.10
N HIS W 134 46.49 -11.42 -37.92
CA HIS W 134 47.79 -11.69 -37.30
C HIS W 134 48.29 -13.07 -37.71
N GLU W 135 49.53 -13.40 -37.31
CA GLU W 135 50.15 -14.67 -37.66
C GLU W 135 50.49 -15.60 -36.49
N GLY W 136 49.87 -15.45 -35.33
CA GLY W 136 50.19 -16.36 -34.25
C GLY W 136 50.00 -15.81 -32.85
N LEU W 137 49.61 -16.72 -31.95
CA LEU W 137 49.29 -16.41 -30.56
C LEU W 137 49.92 -17.39 -29.56
N VAL W 138 50.59 -16.83 -28.55
CA VAL W 138 51.18 -17.57 -27.44
C VAL W 138 50.59 -17.10 -26.11
N ILE W 139 50.21 -18.05 -25.25
CA ILE W 139 49.59 -17.70 -23.97
C ILE W 139 50.51 -17.99 -22.78
N GLN W 140 50.77 -16.96 -21.98
CA GLN W 140 51.64 -17.08 -20.81
C GLN W 140 50.92 -16.86 -19.48
N ASN W 141 51.00 -17.84 -18.60
CA ASN W 141 50.38 -17.77 -17.27
C ASN W 141 51.25 -18.54 -16.29
N GLU W 142 52.10 -17.83 -15.57
CA GLU W 142 53.06 -18.47 -14.70
C GLU W 142 52.70 -18.26 -13.23
N SER X 2 38.99 14.58 -20.96
CA SER X 2 38.99 13.34 -20.20
C SER X 2 37.74 12.56 -20.42
N TYR X 3 36.87 13.13 -21.24
CA TYR X 3 35.60 12.53 -21.53
C TYR X 3 35.46 12.31 -23.03
N PRO X 4 34.77 11.22 -23.42
CA PRO X 4 34.46 10.89 -24.81
C PRO X 4 33.36 11.78 -25.39
N LEU X 5 33.27 11.80 -26.71
CA LEU X 5 32.23 12.53 -27.42
C LEU X 5 30.89 11.77 -27.42
N SER X 6 29.79 12.52 -27.42
CA SER X 6 28.43 11.97 -27.55
C SER X 6 28.09 11.77 -29.02
N LYS X 7 26.93 11.16 -29.32
CA LYS X 7 26.57 10.84 -30.72
C LYS X 7 25.30 11.51 -31.25
N PHE X 8 24.75 12.55 -30.60
CA PHE X 8 23.50 13.11 -31.10
C PHE X 8 23.54 14.51 -31.74
N HIS X 9 24.66 15.22 -31.72
CA HIS X 9 24.69 16.56 -32.33
C HIS X 9 25.59 16.54 -33.57
N PHE X 10 24.99 16.64 -34.74
CA PHE X 10 25.70 16.49 -36.02
C PHE X 10 24.98 17.20 -37.17
N SER X 11 25.67 17.34 -38.30
CA SER X 11 25.06 17.90 -39.52
C SER X 11 25.57 17.27 -40.82
N VAL X 12 24.72 17.31 -41.87
CA VAL X 12 25.09 16.71 -43.16
C VAL X 12 24.94 17.68 -44.33
N GLU X 13 26.02 17.93 -45.07
CA GLU X 13 25.97 18.77 -46.27
C GLU X 13 25.96 17.92 -47.53
N TRP X 14 24.82 17.92 -48.21
CA TRP X 14 24.62 17.06 -49.36
C TRP X 14 24.10 17.78 -50.61
N GLY X 15 24.12 19.10 -50.64
CA GLY X 15 23.59 19.84 -51.77
C GLY X 15 22.11 20.16 -51.70
N GLY X 16 21.41 19.71 -50.67
CA GLY X 16 20.01 20.01 -50.50
C GLY X 16 19.78 21.29 -49.71
N THR X 17 18.51 21.69 -49.60
CA THR X 17 18.17 22.87 -48.78
C THR X 17 18.39 22.72 -47.26
N LYS X 18 18.17 21.55 -46.68
CA LYS X 18 18.31 21.31 -45.24
C LYS X 18 19.51 20.44 -44.86
N ILE X 19 20.02 20.59 -43.63
CA ILE X 19 21.14 19.79 -43.16
C ILE X 19 20.80 18.91 -41.95
N GLY X 20 19.54 18.90 -41.52
CA GLY X 20 19.12 18.09 -40.38
C GLY X 20 18.62 16.71 -40.78
N PHE X 21 19.13 15.70 -40.10
CA PHE X 21 18.78 14.30 -40.33
C PHE X 21 18.48 13.60 -39.01
N THR X 22 17.68 12.55 -39.11
CA THR X 22 17.35 11.71 -37.99
C THR X 22 18.41 10.64 -37.75
N GLU X 23 18.91 10.04 -38.83
CA GLU X 23 19.86 8.96 -38.71
C GLU X 23 20.86 8.89 -39.87
N VAL X 24 22.12 8.60 -39.53
CA VAL X 24 23.21 8.40 -40.49
C VAL X 24 23.97 7.11 -40.18
N SER X 25 24.16 6.23 -41.19
CA SER X 25 24.94 5.00 -40.93
C SER X 25 25.71 4.47 -42.15
N GLY X 26 26.73 3.63 -41.91
CA GLY X 26 27.52 2.99 -42.98
C GLY X 26 28.91 3.57 -43.26
N LEU X 27 29.45 4.39 -42.38
CA LEU X 27 30.77 5.00 -42.60
C LEU X 27 31.93 4.05 -42.30
N ASP X 28 32.06 2.99 -43.13
CA ASP X 28 33.03 1.90 -42.99
C ASP X 28 34.13 1.85 -44.06
N LEU X 29 35.28 1.23 -43.70
CA LEU X 29 36.42 0.99 -44.58
C LEU X 29 36.82 -0.48 -44.51
N GLU X 30 37.11 -1.15 -45.65
CA GLU X 30 37.47 -2.58 -45.60
C GLU X 30 38.52 -3.03 -46.63
N THR X 31 39.45 -3.88 -46.21
CA THR X 31 40.49 -4.44 -47.08
C THR X 31 40.47 -5.98 -47.12
N GLU X 32 40.67 -6.56 -48.31
CA GLU X 32 40.81 -8.00 -48.52
C GLU X 32 42.17 -8.58 -48.11
N ILE X 33 42.18 -9.86 -47.77
CA ILE X 33 43.43 -10.54 -47.41
C ILE X 33 43.85 -11.53 -48.49
N ILE X 34 45.16 -11.62 -48.76
CA ILE X 34 45.76 -12.64 -49.60
C ILE X 34 46.62 -13.56 -48.74
N GLU X 35 46.37 -14.87 -48.79
CA GLU X 35 47.08 -15.84 -47.96
C GLU X 35 48.06 -16.73 -48.76
N TYR X 36 49.16 -17.15 -48.12
CA TYR X 36 50.16 -18.03 -48.78
C TYR X 36 50.95 -18.99 -47.86
N ARG X 37 51.24 -20.22 -48.35
CA ARG X 37 52.16 -21.14 -47.65
C ARG X 37 52.94 -22.02 -48.61
N HIS X 38 54.27 -21.99 -48.54
CA HIS X 38 54.99 -22.99 -49.36
C HIS X 38 55.18 -24.26 -48.51
N GLY X 39 55.27 -25.40 -49.20
CA GLY X 39 55.32 -26.73 -48.60
C GLY X 39 56.45 -27.01 -47.63
N ALA X 40 57.60 -26.36 -47.79
CA ALA X 40 58.72 -26.60 -46.89
C ALA X 40 58.70 -25.82 -45.58
N SER X 41 57.71 -24.95 -45.36
CA SER X 41 57.71 -24.14 -44.14
C SER X 41 57.53 -24.99 -42.85
N PRO X 42 58.32 -24.72 -41.79
CA PRO X 42 58.16 -25.30 -40.44
C PRO X 42 56.85 -24.98 -39.76
N GLU X 43 56.15 -23.94 -40.20
CA GLU X 43 54.87 -23.61 -39.59
C GLU X 43 53.77 -24.14 -40.47
N TYR X 44 52.68 -24.56 -39.85
CA TYR X 44 51.59 -25.17 -40.57
C TYR X 44 50.38 -24.26 -40.69
N SER X 45 50.66 -22.97 -40.88
CA SER X 45 49.67 -21.93 -41.05
C SER X 45 50.16 -20.99 -42.15
N LYS X 46 49.32 -20.06 -42.58
CA LYS X 46 49.63 -19.18 -43.69
C LYS X 46 50.11 -17.77 -43.31
N ILE X 47 50.84 -17.14 -44.24
CA ILE X 47 51.27 -15.74 -44.09
C ILE X 47 50.26 -14.85 -44.80
N LYS X 48 49.99 -13.68 -44.24
CA LYS X 48 48.95 -12.80 -44.78
C LYS X 48 49.43 -11.42 -45.26
N MET X 49 48.85 -10.93 -46.36
CA MET X 49 49.12 -9.57 -46.83
C MET X 49 47.86 -8.89 -47.41
N PRO X 50 47.79 -7.55 -47.38
CA PRO X 50 46.69 -6.76 -47.97
C PRO X 50 46.42 -6.93 -49.46
N GLY X 51 45.14 -6.98 -49.80
CA GLY X 51 44.55 -7.06 -51.13
C GLY X 51 43.89 -5.75 -51.53
N MET X 52 42.86 -5.86 -52.37
CA MET X 52 42.04 -4.75 -52.87
C MET X 52 41.09 -4.17 -51.82
N GLN X 53 40.63 -2.93 -52.05
CA GLN X 53 39.80 -2.24 -51.06
C GLN X 53 38.32 -2.03 -51.43
N LYS X 54 37.48 -1.99 -50.41
CA LYS X 54 36.02 -1.78 -50.53
C LYS X 54 35.47 -0.65 -49.65
N PHE X 55 34.30 -0.15 -50.04
CA PHE X 55 33.55 0.82 -49.25
C PHE X 55 32.11 0.38 -49.12
N SER X 56 31.46 0.72 -48.00
CA SER X 56 30.04 0.43 -47.79
C SER X 56 29.15 1.56 -48.28
N ASN X 57 27.88 1.25 -48.56
CA ASN X 57 26.91 2.29 -48.92
C ASN X 57 26.48 3.07 -47.68
N ILE X 58 26.08 4.32 -47.87
CA ILE X 58 25.68 5.19 -46.76
C ILE X 58 24.17 5.41 -46.73
N THR X 59 23.56 5.22 -45.56
CA THR X 59 22.12 5.42 -45.40
C THR X 59 21.78 6.68 -44.61
N LEU X 60 20.87 7.48 -45.17
CA LEU X 60 20.38 8.71 -44.52
C LEU X 60 18.86 8.68 -44.31
N LYS X 61 18.41 9.05 -43.11
CA LYS X 61 16.97 9.03 -42.76
C LYS X 61 16.50 10.42 -42.28
N ARG X 62 15.31 10.87 -42.74
CA ARG X 62 14.76 12.18 -42.36
C ARG X 62 13.23 12.09 -42.32
N GLY X 63 12.57 13.05 -41.63
CA GLY X 63 11.11 13.11 -41.59
C GLY X 63 10.57 13.80 -42.86
N THR X 64 9.40 13.38 -43.34
CA THR X 64 8.73 14.03 -44.48
C THR X 64 8.06 15.36 -44.12
N PHE X 65 8.35 16.39 -44.92
CA PHE X 65 7.80 17.73 -44.76
C PHE X 65 7.06 18.21 -45.99
N LYS X 66 6.07 19.06 -45.74
CA LYS X 66 5.29 19.70 -46.79
C LYS X 66 6.16 20.49 -47.74
N SER X 67 5.94 20.26 -49.04
CA SER X 67 6.63 20.89 -50.17
C SER X 67 8.14 20.63 -50.26
N ASP X 68 8.69 19.58 -49.67
CA ASP X 68 10.11 19.27 -49.87
C ASP X 68 10.21 17.92 -50.58
N ASN X 69 10.53 17.93 -51.87
CA ASN X 69 10.60 16.72 -52.68
C ASN X 69 12.05 16.38 -53.14
N GLU X 70 13.04 16.79 -52.35
CA GLU X 70 14.46 16.67 -52.75
C GLU X 70 15.00 15.24 -52.97
N TYR X 71 14.66 14.26 -52.12
CA TYR X 71 15.15 12.91 -52.36
C TYR X 71 14.76 12.48 -53.76
N PHE X 72 13.53 12.79 -54.17
CA PHE X 72 13.04 12.35 -55.44
C PHE X 72 13.74 13.09 -56.56
N GLN X 73 13.87 14.41 -56.41
CA GLN X 73 14.47 15.23 -57.46
C GLN X 73 15.91 14.82 -57.75
N TRP X 74 16.71 14.50 -56.74
CA TRP X 74 18.08 14.05 -57.00
C TRP X 74 18.06 12.70 -57.73
N TYR X 75 17.25 11.75 -57.24
CA TYR X 75 17.13 10.43 -57.84
C TYR X 75 16.75 10.52 -59.31
N ASN X 76 15.84 11.43 -59.61
CA ASN X 76 15.32 11.63 -60.94
C ASN X 76 16.31 12.30 -61.90
N THR X 77 17.57 12.55 -61.49
CA THR X 77 18.59 13.06 -62.41
C THR X 77 19.28 11.92 -63.15
N ILE X 78 18.94 10.66 -62.87
CA ILE X 78 19.56 9.50 -63.54
C ILE X 78 19.07 9.40 -64.98
N ASN X 79 19.98 9.28 -65.94
CA ASN X 79 19.59 9.21 -67.34
C ASN X 79 20.48 8.19 -68.05
N LEU X 80 20.03 6.97 -68.24
CA LEU X 80 20.85 5.86 -68.78
C LEU X 80 22.12 5.70 -67.91
N ASN X 81 23.32 6.06 -68.34
CA ASN X 81 24.46 5.97 -67.41
C ASN X 81 24.87 7.30 -66.72
N LYS X 82 24.11 8.40 -66.86
CA LYS X 82 24.46 9.70 -66.30
C LYS X 82 23.69 9.95 -65.02
N VAL X 83 24.32 10.67 -64.09
CA VAL X 83 23.69 11.06 -62.83
C VAL X 83 24.43 12.25 -62.27
N GLU X 84 23.75 13.10 -61.51
CA GLU X 84 24.46 14.17 -60.82
C GLU X 84 25.23 13.62 -59.63
N ARG X 85 26.55 13.76 -59.63
CA ARG X 85 27.35 13.26 -58.51
C ARG X 85 27.69 14.40 -57.57
N ARG X 86 27.70 14.13 -56.27
CA ARG X 86 27.97 15.18 -55.28
C ARG X 86 29.01 14.83 -54.23
N ASP X 87 29.57 15.88 -53.64
CA ASP X 87 30.51 15.76 -52.55
C ASP X 87 29.69 15.80 -51.27
N LEU X 88 29.82 14.77 -50.45
CA LEU X 88 29.06 14.63 -49.22
C LEU X 88 29.92 14.88 -47.98
N THR X 89 29.55 15.85 -47.14
CA THR X 89 30.35 16.13 -45.95
C THR X 89 29.54 15.92 -44.67
N ILE X 90 30.02 15.02 -43.83
CA ILE X 90 29.32 14.67 -42.59
C ILE X 90 30.15 15.12 -41.38
N SER X 91 29.54 15.85 -40.47
CA SER X 91 30.29 16.38 -39.35
C SER X 91 29.66 16.31 -37.95
N LEU X 92 30.46 15.87 -36.99
CA LEU X 92 30.10 15.77 -35.57
C LEU X 92 30.48 17.09 -34.89
N LEU X 93 29.54 17.72 -34.21
CA LEU X 93 29.69 19.08 -33.68
C LEU X 93 29.95 19.24 -32.18
N ASN X 94 30.61 20.36 -31.82
CA ASN X 94 30.85 20.75 -30.42
C ASN X 94 29.75 21.69 -29.89
N GLU X 95 29.93 22.21 -28.68
CA GLU X 95 28.96 23.09 -28.04
C GLU X 95 28.82 24.48 -28.68
N GLU X 96 29.73 24.87 -29.56
CA GLU X 96 29.65 26.12 -30.29
C GLU X 96 29.05 25.89 -31.66
N HIS X 97 28.66 24.65 -31.93
CA HIS X 97 28.11 24.14 -33.17
C HIS X 97 29.15 24.13 -34.29
N GLU X 98 30.43 23.89 -33.94
CA GLU X 98 31.53 23.79 -34.88
C GLU X 98 31.95 22.33 -35.04
N PRO X 99 32.49 21.95 -36.20
CA PRO X 99 33.04 20.61 -36.45
C PRO X 99 34.15 20.17 -35.52
N VAL X 100 34.09 18.89 -35.16
CA VAL X 100 35.09 18.19 -34.38
C VAL X 100 35.65 17.04 -35.18
N VAL X 101 34.76 16.19 -35.70
CA VAL X 101 35.15 15.03 -36.50
C VAL X 101 34.44 15.09 -37.84
N THR X 102 35.21 15.04 -38.93
CA THR X 102 34.60 15.11 -40.26
C THR X 102 34.88 13.90 -41.14
N TRP X 103 33.82 13.42 -41.78
CA TRP X 103 33.88 12.34 -42.75
C TRP X 103 33.67 12.91 -44.15
N LYS X 104 34.67 12.79 -45.00
CA LYS X 104 34.62 13.34 -46.35
C LYS X 104 34.37 12.26 -47.39
N VAL X 105 33.27 12.38 -48.14
CA VAL X 105 32.87 11.37 -49.12
C VAL X 105 32.85 11.88 -50.57
N LYS X 106 33.57 11.17 -51.42
CA LYS X 106 33.76 11.47 -52.85
C LYS X 106 32.73 10.81 -53.80
N ASN X 107 32.26 11.58 -54.79
CA ASN X 107 31.41 11.08 -55.91
C ASN X 107 30.14 10.31 -55.58
N ALA X 108 29.34 10.75 -54.61
CA ALA X 108 28.10 10.06 -54.23
C ALA X 108 26.92 10.29 -55.17
N TRP X 109 26.05 9.29 -55.28
CA TRP X 109 24.78 9.35 -56.01
C TRP X 109 23.83 8.30 -55.41
N PRO X 110 22.51 8.45 -55.59
CA PRO X 110 21.55 7.51 -54.96
C PRO X 110 21.10 6.20 -55.63
N LEU X 111 21.37 5.07 -55.00
CA LEU X 111 20.90 3.76 -55.46
C LEU X 111 19.42 3.57 -55.24
N LYS X 112 18.93 4.02 -54.09
CA LYS X 112 17.52 3.85 -53.83
C LYS X 112 16.88 4.84 -52.86
N VAL X 113 15.62 5.10 -53.13
CA VAL X 113 14.80 6.00 -52.33
C VAL X 113 13.61 5.20 -51.81
N GLN X 114 13.46 5.14 -50.48
CA GLN X 114 12.34 4.39 -49.84
C GLN X 114 11.35 5.30 -49.13
N SER X 115 10.09 5.16 -49.50
CA SER X 115 8.98 5.87 -48.89
C SER X 115 8.42 5.14 -47.67
N THR X 116 7.61 5.89 -46.93
CA THR X 116 6.88 5.48 -45.72
C THR X 116 5.70 4.51 -45.94
N ASP X 117 5.46 3.67 -44.95
CA ASP X 117 4.27 2.82 -44.93
C ASP X 117 3.10 3.63 -44.31
N LEU X 118 1.86 3.21 -44.55
CA LEU X 118 0.72 3.91 -43.98
C LEU X 118 -0.10 2.96 -43.12
N LYS X 119 -0.52 3.41 -41.94
CA LYS X 119 -1.32 2.57 -41.04
C LYS X 119 -2.46 3.36 -40.40
N GLY X 120 -3.64 2.72 -40.31
CA GLY X 120 -4.82 3.33 -39.69
C GLY X 120 -4.63 3.73 -38.23
N ASP X 121 -3.82 2.97 -37.50
CA ASP X 121 -3.49 3.23 -36.12
C ASP X 121 -2.02 3.61 -35.95
N GLY X 122 -1.41 4.10 -37.03
CA GLY X 122 -0.01 4.48 -37.05
C GLY X 122 0.27 5.82 -36.41
N ASN X 123 0.22 5.88 -35.10
CA ASN X 123 0.43 7.14 -34.37
C ASN X 123 1.92 7.49 -34.30
N GLU X 124 2.50 7.86 -35.46
CA GLU X 124 3.92 8.24 -35.53
C GLU X 124 4.28 9.06 -36.77
N VAL X 125 5.54 9.52 -36.79
CA VAL X 125 6.08 10.39 -37.85
C VAL X 125 6.41 9.60 -39.11
N ALA X 126 6.02 10.13 -40.25
CA ALA X 126 6.36 9.52 -41.53
C ALA X 126 7.83 9.80 -41.87
N ILE X 127 8.66 8.73 -41.94
CA ILE X 127 10.11 8.84 -42.19
C ILE X 127 10.53 8.27 -43.54
N GLU X 128 11.17 9.09 -44.36
CA GLU X 128 11.70 8.65 -45.64
C GLU X 128 13.21 8.41 -45.55
N SER X 129 13.73 7.55 -46.43
CA SER X 129 15.16 7.26 -46.43
C SER X 129 15.81 7.06 -47.81
N MET X 130 17.12 7.28 -47.84
CA MET X 130 17.94 7.16 -49.04
C MET X 130 19.24 6.39 -48.84
N GLU X 131 19.62 5.59 -49.84
CA GLU X 131 20.88 4.85 -49.84
C GLU X 131 21.83 5.33 -50.94
N LEU X 132 23.05 5.71 -50.54
CA LEU X 132 24.06 6.28 -51.45
C LEU X 132 25.30 5.43 -51.74
N ALA X 133 25.67 5.38 -53.01
CA ALA X 133 26.90 4.78 -53.49
C ALA X 133 27.97 5.87 -53.50
N HIS X 134 29.23 5.50 -53.34
CA HIS X 134 30.30 6.50 -53.41
C HIS X 134 31.63 5.84 -53.77
N GLU X 135 32.66 6.66 -53.97
CA GLU X 135 33.98 6.17 -54.37
C GLU X 135 35.12 6.44 -53.38
N GLY X 136 34.85 6.67 -52.11
CA GLY X 136 35.95 6.89 -51.18
C GLY X 136 35.64 7.77 -49.99
N LEU X 137 36.29 7.43 -48.88
CA LEU X 137 36.10 8.08 -47.58
C LEU X 137 37.42 8.42 -46.87
N VAL X 138 37.53 9.67 -46.43
CA VAL X 138 38.65 10.18 -45.66
C VAL X 138 38.16 10.70 -44.30
N ILE X 139 38.86 10.33 -43.22
CA ILE X 139 38.43 10.76 -41.88
C ILE X 139 39.40 11.78 -41.27
N GLN X 140 38.87 12.93 -40.88
CA GLN X 140 39.66 14.01 -40.29
C GLN X 140 39.29 14.30 -38.83
N ASN X 141 40.29 14.23 -37.96
CA ASN X 141 40.09 14.51 -36.52
C ASN X 141 41.38 15.11 -35.98
N GLU X 142 41.41 16.43 -35.90
CA GLU X 142 42.62 17.13 -35.52
C GLU X 142 42.51 17.73 -34.12
N SER Y 2 -20.58 34.02 -8.10
CA SER Y 2 -19.31 34.15 -7.40
C SER Y 2 -18.95 32.89 -6.69
N TYR Y 3 -19.82 31.92 -6.80
CA TYR Y 3 -19.65 30.66 -6.14
C TYR Y 3 -19.63 29.52 -7.16
N PRO Y 4 -18.85 28.48 -6.91
CA PRO Y 4 -18.77 27.26 -7.73
C PRO Y 4 -19.99 26.38 -7.54
N LEU Y 5 -20.19 25.46 -8.49
CA LEU Y 5 -21.26 24.47 -8.44
C LEU Y 5 -20.92 23.31 -7.50
N SER Y 6 -21.94 22.74 -6.87
CA SER Y 6 -21.81 21.53 -6.03
C SER Y 6 -21.88 20.29 -6.91
N LYS Y 7 -21.67 19.09 -6.32
CA LYS Y 7 -21.62 17.86 -7.12
C LYS Y 7 -22.68 16.80 -6.77
N PHE Y 8 -23.75 17.12 -6.03
CA PHE Y 8 -24.71 16.07 -5.67
C PHE Y 8 -26.09 16.09 -6.32
N HIS Y 9 -26.45 17.10 -7.10
CA HIS Y 9 -27.78 17.13 -7.72
C HIS Y 9 -27.64 16.95 -9.25
N PHE Y 10 -28.03 15.80 -9.75
CA PHE Y 10 -27.84 15.44 -11.16
C PHE Y 10 -28.83 14.40 -11.65
N SER Y 11 -28.91 14.21 -12.97
CA SER Y 11 -29.74 13.14 -13.55
C SER Y 11 -29.14 12.49 -14.79
N VAL Y 12 -29.53 11.23 -15.06
CA VAL Y 12 -29.01 10.49 -16.22
C VAL Y 12 -30.10 9.91 -17.10
N GLU Y 13 -30.10 10.27 -18.38
CA GLU Y 13 -31.06 9.71 -19.35
C GLU Y 13 -30.40 8.64 -20.21
N TRP Y 14 -30.78 7.39 -19.99
CA TRP Y 14 -30.16 6.26 -20.64
C TRP Y 14 -31.13 5.30 -21.34
N GLY Y 15 -32.39 5.67 -21.50
CA GLY Y 15 -33.37 4.79 -22.10
C GLY Y 15 -34.08 3.86 -21.12
N GLY Y 16 -33.74 3.91 -19.85
CA GLY Y 16 -34.39 3.11 -18.84
C GLY Y 16 -35.59 3.82 -18.23
N THR Y 17 -36.33 3.10 -17.37
CA THR Y 17 -37.46 3.72 -16.66
C THR Y 17 -37.08 4.81 -15.63
N LYS Y 18 -35.97 4.69 -14.93
CA LYS Y 18 -35.54 5.65 -13.91
C LYS Y 18 -34.33 6.51 -14.28
N ILE Y 19 -34.20 7.69 -13.70
CA ILE Y 19 -33.05 8.56 -13.98
C ILE Y 19 -32.18 8.85 -12.76
N GLY Y 20 -32.48 8.22 -11.62
CA GLY Y 20 -31.70 8.43 -10.41
C GLY Y 20 -30.57 7.41 -10.23
N PHE Y 21 -29.39 7.94 -9.95
CA PHE Y 21 -28.19 7.13 -9.75
C PHE Y 21 -27.46 7.57 -8.49
N THR Y 22 -26.72 6.63 -7.93
CA THR Y 22 -25.86 6.87 -6.78
C THR Y 22 -24.53 7.47 -7.18
N GLU Y 23 -23.93 6.96 -8.26
CA GLU Y 23 -22.61 7.40 -8.66
C GLU Y 23 -22.39 7.35 -10.18
N VAL Y 24 -21.72 8.39 -10.70
CA VAL Y 24 -21.33 8.49 -12.11
C VAL Y 24 -19.84 8.85 -12.23
N SER Y 25 -19.07 8.09 -13.02
CA SER Y 25 -17.65 8.45 -13.20
C SER Y 25 -17.07 8.06 -14.57
N GLY Y 26 -15.94 8.71 -14.95
CA GLY Y 26 -15.22 8.40 -16.21
C GLY Y 26 -15.41 9.37 -17.37
N LEU Y 27 -15.94 10.56 -17.14
CA LEU Y 27 -16.18 11.52 -18.22
C LEU Y 27 -14.90 12.27 -18.65
N ASP Y 28 -13.95 11.52 -19.24
CA ASP Y 28 -12.62 12.00 -19.65
C ASP Y 28 -12.38 12.07 -21.17
N LEU Y 29 -11.43 12.94 -21.56
CA LEU Y 29 -10.97 13.13 -22.94
C LEU Y 29 -9.44 13.02 -22.99
N GLU Y 30 -8.86 12.29 -23.97
CA GLU Y 30 -7.38 12.18 -24.02
C GLU Y 30 -6.78 12.14 -25.43
N THR Y 31 -5.64 12.82 -25.61
CA THR Y 31 -4.91 12.85 -26.89
C THR Y 31 -3.46 12.37 -26.75
N GLU Y 32 -2.98 11.59 -27.72
CA GLU Y 32 -1.59 11.14 -27.82
C GLU Y 32 -0.61 12.19 -28.32
N ILE Y 33 0.65 12.05 -27.94
CA ILE Y 33 1.70 12.97 -28.40
C ILE Y 33 2.65 12.30 -29.39
N ILE Y 34 3.06 13.02 -30.42
CA ILE Y 34 4.11 12.62 -31.35
C ILE Y 34 5.32 13.53 -31.15
N GLU Y 35 6.49 12.94 -30.89
CA GLU Y 35 7.72 13.70 -30.61
C GLU Y 35 8.75 13.62 -31.75
N TYR Y 36 9.54 14.70 -31.94
CA TYR Y 36 10.59 14.74 -32.99
C TYR Y 36 11.82 15.61 -32.70
N ARG Y 37 13.01 15.15 -33.13
CA ARG Y 37 14.23 15.99 -33.10
C ARG Y 37 15.20 15.67 -34.24
N HIS Y 38 15.57 16.66 -35.05
CA HIS Y 38 16.62 16.37 -36.02
C HIS Y 38 17.97 16.69 -35.36
N GLY Y 39 19.01 15.98 -35.83
CA GLY Y 39 20.36 16.02 -35.27
C GLY Y 39 21.06 17.37 -35.23
N ALA Y 40 20.74 18.27 -36.16
CA ALA Y 40 21.40 19.58 -36.18
C ALA Y 40 20.78 20.62 -35.25
N SER Y 41 19.70 20.32 -34.54
CA SER Y 41 19.07 21.33 -33.69
C SER Y 41 19.96 21.78 -32.52
N PRO Y 42 20.05 23.10 -32.24
CA PRO Y 42 20.71 23.69 -31.06
C PRO Y 42 20.11 23.29 -29.73
N GLU Y 43 18.87 22.81 -29.72
CA GLU Y 43 18.25 22.39 -28.48
C GLU Y 43 18.35 20.88 -28.38
N TYR Y 44 18.50 20.39 -27.16
CA TYR Y 44 18.71 18.98 -26.94
C TYR Y 44 17.48 18.31 -26.35
N SER Y 45 16.31 18.75 -26.81
CA SER Y 45 15.02 18.23 -26.41
C SER Y 45 14.14 18.15 -27.65
N LYS Y 46 12.97 17.54 -27.53
CA LYS Y 46 12.10 17.30 -28.68
C LYS Y 46 10.94 18.28 -28.84
N ILE Y 47 10.43 18.38 -30.08
CA ILE Y 47 9.24 19.19 -30.38
C ILE Y 47 8.02 18.28 -30.37
N LYS Y 48 6.89 18.78 -29.88
CA LYS Y 48 5.70 17.95 -29.72
C LYS Y 48 4.47 18.37 -30.54
N MET Y 49 3.72 17.39 -31.05
CA MET Y 49 2.44 17.67 -31.72
C MET Y 49 1.38 16.60 -31.42
N PRO Y 50 0.08 16.95 -31.49
CA PRO Y 50 -1.06 16.02 -31.31
C PRO Y 50 -1.12 14.82 -32.26
N GLY Y 51 -1.47 13.68 -31.68
CA GLY Y 51 -1.71 12.39 -32.30
C GLY Y 51 -3.20 12.03 -32.32
N MET Y 52 -3.47 10.72 -32.27
CA MET Y 52 -4.82 10.15 -32.25
C MET Y 52 -5.53 10.30 -30.90
N GLN Y 53 -6.86 10.19 -30.90
CA GLN Y 53 -7.65 10.43 -29.69
C GLN Y 53 -8.30 9.20 -29.04
N LYS Y 54 -8.48 9.27 -27.73
CA LYS Y 54 -9.10 8.22 -26.91
C LYS Y 54 -10.23 8.72 -26.00
N PHE Y 55 -11.09 7.78 -25.60
CA PHE Y 55 -12.14 8.03 -24.63
C PHE Y 55 -12.11 6.96 -23.55
N SER Y 56 -12.50 7.32 -22.31
CA SER Y 56 -12.60 6.36 -21.21
C SER Y 56 -13.99 5.74 -21.13
N ASN Y 57 -14.09 4.57 -20.49
CA ASN Y 57 -15.39 3.95 -20.24
C ASN Y 57 -16.11 4.65 -19.11
N ILE Y 58 -17.44 4.61 -19.13
CA ILE Y 58 -18.27 5.29 -18.12
C ILE Y 58 -18.89 4.29 -17.15
N THR Y 59 -18.77 4.57 -15.85
CA THR Y 59 -19.34 3.69 -14.82
C THR Y 59 -20.55 4.32 -14.13
N LEU Y 60 -21.64 3.55 -14.05
CA LEU Y 60 -22.87 3.97 -13.38
C LEU Y 60 -23.24 3.02 -12.23
N LYS Y 61 -23.61 3.57 -11.06
CA LYS Y 61 -23.96 2.77 -9.88
C LYS Y 61 -25.35 3.14 -9.36
N ARG Y 62 -26.17 2.13 -8.99
CA ARG Y 62 -27.54 2.36 -8.48
C ARG Y 62 -27.89 1.27 -7.45
N GLY Y 63 -28.91 1.52 -6.61
CA GLY Y 63 -29.38 0.51 -5.64
C GLY Y 63 -30.32 -0.47 -6.32
N THR Y 64 -30.31 -1.73 -5.90
CA THR Y 64 -31.25 -2.75 -6.40
C THR Y 64 -32.66 -2.62 -5.84
N PHE Y 65 -33.65 -2.63 -6.73
CA PHE Y 65 -35.07 -2.53 -6.40
C PHE Y 65 -35.88 -3.72 -6.90
N LYS Y 66 -36.94 -4.02 -6.16
CA LYS Y 66 -37.88 -5.07 -6.52
C LYS Y 66 -38.49 -4.82 -7.89
N SER Y 67 -38.47 -5.88 -8.71
CA SER Y 67 -39.00 -5.93 -10.08
C SER Y 67 -38.34 -4.99 -11.08
N ASP Y 68 -37.11 -4.53 -10.88
CA ASP Y 68 -36.45 -3.74 -11.92
C ASP Y 68 -35.20 -4.51 -12.39
N ASN Y 69 -35.26 -5.11 -13.56
CA ASN Y 69 -34.17 -5.93 -14.10
C ASN Y 69 -33.50 -5.29 -15.34
N GLU Y 70 -33.52 -3.95 -15.44
CA GLU Y 70 -33.04 -3.25 -16.64
C GLU Y 70 -31.55 -3.41 -17.00
N TYR Y 71 -30.62 -3.38 -16.04
CA TYR Y 71 -29.22 -3.58 -16.39
C TYR Y 71 -29.08 -4.88 -17.15
N PHE Y 72 -29.77 -5.91 -16.70
CA PHE Y 72 -29.64 -7.22 -17.32
C PHE Y 72 -30.27 -7.23 -18.69
N GLN Y 73 -31.47 -6.66 -18.79
CA GLN Y 73 -32.18 -6.68 -20.06
C GLN Y 73 -31.43 -5.96 -21.17
N TRP Y 74 -30.77 -4.82 -20.88
CA TRP Y 74 -29.99 -4.16 -21.91
C TRP Y 74 -28.79 -5.01 -22.32
N TYR Y 75 -28.07 -5.55 -21.32
CA TYR Y 75 -26.90 -6.40 -21.56
C TYR Y 75 -27.26 -7.59 -22.44
N ASN Y 76 -28.42 -8.17 -22.17
CA ASN Y 76 -28.91 -9.35 -22.87
C ASN Y 76 -29.37 -9.06 -24.31
N THR Y 77 -29.20 -7.83 -24.83
CA THR Y 77 -29.50 -7.55 -26.24
C THR Y 77 -28.29 -7.86 -27.12
N ILE Y 78 -27.16 -8.28 -26.57
CA ILE Y 78 -25.96 -8.60 -27.35
C ILE Y 78 -26.16 -9.91 -28.12
N ASN Y 79 -25.88 -9.92 -29.41
CA ASN Y 79 -26.10 -11.12 -30.22
C ASN Y 79 -24.94 -11.22 -31.22
N LEU Y 80 -23.93 -12.02 -30.96
CA LEU Y 80 -22.71 -12.10 -31.78
C LEU Y 80 -22.10 -10.68 -31.91
N ASN Y 81 -22.15 -10.00 -33.05
CA ASN Y 81 -21.63 -8.63 -33.07
C ASN Y 81 -22.71 -7.51 -32.95
N LYS Y 82 -23.98 -7.82 -32.68
CA LYS Y 82 -25.06 -6.84 -32.63
C LYS Y 82 -25.38 -6.49 -31.18
N VAL Y 83 -25.79 -5.25 -30.95
CA VAL Y 83 -26.19 -4.77 -29.63
C VAL Y 83 -27.05 -3.53 -29.81
N GLU Y 84 -27.97 -3.29 -28.89
CA GLU Y 84 -28.72 -2.04 -28.94
C GLU Y 84 -27.84 -0.89 -28.47
N ARG Y 85 -27.60 0.10 -29.33
CA ARG Y 85 -26.78 1.24 -28.95
C ARG Y 85 -27.66 2.42 -28.57
N ARG Y 86 -27.25 3.17 -27.55
CA ARG Y 86 -28.07 4.29 -27.09
C ARG Y 86 -27.32 5.62 -26.93
N ASP Y 87 -28.11 6.69 -26.95
CA ASP Y 87 -27.59 8.03 -26.73
C ASP Y 87 -27.73 8.28 -25.22
N LEU Y 88 -26.62 8.60 -24.58
CA LEU Y 88 -26.57 8.81 -23.14
C LEU Y 88 -26.42 10.30 -22.79
N THR Y 89 -27.36 10.84 -22.02
CA THR Y 89 -27.26 12.27 -21.65
C THR Y 89 -27.15 12.45 -20.14
N ILE Y 90 -26.06 13.07 -19.71
CA ILE Y 90 -25.80 13.28 -18.30
C ILE Y 90 -25.85 14.77 -17.95
N SER Y 91 -26.62 15.12 -16.93
CA SER Y 91 -26.79 16.53 -16.63
C SER Y 91 -26.75 16.96 -15.16
N LEU Y 92 -25.99 18.02 -14.90
CA LEU Y 92 -25.85 18.65 -13.58
C LEU Y 92 -26.93 19.74 -13.45
N LEU Y 93 -27.71 19.69 -12.39
CA LEU Y 93 -28.91 20.52 -12.22
C LEU Y 93 -28.82 21.72 -11.27
N ASN Y 94 -29.65 22.75 -11.54
CA ASN Y 94 -29.80 23.92 -10.68
C ASN Y 94 -30.96 23.75 -9.66
N GLU Y 95 -31.27 24.81 -8.92
CA GLU Y 95 -32.31 24.79 -7.90
C GLU Y 95 -33.75 24.66 -8.44
N GLU Y 96 -33.95 24.86 -9.73
CA GLU Y 96 -35.26 24.69 -10.37
C GLU Y 96 -35.35 23.31 -10.99
N HIS Y 97 -34.30 22.51 -10.82
CA HIS Y 97 -34.11 21.18 -11.35
C HIS Y 97 -33.93 21.21 -12.87
N GLU Y 98 -33.30 22.26 -13.40
CA GLU Y 98 -33.00 22.41 -14.82
C GLU Y 98 -31.52 22.19 -15.06
N PRO Y 99 -31.12 21.72 -16.24
CA PRO Y 99 -29.72 21.56 -16.64
C PRO Y 99 -28.87 22.83 -16.60
N VAL Y 100 -27.64 22.65 -16.18
CA VAL Y 100 -26.60 23.67 -16.14
C VAL Y 100 -25.44 23.21 -16.99
N VAL Y 101 -24.94 22.00 -16.72
CA VAL Y 101 -23.81 21.43 -17.45
C VAL Y 101 -24.22 20.08 -18.03
N THR Y 102 -24.06 19.92 -19.34
CA THR Y 102 -24.46 18.65 -19.96
C THR Y 102 -23.32 17.94 -20.68
N TRP Y 103 -23.24 16.63 -20.44
CA TRP Y 103 -22.30 15.75 -21.10
C TRP Y 103 -23.06 14.86 -22.09
N LYS Y 104 -22.75 14.99 -23.36
CA LYS Y 104 -23.43 14.25 -24.41
C LYS Y 104 -22.60 13.08 -24.93
N VAL Y 105 -23.10 11.85 -24.80
CA VAL Y 105 -22.37 10.65 -25.18
C VAL Y 105 -23.02 9.85 -26.31
N LYS Y 106 -22.24 9.62 -27.36
CA LYS Y 106 -22.61 8.91 -28.59
C LYS Y 106 -22.40 7.38 -28.58
N ASN Y 107 -23.36 6.64 -29.11
CA ASN Y 107 -23.26 5.17 -29.36
C ASN Y 107 -22.85 4.26 -28.19
N ALA Y 108 -23.39 4.44 -27.00
CA ALA Y 108 -23.03 3.61 -25.85
C ALA Y 108 -23.70 2.22 -25.82
N TRP Y 109 -23.00 1.26 -25.24
CA TRP Y 109 -23.50 -0.10 -24.99
C TRP Y 109 -22.71 -0.69 -23.81
N PRO Y 110 -23.24 -1.70 -23.12
CA PRO Y 110 -22.55 -2.25 -21.92
C PRO Y 110 -21.51 -3.38 -22.00
N LEU Y 111 -20.28 -3.11 -21.58
CA LEU Y 111 -19.23 -4.12 -21.49
C LEU Y 111 -19.43 -5.07 -20.34
N LYS Y 112 -19.87 -4.55 -19.21
CA LYS Y 112 -20.09 -5.43 -18.09
C LYS Y 112 -21.10 -4.99 -17.05
N VAL Y 113 -21.74 -5.98 -16.47
CA VAL Y 113 -22.73 -5.79 -15.43
C VAL Y 113 -22.26 -6.53 -14.18
N GLN Y 114 -22.10 -5.80 -13.07
CA GLN Y 114 -21.63 -6.39 -11.80
C GLN Y 114 -22.69 -6.38 -10.70
N SER Y 115 -22.96 -7.56 -10.15
CA SER Y 115 -23.90 -7.75 -9.06
C SER Y 115 -23.22 -7.57 -7.70
N THR Y 116 -24.08 -7.46 -6.68
CA THR Y 116 -23.77 -7.32 -5.26
C THR Y 116 -23.20 -8.58 -4.57
N ASP Y 117 -22.36 -8.36 -3.57
CA ASP Y 117 -21.89 -9.42 -2.70
C ASP Y 117 -22.91 -9.64 -1.57
N LEU Y 118 -22.90 -10.77 -0.90
CA LEU Y 118 -23.83 -11.03 0.18
C LEU Y 118 -23.06 -11.34 1.46
N LYS Y 119 -23.48 -10.74 2.58
CA LYS Y 119 -22.82 -10.98 3.86
C LYS Y 119 -23.81 -11.15 5.01
N GLY Y 120 -23.53 -12.11 5.91
CA GLY Y 120 -24.37 -12.37 7.06
C GLY Y 120 -24.54 -11.19 8.00
N ASP Y 121 -23.51 -10.36 8.12
CA ASP Y 121 -23.51 -9.17 8.93
C ASP Y 121 -23.43 -7.90 8.06
N GLY Y 122 -23.85 -8.01 6.81
CA GLY Y 122 -23.82 -6.93 5.86
C GLY Y 122 -24.95 -5.94 6.01
N ASN Y 123 -24.87 -5.11 7.03
CA ASN Y 123 -25.91 -4.14 7.32
C ASN Y 123 -25.83 -2.92 6.38
N GLU Y 124 -26.14 -3.16 5.09
CA GLU Y 124 -26.11 -2.09 4.09
C GLU Y 124 -26.92 -2.39 2.82
N VAL Y 125 -27.01 -1.37 1.95
CA VAL Y 125 -27.80 -1.42 0.71
C VAL Y 125 -27.10 -2.22 -0.37
N ALA Y 126 -27.83 -3.08 -1.04
CA ALA Y 126 -27.29 -3.83 -2.17
C ALA Y 126 -27.17 -2.93 -3.40
N ILE Y 127 -25.94 -2.69 -3.87
CA ILE Y 127 -25.65 -1.79 -5.00
C ILE Y 127 -25.14 -2.52 -6.24
N GLU Y 128 -25.83 -2.36 -7.36
CA GLU Y 128 -25.41 -2.93 -8.63
C GLU Y 128 -24.74 -1.87 -9.51
N SER Y 129 -23.87 -2.31 -10.43
CA SER Y 129 -23.19 -1.38 -11.32
C SER Y 129 -22.96 -1.86 -12.76
N MET Y 130 -22.80 -0.88 -13.65
CA MET Y 130 -22.59 -1.12 -15.07
C MET Y 130 -21.45 -0.28 -15.68
N GLU Y 131 -20.70 -0.89 -16.59
CA GLU Y 131 -19.64 -0.19 -17.33
C GLU Y 131 -19.96 -0.09 -18.83
N LEU Y 132 -19.92 1.15 -19.35
CA LEU Y 132 -20.27 1.44 -20.74
C LEU Y 132 -19.14 1.89 -21.67
N ALA Y 133 -19.14 1.32 -22.86
CA ALA Y 133 -18.27 1.71 -23.96
C ALA Y 133 -19.00 2.78 -24.78
N HIS Y 134 -18.27 3.68 -25.42
CA HIS Y 134 -18.92 4.68 -26.27
C HIS Y 134 -17.97 5.20 -27.32
N GLU Y 135 -18.47 6.04 -28.23
CA GLU Y 135 -17.67 6.58 -29.33
C GLU Y 135 -17.50 8.11 -29.34
N GLY Y 136 -17.66 8.79 -28.22
CA GLY Y 136 -17.45 10.23 -28.26
C GLY Y 136 -18.24 11.03 -27.25
N LEU Y 137 -17.61 12.11 -26.78
CA LEU Y 137 -18.14 13.00 -25.75
C LEU Y 137 -18.01 14.49 -26.11
N VAL Y 138 -19.13 15.20 -25.96
CA VAL Y 138 -19.20 16.65 -26.15
C VAL Y 138 -19.69 17.32 -24.86
N ILE Y 139 -19.02 18.40 -24.44
CA ILE Y 139 -19.40 19.09 -23.20
C ILE Y 139 -20.02 20.45 -23.47
N GLN Y 140 -21.24 20.66 -22.95
CA GLN Y 140 -21.97 21.91 -23.12
C GLN Y 140 -22.19 22.67 -21.81
N ASN Y 141 -21.74 23.92 -21.78
CA ASN Y 141 -21.91 24.77 -20.61
C ASN Y 141 -22.06 26.21 -21.08
N GLU Y 142 -23.29 26.67 -21.18
CA GLU Y 142 -23.57 27.98 -21.74
C GLU Y 142 -24.02 28.97 -20.67
N SER Z 2 -40.45 2.01 -2.50
CA SER Z 2 -39.71 3.26 -2.55
C SER Z 2 -38.37 3.13 -1.91
N TYR Z 3 -38.12 1.94 -1.41
CA TYR Z 3 -36.88 1.65 -0.73
C TYR Z 3 -36.14 0.51 -1.42
N PRO Z 4 -34.81 0.55 -1.41
CA PRO Z 4 -33.94 -0.49 -1.94
C PRO Z 4 -33.89 -1.72 -1.04
N LEU Z 5 -33.42 -2.83 -1.60
CA LEU Z 5 -33.23 -4.08 -0.86
C LEU Z 5 -31.95 -4.06 -0.04
N SER Z 6 -31.96 -4.76 1.10
CA SER Z 6 -30.79 -4.95 1.95
C SER Z 6 -29.97 -6.14 1.45
N LYS Z 7 -28.80 -6.40 2.03
CA LYS Z 7 -27.91 -7.46 1.54
C LYS Z 7 -27.61 -8.59 2.53
N PHE Z 8 -28.35 -8.75 3.63
CA PHE Z 8 -27.99 -9.80 4.59
C PHE Z 8 -28.91 -11.02 4.71
N HIS Z 9 -30.05 -11.06 4.05
CA HIS Z 9 -30.95 -12.22 4.16
C HIS Z 9 -31.00 -12.97 2.83
N PHE Z 10 -30.37 -14.15 2.78
CA PHE Z 10 -30.23 -14.91 1.53
C PHE Z 10 -30.03 -16.41 1.78
N SER Z 11 -30.15 -17.21 0.72
CA SER Z 11 -29.88 -18.65 0.80
C SER Z 11 -29.22 -19.24 -0.44
N VAL Z 12 -28.47 -20.34 -0.27
CA VAL Z 12 -27.78 -20.99 -1.39
C VAL Z 12 -28.09 -22.49 -1.52
N GLU Z 13 -28.60 -22.90 -2.67
CA GLU Z 13 -28.86 -24.32 -2.93
C GLU Z 13 -27.79 -24.92 -3.81
N TRP Z 14 -26.96 -25.78 -3.23
CA TRP Z 14 -25.81 -26.33 -3.91
C TRP Z 14 -25.71 -27.86 -3.86
N GLY Z 15 -26.75 -28.56 -3.45
CA GLY Z 15 -26.70 -30.00 -3.33
C GLY Z 15 -26.20 -30.53 -1.99
N GLY Z 16 -25.83 -29.65 -1.08
CA GLY Z 16 -25.39 -30.05 0.24
C GLY Z 16 -26.54 -30.13 1.23
N THR Z 17 -26.24 -30.61 2.44
CA THR Z 17 -27.26 -30.65 3.51
C THR Z 17 -27.74 -29.27 4.02
N LYS Z 18 -26.88 -28.26 4.10
CA LYS Z 18 -27.24 -26.93 4.60
C LYS Z 18 -27.30 -25.84 3.54
N ILE Z 19 -28.07 -24.78 3.77
CA ILE Z 19 -28.17 -23.66 2.83
C ILE Z 19 -27.69 -22.33 3.39
N GLY Z 20 -27.15 -22.33 4.62
CA GLY Z 20 -26.67 -21.11 5.25
C GLY Z 20 -25.19 -20.86 5.01
N PHE Z 21 -24.88 -19.65 4.59
CA PHE Z 21 -23.51 -19.22 4.31
C PHE Z 21 -23.22 -17.88 4.95
N THR Z 22 -21.94 -17.65 5.22
CA THR Z 22 -21.46 -16.39 5.74
C THR Z 22 -21.25 -15.35 4.64
N GLU Z 23 -20.69 -15.79 3.53
CA GLU Z 23 -20.35 -14.86 2.45
C GLU Z 23 -20.46 -15.49 1.06
N VAL Z 24 -20.99 -14.71 0.10
CA VAL Z 24 -21.08 -15.09 -1.31
C VAL Z 24 -20.55 -13.96 -2.20
N SER Z 25 -19.63 -14.27 -3.13
CA SER Z 25 -19.14 -13.22 -4.04
C SER Z 25 -18.72 -13.73 -5.44
N GLY Z 26 -18.66 -12.80 -6.42
CA GLY Z 26 -18.22 -13.12 -7.79
C GLY Z 26 -19.31 -13.26 -8.86
N LEU Z 27 -20.53 -12.82 -8.60
CA LEU Z 27 -21.63 -12.94 -9.57
C LEU Z 27 -21.57 -11.88 -10.68
N ASP Z 28 -20.53 -11.97 -11.54
CA ASP Z 28 -20.21 -11.03 -12.62
C ASP Z 28 -20.40 -11.57 -14.05
N LEU Z 29 -20.62 -10.64 -14.99
CA LEU Z 29 -20.74 -10.91 -16.43
C LEU Z 29 -19.79 -9.99 -17.21
N GLU Z 30 -19.05 -10.49 -18.21
CA GLU Z 30 -18.12 -9.61 -18.95
C GLU Z 30 -17.98 -9.93 -20.45
N THR Z 31 -17.91 -8.89 -21.28
CA THR Z 31 -17.74 -9.01 -22.73
C THR Z 31 -16.49 -8.26 -23.25
N GLU Z 32 -15.76 -8.88 -24.18
CA GLU Z 32 -14.63 -8.27 -24.87
C GLU Z 32 -14.99 -7.26 -25.96
N ILE Z 33 -14.09 -6.32 -26.23
CA ILE Z 33 -14.31 -5.33 -27.29
C ILE Z 33 -13.40 -5.58 -28.49
N ILE Z 34 -13.92 -5.39 -29.69
CA ILE Z 34 -13.15 -5.39 -30.93
C ILE Z 34 -13.16 -3.97 -31.52
N GLU Z 35 -11.97 -3.41 -31.77
CA GLU Z 35 -11.83 -2.03 -32.26
C GLU Z 35 -11.38 -1.96 -33.73
N TYR Z 36 -11.82 -0.91 -34.45
CA TYR Z 36 -11.44 -0.72 -35.87
C TYR Z 36 -11.38 0.73 -36.38
N ARG Z 37 -10.40 1.05 -37.25
CA ARG Z 37 -10.38 2.35 -37.96
C ARG Z 37 -9.76 2.24 -39.35
N HIS Z 38 -10.50 2.65 -40.39
CA HIS Z 38 -9.82 2.71 -41.69
C HIS Z 38 -9.19 4.10 -41.85
N GLY Z 39 -8.11 4.15 -42.63
CA GLY Z 39 -7.27 5.33 -42.83
C GLY Z 39 -7.95 6.58 -43.36
N ALA Z 40 -9.01 6.44 -44.15
CA ALA Z 40 -9.69 7.60 -44.70
C ALA Z 40 -10.73 8.26 -43.78
N SER Z 41 -10.97 7.73 -42.59
CA SER Z 41 -12.00 8.30 -41.73
C SER Z 41 -11.65 9.72 -41.24
N PRO Z 42 -12.61 10.67 -41.27
CA PRO Z 42 -12.50 12.02 -40.68
C PRO Z 42 -12.30 12.04 -39.17
N GLU Z 43 -12.61 10.96 -38.48
CA GLU Z 43 -12.41 10.92 -37.04
C GLU Z 43 -11.14 10.17 -36.76
N TYR Z 44 -10.45 10.58 -35.71
CA TYR Z 44 -9.16 10.01 -35.38
C TYR Z 44 -9.22 9.11 -34.16
N SER Z 45 -10.32 8.37 -34.05
CA SER Z 45 -10.58 7.41 -32.99
C SER Z 45 -11.23 6.19 -33.61
N LYS Z 46 -11.38 5.12 -32.83
CA LYS Z 46 -11.89 3.85 -33.35
C LYS Z 46 -13.37 3.57 -33.08
N ILE Z 47 -13.96 2.70 -33.91
CA ILE Z 47 -15.33 2.22 -33.73
C ILE Z 47 -15.29 0.90 -32.96
N LYS Z 48 -16.25 0.69 -32.07
CA LYS Z 48 -16.24 -0.49 -31.21
C LYS Z 48 -17.42 -1.45 -31.38
N MET Z 49 -17.16 -2.77 -31.28
CA MET Z 49 -18.23 -3.77 -31.28
C MET Z 49 -17.93 -4.93 -30.32
N PRO Z 50 -18.96 -5.63 -29.80
CA PRO Z 50 -18.82 -6.82 -28.93
C PRO Z 50 -18.07 -8.01 -29.52
N GLY Z 51 -17.26 -8.61 -28.66
CA GLY Z 51 -16.46 -9.82 -28.85
C GLY Z 51 -17.02 -11.00 -28.08
N MET Z 52 -16.13 -11.91 -27.69
CA MET Z 52 -16.42 -13.12 -26.91
C MET Z 52 -16.74 -12.83 -25.43
N GLN Z 53 -17.40 -13.78 -24.77
CA GLN Z 53 -17.83 -13.57 -23.39
C GLN Z 53 -17.12 -14.38 -22.30
N LYS Z 54 -17.05 -13.82 -21.11
CA LYS Z 54 -16.42 -14.42 -19.92
C LYS Z 54 -17.31 -14.44 -18.68
N PHE Z 55 -16.98 -15.35 -17.76
CA PHE Z 55 -17.61 -15.41 -16.45
C PHE Z 55 -16.54 -15.49 -15.36
N SER Z 56 -16.84 -14.93 -14.18
CA SER Z 56 -15.94 -15.01 -13.02
C SER Z 56 -16.23 -16.24 -12.17
N ASN Z 57 -15.23 -16.65 -11.37
CA ASN Z 57 -15.44 -17.76 -10.42
C ASN Z 57 -16.22 -17.27 -9.22
N ILE Z 58 -16.95 -18.18 -8.58
CA ILE Z 58 -17.79 -17.84 -7.42
C ILE Z 58 -17.19 -18.35 -6.11
N THR Z 59 -17.11 -17.47 -5.12
CA THR Z 59 -16.56 -17.84 -3.81
C THR Z 59 -17.64 -17.94 -2.73
N LEU Z 60 -17.63 -19.06 -2.00
CA LEU Z 60 -18.56 -19.31 -0.89
C LEU Z 60 -17.81 -19.54 0.44
N LYS Z 61 -18.26 -18.88 1.52
CA LYS Z 61 -17.62 -19.00 2.85
C LYS Z 61 -18.62 -19.44 3.90
N ARG Z 62 -18.21 -20.38 4.79
CA ARG Z 62 -19.09 -20.90 5.86
C ARG Z 62 -18.25 -21.25 7.09
N GLY Z 63 -18.88 -21.37 8.26
CA GLY Z 63 -18.18 -21.79 9.49
C GLY Z 63 -18.05 -23.30 9.54
N THR Z 64 -16.95 -23.81 10.11
CA THR Z 64 -16.75 -25.26 10.31
C THR Z 64 -17.57 -25.83 11.47
N PHE Z 65 -18.28 -26.93 11.18
CA PHE Z 65 -19.11 -27.64 12.16
C PHE Z 65 -18.70 -29.10 12.31
N LYS Z 66 -18.95 -29.61 13.51
CA LYS Z 66 -18.70 -31.00 13.85
C LYS Z 66 -19.49 -31.93 12.93
N SER Z 67 -18.78 -32.93 12.40
CA SER Z 67 -19.27 -33.98 11.51
C SER Z 67 -19.82 -33.50 10.15
N ASP Z 68 -19.45 -32.33 9.65
CA ASP Z 68 -19.87 -31.93 8.31
C ASP Z 68 -18.63 -31.79 7.42
N ASN Z 69 -18.38 -32.75 6.54
CA ASN Z 69 -17.20 -32.77 5.68
C ASN Z 69 -17.54 -32.56 4.19
N GLU Z 70 -18.64 -31.85 3.90
CA GLU Z 70 -19.13 -31.72 2.53
C GLU Z 70 -18.22 -31.01 1.50
N TYR Z 71 -17.54 -29.92 1.87
CA TYR Z 71 -16.65 -29.28 0.92
C TYR Z 71 -15.66 -30.31 0.40
N PHE Z 72 -15.14 -31.14 1.30
CA PHE Z 72 -14.12 -32.09 0.92
C PHE Z 72 -14.72 -33.18 0.07
N GLN Z 73 -15.87 -33.70 0.46
CA GLN Z 73 -16.48 -34.79 -0.25
C GLN Z 73 -16.81 -34.43 -1.70
N TRP Z 74 -17.31 -33.21 -1.96
CA TRP Z 74 -17.57 -32.81 -3.34
C TRP Z 74 -16.26 -32.71 -4.13
N TYR Z 75 -15.24 -32.07 -3.54
CA TYR Z 75 -13.94 -31.90 -4.19
C TYR Z 75 -13.35 -33.25 -4.55
N ASN Z 76 -13.50 -34.21 -3.67
CA ASN Z 76 -12.96 -35.54 -3.82
C ASN Z 76 -13.69 -36.39 -4.88
N THR Z 77 -14.68 -35.83 -5.60
CA THR Z 77 -15.31 -36.55 -6.71
C THR Z 77 -14.53 -36.37 -8.01
N ILE Z 78 -13.44 -35.59 -8.01
CA ILE Z 78 -12.63 -35.37 -9.23
C ILE Z 78 -11.83 -36.63 -9.57
N ASN Z 79 -11.89 -37.09 -10.81
CA ASN Z 79 -11.18 -38.31 -11.20
C ASN Z 79 -10.61 -38.10 -12.60
N LEU Z 80 -9.34 -37.75 -12.74
CA LEU Z 80 -8.72 -37.39 -14.03
C LEU Z 80 -9.54 -36.26 -14.68
N ASN Z 81 -10.30 -36.46 -15.74
CA ASN Z 81 -11.12 -35.34 -16.25
C ASN Z 81 -12.60 -35.35 -15.79
N LYS Z 82 -13.05 -36.23 -14.89
CA LYS Z 82 -14.44 -36.35 -14.48
C LYS Z 82 -14.65 -35.65 -13.15
N VAL Z 83 -15.85 -35.10 -12.95
CA VAL Z 83 -16.23 -34.44 -11.70
C VAL Z 83 -17.74 -34.39 -11.64
N GLU Z 84 -18.31 -34.40 -10.43
CA GLU Z 84 -19.75 -34.20 -10.32
C GLU Z 84 -20.09 -32.73 -10.55
N ARG Z 85 -20.89 -32.43 -11.56
CA ARG Z 85 -21.27 -31.05 -11.83
C ARG Z 85 -22.65 -30.77 -11.27
N ARG Z 86 -22.86 -29.58 -10.72
CA ARG Z 86 -24.14 -29.24 -10.12
C ARG Z 86 -24.75 -27.91 -10.56
N ASP Z 87 -26.06 -27.83 -10.38
CA ASP Z 87 -26.80 -26.60 -10.66
C ASP Z 87 -26.83 -25.82 -9.36
N LEU Z 88 -26.34 -24.59 -9.40
CA LEU Z 88 -26.23 -23.73 -8.23
C LEU Z 88 -27.28 -22.61 -8.25
N THR Z 89 -28.12 -22.54 -7.21
CA THR Z 89 -29.14 -21.48 -7.19
C THR Z 89 -28.97 -20.57 -5.98
N ILE Z 90 -28.77 -19.28 -6.25
CA ILE Z 90 -28.54 -18.29 -5.20
C ILE Z 90 -29.70 -17.30 -5.14
N SER Z 91 -30.26 -17.12 -3.94
CA SER Z 91 -31.45 -16.27 -3.84
C SER Z 91 -31.50 -15.28 -2.67
N LEU Z 92 -31.88 -14.05 -3.00
CA LEU Z 92 -32.07 -12.95 -2.04
C LEU Z 92 -33.54 -12.96 -1.58
N LEU Z 93 -33.76 -12.99 -0.29
CA LEU Z 93 -35.09 -13.23 0.30
C LEU Z 93 -35.84 -12.01 0.87
N ASN Z 94 -37.19 -12.10 0.88
CA ASN Z 94 -38.07 -11.10 1.50
C ASN Z 94 -38.41 -11.47 2.96
N GLU Z 95 -39.31 -10.70 3.57
CA GLU Z 95 -39.71 -10.90 4.97
C GLU Z 95 -40.53 -12.18 5.23
N GLU Z 96 -41.03 -12.84 4.18
CA GLU Z 96 -41.74 -14.10 4.31
C GLU Z 96 -40.80 -15.26 4.06
N HIS Z 97 -39.53 -14.94 3.83
CA HIS Z 97 -38.44 -15.85 3.50
C HIS Z 97 -38.62 -16.46 2.10
N GLU Z 98 -39.19 -15.69 1.17
CA GLU Z 98 -39.40 -16.11 -0.22
C GLU Z 98 -38.41 -15.37 -1.12
N PRO Z 99 -38.01 -15.96 -2.25
CA PRO Z 99 -37.14 -15.32 -3.25
C PRO Z 99 -37.67 -14.03 -3.84
N VAL Z 100 -36.75 -13.10 -4.05
CA VAL Z 100 -36.96 -11.82 -4.70
C VAL Z 100 -36.08 -11.73 -5.92
N VAL Z 101 -34.78 -11.96 -5.73
CA VAL Z 101 -33.80 -11.91 -6.82
C VAL Z 101 -33.06 -13.23 -6.89
N THR Z 102 -33.06 -13.87 -8.06
CA THR Z 102 -32.38 -15.15 -8.18
C THR Z 102 -31.28 -15.17 -9.24
N TRP Z 103 -30.14 -15.74 -8.85
CA TRP Z 103 -29.00 -15.95 -9.74
C TRP Z 103 -28.90 -17.44 -10.05
N LYS Z 104 -29.04 -17.78 -11.32
CA LYS Z 104 -29.01 -19.18 -11.75
C LYS Z 104 -27.69 -19.54 -12.42
N VAL Z 105 -26.98 -20.52 -11.85
CA VAL Z 105 -25.66 -20.91 -12.34
C VAL Z 105 -25.58 -22.36 -12.86
N LYS Z 106 -25.12 -22.48 -14.10
CA LYS Z 106 -24.98 -23.74 -14.84
C LYS Z 106 -23.63 -24.47 -14.69
N ASN Z 107 -23.68 -25.79 -14.55
CA ASN Z 107 -22.49 -26.68 -14.56
C ASN Z 107 -21.32 -26.37 -13.62
N ALA Z 108 -21.56 -26.03 -12.36
CA ALA Z 108 -20.50 -25.72 -11.41
C ALA Z 108 -19.76 -26.93 -10.84
N TRP Z 109 -18.49 -26.75 -10.52
CA TRP Z 109 -17.64 -27.74 -9.83
C TRP Z 109 -16.52 -26.97 -9.12
N PRO Z 110 -15.89 -27.56 -8.09
CA PRO Z 110 -14.85 -26.83 -7.30
C PRO Z 110 -13.36 -26.83 -7.70
N LEU Z 111 -12.81 -25.67 -8.00
CA LEU Z 111 -11.38 -25.51 -8.27
C LEU Z 111 -10.53 -25.63 -7.03
N LYS Z 112 -11.00 -25.06 -5.93
CA LYS Z 112 -10.23 -25.17 -4.71
C LYS Z 112 -10.99 -25.07 -3.40
N VAL Z 113 -10.46 -25.77 -2.42
CA VAL Z 113 -11.00 -25.81 -1.08
C VAL Z 113 -9.92 -25.31 -0.12
N GLN Z 114 -10.22 -24.24 0.63
CA GLN Z 114 -9.25 -23.66 1.59
C GLN Z 114 -9.69 -23.82 3.04
N SER Z 115 -8.80 -24.39 3.84
CA SER Z 115 -9.00 -24.58 5.27
C SER Z 115 -8.53 -23.37 6.06
N THR Z 116 -8.93 -23.38 7.34
CA THR Z 116 -8.62 -22.40 8.38
C THR Z 116 -7.17 -22.40 8.90
N ASP Z 117 -6.69 -21.24 9.30
CA ASP Z 117 -5.41 -21.12 10.00
C ASP Z 117 -5.64 -21.36 11.50
N LEU Z 118 -4.61 -21.68 12.25
CA LEU Z 118 -4.75 -21.90 13.69
C LEU Z 118 -3.84 -20.94 14.46
N LYS Z 119 -4.36 -20.33 15.51
CA LYS Z 119 -3.57 -19.40 16.32
C LYS Z 119 -3.81 -19.60 17.82
N GLY Z 120 -2.73 -19.52 18.61
CA GLY Z 120 -2.79 -19.66 20.06
C GLY Z 120 -3.68 -18.64 20.74
N ASP Z 121 -3.73 -17.43 20.20
CA ASP Z 121 -4.55 -16.34 20.70
C ASP Z 121 -5.67 -15.99 19.70
N GLY Z 122 -6.04 -16.94 18.86
CA GLY Z 122 -7.05 -16.77 17.85
C GLY Z 122 -8.46 -16.86 18.36
N ASN Z 123 -8.91 -15.84 19.07
CA ASN Z 123 -10.24 -15.84 19.66
C ASN Z 123 -11.32 -15.54 18.61
N GLU Z 124 -11.54 -16.51 17.70
CA GLU Z 124 -12.56 -16.37 16.65
C GLU Z 124 -12.99 -17.69 16.02
N VAL Z 125 -14.00 -17.60 15.14
CA VAL Z 125 -14.62 -18.74 14.48
C VAL Z 125 -13.77 -19.27 13.35
N ALA Z 126 -13.62 -20.58 13.27
CA ALA Z 126 -12.90 -21.20 12.18
C ALA Z 126 -13.78 -21.21 10.90
N ILE Z 127 -13.34 -20.49 9.86
CA ILE Z 127 -14.09 -20.34 8.60
C ILE Z 127 -13.42 -21.04 7.41
N GLU Z 128 -14.14 -21.94 6.76
CA GLU Z 128 -13.65 -22.60 5.56
C GLU Z 128 -14.27 -21.99 4.31
N SER Z 129 -13.57 -22.12 3.17
CA SER Z 129 -14.09 -21.56 1.92
C SER Z 129 -13.82 -22.40 0.67
N MET Z 130 -14.67 -22.18 -0.34
CA MET Z 130 -14.60 -22.86 -1.63
C MET Z 130 -14.74 -21.93 -2.83
N GLU Z 131 -13.97 -22.23 -3.89
CA GLU Z 131 -14.04 -21.49 -5.15
C GLU Z 131 -14.56 -22.38 -6.30
N LEU Z 132 -15.63 -21.91 -6.97
CA LEU Z 132 -16.30 -22.65 -8.04
C LEU Z 132 -16.18 -22.10 -9.47
N ALA Z 133 -15.93 -23.01 -10.39
CA ALA Z 133 -15.94 -22.75 -11.82
C ALA Z 133 -17.34 -23.01 -12.34
N HIS Z 134 -17.76 -22.34 -13.40
CA HIS Z 134 -19.09 -22.60 -13.96
C HIS Z 134 -19.13 -22.19 -15.42
N GLU Z 135 -20.25 -22.49 -16.10
CA GLU Z 135 -20.41 -22.18 -17.52
C GLU Z 135 -21.54 -21.21 -17.86
N GLY Z 136 -22.00 -20.37 -16.94
CA GLY Z 136 -23.04 -19.43 -17.31
C GLY Z 136 -23.95 -18.99 -16.19
N LEU Z 137 -24.38 -17.74 -16.29
CA LEU Z 137 -25.21 -17.07 -15.29
C LEU Z 137 -26.41 -16.30 -15.90
N VAL Z 138 -27.58 -16.56 -15.35
CA VAL Z 138 -28.83 -15.87 -15.73
C VAL Z 138 -29.43 -15.17 -14.49
N ILE Z 139 -29.84 -13.92 -14.65
CA ILE Z 139 -30.39 -13.16 -13.51
C ILE Z 139 -31.89 -12.92 -13.66
N GLN Z 140 -32.66 -13.35 -12.66
CA GLN Z 140 -34.11 -13.20 -12.65
C GLN Z 140 -34.62 -12.27 -11.55
N ASN Z 141 -35.36 -11.24 -11.95
CA ASN Z 141 -35.94 -10.28 -11.00
C ASN Z 141 -37.27 -9.79 -11.58
N GLU Z 142 -38.35 -10.38 -11.14
CA GLU Z 142 -39.65 -10.09 -11.70
C GLU Z 142 -40.52 -9.30 -10.73
N SER AA 2 -25.16 -26.67 17.37
CA SER AA 2 -25.75 -25.50 16.76
C SER AA 2 -24.77 -24.37 16.67
N TYR AA 3 -23.59 -24.65 17.16
CA TYR AA 3 -22.54 -23.67 17.20
C TYR AA 3 -21.31 -24.17 16.44
N PRO AA 4 -20.58 -23.27 15.78
CA PRO AA 4 -19.34 -23.55 15.06
C PRO AA 4 -18.17 -23.78 16.02
N LEU AA 5 -17.11 -24.38 15.50
CA LEU AA 5 -15.87 -24.62 16.24
C LEU AA 5 -15.01 -23.35 16.31
N SER AA 6 -14.27 -23.20 17.42
CA SER AA 6 -13.29 -22.13 17.59
C SER AA 6 -11.96 -22.52 16.96
N LYS AA 7 -10.98 -21.60 16.94
CA LYS AA 7 -9.70 -21.87 16.24
C LYS AA 7 -8.45 -21.84 17.13
N PHE AA 8 -8.57 -21.88 18.48
CA PHE AA 8 -7.35 -21.78 19.30
C PHE AA 8 -6.88 -23.03 20.04
N HIS AA 9 -7.60 -24.13 20.05
CA HIS AA 9 -7.16 -25.32 20.77
C HIS AA 9 -6.82 -26.44 19.79
N PHE AA 10 -5.53 -26.73 19.63
CA PHE AA 10 -5.05 -27.67 18.62
C PHE AA 10 -3.70 -28.27 18.99
N SER AA 11 -3.30 -29.34 18.27
CA SER AA 11 -1.98 -29.94 18.46
C SER AA 11 -1.35 -30.46 17.16
N VAL AA 12 -0.01 -30.51 17.13
CA VAL AA 12 0.72 -30.97 15.94
C VAL AA 12 1.72 -32.09 16.23
N GLU AA 13 1.57 -33.24 15.57
CA GLU AA 13 2.51 -34.35 15.71
C GLU AA 13 3.46 -34.41 14.52
N TRP AA 14 4.71 -34.08 14.76
CA TRP AA 14 5.70 -33.97 13.70
C TRP AA 14 6.99 -34.76 13.95
N GLY AA 15 7.02 -35.65 14.93
CA GLY AA 15 8.24 -36.38 15.25
C GLY AA 15 9.17 -35.70 16.23
N GLY AA 16 8.84 -34.50 16.68
CA GLY AA 16 9.64 -33.80 17.67
C GLY AA 16 9.22 -34.12 19.09
N THR AA 17 9.97 -33.60 20.06
CA THR AA 17 9.61 -33.76 21.48
C THR AA 17 8.32 -33.05 21.92
N LYS AA 18 8.01 -31.87 21.40
CA LYS AA 18 6.82 -31.10 21.78
C LYS AA 18 5.73 -31.02 20.71
N ILE AA 19 4.49 -30.82 21.13
CA ILE AA 19 3.36 -30.70 20.18
C ILE AA 19 2.67 -29.34 20.21
N GLY AA 20 3.18 -28.40 20.99
CA GLY AA 20 2.60 -27.07 21.08
C GLY AA 20 3.20 -26.07 20.12
N PHE AA 21 2.33 -25.37 19.40
CA PHE AA 21 2.71 -24.37 18.42
C PHE AA 21 1.91 -23.10 18.60
N THR AA 22 2.50 -22.00 18.16
CA THR AA 22 1.86 -20.70 18.16
C THR AA 22 0.97 -20.50 16.95
N GLU AA 23 1.44 -20.92 15.79
CA GLU AA 23 0.71 -20.70 14.55
C GLU AA 23 0.92 -21.81 13.52
N VAL AA 24 -0.18 -22.18 12.83
CA VAL AA 24 -0.17 -23.15 11.74
C VAL AA 24 -0.93 -22.58 10.53
N SER AA 25 -0.31 -22.61 9.32
CA SER AA 25 -1.04 -22.13 8.14
C SER AA 25 -0.63 -22.84 6.82
N GLY AA 26 -1.50 -22.75 5.79
CA GLY AA 26 -1.23 -23.30 4.46
C GLY AA 26 -1.92 -24.63 4.10
N LEU AA 27 -2.93 -25.05 4.84
CA LEU AA 27 -3.63 -26.31 4.58
C LEU AA 27 -4.63 -26.21 3.42
N ASP AA 28 -4.11 -25.99 2.20
CA ASP AA 28 -4.87 -25.78 0.96
C ASP AA 28 -4.79 -26.91 -0.09
N LEU AA 29 -5.82 -26.99 -0.94
CA LEU AA 29 -5.92 -27.92 -2.07
C LEU AA 29 -6.25 -27.15 -3.35
N GLU AA 30 -5.59 -27.44 -4.49
CA GLU AA 30 -5.90 -26.69 -5.72
C GLU AA 30 -5.82 -27.51 -7.02
N THR AA 31 -6.76 -27.27 -7.93
CA THR AA 31 -6.81 -27.94 -9.24
C THR AA 31 -6.79 -26.94 -10.42
N GLU AA 32 -6.03 -27.27 -11.48
CA GLU AA 32 -6.00 -26.51 -12.72
C GLU AA 32 -7.20 -26.71 -13.64
N ILE AA 33 -7.48 -25.71 -14.47
CA ILE AA 33 -8.59 -25.80 -15.43
C ILE AA 33 -8.07 -25.93 -16.86
N ILE AA 34 -8.73 -26.76 -17.66
CA ILE AA 34 -8.51 -26.86 -19.11
C ILE AA 34 -9.75 -26.33 -19.84
N GLU AA 35 -9.55 -25.35 -20.73
CA GLU AA 35 -10.67 -24.71 -21.45
C GLU AA 35 -10.72 -25.09 -22.94
N TYR AA 36 -11.94 -25.13 -23.52
CA TYR AA 36 -12.11 -25.46 -24.95
C TYR AA 36 -13.34 -24.84 -25.65
N ARG AA 37 -13.18 -24.45 -26.93
CA ARG AA 37 -14.32 -24.03 -27.77
C ARG AA 37 -14.13 -24.37 -29.25
N HIS AA 38 -15.06 -25.12 -29.85
CA HIS AA 38 -14.94 -25.28 -31.30
C HIS AA 38 -15.72 -24.15 -31.97
N GLY AA 39 -15.28 -23.80 -33.18
CA GLY AA 39 -15.78 -22.66 -33.95
C GLY AA 39 -17.27 -22.65 -34.28
N ALA AA 40 -17.90 -23.81 -34.42
CA ALA AA 40 -19.32 -23.86 -34.76
C ALA AA 40 -20.27 -23.72 -33.57
N SER AA 41 -19.77 -23.61 -32.34
CA SER AA 41 -20.68 -23.53 -31.19
C SER AA 41 -21.54 -22.25 -31.19
N PRO AA 42 -22.85 -22.35 -30.89
CA PRO AA 42 -23.77 -21.22 -30.66
C PRO AA 42 -23.41 -20.33 -29.48
N GLU AA 43 -22.61 -20.83 -28.55
CA GLU AA 43 -22.21 -20.01 -27.41
C GLU AA 43 -20.83 -19.46 -27.67
N TYR AA 44 -20.59 -18.26 -27.18
CA TYR AA 44 -19.34 -17.58 -27.44
C TYR AA 44 -18.44 -17.55 -26.21
N SER AA 45 -18.46 -18.64 -25.46
CA SER AA 45 -17.67 -18.84 -24.27
C SER AA 45 -17.15 -20.27 -24.28
N LYS AA 46 -16.24 -20.60 -23.35
CA LYS AA 46 -15.61 -21.91 -23.34
C LYS AA 46 -16.19 -22.92 -22.33
N ILE AA 47 -15.95 -24.21 -22.60
CA ILE AA 47 -16.33 -25.29 -21.69
C ILE AA 47 -15.12 -25.65 -20.84
N LYS AA 48 -15.35 -25.97 -19.58
CA LYS AA 48 -14.24 -26.22 -18.65
C LYS AA 48 -14.18 -27.63 -18.05
N MET AA 49 -12.96 -28.16 -17.88
CA MET AA 49 -12.76 -29.43 -17.19
C MET AA 49 -11.48 -29.44 -16.32
N PRO AA 50 -11.44 -30.26 -15.25
CA PRO AA 50 -10.25 -30.43 -14.38
C PRO AA 50 -8.97 -30.90 -15.05
N GLY AA 51 -7.87 -30.30 -14.62
CA GLY AA 51 -6.48 -30.55 -14.97
C GLY AA 51 -5.72 -31.23 -13.83
N MET AA 52 -4.42 -30.97 -13.78
CA MET AA 52 -3.48 -31.47 -12.78
C MET AA 52 -3.63 -30.79 -11.40
N GLN AA 53 -3.14 -31.44 -10.36
CA GLN AA 53 -3.32 -30.94 -9.00
C GLN AA 53 -2.07 -30.40 -8.29
N LYS AA 54 -2.28 -29.44 -7.38
CA LYS AA 54 -1.23 -28.81 -6.58
C LYS AA 54 -1.52 -28.79 -5.08
N PHE AA 55 -0.44 -28.64 -4.31
CA PHE AA 55 -0.52 -28.45 -2.87
C PHE AA 55 0.33 -27.26 -2.43
N SER AA 56 -0.08 -26.57 -1.38
CA SER AA 56 0.70 -25.46 -0.82
C SER AA 56 1.67 -25.92 0.27
N ASN AA 57 2.71 -25.12 0.52
CA ASN AA 57 3.63 -25.42 1.61
C ASN AA 57 2.99 -25.07 2.95
N ILE AA 58 3.42 -25.75 4.00
CA ILE AA 58 2.87 -25.55 5.35
C ILE AA 58 3.84 -24.81 6.26
N THR AA 59 3.36 -23.76 6.94
CA THR AA 59 4.19 -22.98 7.84
C THR AA 59 3.84 -23.21 9.31
N LEU AA 60 4.87 -23.49 10.12
CA LEU AA 60 4.73 -23.70 11.56
C LEU AA 60 5.57 -22.70 12.37
N LYS AA 61 4.97 -22.09 13.40
CA LYS AA 61 5.66 -21.08 14.24
C LYS AA 61 5.63 -21.48 15.71
N ARG AA 62 6.76 -21.31 16.43
CA ARG AA 62 6.87 -21.66 17.85
C ARG AA 62 7.84 -20.71 18.55
N GLY AA 63 7.77 -20.62 19.90
CA GLY AA 63 8.71 -19.79 20.67
C GLY AA 63 10.02 -20.56 20.89
N THR AA 64 11.15 -19.85 20.92
CA THR AA 64 12.46 -20.44 21.25
C THR AA 64 12.65 -20.76 22.73
N PHE AA 65 13.07 -21.99 23.02
CA PHE AA 65 13.33 -22.46 24.37
C PHE AA 65 14.76 -22.96 24.55
N LYS AA 66 15.24 -22.82 25.78
CA LYS AA 66 16.56 -23.29 26.18
C LYS AA 66 16.70 -24.79 25.93
N SER AA 67 17.81 -25.15 25.30
CA SER AA 67 18.22 -26.52 24.95
C SER AA 67 17.29 -27.27 23.98
N ASP AA 68 16.48 -26.59 23.18
CA ASP AA 68 15.68 -27.31 22.17
C ASP AA 68 16.13 -26.84 20.78
N ASN AA 69 16.89 -27.66 20.08
CA ASN AA 69 17.44 -27.30 18.76
C ASN AA 69 16.82 -28.14 17.61
N GLU AA 70 15.58 -28.60 17.78
CA GLU AA 70 14.94 -29.53 16.83
C GLU AA 70 14.73 -29.02 15.38
N TYR AA 71 14.30 -27.77 15.18
CA TYR AA 71 14.13 -27.28 13.83
C TYR AA 71 15.44 -27.47 13.08
N PHE AA 72 16.55 -27.16 13.72
CA PHE AA 72 17.83 -27.22 13.07
C PHE AA 72 18.22 -28.66 12.80
N GLN AA 73 18.05 -29.51 13.80
CA GLN AA 73 18.45 -30.90 13.66
C GLN AA 73 17.72 -31.62 12.53
N TRP AA 74 16.42 -31.37 12.35
CA TRP AA 74 15.71 -31.99 11.23
C TRP AA 74 16.24 -31.46 9.89
N TYR AA 75 16.40 -30.13 9.78
CA TYR AA 75 16.91 -29.50 8.57
C TYR AA 75 18.27 -30.05 8.19
N ASN AA 76 19.10 -30.27 9.18
CA ASN AA 76 20.46 -30.75 9.00
C ASN AA 76 20.54 -32.24 8.60
N THR AA 77 19.39 -32.92 8.37
CA THR AA 77 19.43 -34.29 7.86
C THR AA 77 19.50 -34.31 6.33
N ILE AA 78 19.50 -33.15 5.66
CA ILE AA 78 19.57 -33.09 4.20
C ILE AA 78 20.98 -33.44 3.72
N ASN AA 79 21.11 -34.35 2.77
CA ASN AA 79 22.43 -34.78 2.28
C ASN AA 79 22.34 -34.97 0.78
N LEU AA 80 22.76 -34.01 -0.03
CA LEU AA 80 22.61 -34.02 -1.50
C LEU AA 80 21.12 -34.22 -1.83
N ASN AA 81 20.66 -35.36 -2.34
CA ASN AA 81 19.20 -35.50 -2.55
C ASN AA 81 18.45 -36.27 -1.44
N LYS AA 82 19.06 -36.61 -0.30
CA LYS AA 82 18.43 -37.39 0.76
C LYS AA 82 17.97 -36.48 1.88
N VAL AA 83 16.87 -36.86 2.54
CA VAL AA 83 16.35 -36.13 3.69
C VAL AA 83 15.44 -37.06 4.48
N GLU AA 84 15.35 -36.86 5.79
CA GLU AA 84 14.38 -37.63 6.56
C GLU AA 84 12.96 -37.12 6.28
N ARG AA 85 12.10 -37.97 5.76
CA ARG AA 85 10.72 -37.56 5.49
C ARG AA 85 9.81 -38.04 6.60
N ARG AA 86 8.82 -37.22 6.96
CA ARG AA 86 7.93 -37.58 8.05
C ARG AA 86 6.43 -37.43 7.75
N ASP AA 87 5.64 -38.16 8.53
CA ASP AA 87 4.19 -38.08 8.46
C ASP AA 87 3.78 -37.01 9.45
N LEU AA 88 3.06 -36.01 8.98
CA LEU AA 88 2.63 -34.87 9.78
C LEU AA 88 1.14 -34.93 10.09
N THR AA 89 0.77 -34.94 11.38
CA THR AA 89 -0.65 -34.99 11.72
C THR AA 89 -1.08 -33.75 12.52
N ILE AA 90 -2.05 -33.03 11.98
CA ILE AA 90 -2.53 -31.79 12.60
C ILE AA 90 -3.97 -31.96 13.06
N SER AA 91 -4.25 -31.64 14.32
CA SER AA 91 -5.58 -31.87 14.85
C SER AA 91 -6.20 -30.78 15.72
N LEU AA 92 -7.47 -30.48 15.42
CA LEU AA 92 -8.30 -29.51 16.14
C LEU AA 92 -9.04 -30.26 17.26
N LEU AA 93 -8.93 -29.79 18.48
CA LEU AA 93 -9.39 -30.50 19.68
C LEU AA 93 -10.70 -30.02 20.33
N ASN AA 94 -11.39 -30.96 21.01
CA ASN AA 94 -12.59 -30.67 21.81
C ASN AA 94 -12.25 -30.39 23.28
N GLU AA 95 -13.28 -30.24 24.13
CA GLU AA 95 -13.10 -29.94 25.55
C GLU AA 95 -12.50 -31.07 26.38
N GLU AA 96 -12.43 -32.29 25.85
CA GLU AA 96 -11.81 -33.43 26.51
C GLU AA 96 -10.38 -33.60 26.02
N HIS AA 97 -9.95 -32.69 25.15
CA HIS AA 97 -8.66 -32.65 24.48
C HIS AA 97 -8.51 -33.80 23.48
N GLU AA 98 -9.61 -34.20 22.85
CA GLU AA 98 -9.63 -35.24 21.83
C GLU AA 98 -9.81 -34.61 20.44
N PRO AA 99 -9.31 -35.24 19.38
CA PRO AA 99 -9.50 -34.80 18.00
C PRO AA 99 -10.94 -34.68 17.53
N VAL AA 100 -11.19 -33.65 16.74
CA VAL AA 100 -12.46 -33.38 16.08
C VAL AA 100 -12.23 -33.34 14.59
N VAL AA 101 -11.27 -32.53 14.15
CA VAL AA 101 -10.93 -32.39 12.74
C VAL AA 101 -9.46 -32.69 12.53
N THR AA 102 -9.15 -33.63 11.63
CA THR AA 102 -7.76 -33.97 11.41
C THR AA 102 -7.29 -33.78 9.96
N TRP AA 103 -6.13 -33.17 9.83
CA TRP AA 103 -5.46 -32.97 8.55
C TRP AA 103 -4.25 -33.91 8.48
N LYS AA 104 -4.27 -34.82 7.52
CA LYS AA 104 -3.21 -35.82 7.38
C LYS AA 104 -2.28 -35.49 6.21
N VAL AA 105 -0.99 -35.30 6.51
CA VAL AA 105 -0.01 -34.89 5.51
C VAL AA 105 1.10 -35.93 5.27
N LYS AA 106 1.26 -36.30 4.01
CA LYS AA 106 2.22 -37.29 3.51
C LYS AA 106 3.60 -36.73 3.10
N ASN AA 107 4.66 -37.46 3.47
CA ASN AA 107 6.05 -37.20 3.02
C ASN AA 107 6.64 -35.78 3.20
N ALA AA 108 6.44 -35.14 4.35
CA ALA AA 108 6.96 -33.80 4.59
C ALA AA 108 8.45 -33.72 4.91
N TRP AA 109 9.09 -32.62 4.52
CA TRP AA 109 10.48 -32.30 4.86
C TRP AA 109 10.63 -30.77 4.79
N PRO AA 110 11.64 -30.19 5.47
CA PRO AA 110 11.78 -28.71 5.50
C PRO AA 110 12.57 -27.93 4.43
N LEU AA 111 11.90 -27.04 3.71
CA LEU AA 111 12.54 -26.14 2.75
C LEU AA 111 13.34 -25.04 3.42
N LYS AA 112 12.81 -24.50 4.50
CA LYS AA 112 13.54 -23.45 5.17
C LYS AA 112 13.25 -23.24 6.66
N VAL AA 113 14.28 -22.83 7.34
CA VAL AA 113 14.24 -22.54 8.78
C VAL AA 113 14.62 -21.09 8.97
N GLN AA 114 13.72 -20.30 9.59
CA GLN AA 114 13.96 -18.86 9.84
C GLN AA 114 14.09 -18.53 11.33
N SER AA 115 15.20 -17.89 11.66
CA SER AA 115 15.48 -17.42 13.01
C SER AA 115 14.92 -16.03 13.27
N THR AA 116 14.92 -15.68 14.55
CA THR AA 116 14.48 -14.41 15.12
C THR AA 116 15.41 -13.19 14.86
N ASP AA 117 14.82 -12.02 14.77
CA ASP AA 117 15.56 -10.78 14.72
C ASP AA 117 15.89 -10.32 16.17
N LEU AA 118 16.86 -9.46 16.34
CA LEU AA 118 17.21 -8.97 17.68
C LEU AA 118 17.09 -7.45 17.73
N LYS AA 119 16.47 -6.93 18.80
CA LYS AA 119 16.33 -5.49 18.94
C LYS AA 119 16.60 -5.02 20.37
N GLY AA 120 17.30 -3.88 20.50
CA GLY AA 120 17.62 -3.29 21.80
C GLY AA 120 16.41 -2.96 22.65
N ASP AA 121 15.32 -2.57 22.01
CA ASP AA 121 14.06 -2.24 22.66
C ASP AA 121 12.97 -3.25 22.30
N GLY AA 122 13.39 -4.46 21.91
CA GLY AA 122 12.49 -5.52 21.52
C GLY AA 122 11.85 -6.26 22.67
N ASN AA 123 10.89 -5.61 23.32
CA ASN AA 123 10.22 -6.20 24.47
C ASN AA 123 9.19 -7.25 24.07
N GLU AA 124 9.69 -8.40 23.55
CA GLU AA 124 8.80 -9.49 23.12
C GLU AA 124 9.52 -10.85 23.02
N VAL AA 125 8.70 -11.88 22.75
CA VAL AA 125 9.17 -13.28 22.69
C VAL AA 125 9.88 -13.58 21.38
N ALA AA 126 11.01 -14.26 21.46
CA ALA AA 126 11.73 -14.68 20.27
C ALA AA 126 11.02 -15.87 19.62
N ILE AA 127 10.51 -15.69 18.38
CA ILE AA 127 9.74 -16.72 17.65
C ILE AA 127 10.48 -17.25 16.42
N GLU AA 128 10.68 -18.56 16.38
CA GLU AA 128 11.28 -19.21 15.22
C GLU AA 128 10.22 -19.88 14.35
N SER AA 129 10.53 -20.04 13.06
CA SER AA 129 9.58 -20.68 12.15
C SER AA 129 10.18 -21.60 11.08
N MET AA 130 9.34 -22.52 10.60
CA MET AA 130 9.72 -23.50 9.59
C MET AA 130 8.69 -23.65 8.46
N GLU AA 131 9.19 -23.83 7.23
CA GLU AA 131 8.33 -24.07 6.06
C GLU AA 131 8.54 -25.48 5.49
N LEU AA 132 7.45 -26.24 5.35
CA LEU AA 132 7.47 -27.63 4.90
C LEU AA 132 6.85 -27.93 3.52
N ALA AA 133 7.58 -28.73 2.76
CA ALA AA 133 7.12 -29.30 1.49
C ALA AA 133 6.43 -30.62 1.79
N HIS AA 134 5.47 -31.03 0.97
CA HIS AA 134 4.83 -32.32 1.18
C HIS AA 134 4.22 -32.84 -0.11
N GLU AA 135 3.71 -34.07 -0.08
CA GLU AA 135 3.13 -34.70 -1.28
C GLU AA 135 1.64 -35.05 -1.18
N GLY AA 136 0.86 -34.42 -0.31
CA GLY AA 136 -0.55 -34.75 -0.28
C GLY AA 136 -1.23 -34.56 1.06
N LEU AA 137 -2.50 -34.16 0.98
CA LEU AA 137 -3.35 -33.85 2.13
C LEU AA 137 -4.74 -34.48 2.07
N VAL AA 138 -5.12 -35.14 3.16
CA VAL AA 138 -6.44 -35.74 3.34
C VAL AA 138 -7.13 -35.13 4.57
N ILE AA 139 -8.41 -34.75 4.42
CA ILE AA 139 -9.13 -34.13 5.54
C ILE AA 139 -10.20 -35.05 6.11
N GLN AA 140 -10.12 -35.31 7.42
CA GLN AA 140 -11.07 -36.18 8.11
C GLN AA 140 -11.93 -35.44 9.14
N ASN AA 141 -13.25 -35.53 9.00
CA ASN AA 141 -14.18 -34.91 9.93
C ASN AA 141 -15.43 -35.78 10.00
N GLU AA 142 -15.51 -36.62 11.02
CA GLU AA 142 -16.58 -37.58 11.13
C GLU AA 142 -17.53 -37.23 12.25
N SER BA 2 10.00 -23.35 31.64
CA SER BA 2 8.61 -23.35 31.22
C SER BA 2 8.25 -22.10 30.47
N TYR BA 3 9.24 -21.24 30.35
CA TYR BA 3 9.06 -19.97 29.71
C TYR BA 3 10.03 -19.83 28.54
N PRO BA 4 9.60 -19.15 27.47
CA PRO BA 4 10.43 -18.85 26.29
C PRO BA 4 11.44 -17.74 26.58
N LEU BA 5 12.44 -17.65 25.72
CA LEU BA 5 13.46 -16.61 25.77
C LEU BA 5 12.95 -15.28 25.21
N SER BA 6 13.44 -14.16 25.76
CA SER BA 6 13.17 -12.81 25.26
C SER BA 6 14.15 -12.48 24.13
N LYS BA 7 13.96 -11.32 23.47
CA LYS BA 7 14.79 -10.97 22.30
C LYS BA 7 15.63 -9.70 22.44
N PHE BA 8 15.83 -9.13 23.64
CA PHE BA 8 16.58 -7.88 23.74
C PHE BA 8 17.98 -7.92 24.35
N HIS BA 9 18.45 -9.03 24.89
CA HIS BA 9 19.78 -9.06 25.51
C HIS BA 9 20.70 -9.96 24.67
N PHE BA 10 21.65 -9.36 23.95
CA PHE BA 10 22.51 -10.07 23.02
C PHE BA 10 23.83 -9.35 22.77
N SER BA 11 24.78 -10.05 22.14
CA SER BA 11 26.06 -9.44 21.75
C SER BA 11 26.60 -9.94 20.40
N VAL BA 12 27.41 -9.11 19.74
CA VAL BA 12 28.00 -9.48 18.44
C VAL BA 12 29.52 -9.32 18.38
N GLU BA 13 30.23 -10.40 18.08
CA GLU BA 13 31.68 -10.36 17.92
C GLU BA 13 32.08 -10.34 16.45
N TRP BA 14 32.58 -9.20 15.99
CA TRP BA 14 32.87 -9.01 14.58
C TRP BA 14 34.28 -8.50 14.29
N GLY BA 15 35.18 -8.50 15.26
CA GLY BA 15 36.51 -7.98 15.06
C GLY BA 15 36.67 -6.49 15.33
N GLY BA 16 35.60 -5.80 15.68
CA GLY BA 16 35.66 -4.39 16.01
C GLY BA 16 35.92 -4.15 17.49
N THR BA 17 36.10 -2.88 17.86
CA THR BA 17 36.26 -2.53 19.28
C THR BA 17 35.03 -2.76 20.17
N LYS BA 18 33.82 -2.53 19.68
CA LYS BA 18 32.59 -2.68 20.46
C LYS BA 18 31.71 -3.88 20.07
N ILE BA 19 30.91 -4.38 21.00
CA ILE BA 19 30.02 -5.51 20.72
C ILE BA 19 28.53 -5.17 20.86
N GLY BA 20 28.21 -3.92 21.12
CA GLY BA 20 26.82 -3.50 21.27
C GLY BA 20 26.19 -3.00 19.97
N PHE BA 21 25.02 -3.53 19.68
CA PHE BA 21 24.26 -3.17 18.48
C PHE BA 21 22.81 -2.89 18.81
N THR BA 22 22.20 -2.08 17.97
CA THR BA 22 20.78 -1.75 18.06
C THR BA 22 19.91 -2.82 17.43
N GLU BA 23 20.32 -3.32 16.28
CA GLU BA 23 19.51 -4.28 15.54
C GLU BA 23 20.33 -5.28 14.74
N VAL BA 24 19.89 -6.54 14.76
CA VAL BA 24 20.48 -7.64 13.98
C VAL BA 24 19.39 -8.40 13.22
N SER BA 25 19.56 -8.60 11.89
CA SER BA 25 18.56 -9.38 11.15
C SER BA 25 19.13 -10.16 9.94
N GLY BA 26 18.39 -11.19 9.48
CA GLY BA 26 18.76 -11.98 8.30
C GLY BA 26 19.36 -13.38 8.55
N LEU BA 27 19.26 -13.91 9.75
CA LEU BA 27 19.83 -15.22 10.08
C LEU BA 27 18.97 -16.40 9.56
N ASP BA 28 18.88 -16.51 8.22
CA ASP BA 28 18.07 -17.51 7.50
C ASP BA 28 18.84 -18.61 6.75
N LEU BA 29 18.16 -19.75 6.54
CA LEU BA 29 18.67 -20.90 5.79
C LEU BA 29 17.64 -21.31 4.73
N GLU BA 30 18.05 -21.60 3.47
CA GLU BA 30 17.05 -21.96 2.45
C GLU BA 30 17.54 -23.03 1.43
N THR BA 31 16.66 -23.95 1.07
CA THR BA 31 16.93 -25.01 0.10
C THR BA 31 15.95 -25.00 -1.10
N GLU BA 32 16.46 -25.20 -2.32
CA GLU BA 32 15.66 -25.35 -3.52
C GLU BA 32 14.98 -26.70 -3.69
N ILE BA 33 13.87 -26.73 -4.43
CA ILE BA 33 13.15 -27.98 -4.69
C ILE BA 33 13.30 -28.41 -6.14
N ILE BA 34 13.45 -29.71 -6.37
CA ILE BA 34 13.40 -30.32 -7.69
C ILE BA 34 12.15 -31.20 -7.81
N GLU BA 35 11.32 -30.94 -8.82
CA GLU BA 35 10.06 -31.66 -9.00
C GLU BA 35 10.06 -32.65 -10.19
N TYR BA 36 9.31 -33.75 -10.08
CA TYR BA 36 9.22 -34.75 -11.16
C TYR BA 36 7.90 -35.56 -11.26
N ARG BA 37 7.45 -35.84 -12.50
CA ARG BA 37 6.32 -36.76 -12.72
C ARG BA 37 6.45 -37.56 -14.02
N HIS BA 38 6.43 -38.88 -13.95
CA HIS BA 38 6.37 -39.61 -15.23
C HIS BA 38 4.90 -39.81 -15.61
N GLY BA 39 4.67 -39.90 -16.92
CA GLY BA 39 3.34 -39.96 -17.53
C GLY BA 39 2.42 -41.10 -17.08
N ALA BA 40 2.97 -42.24 -16.68
CA ALA BA 40 2.14 -43.37 -16.27
C ALA BA 40 1.69 -43.34 -14.82
N SER BA 41 2.09 -42.34 -14.03
CA SER BA 41 1.71 -42.33 -12.62
C SER BA 41 0.18 -42.15 -12.40
N PRO BA 42 -0.42 -42.93 -11.48
CA PRO BA 42 -1.82 -42.79 -11.03
C PRO BA 42 -2.13 -41.46 -10.35
N GLU BA 43 -1.11 -40.76 -9.86
CA GLU BA 43 -1.35 -39.48 -9.22
C GLU BA 43 -1.04 -38.39 -10.21
N TYR BA 44 -1.78 -37.30 -10.11
CA TYR BA 44 -1.65 -36.20 -11.05
C TYR BA 44 -0.96 -34.99 -10.46
N SER BA 45 0.03 -35.26 -9.62
CA SER BA 45 0.85 -34.27 -8.96
C SER BA 45 2.30 -34.76 -8.97
N LYS BA 46 3.23 -33.90 -8.57
CA LYS BA 46 4.66 -34.23 -8.64
C LYS BA 46 5.30 -34.69 -7.34
N ILE BA 47 6.43 -35.42 -7.48
CA ILE BA 47 7.24 -35.84 -6.33
C ILE BA 47 8.36 -34.83 -6.14
N LYS BA 48 8.71 -34.54 -4.89
CA LYS BA 48 9.69 -33.50 -4.59
C LYS BA 48 10.96 -33.98 -3.89
N MET BA 49 12.12 -33.40 -4.25
CA MET BA 49 13.38 -33.67 -3.54
C MET BA 49 14.25 -32.39 -3.42
N PRO BA 50 15.12 -32.31 -2.40
CA PRO BA 50 16.08 -31.21 -2.21
C PRO BA 50 17.08 -30.97 -3.33
N GLY BA 51 17.30 -29.68 -3.60
CA GLY BA 51 18.24 -29.10 -4.53
C GLY BA 51 19.41 -28.42 -3.83
N MET BA 52 19.96 -27.38 -4.47
CA MET BA 52 21.07 -26.57 -3.98
C MET BA 52 20.66 -25.61 -2.84
N GLN BA 53 21.65 -25.15 -2.09
CA GLN BA 53 21.39 -24.31 -0.91
C GLN BA 53 21.79 -22.84 -1.01
N LYS BA 54 21.05 -21.97 -0.30
CA LYS BA 54 21.27 -20.53 -0.24
C LYS BA 54 21.36 -19.98 1.19
N PHE BA 55 21.99 -18.81 1.30
CA PHE BA 55 22.04 -18.05 2.54
C PHE BA 55 21.64 -16.60 2.30
N SER BA 56 21.04 -15.95 3.29
CA SER BA 56 20.67 -14.52 3.20
C SER BA 56 21.80 -13.62 3.73
N ASN BA 57 21.79 -12.36 3.30
CA ASN BA 57 22.75 -11.39 3.83
C ASN BA 57 22.33 -10.95 5.23
N ILE BA 58 23.31 -10.56 6.04
CA ILE BA 58 23.06 -10.14 7.42
C ILE BA 58 23.17 -8.63 7.60
N THR BA 59 22.17 -8.02 8.24
CA THR BA 59 22.17 -6.57 8.48
C THR BA 59 22.42 -6.22 9.95
N LEU BA 60 23.37 -5.31 10.17
CA LEU BA 60 23.70 -4.82 11.51
C LEU BA 60 23.52 -3.30 11.63
N LYS BA 61 22.86 -2.84 12.70
CA LYS BA 61 22.59 -1.40 12.91
C LYS BA 61 23.14 -0.92 14.25
N ARG BA 62 23.78 0.27 14.28
CA ARG BA 62 24.37 0.83 15.51
C ARG BA 62 24.28 2.37 15.46
N GLY BA 63 24.39 3.02 16.64
CA GLY BA 63 24.40 4.50 16.70
C GLY BA 63 25.80 5.02 16.38
N THR BA 64 25.89 6.19 15.74
CA THR BA 64 27.17 6.86 15.47
C THR BA 64 27.78 7.54 16.69
N PHE BA 65 29.06 7.25 16.94
CA PHE BA 65 29.83 7.82 18.04
C PHE BA 65 31.07 8.56 17.58
N LYS BA 66 31.44 9.56 18.37
CA LYS BA 66 32.65 10.34 18.15
C LYS BA 66 33.88 9.46 18.12
N SER BA 67 34.70 9.68 17.09
CA SER BA 67 35.96 8.99 16.82
C SER BA 67 35.87 7.48 16.57
N ASP BA 68 34.73 6.93 16.18
CA ASP BA 68 34.68 5.51 15.82
C ASP BA 68 34.32 5.39 14.33
N ASN BA 69 35.30 5.08 13.48
CA ASN BA 69 35.10 5.00 12.04
C ASN BA 69 35.21 3.55 11.50
N GLU BA 70 34.91 2.55 12.33
CA GLU BA 70 35.12 1.13 11.98
C GLU BA 70 34.34 0.58 10.76
N TYR BA 71 33.06 0.92 10.60
CA TYR BA 71 32.34 0.43 9.44
C TYR BA 71 33.11 0.80 8.18
N PHE BA 72 33.61 2.03 8.14
CA PHE BA 72 34.28 2.52 6.96
C PHE BA 72 35.60 1.82 6.78
N GLN BA 73 36.37 1.71 7.87
CA GLN BA 73 37.69 1.11 7.78
C GLN BA 73 37.65 -0.34 7.29
N TRP BA 74 36.67 -1.14 7.73
CA TRP BA 74 36.57 -2.51 7.23
C TRP BA 74 36.22 -2.51 5.73
N TYR BA 75 35.23 -1.69 5.34
CA TYR BA 75 34.80 -1.59 3.95
C TYR BA 75 35.96 -1.20 3.05
N ASN BA 76 36.79 -0.29 3.52
CA ASN BA 76 37.91 0.24 2.79
C ASN BA 76 39.08 -0.76 2.65
N THR BA 77 38.93 -2.01 3.13
CA THR BA 77 39.96 -3.03 2.90
C THR BA 77 39.76 -3.74 1.56
N ILE BA 78 38.72 -3.40 0.80
CA ILE BA 78 38.45 -4.03 -0.51
C ILE BA 78 39.47 -3.55 -1.55
N ASN BA 79 40.11 -4.45 -2.27
CA ASN BA 79 41.11 -4.07 -3.26
C ASN BA 79 40.96 -4.96 -4.47
N LEU BA 80 40.29 -4.52 -5.53
CA LEU BA 80 39.97 -5.35 -6.71
C LEU BA 80 39.22 -6.61 -6.23
N ASN BA 81 39.77 -7.82 -6.25
CA ASN BA 81 39.03 -8.96 -5.70
C ASN BA 81 39.40 -9.35 -4.24
N LYS BA 82 40.22 -8.59 -3.50
CA LYS BA 82 40.66 -8.94 -2.16
C LYS BA 82 39.87 -8.17 -1.13
N VAL BA 83 39.66 -8.78 0.03
CA VAL BA 83 38.97 -8.15 1.15
C VAL BA 83 39.34 -8.89 2.43
N GLU BA 84 39.34 -8.20 3.56
CA GLU BA 84 39.53 -8.90 4.82
C GLU BA 84 38.27 -9.67 5.20
N ARG BA 85 38.37 -10.98 5.31
CA ARG BA 85 37.21 -11.78 5.69
C ARG BA 85 37.26 -12.12 7.17
N ARG BA 86 36.10 -12.12 7.83
CA ARG BA 86 36.07 -12.38 9.26
C ARG BA 86 35.04 -13.43 9.71
N ASP BA 87 35.31 -13.98 10.88
CA ASP BA 87 34.41 -14.92 11.52
C ASP BA 87 33.48 -14.10 12.40
N LEU BA 88 32.18 -14.23 12.17
CA LEU BA 88 31.16 -13.47 12.89
C LEU BA 88 30.41 -14.34 13.89
N THR BA 89 30.43 -13.95 15.17
CA THR BA 89 29.70 -14.75 16.17
C THR BA 89 28.61 -13.94 16.87
N ILE BA 90 27.39 -14.42 16.76
CA ILE BA 90 26.23 -13.73 17.31
C ILE BA 90 25.61 -14.55 18.44
N SER BA 91 25.41 -13.92 19.59
CA SER BA 91 24.94 -14.68 20.75
C SER BA 91 23.84 -14.03 21.61
N LEU BA 92 22.83 -14.84 21.92
CA LEU BA 92 21.70 -14.48 22.79
C LEU BA 92 22.07 -14.85 24.24
N LEU BA 93 21.98 -13.90 25.15
CA LEU BA 93 22.48 -14.03 26.52
C LEU BA 93 21.46 -14.30 27.64
N ASN BA 94 21.93 -14.97 28.71
CA ASN BA 94 21.15 -15.19 29.93
C ASN BA 94 21.38 -14.09 30.98
N GLU BA 95 20.81 -14.26 32.18
CA GLU BA 95 20.91 -13.28 33.26
C GLU BA 95 22.32 -13.13 33.87
N GLU BA 96 23.23 -14.05 33.59
CA GLU BA 96 24.62 -13.96 34.04
C GLU BA 96 25.49 -13.35 32.94
N HIS BA 97 24.85 -12.98 31.84
CA HIS BA 97 25.45 -12.44 30.63
C HIS BA 97 26.29 -13.49 29.89
N GLU BA 98 25.86 -14.75 29.95
CA GLU BA 98 26.51 -15.86 29.26
C GLU BA 98 25.67 -16.29 28.07
N PRO BA 99 26.27 -16.84 27.01
CA PRO BA 99 25.58 -17.38 25.84
C PRO BA 99 24.59 -18.50 26.14
N VAL BA 100 23.48 -18.46 25.41
CA VAL BA 100 22.42 -19.46 25.43
C VAL BA 100 22.27 -20.02 24.03
N VAL BA 101 22.09 -19.13 23.05
CA VAL BA 101 21.92 -19.52 21.65
C VAL BA 101 22.96 -18.82 20.80
N THR BA 102 23.74 -19.59 20.04
CA THR BA 102 24.78 -18.99 19.22
C THR BA 102 24.65 -19.28 17.72
N TRP BA 103 24.80 -18.22 16.93
CA TRP BA 103 24.80 -18.30 15.48
C TRP BA 103 26.23 -18.08 14.98
N LYS BA 104 26.78 -19.09 14.33
CA LYS BA 104 28.16 -19.03 13.85
C LYS BA 104 28.23 -18.79 12.35
N VAL BA 105 28.87 -17.68 11.93
CA VAL BA 105 28.93 -17.30 10.53
C VAL BA 105 30.36 -17.28 9.95
N LYS BA 106 30.53 -18.01 8.85
CA LYS BA 106 31.79 -18.20 8.13
C LYS BA 106 32.06 -17.16 7.01
N ASN BA 107 33.32 -16.70 6.92
CA ASN BA 107 33.82 -15.86 5.81
C ASN BA 107 33.06 -14.57 5.44
N ALA BA 108 32.62 -13.78 6.41
CA ALA BA 108 31.87 -12.55 6.14
C ALA BA 108 32.73 -11.36 5.67
N TRP BA 109 32.15 -10.50 4.84
CA TRP BA 109 32.73 -9.24 4.39
C TRP BA 109 31.60 -8.30 4.01
N PRO BA 110 31.82 -6.97 3.99
CA PRO BA 110 30.72 -6.00 3.71
C PRO BA 110 30.35 -5.56 2.27
N LEU BA 111 29.13 -5.85 1.84
CA LEU BA 111 28.61 -5.38 0.55
C LEU BA 111 28.30 -3.90 0.55
N LYS BA 112 27.75 -3.41 1.65
CA LYS BA 112 27.45 -2.00 1.69
C LYS BA 112 27.36 -1.35 3.07
N VAL BA 113 27.74 -0.09 3.08
CA VAL BA 113 27.73 0.74 4.28
C VAL BA 113 26.81 1.92 4.01
N GLN BA 114 25.77 2.08 4.85
CA GLN BA 114 24.80 3.18 4.71
C GLN BA 114 24.87 4.19 5.86
N SER BA 115 25.04 5.44 5.50
CA SER BA 115 25.06 6.56 6.44
C SER BA 115 23.66 7.11 6.69
N THR BA 116 23.60 7.94 7.73
CA THR BA 116 22.43 8.67 8.23
C THR BA 116 21.94 9.84 7.35
N ASP BA 117 20.64 10.08 7.37
CA ASP BA 117 20.06 11.26 6.75
C ASP BA 117 20.13 12.43 7.75
N LEU BA 118 20.03 13.67 7.28
CA LEU BA 118 20.07 14.82 8.17
C LEU BA 118 18.79 15.63 8.02
N LYS BA 119 18.20 16.05 9.14
CA LYS BA 119 16.98 16.86 9.11
C LYS BA 119 17.02 18.01 10.12
N GLY BA 120 16.51 19.18 9.69
CA GLY BA 120 16.46 20.36 10.55
C GLY BA 120 15.63 20.18 11.81
N ASP BA 121 14.59 19.37 11.73
CA ASP BA 121 13.72 19.04 12.84
C ASP BA 121 13.85 17.57 13.25
N GLY BA 122 14.98 16.97 12.91
CA GLY BA 122 15.25 15.57 13.19
C GLY BA 122 15.68 15.29 14.62
N ASN BA 123 14.72 15.36 15.53
CA ASN BA 123 15.01 15.14 16.95
C ASN BA 123 15.19 13.65 17.28
N GLU BA 124 16.31 13.07 16.78
CA GLU BA 124 16.61 11.67 17.04
C GLU BA 124 18.09 11.30 16.82
N VAL BA 125 18.42 10.05 17.17
CA VAL BA 125 19.79 9.52 17.12
C VAL BA 125 20.20 9.18 15.70
N ALA BA 126 21.41 9.57 15.33
CA ALA BA 126 21.96 9.22 14.03
C ALA BA 126 22.39 7.74 14.02
N ILE BA 127 21.75 6.91 13.18
CA ILE BA 127 22.00 5.46 13.10
C ILE BA 127 22.65 5.04 11.78
N GLU BA 128 23.80 4.39 11.85
CA GLU BA 128 24.48 3.86 10.68
C GLU BA 128 24.25 2.35 10.57
N SER BA 129 24.34 1.82 9.34
CA SER BA 129 24.15 0.39 9.14
C SER BA 129 25.05 -0.26 8.08
N MET BA 130 25.22 -1.57 8.23
CA MET BA 130 26.04 -2.38 7.34
C MET BA 130 25.38 -3.70 6.91
N GLU BA 131 25.61 -4.08 5.64
CA GLU BA 131 25.11 -5.35 5.10
C GLU BA 131 26.26 -6.30 4.74
N LEU BA 132 26.23 -7.51 5.29
CA LEU BA 132 27.27 -8.52 5.12
C LEU BA 132 26.93 -9.77 4.30
N ALA BA 133 27.85 -10.14 3.43
CA ALA BA 133 27.83 -11.38 2.66
C ALA BA 133 28.55 -12.44 3.47
N HIS BA 134 28.18 -13.71 3.31
CA HIS BA 134 28.90 -14.77 4.03
C HIS BA 134 28.74 -16.09 3.30
N GLU BA 135 29.44 -17.12 3.78
CA GLU BA 135 29.41 -18.45 3.15
C GLU BA 135 28.85 -19.59 4.02
N GLY BA 136 28.06 -19.31 5.04
CA GLY BA 136 27.51 -20.40 5.82
C GLY BA 136 27.21 -20.09 7.27
N LEU BA 137 26.15 -20.74 7.76
CA LEU BA 137 25.61 -20.56 9.10
C LEU BA 137 25.30 -21.87 9.83
N VAL BA 138 25.80 -21.96 11.06
CA VAL BA 138 25.56 -23.08 11.97
C VAL BA 138 24.89 -22.59 13.26
N ILE BA 139 23.84 -23.28 13.69
CA ILE BA 139 23.11 -22.85 14.89
C ILE BA 139 23.34 -23.81 16.07
N GLN BA 140 23.81 -23.27 17.19
CA GLN BA 140 24.09 -24.05 18.39
C GLN BA 140 23.19 -23.69 19.57
N ASN BA 141 22.48 -24.67 20.11
CA ASN BA 141 21.60 -24.47 21.26
C ASN BA 141 21.59 -25.76 22.09
N GLU BA 142 22.40 -25.79 23.13
CA GLU BA 142 22.59 -26.99 23.91
C GLU BA 142 21.95 -26.87 25.29
N SER CA 2 29.87 8.67 26.04
CA SER CA 2 29.01 7.54 26.37
C SER CA 2 27.68 7.66 25.69
N TYR CA 3 27.54 8.74 24.97
CA TYR CA 3 26.29 9.03 24.29
C TYR CA 3 26.53 9.18 22.79
N PRO CA 4 25.57 8.77 21.96
CA PRO CA 4 25.59 8.91 20.51
C PRO CA 4 25.33 10.35 20.08
N LEU CA 5 25.68 10.64 18.83
CA LEU CA 5 25.43 11.94 18.20
C LEU CA 5 23.99 12.09 17.75
N SER CA 6 23.47 13.32 17.80
CA SER CA 6 22.15 13.67 17.27
C SER CA 6 22.23 13.95 15.77
N LYS CA 7 21.09 14.17 15.11
CA LYS CA 7 21.08 14.34 13.64
C LYS CA 7 20.56 15.70 13.14
N PHE CA 8 20.43 16.74 13.98
CA PHE CA 8 19.87 18.00 13.48
C PHE CA 8 20.81 19.20 13.32
N HIS CA 9 22.06 19.14 13.75
CA HIS CA 9 22.96 20.28 13.62
C HIS CA 9 24.06 19.97 12.61
N PHE CA 10 23.98 20.59 11.42
CA PHE CA 10 24.90 20.28 10.31
C PHE CA 10 25.03 21.45 9.33
N SER CA 11 26.03 21.37 8.44
CA SER CA 11 26.20 22.37 7.39
C SER CA 11 26.68 21.78 6.06
N VAL CA 12 26.36 22.46 4.94
CA VAL CA 12 26.77 22.00 3.61
C VAL CA 12 27.50 23.06 2.78
N GLU CA 13 28.73 22.77 2.36
CA GLU CA 13 29.49 23.67 1.50
C GLU CA 13 29.46 23.21 0.06
N TRP CA 14 28.75 23.96 -0.78
CA TRP CA 14 28.52 23.58 -2.16
C TRP CA 14 28.86 24.66 -3.18
N GLY CA 15 29.55 25.72 -2.79
CA GLY CA 15 29.86 26.82 -3.71
C GLY CA 15 28.80 27.90 -3.80
N GLY CA 16 27.69 27.76 -3.09
CA GLY CA 16 26.65 28.77 -3.07
C GLY CA 16 26.85 29.80 -1.97
N THR CA 17 26.01 30.82 -1.96
CA THR CA 17 26.07 31.83 -0.89
C THR CA 17 25.70 31.33 0.52
N LYS CA 18 24.74 30.43 0.66
CA LYS CA 18 24.28 29.90 1.96
C LYS CA 18 24.69 28.45 2.26
N ILE CA 19 24.78 28.09 3.52
CA ILE CA 19 25.13 26.72 3.91
C ILE CA 19 24.04 26.00 4.70
N GLY CA 20 22.88 26.63 4.88
CA GLY CA 20 21.78 26.04 5.61
C GLY CA 20 20.80 25.28 4.74
N PHE CA 21 20.50 24.06 5.14
CA PHE CA 21 19.58 23.17 4.43
C PHE CA 21 18.58 22.56 5.37
N THR CA 22 17.44 22.19 4.83
CA THR CA 22 16.38 21.50 5.54
C THR CA 22 16.63 20.00 5.61
N GLU CA 23 17.07 19.43 4.50
CA GLU CA 23 17.25 17.98 4.44
C GLU CA 23 18.39 17.56 3.51
N VAL CA 24 19.16 16.54 3.95
CA VAL CA 24 20.24 15.93 3.18
C VAL CA 24 20.10 14.40 3.19
N SER CA 25 20.13 13.76 2.01
CA SER CA 25 20.05 12.28 1.99
C SER CA 25 20.79 11.62 0.81
N GLY CA 26 21.11 10.31 0.95
CA GLY CA 26 21.76 9.54 -0.12
C GLY CA 26 23.27 9.25 0.04
N LEU CA 27 23.84 9.46 1.21
CA LEU CA 27 25.27 9.25 1.43
C LEU CA 27 25.64 7.76 1.60
N ASP CA 28 25.46 6.98 0.52
CA ASP CA 28 25.65 5.52 0.46
C ASP CA 28 26.86 5.03 -0.36
N LEU CA 29 27.35 3.83 -0.03
CA LEU CA 29 28.43 3.13 -0.73
C LEU CA 29 27.98 1.70 -1.07
N GLU CA 30 28.23 1.20 -2.29
CA GLU CA 30 27.79 -0.17 -2.62
C GLU CA 30 28.75 -0.95 -3.55
N THR CA 31 28.92 -2.25 -3.26
CA THR CA 31 29.75 -3.15 -4.06
C THR CA 31 28.98 -4.37 -4.60
N GLU CA 32 29.23 -4.75 -5.86
CA GLU CA 32 28.69 -5.95 -6.47
C GLU CA 32 29.35 -7.25 -6.06
N ILE CA 33 28.62 -8.35 -6.14
CA ILE CA 33 29.15 -9.67 -5.81
C ILE CA 33 29.34 -10.53 -7.05
N ILE CA 34 30.43 -11.29 -7.10
CA ILE CA 34 30.68 -12.32 -8.10
C ILE CA 34 30.63 -13.70 -7.45
N GLU CA 35 29.78 -14.60 -7.95
CA GLU CA 35 29.60 -15.93 -7.36
C GLU CA 35 30.19 -17.06 -8.21
N TYR CA 36 30.67 -18.15 -7.56
CA TYR CA 36 31.24 -19.30 -8.28
C TYR CA 36 31.11 -20.68 -7.59
N ARG CA 37 30.88 -21.74 -8.38
CA ARG CA 37 30.93 -23.12 -7.86
C ARG CA 37 31.42 -24.13 -8.90
N HIS CA 38 32.48 -24.88 -8.61
CA HIS CA 38 32.81 -25.95 -9.56
C HIS CA 38 32.06 -27.22 -9.12
N GLY CA 39 31.78 -28.07 -10.12
CA GLY CA 39 30.96 -29.27 -9.98
C GLY CA 39 31.42 -30.31 -8.96
N ALA CA 40 32.72 -30.41 -8.70
CA ALA CA 40 33.22 -31.40 -7.75
C ALA CA 40 33.18 -30.96 -6.28
N SER CA 41 32.76 -29.74 -5.98
CA SER CA 41 32.78 -29.30 -4.58
C SER CA 41 31.80 -30.09 -3.68
N PRO CA 42 32.24 -30.49 -2.47
CA PRO CA 42 31.40 -31.11 -1.42
C PRO CA 42 30.28 -30.22 -0.90
N GLU CA 43 30.38 -28.91 -1.09
CA GLU CA 43 29.32 -28.01 -0.65
C GLU CA 43 28.45 -27.66 -1.82
N TYR CA 44 27.17 -27.48 -1.56
CA TYR CA 44 26.20 -27.23 -2.61
C TYR CA 44 25.72 -25.79 -2.64
N SER CA 45 26.66 -24.89 -2.37
CA SER CA 45 26.44 -23.46 -2.37
C SER CA 45 27.66 -22.79 -3.01
N LYS CA 46 27.57 -21.49 -3.27
CA LYS CA 46 28.64 -20.78 -3.98
C LYS CA 46 29.61 -19.98 -3.10
N ILE CA 47 30.80 -19.72 -3.65
CA ILE CA 47 31.80 -18.87 -3.00
C ILE CA 47 31.67 -17.46 -3.56
N LYS CA 48 31.85 -16.45 -2.70
CA LYS CA 48 31.64 -15.06 -3.10
C LYS CA 48 32.87 -14.16 -3.04
N MET CA 49 33.00 -13.25 -4.02
CA MET CA 49 34.04 -12.22 -3.99
C MET CA 49 33.55 -10.86 -4.52
N PRO CA 50 34.16 -9.74 -4.09
CA PRO CA 50 33.86 -8.38 -4.58
C PRO CA 50 34.04 -8.13 -6.07
N GLY CA 51 33.08 -7.39 -6.62
CA GLY CA 51 32.99 -6.89 -7.98
C GLY CA 51 33.23 -5.39 -8.07
N MET CA 52 32.62 -4.74 -9.05
CA MET CA 52 32.68 -3.31 -9.32
C MET CA 52 31.87 -2.47 -8.30
N GLN CA 53 32.20 -1.18 -8.22
CA GLN CA 53 31.56 -0.31 -7.23
C GLN CA 53 30.60 0.75 -7.75
N LYS CA 54 29.61 1.11 -6.92
CA LYS CA 54 28.59 2.11 -7.22
C LYS CA 54 28.45 3.19 -6.13
N PHE CA 55 27.88 4.33 -6.55
CA PHE CA 55 27.51 5.40 -5.64
C PHE CA 55 26.08 5.85 -5.90
N SER CA 56 25.39 6.30 -4.85
CA SER CA 56 24.03 6.84 -4.99
C SER CA 56 24.03 8.35 -5.24
N ASN CA 57 22.93 8.86 -5.81
CA ASN CA 57 22.80 10.31 -5.99
C ASN CA 57 22.45 10.97 -4.65
N ILE CA 58 22.82 12.23 -4.51
CA ILE CA 58 22.59 13.00 -3.28
C ILE CA 58 21.46 14.02 -3.43
N THR CA 59 20.52 14.02 -2.49
CA THR CA 59 19.40 14.96 -2.54
C THR CA 59 19.51 16.05 -1.46
N LEU CA 60 19.36 17.30 -1.88
CA LEU CA 60 19.38 18.46 -0.98
C LEU CA 60 18.08 19.27 -1.04
N LYS CA 61 17.52 19.62 0.12
CA LYS CA 61 16.24 20.37 0.19
C LYS CA 61 16.42 21.67 0.99
N ARG CA 62 15.83 22.78 0.49
CA ARG CA 62 15.92 24.09 1.17
C ARG CA 62 14.64 24.89 0.93
N GLY CA 63 14.37 25.91 1.75
CA GLY CA 63 13.21 26.79 1.56
C GLY CA 63 13.52 27.85 0.51
N THR CA 64 12.53 28.27 -0.27
CA THR CA 64 12.67 29.36 -1.25
C THR CA 64 12.69 30.75 -0.62
N PHE CA 65 13.69 31.55 -0.98
CA PHE CA 65 13.87 32.92 -0.51
C PHE CA 65 13.91 33.94 -1.63
N LYS CA 66 13.45 35.14 -1.30
CA LYS CA 66 13.47 36.28 -2.21
C LYS CA 66 14.88 36.56 -2.70
N SER CA 67 15.00 36.73 -4.02
CA SER CA 67 16.23 37.04 -4.76
C SER CA 67 17.34 35.99 -4.67
N ASP CA 68 17.06 34.72 -4.37
CA ASP CA 68 18.12 33.71 -4.41
C ASP CA 68 17.74 32.67 -5.48
N ASN CA 69 18.42 32.72 -6.62
CA ASN CA 69 18.12 31.83 -7.76
C ASN CA 69 19.25 30.82 -8.03
N GLU CA 70 20.02 30.45 -7.00
CA GLU CA 70 21.22 29.61 -7.18
C GLU CA 70 21.01 28.19 -7.74
N TYR CA 71 19.97 27.45 -7.31
CA TYR CA 71 19.76 26.13 -7.87
C TYR CA 71 19.68 26.23 -9.38
N PHE CA 72 18.97 27.25 -9.86
CA PHE CA 72 18.77 27.39 -11.29
C PHE CA 72 20.05 27.78 -11.98
N GLN CA 73 20.77 28.74 -11.40
CA GLN CA 73 21.98 29.22 -12.03
C GLN CA 73 23.04 28.13 -12.18
N TRP CA 74 23.19 27.25 -11.19
CA TRP CA 74 24.15 26.15 -11.35
C TRP CA 74 23.69 25.19 -12.46
N TYR CA 75 22.41 24.81 -12.43
CA TYR CA 75 21.84 23.91 -13.43
C TYR CA 75 22.03 24.46 -14.83
N ASN CA 76 21.86 25.75 -14.99
CA ASN CA 76 21.96 26.44 -16.26
C ASN CA 76 23.40 26.56 -16.78
N THR CA 77 24.40 25.99 -16.09
CA THR CA 77 25.77 25.97 -16.62
C THR CA 77 26.00 24.78 -17.55
N ILE CA 78 24.99 23.91 -17.75
CA ILE CA 78 25.13 22.74 -18.64
C ILE CA 78 25.13 23.18 -20.10
N ASN CA 79 26.10 22.72 -20.88
CA ASN CA 79 26.20 23.13 -22.28
C ASN CA 79 26.63 21.91 -23.10
N LEU CA 80 25.72 21.21 -23.74
CA LEU CA 80 25.99 19.94 -24.45
C LEU CA 80 26.65 18.96 -23.47
N ASN CA 81 27.93 18.63 -23.56
CA ASN CA 81 28.51 17.75 -22.53
C ASN CA 81 29.30 18.48 -21.39
N LYS CA 82 29.28 19.82 -21.31
CA LYS CA 82 30.05 20.57 -20.32
C LYS CA 82 29.15 21.00 -19.17
N VAL CA 83 29.72 21.07 -17.96
CA VAL CA 83 29.00 21.52 -16.77
C VAL CA 83 30.03 21.97 -15.75
N GLU CA 84 29.67 22.92 -14.89
CA GLU CA 84 30.57 23.26 -13.79
C GLU CA 84 30.52 22.17 -12.73
N ARG CA 85 31.65 21.54 -12.45
CA ARG CA 85 31.70 20.50 -11.43
C ARG CA 85 32.25 21.07 -10.14
N ARG CA 86 31.70 20.63 -9.00
CA ARG CA 86 32.13 21.16 -7.71
C ARG CA 86 32.47 20.10 -6.65
N ASP CA 87 33.26 20.54 -5.68
CA ASP CA 87 33.61 19.72 -4.55
C ASP CA 87 32.58 20.00 -3.47
N LEU CA 88 31.89 18.97 -3.01
CA LEU CA 88 30.83 19.08 -2.03
C LEU CA 88 31.27 18.59 -0.65
N THR CA 89 31.19 19.44 0.38
CA THR CA 89 31.59 19.00 1.71
C THR CA 89 30.43 19.08 2.71
N ILE CA 90 30.09 17.95 3.30
CA ILE CA 90 28.97 17.85 4.23
C ILE CA 90 29.48 17.53 5.63
N SER CA 91 29.05 18.33 6.61
CA SER CA 91 29.59 18.13 7.96
C SER CA 91 28.59 18.20 9.12
N LEU CA 92 28.71 17.23 10.03
CA LEU CA 92 27.92 17.12 11.25
C LEU CA 92 28.68 17.85 12.38
N LEU CA 93 28.02 18.78 13.05
CA LEU CA 93 28.66 19.70 13.98
C LEU CA 93 28.49 19.43 15.50
N ASN CA 94 29.47 19.89 16.29
CA ASN CA 94 29.41 19.84 17.75
C ASN CA 94 28.83 21.14 18.35
N GLU CA 95 28.86 21.25 19.68
CA GLU CA 95 28.31 22.41 20.41
C GLU CA 95 29.10 23.72 20.21
N GLU CA 96 30.31 23.65 19.66
CA GLU CA 96 31.11 24.83 19.35
C GLU CA 96 30.94 25.22 17.90
N HIS CA 97 30.08 24.47 17.20
CA HIS CA 97 29.78 24.59 15.78
C HIS CA 97 30.97 24.18 14.91
N GLU CA 98 31.76 23.20 15.38
CA GLU CA 98 32.90 22.66 14.67
C GLU CA 98 32.56 21.27 14.12
N PRO CA 99 33.16 20.84 13.02
CA PRO CA 99 33.00 19.49 12.45
C PRO CA 99 33.37 18.35 13.38
N VAL CA 100 32.59 17.29 13.29
CA VAL CA 100 32.78 16.03 13.99
C VAL CA 100 32.91 14.92 12.97
N VAL CA 101 31.92 14.83 12.06
CA VAL CA 101 31.90 13.81 11.02
C VAL CA 101 31.80 14.49 9.65
N THR CA 102 32.73 14.18 8.75
CA THR CA 102 32.70 14.81 7.44
C THR CA 102 32.59 13.83 6.28
N TRP CA 103 31.70 14.15 5.35
CA TRP CA 103 31.51 13.41 4.12
C TRP CA 103 32.07 14.22 2.96
N LYS CA 104 33.09 13.69 2.29
CA LYS CA 104 33.75 14.39 1.20
C LYS CA 104 33.33 13.84 -0.17
N VAL CA 105 32.74 14.69 -1.01
CA VAL CA 105 32.22 14.26 -2.31
C VAL CA 105 32.92 14.93 -3.51
N LYS CA 106 33.42 14.09 -4.41
CA LYS CA 106 34.17 14.46 -5.61
C LYS CA 106 33.30 14.68 -6.88
N ASN CA 107 33.63 15.72 -7.65
CA ASN CA 107 33.06 16.00 -8.98
C ASN CA 107 31.52 16.05 -9.14
N ALA CA 108 30.80 16.70 -8.23
CA ALA CA 108 29.34 16.78 -8.30
C ALA CA 108 28.80 17.79 -9.32
N TRP CA 109 27.63 17.49 -9.88
CA TRP CA 109 26.88 18.39 -10.76
C TRP CA 109 25.40 17.99 -10.69
N PRO CA 110 24.46 18.89 -11.04
CA PRO CA 110 23.01 18.58 -10.90
C PRO CA 110 22.21 17.89 -12.02
N LEU CA 111 21.66 16.72 -11.74
CA LEU CA 111 20.76 16.01 -12.67
C LEU CA 111 19.41 16.65 -12.76
N LYS CA 112 18.88 17.11 -11.64
CA LYS CA 112 17.58 17.73 -11.69
C LYS CA 112 17.26 18.72 -10.58
N VAL CA 113 16.46 19.70 -10.97
CA VAL CA 113 16.00 20.75 -10.08
C VAL CA 113 14.47 20.70 -10.04
N GLN CA 114 13.89 20.52 -8.84
CA GLN CA 114 12.43 20.43 -8.68
C GLN CA 114 11.86 21.62 -7.89
N SER CA 115 10.89 22.28 -8.50
CA SER CA 115 10.16 23.39 -7.89
C SER CA 115 8.97 22.91 -7.07
N THR CA 116 8.44 23.85 -6.29
CA THR CA 116 7.27 23.75 -5.41
C THR CA 116 5.91 23.66 -6.13
N ASP CA 117 4.97 22.96 -5.50
CA ASP CA 117 3.58 22.96 -5.95
C ASP CA 117 2.86 24.16 -5.33
N LEU CA 118 1.73 24.58 -5.88
CA LEU CA 118 0.98 25.69 -5.33
C LEU CA 118 -0.43 25.25 -4.97
N LYS CA 119 -0.91 25.65 -3.79
CA LYS CA 119 -2.26 25.29 -3.36
C LYS CA 119 -2.99 26.46 -2.70
N GLY CA 120 -4.29 26.59 -3.01
CA GLY CA 120 -5.12 27.65 -2.45
C GLY CA 120 -5.23 27.62 -0.93
N ASP CA 121 -5.19 26.43 -0.35
CA ASP CA 121 -5.23 26.22 1.08
C ASP CA 121 -3.91 25.65 1.61
N GLY CA 122 -2.84 25.90 0.87
CA GLY CA 122 -1.52 25.41 1.21
C GLY CA 122 -0.81 26.23 2.26
N ASN CA 123 -1.24 26.08 3.50
CA ASN CA 123 -0.66 26.84 4.61
C ASN CA 123 0.69 26.27 5.05
N GLU CA 124 1.71 26.43 4.17
CA GLU CA 124 3.06 25.94 4.47
C GLU CA 124 4.17 26.60 3.63
N VAL CA 125 5.41 26.26 3.97
CA VAL CA 125 6.61 26.84 3.34
C VAL CA 125 6.87 26.22 1.98
N ALA CA 126 7.20 27.06 1.01
CA ALA CA 126 7.56 26.59 -0.31
C ALA CA 126 9.00 26.02 -0.29
N ILE CA 127 9.15 24.71 -0.54
CA ILE CA 127 10.44 24.01 -0.50
C ILE CA 127 10.92 23.54 -1.88
N GLU CA 128 12.11 23.97 -2.27
CA GLU CA 128 12.72 23.53 -3.52
C GLU CA 128 13.80 22.47 -3.25
N SER CA 129 14.05 21.62 -4.26
CA SER CA 129 15.06 20.57 -4.11
C SER CA 129 15.92 20.28 -5.34
N MET CA 130 17.09 19.71 -5.08
CA MET CA 130 18.06 19.36 -6.11
C MET CA 130 18.66 17.95 -5.93
N GLU CA 131 18.88 17.27 -7.06
CA GLU CA 131 19.53 15.95 -7.06
C GLU CA 131 20.88 15.98 -7.79
N LEU CA 132 21.92 15.53 -7.09
CA LEU CA 132 23.30 15.56 -7.59
C LEU CA 132 23.97 14.22 -7.90
N ALA CA 133 24.64 14.19 -9.05
CA ALA CA 133 25.49 13.08 -9.48
C ALA CA 133 26.90 13.35 -8.97
N HIS CA 134 27.68 12.30 -8.71
CA HIS CA 134 29.06 12.52 -8.27
C HIS CA 134 29.91 11.30 -8.60
N GLU CA 135 31.22 11.41 -8.36
CA GLU CA 135 32.16 10.32 -8.66
C GLU CA 135 32.90 9.73 -7.45
N GLY CA 136 32.39 9.86 -6.24
CA GLY CA 136 33.10 9.25 -5.12
C GLY CA 136 32.92 9.93 -3.78
N LEU CA 137 32.91 9.11 -2.74
CA LEU CA 137 32.69 9.51 -1.36
C LEU CA 137 33.69 8.92 -0.36
N VAL CA 138 34.27 9.80 0.46
CA VAL CA 138 35.18 9.44 1.54
C VAL CA 138 34.62 9.91 2.89
N ILE CA 139 34.65 9.04 3.89
CA ILE CA 139 34.10 9.39 5.21
C ILE CA 139 35.20 9.56 6.26
N GLN CA 140 35.23 10.73 6.90
CA GLN CA 140 36.22 11.05 7.92
C GLN CA 140 35.61 11.25 9.31
N ASN CA 141 36.10 10.48 10.28
CA ASN CA 141 35.63 10.58 11.66
C ASN CA 141 36.80 10.25 12.59
N GLU CA 142 37.47 11.27 13.09
CA GLU CA 142 38.67 11.07 13.86
C GLU CA 142 38.44 11.40 15.34
N SER DA 2 14.58 37.35 6.18
CA SER DA 2 15.05 36.30 7.05
C SER DA 2 14.09 35.16 7.12
N TYR DA 3 13.00 35.33 6.39
CA TYR DA 3 11.94 34.36 6.37
C TYR DA 3 11.70 33.87 4.94
N PRO DA 4 11.34 32.59 4.78
CA PRO DA 4 10.99 31.97 3.50
C PRO DA 4 9.62 32.41 3.01
N LEU DA 5 9.37 32.19 1.73
CA LEU DA 5 8.08 32.48 1.10
C LEU DA 5 7.05 31.38 1.40
N SER DA 6 5.77 31.77 1.48
CA SER DA 6 4.65 30.84 1.63
C SER DA 6 4.22 30.33 0.26
N LYS DA 7 3.28 29.37 0.21
CA LYS DA 7 2.89 28.76 -1.06
C LYS DA 7 1.41 28.94 -1.46
N PHE DA 8 0.65 29.87 -0.86
CA PHE DA 8 -0.77 29.97 -1.23
C PHE DA 8 -1.23 31.21 -2.01
N HIS DA 9 -0.39 32.19 -2.25
CA HIS DA 9 -0.83 33.38 -3.00
C HIS DA 9 -0.11 33.43 -4.35
N PHE DA 10 -0.86 33.17 -5.43
CA PHE DA 10 -0.28 33.04 -6.77
C PHE DA 10 -1.30 33.32 -7.87
N SER DA 11 -0.82 33.49 -9.11
CA SER DA 11 -1.71 33.65 -10.27
C SER DA 11 -1.18 32.99 -11.55
N VAL DA 12 -2.11 32.63 -12.45
CA VAL DA 12 -1.73 31.98 -13.72
C VAL DA 12 -2.31 32.67 -14.95
N GLU DA 13 -1.44 33.09 -15.87
CA GLU DA 13 -1.88 33.71 -17.13
C GLU DA 13 -1.78 32.71 -18.28
N TRP DA 14 -2.93 32.27 -18.77
CA TRP DA 14 -3.00 31.22 -19.76
C TRP DA 14 -3.84 31.57 -20.99
N GLY DA 15 -4.23 32.82 -21.17
CA GLY DA 15 -5.08 33.20 -22.28
C GLY DA 15 -6.58 33.08 -22.03
N GLY DA 16 -6.98 32.61 -20.85
CA GLY DA 16 -8.38 32.52 -20.50
C GLY DA 16 -8.89 33.77 -19.83
N THR DA 17 -10.20 33.82 -19.57
CA THR DA 17 -10.79 34.96 -18.85
C THR DA 17 -10.37 35.11 -17.38
N LYS DA 18 -10.16 34.03 -16.65
CA LYS DA 18 -9.78 34.07 -15.23
C LYS DA 18 -8.34 33.64 -14.92
N ILE DA 19 -7.77 34.12 -13.83
CA ILE DA 19 -6.41 33.76 -13.43
C ILE DA 19 -6.31 33.02 -12.11
N GLY DA 20 -7.46 32.70 -11.49
CA GLY DA 20 -7.48 32.00 -10.22
C GLY DA 20 -7.59 30.49 -10.37
N PHE DA 21 -6.71 29.79 -9.67
CA PHE DA 21 -6.65 28.33 -9.68
C PHE DA 21 -6.56 27.78 -8.27
N THR DA 22 -7.02 26.55 -8.13
CA THR DA 22 -6.93 25.81 -6.87
C THR DA 22 -5.59 25.15 -6.69
N GLU DA 23 -5.05 24.56 -7.76
CA GLU DA 23 -3.81 23.83 -7.67
C GLU DA 23 -2.97 23.88 -8.94
N VAL DA 24 -1.65 24.02 -8.78
CA VAL DA 24 -0.67 24.00 -9.87
C VAL DA 24 0.47 23.03 -9.54
N SER DA 25 0.80 22.10 -10.45
CA SER DA 25 1.94 21.20 -10.18
C SER DA 25 2.70 20.73 -11.45
N GLY DA 26 3.95 20.27 -11.27
CA GLY DA 26 4.76 19.72 -12.36
C GLY DA 26 5.88 20.62 -12.92
N LEU DA 27 6.23 21.69 -12.24
CA LEU DA 27 7.27 22.62 -12.73
C LEU DA 27 8.70 22.09 -12.50
N ASP DA 28 9.04 21.00 -13.22
CA ASP DA 28 10.31 20.27 -13.11
C ASP DA 28 11.25 20.38 -14.32
N LEU DA 29 12.55 20.18 -14.08
CA LEU DA 29 13.61 20.14 -15.09
C LEU DA 29 14.44 18.86 -14.92
N GLU DA 30 14.79 18.15 -16.01
CA GLU DA 30 15.57 16.91 -15.86
C GLU DA 30 16.59 16.63 -16.98
N THR DA 31 17.78 16.14 -16.61
CA THR DA 31 18.84 15.78 -17.55
C THR DA 31 19.28 14.32 -17.43
N GLU DA 32 19.51 13.64 -18.56
CA GLU DA 32 20.05 12.29 -18.62
C GLU DA 32 21.55 12.19 -18.37
N ILE DA 33 22.01 11.03 -17.89
CA ILE DA 33 23.43 10.80 -17.66
C ILE DA 33 24.01 9.82 -18.67
N ILE DA 34 25.23 10.07 -19.12
CA ILE DA 34 26.03 9.16 -19.94
C ILE DA 34 27.22 8.66 -19.12
N GLU DA 35 27.37 7.34 -18.98
CA GLU DA 35 28.44 6.75 -18.17
C GLU DA 35 29.54 6.07 -19.00
N TYR DA 36 30.79 6.08 -18.49
CA TYR DA 36 31.92 5.44 -19.19
C TYR DA 36 33.07 4.91 -18.31
N ARG DA 37 33.66 3.75 -18.70
CA ARG DA 37 34.89 3.25 -18.05
C ARG DA 37 35.78 2.49 -19.01
N HIS DA 38 37.05 2.91 -19.16
CA HIS DA 38 37.94 2.05 -19.96
C HIS DA 38 38.60 1.03 -19.01
N GLY DA 39 38.95 -0.13 -19.57
CA GLY DA 39 39.47 -1.28 -18.85
C GLY DA 39 40.74 -1.08 -18.03
N ALA DA 40 41.61 -0.15 -18.43
CA ALA DA 40 42.85 0.08 -17.70
C ALA DA 40 42.73 1.01 -16.50
N SER DA 41 41.57 1.58 -16.23
CA SER DA 41 41.46 2.53 -15.12
C SER DA 41 41.69 1.88 -13.74
N PRO DA 42 42.47 2.52 -12.85
CA PRO DA 42 42.66 2.13 -11.43
C PRO DA 42 41.39 2.16 -10.59
N GLU DA 43 40.37 2.87 -11.03
CA GLU DA 43 39.13 2.92 -10.28
C GLU DA 43 38.15 1.97 -10.92
N TYR DA 44 37.31 1.36 -10.09
CA TYR DA 44 36.38 0.35 -10.55
C TYR DA 44 34.95 0.85 -10.59
N SER DA 45 34.80 2.11 -10.96
CA SER DA 45 33.53 2.79 -11.10
C SER DA 45 33.57 3.67 -12.35
N LYS DA 46 32.45 4.23 -12.75
CA LYS DA 46 32.36 4.99 -14.00
C LYS DA 46 32.42 6.50 -13.85
N ILE DA 47 32.81 7.18 -14.95
CA ILE DA 47 32.81 8.64 -15.02
C ILE DA 47 31.50 9.09 -15.67
N LYS DA 48 30.94 10.20 -15.19
CA LYS DA 48 29.64 10.65 -15.67
C LYS DA 48 29.62 12.02 -16.37
N MET DA 49 28.80 12.15 -17.42
CA MET DA 49 28.59 13.45 -18.08
C MET DA 49 27.12 13.63 -18.52
N PRO DA 50 26.63 14.89 -18.63
CA PRO DA 50 25.30 15.23 -19.13
C PRO DA 50 24.94 14.76 -20.53
N GLY DA 51 23.70 14.29 -20.66
CA GLY DA 51 23.01 13.85 -21.86
C GLY DA 51 21.93 14.83 -22.31
N MET DA 52 20.90 14.31 -22.96
CA MET DA 52 19.74 15.05 -23.45
C MET DA 52 18.78 15.48 -22.33
N GLN DA 53 17.94 16.48 -22.63
CA GLN DA 53 17.05 17.05 -21.61
C GLN DA 53 15.55 16.77 -21.77
N LYS DA 54 14.85 16.73 -20.64
CA LYS DA 54 13.41 16.49 -20.55
C LYS DA 54 12.65 17.53 -19.73
N PHE DA 55 11.34 17.62 -20.00
CA PHE DA 55 10.42 18.44 -19.22
C PHE DA 55 9.20 17.62 -18.82
N SER DA 56 8.61 17.94 -17.66
CA SER DA 56 7.39 17.29 -17.20
C SER DA 56 6.13 18.03 -17.67
N ASN DA 57 5.00 17.32 -17.70
CA ASN DA 57 3.73 17.98 -18.03
C ASN DA 57 3.23 18.77 -16.83
N ILE DA 58 2.45 19.81 -17.10
CA ILE DA 58 1.92 20.70 -16.05
C ILE DA 58 0.43 20.48 -15.80
N THR DA 59 0.05 20.30 -14.54
CA THR DA 59 -1.35 20.10 -14.19
C THR DA 59 -1.97 21.32 -13.50
N LEU DA 60 -3.14 21.74 -13.99
CA LEU DA 60 -3.90 22.85 -13.42
C LEU DA 60 -5.30 22.42 -12.98
N LYS DA 61 -5.71 22.84 -11.76
CA LYS DA 61 -7.03 22.45 -11.21
C LYS DA 61 -7.84 23.70 -10.82
N ARG DA 62 -9.15 23.71 -11.14
CA ARG DA 62 -10.03 24.85 -10.82
C ARG DA 62 -11.45 24.34 -10.54
N GLY DA 63 -12.28 25.17 -9.87
CA GLY DA 63 -13.69 24.81 -9.61
C GLY DA 63 -14.54 25.11 -10.83
N THR DA 64 -15.58 24.30 -11.09
CA THR DA 64 -16.54 24.56 -12.18
C THR DA 64 -17.53 25.68 -11.88
N PHE DA 65 -17.66 26.61 -12.81
CA PHE DA 65 -18.57 27.74 -12.72
C PHE DA 65 -19.57 27.80 -13.87
N LYS DA 66 -20.74 28.36 -13.57
CA LYS DA 66 -21.79 28.57 -14.55
C LYS DA 66 -21.30 29.42 -15.71
N SER DA 67 -21.59 28.95 -16.92
CA SER DA 67 -21.25 29.57 -18.21
C SER DA 67 -19.76 29.75 -18.51
N ASP DA 68 -18.85 28.99 -17.89
CA ASP DA 68 -17.45 29.08 -18.27
C ASP DA 68 -17.01 27.72 -18.83
N ASN DA 69 -16.87 27.63 -20.15
CA ASN DA 69 -16.52 26.37 -20.83
C ASN DA 69 -15.10 26.40 -21.46
N GLU DA 70 -14.19 27.20 -20.89
CA GLU DA 70 -12.87 27.41 -21.48
C GLU DA 70 -11.94 26.19 -21.61
N TYR DA 71 -11.87 25.30 -20.62
CA TYR DA 71 -11.02 24.13 -20.78
C TYR DA 71 -11.42 23.39 -22.05
N PHE DA 72 -12.72 23.28 -22.28
CA PHE DA 72 -13.19 22.52 -23.42
C PHE DA 72 -12.88 23.25 -24.71
N GLN DA 73 -13.16 24.56 -24.73
CA GLN DA 73 -12.95 25.34 -25.94
C GLN DA 73 -11.50 25.32 -26.41
N TRP DA 74 -10.52 25.40 -25.50
CA TRP DA 74 -9.12 25.33 -25.92
C TRP DA 74 -8.81 23.94 -26.47
N TYR DA 75 -9.24 22.89 -25.77
CA TYR DA 75 -9.01 21.50 -26.18
C TYR DA 75 -9.57 21.25 -27.58
N ASN DA 76 -10.74 21.81 -27.84
CA ASN DA 76 -11.45 21.64 -29.09
C ASN DA 76 -10.82 22.42 -30.26
N THR DA 77 -9.66 23.08 -30.08
CA THR DA 77 -8.95 23.71 -31.19
C THR DA 77 -8.04 22.71 -31.89
N ILE DA 78 -7.95 21.47 -31.43
CA ILE DA 78 -7.08 20.45 -32.05
C ILE DA 78 -7.68 19.99 -33.38
N ASN DA 79 -6.89 19.99 -34.45
CA ASN DA 79 -7.40 19.60 -35.76
C ASN DA 79 -6.32 18.78 -36.47
N LEU DA 80 -6.40 17.47 -36.45
CA LEU DA 80 -5.35 16.57 -36.99
C LEU DA 80 -4.01 16.92 -36.31
N ASN DA 81 -3.02 17.53 -36.96
CA ASN DA 81 -1.82 17.92 -36.22
C ASN DA 81 -1.76 19.40 -35.75
N LYS DA 82 -2.83 20.20 -35.89
CA LYS DA 82 -2.82 21.62 -35.55
C LYS DA 82 -3.48 21.83 -34.19
N VAL DA 83 -3.01 22.84 -33.47
CA VAL DA 83 -3.58 23.21 -32.17
C VAL DA 83 -3.16 24.64 -31.86
N GLU DA 84 -3.98 25.37 -31.11
CA GLU DA 84 -3.56 26.69 -30.67
C GLU DA 84 -2.53 26.57 -29.56
N ARG DA 85 -1.33 27.08 -29.77
CA ARG DA 85 -0.30 27.01 -28.74
C ARG DA 85 -0.21 28.33 -28.00
N ARG DA 86 0.02 28.27 -26.69
CA ARG DA 86 0.07 29.49 -25.89
C ARG DA 86 1.29 29.62 -24.97
N ASP DA 87 1.56 30.88 -24.60
CA ASP DA 87 2.62 31.19 -23.66
C ASP DA 87 1.97 31.20 -22.28
N LEU DA 88 2.49 30.39 -21.38
CA LEU DA 88 1.96 30.22 -20.04
C LEU DA 88 2.85 30.90 -18.99
N THR DA 89 2.29 31.83 -18.22
CA THR DA 89 3.10 32.51 -17.20
C THR DA 89 2.55 32.28 -15.79
N ILE DA 90 3.37 31.69 -14.94
CA ILE DA 90 2.96 31.35 -13.57
C ILE DA 90 3.74 32.19 -12.57
N SER DA 91 3.04 32.84 -11.66
CA SER DA 91 3.72 33.74 -10.73
C SER DA 91 3.30 33.70 -9.26
N LEU DA 92 4.30 33.66 -8.39
CA LEU DA 92 4.15 33.69 -6.93
C LEU DA 92 4.19 35.16 -6.47
N LEU DA 93 3.19 35.57 -5.72
CA LEU DA 93 2.97 36.98 -5.39
C LEU DA 93 3.34 37.44 -3.97
N ASN DA 94 3.67 38.75 -3.84
CA ASN DA 94 3.94 39.40 -2.55
C ASN DA 94 2.66 40.06 -1.97
N GLU DA 95 2.82 40.79 -0.86
CA GLU DA 95 1.70 41.44 -0.18
C GLU DA 95 1.07 42.61 -0.95
N GLU DA 96 1.72 43.11 -2.00
CA GLU DA 96 1.18 44.16 -2.85
C GLU DA 96 0.52 43.56 -4.07
N HIS DA 97 0.50 42.23 -4.12
CA HIS DA 97 0.00 41.39 -5.21
C HIS DA 97 0.86 41.52 -6.47
N GLU DA 98 2.17 41.71 -6.29
CA GLU DA 98 3.14 41.79 -7.38
C GLU DA 98 3.96 40.51 -7.44
N PRO DA 99 4.47 40.12 -8.61
CA PRO DA 99 5.36 38.97 -8.80
C PRO DA 99 6.64 39.00 -7.99
N VAL DA 100 7.03 37.84 -7.50
CA VAL DA 100 8.28 37.59 -6.80
C VAL DA 100 9.07 36.54 -7.55
N VAL DA 101 8.42 35.40 -7.82
CA VAL DA 101 9.05 34.29 -8.54
C VAL DA 101 8.21 33.95 -9.76
N THR DA 102 8.83 33.93 -10.93
CA THR DA 102 8.08 33.63 -12.15
C THR DA 102 8.61 32.43 -12.92
N TRP DA 103 7.68 31.58 -13.33
CA TRP DA 103 7.97 30.42 -14.17
C TRP DA 103 7.42 30.70 -15.57
N LYS DA 104 8.32 30.73 -16.55
CA LYS DA 104 7.94 31.03 -17.94
C LYS DA 104 7.91 29.78 -18.80
N VAL DA 105 6.75 29.46 -19.38
CA VAL DA 105 6.57 28.24 -20.17
C VAL DA 105 6.23 28.50 -21.64
N LYS DA 106 7.04 27.90 -22.51
CA LYS DA 106 6.96 28.01 -23.97
C LYS DA 106 6.08 26.96 -24.67
N ASN DA 107 5.29 27.39 -25.66
CA ASN DA 107 4.51 26.52 -26.56
C ASN DA 107 3.57 25.47 -25.95
N ALA DA 108 2.79 25.80 -24.94
CA ALA DA 108 1.88 24.85 -24.30
C ALA DA 108 0.59 24.59 -25.06
N TRP DA 109 0.05 23.37 -24.92
CA TRP DA 109 -1.24 22.96 -25.46
C TRP DA 109 -1.75 21.80 -24.60
N PRO DA 110 -3.07 21.52 -24.59
CA PRO DA 110 -3.62 20.45 -23.72
C PRO DA 110 -3.72 18.98 -24.16
N LEU DA 111 -3.05 18.09 -23.46
CA LEU DA 111 -3.16 16.65 -23.69
C LEU DA 111 -4.46 16.07 -23.22
N LYS DA 112 -4.93 16.53 -22.06
CA LYS DA 112 -6.19 16.01 -21.57
C LYS DA 112 -6.98 16.91 -20.64
N VAL DA 113 -8.28 16.75 -20.74
CA VAL DA 113 -9.24 17.49 -19.92
C VAL DA 113 -10.07 16.48 -19.14
N GLN DA 114 -10.03 16.58 -17.80
CA GLN DA 114 -10.79 15.65 -16.93
C GLN DA 114 -11.92 16.34 -16.17
N SER DA 115 -13.12 15.78 -16.32
CA SER DA 115 -14.32 16.23 -15.63
C SER DA 115 -14.47 15.58 -14.27
N THR DA 116 -15.40 16.16 -13.50
CA THR DA 116 -15.83 15.75 -12.15
C THR DA 116 -16.66 14.46 -12.08
N ASP DA 117 -16.53 13.74 -10.98
CA ASP DA 117 -17.39 12.61 -10.68
C ASP DA 117 -18.67 13.12 -9.98
N LEU DA 118 -19.74 12.35 -9.97
CA LEU DA 118 -20.97 12.76 -9.32
C LEU DA 118 -21.36 11.76 -8.25
N LYS DA 119 -21.75 12.25 -7.07
CA LYS DA 119 -22.16 11.37 -5.97
C LYS DA 119 -23.40 11.88 -5.25
N GLY DA 120 -24.31 10.95 -4.91
CA GLY DA 120 -25.53 11.28 -4.19
C GLY DA 120 -25.32 11.94 -2.83
N ASP DA 121 -24.24 11.57 -2.16
CA ASP DA 121 -23.85 12.12 -0.88
C ASP DA 121 -22.55 12.93 -0.98
N GLY DA 122 -22.25 13.40 -2.18
CA GLY DA 122 -21.04 14.16 -2.47
C GLY DA 122 -21.12 15.61 -2.04
N ASN DA 123 -21.03 15.85 -0.75
CA ASN DA 123 -21.13 17.21 -0.21
C ASN DA 123 -19.82 17.98 -0.40
N GLU DA 124 -19.52 18.32 -1.67
CA GLU DA 124 -18.30 19.06 -2.00
C GLU DA 124 -18.35 19.76 -3.37
N VAL DA 125 -17.30 20.56 -3.64
CA VAL DA 125 -17.19 21.36 -4.86
C VAL DA 125 -16.77 20.53 -6.05
N ALA DA 126 -17.43 20.73 -7.17
CA ALA DA 126 -17.06 20.06 -8.41
C ALA DA 126 -15.80 20.69 -9.00
N ILE DA 127 -14.70 19.91 -9.07
CA ILE DA 127 -13.39 20.39 -9.55
C ILE DA 127 -12.97 19.76 -10.89
N GLU DA 128 -12.71 20.60 -11.88
CA GLU DA 128 -12.21 20.14 -13.17
C GLU DA 128 -10.71 20.36 -13.30
N SER DA 129 -10.05 19.56 -14.14
CA SER DA 129 -8.60 19.69 -14.33
C SER DA 129 -8.10 19.48 -15.76
N MET DA 130 -6.92 20.06 -16.02
CA MET DA 130 -6.26 19.99 -17.31
C MET DA 130 -4.76 19.66 -17.23
N GLU DA 131 -4.27 18.86 -18.17
CA GLU DA 131 -2.85 18.53 -18.29
C GLU DA 131 -2.23 19.10 -19.57
N LEU DA 132 -1.14 19.86 -19.41
CA LEU DA 132 -0.47 20.55 -20.52
C LEU DA 132 0.93 20.05 -20.90
N ALA DA 133 1.14 19.92 -22.19
CA ALA DA 133 2.44 19.63 -22.79
C ALA DA 133 3.12 20.96 -23.09
N HIS DA 134 4.45 21.00 -23.08
CA HIS DA 134 5.15 22.25 -23.42
C HIS DA 134 6.55 21.94 -23.90
N GLU DA 135 7.25 22.99 -24.37
CA GLU DA 135 8.60 22.83 -24.91
C GLU DA 135 9.72 23.56 -24.13
N GLY DA 136 9.53 23.91 -22.87
CA GLY DA 136 10.61 24.57 -22.16
C GLY DA 136 10.19 25.49 -21.04
N LEU DA 137 11.04 25.54 -20.01
CA LEU DA 137 10.82 26.29 -18.78
C LEU DA 137 12.04 27.10 -18.33
N VAL DA 138 11.80 28.38 -18.05
CA VAL DA 138 12.80 29.30 -17.53
C VAL DA 138 12.33 29.86 -16.17
N ILE DA 139 13.22 29.88 -15.18
CA ILE DA 139 12.84 30.36 -13.84
C ILE DA 139 13.51 31.70 -13.51
N GLN DA 140 12.71 32.70 -13.17
CA GLN DA 140 13.20 34.03 -12.83
C GLN DA 140 12.92 34.43 -11.38
N ASN DA 141 13.98 34.77 -10.67
CA ASN DA 141 13.88 35.21 -9.27
C ASN DA 141 14.98 36.24 -9.00
N GLU DA 142 14.62 37.50 -9.07
CA GLU DA 142 15.59 38.57 -8.96
C GLU DA 142 15.45 39.32 -7.65
N SER EA 2 -46.19 40.64 25.81
CA SER EA 2 -44.95 41.23 26.29
C SER EA 2 -44.14 40.25 27.08
N TYR EA 3 -44.69 39.08 27.21
CA TYR EA 3 -44.06 38.03 27.97
C TYR EA 3 -43.82 36.80 27.09
N PRO EA 4 -42.73 36.08 27.34
CA PRO EA 4 -42.38 34.82 26.65
C PRO EA 4 -43.24 33.66 27.13
N LEU EA 5 -43.25 32.60 26.33
CA LEU EA 5 -43.95 31.36 26.66
C LEU EA 5 -43.17 30.51 27.66
N SER EA 6 -43.90 29.76 28.50
CA SER EA 6 -43.31 28.80 29.44
C SER EA 6 -43.10 27.45 28.72
N LYS EA 7 -42.46 26.49 29.40
CA LYS EA 7 -42.13 25.21 28.74
C LYS EA 7 -42.77 23.96 29.37
N PHE EA 8 -43.80 24.07 30.22
CA PHE EA 8 -44.35 22.86 30.85
C PHE EA 8 -45.74 22.37 30.42
N HIS EA 9 -46.47 23.11 29.59
CA HIS EA 9 -47.80 22.66 29.19
C HIS EA 9 -47.80 22.30 27.69
N PHE EA 10 -47.87 21.01 27.38
CA PHE EA 10 -47.74 20.52 26.01
C PHE EA 10 -48.42 19.17 25.81
N SER EA 11 -48.58 18.77 24.54
CA SER EA 11 -49.11 17.44 24.22
C SER EA 11 -48.48 16.80 22.98
N VAL EA 12 -48.49 15.47 22.92
CA VAL EA 12 -47.91 14.73 21.79
C VAL EA 12 -48.86 13.72 21.15
N GLU EA 13 -49.13 13.87 19.85
CA GLU EA 13 -49.97 12.91 19.12
C GLU EA 13 -49.11 11.97 18.29
N TRP EA 14 -49.08 10.71 18.70
CA TRP EA 14 -48.21 9.72 18.10
C TRP EA 14 -48.91 8.43 17.67
N GLY EA 15 -50.23 8.39 17.66
CA GLY EA 15 -50.97 7.18 17.32
C GLY EA 15 -51.25 6.25 18.50
N GLY EA 16 -50.79 6.59 19.69
CA GLY EA 16 -51.05 5.80 20.87
C GLY EA 16 -52.33 6.21 21.58
N THR EA 17 -52.71 5.47 22.61
CA THR EA 17 -53.89 5.83 23.42
C THR EA 17 -53.75 7.13 24.25
N LYS EA 18 -52.58 7.44 24.77
CA LYS EA 18 -52.35 8.63 25.61
C LYS EA 18 -51.51 9.72 24.94
N ILE EA 19 -51.68 10.97 25.37
CA ILE EA 19 -50.90 12.09 24.82
C ILE EA 19 -50.02 12.79 25.86
N GLY EA 20 -49.97 12.28 27.08
CA GLY EA 20 -49.17 12.89 28.14
C GLY EA 20 -47.78 12.29 28.24
N PHE EA 21 -46.78 13.16 28.28
CA PHE EA 21 -45.38 12.78 28.39
C PHE EA 21 -44.68 13.59 29.46
N THR EA 22 -43.62 13.00 29.99
CA THR EA 22 -42.76 13.65 30.97
C THR EA 22 -41.72 14.54 30.31
N GLU EA 23 -41.13 14.06 29.21
CA GLU EA 23 -40.06 14.79 28.56
C GLU EA 23 -40.02 14.58 27.04
N VAL EA 24 -39.75 15.67 26.31
CA VAL EA 24 -39.58 15.66 24.85
C VAL EA 24 -38.30 16.41 24.47
N SER EA 25 -37.41 15.79 23.65
CA SER EA 25 -36.21 16.51 23.23
C SER EA 25 -35.69 16.10 21.83
N GLY EA 26 -34.87 16.98 21.21
CA GLY EA 26 -34.23 16.70 19.90
C GLY EA 26 -34.84 17.38 18.68
N LEU EA 27 -35.68 18.39 18.85
CA LEU EA 27 -36.32 19.08 17.72
C LEU EA 27 -35.39 20.08 17.02
N ASP EA 28 -34.33 19.56 16.38
CA ASP EA 28 -33.26 20.32 15.71
C ASP EA 28 -33.24 20.24 14.18
N LEU EA 29 -32.64 21.26 13.55
CA LEU EA 29 -32.42 21.36 12.10
C LEU EA 29 -30.96 21.68 11.83
N GLU EA 30 -30.29 21.02 10.86
CA GLU EA 30 -28.87 21.32 10.60
C GLU EA 30 -28.44 21.25 9.12
N THR EA 31 -27.60 22.18 8.69
CA THR EA 31 -27.06 22.23 7.33
C THR EA 31 -25.53 22.21 7.29
N GLU EA 32 -24.95 21.45 6.35
CA GLU EA 32 -23.51 21.41 6.09
C GLU EA 32 -22.96 22.61 5.32
N ILE EA 33 -21.67 22.90 5.52
CA ILE EA 33 -21.02 24.00 4.81
C ILE EA 33 -20.03 23.48 3.77
N ILE EA 34 -19.98 24.13 2.61
CA ILE EA 34 -18.97 23.92 1.58
C ILE EA 34 -18.07 25.15 1.49
N GLU EA 35 -16.76 24.97 1.63
CA GLU EA 35 -15.80 26.08 1.62
C GLU EA 35 -14.93 26.13 0.35
N TYR EA 36 -14.53 27.34 -0.06
CA TYR EA 36 -13.68 27.51 -1.27
C TYR EA 36 -12.74 28.74 -1.28
N ARG EA 37 -11.52 28.58 -1.83
CA ARG EA 37 -10.62 29.73 -2.07
C ARG EA 37 -9.74 29.54 -3.31
N HIS EA 38 -9.80 30.45 -4.27
CA HIS EA 38 -8.81 30.33 -5.35
C HIS EA 38 -7.56 31.12 -4.96
N GLY EA 39 -6.42 30.67 -5.49
CA GLY EA 39 -5.09 31.18 -5.16
C GLY EA 39 -4.84 32.67 -5.38
N ALA EA 40 -5.51 33.29 -6.34
CA ALA EA 40 -5.29 34.70 -6.61
C ALA EA 40 -6.09 35.66 -5.72
N SER EA 41 -6.93 35.18 -4.82
CA SER EA 41 -7.74 36.08 -4.00
C SER EA 41 -6.90 36.93 -3.04
N PRO EA 42 -7.20 38.26 -2.93
CA PRO EA 42 -6.61 39.18 -1.94
C PRO EA 42 -6.91 38.83 -0.49
N GLU EA 43 -7.93 38.03 -0.24
CA GLU EA 43 -8.25 37.64 1.12
C GLU EA 43 -7.68 36.26 1.37
N TYR EA 44 -7.25 36.03 2.60
CA TYR EA 44 -6.61 34.78 2.94
C TYR EA 44 -7.50 33.88 3.79
N SER EA 45 -8.78 33.89 3.47
CA SER EA 45 -9.81 33.10 4.12
C SER EA 45 -10.75 32.58 3.04
N LYS EA 46 -11.66 31.68 3.41
CA LYS EA 46 -12.54 31.04 2.44
C LYS EA 46 -13.96 31.60 2.35
N ILE EA 47 -14.61 31.37 1.21
CA ILE EA 47 -16.01 31.74 1.00
C ILE EA 47 -16.88 30.53 1.30
N LYS EA 48 -18.04 30.75 1.90
CA LYS EA 48 -18.90 29.65 2.34
C LYS EA 48 -20.29 29.58 1.67
N MET EA 49 -20.76 28.36 1.40
CA MET EA 49 -22.12 28.15 0.89
C MET EA 49 -22.77 26.89 1.48
N PRO EA 50 -24.11 26.83 1.57
CA PRO EA 50 -24.88 25.65 2.04
C PRO EA 50 -24.69 24.36 1.25
N GLY EA 51 -24.60 23.26 2.00
CA GLY EA 51 -24.51 21.88 1.57
C GLY EA 51 -25.81 21.11 1.83
N MET EA 52 -25.66 19.80 2.06
CA MET EA 52 -26.76 18.87 2.36
C MET EA 52 -27.32 19.03 3.77
N GLN EA 53 -28.55 18.54 3.98
CA GLN EA 53 -29.23 18.73 5.26
C GLN EA 53 -29.40 17.48 6.14
N LYS EA 54 -29.44 17.69 7.45
CA LYS EA 54 -29.62 16.65 8.47
C LYS EA 54 -30.74 16.94 9.48
N PHE EA 55 -31.22 15.86 10.11
CA PHE EA 55 -32.16 15.95 11.21
C PHE EA 55 -31.69 15.11 12.38
N SER EA 56 -32.03 15.52 13.61
CA SER EA 56 -31.70 14.75 14.81
C SER EA 56 -32.82 13.78 15.18
N ASN EA 57 -32.48 12.75 15.96
CA ASN EA 57 -33.50 11.83 16.46
C ASN EA 57 -34.27 12.46 17.61
N ILE EA 58 -35.51 12.03 17.80
CA ILE EA 58 -36.38 12.59 18.84
C ILE EA 58 -36.57 11.62 20.01
N THR EA 59 -36.38 12.11 21.23
CA THR EA 59 -36.53 11.28 22.43
C THR EA 59 -37.80 11.63 23.22
N LEU EA 60 -38.58 10.61 23.56
CA LEU EA 60 -39.79 10.75 24.35
C LEU EA 60 -39.74 9.92 25.64
N LYS EA 61 -40.11 10.53 26.79
CA LYS EA 61 -40.06 9.84 28.10
C LYS EA 61 -41.44 9.87 28.78
N ARG EA 62 -41.85 8.74 29.38
CA ARG EA 62 -43.16 8.64 30.07
C ARG EA 62 -43.05 7.67 31.25
N GLY EA 63 -43.99 7.75 32.20
CA GLY EA 63 -44.02 6.81 33.34
C GLY EA 63 -44.68 5.51 32.93
N THR EA 64 -44.24 4.37 33.49
CA THR EA 64 -44.87 3.06 33.26
C THR EA 64 -46.19 2.87 34.01
N PHE EA 65 -47.21 2.44 33.28
CA PHE EA 65 -48.54 2.18 33.82
C PHE EA 65 -49.01 0.75 33.58
N LYS EA 66 -49.84 0.27 34.51
CA LYS EA 66 -50.45 -1.05 34.42
C LYS EA 66 -51.25 -1.19 33.14
N SER EA 67 -51.01 -2.31 32.45
CA SER EA 67 -51.66 -2.73 31.20
C SER EA 67 -51.43 -1.80 29.99
N ASP EA 68 -50.39 -0.99 29.96
CA ASP EA 68 -50.12 -0.20 28.75
C ASP EA 68 -48.75 -0.65 28.19
N ASN EA 69 -48.77 -1.42 27.11
CA ASN EA 69 -47.55 -1.96 26.50
C ASN EA 69 -47.25 -1.35 25.11
N GLU EA 70 -47.68 -0.11 24.87
CA GLU EA 70 -47.59 0.51 23.54
C GLU EA 70 -46.16 0.73 22.97
N TYR EA 71 -45.19 1.17 23.77
CA TYR EA 71 -43.85 1.33 23.23
C TYR EA 71 -43.40 0.03 22.60
N PHE EA 72 -43.68 -1.08 23.27
CA PHE EA 72 -43.23 -2.37 22.79
C PHE EA 72 -43.98 -2.77 21.54
N GLN EA 73 -45.30 -2.59 21.56
CA GLN EA 73 -46.11 -3.01 20.43
C GLN EA 73 -45.75 -2.28 19.14
N TRP EA 74 -45.44 -0.98 19.20
CA TRP EA 74 -45.02 -0.27 17.99
C TRP EA 74 -43.67 -0.81 17.51
N TYR EA 75 -42.72 -0.96 18.43
CA TYR EA 75 -41.37 -1.46 18.11
C TYR EA 75 -41.46 -2.83 17.44
N ASN EA 76 -42.34 -3.66 17.94
CA ASN EA 76 -42.52 -5.03 17.47
C ASN EA 76 -43.21 -5.11 16.09
N THR EA 77 -43.49 -3.97 15.42
CA THR EA 77 -44.01 -4.01 14.05
C THR EA 77 -42.89 -4.09 13.03
N ILE EA 78 -41.62 -4.09 13.45
CA ILE EA 78 -40.48 -4.17 12.53
C ILE EA 78 -40.35 -5.58 11.96
N ASN EA 79 -40.24 -5.71 10.64
CA ASN EA 79 -40.17 -7.02 10.01
C ASN EA 79 -39.15 -6.94 8.86
N LEU EA 80 -37.92 -7.36 9.05
CA LEU EA 80 -36.83 -7.21 8.07
C LEU EA 80 -36.71 -5.73 7.69
N ASN EA 81 -37.09 -5.27 6.50
CA ASN EA 81 -37.02 -3.82 6.25
C ASN EA 81 -38.37 -3.06 6.41
N LYS EA 82 -39.45 -3.67 6.90
CA LYS EA 82 -40.77 -3.04 7.01
C LYS EA 82 -41.00 -2.58 8.44
N VAL EA 83 -41.74 -1.49 8.59
CA VAL EA 83 -42.12 -0.96 9.89
C VAL EA 83 -43.33 -0.06 9.72
N GLU EA 84 -44.17 0.05 10.74
CA GLU EA 84 -45.26 1.02 10.66
C GLU EA 84 -44.73 2.42 10.86
N ARG EA 85 -44.91 3.29 9.86
CA ARG EA 85 -44.43 4.67 9.99
C ARG EA 85 -45.58 5.58 10.36
N ARG EA 86 -45.31 6.57 11.21
CA ARG EA 86 -46.37 7.47 11.66
C ARG EA 86 -46.05 8.96 11.56
N ASP EA 87 -47.12 9.76 11.54
CA ASP EA 87 -47.01 11.19 11.53
C ASP EA 87 -47.06 11.62 12.99
N LEU EA 88 -46.03 12.34 13.42
CA LEU EA 88 -45.88 12.79 14.80
C LEU EA 88 -46.16 14.28 14.96
N THR EA 89 -47.12 14.64 15.80
CA THR EA 89 -47.42 16.07 15.99
C THR EA 89 -47.21 16.51 17.43
N ILE EA 90 -46.31 17.48 17.61
CA ILE EA 90 -45.96 17.97 18.94
C ILE EA 90 -46.42 19.41 19.11
N SER EA 91 -47.15 19.68 20.19
CA SER EA 91 -47.71 21.01 20.36
C SER EA 91 -47.63 21.66 21.75
N LEU EA 92 -47.20 22.92 21.77
CA LEU EA 92 -47.11 23.76 22.97
C LEU EA 92 -48.44 24.50 23.14
N LEU EA 93 -49.06 24.39 24.31
CA LEU EA 93 -50.42 24.85 24.56
C LEU EA 93 -50.59 26.16 25.35
N ASN EA 94 -51.72 26.85 25.09
CA ASN EA 94 -52.13 28.05 25.83
C ASN EA 94 -53.05 27.71 27.02
N GLU EA 95 -53.58 28.74 27.69
CA GLU EA 95 -54.45 28.58 28.86
C GLU EA 95 -55.82 27.97 28.57
N GLU EA 96 -56.22 27.90 27.30
CA GLU EA 96 -57.48 27.26 26.90
C GLU EA 96 -57.23 25.83 26.46
N HIS EA 97 -55.96 25.41 26.56
CA HIS EA 97 -55.45 24.12 26.15
C HIS EA 97 -55.46 23.96 24.63
N GLU EA 98 -55.23 25.06 23.90
CA GLU EA 98 -55.17 25.07 22.44
C GLU EA 98 -53.72 25.25 22.00
N PRO EA 99 -53.34 24.74 20.82
CA PRO EA 99 -52.00 24.93 20.23
C PRO EA 99 -51.58 26.37 20.01
N VAL EA 100 -50.31 26.63 20.25
CA VAL EA 100 -49.64 27.89 20.01
C VAL EA 100 -48.50 27.66 19.05
N VAL EA 101 -47.63 26.71 19.38
CA VAL EA 101 -46.47 26.37 18.54
C VAL EA 101 -46.52 24.90 18.19
N THR EA 102 -46.46 24.58 16.90
CA THR EA 102 -46.53 23.18 16.49
C THR EA 102 -45.31 22.71 15.69
N TRP EA 103 -44.81 21.55 16.05
CA TRP EA 103 -43.72 20.88 15.36
C TRP EA 103 -44.28 19.66 14.62
N LYS EA 104 -44.17 19.69 13.30
CA LYS EA 104 -44.72 18.62 12.46
C LYS EA 104 -43.63 17.68 11.95
N VAL EA 105 -43.72 16.40 12.29
CA VAL EA 105 -42.70 15.41 11.94
C VAL EA 105 -43.20 14.29 11.02
N LYS EA 106 -42.51 14.13 9.90
CA LYS EA 106 -42.79 13.18 8.83
C LYS EA 106 -42.11 11.79 8.98
N ASN EA 107 -42.86 10.72 8.69
CA ASN EA 107 -42.35 9.33 8.59
C ASN EA 107 -41.55 8.76 9.77
N ALA EA 108 -41.98 8.96 11.02
CA ALA EA 108 -41.26 8.45 12.18
C ALA EA 108 -41.46 6.96 12.46
N TRP EA 109 -40.44 6.33 13.04
CA TRP EA 109 -40.47 4.95 13.51
C TRP EA 109 -39.41 4.80 14.61
N PRO EA 110 -39.53 3.79 15.49
CA PRO EA 110 -38.57 3.65 16.62
C PRO EA 110 -37.25 2.87 16.50
N LEU EA 111 -36.12 3.55 16.70
CA LEU EA 111 -34.80 2.90 16.73
C LEU EA 111 -34.58 2.12 18.00
N LYS EA 112 -35.03 2.66 19.12
CA LYS EA 112 -34.84 1.93 20.36
C LYS EA 112 -35.81 2.23 21.49
N VAL EA 113 -36.05 1.19 22.26
CA VAL EA 113 -36.93 1.24 23.42
C VAL EA 113 -36.11 0.88 24.65
N GLN EA 114 -36.04 1.78 25.64
CA GLN EA 114 -35.29 1.55 26.88
C GLN EA 114 -36.17 1.42 28.12
N SER EA 115 -36.00 0.31 28.83
CA SER EA 115 -36.70 0.04 30.07
C SER EA 115 -35.96 0.62 31.28
N THR EA 116 -36.70 0.62 32.40
CA THR EA 116 -36.28 1.06 33.74
C THR EA 116 -35.28 0.14 34.46
N ASP EA 117 -34.44 0.74 35.29
CA ASP EA 117 -33.57 0.00 36.19
C ASP EA 117 -34.35 -0.32 37.48
N LEU EA 118 -33.92 -1.29 38.26
CA LEU EA 118 -34.58 -1.63 39.50
C LEU EA 118 -33.62 -1.51 40.67
N LYS EA 119 -34.07 -0.88 41.77
CA LYS EA 119 -33.22 -0.73 42.96
C LYS EA 119 -33.98 -1.00 44.25
N GLY EA 120 -33.32 -1.68 45.18
CA GLY EA 120 -33.91 -2.00 46.49
C GLY EA 120 -34.32 -0.79 47.30
N ASP EA 121 -33.58 0.30 47.16
CA ASP EA 121 -33.86 1.56 47.82
C ASP EA 121 -34.27 2.65 46.83
N GLY EA 122 -34.77 2.23 45.68
CA GLY EA 122 -35.17 3.12 44.61
C GLY EA 122 -36.53 3.76 44.82
N ASN EA 123 -36.59 4.71 45.72
CA ASN EA 123 -37.85 5.39 46.05
C ASN EA 123 -38.24 6.41 44.99
N GLU EA 124 -38.62 5.90 43.79
CA GLU EA 124 -39.02 6.78 42.68
C GLU EA 124 -39.85 6.06 41.60
N VAL EA 125 -40.34 6.86 40.64
CA VAL EA 125 -41.21 6.40 39.56
C VAL EA 125 -40.43 5.68 38.48
N ALA EA 126 -40.93 4.55 38.02
CA ALA EA 126 -40.32 3.82 36.92
C ALA EA 126 -40.63 4.52 35.59
N ILE EA 127 -39.59 5.04 34.91
CA ILE EA 127 -39.72 5.79 33.64
C ILE EA 127 -39.16 5.05 32.44
N GLU EA 128 -39.99 4.84 31.43
CA GLU EA 128 -39.55 4.23 30.18
C GLU EA 128 -39.34 5.29 29.09
N SER EA 129 -38.49 4.98 28.11
CA SER EA 129 -38.23 5.93 27.03
C SER EA 129 -38.04 5.31 25.64
N MET EA 130 -38.28 6.14 24.63
CA MET EA 130 -38.17 5.77 23.22
C MET EA 130 -37.43 6.79 22.36
N GLU EA 131 -36.63 6.29 21.41
CA GLU EA 131 -35.92 7.13 20.45
C GLU EA 131 -36.42 6.91 19.01
N LEU EA 132 -36.83 8.00 18.36
CA LEU EA 132 -37.41 7.97 17.01
C LEU EA 132 -36.58 8.59 15.87
N ALA EA 133 -36.54 7.86 14.76
CA ALA EA 133 -35.97 8.32 13.51
C ALA EA 133 -37.07 8.99 12.71
N HIS EA 134 -36.73 9.95 11.85
CA HIS EA 134 -37.75 10.58 11.01
C HIS EA 134 -37.12 11.18 9.77
N GLU EA 135 -37.97 11.69 8.86
CA GLU EA 135 -37.49 12.26 7.61
C GLU EA 135 -37.79 13.76 7.40
N GLY EA 136 -38.03 14.53 8.44
CA GLY EA 136 -38.28 15.94 8.21
C GLY EA 136 -39.15 16.63 9.24
N LEU EA 137 -38.83 17.90 9.48
CA LEU EA 137 -39.48 18.76 10.46
C LEU EA 137 -39.86 20.14 9.94
N VAL EA 138 -41.12 20.52 10.17
CA VAL EA 138 -41.65 21.84 9.83
C VAL EA 138 -42.17 22.54 11.09
N ILE EA 139 -41.82 23.81 11.28
CA ILE EA 139 -42.24 24.54 12.47
C ILE EA 139 -43.28 25.61 12.16
N GLN EA 140 -44.43 25.54 12.83
CA GLN EA 140 -45.52 26.48 12.64
C GLN EA 140 -45.81 27.34 13.87
N ASN EA 141 -45.77 28.65 13.70
CA ASN EA 141 -46.05 29.60 14.78
C ASN EA 141 -46.69 30.84 14.17
N GLU EA 142 -48.01 30.91 14.22
CA GLU EA 142 -48.73 31.98 13.56
C GLU EA 142 -49.34 32.94 14.57
N SER FA 2 -54.58 5.53 37.97
CA SER FA 2 -54.27 6.91 37.67
C SER FA 2 -52.89 7.27 38.11
N TYR FA 3 -52.23 6.30 38.69
CA TYR FA 3 -50.90 6.48 39.20
C TYR FA 3 -49.92 5.51 38.54
N PRO FA 4 -48.68 5.93 38.33
CA PRO FA 4 -47.60 5.11 37.78
C PRO FA 4 -47.07 4.11 38.80
N LEU FA 5 -46.37 3.10 38.31
CA LEU FA 5 -45.72 2.09 39.14
C LEU FA 5 -44.41 2.61 39.76
N SER FA 6 -44.08 2.11 40.96
CA SER FA 6 -42.81 2.40 41.63
C SER FA 6 -41.74 1.43 41.14
N LYS FA 7 -40.48 1.61 41.56
CA LYS FA 7 -39.37 0.79 41.06
C LYS FA 7 -38.63 -0.05 42.12
N PHE FA 8 -39.17 -0.24 43.33
CA PHE FA 8 -38.39 -0.99 44.33
C PHE FA 8 -38.88 -2.39 44.73
N HIS FA 9 -40.02 -2.85 44.26
CA HIS FA 9 -40.50 -4.19 44.64
C HIS FA 9 -40.48 -5.12 43.42
N PHE FA 10 -39.53 -6.06 43.41
CA PHE FA 10 -39.30 -6.93 42.24
C PHE FA 10 -38.63 -8.24 42.63
N SER FA 11 -38.61 -9.21 41.70
CA SER FA 11 -37.91 -10.47 41.90
C SER FA 11 -37.25 -11.03 40.64
N VAL FA 12 -36.19 -11.84 40.82
CA VAL FA 12 -35.47 -12.42 39.68
C VAL FA 12 -35.31 -13.94 39.77
N GLU FA 13 -35.80 -14.66 38.77
CA GLU FA 13 -35.65 -16.12 38.71
C GLU FA 13 -34.54 -16.51 37.74
N TRP FA 14 -33.44 -17.01 38.29
CA TRP FA 14 -32.26 -17.29 37.51
C TRP FA 14 -31.69 -18.70 37.71
N GLY FA 15 -32.42 -19.60 38.35
CA GLY FA 15 -31.92 -20.94 38.62
C GLY FA 15 -31.14 -21.08 39.92
N GLY FA 16 -30.94 -20.01 40.65
CA GLY FA 16 -30.26 -20.06 41.94
C GLY FA 16 -31.20 -20.31 43.10
N THR FA 17 -30.64 -20.49 44.28
CA THR FA 17 -31.46 -20.65 45.49
C THR FA 17 -32.29 -19.42 45.92
N LYS FA 18 -31.78 -18.20 45.75
CA LYS FA 18 -32.46 -16.97 46.15
C LYS FA 18 -32.97 -16.11 44.99
N ILE FA 19 -34.00 -15.31 45.22
CA ILE FA 19 -34.54 -14.41 44.19
C ILE FA 19 -34.42 -12.93 44.52
N GLY FA 20 -33.78 -12.58 45.64
CA GLY FA 20 -33.62 -11.21 46.04
C GLY FA 20 -32.32 -10.57 45.56
N PHE FA 21 -32.45 -9.40 44.96
CA PHE FA 21 -31.33 -8.64 44.42
C PHE FA 21 -31.39 -7.20 44.85
N THR FA 22 -30.22 -6.57 44.89
CA THR FA 22 -30.08 -5.16 45.19
C THR FA 22 -30.32 -4.30 43.97
N GLU FA 23 -29.79 -4.71 42.83
CA GLU FA 23 -29.87 -3.91 41.62
C GLU FA 23 -29.94 -4.74 40.34
N VAL FA 24 -30.78 -4.30 39.39
CA VAL FA 24 -30.92 -4.91 38.06
C VAL FA 24 -30.86 -3.82 36.98
N SER FA 25 -30.01 -3.99 35.96
CA SER FA 25 -29.97 -3.00 34.88
C SER FA 25 -29.58 -3.58 33.50
N GLY FA 26 -29.91 -2.83 32.42
CA GLY FA 26 -29.55 -3.22 31.05
C GLY FA 26 -30.66 -3.83 30.17
N LEU FA 27 -31.92 -3.73 30.57
CA LEU FA 27 -33.03 -4.30 29.80
C LEU FA 27 -33.42 -3.45 28.57
N ASP FA 28 -32.51 -3.37 27.59
CA ASP FA 28 -32.62 -2.56 26.38
C ASP FA 28 -32.80 -3.34 25.06
N LEU FA 29 -33.39 -2.66 24.06
CA LEU FA 29 -33.60 -3.18 22.70
C LEU FA 29 -33.07 -2.15 21.69
N GLU FA 30 -32.32 -2.56 20.65
CA GLU FA 30 -31.80 -1.59 19.68
C GLU FA 30 -31.74 -2.07 18.22
N THR FA 31 -32.09 -1.19 17.28
CA THR FA 31 -32.05 -1.48 15.84
C THR FA 31 -31.17 -0.50 15.06
N GLU FA 32 -30.38 -1.01 14.10
CA GLU FA 32 -29.57 -0.21 13.17
C GLU FA 32 -30.35 0.46 12.05
N ILE FA 33 -29.82 1.56 11.54
CA ILE FA 33 -30.45 2.28 10.43
C ILE FA 33 -29.65 2.12 9.14
N ILE FA 34 -30.34 1.96 8.01
CA ILE FA 34 -29.76 2.00 6.68
C ILE FA 34 -30.25 3.25 5.95
N GLU FA 35 -29.33 4.08 5.45
CA GLU FA 35 -29.68 5.35 4.80
C GLU FA 35 -29.44 5.32 3.28
N TYR FA 36 -30.26 6.08 2.51
CA TYR FA 36 -30.11 6.15 1.04
C TYR FA 36 -30.56 7.46 0.37
N ARG FA 37 -29.83 7.91 -0.67
CA ARG FA 37 -30.28 9.03 -1.51
C ARG FA 37 -29.83 8.90 -2.97
N HIS FA 38 -30.76 8.92 -3.92
CA HIS FA 38 -30.29 8.96 -5.31
C HIS FA 38 -30.13 10.44 -5.71
N GLY FA 39 -29.22 10.67 -6.65
CA GLY FA 39 -28.81 12.00 -7.11
C GLY FA 39 -29.90 12.91 -7.66
N ALA FA 40 -30.95 12.35 -8.27
CA ALA FA 40 -32.01 13.17 -8.84
C ALA FA 40 -33.07 13.63 -7.84
N SER FA 41 -33.01 13.24 -6.58
CA SER FA 41 -34.06 13.62 -5.64
C SER FA 41 -34.10 15.14 -5.37
N PRO FA 42 -35.31 15.75 -5.36
CA PRO FA 42 -35.55 17.15 -4.95
C PRO FA 42 -35.19 17.46 -3.51
N GLU FA 43 -35.09 16.45 -2.65
CA GLU FA 43 -34.72 16.70 -1.26
C GLU FA 43 -33.25 16.40 -1.10
N TYR FA 44 -32.61 17.15 -0.22
CA TYR FA 44 -31.18 17.02 -0.03
C TYR FA 44 -30.82 16.34 1.28
N SER FA 45 -31.62 15.35 1.63
CA SER FA 45 -31.46 14.53 2.82
C SER FA 45 -31.77 13.08 2.45
N LYS FA 46 -31.50 12.16 3.36
CA LYS FA 46 -31.65 10.72 3.07
C LYS FA 46 -32.93 10.08 3.59
N ILE FA 47 -33.31 8.96 2.97
CA ILE FA 47 -34.44 8.14 3.42
C ILE FA 47 -33.93 7.03 4.31
N LYS FA 48 -34.67 6.68 5.35
CA LYS FA 48 -34.20 5.70 6.33
C LYS FA 48 -35.04 4.43 6.46
N MET FA 49 -34.38 3.28 6.65
CA MET FA 49 -35.08 2.02 6.93
C MET FA 49 -34.33 1.15 7.96
N PRO FA 50 -35.04 0.28 8.71
CA PRO FA 50 -34.45 -0.67 9.68
C PRO FA 50 -33.45 -1.67 9.12
N GLY FA 51 -32.39 -1.88 9.90
CA GLY FA 51 -31.30 -2.82 9.73
C GLY FA 51 -31.37 -3.99 10.71
N MET FA 52 -30.21 -4.53 11.05
CA MET FA 52 -30.03 -5.63 12.00
C MET FA 52 -30.24 -5.23 13.46
N GLN FA 53 -30.51 -6.21 14.32
CA GLN FA 53 -30.82 -5.92 15.72
C GLN FA 53 -29.78 -6.33 16.77
N LYS FA 54 -29.75 -5.58 17.87
CA LYS FA 54 -28.84 -5.79 19.00
C LYS FA 54 -29.54 -5.88 20.36
N PHE FA 55 -28.83 -6.50 21.32
CA PHE FA 55 -29.26 -6.55 22.71
C PHE FA 55 -28.12 -6.14 23.62
N SER FA 56 -28.43 -5.52 24.77
CA SER FA 56 -27.42 -5.16 25.76
C SER FA 56 -27.21 -6.28 26.79
N ASN FA 57 -26.06 -6.26 27.46
CA ASN FA 57 -25.81 -7.21 28.55
C ASN FA 57 -26.56 -6.79 29.80
N ILE FA 58 -26.90 -7.76 30.64
CA ILE FA 58 -27.67 -7.51 31.87
C ILE FA 58 -26.80 -7.61 33.13
N THR FA 59 -26.88 -6.60 33.98
CA THR FA 59 -26.09 -6.60 35.23
C THR FA 59 -26.96 -6.84 36.46
N LEU FA 60 -26.53 -7.78 37.31
CA LEU FA 60 -27.20 -8.11 38.57
C LEU FA 60 -26.28 -7.91 39.78
N LYS FA 61 -26.78 -7.25 40.84
CA LYS FA 61 -25.99 -6.98 42.05
C LYS FA 61 -26.67 -7.53 43.30
N ARG FA 62 -25.90 -8.15 44.20
CA ARG FA 62 -26.45 -8.74 45.45
C ARG FA 62 -25.39 -8.64 46.57
N GLY FA 63 -25.84 -8.75 47.83
CA GLY FA 63 -24.91 -8.75 48.97
C GLY FA 63 -24.31 -10.14 49.17
N THR FA 64 -23.06 -10.22 49.62
CA THR FA 64 -22.40 -11.51 49.95
C THR FA 64 -22.88 -12.11 51.27
N PHE FA 65 -23.25 -13.39 51.23
CA PHE FA 65 -23.70 -14.14 52.39
C PHE FA 65 -22.85 -15.39 52.64
N LYS FA 66 -22.79 -15.76 53.92
CA LYS FA 66 -22.10 -16.95 54.37
C LYS FA 66 -22.66 -18.20 53.69
N SER FA 67 -21.74 -19.02 53.17
CA SER FA 67 -21.99 -20.29 52.49
C SER FA 67 -22.81 -20.20 51.19
N ASP FA 68 -22.87 -19.07 50.51
CA ASP FA 68 -23.55 -19.03 49.21
C ASP FA 68 -22.52 -18.66 48.13
N ASN FA 69 -22.10 -19.64 47.34
CA ASN FA 69 -21.06 -19.45 46.32
C ASN FA 69 -21.62 -19.58 44.88
N GLU FA 70 -22.91 -19.27 44.69
CA GLU FA 70 -23.57 -19.50 43.39
C GLU FA 70 -23.04 -18.72 42.17
N TYR FA 71 -22.70 -17.44 42.30
CA TYR FA 71 -22.15 -16.72 41.16
C TYR FA 71 -20.96 -17.49 40.61
N PHE FA 72 -20.11 -17.98 41.51
CA PHE FA 72 -18.90 -18.65 41.09
C PHE FA 72 -19.23 -19.99 40.47
N GLN FA 73 -20.12 -20.75 41.09
CA GLN FA 73 -20.45 -22.07 40.61
C GLN FA 73 -21.03 -22.04 39.19
N TRP FA 74 -21.90 -21.06 38.88
CA TRP FA 74 -22.43 -20.98 37.52
C TRP FA 74 -21.31 -20.63 36.53
N TYR FA 75 -20.48 -19.64 36.88
CA TYR FA 75 -19.37 -19.20 36.03
C TYR FA 75 -18.43 -20.36 35.73
N ASN FA 76 -18.19 -21.18 36.72
CA ASN FA 76 -17.29 -22.31 36.64
C ASN FA 76 -17.84 -23.48 35.81
N THR FA 77 -19.02 -23.35 35.19
CA THR FA 77 -19.53 -24.38 34.28
C THR FA 77 -19.00 -24.19 32.87
N ILE FA 78 -18.20 -23.14 32.61
CA ILE FA 78 -17.64 -22.88 31.26
C ILE FA 78 -16.54 -23.89 30.95
N ASN FA 79 -16.60 -24.54 29.79
CA ASN FA 79 -15.60 -25.54 29.43
C ASN FA 79 -15.29 -25.41 27.95
N LEU FA 80 -14.21 -24.73 27.58
CA LEU FA 80 -13.88 -24.42 26.18
C LEU FA 80 -15.07 -23.68 25.54
N ASN FA 81 -15.86 -24.24 24.64
CA ASN FA 81 -17.03 -23.49 24.14
C ASN FA 81 -18.38 -23.86 24.81
N LYS FA 82 -18.42 -24.68 25.87
CA LYS FA 82 -19.65 -25.13 26.50
C LYS FA 82 -19.92 -24.32 27.76
N VAL FA 83 -21.20 -24.11 28.08
CA VAL FA 83 -21.62 -23.42 29.30
C VAL FA 83 -23.06 -23.79 29.57
N GLU FA 84 -23.45 -23.78 30.85
CA GLU FA 84 -24.86 -23.98 31.16
C GLU FA 84 -25.65 -22.73 30.82
N ARG FA 85 -26.62 -22.83 29.93
CA ARG FA 85 -27.43 -21.67 29.56
C ARG FA 85 -28.76 -21.72 30.29
N ARG FA 86 -29.26 -20.56 30.72
CA ARG FA 86 -30.50 -20.52 31.48
C ARG FA 86 -31.53 -19.50 30.99
N ASP FA 87 -32.78 -19.77 31.36
CA ASP FA 87 -33.88 -18.87 31.07
C ASP FA 87 -34.00 -17.94 32.26
N LEU FA 88 -33.91 -16.64 32.01
CA LEU FA 88 -33.94 -15.62 33.04
C LEU FA 88 -35.28 -14.87 33.06
N THR FA 89 -35.98 -14.88 34.20
CA THR FA 89 -37.26 -14.16 34.26
C THR FA 89 -37.24 -13.06 35.32
N ILE FA 90 -37.48 -11.84 34.87
CA ILE FA 90 -37.45 -10.67 35.76
C ILE FA 90 -38.84 -10.07 35.89
N SER FA 91 -39.28 -9.87 37.12
CA SER FA 91 -40.65 -9.38 37.32
C SER FA 91 -40.86 -8.28 38.36
N LEU FA 92 -41.64 -7.27 37.96
CA LEU FA 92 -42.05 -6.14 38.80
C LEU FA 92 -43.38 -6.52 39.48
N LEU FA 93 -43.43 -6.41 40.79
CA LEU FA 93 -44.55 -6.92 41.60
C LEU FA 93 -45.57 -5.89 42.14
N ASN FA 94 -46.81 -6.36 42.36
CA ASN FA 94 -47.88 -5.58 43.00
C ASN FA 94 -47.93 -5.80 44.52
N GLU FA 95 -48.94 -5.24 45.18
CA GLU FA 95 -49.10 -5.33 46.63
C GLU FA 95 -49.46 -6.73 47.16
N GLU FA 96 -49.84 -7.65 46.28
CA GLU FA 96 -50.12 -9.03 46.66
C GLU FA 96 -48.91 -9.90 46.40
N HIS FA 97 -47.83 -9.27 45.94
CA HIS FA 97 -46.56 -9.86 45.54
C HIS FA 97 -46.70 -10.70 44.28
N GLU FA 98 -47.58 -10.30 43.36
CA GLU FA 98 -47.80 -10.95 42.08
C GLU FA 98 -47.20 -10.11 40.96
N PRO FA 99 -46.77 -10.73 39.85
CA PRO FA 99 -46.26 -10.03 38.67
C PRO FA 99 -47.21 -9.04 38.02
N VAL FA 100 -46.65 -7.94 37.57
CA VAL FA 100 -47.33 -6.90 36.82
C VAL FA 100 -46.66 -6.74 35.47
N VAL FA 101 -45.33 -6.56 35.49
CA VAL FA 101 -44.54 -6.39 34.26
C VAL FA 101 -43.45 -7.44 34.23
N THR FA 102 -43.39 -8.22 33.15
CA THR FA 102 -42.36 -9.27 33.07
C THR FA 102 -41.43 -9.12 31.86
N TRP FA 103 -40.15 -9.27 32.13
CA TRP FA 103 -39.10 -9.28 31.11
C TRP FA 103 -38.59 -10.72 30.95
N LYS FA 104 -38.76 -11.27 29.77
CA LYS FA 104 -38.36 -12.65 29.49
C LYS FA 104 -37.07 -12.73 28.68
N VAL FA 105 -36.04 -13.35 29.24
CA VAL FA 105 -34.72 -13.41 28.59
C VAL FA 105 -34.28 -14.84 28.24
N LYS FA 106 -33.94 -15.02 26.97
CA LYS FA 106 -33.52 -16.28 26.35
C LYS FA 106 -31.99 -16.56 26.38
N ASN FA 107 -31.62 -17.81 26.67
CA ASN FA 107 -30.23 -18.30 26.57
C ASN FA 107 -29.10 -17.54 27.29
N ALA FA 108 -29.30 -17.09 28.52
CA ALA FA 108 -28.28 -16.34 29.25
C ALA FA 108 -27.15 -17.19 29.84
N TRP FA 109 -25.96 -16.60 29.94
CA TRP FA 109 -24.78 -17.19 30.59
C TRP FA 109 -23.87 -16.03 31.03
N PRO FA 110 -22.98 -16.25 32.01
CA PRO FA 110 -22.13 -15.15 32.54
C PRO FA 110 -20.77 -14.79 31.91
N LEU FA 111 -20.63 -13.57 31.41
CA LEU FA 111 -19.36 -13.05 30.91
C LEU FA 111 -18.38 -12.73 32.01
N LYS FA 112 -18.87 -12.16 33.10
CA LYS FA 112 -17.97 -11.86 34.18
C LYS FA 112 -18.58 -11.77 35.57
N VAL FA 113 -17.75 -12.14 36.54
CA VAL FA 113 -18.09 -12.13 37.94
C VAL FA 113 -17.11 -11.20 38.66
N GLN FA 114 -17.64 -10.15 39.32
CA GLN FA 114 -16.80 -9.18 40.04
C GLN FA 114 -16.99 -9.24 41.56
N SER FA 115 -15.89 -9.40 42.27
CA SER FA 115 -15.84 -9.42 43.72
C SER FA 115 -15.68 -8.01 44.30
N THR FA 116 -15.92 -7.94 45.61
CA THR FA 116 -15.80 -6.77 46.48
C THR FA 116 -14.36 -6.28 46.76
N ASP FA 117 -14.23 -4.98 46.96
CA ASP FA 117 -12.99 -4.39 47.42
C ASP FA 117 -12.95 -4.45 48.96
N LEU FA 118 -11.78 -4.34 49.58
CA LEU FA 118 -11.68 -4.37 51.02
C LEU FA 118 -11.04 -3.10 51.53
N LYS FA 119 -11.60 -2.50 52.58
CA LYS FA 119 -11.04 -1.27 53.16
C LYS FA 119 -11.03 -1.30 54.69
N GLY FA 120 -9.95 -0.79 55.28
CA GLY FA 120 -9.80 -0.73 56.74
C GLY FA 120 -10.87 0.10 57.43
N ASP FA 121 -11.35 1.13 56.77
CA ASP FA 121 -12.41 2.01 57.26
C ASP FA 121 -13.68 1.87 56.42
N GLY FA 122 -13.83 0.74 55.75
CA GLY FA 122 -14.96 0.46 54.89
C GLY FA 122 -16.20 0.04 55.63
N ASN FA 123 -16.86 0.99 56.28
CA ASN FA 123 -18.06 0.70 57.06
C ASN FA 123 -19.29 0.51 56.17
N GLU FA 124 -19.30 -0.61 55.41
CA GLU FA 124 -20.42 -0.91 54.52
C GLU FA 124 -20.51 -2.41 54.12
N VAL FA 125 -21.59 -2.74 53.40
CA VAL FA 125 -21.90 -4.11 52.99
C VAL FA 125 -21.07 -4.53 51.79
N ALA FA 126 -20.53 -5.73 51.85
CA ALA FA 126 -19.79 -6.28 50.73
C ALA FA 126 -20.75 -6.73 49.61
N ILE FA 127 -20.68 -6.09 48.44
CA ILE FA 127 -21.58 -6.35 47.30
C ILE FA 127 -20.87 -7.00 46.11
N GLU FA 128 -21.35 -8.16 45.69
CA GLU FA 128 -20.82 -8.84 44.51
C GLU FA 128 -21.74 -8.63 43.31
N SER FA 129 -21.17 -8.71 42.09
CA SER FA 129 -21.97 -8.54 40.88
C SER FA 129 -21.61 -9.44 39.71
N MET FA 130 -22.59 -9.62 38.82
CA MET FA 130 -22.46 -10.45 37.63
C MET FA 130 -23.01 -9.80 36.35
N GLU FA 131 -22.31 -10.03 35.23
CA GLU FA 131 -22.75 -9.54 33.92
C GLU FA 131 -23.11 -10.70 32.98
N LEU FA 132 -24.33 -10.66 32.44
CA LEU FA 132 -24.86 -11.72 31.57
C LEU FA 132 -25.07 -11.39 30.09
N ALA FA 133 -24.67 -12.31 29.25
CA ALA FA 133 -24.92 -12.29 27.81
C ALA FA 133 -26.22 -13.02 27.56
N HIS FA 134 -26.94 -12.66 26.50
CA HIS FA 134 -28.18 -13.38 26.19
C HIS FA 134 -28.51 -13.23 24.71
N GLU FA 135 -29.56 -13.94 24.26
CA GLU FA 135 -29.96 -13.92 22.85
C GLU FA 135 -31.38 -13.36 22.57
N GLY FA 136 -31.95 -12.56 23.46
CA GLY FA 136 -33.27 -12.03 23.15
C GLY FA 136 -34.14 -11.71 24.34
N LEU FA 137 -34.94 -10.65 24.17
CA LEU FA 137 -35.82 -10.11 25.20
C LEU FA 137 -37.24 -9.81 24.70
N VAL FA 138 -38.23 -10.31 25.45
CA VAL FA 138 -39.64 -10.08 25.20
C VAL FA 138 -40.28 -9.40 26.42
N ILE FA 139 -41.07 -8.35 26.20
CA ILE FA 139 -41.69 -7.62 27.31
C ILE FA 139 -43.20 -7.85 27.37
N GLN FA 140 -43.69 -8.31 28.52
CA GLN FA 140 -45.10 -8.59 28.73
C GLN FA 140 -45.75 -7.69 29.79
N ASN FA 141 -46.80 -6.99 29.39
CA ASN FA 141 -47.54 -6.10 30.30
C ASN FA 141 -49.01 -6.11 29.89
N GLU FA 142 -49.80 -6.92 30.56
CA GLU FA 142 -51.19 -7.10 30.18
C GLU FA 142 -52.14 -6.45 31.18
N SER GA 2 -29.13 -14.18 58.33
CA SER GA 2 -30.11 -13.32 57.69
C SER GA 2 -29.53 -11.99 57.33
N TYR GA 3 -28.28 -11.84 57.66
CA TYR GA 3 -27.58 -10.60 57.43
C TYR GA 3 -26.35 -10.84 56.54
N PRO GA 4 -26.01 -9.88 55.68
CA PRO GA 4 -24.83 -9.91 54.82
C PRO GA 4 -23.55 -9.63 55.60
N LEU GA 5 -22.42 -9.99 55.00
CA LEU GA 5 -21.10 -9.74 55.56
C LEU GA 5 -20.66 -8.28 55.35
N SER GA 6 -19.87 -7.76 56.31
CA SER GA 6 -19.25 -6.43 56.21
C SER GA 6 -17.95 -6.53 55.43
N LYS GA 7 -17.31 -5.38 55.15
CA LYS GA 7 -16.10 -5.38 54.30
C LYS GA 7 -14.83 -4.85 54.98
N PHE GA 8 -14.77 -4.71 56.32
CA PHE GA 8 -13.55 -4.14 56.93
C PHE GA 8 -12.64 -5.08 57.72
N HIS GA 9 -12.99 -6.33 57.97
CA HIS GA 9 -12.13 -7.22 58.74
C HIS GA 9 -11.58 -8.33 57.85
N PHE GA 10 -10.28 -8.26 57.53
CA PHE GA 10 -9.66 -9.16 56.57
C PHE GA 10 -8.16 -9.29 56.79
N SER GA 11 -7.54 -10.29 56.15
CA SER GA 11 -6.08 -10.45 56.19
C SER GA 11 -5.47 -10.96 54.88
N VAL GA 12 -4.19 -10.63 54.65
CA VAL GA 12 -3.50 -11.04 53.42
C VAL GA 12 -2.18 -11.77 53.67
N GLU GA 13 -2.05 -12.99 53.17
CA GLU GA 13 -0.81 -13.75 53.29
C GLU GA 13 -0.03 -13.73 51.98
N TRP GA 14 1.09 -13.02 51.99
CA TRP GA 14 1.88 -12.79 50.79
C TRP GA 14 3.36 -13.13 50.92
N GLY GA 15 3.77 -13.81 51.98
CA GLY GA 15 5.18 -14.12 52.18
C GLY GA 15 5.97 -13.05 52.93
N GLY GA 16 5.33 -11.94 53.29
CA GLY GA 16 5.99 -10.90 54.05
C GLY GA 16 5.86 -11.10 55.55
N THR GA 17 6.52 -10.24 56.33
CA THR GA 17 6.39 -10.29 57.80
C THR GA 17 5.00 -9.92 58.35
N LYS GA 18 4.29 -8.97 57.75
CA LYS GA 18 2.98 -8.51 58.23
C LYS GA 18 1.80 -8.93 57.34
N ILE GA 19 0.60 -9.02 57.91
CA ILE GA 19 -0.60 -9.38 57.14
C ILE GA 19 -1.67 -8.29 57.12
N GLY GA 20 -1.39 -7.13 57.70
CA GLY GA 20 -2.33 -6.02 57.74
C GLY GA 20 -2.18 -5.05 56.58
N PHE GA 21 -3.29 -4.76 55.94
CA PHE GA 21 -3.35 -3.85 54.80
C PHE GA 21 -4.47 -2.84 54.96
N THR GA 22 -4.29 -1.70 54.32
CA THR GA 22 -5.30 -0.66 54.27
C THR GA 22 -6.34 -0.91 53.19
N GLU GA 23 -5.89 -1.36 52.03
CA GLU GA 23 -6.80 -1.55 50.90
C GLU GA 23 -6.39 -2.69 49.98
N VAL GA 24 -7.38 -3.46 49.52
CA VAL GA 24 -7.21 -4.55 48.55
C VAL GA 24 -8.24 -4.41 47.41
N SER GA 25 -7.78 -4.45 46.14
CA SER GA 25 -8.74 -4.38 45.03
C SER GA 25 -8.29 -5.13 43.76
N GLY GA 26 -9.26 -5.45 42.87
CA GLY GA 26 -8.99 -6.11 41.59
C GLY GA 26 -9.28 -7.61 41.48
N LEU GA 27 -10.02 -8.19 42.42
CA LEU GA 27 -10.32 -9.62 42.40
C LEU GA 27 -11.44 -9.99 41.41
N ASP GA 28 -11.14 -9.82 40.12
CA ASP GA 28 -12.07 -10.03 38.99
C ASP GA 28 -11.77 -11.23 38.08
N LEU GA 29 -12.82 -11.73 37.41
CA LEU GA 29 -12.76 -12.82 36.42
C LEU GA 29 -13.45 -12.38 35.13
N GLU GA 30 -12.87 -12.64 33.94
CA GLU GA 30 -13.53 -12.21 32.70
C GLU GA 30 -13.35 -13.16 31.50
N THR GA 31 -14.42 -13.35 30.72
CA THR GA 31 -14.41 -14.19 29.52
C THR GA 31 -14.83 -13.42 28.25
N GLU GA 32 -14.13 -13.67 27.13
CA GLU GA 32 -14.48 -13.14 25.82
C GLU GA 32 -15.65 -13.81 25.12
N ILE GA 33 -16.32 -13.08 24.24
CA ILE GA 33 -17.45 -13.63 23.48
C ILE GA 33 -17.08 -13.83 22.01
N ILE GA 34 -17.54 -14.91 21.41
CA ILE GA 34 -17.47 -15.17 19.98
C ILE GA 34 -18.88 -15.13 19.39
N GLU GA 35 -19.10 -14.29 18.37
CA GLU GA 35 -20.43 -14.12 17.77
C GLU GA 35 -20.54 -14.72 16.36
N TYR GA 36 -21.74 -15.20 15.99
CA TYR GA 36 -21.97 -15.78 14.64
C TYR GA 36 -23.40 -15.65 14.07
N ARG GA 37 -23.51 -15.42 12.74
CA ARG GA 37 -24.81 -15.48 12.05
C ARG GA 37 -24.70 -15.98 10.61
N HIS GA 38 -25.41 -17.05 10.26
CA HIS GA 38 -25.41 -17.38 8.83
C HIS GA 38 -26.58 -16.64 8.16
N GLY GA 39 -26.41 -16.36 6.87
CA GLY GA 39 -27.32 -15.56 6.06
C GLY GA 39 -28.76 -16.01 5.96
N ALA GA 40 -29.02 -17.32 6.05
CA ALA GA 40 -30.38 -17.83 5.95
C ALA GA 40 -31.19 -17.78 7.25
N SER GA 41 -30.61 -17.35 8.37
CA SER GA 41 -31.37 -17.35 9.62
C SER GA 41 -32.57 -16.38 9.61
N PRO GA 42 -33.75 -16.82 10.12
CA PRO GA 42 -34.93 -15.98 10.36
C PRO GA 42 -34.74 -14.85 11.36
N GLU GA 43 -33.71 -14.94 12.21
CA GLU GA 43 -33.46 -13.89 13.17
C GLU GA 43 -32.35 -13.01 12.64
N TYR GA 44 -32.44 -11.74 12.95
CA TYR GA 44 -31.48 -10.77 12.43
C TYR GA 44 -30.51 -10.29 13.49
N SER GA 45 -30.10 -11.22 14.35
CA SER GA 45 -29.16 -10.99 15.42
C SER GA 45 -28.24 -12.20 15.50
N LYS GA 46 -27.18 -12.12 16.30
CA LYS GA 46 -26.17 -13.18 16.37
C LYS GA 46 -26.30 -14.13 17.56
N ILE GA 47 -25.71 -15.33 17.39
CA ILE GA 47 -25.64 -16.32 18.47
C ILE GA 47 -24.29 -16.18 19.15
N LYS GA 48 -24.26 -16.36 20.47
CA LYS GA 48 -23.03 -16.13 21.24
C LYS GA 48 -22.47 -17.36 21.98
N MET GA 49 -21.14 -17.49 22.01
CA MET GA 49 -20.49 -18.53 22.80
C MET GA 49 -19.18 -18.03 23.46
N PRO GA 50 -18.76 -18.62 24.59
CA PRO GA 50 -17.50 -18.33 25.29
C PRO GA 50 -16.21 -18.50 24.49
N GLY GA 51 -15.31 -17.54 24.67
CA GLY GA 51 -13.96 -17.45 24.14
C GLY GA 51 -12.90 -17.69 25.21
N MET GA 52 -11.74 -17.07 25.03
CA MET GA 52 -10.59 -17.12 25.93
C MET GA 52 -10.79 -16.31 27.23
N GLN GA 53 -10.00 -16.63 28.25
CA GLN GA 53 -10.17 -15.99 29.56
C GLN GA 53 -9.07 -15.01 30.00
N LYS GA 54 -9.45 -14.03 30.81
CA LYS GA 54 -8.57 -13.00 31.36
C LYS GA 54 -8.68 -12.84 32.88
N PHE GA 55 -7.61 -12.28 33.46
CA PHE GA 55 -7.59 -11.90 34.86
C PHE GA 55 -7.09 -10.46 35.02
N SER GA 56 -7.57 -9.76 36.05
CA SER GA 56 -7.11 -8.40 36.35
C SER GA 56 -5.93 -8.39 37.32
N ASN GA 57 -5.16 -7.30 37.32
CA ASN GA 57 -4.08 -7.16 38.28
C ASN GA 57 -4.63 -6.80 39.66
N ILE GA 58 -3.90 -7.17 40.70
CA ILE GA 58 -4.32 -6.93 42.08
C ILE GA 58 -3.53 -5.79 42.74
N THR GA 59 -4.24 -4.85 43.36
CA THR GA 59 -3.58 -3.73 44.04
C THR GA 59 -3.66 -3.83 45.56
N LEU GA 60 -2.52 -3.67 46.22
CA LEU GA 60 -2.43 -3.69 47.68
C LEU GA 60 -1.85 -2.38 48.23
N LYS GA 61 -2.48 -1.81 49.27
CA LYS GA 61 -2.04 -0.53 49.87
C LYS GA 61 -1.78 -0.69 51.37
N ARG GA 62 -0.68 -0.10 51.88
CA ARG GA 62 -0.31 -0.19 53.30
C ARG GA 62 0.40 1.11 53.73
N GLY GA 63 0.45 1.37 55.05
CA GLY GA 63 1.18 2.54 55.57
C GLY GA 63 2.67 2.23 55.67
N THR GA 64 3.53 3.23 55.45
CA THR GA 64 4.99 3.08 55.63
C THR GA 64 5.44 3.08 57.10
N PHE GA 65 6.24 2.08 57.45
CA PHE GA 65 6.79 1.92 58.79
C PHE GA 65 8.31 1.88 58.80
N LYS GA 66 8.87 2.33 59.92
CA LYS GA 66 10.30 2.32 60.17
C LYS GA 66 10.86 0.91 60.06
N SER GA 67 11.96 0.79 59.32
CA SER GA 67 12.71 -0.43 59.06
C SER GA 67 11.95 -1.55 58.34
N ASP GA 68 10.89 -1.28 57.61
CA ASP GA 68 10.24 -2.34 56.81
C ASP GA 68 10.36 -1.97 55.33
N ASN GA 69 11.25 -2.64 54.61
CA ASN GA 69 11.51 -2.35 53.20
C ASN GA 69 11.05 -3.50 52.26
N GLU GA 70 10.03 -4.26 52.67
CA GLU GA 70 9.61 -5.47 51.93
C GLU GA 70 9.08 -5.26 50.49
N TYR GA 71 8.27 -4.24 50.22
CA TYR GA 71 7.81 -4.03 48.86
C TYR GA 71 9.02 -3.95 47.94
N PHE GA 72 10.05 -3.25 48.37
CA PHE GA 72 11.21 -3.04 47.53
C PHE GA 72 11.98 -4.32 47.37
N GLN GA 73 12.20 -5.03 48.48
CA GLN GA 73 12.99 -6.25 48.44
C GLN GA 73 12.39 -7.31 47.52
N TRP GA 74 11.05 -7.47 47.51
CA TRP GA 74 10.45 -8.43 46.59
C TRP GA 74 10.64 -7.98 45.13
N TYR GA 75 10.37 -6.70 44.86
CA TYR GA 75 10.52 -6.14 43.52
C TYR GA 75 11.93 -6.33 43.00
N ASN GA 76 12.90 -6.15 43.87
CA ASN GA 76 14.31 -6.24 43.54
C ASN GA 76 14.79 -7.69 43.30
N THR GA 77 13.90 -8.69 43.33
CA THR GA 77 14.28 -10.06 42.97
C THR GA 77 14.19 -10.29 41.46
N ILE GA 78 13.76 -9.30 40.68
CA ILE GA 78 13.64 -9.44 39.22
C ILE GA 78 15.03 -9.45 38.57
N ASN GA 79 15.32 -10.42 37.71
CA ASN GA 79 16.63 -10.52 37.09
C ASN GA 79 16.44 -10.95 35.63
N LEU GA 80 16.45 -10.05 34.68
CA LEU GA 80 16.15 -10.32 33.26
C LEU GA 80 14.76 -10.99 33.19
N ASN GA 81 14.61 -12.28 32.89
CA ASN GA 81 13.26 -12.86 32.91
C ASN GA 81 12.90 -13.63 34.22
N LYS GA 82 13.71 -13.61 35.28
CA LYS GA 82 13.47 -14.37 36.51
C LYS GA 82 12.90 -13.47 37.58
N VAL GA 83 12.04 -14.04 38.43
CA VAL GA 83 11.46 -13.31 39.56
C VAL GA 83 10.98 -14.33 40.58
N GLU GA 84 10.97 -13.97 41.85
CA GLU GA 84 10.38 -14.86 42.84
C GLU GA 84 8.85 -14.83 42.74
N ARG GA 85 8.23 -15.96 42.45
CA ARG GA 85 6.78 -16.00 42.35
C ARG GA 85 6.18 -16.55 43.64
N ARG GA 86 5.04 -16.01 44.05
CA ARG GA 86 4.43 -16.44 45.31
C ARG GA 86 2.94 -16.77 45.22
N ASP GA 87 2.50 -17.57 46.20
CA ASP GA 87 1.10 -17.92 46.33
C ASP GA 87 0.50 -16.88 47.26
N LEU GA 88 -0.54 -16.20 46.79
CA LEU GA 88 -1.21 -15.12 47.51
C LEU GA 88 -2.57 -15.56 48.06
N THR GA 89 -2.76 -15.48 49.38
CA THR GA 89 -4.06 -15.88 49.94
C THR GA 89 -4.75 -14.71 50.65
N ILE GA 90 -5.94 -14.38 50.19
CA ILE GA 90 -6.70 -13.27 50.73
C ILE GA 90 -7.96 -13.77 51.43
N SER GA 91 -8.17 -13.33 52.67
CA SER GA 91 -9.31 -13.87 53.42
C SER GA 91 -10.13 -12.88 54.24
N LEU GA 92 -11.45 -13.00 54.12
CA LEU GA 92 -12.45 -12.22 54.84
C LEU GA 92 -12.80 -12.97 56.14
N LEU GA 93 -12.70 -12.30 57.27
CA LEU GA 93 -12.78 -12.93 58.60
C LEU GA 93 -14.09 -12.74 59.39
N ASN GA 94 -14.38 -13.73 60.26
CA ASN GA 94 -15.51 -13.67 61.20
C ASN GA 94 -15.10 -13.08 62.56
N GLU GA 95 -16.02 -13.10 63.52
CA GLU GA 95 -15.79 -12.56 64.87
C GLU GA 95 -14.78 -13.33 65.72
N GLU GA 96 -14.41 -14.53 65.32
CA GLU GA 96 -13.39 -15.33 66.00
C GLU GA 96 -12.05 -15.17 65.33
N HIS GA 97 -12.02 -14.31 64.30
CA HIS GA 97 -10.89 -14.02 63.44
C HIS GA 97 -10.50 -15.21 62.56
N GLU GA 98 -11.50 -16.00 62.14
CA GLU GA 98 -11.33 -17.15 61.27
C GLU GA 98 -11.84 -16.81 59.88
N PRO GA 99 -11.29 -17.42 58.82
CA PRO GA 99 -11.76 -17.27 57.44
C PRO GA 99 -13.21 -17.64 57.20
N VAL GA 100 -13.85 -16.87 56.34
CA VAL GA 100 -15.21 -17.07 55.86
C VAL GA 100 -15.18 -17.20 54.36
N VAL GA 101 -14.56 -16.23 53.68
CA VAL GA 101 -14.46 -16.21 52.23
C VAL GA 101 -12.99 -16.10 51.83
N THR GA 102 -12.52 -17.04 51.01
CA THR GA 102 -11.12 -17.01 50.61
C THR GA 102 -10.90 -16.91 49.10
N TRP GA 103 -10.00 -16.02 48.72
CA TRP GA 103 -9.57 -15.83 47.35
C TRP GA 103 -8.16 -16.39 47.19
N LYS GA 104 -8.00 -17.41 46.36
CA LYS GA 104 -6.72 -18.06 46.16
C LYS GA 104 -6.06 -17.66 44.84
N VAL GA 105 -4.87 -17.06 44.92
CA VAL GA 105 -4.18 -16.54 43.73
C VAL GA 105 -2.84 -17.25 43.44
N LYS GA 106 -2.73 -17.75 42.22
CA LYS GA 106 -1.57 -18.49 41.69
C LYS GA 106 -0.48 -17.64 41.03
N ASN GA 107 0.79 -17.96 41.30
CA ASN GA 107 1.97 -17.38 40.61
C ASN GA 107 2.12 -15.85 40.54
N ALA GA 108 1.86 -15.13 41.62
CA ALA GA 108 1.97 -13.66 41.62
C ALA GA 108 3.39 -13.12 41.71
N TRP GA 109 3.61 -11.95 41.10
CA TRP GA 109 4.87 -11.20 41.18
C TRP GA 109 4.54 -9.72 40.92
N PRO GA 110 5.40 -8.78 41.37
CA PRO GA 110 5.09 -7.33 41.21
C PRO GA 110 5.46 -6.53 39.95
N LEU GA 111 4.48 -5.99 39.25
CA LEU GA 111 4.70 -5.11 38.11
C LEU GA 111 5.19 -3.74 38.51
N LYS GA 112 4.66 -3.21 39.60
CA LYS GA 112 5.10 -1.91 40.03
C LYS GA 112 4.93 -1.57 41.50
N VAL GA 113 5.87 -0.77 41.98
CA VAL GA 113 5.89 -0.30 43.35
C VAL GA 113 5.83 1.22 43.32
N GLN GA 114 4.81 1.80 43.98
CA GLN GA 114 4.63 3.26 44.02
C GLN GA 114 4.82 3.84 45.43
N SER GA 115 5.72 4.82 45.52
CA SER GA 115 5.99 5.55 46.75
C SER GA 115 5.07 6.75 46.93
N THR GA 116 5.10 7.27 48.14
CA THR GA 116 4.37 8.44 48.63
C THR GA 116 4.85 9.81 48.10
N ASP GA 117 3.91 10.74 47.97
CA ASP GA 117 4.23 12.13 47.66
C ASP GA 117 4.57 12.87 48.98
N LEU GA 118 5.25 14.00 48.91
CA LEU GA 118 5.57 14.76 50.11
C LEU GA 118 5.02 16.16 50.01
N LYS GA 119 4.40 16.64 51.09
CA LYS GA 119 3.83 17.99 51.09
C LYS GA 119 4.11 18.73 52.41
N GLY GA 120 4.43 20.03 52.29
CA GLY GA 120 4.71 20.88 53.46
C GLY GA 120 3.55 20.99 54.44
N ASP GA 121 2.34 20.94 53.93
CA ASP GA 121 1.11 20.98 54.72
C ASP GA 121 0.35 19.66 54.66
N GLY GA 122 1.07 18.58 54.35
CA GLY GA 122 0.50 17.26 54.22
C GLY GA 122 0.25 16.55 55.53
N ASN GA 123 -0.78 16.99 56.24
CA ASN GA 123 -1.10 16.41 57.55
C ASN GA 123 -1.80 15.06 57.42
N GLU GA 124 -1.04 14.05 56.96
CA GLU GA 124 -1.59 12.69 56.81
C GLU GA 124 -0.51 11.59 56.75
N VAL GA 125 -0.99 10.34 56.73
CA VAL GA 125 -0.14 9.15 56.75
C VAL GA 125 0.47 8.87 55.39
N ALA GA 126 1.76 8.55 55.37
CA ALA GA 126 2.43 8.18 54.14
C ALA GA 126 2.05 6.75 53.75
N ILE GA 127 1.37 6.59 52.59
CA ILE GA 127 0.88 5.29 52.11
C ILE GA 127 1.60 4.80 50.85
N GLU GA 128 2.18 3.62 50.92
CA GLU GA 128 2.82 3.00 49.76
C GLU GA 128 1.92 1.93 49.15
N SER GA 129 2.11 1.66 47.85
CA SER GA 129 1.31 0.64 47.18
C SER GA 129 2.04 -0.21 46.14
N MET GA 130 1.46 -1.40 45.90
CA MET GA 130 2.00 -2.36 44.95
C MET GA 130 0.94 -2.98 44.02
N GLU GA 131 1.33 -3.20 42.75
CA GLU GA 131 0.47 -3.85 41.77
C GLU GA 131 1.04 -5.21 41.33
N LEU GA 132 0.21 -6.26 41.45
CA LEU GA 132 0.61 -7.63 41.16
C LEU GA 132 -0.04 -8.30 39.94
N ALA GA 133 0.80 -8.98 39.17
CA ALA GA 133 0.39 -9.84 38.06
C ALA GA 133 0.18 -11.24 38.60
N HIS GA 134 -0.69 -12.03 37.99
CA HIS GA 134 -0.88 -13.41 38.45
C HIS GA 134 -1.45 -14.26 37.32
N GLU GA 135 -1.55 -15.57 37.58
CA GLU GA 135 -2.04 -16.52 36.56
C GLU GA 135 -3.34 -17.26 36.93
N GLY GA 136 -4.17 -16.75 37.83
CA GLY GA 136 -5.40 -17.46 38.12
C GLY GA 136 -5.94 -17.27 39.52
N LEU GA 137 -7.28 -17.27 39.60
CA LEU GA 137 -8.04 -17.04 40.81
C LEU GA 137 -9.17 -18.04 41.03
N VAL GA 138 -9.21 -18.61 42.23
CA VAL GA 138 -10.26 -19.53 42.69
C VAL GA 138 -10.95 -18.97 43.93
N ILE GA 139 -12.28 -19.00 43.95
CA ILE GA 139 -13.03 -18.45 45.08
C ILE GA 139 -13.71 -19.53 45.91
N GLN GA 140 -13.41 -19.57 47.21
CA GLN GA 140 -13.96 -20.55 48.13
C GLN GA 140 -14.87 -19.94 49.20
N ASN GA 141 -16.11 -20.42 49.27
CA ASN GA 141 -17.08 -19.95 50.26
C ASN GA 141 -17.99 -21.12 50.62
N GLU GA 142 -17.68 -21.78 51.73
CA GLU GA 142 -18.38 -22.99 52.10
C GLU GA 142 -19.28 -22.75 53.31
N SER HA 2 4.74 1.23 66.54
CA SER HA 2 3.37 0.77 66.34
C SER HA 2 2.57 1.72 65.52
N TYR HA 3 3.23 2.81 65.16
CA TYR HA 3 2.60 3.86 64.41
C TYR HA 3 3.34 4.10 63.10
N PRO HA 4 2.61 4.45 62.04
CA PRO HA 4 3.16 4.79 60.72
C PRO HA 4 3.81 6.17 60.72
N LEU HA 5 4.63 6.42 59.71
CA LEU HA 5 5.28 7.70 59.49
C LEU HA 5 4.34 8.73 58.86
N SER HA 6 4.53 10.01 59.21
CA SER HA 6 3.79 11.13 58.61
C SER HA 6 4.48 11.54 57.30
N LYS HA 7 3.88 12.48 56.56
CA LYS HA 7 4.43 12.88 55.24
C LYS HA 7 4.85 14.35 55.10
N PHE HA 8 5.00 15.12 56.20
CA PHE HA 8 5.34 16.53 56.03
C PHE HA 8 6.76 17.00 56.42
N HIS HA 9 7.59 16.16 57.01
CA HIS HA 9 8.94 16.60 57.40
C HIS HA 9 9.98 15.89 56.54
N PHE HA 10 10.62 16.62 55.63
CA PHE HA 10 11.54 16.05 54.65
C PHE HA 10 12.54 17.08 54.13
N SER HA 11 13.57 16.59 53.44
CA SER HA 11 14.55 17.47 52.79
C SER HA 11 15.08 16.95 51.45
N VAL HA 12 15.50 17.86 50.57
CA VAL HA 12 16.03 17.48 49.25
C VAL HA 12 17.41 18.06 48.94
N GLU HA 13 18.38 17.20 48.65
CA GLU HA 13 19.72 17.64 48.27
C GLU HA 13 19.92 17.52 46.76
N TRP HA 14 19.99 18.68 46.11
CA TRP HA 14 20.05 18.72 44.65
C TRP HA 14 21.19 19.57 44.09
N GLY HA 15 22.15 19.97 44.91
CA GLY HA 15 23.23 20.83 44.45
C GLY HA 15 22.97 22.32 44.52
N GLY HA 16 21.78 22.72 44.96
CA GLY HA 16 21.44 24.12 45.11
C GLY HA 16 21.78 24.64 46.49
N THR HA 17 21.61 25.95 46.69
CA THR HA 17 21.82 26.56 48.01
C THR HA 17 20.83 26.13 49.11
N LYS HA 18 19.56 25.92 48.79
CA LYS HA 18 18.52 25.54 49.76
C LYS HA 18 18.02 24.09 49.65
N ILE HA 19 17.52 23.53 50.74
CA ILE HA 19 16.98 22.16 50.73
C ILE HA 19 15.49 22.08 51.06
N GLY HA 20 14.82 23.21 51.22
CA GLY HA 20 13.41 23.24 51.54
C GLY HA 20 12.51 23.33 50.31
N PHE HA 21 11.53 22.46 50.25
CA PHE HA 21 10.57 22.38 49.15
C PHE HA 21 9.16 22.29 49.67
N THR HA 22 8.23 22.75 48.85
CA THR HA 22 6.81 22.66 49.13
C THR HA 22 6.23 21.31 48.76
N GLU HA 23 6.64 20.78 47.62
CA GLU HA 23 6.08 19.52 47.13
C GLU HA 23 7.08 18.69 46.33
N VAL HA 24 7.04 17.37 46.56
CA VAL HA 24 7.85 16.39 45.82
C VAL HA 24 6.96 15.24 45.33
N SER HA 25 7.04 14.89 44.03
CA SER HA 25 6.24 13.76 43.54
C SER HA 25 6.89 12.99 42.35
N GLY HA 26 6.44 11.74 42.13
CA GLY HA 26 6.90 10.92 41.00
C GLY HA 26 7.92 9.81 41.31
N LEU HA 27 8.12 9.46 42.56
CA LEU HA 27 9.09 8.43 42.94
C LEU HA 27 8.59 6.99 42.70
N ASP HA 28 8.39 6.65 41.42
CA ASP HA 28 7.84 5.38 40.94
C ASP HA 28 8.82 4.43 40.22
N LEU HA 29 8.50 3.13 40.24
CA LEU HA 29 9.24 2.07 39.55
C LEU HA 29 8.28 1.23 38.71
N GLU HA 30 8.61 0.89 37.45
CA GLU HA 30 7.66 0.09 36.64
C GLU HA 30 8.33 -0.93 35.68
N THR HA 31 7.74 -2.12 35.57
CA THR HA 31 8.21 -3.18 34.69
C THR HA 31 7.14 -3.64 33.67
N GLU HA 32 7.54 -3.87 32.43
CA GLU HA 32 6.70 -4.43 31.38
C GLU HA 32 6.45 -5.93 31.47
N ILE HA 33 5.32 -6.38 30.92
CA ILE HA 33 4.99 -7.80 30.91
C ILE HA 33 5.09 -8.40 29.51
N ILE HA 34 5.61 -9.62 29.41
CA ILE HA 34 5.60 -10.42 28.19
C ILE HA 34 4.68 -11.62 28.37
N GLU HA 35 3.70 -11.77 27.48
CA GLU HA 35 2.70 -12.84 27.57
C GLU HA 35 2.87 -13.95 26.52
N TYR HA 36 2.51 -15.19 26.87
CA TYR HA 36 2.61 -16.33 25.94
C TYR HA 36 1.60 -17.48 26.12
N ARG HA 37 1.12 -18.07 25.01
CA ARG HA 37 0.31 -19.31 25.07
C ARG HA 37 0.52 -20.22 23.87
N HIS HA 38 0.91 -21.47 24.09
CA HIS HA 38 0.93 -22.37 22.92
C HIS HA 38 -0.44 -23.03 22.79
N GLY HA 39 -0.79 -23.39 21.55
CA GLY HA 39 -2.10 -23.92 21.17
C GLY HA 39 -2.57 -25.19 21.88
N ALA HA 40 -1.65 -26.05 22.31
CA ALA HA 40 -2.05 -27.29 22.97
C ALA HA 40 -2.32 -27.17 24.46
N SER HA 41 -2.14 -26.00 25.07
CA SER HA 41 -2.35 -25.88 26.51
C SER HA 41 -3.82 -26.11 26.93
N PRO HA 42 -4.06 -26.88 28.01
CA PRO HA 42 -5.37 -27.07 28.66
C PRO HA 42 -5.99 -25.80 29.23
N GLU HA 43 -5.18 -24.78 29.47
CA GLU HA 43 -5.72 -23.53 29.99
C GLU HA 43 -5.88 -22.56 28.85
N TYR HA 44 -6.90 -21.73 28.94
CA TYR HA 44 -7.23 -20.81 27.88
C TYR HA 44 -6.87 -19.37 28.22
N SER HA 45 -5.75 -19.21 28.92
CA SER HA 45 -5.20 -17.94 29.33
C SER HA 45 -3.70 -17.99 29.15
N LYS HA 46 -3.02 -16.85 29.30
CA LYS HA 46 -1.58 -16.76 29.04
C LYS HA 46 -0.69 -16.81 30.27
N ILE HA 47 0.59 -17.20 30.05
CA ILE HA 47 1.61 -17.19 31.10
C ILE HA 47 2.39 -15.89 31.00
N LYS HA 48 2.76 -15.32 32.14
CA LYS HA 48 3.42 -14.01 32.16
C LYS HA 48 4.85 -13.99 32.71
N MET HA 49 5.72 -13.17 32.11
CA MET HA 49 7.07 -12.95 32.64
C MET HA 49 7.52 -11.48 32.49
N PRO HA 50 8.44 -10.99 33.34
CA PRO HA 50 9.04 -9.65 33.26
C PRO HA 50 9.78 -9.30 31.98
N GLY HA 51 9.55 -8.07 31.53
CA GLY HA 51 10.16 -7.39 30.40
C GLY HA 51 11.14 -6.30 30.84
N MET HA 52 11.27 -5.26 30.01
CA MET HA 52 12.14 -4.10 30.23
C MET HA 52 11.59 -3.13 31.30
N GLN HA 53 12.47 -2.30 31.84
CA GLN HA 53 12.08 -1.41 32.94
C GLN HA 53 12.01 0.09 32.61
N LYS HA 54 11.13 0.80 33.33
CA LYS HA 54 10.91 2.24 33.20
C LYS HA 54 10.99 3.01 34.52
N PHE HA 55 11.24 4.32 34.39
CA PHE HA 55 11.20 5.24 35.53
C PHE HA 55 10.35 6.46 35.18
N SER HA 56 9.69 7.05 36.18
CA SER HA 56 8.90 8.28 35.99
C SER HA 56 9.75 9.53 36.23
N ASN HA 57 9.31 10.66 35.67
CA ASN HA 57 9.98 11.93 35.93
C ASN HA 57 9.61 12.44 37.32
N ILE HA 58 10.51 13.23 37.92
CA ILE HA 58 10.30 13.75 39.27
C ILE HA 58 9.97 15.25 39.26
N THR HA 59 8.91 15.63 39.97
CA THR HA 59 8.50 17.04 40.04
C THR HA 59 8.79 17.67 41.41
N LEU HA 60 9.43 18.83 41.38
CA LEU HA 60 9.75 19.60 42.58
C LEU HA 60 9.12 21.01 42.56
N LYS HA 61 8.49 21.42 43.66
CA LYS HA 61 7.81 22.73 43.75
C LYS HA 61 8.35 23.55 44.92
N ARG HA 62 8.59 24.86 44.72
CA ARG HA 62 9.11 25.75 45.77
C ARG HA 62 8.55 27.16 45.57
N GLY HA 63 8.60 28.00 46.64
CA GLY HA 63 8.17 29.41 46.53
C GLY HA 63 9.29 30.25 45.94
N THR HA 64 8.95 31.28 45.16
CA THR HA 64 9.92 32.24 44.63
C THR HA 64 10.43 33.25 45.65
N PHE HA 65 11.75 33.38 45.73
CA PHE HA 65 12.43 34.30 46.64
C PHE HA 65 13.33 35.29 45.90
N LYS HA 66 13.47 36.46 46.52
CA LYS HA 66 14.34 37.52 46.02
C LYS HA 66 15.78 37.03 45.89
N SER HA 67 16.37 37.31 44.74
CA SER HA 67 17.75 36.99 44.35
C SER HA 67 18.08 35.49 44.30
N ASP HA 68 17.13 34.58 44.15
CA ASP HA 68 17.47 33.17 43.96
C ASP HA 68 17.00 32.73 42.57
N ASN HA 69 17.92 32.58 41.62
CA ASN HA 69 17.59 32.23 40.25
C ASN HA 69 18.09 30.81 39.86
N GLU HA 70 18.19 29.90 40.84
CA GLU HA 70 18.78 28.58 40.61
C GLU HA 70 18.08 27.64 39.61
N TYR HA 71 16.74 27.56 39.60
CA TYR HA 71 16.08 26.72 38.63
C TYR HA 71 16.55 27.10 37.23
N PHE HA 72 16.64 28.40 36.98
CA PHE HA 72 17.00 28.87 35.66
C PHE HA 72 18.44 28.57 35.36
N GLN HA 73 19.32 28.84 36.32
CA GLN HA 73 20.74 28.64 36.10
C GLN HA 73 21.09 27.19 35.79
N TRP HA 74 20.46 26.22 36.46
CA TRP HA 74 20.73 24.81 36.13
C TRP HA 74 20.23 24.49 34.72
N TYR HA 75 19.00 24.92 34.40
CA TYR HA 75 18.40 24.67 33.09
C TYR HA 75 19.27 25.23 31.98
N ASN HA 76 19.83 26.40 32.22
CA ASN HA 76 20.65 27.12 31.26
C ASN HA 76 22.05 26.48 31.06
N THR HA 77 22.34 25.33 31.69
CA THR HA 77 23.60 24.63 31.42
C THR HA 77 23.48 23.70 30.22
N ILE HA 78 22.30 23.60 29.60
CA ILE HA 78 22.10 22.73 28.43
C ILE HA 78 22.78 23.32 27.19
N ASN HA 79 23.58 22.53 26.48
CA ASN HA 79 24.31 23.04 25.32
C ASN HA 79 24.30 21.95 24.25
N LEU HA 80 23.41 22.01 23.27
CA LEU HA 80 23.22 20.96 22.25
C LEU HA 80 22.95 19.63 22.98
N ASN HA 81 23.85 18.65 23.01
CA ASN HA 81 23.54 17.43 23.79
C ASN HA 81 24.18 17.40 25.21
N LYS HA 82 24.81 18.46 25.72
CA LYS HA 82 25.50 18.47 27.01
C LYS HA 82 24.61 19.13 28.06
N VAL HA 83 24.74 18.66 29.30
CA VAL HA 83 24.02 19.24 30.44
C VAL HA 83 24.74 18.84 31.71
N GLU HA 84 24.66 19.66 32.75
CA GLU HA 84 25.20 19.24 34.04
C GLU HA 84 24.29 18.22 34.68
N ARG HA 85 24.80 17.02 34.94
CA ARG HA 85 23.98 15.99 35.57
C ARG HA 85 24.30 15.91 37.05
N ARG HA 86 23.28 15.69 37.87
CA ARG HA 86 23.49 15.64 39.32
C ARG HA 86 22.89 14.43 40.03
N ASP HA 87 23.44 14.16 41.21
CA ASP HA 87 22.95 13.11 42.07
C ASP HA 87 21.93 13.76 42.99
N LEU HA 88 20.71 13.23 42.98
CA LEU HA 88 19.59 13.77 43.75
C LEU HA 88 19.27 12.88 44.96
N THR HA 89 19.31 13.45 46.17
CA THR HA 89 18.99 12.64 47.35
C THR HA 89 17.78 13.20 48.11
N ILE HA 90 16.75 12.38 48.24
CA ILE HA 90 15.51 12.79 48.89
C ILE HA 90 15.32 12.01 50.19
N SER HA 91 15.07 12.72 51.28
CA SER HA 91 14.98 12.05 52.57
C SER HA 91 13.84 12.47 53.51
N LEU HA 92 13.17 11.46 54.07
CA LEU HA 92 12.08 11.62 55.05
C LEU HA 92 12.71 11.60 56.45
N LEU HA 93 12.44 12.60 57.26
CA LEU HA 93 13.12 12.83 58.55
C LEU HA 93 12.36 12.46 59.83
N ASN HA 94 13.14 12.13 60.88
CA ASN HA 94 12.60 11.88 62.23
C ASN HA 94 12.60 13.15 63.10
N GLU HA 95 12.25 13.01 64.38
CA GLU HA 95 12.17 14.13 65.32
C GLU HA 95 13.52 14.77 65.68
N GLU HA 96 14.63 14.12 65.37
CA GLU HA 96 15.96 14.67 65.58
C GLU HA 96 16.48 15.31 64.31
N HIS HA 97 15.65 15.32 63.28
CA HIS HA 97 15.90 15.82 61.94
C HIS HA 97 16.93 14.96 61.20
N GLU HA 98 16.92 13.65 61.46
CA GLU HA 98 17.80 12.68 60.82
C GLU HA 98 16.99 11.85 59.82
N PRO HA 99 17.61 11.34 58.76
CA PRO HA 99 16.99 10.45 57.78
C PRO HA 99 16.42 9.16 58.34
N VAL HA 100 15.28 8.76 57.80
CA VAL HA 100 14.59 7.52 58.09
C VAL HA 100 14.46 6.73 56.81
N VAL HA 101 13.90 7.37 55.77
CA VAL HA 101 13.71 6.73 54.47
C VAL HA 101 14.38 7.57 53.40
N THR HA 102 15.26 6.94 52.61
CA THR HA 102 15.97 7.68 51.58
C THR HA 102 15.76 7.14 50.16
N TRP HA 103 15.50 8.07 49.24
CA TRP HA 103 15.36 7.78 47.83
C TRP HA 103 16.59 8.31 47.10
N LYS HA 104 17.34 7.42 46.48
CA LYS HA 104 18.57 7.79 45.79
C LYS HA 104 18.39 7.81 44.28
N VAL HA 105 18.61 8.97 43.65
CA VAL HA 105 18.39 9.15 42.21
C VAL HA 105 19.67 9.48 41.42
N LYS HA 106 19.93 8.67 40.40
CA LYS HA 106 21.09 8.74 39.53
C LYS HA 106 20.91 9.62 38.26
N ASN HA 107 21.94 10.41 37.93
CA ASN HA 107 22.04 11.18 36.66
C ASN HA 107 20.88 12.12 36.28
N ALA HA 108 20.34 12.90 37.21
CA ALA HA 108 19.23 13.81 36.92
C ALA HA 108 19.62 15.10 36.20
N TRP HA 109 18.71 15.62 35.38
CA TRP HA 109 18.84 16.91 34.70
C TRP HA 109 17.42 17.42 34.40
N PRO HA 110 17.23 18.74 34.20
CA PRO HA 110 15.86 19.29 33.97
C PRO HA 110 15.22 19.38 32.58
N LEU HA 111 14.10 18.70 32.37
CA LEU HA 111 13.32 18.80 31.14
C LEU HA 111 12.58 20.10 31.02
N LYS HA 112 12.03 20.58 32.12
CA LYS HA 112 11.32 21.83 32.05
C LYS HA 112 11.20 22.63 33.35
N VAL HA 113 11.17 23.94 33.16
CA VAL HA 113 11.05 24.90 34.24
C VAL HA 113 9.78 25.72 33.99
N GLN HA 114 8.85 25.69 34.96
CA GLN HA 114 7.58 26.44 34.84
C GLN HA 114 7.46 27.58 35.85
N SER HA 115 7.20 28.77 35.33
CA SER HA 115 6.99 29.98 36.12
C SER HA 115 5.53 30.13 36.52
N THR HA 116 5.33 31.05 37.46
CA THR HA 116 4.06 31.49 38.05
C THR HA 116 3.15 32.32 37.13
N ASP HA 117 1.84 32.18 37.32
CA ASP HA 117 0.87 33.04 36.67
C ASP HA 117 0.69 34.32 37.50
N LEU HA 118 0.17 35.38 36.93
CA LEU HA 118 -0.05 36.62 37.66
C LEU HA 118 -1.52 37.01 37.62
N LYS HA 119 -2.08 37.40 38.76
CA LYS HA 119 -3.49 37.81 38.82
C LYS HA 119 -3.69 39.06 39.69
N GLY HA 120 -4.57 39.96 39.22
CA GLY HA 120 -4.89 41.19 39.93
C GLY HA 120 -5.46 40.98 41.32
N ASP HA 121 -6.21 39.90 41.50
CA ASP HA 121 -6.80 39.51 42.76
C ASP HA 121 -6.19 38.22 43.30
N GLY HA 122 -4.97 37.92 42.87
CA GLY HA 122 -4.26 36.72 43.26
C GLY HA 122 -3.62 36.80 44.61
N ASN HA 123 -4.43 36.71 45.66
CA ASN HA 123 -3.93 36.81 47.02
C ASN HA 123 -3.26 35.51 47.49
N GLU HA 124 -2.10 35.21 46.89
CA GLU HA 124 -1.35 34.00 47.25
C GLU HA 124 0.14 34.05 46.86
N VAL HA 125 0.87 33.01 47.29
CA VAL HA 125 2.32 32.89 47.08
C VAL HA 125 2.65 32.47 45.66
N ALA HA 126 3.64 33.12 45.08
CA ALA HA 126 4.12 32.76 43.76
C ALA HA 126 4.98 31.49 43.83
N ILE HA 127 4.52 30.39 43.21
CA ILE HA 127 5.20 29.08 43.26
C ILE HA 127 5.78 28.65 41.91
N GLU HA 128 7.08 28.39 41.87
CA GLU HA 128 7.75 27.90 40.68
C GLU HA 128 7.98 26.39 40.77
N SER HA 129 8.08 25.73 39.61
CA SER HA 129 8.32 24.29 39.60
C SER HA 129 9.25 23.77 38.50
N MET HA 130 9.82 22.60 38.77
CA MET HA 130 10.75 21.93 37.86
C MET HA 130 10.48 20.43 37.69
N GLU HA 131 10.66 19.94 36.45
CA GLU HA 131 10.52 18.52 36.14
C GLU HA 131 11.86 17.89 35.71
N LEU HA 132 12.25 16.82 36.39
CA LEU HA 132 13.54 16.14 36.18
C LEU HA 132 13.49 14.74 35.57
N ALA HA 133 14.38 14.52 34.61
CA ALA HA 133 14.65 13.22 34.00
C ALA HA 133 15.75 12.55 34.80
N HIS HA 134 15.77 11.21 34.84
CA HIS HA 134 16.85 10.54 35.55
C HIS HA 134 17.02 9.12 35.01
N GLU HA 135 18.05 8.42 35.49
CA GLU HA 135 18.36 7.06 35.03
C GLU HA 135 18.28 5.96 36.10
N GLY HA 136 17.55 6.15 37.19
CA GLY HA 136 17.47 5.08 38.16
C GLY HA 136 17.23 5.51 39.59
N LEU HA 137 16.49 4.67 40.32
CA LEU HA 137 16.07 4.89 41.69
C LEU HA 137 16.28 3.68 42.60
N VAL HA 138 16.91 3.92 43.74
CA VAL HA 138 17.13 2.93 44.80
C VAL HA 138 16.49 3.40 46.11
N ILE HA 139 15.76 2.52 46.78
CA ILE HA 139 15.09 2.89 48.03
C ILE HA 139 15.72 2.23 49.25
N GLN HA 140 16.13 3.05 50.21
CA GLN HA 140 16.76 2.57 51.44
C GLN HA 140 15.93 2.85 52.70
N ASN HA 141 15.63 1.79 53.45
CA ASN HA 141 14.87 1.90 54.69
C ASN HA 141 15.35 0.82 55.65
N GLU HA 142 16.25 1.17 56.55
CA GLU HA 142 16.86 0.21 57.42
C GLU HA 142 16.38 0.35 58.86
N SER IA 2 13.13 36.34 54.39
CA SER IA 2 12.69 35.08 54.96
C SER IA 2 11.33 34.71 54.50
N TYR IA 3 10.77 35.59 53.68
CA TYR IA 3 9.44 35.40 53.18
C TYR IA 3 9.44 35.38 51.65
N PRO IA 4 8.56 34.59 51.04
CA PRO IA 4 8.38 34.51 49.59
C PRO IA 4 7.64 35.72 49.04
N LEU IA 5 7.75 35.91 47.73
CA LEU IA 5 7.05 36.97 47.01
C LEU IA 5 5.57 36.63 46.76
N SER IA 6 4.71 37.65 46.75
CA SER IA 6 3.30 37.52 46.41
C SER IA 6 3.13 37.58 44.89
N LYS IA 7 1.89 37.36 44.39
CA LYS IA 7 1.68 37.29 42.93
C LYS IA 7 0.71 38.35 42.37
N PHE IA 8 0.36 39.43 43.10
CA PHE IA 8 -0.61 40.38 42.55
C PHE IA 8 -0.10 41.76 42.11
N HIS IA 9 1.15 42.12 42.34
CA HIS IA 9 1.63 43.45 41.95
C HIS IA 9 2.65 43.31 40.82
N PHE IA 10 2.26 43.69 39.61
CA PHE IA 10 3.09 43.50 38.41
C PHE IA 10 2.75 44.49 37.29
N SER IA 11 3.62 44.56 36.28
CA SER IA 11 3.35 45.39 35.10
C SER IA 11 3.84 44.77 33.79
N VAL IA 12 3.21 45.15 32.67
CA VAL IA 12 3.57 44.63 31.35
C VAL IA 12 3.86 45.71 30.31
N GLU IA 13 5.06 45.72 29.73
CA GLU IA 13 5.40 46.67 28.67
C GLU IA 13 5.34 46.01 27.31
N TRP IA 14 4.36 46.39 26.51
CA TRP IA 14 4.09 45.74 25.24
C TRP IA 14 3.97 46.71 24.06
N GLY IA 15 4.34 47.96 24.21
CA GLY IA 15 4.20 48.95 23.15
C GLY IA 15 2.85 49.66 23.10
N GLY IA 16 1.93 49.32 23.98
CA GLY IA 16 0.64 49.97 24.05
C GLY IA 16 0.65 51.17 24.98
N THR IA 17 -0.46 51.91 25.00
CA THR IA 17 -0.60 53.03 25.94
C THR IA 17 -0.64 52.68 27.43
N LYS IA 18 -1.25 51.56 27.82
CA LYS IA 18 -1.38 51.14 29.22
C LYS IA 18 -0.51 49.93 29.61
N ILE IA 19 -0.17 49.81 30.88
CA ILE IA 19 0.62 48.67 31.37
C ILE IA 19 -0.10 47.80 32.39
N GLY IA 20 -1.37 48.09 32.67
CA GLY IA 20 -2.15 47.32 33.63
C GLY IA 20 -2.94 46.20 33.00
N PHE IA 21 -2.81 45.01 33.59
CA PHE IA 21 -3.48 43.81 33.13
C PHE IA 21 -4.13 43.08 34.28
N THR IA 22 -5.17 42.33 33.96
CA THR IA 22 -5.87 41.48 34.90
C THR IA 22 -5.17 40.15 35.10
N GLU IA 23 -4.71 39.56 34.01
CA GLU IA 23 -4.10 38.24 34.08
C GLU IA 23 -3.00 38.01 33.05
N VAL IA 24 -1.92 37.34 33.47
CA VAL IA 24 -0.80 36.95 32.61
C VAL IA 24 -0.46 35.47 32.81
N SER IA 25 -0.38 34.68 31.72
CA SER IA 25 0.00 33.26 31.88
C SER IA 25 0.77 32.67 30.68
N GLY IA 26 1.48 31.55 30.92
CA GLY IA 26 2.22 30.83 29.87
C GLY IA 26 3.74 31.03 29.81
N LEU IA 27 4.36 31.57 30.85
CA LEU IA 27 5.80 31.80 30.86
C LEU IA 27 6.62 30.53 31.15
N ASP IA 28 6.56 29.58 30.20
CA ASP IA 28 7.19 28.24 30.28
C ASP IA 28 8.39 28.00 29.34
N LEU IA 29 9.25 27.06 29.73
CA LEU IA 29 10.41 26.60 28.95
C LEU IA 29 10.38 25.07 28.85
N GLU IA 30 10.63 24.47 27.67
CA GLU IA 30 10.60 23.01 27.57
C GLU IA 30 11.63 22.39 26.59
N THR IA 31 12.22 21.26 26.99
CA THR IA 31 13.20 20.53 26.17
C THR IA 31 12.78 19.08 25.90
N GLU IA 32 12.98 18.59 24.68
CA GLU IA 32 12.76 17.20 24.29
C GLU IA 32 13.85 16.22 24.75
N ILE IA 33 13.47 14.96 24.90
CA ILE IA 33 14.42 13.91 25.29
C ILE IA 33 14.71 12.97 24.14
N ILE IA 34 15.97 12.55 24.01
CA ILE IA 34 16.40 11.50 23.10
C ILE IA 34 16.86 10.28 23.91
N GLU IA 35 16.27 9.11 23.65
CA GLU IA 35 16.57 7.89 24.40
C GLU IA 35 17.38 6.86 23.59
N TYR IA 36 18.24 6.07 24.29
CA TYR IA 36 19.04 5.03 23.62
C TYR IA 36 19.42 3.80 24.47
N ARG IA 37 19.43 2.60 23.86
CA ARG IA 37 19.96 1.39 24.51
C ARG IA 37 20.61 0.42 23.53
N HIS IA 38 21.88 0.07 23.73
CA HIS IA 38 22.41 -1.01 22.87
C HIS IA 38 22.14 -2.35 23.56
N GLY IA 39 22.02 -3.39 22.72
CA GLY IA 39 21.63 -4.74 23.12
C GLY IA 39 22.49 -5.43 24.16
N ALA IA 40 23.79 -5.11 24.24
CA ALA IA 40 24.67 -5.76 25.19
C ALA IA 40 24.66 -5.14 26.58
N SER IA 41 23.93 -4.06 26.82
CA SER IA 41 23.97 -3.42 28.14
C SER IA 41 23.38 -4.31 29.26
N PRO IA 42 24.06 -4.38 30.43
CA PRO IA 42 23.57 -5.05 31.66
C PRO IA 42 22.30 -4.44 32.24
N GLU IA 43 21.97 -3.20 31.88
CA GLU IA 43 20.76 -2.59 32.38
C GLU IA 43 19.69 -2.70 31.32
N TYR IA 44 18.45 -2.85 31.77
CA TYR IA 44 17.35 -3.05 30.86
C TYR IA 44 16.45 -1.83 30.74
N SER IA 45 17.09 -0.66 30.76
CA SER IA 45 16.45 0.64 30.63
C SER IA 45 17.32 1.51 29.74
N LYS IA 46 16.83 2.68 29.36
CA LYS IA 46 17.52 3.55 28.41
C LYS IA 46 18.29 4.71 29.03
N ILE IA 47 19.29 5.22 28.29
CA ILE IA 47 20.05 6.41 28.67
C ILE IA 47 19.43 7.62 27.99
N LYS IA 48 19.39 8.75 28.69
CA LYS IA 48 18.72 9.94 28.17
C LYS IA 48 19.61 11.16 27.93
N MET IA 49 19.34 11.91 26.86
CA MET IA 49 20.03 13.18 26.61
C MET IA 49 19.08 14.25 26.01
N PRO IA 50 19.37 15.55 26.22
CA PRO IA 50 18.61 16.67 25.62
C PRO IA 50 18.53 16.73 24.11
N GLY IA 51 17.34 17.08 23.63
CA GLY IA 51 16.95 17.31 22.25
C GLY IA 51 16.72 18.80 21.96
N MET IA 52 15.82 19.07 21.02
CA MET IA 52 15.42 20.41 20.59
C MET IA 52 14.50 21.13 21.61
N GLN IA 53 14.43 22.45 21.50
CA GLN IA 53 13.69 23.24 22.48
C GLN IA 53 12.38 23.90 21.99
N LYS IA 54 11.44 24.07 22.92
CA LYS IA 54 10.13 24.69 22.67
C LYS IA 54 9.79 25.82 23.64
N PHE IA 55 8.87 26.68 23.19
CA PHE IA 55 8.29 27.73 24.02
C PHE IA 55 6.77 27.70 23.94
N SER IA 56 6.09 28.09 25.02
CA SER IA 56 4.62 28.19 25.03
C SER IA 56 4.14 29.58 24.61
N ASN IA 57 2.89 29.67 24.17
CA ASN IA 57 2.29 30.96 23.85
C ASN IA 57 1.91 31.69 25.14
N ILE IA 58 1.89 33.02 25.08
CA ILE IA 58 1.59 33.86 26.24
C ILE IA 58 0.19 34.49 26.15
N THR IA 59 -0.59 34.35 27.21
CA THR IA 59 -1.94 34.92 27.24
C THR IA 59 -2.05 36.15 28.16
N LEU IA 60 -2.62 37.23 27.63
CA LEU IA 60 -2.85 38.46 28.38
C LEU IA 60 -4.34 38.84 28.43
N LYS IA 61 -4.84 39.19 29.62
CA LYS IA 61 -6.27 39.55 29.80
C LYS IA 61 -6.41 40.95 30.41
N ARG IA 62 -7.36 41.75 29.89
CA ARG IA 62 -7.60 43.12 30.40
C ARG IA 62 -9.09 43.47 30.26
N GLY IA 63 -9.54 44.49 31.00
CA GLY IA 63 -10.94 44.97 30.88
C GLY IA 63 -11.09 45.90 29.69
N THR IA 64 -12.24 45.89 29.03
CA THR IA 64 -12.55 46.81 27.93
C THR IA 64 -12.88 48.23 28.39
N PHE IA 65 -12.22 49.22 27.79
CA PHE IA 65 -12.42 50.63 28.07
C PHE IA 65 -12.83 51.43 26.84
N LYS IA 66 -13.58 52.50 27.10
CA LYS IA 66 -14.02 53.43 26.08
C LYS IA 66 -12.82 54.03 25.35
N SER IA 67 -12.90 54.02 24.02
CA SER IA 67 -11.92 54.54 23.07
C SER IA 67 -10.54 53.88 23.11
N ASP IA 68 -10.38 52.66 23.59
CA ASP IA 68 -9.08 51.99 23.51
C ASP IA 68 -9.24 50.75 22.62
N ASN IA 69 -8.76 50.80 21.39
CA ASN IA 69 -8.89 49.71 20.42
C ASN IA 69 -7.54 49.03 20.09
N GLU IA 70 -6.60 49.06 21.03
CA GLU IA 70 -5.22 48.58 20.76
C GLU IA 70 -5.06 47.09 20.40
N TYR IA 71 -5.76 46.17 21.07
CA TYR IA 71 -5.62 44.77 20.70
C TYR IA 71 -5.89 44.61 19.22
N PHE IA 72 -6.93 45.30 18.74
CA PHE IA 72 -7.34 45.16 17.35
C PHE IA 72 -6.32 45.78 16.44
N GLN IA 73 -5.87 46.99 16.78
CA GLN IA 73 -4.93 47.70 15.93
C GLN IA 73 -3.62 46.94 15.73
N TRP IA 74 -3.09 46.30 16.78
CA TRP IA 74 -1.86 45.52 16.61
C TRP IA 74 -2.13 44.30 15.70
N TYR IA 75 -3.23 43.59 15.95
CA TYR IA 75 -3.61 42.42 15.17
C TYR IA 75 -3.75 42.77 13.70
N ASN IA 76 -4.32 43.93 13.43
CA ASN IA 76 -4.59 44.39 12.09
C ASN IA 76 -3.32 44.86 11.34
N THR IA 77 -2.12 44.71 11.92
CA THR IA 77 -0.88 45.00 11.20
C THR IA 77 -0.41 43.79 10.38
N ILE IA 78 -1.12 42.66 10.44
CA ILE IA 78 -0.74 41.45 9.68
C ILE IA 78 -1.03 41.64 8.19
N ASN IA 79 -0.06 41.37 7.33
CA ASN IA 79 -0.25 41.56 5.90
C ASN IA 79 0.43 40.41 5.16
N LEU IA 80 -0.29 39.39 4.76
CA LEU IA 80 0.27 38.16 4.15
C LEU IA 80 1.31 37.58 5.12
N ASN IA 81 2.61 37.61 4.88
CA ASN IA 81 3.55 37.11 5.90
C ASN IA 81 4.19 38.19 6.81
N LYS IA 82 3.78 39.46 6.75
CA LYS IA 82 4.39 40.55 7.52
C LYS IA 82 3.54 40.87 8.73
N VAL IA 83 4.19 41.29 9.82
CA VAL IA 83 3.51 41.71 11.05
C VAL IA 83 4.47 42.56 11.85
N GLU IA 84 3.93 43.49 12.64
CA GLU IA 84 4.80 44.24 13.53
C GLU IA 84 5.22 43.37 14.71
N ARG IA 85 6.51 43.14 14.88
CA ARG IA 85 6.98 42.32 15.99
C ARG IA 85 7.48 43.21 17.11
N ARG IA 86 7.22 42.82 18.36
CA ARG IA 86 7.62 43.63 19.50
C ARG IA 86 8.37 42.89 20.61
N ASP IA 87 9.11 43.69 21.39
CA ASP IA 87 9.82 43.18 22.54
C ASP IA 87 8.87 43.32 23.73
N LEU IA 88 8.60 42.21 24.40
CA LEU IA 88 7.67 42.16 25.51
C LEU IA 88 8.39 42.04 26.86
N THR IA 89 8.16 42.97 27.78
CA THR IA 89 8.83 42.88 29.08
C THR IA 89 7.82 42.78 30.22
N ILE IA 90 7.92 41.70 30.99
CA ILE IA 90 7.00 41.44 32.08
C ILE IA 90 7.72 41.48 33.41
N SER IA 91 7.20 42.27 34.35
CA SER IA 91 7.91 42.45 35.61
C SER IA 91 7.08 42.41 36.90
N LEU IA 92 7.60 41.66 37.88
CA LEU IA 92 7.03 41.52 39.22
C LEU IA 92 7.65 42.61 40.12
N LEU IA 93 6.82 43.40 40.78
CA LEU IA 93 7.24 44.59 41.49
C LEU IA 93 7.33 44.52 43.04
N ASN IA 94 8.22 45.35 43.61
CA ASN IA 94 8.34 45.52 45.07
C ASN IA 94 7.47 46.67 45.60
N GLU IA 95 7.62 46.98 46.89
CA GLU IA 95 6.83 48.04 47.55
C GLU IA 95 7.14 49.47 47.09
N GLU IA 96 8.25 49.66 46.37
CA GLU IA 96 8.61 50.97 45.81
C GLU IA 96 8.16 51.06 44.37
N HIS IA 97 7.49 50.01 43.90
CA HIS IA 97 7.02 49.81 42.54
C HIS IA 97 8.17 49.62 41.55
N GLU IA 98 9.26 48.99 42.00
CA GLU IA 98 10.43 48.70 41.18
C GLU IA 98 10.46 47.20 40.85
N PRO IA 99 11.05 46.81 39.73
CA PRO IA 99 11.25 45.40 39.34
C PRO IA 99 12.05 44.57 40.32
N VAL IA 100 11.61 43.32 40.48
CA VAL IA 100 12.27 42.30 41.28
C VAL IA 100 12.60 41.13 40.38
N VAL IA 101 11.60 40.62 39.65
CA VAL IA 101 11.77 39.50 38.74
C VAL IA 101 11.31 39.90 37.35
N THR IA 102 12.18 39.73 36.35
CA THR IA 102 11.81 40.12 35.00
C THR IA 102 11.88 38.98 33.98
N TRP IA 103 10.83 38.89 33.18
CA TRP IA 103 10.74 37.94 32.08
C TRP IA 103 10.89 38.70 30.76
N LYS IA 104 11.94 38.38 30.01
CA LYS IA 104 12.22 39.07 28.76
C LYS IA 104 11.84 38.21 27.54
N VAL IA 105 10.92 38.72 26.71
CA VAL IA 105 10.41 37.97 25.57
C VAL IA 105 10.74 38.62 24.20
N LYS IA 106 11.36 37.82 23.34
CA LYS IA 106 11.82 38.20 22.00
C LYS IA 106 10.79 37.97 20.86
N ASN IA 107 10.70 38.94 19.94
CA ASN IA 107 9.91 38.82 18.69
C ASN IA 107 8.43 38.42 18.77
N ALA IA 108 7.65 38.95 19.69
CA ALA IA 108 6.25 38.60 19.84
C ALA IA 108 5.31 39.24 18.82
N TRP IA 109 4.23 38.55 18.48
CA TRP IA 109 3.14 39.04 17.63
C TRP IA 109 1.87 38.25 17.98
N PRO IA 110 0.68 38.78 17.67
CA PRO IA 110 -0.58 38.09 18.07
C PRO IA 110 -1.26 37.04 17.17
N LEU IA 111 -1.39 35.81 17.66
CA LEU IA 111 -2.13 34.75 16.97
C LEU IA 111 -3.62 34.96 17.01
N LYS IA 112 -4.13 35.40 18.15
CA LYS IA 112 -5.55 35.62 18.23
C LYS IA 112 -6.03 36.63 19.25
N VAL IA 113 -7.13 37.26 18.89
CA VAL IA 113 -7.79 38.27 19.71
C VAL IA 113 -9.21 37.78 20.00
N GLN IA 114 -9.56 37.63 21.28
CA GLN IA 114 -10.90 37.16 21.68
C GLN IA 114 -11.72 38.24 22.40
N SER IA 115 -12.91 38.49 21.88
CA SER IA 115 -13.86 39.43 22.47
C SER IA 115 -14.75 38.76 23.51
N THR IA 116 -15.44 39.62 24.25
CA THR IA 116 -16.42 39.32 25.31
C THR IA 116 -17.77 38.74 24.82
N ASP IA 117 -18.36 37.90 25.66
CA ASP IA 117 -19.72 37.43 25.44
C ASP IA 117 -20.72 38.45 26.03
N LEU IA 118 -21.97 38.44 25.61
CA LEU IA 118 -22.95 39.36 26.14
C LEU IA 118 -24.11 38.59 26.76
N LYS IA 119 -24.56 39.01 27.95
CA LYS IA 119 -25.67 38.35 28.62
C LYS IA 119 -26.64 39.35 29.24
N GLY IA 120 -27.93 39.06 29.13
CA GLY IA 120 -28.99 39.91 29.69
C GLY IA 120 -28.91 40.09 31.20
N ASP IA 121 -28.44 39.06 31.90
CA ASP IA 121 -28.26 39.07 33.33
C ASP IA 121 -26.77 38.99 33.71
N GLY IA 122 -25.92 39.41 32.79
CA GLY IA 122 -24.48 39.38 32.96
C GLY IA 122 -23.94 40.52 33.81
N ASN IA 123 -24.16 40.44 35.10
CA ASN IA 123 -23.73 41.50 36.02
C ASN IA 123 -22.22 41.42 36.30
N GLU IA 124 -21.40 41.73 35.27
CA GLU IA 124 -19.95 41.69 35.41
C GLU IA 124 -19.20 42.51 34.34
N VAL IA 125 -17.87 42.60 34.51
CA VAL IA 125 -16.99 43.38 33.66
C VAL IA 125 -16.70 42.68 32.35
N ALA IA 126 -16.77 43.41 31.25
CA ALA IA 126 -16.43 42.86 29.94
C ALA IA 126 -14.90 42.75 29.81
N ILE IA 127 -14.39 41.51 29.68
CA ILE IA 127 -12.94 41.23 29.61
C ILE IA 127 -12.50 40.71 28.23
N GLU IA 128 -11.55 41.40 27.61
CA GLU IA 128 -10.98 40.96 26.35
C GLU IA 128 -9.62 40.30 26.56
N SER IA 129 -9.23 39.42 25.63
CA SER IA 129 -7.93 38.74 25.75
C SER IA 129 -7.18 38.53 24.43
N MET IA 130 -5.87 38.37 24.57
CA MET IA 130 -4.95 38.15 23.45
C MET IA 130 -3.94 37.02 23.68
N GLU IA 131 -3.65 36.26 22.63
CA GLU IA 131 -2.64 35.20 22.67
C GLU IA 131 -1.46 35.52 21.74
N LEU IA 132 -0.25 35.48 22.32
CA LEU IA 132 0.99 35.84 21.61
C LEU IA 132 1.99 34.71 21.35
N ALA IA 133 2.50 34.70 20.13
CA ALA IA 133 3.60 33.83 19.70
C ALA IA 133 4.90 34.56 19.95
N HIS IA 134 5.99 33.83 20.20
CA HIS IA 134 7.28 34.50 20.39
C HIS IA 134 8.41 33.53 20.08
N GLU IA 135 9.65 34.05 20.10
CA GLU IA 135 10.83 33.24 19.78
C GLU IA 135 11.85 33.08 20.92
N GLY IA 136 11.47 33.25 22.18
CA GLY IA 136 12.45 33.05 23.23
C GLY IA 136 12.22 33.85 24.50
N LEU IA 137 12.59 33.23 25.62
CA LEU IA 137 12.41 33.75 26.96
C LEU IA 137 13.65 33.64 27.84
N VAL IA 138 14.03 34.76 28.46
CA VAL IA 138 15.13 34.84 29.43
C VAL IA 138 14.61 35.34 30.79
N ILE IA 139 15.01 34.67 31.87
CA ILE IA 139 14.53 35.05 33.19
C ILE IA 139 15.64 35.69 34.04
N GLN IA 140 15.39 36.91 34.53
CA GLN IA 140 16.34 37.64 35.35
C GLN IA 140 15.87 37.87 36.79
N ASN IA 141 16.67 37.43 37.75
CA ASN IA 141 16.35 37.60 39.17
C ASN IA 141 17.67 37.75 39.93
N GLU IA 142 18.04 39.00 40.21
CA GLU IA 142 19.33 39.28 40.80
C GLU IA 142 19.18 39.75 42.25
N SER JA 2 -12.34 56.05 34.02
CA SER JA 2 -11.47 55.32 34.93
C SER JA 2 -12.03 53.98 35.28
N TYR JA 3 -13.19 53.72 34.71
CA TYR JA 3 -13.90 52.49 34.95
C TYR JA 3 -14.13 51.74 33.64
N PRO JA 4 -14.11 50.40 33.69
CA PRO JA 4 -14.40 49.52 32.56
C PRO JA 4 -15.88 49.47 32.24
N LEU JA 5 -16.20 49.00 31.04
CA LEU JA 5 -17.58 48.80 30.59
C LEU JA 5 -18.19 47.51 31.16
N SER JA 6 -19.50 47.53 31.40
CA SER JA 6 -20.26 46.36 31.82
C SER JA 6 -20.66 45.54 30.60
N LYS JA 7 -21.27 44.35 30.81
CA LYS JA 7 -21.60 43.46 29.69
C LYS JA 7 -23.10 43.15 29.50
N PHE JA 8 -24.03 43.90 30.11
CA PHE JA 8 -25.45 43.54 29.95
C PHE JA 8 -26.35 44.45 29.11
N HIS JA 9 -25.88 45.59 28.64
CA HIS JA 9 -26.73 46.48 27.84
C HIS JA 9 -26.23 46.52 26.39
N PHE JA 10 -26.98 45.89 25.49
CA PHE JA 10 -26.54 45.74 24.09
C PHE JA 10 -27.72 45.53 23.14
N SER JA 11 -27.46 45.65 21.83
CA SER JA 11 -28.49 45.37 20.81
C SER JA 11 -27.93 44.70 19.55
N VAL JA 12 -28.79 43.96 18.84
CA VAL JA 12 -28.39 43.25 17.61
C VAL JA 12 -29.28 43.55 16.42
N GLU JA 13 -28.70 44.06 15.33
CA GLU JA 13 -29.45 44.31 14.10
C GLU JA 13 -29.18 43.22 13.06
N TRP JA 14 -30.19 42.41 12.81
CA TRP JA 14 -30.04 41.25 11.96
C TRP JA 14 -31.08 41.13 10.85
N GLY JA 15 -31.86 42.18 10.59
CA GLY JA 15 -32.90 42.13 9.59
C GLY JA 15 -34.25 41.62 10.09
N GLY JA 16 -34.35 41.26 11.35
CA GLY JA 16 -35.61 40.81 11.92
C GLY JA 16 -36.41 41.95 12.52
N THR JA 17 -37.62 41.66 12.97
CA THR JA 17 -38.45 42.68 13.64
C THR JA 17 -37.93 43.18 15.00
N LYS JA 18 -37.31 42.32 15.81
CA LYS JA 18 -36.81 42.68 17.14
C LYS JA 18 -35.27 42.74 17.26
N ILE JA 19 -34.76 43.53 18.20
CA ILE JA 19 -33.32 43.63 18.41
C ILE JA 19 -32.85 43.16 19.79
N GLY JA 20 -33.77 42.63 20.61
CA GLY JA 20 -33.43 42.15 21.93
C GLY JA 20 -33.08 40.67 21.97
N PHE JA 21 -31.96 40.36 22.60
CA PHE JA 21 -31.46 39.01 22.74
C PHE JA 21 -31.05 38.72 24.18
N THR JA 22 -31.09 37.45 24.53
CA THR JA 22 -30.65 36.97 25.83
C THR JA 22 -29.15 36.76 25.87
N GLU JA 23 -28.59 36.19 24.81
CA GLU JA 23 -27.18 35.87 24.79
C GLU JA 23 -26.55 35.96 23.40
N VAL JA 24 -25.32 36.50 23.35
CA VAL JA 24 -24.51 36.59 22.13
C VAL JA 24 -23.10 36.06 22.38
N SER JA 25 -22.60 35.14 21.53
CA SER JA 25 -21.23 34.65 21.73
C SER JA 25 -20.51 34.23 20.42
N GLY JA 26 -19.17 34.17 20.47
CA GLY JA 26 -18.35 33.72 19.32
C GLY JA 26 -17.65 34.81 18.49
N LEU JA 27 -17.55 36.03 19.00
CA LEU JA 27 -16.91 37.13 18.25
C LEU JA 27 -15.36 37.07 18.30
N ASP JA 28 -14.80 36.02 17.68
CA ASP JA 28 -13.36 35.72 17.67
C ASP JA 28 -12.65 35.90 16.32
N LEU JA 29 -11.32 36.13 16.38
CA LEU JA 29 -10.42 36.24 15.23
C LEU JA 29 -9.23 35.29 15.41
N GLU JA 30 -8.81 34.54 14.37
CA GLU JA 30 -7.67 33.62 14.54
C GLU JA 30 -6.76 33.48 13.31
N THR JA 31 -5.45 33.42 13.54
CA THR JA 31 -4.44 33.23 12.49
C THR JA 31 -3.56 32.00 12.71
N GLU JA 32 -3.27 31.25 11.64
CA GLU JA 32 -2.34 30.12 11.65
C GLU JA 32 -0.86 30.49 11.68
N ILE JA 33 -0.04 29.60 12.20
CA ILE JA 33 1.42 29.82 12.24
C ILE JA 33 2.15 28.91 11.27
N ILE JA 34 3.18 29.42 10.60
CA ILE JA 34 4.11 28.66 9.79
C ILE JA 34 5.49 28.67 10.47
N GLU JA 35 6.04 27.48 10.72
CA GLU JA 35 7.33 27.35 11.43
C GLU JA 35 8.48 26.90 10.51
N TYR JA 36 9.72 27.34 10.82
CA TYR JA 36 10.90 26.96 10.03
C TYR JA 36 12.25 26.91 10.77
N ARG JA 37 13.11 25.93 10.44
CA ARG JA 37 14.50 25.90 10.94
C ARG JA 37 15.48 25.30 9.94
N HIS JA 38 16.52 26.03 9.56
CA HIS JA 38 17.54 25.34 8.74
C HIS JA 38 18.58 24.72 9.67
N GLY JA 39 19.20 23.64 9.20
CA GLY JA 39 20.13 22.81 9.96
C GLY JA 39 21.36 23.49 10.54
N ALA JA 40 21.86 24.56 9.92
CA ALA JA 40 23.04 25.24 10.41
C ALA JA 40 22.79 26.28 11.50
N SER JA 41 21.53 26.52 11.88
CA SER JA 41 21.27 27.55 12.88
C SER JA 41 21.85 27.21 14.28
N PRO JA 42 22.49 28.19 14.96
CA PRO JA 42 22.94 28.09 16.36
C PRO JA 42 21.84 27.89 17.38
N GLU JA 43 20.60 28.20 17.02
CA GLU JA 43 19.50 28.00 17.95
C GLU JA 43 18.79 26.71 17.58
N TYR JA 44 18.28 26.04 18.59
CA TYR JA 44 17.65 24.74 18.39
C TYR JA 44 16.14 24.80 18.52
N SER JA 45 15.57 25.90 18.04
CA SER JA 45 14.15 26.15 18.02
C SER JA 45 13.79 26.79 16.69
N LYS JA 46 12.50 26.94 16.41
CA LYS JA 46 12.04 27.45 15.11
C LYS JA 46 11.66 28.92 15.08
N ILE JA 47 11.69 29.49 13.86
CA ILE JA 47 11.23 30.87 13.62
C ILE JA 47 9.80 30.83 13.14
N LYS JA 48 8.98 31.79 13.57
CA LYS JA 48 7.56 31.77 13.25
C LYS JA 48 7.04 32.95 12.41
N MET JA 49 6.10 32.68 11.50
CA MET JA 49 5.43 33.73 10.74
C MET JA 49 3.95 33.43 10.51
N PRO JA 50 3.09 34.47 10.33
CA PRO JA 50 1.65 34.33 10.01
C PRO JA 50 1.30 33.56 8.74
N GLY JA 51 0.26 32.75 8.86
CA GLY JA 51 -0.39 31.94 7.84
C GLY JA 51 -1.76 32.50 7.46
N MET JA 52 -2.65 31.60 7.04
CA MET JA 52 -4.03 31.89 6.65
C MET JA 52 -4.95 32.21 7.84
N GLN JA 53 -6.07 32.86 7.57
CA GLN JA 53 -6.97 33.31 8.64
C GLN JA 53 -8.32 32.58 8.76
N LYS JA 54 -8.85 32.51 9.97
CA LYS JA 54 -10.13 31.89 10.31
C LYS JA 54 -11.07 32.79 11.12
N PHE JA 55 -12.37 32.45 11.05
CA PHE JA 55 -13.39 33.08 11.87
C PHE JA 55 -14.25 32.02 12.54
N SER JA 56 -14.77 32.33 13.73
CA SER JA 56 -15.69 31.43 14.44
C SER JA 56 -17.15 31.70 14.09
N ASN JA 57 -18.00 30.71 14.31
CA ASN JA 57 -19.44 30.91 14.12
C ASN JA 57 -20.03 31.70 15.28
N ILE JA 58 -21.11 32.43 15.02
CA ILE JA 58 -21.76 33.27 16.03
C ILE JA 58 -23.07 32.67 16.52
N THR JA 59 -23.23 32.60 17.84
CA THR JA 59 -24.46 32.04 18.43
C THR JA 59 -25.34 33.13 19.07
N LEU JA 60 -26.63 33.12 18.72
CA LEU JA 60 -27.62 34.03 19.26
C LEU JA 60 -28.77 33.29 19.97
N LYS JA 61 -29.14 33.75 21.18
CA LYS JA 61 -30.20 33.10 21.97
C LYS JA 61 -31.31 34.11 22.33
N ARG JA 62 -32.58 33.70 22.22
CA ARG JA 62 -33.73 34.58 22.54
C ARG JA 62 -34.89 33.73 23.09
N GLY JA 63 -35.85 34.37 23.79
CA GLY JA 63 -37.04 33.66 24.30
C GLY JA 63 -38.08 33.53 23.19
N THR JA 64 -38.84 32.43 23.19
CA THR JA 64 -39.95 32.22 22.25
C THR JA 64 -41.20 33.04 22.57
N PHE JA 65 -41.71 33.74 21.56
CA PHE JA 65 -42.91 34.57 21.67
C PHE JA 65 -43.99 34.15 20.68
N LYS JA 66 -45.23 34.40 21.09
CA LYS JA 66 -46.41 34.15 20.27
C LYS JA 66 -46.33 34.93 18.97
N SER JA 67 -46.60 34.20 17.87
CA SER JA 67 -46.63 34.69 16.49
C SER JA 67 -45.30 35.24 15.95
N ASP JA 68 -44.14 34.88 16.50
CA ASP JA 68 -42.87 35.31 15.89
C ASP JA 68 -42.12 34.06 15.43
N ASN JA 69 -42.10 33.80 14.13
CA ASN JA 69 -41.47 32.62 13.55
C ASN JA 69 -40.21 32.95 12.71
N GLU JA 70 -39.52 34.05 13.04
CA GLU JA 70 -38.40 34.55 12.23
C GLU JA 70 -37.17 33.64 12.09
N TYR JA 71 -36.72 32.98 13.15
CA TYR JA 71 -35.58 32.08 13.00
C TYR JA 71 -35.88 31.08 11.90
N PHE JA 72 -37.10 30.55 11.87
CA PHE JA 72 -37.44 29.54 10.92
C PHE JA 72 -37.53 30.12 9.53
N GLN JA 73 -38.18 31.27 9.40
CA GLN JA 73 -38.36 31.88 8.10
C GLN JA 73 -37.04 32.21 7.41
N TRP JA 74 -36.03 32.70 8.15
CA TRP JA 74 -34.74 32.97 7.53
C TRP JA 74 -34.08 31.66 7.09
N TYR JA 75 -34.08 30.65 7.97
CA TYR JA 75 -33.50 29.34 7.67
C TYR JA 75 -34.11 28.73 6.42
N ASN JA 76 -35.41 28.89 6.29
CA ASN JA 76 -36.18 28.33 5.19
C ASN JA 76 -35.95 29.07 3.86
N THR JA 77 -35.04 30.05 3.78
CA THR JA 77 -34.69 30.67 2.51
C THR JA 77 -33.59 29.90 1.79
N ILE JA 78 -33.07 28.81 2.37
CA ILE JA 78 -32.02 28.00 1.74
C ILE JA 78 -32.60 27.19 0.58
N ASN JA 79 -31.98 27.25 -0.59
CA ASN JA 79 -32.49 26.53 -1.75
C ASN JA 79 -31.30 25.96 -2.53
N LEU JA 80 -30.96 24.70 -2.36
CA LEU JA 80 -29.75 24.08 -2.94
C LEU JA 80 -28.52 24.89 -2.52
N ASN JA 81 -27.85 25.66 -3.38
CA ASN JA 81 -26.74 26.48 -2.88
C ASN JA 81 -27.09 27.97 -2.59
N LYS JA 82 -28.35 28.40 -2.66
CA LYS JA 82 -28.74 29.80 -2.48
C LYS JA 82 -29.28 30.02 -1.08
N VAL JA 83 -29.05 31.21 -0.54
CA VAL JA 83 -29.56 31.60 0.77
C VAL JA 83 -29.56 33.12 0.85
N GLU JA 84 -30.49 33.69 1.63
CA GLU JA 84 -30.44 35.13 1.85
C GLU JA 84 -29.29 35.47 2.80
N ARG JA 85 -28.34 36.28 2.34
CA ARG JA 85 -27.22 36.66 3.20
C ARG JA 85 -27.46 38.05 3.77
N ARG JA 86 -27.08 38.25 5.03
CA ARG JA 86 -27.31 39.55 5.67
C ARG JA 86 -26.10 40.16 6.37
N ASP JA 87 -26.18 41.48 6.55
CA ASP JA 87 -25.16 42.22 7.27
C ASP JA 87 -25.62 42.26 8.73
N LEU JA 88 -24.77 41.77 9.62
CA LEU JA 88 -25.08 41.67 11.04
C LEU JA 88 -24.33 42.73 11.86
N THR JA 89 -25.05 43.58 12.60
CA THR JA 89 -24.37 44.60 13.40
C THR JA 89 -24.67 44.43 14.88
N ILE JA 90 -23.62 44.24 15.66
CA ILE JA 90 -23.74 44.02 17.10
C ILE JA 90 -23.14 45.19 17.88
N SER JA 91 -23.91 45.74 18.80
CA SER JA 91 -23.43 46.94 19.51
C SER JA 91 -23.65 47.00 21.02
N LEU JA 92 -22.59 47.39 21.72
CA LEU JA 92 -22.57 47.59 23.18
C LEU JA 92 -22.93 49.05 23.46
N LEU JA 93 -23.92 49.29 24.30
CA LEU JA 93 -24.52 50.60 24.51
C LEU JA 93 -24.15 51.37 25.79
N ASN JA 94 -24.22 52.71 25.72
CA ASN JA 94 -24.02 53.60 26.88
C ASN JA 94 -25.36 53.95 27.56
N GLU JA 95 -25.30 54.85 28.54
CA GLU JA 95 -26.48 55.26 29.31
C GLU JA 95 -27.52 56.06 28.53
N GLU JA 96 -27.18 56.55 27.34
CA GLU JA 96 -28.12 57.27 26.47
C GLU JA 96 -28.69 56.32 25.44
N HIS JA 97 -28.31 55.05 25.54
CA HIS JA 97 -28.66 53.95 24.64
C HIS JA 97 -28.02 54.13 23.26
N GLU JA 98 -26.82 54.70 23.21
CA GLU JA 98 -26.05 54.90 21.98
C GLU JA 98 -24.89 53.90 21.95
N PRO JA 99 -24.43 53.51 20.76
CA PRO JA 99 -23.25 52.64 20.58
C PRO JA 99 -21.96 53.17 21.15
N VAL JA 100 -21.18 52.26 21.70
CA VAL JA 100 -19.85 52.48 22.23
C VAL JA 100 -18.87 51.60 21.50
N VAL JA 101 -19.17 50.29 21.45
CA VAL JA 101 -18.31 49.32 20.78
C VAL JA 101 -19.14 48.56 19.75
N THR JA 102 -18.68 48.55 18.50
CA THR JA 102 -19.44 47.86 17.45
C THR JA 102 -18.66 46.76 16.75
N TRP JA 103 -19.32 45.63 16.59
CA TRP JA 103 -18.79 44.48 15.85
C TRP JA 103 -19.54 44.37 14.52
N LYS JA 104 -18.83 44.51 13.42
CA LYS JA 104 -19.43 44.47 12.09
C LYS JA 104 -19.17 43.15 11.38
N VAL JA 105 -20.24 42.43 11.03
CA VAL JA 105 -20.13 41.10 10.42
C VAL JA 105 -20.70 41.03 9.00
N LYS JA 106 -19.85 40.56 8.09
CA LYS JA 106 -20.13 40.42 6.65
C LYS JA 106 -20.72 39.06 6.22
N ASN JA 107 -21.71 39.09 5.32
CA ASN JA 107 -22.28 37.91 4.64
C ASN JA 107 -22.78 36.73 5.51
N ALA JA 108 -23.50 36.99 6.60
CA ALA JA 108 -24.00 35.92 7.48
C ALA JA 108 -25.23 35.18 6.95
N TRP JA 109 -25.35 33.91 7.31
CA TRP JA 109 -26.51 33.06 7.03
C TRP JA 109 -26.54 31.94 8.08
N PRO JA 110 -27.70 31.31 8.32
CA PRO JA 110 -27.80 30.27 9.39
C PRO JA 110 -27.50 28.79 9.13
N LEU JA 111 -26.51 28.24 9.82
CA LEU JA 111 -26.19 26.81 9.76
C LEU JA 111 -27.19 25.97 10.50
N LYS JA 112 -27.66 26.44 11.65
CA LYS JA 112 -28.63 25.67 12.38
C LYS JA 112 -29.54 26.43 13.32
N VAL JA 113 -30.74 25.90 13.44
CA VAL JA 113 -31.77 26.45 14.31
C VAL JA 113 -32.16 25.37 15.33
N GLN JA 114 -32.01 25.67 16.62
CA GLN JA 114 -32.33 24.72 17.70
C GLN JA 114 -33.53 25.16 18.54
N SER JA 115 -34.51 24.26 18.64
CA SER JA 115 -35.70 24.46 19.45
C SER JA 115 -35.50 24.00 20.89
N THR JA 116 -36.46 24.40 21.72
CA THR JA 116 -36.58 24.10 23.14
C THR JA 116 -36.98 22.64 23.50
N ASP JA 117 -36.51 22.18 24.64
CA ASP JA 117 -36.94 20.91 25.19
C ASP JA 117 -38.23 21.14 26.01
N LEU JA 118 -39.00 20.10 26.28
CA LEU JA 118 -40.22 20.23 27.06
C LEU JA 118 -40.16 19.34 28.28
N LYS JA 119 -40.54 19.87 29.45
CA LYS JA 119 -40.54 19.09 30.69
C LYS JA 119 -41.79 19.32 31.52
N GLY JA 120 -42.32 18.24 32.11
CA GLY JA 120 -43.51 18.31 32.97
C GLY JA 120 -43.35 19.20 34.19
N ASP JA 121 -42.13 19.27 34.73
CA ASP JA 121 -41.78 20.09 35.86
C ASP JA 121 -40.81 21.22 35.47
N GLY JA 122 -40.81 21.57 34.20
CA GLY JA 122 -39.93 22.58 33.64
C GLY JA 122 -40.39 24.00 33.91
N ASN JA 123 -40.25 24.45 35.14
CA ASN JA 123 -40.68 25.79 35.54
C ASN JA 123 -39.71 26.87 35.05
N GLU JA 124 -39.67 27.07 33.72
CA GLU JA 124 -38.79 28.09 33.12
C GLU JA 124 -39.19 28.52 31.71
N VAL JA 125 -38.48 29.53 31.19
CA VAL JA 125 -38.76 30.14 29.89
C VAL JA 125 -38.24 29.28 28.75
N ALA JA 126 -39.06 29.12 27.72
CA ALA JA 126 -38.65 28.40 26.53
C ALA JA 126 -37.70 29.27 25.68
N ILE JA 127 -36.44 28.83 25.53
CA ILE JA 127 -35.40 29.58 24.80
C ILE JA 127 -34.97 28.91 23.50
N GLU JA 128 -35.08 29.62 22.39
CA GLU JA 128 -34.62 29.13 21.10
C GLU JA 128 -33.29 29.75 20.72
N SER JA 129 -32.51 29.05 19.88
CA SER JA 129 -31.21 29.56 19.46
C SER JA 129 -30.83 29.29 18.00
N MET JA 130 -29.92 30.13 17.50
CA MET JA 130 -29.42 30.07 16.13
C MET JA 130 -27.90 30.19 16.02
N GLU JA 131 -27.30 29.44 15.10
CA GLU JA 131 -25.87 29.51 14.81
C GLU JA 131 -25.60 30.02 13.40
N LEU JA 132 -24.79 31.09 13.30
CA LEU JA 132 -24.48 31.76 12.03
C LEU JA 132 -23.05 31.63 11.50
N ALA JA 133 -22.96 31.37 10.21
CA ALA JA 133 -21.72 31.37 9.45
C ALA JA 133 -21.50 32.78 8.91
N HIS JA 134 -20.26 33.20 8.70
CA HIS JA 134 -20.02 34.52 8.12
C HIS JA 134 -18.66 34.57 7.46
N GLU JA 135 -18.36 35.69 6.78
CA GLU JA 135 -17.09 35.84 6.07
C GLU JA 135 -16.18 36.98 6.57
N GLY JA 136 -16.32 37.44 7.80
CA GLY JA 136 -15.42 38.49 8.26
C GLY JA 136 -15.97 39.41 9.32
N LEU JA 137 -15.07 39.84 10.19
CA LEU JA 137 -15.36 40.69 11.35
C LEU JA 137 -14.41 41.87 11.51
N VAL JA 138 -14.99 43.06 11.68
CA VAL JA 138 -14.26 44.30 11.94
C VAL JA 138 -14.72 44.90 13.28
N ILE JA 139 -13.78 45.32 14.11
CA ILE JA 139 -14.12 45.87 15.43
C ILE JA 139 -13.86 47.38 15.50
N GLN JA 140 -14.89 48.15 15.84
CA GLN JA 140 -14.80 49.60 15.95
C GLN JA 140 -15.01 50.12 17.37
N ASN JA 141 -14.03 50.86 17.87
CA ASN JA 141 -14.11 51.46 19.21
C ASN JA 141 -13.35 52.78 19.19
N GLU JA 142 -14.08 53.86 19.04
CA GLU JA 142 -13.47 55.16 18.87
C GLU JA 142 -13.69 56.04 20.10
#